data_7CBM
#
_entry.id   7CBM
#
_cell.length_a   1.00
_cell.length_b   1.00
_cell.length_c   1.00
_cell.angle_alpha   90.00
_cell.angle_beta   90.00
_cell.angle_gamma   90.00
#
_symmetry.space_group_name_H-M   'P 1'
#
loop_
_entity.id
_entity.type
_entity.pdbx_description
1 polymer 'Flagellar basal-body rod protein FlgG'
2 polymer 'Flagellar basal-body rod protein FlgF'
3 polymer 'Flagellar hook protein FlgE'
#
loop_
_entity_poly.entity_id
_entity_poly.type
_entity_poly.pdbx_seq_one_letter_code
_entity_poly.pdbx_strand_id
1 'polypeptide(L)'
;MISSLWIAKTGLDAQQTNMDVIANNLANVSTNGFKRQRAVFEDLLYQTIRQPGAQSSEQTTLPSGLQIGTGVRPVATERL
HSQGNLSQTNNSKDVAIKGQGFFQVMLPDGTSAYTRDGSFQVDQNGQLVTAGGFQVQPAITIPANALSITIGRDGVVSVT
QQGQAAPVQVGQLNLTTFMNDTGLESIGENLYIETQSSGAPNESTPGLNGAGLLYQGYVETSNVNVAEELVNMIQVQRAY
EINSKAVSTTDQMLQKLTQL
;
A,B,C,D,E,F,G,H,I,J,K,L,M,N,O,P,Q,R,S,T,U,V,W,X
2 'polypeptide(L)'
;MDHAIYTAMGAASQTLNQQAVTASNLANASTPGFRAQLNALRAVPVDGLSLATRTLVTASTPGADMTPGQLDYTSRPLDV
ALQQDGWLVVQAADGAEGYTRNGNIQVGPTGQLTIQGHPVIGEGGPITVPEGSEITIAADGTISALNPGDPPNTVAPVGR
LKLVKAEGNEVQRSDDGLFRLTAEAQAERGAVLAADPSIRIMSGVLEGSNVKPVEAMTDMIANARRFEMQMKVITSVDEN
EGRANQLLSMS
;
a,b,c,d,e
3 'polypeptide(L)'
;MSFSQAVSGLNAAATNLDVIGNNIANSATYGFKSGTASFADMFAGSKVGLGVKVAGITQDFTDGTTTNTGRGLDVAISQN
GFFRLVDSNGSVFYSRNGQFKLDENRNLVNMQGMQLTGYPATGTPPTIQQGANPAPITIPNTLMAAKSTTTASMQINLNS
TDPVPSKTPFSVSDADSYNKKGTVTVYDSQGNAHDMNVYFVKTKDNEWAVYTHDSSDPAATAPTTASTTLKFNENGILES
GGTVNITTGTINGATAATFSLSFLNSMQQNTGANNIVATNQNGYKPGDLVSYQINNDGTVVGNYSNEQEQVLGQIVLANF
ANNEGLASQGDNVWAATQASGVALLGTAGSGNFGKLTNGALEASNVDLSKELVNMIVAQRNYQSNAQTIKTQDQILNTLV
NLR
;
DA,DB,DC,DD,DE,DF,DG,DH,DI,DJ,DK
#
# COMPACT_ATOMS: atom_id res chain seq x y z
N MET A 1 28.85 -18.20 -21.98
CA MET A 1 30.30 -18.07 -21.93
C MET A 1 30.85 -18.57 -20.60
N ILE A 2 30.01 -18.56 -19.58
CA ILE A 2 30.38 -19.01 -18.24
C ILE A 2 29.43 -20.12 -17.83
N SER A 3 29.99 -21.19 -17.26
CA SER A 3 29.17 -22.33 -16.87
C SER A 3 28.11 -21.94 -15.86
N SER A 4 28.44 -21.02 -14.95
CA SER A 4 27.46 -20.54 -13.98
C SER A 4 26.25 -19.94 -14.67
N LEU A 5 26.49 -19.19 -15.74
CA LEU A 5 25.37 -18.56 -16.46
C LEU A 5 24.45 -19.60 -17.07
N TRP A 6 25.02 -20.65 -17.68
CA TRP A 6 24.18 -21.68 -18.27
C TRP A 6 23.40 -22.46 -17.21
N ILE A 7 24.04 -22.74 -16.08
CA ILE A 7 23.34 -23.44 -15.00
C ILE A 7 22.17 -22.62 -14.50
N ALA A 8 22.40 -21.32 -14.28
CA ALA A 8 21.33 -20.46 -13.80
C ALA A 8 20.21 -20.33 -14.84
N LYS A 9 20.58 -20.32 -16.12
CA LYS A 9 19.57 -20.29 -17.18
C LYS A 9 18.70 -21.54 -17.13
N THR A 10 19.31 -22.70 -16.95
CA THR A 10 18.52 -23.92 -16.84
C THR A 10 17.59 -23.87 -15.63
N GLY A 11 18.08 -23.34 -14.51
CA GLY A 11 17.23 -23.19 -13.35
C GLY A 11 16.04 -22.28 -13.61
N LEU A 12 16.28 -21.16 -14.29
CA LEU A 12 15.19 -20.26 -14.65
C LEU A 12 14.16 -20.96 -15.52
N ASP A 13 14.63 -21.74 -16.50
CA ASP A 13 13.70 -22.45 -17.38
C ASP A 13 12.87 -23.45 -16.59
N ALA A 14 13.50 -24.18 -15.65
CA ALA A 14 12.75 -25.13 -14.85
C ALA A 14 11.68 -24.44 -14.02
N GLN A 15 12.02 -23.31 -13.41
CA GLN A 15 11.02 -22.57 -12.63
C GLN A 15 9.91 -22.06 -13.53
N GLN A 16 10.24 -21.66 -14.76
CA GLN A 16 9.21 -21.21 -15.68
C GLN A 16 8.23 -22.34 -16.02
N THR A 17 8.75 -23.54 -16.26
CA THR A 17 7.86 -24.67 -16.54
C THR A 17 6.99 -24.98 -15.34
N ASN A 18 7.55 -24.90 -14.14
CA ASN A 18 6.76 -25.14 -12.94
C ASN A 18 5.63 -24.12 -12.82
N MET A 19 5.93 -22.84 -13.05
CA MET A 19 4.89 -21.82 -12.99
C MET A 19 3.84 -22.04 -14.06
N ASP A 20 4.26 -22.49 -15.25
CA ASP A 20 3.32 -22.74 -16.32
C ASP A 20 2.34 -23.86 -15.96
N VAL A 21 2.84 -24.94 -15.36
CA VAL A 21 1.92 -26.02 -14.98
C VAL A 21 1.01 -25.58 -13.84
N ILE A 22 1.51 -24.72 -12.94
CA ILE A 22 0.63 -24.19 -11.90
C ILE A 22 -0.50 -23.37 -12.52
N ALA A 23 -0.17 -22.51 -13.49
CA ALA A 23 -1.18 -21.71 -14.14
C ALA A 23 -2.17 -22.58 -14.90
N ASN A 24 -1.68 -23.63 -15.56
CA ASN A 24 -2.57 -24.53 -16.27
C ASN A 24 -3.53 -25.22 -15.32
N ASN A 25 -3.03 -25.66 -14.17
CA ASN A 25 -3.92 -26.27 -13.18
C ASN A 25 -4.98 -25.30 -12.70
N LEU A 26 -4.58 -24.05 -12.43
CA LEU A 26 -5.54 -23.09 -11.89
C LEU A 26 -6.56 -22.65 -12.93
N ALA A 27 -6.17 -22.61 -14.21
CA ALA A 27 -7.06 -22.08 -15.24
C ALA A 27 -8.32 -22.93 -15.36
N ASN A 28 -8.15 -24.24 -15.54
CA ASN A 28 -9.30 -25.14 -15.62
C ASN A 28 -9.54 -25.79 -14.26
N VAL A 29 -9.86 -24.95 -13.29
CA VAL A 29 -10.19 -25.44 -11.96
C VAL A 29 -11.63 -25.95 -11.91
N SER A 30 -12.47 -25.54 -12.85
CA SER A 30 -13.87 -25.94 -12.88
C SER A 30 -14.17 -26.92 -14.00
N THR A 31 -13.16 -27.44 -14.70
CA THR A 31 -13.39 -28.40 -15.76
C THR A 31 -13.74 -29.76 -15.16
N ASN A 32 -14.82 -30.36 -15.65
CA ASN A 32 -15.25 -31.65 -15.14
C ASN A 32 -14.32 -32.75 -15.61
N GLY A 33 -13.95 -33.64 -14.70
CA GLY A 33 -13.09 -34.77 -15.03
C GLY A 33 -11.72 -34.36 -15.50
N PHE A 34 -11.10 -33.39 -14.83
CA PHE A 34 -9.77 -32.92 -15.15
C PHE A 34 -8.81 -33.37 -14.06
N LYS A 35 -7.63 -33.83 -14.48
CA LYS A 35 -6.61 -34.32 -13.55
C LYS A 35 -5.45 -33.34 -13.54
N ARG A 36 -5.04 -32.91 -12.35
CA ARG A 36 -3.99 -31.92 -12.22
C ARG A 36 -2.64 -32.52 -12.63
N GLN A 37 -1.70 -31.64 -12.96
CA GLN A 37 -0.39 -32.04 -13.42
C GLN A 37 0.66 -31.79 -12.35
N ARG A 38 1.77 -32.51 -12.47
CA ARG A 38 2.89 -32.35 -11.55
C ARG A 38 4.17 -32.60 -12.31
N ALA A 39 5.14 -31.70 -12.17
CA ALA A 39 6.40 -31.77 -12.91
C ALA A 39 7.49 -32.32 -12.00
N VAL A 40 8.30 -33.22 -12.55
CA VAL A 40 9.42 -33.81 -11.83
C VAL A 40 10.70 -33.51 -12.59
N PHE A 41 11.70 -33.00 -11.88
CA PHE A 41 12.98 -32.59 -12.42
C PHE A 41 14.05 -33.62 -12.05
N GLU A 42 15.24 -33.43 -12.61
CA GLU A 42 16.40 -34.25 -12.28
C GLU A 42 17.65 -33.48 -12.64
N ASP A 43 18.75 -33.82 -11.98
CA ASP A 43 20.00 -33.12 -12.25
C ASP A 43 20.60 -33.58 -13.56
N LEU A 44 21.37 -32.69 -14.18
CA LEU A 44 22.06 -32.99 -15.43
C LEU A 44 23.36 -33.72 -15.12
N LEU A 45 24.23 -33.86 -16.13
CA LEU A 45 25.48 -34.57 -15.96
C LEU A 45 26.40 -33.85 -14.98
N TYR A 46 27.53 -34.48 -14.70
CA TYR A 46 28.52 -33.93 -13.79
C TYR A 46 29.90 -34.02 -14.42
N GLN A 47 30.63 -32.92 -14.40
CA GLN A 47 31.99 -32.89 -14.88
C GLN A 47 32.93 -33.32 -13.76
N THR A 48 33.73 -34.35 -14.01
CA THR A 48 34.57 -34.97 -12.99
C THR A 48 36.00 -34.48 -13.19
N ILE A 49 36.37 -33.43 -12.44
CA ILE A 49 37.74 -32.93 -12.52
C ILE A 49 38.69 -33.92 -11.87
N ARG A 50 38.32 -34.43 -10.69
CA ARG A 50 39.08 -35.46 -10.00
C ARG A 50 38.15 -36.62 -9.72
N GLN A 51 38.51 -37.81 -10.19
CA GLN A 51 37.63 -38.95 -10.08
C GLN A 51 37.52 -39.37 -8.62
N PRO A 52 36.31 -39.50 -8.07
CA PRO A 52 36.17 -39.96 -6.69
C PRO A 52 36.68 -41.39 -6.54
N GLY A 53 37.27 -41.67 -5.38
CA GLY A 53 37.84 -42.97 -5.14
C GLY A 53 39.09 -43.27 -5.94
N ALA A 54 39.74 -42.25 -6.48
CA ALA A 54 40.94 -42.46 -7.29
C ALA A 54 42.09 -42.96 -6.43
N GLN A 55 42.99 -43.69 -7.06
CA GLN A 55 44.16 -44.25 -6.39
C GLN A 55 45.21 -43.15 -6.27
N SER A 56 45.10 -42.37 -5.19
CA SER A 56 45.99 -41.24 -5.00
C SER A 56 47.44 -41.69 -4.82
N SER A 57 47.66 -42.76 -4.07
CA SER A 57 49.01 -43.27 -3.85
C SER A 57 48.93 -44.79 -3.86
N GLU A 58 49.99 -45.44 -3.38
CA GLU A 58 50.02 -46.89 -3.36
C GLU A 58 48.95 -47.46 -2.44
N GLN A 59 48.56 -46.72 -1.40
CA GLN A 59 47.57 -47.22 -0.45
C GLN A 59 46.53 -46.19 -0.03
N THR A 60 46.58 -44.97 -0.55
CA THR A 60 45.64 -43.92 -0.17
C THR A 60 44.68 -43.64 -1.32
N THR A 61 43.43 -43.38 -0.98
CA THR A 61 42.39 -43.11 -1.96
C THR A 61 41.67 -41.82 -1.61
N LEU A 62 41.27 -41.07 -2.63
CA LEU A 62 40.51 -39.85 -2.42
C LEU A 62 39.13 -40.20 -1.87
N PRO A 63 38.74 -39.70 -0.70
CA PRO A 63 37.40 -40.03 -0.18
C PRO A 63 36.29 -39.57 -1.10
N SER A 64 36.47 -38.43 -1.76
CA SER A 64 35.47 -37.88 -2.66
C SER A 64 36.15 -36.92 -3.62
N GLY A 65 36.02 -37.19 -4.91
CA GLY A 65 36.69 -36.40 -5.92
C GLY A 65 36.02 -35.05 -6.13
N LEU A 66 36.48 -34.37 -7.17
CA LEU A 66 35.96 -33.05 -7.53
C LEU A 66 34.95 -33.23 -8.65
N GLN A 67 33.69 -32.91 -8.38
CA GLN A 67 32.64 -33.01 -9.37
C GLN A 67 31.83 -31.73 -9.40
N ILE A 68 31.50 -31.26 -10.59
CA ILE A 68 30.78 -30.01 -10.78
C ILE A 68 29.49 -30.31 -11.53
N GLY A 69 28.37 -29.85 -11.00
CA GLY A 69 27.11 -30.00 -11.69
C GLY A 69 26.99 -29.04 -12.86
N THR A 70 26.00 -29.28 -13.71
CA THR A 70 25.80 -28.44 -14.88
C THR A 70 24.33 -28.09 -15.11
N GLY A 71 23.48 -28.23 -14.09
CA GLY A 71 22.13 -27.72 -14.19
C GLY A 71 21.02 -28.69 -13.84
N VAL A 72 19.80 -28.35 -14.22
CA VAL A 72 18.63 -29.16 -13.92
C VAL A 72 17.75 -29.22 -15.16
N ARG A 73 17.11 -30.37 -15.36
CA ARG A 73 16.21 -30.55 -16.49
C ARG A 73 14.90 -31.16 -16.01
N PRO A 74 13.78 -30.75 -16.58
CA PRO A 74 12.50 -31.37 -16.21
C PRO A 74 12.35 -32.73 -16.85
N VAL A 75 12.48 -33.80 -16.07
CA VAL A 75 12.47 -35.13 -16.65
C VAL A 75 11.07 -35.51 -17.12
N ALA A 76 10.03 -35.07 -16.40
CA ALA A 76 8.69 -35.49 -16.79
C ALA A 76 7.64 -34.54 -16.24
N THR A 77 6.43 -34.66 -16.81
CA THR A 77 5.27 -33.92 -16.35
C THR A 77 4.07 -34.88 -16.40
N GLU A 78 3.64 -35.36 -15.23
CA GLU A 78 2.72 -36.46 -15.15
C GLU A 78 1.38 -36.04 -14.54
N ARG A 79 0.32 -36.73 -14.94
CA ARG A 79 -0.99 -36.56 -14.35
C ARG A 79 -1.03 -37.26 -12.99
N LEU A 80 -1.96 -36.79 -12.15
CA LEU A 80 -2.21 -37.41 -10.84
C LEU A 80 -3.66 -37.91 -10.85
N HIS A 81 -3.86 -39.14 -11.30
CA HIS A 81 -5.20 -39.69 -11.45
C HIS A 81 -5.80 -40.05 -10.10
N SER A 82 -6.22 -39.05 -9.33
CA SER A 82 -6.96 -39.27 -8.11
C SER A 82 -8.45 -39.31 -8.43
N GLN A 83 -9.29 -39.44 -7.42
CA GLN A 83 -10.73 -39.46 -7.60
C GLN A 83 -11.29 -38.10 -7.21
N GLY A 84 -11.89 -37.41 -8.18
CA GLY A 84 -12.47 -36.12 -7.90
C GLY A 84 -13.77 -36.22 -7.13
N ASN A 85 -14.14 -35.12 -6.48
CA ASN A 85 -15.38 -35.09 -5.72
C ASN A 85 -16.58 -35.20 -6.65
N LEU A 86 -17.63 -35.85 -6.17
CA LEU A 86 -18.84 -36.06 -6.95
C LEU A 86 -19.84 -34.95 -6.65
N SER A 87 -20.36 -34.32 -7.69
CA SER A 87 -21.34 -33.26 -7.53
C SER A 87 -22.74 -33.82 -7.69
N GLN A 88 -23.75 -32.96 -7.60
CA GLN A 88 -25.15 -33.36 -7.71
C GLN A 88 -25.85 -32.38 -8.64
N THR A 89 -26.04 -32.79 -9.90
CA THR A 89 -26.71 -31.95 -10.88
C THR A 89 -28.15 -32.36 -11.14
N ASN A 90 -28.53 -33.57 -10.78
CA ASN A 90 -29.90 -34.07 -10.95
C ASN A 90 -30.34 -33.99 -12.40
N ASN A 91 -29.43 -34.32 -13.31
CA ASN A 91 -29.74 -34.43 -14.73
C ASN A 91 -29.69 -35.90 -15.13
N SER A 92 -30.45 -36.24 -16.16
CA SER A 92 -30.58 -37.63 -16.59
C SER A 92 -29.55 -38.03 -17.63
N LYS A 93 -28.75 -37.09 -18.14
CA LYS A 93 -27.80 -37.35 -19.21
C LYS A 93 -26.39 -36.98 -18.80
N ASP A 94 -26.02 -37.25 -17.56
CA ASP A 94 -24.65 -37.08 -17.10
C ASP A 94 -24.36 -38.15 -16.06
N VAL A 95 -23.29 -38.90 -16.28
CA VAL A 95 -22.95 -40.06 -15.44
C VAL A 95 -21.54 -39.88 -14.92
N ALA A 96 -21.37 -40.10 -13.62
CA ALA A 96 -20.06 -40.03 -12.96
C ALA A 96 -19.56 -41.44 -12.70
N ILE A 97 -18.27 -41.64 -12.88
CA ILE A 97 -17.65 -42.95 -12.71
C ILE A 97 -16.89 -42.97 -11.39
N LYS A 98 -17.21 -43.96 -10.56
CA LYS A 98 -16.61 -44.09 -9.23
C LYS A 98 -15.58 -45.21 -9.26
N GLY A 99 -14.31 -44.86 -9.05
CA GLY A 99 -13.25 -45.83 -9.12
C GLY A 99 -12.28 -45.56 -10.26
N GLN A 100 -12.04 -46.58 -11.08
CA GLN A 100 -11.15 -46.46 -12.22
C GLN A 100 -11.90 -46.73 -13.51
N GLY A 101 -11.25 -46.40 -14.62
CA GLY A 101 -11.82 -46.66 -15.93
C GLY A 101 -12.11 -45.41 -16.74
N PHE A 102 -12.38 -45.59 -18.02
CA PHE A 102 -12.68 -44.48 -18.91
C PHE A 102 -13.78 -44.90 -19.88
N PHE A 103 -14.56 -43.92 -20.33
CA PHE A 103 -15.50 -44.13 -21.42
C PHE A 103 -14.75 -44.09 -22.74
N GLN A 104 -15.14 -44.96 -23.66
CA GLN A 104 -14.52 -45.01 -24.98
C GLN A 104 -15.30 -44.13 -25.94
N VAL A 105 -14.58 -43.50 -26.88
CA VAL A 105 -15.17 -42.53 -27.79
C VAL A 105 -14.59 -42.76 -29.18
N MET A 106 -15.45 -42.72 -30.19
CA MET A 106 -15.05 -42.89 -31.59
C MET A 106 -14.74 -41.52 -32.18
N LEU A 107 -13.46 -41.29 -32.48
CA LEU A 107 -13.07 -40.02 -33.08
C LEU A 107 -13.53 -39.95 -34.54
N PRO A 108 -13.66 -38.73 -35.09
CA PRO A 108 -14.11 -38.62 -36.49
C PRO A 108 -13.21 -39.33 -37.49
N ASP A 109 -11.90 -39.35 -37.26
CA ASP A 109 -11.00 -39.99 -38.21
C ASP A 109 -11.22 -41.50 -38.26
N GLY A 110 -11.47 -42.12 -37.11
CA GLY A 110 -11.73 -43.54 -37.09
C GLY A 110 -11.09 -44.25 -35.90
N THR A 111 -10.18 -43.58 -35.22
CA THR A 111 -9.50 -44.19 -34.08
C THR A 111 -10.37 -44.11 -32.83
N SER A 112 -9.79 -44.47 -31.70
CA SER A 112 -10.49 -44.52 -30.43
C SER A 112 -9.79 -43.63 -29.42
N ALA A 113 -10.55 -42.79 -28.74
CA ALA A 113 -10.07 -41.98 -27.64
C ALA A 113 -10.77 -42.40 -26.36
N TYR A 114 -10.24 -41.94 -25.23
CA TYR A 114 -10.81 -42.28 -23.94
C TYR A 114 -11.00 -41.01 -23.12
N THR A 115 -12.16 -40.93 -22.46
CA THR A 115 -12.49 -39.76 -21.65
C THR A 115 -12.92 -40.20 -20.27
N ARG A 116 -12.78 -39.29 -19.31
CA ARG A 116 -13.21 -39.54 -17.95
C ARG A 116 -14.47 -38.79 -17.58
N ASP A 117 -14.76 -37.68 -18.24
CA ASP A 117 -15.93 -36.87 -17.93
C ASP A 117 -17.16 -37.45 -18.63
N GLY A 118 -18.19 -37.75 -17.85
CA GLY A 118 -19.44 -38.21 -18.42
C GLY A 118 -20.54 -37.17 -18.33
N SER A 119 -20.81 -36.49 -19.44
CA SER A 119 -21.91 -35.54 -19.54
C SER A 119 -22.39 -35.59 -20.99
N PHE A 120 -23.39 -36.41 -21.24
CA PHE A 120 -23.79 -36.78 -22.60
C PHE A 120 -25.00 -35.97 -23.06
N GLN A 121 -25.13 -35.90 -24.37
CA GLN A 121 -26.28 -35.30 -25.02
C GLN A 121 -26.68 -36.22 -26.17
N VAL A 122 -27.69 -35.82 -26.92
CA VAL A 122 -28.19 -36.63 -28.03
C VAL A 122 -28.08 -35.82 -29.31
N ASP A 123 -27.54 -36.44 -30.36
CA ASP A 123 -27.41 -35.78 -31.64
C ASP A 123 -28.78 -35.67 -32.30
N GLN A 124 -28.80 -35.07 -33.50
CA GLN A 124 -30.04 -34.94 -34.23
C GLN A 124 -30.60 -36.28 -34.69
N ASN A 125 -29.76 -37.31 -34.78
CA ASN A 125 -30.20 -38.62 -35.25
C ASN A 125 -30.51 -39.60 -34.12
N GLY A 126 -30.34 -39.20 -32.88
CA GLY A 126 -30.67 -40.05 -31.76
C GLY A 126 -29.52 -40.77 -31.09
N GLN A 127 -28.28 -40.55 -31.54
CA GLN A 127 -27.13 -41.19 -30.93
C GLN A 127 -26.71 -40.45 -29.67
N LEU A 128 -26.22 -41.21 -28.70
CA LEU A 128 -25.72 -40.66 -27.46
C LEU A 128 -24.27 -40.23 -27.67
N VAL A 129 -24.01 -38.93 -27.62
CA VAL A 129 -22.68 -38.40 -27.91
C VAL A 129 -22.23 -37.51 -26.76
N THR A 130 -20.91 -37.42 -26.62
CA THR A 130 -20.34 -36.50 -25.65
C THR A 130 -20.40 -35.08 -26.19
N ALA A 131 -20.15 -34.12 -25.31
CA ALA A 131 -20.19 -32.72 -25.69
C ALA A 131 -19.06 -32.43 -26.68
N GLY A 132 -19.41 -32.28 -27.95
CA GLY A 132 -18.43 -32.07 -28.99
C GLY A 132 -18.67 -32.92 -30.22
N GLY A 133 -19.74 -33.70 -30.20
CA GLY A 133 -20.12 -34.49 -31.35
C GLY A 133 -19.43 -35.84 -31.48
N PHE A 134 -18.74 -36.30 -30.45
CA PHE A 134 -18.09 -37.59 -30.48
C PHE A 134 -19.01 -38.64 -29.85
N GLN A 135 -19.33 -39.67 -30.62
CA GLN A 135 -20.26 -40.67 -30.14
C GLN A 135 -19.52 -41.76 -29.36
N VAL A 136 -20.26 -42.46 -28.52
CA VAL A 136 -19.73 -43.53 -27.70
C VAL A 136 -19.48 -44.74 -28.59
N GLN A 137 -18.40 -45.47 -28.31
CA GLN A 137 -17.99 -46.56 -29.20
C GLN A 137 -19.03 -47.67 -29.31
N PRO A 138 -19.62 -48.18 -28.23
CA PRO A 138 -20.67 -49.21 -28.38
C PRO A 138 -21.91 -48.72 -29.11
N ALA A 139 -21.99 -47.44 -29.44
CA ALA A 139 -23.09 -46.88 -30.25
C ALA A 139 -24.45 -47.08 -29.58
N ILE A 140 -24.62 -46.40 -28.44
CA ILE A 140 -25.89 -46.41 -27.73
C ILE A 140 -26.82 -45.40 -28.40
N THR A 141 -27.94 -45.88 -28.93
CA THR A 141 -28.90 -45.03 -29.63
C THR A 141 -30.18 -44.91 -28.81
N ILE A 142 -30.53 -43.68 -28.45
CA ILE A 142 -31.78 -43.41 -27.72
C ILE A 142 -32.93 -43.32 -28.72
N PRO A 143 -33.98 -44.11 -28.56
CA PRO A 143 -35.12 -44.01 -29.47
C PRO A 143 -35.92 -42.75 -29.19
N ALA A 144 -36.78 -42.41 -30.14
CA ALA A 144 -37.70 -41.31 -29.95
C ALA A 144 -38.76 -41.69 -28.91
N ASN A 145 -39.69 -40.76 -28.68
CA ASN A 145 -40.77 -40.91 -27.69
C ASN A 145 -40.27 -41.56 -26.41
N ALA A 146 -39.18 -41.02 -25.89
CA ALA A 146 -38.54 -41.53 -24.69
C ALA A 146 -38.95 -40.69 -23.49
N LEU A 147 -39.57 -41.33 -22.49
CA LEU A 147 -40.00 -40.61 -21.30
C LEU A 147 -38.85 -40.35 -20.35
N SER A 148 -38.02 -41.37 -20.09
CA SER A 148 -36.89 -41.21 -19.18
C SER A 148 -35.81 -42.20 -19.57
N ILE A 149 -34.57 -41.85 -19.19
CA ILE A 149 -33.41 -42.69 -19.43
C ILE A 149 -32.82 -43.05 -18.07
N THR A 150 -32.67 -44.35 -17.82
CA THR A 150 -32.17 -44.84 -16.54
C THR A 150 -30.90 -45.62 -16.76
N ILE A 151 -29.89 -45.36 -15.93
CA ILE A 151 -28.62 -46.07 -15.97
C ILE A 151 -28.31 -46.53 -14.56
N GLY A 152 -28.12 -47.84 -14.39
CA GLY A 152 -27.82 -48.42 -13.10
C GLY A 152 -26.35 -48.32 -12.77
N ARG A 153 -25.97 -48.96 -11.66
CA ARG A 153 -24.56 -49.03 -11.30
C ARG A 153 -23.76 -49.75 -12.37
N ASP A 154 -24.32 -50.83 -12.92
CA ASP A 154 -23.71 -51.47 -14.07
C ASP A 154 -23.95 -50.63 -15.32
N GLY A 155 -23.40 -51.10 -16.43
CA GLY A 155 -23.52 -50.34 -17.66
C GLY A 155 -24.86 -50.41 -18.34
N VAL A 156 -25.79 -51.23 -17.84
CA VAL A 156 -27.06 -51.41 -18.52
C VAL A 156 -27.82 -50.10 -18.54
N VAL A 157 -28.43 -49.80 -19.69
CA VAL A 157 -29.23 -48.59 -19.87
C VAL A 157 -30.63 -49.01 -20.25
N SER A 158 -31.63 -48.27 -19.78
CA SER A 158 -33.02 -48.57 -20.07
C SER A 158 -33.76 -47.27 -20.37
N VAL A 159 -34.82 -47.40 -21.17
CA VAL A 159 -35.66 -46.26 -21.54
C VAL A 159 -37.11 -46.63 -21.26
N THR A 160 -37.84 -45.72 -20.62
CA THR A 160 -39.25 -45.92 -20.32
C THR A 160 -40.07 -45.48 -21.51
N GLN A 161 -40.68 -46.45 -22.20
CA GLN A 161 -41.50 -46.13 -23.36
C GLN A 161 -42.82 -45.50 -22.92
N GLN A 162 -43.51 -44.88 -23.87
CA GLN A 162 -44.76 -44.21 -23.57
C GLN A 162 -45.82 -45.21 -23.08
N GLY A 163 -45.90 -46.37 -23.73
CA GLY A 163 -46.87 -47.38 -23.38
C GLY A 163 -46.21 -48.64 -22.83
N GLN A 164 -47.07 -49.61 -22.53
CA GLN A 164 -46.71 -50.97 -22.11
C GLN A 164 -46.08 -50.99 -20.71
N ALA A 165 -45.82 -49.81 -20.15
CA ALA A 165 -45.32 -49.67 -18.76
C ALA A 165 -44.20 -50.65 -18.44
N ALA A 166 -43.36 -50.96 -19.42
CA ALA A 166 -42.30 -51.95 -19.25
C ALA A 166 -41.02 -51.41 -19.88
N PRO A 167 -40.00 -51.14 -19.07
CA PRO A 167 -38.75 -50.59 -19.61
C PRO A 167 -38.03 -51.60 -20.48
N VAL A 168 -37.31 -51.08 -21.48
CA VAL A 168 -36.55 -51.90 -22.41
C VAL A 168 -35.09 -51.48 -22.36
N GLN A 169 -34.21 -52.40 -22.74
CA GLN A 169 -32.77 -52.19 -22.71
C GLN A 169 -32.28 -51.85 -24.12
N VAL A 170 -31.46 -50.80 -24.23
CA VAL A 170 -31.01 -50.33 -25.53
C VAL A 170 -29.49 -50.21 -25.57
N GLY A 171 -28.80 -50.94 -24.71
CA GLY A 171 -27.35 -50.94 -24.75
C GLY A 171 -26.68 -51.06 -23.40
N GLN A 172 -25.36 -50.95 -23.38
CA GLN A 172 -24.60 -51.08 -22.14
C GLN A 172 -23.35 -50.23 -22.23
N LEU A 173 -22.94 -49.65 -21.10
CA LEU A 173 -21.78 -48.76 -21.04
C LEU A 173 -20.64 -49.46 -20.29
N ASN A 174 -19.76 -50.09 -21.05
CA ASN A 174 -18.58 -50.70 -20.46
C ASN A 174 -17.49 -49.67 -20.25
N LEU A 175 -16.55 -50.00 -19.37
CA LEU A 175 -15.42 -49.13 -19.05
C LEU A 175 -14.12 -49.82 -19.43
N THR A 176 -13.19 -49.07 -19.99
CA THR A 176 -11.88 -49.58 -20.35
C THR A 176 -10.86 -49.20 -19.30
N THR A 177 -9.93 -50.10 -19.03
CA THR A 177 -8.87 -49.85 -18.05
C THR A 177 -7.52 -50.07 -18.70
N PHE A 178 -6.50 -49.48 -18.09
CA PHE A 178 -5.12 -49.55 -18.57
C PHE A 178 -4.19 -49.94 -17.44
N MET A 179 -3.08 -50.58 -17.80
CA MET A 179 -2.07 -50.93 -16.80
C MET A 179 -1.44 -49.70 -16.19
N ASN A 180 -1.14 -48.69 -17.01
CA ASN A 180 -0.49 -47.46 -16.55
C ASN A 180 -1.36 -46.28 -16.94
N ASP A 181 -2.16 -45.79 -16.00
CA ASP A 181 -3.05 -44.68 -16.28
C ASP A 181 -2.31 -43.38 -16.53
N THR A 182 -1.11 -43.22 -15.96
CA THR A 182 -0.36 -41.98 -16.16
C THR A 182 0.28 -41.89 -17.53
N GLY A 183 0.34 -43.00 -18.27
CA GLY A 183 0.95 -42.99 -19.58
C GLY A 183 0.06 -42.58 -20.73
N LEU A 184 -1.21 -42.29 -20.47
CA LEU A 184 -2.12 -41.91 -21.54
C LEU A 184 -1.71 -40.58 -22.15
N GLU A 185 -1.83 -40.48 -23.46
CA GLU A 185 -1.47 -39.26 -24.19
C GLU A 185 -2.69 -38.35 -24.21
N SER A 186 -2.60 -37.23 -23.50
CA SER A 186 -3.72 -36.30 -23.44
C SER A 186 -3.75 -35.40 -24.66
N ILE A 187 -4.95 -35.15 -25.18
CA ILE A 187 -5.15 -34.26 -26.30
C ILE A 187 -6.23 -33.24 -25.92
N GLY A 188 -6.57 -32.40 -26.89
CA GLY A 188 -7.55 -31.37 -26.64
C GLY A 188 -8.96 -31.92 -26.48
N GLU A 189 -9.86 -31.03 -26.08
CA GLU A 189 -11.28 -31.36 -25.89
C GLU A 189 -11.47 -32.45 -24.84
N ASN A 190 -10.58 -32.49 -23.85
CA ASN A 190 -10.71 -33.38 -22.70
C ASN A 190 -10.77 -34.85 -23.12
N LEU A 191 -9.70 -35.30 -23.77
CA LEU A 191 -9.63 -36.65 -24.29
C LEU A 191 -8.23 -37.23 -24.08
N TYR A 192 -8.16 -38.55 -24.05
CA TYR A 192 -6.90 -39.28 -23.98
C TYR A 192 -6.86 -40.34 -25.06
N ILE A 193 -5.64 -40.68 -25.48
CA ILE A 193 -5.42 -41.77 -26.43
C ILE A 193 -4.32 -42.66 -25.89
N GLU A 194 -4.29 -43.90 -26.40
CA GLU A 194 -3.35 -44.90 -25.96
C GLU A 194 -2.00 -44.72 -26.65
N THR A 195 -0.93 -44.94 -25.89
CA THR A 195 0.43 -44.95 -26.42
C THR A 195 1.14 -46.21 -25.94
N GLN A 196 2.42 -46.32 -26.29
CA GLN A 196 3.18 -47.48 -25.85
C GLN A 196 3.45 -47.44 -24.35
N SER A 197 3.56 -46.24 -23.78
CA SER A 197 3.82 -46.13 -22.36
C SER A 197 2.73 -46.79 -21.53
N SER A 198 1.47 -46.53 -21.88
CA SER A 198 0.38 -47.22 -21.24
C SER A 198 0.20 -48.62 -21.82
N GLY A 199 -0.49 -49.47 -21.07
CA GLY A 199 -0.75 -50.82 -21.51
C GLY A 199 -1.88 -50.90 -22.50
N ALA A 200 -2.10 -52.11 -23.00
CA ALA A 200 -3.21 -52.35 -23.91
C ALA A 200 -4.52 -52.21 -23.16
N PRO A 201 -5.48 -51.45 -23.67
CA PRO A 201 -6.75 -51.27 -22.97
C PRO A 201 -7.50 -52.59 -22.86
N ASN A 202 -8.17 -52.79 -21.74
CA ASN A 202 -9.03 -53.94 -21.56
C ASN A 202 -10.43 -53.48 -21.17
N GLU A 203 -11.43 -54.00 -21.87
CA GLU A 203 -12.82 -53.68 -21.58
C GLU A 203 -13.28 -54.45 -20.35
N SER A 204 -14.26 -53.87 -19.64
CA SER A 204 -14.83 -54.54 -18.48
C SER A 204 -16.16 -53.91 -18.16
N THR A 205 -17.11 -54.75 -17.76
CA THR A 205 -18.36 -54.25 -17.23
C THR A 205 -18.11 -53.57 -15.87
N PRO A 206 -18.86 -52.52 -15.56
CA PRO A 206 -18.64 -51.83 -14.28
C PRO A 206 -18.84 -52.77 -13.10
N GLY A 207 -17.99 -52.62 -12.09
CA GLY A 207 -18.03 -53.45 -10.91
C GLY A 207 -17.29 -54.76 -11.01
N LEU A 208 -16.60 -55.01 -12.12
CA LEU A 208 -15.85 -56.24 -12.32
C LEU A 208 -14.40 -55.91 -12.63
N ASN A 209 -13.50 -56.77 -12.15
CA ASN A 209 -12.05 -56.61 -12.37
C ASN A 209 -11.54 -55.27 -11.85
N GLY A 210 -12.14 -54.76 -10.79
CA GLY A 210 -11.72 -53.52 -10.19
C GLY A 210 -12.23 -52.27 -10.87
N ALA A 211 -13.04 -52.39 -11.92
CA ALA A 211 -13.58 -51.21 -12.58
C ALA A 211 -14.63 -50.54 -11.70
N GLY A 212 -14.70 -49.22 -11.77
CA GLY A 212 -15.62 -48.48 -10.94
C GLY A 212 -17.07 -48.60 -11.40
N LEU A 213 -17.96 -48.14 -10.53
CA LEU A 213 -19.39 -48.15 -10.80
C LEU A 213 -19.81 -46.86 -11.49
N LEU A 214 -21.08 -46.80 -11.91
CA LEU A 214 -21.64 -45.64 -12.55
C LEU A 214 -22.73 -45.05 -11.68
N TYR A 215 -22.76 -43.72 -11.58
CA TYR A 215 -23.80 -43.02 -10.84
C TYR A 215 -24.44 -41.99 -11.77
N GLN A 216 -25.76 -42.06 -11.90
CA GLN A 216 -26.49 -41.14 -12.77
C GLN A 216 -26.91 -39.91 -11.98
N GLY A 217 -26.85 -38.76 -12.63
CA GLY A 217 -27.19 -37.51 -12.00
C GLY A 217 -26.03 -36.82 -11.31
N TYR A 218 -24.87 -37.44 -11.24
CA TYR A 218 -23.70 -36.86 -10.63
C TYR A 218 -22.65 -36.58 -11.71
N VAL A 219 -21.82 -35.59 -11.44
CA VAL A 219 -20.69 -35.27 -12.31
C VAL A 219 -19.46 -35.15 -11.43
N GLU A 220 -18.29 -35.38 -12.03
CA GLU A 220 -17.03 -35.43 -11.32
C GLU A 220 -16.29 -34.12 -11.53
N THR A 221 -15.95 -33.45 -10.43
CA THR A 221 -15.20 -32.20 -10.50
C THR A 221 -13.70 -32.49 -10.60
N SER A 222 -12.96 -31.49 -11.04
CA SER A 222 -11.52 -31.63 -11.16
C SER A 222 -10.89 -31.81 -9.80
N ASN A 223 -9.85 -32.64 -9.73
CA ASN A 223 -9.13 -32.86 -8.48
C ASN A 223 -7.99 -31.85 -8.32
N VAL A 224 -8.32 -30.57 -8.45
CA VAL A 224 -7.37 -29.48 -8.30
C VAL A 224 -7.62 -28.84 -6.94
N ASN A 225 -6.63 -28.93 -6.06
CA ASN A 225 -6.72 -28.33 -4.74
C ASN A 225 -6.22 -26.90 -4.84
N VAL A 226 -7.15 -25.93 -4.84
CA VAL A 226 -6.77 -24.54 -5.03
C VAL A 226 -5.95 -24.03 -3.85
N ALA A 227 -6.04 -24.69 -2.69
CA ALA A 227 -5.27 -24.25 -1.54
C ALA A 227 -3.77 -24.43 -1.77
N GLU A 228 -3.36 -25.55 -2.35
CA GLU A 228 -1.94 -25.81 -2.56
C GLU A 228 -1.36 -24.98 -3.70
N GLU A 229 -2.20 -24.57 -4.66
CA GLU A 229 -1.69 -23.80 -5.79
C GLU A 229 -1.11 -22.47 -5.33
N LEU A 230 -1.72 -21.82 -4.35
CA LEU A 230 -1.23 -20.53 -3.90
C LEU A 230 0.16 -20.64 -3.28
N VAL A 231 0.36 -21.61 -2.39
CA VAL A 231 1.65 -21.75 -1.74
C VAL A 231 2.71 -22.21 -2.75
N ASN A 232 2.32 -23.08 -3.69
CA ASN A 232 3.25 -23.47 -4.73
C ASN A 232 3.64 -22.27 -5.59
N MET A 233 2.69 -21.39 -5.86
CA MET A 233 2.98 -20.19 -6.63
C MET A 233 3.96 -19.27 -5.90
N ILE A 234 3.76 -19.12 -4.58
CA ILE A 234 4.69 -18.31 -3.80
C ILE A 234 6.10 -18.89 -3.86
N GLN A 235 6.22 -20.21 -3.68
CA GLN A 235 7.53 -20.85 -3.74
C GLN A 235 8.16 -20.69 -5.11
N VAL A 236 7.35 -20.84 -6.17
CA VAL A 236 7.86 -20.69 -7.53
C VAL A 236 8.39 -19.28 -7.76
N GLN A 237 7.65 -18.27 -7.31
CA GLN A 237 8.11 -16.90 -7.48
C GLN A 237 9.42 -16.68 -6.74
N ARG A 238 9.53 -17.17 -5.51
CA ARG A 238 10.77 -16.99 -4.76
C ARG A 238 11.94 -17.66 -5.45
N ALA A 239 11.78 -18.90 -5.90
CA ALA A 239 12.88 -19.60 -6.55
C ALA A 239 13.28 -18.90 -7.84
N TYR A 240 12.30 -18.46 -8.63
CA TYR A 240 12.61 -17.76 -9.87
C TYR A 240 13.40 -16.50 -9.61
N GLU A 241 13.01 -15.73 -8.59
CA GLU A 241 13.73 -14.50 -8.28
C GLU A 241 15.14 -14.81 -7.80
N ILE A 242 15.33 -15.89 -7.03
CA ILE A 242 16.65 -16.24 -6.56
C ILE A 242 17.57 -16.60 -7.73
N ASN A 243 17.05 -17.37 -8.68
CA ASN A 243 17.86 -17.70 -9.86
C ASN A 243 18.20 -16.45 -10.66
N SER A 244 17.25 -15.53 -10.77
CA SER A 244 17.55 -14.26 -11.45
C SER A 244 18.66 -13.51 -10.74
N LYS A 245 18.64 -13.52 -9.40
CA LYS A 245 19.72 -12.90 -8.64
C LYS A 245 21.06 -13.56 -8.93
N ALA A 246 21.07 -14.89 -9.07
CA ALA A 246 22.31 -15.58 -9.41
C ALA A 246 22.83 -15.13 -10.77
N VAL A 247 21.93 -15.01 -11.75
CA VAL A 247 22.34 -14.53 -13.07
C VAL A 247 22.92 -13.12 -12.97
N SER A 248 22.28 -12.27 -12.17
CA SER A 248 22.77 -10.91 -11.99
C SER A 248 24.16 -10.89 -11.37
N THR A 249 24.39 -11.74 -10.38
CA THR A 249 25.71 -11.80 -9.76
C THR A 249 26.78 -12.25 -10.75
N THR A 250 26.46 -13.26 -11.57
CA THR A 250 27.43 -13.70 -12.56
C THR A 250 27.73 -12.60 -13.57
N ASP A 251 26.70 -11.86 -14.00
CA ASP A 251 26.92 -10.76 -14.92
C ASP A 251 27.77 -9.67 -14.28
N GLN A 252 27.55 -9.39 -12.99
CA GLN A 252 28.38 -8.42 -12.29
C GLN A 252 29.84 -8.85 -12.27
N MET A 253 30.09 -10.13 -12.00
CA MET A 253 31.46 -10.61 -12.00
C MET A 253 32.10 -10.47 -13.37
N LEU A 254 31.37 -10.82 -14.43
CA LEU A 254 31.91 -10.68 -15.77
C LEU A 254 32.21 -9.22 -16.09
N GLN A 255 31.29 -8.32 -15.74
CA GLN A 255 31.49 -6.90 -16.03
C GLN A 255 32.70 -6.36 -15.29
N LYS A 256 32.88 -6.77 -14.03
CA LYS A 256 34.06 -6.34 -13.29
C LYS A 256 35.32 -6.89 -13.92
N LEU A 257 35.29 -8.14 -14.39
CA LEU A 257 36.45 -8.74 -15.02
C LEU A 257 36.85 -8.00 -16.30
N THR A 258 35.86 -7.64 -17.12
CA THR A 258 36.18 -6.99 -18.40
C THR A 258 36.73 -5.57 -18.23
N GLN A 259 36.63 -5.00 -17.03
CA GLN A 259 37.11 -3.64 -16.82
C GLN A 259 38.61 -3.55 -16.65
N LEU A 260 39.36 -4.64 -16.72
CA LEU A 260 40.81 -4.58 -16.57
C LEU A 260 41.46 -3.80 -17.71
N MET B 1 2.55 15.23 -24.70
CA MET B 1 3.47 14.11 -24.73
C MET B 1 3.10 13.10 -25.81
N ILE B 2 2.35 12.08 -25.42
CA ILE B 2 1.94 11.02 -26.34
C ILE B 2 0.42 11.09 -26.51
N SER B 3 -0.04 10.56 -27.64
CA SER B 3 -1.46 10.62 -27.97
C SER B 3 -2.31 9.88 -26.94
N SER B 4 -1.77 8.79 -26.39
CA SER B 4 -2.52 8.04 -25.38
C SER B 4 -2.84 8.91 -24.18
N LEU B 5 -1.93 9.79 -23.80
CA LEU B 5 -2.18 10.67 -22.67
C LEU B 5 -3.36 11.59 -22.92
N TRP B 6 -3.42 12.21 -24.11
CA TRP B 6 -4.55 13.08 -24.42
C TRP B 6 -5.85 12.30 -24.52
N ILE B 7 -5.80 11.09 -25.08
CA ILE B 7 -7.00 10.27 -25.20
C ILE B 7 -7.54 9.92 -23.82
N ALA B 8 -6.68 9.48 -22.92
CA ALA B 8 -7.12 9.15 -21.57
C ALA B 8 -7.60 10.39 -20.82
N LYS B 9 -6.99 11.54 -21.12
CA LYS B 9 -7.46 12.78 -20.50
C LYS B 9 -8.89 13.11 -20.94
N THR B 10 -9.18 12.94 -22.23
CA THR B 10 -10.54 13.16 -22.70
C THR B 10 -11.51 12.17 -22.04
N GLY B 11 -11.09 10.92 -21.89
CA GLY B 11 -11.93 9.95 -21.21
C GLY B 11 -12.23 10.35 -19.77
N LEU B 12 -11.21 10.81 -19.05
CA LEU B 12 -11.41 11.26 -17.68
C LEU B 12 -12.37 12.44 -17.62
N ASP B 13 -12.22 13.39 -18.55
CA ASP B 13 -13.12 14.54 -18.57
C ASP B 13 -14.56 14.11 -18.81
N ALA B 14 -14.77 13.17 -19.74
CA ALA B 14 -16.12 12.68 -20.00
C ALA B 14 -16.71 12.01 -18.77
N GLN B 15 -15.93 11.17 -18.09
CA GLN B 15 -16.45 10.52 -16.89
C GLN B 15 -16.74 11.53 -15.79
N GLN B 16 -15.94 12.59 -15.70
CA GLN B 16 -16.22 13.64 -14.73
C GLN B 16 -17.54 14.33 -15.01
N THR B 17 -17.82 14.62 -16.29
CA THR B 17 -19.11 15.20 -16.63
C THR B 17 -20.26 14.26 -16.30
N ASN B 18 -20.05 12.95 -16.55
CA ASN B 18 -21.06 11.96 -16.19
C ASN B 18 -21.35 11.98 -14.70
N MET B 19 -20.31 11.99 -13.88
CA MET B 19 -20.49 12.07 -12.44
C MET B 19 -21.20 13.36 -12.04
N ASP B 20 -20.86 14.47 -12.71
CA ASP B 20 -21.50 15.73 -12.37
C ASP B 20 -22.99 15.71 -12.64
N VAL B 21 -23.41 15.16 -13.79
CA VAL B 21 -24.84 15.12 -14.07
C VAL B 21 -25.55 14.15 -13.14
N ILE B 22 -24.90 13.04 -12.78
CA ILE B 22 -25.52 12.12 -11.83
C ILE B 22 -25.73 12.82 -10.49
N ALA B 23 -24.71 13.54 -10.01
CA ALA B 23 -24.83 14.25 -8.74
C ALA B 23 -25.91 15.31 -8.79
N ASN B 24 -25.97 16.07 -9.90
CA ASN B 24 -26.99 17.10 -10.00
C ASN B 24 -28.39 16.51 -10.00
N ASN B 25 -28.60 15.41 -10.72
CA ASN B 25 -29.90 14.75 -10.68
C ASN B 25 -30.22 14.26 -9.28
N LEU B 26 -29.25 13.67 -8.60
CA LEU B 26 -29.52 13.10 -7.29
C LEU B 26 -29.72 14.17 -6.23
N ALA B 27 -29.25 15.39 -6.48
CA ALA B 27 -29.36 16.45 -5.47
C ALA B 27 -30.80 16.90 -5.33
N ASN B 28 -31.40 17.42 -6.39
CA ASN B 28 -32.75 17.97 -6.35
C ASN B 28 -33.80 16.94 -6.74
N VAL B 29 -33.83 15.82 -6.01
CA VAL B 29 -34.84 14.81 -6.28
C VAL B 29 -36.19 15.25 -5.75
N SER B 30 -36.21 16.19 -4.81
CA SER B 30 -37.44 16.65 -4.19
C SER B 30 -37.98 17.95 -4.79
N THR B 31 -37.34 18.50 -5.80
CA THR B 31 -37.84 19.70 -6.44
C THR B 31 -39.05 19.36 -7.31
N ASN B 32 -40.12 20.12 -7.16
CA ASN B 32 -41.31 19.90 -7.97
C ASN B 32 -41.06 20.36 -9.39
N GLY B 33 -41.56 19.58 -10.36
CA GLY B 33 -41.41 19.94 -11.75
C GLY B 33 -39.99 19.95 -12.26
N PHE B 34 -39.20 18.93 -11.91
CA PHE B 34 -37.81 18.83 -12.31
C PHE B 34 -37.67 17.75 -13.37
N LYS B 35 -36.93 18.04 -14.42
CA LYS B 35 -36.69 17.11 -15.52
C LYS B 35 -35.24 16.65 -15.48
N ARG B 36 -35.02 15.35 -15.37
CA ARG B 36 -33.68 14.83 -15.18
C ARG B 36 -32.85 15.01 -16.44
N GLN B 37 -31.53 14.93 -16.27
CA GLN B 37 -30.57 15.14 -17.36
C GLN B 37 -29.85 13.84 -17.67
N ARG B 38 -29.61 13.60 -18.95
CA ARG B 38 -28.73 12.53 -19.39
C ARG B 38 -27.75 13.09 -20.39
N ALA B 39 -26.48 12.70 -20.27
CA ALA B 39 -25.42 13.19 -21.12
C ALA B 39 -25.08 12.15 -22.18
N VAL B 40 -25.00 12.57 -23.43
CA VAL B 40 -24.68 11.69 -24.55
C VAL B 40 -23.26 12.02 -25.02
N PHE B 41 -22.49 10.98 -25.29
CA PHE B 41 -21.10 11.13 -25.70
C PHE B 41 -20.93 10.73 -27.16
N GLU B 42 -19.94 11.35 -27.81
CA GLU B 42 -19.62 11.05 -29.20
C GLU B 42 -18.12 11.04 -29.36
N ASP B 43 -17.61 10.06 -30.11
CA ASP B 43 -16.18 9.95 -30.31
C ASP B 43 -15.67 11.05 -31.23
N LEU B 44 -14.42 11.45 -30.99
CA LEU B 44 -13.80 12.53 -31.74
C LEU B 44 -13.35 12.03 -33.11
N LEU B 45 -12.49 12.80 -33.77
CA LEU B 45 -12.03 12.46 -35.10
C LEU B 45 -11.16 11.20 -35.07
N TYR B 46 -10.69 10.81 -36.25
CA TYR B 46 -9.80 9.67 -36.39
C TYR B 46 -8.62 10.06 -37.28
N GLN B 47 -7.41 9.76 -36.82
CA GLN B 47 -6.22 9.95 -37.64
C GLN B 47 -6.05 8.73 -38.55
N THR B 48 -6.10 8.95 -39.85
CA THR B 48 -6.09 7.88 -40.83
C THR B 48 -4.67 7.72 -41.37
N ILE B 49 -3.92 6.81 -40.75
CA ILE B 49 -2.57 6.52 -41.26
C ILE B 49 -2.66 5.77 -42.58
N ARG B 50 -3.52 4.78 -42.66
CA ARG B 50 -3.76 4.03 -43.89
C ARG B 50 -5.24 4.17 -44.26
N GLN B 51 -5.49 4.72 -45.44
CA GLN B 51 -6.86 4.99 -45.86
C GLN B 51 -7.57 3.68 -46.16
N PRO B 52 -8.72 3.41 -45.54
CA PRO B 52 -9.46 2.18 -45.85
C PRO B 52 -9.89 2.15 -47.31
N GLY B 53 -9.85 0.96 -47.89
CA GLY B 53 -10.19 0.82 -49.29
C GLY B 53 -9.17 1.40 -50.24
N ALA B 54 -7.93 1.57 -49.79
CA ALA B 54 -6.89 2.11 -50.66
C ALA B 54 -6.59 1.14 -51.80
N GLN B 55 -6.26 1.71 -52.97
CA GLN B 55 -5.97 0.93 -54.16
C GLN B 55 -4.51 0.47 -54.08
N SER B 56 -4.31 -0.67 -53.41
CA SER B 56 -2.96 -1.22 -53.28
C SER B 56 -2.42 -1.68 -54.63
N SER B 57 -3.28 -2.26 -55.46
CA SER B 57 -2.89 -2.70 -56.79
C SER B 57 -4.09 -2.60 -57.72
N GLU B 58 -3.92 -3.06 -58.96
CA GLU B 58 -5.01 -3.01 -59.93
C GLU B 58 -6.17 -3.91 -59.52
N GLN B 59 -5.92 -5.00 -58.81
CA GLN B 59 -6.96 -5.95 -58.47
C GLN B 59 -7.23 -6.08 -56.99
N THR B 60 -6.27 -5.75 -56.13
CA THR B 60 -6.42 -5.90 -54.69
C THR B 60 -6.49 -4.54 -54.00
N THR B 61 -7.34 -4.45 -52.98
CA THR B 61 -7.50 -3.25 -52.19
C THR B 61 -7.52 -3.61 -50.71
N LEU B 62 -7.19 -2.64 -49.87
CA LEU B 62 -7.17 -2.89 -48.43
C LEU B 62 -8.58 -3.10 -47.91
N PRO B 63 -8.86 -4.22 -47.23
CA PRO B 63 -10.19 -4.39 -46.64
C PRO B 63 -10.43 -3.47 -45.46
N SER B 64 -9.42 -3.26 -44.62
CA SER B 64 -9.54 -2.36 -43.48
C SER B 64 -8.25 -1.57 -43.32
N GLY B 65 -8.39 -0.27 -43.08
CA GLY B 65 -7.26 0.62 -42.97
C GLY B 65 -6.74 0.75 -41.56
N LEU B 66 -5.90 1.76 -41.37
CA LEU B 66 -5.28 2.05 -40.07
C LEU B 66 -5.80 3.40 -39.61
N GLN B 67 -6.60 3.41 -38.56
CA GLN B 67 -7.14 4.65 -37.99
C GLN B 67 -6.97 4.62 -36.48
N ILE B 68 -6.54 5.76 -35.93
CA ILE B 68 -6.28 5.90 -34.50
C ILE B 68 -7.25 6.93 -33.94
N GLY B 69 -7.92 6.58 -32.85
CA GLY B 69 -8.85 7.50 -32.25
C GLY B 69 -8.17 8.69 -31.60
N THR B 70 -8.97 9.72 -31.33
CA THR B 70 -8.48 10.94 -30.72
C THR B 70 -9.18 11.27 -29.41
N GLY B 71 -10.09 10.41 -28.95
CA GLY B 71 -10.76 10.61 -27.68
C GLY B 71 -12.27 10.65 -27.85
N VAL B 72 -12.95 11.18 -26.83
CA VAL B 72 -14.40 11.31 -26.83
C VAL B 72 -14.77 12.70 -26.36
N ARG B 73 -15.93 13.18 -26.82
CA ARG B 73 -16.42 14.48 -26.41
C ARG B 73 -17.90 14.38 -26.06
N PRO B 74 -18.34 15.11 -25.04
CA PRO B 74 -19.78 15.17 -24.73
C PRO B 74 -20.49 16.11 -25.69
N VAL B 75 -21.25 15.54 -26.62
CA VAL B 75 -21.94 16.35 -27.61
C VAL B 75 -22.99 17.23 -26.94
N ALA B 76 -23.78 16.64 -26.04
CA ALA B 76 -24.79 17.40 -25.33
C ALA B 76 -25.20 16.63 -24.07
N THR B 77 -25.84 17.34 -23.15
CA THR B 77 -26.49 16.74 -21.99
C THR B 77 -27.91 17.29 -21.99
N GLU B 78 -28.86 16.45 -22.38
CA GLU B 78 -30.23 16.88 -22.59
C GLU B 78 -31.12 16.48 -21.42
N ARG B 79 -32.09 17.34 -21.13
CA ARG B 79 -33.07 17.07 -20.08
C ARG B 79 -34.21 16.26 -20.66
N LEU B 80 -34.57 15.19 -19.96
CA LEU B 80 -35.63 14.29 -20.40
C LEU B 80 -36.96 14.84 -19.94
N HIS B 81 -37.71 15.47 -20.85
CA HIS B 81 -38.98 16.08 -20.50
C HIS B 81 -40.10 15.05 -20.46
N SER B 82 -39.93 14.04 -19.62
CA SER B 82 -40.98 13.06 -19.39
C SER B 82 -42.02 13.63 -18.42
N GLN B 83 -42.98 12.79 -18.04
CA GLN B 83 -44.03 13.19 -17.13
C GLN B 83 -43.70 12.70 -15.71
N GLY B 84 -43.80 13.59 -14.75
CA GLY B 84 -43.57 13.26 -13.36
C GLY B 84 -44.87 12.95 -12.65
N ASN B 85 -44.81 12.00 -11.73
CA ASN B 85 -45.99 11.58 -11.00
C ASN B 85 -46.51 12.72 -10.11
N LEU B 86 -47.83 12.80 -10.01
CA LEU B 86 -48.49 13.84 -9.24
C LEU B 86 -48.67 13.41 -7.79
N SER B 87 -48.73 14.39 -6.91
CA SER B 87 -49.03 14.13 -5.50
C SER B 87 -49.98 15.21 -5.00
N GLN B 88 -50.79 14.82 -4.02
CA GLN B 88 -51.83 15.69 -3.47
C GLN B 88 -51.26 16.61 -2.40
N THR B 89 -51.60 17.89 -2.49
CA THR B 89 -51.30 18.84 -1.43
C THR B 89 -52.54 19.51 -0.86
N ASN B 90 -53.69 19.40 -1.52
CA ASN B 90 -54.95 19.96 -1.05
C ASN B 90 -54.85 21.46 -0.82
N ASN B 91 -54.15 22.16 -1.72
CA ASN B 91 -54.02 23.60 -1.67
C ASN B 91 -54.84 24.22 -2.80
N SER B 92 -55.64 25.23 -2.46
CA SER B 92 -56.46 25.89 -3.47
C SER B 92 -55.64 26.64 -4.50
N LYS B 93 -54.38 26.94 -4.19
CA LYS B 93 -53.53 27.73 -5.08
C LYS B 93 -52.54 26.88 -5.88
N ASP B 94 -52.67 25.56 -5.84
CA ASP B 94 -51.74 24.67 -6.53
C ASP B 94 -52.43 24.01 -7.71
N VAL B 95 -51.79 24.08 -8.88
CA VAL B 95 -52.27 23.40 -10.07
C VAL B 95 -51.13 22.53 -10.62
N ALA B 96 -51.47 21.30 -10.99
CA ALA B 96 -50.50 20.39 -11.57
C ALA B 96 -50.91 20.08 -13.01
N ILE B 97 -49.97 20.21 -13.93
CA ILE B 97 -50.25 20.08 -15.35
C ILE B 97 -49.83 18.69 -15.81
N LYS B 98 -50.76 17.94 -16.37
CA LYS B 98 -50.50 16.59 -16.87
C LYS B 98 -50.58 16.60 -18.39
N GLY B 99 -49.64 15.94 -19.04
CA GLY B 99 -49.56 15.93 -20.49
C GLY B 99 -48.39 16.77 -20.97
N GLN B 100 -48.66 17.71 -21.87
CA GLN B 100 -47.65 18.59 -22.41
C GLN B 100 -48.11 20.04 -22.24
N GLY B 101 -47.19 20.91 -21.86
CA GLY B 101 -47.50 22.31 -21.73
C GLY B 101 -46.52 23.00 -20.81
N PHE B 102 -46.59 24.33 -20.83
CA PHE B 102 -45.71 25.16 -20.01
C PHE B 102 -46.46 26.43 -19.64
N PHE B 103 -46.55 26.70 -18.34
CA PHE B 103 -47.09 27.98 -17.90
C PHE B 103 -46.17 29.11 -18.35
N GLN B 104 -46.76 30.24 -18.70
CA GLN B 104 -46.01 31.40 -19.16
C GLN B 104 -45.99 32.45 -18.06
N VAL B 105 -44.79 32.94 -17.74
CA VAL B 105 -44.63 33.99 -16.74
C VAL B 105 -43.79 35.09 -17.35
N MET B 106 -43.85 36.27 -16.75
CA MET B 106 -43.18 37.45 -17.27
C MET B 106 -42.08 37.87 -16.31
N LEU B 107 -40.85 37.96 -16.83
CA LEU B 107 -39.73 38.43 -16.05
C LEU B 107 -39.85 39.93 -15.78
N PRO B 108 -39.20 40.43 -14.74
CA PRO B 108 -39.28 41.87 -14.45
C PRO B 108 -38.78 42.76 -15.58
N ASP B 109 -37.75 42.33 -16.31
CA ASP B 109 -37.21 43.18 -17.37
C ASP B 109 -38.13 43.24 -18.58
N GLY B 110 -39.06 42.29 -18.72
CA GLY B 110 -40.01 42.32 -19.81
C GLY B 110 -40.14 41.03 -20.58
N THR B 111 -39.03 40.30 -20.74
CA THR B 111 -39.07 39.05 -21.47
C THR B 111 -39.87 38.00 -20.69
N SER B 112 -40.36 36.99 -21.39
CA SER B 112 -41.23 35.98 -20.82
C SER B 112 -40.51 34.64 -20.77
N ALA B 113 -40.75 33.90 -19.70
CA ALA B 113 -40.19 32.58 -19.48
C ALA B 113 -41.33 31.57 -19.33
N TYR B 114 -40.96 30.29 -19.36
CA TYR B 114 -41.93 29.21 -19.32
C TYR B 114 -41.51 28.19 -18.27
N THR B 115 -42.48 27.66 -17.55
CA THR B 115 -42.22 26.80 -16.40
C THR B 115 -43.18 25.63 -16.35
N ARG B 116 -42.82 24.63 -15.55
CA ARG B 116 -43.65 23.48 -15.26
C ARG B 116 -44.12 23.42 -13.81
N ASP B 117 -43.51 24.18 -12.91
CA ASP B 117 -43.79 24.09 -11.48
C ASP B 117 -45.03 24.91 -11.15
N GLY B 118 -46.11 24.22 -10.77
CA GLY B 118 -47.33 24.90 -10.40
C GLY B 118 -47.47 25.12 -8.91
N SER B 119 -47.09 26.31 -8.44
CA SER B 119 -47.19 26.67 -7.03
C SER B 119 -47.28 28.19 -6.98
N PHE B 120 -48.49 28.70 -6.79
CA PHE B 120 -48.74 30.12 -6.94
C PHE B 120 -49.19 30.76 -5.63
N GLN B 121 -48.75 31.99 -5.40
CA GLN B 121 -49.18 32.83 -4.32
C GLN B 121 -49.84 34.09 -4.90
N VAL B 122 -50.24 34.99 -4.01
CA VAL B 122 -50.86 36.25 -4.39
C VAL B 122 -50.02 37.38 -3.82
N ASP B 123 -49.62 38.32 -4.66
CA ASP B 123 -48.86 39.46 -4.19
C ASP B 123 -49.78 40.39 -3.40
N GLN B 124 -49.20 41.49 -2.89
CA GLN B 124 -50.00 42.44 -2.12
C GLN B 124 -51.02 43.17 -2.97
N ASN B 125 -50.89 43.13 -4.28
CA ASN B 125 -51.83 43.80 -5.18
C ASN B 125 -53.01 42.92 -5.55
N GLY B 126 -53.05 41.68 -5.08
CA GLY B 126 -54.11 40.77 -5.47
C GLY B 126 -53.87 40.04 -6.77
N GLN B 127 -52.66 40.07 -7.32
CA GLN B 127 -52.36 39.42 -8.58
C GLN B 127 -51.65 38.10 -8.35
N LEU B 128 -51.97 37.12 -9.19
CA LEU B 128 -51.39 35.78 -9.06
C LEU B 128 -49.93 35.81 -9.51
N VAL B 129 -49.05 35.21 -8.71
CA VAL B 129 -47.61 35.26 -8.95
C VAL B 129 -47.00 33.93 -8.52
N THR B 130 -46.10 33.40 -9.35
CA THR B 130 -45.44 32.14 -8.99
C THR B 130 -44.43 32.37 -7.87
N ALA B 131 -44.01 31.27 -7.24
CA ALA B 131 -43.04 31.35 -6.15
C ALA B 131 -41.71 31.86 -6.69
N GLY B 132 -41.39 33.11 -6.37
CA GLY B 132 -40.19 33.73 -6.89
C GLY B 132 -40.44 35.15 -7.35
N GLY B 133 -41.67 35.62 -7.18
CA GLY B 133 -42.00 36.99 -7.52
C GLY B 133 -42.23 37.25 -8.99
N PHE B 134 -42.66 36.24 -9.75
CA PHE B 134 -42.95 36.38 -11.16
C PHE B 134 -44.44 36.17 -11.40
N GLN B 135 -45.05 37.10 -12.12
CA GLN B 135 -46.48 37.03 -12.37
C GLN B 135 -46.77 36.20 -13.61
N VAL B 136 -47.89 35.48 -13.57
CA VAL B 136 -48.36 34.76 -14.74
C VAL B 136 -48.74 35.76 -15.82
N GLN B 137 -48.51 35.37 -17.08
CA GLN B 137 -48.59 36.34 -18.17
C GLN B 137 -49.97 36.96 -18.33
N PRO B 138 -51.09 36.21 -18.30
CA PRO B 138 -52.41 36.86 -18.35
C PRO B 138 -52.68 37.80 -17.19
N ALA B 139 -51.89 37.70 -16.10
CA ALA B 139 -52.01 38.59 -14.95
C ALA B 139 -53.39 38.49 -14.30
N ILE B 140 -53.68 37.29 -13.79
CA ILE B 140 -54.93 37.05 -13.07
C ILE B 140 -54.90 37.83 -11.76
N THR B 141 -55.95 38.60 -11.51
CA THR B 141 -56.04 39.45 -10.33
C THR B 141 -57.13 38.91 -9.42
N ILE B 142 -56.73 38.30 -8.31
CA ILE B 142 -57.68 37.82 -7.31
C ILE B 142 -58.18 39.02 -6.53
N PRO B 143 -59.48 39.28 -6.51
CA PRO B 143 -60.00 40.40 -5.71
C PRO B 143 -60.18 40.00 -4.25
N ALA B 144 -60.69 40.92 -3.44
CA ALA B 144 -61.03 40.62 -2.06
C ALA B 144 -62.34 39.87 -2.02
N ASN B 145 -62.97 39.81 -0.83
CA ASN B 145 -64.21 39.08 -0.58
C ASN B 145 -64.23 37.73 -1.28
N ALA B 146 -63.13 37.00 -1.20
CA ALA B 146 -62.97 35.71 -1.86
C ALA B 146 -63.17 34.60 -0.84
N LEU B 147 -64.05 33.65 -1.15
CA LEU B 147 -64.27 32.51 -0.27
C LEU B 147 -63.45 31.30 -0.71
N SER B 148 -63.43 31.02 -2.02
CA SER B 148 -62.68 29.91 -2.55
C SER B 148 -62.24 30.23 -3.98
N ILE B 149 -61.21 29.52 -4.43
CA ILE B 149 -60.71 29.64 -5.79
C ILE B 149 -60.90 28.28 -6.46
N THR B 150 -61.62 28.27 -7.58
CA THR B 150 -61.88 27.05 -8.32
C THR B 150 -61.23 27.13 -9.69
N ILE B 151 -60.40 26.14 -10.00
CA ILE B 151 -59.75 26.04 -11.31
C ILE B 151 -60.08 24.64 -11.83
N GLY B 152 -61.02 24.57 -12.77
CA GLY B 152 -61.47 23.29 -13.27
C GLY B 152 -60.48 22.59 -14.16
N ARG B 153 -60.98 21.73 -15.04
CA ARG B 153 -60.09 21.02 -15.96
C ARG B 153 -59.38 22.00 -16.89
N ASP B 154 -60.10 22.99 -17.41
CA ASP B 154 -59.51 24.02 -18.24
C ASP B 154 -58.99 25.15 -17.35
N GLY B 155 -58.31 26.12 -17.96
CA GLY B 155 -57.69 27.18 -17.19
C GLY B 155 -58.59 28.37 -16.92
N VAL B 156 -59.77 28.10 -16.36
CA VAL B 156 -60.71 29.16 -15.98
C VAL B 156 -60.58 29.39 -14.48
N VAL B 157 -60.37 30.64 -14.08
CA VAL B 157 -60.26 31.02 -12.68
C VAL B 157 -61.58 31.66 -12.27
N SER B 158 -62.24 31.08 -11.30
CA SER B 158 -63.50 31.60 -10.79
C SER B 158 -63.40 31.73 -9.28
N VAL B 159 -63.95 32.83 -8.76
CA VAL B 159 -63.88 33.15 -7.35
C VAL B 159 -65.30 33.23 -6.80
N THR B 160 -65.53 32.58 -5.66
CA THR B 160 -66.80 32.66 -4.97
C THR B 160 -66.82 33.94 -4.14
N GLN B 161 -67.83 34.77 -4.34
CA GLN B 161 -68.02 35.98 -3.58
C GLN B 161 -69.29 35.85 -2.75
N GLN B 162 -69.22 36.24 -1.48
CA GLN B 162 -70.42 36.26 -0.65
C GLN B 162 -71.45 37.23 -1.21
N GLY B 163 -71.00 38.39 -1.67
CA GLY B 163 -71.90 39.31 -2.33
C GLY B 163 -72.33 38.82 -3.70
N GLN B 164 -73.58 39.10 -4.03
CA GLN B 164 -74.20 38.82 -5.33
C GLN B 164 -74.44 37.32 -5.55
N ALA B 165 -73.96 36.49 -4.62
CA ALA B 165 -74.25 35.06 -4.59
C ALA B 165 -74.02 34.39 -5.94
N ALA B 166 -72.92 34.76 -6.60
CA ALA B 166 -72.65 34.21 -7.92
C ALA B 166 -71.16 34.21 -8.23
N PRO B 167 -70.61 33.08 -8.67
CA PRO B 167 -69.20 33.07 -9.08
C PRO B 167 -68.97 33.90 -10.33
N VAL B 168 -67.78 34.49 -10.41
CA VAL B 168 -67.41 35.37 -11.51
C VAL B 168 -66.07 34.88 -12.08
N GLN B 169 -65.97 34.81 -13.40
CA GLN B 169 -64.75 34.37 -14.05
C GLN B 169 -63.65 35.39 -13.83
N VAL B 170 -62.62 35.00 -13.07
CA VAL B 170 -61.50 35.91 -12.84
C VAL B 170 -60.68 36.06 -14.10
N GLY B 171 -60.46 34.97 -14.83
CA GLY B 171 -59.69 35.05 -16.06
C GLY B 171 -59.49 33.67 -16.66
N GLN B 172 -58.77 33.67 -17.78
CA GLN B 172 -58.43 32.46 -18.51
C GLN B 172 -56.94 32.19 -18.39
N LEU B 173 -56.58 30.94 -18.13
CA LEU B 173 -55.19 30.56 -17.89
C LEU B 173 -54.71 29.71 -19.07
N ASN B 174 -54.14 30.38 -20.07
CA ASN B 174 -53.58 29.69 -21.22
C ASN B 174 -52.24 29.05 -20.85
N LEU B 175 -51.79 28.13 -21.71
CA LEU B 175 -50.46 27.57 -21.54
C LEU B 175 -49.86 27.32 -22.92
N THR B 176 -48.54 27.22 -22.95
CA THR B 176 -47.80 27.14 -24.20
C THR B 176 -47.19 25.75 -24.37
N THR B 177 -47.02 25.36 -25.63
CA THR B 177 -46.36 24.12 -26.00
C THR B 177 -45.33 24.41 -27.08
N PHE B 178 -44.18 23.75 -26.98
CA PHE B 178 -43.11 23.87 -27.95
C PHE B 178 -43.06 22.58 -28.75
N MET B 179 -42.80 22.70 -30.05
CA MET B 179 -42.63 21.49 -30.86
C MET B 179 -41.31 20.81 -30.59
N ASN B 180 -40.33 21.53 -30.04
CA ASN B 180 -39.02 20.98 -29.69
C ASN B 180 -38.71 21.39 -28.26
N ASP B 181 -39.21 20.60 -27.30
CA ASP B 181 -39.03 20.93 -25.89
C ASP B 181 -37.64 20.60 -25.38
N THR B 182 -37.00 19.56 -25.91
CA THR B 182 -35.66 19.20 -25.45
C THR B 182 -34.66 20.31 -25.72
N GLY B 183 -34.84 21.05 -26.82
CA GLY B 183 -33.93 22.12 -27.16
C GLY B 183 -34.08 23.36 -26.30
N LEU B 184 -35.11 23.43 -25.46
CA LEU B 184 -35.27 24.59 -24.57
C LEU B 184 -34.09 24.67 -23.61
N GLU B 185 -33.51 25.86 -23.52
CA GLU B 185 -32.49 26.07 -22.51
C GLU B 185 -33.15 26.25 -21.16
N SER B 186 -32.36 26.07 -20.10
CA SER B 186 -32.86 26.12 -18.73
C SER B 186 -32.08 27.16 -17.95
N ILE B 187 -32.79 27.92 -17.12
CA ILE B 187 -32.15 28.81 -16.17
C ILE B 187 -32.62 28.42 -14.77
N GLY B 188 -32.22 29.19 -13.77
CA GLY B 188 -32.57 28.87 -12.39
C GLY B 188 -34.06 28.93 -12.13
N GLU B 189 -34.40 28.63 -10.87
CA GLU B 189 -35.77 28.67 -10.33
C GLU B 189 -36.82 28.10 -11.27
N ASN B 190 -36.53 26.96 -11.90
CA ASN B 190 -37.51 26.22 -12.70
C ASN B 190 -38.06 27.08 -13.83
N LEU B 191 -37.17 27.62 -14.65
CA LEU B 191 -37.58 28.46 -15.77
C LEU B 191 -36.87 28.03 -17.06
N TYR B 192 -37.63 28.06 -18.14
CA TYR B 192 -37.10 27.83 -19.48
C TYR B 192 -37.42 29.04 -20.34
N ILE B 193 -36.48 29.46 -21.17
CA ILE B 193 -36.69 30.56 -22.09
C ILE B 193 -36.55 30.04 -23.51
N GLU B 194 -37.26 30.69 -24.42
CA GLU B 194 -37.27 30.26 -25.82
C GLU B 194 -35.89 30.50 -26.45
N THR B 195 -35.45 29.53 -27.25
CA THR B 195 -34.21 29.66 -28.00
C THR B 195 -34.50 29.39 -29.47
N GLN B 196 -33.42 29.31 -30.26
CA GLN B 196 -33.59 29.05 -31.68
C GLN B 196 -33.91 27.58 -31.95
N SER B 197 -33.31 26.67 -31.19
CA SER B 197 -33.55 25.24 -31.42
C SER B 197 -35.01 24.90 -31.17
N SER B 198 -35.59 25.42 -30.09
CA SER B 198 -37.01 25.28 -29.84
C SER B 198 -37.78 26.21 -30.75
N GLY B 199 -38.95 25.76 -31.19
CA GLY B 199 -39.76 26.54 -32.10
C GLY B 199 -40.41 27.71 -31.41
N ALA B 200 -41.24 28.42 -32.16
CA ALA B 200 -42.02 29.49 -31.58
C ALA B 200 -43.01 28.92 -30.57
N PRO B 201 -43.25 29.62 -29.47
CA PRO B 201 -44.19 29.10 -28.46
C PRO B 201 -45.62 29.05 -28.96
N ASN B 202 -46.17 27.85 -29.10
CA ASN B 202 -47.55 27.70 -29.55
C ASN B 202 -48.46 27.72 -28.32
N GLU B 203 -49.09 28.87 -28.07
CA GLU B 203 -49.97 29.01 -26.92
C GLU B 203 -51.36 28.53 -27.26
N SER B 204 -52.08 28.05 -26.24
CA SER B 204 -53.42 27.54 -26.43
C SER B 204 -54.09 27.43 -25.05
N THR B 205 -55.27 26.86 -25.04
CA THR B 205 -55.99 26.55 -23.82
C THR B 205 -55.88 25.06 -23.53
N PRO B 206 -55.94 24.67 -22.25
CA PRO B 206 -55.79 23.26 -21.90
C PRO B 206 -56.83 22.39 -22.58
N GLY B 207 -56.41 21.20 -23.00
CA GLY B 207 -57.28 20.24 -23.63
C GLY B 207 -57.38 20.34 -25.13
N LEU B 208 -56.74 21.34 -25.75
CA LEU B 208 -56.80 21.53 -27.19
C LEU B 208 -55.40 21.57 -27.77
N ASN B 209 -55.28 21.11 -29.02
CA ASN B 209 -54.02 21.13 -29.76
C ASN B 209 -52.93 20.35 -29.05
N GLY B 210 -53.29 19.28 -28.36
CA GLY B 210 -52.32 18.48 -27.64
C GLY B 210 -51.89 19.04 -26.30
N ALA B 211 -52.42 20.18 -25.88
CA ALA B 211 -52.07 20.74 -24.59
C ALA B 211 -52.61 19.86 -23.46
N GLY B 212 -51.87 19.84 -22.36
CA GLY B 212 -52.25 19.02 -21.24
C GLY B 212 -53.39 19.60 -20.43
N LEU B 213 -53.85 18.81 -19.46
CA LEU B 213 -54.90 19.23 -18.56
C LEU B 213 -54.32 19.74 -17.24
N LEU B 214 -55.15 20.42 -16.47
CA LEU B 214 -54.78 20.98 -15.18
C LEU B 214 -55.58 20.32 -14.07
N TYR B 215 -54.90 19.98 -12.98
CA TYR B 215 -55.53 19.39 -11.80
C TYR B 215 -55.38 20.37 -10.65
N GLN B 216 -56.49 20.66 -9.98
CA GLN B 216 -56.49 21.60 -8.86
C GLN B 216 -56.07 20.89 -7.58
N GLY B 217 -55.15 21.51 -6.85
CA GLY B 217 -54.72 20.97 -5.58
C GLY B 217 -53.68 19.86 -5.65
N TYR B 218 -53.05 19.65 -6.81
CA TYR B 218 -52.00 18.67 -6.96
C TYR B 218 -50.68 19.38 -7.23
N VAL B 219 -49.61 18.60 -7.28
CA VAL B 219 -48.30 19.13 -7.61
C VAL B 219 -47.52 18.04 -8.34
N GLU B 220 -46.69 18.47 -9.29
CA GLU B 220 -45.96 17.55 -10.16
C GLU B 220 -44.55 17.36 -9.62
N THR B 221 -44.23 16.14 -9.20
CA THR B 221 -42.95 15.85 -8.58
C THR B 221 -41.88 15.62 -9.65
N SER B 222 -40.64 15.49 -9.19
CA SER B 222 -39.53 15.23 -10.09
C SER B 222 -39.58 13.79 -10.61
N ASN B 223 -38.96 13.58 -11.76
CA ASN B 223 -38.92 12.27 -12.41
C ASN B 223 -37.59 11.56 -12.19
N VAL B 224 -36.94 11.81 -11.08
CA VAL B 224 -35.65 11.21 -10.77
C VAL B 224 -35.87 9.99 -9.89
N ASN B 225 -35.24 8.88 -10.26
CA ASN B 225 -35.33 7.62 -9.53
C ASN B 225 -33.97 7.31 -8.93
N VAL B 226 -33.90 7.28 -7.59
CA VAL B 226 -32.62 7.08 -6.92
C VAL B 226 -32.07 5.69 -7.19
N ALA B 227 -32.95 4.72 -7.43
CA ALA B 227 -32.50 3.34 -7.59
C ALA B 227 -31.55 3.20 -8.77
N GLU B 228 -31.89 3.81 -9.91
CA GLU B 228 -30.98 3.77 -11.05
C GLU B 228 -29.82 4.74 -10.89
N GLU B 229 -30.01 5.82 -10.14
CA GLU B 229 -28.93 6.77 -9.91
C GLU B 229 -27.77 6.11 -9.18
N LEU B 230 -28.06 5.28 -8.18
CA LEU B 230 -26.98 4.65 -7.42
C LEU B 230 -26.16 3.71 -8.29
N VAL B 231 -26.82 2.88 -9.11
CA VAL B 231 -26.06 1.96 -9.96
C VAL B 231 -25.31 2.72 -11.03
N ASN B 232 -25.89 3.81 -11.55
CA ASN B 232 -25.14 4.64 -12.49
C ASN B 232 -23.91 5.24 -11.84
N MET B 233 -24.02 5.61 -10.56
CA MET B 233 -22.86 6.11 -9.82
C MET B 233 -21.78 5.04 -9.74
N ILE B 234 -22.17 3.80 -9.47
CA ILE B 234 -21.19 2.72 -9.44
C ILE B 234 -20.51 2.56 -10.80
N GLN B 235 -21.30 2.60 -11.88
CA GLN B 235 -20.74 2.44 -13.22
C GLN B 235 -19.74 3.55 -13.51
N VAL B 236 -20.11 4.79 -13.23
CA VAL B 236 -19.23 5.91 -13.58
C VAL B 236 -17.96 5.88 -12.73
N GLN B 237 -18.08 5.50 -11.46
CA GLN B 237 -16.89 5.40 -10.63
C GLN B 237 -15.94 4.35 -11.18
N ARG B 238 -16.45 3.19 -11.56
CA ARG B 238 -15.58 2.15 -12.11
C ARG B 238 -14.94 2.61 -13.42
N ALA B 239 -15.72 3.28 -14.29
CA ALA B 239 -15.16 3.74 -15.56
C ALA B 239 -14.06 4.76 -15.34
N TYR B 240 -14.27 5.70 -14.41
CA TYR B 240 -13.25 6.70 -14.10
C TYR B 240 -11.99 6.02 -13.57
N GLU B 241 -12.17 5.06 -12.66
CA GLU B 241 -11.02 4.38 -12.08
C GLU B 241 -10.24 3.62 -13.15
N ILE B 242 -10.94 3.05 -14.12
CA ILE B 242 -10.27 2.36 -15.22
C ILE B 242 -9.51 3.34 -16.08
N ASN B 243 -10.13 4.46 -16.45
CA ASN B 243 -9.49 5.41 -17.34
C ASN B 243 -8.25 6.01 -16.70
N SER B 244 -8.22 6.14 -15.37
CA SER B 244 -7.01 6.61 -14.70
C SER B 244 -5.85 5.64 -14.91
N LYS B 245 -6.16 4.35 -15.08
CA LYS B 245 -5.10 3.36 -15.23
C LYS B 245 -4.33 3.56 -16.53
N ALA B 246 -5.00 4.03 -17.59
CA ALA B 246 -4.30 4.32 -18.83
C ALA B 246 -3.27 5.43 -18.64
N VAL B 247 -3.64 6.48 -17.91
CA VAL B 247 -2.69 7.55 -17.61
C VAL B 247 -1.52 7.01 -16.81
N SER B 248 -1.81 6.18 -15.80
CA SER B 248 -0.73 5.63 -14.99
C SER B 248 0.22 4.78 -15.82
N THR B 249 -0.32 3.95 -16.71
CA THR B 249 0.52 3.08 -17.53
C THR B 249 1.35 3.90 -18.52
N THR B 250 0.75 4.92 -19.13
CA THR B 250 1.52 5.77 -20.04
C THR B 250 2.65 6.48 -19.29
N ASP B 251 2.37 6.96 -18.08
CA ASP B 251 3.42 7.58 -17.28
C ASP B 251 4.53 6.60 -16.99
N GLN B 252 4.19 5.36 -16.64
CA GLN B 252 5.23 4.38 -16.35
C GLN B 252 6.07 4.06 -17.58
N MET B 253 5.42 3.94 -18.75
CA MET B 253 6.17 3.68 -19.97
C MET B 253 7.12 4.83 -20.28
N LEU B 254 6.65 6.07 -20.14
CA LEU B 254 7.51 7.22 -20.37
C LEU B 254 8.67 7.26 -19.38
N GLN B 255 8.41 6.94 -18.12
CA GLN B 255 9.47 6.92 -17.12
C GLN B 255 10.52 5.88 -17.47
N LYS B 256 10.08 4.70 -17.88
CA LYS B 256 11.03 3.66 -18.28
C LYS B 256 11.84 4.09 -19.49
N LEU B 257 11.19 4.73 -20.47
CA LEU B 257 11.90 5.18 -21.65
C LEU B 257 12.92 6.26 -21.32
N THR B 258 12.61 7.12 -20.35
CA THR B 258 13.53 8.19 -19.97
C THR B 258 14.83 7.64 -19.41
N GLN B 259 14.76 6.58 -18.62
CA GLN B 259 15.93 6.08 -17.89
C GLN B 259 16.94 5.38 -18.76
N LEU B 260 16.85 5.42 -20.10
CA LEU B 260 17.86 4.81 -20.95
C LEU B 260 19.21 5.49 -20.78
N MET C 1 13.86 26.55 -3.65
CA MET C 1 14.58 27.67 -4.25
C MET C 1 13.98 28.05 -5.59
N ILE C 2 12.81 27.49 -5.89
CA ILE C 2 12.11 27.75 -7.15
C ILE C 2 10.73 28.29 -6.81
N SER C 3 10.18 29.07 -7.75
CA SER C 3 8.97 29.82 -7.47
C SER C 3 7.79 28.90 -7.18
N SER C 4 7.66 27.81 -7.93
CA SER C 4 6.56 26.89 -7.70
C SER C 4 6.62 26.31 -6.30
N LEU C 5 7.83 26.09 -5.78
CA LEU C 5 7.97 25.57 -4.42
C LEU C 5 7.41 26.54 -3.39
N TRP C 6 7.72 27.85 -3.53
CA TRP C 6 7.20 28.82 -2.58
C TRP C 6 5.70 28.98 -2.71
N ILE C 7 5.17 28.96 -3.93
CA ILE C 7 3.72 29.03 -4.12
C ILE C 7 3.05 27.86 -3.43
N ALA C 8 3.58 26.66 -3.62
CA ALA C 8 2.98 25.49 -3.00
C ALA C 8 3.10 25.54 -1.48
N LYS C 9 4.19 26.12 -0.97
CA LYS C 9 4.31 26.28 0.47
C LYS C 9 3.22 27.20 1.01
N THR C 10 2.93 28.29 0.30
CA THR C 10 1.84 29.17 0.73
C THR C 10 0.51 28.44 0.70
N GLY C 11 0.28 27.63 -0.34
CA GLY C 11 -0.95 26.86 -0.39
C GLY C 11 -1.08 25.89 0.77
N LEU C 12 0.00 25.20 1.10
CA LEU C 12 -0.02 24.27 2.23
C LEU C 12 -0.30 25.01 3.53
N ASP C 13 0.31 26.17 3.73
CA ASP C 13 0.06 26.94 4.94
C ASP C 13 -1.41 27.34 5.03
N ALA C 14 -1.99 27.79 3.92
CA ALA C 14 -3.40 28.17 3.92
C ALA C 14 -4.29 26.98 4.28
N GLN C 15 -4.00 25.82 3.70
CA GLN C 15 -4.81 24.64 4.01
C GLN C 15 -4.66 24.24 5.47
N GLN C 16 -3.46 24.36 6.02
CA GLN C 16 -3.26 24.03 7.43
C GLN C 16 -4.06 24.96 8.33
N THR C 17 -4.09 26.26 8.00
CA THR C 17 -4.89 27.19 8.79
C THR C 17 -6.37 26.86 8.69
N ASN C 18 -6.82 26.48 7.49
CA ASN C 18 -8.23 26.09 7.33
C ASN C 18 -8.56 24.88 8.18
N MET C 19 -7.66 23.89 8.21
CA MET C 19 -7.87 22.71 9.03
C MET C 19 -7.91 23.08 10.51
N ASP C 20 -7.04 24.01 10.93
CA ASP C 20 -7.04 24.45 12.32
C ASP C 20 -8.37 25.10 12.69
N VAL C 21 -8.90 25.94 11.79
CA VAL C 21 -10.20 26.56 12.04
C VAL C 21 -11.29 25.51 12.18
N ILE C 22 -11.29 24.52 11.29
CA ILE C 22 -12.31 23.48 11.37
C ILE C 22 -12.20 22.72 12.68
N ALA C 23 -10.98 22.35 13.07
CA ALA C 23 -10.79 21.59 14.31
C ALA C 23 -11.23 22.39 15.52
N ASN C 24 -10.89 23.68 15.56
CA ASN C 24 -11.29 24.51 16.69
C ASN C 24 -12.80 24.63 16.76
N ASN C 25 -13.46 24.82 15.61
CA ASN C 25 -14.92 24.89 15.61
C ASN C 25 -15.53 23.58 16.10
N LEU C 26 -14.98 22.46 15.69
CA LEU C 26 -15.54 21.18 16.10
C LEU C 26 -15.30 20.90 17.58
N ALA C 27 -14.21 21.43 18.14
CA ALA C 27 -13.87 21.12 19.53
C ALA C 27 -14.94 21.62 20.49
N ASN C 28 -15.29 22.91 20.39
CA ASN C 28 -16.28 23.50 21.28
C ASN C 28 -17.62 23.59 20.56
N VAL C 29 -18.18 22.43 20.25
CA VAL C 29 -19.48 22.37 19.61
C VAL C 29 -20.61 22.47 20.62
N SER C 30 -20.35 22.19 21.90
CA SER C 30 -21.35 22.23 22.94
C SER C 30 -21.22 23.43 23.86
N THR C 31 -20.36 24.39 23.51
CA THR C 31 -20.19 25.57 24.33
C THR C 31 -21.37 26.52 24.16
N ASN C 32 -21.93 26.96 25.28
CA ASN C 32 -23.05 27.89 25.23
C ASN C 32 -22.58 29.27 24.79
N GLY C 33 -23.32 29.85 23.84
CA GLY C 33 -23.01 31.18 23.36
C GLY C 33 -21.68 31.28 22.64
N PHE C 34 -21.40 30.31 21.77
CA PHE C 34 -20.17 30.31 20.99
C PHE C 34 -20.51 30.56 19.52
N LYS C 35 -19.66 31.33 18.86
CA LYS C 35 -19.84 31.70 17.46
C LYS C 35 -18.75 31.05 16.61
N ARG C 36 -19.13 30.44 15.50
CA ARG C 36 -18.21 29.72 14.66
C ARG C 36 -17.26 30.68 13.95
N GLN C 37 -16.17 30.11 13.43
CA GLN C 37 -15.16 30.87 12.71
C GLN C 37 -15.16 30.53 11.22
N ARG C 38 -14.70 31.47 10.42
CA ARG C 38 -14.63 31.29 8.98
C ARG C 38 -13.47 32.10 8.45
N ALA C 39 -12.57 31.45 7.72
CA ALA C 39 -11.36 32.09 7.21
C ALA C 39 -11.55 32.44 5.74
N VAL C 40 -11.16 33.66 5.37
CA VAL C 40 -11.28 34.15 4.00
C VAL C 40 -9.88 34.37 3.44
N PHE C 41 -9.70 33.99 2.17
CA PHE C 41 -8.41 34.06 1.51
C PHE C 41 -8.44 35.08 0.38
N GLU C 42 -7.24 35.43 -0.07
CA GLU C 42 -7.08 36.26 -1.26
C GLU C 42 -5.68 36.04 -1.81
N ASP C 43 -5.57 36.12 -3.13
CA ASP C 43 -4.31 35.83 -3.80
C ASP C 43 -3.27 36.90 -3.49
N LEU C 44 -2.00 36.49 -3.50
CA LEU C 44 -0.91 37.42 -3.29
C LEU C 44 -0.62 38.17 -4.59
N LEU C 45 0.49 38.90 -4.62
CA LEU C 45 0.80 39.77 -5.74
C LEU C 45 1.05 38.97 -7.01
N TYR C 46 0.96 39.66 -8.14
CA TYR C 46 1.28 39.10 -9.44
C TYR C 46 2.49 39.82 -10.01
N GLN C 47 3.48 39.05 -10.46
CA GLN C 47 4.66 39.60 -11.11
C GLN C 47 4.45 39.55 -12.61
N THR C 48 4.58 40.70 -13.27
CA THR C 48 4.23 40.84 -14.67
C THR C 48 5.48 40.81 -15.53
N ILE C 49 5.48 39.96 -16.55
CA ILE C 49 6.55 39.90 -17.53
C ILE C 49 6.22 40.76 -18.75
N ARG C 50 5.02 40.58 -19.30
CA ARG C 50 4.51 41.42 -20.38
C ARG C 50 3.29 42.16 -19.83
N GLN C 51 3.35 43.48 -19.86
CA GLN C 51 2.30 44.28 -19.25
C GLN C 51 1.00 44.16 -20.04
N PRO C 52 -0.13 43.90 -19.38
CA PRO C 52 -1.41 43.84 -20.10
C PRO C 52 -1.73 45.18 -20.76
N GLY C 53 -2.32 45.11 -21.94
CA GLY C 53 -2.68 46.32 -22.66
C GLY C 53 -1.50 47.16 -23.09
N ALA C 54 -0.31 46.57 -23.17
CA ALA C 54 0.85 47.33 -23.58
C ALA C 54 0.78 47.65 -25.07
N GLN C 55 1.35 48.79 -25.43
CA GLN C 55 1.33 49.27 -26.81
C GLN C 55 2.46 48.58 -27.57
N SER C 56 2.15 47.45 -28.20
CA SER C 56 3.16 46.72 -28.94
C SER C 56 3.56 47.47 -30.21
N SER C 57 2.62 47.59 -31.15
CA SER C 57 2.87 48.29 -32.41
C SER C 57 2.13 49.61 -32.40
N GLU C 58 2.13 50.27 -33.56
CA GLU C 58 1.45 51.55 -33.68
C GLU C 58 -0.06 51.40 -33.52
N GLN C 59 -0.62 50.26 -33.90
CA GLN C 59 -2.05 50.01 -33.79
C GLN C 59 -2.39 48.85 -32.87
N THR C 60 -1.70 47.72 -33.01
CA THR C 60 -2.04 46.53 -32.25
C THR C 60 -1.67 46.69 -30.78
N THR C 61 -2.51 46.14 -29.92
CA THR C 61 -2.28 46.12 -28.48
C THR C 61 -2.48 44.69 -27.97
N LEU C 62 -1.72 44.34 -26.95
CA LEU C 62 -1.80 42.98 -26.41
C LEU C 62 -3.16 42.76 -25.76
N PRO C 63 -3.92 41.76 -26.18
CA PRO C 63 -5.23 41.52 -25.54
C PRO C 63 -5.13 41.20 -24.06
N SER C 64 -4.06 40.53 -23.65
CA SER C 64 -3.85 40.21 -22.23
C SER C 64 -2.38 39.94 -22.03
N GLY C 65 -1.77 40.59 -21.04
CA GLY C 65 -0.37 40.44 -20.78
C GLY C 65 -0.05 39.14 -20.09
N LEU C 66 1.21 39.00 -19.69
CA LEU C 66 1.70 37.79 -19.04
C LEU C 66 1.99 38.12 -17.58
N GLN C 67 1.28 37.47 -16.67
CA GLN C 67 1.42 37.69 -15.24
C GLN C 67 1.49 36.36 -14.53
N ILE C 68 2.35 36.27 -13.52
CA ILE C 68 2.59 35.04 -12.78
C ILE C 68 2.22 35.29 -11.33
N GLY C 69 1.44 34.38 -10.76
CA GLY C 69 1.04 34.52 -9.38
C GLY C 69 2.15 34.18 -8.40
N THR C 70 1.94 34.58 -7.15
CA THR C 70 2.89 34.30 -6.09
C THR C 70 2.31 33.47 -4.96
N GLY C 71 1.01 33.15 -4.99
CA GLY C 71 0.43 32.31 -3.98
C GLY C 71 -0.89 32.82 -3.43
N VAL C 72 -1.24 32.39 -2.22
CA VAL C 72 -2.48 32.77 -1.57
C VAL C 72 -2.17 33.21 -0.14
N ARG C 73 -2.99 34.11 0.38
CA ARG C 73 -2.78 34.64 1.71
C ARG C 73 -4.08 34.69 2.49
N PRO C 74 -4.13 34.13 3.70
CA PRO C 74 -5.33 34.26 4.53
C PRO C 74 -5.46 35.66 5.11
N VAL C 75 -6.34 36.47 4.53
CA VAL C 75 -6.43 37.87 4.92
C VAL C 75 -7.02 38.00 6.32
N ALA C 76 -8.04 37.22 6.63
CA ALA C 76 -8.68 37.31 7.94
C ALA C 76 -9.43 36.02 8.24
N THR C 77 -9.72 35.84 9.53
CA THR C 77 -10.61 34.77 10.00
C THR C 77 -11.60 35.41 10.95
N GLU C 78 -12.85 35.51 10.53
CA GLU C 78 -13.86 36.23 11.30
C GLU C 78 -14.83 35.27 11.97
N ARG C 79 -15.37 35.69 13.10
CA ARG C 79 -16.36 34.91 13.84
C ARG C 79 -17.75 35.31 13.36
N LEU C 80 -18.48 34.36 12.80
CA LEU C 80 -19.80 34.63 12.22
C LEU C 80 -20.82 34.78 13.33
N HIS C 81 -21.31 36.00 13.54
CA HIS C 81 -22.25 36.28 14.62
C HIS C 81 -23.68 36.03 14.14
N SER C 82 -24.01 34.74 14.06
CA SER C 82 -25.37 34.33 13.78
C SER C 82 -26.13 34.19 15.09
N GLN C 83 -27.33 33.63 15.04
CA GLN C 83 -28.15 33.40 16.23
C GLN C 83 -28.21 31.92 16.51
N GLY C 84 -27.94 31.54 17.76
CA GLY C 84 -27.98 30.15 18.16
C GLY C 84 -29.37 29.70 18.52
N ASN C 85 -29.48 28.41 18.82
CA ASN C 85 -30.74 27.81 19.25
C ASN C 85 -30.90 27.98 20.75
N LEU C 86 -32.12 28.29 21.18
CA LEU C 86 -32.40 28.55 22.59
C LEU C 86 -32.82 27.26 23.26
N SER C 87 -31.87 26.58 23.91
CA SER C 87 -32.20 25.42 24.71
C SER C 87 -32.86 25.87 26.01
N GLN C 88 -33.63 24.97 26.60
CA GLN C 88 -34.35 25.25 27.83
C GLN C 88 -33.81 24.40 28.96
N THR C 89 -33.48 25.06 30.07
CA THR C 89 -32.95 24.38 31.25
C THR C 89 -33.80 24.58 32.49
N ASN C 90 -34.78 25.48 32.48
CA ASN C 90 -35.61 25.78 33.65
C ASN C 90 -34.76 26.16 34.85
N ASN C 91 -33.70 26.93 34.60
CA ASN C 91 -32.83 27.43 35.66
C ASN C 91 -33.16 28.89 35.91
N SER C 92 -33.32 29.24 37.19
CA SER C 92 -33.82 30.55 37.55
C SER C 92 -32.85 31.66 37.15
N LYS C 93 -31.55 31.43 37.33
CA LYS C 93 -30.53 32.43 37.05
C LYS C 93 -29.91 32.26 35.67
N ASP C 94 -30.50 31.44 34.81
CA ASP C 94 -30.01 31.23 33.46
C ASP C 94 -30.88 32.04 32.50
N VAL C 95 -30.27 33.01 31.83
CA VAL C 95 -30.98 33.92 30.93
C VAL C 95 -30.24 34.01 29.61
N ALA C 96 -30.97 33.84 28.52
CA ALA C 96 -30.43 33.97 27.17
C ALA C 96 -30.91 35.27 26.55
N ILE C 97 -30.29 35.66 25.44
CA ILE C 97 -30.61 36.89 24.73
C ILE C 97 -30.91 36.56 23.28
N LYS C 98 -32.04 37.05 22.77
CA LYS C 98 -32.45 36.82 21.39
C LYS C 98 -32.39 38.13 20.63
N GLY C 99 -31.70 38.11 19.49
CA GLY C 99 -31.57 39.30 18.67
C GLY C 99 -30.14 39.78 18.56
N GLN C 100 -29.87 41.00 19.03
CA GLN C 100 -28.54 41.56 18.98
C GLN C 100 -28.20 42.15 20.35
N GLY C 101 -26.92 42.21 20.64
CA GLY C 101 -26.43 42.77 21.89
C GLY C 101 -25.58 41.78 22.66
N PHE C 102 -24.92 42.32 23.68
CA PHE C 102 -24.01 41.55 24.51
C PHE C 102 -24.17 41.97 25.96
N PHE C 103 -23.97 41.03 26.87
CA PHE C 103 -23.90 41.36 28.28
C PHE C 103 -22.55 42.00 28.58
N GLN C 104 -22.56 43.04 29.40
CA GLN C 104 -21.35 43.75 29.77
C GLN C 104 -20.83 43.25 31.11
N VAL C 105 -19.56 42.87 31.16
CA VAL C 105 -18.93 42.39 32.37
C VAL C 105 -17.66 43.21 32.61
N MET C 106 -17.18 43.21 33.84
CA MET C 106 -16.01 43.98 34.22
C MET C 106 -14.89 43.02 34.61
N LEU C 107 -13.76 43.12 33.92
CA LEU C 107 -12.60 42.33 34.26
C LEU C 107 -11.96 42.86 35.54
N PRO C 108 -11.21 42.02 36.27
CA PRO C 108 -10.61 42.49 37.53
C PRO C 108 -9.68 43.67 37.36
N ASP C 109 -9.00 43.80 36.22
CA ASP C 109 -8.06 44.90 36.01
C ASP C 109 -8.76 46.24 35.83
N GLY C 110 -10.08 46.26 35.70
CA GLY C 110 -10.83 47.49 35.59
C GLY C 110 -11.45 47.76 34.25
N THR C 111 -11.06 47.01 33.21
CA THR C 111 -11.63 47.22 31.89
C THR C 111 -12.98 46.49 31.78
N SER C 112 -13.62 46.63 30.63
CA SER C 112 -14.92 46.03 30.40
C SER C 112 -14.87 45.12 29.18
N ALA C 113 -15.53 43.97 29.29
CA ALA C 113 -15.63 43.00 28.22
C ALA C 113 -17.11 42.70 27.97
N TYR C 114 -17.37 42.00 26.86
CA TYR C 114 -18.72 41.69 26.44
C TYR C 114 -18.85 40.21 26.14
N THR C 115 -20.01 39.64 26.48
CA THR C 115 -20.25 38.21 26.32
C THR C 115 -21.66 37.98 25.81
N ARG C 116 -21.98 36.71 25.60
CA ARG C 116 -23.30 36.32 25.14
C ARG C 116 -23.89 35.23 26.04
N ASP C 117 -23.02 34.42 26.64
CA ASP C 117 -23.47 33.24 27.35
C ASP C 117 -24.31 33.63 28.57
N GLY C 118 -25.37 32.88 28.80
CA GLY C 118 -26.16 33.06 29.99
C GLY C 118 -25.93 31.94 30.99
N SER C 119 -25.15 32.24 32.03
CA SER C 119 -24.98 31.31 33.14
C SER C 119 -24.50 32.16 34.32
N PHE C 120 -25.42 32.52 35.21
CA PHE C 120 -25.15 33.50 36.23
C PHE C 120 -25.14 32.82 37.59
N GLN C 121 -24.01 32.91 38.28
CA GLN C 121 -23.90 32.46 39.66
C GLN C 121 -23.92 33.69 40.57
N VAL C 122 -23.87 33.43 41.87
CA VAL C 122 -23.80 34.49 42.86
C VAL C 122 -22.56 34.25 43.71
N ASP C 123 -21.76 35.29 43.89
CA ASP C 123 -20.59 35.17 44.76
C ASP C 123 -21.03 35.15 46.22
N GLN C 124 -20.06 34.90 47.10
CA GLN C 124 -20.37 34.89 48.53
C GLN C 124 -20.80 36.27 49.04
N ASN C 125 -20.55 37.33 48.27
CA ASN C 125 -20.96 38.68 48.65
C ASN C 125 -22.38 39.01 48.22
N GLY C 126 -23.07 38.08 47.56
CA GLY C 126 -24.44 38.33 47.12
C GLY C 126 -24.59 39.04 45.81
N GLN C 127 -23.51 39.21 45.04
CA GLN C 127 -23.57 39.88 43.76
C GLN C 127 -23.70 38.87 42.63
N LEU C 128 -24.34 39.31 41.54
CA LEU C 128 -24.55 38.46 40.38
C LEU C 128 -23.31 38.49 39.50
N VAL C 129 -22.71 37.33 39.25
CA VAL C 129 -21.50 37.24 38.46
C VAL C 129 -21.69 36.17 37.39
N THR C 130 -20.85 36.23 36.37
CA THR C 130 -20.82 35.20 35.34
C THR C 130 -19.88 34.10 35.76
N ALA C 131 -19.90 32.99 35.01
CA ALA C 131 -18.96 31.92 35.27
C ALA C 131 -17.53 32.41 35.05
N GLY C 132 -16.65 32.07 35.98
CA GLY C 132 -15.29 32.58 35.97
C GLY C 132 -15.03 33.68 36.96
N GLY C 133 -16.07 34.23 37.60
CA GLY C 133 -15.90 35.18 38.67
C GLY C 133 -16.07 36.63 38.29
N PHE C 134 -16.08 36.96 37.00
CA PHE C 134 -16.25 38.34 36.59
C PHE C 134 -17.64 38.84 36.96
N GLN C 135 -17.71 40.07 37.44
CA GLN C 135 -18.94 40.65 37.94
C GLN C 135 -19.56 41.55 36.89
N VAL C 136 -20.90 41.53 36.81
CA VAL C 136 -21.60 42.31 35.81
C VAL C 136 -21.41 43.79 36.08
N GLN C 137 -21.14 44.55 35.02
CA GLN C 137 -20.78 45.96 35.17
C GLN C 137 -21.88 46.81 35.80
N PRO C 138 -23.17 46.70 35.41
CA PRO C 138 -24.22 47.48 36.10
C PRO C 138 -24.35 47.14 37.58
N ALA C 139 -23.64 46.10 38.03
CA ALA C 139 -23.51 45.77 39.45
C ALA C 139 -24.87 45.46 40.08
N ILE C 140 -25.43 44.32 39.69
CA ILE C 140 -26.63 43.79 40.31
C ILE C 140 -26.22 42.87 41.45
N THR C 141 -26.70 43.17 42.66
CA THR C 141 -26.45 42.32 43.82
C THR C 141 -27.78 41.79 44.33
N ILE C 142 -27.83 40.49 44.60
CA ILE C 142 -29.05 39.81 45.05
C ILE C 142 -29.08 39.85 46.57
N PRO C 143 -30.10 40.43 47.18
CA PRO C 143 -30.15 40.48 48.65
C PRO C 143 -30.38 39.11 49.24
N ALA C 144 -30.02 38.98 50.51
CA ALA C 144 -30.20 37.73 51.23
C ALA C 144 -31.69 37.41 51.37
N ASN C 145 -31.96 36.23 51.94
CA ASN C 145 -33.32 35.70 52.13
C ASN C 145 -34.19 35.91 50.90
N ALA C 146 -33.61 35.75 49.71
CA ALA C 146 -34.33 35.97 48.46
C ALA C 146 -35.10 34.70 48.12
N LEU C 147 -36.43 34.77 48.22
CA LEU C 147 -37.25 33.60 47.94
C LEU C 147 -37.18 33.20 46.47
N SER C 148 -37.24 34.18 45.57
CA SER C 148 -37.13 33.88 44.15
C SER C 148 -36.69 35.13 43.40
N ILE C 149 -36.15 34.91 42.20
CA ILE C 149 -35.64 35.97 41.35
C ILE C 149 -36.35 35.89 40.01
N THR C 150 -36.84 37.03 39.52
CA THR C 150 -37.60 37.08 38.27
C THR C 150 -37.00 38.15 37.36
N ILE C 151 -36.68 37.77 36.13
CA ILE C 151 -36.16 38.67 35.12
C ILE C 151 -37.12 38.65 33.94
N GLY C 152 -37.59 39.82 33.54
CA GLY C 152 -38.58 39.92 32.48
C GLY C 152 -37.96 39.90 31.10
N ARG C 153 -38.82 40.17 30.11
CA ARG C 153 -38.36 40.26 28.73
C ARG C 153 -37.35 41.39 28.56
N ASP C 154 -37.59 42.52 29.21
CA ASP C 154 -36.65 43.61 29.23
C ASP C 154 -35.69 43.43 30.41
N GLY C 155 -34.91 44.46 30.73
CA GLY C 155 -33.84 44.32 31.69
C GLY C 155 -34.20 44.45 33.15
N VAL C 156 -35.48 44.56 33.49
CA VAL C 156 -35.87 44.73 34.88
C VAL C 156 -35.68 43.41 35.63
N VAL C 157 -35.06 43.49 36.81
CA VAL C 157 -34.81 42.32 37.65
C VAL C 157 -35.47 42.57 39.00
N SER C 158 -36.26 41.61 39.45
CA SER C 158 -36.99 41.73 40.71
C SER C 158 -36.73 40.50 41.58
N VAL C 159 -36.87 40.69 42.88
CA VAL C 159 -36.65 39.62 43.85
C VAL C 159 -37.85 39.59 44.79
N THR C 160 -38.43 38.40 44.98
CA THR C 160 -39.53 38.20 45.90
C THR C 160 -39.02 37.48 47.14
N GLN C 161 -39.41 37.99 48.31
CA GLN C 161 -39.07 37.37 49.58
C GLN C 161 -40.28 37.46 50.50
N GLN C 162 -40.32 36.55 51.49
CA GLN C 162 -41.47 36.47 52.37
C GLN C 162 -41.54 37.67 53.32
N GLY C 163 -40.40 38.28 53.62
CA GLY C 163 -40.39 39.40 54.56
C GLY C 163 -41.19 40.58 54.06
N GLN C 164 -41.16 40.84 52.75
CA GLN C 164 -41.87 41.95 52.17
C GLN C 164 -43.19 41.57 51.52
N ALA C 165 -43.28 40.35 50.97
CA ALA C 165 -44.47 39.88 50.26
C ALA C 165 -44.82 40.78 49.08
N ALA C 166 -43.80 41.38 48.46
CA ALA C 166 -43.98 42.23 47.30
C ALA C 166 -42.77 42.07 46.38
N PRO C 167 -42.96 42.24 45.07
CA PRO C 167 -41.84 42.15 44.11
C PRO C 167 -41.02 43.44 44.02
N VAL C 168 -40.07 43.57 44.93
CA VAL C 168 -39.22 44.76 44.97
C VAL C 168 -38.18 44.69 43.86
N GLN C 169 -38.02 45.78 43.13
CA GLN C 169 -37.01 45.85 42.08
C GLN C 169 -35.62 45.93 42.69
N VAL C 170 -34.66 45.27 42.04
CA VAL C 170 -33.30 45.22 42.55
C VAL C 170 -32.25 45.67 41.55
N GLY C 171 -32.50 45.61 40.25
CA GLY C 171 -31.49 46.01 39.29
C GLY C 171 -32.06 46.09 37.89
N GLN C 172 -31.21 46.52 36.96
CA GLN C 172 -31.58 46.69 35.57
C GLN C 172 -30.48 46.12 34.68
N LEU C 173 -30.89 45.41 33.62
CA LEU C 173 -29.97 44.83 32.66
C LEU C 173 -30.05 45.61 31.35
N ASN C 174 -28.90 45.99 30.81
CA ASN C 174 -28.82 46.72 29.56
C ASN C 174 -27.91 46.00 28.60
N LEU C 175 -28.29 46.00 27.33
CA LEU C 175 -27.53 45.32 26.29
C LEU C 175 -26.74 46.32 25.47
N THR C 176 -25.52 45.94 25.13
CA THR C 176 -24.59 46.79 24.40
C THR C 176 -24.48 46.32 22.96
N THR C 177 -24.43 47.27 22.03
CA THR C 177 -24.33 46.99 20.61
C THR C 177 -23.19 47.77 19.99
N PHE C 178 -22.73 47.29 18.84
CA PHE C 178 -21.69 47.91 18.05
C PHE C 178 -22.15 48.01 16.60
N MET C 179 -21.51 48.91 15.85
CA MET C 179 -21.77 48.97 14.41
C MET C 179 -21.29 47.72 13.70
N ASN C 180 -20.12 47.22 14.09
CA ASN C 180 -19.50 46.06 13.43
C ASN C 180 -19.15 45.04 14.51
N ASP C 181 -20.07 44.11 14.77
CA ASP C 181 -19.84 43.10 15.79
C ASP C 181 -18.72 42.14 15.41
N THR C 182 -18.36 42.06 14.13
CA THR C 182 -17.28 41.18 13.71
C THR C 182 -15.94 41.63 14.27
N GLY C 183 -15.69 42.93 14.29
CA GLY C 183 -14.40 43.45 14.70
C GLY C 183 -14.21 43.55 16.20
N LEU C 184 -14.57 42.50 16.94
CA LEU C 184 -14.38 42.44 18.38
C LEU C 184 -13.26 41.48 18.70
N GLU C 185 -12.31 41.91 19.53
CA GLU C 185 -11.20 41.04 19.90
C GLU C 185 -11.72 39.97 20.85
N SER C 186 -11.61 38.71 20.46
CA SER C 186 -12.18 37.59 21.21
C SER C 186 -11.12 37.00 22.12
N ILE C 187 -11.16 37.38 23.40
CA ILE C 187 -10.26 36.79 24.37
C ILE C 187 -10.89 35.50 24.87
N GLY C 188 -10.12 34.71 25.63
CA GLY C 188 -10.61 33.44 26.09
C GLY C 188 -11.74 33.57 27.10
N GLU C 189 -12.37 32.43 27.38
CA GLU C 189 -13.43 32.32 28.38
C GLU C 189 -14.67 33.13 27.97
N ASN C 190 -15.03 33.01 26.70
CA ASN C 190 -16.28 33.56 26.17
C ASN C 190 -16.41 35.06 26.43
N LEU C 191 -15.37 35.81 26.07
CA LEU C 191 -15.36 37.24 26.29
C LEU C 191 -14.87 37.96 25.04
N TYR C 192 -15.51 39.08 24.74
CA TYR C 192 -15.11 39.97 23.65
C TYR C 192 -14.78 41.33 24.23
N ILE C 193 -13.82 42.01 23.62
CA ILE C 193 -13.47 43.38 23.98
C ILE C 193 -13.51 44.23 22.72
N GLU C 194 -14.08 45.43 22.83
CA GLU C 194 -14.24 46.27 21.65
C GLU C 194 -12.90 46.87 21.23
N THR C 195 -12.73 47.03 19.92
CA THR C 195 -11.50 47.58 19.37
C THR C 195 -11.79 48.76 18.47
N GLN C 196 -10.77 49.27 17.79
CA GLN C 196 -10.97 50.36 16.84
C GLN C 196 -11.88 49.95 15.68
N SER C 197 -11.70 48.72 15.18
CA SER C 197 -12.45 48.29 14.00
C SER C 197 -13.95 48.30 14.27
N SER C 198 -14.37 47.78 15.42
CA SER C 198 -15.76 47.87 15.80
C SER C 198 -16.07 49.27 16.31
N GLY C 199 -17.33 49.67 16.15
CA GLY C 199 -17.74 50.99 16.55
C GLY C 199 -17.76 51.16 18.05
N ALA C 200 -17.98 52.39 18.48
CA ALA C 200 -18.09 52.68 19.89
C ALA C 200 -19.30 51.97 20.47
N PRO C 201 -19.16 51.25 21.59
CA PRO C 201 -20.31 50.56 22.16
C PRO C 201 -21.40 51.54 22.57
N ASN C 202 -22.65 51.15 22.35
CA ASN C 202 -23.77 51.91 22.87
C ASN C 202 -24.72 50.94 23.58
N GLU C 203 -25.09 51.28 24.81
CA GLU C 203 -25.93 50.42 25.62
C GLU C 203 -27.35 50.96 25.65
N SER C 204 -28.31 50.04 25.75
CA SER C 204 -29.72 50.42 25.75
C SER C 204 -30.52 49.33 26.43
N THR C 205 -31.75 49.68 26.79
CA THR C 205 -32.68 48.72 27.32
C THR C 205 -33.07 47.73 26.22
N PRO C 206 -33.33 46.46 26.58
CA PRO C 206 -33.71 45.48 25.57
C PRO C 206 -35.01 45.86 24.87
N GLY C 207 -35.10 45.48 23.60
CA GLY C 207 -36.29 45.71 22.81
C GLY C 207 -36.34 47.03 22.08
N LEU C 208 -35.31 47.87 22.18
CA LEU C 208 -35.30 49.16 21.51
C LEU C 208 -33.96 49.38 20.84
N ASN C 209 -33.97 50.22 19.79
CA ASN C 209 -32.78 50.57 19.04
C ASN C 209 -32.07 49.34 18.47
N GLY C 210 -32.83 48.34 18.04
CA GLY C 210 -32.26 47.16 17.45
C GLY C 210 -31.74 46.14 18.42
N ALA C 211 -31.85 46.38 19.73
CA ALA C 211 -31.42 45.40 20.71
C ALA C 211 -32.42 44.27 20.81
N GLY C 212 -31.99 43.17 21.43
CA GLY C 212 -32.79 41.98 21.56
C GLY C 212 -33.66 41.97 22.79
N LEU C 213 -34.05 40.76 23.19
CA LEU C 213 -34.88 40.53 24.35
C LEU C 213 -34.25 39.45 25.22
N LEU C 214 -34.54 39.52 26.52
CA LEU C 214 -34.00 38.58 27.50
C LEU C 214 -35.04 37.50 27.78
N TYR C 215 -34.59 36.25 27.78
CA TYR C 215 -35.44 35.10 28.05
C TYR C 215 -34.89 34.38 29.27
N GLN C 216 -35.66 34.33 30.35
CA GLN C 216 -35.24 33.61 31.54
C GLN C 216 -35.56 32.13 31.39
N GLY C 217 -34.69 31.28 31.92
CA GLY C 217 -34.85 29.85 31.81
C GLY C 217 -34.33 29.26 30.52
N TYR C 218 -33.73 30.05 29.66
CA TYR C 218 -33.18 29.57 28.40
C TYR C 218 -31.69 29.86 28.35
N VAL C 219 -31.01 29.16 27.44
CA VAL C 219 -29.57 29.35 27.23
C VAL C 219 -29.28 29.12 25.77
N GLU C 220 -28.40 29.95 25.20
CA GLU C 220 -28.10 29.91 23.77
C GLU C 220 -26.94 28.97 23.53
N THR C 221 -27.15 27.97 22.67
CA THR C 221 -26.10 27.02 22.34
C THR C 221 -25.25 27.55 21.19
N SER C 222 -24.17 26.82 20.90
CA SER C 222 -23.28 27.22 19.82
C SER C 222 -23.97 27.08 18.47
N ASN C 223 -23.64 27.98 17.55
CA ASN C 223 -24.20 27.92 16.20
C ASN C 223 -23.27 27.20 15.24
N VAL C 224 -22.77 26.05 15.66
CA VAL C 224 -21.85 25.24 14.86
C VAL C 224 -22.61 24.04 14.34
N ASN C 225 -22.69 23.91 13.02
CA ASN C 225 -23.39 22.80 12.38
C ASN C 225 -22.38 21.68 12.17
N VAL C 226 -22.51 20.60 12.94
CA VAL C 226 -21.57 19.50 12.87
C VAL C 226 -21.66 18.73 11.57
N ALA C 227 -22.76 18.89 10.81
CA ALA C 227 -22.91 18.18 9.55
C ALA C 227 -21.92 18.70 8.50
N GLU C 228 -21.82 20.03 8.37
CA GLU C 228 -20.94 20.60 7.36
C GLU C 228 -19.47 20.52 7.75
N GLU C 229 -19.17 20.38 9.04
CA GLU C 229 -17.78 20.32 9.46
C GLU C 229 -17.08 19.10 8.88
N LEU C 230 -17.78 17.97 8.82
CA LEU C 230 -17.15 16.75 8.33
C LEU C 230 -16.86 16.84 6.83
N VAL C 231 -17.80 17.38 6.04
CA VAL C 231 -17.55 17.51 4.61
C VAL C 231 -16.45 18.53 4.36
N ASN C 232 -16.39 19.60 5.16
CA ASN C 232 -15.30 20.55 5.03
C ASN C 232 -13.97 19.90 5.38
N MET C 233 -13.97 19.00 6.38
CA MET C 233 -12.76 18.27 6.70
C MET C 233 -12.30 17.42 5.52
N ILE C 234 -13.25 16.75 4.86
CA ILE C 234 -12.89 15.93 3.71
C ILE C 234 -12.27 16.79 2.60
N GLN C 235 -12.91 17.92 2.31
CA GLN C 235 -12.40 18.80 1.25
C GLN C 235 -11.02 19.35 1.61
N VAL C 236 -10.83 19.73 2.87
CA VAL C 236 -9.54 20.25 3.31
C VAL C 236 -8.46 19.19 3.18
N GLN C 237 -8.77 17.96 3.57
CA GLN C 237 -7.79 16.88 3.43
C GLN C 237 -7.40 16.67 1.98
N ARG C 238 -8.40 16.68 1.08
CA ARG C 238 -8.08 16.48 -0.33
C ARG C 238 -7.21 17.62 -0.87
N ALA C 239 -7.55 18.87 -0.52
CA ALA C 239 -6.75 20.00 -0.99
C ALA C 239 -5.32 19.93 -0.46
N TYR C 240 -5.17 19.54 0.80
CA TYR C 240 -3.84 19.42 1.39
C TYR C 240 -3.03 18.36 0.67
N GLU C 241 -3.66 17.21 0.36
CA GLU C 241 -2.96 16.17 -0.38
C GLU C 241 -2.55 16.66 -1.76
N ILE C 242 -3.42 17.43 -2.43
CA ILE C 242 -3.08 17.94 -3.76
C ILE C 242 -1.88 18.87 -3.69
N ASN C 243 -1.86 19.77 -2.73
CA ASN C 243 -0.72 20.70 -2.61
C ASN C 243 0.56 19.95 -2.29
N SER C 244 0.48 18.96 -1.40
CA SER C 244 1.67 18.16 -1.11
C SER C 244 2.15 17.42 -2.36
N LYS C 245 1.21 16.97 -3.20
CA LYS C 245 1.60 16.32 -4.44
C LYS C 245 2.31 17.30 -5.37
N ALA C 246 1.85 18.55 -5.41
CA ALA C 246 2.55 19.55 -6.20
C ALA C 246 3.97 19.78 -5.69
N VAL C 247 4.14 19.84 -4.37
CA VAL C 247 5.47 19.98 -3.79
C VAL C 247 6.36 18.81 -4.19
N SER C 248 5.81 17.60 -4.10
CA SER C 248 6.59 16.41 -4.45
C SER C 248 6.99 16.41 -5.92
N THR C 249 6.07 16.82 -6.79
CA THR C 249 6.39 16.88 -8.22
C THR C 249 7.50 17.88 -8.49
N THR C 250 7.44 19.06 -7.85
CA THR C 250 8.52 20.03 -8.03
C THR C 250 9.85 19.49 -7.52
N ASP C 251 9.83 18.79 -6.38
CA ASP C 251 11.06 18.22 -5.85
C ASP C 251 11.64 17.18 -6.80
N GLN C 252 10.79 16.31 -7.36
CA GLN C 252 11.26 15.31 -8.31
C GLN C 252 11.84 15.98 -9.55
N MET C 253 11.19 17.04 -10.03
CA MET C 253 11.67 17.75 -11.20
C MET C 253 13.06 18.34 -10.95
N LEU C 254 13.24 18.98 -9.79
CA LEU C 254 14.54 19.55 -9.48
C LEU C 254 15.59 18.46 -9.32
N GLN C 255 15.22 17.34 -8.70
CA GLN C 255 16.16 16.24 -8.49
C GLN C 255 16.64 15.67 -9.81
N LYS C 256 15.73 15.45 -10.76
CA LYS C 256 16.15 14.95 -12.06
C LYS C 256 16.89 16.03 -12.86
N LEU C 257 16.66 17.30 -12.54
CA LEU C 257 17.46 18.35 -13.17
C LEU C 257 18.90 18.31 -12.69
N THR C 258 19.12 18.10 -11.39
CA THR C 258 20.47 18.17 -10.84
C THR C 258 21.25 16.87 -11.01
N GLN C 259 20.64 15.81 -11.55
CA GLN C 259 21.37 14.57 -11.78
C GLN C 259 22.36 14.69 -12.94
N LEU C 260 22.27 15.76 -13.73
CA LEU C 260 23.16 15.95 -14.86
C LEU C 260 24.61 16.14 -14.40
N MET D 1 29.18 11.97 12.19
CA MET D 1 30.26 12.94 12.02
C MET D 1 29.70 14.34 11.78
N ILE D 2 28.38 14.45 11.76
CA ILE D 2 27.69 15.71 11.52
C ILE D 2 26.83 16.02 12.73
N SER D 3 26.83 17.29 13.16
CA SER D 3 26.08 17.68 14.34
C SER D 3 24.60 17.32 14.22
N SER D 4 24.05 17.49 13.02
CA SER D 4 22.64 17.15 12.82
C SER D 4 22.37 15.68 13.10
N LEU D 5 23.32 14.81 12.77
CA LEU D 5 23.14 13.39 13.04
C LEU D 5 23.03 13.11 14.54
N TRP D 6 23.91 13.71 15.34
CA TRP D 6 23.84 13.51 16.78
C TRP D 6 22.56 14.11 17.37
N ILE D 7 22.14 15.27 16.85
CA ILE D 7 20.91 15.88 17.32
C ILE D 7 19.73 14.96 17.04
N ALA D 8 19.68 14.40 15.83
CA ALA D 8 18.58 13.50 15.48
C ALA D 8 18.65 12.21 16.31
N LYS D 9 19.85 11.74 16.62
CA LYS D 9 19.97 10.58 17.49
C LYS D 9 19.37 10.86 18.87
N THR D 10 19.67 12.04 19.42
CA THR D 10 19.10 12.39 20.72
C THR D 10 17.57 12.46 20.64
N GLY D 11 17.05 13.03 19.56
CA GLY D 11 15.59 13.07 19.39
C GLY D 11 14.98 11.68 19.32
N LEU D 12 15.63 10.78 18.57
CA LEU D 12 15.14 9.41 18.49
C LEU D 12 15.13 8.74 19.86
N ASP D 13 16.18 8.93 20.64
CA ASP D 13 16.22 8.33 21.96
C ASP D 13 15.14 8.90 22.88
N ALA D 14 14.91 10.20 22.80
CA ALA D 14 13.86 10.81 23.61
C ALA D 14 12.49 10.23 23.27
N GLN D 15 12.20 10.12 21.98
CA GLN D 15 10.91 9.54 21.59
C GLN D 15 10.83 8.06 21.98
N GLN D 16 11.94 7.35 21.93
CA GLN D 16 11.95 5.96 22.37
C GLN D 16 11.61 5.84 23.84
N THR D 17 12.19 6.70 24.67
CA THR D 17 11.86 6.67 26.10
C THR D 17 10.39 7.02 26.33
N ASN D 18 9.86 7.98 25.58
CA ASN D 18 8.45 8.32 25.70
C ASN D 18 7.57 7.11 25.36
N MET D 19 7.92 6.42 24.27
CA MET D 19 7.16 5.23 23.89
C MET D 19 7.27 4.15 24.97
N ASP D 20 8.45 4.02 25.58
CA ASP D 20 8.62 3.01 26.62
C ASP D 20 7.73 3.29 27.82
N VAL D 21 7.66 4.55 28.26
CA VAL D 21 6.81 4.86 29.41
C VAL D 21 5.34 4.67 29.04
N ILE D 22 4.97 4.99 27.80
CA ILE D 22 3.59 4.76 27.39
C ILE D 22 3.26 3.26 27.41
N ALA D 23 4.19 2.44 26.91
CA ALA D 23 3.97 1.00 26.90
C ALA D 23 3.85 0.45 28.31
N ASN D 24 4.70 0.92 29.23
CA ASN D 24 4.62 0.44 30.60
C ASN D 24 3.32 0.88 31.26
N ASN D 25 2.88 2.11 31.00
CA ASN D 25 1.61 2.57 31.55
C ASN D 25 0.45 1.73 31.04
N LEU D 26 0.45 1.42 29.74
CA LEU D 26 -0.64 0.62 29.20
C LEU D 26 -0.57 -0.83 29.66
N ALA D 27 0.62 -1.32 30.00
CA ALA D 27 0.77 -2.71 30.41
C ALA D 27 -0.02 -2.99 31.67
N ASN D 28 0.35 -2.35 32.77
CA ASN D 28 -0.33 -2.56 34.05
C ASN D 28 -1.42 -1.51 34.26
N VAL D 29 -2.49 -1.65 33.49
CA VAL D 29 -3.64 -0.77 33.66
C VAL D 29 -4.56 -1.29 34.74
N SER D 30 -4.56 -2.60 34.99
CA SER D 30 -5.42 -3.22 35.97
C SER D 30 -4.74 -3.45 37.31
N THR D 31 -3.49 -3.02 37.46
CA THR D 31 -2.78 -3.21 38.72
C THR D 31 -3.38 -2.31 39.79
N ASN D 32 -3.70 -2.90 40.94
CA ASN D 32 -4.28 -2.12 42.03
C ASN D 32 -3.25 -1.19 42.63
N GLY D 33 -3.63 0.07 42.80
CA GLY D 33 -2.75 1.06 43.40
C GLY D 33 -1.51 1.32 42.59
N PHE D 34 -1.64 1.47 41.28
CA PHE D 34 -0.54 1.80 40.40
C PHE D 34 -0.66 3.25 39.94
N LYS D 35 0.43 3.98 40.01
CA LYS D 35 0.48 5.38 39.60
C LYS D 35 1.21 5.49 38.28
N ARG D 36 0.59 6.16 37.31
CA ARG D 36 1.15 6.26 35.98
C ARG D 36 2.44 7.08 36.01
N GLN D 37 3.21 6.97 34.92
CA GLN D 37 4.47 7.69 34.78
C GLN D 37 4.36 8.73 33.68
N ARG D 38 5.01 9.88 33.91
CA ARG D 38 5.09 10.93 32.92
C ARG D 38 6.55 11.31 32.74
N ALA D 39 6.99 11.39 31.49
CA ALA D 39 8.37 11.74 31.16
C ALA D 39 8.45 13.19 30.74
N VAL D 40 9.42 13.90 31.31
CA VAL D 40 9.66 15.31 31.00
C VAL D 40 11.09 15.47 30.52
N PHE D 41 11.27 16.20 29.43
CA PHE D 41 12.54 16.41 28.76
C PHE D 41 13.04 17.83 28.97
N GLU D 42 14.19 18.12 28.35
CA GLU D 42 14.75 19.46 28.33
C GLU D 42 15.69 19.56 27.13
N ASP D 43 15.98 20.79 26.73
CA ASP D 43 16.94 21.01 25.66
C ASP D 43 18.36 20.89 26.21
N LEU D 44 19.27 20.46 25.35
CA LEU D 44 20.68 20.33 25.73
C LEU D 44 21.36 21.70 25.63
N LEU D 45 22.67 21.71 25.70
CA LEU D 45 23.44 22.94 25.67
C LEU D 45 23.32 23.61 24.30
N TYR D 46 23.95 24.79 24.20
CA TYR D 46 23.94 25.57 22.96
C TYR D 46 25.35 25.97 22.59
N GLN D 47 25.63 25.96 21.29
CA GLN D 47 26.90 26.45 20.76
C GLN D 47 26.67 27.86 20.24
N THR D 48 27.43 28.82 20.78
CA THR D 48 27.23 30.24 20.47
C THR D 48 28.29 30.67 19.48
N ILE D 49 27.90 30.75 18.20
CA ILE D 49 28.81 31.25 17.17
C ILE D 49 29.04 32.75 17.36
N ARG D 50 27.97 33.50 17.59
CA ARG D 50 28.04 34.93 17.88
C ARG D 50 27.25 35.19 19.14
N GLN D 51 27.89 35.84 20.12
CA GLN D 51 27.25 36.06 21.40
C GLN D 51 26.10 37.05 21.24
N PRO D 52 24.90 36.73 21.72
CA PRO D 52 23.79 37.67 21.62
C PRO D 52 24.08 38.96 22.38
N GLY D 53 23.65 40.07 21.82
CA GLY D 53 23.90 41.37 22.43
C GLY D 53 25.35 41.77 22.43
N ALA D 54 26.16 41.19 21.56
CA ALA D 54 27.57 41.52 21.50
C ALA D 54 27.76 42.95 21.00
N GLN D 55 28.78 43.62 21.51
CA GLN D 55 29.08 44.99 21.14
C GLN D 55 29.69 44.97 19.76
N SER D 56 28.84 45.06 18.73
CA SER D 56 29.31 44.99 17.35
C SER D 56 30.03 46.25 16.92
N SER D 57 29.77 47.37 17.59
CA SER D 57 30.47 48.61 17.31
C SER D 57 30.34 49.51 18.53
N GLU D 58 30.79 50.76 18.39
CA GLU D 58 30.84 51.67 19.51
C GLU D 58 29.44 52.01 20.05
N GLN D 59 28.42 52.03 19.19
CA GLN D 59 27.08 52.37 19.65
C GLN D 59 25.98 51.48 19.10
N THR D 60 26.30 50.34 18.50
CA THR D 60 25.28 49.40 18.03
C THR D 60 25.62 48.00 18.51
N THR D 61 24.58 47.19 18.71
CA THR D 61 24.71 45.84 19.21
C THR D 61 23.86 44.88 18.40
N LEU D 62 24.19 43.61 18.45
CA LEU D 62 23.38 42.59 17.79
C LEU D 62 22.10 42.36 18.58
N PRO D 63 20.92 42.58 17.99
CA PRO D 63 19.68 42.28 18.73
C PRO D 63 19.54 40.82 19.11
N SER D 64 20.03 39.92 18.27
CA SER D 64 19.97 38.50 18.56
C SER D 64 21.23 37.84 18.03
N GLY D 65 21.77 36.90 18.82
CA GLY D 65 22.99 36.23 18.47
C GLY D 65 22.76 35.05 17.55
N LEU D 66 23.80 34.23 17.42
CA LEU D 66 23.76 33.02 16.63
C LEU D 66 24.04 31.84 17.55
N GLN D 67 23.02 31.04 17.81
CA GLN D 67 23.14 29.89 18.69
C GLN D 67 22.55 28.66 18.01
N ILE D 68 23.23 27.54 18.16
CA ILE D 68 22.81 26.26 17.58
C ILE D 68 22.61 25.27 18.72
N GLY D 69 21.44 24.63 18.72
CA GLY D 69 21.17 23.64 19.74
C GLY D 69 21.95 22.35 19.53
N THR D 70 21.97 21.53 20.58
CA THR D 70 22.67 20.25 20.52
C THR D 70 21.76 19.07 20.83
N GLY D 71 20.44 19.27 20.76
CA GLY D 71 19.52 18.16 20.93
C GLY D 71 18.66 18.24 22.17
N VAL D 72 18.15 17.09 22.59
CA VAL D 72 17.19 17.00 23.70
C VAL D 72 17.66 15.93 24.66
N ARG D 73 17.41 16.16 25.96
CA ARG D 73 17.75 15.22 27.00
C ARG D 73 16.54 15.03 27.91
N PRO D 74 16.13 13.80 28.18
CA PRO D 74 14.99 13.57 29.09
C PRO D 74 15.40 13.90 30.52
N VAL D 75 14.69 14.84 31.14
CA VAL D 75 14.98 15.20 32.52
C VAL D 75 14.67 14.03 33.44
N ALA D 76 13.41 13.61 33.47
CA ALA D 76 13.04 12.57 34.43
C ALA D 76 11.70 11.97 34.06
N THR D 77 11.51 10.72 34.46
CA THR D 77 10.25 10.02 34.32
C THR D 77 9.65 9.92 35.72
N GLU D 78 8.85 10.92 36.08
CA GLU D 78 8.25 10.96 37.41
C GLU D 78 6.98 10.13 37.44
N ARG D 79 6.48 9.90 38.65
CA ARG D 79 5.25 9.15 38.87
C ARG D 79 4.20 10.09 39.44
N LEU D 80 3.03 10.11 38.80
CA LEU D 80 1.96 11.02 39.18
C LEU D 80 1.14 10.39 40.30
N HIS D 81 1.27 10.93 41.51
CA HIS D 81 0.55 10.41 42.67
C HIS D 81 -0.83 11.04 42.80
N SER D 82 -1.68 10.74 41.81
CA SER D 82 -3.08 11.15 41.85
C SER D 82 -3.86 10.16 42.71
N GLN D 83 -5.18 10.28 42.69
CA GLN D 83 -6.05 9.39 43.46
C GLN D 83 -6.75 8.43 42.52
N GLY D 84 -6.61 7.13 42.79
CA GLY D 84 -7.25 6.13 41.96
C GLY D 84 -8.71 5.95 42.31
N ASN D 85 -9.45 5.36 41.36
CA ASN D 85 -10.87 5.08 41.60
C ASN D 85 -11.02 3.98 42.63
N LEU D 86 -11.94 4.19 43.57
CA LEU D 86 -12.21 3.21 44.62
C LEU D 86 -13.24 2.22 44.12
N SER D 87 -12.82 0.98 43.86
CA SER D 87 -13.73 -0.07 43.46
C SER D 87 -14.40 -0.64 44.71
N GLN D 88 -15.17 -1.70 44.54
CA GLN D 88 -15.79 -2.39 45.66
C GLN D 88 -15.66 -3.89 45.46
N THR D 89 -15.22 -4.59 46.51
CA THR D 89 -14.99 -6.02 46.45
C THR D 89 -15.77 -6.82 47.48
N ASN D 90 -16.27 -6.20 48.54
CA ASN D 90 -17.03 -6.88 49.58
C ASN D 90 -16.22 -8.01 50.22
N ASN D 91 -14.92 -7.79 50.39
CA ASN D 91 -14.08 -8.71 51.13
C ASN D 91 -13.86 -8.16 52.54
N SER D 92 -13.10 -8.90 53.33
CA SER D 92 -12.83 -8.52 54.71
C SER D 92 -11.39 -8.16 54.98
N LYS D 93 -10.46 -8.46 54.07
CA LYS D 93 -9.04 -8.29 54.32
C LYS D 93 -8.37 -7.36 53.31
N ASP D 94 -9.12 -6.44 52.71
CA ASP D 94 -8.54 -5.44 51.81
C ASP D 94 -9.11 -4.08 52.14
N VAL D 95 -8.23 -3.08 52.21
CA VAL D 95 -8.62 -1.73 52.58
C VAL D 95 -8.13 -0.77 51.51
N ALA D 96 -8.94 0.25 51.23
CA ALA D 96 -8.59 1.30 50.29
C ALA D 96 -8.32 2.58 51.06
N ILE D 97 -7.21 3.24 50.74
CA ILE D 97 -6.81 4.47 51.41
C ILE D 97 -7.20 5.64 50.52
N LYS D 98 -8.08 6.50 51.02
CA LYS D 98 -8.58 7.65 50.30
C LYS D 98 -7.89 8.89 50.85
N GLY D 99 -7.02 9.50 50.04
CA GLY D 99 -6.26 10.65 50.48
C GLY D 99 -4.77 10.49 50.26
N GLN D 100 -4.00 10.56 51.34
CA GLN D 100 -2.54 10.47 51.26
C GLN D 100 -2.04 9.54 52.34
N GLY D 101 -0.86 8.97 52.12
CA GLY D 101 -0.21 8.08 53.06
C GLY D 101 0.18 6.78 52.42
N PHE D 102 0.87 5.96 53.20
CA PHE D 102 1.31 4.65 52.74
C PHE D 102 1.34 3.68 53.91
N PHE D 103 1.16 2.40 53.59
CA PHE D 103 1.33 1.33 54.57
C PHE D 103 2.79 0.93 54.64
N GLN D 104 3.32 0.87 55.86
CA GLN D 104 4.71 0.47 56.06
C GLN D 104 4.81 -1.04 56.05
N VAL D 105 5.89 -1.55 55.47
CA VAL D 105 6.10 -2.98 55.27
C VAL D 105 7.51 -3.33 55.69
N MET D 106 7.67 -4.41 56.44
CA MET D 106 8.97 -4.84 56.97
C MET D 106 9.61 -5.81 55.98
N LEU D 107 10.63 -5.34 55.28
CA LEU D 107 11.31 -6.18 54.30
C LEU D 107 12.12 -7.27 55.01
N PRO D 108 12.35 -8.40 54.33
CA PRO D 108 13.13 -9.48 54.96
C PRO D 108 14.53 -9.07 55.38
N ASP D 109 15.18 -8.19 54.62
CA ASP D 109 16.55 -7.80 54.96
C ASP D 109 16.61 -7.03 56.27
N GLY D 110 15.54 -6.31 56.61
CA GLY D 110 15.49 -5.58 57.85
C GLY D 110 14.92 -4.19 57.74
N THR D 111 15.10 -3.55 56.59
CA THR D 111 14.60 -2.20 56.39
C THR D 111 13.09 -2.23 56.16
N SER D 112 12.52 -1.07 55.85
CA SER D 112 11.09 -0.95 55.64
C SER D 112 10.83 -0.27 54.30
N ALA D 113 9.82 -0.77 53.60
CA ALA D 113 9.33 -0.18 52.37
C ALA D 113 7.92 0.35 52.60
N TYR D 114 7.36 1.01 51.60
CA TYR D 114 6.05 1.62 51.72
C TYR D 114 5.21 1.26 50.51
N THR D 115 3.95 0.92 50.75
CA THR D 115 3.06 0.47 49.70
C THR D 115 1.76 1.26 49.74
N ARG D 116 1.08 1.28 48.60
CA ARG D 116 -0.22 1.93 48.46
C ARG D 116 -1.34 0.94 48.19
N ASP D 117 -1.02 -0.29 47.79
CA ASP D 117 -2.01 -1.29 47.43
C ASP D 117 -2.45 -2.03 48.69
N GLY D 118 -3.74 -1.96 49.00
CA GLY D 118 -4.28 -2.67 50.14
C GLY D 118 -4.95 -3.98 49.78
N SER D 119 -4.22 -5.09 49.95
CA SER D 119 -4.80 -6.42 49.77
C SER D 119 -4.05 -7.32 50.75
N PHE D 120 -4.61 -7.49 51.94
CA PHE D 120 -3.93 -8.15 53.04
C PHE D 120 -4.41 -9.59 53.18
N GLN D 121 -3.51 -10.44 53.65
CA GLN D 121 -3.80 -11.83 53.96
C GLN D 121 -3.19 -12.17 55.31
N VAL D 122 -3.30 -13.43 55.69
CA VAL D 122 -2.77 -13.94 56.95
C VAL D 122 -1.77 -15.02 56.63
N ASP D 123 -0.58 -14.93 57.23
CA ASP D 123 0.40 -15.98 57.02
C ASP D 123 0.13 -17.14 57.97
N GLN D 124 1.00 -18.15 57.90
CA GLN D 124 0.80 -19.36 58.69
C GLN D 124 0.84 -19.09 60.19
N ASN D 125 1.60 -18.10 60.63
CA ASN D 125 1.69 -17.81 62.05
C ASN D 125 0.52 -16.99 62.57
N GLY D 126 -0.28 -16.42 61.69
CA GLY D 126 -1.45 -15.66 62.09
C GLY D 126 -1.29 -14.15 62.07
N GLN D 127 -0.16 -13.64 61.60
CA GLN D 127 0.04 -12.19 61.55
C GLN D 127 -0.30 -11.65 60.17
N LEU D 128 -0.81 -10.42 60.16
CA LEU D 128 -1.32 -9.81 58.94
C LEU D 128 -0.16 -9.43 58.03
N VAL D 129 -0.19 -9.91 56.79
CA VAL D 129 0.87 -9.66 55.83
C VAL D 129 0.24 -9.16 54.53
N THR D 130 1.08 -8.65 53.65
CA THR D 130 0.64 -8.25 52.32
C THR D 130 0.79 -9.42 51.35
N ALA D 131 0.22 -9.25 50.16
CA ALA D 131 0.34 -10.26 49.12
C ALA D 131 1.79 -10.31 48.65
N GLY D 132 2.51 -11.34 49.09
CA GLY D 132 3.92 -11.45 48.79
C GLY D 132 4.71 -11.90 50.00
N GLY D 133 4.02 -12.12 51.12
CA GLY D 133 4.63 -12.63 52.32
C GLY D 133 5.22 -11.58 53.25
N PHE D 134 5.23 -10.31 52.85
CA PHE D 134 5.79 -9.26 53.67
C PHE D 134 4.78 -8.82 54.73
N GLN D 135 5.24 -8.65 55.96
CA GLN D 135 4.37 -8.33 57.07
C GLN D 135 4.39 -6.84 57.38
N VAL D 136 3.26 -6.32 57.85
CA VAL D 136 3.14 -4.91 58.19
C VAL D 136 4.04 -4.58 59.37
N GLN D 137 4.53 -3.35 59.40
CA GLN D 137 5.50 -2.96 60.43
C GLN D 137 4.94 -3.05 61.85
N PRO D 138 3.74 -2.56 62.17
CA PRO D 138 3.22 -2.73 63.53
C PRO D 138 3.00 -4.17 63.94
N ALA D 139 3.09 -5.12 63.01
CA ALA D 139 2.99 -6.55 63.30
C ALA D 139 1.65 -6.90 63.95
N ILE D 140 0.58 -6.67 63.19
CA ILE D 140 -0.76 -7.02 63.64
C ILE D 140 -0.96 -8.51 63.45
N THR D 141 -1.32 -9.21 64.52
CA THR D 141 -1.52 -10.65 64.50
C THR D 141 -2.99 -10.95 64.72
N ILE D 142 -3.57 -11.74 63.82
CA ILE D 142 -4.97 -12.14 63.91
C ILE D 142 -5.06 -13.43 64.71
N PRO D 143 -5.75 -13.45 65.84
CA PRO D 143 -5.86 -14.68 66.62
C PRO D 143 -6.72 -15.71 65.92
N ALA D 144 -6.53 -16.96 66.31
CA ALA D 144 -7.35 -18.05 65.77
C ALA D 144 -8.79 -17.91 66.26
N ASN D 145 -9.64 -18.83 65.81
CA ASN D 145 -11.07 -18.82 66.08
C ASN D 145 -11.65 -17.40 66.03
N ALA D 146 -11.42 -16.75 64.89
CA ALA D 146 -11.87 -15.38 64.66
C ALA D 146 -13.14 -15.42 63.83
N LEU D 147 -14.24 -14.92 64.41
CA LEU D 147 -15.51 -14.93 63.69
C LEU D 147 -15.53 -13.90 62.57
N SER D 148 -15.06 -12.69 62.83
CA SER D 148 -15.04 -11.65 61.83
C SER D 148 -13.97 -10.62 62.17
N ILE D 149 -13.51 -9.91 61.16
CA ILE D 149 -12.51 -8.85 61.30
C ILE D 149 -13.15 -7.56 60.80
N THR D 150 -13.09 -6.51 61.61
CA THR D 150 -13.59 -5.21 61.23
C THR D 150 -12.49 -4.17 61.35
N ILE D 151 -12.47 -3.22 60.43
CA ILE D 151 -11.51 -2.14 60.42
C ILE D 151 -12.29 -0.83 60.33
N GLY D 152 -12.12 0.02 61.33
CA GLY D 152 -12.89 1.25 61.41
C GLY D 152 -12.42 2.28 60.42
N ARG D 153 -13.05 3.46 60.50
CA ARG D 153 -12.66 4.56 59.64
C ARG D 153 -11.22 4.95 59.89
N ASP D 154 -10.80 4.99 61.15
CA ASP D 154 -9.41 5.21 61.50
C ASP D 154 -8.67 3.87 61.43
N GLY D 155 -7.45 3.84 61.96
CA GLY D 155 -6.60 2.67 61.79
C GLY D 155 -6.88 1.52 62.73
N VAL D 156 -7.82 1.68 63.67
CA VAL D 156 -8.08 0.63 64.65
C VAL D 156 -8.72 -0.57 63.96
N VAL D 157 -8.19 -1.77 64.25
CA VAL D 157 -8.71 -3.01 63.70
C VAL D 157 -9.08 -3.92 64.87
N SER D 158 -10.30 -4.46 64.83
CA SER D 158 -10.78 -5.33 65.90
C SER D 158 -11.28 -6.63 65.30
N VAL D 159 -11.32 -7.66 66.14
CA VAL D 159 -11.74 -9.00 65.74
C VAL D 159 -12.79 -9.49 66.72
N THR D 160 -13.88 -10.04 66.20
CA THR D 160 -14.96 -10.56 67.04
C THR D 160 -14.66 -12.02 67.36
N GLN D 161 -14.52 -12.33 68.65
CA GLN D 161 -14.24 -13.69 69.08
C GLN D 161 -15.52 -14.53 69.08
N GLN D 162 -15.38 -15.80 69.47
CA GLN D 162 -16.52 -16.70 69.50
C GLN D 162 -17.56 -16.24 70.51
N GLY D 163 -17.12 -15.73 71.65
CA GLY D 163 -18.03 -15.24 72.66
C GLY D 163 -17.73 -13.82 73.09
N GLN D 164 -17.84 -13.56 74.39
CA GLN D 164 -17.55 -12.29 75.06
C GLN D 164 -18.52 -11.18 74.66
N ALA D 165 -19.42 -11.42 73.71
CA ALA D 165 -20.47 -10.48 73.31
C ALA D 165 -19.93 -9.11 72.92
N ALA D 166 -18.63 -9.00 72.65
CA ALA D 166 -18.04 -7.71 72.34
C ALA D 166 -16.74 -7.92 71.57
N PRO D 167 -16.52 -7.18 70.48
CA PRO D 167 -15.24 -7.31 69.77
C PRO D 167 -14.09 -6.78 70.60
N VAL D 168 -12.91 -7.33 70.35
CA VAL D 168 -11.70 -6.98 71.10
C VAL D 168 -10.70 -6.37 70.13
N GLN D 169 -10.15 -5.22 70.50
CA GLN D 169 -9.17 -4.55 69.66
C GLN D 169 -7.90 -5.37 69.57
N VAL D 170 -7.33 -5.44 68.37
CA VAL D 170 -6.12 -6.22 68.13
C VAL D 170 -4.95 -5.36 67.66
N GLY D 171 -5.19 -4.12 67.25
CA GLY D 171 -4.09 -3.26 66.84
C GLY D 171 -4.61 -2.05 66.09
N GLN D 172 -3.67 -1.26 65.59
CA GLN D 172 -4.00 -0.07 64.82
C GLN D 172 -3.10 0.02 63.60
N LEU D 173 -3.66 0.54 62.51
CA LEU D 173 -2.91 0.71 61.25
C LEU D 173 -2.60 2.19 61.06
N ASN D 174 -1.49 2.62 61.64
CA ASN D 174 -1.00 3.96 61.35
C ASN D 174 -0.26 3.96 60.03
N LEU D 175 -0.48 5.00 59.22
CA LEU D 175 0.16 5.11 57.92
C LEU D 175 1.07 6.32 57.89
N THR D 176 2.10 6.25 57.06
CA THR D 176 3.16 7.25 57.02
C THR D 176 2.95 8.14 55.81
N THR D 177 3.21 9.43 55.97
CA THR D 177 3.14 10.41 54.90
C THR D 177 4.51 11.03 54.69
N PHE D 178 4.75 11.47 53.46
CA PHE D 178 6.00 12.10 53.06
C PHE D 178 5.74 13.55 52.66
N MET D 179 6.81 14.23 52.29
CA MET D 179 6.74 15.60 51.79
C MET D 179 6.84 15.68 50.27
N ASN D 180 7.55 14.75 49.65
CA ASN D 180 7.86 14.75 48.23
C ASN D 180 7.43 13.44 47.59
N ASP D 181 6.16 13.06 47.82
CA ASP D 181 5.59 11.79 47.41
C ASP D 181 6.08 11.31 46.03
N THR D 182 6.31 12.23 45.10
CA THR D 182 6.86 11.87 43.81
C THR D 182 8.37 11.64 43.84
N GLY D 183 9.00 11.72 45.00
CA GLY D 183 10.43 11.53 45.09
C GLY D 183 10.83 10.15 45.61
N LEU D 184 9.85 9.35 46.00
CA LEU D 184 10.13 7.99 46.45
C LEU D 184 10.57 7.13 45.28
N GLU D 185 11.65 6.38 45.45
CA GLU D 185 12.07 5.46 44.40
C GLU D 185 11.31 4.15 44.53
N SER D 186 10.84 3.64 43.40
CA SER D 186 9.93 2.50 43.37
C SER D 186 10.69 1.23 43.01
N ILE D 187 10.46 0.17 43.78
CA ILE D 187 10.99 -1.15 43.47
C ILE D 187 9.82 -2.05 43.15
N GLY D 188 10.09 -3.31 42.82
CA GLY D 188 9.04 -4.21 42.39
C GLY D 188 8.04 -4.54 43.48
N GLU D 189 6.95 -5.18 43.05
CA GLU D 189 5.87 -5.62 43.94
C GLU D 189 5.21 -4.45 44.66
N ASN D 190 4.99 -3.36 43.93
CA ASN D 190 4.22 -2.22 44.43
C ASN D 190 4.81 -1.66 45.72
N LEU D 191 6.12 -1.56 45.78
CA LEU D 191 6.80 -1.06 46.96
C LEU D 191 7.61 0.18 46.62
N TYR D 192 7.71 1.08 47.58
CA TYR D 192 8.47 2.31 47.44
C TYR D 192 9.42 2.42 48.63
N ILE D 193 10.56 3.10 48.41
CA ILE D 193 11.47 3.43 49.50
C ILE D 193 11.90 4.88 49.33
N GLU D 194 12.31 5.47 50.44
CA GLU D 194 12.65 6.88 50.48
C GLU D 194 14.12 7.11 50.16
N THR D 195 14.41 8.30 49.65
CA THR D 195 15.77 8.70 49.29
C THR D 195 15.98 10.12 49.77
N GLN D 196 17.03 10.77 49.27
CA GLN D 196 17.25 12.17 49.59
C GLN D 196 16.13 13.04 49.04
N SER D 197 15.52 12.64 47.93
CA SER D 197 14.49 13.47 47.31
C SER D 197 13.28 13.66 48.21
N SER D 198 12.83 12.59 48.86
CA SER D 198 11.70 12.67 49.76
C SER D 198 12.18 12.80 51.19
N GLY D 199 11.46 13.57 51.99
CA GLY D 199 11.83 13.79 53.36
C GLY D 199 11.60 12.55 54.22
N ALA D 200 11.95 12.70 55.49
CA ALA D 200 11.73 11.62 56.44
C ALA D 200 10.24 11.41 56.63
N PRO D 201 9.74 10.17 56.51
CA PRO D 201 8.30 9.94 56.68
C PRO D 201 7.86 10.24 58.10
N ASN D 202 6.64 10.77 58.22
CA ASN D 202 6.01 10.96 59.52
C ASN D 202 4.75 10.10 59.56
N GLU D 203 4.66 9.25 60.57
CA GLU D 203 3.54 8.33 60.71
C GLU D 203 2.43 8.96 61.53
N SER D 204 1.19 8.63 61.17
CA SER D 204 0.04 9.16 61.88
C SER D 204 -1.15 8.24 61.67
N THR D 205 -2.13 8.37 62.56
CA THR D 205 -3.39 7.67 62.38
C THR D 205 -4.14 8.27 61.19
N PRO D 206 -4.93 7.46 60.50
CA PRO D 206 -5.69 7.99 59.36
C PRO D 206 -6.66 9.08 59.78
N GLY D 207 -6.80 10.08 58.92
CA GLY D 207 -7.72 11.18 59.15
C GLY D 207 -7.15 12.39 59.86
N LEU D 208 -5.86 12.37 60.19
CA LEU D 208 -5.23 13.49 60.87
C LEU D 208 -3.90 13.82 60.22
N ASN D 209 -3.49 15.09 60.36
CA ASN D 209 -2.22 15.57 59.79
C ASN D 209 -2.15 15.33 58.28
N GLY D 210 -3.28 15.53 57.60
CA GLY D 210 -3.32 15.37 56.17
C GLY D 210 -3.34 13.95 55.68
N ALA D 211 -3.45 12.97 56.58
CA ALA D 211 -3.51 11.58 56.16
C ALA D 211 -4.89 11.24 55.61
N GLY D 212 -4.98 10.11 54.93
CA GLY D 212 -6.20 9.67 54.30
C GLY D 212 -7.12 8.95 55.28
N LEU D 213 -8.11 8.29 54.72
CA LEU D 213 -9.06 7.48 55.48
C LEU D 213 -9.10 6.07 54.92
N LEU D 214 -9.37 5.10 55.78
CA LEU D 214 -9.36 3.70 55.40
C LEU D 214 -10.80 3.23 55.22
N TYR D 215 -11.09 2.67 54.05
CA TYR D 215 -12.39 2.06 53.76
C TYR D 215 -12.21 0.56 53.59
N GLN D 216 -13.01 -0.22 54.30
CA GLN D 216 -12.91 -1.67 54.20
C GLN D 216 -13.80 -2.18 53.08
N GLY D 217 -13.33 -3.22 52.39
CA GLY D 217 -14.07 -3.82 51.32
C GLY D 217 -13.85 -3.20 49.95
N TYR D 218 -13.08 -2.14 49.86
CA TYR D 218 -12.79 -1.48 48.60
C TYR D 218 -11.35 -1.77 48.19
N VAL D 219 -10.95 -1.22 47.05
CA VAL D 219 -9.58 -1.34 46.57
C VAL D 219 -9.34 -0.21 45.58
N GLU D 220 -8.14 0.33 45.58
CA GLU D 220 -7.80 1.49 44.75
C GLU D 220 -7.19 0.99 43.45
N THR D 221 -7.89 1.25 42.34
CA THR D 221 -7.41 0.85 41.03
C THR D 221 -6.38 1.86 40.51
N SER D 222 -5.70 1.49 39.44
CA SER D 222 -4.68 2.35 38.86
C SER D 222 -5.33 3.56 38.19
N ASN D 223 -4.64 4.69 38.27
CA ASN D 223 -5.12 5.93 37.66
C ASN D 223 -4.56 6.09 36.25
N VAL D 224 -4.75 5.05 35.44
CA VAL D 224 -4.31 5.07 34.04
C VAL D 224 -5.52 5.31 33.16
N ASN D 225 -5.48 6.38 32.39
CA ASN D 225 -6.58 6.74 31.50
C ASN D 225 -6.23 6.21 30.11
N VAL D 226 -6.82 5.07 29.77
CA VAL D 226 -6.51 4.39 28.52
C VAL D 226 -6.97 5.22 27.32
N ALA D 227 -7.89 6.16 27.54
CA ALA D 227 -8.43 6.93 26.43
C ALA D 227 -7.37 7.83 25.78
N GLU D 228 -6.48 8.43 26.58
CA GLU D 228 -5.49 9.36 26.06
C GLU D 228 -4.15 8.71 25.75
N GLU D 229 -3.89 7.51 26.28
CA GLU D 229 -2.65 6.82 25.94
C GLU D 229 -2.58 6.54 24.45
N LEU D 230 -3.72 6.27 23.82
CA LEU D 230 -3.73 5.97 22.39
C LEU D 230 -3.33 7.18 21.57
N VAL D 231 -3.89 8.35 21.88
CA VAL D 231 -3.52 9.54 21.12
C VAL D 231 -2.08 9.94 21.40
N ASN D 232 -1.61 9.76 22.64
CA ASN D 232 -0.20 9.99 22.92
C ASN D 232 0.68 9.06 22.10
N MET D 233 0.26 7.81 21.95
CA MET D 233 1.01 6.86 21.14
C MET D 233 1.05 7.30 19.68
N ILE D 234 -0.07 7.82 19.17
CA ILE D 234 -0.09 8.31 17.79
C ILE D 234 0.91 9.44 17.61
N GLN D 235 0.90 10.40 18.53
CA GLN D 235 1.83 11.53 18.42
C GLN D 235 3.28 11.06 18.52
N VAL D 236 3.55 10.11 19.42
CA VAL D 236 4.91 9.59 19.57
C VAL D 236 5.36 8.91 18.28
N GLN D 237 4.48 8.13 17.67
CA GLN D 237 4.82 7.45 16.43
C GLN D 237 5.16 8.46 15.33
N ARG D 238 4.34 9.49 15.19
CA ARG D 238 4.60 10.48 14.15
C ARG D 238 5.91 11.22 14.39
N ALA D 239 6.18 11.59 15.65
CA ALA D 239 7.44 12.28 15.94
C ALA D 239 8.64 11.40 15.66
N TYR D 240 8.55 10.11 16.02
CA TYR D 240 9.65 9.19 15.75
C TYR D 240 9.89 9.06 14.25
N GLU D 241 8.81 8.98 13.47
CA GLU D 241 8.97 8.89 12.02
C GLU D 241 9.64 10.14 11.47
N ILE D 242 9.26 11.32 11.98
CA ILE D 242 9.85 12.55 11.47
C ILE D 242 11.34 12.63 11.81
N ASN D 243 11.72 12.21 13.02
CA ASN D 243 13.13 12.20 13.36
C ASN D 243 13.90 11.24 12.46
N SER D 244 13.34 10.06 12.18
CA SER D 244 13.99 9.15 11.25
C SER D 244 14.13 9.79 9.88
N LYS D 245 13.13 10.57 9.45
CA LYS D 245 13.22 11.27 8.18
C LYS D 245 14.38 12.26 8.18
N ALA D 246 14.58 12.96 9.30
CA ALA D 246 15.71 13.88 9.40
C ALA D 246 17.03 13.15 9.30
N VAL D 247 17.14 11.99 9.96
CA VAL D 247 18.36 11.18 9.84
C VAL D 247 18.60 10.79 8.40
N SER D 248 17.55 10.35 7.71
CA SER D 248 17.68 9.94 6.31
C SER D 248 18.14 11.11 5.44
N THR D 249 17.59 12.30 5.68
CA THR D 249 17.99 13.46 4.89
C THR D 249 19.47 13.78 5.10
N THR D 250 19.93 13.73 6.36
CA THR D 250 21.35 13.97 6.61
C THR D 250 22.22 12.93 5.90
N ASP D 251 21.81 11.67 5.96
CA ASP D 251 22.56 10.62 5.26
C ASP D 251 22.60 10.89 3.76
N GLN D 252 21.46 11.31 3.18
CA GLN D 252 21.41 11.56 1.75
C GLN D 252 22.35 12.69 1.35
N MET D 253 22.35 13.79 2.11
CA MET D 253 23.22 14.89 1.74
C MET D 253 24.69 14.51 1.91
N LEU D 254 25.02 13.76 2.96
CA LEU D 254 26.40 13.29 3.12
C LEU D 254 26.80 12.39 1.95
N GLN D 255 25.92 11.47 1.55
CA GLN D 255 26.23 10.56 0.46
C GLN D 255 26.46 11.31 -0.84
N LYS D 256 25.58 12.27 -1.14
CA LYS D 256 25.75 13.02 -2.39
C LYS D 256 26.86 14.04 -2.30
N LEU D 257 27.38 14.33 -1.12
CA LEU D 257 28.60 15.13 -1.02
C LEU D 257 29.85 14.28 -1.27
N THR D 258 29.92 13.11 -0.65
CA THR D 258 31.12 12.29 -0.76
C THR D 258 31.28 11.63 -2.13
N GLN D 259 30.27 11.71 -3.00
CA GLN D 259 30.39 11.15 -4.34
C GLN D 259 31.34 11.93 -5.23
N LEU D 260 31.79 13.11 -4.81
CA LEU D 260 32.72 13.90 -5.59
C LEU D 260 34.06 13.20 -5.71
N MET E 1 34.76 -13.10 3.88
CA MET E 1 36.16 -12.73 3.80
C MET E 1 36.54 -11.77 4.92
N ILE E 2 35.53 -11.12 5.50
CA ILE E 2 35.72 -10.19 6.59
C ILE E 2 34.95 -10.70 7.80
N SER E 3 35.45 -10.35 8.99
CA SER E 3 34.91 -10.93 10.22
C SER E 3 33.45 -10.57 10.42
N SER E 4 33.08 -9.32 10.15
CA SER E 4 31.70 -8.89 10.35
C SER E 4 30.74 -9.71 9.50
N LEU E 5 31.18 -10.09 8.29
CA LEU E 5 30.33 -10.89 7.42
C LEU E 5 30.02 -12.24 8.04
N TRP E 6 31.04 -12.91 8.59
CA TRP E 6 30.81 -14.21 9.21
C TRP E 6 29.97 -14.09 10.47
N ILE E 7 30.19 -13.02 11.25
CA ILE E 7 29.37 -12.79 12.43
C ILE E 7 27.91 -12.64 12.04
N ALA E 8 27.64 -11.85 11.00
CA ALA E 8 26.27 -11.65 10.56
C ALA E 8 25.67 -12.93 9.98
N LYS E 9 26.50 -13.75 9.32
CA LYS E 9 26.00 -15.04 8.83
C LYS E 9 25.57 -15.93 9.98
N THR E 10 26.36 -15.96 11.05
CA THR E 10 25.98 -16.75 12.22
C THR E 10 24.68 -16.23 12.83
N GLY E 11 24.54 -14.90 12.90
CA GLY E 11 23.30 -14.33 13.40
C GLY E 11 22.09 -14.71 12.55
N LEU E 12 22.27 -14.66 11.22
CA LEU E 12 21.19 -15.05 10.32
C LEU E 12 20.81 -16.51 10.51
N ASP E 13 21.81 -17.38 10.68
CA ASP E 13 21.51 -18.79 10.90
C ASP E 13 20.74 -18.98 12.21
N ALA E 14 21.15 -18.26 13.26
CA ALA E 14 20.44 -18.38 14.53
C ALA E 14 18.98 -17.95 14.39
N GLN E 15 18.74 -16.82 13.72
CA GLN E 15 17.37 -16.37 13.53
C GLN E 15 16.58 -17.34 12.67
N GLN E 16 17.22 -17.95 11.66
CA GLN E 16 16.54 -18.93 10.84
C GLN E 16 16.11 -20.15 11.66
N THR E 17 17.00 -20.63 12.53
CA THR E 17 16.63 -21.76 13.38
C THR E 17 15.49 -21.39 14.32
N ASN E 18 15.53 -20.17 14.85
CA ASN E 18 14.45 -19.71 15.72
C ASN E 18 13.11 -19.71 14.97
N MET E 19 13.11 -19.18 13.74
CA MET E 19 11.89 -19.16 12.95
C MET E 19 11.41 -20.57 12.63
N ASP E 20 12.35 -21.47 12.33
CA ASP E 20 11.96 -22.85 12.04
C ASP E 20 11.32 -23.50 13.25
N VAL E 21 11.87 -23.26 14.44
CA VAL E 21 11.29 -23.81 15.66
C VAL E 21 9.88 -23.26 15.86
N ILE E 22 9.71 -21.96 15.64
CA ILE E 22 8.38 -21.36 15.79
C ILE E 22 7.39 -21.99 14.82
N ALA E 23 7.80 -22.18 13.57
CA ALA E 23 6.91 -22.77 12.57
C ALA E 23 6.55 -24.20 12.93
N ASN E 24 7.53 -24.98 13.40
CA ASN E 24 7.23 -26.37 13.78
C ASN E 24 6.28 -26.41 14.97
N ASN E 25 6.48 -25.54 15.95
CA ASN E 25 5.57 -25.49 17.09
C ASN E 25 4.17 -25.13 16.65
N LEU E 26 4.03 -24.17 15.74
CA LEU E 26 2.70 -23.76 15.32
C LEU E 26 2.05 -24.81 14.42
N ALA E 27 2.85 -25.65 13.76
CA ALA E 27 2.30 -26.61 12.82
C ALA E 27 1.40 -27.63 13.53
N ASN E 28 1.92 -28.28 14.56
CA ASN E 28 1.15 -29.28 15.31
C ASN E 28 0.63 -28.69 16.62
N VAL E 29 -0.26 -27.70 16.49
CA VAL E 29 -0.93 -27.15 17.66
C VAL E 29 -2.05 -28.05 18.16
N SER E 30 -2.59 -28.91 17.30
CA SER E 30 -3.67 -29.80 17.67
C SER E 30 -3.23 -31.24 17.88
N THR E 31 -1.92 -31.52 17.81
CA THR E 31 -1.44 -32.86 18.07
C THR E 31 -1.58 -33.19 19.55
N ASN E 32 -2.20 -34.33 19.85
CA ASN E 32 -2.38 -34.72 21.25
C ASN E 32 -1.06 -35.17 21.85
N GLY E 33 -0.82 -34.76 23.10
CA GLY E 33 0.37 -35.18 23.81
C GLY E 33 1.66 -34.56 23.32
N PHE E 34 1.60 -33.41 22.65
CA PHE E 34 2.79 -32.78 22.14
C PHE E 34 3.39 -31.83 23.15
N LYS E 35 4.72 -31.81 23.23
CA LYS E 35 5.46 -30.89 24.08
C LYS E 35 6.28 -29.98 23.19
N ARG E 36 6.09 -28.67 23.34
CA ARG E 36 6.75 -27.72 22.45
C ARG E 36 8.24 -27.67 22.75
N GLN E 37 8.98 -27.07 21.83
CA GLN E 37 10.42 -26.95 21.97
C GLN E 37 10.84 -25.48 21.83
N ARG E 38 11.85 -25.11 22.60
CA ARG E 38 12.42 -23.77 22.58
C ARG E 38 13.93 -23.88 22.36
N ALA E 39 14.46 -22.99 21.54
CA ALA E 39 15.87 -23.00 21.18
C ALA E 39 16.64 -22.02 22.04
N VAL E 40 17.80 -22.45 22.54
CA VAL E 40 18.65 -21.62 23.37
C VAL E 40 20.03 -21.56 22.73
N PHE E 41 20.57 -20.35 22.62
CA PHE E 41 21.85 -20.07 22.00
C PHE E 41 22.88 -19.69 23.06
N GLU E 42 24.11 -19.47 22.60
CA GLU E 42 25.15 -18.85 23.40
C GLU E 42 26.22 -18.33 22.46
N ASP E 43 26.89 -17.25 22.87
CA ASP E 43 27.86 -16.60 22.01
C ASP E 43 29.11 -17.45 21.84
N LEU E 44 29.74 -17.31 20.67
CA LEU E 44 30.92 -18.10 20.33
C LEU E 44 32.15 -17.53 21.01
N LEU E 45 33.33 -17.98 20.59
CA LEU E 45 34.58 -17.60 21.22
C LEU E 45 34.87 -16.12 20.99
N TYR E 46 35.91 -15.63 21.65
CA TYR E 46 36.30 -14.22 21.59
C TYR E 46 37.76 -14.12 21.19
N GLN E 47 38.05 -13.18 20.28
CA GLN E 47 39.42 -12.87 19.91
C GLN E 47 39.93 -11.74 20.79
N THR E 48 40.99 -12.02 21.54
CA THR E 48 41.50 -11.06 22.53
C THR E 48 42.69 -10.32 21.92
N ILE E 49 42.44 -9.11 21.43
CA ILE E 49 43.54 -8.29 20.91
C ILE E 49 44.40 -7.80 22.06
N ARG E 50 43.77 -7.30 23.12
CA ARG E 50 44.44 -6.89 24.33
C ARG E 50 43.86 -7.67 25.50
N GLN E 51 44.70 -8.41 26.20
CA GLN E 51 44.22 -9.26 27.28
C GLN E 51 43.73 -8.42 28.44
N PRO E 52 42.49 -8.57 28.88
CA PRO E 52 42.02 -7.82 30.05
C PRO E 52 42.78 -8.24 31.30
N GLY E 53 43.00 -7.28 32.19
CA GLY E 53 43.80 -7.55 33.37
C GLY E 53 45.28 -7.71 33.09
N ALA E 54 45.75 -7.23 31.95
CA ALA E 54 47.16 -7.35 31.61
C ALA E 54 47.99 -6.40 32.47
N GLN E 55 49.25 -6.77 32.67
CA GLN E 55 50.18 -5.97 33.46
C GLN E 55 50.78 -4.92 32.53
N SER E 56 50.10 -3.78 32.42
CA SER E 56 50.55 -2.74 31.49
C SER E 56 51.85 -2.09 31.95
N SER E 57 52.05 -1.98 33.27
CA SER E 57 53.29 -1.42 33.80
C SER E 57 53.56 -2.07 35.14
N GLU E 58 54.48 -1.50 35.92
CA GLU E 58 54.79 -2.07 37.21
C GLU E 58 53.62 -1.97 38.18
N GLN E 59 52.74 -1.00 37.98
CA GLN E 59 51.59 -0.81 38.86
C GLN E 59 50.26 -0.66 38.14
N THR E 60 50.24 -0.27 36.88
CA THR E 60 48.98 -0.05 36.17
C THR E 60 48.57 -1.29 35.41
N THR E 61 47.30 -1.66 35.54
CA THR E 61 46.71 -2.78 34.83
C THR E 61 45.48 -2.29 34.08
N LEU E 62 45.20 -2.94 32.95
CA LEU E 62 44.06 -2.53 32.12
C LEU E 62 42.76 -2.79 32.86
N PRO E 63 41.89 -1.80 33.03
CA PRO E 63 40.58 -2.07 33.61
C PRO E 63 39.76 -3.04 32.79
N SER E 64 39.88 -3.00 31.46
CA SER E 64 39.20 -3.94 30.58
C SER E 64 39.94 -3.98 29.26
N GLY E 65 40.18 -5.18 28.78
CA GLY E 65 40.93 -5.39 27.54
C GLY E 65 40.07 -5.20 26.32
N LEU E 66 40.63 -5.58 25.18
CA LEU E 66 39.94 -5.47 23.89
C LEU E 66 39.65 -6.89 23.40
N GLN E 67 38.37 -7.23 23.32
CA GLN E 67 37.93 -8.53 22.85
C GLN E 67 36.84 -8.34 21.81
N ILE E 68 36.93 -9.13 20.74
CA ILE E 68 35.99 -9.04 19.63
C ILE E 68 35.21 -10.34 19.56
N GLY E 69 33.90 -10.23 19.44
CA GLY E 69 33.07 -11.42 19.32
C GLY E 69 33.24 -12.10 17.99
N THR E 70 32.79 -13.36 17.93
CA THR E 70 32.88 -14.15 16.72
C THR E 70 31.54 -14.65 16.21
N GLY E 71 30.46 -14.44 16.95
CA GLY E 71 29.14 -14.83 16.49
C GLY E 71 28.35 -15.46 17.61
N VAL E 72 27.26 -16.12 17.23
CA VAL E 72 26.36 -16.77 18.17
C VAL E 72 26.12 -18.20 17.69
N ARG E 73 26.08 -19.14 18.63
CA ARG E 73 25.90 -20.54 18.31
C ARG E 73 24.63 -21.07 18.97
N PRO E 74 23.81 -21.85 18.27
CA PRO E 74 22.66 -22.49 18.92
C PRO E 74 23.08 -23.69 19.73
N VAL E 75 22.99 -23.61 21.06
CA VAL E 75 23.56 -24.67 21.89
C VAL E 75 22.58 -25.81 22.08
N ALA E 76 21.28 -25.51 22.21
CA ALA E 76 20.34 -26.59 22.48
C ALA E 76 18.97 -26.25 21.95
N THR E 77 18.16 -27.29 21.77
CA THR E 77 16.76 -27.17 21.38
C THR E 77 15.97 -28.07 22.32
N GLU E 78 15.49 -27.50 23.42
CA GLU E 78 14.94 -28.28 24.52
C GLU E 78 13.42 -28.29 24.48
N ARG E 79 12.83 -29.47 24.61
CA ARG E 79 11.40 -29.59 24.79
C ARG E 79 11.00 -29.05 26.16
N LEU E 80 9.79 -28.55 26.25
CA LEU E 80 9.24 -28.04 27.51
C LEU E 80 8.20 -29.04 27.99
N HIS E 81 8.64 -30.00 28.82
CA HIS E 81 7.76 -31.07 29.31
C HIS E 81 6.90 -30.53 30.46
N SER E 82 6.00 -29.63 30.10
CA SER E 82 5.00 -29.15 31.04
C SER E 82 3.73 -29.99 30.89
N GLN E 83 2.63 -29.54 31.47
CA GLN E 83 1.38 -30.28 31.47
C GLN E 83 0.41 -29.66 30.47
N GLY E 84 -0.09 -30.47 29.55
CA GLY E 84 -1.11 -29.99 28.64
C GLY E 84 -2.49 -30.09 29.23
N ASN E 85 -3.42 -29.34 28.66
CA ASN E 85 -4.79 -29.37 29.12
C ASN E 85 -5.47 -30.67 28.70
N LEU E 86 -6.56 -30.99 29.39
CA LEU E 86 -7.31 -32.21 29.16
C LEU E 86 -8.66 -31.89 28.54
N SER E 87 -9.09 -32.74 27.62
CA SER E 87 -10.35 -32.57 26.92
C SER E 87 -11.15 -33.88 27.01
N GLN E 88 -12.46 -33.74 26.88
CA GLN E 88 -13.39 -34.86 27.02
C GLN E 88 -13.64 -35.46 25.65
N THR E 89 -13.11 -36.65 25.41
CA THR E 89 -13.41 -37.36 24.17
C THR E 89 -14.56 -38.35 24.33
N ASN E 90 -14.87 -38.74 25.56
CA ASN E 90 -15.97 -39.67 25.86
C ASN E 90 -15.80 -40.98 25.10
N ASN E 91 -14.57 -41.49 25.08
CA ASN E 91 -14.25 -42.76 24.46
C ASN E 91 -13.69 -43.70 25.52
N SER E 92 -14.19 -44.94 25.52
CA SER E 92 -13.81 -45.88 26.57
C SER E 92 -12.35 -46.26 26.50
N LYS E 93 -11.76 -46.26 25.31
CA LYS E 93 -10.38 -46.71 25.11
C LYS E 93 -9.40 -45.56 24.99
N ASP E 94 -9.75 -44.40 25.55
CA ASP E 94 -8.86 -43.24 25.56
C ASP E 94 -8.48 -42.93 27.00
N VAL E 95 -7.18 -42.81 27.25
CA VAL E 95 -6.66 -42.51 28.58
C VAL E 95 -5.75 -41.31 28.48
N ALA E 96 -5.80 -40.45 29.50
CA ALA E 96 -4.92 -39.32 29.61
C ALA E 96 -4.13 -39.43 30.91
N ILE E 97 -2.87 -38.99 30.88
CA ILE E 97 -1.99 -39.09 32.03
C ILE E 97 -1.82 -37.70 32.61
N LYS E 98 -2.17 -37.54 33.88
CA LYS E 98 -2.05 -36.28 34.58
C LYS E 98 -0.88 -36.36 35.55
N GLY E 99 0.01 -35.37 35.48
CA GLY E 99 1.21 -35.38 36.29
C GLY E 99 2.45 -35.58 35.44
N GLN E 100 3.26 -36.57 35.77
CA GLN E 100 4.45 -36.87 34.98
C GLN E 100 4.57 -38.39 34.81
N GLY E 101 5.20 -38.80 33.72
CA GLY E 101 5.34 -40.20 33.41
C GLY E 101 5.20 -40.47 31.92
N PHE E 102 5.40 -41.72 31.51
CA PHE E 102 5.27 -42.10 30.12
C PHE E 102 4.73 -43.52 30.02
N PHE E 103 3.95 -43.77 28.97
CA PHE E 103 3.51 -45.11 28.63
C PHE E 103 4.62 -45.84 27.89
N GLN E 104 4.94 -47.03 28.35
CA GLN E 104 5.91 -47.86 27.66
C GLN E 104 5.26 -48.50 26.44
N VAL E 105 6.07 -48.81 25.44
CA VAL E 105 5.60 -49.48 24.24
C VAL E 105 6.79 -50.20 23.61
N MET E 106 6.49 -51.24 22.82
CA MET E 106 7.52 -52.07 22.23
C MET E 106 7.53 -51.86 20.72
N LEU E 107 8.69 -51.48 20.19
CA LEU E 107 8.85 -51.30 18.76
C LEU E 107 8.96 -52.65 18.06
N PRO E 108 8.66 -52.71 16.76
CA PRO E 108 8.72 -53.99 16.05
C PRO E 108 10.08 -54.66 16.09
N ASP E 109 11.17 -53.88 16.03
CA ASP E 109 12.50 -54.48 16.02
C ASP E 109 12.79 -55.20 17.33
N GLY E 110 12.32 -54.68 18.44
CA GLY E 110 12.54 -55.32 19.73
C GLY E 110 12.82 -54.35 20.85
N THR E 111 13.33 -53.16 20.52
CA THR E 111 13.61 -52.15 21.53
C THR E 111 12.31 -51.57 22.06
N SER E 112 12.42 -50.74 23.11
CA SER E 112 11.27 -50.17 23.79
C SER E 112 11.30 -48.66 23.68
N ALA E 113 10.16 -48.07 23.38
CA ALA E 113 9.98 -46.63 23.32
C ALA E 113 8.94 -46.20 24.36
N TYR E 114 8.76 -44.90 24.47
CA TYR E 114 7.84 -44.33 25.44
C TYR E 114 7.06 -43.19 24.80
N THR E 115 5.79 -43.06 25.18
CA THR E 115 4.92 -42.06 24.58
C THR E 115 4.02 -41.43 25.63
N ARG E 116 3.52 -40.24 25.30
CA ARG E 116 2.55 -39.54 26.12
C ARG E 116 1.13 -39.64 25.58
N ASP E 117 0.96 -40.19 24.38
CA ASP E 117 -0.36 -40.30 23.78
C ASP E 117 -1.17 -41.39 24.48
N GLY E 118 -2.49 -41.27 24.39
CA GLY E 118 -3.37 -42.22 25.04
C GLY E 118 -4.43 -42.79 24.13
N SER E 119 -4.39 -42.41 22.85
CA SER E 119 -5.37 -42.92 21.90
C SER E 119 -5.08 -44.37 21.56
N PHE E 120 -5.69 -45.29 22.31
CA PHE E 120 -5.40 -46.71 22.18
C PHE E 120 -6.49 -47.40 21.36
N GLN E 121 -6.06 -48.31 20.49
CA GLN E 121 -6.96 -49.18 19.76
C GLN E 121 -6.67 -50.63 20.16
N VAL E 122 -7.35 -51.57 19.51
CA VAL E 122 -7.14 -52.99 19.75
C VAL E 122 -6.82 -53.64 18.41
N ASP E 123 -5.79 -54.48 18.39
CA ASP E 123 -5.41 -55.16 17.17
C ASP E 123 -6.44 -56.23 16.82
N GLN E 124 -6.22 -56.92 15.70
CA GLN E 124 -7.14 -57.97 15.29
C GLN E 124 -7.08 -59.17 16.24
N ASN E 125 -6.01 -59.28 17.03
CA ASN E 125 -5.84 -60.40 17.94
C ASN E 125 -6.37 -60.11 19.34
N GLY E 126 -6.87 -58.92 19.60
CA GLY E 126 -7.40 -58.59 20.90
C GLY E 126 -6.42 -58.01 21.88
N GLN E 127 -5.26 -57.54 21.42
CA GLN E 127 -4.27 -56.91 22.29
C GLN E 127 -4.35 -55.39 22.14
N LEU E 128 -4.20 -54.70 23.26
CA LEU E 128 -4.25 -53.24 23.25
C LEU E 128 -2.99 -52.69 22.59
N VAL E 129 -3.16 -51.78 21.63
CA VAL E 129 -2.04 -51.18 20.91
C VAL E 129 -2.26 -49.68 20.83
N THR E 130 -1.19 -48.98 20.49
CA THR E 130 -1.29 -47.55 20.23
C THR E 130 -1.61 -47.31 18.76
N ALA E 131 -1.97 -46.07 18.45
CA ALA E 131 -2.27 -45.69 17.08
C ALA E 131 -0.98 -45.71 16.26
N GLY E 132 -0.78 -46.76 15.49
CA GLY E 132 0.45 -46.93 14.74
C GLY E 132 0.90 -48.38 14.69
N GLY E 133 0.24 -49.23 15.47
CA GLY E 133 0.49 -50.65 15.47
C GLY E 133 1.35 -51.15 16.60
N PHE E 134 2.07 -50.28 17.29
CA PHE E 134 2.91 -50.71 18.40
C PHE E 134 2.05 -51.16 19.57
N GLN E 135 2.48 -52.25 20.20
CA GLN E 135 1.74 -52.85 21.31
C GLN E 135 2.39 -52.47 22.63
N VAL E 136 1.57 -52.28 23.66
CA VAL E 136 2.08 -51.93 24.97
C VAL E 136 2.96 -53.05 25.49
N GLN E 137 4.04 -52.68 26.18
CA GLN E 137 5.00 -53.67 26.68
C GLN E 137 4.39 -54.69 27.63
N PRO E 138 3.52 -54.31 28.59
CA PRO E 138 2.89 -55.33 29.43
C PRO E 138 2.00 -56.28 28.64
N ALA E 139 1.65 -55.89 27.41
CA ALA E 139 0.91 -56.73 26.48
C ALA E 139 -0.45 -57.13 27.06
N ILE E 140 -1.30 -56.12 27.25
CA ILE E 140 -2.65 -56.32 27.74
C ILE E 140 -3.50 -56.85 26.60
N THR E 141 -4.17 -57.97 26.83
CA THR E 141 -5.04 -58.59 25.84
C THR E 141 -6.49 -58.44 26.27
N ILE E 142 -7.30 -57.86 25.40
CA ILE E 142 -8.72 -57.64 25.66
C ILE E 142 -9.48 -58.79 25.03
N PRO E 143 -10.18 -59.62 25.82
CA PRO E 143 -10.86 -60.77 25.26
C PRO E 143 -12.04 -60.36 24.39
N ALA E 144 -12.42 -61.28 23.50
CA ALA E 144 -13.63 -61.08 22.70
C ALA E 144 -14.86 -61.13 23.61
N ASN E 145 -16.03 -60.98 22.99
CA ASN E 145 -17.31 -60.93 23.68
C ASN E 145 -17.24 -60.06 24.94
N ALA E 146 -16.61 -58.91 24.79
CA ALA E 146 -16.41 -57.97 25.88
C ALA E 146 -17.44 -56.86 25.79
N LEU E 147 -18.08 -56.56 26.93
CA LEU E 147 -19.10 -55.52 26.95
C LEU E 147 -18.48 -54.13 27.14
N SER E 148 -17.72 -53.94 28.21
CA SER E 148 -17.15 -52.64 28.52
C SER E 148 -15.74 -52.79 29.06
N ILE E 149 -14.92 -51.78 28.84
CA ILE E 149 -13.56 -51.71 29.34
C ILE E 149 -13.49 -50.55 30.31
N THR E 150 -13.09 -50.85 31.55
CA THR E 150 -12.99 -49.84 32.60
C THR E 150 -11.54 -49.73 33.06
N ILE E 151 -10.98 -48.54 32.94
CA ILE E 151 -9.62 -48.26 33.40
C ILE E 151 -9.72 -47.30 34.57
N GLY E 152 -9.29 -47.75 35.74
CA GLY E 152 -9.40 -46.95 36.94
C GLY E 152 -8.34 -45.86 37.00
N ARG E 153 -8.34 -45.16 38.14
CA ARG E 153 -7.37 -44.10 38.35
C ARG E 153 -5.95 -44.67 38.37
N ASP E 154 -5.77 -45.82 39.01
CA ASP E 154 -4.49 -46.51 38.95
C ASP E 154 -4.43 -47.34 37.68
N GLY E 155 -3.41 -48.19 37.56
CA GLY E 155 -3.17 -48.89 36.33
C GLY E 155 -4.01 -50.12 36.07
N VAL E 156 -4.88 -50.51 36.99
CA VAL E 156 -5.68 -51.73 36.79
C VAL E 156 -6.73 -51.48 35.72
N VAL E 157 -6.81 -52.39 34.75
CA VAL E 157 -7.80 -52.34 33.69
C VAL E 157 -8.65 -53.60 33.76
N SER E 158 -9.96 -53.42 33.78
CA SER E 158 -10.89 -54.54 33.89
C SER E 158 -11.83 -54.53 32.69
N VAL E 159 -12.38 -55.70 32.40
CA VAL E 159 -13.30 -55.86 31.30
C VAL E 159 -14.54 -56.59 31.80
N THR E 160 -15.68 -56.32 31.16
CA THR E 160 -16.95 -56.90 31.55
C THR E 160 -17.45 -57.81 30.44
N GLN E 161 -17.78 -59.05 30.81
CA GLN E 161 -18.28 -60.02 29.86
C GLN E 161 -19.80 -60.08 29.93
N GLN E 162 -20.42 -60.90 29.08
CA GLN E 162 -21.88 -60.96 29.03
C GLN E 162 -22.45 -61.50 30.33
N GLY E 163 -21.85 -62.54 30.90
CA GLY E 163 -22.36 -63.13 32.11
C GLY E 163 -21.43 -62.99 33.30
N GLN E 164 -21.62 -63.85 34.30
CA GLN E 164 -20.78 -63.96 35.50
C GLN E 164 -21.00 -62.75 36.42
N ALA E 165 -21.71 -61.73 35.94
CA ALA E 165 -22.18 -60.61 36.75
C ALA E 165 -21.08 -60.01 37.63
N ALA E 166 -19.83 -60.05 37.15
CA ALA E 166 -18.74 -59.50 37.94
C ALA E 166 -17.59 -59.14 37.02
N PRO E 167 -16.89 -58.03 37.26
CA PRO E 167 -15.75 -57.69 36.41
C PRO E 167 -14.59 -58.63 36.62
N VAL E 168 -13.78 -58.79 35.58
CA VAL E 168 -12.58 -59.61 35.62
C VAL E 168 -11.38 -58.72 35.29
N GLN E 169 -10.41 -58.67 36.19
CA GLN E 169 -9.22 -57.88 35.95
C GLN E 169 -8.37 -58.53 34.87
N VAL E 170 -7.87 -57.71 33.95
CA VAL E 170 -7.07 -58.17 32.83
C VAL E 170 -5.59 -57.87 33.03
N GLY E 171 -5.25 -56.64 33.40
CA GLY E 171 -3.85 -56.30 33.55
C GLY E 171 -3.68 -54.99 34.28
N GLN E 172 -2.41 -54.60 34.41
CA GLN E 172 -2.00 -53.38 35.08
C GLN E 172 -1.15 -52.55 34.12
N LEU E 173 -1.47 -51.27 33.98
CA LEU E 173 -0.73 -50.39 33.09
C LEU E 173 0.28 -49.57 33.89
N ASN E 174 1.36 -50.23 34.26
CA ASN E 174 2.48 -49.54 34.89
C ASN E 174 3.08 -48.54 33.90
N LEU E 175 3.49 -47.38 34.41
CA LEU E 175 4.10 -46.37 33.57
C LEU E 175 5.47 -46.00 34.13
N THR E 176 6.32 -45.45 33.26
CA THR E 176 7.72 -45.23 33.56
C THR E 176 8.00 -43.73 33.72
N THR E 177 8.96 -43.42 34.58
CA THR E 177 9.45 -42.06 34.74
C THR E 177 10.95 -42.04 34.51
N PHE E 178 11.46 -40.84 34.22
CA PHE E 178 12.87 -40.62 33.94
C PHE E 178 13.41 -39.56 34.88
N MET E 179 14.70 -39.72 35.22
CA MET E 179 15.38 -38.70 36.01
C MET E 179 15.46 -37.39 35.23
N ASN E 180 15.72 -37.46 33.92
CA ASN E 180 15.86 -36.29 33.06
C ASN E 180 14.99 -36.49 31.83
N ASP E 181 13.77 -35.93 31.88
CA ASP E 181 12.86 -36.07 30.74
C ASP E 181 13.35 -35.32 29.51
N THR E 182 14.00 -34.17 29.70
CA THR E 182 14.42 -33.37 28.55
C THR E 182 15.46 -34.08 27.71
N GLY E 183 16.26 -34.96 28.31
CA GLY E 183 17.28 -35.66 27.57
C GLY E 183 16.79 -36.73 26.64
N LEU E 184 15.53 -37.13 26.75
CA LEU E 184 14.97 -38.11 25.82
C LEU E 184 15.00 -37.55 24.41
N GLU E 185 15.48 -38.33 23.47
CA GLU E 185 15.46 -37.93 22.08
C GLU E 185 14.20 -38.51 21.42
N SER E 186 13.53 -37.67 20.63
CA SER E 186 12.28 -38.06 20.02
C SER E 186 12.51 -38.63 18.63
N ILE E 187 11.56 -39.44 18.19
CA ILE E 187 11.54 -39.99 16.85
C ILE E 187 10.18 -39.67 16.24
N GLY E 188 9.93 -40.23 15.06
CA GLY E 188 8.67 -40.01 14.39
C GLY E 188 7.50 -40.58 15.19
N GLU E 189 6.31 -40.40 14.62
CA GLU E 189 5.04 -40.91 15.14
C GLU E 189 4.91 -40.79 16.66
N ASN E 190 5.34 -39.65 17.21
CA ASN E 190 5.05 -39.27 18.59
C ASN E 190 5.60 -40.29 19.58
N LEU E 191 6.92 -40.46 19.56
CA LEU E 191 7.60 -41.41 20.45
C LEU E 191 8.94 -40.83 20.89
N TYR E 192 9.41 -41.30 22.03
CA TYR E 192 10.72 -40.97 22.57
C TYR E 192 11.47 -42.25 22.84
N ILE E 193 12.81 -42.18 22.84
CA ILE E 193 13.63 -43.33 23.17
C ILE E 193 14.65 -42.95 24.23
N GLU E 194 15.11 -43.95 24.96
CA GLU E 194 16.03 -43.72 26.07
C GLU E 194 17.41 -43.34 25.56
N THR E 195 18.08 -42.43 26.28
CA THR E 195 19.43 -42.04 25.93
C THR E 195 20.34 -42.04 27.15
N GLN E 196 21.59 -41.62 26.96
CA GLN E 196 22.52 -41.53 28.09
C GLN E 196 22.22 -40.34 28.99
N SER E 197 21.90 -39.19 28.40
CA SER E 197 21.61 -38.01 29.21
C SER E 197 20.37 -38.25 30.07
N SER E 198 19.33 -38.84 29.49
CA SER E 198 18.18 -39.26 30.28
C SER E 198 18.58 -40.44 31.16
N GLY E 199 18.09 -40.43 32.39
CA GLY E 199 18.40 -41.49 33.32
C GLY E 199 17.75 -42.80 32.91
N ALA E 200 18.18 -43.86 33.56
CA ALA E 200 17.56 -45.16 33.33
C ALA E 200 16.10 -45.10 33.78
N PRO E 201 15.15 -45.54 32.95
CA PRO E 201 13.74 -45.43 33.33
C PRO E 201 13.43 -46.29 34.54
N ASN E 202 12.52 -45.80 35.37
CA ASN E 202 11.98 -46.60 36.47
C ASN E 202 10.47 -46.73 36.30
N GLU E 203 9.98 -47.96 36.36
CA GLU E 203 8.59 -48.25 36.08
C GLU E 203 7.84 -48.49 37.38
N SER E 204 6.63 -47.93 37.48
CA SER E 204 5.85 -48.04 38.71
C SER E 204 4.37 -47.90 38.37
N THR E 205 3.55 -48.28 39.34
CA THR E 205 2.11 -48.11 39.22
C THR E 205 1.75 -46.63 39.31
N PRO E 206 0.66 -46.20 38.67
CA PRO E 206 0.27 -44.80 38.75
C PRO E 206 -0.01 -44.35 40.17
N GLY E 207 0.36 -43.11 40.46
CA GLY E 207 0.12 -42.53 41.76
C GLY E 207 1.17 -42.80 42.81
N LEU E 208 2.26 -43.50 42.46
CA LEU E 208 3.32 -43.81 43.41
C LEU E 208 4.67 -43.39 42.84
N ASN E 209 5.56 -42.97 43.73
CA ASN E 209 6.92 -42.56 43.36
C ASN E 209 6.90 -41.44 42.33
N GLY E 210 5.94 -40.54 42.45
CA GLY E 210 5.85 -39.40 41.55
C GLY E 210 5.14 -39.65 40.24
N ALA E 211 4.73 -40.89 39.96
CA ALA E 211 4.02 -41.16 38.73
C ALA E 211 2.64 -40.51 38.75
N GLY E 212 2.13 -40.24 37.57
CA GLY E 212 0.87 -39.54 37.43
C GLY E 212 -0.33 -40.45 37.64
N LEU E 213 -1.49 -39.96 37.23
CA LEU E 213 -2.74 -40.69 37.35
C LEU E 213 -3.39 -40.81 35.98
N LEU E 214 -4.13 -41.90 35.79
CA LEU E 214 -4.75 -42.20 34.51
C LEU E 214 -6.23 -41.86 34.57
N TYR E 215 -6.69 -41.04 33.63
CA TYR E 215 -8.10 -40.69 33.50
C TYR E 215 -8.63 -41.30 32.23
N GLN E 216 -9.65 -42.14 32.35
CA GLN E 216 -10.26 -42.76 31.19
C GLN E 216 -11.27 -41.83 30.54
N GLY E 217 -11.27 -41.81 29.21
CA GLY E 217 -12.20 -40.98 28.48
C GLY E 217 -11.76 -39.56 28.23
N TYR E 218 -10.53 -39.21 28.59
CA TYR E 218 -9.98 -37.89 28.32
C TYR E 218 -8.82 -38.00 27.36
N VAL E 219 -8.37 -36.84 26.86
CA VAL E 219 -7.21 -36.79 25.98
C VAL E 219 -6.43 -35.52 26.29
N GLU E 220 -5.11 -35.63 26.27
CA GLU E 220 -4.22 -34.54 26.64
C GLU E 220 -3.83 -33.75 25.40
N THR E 221 -4.19 -32.46 25.38
CA THR E 221 -3.89 -31.61 24.24
C THR E 221 -2.47 -31.08 24.32
N SER E 222 -1.98 -30.56 23.20
CA SER E 222 -0.63 -30.03 23.13
C SER E 222 -0.49 -28.79 23.99
N ASN E 223 0.72 -28.59 24.52
CA ASN E 223 1.01 -27.44 25.38
C ASN E 223 1.60 -26.28 24.58
N VAL E 224 0.91 -25.87 23.52
CA VAL E 224 1.38 -24.78 22.67
C VAL E 224 0.40 -23.62 22.80
N ASN E 225 0.93 -22.45 23.16
CA ASN E 225 0.14 -21.25 23.31
C ASN E 225 0.23 -20.44 22.02
N VAL E 226 -0.87 -20.36 21.28
CA VAL E 226 -0.87 -19.69 19.99
C VAL E 226 -0.68 -18.18 20.12
N ALA E 227 -1.11 -17.59 21.23
CA ALA E 227 -1.09 -16.13 21.36
C ALA E 227 0.33 -15.59 21.29
N GLU E 228 1.28 -16.25 21.96
CA GLU E 228 2.65 -15.75 21.99
C GLU E 228 3.44 -16.14 20.75
N GLU E 229 2.96 -17.12 19.97
CA GLU E 229 3.68 -17.50 18.76
C GLU E 229 3.71 -16.36 17.76
N LEU E 230 2.61 -15.62 17.63
CA LEU E 230 2.57 -14.52 16.68
C LEU E 230 3.56 -13.42 17.05
N VAL E 231 3.64 -13.06 18.34
CA VAL E 231 4.58 -12.03 18.74
C VAL E 231 6.01 -12.53 18.62
N ASN E 232 6.25 -13.82 18.86
CA ASN E 232 7.57 -14.38 18.60
C ASN E 232 7.92 -14.28 17.12
N MET E 233 6.94 -14.52 16.25
CA MET E 233 7.17 -14.36 14.82
C MET E 233 7.54 -12.93 14.48
N ILE E 234 6.84 -11.97 15.08
CA ILE E 234 7.15 -10.56 14.82
C ILE E 234 8.58 -10.25 15.24
N GLN E 235 8.96 -10.68 16.44
CA GLN E 235 10.30 -10.38 16.94
C GLN E 235 11.37 -11.03 16.07
N VAL E 236 11.18 -12.30 15.69
CA VAL E 236 12.21 -12.97 14.90
C VAL E 236 12.30 -12.36 13.51
N GLN E 237 11.17 -11.94 12.93
CA GLN E 237 11.22 -11.29 11.63
C GLN E 237 12.01 -9.99 11.71
N ARG E 238 11.76 -9.19 12.74
CA ARG E 238 12.50 -7.94 12.88
C ARG E 238 13.99 -8.19 13.07
N ALA E 239 14.34 -9.18 13.89
CA ALA E 239 15.76 -9.49 14.11
C ALA E 239 16.43 -9.94 12.82
N TYR E 240 15.75 -10.80 12.05
CA TYR E 240 16.31 -11.26 10.79
C TYR E 240 16.50 -10.10 9.83
N GLU E 241 15.54 -9.18 9.79
CA GLU E 241 15.67 -8.01 8.92
C GLU E 241 16.86 -7.16 9.33
N ILE E 242 17.06 -6.99 10.64
CA ILE E 242 18.20 -6.21 11.12
C ILE E 242 19.52 -6.85 10.70
N ASN E 243 19.62 -8.17 10.86
CA ASN E 243 20.86 -8.86 10.48
C ASN E 243 21.10 -8.75 8.98
N SER E 244 20.06 -8.88 8.18
CA SER E 244 20.21 -8.73 6.73
C SER E 244 20.69 -7.33 6.38
N LYS E 245 20.15 -6.31 7.06
CA LYS E 245 20.60 -4.96 6.81
C LYS E 245 22.07 -4.78 7.20
N ALA E 246 22.50 -5.45 8.27
CA ALA E 246 23.91 -5.41 8.64
C ALA E 246 24.78 -6.02 7.54
N VAL E 247 24.35 -7.15 6.97
CA VAL E 247 25.08 -7.76 5.86
C VAL E 247 25.16 -6.78 4.70
N SER E 248 24.05 -6.13 4.38
CA SER E 248 24.03 -5.19 3.26
C SER E 248 24.98 -4.02 3.51
N THR E 249 25.01 -3.51 4.75
CA THR E 249 25.91 -2.42 5.07
C THR E 249 27.37 -2.83 4.90
N THR E 250 27.71 -4.03 5.37
CA THR E 250 29.07 -4.52 5.18
C THR E 250 29.41 -4.64 3.70
N ASP E 251 28.46 -5.15 2.90
CA ASP E 251 28.69 -5.28 1.47
C ASP E 251 28.94 -3.93 0.83
N GLN E 252 28.13 -2.93 1.16
CA GLN E 252 28.32 -1.60 0.59
C GLN E 252 29.67 -1.01 1.00
N MET E 253 30.04 -1.19 2.27
CA MET E 253 31.32 -0.68 2.74
C MET E 253 32.47 -1.31 1.96
N LEU E 254 32.44 -2.63 1.80
CA LEU E 254 33.51 -3.31 1.08
C LEU E 254 33.54 -2.89 -0.38
N GLN E 255 32.36 -2.75 -1.00
CA GLN E 255 32.30 -2.35 -2.40
C GLN E 255 32.89 -0.95 -2.60
N LYS E 256 32.57 -0.02 -1.70
CA LYS E 256 33.17 1.30 -1.81
C LYS E 256 34.66 1.27 -1.52
N LEU E 257 35.10 0.34 -0.68
CA LEU E 257 36.53 0.19 -0.44
C LEU E 257 37.26 -0.26 -1.71
N THR E 258 36.68 -1.22 -2.43
CA THR E 258 37.37 -1.79 -3.59
C THR E 258 37.20 -0.97 -4.86
N GLN E 259 36.45 0.13 -4.82
CA GLN E 259 36.33 0.99 -5.99
C GLN E 259 37.64 1.69 -6.33
N LEU E 260 38.61 1.68 -5.42
CA LEU E 260 39.88 2.36 -5.64
C LEU E 260 40.66 1.75 -6.80
N MET F 1 22.54 3.77 -35.86
CA MET F 1 23.04 3.51 -37.21
C MET F 1 23.33 2.03 -37.39
N ILE F 2 22.81 1.20 -36.50
CA ILE F 2 22.94 -0.25 -36.57
C ILE F 2 21.55 -0.83 -36.79
N SER F 3 21.51 -2.02 -37.40
CA SER F 3 20.23 -2.62 -37.76
C SER F 3 19.37 -2.90 -36.54
N SER F 4 19.99 -3.37 -35.45
CA SER F 4 19.22 -3.67 -34.25
C SER F 4 18.53 -2.43 -33.71
N LEU F 5 19.15 -1.26 -33.86
CA LEU F 5 18.52 -0.04 -33.38
C LEU F 5 17.24 0.27 -34.14
N TRP F 6 17.26 0.14 -35.47
CA TRP F 6 16.05 0.39 -36.24
C TRP F 6 14.98 -0.66 -35.95
N ILE F 7 15.41 -1.91 -35.76
CA ILE F 7 14.45 -2.96 -35.41
C ILE F 7 13.75 -2.63 -34.09
N ALA F 8 14.53 -2.21 -33.10
CA ALA F 8 13.95 -1.89 -31.80
C ALA F 8 13.06 -0.66 -31.89
N LYS F 9 13.42 0.30 -32.73
CA LYS F 9 12.55 1.46 -32.95
C LYS F 9 11.21 1.03 -33.51
N THR F 10 11.20 0.13 -34.49
CA THR F 10 9.95 -0.35 -35.04
C THR F 10 9.12 -1.08 -34.00
N GLY F 11 9.77 -1.89 -33.16
CA GLY F 11 9.05 -2.56 -32.10
C GLY F 11 8.42 -1.60 -31.12
N LEU F 12 9.17 -0.56 -30.73
CA LEU F 12 8.63 0.45 -29.83
C LEU F 12 7.43 1.16 -30.46
N ASP F 13 7.52 1.50 -31.74
CA ASP F 13 6.40 2.16 -32.40
C ASP F 13 5.17 1.27 -32.44
N ALA F 14 5.36 -0.03 -32.71
CA ALA F 14 4.23 -0.94 -32.71
C ALA F 14 3.57 -1.01 -31.35
N GLN F 15 4.38 -1.12 -30.29
CA GLN F 15 3.80 -1.14 -28.95
C GLN F 15 3.08 0.16 -28.63
N GLN F 16 3.62 1.29 -29.08
CA GLN F 16 2.97 2.57 -28.83
C GLN F 16 1.61 2.64 -29.51
N THR F 17 1.52 2.17 -30.76
CA THR F 17 0.23 2.18 -31.45
C THR F 17 -0.77 1.26 -30.75
N ASN F 18 -0.28 0.10 -30.28
CA ASN F 18 -1.16 -0.80 -29.54
C ASN F 18 -1.71 -0.13 -28.28
N MET F 19 -0.84 0.56 -27.55
CA MET F 19 -1.29 1.28 -26.36
C MET F 19 -2.27 2.39 -26.73
N ASP F 20 -2.05 3.04 -27.87
CA ASP F 20 -2.97 4.09 -28.31
C ASP F 20 -4.36 3.53 -28.57
N VAL F 21 -4.45 2.39 -29.25
CA VAL F 21 -5.77 1.84 -29.53
C VAL F 21 -6.44 1.35 -28.25
N ILE F 22 -5.65 0.81 -27.31
CA ILE F 22 -6.22 0.41 -26.03
C ILE F 22 -6.79 1.62 -25.29
N ALA F 23 -6.04 2.73 -25.27
CA ALA F 23 -6.49 3.92 -24.60
C ALA F 23 -7.74 4.50 -25.26
N ASN F 24 -7.79 4.47 -26.59
CA ASN F 24 -8.97 4.94 -27.28
C ASN F 24 -10.19 4.09 -26.96
N ASN F 25 -10.01 2.77 -26.88
CA ASN F 25 -11.12 1.90 -26.50
C ASN F 25 -11.59 2.22 -25.09
N LEU F 26 -10.66 2.44 -24.16
CA LEU F 26 -11.07 2.71 -22.78
C LEU F 26 -11.73 4.08 -22.67
N ALA F 27 -11.32 5.04 -23.50
CA ALA F 27 -11.82 6.41 -23.35
C ALA F 27 -13.33 6.48 -23.56
N ASN F 28 -13.81 5.95 -24.67
CA ASN F 28 -15.25 5.97 -24.97
C ASN F 28 -15.88 4.61 -24.67
N VAL F 29 -15.84 4.23 -23.40
CA VAL F 29 -16.49 3.01 -22.96
C VAL F 29 -17.99 3.21 -22.82
N SER F 30 -18.43 4.44 -22.60
CA SER F 30 -19.85 4.76 -22.40
C SER F 30 -20.36 5.64 -23.54
N THR F 31 -20.00 5.29 -24.76
CA THR F 31 -20.53 5.95 -25.95
C THR F 31 -21.48 4.98 -26.64
N ASN F 32 -22.73 5.39 -26.80
CA ASN F 32 -23.76 4.50 -27.34
C ASN F 32 -23.42 4.12 -28.77
N GLY F 33 -23.49 2.83 -29.06
CA GLY F 33 -23.23 2.35 -30.40
C GLY F 33 -21.78 2.37 -30.82
N PHE F 34 -20.85 2.44 -29.87
CA PHE F 34 -19.44 2.45 -30.20
C PHE F 34 -18.94 1.03 -30.44
N LYS F 35 -18.00 0.88 -31.38
CA LYS F 35 -17.40 -0.39 -31.71
C LYS F 35 -15.89 -0.32 -31.45
N ARG F 36 -15.36 -1.31 -30.76
CA ARG F 36 -13.95 -1.31 -30.43
C ARG F 36 -13.11 -1.67 -31.65
N GLN F 37 -11.82 -1.36 -31.55
CA GLN F 37 -10.86 -1.67 -32.61
C GLN F 37 -9.73 -2.51 -32.05
N ARG F 38 -9.17 -3.36 -32.90
CA ARG F 38 -7.98 -4.12 -32.53
C ARG F 38 -6.98 -4.03 -33.66
N ALA F 39 -5.70 -3.94 -33.30
CA ALA F 39 -4.63 -3.72 -34.26
C ALA F 39 -3.93 -5.04 -34.58
N VAL F 40 -3.61 -5.23 -35.85
CA VAL F 40 -2.90 -6.41 -36.32
C VAL F 40 -1.53 -5.99 -36.83
N PHE F 41 -0.49 -6.71 -36.42
CA PHE F 41 0.88 -6.35 -36.71
C PHE F 41 1.48 -7.33 -37.71
N GLU F 42 2.37 -6.83 -38.56
CA GLU F 42 3.02 -7.62 -39.58
C GLU F 42 4.51 -7.28 -39.60
N ASP F 43 5.34 -8.28 -39.86
CA ASP F 43 6.77 -8.04 -39.92
C ASP F 43 7.15 -7.37 -41.24
N LEU F 44 8.37 -6.86 -41.29
CA LEU F 44 8.89 -6.18 -42.47
C LEU F 44 9.64 -7.18 -43.35
N LEU F 45 10.38 -6.67 -44.34
CA LEU F 45 11.12 -7.52 -45.26
C LEU F 45 12.24 -8.25 -44.51
N TYR F 46 12.90 -9.16 -45.21
CA TYR F 46 13.97 -9.96 -44.63
C TYR F 46 15.23 -9.82 -45.48
N GLN F 47 16.35 -9.56 -44.83
CA GLN F 47 17.64 -9.51 -45.51
C GLN F 47 18.22 -10.91 -45.55
N THR F 48 18.50 -11.41 -46.75
CA THR F 48 18.96 -12.77 -46.95
C THR F 48 20.45 -12.75 -47.29
N ILE F 49 21.26 -13.26 -46.38
CA ILE F 49 22.68 -13.43 -46.66
C ILE F 49 22.94 -14.71 -47.44
N ARG F 50 22.36 -15.82 -46.98
CA ARG F 50 22.41 -17.09 -47.69
C ARG F 50 20.99 -17.53 -47.99
N GLN F 51 20.70 -17.76 -49.26
CA GLN F 51 19.36 -18.15 -49.67
C GLN F 51 19.04 -19.55 -49.16
N PRO F 52 17.87 -19.77 -48.56
CA PRO F 52 17.53 -21.11 -48.11
C PRO F 52 17.41 -22.06 -49.30
N GLY F 53 17.84 -23.30 -49.09
CA GLY F 53 17.80 -24.27 -50.16
C GLY F 53 18.74 -23.98 -51.31
N ALA F 54 19.74 -23.13 -51.09
CA ALA F 54 20.69 -22.80 -52.14
C ALA F 54 21.53 -24.01 -52.51
N GLN F 55 21.98 -24.03 -53.76
CA GLN F 55 22.81 -25.13 -54.26
C GLN F 55 24.23 -24.94 -53.73
N SER F 56 24.40 -25.26 -52.45
CA SER F 56 25.69 -25.04 -51.80
C SER F 56 26.76 -25.94 -52.38
N SER F 57 26.38 -27.09 -52.93
CA SER F 57 27.33 -27.99 -53.56
C SER F 57 26.63 -28.64 -54.75
N GLU F 58 27.28 -29.64 -55.33
CA GLU F 58 26.66 -30.37 -56.42
C GLU F 58 25.46 -31.18 -55.94
N GLN F 59 25.51 -31.70 -54.73
CA GLN F 59 24.45 -32.52 -54.18
C GLN F 59 23.83 -31.96 -52.90
N THR F 60 24.62 -31.34 -52.04
CA THR F 60 24.10 -30.87 -50.76
C THR F 60 23.54 -29.46 -50.90
N THR F 61 22.35 -29.25 -50.32
CA THR F 61 21.72 -27.94 -50.28
C THR F 61 21.45 -27.59 -48.83
N LEU F 62 21.62 -26.32 -48.50
CA LEU F 62 21.43 -25.86 -47.13
C LEU F 62 19.97 -26.04 -46.72
N PRO F 63 19.68 -26.77 -45.65
CA PRO F 63 18.28 -26.90 -45.22
C PRO F 63 17.64 -25.58 -44.85
N SER F 64 18.41 -24.65 -44.29
CA SER F 64 17.87 -23.35 -43.92
C SER F 64 18.96 -22.30 -44.10
N GLY F 65 18.61 -21.22 -44.78
CA GLY F 65 19.56 -20.17 -45.07
C GLY F 65 19.70 -19.19 -43.92
N LEU F 66 20.37 -18.09 -44.21
CA LEU F 66 20.62 -17.03 -43.25
C LEU F 66 19.74 -15.84 -43.61
N GLN F 67 18.75 -15.56 -42.78
CA GLN F 67 17.83 -14.44 -43.00
C GLN F 67 17.66 -13.66 -41.72
N ILE F 68 17.71 -12.33 -41.83
CA ILE F 68 17.60 -11.42 -40.70
C ILE F 68 16.37 -10.56 -40.90
N GLY F 69 15.52 -10.48 -39.88
CA GLY F 69 14.36 -9.62 -39.97
C GLY F 69 14.72 -8.16 -39.93
N THR F 70 13.74 -7.33 -40.30
CA THR F 70 13.92 -5.88 -40.30
C THR F 70 12.92 -5.15 -39.42
N GLY F 71 12.16 -5.88 -38.59
CA GLY F 71 11.28 -5.26 -37.62
C GLY F 71 9.83 -5.71 -37.80
N VAL F 72 8.92 -4.83 -37.38
CA VAL F 72 7.49 -5.12 -37.40
C VAL F 72 6.75 -3.81 -37.65
N ARG F 73 5.64 -3.88 -38.38
CA ARG F 73 4.83 -2.71 -38.61
C ARG F 73 3.37 -3.06 -38.42
N PRO F 74 2.56 -2.08 -38.00
CA PRO F 74 1.11 -2.31 -37.94
C PRO F 74 0.50 -2.24 -39.34
N VAL F 75 -0.37 -3.19 -39.66
CA VAL F 75 -0.95 -3.27 -40.99
C VAL F 75 -2.38 -2.75 -41.02
N ALA F 76 -3.15 -2.97 -39.96
CA ALA F 76 -4.53 -2.49 -39.93
C ALA F 76 -5.03 -2.41 -38.50
N THR F 77 -6.09 -1.64 -38.31
CA THR F 77 -6.85 -1.59 -37.07
C THR F 77 -8.30 -1.91 -37.45
N GLU F 78 -8.66 -3.17 -37.27
CA GLU F 78 -9.99 -3.62 -37.67
C GLU F 78 -11.00 -3.37 -36.55
N ARG F 79 -12.19 -2.92 -36.94
CA ARG F 79 -13.29 -2.74 -36.01
C ARG F 79 -14.01 -4.07 -35.81
N LEU F 80 -14.54 -4.27 -34.61
CA LEU F 80 -15.27 -5.50 -34.28
C LEU F 80 -16.74 -5.15 -34.21
N HIS F 81 -17.44 -5.33 -35.33
CA HIS F 81 -18.86 -5.00 -35.44
C HIS F 81 -19.70 -6.13 -34.83
N SER F 82 -19.55 -6.30 -33.52
CA SER F 82 -20.36 -7.22 -32.77
C SER F 82 -21.62 -6.52 -32.31
N GLN F 83 -22.44 -7.19 -31.50
CA GLN F 83 -23.67 -6.61 -30.98
C GLN F 83 -23.46 -6.19 -29.54
N GLY F 84 -23.72 -4.92 -29.25
CA GLY F 84 -23.61 -4.43 -27.90
C GLY F 84 -24.81 -4.79 -27.06
N ASN F 85 -24.66 -4.58 -25.75
CA ASN F 85 -25.78 -4.81 -24.84
C ASN F 85 -26.83 -3.73 -25.01
N LEU F 86 -28.10 -4.12 -24.93
CA LEU F 86 -29.19 -3.17 -24.97
C LEU F 86 -29.55 -2.72 -23.56
N SER F 87 -29.89 -1.44 -23.44
CA SER F 87 -30.29 -0.88 -22.16
C SER F 87 -31.69 -0.29 -22.29
N GLN F 88 -32.25 0.09 -21.15
CA GLN F 88 -33.58 0.68 -21.09
C GLN F 88 -33.46 2.17 -20.76
N THR F 89 -34.15 3.00 -21.53
CA THR F 89 -34.20 4.43 -21.25
C THR F 89 -35.60 5.00 -21.17
N ASN F 90 -36.62 4.30 -21.70
CA ASN F 90 -38.00 4.73 -21.62
C ASN F 90 -38.19 6.13 -22.20
N ASN F 91 -37.68 6.30 -23.41
CA ASN F 91 -37.83 7.54 -24.16
C ASN F 91 -38.54 7.25 -25.47
N SER F 92 -39.34 8.21 -25.91
CA SER F 92 -40.14 8.00 -27.11
C SER F 92 -39.27 7.86 -28.36
N LYS F 93 -38.20 8.64 -28.45
CA LYS F 93 -37.39 8.73 -29.65
C LYS F 93 -35.97 8.22 -29.43
N ASP F 94 -35.84 7.11 -28.72
CA ASP F 94 -34.57 6.39 -28.59
C ASP F 94 -34.77 5.00 -29.17
N VAL F 95 -34.11 4.72 -30.28
CA VAL F 95 -34.28 3.48 -31.03
C VAL F 95 -32.96 2.73 -31.06
N ALA F 96 -33.02 1.44 -30.74
CA ALA F 96 -31.85 0.57 -30.80
C ALA F 96 -32.15 -0.57 -31.77
N ILE F 97 -31.19 -0.89 -32.61
CA ILE F 97 -31.36 -1.95 -33.60
C ILE F 97 -30.61 -3.18 -33.13
N LYS F 98 -31.21 -4.35 -33.37
CA LYS F 98 -30.61 -5.63 -33.04
C LYS F 98 -30.29 -6.37 -34.33
N GLY F 99 -29.02 -6.73 -34.50
CA GLY F 99 -28.61 -7.41 -35.71
C GLY F 99 -27.67 -6.58 -36.56
N GLN F 100 -28.08 -6.32 -37.80
CA GLN F 100 -27.21 -5.65 -38.76
C GLN F 100 -27.98 -4.53 -39.44
N GLY F 101 -27.23 -3.54 -39.92
CA GLY F 101 -27.80 -2.40 -40.60
C GLY F 101 -27.32 -1.09 -40.02
N PHE F 102 -27.65 -0.02 -40.73
CA PHE F 102 -27.24 1.32 -40.32
C PHE F 102 -28.32 2.32 -40.72
N PHE F 103 -28.60 3.26 -39.82
CA PHE F 103 -29.42 4.40 -40.20
C PHE F 103 -28.66 5.28 -41.17
N GLN F 104 -29.37 5.86 -42.12
CA GLN F 104 -28.77 6.79 -43.07
C GLN F 104 -29.02 8.22 -42.60
N VAL F 105 -28.03 9.08 -42.79
CA VAL F 105 -28.05 10.45 -42.30
C VAL F 105 -27.60 11.37 -43.43
N MET F 106 -28.31 12.48 -43.61
CA MET F 106 -28.00 13.44 -44.66
C MET F 106 -27.03 14.48 -44.13
N LEU F 107 -25.80 14.47 -44.62
CA LEU F 107 -24.81 15.46 -44.23
C LEU F 107 -25.16 16.82 -44.82
N PRO F 108 -24.73 17.91 -44.17
CA PRO F 108 -25.05 19.24 -44.68
C PRO F 108 -24.53 19.52 -46.08
N ASP F 109 -23.39 18.96 -46.45
CA ASP F 109 -22.78 19.25 -47.75
C ASP F 109 -23.41 18.45 -48.88
N GLY F 110 -24.46 17.67 -48.61
CA GLY F 110 -25.15 16.93 -49.63
C GLY F 110 -24.83 15.45 -49.69
N THR F 111 -23.71 15.02 -49.12
CA THR F 111 -23.42 13.60 -49.06
C THR F 111 -24.22 12.95 -47.94
N SER F 112 -24.12 11.64 -47.83
CA SER F 112 -24.85 10.87 -46.83
C SER F 112 -23.88 10.01 -46.05
N ALA F 113 -24.02 10.00 -44.73
CA ALA F 113 -23.27 9.14 -43.84
C ALA F 113 -24.19 8.07 -43.25
N TYR F 114 -23.60 7.17 -42.47
CA TYR F 114 -24.34 6.10 -41.85
C TYR F 114 -23.99 6.01 -40.37
N THR F 115 -24.98 5.74 -39.54
CA THR F 115 -24.80 5.73 -38.11
C THR F 115 -25.46 4.51 -37.50
N ARG F 116 -24.95 4.11 -36.34
CA ARG F 116 -25.50 3.02 -35.56
C ARG F 116 -26.11 3.49 -34.24
N ASP F 117 -25.69 4.63 -33.72
CA ASP F 117 -26.22 5.18 -32.47
C ASP F 117 -27.60 5.77 -32.73
N GLY F 118 -28.63 5.09 -32.27
CA GLY F 118 -29.98 5.59 -32.41
C GLY F 118 -30.47 6.35 -31.20
N SER F 119 -30.36 7.68 -31.25
CA SER F 119 -30.92 8.55 -30.22
C SER F 119 -31.31 9.86 -30.91
N PHE F 120 -32.58 9.93 -31.31
CA PHE F 120 -33.06 10.99 -32.18
C PHE F 120 -33.69 12.12 -31.38
N GLN F 121 -34.09 13.16 -32.10
CA GLN F 121 -34.81 14.28 -31.52
C GLN F 121 -35.47 15.05 -32.65
N VAL F 122 -36.15 16.14 -32.30
CA VAL F 122 -36.93 16.93 -33.24
C VAL F 122 -36.35 18.34 -33.28
N ASP F 123 -36.24 18.89 -34.48
CA ASP F 123 -35.78 20.26 -34.65
C ASP F 123 -36.98 21.20 -34.77
N GLN F 124 -36.70 22.48 -35.00
CA GLN F 124 -37.75 23.49 -35.02
C GLN F 124 -38.67 23.35 -36.21
N ASN F 125 -38.32 22.53 -37.20
CA ASN F 125 -39.18 22.31 -38.36
C ASN F 125 -39.91 20.97 -38.30
N GLY F 126 -39.75 20.22 -37.21
CA GLY F 126 -40.41 18.94 -37.07
C GLY F 126 -39.64 17.76 -37.63
N GLN F 127 -38.51 17.99 -38.29
CA GLN F 127 -37.73 16.89 -38.85
C GLN F 127 -37.18 16.00 -37.74
N LEU F 128 -37.09 14.72 -38.03
CA LEU F 128 -36.53 13.75 -37.08
C LEU F 128 -35.03 13.70 -37.30
N VAL F 129 -34.29 14.49 -36.52
CA VAL F 129 -32.85 14.63 -36.70
C VAL F 129 -32.16 13.83 -35.62
N THR F 130 -30.84 13.66 -35.79
CA THR F 130 -30.03 13.02 -34.78
C THR F 130 -29.38 14.06 -33.89
N ALA F 131 -28.75 13.62 -32.82
CA ALA F 131 -28.05 14.53 -31.91
C ALA F 131 -26.83 15.09 -32.64
N GLY F 132 -26.92 16.35 -33.05
CA GLY F 132 -25.86 16.99 -33.80
C GLY F 132 -26.40 17.84 -34.93
N GLY F 133 -27.73 17.82 -35.11
CA GLY F 133 -28.39 18.59 -36.13
C GLY F 133 -28.58 17.87 -37.44
N PHE F 134 -27.85 16.78 -37.66
CA PHE F 134 -28.00 16.02 -38.89
C PHE F 134 -29.36 15.34 -38.93
N GLN F 135 -29.99 15.34 -40.10
CA GLN F 135 -31.31 14.73 -40.26
C GLN F 135 -31.20 13.41 -41.02
N VAL F 136 -32.16 12.53 -40.75
CA VAL F 136 -32.18 11.23 -41.38
C VAL F 136 -32.55 11.37 -42.85
N GLN F 137 -32.27 10.34 -43.63
CA GLN F 137 -32.43 10.40 -45.07
C GLN F 137 -33.89 10.36 -45.51
N PRO F 138 -34.73 9.42 -45.01
CA PRO F 138 -36.13 9.40 -45.47
C PRO F 138 -36.90 10.64 -45.09
N ALA F 139 -36.34 11.45 -44.20
CA ALA F 139 -36.90 12.75 -43.81
C ALA F 139 -38.30 12.61 -43.22
N ILE F 140 -38.36 11.95 -42.08
CA ILE F 140 -39.61 11.81 -41.34
C ILE F 140 -39.88 13.11 -40.59
N THR F 141 -41.08 13.66 -40.80
CA THR F 141 -41.48 14.92 -40.18
C THR F 141 -42.59 14.65 -39.18
N ILE F 142 -42.41 15.12 -37.95
CA ILE F 142 -43.36 14.92 -36.87
C ILE F 142 -44.24 16.17 -36.78
N PRO F 143 -45.55 16.05 -36.97
CA PRO F 143 -46.41 17.22 -36.87
C PRO F 143 -46.51 17.71 -35.43
N ALA F 144 -46.88 18.97 -35.28
CA ALA F 144 -47.13 19.52 -33.96
C ALA F 144 -48.39 18.89 -33.38
N ASN F 145 -48.75 19.31 -32.16
CA ASN F 145 -49.89 18.82 -31.40
C ASN F 145 -49.90 17.30 -31.26
N ALA F 146 -48.78 16.64 -31.52
CA ALA F 146 -48.71 15.19 -31.39
C ALA F 146 -48.74 14.79 -29.93
N LEU F 147 -49.39 13.65 -29.66
CA LEU F 147 -49.49 13.15 -28.31
C LEU F 147 -48.40 12.12 -28.00
N SER F 148 -48.19 11.16 -28.91
CA SER F 148 -47.18 10.14 -28.71
C SER F 148 -46.68 9.63 -30.05
N ILE F 149 -45.44 9.18 -30.06
CA ILE F 149 -44.78 8.63 -31.24
C ILE F 149 -44.47 7.17 -30.97
N THR F 150 -44.95 6.28 -31.82
CA THR F 150 -44.76 4.85 -31.67
C THR F 150 -44.00 4.31 -32.87
N ILE F 151 -42.97 3.51 -32.60
CA ILE F 151 -42.19 2.84 -33.63
C ILE F 151 -42.36 1.34 -33.44
N GLY F 152 -42.90 0.67 -34.45
CA GLY F 152 -43.17 -0.74 -34.36
C GLY F 152 -41.90 -1.55 -34.48
N ARG F 153 -42.10 -2.87 -34.54
CA ARG F 153 -40.97 -3.78 -34.70
C ARG F 153 -40.23 -3.50 -36.00
N ASP F 154 -40.98 -3.27 -37.08
CA ASP F 154 -40.41 -2.77 -38.32
C ASP F 154 -40.50 -1.25 -38.32
N GLY F 155 -39.95 -0.63 -39.36
CA GLY F 155 -39.81 0.80 -39.36
C GLY F 155 -41.01 1.60 -39.81
N VAL F 156 -42.16 1.42 -39.17
CA VAL F 156 -43.36 2.19 -39.46
C VAL F 156 -43.59 3.11 -38.26
N VAL F 157 -43.19 4.37 -38.38
CA VAL F 157 -43.36 5.31 -37.28
C VAL F 157 -44.72 5.99 -37.41
N SER F 158 -45.51 5.92 -36.34
CA SER F 158 -46.85 6.48 -36.34
C SER F 158 -47.01 7.43 -35.16
N VAL F 159 -47.97 8.34 -35.28
CA VAL F 159 -48.21 9.37 -34.28
C VAL F 159 -49.67 9.32 -33.86
N THR F 160 -49.90 9.30 -32.55
CA THR F 160 -51.25 9.39 -32.01
C THR F 160 -51.63 10.86 -31.86
N GLN F 161 -52.78 11.22 -32.42
CA GLN F 161 -53.24 12.60 -32.41
C GLN F 161 -54.47 12.75 -31.54
N GLN F 162 -54.73 14.00 -31.13
CA GLN F 162 -55.76 14.26 -30.12
C GLN F 162 -57.15 13.98 -30.65
N GLY F 163 -57.44 14.40 -31.87
CA GLY F 163 -58.79 14.32 -32.38
C GLY F 163 -58.99 13.41 -33.59
N GLN F 164 -58.29 12.28 -33.62
CA GLN F 164 -58.46 11.31 -34.69
C GLN F 164 -58.84 9.92 -34.20
N ALA F 165 -58.59 9.59 -32.94
CA ALA F 165 -58.90 8.29 -32.34
C ALA F 165 -58.20 7.14 -33.04
N ALA F 166 -57.22 7.42 -33.89
CA ALA F 166 -56.49 6.38 -34.60
C ALA F 166 -55.16 6.95 -35.03
N PRO F 167 -54.06 6.20 -34.87
CA PRO F 167 -52.76 6.71 -35.26
C PRO F 167 -52.67 6.93 -36.76
N VAL F 168 -51.88 7.92 -37.14
CA VAL F 168 -51.67 8.28 -38.54
C VAL F 168 -50.25 7.85 -38.92
N GLN F 169 -50.13 7.11 -40.02
CA GLN F 169 -48.84 6.58 -40.45
C GLN F 169 -48.01 7.74 -40.98
N VAL F 170 -47.09 8.23 -40.15
CA VAL F 170 -46.27 9.36 -40.54
C VAL F 170 -45.27 8.96 -41.63
N GLY F 171 -44.60 7.83 -41.44
CA GLY F 171 -43.62 7.45 -42.43
C GLY F 171 -42.96 6.13 -42.12
N GLN F 172 -42.02 5.77 -42.99
CA GLN F 172 -41.27 4.52 -42.93
C GLN F 172 -39.82 4.82 -42.61
N LEU F 173 -39.21 3.97 -41.79
CA LEU F 173 -37.81 4.11 -41.39
C LEU F 173 -37.08 2.82 -41.75
N ASN F 174 -36.44 2.81 -42.91
CA ASN F 174 -35.66 1.66 -43.35
C ASN F 174 -34.23 1.80 -42.86
N LEU F 175 -33.38 0.83 -43.21
CA LEU F 175 -31.95 0.96 -42.92
C LEU F 175 -31.17 0.20 -43.98
N THR F 176 -29.91 0.57 -44.13
CA THR F 176 -29.04 0.04 -45.18
C THR F 176 -28.03 -0.91 -44.58
N THR F 177 -27.79 -2.02 -45.27
CA THR F 177 -26.87 -3.04 -44.83
C THR F 177 -25.69 -3.13 -45.79
N PHE F 178 -24.48 -3.16 -45.24
CA PHE F 178 -23.27 -3.34 -46.02
C PHE F 178 -22.75 -4.75 -45.85
N MET F 179 -22.07 -5.25 -46.88
CA MET F 179 -21.49 -6.58 -46.82
C MET F 179 -20.04 -6.58 -46.39
N ASN F 180 -19.48 -5.41 -46.07
CA ASN F 180 -18.11 -5.29 -45.58
C ASN F 180 -18.07 -4.33 -44.40
N ASP F 181 -18.93 -4.59 -43.40
CA ASP F 181 -19.12 -3.63 -42.31
C ASP F 181 -17.81 -3.22 -41.65
N THR F 182 -16.81 -4.09 -41.62
CA THR F 182 -15.51 -3.70 -41.10
C THR F 182 -14.78 -2.74 -42.02
N GLY F 183 -15.18 -2.65 -43.28
CA GLY F 183 -14.49 -1.79 -44.22
C GLY F 183 -14.92 -0.35 -44.24
N LEU F 184 -15.98 0.01 -43.55
CA LEU F 184 -16.46 1.39 -43.56
C LEU F 184 -15.42 2.33 -42.95
N GLU F 185 -15.22 3.47 -43.58
CA GLU F 185 -14.31 4.48 -43.07
C GLU F 185 -15.05 5.38 -42.09
N SER F 186 -14.58 5.40 -40.86
CA SER F 186 -15.25 6.16 -39.80
C SER F 186 -14.70 7.59 -39.77
N ILE F 187 -15.60 8.53 -39.52
CA ILE F 187 -15.22 9.91 -39.25
C ILE F 187 -15.74 10.28 -37.87
N GLY F 188 -15.57 11.53 -37.47
CA GLY F 188 -16.00 11.94 -36.16
C GLY F 188 -17.51 11.92 -36.01
N GLU F 189 -17.94 11.97 -34.74
CA GLU F 189 -19.36 12.09 -34.38
C GLU F 189 -20.16 10.86 -34.81
N ASN F 190 -19.59 9.67 -34.63
CA ASN F 190 -20.30 8.41 -34.81
C ASN F 190 -20.92 8.30 -36.20
N LEU F 191 -20.15 8.66 -37.21
CA LEU F 191 -20.60 8.54 -38.59
C LEU F 191 -19.59 7.75 -39.41
N TYR F 192 -20.10 6.99 -40.38
CA TYR F 192 -19.27 6.24 -41.30
C TYR F 192 -19.61 6.68 -42.72
N ILE F 193 -18.60 6.80 -43.56
CA ILE F 193 -18.80 7.15 -44.96
C ILE F 193 -18.53 5.92 -45.81
N GLU F 194 -19.41 5.69 -46.78
CA GLU F 194 -19.22 4.58 -47.70
C GLU F 194 -17.92 4.75 -48.46
N THR F 195 -17.11 3.68 -48.48
CA THR F 195 -15.84 3.74 -49.18
C THR F 195 -15.74 2.58 -50.17
N GLN F 196 -14.59 2.43 -50.82
CA GLN F 196 -14.45 1.41 -51.85
C GLN F 196 -14.43 0.01 -51.26
N SER F 197 -13.75 -0.18 -50.12
CA SER F 197 -13.66 -1.51 -49.52
C SER F 197 -15.03 -2.02 -49.11
N SER F 198 -15.85 -1.15 -48.52
CA SER F 198 -17.22 -1.51 -48.19
C SER F 198 -18.07 -1.55 -49.45
N GLY F 199 -18.99 -2.49 -49.49
CA GLY F 199 -19.82 -2.65 -50.68
C GLY F 199 -20.79 -1.51 -50.85
N ALA F 200 -21.55 -1.59 -51.93
CA ALA F 200 -22.60 -0.61 -52.16
C ALA F 200 -23.76 -0.86 -51.20
N PRO F 201 -24.27 0.17 -50.55
CA PRO F 201 -25.42 -0.02 -49.66
C PRO F 201 -26.68 -0.37 -50.43
N ASN F 202 -27.56 -1.13 -49.77
CA ASN F 202 -28.87 -1.49 -50.33
C ASN F 202 -29.90 -1.36 -49.22
N GLU F 203 -30.64 -0.26 -49.23
CA GLU F 203 -31.60 0.01 -48.17
C GLU F 203 -32.73 -1.01 -48.20
N SER F 204 -33.17 -1.42 -47.02
CA SER F 204 -34.26 -2.37 -46.88
C SER F 204 -34.99 -2.12 -45.57
N THR F 205 -36.21 -2.62 -45.50
CA THR F 205 -36.98 -2.53 -44.27
C THR F 205 -36.36 -3.44 -43.21
N PRO F 206 -36.43 -3.02 -41.94
CA PRO F 206 -35.89 -3.87 -40.87
C PRO F 206 -36.61 -5.20 -40.81
N GLY F 207 -35.87 -6.24 -40.46
CA GLY F 207 -36.42 -7.57 -40.33
C GLY F 207 -36.43 -8.40 -41.59
N LEU F 208 -36.04 -7.84 -42.73
CA LEU F 208 -36.01 -8.55 -43.98
C LEU F 208 -34.63 -8.44 -44.60
N ASN F 209 -34.26 -9.46 -45.38
CA ASN F 209 -32.99 -9.48 -46.10
C ASN F 209 -31.81 -9.33 -45.14
N GLY F 210 -31.89 -10.01 -44.00
CA GLY F 210 -30.81 -10.02 -43.03
C GLY F 210 -30.69 -8.78 -42.18
N ALA F 211 -31.60 -7.82 -42.33
CA ALA F 211 -31.52 -6.60 -41.54
C ALA F 211 -31.92 -6.88 -40.09
N GLY F 212 -31.63 -5.91 -39.23
CA GLY F 212 -31.94 -6.01 -37.82
C GLY F 212 -33.39 -5.66 -37.52
N LEU F 213 -33.70 -5.63 -36.23
CA LEU F 213 -35.01 -5.27 -35.74
C LEU F 213 -34.91 -4.03 -34.86
N LEU F 214 -35.89 -3.15 -34.98
CA LEU F 214 -35.91 -1.90 -34.24
C LEU F 214 -36.65 -2.08 -32.92
N TYR F 215 -36.10 -1.48 -31.86
CA TYR F 215 -36.74 -1.45 -30.56
C TYR F 215 -36.76 -0.02 -30.05
N GLN F 216 -37.94 0.43 -29.63
CA GLN F 216 -38.09 1.79 -29.13
C GLN F 216 -37.87 1.81 -27.63
N GLY F 217 -37.19 2.86 -27.16
CA GLY F 217 -36.87 2.97 -25.76
C GLY F 217 -35.63 2.23 -25.34
N TYR F 218 -34.86 1.69 -26.29
CA TYR F 218 -33.62 1.01 -26.00
C TYR F 218 -32.46 1.75 -26.64
N VAL F 219 -31.28 1.57 -26.07
CA VAL F 219 -30.04 2.11 -26.62
C VAL F 219 -28.97 1.03 -26.57
N GLU F 220 -28.15 0.97 -27.61
CA GLU F 220 -27.08 -0.04 -27.69
C GLU F 220 -25.81 0.56 -27.12
N THR F 221 -25.31 -0.01 -26.04
CA THR F 221 -24.07 0.45 -25.44
C THR F 221 -22.87 -0.10 -26.22
N SER F 222 -21.71 0.49 -25.94
CA SER F 222 -20.49 0.08 -26.63
C SER F 222 -20.13 -1.36 -26.25
N ASN F 223 -19.57 -2.08 -27.21
CA ASN F 223 -19.12 -3.45 -26.95
C ASN F 223 -17.67 -3.49 -26.48
N VAL F 224 -17.37 -2.71 -25.45
CA VAL F 224 -16.02 -2.64 -24.89
C VAL F 224 -15.99 -3.49 -23.63
N ASN F 225 -15.10 -4.48 -23.63
CA ASN F 225 -14.92 -5.35 -22.48
C ASN F 225 -13.86 -4.74 -21.58
N VAL F 226 -14.29 -4.19 -20.45
CA VAL F 226 -13.36 -3.49 -19.56
C VAL F 226 -12.36 -4.46 -18.95
N ALA F 227 -12.82 -5.64 -18.50
CA ALA F 227 -11.97 -6.56 -17.75
C ALA F 227 -10.79 -7.08 -18.54
N GLU F 228 -10.83 -6.99 -19.88
CA GLU F 228 -9.71 -7.44 -20.71
C GLU F 228 -8.71 -6.34 -21.00
N GLU F 229 -9.13 -5.08 -20.95
CA GLU F 229 -8.23 -3.98 -21.24
C GLU F 229 -7.12 -3.85 -20.19
N LEU F 230 -7.41 -4.20 -18.94
CA LEU F 230 -6.36 -4.16 -17.92
C LEU F 230 -5.25 -5.15 -18.23
N VAL F 231 -5.63 -6.38 -18.60
CA VAL F 231 -4.64 -7.38 -18.96
C VAL F 231 -3.87 -6.95 -20.20
N ASN F 232 -4.58 -6.39 -21.18
CA ASN F 232 -3.88 -5.90 -22.37
C ASN F 232 -2.89 -4.80 -22.02
N MET F 233 -3.25 -3.90 -21.12
CA MET F 233 -2.33 -2.84 -20.73
C MET F 233 -1.11 -3.40 -20.04
N ILE F 234 -1.29 -4.41 -19.17
CA ILE F 234 -0.14 -5.04 -18.52
C ILE F 234 0.79 -5.64 -19.57
N GLN F 235 0.23 -6.37 -20.53
CA GLN F 235 1.03 -6.99 -21.57
C GLN F 235 1.78 -5.94 -22.38
N VAL F 236 1.09 -4.86 -22.77
CA VAL F 236 1.71 -3.82 -23.58
C VAL F 236 2.84 -3.15 -22.83
N GLN F 237 2.63 -2.85 -21.54
CA GLN F 237 3.69 -2.21 -20.77
C GLN F 237 4.91 -3.12 -20.66
N ARG F 238 4.70 -4.41 -20.43
CA ARG F 238 5.84 -5.32 -20.35
C ARG F 238 6.60 -5.38 -21.67
N ALA F 239 5.87 -5.47 -22.79
CA ALA F 239 6.54 -5.53 -24.08
C ALA F 239 7.34 -4.25 -24.36
N TYR F 240 6.76 -3.09 -24.01
CA TYR F 240 7.45 -1.83 -24.22
C TYR F 240 8.73 -1.77 -23.39
N GLU F 241 8.66 -2.22 -22.12
CA GLU F 241 9.85 -2.22 -21.29
C GLU F 241 10.92 -3.14 -21.84
N ILE F 242 10.52 -4.31 -22.36
CA ILE F 242 11.49 -5.25 -22.92
C ILE F 242 12.19 -4.62 -24.12
N ASN F 243 11.44 -3.97 -25.00
CA ASN F 243 12.06 -3.36 -26.18
C ASN F 243 12.96 -2.20 -25.79
N SER F 244 12.57 -1.43 -24.79
CA SER F 244 13.45 -0.37 -24.30
C SER F 244 14.75 -0.96 -23.75
N LYS F 245 14.66 -2.09 -23.08
CA LYS F 245 15.86 -2.78 -22.60
C LYS F 245 16.74 -3.19 -23.78
N ALA F 246 16.12 -3.65 -24.87
CA ALA F 246 16.90 -3.99 -26.06
C ALA F 246 17.63 -2.77 -26.62
N VAL F 247 16.95 -1.63 -26.67
CA VAL F 247 17.60 -0.41 -27.15
C VAL F 247 18.78 -0.05 -26.27
N SER F 248 18.60 -0.12 -24.95
CA SER F 248 19.67 0.21 -24.03
C SER F 248 20.86 -0.73 -24.19
N THR F 249 20.59 -2.02 -24.39
CA THR F 249 21.67 -2.98 -24.59
C THR F 249 22.44 -2.66 -25.86
N THR F 250 21.73 -2.34 -26.95
CA THR F 250 22.41 -1.97 -28.19
C THR F 250 23.27 -0.73 -27.98
N ASP F 251 22.74 0.27 -27.27
CA ASP F 251 23.49 1.50 -27.05
C ASP F 251 24.76 1.24 -26.25
N GLN F 252 24.66 0.45 -25.18
CA GLN F 252 25.84 0.15 -24.38
C GLN F 252 26.86 -0.64 -25.17
N MET F 253 26.40 -1.58 -26.00
CA MET F 253 27.30 -2.34 -26.85
C MET F 253 28.05 -1.42 -27.81
N LEU F 254 27.32 -0.49 -28.43
CA LEU F 254 27.96 0.45 -29.35
C LEU F 254 28.94 1.36 -28.63
N GLN F 255 28.59 1.81 -27.43
CA GLN F 255 29.49 2.65 -26.66
C GLN F 255 30.78 1.92 -26.32
N LYS F 256 30.67 0.66 -25.89
CA LYS F 256 31.87 -0.13 -25.65
C LYS F 256 32.66 -0.33 -26.92
N LEU F 257 31.99 -0.38 -28.08
CA LEU F 257 32.71 -0.44 -29.34
C LEU F 257 33.52 0.82 -29.59
N THR F 258 32.93 1.99 -29.33
CA THR F 258 33.59 3.24 -29.70
C THR F 258 34.50 3.81 -28.62
N GLN F 259 34.58 3.17 -27.45
CA GLN F 259 35.46 3.68 -26.39
C GLN F 259 36.91 3.28 -26.59
N LEU F 260 37.20 2.30 -27.44
CA LEU F 260 38.57 1.85 -27.64
C LEU F 260 39.36 2.86 -28.45
N MET G 1 27.41 26.38 -25.56
CA MET G 1 27.39 27.54 -26.43
C MET G 1 26.97 27.15 -27.86
N ILE G 2 26.19 26.08 -27.96
CA ILE G 2 25.67 25.63 -29.24
C ILE G 2 24.18 25.92 -29.28
N SER G 3 23.64 25.99 -30.49
CA SER G 3 22.25 26.39 -30.67
C SER G 3 21.29 25.43 -29.96
N SER G 4 21.58 24.13 -30.02
CA SER G 4 20.71 23.15 -29.38
C SER G 4 20.61 23.42 -27.88
N LEU G 5 21.71 23.84 -27.27
CA LEU G 5 21.71 24.12 -25.84
C LEU G 5 20.76 25.27 -25.51
N TRP G 6 20.80 26.34 -26.31
CA TRP G 6 19.91 27.47 -26.06
C TRP G 6 18.45 27.10 -26.30
N ILE G 7 18.20 26.29 -27.33
CA ILE G 7 16.84 25.83 -27.60
C ILE G 7 16.31 25.04 -26.41
N ALA G 8 17.12 24.12 -25.90
CA ALA G 8 16.69 23.33 -24.75
C ALA G 8 16.50 24.20 -23.51
N LYS G 9 17.34 25.24 -23.36
CA LYS G 9 17.15 26.15 -22.24
C LYS G 9 15.81 26.87 -22.32
N THR G 10 15.44 27.33 -23.51
CA THR G 10 14.14 27.96 -23.66
C THR G 10 13.01 26.99 -23.37
N GLY G 11 13.14 25.74 -23.82
CA GLY G 11 12.13 24.75 -23.50
C GLY G 11 11.99 24.51 -22.00
N LEU G 12 13.11 24.44 -21.30
CA LEU G 12 13.07 24.29 -19.85
C LEU G 12 12.37 25.47 -19.20
N ASP G 13 12.68 26.68 -19.65
CA ASP G 13 12.04 27.85 -19.07
C ASP G 13 10.53 27.84 -19.30
N ALA G 14 10.10 27.44 -20.50
CA ALA G 14 8.67 27.36 -20.78
C ALA G 14 7.99 26.35 -19.87
N GLN G 15 8.60 25.18 -19.69
CA GLN G 15 8.01 24.18 -18.80
C GLN G 15 7.96 24.69 -17.36
N GLN G 16 8.98 25.44 -16.94
CA GLN G 16 8.98 25.98 -15.58
C GLN G 16 7.84 26.97 -15.40
N THR G 17 7.60 27.84 -16.39
CA THR G 17 6.48 28.77 -16.28
C THR G 17 5.14 28.03 -16.24
N ASN G 18 5.03 26.98 -17.05
CA ASN G 18 3.81 26.17 -17.00
C ASN G 18 3.59 25.58 -15.62
N MET G 19 4.63 25.03 -15.02
CA MET G 19 4.52 24.49 -13.67
C MET G 19 4.16 25.59 -12.67
N ASP G 20 4.70 26.79 -12.89
CA ASP G 20 4.39 27.90 -12.00
C ASP G 20 2.91 28.25 -12.03
N VAL G 21 2.32 28.32 -13.22
CA VAL G 21 0.89 28.65 -13.28
C VAL G 21 0.06 27.51 -12.73
N ILE G 22 0.49 26.25 -12.92
CA ILE G 22 -0.24 25.13 -12.34
C ILE G 22 -0.23 25.22 -10.81
N ALA G 23 0.94 25.50 -10.23
CA ALA G 23 1.04 25.59 -8.78
C ALA G 23 0.24 26.78 -8.26
N ASN G 24 0.23 27.89 -8.99
CA ASN G 24 -0.57 29.04 -8.59
C ASN G 24 -2.05 28.71 -8.58
N ASN G 25 -2.53 28.00 -9.61
CA ASN G 25 -3.94 27.60 -9.62
C ASN G 25 -4.25 26.66 -8.47
N LEU G 26 -3.35 25.72 -8.17
CA LEU G 26 -3.62 24.80 -7.07
C LEU G 26 -3.58 25.49 -5.72
N ALA G 27 -2.74 26.51 -5.56
CA ALA G 27 -2.56 27.14 -4.26
C ALA G 27 -3.85 27.80 -3.79
N ASN G 28 -4.44 28.66 -4.60
CA ASN G 28 -5.67 29.34 -4.23
C ASN G 28 -6.89 28.66 -4.85
N VAL G 29 -7.04 27.37 -4.53
CA VAL G 29 -8.22 26.64 -4.95
C VAL G 29 -9.42 26.99 -4.08
N SER G 30 -9.20 27.56 -2.90
CA SER G 30 -10.27 27.91 -1.97
C SER G 30 -10.33 29.42 -1.76
N THR G 31 -10.15 30.18 -2.83
CA THR G 31 -10.23 31.63 -2.79
C THR G 31 -11.50 32.06 -3.53
N ASN G 32 -12.37 32.79 -2.83
CA ASN G 32 -13.64 33.16 -3.41
C ASN G 32 -13.44 34.14 -4.57
N GLY G 33 -14.20 33.93 -5.63
CA GLY G 33 -14.13 34.78 -6.80
C GLY G 33 -12.78 34.76 -7.50
N PHE G 34 -12.21 33.56 -7.67
CA PHE G 34 -10.93 33.40 -8.34
C PHE G 34 -11.14 32.72 -9.69
N LYS G 35 -10.35 33.13 -10.67
CA LYS G 35 -10.40 32.59 -12.02
C LYS G 35 -9.08 31.92 -12.35
N ARG G 36 -9.15 30.74 -12.96
CA ARG G 36 -7.94 30.01 -13.27
C ARG G 36 -7.17 30.69 -14.40
N GLN G 37 -5.94 30.23 -14.61
CA GLN G 37 -5.08 30.76 -15.65
C GLN G 37 -4.56 29.65 -16.53
N ARG G 38 -4.28 29.99 -17.79
CA ARG G 38 -3.64 29.07 -18.73
C ARG G 38 -2.67 29.85 -19.59
N ALA G 39 -1.45 29.34 -19.71
CA ALA G 39 -0.42 29.99 -20.49
C ALA G 39 -0.47 29.55 -21.94
N VAL G 40 -0.13 30.46 -22.84
CA VAL G 40 -0.06 30.17 -24.28
C VAL G 40 1.35 30.46 -24.76
N PHE G 41 1.92 29.53 -25.51
CA PHE G 41 3.29 29.63 -25.99
C PHE G 41 3.31 29.83 -27.49
N GLU G 42 4.39 30.45 -27.98
CA GLU G 42 4.65 30.54 -29.40
C GLU G 42 6.12 30.31 -29.65
N ASP G 43 6.46 29.87 -30.85
CA ASP G 43 7.84 29.60 -31.19
C ASP G 43 8.57 30.88 -31.58
N LEU G 44 9.87 30.90 -31.32
CA LEU G 44 10.69 32.07 -31.58
C LEU G 44 11.02 32.16 -33.07
N LEU G 45 11.96 33.05 -33.41
CA LEU G 45 12.30 33.29 -34.80
C LEU G 45 12.95 32.06 -35.42
N TYR G 46 12.81 31.95 -36.74
CA TYR G 46 13.41 30.88 -37.52
C TYR G 46 14.49 31.47 -38.40
N GLN G 47 15.69 30.89 -38.35
CA GLN G 47 16.78 31.33 -39.20
C GLN G 47 16.84 30.46 -40.45
N THR G 48 16.86 31.11 -41.62
CA THR G 48 16.73 30.44 -42.90
C THR G 48 18.10 30.30 -43.55
N ILE G 49 18.54 29.07 -43.77
CA ILE G 49 19.78 28.83 -44.49
C ILE G 49 19.55 28.87 -45.99
N ARG G 50 18.54 28.14 -46.47
CA ARG G 50 18.13 28.17 -47.86
C ARG G 50 16.69 28.67 -47.92
N GLN G 51 16.47 29.71 -48.70
CA GLN G 51 15.16 30.36 -48.72
C GLN G 51 14.11 29.43 -49.33
N PRO G 52 13.00 29.18 -48.64
CA PRO G 52 11.92 28.41 -49.27
C PRO G 52 11.42 29.10 -50.53
N GLY G 53 11.13 28.32 -51.55
CA GLY G 53 10.71 28.89 -52.81
C GLY G 53 11.78 29.62 -53.57
N ALA G 54 13.05 29.34 -53.27
CA ALA G 54 14.14 29.99 -53.97
C ALA G 54 14.18 29.55 -55.42
N GLN G 55 14.59 30.46 -56.30
CA GLN G 55 14.71 30.18 -57.73
C GLN G 55 15.98 29.35 -57.91
N SER G 56 15.84 28.03 -57.73
CA SER G 56 16.99 27.14 -57.81
C SER G 56 17.63 27.18 -59.20
N SER G 57 16.81 27.17 -60.24
CA SER G 57 17.29 27.26 -61.61
C SER G 57 16.28 28.08 -62.40
N GLU G 58 16.41 28.08 -63.72
CA GLU G 58 15.47 28.82 -64.56
C GLU G 58 14.08 28.21 -64.54
N GLN G 59 13.95 26.95 -64.12
CA GLN G 59 12.64 26.32 -64.05
C GLN G 59 12.34 25.74 -62.68
N THR G 60 13.33 25.19 -61.99
CA THR G 60 13.08 24.52 -60.71
C THR G 60 13.10 25.51 -59.57
N THR G 61 12.22 25.29 -58.60
CA THR G 61 12.19 26.07 -57.36
C THR G 61 12.25 25.11 -56.19
N LEU G 62 12.82 25.54 -55.08
CA LEU G 62 12.93 24.69 -53.91
C LEU G 62 11.55 24.38 -53.35
N PRO G 63 11.15 23.10 -53.23
CA PRO G 63 9.86 22.80 -52.62
C PRO G 63 9.75 23.29 -51.19
N SER G 64 10.83 23.25 -50.43
CA SER G 64 10.85 23.75 -49.06
C SER G 64 12.29 23.95 -48.64
N GLY G 65 12.62 25.18 -48.26
CA GLY G 65 13.98 25.52 -47.89
C GLY G 65 14.34 24.99 -46.53
N LEU G 66 15.57 25.30 -46.12
CA LEU G 66 16.12 24.85 -44.85
C LEU G 66 15.97 25.96 -43.83
N GLN G 67 15.29 25.67 -42.73
CA GLN G 67 15.11 26.64 -41.65
C GLN G 67 15.30 25.95 -40.32
N ILE G 68 15.94 26.65 -39.38
CA ILE G 68 16.24 26.13 -38.07
C ILE G 68 15.53 27.00 -37.03
N GLY G 69 14.85 26.36 -36.09
CA GLY G 69 14.19 27.10 -35.04
C GLY G 69 15.15 27.57 -33.98
N THR G 70 14.62 28.39 -33.07
CA THR G 70 15.40 28.94 -31.98
C THR G 70 14.87 28.58 -30.60
N GLY G 71 13.58 28.30 -30.48
CA GLY G 71 13.02 27.91 -29.21
C GLY G 71 11.56 28.31 -29.14
N VAL G 72 11.05 28.35 -27.92
CA VAL G 72 9.65 28.67 -27.65
C VAL G 72 9.60 29.67 -26.51
N ARG G 73 8.71 30.65 -26.61
CA ARG G 73 8.54 31.62 -25.55
C ARG G 73 7.07 31.73 -25.17
N PRO G 74 6.77 31.95 -23.90
CA PRO G 74 5.38 32.23 -23.52
C PRO G 74 4.93 33.57 -24.07
N VAL G 75 3.65 33.65 -24.41
CA VAL G 75 3.08 34.85 -25.00
C VAL G 75 2.16 35.57 -24.01
N ALA G 76 1.23 34.84 -23.41
CA ALA G 76 0.24 35.44 -22.54
C ALA G 76 -0.28 34.37 -21.58
N THR G 77 -0.98 34.83 -20.55
CA THR G 77 -1.65 33.95 -19.59
C THR G 77 -3.10 34.41 -19.51
N GLU G 78 -3.99 33.63 -20.10
CA GLU G 78 -5.40 33.97 -20.13
C GLU G 78 -6.11 33.47 -18.88
N ARG G 79 -6.99 34.30 -18.33
CA ARG G 79 -7.86 33.91 -17.24
C ARG G 79 -9.21 33.52 -17.81
N LEU G 80 -9.63 32.28 -17.55
CA LEU G 80 -10.89 31.78 -18.06
C LEU G 80 -12.01 32.37 -17.21
N HIS G 81 -12.57 33.48 -17.67
CA HIS G 81 -13.61 34.19 -16.93
C HIS G 81 -14.95 33.46 -17.03
N SER G 82 -14.97 32.25 -16.50
CA SER G 82 -16.17 31.43 -16.46
C SER G 82 -16.95 31.76 -15.19
N GLN G 83 -17.98 30.96 -14.90
CA GLN G 83 -18.81 31.16 -13.72
C GLN G 83 -18.46 30.11 -12.68
N GLY G 84 -18.06 30.55 -11.50
CA GLY G 84 -17.75 29.62 -10.43
C GLY G 84 -19.01 29.06 -9.79
N ASN G 85 -18.85 27.91 -9.15
CA ASN G 85 -19.97 27.28 -8.45
C ASN G 85 -20.35 28.11 -7.23
N LEU G 86 -21.65 28.28 -7.00
CA LEU G 86 -22.13 29.04 -5.87
C LEU G 86 -22.33 28.13 -4.67
N SER G 87 -21.79 28.55 -3.52
CA SER G 87 -22.01 27.86 -2.26
C SER G 87 -23.03 28.63 -1.44
N GLN G 88 -23.35 28.10 -0.27
CA GLN G 88 -24.29 28.76 0.63
C GLN G 88 -23.66 28.92 2.00
N THR G 89 -23.75 30.13 2.53
CA THR G 89 -23.19 30.45 3.84
C THR G 89 -24.19 31.06 4.81
N ASN G 90 -25.36 31.48 4.32
CA ASN G 90 -26.40 32.09 5.16
C ASN G 90 -25.85 33.28 5.94
N ASN G 91 -25.14 34.14 5.22
CA ASN G 91 -24.66 35.39 5.76
C ASN G 91 -25.36 36.54 5.04
N SER G 92 -25.97 37.42 5.83
CA SER G 92 -26.77 38.50 5.25
C SER G 92 -25.90 39.48 4.48
N LYS G 93 -24.59 39.48 4.73
CA LYS G 93 -23.69 40.40 4.07
C LYS G 93 -22.96 39.79 2.88
N ASP G 94 -22.82 38.46 2.82
CA ASP G 94 -22.15 37.84 1.69
C ASP G 94 -23.07 37.84 0.47
N VAL G 95 -22.57 38.38 -0.64
CA VAL G 95 -23.35 38.49 -1.87
C VAL G 95 -22.54 37.86 -3.00
N ALA G 96 -23.16 36.94 -3.72
CA ALA G 96 -22.57 36.33 -4.90
C ALA G 96 -23.21 36.93 -6.15
N ILE G 97 -22.45 36.93 -7.24
CA ILE G 97 -22.92 37.49 -8.50
C ILE G 97 -22.93 36.40 -9.55
N LYS G 98 -24.08 36.20 -10.19
CA LYS G 98 -24.28 35.18 -11.19
C LYS G 98 -24.44 35.83 -12.55
N GLY G 99 -23.48 35.60 -13.44
CA GLY G 99 -23.49 36.21 -14.76
C GLY G 99 -22.19 36.89 -15.10
N GLN G 100 -22.23 38.19 -15.33
CA GLN G 100 -21.04 38.98 -15.66
C GLN G 100 -21.02 40.24 -14.80
N GLY G 101 -19.93 40.99 -14.91
CA GLY G 101 -19.79 42.26 -14.21
C GLY G 101 -18.98 42.14 -12.95
N PHE G 102 -18.57 43.31 -12.44
CA PHE G 102 -17.73 43.39 -11.26
C PHE G 102 -18.22 44.51 -10.37
N PHE G 103 -17.99 44.36 -9.07
CA PHE G 103 -18.23 45.46 -8.14
C PHE G 103 -17.10 46.48 -8.24
N GLN G 104 -17.45 47.74 -8.03
CA GLN G 104 -16.48 48.83 -8.13
C GLN G 104 -16.15 49.35 -6.73
N VAL G 105 -14.86 49.50 -6.45
CA VAL G 105 -14.40 50.00 -5.16
C VAL G 105 -13.37 51.10 -5.42
N MET G 106 -13.11 51.89 -4.39
CA MET G 106 -12.11 52.95 -4.45
C MET G 106 -10.87 52.53 -3.69
N LEU G 107 -9.73 52.56 -4.36
CA LEU G 107 -8.46 52.34 -3.70
C LEU G 107 -8.13 53.55 -2.82
N PRO G 108 -7.26 53.37 -1.83
CA PRO G 108 -6.93 54.51 -0.96
C PRO G 108 -6.35 55.70 -1.70
N ASP G 109 -5.62 55.48 -2.78
CA ASP G 109 -5.07 56.60 -3.54
C ASP G 109 -6.14 57.39 -4.28
N GLY G 110 -7.34 56.84 -4.43
CA GLY G 110 -8.45 57.53 -5.06
C GLY G 110 -8.89 56.94 -6.38
N THR G 111 -8.05 56.15 -7.04
CA THR G 111 -8.45 55.53 -8.30
C THR G 111 -9.44 54.40 -8.04
N SER G 112 -10.06 53.93 -9.11
CA SER G 112 -11.11 52.92 -9.04
C SER G 112 -10.55 51.56 -9.39
N ALA G 113 -10.95 50.55 -8.62
CA ALA G 113 -10.60 49.17 -8.88
C ALA G 113 -11.88 48.35 -8.94
N TYR G 114 -11.78 47.15 -9.48
CA TYR G 114 -12.95 46.30 -9.66
C TYR G 114 -12.65 44.92 -9.10
N THR G 115 -13.69 44.29 -8.55
CA THR G 115 -13.53 43.00 -7.90
C THR G 115 -14.71 42.10 -8.23
N ARG G 116 -14.47 40.80 -8.13
CA ARG G 116 -15.51 39.79 -8.32
C ARG G 116 -15.93 39.11 -7.04
N ASP G 117 -15.06 39.07 -6.03
CA ASP G 117 -15.37 38.41 -4.76
C ASP G 117 -16.30 39.28 -3.94
N GLY G 118 -17.53 38.83 -3.76
CA GLY G 118 -18.47 39.54 -2.93
C GLY G 118 -18.59 38.95 -1.54
N SER G 119 -17.88 39.54 -0.57
CA SER G 119 -18.04 39.17 0.83
C SER G 119 -17.74 40.43 1.63
N PHE G 120 -18.78 41.18 1.95
CA PHE G 120 -18.63 42.51 2.48
C PHE G 120 -18.70 42.52 4.00
N GLN G 121 -18.18 43.59 4.58
CA GLN G 121 -18.31 43.86 6.00
C GLN G 121 -18.77 45.30 6.16
N VAL G 122 -18.83 45.75 7.41
CA VAL G 122 -19.24 47.11 7.72
C VAL G 122 -18.16 47.72 8.61
N ASP G 123 -17.69 48.91 8.26
CA ASP G 123 -16.68 49.59 9.04
C ASP G 123 -17.34 50.18 10.29
N GLN G 124 -16.53 50.78 11.16
CA GLN G 124 -17.09 51.38 12.38
C GLN G 124 -18.01 52.54 12.06
N ASN G 125 -17.80 53.19 10.91
CA ASN G 125 -18.63 54.31 10.51
C ASN G 125 -19.90 53.89 9.77
N GLY G 126 -20.04 52.62 9.42
CA GLY G 126 -21.26 52.12 8.82
C GLY G 126 -21.26 52.00 7.32
N GLN G 127 -20.14 52.27 6.65
CA GLN G 127 -20.09 52.17 5.19
C GLN G 127 -19.78 50.74 4.79
N LEU G 128 -20.44 50.28 3.73
CA LEU G 128 -20.22 48.93 3.24
C LEU G 128 -18.85 48.84 2.61
N VAL G 129 -17.98 48.02 3.17
CA VAL G 129 -16.61 47.87 2.69
C VAL G 129 -16.34 46.39 2.43
N THR G 130 -15.40 46.14 1.52
CA THR G 130 -14.96 44.79 1.25
C THR G 130 -13.92 44.38 2.28
N ALA G 131 -13.47 43.12 2.20
CA ALA G 131 -12.45 42.64 3.11
C ALA G 131 -11.10 43.26 2.78
N GLY G 132 -10.75 44.33 3.46
CA GLY G 132 -9.54 45.06 3.15
C GLY G 132 -9.68 46.55 3.36
N GLY G 133 -10.90 47.00 3.62
CA GLY G 133 -11.16 48.38 3.93
C GLY G 133 -11.64 49.22 2.77
N PHE G 134 -11.49 48.73 1.54
CA PHE G 134 -11.95 49.48 0.38
C PHE G 134 -13.47 49.57 0.39
N GLN G 135 -14.00 50.76 0.12
CA GLN G 135 -15.43 50.98 0.15
C GLN G 135 -16.01 50.92 -1.26
N VAL G 136 -17.24 50.42 -1.35
CA VAL G 136 -17.90 50.34 -2.65
C VAL G 136 -18.22 51.75 -3.14
N GLN G 137 -18.18 51.91 -4.47
CA GLN G 137 -18.29 53.25 -5.06
C GLN G 137 -19.59 53.96 -4.73
N PRO G 138 -20.77 53.34 -4.85
CA PRO G 138 -22.00 54.06 -4.49
C PRO G 138 -22.06 54.50 -3.03
N ALA G 139 -21.12 54.07 -2.20
CA ALA G 139 -21.00 54.52 -0.82
C ALA G 139 -22.27 54.22 -0.03
N ILE G 140 -22.60 52.93 0.03
CA ILE G 140 -23.75 52.47 0.78
C ILE G 140 -23.42 52.51 2.26
N THR G 141 -24.26 53.18 3.04
CA THR G 141 -24.07 53.29 4.48
C THR G 141 -25.18 52.55 5.20
N ILE G 142 -24.81 51.60 6.05
CA ILE G 142 -25.76 50.83 6.84
C ILE G 142 -26.05 51.63 8.12
N PRO G 143 -27.28 52.05 8.35
CA PRO G 143 -27.57 52.89 9.52
C PRO G 143 -27.54 52.07 10.80
N ALA G 144 -27.54 52.80 11.91
CA ALA G 144 -27.69 52.16 13.21
C ALA G 144 -29.10 51.59 13.33
N ASN G 145 -29.35 50.90 14.45
CA ASN G 145 -30.63 50.24 14.73
C ASN G 145 -31.17 49.52 13.50
N ALA G 146 -30.27 48.83 12.80
CA ALA G 146 -30.61 48.09 11.59
C ALA G 146 -30.78 46.62 11.97
N LEU G 147 -32.02 46.15 11.96
CA LEU G 147 -32.28 44.78 12.38
C LEU G 147 -31.68 43.77 11.42
N SER G 148 -31.92 43.94 10.12
CA SER G 148 -31.39 43.01 9.13
C SER G 148 -31.39 43.70 7.77
N ILE G 149 -30.30 43.53 7.03
CA ILE G 149 -30.16 44.09 5.70
C ILE G 149 -30.63 43.06 4.68
N THR G 150 -31.35 43.52 3.67
CA THR G 150 -31.86 42.65 2.62
C THR G 150 -31.47 43.22 1.27
N ILE G 151 -30.90 42.37 0.42
CA ILE G 151 -30.45 42.77 -0.91
C ILE G 151 -31.26 41.97 -1.92
N GLY G 152 -31.96 42.67 -2.80
CA GLY G 152 -32.82 42.03 -3.76
C GLY G 152 -32.02 41.37 -4.87
N ARG G 153 -32.77 40.81 -5.83
CA ARG G 153 -32.12 40.17 -6.97
C ARG G 153 -31.33 41.18 -7.78
N ASP G 154 -31.91 42.36 -8.00
CA ASP G 154 -31.18 43.45 -8.62
C ASP G 154 -30.40 44.20 -7.54
N GLY G 155 -29.86 45.36 -7.88
CA GLY G 155 -28.89 46.00 -7.01
C GLY G 155 -29.42 46.79 -5.84
N VAL G 156 -30.74 46.82 -5.64
CA VAL G 156 -31.31 47.62 -4.55
C VAL G 156 -31.01 46.94 -3.22
N VAL G 157 -30.57 47.72 -2.24
CA VAL G 157 -30.32 47.22 -0.89
C VAL G 157 -31.20 47.99 0.07
N SER G 158 -31.95 47.26 0.89
CA SER G 158 -32.84 47.84 1.89
C SER G 158 -32.49 47.27 3.26
N VAL G 159 -33.07 47.87 4.29
CA VAL G 159 -32.81 47.44 5.66
C VAL G 159 -34.03 47.78 6.51
N THR G 160 -34.30 46.92 7.49
CA THR G 160 -35.45 47.09 8.36
C THR G 160 -35.04 47.66 9.72
N GLN G 161 -35.98 48.36 10.35
CA GLN G 161 -35.75 48.98 11.64
C GLN G 161 -36.91 48.66 12.57
N GLN G 162 -36.66 48.77 13.87
CA GLN G 162 -37.69 48.47 14.85
C GLN G 162 -38.85 49.46 14.75
N GLY G 163 -38.56 50.74 14.52
CA GLY G 163 -39.56 51.77 14.60
C GLY G 163 -40.52 51.83 13.43
N GLN G 164 -40.22 51.14 12.33
CA GLN G 164 -41.06 51.15 11.14
C GLN G 164 -41.43 49.73 10.74
N ALA G 165 -42.34 49.61 9.79
CA ALA G 165 -42.77 48.33 9.24
C ALA G 165 -42.33 48.15 7.80
N ALA G 166 -42.57 49.14 6.95
CA ALA G 166 -42.10 49.07 5.57
C ALA G 166 -40.59 49.30 5.53
N PRO G 167 -39.82 48.40 4.91
CA PRO G 167 -38.37 48.58 4.88
C PRO G 167 -37.98 49.85 4.13
N VAL G 168 -36.91 50.48 4.58
CA VAL G 168 -36.42 51.72 3.99
C VAL G 168 -35.23 51.40 3.10
N GLN G 169 -35.33 51.78 1.82
CA GLN G 169 -34.24 51.59 0.89
C GLN G 169 -33.09 52.53 1.22
N VAL G 170 -31.87 52.02 1.07
CA VAL G 170 -30.66 52.77 1.39
C VAL G 170 -29.85 53.08 0.13
N GLY G 171 -29.53 52.07 -0.67
CA GLY G 171 -28.70 52.29 -1.83
C GLY G 171 -28.93 51.34 -2.98
N GLN G 172 -28.13 51.51 -4.04
CA GLN G 172 -28.19 50.67 -5.23
C GLN G 172 -26.81 50.10 -5.49
N LEU G 173 -26.75 48.78 -5.71
CA LEU G 173 -25.48 48.12 -6.00
C LEU G 173 -25.32 47.95 -7.50
N ASN G 174 -25.15 49.08 -8.19
CA ASN G 174 -24.85 49.03 -9.62
C ASN G 174 -23.53 48.33 -9.85
N LEU G 175 -23.48 47.46 -10.85
CA LEU G 175 -22.25 46.76 -11.17
C LEU G 175 -21.83 47.13 -12.59
N THR G 176 -20.53 47.12 -12.82
CA THR G 176 -19.95 47.57 -14.08
C THR G 176 -19.39 46.39 -14.85
N THR G 177 -19.47 46.47 -16.17
CA THR G 177 -18.92 45.47 -17.06
C THR G 177 -17.95 46.12 -18.05
N PHE G 178 -17.23 45.26 -18.77
CA PHE G 178 -16.19 45.67 -19.70
C PHE G 178 -16.42 45.02 -21.05
N MET G 179 -15.91 45.67 -22.09
CA MET G 179 -15.93 45.06 -23.42
C MET G 179 -15.05 43.83 -23.46
N ASN G 180 -13.89 43.89 -22.83
CA ASN G 180 -12.96 42.76 -22.79
C ASN G 180 -12.42 42.64 -21.36
N ASP G 181 -13.02 41.75 -20.58
CA ASP G 181 -12.60 41.58 -19.19
C ASP G 181 -11.36 40.71 -19.04
N THR G 182 -10.97 39.97 -20.07
CA THR G 182 -9.75 39.17 -19.99
C THR G 182 -8.52 40.07 -19.92
N GLY G 183 -8.59 41.26 -20.50
CA GLY G 183 -7.48 42.20 -20.50
C GLY G 183 -7.32 43.01 -19.24
N LEU G 184 -8.14 42.78 -18.22
CA LEU G 184 -8.00 43.52 -16.97
C LEU G 184 -6.71 43.12 -16.28
N GLU G 185 -5.99 44.11 -15.75
CA GLU G 185 -4.77 43.85 -15.00
C GLU G 185 -5.14 43.46 -13.58
N SER G 186 -4.60 42.34 -13.11
CA SER G 186 -4.88 41.86 -11.77
C SER G 186 -3.80 42.32 -10.81
N ILE G 187 -4.22 42.69 -9.60
CA ILE G 187 -3.30 43.01 -8.51
C ILE G 187 -3.72 42.19 -7.31
N GLY G 188 -3.09 42.42 -6.17
CA GLY G 188 -3.35 41.60 -5.00
C GLY G 188 -4.78 41.68 -4.48
N GLU G 189 -5.09 40.81 -3.52
CA GLU G 189 -6.39 40.73 -2.83
C GLU G 189 -7.57 40.92 -3.78
N ASN G 190 -7.58 40.13 -4.86
CA ASN G 190 -8.75 40.00 -5.73
C ASN G 190 -9.23 41.34 -6.26
N LEU G 191 -8.34 42.06 -6.94
CA LEU G 191 -8.67 43.36 -7.52
C LEU G 191 -8.18 43.42 -8.95
N TYR G 192 -8.97 44.05 -9.81
CA TYR G 192 -8.61 44.29 -11.20
C TYR G 192 -8.71 45.78 -11.48
N ILE G 193 -7.75 46.29 -12.26
CA ILE G 193 -7.71 47.71 -12.59
C ILE G 193 -7.83 47.87 -14.10
N GLU G 194 -8.38 49.00 -14.51
CA GLU G 194 -8.61 49.26 -15.92
C GLU G 194 -7.29 49.44 -16.67
N THR G 195 -7.25 48.91 -17.90
CA THR G 195 -6.09 49.05 -18.76
C THR G 195 -6.55 49.49 -20.14
N GLN G 196 -5.60 49.59 -21.07
CA GLN G 196 -5.93 50.05 -22.41
C GLN G 196 -6.62 48.95 -23.22
N SER G 197 -6.14 47.71 -23.10
CA SER G 197 -6.74 46.62 -23.87
C SER G 197 -8.19 46.40 -23.46
N SER G 198 -8.45 46.39 -22.16
CA SER G 198 -9.82 46.33 -21.69
C SER G 198 -10.55 47.62 -22.03
N GLY G 199 -11.79 47.49 -22.46
CA GLY G 199 -12.57 48.64 -22.86
C GLY G 199 -12.93 49.52 -21.67
N ALA G 200 -13.51 50.67 -21.98
CA ALA G 200 -13.97 51.57 -20.94
C ALA G 200 -15.10 50.91 -20.15
N PRO G 201 -15.02 50.89 -18.84
CA PRO G 201 -16.09 50.24 -18.05
C PRO G 201 -17.39 51.00 -18.19
N ASN G 202 -18.50 50.25 -18.17
CA ASN G 202 -19.82 50.87 -18.12
C ASN G 202 -20.64 50.22 -17.01
N GLU G 203 -21.24 51.05 -16.17
CA GLU G 203 -22.03 50.57 -15.05
C GLU G 203 -23.48 50.40 -15.46
N SER G 204 -24.16 49.49 -14.76
CA SER G 204 -25.57 49.23 -15.03
C SER G 204 -26.18 48.54 -13.83
N THR G 205 -27.51 48.55 -13.77
CA THR G 205 -28.23 47.80 -12.77
C THR G 205 -28.13 46.31 -13.08
N PRO G 206 -28.10 45.46 -12.06
CA PRO G 206 -28.03 44.02 -12.30
C PRO G 206 -29.24 43.53 -13.09
N GLY G 207 -29.00 42.59 -13.99
CA GLY G 207 -30.05 42.01 -14.79
C GLY G 207 -30.37 42.73 -16.08
N LEU G 208 -29.67 43.82 -16.39
CA LEU G 208 -29.93 44.58 -17.61
C LEU G 208 -28.64 44.77 -18.38
N ASN G 209 -28.77 44.81 -19.72
CA ASN G 209 -27.66 45.03 -20.63
C ASN G 209 -26.55 43.99 -20.43
N GLY G 210 -26.95 42.75 -20.21
CA GLY G 210 -26.01 41.66 -20.03
C GLY G 210 -25.43 41.53 -18.64
N ALA G 211 -25.85 42.37 -17.70
CA ALA G 211 -25.37 42.28 -16.34
C ALA G 211 -25.93 41.03 -15.66
N GLY G 212 -25.33 40.65 -14.54
CA GLY G 212 -25.73 39.48 -13.80
C GLY G 212 -26.78 39.77 -12.75
N LEU G 213 -26.92 38.84 -11.83
CA LEU G 213 -27.87 38.95 -10.72
C LEU G 213 -27.13 38.76 -9.40
N LEU G 214 -27.70 39.32 -8.34
CA LEU G 214 -27.08 39.28 -7.02
C LEU G 214 -27.87 38.34 -6.12
N TYR G 215 -27.17 37.39 -5.52
CA TYR G 215 -27.74 36.44 -4.58
C TYR G 215 -27.19 36.72 -3.20
N GLN G 216 -28.06 36.98 -2.23
CA GLN G 216 -27.64 37.21 -0.87
C GLN G 216 -27.46 35.88 -0.14
N GLY G 217 -26.38 35.77 0.62
CA GLY G 217 -26.09 34.56 1.36
C GLY G 217 -25.31 33.51 0.63
N TYR G 218 -24.89 33.78 -0.60
CA TYR G 218 -24.10 32.84 -1.39
C TYR G 218 -22.74 33.43 -1.69
N VAL G 219 -21.77 32.56 -1.97
CA VAL G 219 -20.42 32.97 -2.33
C VAL G 219 -19.98 32.20 -3.56
N GLU G 220 -19.30 32.90 -4.46
CA GLU G 220 -18.84 32.31 -5.73
C GLU G 220 -17.47 31.68 -5.50
N THR G 221 -17.42 30.36 -5.51
CA THR G 221 -16.16 29.66 -5.29
C THR G 221 -15.27 29.77 -6.52
N SER G 222 -13.98 29.49 -6.32
CA SER G 222 -13.04 29.52 -7.41
C SER G 222 -13.35 28.41 -8.42
N ASN G 223 -13.23 28.74 -9.70
CA ASN G 223 -13.53 27.78 -10.76
C ASN G 223 -12.29 26.99 -11.15
N VAL G 224 -11.59 26.45 -10.16
CA VAL G 224 -10.39 25.64 -10.36
C VAL G 224 -10.80 24.17 -10.27
N ASN G 225 -10.64 23.45 -11.35
CA ASN G 225 -10.98 22.03 -11.41
C ASN G 225 -9.75 21.22 -11.05
N VAL G 226 -9.81 20.51 -9.92
CA VAL G 226 -8.67 19.75 -9.44
C VAL G 226 -8.46 18.44 -10.20
N ALA G 227 -9.40 18.07 -11.07
CA ALA G 227 -9.28 16.80 -11.79
C ALA G 227 -8.13 16.81 -12.77
N GLU G 228 -8.03 17.86 -13.59
CA GLU G 228 -7.01 17.91 -14.64
C GLU G 228 -5.70 18.52 -14.19
N GLU G 229 -5.65 19.12 -13.00
CA GLU G 229 -4.39 19.67 -12.53
C GLU G 229 -3.36 18.57 -12.31
N LEU G 230 -3.79 17.41 -11.81
CA LEU G 230 -2.86 16.32 -11.56
C LEU G 230 -2.28 15.77 -12.88
N VAL G 231 -3.14 15.59 -13.89
CA VAL G 231 -2.63 15.11 -15.17
C VAL G 231 -1.75 16.16 -15.82
N ASN G 232 -2.07 17.45 -15.64
CA ASN G 232 -1.18 18.49 -16.14
C ASN G 232 0.18 18.44 -15.45
N MET G 233 0.19 18.18 -14.14
CA MET G 233 1.46 18.06 -13.43
C MET G 233 2.28 16.89 -13.97
N ILE G 234 1.64 15.74 -14.20
CA ILE G 234 2.35 14.59 -14.73
C ILE G 234 2.95 14.93 -16.10
N GLN G 235 2.14 15.53 -16.96
CA GLN G 235 2.60 15.85 -18.30
C GLN G 235 3.75 16.84 -18.28
N VAL G 236 3.64 17.88 -17.44
CA VAL G 236 4.70 18.90 -17.40
C VAL G 236 5.97 18.32 -16.82
N GLN G 237 5.87 17.43 -15.83
CA GLN G 237 7.06 16.80 -15.29
C GLN G 237 7.76 15.96 -16.36
N ARG G 238 6.98 15.21 -17.15
CA ARG G 238 7.60 14.41 -18.20
C ARG G 238 8.26 15.29 -19.26
N ALA G 239 7.60 16.40 -19.62
CA ALA G 239 8.20 17.31 -20.59
C ALA G 239 9.51 17.90 -20.07
N TYR G 240 9.54 18.28 -18.79
CA TYR G 240 10.75 18.81 -18.20
C TYR G 240 11.86 17.76 -18.21
N GLU G 241 11.51 16.52 -17.89
CA GLU G 241 12.51 15.45 -17.94
C GLU G 241 13.06 15.29 -19.34
N ILE G 242 12.20 15.34 -20.35
CA ILE G 242 12.64 15.18 -21.73
C ILE G 242 13.62 16.28 -22.13
N ASN G 243 13.29 17.52 -21.77
CA ASN G 243 14.20 18.63 -22.12
C ASN G 243 15.52 18.53 -21.36
N SER G 244 15.48 18.09 -20.10
CA SER G 244 16.73 17.88 -19.38
C SER G 244 17.56 16.79 -20.04
N LYS G 245 16.91 15.75 -20.55
CA LYS G 245 17.63 14.72 -21.30
C LYS G 245 18.27 15.31 -22.55
N ALA G 246 17.57 16.24 -23.20
CA ALA G 246 18.15 16.92 -24.37
C ALA G 246 19.42 17.66 -23.98
N VAL G 247 19.38 18.39 -22.86
CA VAL G 247 20.55 19.12 -22.40
C VAL G 247 21.69 18.16 -22.12
N SER G 248 21.39 17.04 -21.46
CA SER G 248 22.42 16.07 -21.13
C SER G 248 23.07 15.48 -22.39
N THR G 249 22.25 15.17 -23.40
CA THR G 249 22.79 14.62 -24.63
C THR G 249 23.70 15.63 -25.33
N THR G 250 23.28 16.89 -25.38
CA THR G 250 24.12 17.90 -26.00
C THR G 250 25.44 18.06 -25.25
N ASP G 251 25.38 18.05 -23.92
CA ASP G 251 26.61 18.14 -23.14
C ASP G 251 27.53 16.96 -23.40
N GLN G 252 26.96 15.75 -23.50
CA GLN G 252 27.77 14.57 -23.74
C GLN G 252 28.46 14.64 -25.10
N MET G 253 27.72 15.06 -26.14
CA MET G 253 28.35 15.12 -27.46
C MET G 253 29.41 16.22 -27.51
N LEU G 254 29.17 17.34 -26.83
CA LEU G 254 30.18 18.39 -26.79
C LEU G 254 31.43 17.93 -26.04
N GLN G 255 31.25 17.18 -24.95
CA GLN G 255 32.38 16.66 -24.21
C GLN G 255 33.18 15.66 -25.05
N LYS G 256 32.48 14.81 -25.80
CA LYS G 256 33.18 13.91 -26.71
C LYS G 256 33.95 14.67 -27.77
N LEU G 257 33.37 15.77 -28.28
CA LEU G 257 34.08 16.58 -29.27
C LEU G 257 35.34 17.18 -28.70
N THR G 258 35.25 17.76 -27.51
CA THR G 258 36.42 18.40 -26.90
C THR G 258 37.38 17.39 -26.28
N GLN G 259 37.00 16.11 -26.21
CA GLN G 259 37.87 15.11 -25.62
C GLN G 259 39.15 14.92 -26.44
N LEU G 260 39.03 14.93 -27.76
CA LEU G 260 40.18 14.72 -28.63
C LEU G 260 41.18 15.87 -28.50
N MET H 1 41.90 26.99 -4.20
CA MET H 1 42.76 28.17 -4.32
C MET H 1 42.15 29.18 -5.28
N ILE H 2 40.99 28.85 -5.82
CA ILE H 2 40.30 29.70 -6.77
C ILE H 2 39.03 30.23 -6.10
N SER H 3 38.54 31.35 -6.62
CA SER H 3 37.46 32.07 -5.94
C SER H 3 36.17 31.25 -5.91
N SER H 4 35.92 30.46 -6.96
CA SER H 4 34.69 29.69 -7.02
C SER H 4 34.59 28.71 -5.87
N LEU H 5 35.70 28.04 -5.54
CA LEU H 5 35.71 27.13 -4.40
C LEU H 5 35.42 27.87 -3.10
N TRP H 6 35.99 29.06 -2.94
CA TRP H 6 35.75 29.82 -1.71
C TRP H 6 34.29 30.22 -1.58
N ILE H 7 33.65 30.61 -2.68
CA ILE H 7 32.23 30.96 -2.61
C ILE H 7 31.39 29.72 -2.30
N ALA H 8 31.67 28.62 -2.99
CA ALA H 8 30.85 27.42 -2.81
C ALA H 8 30.99 26.83 -1.42
N LYS H 9 32.17 26.94 -0.81
CA LYS H 9 32.34 26.43 0.54
C LYS H 9 31.46 27.20 1.53
N THR H 10 31.41 28.53 1.38
CA THR H 10 30.53 29.33 2.24
C THR H 10 29.07 28.96 2.01
N GLY H 11 28.69 28.74 0.75
CA GLY H 11 27.32 28.30 0.49
C GLY H 11 26.98 26.99 1.17
N LEU H 12 27.90 26.03 1.09
CA LEU H 12 27.68 24.74 1.74
C LEU H 12 27.58 24.90 3.25
N ASP H 13 28.43 25.75 3.84
CA ASP H 13 28.35 25.96 5.28
C ASP H 13 27.03 26.60 5.68
N ALA H 14 26.54 27.55 4.90
CA ALA H 14 25.25 28.16 5.21
C ALA H 14 24.12 27.14 5.17
N GLN H 15 24.11 26.30 4.14
CA GLN H 15 23.08 25.27 4.07
C GLN H 15 23.20 24.28 5.22
N GLN H 16 24.44 23.97 5.62
CA GLN H 16 24.63 23.06 6.74
C GLN H 16 24.08 23.62 8.03
N THR H 17 24.33 24.91 8.29
CA THR H 17 23.80 25.52 9.50
C THR H 17 22.28 25.57 9.46
N ASN H 18 21.71 25.83 8.28
CA ASN H 18 20.26 25.82 8.15
C ASN H 18 19.69 24.45 8.49
N MET H 19 20.30 23.38 7.96
CA MET H 19 19.84 22.04 8.28
C MET H 19 20.02 21.73 9.75
N ASP H 20 21.10 22.24 10.36
CA ASP H 20 21.32 22.03 11.78
C ASP H 20 20.21 22.67 12.61
N VAL H 21 19.80 23.88 12.25
CA VAL H 21 18.70 24.54 12.95
C VAL H 21 17.41 23.74 12.80
N ILE H 22 17.14 23.27 11.58
CA ILE H 22 15.91 22.50 11.36
C ILE H 22 15.92 21.23 12.21
N ALA H 23 17.06 20.53 12.25
CA ALA H 23 17.14 19.30 13.02
C ALA H 23 16.98 19.57 14.51
N ASN H 24 17.57 20.67 15.00
CA ASN H 24 17.41 21.01 16.41
C ASN H 24 15.95 21.29 16.73
N ASN H 25 15.25 22.01 15.86
CA ASN H 25 13.83 22.25 16.09
C ASN H 25 13.05 20.96 16.13
N LEU H 26 13.34 20.04 15.19
CA LEU H 26 12.59 18.79 15.14
C LEU H 26 12.87 17.91 16.35
N ALA H 27 14.10 17.94 16.88
CA ALA H 27 14.49 17.00 17.92
C ALA H 27 13.62 17.16 19.17
N ASN H 28 13.53 18.37 19.69
CA ASN H 28 12.74 18.63 20.89
C ASN H 28 11.37 19.19 20.53
N VAL H 29 10.58 18.35 19.85
CA VAL H 29 9.21 18.72 19.51
C VAL H 29 8.25 18.51 20.67
N SER H 30 8.68 17.80 21.71
CA SER H 30 7.84 17.51 22.87
C SER H 30 8.42 18.14 24.12
N THR H 31 8.91 19.36 24.02
CA THR H 31 9.47 20.09 25.14
C THR H 31 8.54 21.24 25.50
N ASN H 32 8.15 21.31 26.77
CA ASN H 32 7.26 22.36 27.22
C ASN H 32 7.95 23.71 27.17
N GLY H 33 7.23 24.72 26.66
CA GLY H 33 7.75 26.06 26.61
C GLY H 33 9.01 26.21 25.78
N PHE H 34 9.02 25.59 24.60
CA PHE H 34 10.15 25.67 23.70
C PHE H 34 9.74 26.47 22.46
N LYS H 35 10.59 27.41 22.07
CA LYS H 35 10.31 28.29 20.94
C LYS H 35 11.25 27.97 19.79
N ARG H 36 10.69 27.75 18.61
CA ARG H 36 11.48 27.35 17.46
C ARG H 36 12.35 28.51 16.98
N GLN H 37 13.36 28.17 16.17
CA GLN H 37 14.33 29.14 15.68
C GLN H 37 14.34 29.18 14.17
N ARG H 38 14.75 30.31 13.62
CA ARG H 38 14.99 30.44 12.19
C ARG H 38 16.27 31.22 11.97
N ALA H 39 17.01 30.83 10.93
CA ALA H 39 18.29 31.44 10.62
C ALA H 39 18.13 32.48 9.51
N VAL H 40 18.94 33.53 9.57
CA VAL H 40 18.93 34.62 8.60
C VAL H 40 20.31 34.74 7.99
N PHE H 41 20.37 34.89 6.68
CA PHE H 41 21.63 34.94 5.95
C PHE H 41 21.81 36.30 5.30
N GLU H 42 23.07 36.70 5.15
CA GLU H 42 23.42 37.93 4.46
C GLU H 42 24.66 37.68 3.60
N ASP H 43 24.78 38.45 2.53
CA ASP H 43 25.91 38.27 1.62
C ASP H 43 27.17 38.91 2.18
N LEU H 44 28.31 38.42 1.73
CA LEU H 44 29.60 38.91 2.18
C LEU H 44 30.03 40.10 1.32
N LEU H 45 31.28 40.52 1.47
CA LEU H 45 31.77 41.73 0.83
C LEU H 45 31.80 41.57 -0.70
N TYR H 46 31.92 42.70 -1.38
CA TYR H 46 31.94 42.75 -2.84
C TYR H 46 33.27 43.33 -3.30
N GLN H 47 33.82 42.76 -4.37
CA GLN H 47 35.02 43.28 -5.00
C GLN H 47 34.62 44.14 -6.19
N THR H 48 35.04 45.40 -6.19
CA THR H 48 34.66 46.36 -7.21
C THR H 48 35.79 46.46 -8.23
N ILE H 49 35.67 45.71 -9.33
CA ILE H 49 36.68 45.77 -10.36
C ILE H 49 36.62 47.10 -11.10
N ARG H 50 35.42 47.53 -11.45
CA ARG H 50 35.19 48.84 -12.06
C ARG H 50 34.18 49.58 -11.20
N GLN H 51 34.54 50.78 -10.77
CA GLN H 51 33.72 51.50 -9.81
C GLN H 51 32.40 51.93 -10.44
N PRO H 52 31.26 51.64 -9.82
CA PRO H 52 29.98 52.11 -10.35
C PRO H 52 29.91 53.63 -10.32
N GLY H 53 29.21 54.19 -11.31
CA GLY H 53 29.08 55.62 -11.38
C GLY H 53 30.35 56.36 -11.66
N ALA H 54 31.41 55.66 -12.07
CA ALA H 54 32.66 56.32 -12.36
C ALA H 54 32.55 57.18 -13.61
N GLN H 55 33.42 58.17 -13.72
CA GLN H 55 33.42 59.10 -14.84
C GLN H 55 34.29 58.52 -15.95
N SER H 56 33.65 57.88 -16.93
CA SER H 56 34.40 57.35 -18.07
C SER H 56 35.00 58.47 -18.91
N SER H 57 34.23 59.51 -19.18
CA SER H 57 34.70 60.68 -19.91
C SER H 57 33.78 61.84 -19.57
N GLU H 58 33.85 62.91 -20.37
CA GLU H 58 32.91 64.00 -20.19
C GLU H 58 31.50 63.55 -20.51
N GLN H 59 30.55 63.97 -19.66
CA GLN H 59 29.12 63.69 -19.79
C GLN H 59 28.82 62.23 -20.11
N THR H 60 29.67 61.31 -19.67
CA THR H 60 29.43 59.87 -19.81
C THR H 60 29.83 59.19 -18.51
N THR H 61 28.91 58.42 -17.95
CA THR H 61 29.16 57.67 -16.72
C THR H 61 28.72 56.23 -16.90
N LEU H 62 29.46 55.31 -16.30
CA LEU H 62 29.07 53.90 -16.34
C LEU H 62 27.75 53.73 -15.60
N PRO H 63 26.71 53.20 -16.24
CA PRO H 63 25.44 53.03 -15.52
C PRO H 63 25.56 52.11 -14.33
N SER H 64 26.47 51.13 -14.38
CA SER H 64 26.68 50.22 -13.27
C SER H 64 28.07 49.59 -13.43
N GLY H 65 28.87 49.69 -12.39
CA GLY H 65 30.22 49.15 -12.44
C GLY H 65 30.22 47.65 -12.38
N LEU H 66 31.42 47.09 -12.38
CA LEU H 66 31.61 45.64 -12.30
C LEU H 66 31.92 45.28 -10.85
N GLN H 67 31.05 44.47 -10.25
CA GLN H 67 31.23 44.03 -8.89
C GLN H 67 31.02 42.53 -8.82
N ILE H 68 31.89 41.86 -8.07
CA ILE H 68 31.87 40.41 -7.92
C ILE H 68 31.58 40.09 -6.45
N GLY H 69 30.67 39.16 -6.22
CA GLY H 69 30.36 38.76 -4.86
C GLY H 69 31.43 37.87 -4.26
N THR H 70 31.23 37.54 -2.98
CA THR H 70 32.16 36.68 -2.27
C THR H 70 31.52 35.44 -1.64
N GLY H 71 30.31 35.56 -1.11
CA GLY H 71 29.66 34.42 -0.51
C GLY H 71 28.52 34.86 0.38
N VAL H 72 28.06 33.92 1.20
CA VAL H 72 26.92 34.12 2.09
C VAL H 72 27.29 33.61 3.47
N ARG H 73 26.92 34.37 4.49
CA ARG H 73 27.14 33.93 5.86
C ARG H 73 25.86 34.07 6.67
N PRO H 74 25.61 33.16 7.59
CA PRO H 74 24.50 33.36 8.51
C PRO H 74 24.81 34.48 9.48
N VAL H 75 23.81 35.31 9.76
CA VAL H 75 24.05 36.53 10.52
C VAL H 75 23.41 36.41 11.90
N ALA H 76 22.32 35.65 12.01
CA ALA H 76 21.63 35.52 13.28
C ALA H 76 20.65 34.35 13.21
N THR H 77 20.22 33.91 14.38
CA THR H 77 19.09 33.00 14.53
C THR H 77 18.13 33.61 15.52
N GLU H 78 16.88 33.78 15.11
CA GLU H 78 15.86 34.41 15.94
C GLU H 78 14.80 33.39 16.31
N ARG H 79 14.30 33.50 17.55
CA ARG H 79 13.30 32.61 18.09
C ARG H 79 11.92 33.23 17.93
N LEU H 80 10.97 32.46 17.40
CA LEU H 80 9.61 32.91 17.23
C LEU H 80 8.89 32.79 18.56
N HIS H 81 8.87 33.86 19.35
CA HIS H 81 8.26 33.85 20.67
C HIS H 81 6.75 34.03 20.58
N SER H 82 6.11 33.06 19.93
CA SER H 82 4.66 33.03 19.83
C SER H 82 4.09 32.28 21.04
N GLN H 83 2.79 31.99 20.99
CA GLN H 83 2.12 31.28 22.08
C GLN H 83 1.93 29.83 21.70
N GLY H 84 2.42 28.93 22.56
CA GLY H 84 2.25 27.52 22.32
C GLY H 84 0.84 27.05 22.64
N ASN H 85 0.54 25.83 22.20
CA ASN H 85 -0.77 25.24 22.44
C ASN H 85 -0.82 24.68 23.86
N LEU H 86 -1.80 25.14 24.64
CA LEU H 86 -1.96 24.66 26.00
C LEU H 86 -2.58 23.27 26.00
N SER H 87 -2.08 22.41 26.89
CA SER H 87 -2.63 21.07 27.07
C SER H 87 -2.83 20.80 28.55
N GLN H 88 -3.97 20.21 28.88
CA GLN H 88 -4.34 19.95 30.27
C GLN H 88 -3.81 18.60 30.71
N THR H 89 -3.12 18.59 31.85
CA THR H 89 -2.59 17.36 32.42
C THR H 89 -3.20 16.99 33.76
N ASN H 90 -4.12 17.80 34.29
CA ASN H 90 -4.84 17.53 35.53
C ASN H 90 -3.93 17.40 36.73
N ASN H 91 -2.70 17.92 36.64
CA ASN H 91 -1.83 17.96 37.80
C ASN H 91 -2.10 19.22 38.62
N SER H 92 -1.60 19.23 39.85
CA SER H 92 -1.75 20.38 40.73
C SER H 92 -0.54 21.31 40.69
N LYS H 93 0.60 20.84 40.19
CA LYS H 93 1.83 21.62 40.17
C LYS H 93 2.31 21.86 38.74
N ASP H 94 1.37 21.97 37.81
CA ASP H 94 1.66 22.37 36.44
C ASP H 94 0.97 23.70 36.17
N VAL H 95 1.75 24.71 35.78
CA VAL H 95 1.23 26.06 35.53
C VAL H 95 1.68 26.49 34.14
N ALA H 96 0.74 27.03 33.37
CA ALA H 96 1.00 27.54 32.04
C ALA H 96 0.66 29.01 31.98
N ILE H 97 1.50 29.80 31.32
CA ILE H 97 1.29 31.24 31.19
C ILE H 97 0.70 31.54 29.82
N LYS H 98 -0.34 32.35 29.79
CA LYS H 98 -0.95 32.79 28.54
C LYS H 98 -0.59 34.25 28.33
N GLY H 99 0.00 34.55 27.18
CA GLY H 99 0.51 35.89 26.91
C GLY H 99 2.02 35.89 26.82
N GLN H 100 2.69 36.70 27.63
CA GLN H 100 4.14 36.70 27.68
C GLN H 100 4.60 36.93 29.11
N GLY H 101 5.84 36.58 29.37
CA GLY H 101 6.41 36.64 30.70
C GLY H 101 7.26 35.42 30.97
N PHE H 102 8.06 35.45 32.05
CA PHE H 102 8.93 34.33 32.37
C PHE H 102 8.98 34.15 33.87
N PHE H 103 9.03 32.90 34.31
CA PHE H 103 9.32 32.61 35.70
C PHE H 103 10.80 32.82 35.98
N GLN H 104 11.11 33.27 37.19
CA GLN H 104 12.49 33.52 37.59
C GLN H 104 13.00 32.37 38.43
N VAL H 105 14.27 32.00 38.22
CA VAL H 105 14.87 30.82 38.83
C VAL H 105 16.21 31.20 39.40
N MET H 106 16.50 30.72 40.61
CA MET H 106 17.75 31.04 41.29
C MET H 106 18.77 29.95 41.00
N LEU H 107 19.77 30.27 40.18
CA LEU H 107 20.81 29.32 39.87
C LEU H 107 21.68 29.06 41.10
N PRO H 108 22.34 27.90 41.18
CA PRO H 108 23.12 27.56 42.38
C PRO H 108 24.23 28.56 42.68
N ASP H 109 24.86 29.13 41.66
CA ASP H 109 25.95 30.08 41.90
C ASP H 109 25.46 31.42 42.44
N GLY H 110 24.16 31.67 42.43
CA GLY H 110 23.59 32.91 42.90
C GLY H 110 22.96 33.76 41.82
N THR H 111 23.26 33.50 40.55
CA THR H 111 22.64 34.24 39.47
C THR H 111 21.20 33.79 39.27
N SER H 112 20.47 34.56 38.48
CA SER H 112 19.06 34.30 38.21
C SER H 112 18.85 34.11 36.72
N ALA H 113 18.19 33.02 36.36
CA ALA H 113 17.80 32.74 34.99
C ALA H 113 16.29 32.84 34.85
N TYR H 114 15.82 32.78 33.62
CA TYR H 114 14.40 32.91 33.34
C TYR H 114 13.93 31.74 32.48
N THR H 115 12.75 31.24 32.79
CA THR H 115 12.22 30.05 32.14
C THR H 115 10.77 30.28 31.78
N ARG H 116 10.24 29.35 30.98
CA ARG H 116 8.83 29.36 30.61
C ARG H 116 8.15 28.03 30.86
N ASP H 117 8.92 26.98 31.17
CA ASP H 117 8.36 25.65 31.38
C ASP H 117 7.78 25.56 32.80
N GLY H 118 6.47 25.40 32.89
CA GLY H 118 5.83 25.21 34.18
C GLY H 118 5.65 23.75 34.52
N SER H 119 6.58 23.19 35.29
CA SER H 119 6.44 21.84 35.81
C SER H 119 7.21 21.81 37.13
N PHE H 120 6.49 21.99 38.22
CA PHE H 120 7.09 22.23 39.52
C PHE H 120 6.97 21.01 40.41
N GLN H 121 7.98 20.82 41.26
CA GLN H 121 7.98 19.79 42.27
C GLN H 121 8.34 20.45 43.60
N VAL H 122 8.34 19.64 44.66
CA VAL H 122 8.72 20.11 45.99
C VAL H 122 9.80 19.18 46.51
N ASP H 123 10.91 19.76 46.95
CA ASP H 123 12.02 18.97 47.47
C ASP H 123 11.72 18.58 48.92
N GLN H 124 12.71 17.99 49.59
CA GLN H 124 12.49 17.52 50.96
C GLN H 124 12.25 18.67 51.93
N ASN H 125 12.68 19.88 51.58
CA ASN H 125 12.49 21.04 52.44
C ASN H 125 11.17 21.75 52.18
N GLY H 126 10.39 21.29 51.22
CA GLY H 126 9.14 21.95 50.88
C GLY H 126 9.27 23.11 49.92
N GLN H 127 10.48 23.44 49.48
CA GLN H 127 10.67 24.52 48.53
C GLN H 127 10.09 24.15 47.18
N LEU H 128 9.40 25.08 46.55
CA LEU H 128 8.82 24.87 45.23
C LEU H 128 9.93 25.05 44.19
N VAL H 129 10.39 23.96 43.61
CA VAL H 129 11.52 23.98 42.68
C VAL H 129 11.05 23.48 41.33
N THR H 130 11.90 23.69 40.32
CA THR H 130 11.62 23.17 38.99
C THR H 130 12.24 21.79 38.83
N ALA H 131 12.04 21.22 37.64
CA ALA H 131 12.62 19.91 37.33
C ALA H 131 14.12 20.09 37.12
N GLY H 132 14.89 19.87 38.19
CA GLY H 132 16.32 20.10 38.15
C GLY H 132 16.85 20.64 39.45
N GLY H 133 15.94 20.97 40.37
CA GLY H 133 16.33 21.40 41.69
C GLY H 133 16.42 22.91 41.88
N PHE H 134 16.37 23.68 40.80
CA PHE H 134 16.42 25.13 40.94
C PHE H 134 15.10 25.64 41.50
N GLN H 135 15.19 26.51 42.49
CA GLN H 135 14.02 27.02 43.18
C GLN H 135 13.54 28.32 42.56
N VAL H 136 12.23 28.56 42.63
CA VAL H 136 11.67 29.80 42.14
C VAL H 136 12.15 30.95 43.00
N GLN H 137 12.41 32.09 42.35
CA GLN H 137 13.08 33.19 43.05
C GLN H 137 12.27 33.74 44.23
N PRO H 138 10.96 34.00 44.12
CA PRO H 138 10.22 34.51 45.29
C PRO H 138 10.18 33.55 46.46
N ALA H 139 10.76 32.36 46.37
CA ALA H 139 10.91 31.42 47.47
C ALA H 139 9.55 31.00 48.03
N ILE H 140 8.79 30.29 47.20
CA ILE H 140 7.51 29.75 47.62
C ILE H 140 7.73 28.45 48.37
N THR H 141 7.17 28.35 49.57
CA THR H 141 7.31 27.16 50.42
C THR H 141 5.94 26.58 50.72
N ILE H 142 5.78 25.29 50.46
CA ILE H 142 4.53 24.58 50.71
C ILE H 142 4.69 23.80 52.02
N PRO H 143 3.87 24.06 53.02
CA PRO H 143 4.02 23.33 54.29
C PRO H 143 3.60 21.88 54.17
N ALA H 144 3.82 21.10 55.21
CA ALA H 144 3.36 19.72 55.24
C ALA H 144 1.84 19.68 55.37
N ASN H 145 1.30 18.47 55.46
CA ASN H 145 -0.13 18.21 55.60
C ASN H 145 -0.97 19.09 54.69
N ALA H 146 -0.48 19.35 53.49
CA ALA H 146 -1.18 20.21 52.53
C ALA H 146 -2.15 19.34 51.73
N LEU H 147 -3.45 19.49 52.01
CA LEU H 147 -4.44 18.69 51.29
C LEU H 147 -4.43 19.02 49.80
N SER H 148 -4.34 20.31 49.46
CA SER H 148 -4.28 20.70 48.06
C SER H 148 -3.67 22.09 47.94
N ILE H 149 -3.14 22.35 46.76
CA ILE H 149 -2.50 23.61 46.42
C ILE H 149 -3.25 24.23 45.25
N THR H 150 -3.65 25.50 45.40
CA THR H 150 -4.38 26.22 44.38
C THR H 150 -3.57 27.44 43.96
N ILE H 151 -3.66 27.79 42.68
CA ILE H 151 -3.00 28.96 42.14
C ILE H 151 -4.02 29.73 41.30
N GLY H 152 -4.25 30.99 41.64
CA GLY H 152 -5.24 31.78 40.95
C GLY H 152 -4.78 32.21 39.58
N ARG H 153 -5.65 32.96 38.90
CA ARG H 153 -5.28 33.50 37.60
C ARG H 153 -4.09 34.44 37.71
N ASP H 154 -4.05 35.26 38.75
CA ASP H 154 -2.86 36.04 39.07
C ASP H 154 -1.90 35.16 39.86
N GLY H 155 -0.85 35.76 40.41
CA GLY H 155 0.23 35.00 40.98
C GLY H 155 0.04 34.46 42.38
N VAL H 156 -1.09 34.74 43.02
CA VAL H 156 -1.30 34.32 44.41
C VAL H 156 -1.45 32.81 44.46
N VAL H 157 -0.69 32.17 45.34
CA VAL H 157 -0.76 30.72 45.52
C VAL H 157 -1.20 30.44 46.95
N SER H 158 -2.20 29.60 47.11
CA SER H 158 -2.76 29.27 48.41
C SER H 158 -2.75 27.78 48.63
N VAL H 159 -2.81 27.38 49.90
CA VAL H 159 -2.76 25.98 50.30
C VAL H 159 -3.89 25.72 51.27
N THR H 160 -4.64 24.64 51.06
CA THR H 160 -5.65 24.27 52.04
C THR H 160 -5.06 23.29 53.05
N GLN H 161 -5.69 23.23 54.23
CA GLN H 161 -5.22 22.37 55.29
C GLN H 161 -6.36 21.57 55.92
N GLN H 162 -6.09 20.93 57.06
CA GLN H 162 -7.09 20.08 57.69
C GLN H 162 -8.31 20.88 58.13
N GLY H 163 -8.09 22.06 58.72
CA GLY H 163 -9.17 22.87 59.24
C GLY H 163 -9.11 24.29 58.72
N GLN H 164 -9.46 25.23 59.61
CA GLN H 164 -9.41 26.66 59.37
C GLN H 164 -10.49 27.12 58.39
N ALA H 165 -11.20 26.16 57.79
CA ALA H 165 -12.37 26.43 56.94
C ALA H 165 -12.08 27.44 55.83
N ALA H 166 -10.81 27.73 55.55
CA ALA H 166 -10.45 28.73 54.57
C ALA H 166 -9.01 28.50 54.13
N PRO H 167 -8.73 28.53 52.83
CA PRO H 167 -7.34 28.36 52.38
C PRO H 167 -6.47 29.53 52.82
N VAL H 168 -5.20 29.23 53.04
CA VAL H 168 -4.24 30.22 53.50
C VAL H 168 -3.25 30.50 52.37
N GLN H 169 -2.77 31.74 52.31
CA GLN H 169 -1.87 32.18 51.27
C GLN H 169 -0.43 31.86 51.64
N VAL H 170 0.33 31.38 50.67
CA VAL H 170 1.73 31.01 50.89
C VAL H 170 2.71 31.80 50.04
N GLY H 171 2.24 32.59 49.07
CA GLY H 171 3.17 33.40 48.30
C GLY H 171 2.51 33.97 47.06
N GLN H 172 3.31 34.74 46.33
CA GLN H 172 2.89 35.39 45.09
C GLN H 172 3.81 34.95 43.96
N LEU H 173 3.24 34.35 42.92
CA LEU H 173 4.01 33.85 41.79
C LEU H 173 3.97 34.86 40.65
N ASN H 174 4.61 36.01 40.89
CA ASN H 174 4.71 37.03 39.86
C ASN H 174 5.75 36.63 38.82
N LEU H 175 5.74 37.34 37.69
CA LEU H 175 6.65 37.00 36.60
C LEU H 175 7.26 38.27 36.02
N THR H 176 8.35 38.09 35.30
CA THR H 176 9.13 39.20 34.77
C THR H 176 8.89 39.37 33.28
N THR H 177 9.13 40.57 32.78
CA THR H 177 9.03 40.89 31.38
C THR H 177 10.29 41.63 30.92
N PHE H 178 10.52 41.59 29.62
CA PHE H 178 11.66 42.24 28.99
C PHE H 178 11.17 43.06 27.81
N MET H 179 12.02 43.99 27.35
CA MET H 179 11.69 44.79 26.18
C MET H 179 11.77 43.97 24.91
N ASN H 180 12.82 43.17 24.75
CA ASN H 180 13.02 42.35 23.56
C ASN H 180 13.21 40.90 23.98
N ASP H 181 12.23 40.06 23.66
CA ASP H 181 12.28 38.67 24.10
C ASP H 181 13.36 37.88 23.36
N THR H 182 13.63 38.23 22.10
CA THR H 182 14.59 37.47 21.31
C THR H 182 16.03 37.64 21.80
N GLY H 183 16.29 38.65 22.63
CA GLY H 183 17.65 38.90 23.06
C GLY H 183 18.16 38.03 24.19
N LEU H 184 17.28 37.33 24.90
CA LEU H 184 17.71 36.48 26.00
C LEU H 184 18.62 35.38 25.49
N GLU H 185 19.73 35.17 26.17
CA GLU H 185 20.64 34.10 25.80
C GLU H 185 20.16 32.77 26.37
N SER H 186 20.08 31.76 25.52
CA SER H 186 19.51 30.47 25.91
C SER H 186 20.61 29.51 26.33
N ILE H 187 20.38 28.82 27.44
CA ILE H 187 21.29 27.77 27.90
C ILE H 187 20.47 26.50 28.11
N GLY H 188 21.11 25.47 28.64
CA GLY H 188 20.43 24.20 28.84
C GLY H 188 19.34 24.28 29.89
N GLU H 189 18.62 23.16 30.04
CA GLU H 189 17.55 23.01 31.02
C GLU H 189 16.45 24.05 30.83
N ASN H 190 16.19 24.44 29.59
CA ASN H 190 15.13 25.40 29.26
C ASN H 190 15.29 26.71 30.02
N LEU H 191 16.52 27.21 30.12
CA LEU H 191 16.79 28.42 30.88
C LEU H 191 17.24 29.53 29.95
N TYR H 192 16.83 30.75 30.28
CA TYR H 192 17.27 31.94 29.58
C TYR H 192 17.92 32.90 30.57
N ILE H 193 19.01 33.53 30.17
CA ILE H 193 19.68 34.54 30.98
C ILE H 193 19.72 35.83 30.18
N GLU H 194 19.35 36.92 30.84
CA GLU H 194 19.28 38.19 30.14
C GLU H 194 20.68 38.72 29.85
N THR H 195 20.78 39.52 28.79
CA THR H 195 22.04 40.11 28.38
C THR H 195 21.77 41.53 27.94
N GLN H 196 22.77 42.16 27.33
CA GLN H 196 22.64 43.56 26.94
C GLN H 196 21.62 43.75 25.83
N SER H 197 21.39 42.71 25.03
CA SER H 197 20.45 42.84 23.92
C SER H 197 19.04 43.13 24.42
N SER H 198 18.58 42.39 25.42
CA SER H 198 17.29 42.64 26.02
C SER H 198 17.42 43.64 27.15
N GLY H 199 16.35 44.38 27.40
CA GLY H 199 16.37 45.38 28.45
C GLY H 199 16.39 44.73 29.83
N ALA H 200 16.59 45.57 30.83
CA ALA H 200 16.58 45.09 32.20
C ALA H 200 15.20 44.55 32.54
N PRO H 201 15.12 43.38 33.17
CA PRO H 201 13.81 42.79 33.47
C PRO H 201 13.00 43.67 34.41
N ASN H 202 11.69 43.71 34.21
CA ASN H 202 10.78 44.33 35.17
C ASN H 202 9.79 43.29 35.64
N GLU H 203 9.70 43.12 36.96
CA GLU H 203 8.85 42.12 37.57
C GLU H 203 7.47 42.71 37.85
N SER H 204 6.43 41.91 37.61
CA SER H 204 5.07 42.37 37.84
C SER H 204 4.18 41.16 38.09
N THR H 205 3.01 41.44 38.65
CA THR H 205 1.98 40.44 38.85
C THR H 205 1.32 40.09 37.52
N PRO H 206 0.77 38.88 37.40
CA PRO H 206 0.09 38.51 36.16
C PRO H 206 -1.14 39.38 35.92
N GLY H 207 -1.42 39.63 34.65
CA GLY H 207 -2.57 40.41 34.25
C GLY H 207 -2.37 41.91 34.29
N LEU H 208 -1.17 42.38 34.61
CA LEU H 208 -0.90 43.81 34.69
C LEU H 208 0.20 44.17 33.71
N ASN H 209 0.01 45.31 33.03
CA ASN H 209 1.00 45.85 32.10
C ASN H 209 1.32 44.85 30.98
N GLY H 210 0.29 44.18 30.47
CA GLY H 210 0.46 43.28 29.35
C GLY H 210 0.97 41.90 29.69
N ALA H 211 1.18 41.59 30.96
CA ALA H 211 1.65 40.27 31.33
C ALA H 211 0.53 39.25 31.17
N GLY H 212 0.92 37.98 31.02
CA GLY H 212 -0.02 36.91 30.82
C GLY H 212 -0.68 36.47 32.12
N LEU H 213 -1.55 35.47 31.98
CA LEU H 213 -2.29 34.91 33.10
C LEU H 213 -1.84 33.48 33.36
N LEU H 214 -1.86 33.09 34.63
CA LEU H 214 -1.52 31.73 35.02
C LEU H 214 -2.72 30.82 34.88
N TYR H 215 -2.47 29.58 34.48
CA TYR H 215 -3.48 28.54 34.44
C TYR H 215 -2.91 27.30 35.10
N GLN H 216 -3.65 26.75 36.05
CA GLN H 216 -3.20 25.57 36.78
C GLN H 216 -3.73 24.31 36.11
N GLY H 217 -2.90 23.28 36.10
CA GLY H 217 -3.25 22.04 35.42
C GLY H 217 -2.97 22.02 33.94
N TYR H 218 -2.28 23.03 33.42
CA TYR H 218 -1.99 23.12 32.00
C TYR H 218 -0.49 23.32 31.78
N VAL H 219 -0.02 22.83 30.64
CA VAL H 219 1.37 23.02 30.23
C VAL H 219 1.37 23.53 28.79
N GLU H 220 2.28 24.45 28.51
CA GLU H 220 2.39 25.05 27.19
C GLU H 220 3.34 24.22 26.34
N THR H 221 2.81 23.63 25.27
CA THR H 221 3.64 22.86 24.36
C THR H 221 4.44 23.77 23.45
N SER H 222 5.50 23.21 22.87
CA SER H 222 6.37 23.97 21.99
C SER H 222 5.61 24.36 20.72
N ASN H 223 5.90 25.55 20.21
CA ASN H 223 5.25 26.03 18.99
C ASN H 223 6.07 25.65 17.75
N VAL H 224 6.37 24.37 17.62
CA VAL H 224 7.11 23.85 16.48
C VAL H 224 6.08 23.30 15.49
N ASN H 225 5.81 24.06 14.43
CA ASN H 225 4.90 23.60 13.39
C ASN H 225 5.61 22.52 12.61
N VAL H 226 5.38 21.25 13.00
CA VAL H 226 6.18 20.16 12.48
C VAL H 226 5.93 19.91 11.00
N ALA H 227 4.84 20.43 10.44
CA ALA H 227 4.58 20.28 9.02
C ALA H 227 5.30 21.33 8.18
N GLU H 228 5.86 22.37 8.79
CA GLU H 228 6.61 23.38 8.08
C GLU H 228 8.10 23.08 8.04
N GLU H 229 8.54 21.99 8.66
CA GLU H 229 9.95 21.62 8.66
C GLU H 229 10.31 20.68 7.52
N LEU H 230 9.39 19.83 7.08
CA LEU H 230 9.69 18.90 6.01
C LEU H 230 10.03 19.63 4.71
N VAL H 231 9.26 20.68 4.39
CA VAL H 231 9.57 21.46 3.19
C VAL H 231 10.91 22.15 3.35
N ASN H 232 11.24 22.60 4.57
CA ASN H 232 12.55 23.17 4.81
C ASN H 232 13.65 22.14 4.60
N MET H 233 13.42 20.90 5.04
CA MET H 233 14.41 19.85 4.81
C MET H 233 14.61 19.60 3.31
N ILE H 234 13.52 19.56 2.55
CA ILE H 234 13.63 19.38 1.11
C ILE H 234 14.44 20.51 0.49
N GLN H 235 14.15 21.74 0.88
CA GLN H 235 14.85 22.89 0.32
C GLN H 235 16.33 22.84 0.66
N VAL H 236 16.67 22.55 1.91
CA VAL H 236 18.08 22.57 2.29
C VAL H 236 18.84 21.44 1.60
N GLN H 237 18.21 20.27 1.45
CA GLN H 237 18.86 19.19 0.73
C GLN H 237 19.13 19.58 -0.72
N ARG H 238 18.13 20.17 -1.37
CA ARG H 238 18.31 20.54 -2.77
C ARG H 238 19.37 21.63 -2.93
N ALA H 239 19.39 22.60 -2.03
CA ALA H 239 20.39 23.65 -2.09
C ALA H 239 21.79 23.09 -1.87
N TYR H 240 21.92 22.13 -0.94
CA TYR H 240 23.20 21.47 -0.73
C TYR H 240 23.66 20.76 -2.00
N GLU H 241 22.73 20.09 -2.69
CA GLU H 241 23.08 19.45 -3.95
C GLU H 241 23.53 20.47 -4.98
N ILE H 242 22.83 21.61 -5.07
CA ILE H 242 23.17 22.62 -6.05
C ILE H 242 24.57 23.16 -5.81
N ASN H 243 24.90 23.45 -4.55
CA ASN H 243 26.25 23.95 -4.25
C ASN H 243 27.31 22.89 -4.51
N SER H 244 27.00 21.62 -4.20
CA SER H 244 27.95 20.55 -4.52
C SER H 244 28.21 20.47 -6.01
N LYS H 245 27.19 20.75 -6.82
CA LYS H 245 27.40 20.76 -8.27
C LYS H 245 28.40 21.84 -8.68
N ALA H 246 28.32 23.02 -8.06
CA ALA H 246 29.28 24.07 -8.37
C ALA H 246 30.69 23.67 -7.95
N VAL H 247 30.81 23.03 -6.78
CA VAL H 247 32.12 22.54 -6.36
C VAL H 247 32.68 21.56 -7.37
N SER H 248 31.84 20.63 -7.84
CA SER H 248 32.29 19.64 -8.80
C SER H 248 32.71 20.28 -10.12
N THR H 249 31.94 21.29 -10.57
CA THR H 249 32.29 21.96 -11.81
C THR H 249 33.62 22.68 -11.70
N THR H 250 33.86 23.36 -10.58
CA THR H 250 35.15 24.01 -10.38
C THR H 250 36.28 23.00 -10.35
N ASP H 251 36.06 21.86 -9.68
CA ASP H 251 37.07 20.82 -9.66
C ASP H 251 37.37 20.31 -11.06
N GLN H 252 36.34 20.11 -11.87
CA GLN H 252 36.53 19.59 -13.21
C GLN H 252 37.31 20.57 -14.08
N MET H 253 36.99 21.87 -13.99
CA MET H 253 37.72 22.83 -14.81
C MET H 253 39.15 22.98 -14.34
N LEU H 254 39.38 22.90 -13.03
CA LEU H 254 40.75 22.92 -12.53
C LEU H 254 41.53 21.72 -13.04
N GLN H 255 40.92 20.54 -13.02
CA GLN H 255 41.59 19.35 -13.51
C GLN H 255 41.92 19.47 -14.99
N LYS H 256 40.99 20.01 -15.78
CA LYS H 256 41.27 20.23 -17.19
C LYS H 256 42.42 21.20 -17.38
N LEU H 257 42.48 22.25 -16.55
CA LEU H 257 43.58 23.21 -16.64
C LEU H 257 44.92 22.56 -16.31
N THR H 258 44.96 21.72 -15.27
CA THR H 258 46.23 21.18 -14.81
C THR H 258 46.82 20.19 -15.79
N GLN H 259 45.99 19.42 -16.49
CA GLN H 259 46.46 18.34 -17.35
C GLN H 259 46.97 18.83 -18.70
N LEU H 260 47.18 20.14 -18.86
CA LEU H 260 47.73 20.68 -20.11
C LEU H 260 49.14 20.14 -20.36
N MET I 1 55.34 4.95 2.89
CA MET I 1 55.76 5.92 1.89
C MET I 1 55.38 7.34 2.30
N ILE I 2 54.08 7.56 2.47
CA ILE I 2 53.53 8.84 2.87
C ILE I 2 52.75 8.65 4.16
N SER I 3 52.95 9.57 5.11
CA SER I 3 52.28 9.45 6.41
C SER I 3 50.78 9.36 6.28
N SER I 4 50.21 10.01 5.27
CA SER I 4 48.76 10.00 5.11
C SER I 4 48.23 8.58 4.86
N LEU I 5 48.99 7.77 4.13
CA LEU I 5 48.57 6.40 3.89
C LEU I 5 48.46 5.62 5.20
N TRP I 6 49.47 5.75 6.07
CA TRP I 6 49.42 5.04 7.34
C TRP I 6 48.29 5.56 8.22
N ILE I 7 48.09 6.88 8.23
CA ILE I 7 47.01 7.46 9.02
C ILE I 7 45.66 6.93 8.56
N ALA I 8 45.43 6.92 7.26
CA ALA I 8 44.16 6.45 6.74
C ALA I 8 43.99 4.95 6.95
N LYS I 9 45.09 4.19 6.90
CA LYS I 9 45.01 2.77 7.22
C LYS I 9 44.55 2.55 8.65
N THR I 10 45.11 3.32 9.59
CA THR I 10 44.67 3.22 10.98
C THR I 10 43.20 3.59 11.12
N GLY I 11 42.77 4.64 10.43
CA GLY I 11 41.36 5.01 10.47
C GLY I 11 40.45 3.91 9.94
N LEU I 12 40.85 3.29 8.83
CA LEU I 12 40.06 2.19 8.28
C LEU I 12 39.99 1.02 9.25
N ASP I 13 41.11 0.68 9.89
CA ASP I 13 41.10 -0.41 10.85
C ASP I 13 40.19 -0.09 12.04
N ALA I 14 40.23 1.15 12.52
CA ALA I 14 39.36 1.53 13.64
C ALA I 14 37.89 1.41 13.26
N GLN I 15 37.53 1.90 12.07
CA GLN I 15 36.14 1.81 11.64
C GLN I 15 35.72 0.35 11.45
N GLN I 16 36.61 -0.48 10.92
CA GLN I 16 36.29 -1.90 10.76
C GLN I 16 36.04 -2.57 12.11
N THR I 17 36.87 -2.25 13.11
CA THR I 17 36.66 -2.81 14.44
C THR I 17 35.33 -2.35 15.03
N ASN I 18 34.99 -1.07 14.83
CA ASN I 18 33.70 -0.58 15.29
C ASN I 18 32.55 -1.34 14.63
N MET I 19 32.64 -1.55 13.32
CA MET I 19 31.61 -2.33 12.64
C MET I 19 31.55 -3.76 13.16
N ASP I 20 32.71 -4.33 13.49
CA ASP I 20 32.74 -5.69 14.02
C ASP I 20 32.01 -5.79 15.35
N VAL I 21 32.24 -4.83 16.24
CA VAL I 21 31.55 -4.90 17.53
C VAL I 21 30.05 -4.65 17.35
N ILE I 22 29.68 -3.78 16.41
CA ILE I 22 28.26 -3.57 16.13
C ILE I 22 27.62 -4.86 15.63
N ALA I 23 28.31 -5.55 14.71
CA ALA I 23 27.77 -6.79 14.17
C ALA I 23 27.67 -7.87 15.24
N ASN I 24 28.66 -7.94 16.14
CA ASN I 24 28.57 -8.90 17.22
C ASN I 24 27.40 -8.59 18.14
N ASN I 25 27.16 -7.31 18.43
CA ASN I 25 26.00 -6.94 19.24
C ASN I 25 24.71 -7.35 18.55
N LEU I 26 24.63 -7.15 17.24
CA LEU I 26 23.41 -7.50 16.52
C LEU I 26 23.21 -9.02 16.46
N ALA I 27 24.29 -9.77 16.34
CA ALA I 27 24.18 -11.20 16.06
C ALA I 27 23.47 -11.94 17.20
N ASN I 28 23.94 -11.76 18.43
CA ASN I 28 23.33 -12.44 19.57
C ASN I 28 22.35 -11.53 20.30
N VAL I 29 21.35 -11.05 19.57
CA VAL I 29 20.31 -10.23 20.19
C VAL I 29 19.39 -11.09 21.04
N SER I 30 19.27 -12.37 20.72
CA SER I 30 18.36 -13.27 21.42
C SER I 30 19.07 -14.18 22.42
N THR I 31 20.33 -13.91 22.71
CA THR I 31 21.05 -14.68 23.71
C THR I 31 20.70 -14.19 25.11
N ASN I 32 20.28 -15.10 25.97
CA ASN I 32 19.88 -14.73 27.31
C ASN I 32 21.07 -14.28 28.13
N GLY I 33 20.87 -13.21 28.91
CA GLY I 33 21.92 -12.71 29.77
C GLY I 33 23.14 -12.24 29.02
N PHE I 34 22.94 -11.49 27.94
CA PHE I 34 24.02 -10.96 27.13
C PHE I 34 24.16 -9.46 27.39
N LYS I 35 25.40 -9.02 27.53
CA LYS I 35 25.72 -7.62 27.77
C LYS I 35 26.46 -7.06 26.57
N ARG I 36 25.92 -5.99 25.98
CA ARG I 36 26.49 -5.44 24.76
C ARG I 36 27.78 -4.71 25.05
N GLN I 37 28.65 -4.67 24.04
CA GLN I 37 29.94 -4.01 24.14
C GLN I 37 29.94 -2.72 23.33
N ARG I 38 30.82 -1.81 23.73
CA ARG I 38 31.09 -0.62 22.93
C ARG I 38 32.60 -0.38 22.95
N ALA I 39 33.14 0.05 21.81
CA ALA I 39 34.57 0.24 21.64
C ALA I 39 34.93 1.71 21.78
N VAL I 40 36.01 1.98 22.50
CA VAL I 40 36.53 3.33 22.68
C VAL I 40 37.91 3.39 22.02
N PHE I 41 38.10 4.39 21.17
CA PHE I 41 39.34 4.62 20.44
C PHE I 41 40.14 5.72 21.13
N GLU I 42 41.37 5.91 20.66
CA GLU I 42 42.25 6.93 21.22
C GLU I 42 43.34 7.20 20.20
N ASP I 43 43.99 8.36 20.37
CA ASP I 43 44.93 8.87 19.38
C ASP I 43 46.31 8.25 19.53
N LEU I 44 46.98 8.01 18.41
CA LEU I 44 48.34 7.49 18.43
C LEU I 44 49.30 8.61 18.81
N LEU I 45 50.59 8.34 18.67
CA LEU I 45 51.60 9.32 19.03
C LEU I 45 51.57 10.51 18.07
N TYR I 46 52.30 11.57 18.43
CA TYR I 46 52.35 12.80 17.65
C TYR I 46 53.79 13.10 17.28
N GLN I 47 53.98 13.57 16.04
CA GLN I 47 55.29 14.03 15.60
C GLN I 47 55.39 15.53 15.85
N THR I 48 56.32 15.93 16.71
CA THR I 48 56.47 17.32 17.12
C THR I 48 57.61 17.93 16.31
N ILE I 49 57.27 18.58 15.21
CA ILE I 49 58.30 19.20 14.38
C ILE I 49 58.87 20.42 15.07
N ARG I 50 58.01 21.25 15.67
CA ARG I 50 58.43 22.41 16.44
C ARG I 50 57.85 22.30 17.85
N GLN I 51 58.70 22.50 18.85
CA GLN I 51 58.27 22.32 20.22
C GLN I 51 57.36 23.48 20.64
N PRO I 52 56.11 23.21 21.04
CA PRO I 52 55.25 24.29 21.50
C PRO I 52 55.83 24.96 22.73
N GLY I 53 55.68 26.27 22.81
CA GLY I 53 56.19 27.03 23.93
C GLY I 53 57.69 27.26 23.91
N ALA I 54 58.37 26.88 22.84
CA ALA I 54 59.80 27.13 22.75
C ALA I 54 60.07 28.62 22.63
N GLN I 55 61.23 29.04 23.12
CA GLN I 55 61.62 30.44 23.04
C GLN I 55 61.90 30.82 21.59
N SER I 56 61.05 31.68 21.04
CA SER I 56 61.27 32.20 19.69
C SER I 56 62.27 33.34 19.66
N SER I 57 62.57 33.94 20.80
CA SER I 57 63.49 35.06 20.91
C SER I 57 63.86 35.21 22.37
N GLU I 58 64.53 36.31 22.71
CA GLU I 58 64.85 36.60 24.09
C GLU I 58 63.66 37.05 24.91
N GLN I 59 62.51 37.33 24.27
CA GLN I 59 61.34 37.83 24.96
C GLN I 59 60.06 37.06 24.67
N THR I 60 59.93 36.44 23.51
CA THR I 60 58.68 35.84 23.06
C THR I 60 58.77 34.32 23.11
N THR I 61 57.69 33.68 22.70
CA THR I 61 57.63 32.22 22.66
C THR I 61 56.53 31.81 21.69
N LEU I 62 56.65 30.60 21.16
CA LEU I 62 55.65 30.10 20.24
C LEU I 62 54.37 29.75 20.98
N PRO I 63 53.24 30.36 20.64
CA PRO I 63 51.98 30.02 21.34
C PRO I 63 51.57 28.58 21.13
N SER I 64 51.83 28.02 19.95
CA SER I 64 51.48 26.63 19.67
C SER I 64 52.35 26.13 18.53
N GLY I 65 53.10 25.06 18.79
CA GLY I 65 54.05 24.56 17.83
C GLY I 65 53.42 23.68 16.77
N LEU I 66 54.27 23.14 15.91
CA LEU I 66 53.84 22.29 14.82
C LEU I 66 53.84 20.84 15.29
N GLN I 67 52.66 20.25 15.41
CA GLN I 67 52.51 18.85 15.80
C GLN I 67 51.56 18.17 14.83
N ILE I 68 51.94 16.98 14.38
CA ILE I 68 51.20 16.25 13.37
C ILE I 68 50.77 14.91 13.95
N GLY I 69 49.49 14.58 13.79
CA GLY I 69 49.00 13.32 14.28
C GLY I 69 49.47 12.15 13.42
N THR I 70 49.29 10.95 13.95
CA THR I 70 49.70 9.74 13.25
C THR I 70 48.59 8.72 13.07
N GLY I 71 47.39 8.96 13.60
CA GLY I 71 46.30 8.05 13.39
C GLY I 71 45.50 7.86 14.66
N VAL I 72 44.85 6.70 14.74
CA VAL I 72 43.97 6.37 15.86
C VAL I 72 43.99 4.86 16.05
N ARG I 73 43.89 4.42 17.31
CA ARG I 73 43.80 3.01 17.61
C ARG I 73 42.69 2.77 18.61
N PRO I 74 42.04 1.59 18.56
CA PRO I 74 41.00 1.27 19.54
C PRO I 74 41.61 0.93 20.88
N VAL I 75 41.47 1.86 21.85
CA VAL I 75 42.16 1.67 23.13
C VAL I 75 41.51 0.54 23.93
N ALA I 76 40.19 0.43 23.89
CA ALA I 76 39.55 -0.58 24.73
C ALA I 76 38.14 -0.87 24.24
N THR I 77 37.51 -1.86 24.87
CA THR I 77 36.10 -2.12 24.72
C THR I 77 35.51 -2.42 26.09
N GLU I 78 34.27 -2.02 26.29
CA GLU I 78 33.63 -2.15 27.60
C GLU I 78 32.23 -2.69 27.44
N ARG I 79 31.82 -3.55 28.37
CA ARG I 79 30.51 -4.18 28.35
C ARG I 79 29.60 -3.45 29.33
N LEU I 80 28.47 -2.96 28.82
CA LEU I 80 27.49 -2.25 29.64
C LEU I 80 26.74 -3.26 30.49
N HIS I 81 27.05 -3.32 31.79
CA HIS I 81 26.43 -4.28 32.69
C HIS I 81 25.12 -3.74 33.26
N SER I 82 24.23 -3.37 32.34
CA SER I 82 22.89 -2.95 32.74
C SER I 82 22.04 -4.17 33.07
N GLN I 83 20.78 -3.93 33.40
CA GLN I 83 19.85 -4.99 33.76
C GLN I 83 18.89 -5.21 32.60
N GLY I 84 19.01 -6.36 31.94
CA GLY I 84 18.16 -6.65 30.80
C GLY I 84 16.74 -6.96 31.20
N ASN I 85 15.85 -6.84 30.23
CA ASN I 85 14.44 -7.11 30.48
C ASN I 85 14.21 -8.57 30.80
N LEU I 86 13.22 -8.84 31.66
CA LEU I 86 12.88 -10.18 32.07
C LEU I 86 11.63 -10.63 31.32
N SER I 87 11.71 -11.78 30.67
CA SER I 87 10.58 -12.38 30.00
C SER I 87 10.16 -13.65 30.74
N GLN I 88 8.87 -13.78 30.98
CA GLN I 88 8.33 -14.91 31.72
C GLN I 88 8.29 -16.13 30.80
N THR I 89 9.19 -17.08 31.03
CA THR I 89 9.19 -18.33 30.29
C THR I 89 8.29 -19.40 30.88
N ASN I 90 7.79 -19.18 32.11
CA ASN I 90 6.84 -20.08 32.74
C ASN I 90 7.36 -21.51 32.83
N ASN I 91 8.63 -21.65 33.17
CA ASN I 91 9.26 -22.94 33.42
C ASN I 91 9.53 -23.10 34.90
N SER I 92 9.86 -24.32 35.30
CA SER I 92 10.14 -24.61 36.69
C SER I 92 11.64 -24.58 37.02
N LYS I 93 12.51 -24.51 36.01
CA LYS I 93 13.94 -24.58 36.27
C LYS I 93 14.70 -23.46 35.56
N ASP I 94 14.03 -22.35 35.29
CA ASP I 94 14.65 -21.17 34.71
C ASP I 94 14.67 -20.06 35.75
N VAL I 95 15.84 -19.49 35.98
CA VAL I 95 16.03 -18.49 37.03
C VAL I 95 16.53 -17.21 36.40
N ALA I 96 15.88 -16.10 36.73
CA ALA I 96 16.31 -14.78 36.31
C ALA I 96 16.83 -14.04 37.53
N ILE I 97 18.01 -13.44 37.40
CA ILE I 97 18.63 -12.69 38.48
C ILE I 97 18.41 -11.22 38.23
N LYS I 98 17.80 -10.55 39.21
CA LYS I 98 17.48 -9.12 39.13
C LYS I 98 18.42 -8.37 40.07
N GLY I 99 19.38 -7.67 39.48
CA GLY I 99 20.36 -6.95 40.29
C GLY I 99 21.78 -7.27 39.88
N GLN I 100 22.62 -7.59 40.85
CA GLN I 100 24.02 -7.89 40.62
C GLN I 100 24.35 -9.27 41.16
N GLY I 101 25.16 -10.01 40.43
CA GLY I 101 25.58 -11.32 40.88
C GLY I 101 25.94 -12.21 39.71
N PHE I 102 26.49 -13.38 40.06
CA PHE I 102 26.92 -14.34 39.06
C PHE I 102 26.83 -15.75 39.65
N PHE I 103 26.14 -16.64 38.95
CA PHE I 103 26.17 -18.05 39.30
C PHE I 103 27.57 -18.62 39.06
N GLN I 104 28.05 -19.41 40.00
CA GLN I 104 29.36 -20.04 39.86
C GLN I 104 29.19 -21.42 39.24
N VAL I 105 30.15 -21.81 38.41
CA VAL I 105 30.10 -23.04 37.64
C VAL I 105 31.47 -23.70 37.69
N MET I 106 31.49 -25.02 37.83
CA MET I 106 32.74 -25.77 37.86
C MET I 106 33.02 -26.35 36.49
N LEU I 107 34.07 -25.85 35.84
CA LEU I 107 34.48 -26.37 34.55
C LEU I 107 35.10 -27.76 34.72
N PRO I 108 35.07 -28.58 33.67
CA PRO I 108 35.59 -29.96 33.80
C PRO I 108 37.05 -30.02 34.23
N ASP I 109 37.89 -29.10 33.77
CA ASP I 109 39.30 -29.16 34.11
C ASP I 109 39.57 -28.91 35.59
N GLY I 110 38.70 -28.17 36.26
CA GLY I 110 38.87 -27.94 37.69
C GLY I 110 38.64 -26.50 38.10
N THR I 111 38.93 -25.56 37.21
CA THR I 111 38.74 -24.16 37.51
C THR I 111 37.26 -23.83 37.52
N SER I 112 36.92 -22.61 37.96
CA SER I 112 35.54 -22.20 38.10
C SER I 112 35.28 -20.94 37.29
N ALA I 113 34.16 -20.92 36.59
CA ALA I 113 33.71 -19.79 35.78
C ALA I 113 32.43 -19.24 36.38
N TYR I 114 31.92 -18.17 35.77
CA TYR I 114 30.74 -17.49 36.28
C TYR I 114 29.83 -17.12 35.13
N THR I 115 28.53 -17.13 35.39
CA THR I 115 27.57 -16.87 34.33
C THR I 115 26.32 -16.22 34.90
N ARG I 116 25.56 -15.56 34.02
CA ARG I 116 24.27 -14.99 34.36
C ARG I 116 23.11 -15.65 33.64
N ASP I 117 23.38 -16.54 32.69
CA ASP I 117 22.33 -17.18 31.91
C ASP I 117 21.63 -18.20 32.78
N GLY I 118 20.38 -17.93 33.14
CA GLY I 118 19.61 -18.86 33.92
C GLY I 118 18.78 -19.80 33.07
N SER I 119 19.33 -20.98 32.81
CA SER I 119 18.58 -22.05 32.15
C SER I 119 19.21 -23.36 32.61
N PHE I 120 18.62 -23.99 33.61
CA PHE I 120 19.22 -25.11 34.30
C PHE I 120 18.50 -26.39 33.94
N GLN I 121 19.24 -27.50 33.91
CA GLN I 121 18.69 -28.82 33.73
C GLN I 121 19.28 -29.74 34.78
N VAL I 122 18.87 -31.00 34.74
CA VAL I 122 19.40 -32.03 35.63
C VAL I 122 19.96 -33.15 34.77
N ASP I 123 21.20 -33.54 35.05
CA ASP I 123 21.80 -34.64 34.31
C ASP I 123 21.24 -35.96 34.82
N GLN I 124 21.78 -37.07 34.29
CA GLN I 124 21.23 -38.38 34.62
C GLN I 124 21.34 -38.73 36.10
N ASN I 125 22.21 -38.05 36.83
CA ASN I 125 22.34 -38.26 38.26
C ASN I 125 21.50 -37.29 39.08
N GLY I 126 20.77 -36.39 38.43
CA GLY I 126 19.94 -35.44 39.13
C GLY I 126 20.64 -34.18 39.60
N GLN I 127 21.94 -34.07 39.39
CA GLN I 127 22.65 -32.86 39.78
C GLN I 127 22.25 -31.69 38.89
N LEU I 128 22.18 -30.51 39.49
CA LEU I 128 21.72 -29.32 38.77
C LEU I 128 22.89 -28.80 37.95
N VAL I 129 22.78 -28.93 36.63
CA VAL I 129 23.80 -28.46 35.71
C VAL I 129 23.21 -27.37 34.84
N THR I 130 24.07 -26.63 34.15
CA THR I 130 23.61 -25.63 33.21
C THR I 130 23.37 -26.26 31.85
N ALA I 131 22.90 -25.45 30.91
CA ALA I 131 22.71 -25.91 29.54
C ALA I 131 24.08 -26.06 28.88
N GLY I 132 24.59 -27.28 28.84
CA GLY I 132 25.90 -27.53 28.30
C GLY I 132 26.67 -28.61 29.06
N GLY I 133 26.15 -28.99 30.22
CA GLY I 133 26.73 -30.05 31.00
C GLY I 133 27.62 -29.62 32.14
N PHE I 134 27.67 -28.34 32.46
CA PHE I 134 28.48 -27.83 33.55
C PHE I 134 27.61 -27.69 34.79
N GLN I 135 28.07 -28.24 35.91
CA GLN I 135 27.27 -28.24 37.13
C GLN I 135 27.57 -27.01 37.97
N VAL I 136 26.54 -26.55 38.69
CA VAL I 136 26.70 -25.44 39.59
C VAL I 136 27.62 -25.84 40.73
N GLN I 137 28.41 -24.87 41.22
CA GLN I 137 29.46 -25.19 42.19
C GLN I 137 28.92 -25.77 43.49
N PRO I 138 27.88 -25.21 44.13
CA PRO I 138 27.35 -25.83 45.35
C PRO I 138 26.79 -27.23 45.14
N ALA I 139 26.51 -27.62 43.89
CA ALA I 139 26.08 -28.98 43.56
C ALA I 139 24.77 -29.35 44.24
N ILE I 140 23.71 -28.65 43.84
CA ILE I 140 22.37 -28.93 44.33
C ILE I 140 21.89 -30.21 43.64
N THR I 141 21.67 -31.26 44.43
CA THR I 141 21.27 -32.57 43.90
C THR I 141 19.76 -32.72 44.04
N ILE I 142 19.05 -32.56 42.92
CA ILE I 142 17.61 -32.74 42.90
C ILE I 142 17.30 -34.23 42.94
N PRO I 143 16.51 -34.71 43.89
CA PRO I 143 16.23 -36.14 43.98
C PRO I 143 15.23 -36.56 42.91
N ALA I 144 15.08 -37.88 42.77
CA ALA I 144 14.02 -38.43 41.94
C ALA I 144 12.68 -38.25 42.66
N ASN I 145 11.62 -38.78 42.08
CA ASN I 145 10.26 -38.72 42.64
C ASN I 145 9.95 -37.35 43.21
N ALA I 146 10.41 -36.29 42.55
CA ALA I 146 10.17 -34.92 42.99
C ALA I 146 8.97 -34.39 42.21
N LEU I 147 7.87 -34.12 42.92
CA LEU I 147 6.67 -33.65 42.25
C LEU I 147 6.89 -32.29 41.60
N SER I 148 7.58 -31.38 42.30
CA SER I 148 7.82 -30.05 41.78
C SER I 148 9.10 -29.49 42.36
N ILE I 149 9.65 -28.50 41.68
CA ILE I 149 10.85 -27.78 42.11
C ILE I 149 10.49 -26.31 42.24
N THR I 150 10.78 -25.74 43.40
CA THR I 150 10.47 -24.34 43.67
C THR I 150 11.69 -23.66 44.25
N ILE I 151 11.91 -22.41 43.85
CA ILE I 151 13.05 -21.61 44.30
C ILE I 151 12.51 -20.30 44.85
N GLY I 152 12.87 -19.99 46.09
CA GLY I 152 12.41 -18.78 46.73
C GLY I 152 13.15 -17.56 46.25
N ARG I 153 12.84 -16.43 46.89
CA ARG I 153 13.56 -15.20 46.59
C ARG I 153 15.04 -15.33 46.92
N ASP I 154 15.34 -15.99 48.03
CA ASP I 154 16.73 -16.31 48.37
C ASP I 154 17.14 -17.56 47.58
N GLY I 155 18.33 -18.07 47.85
CA GLY I 155 18.82 -19.20 47.10
C GLY I 155 18.28 -20.55 47.51
N VAL I 156 17.45 -20.61 48.55
CA VAL I 156 17.00 -21.89 49.08
C VAL I 156 16.13 -22.59 48.04
N VAL I 157 16.46 -23.84 47.74
CA VAL I 157 15.73 -24.64 46.76
C VAL I 157 15.02 -25.75 47.54
N SER I 158 13.70 -25.79 47.40
CA SER I 158 12.89 -26.77 48.11
C SER I 158 12.22 -27.70 47.12
N VAL I 159 12.00 -28.94 47.56
CA VAL I 159 11.45 -29.99 46.72
C VAL I 159 10.28 -30.63 47.45
N THR I 160 9.16 -30.78 46.74
CA THR I 160 7.98 -31.43 47.30
C THR I 160 7.93 -32.87 46.81
N GLN I 161 7.61 -33.79 47.72
CA GLN I 161 7.59 -35.20 47.40
C GLN I 161 6.17 -35.76 47.48
N GLN I 162 6.03 -37.06 47.26
CA GLN I 162 4.71 -37.68 47.19
C GLN I 162 3.98 -37.59 48.53
N GLY I 163 4.67 -37.84 49.63
CA GLY I 163 4.04 -37.80 50.93
C GLY I 163 4.59 -36.71 51.81
N GLN I 164 4.36 -36.83 53.12
CA GLN I 164 4.89 -36.01 54.20
C GLN I 164 4.39 -34.56 54.17
N ALA I 165 3.71 -34.15 53.09
CA ALA I 165 3.01 -32.85 53.03
C ALA I 165 3.88 -31.69 53.50
N ALA I 166 5.19 -31.78 53.26
CA ALA I 166 6.10 -30.73 53.72
C ALA I 166 7.32 -30.66 52.79
N PRO I 167 7.57 -29.50 52.18
CA PRO I 167 8.73 -29.40 51.28
C PRO I 167 10.04 -29.59 52.04
N VAL I 168 11.00 -30.20 51.35
CA VAL I 168 12.31 -30.48 51.92
C VAL I 168 13.36 -29.71 51.13
N GLN I 169 14.17 -28.93 51.83
CA GLN I 169 15.23 -28.17 51.18
C GLN I 169 16.31 -29.11 50.66
N VAL I 170 16.82 -28.82 49.46
CA VAL I 170 17.86 -29.61 48.84
C VAL I 170 19.15 -28.81 48.66
N GLY I 171 19.20 -27.58 49.17
CA GLY I 171 20.40 -26.79 49.08
C GLY I 171 20.05 -25.33 48.88
N GLN I 172 21.10 -24.54 48.64
CA GLN I 172 20.94 -23.12 48.41
C GLN I 172 21.78 -22.71 47.22
N LEU I 173 21.32 -21.68 46.51
CA LEU I 173 22.01 -21.14 45.34
C LEU I 173 22.65 -19.82 45.73
N ASN I 174 23.86 -19.88 46.28
CA ASN I 174 24.63 -18.68 46.54
C ASN I 174 25.15 -18.12 45.23
N LEU I 175 25.38 -16.81 45.21
CA LEU I 175 25.97 -16.18 44.04
C LEU I 175 27.12 -15.29 44.47
N THR I 176 28.10 -15.17 43.59
CA THR I 176 29.33 -14.44 43.86
C THR I 176 29.32 -13.12 43.10
N THR I 177 29.71 -12.06 43.79
CA THR I 177 29.85 -10.75 43.18
C THR I 177 31.33 -10.40 43.05
N PHE I 178 31.60 -9.43 42.17
CA PHE I 178 32.94 -8.97 41.88
C PHE I 178 33.02 -7.47 42.10
N MET I 179 34.22 -7.02 42.45
CA MET I 179 34.44 -5.58 42.64
C MET I 179 34.29 -4.83 41.32
N ASN I 180 34.82 -5.39 40.23
CA ASN I 180 34.77 -4.75 38.92
C ASN I 180 34.34 -5.79 37.91
N ASP I 181 33.02 -5.93 37.71
CA ASP I 181 32.50 -6.93 36.79
C ASP I 181 32.85 -6.66 35.34
N THR I 182 33.24 -5.43 35.00
CA THR I 182 33.64 -5.14 33.63
C THR I 182 34.90 -5.90 33.24
N GLY I 183 35.86 -5.99 34.16
CA GLY I 183 37.12 -6.65 33.85
C GLY I 183 37.10 -8.15 34.02
N LEU I 184 36.14 -8.82 33.41
CA LEU I 184 36.06 -10.27 33.41
C LEU I 184 36.36 -10.77 32.00
N GLU I 185 37.33 -11.66 31.87
CA GLU I 185 37.63 -12.22 30.57
C GLU I 185 36.50 -13.13 30.13
N SER I 186 35.94 -12.82 28.96
CA SER I 186 34.70 -13.45 28.51
C SER I 186 35.05 -14.59 27.56
N ILE I 187 35.02 -15.82 28.06
CA ILE I 187 35.17 -16.99 27.21
C ILE I 187 33.81 -17.27 26.60
N GLY I 188 33.76 -18.20 25.64
CA GLY I 188 32.51 -18.52 24.98
C GLY I 188 31.47 -19.11 25.93
N GLU I 189 30.39 -19.57 25.32
CA GLU I 189 29.23 -20.17 25.99
C GLU I 189 28.83 -19.41 27.26
N ASN I 190 28.77 -18.08 27.13
CA ASN I 190 28.25 -17.21 28.17
C ASN I 190 28.94 -17.43 29.52
N LEU I 191 30.27 -17.49 29.49
CA LEU I 191 31.04 -17.69 30.70
C LEU I 191 32.11 -16.62 30.83
N TYR I 192 32.34 -16.21 32.07
CA TYR I 192 33.35 -15.23 32.41
C TYR I 192 34.33 -15.84 33.40
N ILE I 193 35.60 -15.48 33.26
CA ILE I 193 36.64 -15.90 34.20
C ILE I 193 37.29 -14.64 34.75
N GLU I 194 37.53 -14.64 36.05
CA GLU I 194 38.09 -13.47 36.71
C GLU I 194 39.56 -13.31 36.34
N THR I 195 40.01 -12.05 36.27
CA THR I 195 41.40 -11.76 35.96
C THR I 195 41.99 -10.86 37.03
N GLN I 196 43.16 -10.29 36.77
CA GLN I 196 43.76 -9.37 37.73
C GLN I 196 42.93 -8.10 37.87
N SER I 197 42.31 -7.63 36.78
CA SER I 197 41.53 -6.40 36.82
C SER I 197 40.27 -6.53 37.64
N SER I 198 39.77 -7.73 37.87
CA SER I 198 38.59 -7.97 38.67
C SER I 198 39.00 -8.63 39.98
N GLY I 199 38.49 -8.11 41.08
CA GLY I 199 38.88 -8.60 42.39
C GLY I 199 38.46 -10.04 42.61
N ALA I 200 38.95 -10.60 43.70
CA ALA I 200 38.57 -11.95 44.07
C ALA I 200 37.07 -12.00 44.33
N PRO I 201 36.36 -12.98 43.78
CA PRO I 201 34.92 -13.03 43.97
C PRO I 201 34.56 -13.21 45.43
N ASN I 202 33.47 -12.56 45.86
CA ASN I 202 32.95 -12.77 47.20
C ASN I 202 31.54 -13.35 47.07
N GLU I 203 31.32 -14.50 47.71
CA GLU I 203 30.03 -15.17 47.61
C GLU I 203 29.08 -14.66 48.68
N SER I 204 27.79 -14.71 48.38
CA SER I 204 26.77 -14.33 49.34
C SER I 204 25.44 -14.90 48.88
N THR I 205 24.50 -14.96 49.81
CA THR I 205 23.14 -15.35 49.47
C THR I 205 22.45 -14.18 48.76
N PRO I 206 21.50 -14.47 47.88
CA PRO I 206 20.81 -13.41 47.16
C PRO I 206 20.05 -12.49 48.12
N GLY I 207 20.00 -11.21 47.76
CA GLY I 207 19.32 -10.22 48.56
C GLY I 207 20.12 -9.60 49.67
N LEU I 208 21.39 -9.98 49.82
CA LEU I 208 22.25 -9.43 50.85
C LEU I 208 23.52 -8.88 50.21
N ASN I 209 24.08 -7.84 50.83
CA ASN I 209 25.32 -7.21 50.38
C ASN I 209 25.19 -6.70 48.95
N GLY I 210 24.03 -6.18 48.58
CA GLY I 210 23.82 -5.65 47.26
C GLY I 210 23.58 -6.68 46.18
N ALA I 211 23.49 -7.97 46.54
CA ALA I 211 23.26 -9.00 45.55
C ALA I 211 21.82 -8.92 45.02
N GLY I 212 21.61 -9.53 43.86
CA GLY I 212 20.31 -9.52 43.23
C GLY I 212 19.35 -10.52 43.84
N LEU I 213 18.15 -10.57 43.26
CA LEU I 213 17.11 -11.48 43.68
C LEU I 213 16.85 -12.51 42.59
N LEU I 214 16.41 -13.68 43.00
CA LEU I 214 16.18 -14.79 42.08
C LEU I 214 14.69 -14.97 41.84
N TYR I 215 14.28 -14.91 40.58
CA TYR I 215 12.91 -15.16 40.18
C TYR I 215 12.84 -16.44 39.36
N GLN I 216 11.92 -17.31 39.73
CA GLN I 216 11.75 -18.59 39.04
C GLN I 216 10.71 -18.43 37.93
N GLY I 217 10.98 -19.03 36.78
CA GLY I 217 10.09 -18.94 35.65
C GLY I 217 10.34 -17.75 34.75
N TYR I 218 11.38 -16.97 34.98
CA TYR I 218 11.72 -15.83 34.17
C TYR I 218 13.13 -16.00 33.62
N VAL I 219 13.39 -15.38 32.49
CA VAL I 219 14.71 -15.42 31.87
C VAL I 219 15.07 -14.01 31.42
N GLU I 220 16.34 -13.64 31.58
CA GLU I 220 16.80 -12.29 31.32
C GLU I 220 17.29 -12.19 29.87
N THR I 221 16.65 -11.34 29.09
CA THR I 221 17.04 -11.14 27.71
C THR I 221 18.23 -10.19 27.60
N SER I 222 18.84 -10.17 26.42
CA SER I 222 19.99 -9.32 26.19
C SER I 222 19.59 -7.85 26.21
N ASN I 223 20.46 -7.02 26.74
CA ASN I 223 20.21 -5.58 26.81
C ASN I 223 20.75 -4.85 25.58
N VAL I 224 20.40 -5.35 24.40
CA VAL I 224 20.86 -4.77 23.15
C VAL I 224 19.78 -3.85 22.61
N ASN I 225 20.09 -2.56 22.51
CA ASN I 225 19.15 -1.57 21.99
C ASN I 225 19.25 -1.59 20.47
N VAL I 226 18.37 -2.36 19.84
CA VAL I 226 18.47 -2.57 18.39
C VAL I 226 18.15 -1.30 17.61
N ALA I 227 17.51 -0.31 18.25
CA ALA I 227 17.14 0.90 17.53
C ALA I 227 18.36 1.73 17.15
N GLU I 228 19.31 1.88 18.06
CA GLU I 228 20.47 2.73 17.83
C GLU I 228 21.55 2.06 17.00
N GLU I 229 21.51 0.73 16.85
CA GLU I 229 22.51 0.05 16.06
C GLU I 229 22.43 0.46 14.60
N LEU I 230 21.23 0.76 14.11
CA LEU I 230 21.09 1.16 12.71
C LEU I 230 21.77 2.51 12.45
N VAL I 231 21.52 3.50 13.31
CA VAL I 231 22.18 4.78 13.11
C VAL I 231 23.68 4.64 13.33
N ASN I 232 24.10 3.78 14.26
CA ASN I 232 25.53 3.55 14.45
C ASN I 232 26.17 2.98 13.19
N MET I 233 25.50 2.02 12.54
CA MET I 233 26.08 1.43 11.34
C MET I 233 26.05 2.41 10.17
N ILE I 234 25.04 3.28 10.11
CA ILE I 234 25.04 4.33 9.08
C ILE I 234 26.24 5.24 9.26
N GLN I 235 26.48 5.67 10.50
CA GLN I 235 27.61 6.55 10.78
C GLN I 235 28.93 5.85 10.46
N VAL I 236 29.05 4.57 10.81
CA VAL I 236 30.27 3.84 10.54
C VAL I 236 30.52 3.73 9.04
N GLN I 237 29.46 3.44 8.28
CA GLN I 237 29.60 3.35 6.83
C GLN I 237 30.06 4.67 6.23
N ARG I 238 29.48 5.78 6.68
CA ARG I 238 29.89 7.08 6.14
C ARG I 238 31.34 7.39 6.50
N ALA I 239 31.75 7.09 7.73
CA ALA I 239 33.14 7.34 8.12
C ALA I 239 34.11 6.50 7.30
N TYR I 240 33.77 5.23 7.07
CA TYR I 240 34.61 4.37 6.25
C TYR I 240 34.72 4.91 4.83
N GLU I 241 33.61 5.39 4.27
CA GLU I 241 33.64 5.96 2.94
C GLU I 241 34.54 7.19 2.88
N ILE I 242 34.46 8.04 3.91
CA ILE I 242 35.30 9.24 3.93
C ILE I 242 36.78 8.87 3.98
N ASN I 243 37.14 7.89 4.83
CA ASN I 243 38.53 7.47 4.90
C ASN I 243 39.00 6.86 3.59
N SER I 244 38.13 6.09 2.92
CA SER I 244 38.49 5.56 1.62
C SER I 244 38.71 6.68 0.61
N LYS I 245 37.91 7.74 0.70
CA LYS I 245 38.12 8.89 -0.16
C LYS I 245 39.48 9.52 0.10
N ALA I 246 39.87 9.61 1.37
CA ALA I 246 41.20 10.14 1.68
C ALA I 246 42.30 9.28 1.08
N VAL I 247 42.15 7.96 1.18
CA VAL I 247 43.15 7.06 0.57
C VAL I 247 43.22 7.28 -0.93
N SER I 248 42.07 7.40 -1.58
CA SER I 248 42.06 7.60 -3.04
C SER I 248 42.72 8.92 -3.41
N THR I 249 42.46 9.98 -2.64
CA THR I 249 43.10 11.26 -2.91
C THR I 249 44.61 11.15 -2.77
N THR I 250 45.08 10.48 -1.72
CA THR I 250 46.53 10.30 -1.56
C THR I 250 47.12 9.52 -2.72
N ASP I 251 46.43 8.46 -3.16
CA ASP I 251 46.94 7.66 -4.26
C ASP I 251 47.03 8.48 -5.54
N GLN I 252 46.00 9.29 -5.82
CA GLN I 252 46.01 10.11 -7.02
C GLN I 252 47.12 11.15 -6.94
N MET I 253 47.33 11.73 -5.76
CA MET I 253 48.40 12.69 -5.58
C MET I 253 49.77 12.06 -5.84
N LEU I 254 49.99 10.86 -5.30
CA LEU I 254 51.25 10.17 -5.54
C LEU I 254 51.43 9.84 -7.01
N GLN I 255 50.35 9.42 -7.67
CA GLN I 255 50.43 9.08 -9.09
C GLN I 255 50.82 10.30 -9.91
N LYS I 256 50.20 11.44 -9.62
CA LYS I 256 50.58 12.67 -10.31
C LYS I 256 52.02 13.05 -10.03
N LEU I 257 52.45 12.93 -8.77
CA LEU I 257 53.83 13.29 -8.43
C LEU I 257 54.83 12.43 -9.19
N THR I 258 54.59 11.13 -9.25
CA THR I 258 55.54 10.23 -9.88
C THR I 258 55.35 10.11 -11.38
N GLN I 259 54.30 10.71 -11.94
CA GLN I 259 54.09 10.65 -13.38
C GLN I 259 55.22 11.35 -14.12
N LEU I 260 55.66 12.49 -13.61
CA LEU I 260 56.73 13.25 -14.26
C LEU I 260 58.07 12.50 -14.17
N MET J 1 54.47 -13.56 -16.76
CA MET J 1 55.86 -13.83 -16.41
C MET J 1 56.16 -13.40 -14.99
N ILE J 2 55.11 -13.11 -14.23
CA ILE J 2 55.23 -12.68 -12.84
C ILE J 2 54.47 -13.67 -11.97
N SER J 3 55.08 -14.04 -10.84
CA SER J 3 54.46 -15.02 -9.96
C SER J 3 53.11 -14.53 -9.44
N SER J 4 53.00 -13.24 -9.16
CA SER J 4 51.74 -12.69 -8.66
C SER J 4 50.61 -12.90 -9.67
N LEU J 5 50.93 -12.77 -10.96
CA LEU J 5 49.91 -12.97 -11.99
C LEU J 5 49.37 -14.40 -11.96
N TRP J 6 50.26 -15.39 -11.89
CA TRP J 6 49.83 -16.78 -11.86
C TRP J 6 49.13 -17.13 -10.55
N ILE J 7 49.46 -16.47 -9.45
CA ILE J 7 48.75 -16.69 -8.20
C ILE J 7 47.33 -16.12 -8.27
N ALA J 8 47.20 -14.91 -8.81
CA ALA J 8 45.88 -14.32 -8.96
C ALA J 8 45.02 -15.11 -9.94
N LYS J 9 45.64 -15.74 -10.94
CA LYS J 9 44.88 -16.62 -11.83
C LYS J 9 44.25 -17.76 -11.05
N THR J 10 45.02 -18.40 -10.18
CA THR J 10 44.47 -19.50 -9.38
C THR J 10 43.39 -19.01 -8.44
N GLY J 11 43.58 -17.83 -7.85
CA GLY J 11 42.53 -17.26 -7.00
C GLY J 11 41.24 -17.04 -7.75
N LEU J 12 41.33 -16.47 -8.95
CA LEU J 12 40.15 -16.25 -9.77
C LEU J 12 39.48 -17.57 -10.13
N ASP J 13 40.27 -18.60 -10.47
CA ASP J 13 39.68 -19.89 -10.81
C ASP J 13 38.97 -20.50 -9.62
N ALA J 14 39.55 -20.39 -8.43
CA ALA J 14 38.90 -20.91 -7.22
C ALA J 14 37.58 -20.21 -6.97
N GLN J 15 37.56 -18.87 -7.09
CA GLN J 15 36.30 -18.17 -6.89
C GLN J 15 35.28 -18.56 -7.95
N GLN J 16 35.73 -18.78 -9.18
CA GLN J 16 34.82 -19.16 -10.25
C GLN J 16 34.19 -20.52 -9.98
N THR J 17 34.99 -21.50 -9.56
CA THR J 17 34.41 -22.82 -9.29
C THR J 17 33.51 -22.78 -8.05
N ASN J 18 33.83 -21.96 -7.07
CA ASN J 18 32.93 -21.80 -5.93
C ASN J 18 31.59 -21.23 -6.38
N MET J 19 31.62 -20.20 -7.23
CA MET J 19 30.37 -19.65 -7.74
C MET J 19 29.62 -20.69 -8.57
N ASP J 20 30.34 -21.53 -9.29
CA ASP J 20 29.71 -22.55 -10.11
C ASP J 20 28.96 -23.56 -9.25
N VAL J 21 29.57 -24.01 -8.14
CA VAL J 21 28.86 -24.96 -7.29
C VAL J 21 27.68 -24.27 -6.58
N ILE J 22 27.82 -22.98 -6.25
CA ILE J 22 26.69 -22.26 -5.66
C ILE J 22 25.52 -22.20 -6.65
N ALA J 23 25.82 -21.88 -7.91
CA ALA J 23 24.77 -21.82 -8.92
C ALA J 23 24.15 -23.19 -9.15
N ASN J 24 24.96 -24.25 -9.12
CA ASN J 24 24.39 -25.59 -9.27
C ASN J 24 23.44 -25.91 -8.12
N ASN J 25 23.82 -25.57 -6.89
CA ASN J 25 22.92 -25.81 -5.77
C ASN J 25 21.63 -25.01 -5.92
N LEU J 26 21.74 -23.76 -6.38
CA LEU J 26 20.53 -22.95 -6.52
C LEU J 26 19.66 -23.41 -7.69
N ALA J 27 20.25 -24.13 -8.65
CA ALA J 27 19.49 -24.55 -9.82
C ALA J 27 18.42 -25.56 -9.46
N ASN J 28 18.83 -26.72 -8.94
CA ASN J 28 17.90 -27.79 -8.61
C ASN J 28 17.49 -27.71 -7.13
N VAL J 29 16.90 -26.58 -6.77
CA VAL J 29 16.33 -26.43 -5.44
C VAL J 29 15.02 -27.20 -5.30
N SER J 30 14.40 -27.59 -6.41
CA SER J 30 13.15 -28.33 -6.39
C SER J 30 13.33 -29.81 -6.72
N THR J 31 14.55 -30.26 -6.98
CA THR J 31 14.77 -31.67 -7.31
C THR J 31 14.61 -32.52 -6.06
N ASN J 32 13.84 -33.60 -6.18
CA ASN J 32 13.61 -34.48 -5.04
C ASN J 32 14.86 -35.30 -4.73
N GLY J 33 15.21 -35.36 -3.44
CA GLY J 33 16.34 -36.14 -3.00
C GLY J 33 17.68 -35.65 -3.53
N PHE J 34 17.91 -34.35 -3.48
CA PHE J 34 19.17 -33.75 -3.93
C PHE J 34 19.94 -33.24 -2.73
N LYS J 35 21.19 -33.66 -2.61
CA LYS J 35 22.06 -33.29 -1.51
C LYS J 35 23.01 -32.19 -1.97
N ARG J 36 23.03 -31.08 -1.24
CA ARG J 36 23.82 -29.94 -1.66
C ARG J 36 25.31 -30.24 -1.54
N GLN J 37 26.11 -29.47 -2.26
CA GLN J 37 27.55 -29.67 -2.32
C GLN J 37 28.29 -28.45 -1.80
N ARG J 38 29.47 -28.68 -1.25
CA ARG J 38 30.37 -27.60 -0.90
C ARG J 38 31.79 -28.00 -1.24
N ALA J 39 32.59 -27.01 -1.63
CA ALA J 39 33.93 -27.23 -2.13
C ALA J 39 34.96 -26.95 -1.06
N VAL J 40 36.04 -27.74 -1.07
CA VAL J 40 37.15 -27.61 -0.13
C VAL J 40 38.41 -27.34 -0.93
N PHE J 41 39.08 -26.24 -0.60
CA PHE J 41 40.29 -25.79 -1.26
C PHE J 41 41.51 -26.08 -0.39
N GLU J 42 42.68 -26.09 -1.03
CA GLU J 42 43.96 -26.19 -0.36
C GLU J 42 44.97 -25.33 -1.11
N ASP J 43 45.99 -24.90 -0.39
CA ASP J 43 47.03 -24.08 -1.00
C ASP J 43 48.03 -24.96 -1.74
N LEU J 44 48.72 -24.36 -2.70
CA LEU J 44 49.69 -25.08 -3.51
C LEU J 44 51.02 -25.16 -2.77
N LEU J 45 52.07 -25.57 -3.46
CA LEU J 45 53.37 -25.75 -2.85
C LEU J 45 53.98 -24.41 -2.47
N TYR J 46 55.09 -24.46 -1.74
CA TYR J 46 55.81 -23.27 -1.30
C TYR J 46 57.25 -23.35 -1.74
N GLN J 47 57.77 -22.23 -2.25
CA GLN J 47 59.17 -22.11 -2.64
C GLN J 47 59.98 -21.66 -1.43
N THR J 48 60.98 -22.45 -1.07
CA THR J 48 61.82 -22.18 0.09
C THR J 48 63.08 -21.46 -0.38
N ILE J 49 63.05 -20.13 -0.31
CA ILE J 49 64.24 -19.35 -0.64
C ILE J 49 65.32 -19.57 0.41
N ARG J 50 64.94 -19.53 1.69
CA ARG J 50 65.87 -19.79 2.79
C ARG J 50 65.28 -20.88 3.67
N GLN J 51 66.10 -21.88 3.98
CA GLN J 51 65.60 -23.07 4.68
C GLN J 51 65.26 -22.74 6.12
N PRO J 52 64.05 -23.02 6.59
CA PRO J 52 63.74 -22.84 8.01
C PRO J 52 64.57 -23.78 8.86
N GLY J 53 64.91 -23.31 10.06
CA GLY J 53 65.70 -24.12 10.97
C GLY J 53 67.14 -24.29 10.58
N ALA J 54 67.60 -23.60 9.54
CA ALA J 54 68.99 -23.68 9.14
C ALA J 54 69.88 -23.03 10.18
N GLN J 55 71.11 -23.54 10.28
CA GLN J 55 72.08 -23.06 11.27
C GLN J 55 72.58 -21.70 10.85
N SER J 56 72.06 -20.65 11.49
CA SER J 56 72.42 -19.28 11.16
C SER J 56 73.81 -18.89 11.63
N SER J 57 74.34 -19.57 12.63
CA SER J 57 75.70 -19.33 13.12
C SER J 57 76.15 -20.60 13.84
N GLU J 58 77.20 -20.48 14.65
CA GLU J 58 77.63 -21.61 15.44
C GLU J 58 76.58 -22.04 16.47
N GLN J 59 75.70 -21.13 16.87
CA GLN J 59 74.75 -21.43 17.93
C GLN J 59 73.32 -21.04 17.56
N THR J 60 73.17 -20.08 16.65
CA THR J 60 71.85 -19.57 16.32
C THR J 60 71.24 -20.35 15.15
N THR J 61 69.92 -20.37 15.12
CA THR J 61 69.15 -20.98 14.04
C THR J 61 68.09 -20.00 13.57
N LEU J 62 67.73 -20.10 12.30
CA LEU J 62 66.73 -19.19 11.75
C LEU J 62 65.37 -19.48 12.36
N PRO J 63 64.69 -18.49 12.94
CA PRO J 63 63.35 -18.75 13.48
C PRO J 63 62.36 -19.22 12.42
N SER J 64 62.45 -18.67 11.21
CA SER J 64 61.55 -19.08 10.13
C SER J 64 62.16 -18.59 8.82
N GLY J 65 62.40 -19.53 7.90
CA GLY J 65 63.00 -19.18 6.64
C GLY J 65 62.05 -18.42 5.75
N LEU J 66 62.58 -17.95 4.63
CA LEU J 66 61.79 -17.22 3.65
C LEU J 66 61.10 -18.21 2.73
N GLN J 67 59.77 -18.27 2.80
CA GLN J 67 58.98 -19.16 1.96
C GLN J 67 57.90 -18.36 1.25
N ILE J 68 57.70 -18.66 -0.02
CA ILE J 68 56.78 -17.91 -0.87
C ILE J 68 55.69 -18.86 -1.36
N GLY J 69 54.45 -18.40 -1.32
CA GLY J 69 53.34 -19.22 -1.76
C GLY J 69 53.24 -19.30 -3.27
N THR J 70 52.30 -20.11 -3.72
CA THR J 70 52.11 -20.34 -5.15
C THR J 70 50.66 -20.20 -5.61
N GLY J 71 49.69 -20.38 -4.73
CA GLY J 71 48.30 -20.21 -5.10
C GLY J 71 47.42 -21.21 -4.40
N VAL J 72 46.21 -21.38 -4.94
CA VAL J 72 45.19 -22.22 -4.36
C VAL J 72 44.73 -23.24 -5.39
N ARG J 73 44.09 -24.30 -4.91
CA ARG J 73 43.42 -25.26 -5.78
C ARG J 73 42.26 -25.88 -5.03
N PRO J 74 41.13 -26.09 -5.71
CA PRO J 74 40.03 -26.86 -5.09
C PRO J 74 40.45 -28.31 -4.98
N VAL J 75 40.41 -28.85 -3.76
CA VAL J 75 40.95 -30.18 -3.53
C VAL J 75 39.82 -31.20 -3.54
N ALA J 76 38.61 -30.78 -3.20
CA ALA J 76 37.51 -31.75 -3.16
C ALA J 76 36.17 -31.04 -3.16
N THR J 77 35.11 -31.82 -3.33
CA THR J 77 33.75 -31.36 -3.14
C THR J 77 32.98 -32.46 -2.43
N GLU J 78 32.24 -32.10 -1.38
CA GLU J 78 31.50 -33.09 -0.63
C GLU J 78 30.03 -32.71 -0.57
N ARG J 79 29.19 -33.74 -0.50
CA ARG J 79 27.74 -33.58 -0.43
C ARG J 79 27.27 -33.85 0.98
N LEU J 80 26.58 -32.87 1.57
CA LEU J 80 26.06 -33.00 2.93
C LEU J 80 24.89 -33.97 2.90
N HIS J 81 25.13 -35.20 3.36
CA HIS J 81 24.12 -36.24 3.33
C HIS J 81 23.26 -36.19 4.59
N SER J 82 22.50 -35.11 4.70
CA SER J 82 21.55 -34.96 5.79
C SER J 82 20.17 -35.40 5.32
N GLN J 83 19.16 -35.21 6.17
CA GLN J 83 17.79 -35.62 5.87
C GLN J 83 17.00 -34.41 5.38
N GLY J 84 16.45 -34.52 4.18
CA GLY J 84 15.64 -33.45 3.65
C GLY J 84 14.23 -33.45 4.20
N ASN J 85 13.57 -32.32 4.05
CA ASN J 85 12.19 -32.20 4.50
C ASN J 85 11.27 -33.03 3.63
N LEU J 86 10.25 -33.61 4.25
CA LEU J 86 9.29 -34.47 3.57
C LEU J 86 8.03 -33.67 3.27
N SER J 87 7.63 -33.63 2.00
CA SER J 87 6.39 -33.00 1.59
C SER J 87 5.38 -34.07 1.23
N GLN J 88 4.11 -33.70 1.23
CA GLN J 88 3.01 -34.63 1.00
C GLN J 88 2.44 -34.43 -0.39
N THR J 89 2.29 -35.53 -1.13
CA THR J 89 1.65 -35.50 -2.44
C THR J 89 0.37 -36.32 -2.50
N ASN J 90 0.05 -37.07 -1.45
CA ASN J 90 -1.15 -37.92 -1.41
C ASN J 90 -1.20 -38.86 -2.61
N ASN J 91 -0.03 -39.35 -3.01
CA ASN J 91 0.10 -40.27 -4.13
C ASN J 91 0.57 -41.61 -3.60
N SER J 92 -0.17 -42.68 -3.95
CA SER J 92 0.13 -44.00 -3.41
C SER J 92 1.43 -44.57 -3.96
N LYS J 93 2.02 -43.95 -4.97
CA LYS J 93 3.23 -44.46 -5.60
C LYS J 93 4.44 -43.57 -5.35
N ASP J 94 4.43 -42.80 -4.27
CA ASP J 94 5.57 -42.00 -3.84
C ASP J 94 6.08 -42.53 -2.52
N VAL J 95 7.37 -42.81 -2.45
CA VAL J 95 8.00 -43.34 -1.24
C VAL J 95 9.14 -42.41 -0.85
N ALA J 96 9.13 -41.99 0.41
CA ALA J 96 10.19 -41.16 0.96
C ALA J 96 10.89 -41.94 2.07
N ILE J 97 12.20 -42.01 2.00
CA ILE J 97 12.99 -42.81 2.95
C ILE J 97 13.52 -41.88 4.03
N LYS J 98 13.14 -42.16 5.28
CA LYS J 98 13.60 -41.40 6.43
C LYS J 98 14.73 -42.16 7.11
N GLY J 99 15.91 -41.54 7.18
CA GLY J 99 17.10 -42.19 7.70
C GLY J 99 18.21 -42.16 6.67
N GLN J 100 18.88 -43.29 6.50
CA GLN J 100 19.98 -43.42 5.57
C GLN J 100 19.80 -44.68 4.73
N GLY J 101 19.98 -44.54 3.43
CA GLY J 101 19.86 -45.67 2.53
C GLY J 101 19.63 -45.20 1.10
N PHE J 102 19.65 -46.16 0.19
CA PHE J 102 19.41 -45.89 -1.22
C PHE J 102 18.67 -47.07 -1.83
N PHE J 103 17.75 -46.77 -2.74
CA PHE J 103 17.13 -47.82 -3.55
C PHE J 103 18.08 -48.25 -4.64
N GLN J 104 18.16 -49.56 -4.89
CA GLN J 104 19.01 -50.10 -5.94
C GLN J 104 18.25 -50.13 -7.24
N VAL J 105 18.92 -49.77 -8.33
CA VAL J 105 18.31 -49.63 -9.64
C VAL J 105 19.16 -50.38 -10.66
N MET J 106 18.52 -51.15 -11.53
CA MET J 106 19.21 -51.90 -12.56
C MET J 106 19.27 -51.05 -13.82
N LEU J 107 20.47 -50.56 -14.15
CA LEU J 107 20.63 -49.79 -15.38
C LEU J 107 20.49 -50.71 -16.60
N PRO J 108 20.06 -50.17 -17.74
CA PRO J 108 19.88 -51.02 -18.92
C PRO J 108 21.15 -51.72 -19.36
N ASP J 109 22.32 -51.11 -19.12
CA ASP J 109 23.57 -51.74 -19.51
C ASP J 109 23.78 -53.05 -18.79
N GLY J 110 23.45 -53.10 -17.50
CA GLY J 110 23.66 -54.30 -16.71
C GLY J 110 24.24 -53.98 -15.35
N THR J 111 24.78 -52.78 -15.21
CA THR J 111 25.32 -52.32 -13.94
C THR J 111 24.16 -51.92 -13.02
N SER J 112 24.49 -51.66 -11.75
CA SER J 112 23.51 -51.28 -10.76
C SER J 112 23.90 -49.94 -10.15
N ALA J 113 22.95 -49.02 -10.11
CA ALA J 113 23.12 -47.73 -9.47
C ALA J 113 22.29 -47.65 -8.21
N TYR J 114 22.48 -46.58 -7.46
CA TYR J 114 21.76 -46.38 -6.21
C TYR J 114 21.22 -44.96 -6.17
N THR J 115 19.97 -44.82 -5.77
CA THR J 115 19.28 -43.53 -5.82
C THR J 115 18.62 -43.22 -4.49
N ARG J 116 18.36 -41.95 -4.27
CA ARG J 116 17.61 -41.49 -3.11
C ARG J 116 16.23 -40.96 -3.46
N ASP J 117 16.01 -40.56 -4.70
CA ASP J 117 14.73 -40.00 -5.12
C ASP J 117 13.69 -41.10 -5.21
N GLY J 118 12.77 -41.12 -4.24
CA GLY J 118 11.69 -42.08 -4.27
C GLY J 118 10.44 -41.51 -4.92
N SER J 119 10.28 -41.78 -6.22
CA SER J 119 9.10 -41.35 -6.95
C SER J 119 8.94 -42.34 -8.11
N PHE J 120 8.06 -43.31 -7.93
CA PHE J 120 8.00 -44.47 -8.79
C PHE J 120 6.75 -44.45 -9.66
N GLN J 121 6.83 -45.15 -10.78
CA GLN J 121 5.72 -45.33 -11.69
C GLN J 121 5.65 -46.81 -12.07
N VAL J 122 4.60 -47.18 -12.81
CA VAL J 122 4.41 -48.53 -13.28
C VAL J 122 4.36 -48.51 -14.79
N ASP J 123 5.19 -49.33 -15.43
CA ASP J 123 5.28 -49.37 -16.89
C ASP J 123 4.13 -50.22 -17.43
N GLN J 124 4.18 -50.50 -18.74
CA GLN J 124 3.12 -51.30 -19.35
C GLN J 124 3.18 -52.76 -18.91
N ASN J 125 4.34 -53.23 -18.46
CA ASN J 125 4.50 -54.62 -18.03
C ASN J 125 4.17 -54.81 -16.55
N GLY J 126 3.71 -53.76 -15.88
CA GLY J 126 3.37 -53.86 -14.47
C GLY J 126 4.57 -54.05 -13.56
N GLN J 127 5.67 -53.37 -13.84
CA GLN J 127 6.86 -53.41 -13.00
C GLN J 127 7.14 -52.03 -12.46
N LEU J 128 7.55 -51.97 -11.19
CA LEU J 128 7.86 -50.69 -10.57
C LEU J 128 9.16 -50.14 -11.16
N VAL J 129 9.09 -48.94 -11.73
CA VAL J 129 10.24 -48.31 -12.35
C VAL J 129 10.37 -46.89 -11.82
N THR J 130 11.55 -46.32 -11.99
CA THR J 130 11.77 -44.94 -11.63
C THR J 130 11.37 -44.03 -12.79
N ALA J 131 11.39 -42.72 -12.56
CA ALA J 131 11.07 -41.76 -13.60
C ALA J 131 12.22 -41.75 -14.60
N GLY J 132 12.09 -42.53 -15.66
CA GLY J 132 13.17 -42.68 -16.61
C GLY J 132 13.26 -44.09 -17.16
N GLY J 133 12.47 -45.00 -16.61
CA GLY J 133 12.39 -46.36 -17.10
C GLY J 133 13.28 -47.35 -16.39
N PHE J 134 14.24 -46.89 -15.59
CA PHE J 134 15.08 -47.82 -14.85
C PHE J 134 14.27 -48.53 -13.79
N GLN J 135 14.39 -49.86 -13.75
CA GLN J 135 13.56 -50.67 -12.86
C GLN J 135 14.25 -50.87 -11.52
N VAL J 136 13.44 -51.09 -10.49
CA VAL J 136 13.98 -51.36 -9.16
C VAL J 136 14.50 -52.79 -9.11
N GLN J 137 15.71 -52.95 -8.56
CA GLN J 137 16.43 -54.22 -8.68
C GLN J 137 15.69 -55.41 -8.08
N PRO J 138 15.09 -55.33 -6.88
CA PRO J 138 14.31 -56.48 -6.38
C PRO J 138 13.19 -56.93 -7.30
N ALA J 139 12.89 -56.19 -8.37
CA ALA J 139 11.97 -56.62 -9.42
C ALA J 139 10.56 -56.86 -8.87
N ILE J 140 9.97 -55.77 -8.37
CA ILE J 140 8.59 -55.82 -7.91
C ILE J 140 7.66 -55.75 -9.11
N THR J 141 6.77 -56.73 -9.23
CA THR J 141 5.83 -56.81 -10.34
C THR J 141 4.42 -56.68 -9.79
N ILE J 142 3.81 -55.52 -10.02
CA ILE J 142 2.43 -55.29 -9.54
C ILE J 142 1.46 -55.94 -10.53
N PRO J 143 0.58 -56.82 -10.06
CA PRO J 143 -0.39 -57.44 -10.98
C PRO J 143 -1.44 -56.44 -11.43
N ALA J 144 -2.12 -56.77 -12.52
CA ALA J 144 -3.18 -55.93 -13.03
C ALA J 144 -4.36 -55.91 -12.07
N ASN J 145 -5.38 -55.13 -12.43
CA ASN J 145 -6.58 -54.90 -11.64
C ASN J 145 -6.25 -54.75 -10.16
N ALA J 146 -5.32 -53.84 -9.89
CA ALA J 146 -4.88 -53.55 -8.53
C ALA J 146 -5.70 -52.39 -7.98
N LEU J 147 -6.51 -52.67 -6.96
CA LEU J 147 -7.34 -51.62 -6.38
C LEU J 147 -6.49 -50.55 -5.71
N SER J 148 -5.52 -50.96 -4.90
CA SER J 148 -4.68 -50.02 -4.18
C SER J 148 -3.37 -50.70 -3.82
N ILE J 149 -2.35 -49.88 -3.58
CA ILE J 149 -1.00 -50.35 -3.27
C ILE J 149 -0.60 -49.79 -1.92
N THR J 150 -0.12 -50.67 -1.04
CA THR J 150 0.29 -50.28 0.30
C THR J 150 1.73 -50.69 0.53
N ILE J 151 2.52 -49.77 1.07
CA ILE J 151 3.91 -50.02 1.40
C ILE J 151 4.12 -49.63 2.86
N GLY J 152 4.48 -50.62 3.69
CA GLY J 152 4.58 -50.41 5.11
C GLY J 152 5.84 -49.64 5.49
N ARG J 153 6.02 -49.49 6.80
CA ARG J 153 7.24 -48.85 7.30
C ARG J 153 8.47 -49.65 6.90
N ASP J 154 8.41 -50.97 7.01
CA ASP J 154 9.47 -51.82 6.49
C ASP J 154 9.28 -51.98 4.99
N GLY J 155 10.04 -52.89 4.39
CA GLY J 155 10.06 -52.97 2.95
C GLY J 155 8.91 -53.69 2.28
N VAL J 156 8.00 -54.28 3.05
CA VAL J 156 6.96 -55.11 2.45
C VAL J 156 6.01 -54.24 1.63
N VAL J 157 5.53 -54.79 0.51
CA VAL J 157 4.59 -54.10 -0.36
C VAL J 157 3.45 -55.06 -0.68
N SER J 158 2.22 -54.59 -0.56
CA SER J 158 1.05 -55.40 -0.80
C SER J 158 0.09 -54.67 -1.74
N VAL J 159 -0.75 -55.43 -2.41
CA VAL J 159 -1.73 -54.91 -3.35
C VAL J 159 -3.10 -55.48 -3.00
N THR J 160 -4.10 -54.61 -2.95
CA THR J 160 -5.46 -55.04 -2.64
C THR J 160 -6.18 -55.48 -3.90
N GLN J 161 -6.70 -56.70 -3.88
CA GLN J 161 -7.41 -57.28 -5.00
C GLN J 161 -8.92 -57.06 -4.86
N GLN J 162 -9.64 -57.35 -5.95
CA GLN J 162 -11.09 -57.25 -5.92
C GLN J 162 -11.69 -58.28 -4.96
N GLY J 163 -11.17 -59.50 -4.96
CA GLY J 163 -11.64 -60.56 -4.12
C GLY J 163 -10.65 -60.94 -3.02
N GLN J 164 -11.06 -61.97 -2.27
CA GLN J 164 -10.24 -62.61 -1.22
C GLN J 164 -10.13 -61.73 0.02
N ALA J 165 -10.57 -60.48 -0.08
CA ALA J 165 -10.73 -59.58 1.07
C ALA J 165 -9.50 -59.57 1.96
N ALA J 166 -8.31 -59.53 1.34
CA ALA J 166 -7.07 -59.51 2.11
C ALA J 166 -5.94 -59.03 1.22
N PRO J 167 -5.03 -58.20 1.73
CA PRO J 167 -3.87 -57.80 0.94
C PRO J 167 -2.95 -58.98 0.66
N VAL J 168 -2.27 -58.92 -0.47
CA VAL J 168 -1.33 -59.96 -0.88
C VAL J 168 0.04 -59.33 -1.10
N GLN J 169 1.07 -59.92 -0.51
CA GLN J 169 2.42 -59.44 -0.68
C GLN J 169 2.95 -59.80 -2.05
N VAL J 170 3.68 -58.87 -2.67
CA VAL J 170 4.25 -59.07 -4.00
C VAL J 170 5.73 -58.71 -4.07
N GLY J 171 6.36 -58.42 -2.95
CA GLY J 171 7.79 -58.12 -2.97
C GLY J 171 8.21 -57.42 -1.69
N GLN J 172 9.45 -56.95 -1.69
CA GLN J 172 9.99 -56.24 -0.54
C GLN J 172 11.06 -55.28 -1.02
N LEU J 173 11.02 -54.05 -0.51
CA LEU J 173 11.93 -52.99 -0.93
C LEU J 173 13.12 -52.92 0.03
N ASN J 174 14.03 -53.88 -0.11
CA ASN J 174 15.30 -53.79 0.60
C ASN J 174 16.09 -52.60 0.08
N LEU J 175 16.77 -51.91 0.98
CA LEU J 175 17.59 -50.77 0.60
C LEU J 175 19.03 -50.98 1.07
N THR J 176 19.95 -50.30 0.41
CA THR J 176 21.38 -50.53 0.62
C THR J 176 21.98 -49.39 1.42
N THR J 177 22.87 -49.73 2.34
CA THR J 177 23.65 -48.78 3.11
C THR J 177 25.13 -48.94 2.78
N PHE J 178 25.85 -47.83 2.85
CA PHE J 178 27.26 -47.79 2.50
C PHE J 178 28.09 -47.35 3.71
N MET J 179 29.34 -47.78 3.73
CA MET J 179 30.27 -47.30 4.73
C MET J 179 30.50 -45.79 4.58
N ASN J 180 30.64 -45.33 3.34
CA ASN J 180 30.91 -43.91 3.06
C ASN J 180 29.96 -43.45 1.96
N ASP J 181 28.99 -42.61 2.34
CA ASP J 181 28.00 -42.15 1.38
C ASP J 181 28.56 -41.10 0.44
N THR J 182 29.50 -40.29 0.91
CA THR J 182 30.05 -39.23 0.07
C THR J 182 30.87 -39.79 -1.08
N GLY J 183 31.40 -41.00 -0.94
CA GLY J 183 32.24 -41.57 -1.96
C GLY J 183 31.54 -42.12 -3.18
N LEU J 184 30.20 -42.09 -3.20
CA LEU J 184 29.46 -42.54 -4.37
C LEU J 184 29.65 -41.56 -5.52
N GLU J 185 29.99 -42.08 -6.70
CA GLU J 185 30.11 -41.20 -7.86
C GLU J 185 28.74 -40.80 -8.36
N SER J 186 28.58 -39.52 -8.66
CA SER J 186 27.30 -38.98 -9.07
C SER J 186 27.20 -38.91 -10.58
N ILE J 187 26.13 -39.45 -11.13
CA ILE J 187 25.85 -39.33 -12.56
C ILE J 187 24.50 -38.67 -12.70
N GLY J 188 24.02 -38.51 -13.93
CA GLY J 188 22.76 -37.84 -14.16
C GLY J 188 21.58 -38.63 -13.65
N GLU J 189 20.40 -38.01 -13.77
CA GLU J 189 19.12 -38.63 -13.42
C GLU J 189 19.05 -39.01 -11.94
N ASN J 190 19.71 -38.24 -11.08
CA ASN J 190 19.72 -38.49 -9.63
C ASN J 190 20.17 -39.93 -9.33
N LEU J 191 21.35 -40.28 -9.82
CA LEU J 191 21.87 -41.62 -9.63
C LEU J 191 23.31 -41.56 -9.12
N TYR J 192 23.66 -42.56 -8.32
CA TYR J 192 25.00 -42.73 -7.80
C TYR J 192 25.46 -44.15 -8.10
N ILE J 193 26.76 -44.28 -8.31
CA ILE J 193 27.37 -45.58 -8.58
C ILE J 193 28.48 -45.81 -7.58
N GLU J 194 28.69 -47.09 -7.26
CA GLU J 194 29.70 -47.48 -6.29
C GLU J 194 31.10 -47.19 -6.80
N THR J 195 32.00 -46.84 -5.88
CA THR J 195 33.40 -46.59 -6.19
C THR J 195 34.27 -47.36 -5.20
N GLN J 196 35.58 -47.21 -5.35
CA GLN J 196 36.51 -47.90 -4.45
C GLN J 196 36.42 -47.36 -3.04
N SER J 197 36.29 -46.04 -2.89
CA SER J 197 36.25 -45.40 -1.58
C SER J 197 34.85 -45.32 -1.01
N SER J 198 33.96 -46.23 -1.41
CA SER J 198 32.62 -46.29 -0.85
C SER J 198 32.32 -47.59 -0.11
N GLY J 199 33.11 -48.63 -0.32
CA GLY J 199 32.87 -49.90 0.32
C GLY J 199 31.78 -50.70 -0.38
N ALA J 200 31.75 -51.99 -0.08
CA ALA J 200 30.74 -52.85 -0.68
C ALA J 200 29.36 -52.48 -0.15
N PRO J 201 28.34 -52.45 -1.01
CA PRO J 201 26.99 -52.13 -0.54
C PRO J 201 26.47 -53.20 0.41
N ASN J 202 25.64 -52.76 1.34
CA ASN J 202 25.04 -53.65 2.34
C ASN J 202 23.53 -53.62 2.18
N GLU J 203 22.97 -54.71 1.67
CA GLU J 203 21.52 -54.84 1.60
C GLU J 203 20.94 -54.98 2.99
N SER J 204 19.81 -54.31 3.23
CA SER J 204 19.18 -54.38 4.54
C SER J 204 17.70 -54.09 4.39
N THR J 205 16.92 -54.65 5.32
CA THR J 205 15.52 -54.32 5.41
C THR J 205 15.36 -52.99 6.14
N PRO J 206 14.33 -52.22 5.80
CA PRO J 206 14.11 -50.94 6.47
C PRO J 206 13.91 -51.12 7.97
N GLY J 207 14.46 -50.19 8.74
CA GLY J 207 14.30 -50.23 10.18
C GLY J 207 15.29 -51.09 10.94
N LEU J 208 16.22 -51.76 10.25
CA LEU J 208 17.19 -52.62 10.91
C LEU J 208 18.60 -52.20 10.52
N ASN J 209 19.52 -52.31 11.48
CA ASN J 209 20.93 -51.98 11.27
C ASN J 209 21.10 -50.54 10.80
N GLY J 210 20.31 -49.64 11.37
CA GLY J 210 20.41 -48.23 11.05
C GLY J 210 19.72 -47.82 9.77
N ALA J 211 19.12 -48.75 9.04
CA ALA J 211 18.41 -48.40 7.82
C ALA J 211 17.12 -47.66 8.14
N GLY J 212 16.81 -46.64 7.34
CA GLY J 212 15.65 -45.82 7.58
C GLY J 212 14.35 -46.52 7.21
N LEU J 213 13.26 -45.90 7.60
CA LEU J 213 11.93 -46.38 7.28
C LEU J 213 11.43 -45.75 5.99
N LEU J 214 10.31 -46.25 5.49
CA LEU J 214 9.69 -45.76 4.27
C LEU J 214 8.33 -45.19 4.57
N TYR J 215 8.05 -43.99 4.06
CA TYR J 215 6.75 -43.35 4.18
C TYR J 215 6.12 -43.28 2.81
N GLN J 216 4.88 -43.74 2.71
CA GLN J 216 4.14 -43.72 1.46
C GLN J 216 3.34 -42.43 1.36
N GLY J 217 3.31 -41.85 0.16
CA GLY J 217 2.60 -40.62 -0.08
C GLY J 217 3.41 -39.36 0.12
N TYR J 218 4.62 -39.47 0.66
CA TYR J 218 5.49 -38.33 0.85
C TYR J 218 6.69 -38.43 -0.09
N VAL J 219 7.29 -37.28 -0.35
CA VAL J 219 8.48 -37.20 -1.19
C VAL J 219 9.48 -36.28 -0.51
N GLU J 220 10.75 -36.65 -0.57
CA GLU J 220 11.81 -35.94 0.12
C GLU J 220 12.31 -34.77 -0.72
N THR J 221 12.34 -33.59 -0.11
CA THR J 221 12.80 -32.39 -0.77
C THR J 221 14.31 -32.21 -0.60
N SER J 222 14.90 -31.45 -1.51
CA SER J 222 16.33 -31.19 -1.43
C SER J 222 16.65 -30.34 -0.20
N ASN J 223 17.84 -30.55 0.35
CA ASN J 223 18.29 -29.83 1.54
C ASN J 223 19.19 -28.69 1.10
N VAL J 224 18.58 -27.62 0.60
CA VAL J 224 19.29 -26.43 0.16
C VAL J 224 18.75 -25.24 0.91
N ASN J 225 19.64 -24.46 1.51
CA ASN J 225 19.28 -23.28 2.29
C ASN J 225 19.68 -22.04 1.48
N VAL J 226 18.68 -21.43 0.85
CA VAL J 226 18.94 -20.28 -0.01
C VAL J 226 19.46 -19.10 0.79
N ALA J 227 19.09 -19.01 2.06
CA ALA J 227 19.57 -17.93 2.92
C ALA J 227 21.08 -17.92 3.04
N GLU J 228 21.72 -19.09 3.02
CA GLU J 228 23.17 -19.16 2.99
C GLU J 228 23.71 -18.96 1.57
N GLU J 229 22.94 -19.37 0.56
CA GLU J 229 23.42 -19.23 -0.81
C GLU J 229 23.55 -17.77 -1.22
N LEU J 230 22.64 -16.92 -0.76
CA LEU J 230 22.71 -15.50 -1.12
C LEU J 230 23.97 -14.85 -0.56
N VAL J 231 24.27 -15.10 0.72
CA VAL J 231 25.47 -14.52 1.30
C VAL J 231 26.71 -15.14 0.69
N ASN J 232 26.65 -16.42 0.29
CA ASN J 232 27.76 -17.02 -0.43
C ASN J 232 28.00 -16.31 -1.76
N MET J 233 26.92 -15.97 -2.46
CA MET J 233 27.05 -15.26 -3.72
C MET J 233 27.70 -13.90 -3.52
N ILE J 234 27.27 -13.18 -2.48
CA ILE J 234 27.89 -11.88 -2.18
C ILE J 234 29.37 -12.05 -1.90
N GLN J 235 29.72 -13.06 -1.09
CA GLN J 235 31.10 -13.28 -0.73
C GLN J 235 31.95 -13.62 -1.95
N VAL J 236 31.47 -14.50 -2.82
CA VAL J 236 32.26 -14.89 -3.99
C VAL J 236 32.40 -13.71 -4.96
N GLN J 237 31.35 -12.90 -5.09
CA GLN J 237 31.47 -11.72 -5.93
C GLN J 237 32.55 -10.77 -5.41
N ARG J 238 32.56 -10.53 -4.10
CA ARG J 238 33.57 -9.64 -3.55
C ARG J 238 34.98 -10.21 -3.68
N ALA J 239 35.12 -11.53 -3.47
CA ALA J 239 36.44 -12.15 -3.62
C ALA J 239 36.93 -12.07 -5.06
N TYR J 240 36.03 -12.31 -6.02
CA TYR J 240 36.40 -12.19 -7.42
C TYR J 240 36.83 -10.77 -7.74
N GLU J 241 36.11 -9.79 -7.20
CA GLU J 241 36.48 -8.40 -7.44
C GLU J 241 37.86 -8.08 -6.86
N ILE J 242 38.16 -8.60 -5.68
CA ILE J 242 39.47 -8.36 -5.06
C ILE J 242 40.58 -8.96 -5.90
N ASN J 243 40.39 -10.20 -6.36
CA ASN J 243 41.41 -10.83 -7.19
C ASN J 243 41.59 -10.09 -8.51
N SER J 244 40.48 -9.61 -9.09
CA SER J 244 40.58 -8.80 -10.30
C SER J 244 41.38 -7.53 -10.04
N LYS J 245 41.17 -6.91 -8.89
CA LYS J 245 41.95 -5.72 -8.53
C LYS J 245 43.43 -6.06 -8.42
N ALA J 246 43.76 -7.22 -7.86
CA ALA J 246 45.16 -7.64 -7.79
C ALA J 246 45.76 -7.81 -9.18
N VAL J 247 45.00 -8.43 -10.09
CA VAL J 247 45.47 -8.59 -11.47
C VAL J 247 45.70 -7.23 -12.11
N SER J 248 44.77 -6.28 -11.90
CA SER J 248 44.93 -4.95 -12.48
C SER J 248 46.16 -4.25 -11.92
N THR J 249 46.40 -4.38 -10.62
CA THR J 249 47.58 -3.77 -10.03
C THR J 249 48.86 -4.34 -10.63
N THR J 250 48.92 -5.65 -10.79
CA THR J 250 50.11 -6.26 -11.39
C THR J 250 50.30 -5.78 -12.83
N ASP J 251 49.19 -5.69 -13.58
CA ASP J 251 49.28 -5.23 -14.96
C ASP J 251 49.80 -3.80 -15.03
N GLN J 252 49.28 -2.92 -14.17
CA GLN J 252 49.76 -1.54 -14.17
C GLN J 252 51.22 -1.46 -13.80
N MET J 253 51.64 -2.25 -12.80
CA MET J 253 53.04 -2.25 -12.40
C MET J 253 53.94 -2.69 -13.54
N LEU J 254 53.57 -3.76 -14.23
CA LEU J 254 54.37 -4.25 -15.34
C LEU J 254 54.39 -3.26 -16.50
N GLN J 255 53.25 -2.63 -16.78
CA GLN J 255 53.19 -1.66 -17.87
C GLN J 255 54.06 -0.45 -17.58
N LYS J 256 54.08 0.00 -16.32
CA LYS J 256 54.97 1.10 -15.98
C LYS J 256 56.43 0.68 -16.01
N LEU J 257 56.71 -0.58 -15.66
CA LEU J 257 58.08 -1.07 -15.74
C LEU J 257 58.58 -1.07 -17.18
N THR J 258 57.75 -1.53 -18.11
CA THR J 258 58.20 -1.71 -19.49
C THR J 258 58.23 -0.42 -20.29
N GLN J 259 58.13 0.74 -19.64
CA GLN J 259 58.22 2.02 -20.33
C GLN J 259 59.62 2.62 -20.28
N LEU J 260 60.60 1.90 -19.73
CA LEU J 260 61.96 2.40 -19.63
C LEU J 260 62.64 2.48 -20.99
N MET K 1 46.60 -5.94 -40.33
CA MET K 1 47.72 -6.66 -40.90
C MET K 1 48.17 -7.79 -39.99
N ILE K 2 47.41 -8.02 -38.93
CA ILE K 2 47.70 -9.07 -37.95
C ILE K 2 46.50 -10.01 -37.91
N SER K 3 46.79 -11.32 -37.85
CA SER K 3 45.73 -12.32 -37.88
C SER K 3 44.74 -12.13 -36.74
N SER K 4 45.21 -11.67 -35.58
CA SER K 4 44.31 -11.48 -34.45
C SER K 4 43.25 -10.43 -34.76
N LEU K 5 43.63 -9.36 -35.47
CA LEU K 5 42.64 -8.36 -35.85
C LEU K 5 41.56 -8.95 -36.74
N TRP K 6 41.96 -9.73 -37.74
CA TRP K 6 40.97 -10.34 -38.62
C TRP K 6 40.07 -11.30 -37.87
N ILE K 7 40.63 -12.10 -36.96
CA ILE K 7 39.81 -13.04 -36.20
C ILE K 7 38.81 -12.30 -35.31
N ALA K 8 39.28 -11.25 -34.61
CA ALA K 8 38.39 -10.52 -33.73
C ALA K 8 37.31 -9.77 -34.50
N LYS K 9 37.62 -9.34 -35.73
CA LYS K 9 36.59 -8.72 -36.55
C LYS K 9 35.46 -9.69 -36.84
N THR K 10 35.80 -10.93 -37.18
CA THR K 10 34.78 -11.95 -37.43
C THR K 10 33.98 -12.23 -36.16
N GLY K 11 34.67 -12.28 -35.02
CA GLY K 11 33.95 -12.48 -33.76
C GLY K 11 32.94 -11.38 -33.49
N LEU K 12 33.35 -10.12 -33.68
CA LEU K 12 32.45 -9.00 -33.48
C LEU K 12 31.27 -9.06 -34.45
N ASP K 13 31.53 -9.42 -35.70
CA ASP K 13 30.45 -9.51 -36.68
C ASP K 13 29.46 -10.60 -36.30
N ALA K 14 29.96 -11.74 -35.83
CA ALA K 14 29.07 -12.82 -35.40
C ALA K 14 28.20 -12.37 -34.23
N GLN K 15 28.80 -11.68 -33.25
CA GLN K 15 28.01 -11.20 -32.12
C GLN K 15 26.97 -10.17 -32.57
N GLN K 16 27.33 -9.32 -33.53
CA GLN K 16 26.37 -8.36 -34.05
C GLN K 16 25.21 -9.06 -34.73
N THR K 17 25.48 -10.11 -35.51
CA THR K 17 24.41 -10.84 -36.16
C THR K 17 23.50 -11.51 -35.14
N ASN K 18 24.09 -12.08 -34.09
CA ASN K 18 23.29 -12.71 -33.04
C ASN K 18 22.39 -11.69 -32.35
N MET K 19 22.94 -10.52 -32.01
CA MET K 19 22.13 -9.48 -31.39
C MET K 19 21.04 -9.01 -32.34
N ASP K 20 21.34 -9.00 -33.64
CA ASP K 20 20.33 -8.59 -34.63
C ASP K 20 19.16 -9.55 -34.64
N VAL K 21 19.43 -10.86 -34.65
CA VAL K 21 18.32 -11.81 -34.65
C VAL K 21 17.57 -11.76 -33.33
N ILE K 22 18.27 -11.52 -32.22
CA ILE K 22 17.59 -11.41 -30.93
C ILE K 22 16.63 -10.21 -30.93
N ALA K 23 17.10 -9.07 -31.45
CA ALA K 23 16.25 -7.89 -31.51
C ALA K 23 15.07 -8.10 -32.44
N ASN K 24 15.29 -8.81 -33.55
CA ASN K 24 14.18 -9.11 -34.45
C ASN K 24 13.13 -9.98 -33.77
N ASN K 25 13.56 -10.98 -33.01
CA ASN K 25 12.62 -11.78 -32.23
C ASN K 25 11.89 -10.91 -31.22
N LEU K 26 12.61 -10.01 -30.55
CA LEU K 26 12.00 -9.19 -29.51
C LEU K 26 11.02 -8.17 -30.08
N ALA K 27 11.19 -7.79 -31.34
CA ALA K 27 10.36 -6.73 -31.91
C ALA K 27 8.92 -7.20 -32.08
N ASN K 28 8.71 -8.22 -32.91
CA ASN K 28 7.36 -8.73 -33.16
C ASN K 28 7.01 -9.87 -32.21
N VAL K 29 6.97 -9.55 -30.91
CA VAL K 29 6.45 -10.50 -29.94
C VAL K 29 4.93 -10.52 -29.95
N SER K 30 4.30 -9.51 -30.54
CA SER K 30 2.85 -9.41 -30.62
C SER K 30 2.30 -9.82 -31.97
N THR K 31 3.13 -10.38 -32.85
CA THR K 31 2.67 -10.81 -34.16
C THR K 31 2.05 -12.20 -34.07
N ASN K 32 0.87 -12.36 -34.65
CA ASN K 32 0.18 -13.64 -34.62
C ASN K 32 0.89 -14.64 -35.51
N GLY K 33 1.11 -15.84 -34.99
CA GLY K 33 1.74 -16.90 -35.76
C GLY K 33 3.14 -16.57 -36.23
N PHE K 34 3.95 -16.00 -35.34
CA PHE K 34 5.34 -15.69 -35.64
C PHE K 34 6.25 -16.70 -34.94
N LYS K 35 7.30 -17.10 -35.63
CA LYS K 35 8.22 -18.11 -35.11
C LYS K 35 9.58 -17.49 -34.83
N ARG K 36 10.11 -17.76 -33.65
CA ARG K 36 11.41 -17.24 -33.25
C ARG K 36 12.51 -17.88 -34.08
N GLN K 37 13.65 -17.19 -34.16
CA GLN K 37 14.80 -17.67 -34.92
C GLN K 37 16.00 -17.83 -34.00
N ARG K 38 16.80 -18.85 -34.28
CA ARG K 38 18.03 -19.11 -33.56
C ARG K 38 19.17 -19.22 -34.57
N ALA K 39 20.25 -18.52 -34.32
CA ALA K 39 21.41 -18.51 -35.21
C ALA K 39 22.44 -19.51 -34.72
N VAL K 40 22.94 -20.36 -35.63
CA VAL K 40 23.96 -21.34 -35.31
C VAL K 40 25.27 -20.93 -35.97
N PHE K 41 26.37 -21.08 -35.25
CA PHE K 41 27.67 -20.64 -35.71
C PHE K 41 28.56 -21.84 -36.04
N GLU K 42 29.62 -21.55 -36.80
CA GLU K 42 30.57 -22.57 -37.23
C GLU K 42 31.87 -21.88 -37.59
N ASP K 43 32.97 -22.40 -37.10
CA ASP K 43 34.27 -21.75 -37.27
C ASP K 43 34.73 -21.82 -38.72
N LEU K 44 35.69 -20.97 -39.06
CA LEU K 44 36.24 -20.90 -40.40
C LEU K 44 37.37 -21.92 -40.55
N LEU K 45 38.12 -21.81 -41.65
CA LEU K 45 39.16 -22.77 -41.98
C LEU K 45 40.32 -22.67 -40.99
N TYR K 46 41.33 -23.51 -41.21
CA TYR K 46 42.49 -23.58 -40.34
C TYR K 46 43.77 -23.53 -41.18
N GLN K 47 44.81 -22.97 -40.59
CA GLN K 47 46.15 -22.98 -41.17
C GLN K 47 46.96 -24.06 -40.47
N THR K 48 47.47 -25.01 -41.25
CA THR K 48 48.28 -26.10 -40.71
C THR K 48 49.74 -25.80 -40.94
N ILE K 49 50.50 -25.61 -39.86
CA ILE K 49 51.92 -25.37 -39.94
C ILE K 49 52.71 -26.67 -39.96
N ARG K 50 52.39 -27.58 -39.06
CA ARG K 50 53.00 -28.91 -39.02
C ARG K 50 51.89 -29.94 -39.16
N GLN K 51 52.05 -30.84 -40.10
CA GLN K 51 51.00 -31.80 -40.41
C GLN K 51 50.88 -32.84 -39.31
N PRO K 52 49.71 -33.01 -38.69
CA PRO K 52 49.56 -34.02 -37.65
C PRO K 52 49.80 -35.42 -38.19
N GLY K 53 50.41 -36.27 -37.36
CA GLY K 53 50.68 -37.63 -37.74
C GLY K 53 51.89 -37.83 -38.62
N ALA K 54 52.56 -36.76 -39.02
CA ALA K 54 53.78 -36.89 -39.81
C ALA K 54 54.90 -37.48 -38.96
N GLN K 55 55.78 -38.23 -39.62
CA GLN K 55 56.87 -38.89 -38.91
C GLN K 55 57.80 -37.86 -38.28
N SER K 56 58.16 -38.08 -37.03
CA SER K 56 59.19 -37.31 -36.34
C SER K 56 60.49 -38.09 -36.20
N SER K 57 60.47 -39.38 -36.50
CA SER K 57 61.66 -40.23 -36.52
C SER K 57 61.30 -41.47 -37.33
N GLU K 58 62.16 -42.48 -37.26
CA GLU K 58 61.87 -43.72 -38.00
C GLU K 58 60.62 -44.39 -37.45
N GLN K 59 60.33 -44.22 -36.17
CA GLN K 59 59.22 -44.90 -35.52
C GLN K 59 58.23 -44.00 -34.81
N THR K 60 58.58 -42.76 -34.47
CA THR K 60 57.69 -41.88 -33.73
C THR K 60 56.96 -40.94 -34.67
N THR K 61 55.80 -40.47 -34.22
CA THR K 61 54.97 -39.55 -34.99
C THR K 61 54.48 -38.42 -34.09
N LEU K 62 54.23 -37.27 -34.70
CA LEU K 62 53.72 -36.13 -33.95
C LEU K 62 52.29 -36.41 -33.50
N PRO K 63 52.01 -36.39 -32.20
CA PRO K 63 50.63 -36.63 -31.75
C PRO K 63 49.64 -35.62 -32.28
N SER K 64 50.04 -34.36 -32.42
CA SER K 64 49.16 -33.32 -32.93
C SER K 64 49.97 -32.13 -33.43
N GLY K 65 49.87 -31.83 -34.72
CA GLY K 65 50.65 -30.77 -35.30
C GLY K 65 50.09 -29.40 -34.96
N LEU K 66 50.84 -28.37 -35.36
CA LEU K 66 50.43 -26.99 -35.14
C LEU K 66 49.29 -26.66 -36.08
N GLN K 67 48.23 -26.04 -35.55
CA GLN K 67 47.04 -25.75 -36.34
C GLN K 67 46.37 -24.51 -35.75
N ILE K 68 46.34 -23.44 -36.52
CA ILE K 68 45.83 -22.15 -36.06
C ILE K 68 44.46 -21.90 -36.68
N GLY K 69 43.55 -21.36 -35.89
CA GLY K 69 42.23 -21.04 -36.38
C GLY K 69 42.20 -19.73 -37.15
N THR K 70 41.01 -19.41 -37.67
CA THR K 70 40.84 -18.19 -38.45
C THR K 70 39.62 -17.37 -38.06
N GLY K 71 38.76 -17.84 -37.17
CA GLY K 71 37.65 -17.05 -36.71
C GLY K 71 36.37 -17.86 -36.75
N VAL K 72 35.24 -17.14 -36.80
CA VAL K 72 33.92 -17.76 -36.77
C VAL K 72 33.04 -17.11 -37.83
N ARG K 73 32.03 -17.84 -38.28
CA ARG K 73 31.12 -17.38 -39.31
C ARG K 73 29.74 -17.98 -39.05
N PRO K 74 28.69 -17.18 -38.98
CA PRO K 74 27.34 -17.74 -38.88
C PRO K 74 26.98 -18.50 -40.14
N VAL K 75 26.35 -19.67 -39.96
CA VAL K 75 26.08 -20.56 -41.07
C VAL K 75 24.59 -20.64 -41.39
N ALA K 76 23.73 -20.63 -40.38
CA ALA K 76 22.31 -20.79 -40.63
C ALA K 76 21.50 -20.23 -39.47
N THR K 77 20.21 -20.04 -39.73
CA THR K 77 19.23 -19.66 -38.72
C THR K 77 18.02 -20.57 -38.86
N GLU K 78 17.56 -21.10 -37.74
CA GLU K 78 16.44 -22.02 -37.71
C GLU K 78 15.24 -21.37 -37.05
N ARG K 79 14.06 -21.61 -37.60
CA ARG K 79 12.81 -21.15 -37.00
C ARG K 79 12.23 -22.28 -36.16
N LEU K 80 11.96 -21.98 -34.90
CA LEU K 80 11.40 -22.95 -33.97
C LEU K 80 9.92 -23.13 -34.32
N HIS K 81 9.65 -24.04 -35.25
CA HIS K 81 8.28 -24.29 -35.71
C HIS K 81 7.53 -25.12 -34.68
N SER K 82 7.37 -24.53 -33.50
CA SER K 82 6.62 -25.15 -32.42
C SER K 82 5.16 -24.71 -32.50
N GLN K 83 4.40 -24.97 -31.44
CA GLN K 83 3.01 -24.54 -31.36
C GLN K 83 2.93 -23.38 -30.37
N GLY K 84 2.46 -22.24 -30.85
CA GLY K 84 2.27 -21.10 -29.98
C GLY K 84 1.00 -21.21 -29.18
N ASN K 85 0.85 -20.30 -28.22
CA ASN K 85 -0.38 -20.26 -27.43
C ASN K 85 -1.54 -19.76 -28.27
N LEU K 86 -2.75 -20.03 -27.79
CA LEU K 86 -3.97 -19.61 -28.47
C LEU K 86 -4.67 -18.56 -27.63
N SER K 87 -5.03 -17.45 -28.25
CA SER K 87 -5.77 -16.39 -27.58
C SER K 87 -7.13 -16.21 -28.24
N GLN K 88 -8.13 -15.90 -27.43
CA GLN K 88 -9.51 -15.81 -27.88
C GLN K 88 -9.82 -14.37 -28.26
N THR K 89 -10.51 -14.20 -29.40
CA THR K 89 -10.87 -12.88 -29.88
C THR K 89 -12.37 -12.70 -30.06
N ASN K 90 -13.15 -13.78 -30.01
CA ASN K 90 -14.61 -13.74 -30.19
C ASN K 90 -15.02 -13.15 -31.53
N ASN K 91 -14.11 -13.14 -32.50
CA ASN K 91 -14.38 -12.64 -33.84
C ASN K 91 -14.59 -13.83 -34.76
N SER K 92 -15.75 -13.88 -35.42
CA SER K 92 -16.13 -15.08 -36.16
C SER K 92 -15.21 -15.37 -37.34
N LYS K 93 -14.40 -14.41 -37.76
CA LYS K 93 -13.54 -14.58 -38.92
C LYS K 93 -12.09 -14.88 -38.56
N ASP K 94 -11.79 -15.12 -37.29
CA ASP K 94 -10.45 -15.47 -36.85
C ASP K 94 -10.35 -16.98 -36.65
N VAL K 95 -9.45 -17.61 -37.39
CA VAL K 95 -9.28 -19.06 -37.37
C VAL K 95 -7.84 -19.36 -36.99
N ALA K 96 -7.66 -20.23 -36.00
CA ALA K 96 -6.34 -20.67 -35.55
C ALA K 96 -6.16 -22.13 -35.92
N ILE K 97 -5.03 -22.44 -36.55
CA ILE K 97 -4.71 -23.81 -36.94
C ILE K 97 -3.89 -24.44 -35.82
N LYS K 98 -4.35 -25.58 -35.32
CA LYS K 98 -3.72 -26.29 -34.22
C LYS K 98 -3.04 -27.53 -34.78
N GLY K 99 -1.70 -27.52 -34.75
CA GLY K 99 -0.95 -28.64 -35.29
C GLY K 99 0.05 -28.23 -36.34
N GLN K 100 -0.13 -28.75 -37.56
CA GLN K 100 0.79 -28.50 -38.66
C GLN K 100 0.01 -28.08 -39.90
N GLY K 101 0.64 -27.27 -40.74
CA GLY K 101 0.02 -26.88 -42.00
C GLY K 101 -0.01 -25.38 -42.21
N PHE K 102 -0.47 -24.94 -43.37
CA PHE K 102 -0.55 -23.53 -43.68
C PHE K 102 -1.75 -23.27 -44.59
N PHE K 103 -2.27 -22.05 -44.53
CA PHE K 103 -3.25 -21.58 -45.49
C PHE K 103 -2.51 -21.08 -46.72
N GLN K 104 -3.01 -21.46 -47.90
CA GLN K 104 -2.43 -21.02 -49.15
C GLN K 104 -3.05 -19.71 -49.59
N VAL K 105 -2.21 -18.78 -50.04
CA VAL K 105 -2.60 -17.43 -50.39
C VAL K 105 -2.14 -17.14 -51.81
N MET K 106 -3.02 -16.62 -52.64
CA MET K 106 -2.70 -16.36 -54.04
C MET K 106 -2.20 -14.93 -54.18
N LEU K 107 -0.91 -14.78 -54.44
CA LEU K 107 -0.29 -13.47 -54.58
C LEU K 107 -0.79 -12.78 -55.85
N PRO K 108 -0.71 -11.45 -55.89
CA PRO K 108 -1.23 -10.73 -57.07
C PRO K 108 -0.57 -11.13 -58.38
N ASP K 109 0.73 -11.43 -58.37
CA ASP K 109 1.41 -11.79 -59.61
C ASP K 109 1.04 -13.19 -60.09
N GLY K 110 0.34 -13.97 -59.28
CA GLY K 110 -0.07 -15.31 -59.66
C GLY K 110 0.59 -16.42 -58.90
N THR K 111 1.64 -16.13 -58.13
CA THR K 111 2.30 -17.15 -57.34
C THR K 111 1.51 -17.43 -56.07
N SER K 112 2.01 -18.36 -55.26
CA SER K 112 1.33 -18.79 -54.05
C SER K 112 2.28 -18.68 -52.86
N ALA K 113 1.81 -18.08 -51.78
CA ALA K 113 2.51 -18.07 -50.51
C ALA K 113 1.72 -18.89 -49.50
N TYR K 114 2.31 -19.09 -48.32
CA TYR K 114 1.68 -19.87 -47.28
C TYR K 114 1.79 -19.12 -45.96
N THR K 115 0.69 -19.03 -45.24
CA THR K 115 0.64 -18.26 -44.01
C THR K 115 0.00 -19.09 -42.92
N ARG K 116 0.41 -18.83 -41.68
CA ARG K 116 -0.19 -19.45 -40.51
C ARG K 116 -1.00 -18.46 -39.69
N ASP K 117 -0.94 -17.18 -40.02
CA ASP K 117 -1.69 -16.15 -39.31
C ASP K 117 -3.13 -16.16 -39.81
N GLY K 118 -4.04 -16.63 -38.97
CA GLY K 118 -5.44 -16.69 -39.35
C GLY K 118 -6.21 -15.48 -38.87
N SER K 119 -6.37 -14.49 -39.74
CA SER K 119 -7.18 -13.31 -39.42
C SER K 119 -7.75 -12.83 -40.75
N PHE K 120 -8.97 -13.25 -41.06
CA PHE K 120 -9.54 -13.10 -42.38
C PHE K 120 -10.60 -12.01 -42.37
N GLN K 121 -10.72 -11.30 -43.48
CA GLN K 121 -11.74 -10.29 -43.65
C GLN K 121 -12.36 -10.45 -45.04
N VAL K 122 -13.61 -10.02 -45.16
CA VAL K 122 -14.35 -10.14 -46.40
C VAL K 122 -14.38 -8.79 -47.08
N ASP K 123 -13.90 -8.75 -48.33
CA ASP K 123 -13.86 -7.51 -49.08
C ASP K 123 -15.21 -7.30 -49.77
N GLN K 124 -15.27 -6.31 -50.67
CA GLN K 124 -16.55 -5.90 -51.25
C GLN K 124 -17.14 -6.94 -52.18
N ASN K 125 -16.33 -7.86 -52.72
CA ASN K 125 -16.81 -8.88 -53.64
C ASN K 125 -17.22 -10.16 -52.95
N GLY K 126 -17.11 -10.23 -51.63
CA GLY K 126 -17.39 -11.44 -50.90
C GLY K 126 -16.23 -12.38 -50.74
N GLN K 127 -15.07 -12.08 -51.34
CA GLN K 127 -13.91 -12.93 -51.18
C GLN K 127 -13.42 -12.91 -49.75
N LEU K 128 -12.96 -14.06 -49.28
CA LEU K 128 -12.39 -14.19 -47.93
C LEU K 128 -10.89 -13.94 -48.04
N VAL K 129 -10.50 -12.67 -47.94
CA VAL K 129 -9.12 -12.27 -48.12
C VAL K 129 -8.45 -12.20 -46.76
N THR K 130 -7.12 -12.16 -46.77
CA THR K 130 -6.36 -11.95 -45.56
C THR K 130 -6.15 -10.46 -45.36
N ALA K 131 -5.63 -10.08 -44.20
CA ALA K 131 -5.36 -8.67 -43.91
C ALA K 131 -4.21 -8.22 -44.80
N GLY K 132 -4.53 -7.50 -45.87
CA GLY K 132 -3.53 -7.10 -46.83
C GLY K 132 -4.05 -7.13 -48.25
N GLY K 133 -5.19 -7.80 -48.45
CA GLY K 133 -5.86 -7.84 -49.73
C GLY K 133 -5.69 -9.12 -50.51
N PHE K 134 -4.71 -9.95 -50.15
CA PHE K 134 -4.54 -11.22 -50.83
C PHE K 134 -5.68 -12.17 -50.46
N GLN K 135 -6.18 -12.90 -51.44
CA GLN K 135 -7.30 -13.80 -51.21
C GLN K 135 -6.83 -15.23 -51.04
N VAL K 136 -7.56 -15.98 -50.23
CA VAL K 136 -7.21 -17.37 -49.95
C VAL K 136 -7.47 -18.20 -51.21
N GLN K 137 -6.55 -19.10 -51.52
CA GLN K 137 -6.54 -19.74 -52.83
C GLN K 137 -7.80 -20.56 -53.14
N PRO K 138 -8.33 -21.39 -52.25
CA PRO K 138 -9.55 -22.15 -52.59
C PRO K 138 -10.76 -21.29 -52.92
N ALA K 139 -10.65 -19.97 -52.83
CA ALA K 139 -11.67 -19.03 -53.33
C ALA K 139 -13.01 -19.23 -52.62
N ILE K 140 -13.00 -18.94 -51.32
CA ILE K 140 -14.24 -18.94 -50.54
C ILE K 140 -14.98 -17.63 -50.78
N THR K 141 -16.23 -17.73 -51.20
CA THR K 141 -17.05 -16.56 -51.51
C THR K 141 -18.22 -16.52 -50.53
N ILE K 142 -18.18 -15.57 -49.61
CA ILE K 142 -19.27 -15.37 -48.65
C ILE K 142 -20.39 -14.61 -49.35
N PRO K 143 -21.60 -15.16 -49.40
CA PRO K 143 -22.74 -14.42 -49.98
C PRO K 143 -23.16 -13.32 -49.03
N ALA K 144 -23.98 -12.41 -49.54
CA ALA K 144 -24.51 -11.33 -48.71
C ALA K 144 -25.52 -11.89 -47.70
N ASN K 145 -26.10 -10.98 -46.91
CA ASN K 145 -27.12 -11.29 -45.92
C ASN K 145 -26.81 -12.55 -45.10
N ALA K 146 -25.53 -12.74 -44.77
CA ALA K 146 -25.10 -13.91 -44.01
C ALA K 146 -25.16 -13.58 -42.53
N LEU K 147 -26.04 -14.25 -41.80
CA LEU K 147 -26.18 -14.00 -40.37
C LEU K 147 -24.91 -14.38 -39.62
N SER K 148 -24.32 -15.53 -39.95
CA SER K 148 -23.13 -15.99 -39.25
C SER K 148 -22.37 -16.97 -40.12
N ILE K 149 -21.08 -17.10 -39.84
CA ILE K 149 -20.17 -17.99 -40.55
C ILE K 149 -19.69 -19.06 -39.58
N THR K 150 -19.82 -20.31 -39.97
CA THR K 150 -19.41 -21.44 -39.14
C THR K 150 -18.30 -22.20 -39.86
N ILE K 151 -17.19 -22.42 -39.18
CA ILE K 151 -16.07 -23.20 -39.71
C ILE K 151 -15.84 -24.36 -38.77
N GLY K 152 -16.02 -25.58 -39.27
CA GLY K 152 -15.87 -26.76 -38.44
C GLY K 152 -14.43 -27.14 -38.22
N ARG K 153 -14.24 -28.15 -37.37
CA ARG K 153 -12.90 -28.68 -37.12
C ARG K 153 -12.27 -29.24 -38.39
N ASP K 154 -13.06 -29.80 -39.28
CA ASP K 154 -12.58 -30.36 -40.53
C ASP K 154 -12.50 -29.31 -41.64
N GLY K 155 -12.57 -28.03 -41.28
CA GLY K 155 -12.36 -26.97 -42.24
C GLY K 155 -13.40 -26.86 -43.34
N VAL K 156 -14.67 -27.08 -43.01
CA VAL K 156 -15.77 -26.88 -43.95
C VAL K 156 -16.54 -25.65 -43.48
N VAL K 157 -16.67 -24.67 -44.36
CA VAL K 157 -17.22 -23.37 -44.01
C VAL K 157 -18.64 -23.26 -44.56
N SER K 158 -19.58 -22.89 -43.69
CA SER K 158 -20.97 -22.74 -44.08
C SER K 158 -21.50 -21.43 -43.50
N VAL K 159 -22.61 -20.95 -44.06
CA VAL K 159 -23.20 -19.69 -43.66
C VAL K 159 -24.63 -19.93 -43.21
N THR K 160 -25.11 -19.07 -42.33
CA THR K 160 -26.49 -19.11 -41.85
C THR K 160 -27.27 -17.99 -42.54
N GLN K 161 -28.13 -18.35 -43.48
CA GLN K 161 -28.91 -17.36 -44.21
C GLN K 161 -30.16 -16.99 -43.40
N GLN K 162 -31.07 -16.25 -44.03
CA GLN K 162 -32.25 -15.76 -43.32
C GLN K 162 -33.17 -16.90 -42.90
N GLY K 163 -33.37 -17.88 -43.78
CA GLY K 163 -34.29 -18.97 -43.52
C GLY K 163 -33.65 -20.31 -43.79
N GLN K 164 -34.44 -21.21 -44.36
CA GLN K 164 -34.03 -22.56 -44.77
C GLN K 164 -33.71 -23.45 -43.59
N ALA K 165 -33.69 -22.88 -42.38
CA ALA K 165 -33.46 -23.63 -41.14
C ALA K 165 -32.28 -24.57 -41.21
N ALA K 166 -31.30 -24.29 -42.08
CA ALA K 166 -30.15 -25.17 -42.25
C ALA K 166 -29.04 -24.41 -42.96
N PRO K 167 -27.84 -24.38 -42.40
CA PRO K 167 -26.73 -23.68 -43.07
C PRO K 167 -26.34 -24.38 -44.36
N VAL K 168 -25.79 -23.59 -45.28
CA VAL K 168 -25.38 -24.07 -46.59
C VAL K 168 -23.87 -23.91 -46.72
N GLN K 169 -23.22 -24.94 -47.24
CA GLN K 169 -21.77 -24.89 -47.43
C GLN K 169 -21.41 -23.88 -48.51
N VAL K 170 -20.35 -23.11 -48.27
CA VAL K 170 -19.88 -22.12 -49.24
C VAL K 170 -18.48 -22.43 -49.74
N GLY K 171 -17.80 -23.42 -49.19
CA GLY K 171 -16.45 -23.73 -49.61
C GLY K 171 -15.81 -24.69 -48.63
N GLN K 172 -14.49 -24.81 -48.74
CA GLN K 172 -13.72 -25.63 -47.82
C GLN K 172 -12.34 -25.03 -47.65
N LEU K 173 -11.75 -25.28 -46.49
CA LEU K 173 -10.39 -24.86 -46.18
C LEU K 173 -9.47 -26.06 -46.26
N ASN K 174 -8.41 -25.94 -47.04
CA ASN K 174 -7.43 -26.99 -47.22
C ASN K 174 -6.09 -26.53 -46.68
N LEU K 175 -5.38 -27.43 -45.99
CA LEU K 175 -4.11 -27.12 -45.37
C LEU K 175 -3.00 -27.84 -46.10
N THR K 176 -1.93 -27.12 -46.41
CA THR K 176 -0.77 -27.69 -47.09
C THR K 176 0.34 -27.90 -46.07
N THR K 177 0.96 -29.06 -46.11
CA THR K 177 2.06 -29.41 -45.21
C THR K 177 3.31 -29.66 -46.03
N PHE K 178 4.47 -29.36 -45.45
CA PHE K 178 5.75 -29.51 -46.12
C PHE K 178 6.64 -30.49 -45.38
N MET K 179 7.56 -31.11 -46.11
CA MET K 179 8.49 -32.06 -45.50
C MET K 179 9.39 -31.38 -44.47
N ASN K 180 9.88 -30.18 -44.79
CA ASN K 180 10.77 -29.44 -43.89
C ASN K 180 10.15 -28.06 -43.64
N ASP K 181 9.53 -27.90 -42.47
CA ASP K 181 8.91 -26.63 -42.13
C ASP K 181 9.94 -25.51 -42.01
N THR K 182 11.09 -25.82 -41.43
CA THR K 182 12.13 -24.80 -41.25
C THR K 182 12.75 -24.34 -42.56
N GLY K 183 12.49 -25.04 -43.66
CA GLY K 183 13.12 -24.70 -44.92
C GLY K 183 12.46 -23.61 -45.71
N LEU K 184 11.20 -23.29 -45.41
CA LEU K 184 10.49 -22.28 -46.18
C LEU K 184 11.17 -20.93 -46.05
N GLU K 185 11.13 -20.16 -47.13
CA GLU K 185 11.70 -18.82 -47.16
C GLU K 185 10.59 -17.80 -46.90
N SER K 186 10.84 -16.91 -45.94
CA SER K 186 9.87 -15.89 -45.57
C SER K 186 10.08 -14.64 -46.42
N ILE K 187 8.98 -13.97 -46.77
CA ILE K 187 9.05 -12.77 -47.60
C ILE K 187 8.59 -11.52 -46.87
N GLY K 188 8.08 -11.64 -45.66
CA GLY K 188 7.84 -10.49 -44.81
C GLY K 188 6.41 -9.99 -44.69
N GLU K 189 5.42 -10.84 -44.90
CA GLU K 189 4.03 -10.47 -44.61
C GLU K 189 3.34 -11.63 -43.91
N ASN K 190 4.01 -12.24 -42.94
CA ASN K 190 3.59 -13.51 -42.37
C ASN K 190 3.42 -14.56 -43.47
N LEU K 191 4.16 -14.41 -44.55
CA LEU K 191 4.08 -15.27 -45.70
C LEU K 191 5.40 -16.00 -45.89
N TYR K 192 5.31 -17.27 -46.26
CA TYR K 192 6.49 -18.07 -46.60
C TYR K 192 6.29 -18.62 -48.00
N ILE K 193 7.33 -18.59 -48.81
CA ILE K 193 7.28 -19.12 -50.17
C ILE K 193 8.02 -20.44 -50.21
N GLU K 194 7.48 -21.40 -50.97
CA GLU K 194 8.14 -22.68 -51.11
C GLU K 194 9.49 -22.51 -51.81
N THR K 195 10.49 -23.22 -51.31
CA THR K 195 11.81 -23.22 -51.91
C THR K 195 12.27 -24.67 -52.10
N GLN K 196 13.53 -24.83 -52.50
CA GLN K 196 14.02 -26.16 -52.82
C GLN K 196 14.19 -27.02 -51.57
N SER K 197 14.57 -26.40 -50.45
CA SER K 197 14.83 -27.17 -49.23
C SER K 197 13.55 -27.81 -48.71
N SER K 198 12.48 -27.04 -48.60
CA SER K 198 11.19 -27.61 -48.26
C SER K 198 10.63 -28.37 -49.45
N GLY K 199 9.92 -29.45 -49.16
CA GLY K 199 9.40 -30.30 -50.21
C GLY K 199 8.31 -29.60 -51.00
N ALA K 200 7.83 -30.30 -52.01
CA ALA K 200 6.70 -29.82 -52.77
C ALA K 200 5.46 -29.80 -51.89
N PRO K 201 4.59 -28.80 -52.00
CA PRO K 201 3.38 -28.80 -51.18
C PRO K 201 2.43 -29.90 -51.59
N ASN K 202 1.63 -30.35 -50.64
CA ASN K 202 0.57 -31.31 -50.92
C ASN K 202 -0.62 -30.98 -50.03
N GLU K 203 -1.72 -30.59 -50.67
CA GLU K 203 -2.91 -30.22 -49.92
C GLU K 203 -3.50 -31.42 -49.20
N SER K 204 -4.11 -31.16 -48.05
CA SER K 204 -4.80 -32.17 -47.28
C SER K 204 -5.83 -31.47 -46.41
N THR K 205 -6.96 -32.13 -46.23
CA THR K 205 -7.98 -31.60 -45.36
C THR K 205 -7.54 -31.69 -43.91
N PRO K 206 -8.01 -30.78 -43.05
CA PRO K 206 -7.60 -30.82 -41.65
C PRO K 206 -8.01 -32.13 -40.99
N GLY K 207 -7.19 -32.59 -40.06
CA GLY K 207 -7.44 -33.82 -39.33
C GLY K 207 -6.96 -35.09 -40.01
N LEU K 208 -6.30 -34.98 -41.16
CA LEU K 208 -5.80 -36.13 -41.88
C LEU K 208 -4.32 -35.96 -42.18
N ASN K 209 -3.59 -37.07 -42.22
CA ASN K 209 -2.17 -37.09 -42.56
C ASN K 209 -1.36 -36.18 -41.63
N GLY K 210 -1.77 -36.12 -40.37
CA GLY K 210 -1.06 -35.34 -39.39
C GLY K 210 -1.34 -33.85 -39.41
N ALA K 211 -2.18 -33.39 -40.33
CA ALA K 211 -2.52 -31.97 -40.38
C ALA K 211 -3.37 -31.59 -39.18
N GLY K 212 -3.18 -30.35 -38.71
CA GLY K 212 -3.88 -29.88 -37.54
C GLY K 212 -5.33 -29.52 -37.83
N LEU K 213 -6.04 -29.22 -36.76
CA LEU K 213 -7.44 -28.86 -36.82
C LEU K 213 -7.58 -27.34 -36.87
N LEU K 214 -8.83 -26.88 -36.96
CA LEU K 214 -9.14 -25.46 -37.03
C LEU K 214 -10.04 -25.07 -35.87
N TYR K 215 -9.70 -23.99 -35.18
CA TYR K 215 -10.52 -23.43 -34.12
C TYR K 215 -10.96 -22.04 -34.54
N GLN K 216 -12.27 -21.80 -34.54
CA GLN K 216 -12.80 -20.50 -34.90
C GLN K 216 -12.88 -19.62 -33.67
N GLY K 217 -12.52 -18.35 -33.82
CA GLY K 217 -12.52 -17.43 -32.70
C GLY K 217 -11.23 -17.39 -31.91
N TYR K 218 -10.15 -17.99 -32.42
CA TYR K 218 -8.87 -17.99 -31.75
C TYR K 218 -7.79 -17.61 -32.74
N VAL K 219 -6.69 -17.08 -32.20
CA VAL K 219 -5.52 -16.74 -33.00
C VAL K 219 -4.28 -17.22 -32.26
N GLU K 220 -3.31 -17.73 -33.02
CA GLU K 220 -2.08 -18.27 -32.44
C GLU K 220 -1.07 -17.15 -32.25
N THR K 221 -0.57 -17.00 -31.04
CA THR K 221 0.43 -15.98 -30.74
C THR K 221 1.83 -16.51 -31.04
N SER K 222 2.78 -15.58 -31.13
CA SER K 222 4.16 -15.95 -31.43
C SER K 222 4.75 -16.76 -30.29
N ASN K 223 5.64 -17.68 -30.63
CA ASN K 223 6.31 -18.51 -29.63
C ASN K 223 7.68 -17.91 -29.29
N VAL K 224 7.64 -16.75 -28.66
CA VAL K 224 8.83 -16.04 -28.23
C VAL K 224 8.87 -16.03 -26.72
N ASN K 225 9.96 -16.53 -26.15
CA ASN K 225 10.14 -16.63 -24.71
C ASN K 225 11.10 -15.54 -24.28
N VAL K 226 10.56 -14.43 -23.77
CA VAL K 226 11.38 -13.26 -23.44
C VAL K 226 12.33 -13.57 -22.30
N ALA K 227 11.95 -14.48 -21.41
CA ALA K 227 12.82 -14.82 -20.28
C ALA K 227 14.16 -15.37 -20.73
N GLU K 228 14.19 -16.00 -21.90
CA GLU K 228 15.44 -16.45 -22.48
C GLU K 228 16.12 -15.34 -23.29
N GLU K 229 15.33 -14.45 -23.90
CA GLU K 229 15.89 -13.38 -24.70
C GLU K 229 16.70 -12.41 -23.85
N LEU K 230 16.24 -12.14 -22.63
CA LEU K 230 16.98 -11.22 -21.78
C LEU K 230 18.36 -11.77 -21.42
N VAL K 231 18.43 -13.05 -21.05
CA VAL K 231 19.72 -13.66 -20.74
C VAL K 231 20.59 -13.71 -21.99
N ASN K 232 19.98 -13.95 -23.15
CA ASN K 232 20.76 -13.93 -24.39
C ASN K 232 21.34 -12.55 -24.65
N MET K 233 20.56 -11.50 -24.39
CA MET K 233 21.08 -10.15 -24.57
C MET K 233 22.26 -9.87 -23.64
N ILE K 234 22.16 -10.32 -22.39
CA ILE K 234 23.27 -10.14 -21.46
C ILE K 234 24.52 -10.83 -21.98
N GLN K 235 24.37 -12.08 -22.42
CA GLN K 235 25.52 -12.84 -22.91
C GLN K 235 26.11 -12.19 -24.16
N VAL K 236 25.25 -11.70 -25.06
CA VAL K 236 25.74 -11.06 -26.28
C VAL K 236 26.53 -9.81 -25.94
N GLN K 237 26.04 -9.00 -25.01
CA GLN K 237 26.77 -7.80 -24.62
C GLN K 237 28.13 -8.14 -24.06
N ARG K 238 28.19 -9.16 -23.19
CA ARG K 238 29.48 -9.53 -22.60
C ARG K 238 30.45 -10.04 -23.67
N ALA K 239 29.97 -10.86 -24.60
CA ALA K 239 30.83 -11.36 -25.66
C ALA K 239 31.36 -10.24 -26.54
N TYR K 240 30.49 -9.29 -26.89
CA TYR K 240 30.92 -8.15 -27.70
C TYR K 240 31.98 -7.34 -26.97
N GLU K 241 31.79 -7.13 -25.67
CA GLU K 241 32.78 -6.39 -24.89
C GLU K 241 34.12 -7.10 -24.88
N ILE K 242 34.10 -8.43 -24.72
CA ILE K 242 35.35 -9.18 -24.68
C ILE K 242 36.07 -9.11 -26.03
N ASN K 243 35.34 -9.24 -27.13
CA ASN K 243 35.98 -9.16 -28.44
C ASN K 243 36.56 -7.77 -28.68
N SER K 244 35.85 -6.73 -28.25
CA SER K 244 36.40 -5.38 -28.35
C SER K 244 37.68 -5.25 -27.52
N LYS K 245 37.73 -5.91 -26.37
CA LYS K 245 38.94 -5.91 -25.56
C LYS K 245 40.09 -6.56 -26.31
N ALA K 246 39.82 -7.66 -27.01
CA ALA K 246 40.86 -8.31 -27.80
C ALA K 246 41.37 -7.39 -28.91
N VAL K 247 40.45 -6.69 -29.58
CA VAL K 247 40.85 -5.73 -30.61
C VAL K 247 41.74 -4.66 -30.02
N SER K 248 41.37 -4.14 -28.85
CA SER K 248 42.16 -3.09 -28.21
C SER K 248 43.55 -3.59 -27.86
N THR K 249 43.66 -4.83 -27.37
CA THR K 249 44.97 -5.39 -27.05
C THR K 249 45.85 -5.50 -28.29
N THR K 250 45.26 -5.99 -29.38
CA THR K 250 46.02 -6.09 -30.63
C THR K 250 46.47 -4.71 -31.10
N ASP K 251 45.60 -3.70 -30.98
CA ASP K 251 45.98 -2.36 -31.38
C ASP K 251 47.12 -1.84 -30.51
N GLN K 252 47.08 -2.11 -29.21
CA GLN K 252 48.14 -1.64 -28.32
C GLN K 252 49.48 -2.25 -28.69
N MET K 253 49.50 -3.57 -28.94
CA MET K 253 50.77 -4.20 -29.30
C MET K 253 51.26 -3.72 -30.66
N LEU K 254 50.34 -3.46 -31.60
CA LEU K 254 50.74 -2.89 -32.88
C LEU K 254 51.35 -1.51 -32.72
N GLN K 255 50.76 -0.68 -31.85
CA GLN K 255 51.32 0.64 -31.60
C GLN K 255 52.72 0.54 -31.00
N LYS K 256 52.90 -0.38 -30.05
CA LYS K 256 54.23 -0.55 -29.45
C LYS K 256 55.25 -0.99 -30.50
N LEU K 257 54.84 -1.88 -31.40
CA LEU K 257 55.73 -2.27 -32.49
C LEU K 257 56.05 -1.09 -33.40
N THR K 258 55.07 -0.23 -33.65
CA THR K 258 55.31 0.95 -34.48
C THR K 258 56.32 1.89 -33.83
N GLN K 259 56.20 2.09 -32.52
CA GLN K 259 57.11 2.99 -31.82
C GLN K 259 58.53 2.45 -31.75
N LEU K 260 58.75 1.19 -32.11
CA LEU K 260 60.08 0.59 -32.10
C LEU K 260 61.01 1.27 -33.11
N ILE L 2 44.07 18.16 -45.39
CA ILE L 2 43.87 16.85 -45.99
C ILE L 2 42.38 16.60 -46.19
N SER L 3 42.04 15.69 -47.10
CA SER L 3 40.64 15.53 -47.51
C SER L 3 39.78 14.97 -46.39
N SER L 4 40.29 13.99 -45.64
CA SER L 4 39.48 13.31 -44.65
C SER L 4 38.98 14.28 -43.58
N LEU L 5 39.80 15.26 -43.22
CA LEU L 5 39.35 16.28 -42.28
C LEU L 5 38.17 17.06 -42.85
N TRP L 6 38.26 17.45 -44.12
CA TRP L 6 37.19 18.23 -44.72
C TRP L 6 35.93 17.40 -44.94
N ILE L 7 36.03 16.07 -44.93
CA ILE L 7 34.84 15.25 -45.00
C ILE L 7 34.21 15.07 -43.63
N ALA L 8 35.03 14.76 -42.63
CA ALA L 8 34.52 14.56 -41.28
C ALA L 8 33.94 15.85 -40.73
N LYS L 9 34.46 17.01 -41.15
CA LYS L 9 33.87 18.27 -40.70
C LYS L 9 32.44 18.41 -41.19
N THR L 10 32.18 18.06 -42.45
CA THR L 10 30.82 18.10 -42.96
C THR L 10 29.94 17.10 -42.21
N GLY L 11 30.48 15.93 -41.91
CA GLY L 11 29.72 14.97 -41.13
C GLY L 11 29.31 15.52 -39.76
N LEU L 12 30.25 16.15 -39.07
CA LEU L 12 29.97 16.73 -37.77
C LEU L 12 28.92 17.84 -37.88
N ASP L 13 29.03 18.69 -38.90
CA ASP L 13 28.05 19.76 -39.06
C ASP L 13 26.66 19.21 -39.34
N ALA L 14 26.57 18.15 -40.14
CA ALA L 14 25.28 17.53 -40.40
C ALA L 14 24.67 16.98 -39.12
N GLN L 15 25.48 16.29 -38.30
CA GLN L 15 24.95 15.80 -37.04
C GLN L 15 24.52 16.93 -36.13
N GLN L 16 25.26 18.05 -36.15
CA GLN L 16 24.89 19.18 -35.31
C GLN L 16 23.54 19.78 -35.73
N THR L 17 23.32 19.92 -37.04
CA THR L 17 22.03 20.42 -37.51
C THR L 17 20.91 19.45 -37.16
N ASN L 18 21.18 18.15 -37.25
CA ASN L 18 20.19 17.16 -36.85
C ASN L 18 19.82 17.32 -35.38
N MET L 19 20.82 17.49 -34.52
CA MET L 19 20.55 17.69 -33.10
C MET L 19 19.78 18.99 -32.87
N ASP L 20 20.06 20.02 -33.66
CA ASP L 20 19.35 21.29 -33.51
C ASP L 20 17.88 21.14 -33.85
N VAL L 21 17.56 20.44 -34.94
CA VAL L 21 16.13 20.28 -35.27
C VAL L 21 15.45 19.38 -34.25
N ILE L 22 16.16 18.37 -33.72
CA ILE L 22 15.57 17.53 -32.68
C ILE L 22 15.25 18.36 -31.44
N ALA L 23 16.19 19.21 -31.03
CA ALA L 23 15.96 20.04 -29.85
C ALA L 23 14.82 21.02 -30.07
N ASN L 24 14.74 21.60 -31.27
CA ASN L 24 13.65 22.51 -31.57
C ASN L 24 12.30 21.80 -31.50
N ASN L 25 12.23 20.58 -32.02
CA ASN L 25 10.99 19.82 -31.92
C ASN L 25 10.64 19.54 -30.46
N LEU L 26 11.64 19.19 -29.65
CA LEU L 26 11.36 18.85 -28.26
C LEU L 26 11.05 20.06 -27.39
N ALA L 27 11.50 21.26 -27.79
CA ALA L 27 11.32 22.42 -26.93
C ALA L 27 9.86 22.84 -26.86
N ASN L 28 9.25 23.12 -28.02
CA ASN L 28 7.85 23.53 -28.06
C ASN L 28 6.95 22.32 -28.31
N VAL L 29 7.01 21.36 -27.39
CA VAL L 29 6.10 20.24 -27.43
C VAL L 29 4.70 20.64 -27.02
N SER L 30 4.57 21.74 -26.28
CA SER L 30 3.27 22.21 -25.79
C SER L 30 2.75 23.42 -26.57
N THR L 31 3.39 23.79 -27.66
CA THR L 31 2.91 24.91 -28.46
C THR L 31 1.75 24.44 -29.32
N ASN L 32 0.59 25.08 -29.16
CA ASN L 32 -0.60 24.67 -29.88
C ASN L 32 -0.44 24.91 -31.38
N GLY L 33 -0.85 23.91 -32.16
CA GLY L 33 -0.78 24.01 -33.61
C GLY L 33 0.63 24.07 -34.16
N PHE L 34 1.51 23.23 -33.65
CA PHE L 34 2.88 23.14 -34.11
C PHE L 34 3.07 21.87 -34.94
N LYS L 35 3.86 21.97 -35.99
CA LYS L 35 4.11 20.86 -36.91
C LYS L 35 5.56 20.44 -36.81
N ARG L 36 5.78 19.14 -36.60
CA ARG L 36 7.14 18.64 -36.40
C ARG L 36 7.97 18.82 -37.66
N GLN L 37 9.28 18.93 -37.47
CA GLN L 37 10.21 19.20 -38.56
C GLN L 37 11.24 18.09 -38.62
N ARG L 38 11.54 17.62 -39.84
CA ARG L 38 12.53 16.60 -40.06
C ARG L 38 13.48 17.05 -41.17
N ALA L 39 14.77 16.77 -40.98
CA ALA L 39 15.81 17.22 -41.88
C ALA L 39 16.23 16.11 -42.83
N VAL L 40 16.40 16.45 -44.10
CA VAL L 40 16.85 15.51 -45.12
C VAL L 40 18.23 15.96 -45.60
N PHE L 41 19.20 15.04 -45.54
CA PHE L 41 20.58 15.29 -45.90
C PHE L 41 20.83 14.86 -47.34
N GLU L 42 22.08 14.99 -47.77
CA GLU L 42 22.45 14.76 -49.16
C GLU L 42 23.96 14.69 -49.26
N ASP L 43 24.46 13.72 -50.01
CA ASP L 43 25.90 13.62 -50.19
C ASP L 43 26.38 14.67 -51.20
N LEU L 44 27.62 15.11 -51.01
CA LEU L 44 28.19 16.18 -51.82
C LEU L 44 28.71 15.61 -53.13
N LEU L 45 29.45 16.43 -53.88
CA LEU L 45 29.97 16.03 -55.18
C LEU L 45 31.00 14.92 -55.02
N TYR L 46 31.38 14.32 -56.14
CA TYR L 46 32.32 13.21 -56.16
C TYR L 46 33.49 13.54 -57.08
N GLN L 47 34.69 13.17 -56.67
CA GLN L 47 35.87 13.30 -57.50
C GLN L 47 36.10 12.00 -58.25
N THR L 48 36.08 12.06 -59.58
CA THR L 48 36.23 10.88 -60.41
C THR L 48 37.66 10.82 -60.93
N ILE L 49 38.42 9.82 -60.46
CA ILE L 49 39.79 9.64 -60.92
C ILE L 49 39.83 8.82 -62.18
N ARG L 50 39.18 7.66 -62.18
CA ARG L 50 39.04 6.82 -63.37
C ARG L 50 37.58 6.80 -63.77
N GLN L 51 37.30 7.19 -65.00
CA GLN L 51 35.93 7.32 -65.46
C GLN L 51 35.30 5.95 -65.64
N PRO L 52 34.19 5.66 -64.96
CA PRO L 52 33.49 4.38 -65.21
C PRO L 52 33.02 4.29 -66.64
N GLY L 53 33.08 3.08 -67.20
CA GLY L 53 32.71 2.88 -68.57
C GLY L 53 33.78 3.19 -69.59
N ALA L 54 34.95 3.63 -69.15
CA ALA L 54 36.04 3.87 -70.08
C ALA L 54 36.52 2.56 -70.69
N GLN L 55 37.00 2.64 -71.92
CA GLN L 55 37.51 1.46 -72.62
C GLN L 55 38.76 0.97 -71.92
N SER L 56 38.66 -0.14 -71.19
CA SER L 56 39.83 -0.71 -70.54
C SER L 56 40.81 -1.30 -71.53
N SER L 57 40.30 -1.81 -72.65
CA SER L 57 41.13 -2.33 -73.73
C SER L 57 40.37 -2.13 -75.02
N GLU L 58 40.79 -2.84 -76.07
CA GLU L 58 40.07 -2.76 -77.34
C GLU L 58 38.66 -3.32 -77.21
N GLN L 59 38.46 -4.28 -76.31
CA GLN L 59 37.16 -4.91 -76.11
C GLN L 59 36.57 -4.63 -74.74
N THR L 60 37.31 -4.94 -73.67
CA THR L 60 36.76 -4.82 -72.33
C THR L 60 36.74 -3.38 -71.86
N THR L 61 35.85 -3.10 -70.92
CA THR L 61 35.70 -1.77 -70.33
C THR L 61 35.67 -1.91 -68.82
N LEU L 62 35.97 -0.82 -68.13
CA LEU L 62 36.01 -0.84 -66.68
C LEU L 62 34.61 -1.11 -66.13
N PRO L 63 34.47 -2.01 -65.15
CA PRO L 63 33.14 -2.23 -64.57
C PRO L 63 32.70 -1.08 -63.69
N SER L 64 33.60 -0.51 -62.89
CA SER L 64 33.27 0.62 -62.02
C SER L 64 34.53 1.38 -61.74
N GLY L 65 34.57 2.64 -62.15
CA GLY L 65 35.77 3.43 -61.99
C GLY L 65 36.01 3.84 -60.56
N LEU L 66 37.05 4.65 -60.38
CA LEU L 66 37.43 5.14 -59.06
C LEU L 66 36.76 6.48 -58.81
N GLN L 67 35.93 6.55 -57.79
CA GLN L 67 35.31 7.79 -57.36
C GLN L 67 35.49 7.95 -55.86
N ILE L 68 35.70 9.18 -55.42
CA ILE L 68 35.93 9.49 -54.02
C ILE L 68 34.88 10.50 -53.57
N GLY L 69 34.25 10.24 -52.43
CA GLY L 69 33.25 11.15 -51.94
C GLY L 69 33.86 12.41 -51.33
N THR L 70 33.00 13.40 -51.08
CA THR L 70 33.43 14.65 -50.50
C THR L 70 32.80 14.95 -49.15
N GLY L 71 31.64 14.37 -48.85
CA GLY L 71 31.00 14.58 -47.58
C GLY L 71 29.49 14.56 -47.75
N VAL L 72 28.81 15.16 -46.78
CA VAL L 72 27.35 15.21 -46.76
C VAL L 72 26.92 16.66 -46.57
N ARG L 73 25.73 16.97 -47.07
CA ARG L 73 25.22 18.32 -47.03
C ARG L 73 23.73 18.23 -46.72
N PRO L 74 23.24 18.93 -45.70
CA PRO L 74 21.80 18.88 -45.41
C PRO L 74 21.00 19.60 -46.48
N VAL L 75 20.33 18.84 -47.35
CA VAL L 75 19.70 19.46 -48.51
C VAL L 75 18.49 20.29 -48.11
N ALA L 76 17.67 19.81 -47.17
CA ALA L 76 16.47 20.55 -46.85
C ALA L 76 15.91 20.10 -45.51
N THR L 77 14.79 20.72 -45.13
CA THR L 77 14.01 20.29 -43.98
C THR L 77 12.54 20.46 -44.34
N GLU L 78 11.70 19.60 -43.76
CA GLU L 78 10.29 19.58 -44.11
C GLU L 78 9.46 19.51 -42.83
N ARG L 79 8.21 19.96 -42.94
CA ARG L 79 7.27 19.96 -41.84
C ARG L 79 6.14 19.00 -42.14
N LEU L 80 5.84 18.12 -41.20
CA LEU L 80 4.80 17.12 -41.38
C LEU L 80 3.45 17.76 -41.04
N HIS L 81 2.62 17.96 -42.06
CA HIS L 81 1.30 18.56 -41.87
C HIS L 81 0.25 17.49 -41.59
N SER L 82 0.46 16.76 -40.51
CA SER L 82 -0.51 15.77 -40.04
C SER L 82 -1.53 16.48 -39.15
N GLN L 83 -2.39 15.69 -38.51
CA GLN L 83 -3.43 16.22 -37.64
C GLN L 83 -3.07 15.90 -36.20
N GLY L 84 -2.83 16.93 -35.40
CA GLY L 84 -2.55 16.72 -34.00
C GLY L 84 -3.82 16.51 -33.20
N ASN L 85 -3.64 15.91 -32.02
CA ASN L 85 -4.77 15.63 -31.16
C ASN L 85 -5.40 16.93 -30.66
N LEU L 86 -6.70 16.86 -30.36
CA LEU L 86 -7.44 17.99 -29.82
C LEU L 86 -7.45 17.91 -28.30
N SER L 87 -7.39 19.08 -27.65
CA SER L 87 -7.48 19.17 -26.21
C SER L 87 -8.59 20.15 -25.85
N GLN L 88 -9.41 19.78 -24.86
CA GLN L 88 -10.56 20.57 -24.48
C GLN L 88 -10.18 21.62 -23.44
N THR L 89 -10.65 22.84 -23.64
CA THR L 89 -10.35 23.94 -22.74
C THR L 89 -11.58 24.62 -22.15
N ASN L 90 -12.77 24.32 -22.66
CA ASN L 90 -14.02 24.89 -22.14
C ASN L 90 -14.03 26.41 -22.26
N ASN L 91 -13.32 26.95 -23.24
CA ASN L 91 -13.30 28.39 -23.50
C ASN L 91 -14.10 28.67 -24.75
N SER L 92 -14.98 29.67 -24.69
CA SER L 92 -15.92 29.91 -25.77
C SER L 92 -15.24 30.43 -27.04
N LYS L 93 -14.05 31.02 -26.92
CA LYS L 93 -13.40 31.64 -28.06
C LYS L 93 -12.24 30.81 -28.62
N ASP L 94 -12.06 29.58 -28.17
CA ASP L 94 -11.02 28.71 -28.68
C ASP L 94 -11.56 27.86 -29.82
N VAL L 95 -10.88 27.89 -30.96
CA VAL L 95 -11.29 27.17 -32.16
C VAL L 95 -10.17 26.23 -32.56
N ALA L 96 -10.52 24.98 -32.84
CA ALA L 96 -9.59 23.99 -33.36
C ALA L 96 -10.04 23.59 -34.74
N ILE L 97 -9.12 23.61 -35.70
CA ILE L 97 -9.45 23.25 -37.07
C ILE L 97 -9.12 21.78 -37.28
N LYS L 98 -10.10 21.03 -37.79
CA LYS L 98 -9.99 19.59 -37.99
C LYS L 98 -9.99 19.34 -39.49
N GLY L 99 -8.81 19.05 -40.04
CA GLY L 99 -8.67 18.84 -41.45
C GLY L 99 -7.52 19.63 -42.05
N GLN L 100 -7.81 20.49 -43.02
CA GLN L 100 -6.78 21.30 -43.67
C GLN L 100 -7.25 22.74 -43.77
N GLY L 101 -6.30 23.66 -43.80
CA GLY L 101 -6.60 25.07 -43.92
C GLY L 101 -5.87 25.92 -42.91
N PHE L 102 -5.86 27.24 -43.13
CA PHE L 102 -5.22 28.17 -42.22
C PHE L 102 -6.06 29.43 -42.11
N PHE L 103 -6.21 29.92 -40.89
CA PHE L 103 -6.82 31.22 -40.69
C PHE L 103 -5.92 32.33 -41.23
N GLN L 104 -6.53 33.29 -41.89
CA GLN L 104 -5.81 34.41 -42.47
C GLN L 104 -5.80 35.57 -41.48
N VAL L 105 -4.64 36.22 -41.34
CA VAL L 105 -4.42 37.27 -40.37
C VAL L 105 -3.83 38.47 -41.09
N MET L 106 -4.30 39.67 -40.72
CA MET L 106 -3.77 40.91 -41.28
C MET L 106 -2.63 41.41 -40.39
N LEU L 107 -1.41 41.39 -40.93
CA LEU L 107 -0.28 41.92 -40.19
C LEU L 107 -0.35 43.44 -40.16
N PRO L 108 0.28 44.08 -39.15
CA PRO L 108 0.20 45.54 -39.05
C PRO L 108 0.73 46.27 -40.27
N ASP L 109 1.78 45.75 -40.91
CA ASP L 109 2.36 46.43 -42.07
C ASP L 109 1.40 46.46 -43.26
N GLY L 110 0.45 45.54 -43.32
CA GLY L 110 -0.49 45.52 -44.43
C GLY L 110 -0.50 44.20 -45.18
N THR L 111 0.55 43.41 -44.99
CA THR L 111 0.64 42.10 -45.63
C THR L 111 -0.32 41.14 -44.92
N SER L 112 -0.36 39.89 -45.38
CA SER L 112 -1.23 38.88 -44.81
C SER L 112 -0.42 37.64 -44.43
N ALA L 113 -0.69 37.11 -43.25
CA ALA L 113 -0.06 35.89 -42.78
C ALA L 113 -1.14 34.83 -42.60
N TYR L 114 -0.71 33.60 -42.38
CA TYR L 114 -1.63 32.48 -42.21
C TYR L 114 -1.16 31.61 -41.05
N THR L 115 -2.10 31.23 -40.19
CA THR L 115 -1.76 30.48 -38.99
C THR L 115 -2.78 29.37 -38.76
N ARG L 116 -2.37 28.39 -37.95
CA ARG L 116 -3.26 27.30 -37.59
C ARG L 116 -3.65 27.29 -36.13
N ASP L 117 -2.84 27.87 -35.25
CA ASP L 117 -3.17 27.91 -33.84
C ASP L 117 -4.38 28.80 -33.60
N GLY L 118 -5.48 28.20 -33.15
CA GLY L 118 -6.70 28.95 -32.88
C GLY L 118 -6.97 29.20 -31.41
N SER L 119 -6.70 30.42 -30.96
CA SER L 119 -7.01 30.82 -29.59
C SER L 119 -7.14 32.34 -29.61
N PHE L 120 -8.37 32.83 -29.61
CA PHE L 120 -8.67 34.21 -29.95
C PHE L 120 -9.19 34.98 -28.74
N GLN L 121 -9.06 36.30 -28.78
CA GLN L 121 -9.69 37.21 -27.85
C GLN L 121 -10.37 38.31 -28.64
N VAL L 122 -10.92 39.30 -27.92
CA VAL L 122 -11.53 40.47 -28.53
C VAL L 122 -10.85 41.71 -27.94
N ASP L 123 -10.47 42.64 -28.81
CA ASP L 123 -9.82 43.85 -28.37
C ASP L 123 -10.87 44.82 -27.84
N GLN L 124 -10.45 46.05 -27.51
CA GLN L 124 -11.36 47.01 -26.92
C GLN L 124 -12.46 47.45 -27.87
N ASN L 125 -12.25 47.33 -29.17
CA ASN L 125 -13.26 47.71 -30.15
C ASN L 125 -14.18 46.55 -30.52
N GLY L 126 -13.99 45.38 -29.92
CA GLY L 126 -14.83 44.23 -30.19
C GLY L 126 -14.39 43.38 -31.36
N GLN L 127 -13.36 43.77 -32.09
CA GLN L 127 -12.86 42.96 -33.19
C GLN L 127 -12.23 41.69 -32.66
N LEU L 128 -12.28 40.64 -33.46
CA LEU L 128 -11.72 39.35 -33.08
C LEU L 128 -10.25 39.32 -33.46
N VAL L 129 -9.38 39.17 -32.45
CA VAL L 129 -7.94 39.20 -32.66
C VAL L 129 -7.34 37.92 -32.08
N THR L 130 -6.11 37.64 -32.48
CA THR L 130 -5.40 36.49 -31.96
C THR L 130 -4.47 36.91 -30.82
N ALA L 131 -3.96 35.92 -30.09
CA ALA L 131 -3.06 36.19 -28.98
C ALA L 131 -1.77 36.79 -29.54
N GLY L 132 -1.59 38.09 -29.32
CA GLY L 132 -0.47 38.80 -29.89
C GLY L 132 -0.88 40.13 -30.48
N GLY L 133 -2.19 40.35 -30.59
CA GLY L 133 -2.74 41.61 -31.04
C GLY L 133 -3.17 41.63 -32.49
N PHE L 134 -2.72 40.67 -33.30
CA PHE L 134 -3.10 40.64 -34.70
C PHE L 134 -4.56 40.24 -34.85
N GLN L 135 -5.23 40.82 -35.84
CA GLN L 135 -6.65 40.62 -36.03
C GLN L 135 -6.92 39.67 -37.19
N VAL L 136 -8.03 38.94 -37.08
CA VAL L 136 -8.43 38.02 -38.14
C VAL L 136 -8.95 38.81 -39.32
N GLN L 137 -8.55 38.39 -40.53
CA GLN L 137 -8.78 39.22 -41.72
C GLN L 137 -10.25 39.48 -42.01
N PRO L 138 -11.15 38.50 -42.01
CA PRO L 138 -12.57 38.81 -42.28
C PRO L 138 -13.19 39.79 -41.29
N ALA L 139 -12.49 40.16 -40.22
CA ALA L 139 -12.91 41.22 -39.31
C ALA L 139 -14.27 40.93 -38.68
N ILE L 140 -14.27 39.88 -37.87
CA ILE L 140 -15.44 39.52 -37.08
C ILE L 140 -15.55 40.50 -35.91
N THR L 141 -16.66 41.22 -35.84
CA THR L 141 -16.91 42.20 -34.80
C THR L 141 -18.01 41.69 -33.88
N ILE L 142 -17.78 41.79 -32.58
CA ILE L 142 -18.71 41.29 -31.56
C ILE L 142 -19.29 42.51 -30.84
N PRO L 143 -20.61 42.61 -30.72
CA PRO L 143 -21.20 43.74 -30.00
C PRO L 143 -20.91 43.66 -28.50
N ALA L 144 -21.14 44.80 -27.83
CA ALA L 144 -20.85 44.90 -26.41
C ALA L 144 -21.87 44.17 -25.55
N ASN L 145 -23.06 43.91 -26.08
CA ASN L 145 -24.15 43.29 -25.32
C ASN L 145 -24.19 41.78 -25.54
N ALA L 146 -23.02 41.17 -25.74
CA ALA L 146 -22.96 39.74 -25.96
C ALA L 146 -23.22 38.98 -24.67
N LEU L 147 -23.88 37.82 -24.79
CA LEU L 147 -24.02 36.90 -23.68
C LEU L 147 -23.17 35.64 -23.90
N SER L 148 -23.13 35.15 -25.13
CA SER L 148 -22.32 33.98 -25.48
C SER L 148 -21.89 34.10 -26.94
N ILE L 149 -20.84 33.36 -27.28
CA ILE L 149 -20.33 33.29 -28.64
C ILE L 149 -20.45 31.86 -29.12
N THR L 150 -21.10 31.66 -30.26
CA THR L 150 -21.28 30.34 -30.85
C THR L 150 -20.59 30.29 -32.20
N ILE L 151 -19.71 29.33 -32.39
CA ILE L 151 -19.01 29.12 -33.65
C ILE L 151 -19.30 27.69 -34.08
N GLY L 152 -20.27 27.51 -34.97
CA GLY L 152 -20.62 26.19 -35.42
C GLY L 152 -19.58 25.62 -36.36
N ARG L 153 -19.75 24.33 -36.68
CA ARG L 153 -18.84 23.68 -37.62
C ARG L 153 -18.93 24.32 -39.00
N ASP L 154 -20.02 25.03 -39.28
CA ASP L 154 -20.11 25.77 -40.54
C ASP L 154 -19.03 26.84 -40.63
N GLY L 155 -18.78 27.56 -39.55
CA GLY L 155 -17.84 28.66 -39.56
C GLY L 155 -18.50 30.00 -39.40
N VAL L 156 -19.81 29.99 -39.18
CA VAL L 156 -20.59 31.20 -38.97
C VAL L 156 -20.58 31.55 -37.50
N VAL L 157 -20.16 32.77 -37.18
CA VAL L 157 -20.08 33.23 -35.80
C VAL L 157 -21.41 33.91 -35.46
N SER L 158 -22.10 33.37 -34.46
CA SER L 158 -23.36 33.92 -34.00
C SER L 158 -23.24 34.31 -32.54
N VAL L 159 -23.91 35.39 -32.18
CA VAL L 159 -23.86 35.92 -30.82
C VAL L 159 -25.28 36.17 -30.34
N THR L 160 -25.51 35.92 -29.06
CA THR L 160 -26.82 36.09 -28.47
C THR L 160 -26.83 37.32 -27.56
N GLN L 161 -27.99 37.96 -27.47
CA GLN L 161 -28.17 39.15 -26.67
C GLN L 161 -29.33 38.94 -25.71
N GLN L 162 -29.28 39.68 -24.59
CA GLN L 162 -30.33 39.56 -23.58
C GLN L 162 -31.66 40.04 -24.15
N GLY L 163 -32.72 39.32 -23.82
CA GLY L 163 -34.05 39.65 -24.31
C GLY L 163 -34.21 39.47 -25.81
N GLN L 164 -33.67 38.39 -26.37
CA GLN L 164 -33.80 38.09 -27.79
C GLN L 164 -34.21 36.64 -27.97
N ALA L 165 -34.86 36.36 -29.10
CA ALA L 165 -35.30 35.00 -29.39
C ALA L 165 -34.22 34.20 -30.12
N ALA L 166 -33.69 34.73 -31.21
CA ALA L 166 -32.68 34.03 -31.97
C ALA L 166 -31.40 34.84 -32.03
N PRO L 167 -30.24 34.19 -32.01
CA PRO L 167 -28.98 34.93 -32.08
C PRO L 167 -28.80 35.58 -33.45
N VAL L 168 -28.02 36.65 -33.47
CA VAL L 168 -27.76 37.42 -34.68
C VAL L 168 -26.38 37.06 -35.20
N GLN L 169 -26.30 36.71 -36.48
CA GLN L 169 -25.03 36.38 -37.10
C GLN L 169 -24.19 37.64 -37.26
N VAL L 170 -22.92 37.56 -36.87
CA VAL L 170 -22.01 38.69 -36.99
C VAL L 170 -21.01 38.54 -38.12
N GLY L 171 -20.81 37.33 -38.65
CA GLY L 171 -19.91 37.16 -39.75
C GLY L 171 -19.60 35.71 -40.01
N GLN L 172 -18.85 35.49 -41.09
CA GLN L 172 -18.40 34.17 -41.49
C GLN L 172 -16.89 34.10 -41.31
N LEU L 173 -16.41 33.00 -40.73
CA LEU L 173 -14.99 32.82 -40.46
C LEU L 173 -14.42 31.89 -41.53
N ASN L 174 -14.04 32.47 -42.67
CA ASN L 174 -13.49 31.72 -43.77
C ASN L 174 -12.10 31.20 -43.41
N LEU L 175 -11.60 30.25 -44.21
CA LEU L 175 -10.24 29.80 -44.03
C LEU L 175 -9.63 29.52 -45.39
N THR L 176 -8.31 29.60 -45.46
CA THR L 176 -7.60 29.45 -46.71
C THR L 176 -6.79 28.16 -46.72
N THR L 177 -6.77 27.50 -47.86
CA THR L 177 -5.97 26.31 -48.10
C THR L 177 -5.01 26.57 -49.26
N PHE L 178 -3.86 25.91 -49.20
CA PHE L 178 -2.81 26.08 -50.18
C PHE L 178 -2.57 24.78 -50.93
N MET L 179 -2.05 24.91 -52.15
CA MET L 179 -1.69 23.73 -52.93
C MET L 179 -0.59 22.94 -52.23
N ASN L 180 0.41 23.63 -51.68
CA ASN L 180 1.51 22.98 -50.97
C ASN L 180 1.81 23.80 -49.72
N ASP L 181 1.27 23.36 -48.57
CA ASP L 181 1.50 24.06 -47.33
C ASP L 181 2.87 23.78 -46.72
N THR L 182 3.58 22.77 -47.23
CA THR L 182 4.95 22.54 -46.74
C THR L 182 5.89 23.64 -47.20
N GLY L 183 5.55 24.32 -48.28
CA GLY L 183 6.37 25.39 -48.81
C GLY L 183 6.12 26.75 -48.22
N LEU L 184 5.28 26.85 -47.19
CA LEU L 184 5.02 28.14 -46.56
C LEU L 184 6.21 28.58 -45.73
N GLU L 185 6.67 29.81 -45.97
CA GLU L 185 7.75 30.37 -45.18
C GLU L 185 7.27 30.59 -43.75
N SER L 186 7.97 30.00 -42.79
CA SER L 186 7.54 29.98 -41.40
C SER L 186 8.22 31.12 -40.66
N ILE L 187 7.53 32.23 -40.49
CA ILE L 187 8.08 33.33 -39.72
C ILE L 187 7.80 33.03 -38.25
N GLY L 188 8.41 33.80 -37.36
CA GLY L 188 8.17 33.61 -35.94
C GLY L 188 6.72 33.94 -35.58
N GLU L 189 6.46 33.91 -34.28
CA GLU L 189 5.15 34.24 -33.72
C GLU L 189 4.07 33.28 -34.22
N ASN L 190 4.48 32.07 -34.60
CA ASN L 190 3.56 31.01 -35.03
C ASN L 190 2.75 31.44 -36.25
N LEU L 191 3.42 31.97 -37.26
CA LEU L 191 2.77 32.43 -38.48
C LEU L 191 3.51 31.91 -39.70
N TYR L 192 2.75 31.71 -40.78
CA TYR L 192 3.29 31.30 -42.07
C TYR L 192 2.86 32.31 -43.13
N ILE L 193 3.77 32.57 -44.08
CA ILE L 193 3.46 33.43 -45.22
C ILE L 193 3.74 32.66 -46.49
N GLU L 194 2.97 32.98 -47.53
CA GLU L 194 3.08 32.28 -48.79
C GLU L 194 4.34 32.69 -49.53
N THR L 195 4.80 31.79 -50.41
CA THR L 195 6.01 32.02 -51.18
C THR L 195 5.72 31.62 -52.63
N GLN L 196 6.78 31.53 -53.42
CA GLN L 196 6.62 31.04 -54.79
C GLN L 196 6.37 29.53 -54.82
N SER L 197 7.06 28.79 -53.95
CA SER L 197 6.86 27.35 -53.89
C SER L 197 5.45 27.00 -53.46
N SER L 198 4.93 27.72 -52.46
CA SER L 198 3.54 27.56 -52.07
C SER L 198 2.63 28.17 -53.11
N GLY L 199 1.49 27.52 -53.35
CA GLY L 199 0.55 28.03 -54.32
C GLY L 199 -0.15 29.28 -53.84
N ALA L 200 -0.93 29.87 -54.74
CA ALA L 200 -1.74 31.02 -54.36
C ALA L 200 -2.79 30.59 -53.34
N PRO L 201 -3.04 31.37 -52.29
CA PRO L 201 -4.03 30.98 -51.29
C PRO L 201 -5.42 30.85 -51.92
N ASN L 202 -6.16 29.86 -51.44
CA ASN L 202 -7.54 29.64 -51.88
C ASN L 202 -8.45 29.74 -50.66
N GLU L 203 -9.24 30.81 -50.59
CA GLU L 203 -10.13 31.04 -49.47
C GLU L 203 -11.47 30.38 -49.72
N SER L 204 -12.01 29.74 -48.68
CA SER L 204 -13.29 29.07 -48.78
C SER L 204 -13.89 28.93 -47.39
N THR L 205 -15.18 28.61 -47.37
CA THR L 205 -15.86 28.32 -46.12
C THR L 205 -15.47 26.93 -45.62
N PRO L 206 -15.43 26.74 -44.30
CA PRO L 206 -15.04 25.43 -43.77
C PRO L 206 -16.04 24.35 -44.17
N GLY L 207 -15.51 23.14 -44.38
CA GLY L 207 -16.33 22.01 -44.73
C GLY L 207 -16.65 21.86 -46.20
N LEU L 208 -16.14 22.73 -47.06
CA LEU L 208 -16.38 22.64 -48.49
C LEU L 208 -15.05 22.73 -49.23
N ASN L 209 -15.02 22.13 -50.42
CA ASN L 209 -13.82 22.12 -51.27
C ASN L 209 -12.61 21.57 -50.52
N GLY L 210 -12.81 20.50 -49.77
CA GLY L 210 -11.71 19.86 -49.09
C GLY L 210 -11.18 20.62 -47.89
N ALA L 211 -11.89 21.63 -47.44
CA ALA L 211 -11.48 22.39 -46.26
C ALA L 211 -11.86 21.64 -45.00
N GLY L 212 -11.23 22.03 -43.90
CA GLY L 212 -11.51 21.40 -42.62
C GLY L 212 -12.77 21.92 -41.98
N LEU L 213 -13.07 21.37 -40.81
CA LEU L 213 -14.17 21.83 -39.98
C LEU L 213 -13.63 22.57 -38.77
N LEU L 214 -14.53 23.25 -38.07
CA LEU L 214 -14.16 24.03 -36.89
C LEU L 214 -14.87 23.47 -35.66
N TYR L 215 -14.11 23.21 -34.61
CA TYR L 215 -14.66 22.82 -33.33
C TYR L 215 -14.41 23.93 -32.32
N GLN L 216 -15.45 24.34 -31.61
CA GLN L 216 -15.33 25.42 -30.64
C GLN L 216 -15.00 24.84 -29.27
N GLY L 217 -14.06 25.48 -28.58
CA GLY L 217 -13.65 25.04 -27.27
C GLY L 217 -12.50 24.07 -27.24
N TYR L 218 -11.84 23.82 -28.37
CA TYR L 218 -10.74 22.88 -28.44
C TYR L 218 -9.51 23.58 -29.02
N VAL L 219 -8.34 23.03 -28.69
CA VAL L 219 -7.08 23.53 -29.19
C VAL L 219 -6.30 22.37 -29.80
N GLU L 220 -5.61 22.63 -30.91
CA GLU L 220 -4.88 21.59 -31.61
C GLU L 220 -3.47 21.48 -31.04
N THR L 221 -3.17 20.33 -30.45
CA THR L 221 -1.86 20.12 -29.84
C THR L 221 -0.81 19.82 -30.91
N SER L 222 0.45 19.99 -30.53
CA SER L 222 1.56 19.72 -31.44
C SER L 222 1.68 18.23 -31.72
N ASN L 223 2.01 17.90 -32.96
CA ASN L 223 2.14 16.49 -33.37
C ASN L 223 3.58 16.01 -33.26
N VAL L 224 4.20 16.25 -32.10
CA VAL L 224 5.57 15.85 -31.85
C VAL L 224 5.55 14.52 -31.13
N ASN L 225 6.22 13.52 -31.71
CA ASN L 225 6.27 12.18 -31.13
C ASN L 225 7.44 12.14 -30.15
N VAL L 226 7.13 12.12 -28.86
CA VAL L 226 8.17 12.18 -27.84
C VAL L 226 9.03 10.93 -27.83
N ALA L 227 8.43 9.76 -28.06
CA ALA L 227 9.19 8.52 -28.00
C ALA L 227 10.29 8.48 -29.06
N GLU L 228 9.97 8.94 -30.27
CA GLU L 228 10.94 8.91 -31.36
C GLU L 228 12.14 9.81 -31.09
N GLU L 229 11.98 10.86 -30.30
CA GLU L 229 13.06 11.80 -30.09
C GLU L 229 14.19 11.19 -29.27
N LEU L 230 13.86 10.30 -28.32
CA LEU L 230 14.90 9.69 -27.51
C LEU L 230 15.82 8.81 -28.35
N VAL L 231 15.25 7.96 -29.20
CA VAL L 231 16.08 7.12 -30.05
C VAL L 231 16.81 7.97 -31.08
N ASN L 232 16.18 9.04 -31.59
CA ASN L 232 16.89 9.93 -32.48
C ASN L 232 18.11 10.55 -31.79
N MET L 233 17.95 10.92 -30.52
CA MET L 233 19.08 11.49 -29.78
C MET L 233 20.19 10.48 -29.59
N ILE L 234 19.83 9.23 -29.29
CA ILE L 234 20.85 8.20 -29.15
C ILE L 234 21.63 8.06 -30.46
N GLN L 235 20.92 7.98 -31.58
CA GLN L 235 21.59 7.84 -32.87
C GLN L 235 22.47 9.04 -33.16
N VAL L 236 21.98 10.26 -32.91
CA VAL L 236 22.76 11.46 -33.22
C VAL L 236 24.02 11.50 -32.38
N GLN L 237 23.91 11.20 -31.09
CA GLN L 237 25.08 11.21 -30.23
C GLN L 237 26.11 10.19 -30.68
N ARG L 238 25.67 8.98 -31.02
CA ARG L 238 26.63 7.96 -31.44
C ARG L 238 27.29 8.32 -32.77
N ALA L 239 26.52 8.86 -33.71
CA ALA L 239 27.12 9.28 -34.98
C ALA L 239 28.13 10.38 -34.78
N TYR L 240 27.83 11.35 -33.90
CA TYR L 240 28.77 12.42 -33.61
C TYR L 240 30.04 11.86 -33.00
N GLU L 241 29.91 10.90 -32.10
CA GLU L 241 31.09 10.29 -31.50
C GLU L 241 31.93 9.56 -32.55
N ILE L 242 31.28 8.87 -33.48
CA ILE L 242 32.02 8.15 -34.52
C ILE L 242 32.80 9.13 -35.40
N ASN L 243 32.16 10.22 -35.82
CA ASN L 243 32.86 11.20 -36.65
C ASN L 243 34.00 11.86 -35.88
N SER L 244 33.80 12.10 -34.57
CA SER L 244 34.88 12.61 -33.75
C SER L 244 36.06 11.65 -33.74
N LYS L 245 35.80 10.35 -33.63
CA LYS L 245 36.88 9.38 -33.67
C LYS L 245 37.59 9.39 -35.02
N ALA L 246 36.83 9.59 -36.10
CA ALA L 246 37.47 9.71 -37.42
C ALA L 246 38.42 10.90 -37.47
N VAL L 247 37.98 12.05 -36.95
CA VAL L 247 38.84 13.22 -36.91
C VAL L 247 40.09 12.93 -36.08
N SER L 248 39.92 12.25 -34.94
CA SER L 248 41.06 11.94 -34.10
C SER L 248 42.05 11.04 -34.82
N THR L 249 41.55 10.04 -35.57
CA THR L 249 42.44 9.17 -36.33
C THR L 249 43.21 9.93 -37.39
N THR L 250 42.54 10.82 -38.11
CA THR L 250 43.24 11.62 -39.11
C THR L 250 44.30 12.51 -38.46
N ASP L 251 43.97 13.10 -37.31
CA ASP L 251 44.95 13.92 -36.61
C ASP L 251 46.17 13.10 -36.20
N GLN L 252 45.95 11.90 -35.67
CA GLN L 252 47.08 11.06 -35.28
C GLN L 252 47.93 10.70 -36.50
N MET L 253 47.28 10.40 -37.62
CA MET L 253 48.01 10.06 -38.83
C MET L 253 48.88 11.22 -39.30
N LEU L 254 48.31 12.44 -39.32
CA LEU L 254 49.10 13.60 -39.72
C LEU L 254 50.24 13.87 -38.75
N GLN L 255 49.98 13.69 -37.45
CA GLN L 255 51.02 13.93 -36.46
C GLN L 255 52.18 12.95 -36.61
N LYS L 256 51.86 11.69 -36.93
CA LYS L 256 52.93 10.75 -37.22
C LYS L 256 53.67 11.13 -38.50
N LEU L 257 52.94 11.60 -39.50
CA LEU L 257 53.58 11.96 -40.77
C LEU L 257 54.55 13.13 -40.62
N THR L 258 54.16 14.15 -39.86
CA THR L 258 54.94 15.38 -39.84
C THR L 258 56.30 15.20 -39.15
N GLN L 259 56.35 14.39 -38.10
CA GLN L 259 57.59 14.17 -37.37
C GLN L 259 58.50 13.15 -38.03
N LEU L 260 58.25 12.84 -39.30
CA LEU L 260 59.07 11.89 -40.04
C LEU L 260 60.50 12.38 -40.21
N MET M 1 55.09 37.45 -27.63
CA MET M 1 55.36 36.36 -28.55
C MET M 1 54.18 36.13 -29.49
N ILE M 2 53.41 35.08 -29.20
CA ILE M 2 52.28 34.71 -30.03
C ILE M 2 51.01 35.32 -29.45
N SER M 3 50.27 36.04 -30.28
CA SER M 3 49.09 36.78 -29.80
C SER M 3 47.97 35.83 -29.40
N SER M 4 47.82 34.70 -30.07
CA SER M 4 46.74 33.78 -29.75
C SER M 4 46.82 33.30 -28.31
N LEU M 5 48.03 33.20 -27.76
CA LEU M 5 48.18 32.82 -26.36
C LEU M 5 47.50 33.83 -25.44
N TRP M 6 47.76 35.12 -25.66
CA TRP M 6 47.15 36.13 -24.81
C TRP M 6 45.64 36.22 -25.06
N ILE M 7 45.21 36.01 -26.30
CA ILE M 7 43.78 36.03 -26.60
C ILE M 7 43.07 34.93 -25.81
N ALA M 8 43.63 33.72 -25.84
CA ALA M 8 43.04 32.62 -25.11
C ALA M 8 43.11 32.84 -23.60
N LYS M 9 44.17 33.50 -23.12
CA LYS M 9 44.25 33.81 -21.70
C LYS M 9 43.12 34.76 -21.29
N THR M 10 42.84 35.77 -22.12
CA THR M 10 41.73 36.66 -21.84
C THR M 10 40.41 35.90 -21.84
N GLY M 11 40.24 34.97 -22.78
CA GLY M 11 39.04 34.15 -22.78
C GLY M 11 38.89 33.34 -21.51
N LEU M 12 39.99 32.74 -21.05
CA LEU M 12 39.94 31.97 -19.81
C LEU M 12 39.56 32.84 -18.62
N ASP M 13 40.12 34.05 -18.56
CA ASP M 13 39.80 34.95 -17.46
C ASP M 13 38.33 35.35 -17.49
N ALA M 14 37.79 35.61 -18.68
CA ALA M 14 36.37 35.95 -18.79
C ALA M 14 35.50 34.79 -18.32
N GLN M 15 35.85 33.57 -18.71
CA GLN M 15 35.08 32.41 -18.25
C GLN M 15 35.17 32.27 -16.73
N GLN M 16 36.35 32.56 -16.16
CA GLN M 16 36.51 32.48 -14.72
C GLN M 16 35.61 33.50 -14.01
N THR M 17 35.54 34.73 -14.53
CA THR M 17 34.66 35.73 -13.93
C THR M 17 33.19 35.30 -14.04
N ASN M 18 32.82 34.74 -15.18
CA ASN M 18 31.45 34.26 -15.34
C ASN M 18 31.13 33.17 -14.31
N MET M 19 32.07 32.24 -14.11
CA MET M 19 31.85 31.19 -13.11
C MET M 19 31.77 31.77 -11.72
N ASP M 20 32.57 32.80 -11.43
CA ASP M 20 32.48 33.46 -10.13
C ASP M 20 31.11 34.07 -9.90
N VAL M 21 30.56 34.73 -10.91
CA VAL M 21 29.23 35.32 -10.78
C VAL M 21 28.19 34.23 -10.56
N ILE M 22 28.29 33.12 -11.31
CA ILE M 22 27.32 32.04 -11.14
C ILE M 22 27.40 31.45 -9.74
N ALA M 23 28.62 31.23 -9.24
CA ALA M 23 28.79 30.66 -7.91
C ALA M 23 28.26 31.60 -6.84
N ASN M 24 28.48 32.91 -7.01
CA ASN M 24 27.93 33.87 -6.06
C ASN M 24 26.42 33.84 -6.06
N ASN M 25 25.80 33.75 -7.25
CA ASN M 25 24.34 33.66 -7.31
C ASN M 25 23.85 32.42 -6.60
N LEU M 26 24.51 31.28 -6.81
CA LEU M 26 24.05 30.04 -6.18
C LEU M 26 24.27 30.04 -4.68
N ALA M 27 25.32 30.71 -4.20
CA ALA M 27 25.66 30.63 -2.79
C ALA M 27 24.56 31.21 -1.92
N ASN M 28 24.15 32.44 -2.19
CA ASN M 28 23.09 33.09 -1.42
C ASN M 28 21.75 32.97 -2.13
N VAL M 29 21.30 31.72 -2.29
CA VAL M 29 19.98 31.48 -2.84
C VAL M 29 18.90 31.64 -1.78
N SER M 30 19.24 31.50 -0.51
CA SER M 30 18.29 31.63 0.58
C SER M 30 18.32 33.00 1.23
N THR M 31 19.12 33.93 0.72
CA THR M 31 19.18 35.28 1.27
C THR M 31 17.92 36.05 0.91
N ASN M 32 17.32 36.71 1.89
CA ASN M 32 16.11 37.46 1.64
C ASN M 32 16.41 38.75 0.89
N GLY M 33 15.58 39.05 -0.11
CA GLY M 33 15.69 40.28 -0.85
C GLY M 33 16.99 40.44 -1.60
N PHE M 34 17.45 39.36 -2.21
CA PHE M 34 18.68 39.36 -2.99
C PHE M 34 18.35 39.36 -4.47
N LYS M 35 19.11 40.12 -5.24
CA LYS M 35 18.88 40.27 -6.68
C LYS M 35 20.01 39.61 -7.44
N ARG M 36 19.67 38.68 -8.32
CA ARG M 36 20.67 38.01 -9.13
C ARG M 36 21.32 39.00 -10.10
N GLN M 37 22.56 38.70 -10.47
CA GLN M 37 23.32 39.58 -11.34
C GLN M 37 23.91 38.81 -12.50
N ARG M 38 23.96 39.47 -13.65
CA ARG M 38 24.48 38.90 -14.88
C ARG M 38 25.61 39.77 -15.40
N ALA M 39 26.69 39.14 -15.82
CA ALA M 39 27.83 39.85 -16.38
C ALA M 39 27.64 40.05 -17.87
N VAL M 40 28.15 41.17 -18.38
CA VAL M 40 28.08 41.51 -19.79
C VAL M 40 29.51 41.64 -20.31
N PHE M 41 29.79 41.01 -21.44
CA PHE M 41 31.12 41.00 -22.02
C PHE M 41 31.18 41.89 -23.26
N GLU M 42 32.41 42.17 -23.70
CA GLU M 42 32.66 42.90 -24.93
C GLU M 42 34.07 42.58 -25.38
N ASP M 43 34.34 42.86 -26.65
CA ASP M 43 35.65 42.57 -27.21
C ASP M 43 36.56 43.78 -27.09
N LEU M 44 37.87 43.51 -27.13
CA LEU M 44 38.88 44.55 -27.01
C LEU M 44 39.08 45.23 -28.36
N LEU M 45 40.14 46.02 -28.48
CA LEU M 45 40.41 46.76 -29.71
C LEU M 45 40.78 45.80 -30.83
N TYR M 46 40.84 46.34 -32.05
CA TYR M 46 41.18 45.58 -33.24
C TYR M 46 42.39 46.21 -33.91
N GLN M 47 43.32 45.37 -34.36
CA GLN M 47 44.46 45.84 -35.13
C GLN M 47 44.09 45.83 -36.61
N THR M 48 44.11 47.00 -37.25
CA THR M 48 43.70 47.13 -38.63
C THR M 48 44.94 47.19 -39.52
N ILE M 49 45.12 46.18 -40.36
CA ILE M 49 46.27 46.15 -41.25
C ILE M 49 46.00 46.96 -42.51
N ARG M 50 44.84 46.76 -43.12
CA ARG M 50 44.41 47.48 -44.30
C ARG M 50 43.12 48.22 -44.00
N GLN M 51 43.13 49.53 -44.21
CA GLN M 51 42.02 50.37 -43.79
C GLN M 51 40.80 50.11 -44.66
N PRO M 52 39.66 49.73 -44.09
CA PRO M 52 38.47 49.48 -44.91
C PRO M 52 38.02 50.73 -45.64
N GLY M 53 37.52 50.53 -46.86
CA GLY M 53 37.09 51.62 -47.68
C GLY M 53 38.18 52.36 -48.40
N ALA M 54 39.44 51.98 -48.21
CA ALA M 54 40.54 52.64 -48.90
C ALA M 54 40.52 52.27 -50.38
N GLN M 55 41.18 53.10 -51.19
CA GLN M 55 41.22 52.89 -52.64
C GLN M 55 42.01 51.62 -52.93
N SER M 56 41.31 50.54 -53.27
CA SER M 56 41.99 49.36 -53.78
C SER M 56 42.68 49.65 -55.11
N SER M 57 42.01 50.38 -55.98
CA SER M 57 42.58 50.85 -57.24
C SER M 57 41.87 52.13 -57.62
N GLU M 58 42.03 52.57 -58.86
CA GLU M 58 41.31 53.73 -59.35
C GLU M 58 39.84 53.36 -59.55
N GLN M 59 38.95 54.18 -59.00
CA GLN M 59 37.50 54.00 -59.11
C GLN M 59 37.02 52.70 -58.47
N THR M 60 37.81 52.12 -57.57
CA THR M 60 37.43 50.94 -56.82
C THR M 60 37.94 51.08 -55.38
N THR M 61 37.20 50.50 -54.44
CA THR M 61 37.55 50.54 -53.02
C THR M 61 37.60 49.14 -52.44
N LEU M 62 38.34 48.99 -51.35
CA LEU M 62 38.41 47.70 -50.68
C LEU M 62 37.08 47.37 -50.03
N PRO M 63 36.44 46.25 -50.38
CA PRO M 63 35.15 45.92 -49.74
C PRO M 63 35.24 45.78 -48.24
N SER M 64 36.34 45.24 -47.72
CA SER M 64 36.53 45.06 -46.29
C SER M 64 38.00 44.85 -45.97
N GLY M 65 38.54 45.68 -45.09
CA GLY M 65 39.96 45.59 -44.78
C GLY M 65 40.28 44.40 -43.90
N LEU M 66 41.55 44.33 -43.52
CA LEU M 66 42.03 43.25 -42.67
C LEU M 66 42.13 43.76 -41.24
N GLN M 67 41.31 43.20 -40.35
CA GLN M 67 41.30 43.55 -38.94
C GLN M 67 41.40 42.29 -38.11
N ILE M 68 42.31 42.28 -37.14
CA ILE M 68 42.56 41.13 -36.28
C ILE M 68 42.12 41.49 -34.87
N GLY M 69 41.46 40.55 -34.21
CA GLY M 69 40.99 40.78 -32.86
C GLY M 69 42.09 40.72 -31.83
N THR M 70 41.72 41.05 -30.59
CA THR M 70 42.68 41.08 -29.50
C THR M 70 42.23 40.33 -28.26
N GLY M 71 40.94 40.17 -28.03
CA GLY M 71 40.44 39.45 -26.88
C GLY M 71 39.12 40.02 -26.43
N VAL M 72 38.70 39.58 -25.24
CA VAL M 72 37.43 39.97 -24.65
C VAL M 72 37.69 40.51 -23.25
N ARG M 73 36.71 41.25 -22.73
CA ARG M 73 36.77 41.73 -21.36
C ARG M 73 35.36 41.87 -20.83
N PRO M 74 35.15 41.61 -19.55
CA PRO M 74 33.84 41.93 -18.94
C PRO M 74 33.75 43.43 -18.71
N VAL M 75 32.66 44.02 -19.20
CA VAL M 75 32.49 45.47 -19.15
C VAL M 75 31.69 45.91 -17.94
N ALA M 76 30.64 45.18 -17.59
CA ALA M 76 29.79 45.56 -16.48
C ALA M 76 29.00 44.36 -16.00
N THR M 77 28.29 44.54 -14.89
CA THR M 77 27.37 43.55 -14.37
C THR M 77 26.08 44.26 -13.95
N GLU M 78 24.95 43.63 -14.27
CA GLU M 78 23.65 44.22 -14.04
C GLU M 78 22.83 43.32 -13.14
N ARG M 79 22.14 43.91 -12.17
CA ARG M 79 21.27 43.17 -11.27
C ARG M 79 19.84 43.26 -11.77
N LEU M 80 19.18 42.11 -11.88
CA LEU M 80 17.79 42.05 -12.32
C LEU M 80 16.91 42.51 -11.17
N HIS M 81 16.52 43.78 -11.19
CA HIS M 81 15.71 44.36 -10.11
C HIS M 81 14.23 44.08 -10.40
N SER M 82 13.82 42.85 -10.13
CA SER M 82 12.44 42.44 -10.26
C SER M 82 11.89 42.03 -8.90
N GLN M 83 10.62 41.64 -8.90
CA GLN M 83 9.91 41.28 -7.67
C GLN M 83 10.16 39.81 -7.36
N GLY M 84 10.62 39.52 -6.14
CA GLY M 84 10.81 38.16 -5.70
C GLY M 84 9.55 37.59 -5.08
N ASN M 85 9.62 36.29 -4.79
CA ASN M 85 8.50 35.62 -4.15
C ASN M 85 8.47 35.93 -2.67
N LEU M 86 7.26 36.01 -2.12
CA LEU M 86 7.05 36.24 -0.70
C LEU M 86 6.89 34.91 0.01
N SER M 87 7.56 34.77 1.16
CA SER M 87 7.40 33.60 2.01
C SER M 87 6.95 34.06 3.38
N GLN M 88 6.02 33.32 3.97
CA GLN M 88 5.45 33.68 5.25
C GLN M 88 6.28 33.12 6.39
N THR M 89 6.51 33.94 7.41
CA THR M 89 7.22 33.51 8.61
C THR M 89 6.37 33.63 9.87
N ASN M 90 5.16 34.18 9.78
CA ASN M 90 4.22 34.39 10.88
C ASN M 90 4.73 35.40 11.90
N ASN M 91 5.93 35.94 11.71
CA ASN M 91 6.46 36.91 12.66
C ASN M 91 5.87 38.29 12.36
N SER M 92 5.54 39.02 13.42
CA SER M 92 4.86 40.30 13.27
C SER M 92 5.80 41.45 12.94
N LYS M 93 7.11 41.25 13.05
CA LYS M 93 8.08 42.33 12.84
C LYS M 93 8.85 42.17 11.54
N ASP M 94 8.39 41.32 10.64
CA ASP M 94 8.98 41.17 9.32
C ASP M 94 8.01 41.76 8.31
N VAL M 95 8.52 42.64 7.45
CA VAL M 95 7.70 43.26 6.41
C VAL M 95 8.38 43.03 5.07
N ALA M 96 7.61 42.55 4.10
CA ALA M 96 8.04 42.50 2.71
C ALA M 96 7.49 43.72 1.99
N ILE M 97 8.15 44.10 0.90
CA ILE M 97 7.79 45.30 0.16
C ILE M 97 7.41 44.90 -1.25
N LYS M 98 6.23 45.33 -1.69
CA LYS M 98 5.70 44.99 -3.00
C LYS M 98 5.84 46.19 -3.93
N GLY M 99 6.46 45.96 -5.08
CA GLY M 99 6.72 47.02 -6.03
C GLY M 99 8.15 47.51 -6.01
N GLN M 100 8.34 48.83 -5.94
CA GLN M 100 9.67 49.43 -5.95
C GLN M 100 9.89 50.18 -4.65
N GLY M 101 11.16 50.36 -4.32
CA GLY M 101 11.55 51.11 -3.13
C GLY M 101 12.53 50.34 -2.26
N PHE M 102 13.10 51.08 -1.31
CA PHE M 102 14.06 50.53 -0.37
C PHE M 102 13.85 51.18 0.99
N PHE M 103 13.97 50.39 2.04
CA PHE M 103 14.00 50.95 3.38
C PHE M 103 15.33 51.66 3.58
N GLN M 104 15.31 52.71 4.39
CA GLN M 104 16.50 53.51 4.63
C GLN M 104 17.03 53.24 6.04
N VAL M 105 18.32 52.92 6.13
CA VAL M 105 18.96 52.70 7.42
C VAL M 105 20.12 53.67 7.53
N MET M 106 20.51 53.94 8.77
CA MET M 106 21.62 54.83 9.07
C MET M 106 22.80 54.01 9.55
N LEU M 107 23.87 54.01 8.76
CA LEU M 107 25.07 53.31 9.15
C LEU M 107 25.71 54.01 10.35
N PRO M 108 26.45 53.27 11.18
CA PRO M 108 26.99 53.87 12.42
C PRO M 108 27.88 55.07 12.18
N ASP M 109 28.61 55.10 11.07
CA ASP M 109 29.50 56.23 10.80
C ASP M 109 28.75 57.50 10.42
N GLY M 110 27.43 57.41 10.19
CA GLY M 110 26.61 58.57 9.93
C GLY M 110 25.99 58.61 8.55
N THR M 111 26.46 57.79 7.62
CA THR M 111 25.90 57.79 6.29
C THR M 111 24.57 57.06 6.26
N SER M 112 23.94 57.04 5.10
CA SER M 112 22.66 56.38 4.90
C SER M 112 22.80 55.32 3.82
N ALA M 113 22.21 54.15 4.08
CA ALA M 113 22.21 53.05 3.15
C ALA M 113 20.78 52.63 2.89
N TYR M 114 20.56 51.99 1.75
CA TYR M 114 19.23 51.61 1.32
C TYR M 114 19.18 50.11 1.11
N THR M 115 18.29 49.45 1.84
CA THR M 115 18.20 48.01 1.84
C THR M 115 16.81 47.57 1.40
N ARG M 116 16.65 46.28 1.18
CA ARG M 116 15.37 45.69 0.82
C ARG M 116 15.02 44.47 1.65
N ASP M 117 15.96 43.92 2.41
CA ASP M 117 15.70 42.78 3.28
C ASP M 117 14.87 43.24 4.47
N GLY M 118 13.58 42.89 4.47
CA GLY M 118 12.72 43.23 5.58
C GLY M 118 12.59 42.13 6.62
N SER M 119 13.39 42.22 7.67
CA SER M 119 13.25 41.33 8.83
C SER M 119 13.89 42.06 10.00
N PHE M 120 13.06 42.69 10.83
CA PHE M 120 13.52 43.65 11.82
C PHE M 120 13.38 43.07 13.22
N GLN M 121 14.19 43.58 14.14
CA GLN M 121 14.05 43.30 15.56
C GLN M 121 13.91 44.62 16.31
N VAL M 122 13.78 44.50 17.63
CA VAL M 122 13.67 45.65 18.51
C VAL M 122 14.82 45.59 19.50
N ASP M 123 15.57 46.68 19.62
CA ASP M 123 16.74 46.72 20.48
C ASP M 123 16.31 46.90 21.93
N GLN M 124 17.28 47.01 22.83
CA GLN M 124 16.96 47.21 24.23
C GLN M 124 16.32 48.57 24.47
N ASN M 125 16.57 49.54 23.60
CA ASN M 125 15.98 50.86 23.74
C ASN M 125 14.59 50.96 23.12
N GLY M 126 14.11 49.89 22.49
CA GLY M 126 12.80 49.90 21.89
C GLY M 126 12.75 50.33 20.44
N GLN M 127 13.87 50.77 19.87
CA GLN M 127 13.87 51.19 18.48
C GLN M 127 13.78 49.99 17.56
N LEU M 128 13.32 50.24 16.34
CA LEU M 128 13.23 49.23 15.31
C LEU M 128 14.54 49.19 14.55
N VAL M 129 15.23 48.06 14.59
CA VAL M 129 16.54 47.93 13.96
C VAL M 129 16.53 46.75 13.01
N THR M 130 17.43 46.80 12.04
CA THR M 130 17.59 45.70 11.12
C THR M 130 18.41 44.58 11.77
N ALA M 131 18.41 43.43 11.12
CA ALA M 131 19.20 42.30 11.61
C ALA M 131 20.67 42.63 11.40
N GLY M 132 21.30 43.21 12.42
CA GLY M 132 22.66 43.70 12.28
C GLY M 132 22.89 44.95 13.12
N GLY M 133 21.82 45.58 13.59
CA GLY M 133 21.91 46.65 14.56
C GLY M 133 21.72 48.04 14.00
N PHE M 134 21.75 48.21 12.68
CA PHE M 134 21.53 49.54 12.11
C PHE M 134 20.07 49.94 12.26
N GLN M 135 19.86 51.16 12.76
CA GLN M 135 18.51 51.64 13.02
C GLN M 135 17.90 52.23 11.76
N VAL M 136 16.59 52.01 11.60
CA VAL M 136 15.88 52.52 10.45
C VAL M 136 15.78 54.04 10.54
N GLN M 137 15.97 54.71 9.40
CA GLN M 137 16.13 56.16 9.42
C GLN M 137 14.95 56.93 9.98
N PRO M 138 13.68 56.63 9.64
CA PRO M 138 12.58 57.39 10.24
C PRO M 138 12.48 57.23 11.75
N ALA M 139 13.28 56.34 12.33
CA ALA M 139 13.42 56.20 13.77
C ALA M 139 12.09 55.82 14.43
N ILE M 140 11.67 54.59 14.18
CA ILE M 140 10.51 54.01 14.85
C ILE M 140 10.91 53.59 16.26
N THR M 141 10.17 54.06 17.25
CA THR M 141 10.43 53.73 18.65
C THR M 141 9.19 53.10 19.25
N ILE M 142 9.29 51.84 19.64
CA ILE M 142 8.15 51.07 20.15
C ILE M 142 8.16 51.16 21.66
N PRO M 143 7.04 51.49 22.29
CA PRO M 143 7.00 51.56 23.76
C PRO M 143 7.12 50.16 24.37
N ALA M 144 7.24 50.14 25.69
CA ALA M 144 7.54 48.90 26.41
C ALA M 144 6.34 47.95 26.40
N ASN M 145 5.23 48.40 26.98
CA ASN M 145 4.07 47.52 27.11
C ASN M 145 3.36 47.33 25.78
N ALA M 146 3.90 46.47 24.93
CA ALA M 146 3.38 46.26 23.59
C ALA M 146 2.79 44.87 23.48
N LEU M 147 1.54 44.80 23.03
CA LEU M 147 0.90 43.51 22.81
C LEU M 147 1.05 43.07 21.35
N SER M 148 0.59 43.89 20.41
CA SER M 148 0.73 43.59 19.00
C SER M 148 1.08 44.85 18.23
N ILE M 149 1.85 44.66 17.16
CA ILE M 149 2.35 45.74 16.32
C ILE M 149 1.77 45.56 14.93
N THR M 150 1.08 46.59 14.43
CA THR M 150 0.45 46.55 13.12
C THR M 150 1.12 47.58 12.21
N ILE M 151 1.61 47.10 11.07
CA ILE M 151 2.22 47.95 10.06
C ILE M 151 1.35 47.88 8.82
N GLY M 152 0.69 48.98 8.49
CA GLY M 152 -0.30 48.98 7.43
C GLY M 152 0.31 48.96 6.05
N ARG M 153 -0.57 48.83 5.06
CA ARG M 153 -0.14 48.83 3.66
C ARG M 153 0.46 50.18 3.27
N ASP M 154 -0.01 51.26 3.88
CA ASP M 154 0.49 52.60 3.56
C ASP M 154 1.65 53.02 4.44
N GLY M 155 2.17 52.12 5.27
CA GLY M 155 3.40 52.37 5.99
C GLY M 155 3.26 53.09 7.31
N VAL M 156 2.07 53.11 7.90
CA VAL M 156 1.87 53.70 9.22
C VAL M 156 1.91 52.60 10.25
N VAL M 157 2.78 52.75 11.26
CA VAL M 157 2.99 51.72 12.26
C VAL M 157 2.28 52.12 13.55
N SER M 158 1.51 51.19 14.11
CA SER M 158 0.81 51.42 15.36
C SER M 158 0.98 50.21 16.26
N VAL M 159 0.80 50.42 17.56
CA VAL M 159 0.95 49.36 18.55
C VAL M 159 -0.26 49.40 19.46
N THR M 160 -0.73 48.22 19.87
CA THR M 160 -1.86 48.18 20.79
C THR M 160 -1.39 48.06 22.23
N GLN M 161 -2.13 48.69 23.13
CA GLN M 161 -1.86 48.64 24.56
C GLN M 161 -2.80 47.65 25.22
N GLN M 162 -2.81 47.63 26.55
CA GLN M 162 -3.77 46.80 27.27
C GLN M 162 -5.02 47.57 27.65
N GLY M 163 -4.86 48.77 28.20
CA GLY M 163 -6.01 49.54 28.64
C GLY M 163 -6.86 50.12 27.53
N GLN M 164 -6.34 51.13 26.84
CA GLN M 164 -7.14 51.83 25.85
C GLN M 164 -7.34 50.98 24.60
N ALA M 165 -8.55 51.08 24.03
CA ALA M 165 -8.87 50.25 22.88
C ALA M 165 -8.19 50.75 21.60
N ALA M 166 -8.17 52.05 21.39
CA ALA M 166 -7.64 52.60 20.15
C ALA M 166 -6.13 52.45 20.11
N PRO M 167 -5.56 51.84 19.07
CA PRO M 167 -4.11 51.77 18.96
C PRO M 167 -3.51 53.15 18.75
N VAL M 168 -2.27 53.31 19.19
CA VAL M 168 -1.57 54.58 19.13
C VAL M 168 -0.60 54.56 17.95
N GLN M 169 -0.65 55.62 17.14
CA GLN M 169 0.27 55.75 16.03
C GLN M 169 1.68 55.99 16.55
N VAL M 170 2.66 55.37 15.88
CA VAL M 170 4.04 55.39 16.37
C VAL M 170 4.97 56.02 15.35
N GLY M 171 4.63 55.91 14.07
CA GLY M 171 5.48 56.50 13.05
C GLY M 171 5.02 56.13 11.66
N GLN M 172 5.74 56.68 10.69
CA GLN M 172 5.50 56.44 9.28
C GLN M 172 6.73 55.77 8.68
N LEU M 173 6.52 54.63 8.04
CA LEU M 173 7.62 53.86 7.45
C LEU M 173 7.69 54.11 5.95
N ASN M 174 8.00 55.36 5.60
CA ASN M 174 8.11 55.73 4.20
C ASN M 174 9.39 55.15 3.61
N LEU M 175 9.46 55.14 2.28
CA LEU M 175 10.54 54.46 1.58
C LEU M 175 11.00 55.29 0.40
N THR M 176 12.22 55.01 -0.07
CA THR M 176 12.90 55.85 -1.04
C THR M 176 12.86 55.24 -2.44
N THR M 177 12.93 56.10 -3.45
CA THR M 177 12.90 55.70 -4.84
C THR M 177 14.02 56.40 -5.61
N PHE M 178 14.58 55.69 -6.59
CA PHE M 178 15.72 56.15 -7.37
C PHE M 178 15.38 56.19 -8.84
N MET M 179 16.16 56.98 -9.59
CA MET M 179 16.05 56.96 -11.05
C MET M 179 16.53 55.63 -11.61
N ASN M 180 17.67 55.14 -11.15
CA ASN M 180 18.30 53.94 -11.71
C ASN M 180 18.68 53.03 -10.55
N ASP M 181 17.83 52.04 -10.26
CA ASP M 181 18.13 51.11 -9.17
C ASP M 181 19.39 50.29 -9.46
N THR M 182 19.64 50.00 -10.74
CA THR M 182 20.79 49.16 -11.09
C THR M 182 22.11 49.85 -10.77
N GLY M 183 22.13 51.18 -10.72
CA GLY M 183 23.34 51.92 -10.47
C GLY M 183 23.75 52.05 -9.02
N LEU M 184 22.97 51.50 -8.09
CA LEU M 184 23.31 51.57 -6.67
C LEU M 184 24.55 50.72 -6.39
N GLU M 185 25.46 51.25 -5.59
CA GLU M 185 26.64 50.48 -5.21
C GLU M 185 26.28 49.49 -4.11
N SER M 186 26.67 48.23 -4.28
CA SER M 186 26.28 47.17 -3.36
C SER M 186 27.43 46.85 -2.41
N ILE M 187 27.11 46.72 -1.13
CA ILE M 187 28.07 46.34 -0.10
C ILE M 187 27.50 45.16 0.68
N GLY M 188 28.19 44.78 1.74
CA GLY M 188 27.80 43.61 2.50
C GLY M 188 26.53 43.83 3.30
N GLU M 189 26.01 42.71 3.82
CA GLU M 189 24.84 42.68 4.70
C GLU M 189 23.61 43.28 4.02
N ASN M 190 23.45 43.00 2.73
CA ASN M 190 22.27 43.42 1.96
C ASN M 190 22.06 44.92 2.03
N LEU M 191 23.07 45.69 1.67
CA LEU M 191 23.00 47.14 1.70
C LEU M 191 23.44 47.73 0.38
N TYR M 192 22.77 48.80 -0.02
CA TYR M 192 23.13 49.58 -1.19
C TYR M 192 23.33 51.03 -0.79
N ILE M 193 24.23 51.71 -1.46
CA ILE M 193 24.46 53.12 -1.23
C ILE M 193 24.40 53.86 -2.55
N GLU M 194 23.99 55.12 -2.48
CA GLU M 194 23.78 55.93 -3.67
C GLU M 194 25.11 56.23 -4.35
N THR M 195 25.11 56.14 -5.68
CA THR M 195 26.26 56.51 -6.47
C THR M 195 25.86 57.64 -7.40
N GLN M 196 26.79 58.04 -8.27
CA GLN M 196 26.45 59.06 -9.25
C GLN M 196 25.51 58.53 -10.32
N SER M 197 25.62 57.23 -10.64
CA SER M 197 24.74 56.65 -11.65
C SER M 197 23.28 56.71 -11.23
N SER M 198 22.98 56.21 -10.04
CA SER M 198 21.62 56.32 -9.54
C SER M 198 21.35 57.75 -9.10
N GLY M 199 20.21 58.28 -9.50
CA GLY M 199 19.88 59.65 -9.19
C GLY M 199 19.72 59.86 -7.70
N ALA M 200 19.47 61.12 -7.34
CA ALA M 200 19.27 61.47 -5.94
C ALA M 200 18.04 60.75 -5.40
N PRO M 201 18.15 60.06 -4.26
CA PRO M 201 16.99 59.36 -3.71
C PRO M 201 15.88 60.35 -3.34
N ASN M 202 14.65 59.95 -3.56
CA ASN M 202 13.50 60.73 -3.14
C ASN M 202 12.61 59.86 -2.26
N GLU M 203 12.35 60.33 -1.04
CA GLU M 203 11.48 59.59 -0.13
C GLU M 203 10.02 59.83 -0.49
N SER M 204 9.18 58.84 -0.17
CA SER M 204 7.77 58.95 -0.45
C SER M 204 7.03 57.95 0.42
N THR M 205 5.76 58.23 0.67
CA THR M 205 4.91 57.29 1.37
C THR M 205 4.57 56.12 0.44
N PRO M 206 4.48 54.91 0.98
CA PRO M 206 4.15 53.76 0.14
C PRO M 206 2.79 53.94 -0.53
N GLY M 207 2.71 53.52 -1.78
CA GLY M 207 1.49 53.61 -2.54
C GLY M 207 1.28 54.89 -3.31
N LEU M 208 2.28 55.77 -3.37
CA LEU M 208 2.18 57.00 -4.13
C LEU M 208 3.45 57.22 -4.94
N ASN M 209 3.30 57.89 -6.08
CA ASN M 209 4.41 58.20 -6.98
C ASN M 209 5.16 56.93 -7.39
N GLY M 210 4.42 55.85 -7.61
CA GLY M 210 5.02 54.61 -8.05
C GLY M 210 5.92 53.95 -7.03
N ALA M 211 5.53 53.96 -5.75
CA ALA M 211 6.26 53.25 -4.71
C ALA M 211 5.38 52.14 -4.15
N GLY M 212 6.00 51.00 -3.84
CA GLY M 212 5.25 49.83 -3.47
C GLY M 212 4.71 49.89 -2.06
N LEU M 213 3.89 48.89 -1.74
CA LEU M 213 3.23 48.77 -0.45
C LEU M 213 4.02 47.86 0.47
N LEU M 214 3.50 47.67 1.69
CA LEU M 214 4.13 46.84 2.69
C LEU M 214 3.18 45.72 3.10
N TYR M 215 3.69 44.49 3.09
CA TYR M 215 2.98 43.33 3.62
C TYR M 215 3.68 42.88 4.90
N GLN M 216 2.97 42.97 6.03
CA GLN M 216 3.55 42.57 7.30
C GLN M 216 3.48 41.06 7.46
N GLY M 217 4.57 40.48 7.95
CA GLY M 217 4.62 39.05 8.21
C GLY M 217 5.19 38.20 7.09
N TYR M 218 5.67 38.82 6.02
CA TYR M 218 6.24 38.10 4.90
C TYR M 218 7.63 38.65 4.61
N VAL M 219 8.49 37.80 4.04
CA VAL M 219 9.82 38.20 3.62
C VAL M 219 9.98 37.89 2.14
N GLU M 220 10.63 38.81 1.44
CA GLU M 220 10.87 38.65 0.01
C GLU M 220 12.07 37.75 -0.22
N THR M 221 11.90 36.76 -1.07
CA THR M 221 12.94 35.79 -1.38
C THR M 221 13.76 36.25 -2.58
N SER M 222 14.95 35.69 -2.71
CA SER M 222 15.83 36.03 -3.82
C SER M 222 15.23 35.55 -5.13
N ASN M 223 15.45 36.33 -6.19
CA ASN M 223 14.95 36.00 -7.52
C ASN M 223 16.05 35.32 -8.31
N VAL M 224 16.39 34.11 -7.88
CA VAL M 224 17.41 33.28 -8.52
C VAL M 224 16.74 32.08 -9.15
N ASN M 225 17.03 31.84 -10.42
CA ASN M 225 16.45 30.74 -11.19
C ASN M 225 17.53 29.68 -11.36
N VAL M 226 17.49 28.64 -10.53
CA VAL M 226 18.56 27.66 -10.49
C VAL M 226 18.65 26.88 -11.80
N ALA M 227 17.52 26.67 -12.48
CA ALA M 227 17.54 25.95 -13.74
C ALA M 227 18.41 26.65 -14.76
N GLU M 228 18.34 27.99 -14.82
CA GLU M 228 19.24 28.75 -15.69
C GLU M 228 20.69 28.63 -15.22
N GLU M 229 20.90 28.62 -13.90
CA GLU M 229 22.25 28.61 -13.37
C GLU M 229 22.99 27.32 -13.72
N LEU M 230 22.29 26.18 -13.65
CA LEU M 230 22.96 24.92 -13.97
C LEU M 230 23.38 24.87 -15.43
N VAL M 231 22.50 25.30 -16.33
CA VAL M 231 22.85 25.32 -17.74
C VAL M 231 24.00 26.28 -18.01
N ASN M 232 24.01 27.42 -17.32
CA ASN M 232 25.13 28.34 -17.46
C ASN M 232 26.42 27.71 -16.96
N MET M 233 26.34 26.91 -15.89
CA MET M 233 27.52 26.20 -15.40
C MET M 233 28.06 25.25 -16.47
N ILE M 234 27.16 24.51 -17.12
CA ILE M 234 27.60 23.61 -18.19
C ILE M 234 28.28 24.41 -19.31
N GLN M 235 27.66 25.53 -19.69
CA GLN M 235 28.22 26.35 -20.76
C GLN M 235 29.61 26.86 -20.41
N VAL M 236 29.78 27.36 -19.19
CA VAL M 236 31.07 27.94 -18.81
C VAL M 236 32.13 26.85 -18.72
N GLN M 237 31.76 25.66 -18.24
CA GLN M 237 32.72 24.57 -18.19
C GLN M 237 33.20 24.20 -19.58
N ARG M 238 32.26 24.07 -20.52
CA ARG M 238 32.66 23.71 -21.88
C ARG M 238 33.51 24.80 -22.53
N ALA M 239 33.15 26.06 -22.33
CA ALA M 239 33.94 27.15 -22.89
C ALA M 239 35.34 27.18 -22.31
N TYR M 240 35.46 26.94 -21.00
CA TYR M 240 36.78 26.88 -20.38
C TYR M 240 37.62 25.77 -20.97
N GLU M 241 37.00 24.60 -21.20
CA GLU M 241 37.74 23.51 -21.81
C GLU M 241 38.19 23.86 -23.22
N ILE M 242 37.33 24.52 -23.99
CA ILE M 242 37.70 24.90 -25.36
C ILE M 242 38.88 25.86 -25.36
N ASN M 243 38.84 26.88 -24.49
CA ASN M 243 39.93 27.84 -24.43
C ASN M 243 41.22 27.18 -23.96
N SER M 244 41.13 26.24 -23.02
CA SER M 244 42.32 25.52 -22.59
C SER M 244 42.91 24.71 -23.74
N LYS M 245 42.05 24.10 -24.57
CA LYS M 245 42.54 23.37 -25.73
C LYS M 245 43.24 24.31 -26.70
N ALA M 246 42.71 25.51 -26.88
CA ALA M 246 43.38 26.49 -27.74
C ALA M 246 44.76 26.85 -27.20
N VAL M 247 44.86 27.05 -25.88
CA VAL M 247 46.17 27.32 -25.28
C VAL M 247 47.12 26.16 -25.54
N SER M 248 46.63 24.93 -25.38
CA SER M 248 47.49 23.77 -25.59
C SER M 248 47.97 23.69 -27.04
N THR M 249 47.09 23.98 -28.00
CA THR M 249 47.50 23.94 -29.40
C THR M 249 48.56 24.99 -29.70
N THR M 250 48.37 26.20 -29.17
CA THR M 250 49.38 27.24 -29.37
C THR M 250 50.71 26.83 -28.76
N ASP M 251 50.69 26.22 -27.57
CA ASP M 251 51.92 25.74 -26.97
C ASP M 251 52.58 24.68 -27.82
N GLN M 252 51.79 23.77 -28.39
CA GLN M 252 52.34 22.70 -29.23
C GLN M 252 53.04 23.28 -30.45
N MET M 253 52.39 24.24 -31.13
CA MET M 253 53.03 24.79 -32.33
C MET M 253 54.25 25.62 -31.97
N LEU M 254 54.23 26.33 -30.85
CA LEU M 254 55.42 27.05 -30.42
C LEU M 254 56.56 26.09 -30.11
N GLN M 255 56.27 24.97 -29.47
CA GLN M 255 57.30 23.98 -29.20
C GLN M 255 57.88 23.42 -30.49
N LYS M 256 57.01 23.13 -31.47
CA LYS M 256 57.51 22.61 -32.74
C LYS M 256 58.41 23.62 -33.43
N LEU M 257 58.05 24.91 -33.38
CA LEU M 257 58.93 25.94 -33.92
C LEU M 257 60.25 25.98 -33.16
N THR M 258 60.20 25.80 -31.84
CA THR M 258 61.42 25.80 -31.04
C THR M 258 62.36 24.66 -31.43
N GLN M 259 61.80 23.47 -31.65
CA GLN M 259 62.63 22.31 -31.95
C GLN M 259 63.37 22.45 -33.28
N LEU M 260 62.98 23.43 -34.10
CA LEU M 260 63.65 23.68 -35.38
C LEU M 260 65.13 23.96 -35.20
N MET N 1 72.62 27.58 -8.21
CA MET N 1 71.78 26.55 -8.81
C MET N 1 70.43 27.15 -9.22
N ILE N 2 69.64 26.36 -9.95
CA ILE N 2 68.32 26.82 -10.37
C ILE N 2 67.46 27.09 -9.15
N SER N 3 66.76 28.22 -9.17
CA SER N 3 66.02 28.70 -8.01
C SER N 3 64.61 28.14 -7.92
N SER N 4 63.93 27.97 -9.05
CA SER N 4 62.52 27.58 -9.01
C SER N 4 62.33 26.19 -8.43
N LEU N 5 63.33 25.32 -8.55
CA LEU N 5 63.20 23.96 -8.02
C LEU N 5 62.98 23.98 -6.52
N TRP N 6 63.77 24.77 -5.79
CA TRP N 6 63.64 24.80 -4.34
C TRP N 6 62.30 25.39 -3.91
N ILE N 7 61.85 26.45 -4.59
CA ILE N 7 60.58 27.07 -4.26
C ILE N 7 59.44 26.09 -4.47
N ALA N 8 59.45 25.39 -5.60
CA ALA N 8 58.40 24.42 -5.88
C ALA N 8 58.45 23.25 -4.91
N LYS N 9 59.66 22.84 -4.49
CA LYS N 9 59.76 21.77 -3.51
C LYS N 9 59.17 22.20 -2.17
N THR N 10 59.42 23.44 -1.76
CA THR N 10 58.81 23.94 -0.53
C THR N 10 57.29 23.95 -0.64
N GLY N 11 56.77 24.36 -1.80
CA GLY N 11 55.33 24.31 -2.00
C GLY N 11 54.77 22.90 -1.90
N LEU N 12 55.46 21.94 -2.51
CA LEU N 12 55.03 20.54 -2.42
C LEU N 12 55.01 20.06 -0.98
N ASP N 13 56.05 20.40 -0.21
CA ASP N 13 56.10 19.99 1.18
C ASP N 13 54.99 20.63 2.00
N ALA N 14 54.68 21.90 1.73
CA ALA N 14 53.58 22.56 2.43
C ALA N 14 52.26 21.85 2.14
N GLN N 15 52.00 21.54 0.88
CA GLN N 15 50.76 20.83 0.55
C GLN N 15 50.73 19.45 1.18
N GLN N 16 51.88 18.78 1.24
CA GLN N 16 51.94 17.48 1.89
C GLN N 16 51.58 17.57 3.36
N THR N 17 52.11 18.58 4.05
CA THR N 17 51.78 18.76 5.47
C THR N 17 50.30 19.07 5.66
N ASN N 18 49.74 19.90 4.78
CA ASN N 18 48.32 20.22 4.88
C ASN N 18 47.47 18.97 4.71
N MET N 19 47.79 18.15 3.71
CA MET N 19 47.04 16.92 3.51
C MET N 19 47.25 15.95 4.67
N ASP N 20 48.43 15.97 5.28
CA ASP N 20 48.68 15.14 6.45
C ASP N 20 47.76 15.50 7.61
N VAL N 21 47.64 16.80 7.90
CA VAL N 21 46.77 17.19 9.01
C VAL N 21 45.31 16.92 8.66
N ILE N 22 44.93 17.08 7.39
CA ILE N 22 43.56 16.75 6.99
C ILE N 22 43.29 15.27 7.21
N ALA N 23 44.22 14.41 6.82
CA ALA N 23 44.04 12.98 7.00
C ALA N 23 43.97 12.61 8.47
N ASN N 24 44.80 13.23 9.30
CA ASN N 24 44.74 12.95 10.73
C ASN N 24 43.40 13.37 11.32
N ASN N 25 42.88 14.52 10.91
CA ASN N 25 41.57 14.96 11.38
C ASN N 25 40.48 13.97 10.96
N LEU N 26 40.54 13.51 9.71
CA LEU N 26 39.50 12.60 9.24
C LEU N 26 39.61 11.23 9.88
N ALA N 27 40.82 10.82 10.28
CA ALA N 27 41.03 9.48 10.82
C ALA N 27 40.22 9.27 12.09
N ASN N 28 40.49 10.06 13.12
CA ASN N 28 39.78 9.92 14.39
C ASN N 28 38.61 10.90 14.47
N VAL N 29 37.66 10.70 13.56
CA VAL N 29 36.43 11.49 13.59
C VAL N 29 35.48 11.00 14.69
N SER N 30 35.60 9.75 15.10
CA SER N 30 34.74 9.17 16.12
C SER N 30 35.41 9.06 17.48
N THR N 31 36.54 9.72 17.69
CA THR N 31 37.21 9.69 18.98
C THR N 31 36.57 10.72 19.90
N ASN N 32 36.15 10.27 21.08
CA ASN N 32 35.50 11.16 22.03
C ASN N 32 36.49 12.20 22.54
N GLY N 33 36.01 13.43 22.66
CA GLY N 33 36.85 14.50 23.18
C GLY N 33 38.05 14.82 22.33
N PHE N 34 37.89 14.86 21.01
CA PHE N 34 38.98 15.18 20.10
C PHE N 34 38.74 16.55 19.48
N LYS N 35 39.82 17.30 19.30
CA LYS N 35 39.76 18.67 18.81
C LYS N 35 40.43 18.77 17.45
N ARG N 36 39.70 19.31 16.48
CA ARG N 36 40.25 19.51 15.14
C ARG N 36 41.32 20.59 15.17
N GLN N 37 42.36 20.40 14.37
CA GLN N 37 43.46 21.34 14.28
C GLN N 37 43.68 21.76 12.84
N ARG N 38 44.13 23.00 12.66
CA ARG N 38 44.34 23.59 11.35
C ARG N 38 45.76 24.12 11.25
N ALA N 39 46.35 23.99 10.06
CA ALA N 39 47.72 24.43 9.81
C ALA N 39 47.73 25.80 9.16
N VAL N 40 48.72 26.61 9.52
CA VAL N 40 48.89 27.95 8.98
C VAL N 40 50.27 28.05 8.34
N PHE N 41 50.35 28.77 7.23
CA PHE N 41 51.58 28.90 6.47
C PHE N 41 52.07 30.34 6.46
N GLU N 42 53.31 30.51 6.02
CA GLU N 42 53.92 31.84 5.95
C GLU N 42 55.08 31.78 4.96
N ASP N 43 55.29 32.89 4.27
CA ASP N 43 56.33 32.95 3.24
C ASP N 43 57.70 33.14 3.85
N LEU N 44 58.70 32.57 3.19
CA LEU N 44 60.07 32.56 3.69
C LEU N 44 60.73 33.91 3.43
N LEU N 45 62.06 33.94 3.55
CA LEU N 45 62.82 35.17 3.39
C LEU N 45 62.73 35.68 1.95
N TYR N 46 62.85 37.00 1.80
CA TYR N 46 62.88 37.65 0.51
C TYR N 46 64.27 38.21 0.27
N GLN N 47 64.76 38.07 -0.96
CA GLN N 47 66.04 38.64 -1.36
C GLN N 47 65.79 39.83 -2.26
N THR N 48 66.40 40.97 -1.91
CA THR N 48 66.24 42.18 -2.69
C THR N 48 67.37 42.31 -3.71
N ILE N 49 67.16 43.17 -4.69
CA ILE N 49 68.11 43.38 -5.77
C ILE N 49 68.50 44.86 -5.80
N ARG N 50 69.79 45.12 -5.80
CA ARG N 50 70.29 46.49 -5.88
C ARG N 50 70.12 47.04 -7.30
N GLN N 51 70.10 48.36 -7.41
CA GLN N 51 69.98 49.02 -8.70
C GLN N 51 70.85 50.26 -8.78
N THR N 61 64.99 57.01 -5.64
CA THR N 61 63.60 57.20 -5.22
C THR N 61 62.68 56.26 -6.00
N LEU N 62 63.09 54.99 -6.11
CA LEU N 62 62.28 54.02 -6.83
C LEU N 62 60.98 53.77 -6.09
N PRO N 63 59.84 53.83 -6.79
CA PRO N 63 58.55 53.57 -6.11
C PRO N 63 58.47 52.21 -5.48
N SER N 64 59.08 51.20 -6.08
CA SER N 64 59.09 49.85 -5.53
C SER N 64 60.38 49.16 -5.94
N GLY N 65 61.05 48.53 -4.99
CA GLY N 65 62.26 47.80 -5.28
C GLY N 65 61.97 46.46 -5.91
N LEU N 66 63.04 45.74 -6.23
CA LEU N 66 62.95 44.41 -6.80
C LEU N 66 63.19 43.40 -5.68
N GLN N 67 62.17 42.60 -5.37
CA GLN N 67 62.24 41.60 -4.32
C GLN N 67 61.80 40.26 -4.89
N ILE N 68 62.50 39.19 -4.52
CA ILE N 68 62.20 37.85 -4.98
C ILE N 68 61.99 36.97 -3.76
N GLY N 69 60.89 36.22 -3.76
CA GLY N 69 60.58 35.34 -2.65
C GLY N 69 61.38 34.06 -2.70
N THR N 70 61.19 33.25 -1.68
CA THR N 70 61.91 31.99 -1.60
C THR N 70 60.99 30.78 -1.50
N GLY N 71 59.78 30.96 -0.97
CA GLY N 71 58.85 29.85 -0.90
C GLY N 71 57.93 30.00 0.30
N VAL N 72 57.44 28.86 0.76
CA VAL N 72 56.51 28.79 1.88
C VAL N 72 56.99 27.74 2.86
N ARG N 73 56.59 27.88 4.11
CA ARG N 73 56.99 26.98 5.17
C ARG N 73 55.87 26.95 6.20
N PRO N 74 55.39 25.77 6.58
CA PRO N 74 54.33 25.69 7.60
C PRO N 74 54.90 26.08 8.96
N VAL N 75 54.24 27.03 9.62
CA VAL N 75 54.76 27.61 10.85
C VAL N 75 54.12 26.96 12.08
N ALA N 76 52.82 26.72 12.07
CA ALA N 76 52.16 26.22 13.26
C ALA N 76 50.84 25.55 12.90
N THR N 77 50.30 24.81 13.86
CA THR N 77 48.96 24.26 13.79
C THR N 77 48.24 24.56 15.10
N GLU N 78 47.04 25.12 15.00
CA GLU N 78 46.25 25.47 16.17
C GLU N 78 45.01 24.60 16.24
N ARG N 79 44.65 24.17 17.45
CA ARG N 79 43.49 23.33 17.69
C ARG N 79 42.28 24.20 17.98
N LEU N 80 41.14 23.84 17.40
CA LEU N 80 39.90 24.56 17.61
C LEU N 80 39.23 24.03 18.87
N HIS N 81 39.51 24.69 20.00
CA HIS N 81 38.94 24.26 21.28
C HIS N 81 37.54 24.85 21.42
N SER N 82 36.56 24.12 20.90
CA SER N 82 35.16 24.49 20.99
C SER N 82 34.38 23.38 21.69
N GLN N 83 33.06 23.48 21.65
CA GLN N 83 32.17 22.52 22.27
C GLN N 83 31.66 21.55 21.21
N GLY N 84 31.86 20.26 21.43
CA GLY N 84 31.36 19.26 20.51
C GLY N 84 29.99 18.74 20.90
N ASN N 85 29.39 17.98 20.00
CA ASN N 85 28.08 17.40 20.25
C ASN N 85 28.17 16.31 21.31
N LEU N 86 27.10 16.14 22.07
CA LEU N 86 27.05 15.16 23.14
C LEU N 86 26.30 13.93 22.69
N SER N 87 26.81 12.75 23.04
CA SER N 87 26.14 11.49 22.76
C SER N 87 26.02 10.69 24.05
N GLN N 88 24.84 10.13 24.29
CA GLN N 88 24.59 9.38 25.50
C GLN N 88 24.96 7.91 25.32
N THR N 89 25.57 7.33 26.35
CA THR N 89 25.99 5.94 26.32
C THR N 89 25.28 5.08 27.35
N ASN N 90 24.32 5.64 28.09
CA ASN N 90 23.56 4.91 29.11
C ASN N 90 24.45 4.33 30.20
N ASN N 91 25.68 4.81 30.31
CA ASN N 91 26.64 4.31 31.29
C ASN N 91 26.74 5.31 32.43
N SER N 92 26.64 4.82 33.66
CA SER N 92 26.67 5.69 34.82
C SER N 92 28.04 6.30 35.07
N LYS N 93 29.11 5.75 34.50
CA LYS N 93 30.46 6.22 34.74
C LYS N 93 31.01 7.05 33.58
N ASP N 94 30.17 7.46 32.65
CA ASP N 94 30.59 8.33 31.56
C ASP N 94 30.22 9.78 31.87
N VAL N 95 31.22 10.66 31.86
CA VAL N 95 31.04 12.04 32.24
C VAL N 95 31.42 12.93 31.06
N ALA N 96 30.56 13.87 30.72
CA ALA N 96 30.83 14.88 29.70
C ALA N 96 30.93 16.23 30.36
N ILE N 97 31.85 17.06 29.87
CA ILE N 97 32.14 18.36 30.45
C ILE N 97 31.59 19.44 29.52
N LYS N 98 30.78 20.32 30.07
CA LYS N 98 30.09 21.36 29.30
C LYS N 98 30.75 22.70 29.59
N GLY N 99 31.60 23.15 28.68
CA GLY N 99 32.29 24.40 28.87
C GLY N 99 33.79 24.29 28.71
N GLN N 100 34.53 24.66 29.76
CA GLN N 100 35.98 24.68 29.72
C GLN N 100 36.53 23.93 30.93
N GLY N 101 37.75 23.43 30.79
CA GLY N 101 38.41 22.68 31.84
C GLY N 101 38.86 21.32 31.36
N PHE N 102 39.62 20.65 32.23
CA PHE N 102 40.16 19.33 31.93
C PHE N 102 40.26 18.51 33.22
N PHE N 103 39.95 17.23 33.10
CA PHE N 103 40.24 16.29 34.17
C PHE N 103 41.74 16.06 34.27
N GLN N 104 42.23 15.95 35.51
CA GLN N 104 43.63 15.72 35.76
C GLN N 104 43.86 14.23 36.02
N VAL N 105 44.88 13.68 35.36
CA VAL N 105 45.16 12.26 35.39
C VAL N 105 46.60 12.06 35.86
N MET N 106 46.81 11.12 36.78
CA MET N 106 48.12 10.83 37.33
C MET N 106 48.82 9.79 36.48
N LEU N 107 49.93 10.17 35.84
CA LEU N 107 50.69 9.24 35.03
C LEU N 107 51.49 8.28 35.90
N PRO N 108 51.86 7.11 35.37
CA PRO N 108 52.60 6.14 36.19
C PRO N 108 53.90 6.67 36.74
N ASP N 109 54.61 7.51 36.00
CA ASP N 109 55.93 7.96 36.44
C ASP N 109 55.86 9.03 37.51
N GLY N 110 54.67 9.59 37.78
CA GLY N 110 54.48 10.59 38.82
C GLY N 110 53.97 11.92 38.31
N THR N 111 54.24 12.23 37.04
CA THR N 111 53.74 13.47 36.47
C THR N 111 52.25 13.37 36.22
N SER N 112 51.64 14.51 35.89
CA SER N 112 50.21 14.60 35.65
C SER N 112 49.95 15.09 34.23
N ALA N 113 48.86 14.62 33.65
CA ALA N 113 48.40 15.07 32.35
C ALA N 113 46.94 15.50 32.48
N TYR N 114 46.40 16.06 31.41
CA TYR N 114 45.05 16.59 31.42
C TYR N 114 44.29 16.09 30.20
N THR N 115 43.05 15.67 30.42
CA THR N 115 42.24 15.10 29.36
C THR N 115 40.83 15.63 29.43
N ARG N 116 40.12 15.55 28.30
CA ARG N 116 38.73 15.97 28.21
C ARG N 116 37.78 14.83 27.95
N ASP N 117 38.27 13.67 27.51
CA ASP N 117 37.41 12.53 27.20
C ASP N 117 37.04 11.79 28.48
N GLY N 118 35.77 11.83 28.84
CA GLY N 118 35.31 11.14 30.03
C GLY N 118 34.75 9.75 29.77
N SER N 119 35.57 8.73 29.98
CA SER N 119 35.13 7.34 29.90
C SER N 119 35.86 6.58 31.00
N PHE N 120 35.26 6.54 32.18
CA PHE N 120 35.93 6.07 33.38
C PHE N 120 35.48 4.66 33.74
N GLN N 121 36.44 3.87 34.18
CA GLN N 121 36.20 2.53 34.69
C GLN N 121 36.61 2.48 36.15
N VAL N 122 36.35 1.35 36.80
CA VAL N 122 36.69 1.13 38.19
C VAL N 122 37.77 0.07 38.25
N ASP N 123 38.89 0.40 38.90
CA ASP N 123 39.98 -0.54 39.07
C ASP N 123 39.60 -1.61 40.09
N GLN N 124 40.43 -2.65 40.18
CA GLN N 124 40.15 -3.74 41.09
C GLN N 124 40.12 -3.30 42.55
N ASN N 125 40.84 -2.23 42.89
CA ASN N 125 40.89 -1.73 44.26
C ASN N 125 39.92 -0.60 44.52
N GLY N 126 39.09 -0.25 43.54
CA GLY N 126 38.10 0.78 43.71
C GLY N 126 38.49 2.15 43.20
N GLN N 127 39.74 2.37 42.82
CA GLN N 127 40.13 3.66 42.27
C GLN N 127 39.44 3.88 40.92
N LEU N 128 38.88 5.07 40.76
CA LEU N 128 38.23 5.44 39.51
C LEU N 128 39.30 5.83 38.51
N VAL N 129 39.50 5.00 37.48
CA VAL N 129 40.59 5.21 36.54
C VAL N 129 40.00 5.50 35.17
N THR N 130 40.86 5.96 34.26
CA THR N 130 40.46 6.20 32.90
C THR N 130 40.56 4.91 32.09
N ALA N 131 40.11 4.95 30.85
CA ALA N 131 40.22 3.80 29.96
C ALA N 131 41.68 3.65 29.57
N GLY N 132 42.39 2.75 30.26
CA GLY N 132 43.80 2.56 30.02
C GLY N 132 44.59 2.34 31.30
N GLY N 133 43.90 2.44 32.44
CA GLY N 133 44.51 2.16 33.71
C GLY N 133 45.06 3.35 34.46
N PHE N 134 45.10 4.53 33.85
CA PHE N 134 45.57 5.72 34.55
C PHE N 134 44.48 6.22 35.48
N GLN N 135 44.86 6.50 36.72
CA GLN N 135 43.89 6.89 37.74
C GLN N 135 43.79 8.41 37.85
N VAL N 136 42.59 8.89 38.11
CA VAL N 136 42.33 10.31 38.22
C VAL N 136 43.02 10.86 39.46
N GLN N 137 43.51 12.09 39.36
CA GLN N 137 44.37 12.64 40.42
C GLN N 137 43.68 12.76 41.77
N PRO N 138 42.44 13.31 41.89
CA PRO N 138 41.84 13.45 43.23
C PRO N 138 41.57 12.12 43.93
N ALA N 139 41.80 11.00 43.24
CA ALA N 139 41.72 9.66 43.82
C ALA N 139 40.32 9.37 44.37
N ILE N 140 39.35 9.30 43.46
CA ILE N 140 37.98 8.97 43.83
C ILE N 140 37.92 7.45 44.03
N THR N 141 37.66 7.03 45.28
CA THR N 141 37.58 5.61 45.61
C THR N 141 36.13 5.21 45.78
N ILE N 142 35.70 4.18 45.05
CA ILE N 142 34.33 3.68 45.11
C ILE N 142 34.29 2.51 46.07
N PRO N 143 33.49 2.54 47.13
CA PRO N 143 33.36 1.38 48.00
C PRO N 143 32.67 0.24 47.29
N ALA N 144 32.96 -0.98 47.77
CA ALA N 144 32.41 -2.17 47.16
C ALA N 144 30.90 -2.25 47.40
N ASN N 145 30.26 -3.17 46.67
CA ASN N 145 28.83 -3.45 46.77
C ASN N 145 27.99 -2.17 46.83
N ALA N 146 28.25 -1.27 45.89
CA ALA N 146 27.49 -0.03 45.77
C ALA N 146 26.38 -0.22 44.74
N LEU N 147 25.16 0.17 45.11
CA LEU N 147 24.03 0.00 44.21
C LEU N 147 24.20 0.83 42.94
N SER N 148 24.55 2.10 43.09
CA SER N 148 24.76 2.94 41.92
C SER N 148 25.60 4.14 42.32
N ILE N 149 26.13 4.82 41.30
CA ILE N 149 26.99 5.99 41.46
C ILE N 149 26.30 7.17 40.81
N THR N 150 26.23 8.29 41.52
CA THR N 150 25.60 9.50 41.03
C THR N 150 26.62 10.63 41.06
N ILE N 151 26.79 11.31 39.93
CA ILE N 151 27.67 12.46 39.82
C ILE N 151 26.80 13.67 39.49
N GLY N 152 26.80 14.65 40.38
CA GLY N 152 26.03 15.85 40.15
C GLY N 152 26.67 16.74 39.10
N ARG N 153 25.96 17.83 38.78
CA ARG N 153 26.52 18.80 37.85
C ARG N 153 27.77 19.45 38.40
N ASP N 154 27.83 19.63 39.73
CA ASP N 154 29.05 20.09 40.37
C ASP N 154 30.00 18.90 40.52
N GLY N 155 31.07 19.08 41.28
CA GLY N 155 32.08 18.06 41.37
C GLY N 155 31.85 16.98 42.39
N VAL N 156 30.65 16.88 42.95
CA VAL N 156 30.37 15.92 44.01
C VAL N 156 29.92 14.60 43.39
N VAL N 157 30.50 13.50 43.87
CA VAL N 157 30.16 12.16 43.41
C VAL N 157 29.85 11.31 44.64
N SER N 158 28.74 10.59 44.59
CA SER N 158 28.30 9.81 45.75
C SER N 158 27.69 8.50 45.30
N VAL N 159 27.98 7.45 46.04
CA VAL N 159 27.41 6.13 45.78
C VAL N 159 26.23 5.93 46.71
N THR N 160 25.38 4.97 46.37
CA THR N 160 24.27 4.59 47.23
C THR N 160 24.43 3.14 47.68
N GLN N 161 24.27 2.92 48.97
CA GLN N 161 24.40 1.59 49.55
C GLN N 161 23.02 0.92 49.58
N GLN N 162 22.91 -0.19 50.30
CA GLN N 162 21.66 -0.90 50.46
C GLN N 162 21.09 -0.61 51.83
N GLY N 163 19.81 -0.23 51.87
CA GLY N 163 19.14 0.02 53.13
C GLY N 163 19.71 1.18 53.92
N GLN N 164 20.06 2.27 53.26
CA GLN N 164 20.59 3.44 53.94
C GLN N 164 19.79 4.70 53.66
N ALA N 165 19.26 4.85 52.45
CA ALA N 165 18.44 6.00 52.06
C ALA N 165 19.19 7.32 52.25
N ALA N 166 20.51 7.27 52.20
CA ALA N 166 21.34 8.45 52.34
C ALA N 166 22.68 8.22 51.65
N PRO N 167 22.83 8.66 50.40
CA PRO N 167 24.09 8.44 49.70
C PRO N 167 25.28 9.06 50.44
N VAL N 168 26.41 8.36 50.40
CA VAL N 168 27.60 8.77 51.12
C VAL N 168 28.58 9.41 50.14
N GLN N 169 29.16 10.53 50.52
CA GLN N 169 30.11 11.21 49.65
C GLN N 169 31.41 10.43 49.59
N VAL N 170 31.90 10.21 48.38
CA VAL N 170 33.13 9.46 48.17
C VAL N 170 34.28 10.31 47.65
N GLY N 171 34.01 11.50 47.13
CA GLY N 171 35.09 12.35 46.66
C GLY N 171 34.54 13.54 45.91
N GLN N 172 35.49 14.35 45.43
CA GLN N 172 35.19 15.56 44.66
C GLN N 172 35.90 15.46 43.32
N LEU N 173 35.18 15.75 42.24
CA LEU N 173 35.73 15.63 40.89
C LEU N 173 35.95 17.03 40.34
N ASN N 174 37.13 17.57 40.58
CA ASN N 174 37.47 18.90 40.09
C ASN N 174 38.15 18.84 38.73
N LEU N 175 37.94 19.88 37.94
CA LEU N 175 38.58 20.02 36.64
C LEU N 175 39.33 21.33 36.58
N THR N 176 40.55 21.27 36.05
CA THR N 176 41.45 22.41 36.03
C THR N 176 41.37 23.12 34.69
N THR N 177 41.53 24.44 34.72
CA THR N 177 41.54 25.26 33.52
C THR N 177 42.93 25.83 33.29
N PHE N 178 43.11 26.42 32.11
CA PHE N 178 44.38 27.01 31.70
C PHE N 178 44.14 28.38 31.10
N MET N 179 45.19 29.20 31.12
CA MET N 179 45.10 30.51 30.50
C MET N 179 44.96 30.41 28.99
N ASN N 180 45.62 29.43 28.39
CA ASN N 180 45.63 29.24 26.94
C ASN N 180 45.50 27.76 26.65
N ASP N 181 44.30 27.33 26.29
CA ASP N 181 44.09 25.90 26.01
C ASP N 181 44.81 25.46 24.74
N THR N 182 45.07 26.40 23.81
CA THR N 182 45.71 26.02 22.56
C THR N 182 47.17 25.64 22.76
N GLY N 183 47.79 26.15 23.82
CA GLY N 183 49.21 25.91 24.05
C GLY N 183 49.58 24.57 24.64
N LEU N 184 48.59 23.74 25.00
CA LEU N 184 48.87 22.43 25.54
C LEU N 184 49.52 21.55 24.48
N GLU N 185 50.46 20.71 24.90
CA GLU N 185 51.09 19.77 23.99
C GLU N 185 50.37 18.43 24.06
N SER N 186 49.86 17.96 22.93
CA SER N 186 49.17 16.67 22.91
C SER N 186 50.18 15.54 22.85
N ILE N 187 49.90 14.47 23.59
CA ILE N 187 50.72 13.27 23.53
C ILE N 187 49.83 12.08 23.25
N GLY N 188 50.40 10.88 23.28
CA GLY N 188 49.62 9.67 23.12
C GLY N 188 48.65 9.48 24.28
N GLU N 189 47.91 8.37 24.21
CA GLU N 189 46.92 8.00 25.21
C GLU N 189 45.84 9.07 25.38
N ASN N 190 45.65 9.91 24.38
CA ASN N 190 44.60 10.94 24.38
C ASN N 190 44.74 11.87 25.59
N LEU N 191 45.95 12.41 25.76
CA LEU N 191 46.27 13.25 26.91
C LEU N 191 46.99 14.51 26.45
N TYR N 192 46.94 15.52 27.31
CA TYR N 192 47.62 16.79 27.09
C TYR N 192 48.57 17.07 28.24
N ILE N 193 49.69 17.70 27.91
CA ILE N 193 50.71 18.08 28.88
C ILE N 193 50.91 19.57 28.81
N GLU N 194 50.97 20.22 29.97
CA GLU N 194 51.16 21.65 30.01
C GLU N 194 52.55 22.02 29.49
N THR N 195 52.64 23.19 28.86
CA THR N 195 53.91 23.70 28.37
C THR N 195 54.11 25.12 28.88
N GLN N 196 55.19 25.77 28.44
CA GLN N 196 55.41 27.16 28.84
C GLN N 196 54.42 28.09 28.17
N SER N 197 53.91 27.71 26.99
CA SER N 197 52.96 28.56 26.28
C SER N 197 51.65 28.71 27.06
N SER N 198 51.16 27.63 27.64
CA SER N 198 49.95 27.68 28.44
C SER N 198 50.30 27.89 29.91
N GLY N 199 49.47 28.67 30.60
CA GLY N 199 49.76 29.02 31.97
C GLY N 199 49.71 27.82 32.90
N ALA N 200 50.18 28.05 34.12
CA ALA N 200 50.11 27.02 35.14
C ALA N 200 48.64 26.73 35.49
N PRO N 201 48.26 25.46 35.58
CA PRO N 201 46.85 25.15 35.83
C PRO N 201 46.41 25.62 37.20
N ASN N 202 45.14 26.03 37.29
CA ASN N 202 44.52 26.46 38.54
C ASN N 202 43.25 25.62 38.72
N GLU N 203 43.37 24.59 39.55
CA GLU N 203 42.24 23.68 39.79
C GLU N 203 41.09 24.43 40.43
N SER N 204 39.87 24.17 39.93
CA SER N 204 38.68 24.79 40.48
C SER N 204 37.49 23.86 40.29
N THR N 205 36.53 23.95 41.21
CA THR N 205 35.35 23.13 41.13
C THR N 205 34.49 23.55 39.95
N PRO N 206 33.75 22.61 39.35
CA PRO N 206 32.91 22.96 38.20
C PRO N 206 31.83 23.97 38.56
N GLY N 207 31.49 24.79 37.58
CA GLY N 207 30.48 25.82 37.76
C GLY N 207 30.98 27.13 38.31
N LEU N 208 32.27 27.24 38.63
CA LEU N 208 32.82 28.44 39.20
C LEU N 208 34.05 28.86 38.40
N ASN N 209 34.33 30.17 38.43
CA ASN N 209 35.50 30.74 37.78
C ASN N 209 35.52 30.42 36.29
N GLY N 210 34.34 30.37 35.67
CA GLY N 210 34.23 30.11 34.26
C GLY N 210 34.37 28.66 33.86
N ALA N 211 34.54 27.74 34.81
CA ALA N 211 34.67 26.34 34.47
C ALA N 211 33.31 25.77 34.06
N GLY N 212 33.35 24.70 33.27
CA GLY N 212 32.14 24.08 32.77
C GLY N 212 31.47 23.21 33.81
N LEU N 213 30.28 22.72 33.44
CA LEU N 213 29.50 21.84 34.29
C LEU N 213 29.76 20.38 33.88
N LEU N 214 29.12 19.45 34.58
CA LEU N 214 29.29 18.03 34.30
C LEU N 214 27.94 17.37 34.06
N TYR N 215 27.86 16.58 32.99
CA TYR N 215 26.72 15.72 32.73
C TYR N 215 27.16 14.27 32.88
N GLN N 216 26.26 13.45 33.40
CA GLN N 216 26.52 12.03 33.58
C GLN N 216 25.76 11.23 32.54
N GLY N 217 26.38 10.19 32.03
CA GLY N 217 25.79 9.38 30.98
C GLY N 217 26.02 9.90 29.58
N TYR N 218 26.85 10.94 29.42
CA TYR N 218 27.11 11.52 28.11
C TYR N 218 28.60 11.64 27.88
N VAL N 219 28.99 11.65 26.61
CA VAL N 219 30.37 11.84 26.20
C VAL N 219 30.40 12.84 25.05
N GLU N 220 31.44 13.66 25.01
CA GLU N 220 31.58 14.69 23.99
C GLU N 220 32.31 14.13 22.78
N THR N 221 31.64 14.15 21.63
CA THR N 221 32.26 13.66 20.40
C THR N 221 33.17 14.74 19.81
N SER N 222 33.98 14.31 18.84
CA SER N 222 34.94 15.22 18.22
C SER N 222 34.22 16.30 17.41
N ASN N 223 34.80 17.49 17.42
CA ASN N 223 34.26 18.60 16.63
C ASN N 223 34.90 18.69 15.26
N VAL N 224 34.88 17.59 14.52
CA VAL N 224 35.42 17.54 13.16
C VAL N 224 34.27 17.80 12.19
N ASN N 225 34.39 18.86 11.40
CA ASN N 225 33.39 19.20 10.40
C ASN N 225 33.83 18.60 9.08
N VAL N 226 33.31 17.40 8.77
CA VAL N 226 33.73 16.67 7.59
C VAL N 226 33.26 17.32 6.29
N ALA N 227 32.37 18.30 6.36
CA ALA N 227 31.89 18.95 5.15
C ALA N 227 33.02 19.70 4.45
N GLU N 228 33.85 20.40 5.21
CA GLU N 228 34.95 21.17 4.63
C GLU N 228 36.20 20.34 4.36
N GLU N 229 36.30 19.14 4.96
CA GLU N 229 37.48 18.32 4.75
C GLU N 229 37.61 17.90 3.29
N LEU N 230 36.50 17.54 2.65
CA LEU N 230 36.55 17.13 1.25
C LEU N 230 36.97 18.28 0.35
N VAL N 231 36.47 19.47 0.61
CA VAL N 231 36.87 20.64 -0.17
C VAL N 231 38.35 20.93 0.04
N ASN N 232 38.82 20.79 1.28
CA ASN N 232 40.24 20.98 1.54
C ASN N 232 41.08 19.94 0.80
N MET N 233 40.60 18.70 0.73
CA MET N 233 41.33 17.67 -0.02
C MET N 233 41.39 18.01 -1.49
N ILE N 234 40.30 18.51 -2.05
CA ILE N 234 40.29 18.90 -3.46
C ILE N 234 41.30 20.01 -3.71
N GLN N 235 41.29 21.03 -2.86
CA GLN N 235 42.23 22.13 -3.01
C GLN N 235 43.68 21.65 -2.88
N VAL N 236 43.93 20.76 -1.92
CA VAL N 236 45.29 20.25 -1.72
C VAL N 236 45.75 19.49 -2.95
N GLN N 237 44.89 18.64 -3.51
CA GLN N 237 45.26 17.88 -4.69
C GLN N 237 45.58 18.80 -5.87
N ARG N 238 44.74 19.83 -6.07
CA ARG N 238 44.98 20.73 -7.19
C ARG N 238 46.26 21.53 -7.00
N ALA N 239 46.53 22.00 -5.78
CA ALA N 239 47.76 22.73 -5.54
C ALA N 239 48.98 21.85 -5.75
N TYR N 240 48.89 20.59 -5.31
CA TYR N 240 50.00 19.66 -5.52
C TYR N 240 50.26 19.45 -7.00
N GLU N 241 49.19 19.29 -7.80
CA GLU N 241 49.36 19.13 -9.24
C GLU N 241 50.00 20.37 -9.86
N ILE N 242 49.59 21.55 -9.40
CA ILE N 242 50.14 22.79 -9.95
C ILE N 242 51.65 22.88 -9.66
N ASN N 243 52.04 22.57 -8.42
CA ASN N 243 53.46 22.63 -8.08
C ASN N 243 54.26 21.59 -8.87
N SER N 244 53.68 20.41 -9.07
CA SER N 244 54.36 19.41 -9.91
C SER N 244 54.54 19.92 -11.34
N LYS N 245 53.53 20.63 -11.86
CA LYS N 245 53.66 21.21 -13.19
C LYS N 245 54.79 22.24 -13.23
N ALA N 246 54.91 23.05 -12.18
CA ALA N 246 56.00 24.01 -12.12
C ALA N 246 57.36 23.31 -12.12
N VAL N 247 57.48 22.23 -11.34
CA VAL N 247 58.71 21.45 -11.33
C VAL N 247 59.03 20.93 -12.72
N SER N 248 58.01 20.40 -13.40
CA SER N 248 58.23 19.86 -14.74
C SER N 248 58.69 20.93 -15.72
N THR N 249 58.09 22.12 -15.64
CA THR N 249 58.52 23.21 -16.52
C THR N 249 59.96 23.61 -16.26
N THR N 250 60.34 23.71 -14.98
CA THR N 250 61.73 24.03 -14.67
C THR N 250 62.67 22.96 -15.20
N ASP N 251 62.30 21.69 -15.03
CA ASP N 251 63.13 20.61 -15.55
C ASP N 251 63.29 20.70 -17.05
N GLN N 252 62.20 20.99 -17.77
CA GLN N 252 62.26 21.06 -19.23
C GLN N 252 63.19 22.19 -19.68
N MET N 253 63.06 23.37 -19.07
CA MET N 253 63.90 24.48 -19.50
C MET N 253 65.36 24.23 -19.13
N LEU N 254 65.61 23.60 -17.98
CA LEU N 254 66.98 23.29 -17.61
C LEU N 254 67.58 22.25 -18.56
N GLN N 255 66.78 21.28 -18.98
CA GLN N 255 67.24 20.31 -19.97
C GLN N 255 67.60 21.01 -21.28
N LYS N 256 66.76 21.94 -21.72
CA LYS N 256 67.07 22.67 -22.95
C LYS N 256 68.36 23.45 -22.80
N LEU N 257 68.58 24.05 -21.63
CA LEU N 257 69.83 24.76 -21.39
C LEU N 257 71.02 23.82 -21.47
N THR N 258 70.90 22.63 -20.88
CA THR N 258 72.01 21.68 -20.90
C THR N 258 72.25 21.11 -22.28
N GLN N 259 71.24 21.14 -23.15
CA GLN N 259 71.39 20.59 -24.49
C GLN N 259 72.47 21.33 -25.29
N LEU N 260 72.47 22.66 -25.21
CA LEU N 260 73.45 23.45 -25.95
C LEU N 260 74.79 23.43 -25.22
N MET O 1 80.57 -0.49 -14.82
CA MET O 1 79.86 -0.61 -13.55
C MET O 1 79.17 0.70 -13.20
N ILE O 2 77.97 0.59 -12.64
CA ILE O 2 77.22 1.75 -12.17
C ILE O 2 76.66 1.43 -10.78
N SER O 3 76.85 2.35 -9.85
CA SER O 3 76.54 2.06 -8.45
C SER O 3 75.03 2.01 -8.21
N SER O 4 74.29 2.98 -8.75
CA SER O 4 72.90 3.14 -8.37
C SER O 4 71.95 2.17 -9.07
N LEU O 5 72.38 1.51 -10.14
CA LEU O 5 71.49 0.55 -10.80
C LEU O 5 71.26 -0.68 -9.94
N TRP O 6 72.33 -1.21 -9.35
CA TRP O 6 72.22 -2.43 -8.57
C TRP O 6 71.56 -2.22 -7.21
N ILE O 7 71.33 -0.97 -6.82
CA ILE O 7 70.51 -0.68 -5.63
C ILE O 7 69.03 -0.69 -5.99
N ALA O 8 68.69 0.00 -7.08
CA ALA O 8 67.30 0.00 -7.52
C ALA O 8 66.85 -1.39 -7.94
N LYS O 9 67.77 -2.23 -8.43
CA LYS O 9 67.41 -3.61 -8.73
C LYS O 9 66.97 -4.35 -7.47
N THR O 10 67.72 -4.18 -6.38
CA THR O 10 67.34 -4.81 -5.12
C THR O 10 66.01 -4.27 -4.62
N GLY O 11 65.81 -2.96 -4.76
CA GLY O 11 64.52 -2.39 -4.37
C GLY O 11 63.37 -2.97 -5.16
N LEU O 12 63.55 -3.13 -6.47
CA LEU O 12 62.51 -3.71 -7.30
C LEU O 12 62.24 -5.16 -6.90
N ASP O 13 63.29 -5.93 -6.61
CA ASP O 13 63.10 -7.31 -6.19
C ASP O 13 62.35 -7.38 -4.86
N ALA O 14 62.67 -6.49 -3.93
CA ALA O 14 61.96 -6.47 -2.65
C ALA O 14 60.49 -6.16 -2.84
N GLN O 15 60.18 -5.15 -3.67
CA GLN O 15 58.78 -4.81 -3.92
C GLN O 15 58.07 -5.96 -4.62
N GLN O 16 58.77 -6.67 -5.52
CA GLN O 16 58.17 -7.80 -6.21
C GLN O 16 57.83 -8.91 -5.24
N THR O 17 58.74 -9.23 -4.31
CA THR O 17 58.44 -10.26 -3.32
C THR O 17 57.28 -9.83 -2.41
N ASN O 18 57.23 -8.54 -2.06
CA ASN O 18 56.11 -8.04 -1.27
C ASN O 18 54.80 -8.24 -1.99
N MET O 19 54.75 -7.87 -3.28
CA MET O 19 53.53 -8.09 -4.05
C MET O 19 53.22 -9.57 -4.17
N ASP O 20 54.24 -10.41 -4.26
CA ASP O 20 54.03 -11.85 -4.37
C ASP O 20 53.34 -12.39 -3.13
N VAL O 21 53.83 -12.03 -1.95
CA VAL O 21 53.21 -12.53 -0.72
C VAL O 21 51.82 -11.93 -0.56
N ILE O 22 51.60 -10.68 -0.98
CA ILE O 22 50.27 -10.09 -0.91
C ILE O 22 49.29 -10.87 -1.79
N ALA O 23 49.72 -11.19 -3.02
CA ALA O 23 48.85 -11.94 -3.93
C ALA O 23 48.57 -13.33 -3.38
N ASN O 24 49.58 -13.98 -2.79
CA ASN O 24 49.36 -15.30 -2.21
C ASN O 24 48.34 -15.22 -1.07
N ASN O 25 48.45 -14.19 -0.22
CA ASN O 25 47.49 -14.03 0.87
C ASN O 25 46.09 -13.81 0.33
N LEU O 26 45.96 -12.98 -0.71
CA LEU O 26 44.63 -12.69 -1.24
C LEU O 26 44.01 -13.88 -1.94
N ALA O 27 44.83 -14.71 -2.59
CA ALA O 27 44.28 -15.80 -3.40
C ALA O 27 43.52 -16.80 -2.54
N ASN O 28 44.15 -17.30 -1.47
CA ASN O 28 43.53 -18.30 -0.62
C ASN O 28 42.90 -17.63 0.61
N VAL O 29 41.87 -16.84 0.35
CA VAL O 29 41.09 -16.24 1.42
C VAL O 29 39.90 -17.11 1.82
N SER O 30 39.43 -17.98 0.93
CA SER O 30 38.31 -18.86 1.21
C SER O 30 38.74 -20.23 1.72
N THR O 31 40.04 -20.51 1.76
CA THR O 31 40.49 -21.77 2.33
C THR O 31 40.39 -21.73 3.85
N ASN O 32 40.30 -22.91 4.45
CA ASN O 32 40.08 -23.04 5.88
C ASN O 32 41.40 -23.31 6.60
N GLY O 33 41.55 -22.70 7.77
CA GLY O 33 42.75 -22.89 8.56
C GLY O 33 44.00 -22.34 7.90
N PHE O 34 43.91 -21.13 7.36
CA PHE O 34 45.03 -20.49 6.70
C PHE O 34 45.52 -19.32 7.55
N LYS O 35 46.83 -19.09 7.50
CA LYS O 35 47.48 -18.04 8.27
C LYS O 35 48.19 -17.09 7.31
N ARG O 36 47.91 -15.80 7.43
CA ARG O 36 48.50 -14.82 6.54
C ARG O 36 50.00 -14.69 6.79
N GLN O 37 50.72 -14.23 5.78
CA GLN O 37 52.15 -14.07 5.85
C GLN O 37 52.55 -12.61 5.69
N ARG O 38 53.59 -12.22 6.41
CA ARG O 38 54.21 -10.91 6.27
C ARG O 38 55.69 -11.09 6.02
N ALA O 39 56.21 -10.41 5.00
CA ALA O 39 57.63 -10.44 4.69
C ALA O 39 58.32 -9.25 5.36
N VAL O 40 59.48 -9.50 5.94
CA VAL O 40 60.27 -8.48 6.61
C VAL O 40 61.55 -8.26 5.80
N PHE O 41 61.88 -7.00 5.55
CA PHE O 41 63.02 -6.62 4.74
C PHE O 41 64.13 -6.05 5.62
N GLU O 42 65.32 -5.96 5.03
CA GLU O 42 66.47 -5.37 5.69
C GLU O 42 67.47 -4.95 4.63
N ASP O 43 68.32 -3.99 4.99
CA ASP O 43 69.30 -3.47 4.05
C ASP O 43 70.56 -4.33 4.04
N LEU O 44 71.34 -4.18 2.98
CA LEU O 44 72.55 -4.97 2.78
C LEU O 44 73.72 -4.31 3.51
N LEU O 45 74.93 -4.79 3.25
CA LEU O 45 76.12 -4.26 3.89
C LEU O 45 76.39 -2.83 3.44
N TYR O 46 77.04 -2.07 4.31
CA TYR O 46 77.40 -0.69 4.05
C TYR O 46 78.91 -0.59 3.84
N GLN O 47 79.31 0.23 2.88
CA GLN O 47 80.73 0.45 2.61
C GLN O 47 81.16 1.79 3.19
N THR O 48 82.25 1.78 3.95
CA THR O 48 82.75 2.96 4.63
C THR O 48 83.87 3.58 3.82
N ILE O 49 83.76 4.87 3.56
CA ILE O 49 84.82 5.61 2.87
C ILE O 49 85.73 6.20 3.93
N ARG O 50 87.03 5.95 3.79
CA ARG O 50 87.99 6.37 4.81
C ARG O 50 88.49 7.78 4.53
N GLN O 51 88.56 8.59 5.58
CA GLN O 51 89.05 9.95 5.50
C GLN O 51 90.41 10.06 6.20
N PRO O 52 91.27 11.01 5.77
CA PRO O 52 92.57 11.30 6.38
C PRO O 52 92.51 11.39 7.91
N THR O 61 87.95 12.06 16.12
CA THR O 61 86.64 12.15 16.74
C THR O 61 85.63 12.83 15.83
N LEU O 62 85.49 12.29 14.62
CA LEU O 62 84.55 12.84 13.66
C LEU O 62 83.12 12.72 14.16
N PRO O 63 82.29 13.74 13.96
CA PRO O 63 80.88 13.63 14.38
C PRO O 63 80.15 12.49 13.73
N SER O 64 80.47 12.18 12.47
CA SER O 64 79.89 11.04 11.78
C SER O 64 80.85 10.62 10.67
N GLY O 65 80.67 9.40 10.20
CA GLY O 65 81.51 8.87 9.15
C GLY O 65 80.82 8.82 7.81
N LEU O 66 81.58 8.66 6.74
CA LEU O 66 81.01 8.55 5.42
C LEU O 66 80.73 7.08 5.11
N GLN O 67 79.46 6.74 4.97
CA GLN O 67 79.04 5.37 4.67
C GLN O 67 78.02 5.39 3.54
N ILE O 68 78.08 4.37 2.70
CA ILE O 68 77.21 4.24 1.54
C ILE O 68 76.47 2.93 1.64
N GLY O 69 75.16 2.97 1.42
CA GLY O 69 74.34 1.78 1.43
C GLY O 69 74.50 0.97 0.16
N THR O 70 73.79 -0.15 0.12
CA THR O 70 73.86 -1.04 -1.03
C THR O 70 72.50 -1.50 -1.55
N GLY O 71 71.46 -1.46 -0.76
CA GLY O 71 70.15 -1.89 -1.20
C GLY O 71 69.36 -2.45 -0.04
N VAL O 72 68.38 -3.29 -0.38
CA VAL O 72 67.51 -3.93 0.60
C VAL O 72 67.39 -5.41 0.25
N ARG O 73 67.09 -6.22 1.25
CA ARG O 73 67.03 -7.66 1.08
C ARG O 73 65.95 -8.25 1.95
N PRO O 74 65.06 -9.08 1.40
CA PRO O 74 64.05 -9.77 2.23
C PRO O 74 64.70 -10.87 3.04
N VAL O 75 64.59 -10.78 4.36
CA VAL O 75 65.29 -11.67 5.27
C VAL O 75 64.42 -12.86 5.68
N ALA O 76 63.14 -12.62 5.96
CA ALA O 76 62.29 -13.70 6.45
C ALA O 76 60.82 -13.37 6.17
N THR O 77 59.98 -14.39 6.35
CA THR O 77 58.54 -14.23 6.25
C THR O 77 57.89 -14.97 7.41
N GLU O 78 57.04 -14.28 8.15
CA GLU O 78 56.39 -14.85 9.33
C GLU O 78 54.90 -15.01 9.10
N ARG O 79 54.30 -15.89 9.89
CA ARG O 79 52.88 -16.18 9.81
C ARG O 79 52.21 -15.79 11.13
N LEU O 80 51.08 -15.10 11.03
CA LEU O 80 50.35 -14.66 12.22
C LEU O 80 49.46 -15.79 12.70
N HIS O 81 49.91 -16.49 13.74
CA HIS O 81 49.17 -17.64 14.27
C HIS O 81 48.13 -17.19 15.30
N SER O 82 47.23 -16.31 14.84
CA SER O 82 46.10 -15.90 15.66
C SER O 82 44.93 -16.85 15.43
N GLN O 83 43.77 -16.48 15.96
CA GLN O 83 42.57 -17.29 15.85
C GLN O 83 41.64 -16.66 14.82
N GLY O 84 41.28 -17.43 13.80
CA GLY O 84 40.32 -16.98 12.82
C GLY O 84 38.90 -17.19 13.29
N ASN O 85 37.97 -16.64 12.52
CA ASN O 85 36.57 -16.81 12.85
C ASN O 85 36.13 -18.24 12.56
N LEU O 86 34.87 -18.52 12.87
CA LEU O 86 34.30 -19.85 12.66
C LEU O 86 33.09 -19.73 11.75
N SER O 87 32.96 -20.69 10.83
CA SER O 87 31.78 -20.79 9.98
C SER O 87 31.12 -22.13 10.24
N GLN O 88 29.80 -22.11 10.40
CA GLN O 88 29.03 -23.32 10.69
C GLN O 88 28.74 -24.04 9.39
N THR O 89 29.30 -25.23 9.23
CA THR O 89 29.13 -26.01 8.01
C THR O 89 27.95 -26.94 8.04
N ASN O 90 27.30 -27.11 9.19
CA ASN O 90 26.20 -28.03 9.43
C ASN O 90 26.59 -29.49 9.28
N ASN O 91 27.84 -29.79 8.96
CA ASN O 91 28.30 -31.16 8.90
C ASN O 91 28.47 -31.71 10.32
N SER O 92 28.58 -33.03 10.42
CA SER O 92 28.76 -33.68 11.70
C SER O 92 30.18 -34.21 11.91
N LYS O 93 31.05 -34.09 10.91
CA LYS O 93 32.41 -34.59 11.01
C LYS O 93 33.45 -33.50 10.73
N ASP O 94 33.12 -32.25 11.03
CA ASP O 94 34.04 -31.13 10.86
C ASP O 94 34.36 -30.54 12.23
N VAL O 95 35.63 -30.35 12.51
CA VAL O 95 36.11 -29.92 13.81
C VAL O 95 36.88 -28.61 13.64
N ALA O 96 36.58 -27.64 14.49
CA ALA O 96 37.32 -26.38 14.54
C ALA O 96 37.97 -26.25 15.90
N ILE O 97 39.25 -25.91 15.92
CA ILE O 97 39.99 -25.79 17.17
C ILE O 97 39.86 -24.36 17.67
N LYS O 98 39.41 -24.22 18.91
CA LYS O 98 39.37 -22.93 19.59
C LYS O 98 40.60 -22.86 20.49
N GLY O 99 41.55 -22.01 20.13
CA GLY O 99 42.80 -21.93 20.85
C GLY O 99 43.99 -22.26 19.99
N GLN O 100 44.95 -23.01 20.53
CA GLN O 100 46.17 -23.34 19.82
C GLN O 100 46.41 -24.84 19.86
N GLY O 101 46.86 -25.39 18.74
CA GLY O 101 47.11 -26.80 18.63
C GLY O 101 47.18 -27.22 17.18
N PHE O 102 47.53 -28.48 16.97
CA PHE O 102 47.63 -29.03 15.63
C PHE O 102 47.27 -30.51 15.63
N PHE O 103 46.35 -30.88 14.75
CA PHE O 103 46.06 -32.28 14.52
C PHE O 103 47.25 -32.95 13.85
N GLN O 104 47.49 -34.21 14.21
CA GLN O 104 48.59 -34.99 13.66
C GLN O 104 48.04 -35.99 12.64
N VAL O 105 48.56 -35.93 11.43
CA VAL O 105 48.21 -36.90 10.39
C VAL O 105 49.49 -37.60 9.95
N MET O 106 49.32 -38.72 9.24
CA MET O 106 50.43 -39.52 8.76
C MET O 106 50.50 -39.43 7.25
N LEU O 107 51.63 -38.96 6.74
CA LEU O 107 51.87 -38.98 5.31
C LEU O 107 52.07 -40.43 4.85
N PRO O 108 51.78 -40.71 3.56
CA PRO O 108 51.92 -42.08 3.09
C PRO O 108 53.33 -42.64 3.25
N ASP O 109 54.36 -41.79 3.17
CA ASP O 109 55.72 -42.28 3.29
C ASP O 109 56.04 -42.82 4.68
N GLY O 110 55.38 -42.31 5.72
CA GLY O 110 55.61 -42.81 7.06
C GLY O 110 55.86 -41.72 8.09
N THR O 111 56.30 -40.54 7.64
CA THR O 111 56.53 -39.44 8.55
C THR O 111 55.19 -38.91 9.08
N SER O 112 55.27 -37.92 9.96
CA SER O 112 54.08 -37.31 10.55
C SER O 112 54.05 -35.82 10.20
N ALA O 113 52.86 -35.35 9.87
CA ALA O 113 52.65 -33.93 9.56
C ALA O 113 51.57 -33.40 10.49
N TYR O 114 51.49 -32.09 10.60
CA TYR O 114 50.58 -31.44 11.53
C TYR O 114 49.79 -30.35 10.80
N THR O 115 48.48 -30.36 10.99
CA THR O 115 47.58 -29.46 10.30
C THR O 115 46.64 -28.78 11.28
N ARG O 116 45.89 -27.81 10.77
CA ARG O 116 44.89 -27.10 11.56
C ARG O 116 43.53 -27.07 10.90
N ASP O 117 43.46 -27.16 9.57
CA ASP O 117 42.19 -27.18 8.85
C ASP O 117 41.45 -28.47 9.17
N GLY O 118 40.37 -28.36 9.94
CA GLY O 118 39.61 -29.53 10.31
C GLY O 118 38.38 -29.75 9.45
N SER O 119 38.49 -30.63 8.47
CA SER O 119 37.35 -31.06 7.66
C SER O 119 37.63 -32.49 7.24
N PHE O 120 37.08 -33.43 8.02
CA PHE O 120 37.47 -34.83 7.91
C PHE O 120 36.36 -35.66 7.27
N GLN O 121 36.75 -36.84 6.80
CA GLN O 121 35.83 -37.77 6.17
C GLN O 121 36.17 -39.19 6.60
N VAL O 122 35.37 -40.14 6.15
CA VAL O 122 35.54 -41.54 6.49
C VAL O 122 35.85 -42.30 5.21
N ASP O 123 36.96 -43.06 5.24
CA ASP O 123 37.34 -43.84 4.08
C ASP O 123 36.50 -45.12 4.01
N GLN O 124 36.73 -45.90 2.95
CA GLN O 124 35.93 -47.11 2.75
C GLN O 124 36.15 -48.14 3.84
N ASN O 125 37.31 -48.12 4.49
CA ASN O 125 37.57 -49.09 5.56
C ASN O 125 37.00 -48.65 6.89
N GLY O 126 36.48 -47.43 6.98
CA GLY O 126 35.80 -46.96 8.17
C GLY O 126 36.60 -45.99 9.02
N GLN O 127 37.90 -45.84 8.76
CA GLN O 127 38.71 -44.96 9.58
C GLN O 127 38.37 -43.51 9.31
N LEU O 128 39.02 -42.62 10.05
CA LEU O 128 38.87 -41.18 9.88
C LEU O 128 40.09 -40.63 9.18
N VAL O 129 39.89 -39.93 8.07
CA VAL O 129 40.98 -39.38 7.28
C VAL O 129 40.68 -37.92 6.98
N THR O 130 41.72 -37.19 6.58
CA THR O 130 41.53 -35.84 6.09
C THR O 130 41.24 -35.85 4.59
N ALA O 131 40.69 -34.75 4.10
CA ALA O 131 40.38 -34.63 2.68
C ALA O 131 41.67 -34.67 1.88
N GLY O 132 41.92 -35.78 1.21
CA GLY O 132 43.18 -35.99 0.52
C GLY O 132 43.69 -37.40 0.69
N GLY O 133 43.14 -38.11 1.67
CA GLY O 133 43.44 -39.51 1.90
C GLY O 133 44.29 -39.79 3.12
N PHE O 134 44.99 -38.79 3.65
CA PHE O 134 45.84 -39.01 4.81
C PHE O 134 45.00 -39.31 6.04
N GLN O 135 45.44 -40.28 6.84
CA GLN O 135 44.71 -40.71 8.01
C GLN O 135 45.22 -40.00 9.26
N VAL O 136 44.32 -39.81 10.23
CA VAL O 136 44.70 -39.20 11.49
C VAL O 136 45.50 -40.21 12.32
N GLN O 137 46.56 -39.73 12.96
CA GLN O 137 47.52 -40.65 13.59
C GLN O 137 46.92 -41.51 14.70
N PRO O 138 46.11 -40.98 15.63
CA PRO O 138 45.54 -41.84 16.68
C PRO O 138 44.62 -42.93 16.13
N ALA O 139 44.32 -42.87 14.83
CA ALA O 139 43.61 -43.95 14.12
C ALA O 139 42.22 -44.19 14.71
N ILE O 140 41.35 -43.19 14.55
CA ILE O 140 39.96 -43.34 14.95
C ILE O 140 39.26 -44.25 13.95
N THR O 141 38.64 -45.31 14.45
CA THR O 141 37.90 -46.25 13.62
C THR O 141 36.42 -46.18 13.99
N ILE O 142 35.58 -45.83 13.03
CA ILE O 142 34.14 -45.72 13.21
C ILE O 142 33.50 -46.92 12.49
N PRO O 143 32.84 -47.81 13.20
CA PRO O 143 32.23 -48.97 12.53
C PRO O 143 31.01 -48.55 11.71
N ALA O 144 30.64 -49.42 10.79
CA ALA O 144 29.41 -49.21 10.03
C ALA O 144 28.20 -49.27 10.94
N ASN O 145 27.04 -48.93 10.39
CA ASN O 145 25.81 -48.83 11.15
C ASN O 145 25.96 -47.81 12.29
N ALA O 146 26.29 -46.58 11.89
CA ALA O 146 26.53 -45.49 12.81
C ALA O 146 25.40 -44.49 12.69
N LEU O 147 24.62 -44.34 13.76
CA LEU O 147 23.50 -43.41 13.72
C LEU O 147 23.99 -41.97 13.76
N SER O 148 24.94 -41.65 14.62
CA SER O 148 25.46 -40.30 14.72
C SER O 148 26.84 -40.33 15.35
N ILE O 149 27.63 -39.30 15.02
CA ILE O 149 28.98 -39.13 15.53
C ILE O 149 29.04 -37.83 16.31
N THR O 150 29.52 -37.90 17.55
CA THR O 150 29.58 -36.74 18.42
C THR O 150 31.00 -36.57 18.94
N ILE O 151 31.51 -35.34 18.85
CA ILE O 151 32.84 -34.98 19.32
C ILE O 151 32.69 -33.84 20.30
N GLY O 152 33.01 -34.08 21.56
CA GLY O 152 32.83 -33.09 22.60
C GLY O 152 34.00 -32.14 22.70
N ARG O 153 34.03 -31.39 23.81
CA ARG O 153 35.13 -30.49 24.08
C ARG O 153 36.45 -31.25 24.20
N ASP O 154 36.43 -32.39 24.87
CA ASP O 154 37.60 -33.25 24.95
C ASP O 154 37.80 -33.95 23.61
N GLY O 155 38.79 -34.82 23.55
CA GLY O 155 39.04 -35.53 22.31
C GLY O 155 38.17 -36.74 22.09
N VAL O 156 37.27 -37.06 23.02
CA VAL O 156 36.46 -38.27 22.90
C VAL O 156 35.52 -38.14 21.70
N VAL O 157 35.53 -39.13 20.84
CA VAL O 157 34.58 -39.23 19.73
C VAL O 157 33.71 -40.45 19.98
N SER O 158 32.39 -40.25 20.02
CA SER O 158 31.45 -41.31 20.31
C SER O 158 30.52 -41.52 19.13
N VAL O 159 30.05 -42.75 18.97
CA VAL O 159 29.15 -43.12 17.89
C VAL O 159 27.93 -43.80 18.50
N THR O 160 26.75 -43.38 18.07
CA THR O 160 25.50 -43.97 18.54
C THR O 160 25.05 -45.05 17.57
N GLN O 161 24.49 -46.13 18.10
CA GLN O 161 24.03 -47.25 17.29
C GLN O 161 22.56 -47.52 17.54
N GLN O 162 21.93 -48.20 16.59
CA GLN O 162 20.53 -48.53 16.72
C GLN O 162 20.33 -49.63 17.75
N GLY O 163 19.30 -49.48 18.59
CA GLY O 163 18.96 -50.47 19.57
C GLY O 163 19.75 -50.40 20.86
N GLN O 164 20.63 -49.43 21.02
CA GLN O 164 21.43 -49.27 22.21
C GLN O 164 21.27 -47.87 22.78
N ALA O 165 21.25 -47.76 24.10
CA ALA O 165 21.11 -46.48 24.76
C ALA O 165 22.45 -45.81 25.04
N ALA O 166 23.39 -46.57 25.59
CA ALA O 166 24.69 -46.02 25.92
C ALA O 166 25.55 -45.90 24.67
N PRO O 167 25.99 -44.70 24.28
CA PRO O 167 26.91 -44.58 23.15
C PRO O 167 28.24 -45.24 23.45
N VAL O 168 28.88 -45.74 22.40
CA VAL O 168 30.16 -46.43 22.52
C VAL O 168 31.25 -45.48 22.04
N GLN O 169 32.21 -45.21 22.92
CA GLN O 169 33.33 -44.35 22.57
C GLN O 169 34.38 -45.14 21.80
N VAL O 170 34.85 -44.55 20.69
CA VAL O 170 35.77 -45.26 19.81
C VAL O 170 37.19 -44.72 19.87
N GLY O 171 37.40 -43.46 20.25
CA GLY O 171 38.76 -42.96 20.24
C GLY O 171 38.85 -41.57 20.84
N GLN O 172 40.08 -41.10 20.95
CA GLN O 172 40.41 -39.80 21.52
C GLN O 172 41.30 -39.05 20.53
N LEU O 173 41.01 -37.77 20.34
CA LEU O 173 41.76 -36.94 19.39
C LEU O 173 42.77 -36.10 20.15
N ASN O 174 43.92 -36.69 20.45
CA ASN O 174 45.03 -35.96 21.05
C ASN O 174 45.61 -35.01 20.01
N LEU O 175 45.89 -33.78 20.41
CA LEU O 175 46.48 -32.80 19.51
C LEU O 175 47.82 -32.37 20.05
N THR O 176 48.74 -32.04 19.15
CA THR O 176 50.10 -31.70 19.53
C THR O 176 50.29 -30.18 19.57
N THR O 177 51.21 -29.75 20.42
CA THR O 177 51.57 -28.35 20.54
C THR O 177 53.08 -28.21 20.41
N PHE O 178 53.50 -27.00 20.04
CA PHE O 178 54.89 -26.69 19.76
C PHE O 178 55.35 -25.49 20.59
N MET O 179 56.65 -25.46 20.85
CA MET O 179 57.23 -24.27 21.48
C MET O 179 57.13 -23.05 20.58
N ASN O 180 57.39 -23.23 19.29
CA ASN O 180 57.40 -22.13 18.33
C ASN O 180 56.54 -22.55 17.12
N ASP O 181 55.33 -22.02 17.05
CA ASP O 181 54.46 -22.32 15.92
C ASP O 181 55.01 -21.77 14.62
N THR O 182 55.56 -20.55 14.64
CA THR O 182 55.99 -19.90 13.40
C THR O 182 57.16 -20.63 12.76
N GLY O 183 57.88 -21.44 13.51
CA GLY O 183 59.01 -22.14 12.95
C GLY O 183 58.67 -23.37 12.12
N LEU O 184 57.39 -23.72 12.02
CA LEU O 184 57.00 -24.90 11.27
C LEU O 184 57.21 -24.68 9.78
N GLU O 185 57.73 -25.72 9.11
CA GLU O 185 57.94 -25.65 7.68
C GLU O 185 56.62 -26.00 6.98
N SER O 186 56.22 -25.19 6.01
CA SER O 186 54.94 -25.35 5.36
C SER O 186 55.11 -26.09 4.04
N ILE O 187 54.26 -27.09 3.81
CA ILE O 187 54.16 -27.75 2.51
C ILE O 187 52.72 -27.62 2.03
N GLY O 188 52.40 -28.23 0.90
CA GLY O 188 51.08 -28.10 0.34
C GLY O 188 50.01 -28.76 1.20
N GLU O 189 48.76 -28.49 0.82
CA GLU O 189 47.57 -29.08 1.45
C GLU O 189 47.48 -28.74 2.93
N ASN O 190 47.85 -27.52 3.31
CA ASN O 190 47.73 -27.04 4.68
C ASN O 190 48.42 -27.98 5.66
N LEU O 191 49.62 -28.41 5.30
CA LEU O 191 50.39 -29.32 6.13
C LEU O 191 51.68 -28.65 6.58
N TYR O 192 52.05 -28.92 7.83
CA TYR O 192 53.27 -28.39 8.42
C TYR O 192 54.11 -29.55 8.92
N ILE O 193 55.43 -29.38 8.84
CA ILE O 193 56.38 -30.36 9.34
C ILE O 193 57.36 -29.65 10.27
N GLU O 194 57.74 -30.35 11.33
CA GLU O 194 58.61 -29.78 12.34
C GLU O 194 60.00 -29.55 11.78
N THR O 195 60.71 -28.59 12.38
CA THR O 195 62.09 -28.30 12.04
C THR O 195 62.87 -28.18 13.35
N GLN O 196 64.08 -27.65 13.27
CA GLN O 196 64.81 -27.34 14.49
C GLN O 196 64.31 -26.05 15.14
N SER O 197 63.82 -25.10 14.35
CA SER O 197 63.32 -23.86 14.91
C SER O 197 62.12 -24.10 15.81
N SER O 198 61.21 -24.97 15.38
CA SER O 198 60.09 -25.36 16.22
C SER O 198 60.51 -26.54 17.08
N GLY O 199 60.20 -26.47 18.37
CA GLY O 199 60.58 -27.53 19.27
C GLY O 199 59.90 -28.84 18.93
N ALA O 200 60.33 -29.88 19.62
CA ALA O 200 59.72 -31.19 19.43
C ALA O 200 58.25 -31.12 19.85
N PRO O 201 57.33 -31.65 19.05
CA PRO O 201 55.91 -31.58 19.41
C PRO O 201 55.62 -32.37 20.67
N ASN O 202 54.66 -31.89 21.45
CA ASN O 202 54.20 -32.64 22.62
C ASN O 202 52.70 -32.87 22.51
N GLU O 203 52.28 -34.11 22.73
CA GLU O 203 50.88 -34.45 22.68
C GLU O 203 50.14 -33.89 23.89
N SER O 204 48.85 -33.66 23.72
CA SER O 204 48.02 -33.19 24.82
C SER O 204 46.56 -33.47 24.49
N THR O 205 45.78 -33.76 25.52
CA THR O 205 44.34 -33.82 25.37
C THR O 205 43.79 -32.42 25.25
N PRO O 206 42.70 -32.23 24.50
CA PRO O 206 42.15 -30.88 24.33
C PRO O 206 41.75 -30.28 25.67
N GLY O 207 42.00 -28.98 25.81
CA GLY O 207 41.67 -28.28 27.03
C GLY O 207 42.69 -28.40 28.15
N LEU O 208 43.79 -29.13 27.93
CA LEU O 208 44.81 -29.31 28.95
C LEU O 208 46.17 -28.88 28.42
N ASN O 209 47.02 -28.41 29.33
CA ASN O 209 48.39 -28.00 29.02
C ASN O 209 48.42 -26.94 27.93
N GLY O 210 47.41 -26.07 27.91
CA GLY O 210 47.34 -24.99 26.97
C GLY O 210 46.79 -25.33 25.61
N ALA O 211 46.48 -26.60 25.35
CA ALA O 211 45.87 -26.97 24.08
C ALA O 211 44.43 -26.47 24.02
N GLY O 212 43.95 -26.25 22.80
CA GLY O 212 42.64 -25.68 22.59
C GLY O 212 41.54 -26.72 22.72
N LEU O 213 40.31 -26.23 22.62
CA LEU O 213 39.12 -27.06 22.64
C LEU O 213 38.66 -27.35 21.22
N LEU O 214 37.68 -28.23 21.08
CA LEU O 214 37.17 -28.64 19.78
C LEU O 214 35.69 -28.31 19.68
N TYR O 215 35.29 -27.76 18.54
CA TYR O 215 33.89 -27.53 18.22
C TYR O 215 33.52 -28.41 17.03
N GLN O 216 32.45 -29.17 17.16
CA GLN O 216 32.00 -30.05 16.09
C GLN O 216 31.06 -29.30 15.16
N GLY O 217 31.20 -29.55 13.86
CA GLY O 217 30.33 -28.91 12.89
C GLY O 217 30.70 -27.49 12.54
N TYR O 218 31.90 -27.06 12.89
CA TYR O 218 32.36 -25.71 12.58
C TYR O 218 33.74 -25.82 11.94
N VAL O 219 34.06 -24.86 11.08
CA VAL O 219 35.37 -24.83 10.43
C VAL O 219 35.98 -23.45 10.63
N GLU O 220 37.27 -23.43 10.96
CA GLU O 220 37.99 -22.19 11.15
C GLU O 220 38.33 -21.58 9.80
N THR O 221 38.09 -20.28 9.67
CA THR O 221 38.36 -19.58 8.43
C THR O 221 39.77 -19.00 8.46
N SER O 222 40.11 -18.25 7.42
CA SER O 222 41.42 -17.64 7.31
C SER O 222 41.42 -16.26 7.96
N ASN O 223 42.57 -15.90 8.53
CA ASN O 223 42.74 -14.61 9.19
C ASN O 223 43.45 -13.67 8.21
N VAL O 224 42.70 -13.22 7.21
CA VAL O 224 43.21 -12.31 6.19
C VAL O 224 42.37 -11.05 6.22
N ASN O 225 43.03 -9.90 6.28
CA ASN O 225 42.36 -8.60 6.33
C ASN O 225 42.54 -7.94 4.96
N VAL O 226 41.49 -7.99 4.14
CA VAL O 226 41.59 -7.52 2.76
C VAL O 226 41.82 -6.01 2.70
N ALA O 227 41.27 -5.26 3.66
CA ALA O 227 41.42 -3.81 3.65
C ALA O 227 42.89 -3.42 3.77
N GLU O 228 43.65 -4.12 4.62
CA GLU O 228 45.08 -3.89 4.69
C GLU O 228 45.77 -4.28 3.39
N GLU O 229 45.31 -5.36 2.77
CA GLU O 229 45.97 -5.84 1.55
C GLU O 229 45.83 -4.85 0.40
N LEU O 230 44.66 -4.21 0.28
CA LEU O 230 44.48 -3.25 -0.81
C LEU O 230 45.44 -2.06 -0.66
N VAL O 231 45.56 -1.52 0.55
CA VAL O 231 46.48 -0.41 0.77
C VAL O 231 47.91 -0.85 0.57
N ASN O 232 48.24 -2.08 0.95
CA ASN O 232 49.58 -2.59 0.70
C ASN O 232 49.86 -2.69 -0.80
N MET O 233 48.86 -3.11 -1.57
CA MET O 233 49.03 -3.15 -3.02
C MET O 233 49.29 -1.75 -3.58
N ILE O 234 48.54 -0.75 -3.11
CA ILE O 234 48.77 0.62 -3.55
C ILE O 234 50.20 1.05 -3.24
N GLN O 235 50.66 0.77 -2.02
CA GLN O 235 51.99 1.18 -1.62
C GLN O 235 53.06 0.50 -2.46
N VAL O 236 52.93 -0.81 -2.69
CA VAL O 236 53.96 -1.51 -3.44
C VAL O 236 53.97 -1.06 -4.89
N GLN O 237 52.80 -0.76 -5.45
CA GLN O 237 52.77 -0.26 -6.83
C GLN O 237 53.49 1.08 -6.93
N ARG O 238 53.22 1.99 -5.99
CA ARG O 238 53.88 3.29 -6.03
C ARG O 238 55.39 3.16 -5.84
N ALA O 239 55.81 2.29 -4.90
CA ALA O 239 57.23 2.10 -4.66
C ALA O 239 57.93 1.52 -5.90
N TYR O 240 57.28 0.54 -6.54
CA TYR O 240 57.85 -0.04 -7.76
C TYR O 240 58.01 1.01 -8.84
N GLU O 241 57.00 1.87 -9.01
CA GLU O 241 57.09 2.92 -10.02
C GLU O 241 58.22 3.90 -9.70
N ILE O 242 58.37 4.26 -8.42
CA ILE O 242 59.43 5.20 -8.04
C ILE O 242 60.81 4.60 -8.31
N ASN O 243 60.99 3.32 -7.96
CA ASN O 243 62.27 2.68 -8.25
C ASN O 243 62.51 2.59 -9.76
N SER O 244 61.45 2.36 -10.54
CA SER O 244 61.59 2.37 -11.99
C SER O 244 62.07 3.74 -12.48
N LYS O 245 61.52 4.81 -11.92
CA LYS O 245 61.98 6.14 -12.30
C LYS O 245 63.44 6.36 -11.93
N ALA O 246 63.86 5.82 -10.78
CA ALA O 246 65.26 5.91 -10.39
C ALA O 246 66.15 5.20 -11.40
N VAL O 247 65.73 4.01 -11.86
CA VAL O 247 66.49 3.30 -12.89
C VAL O 247 66.56 4.14 -14.16
N SER O 248 65.44 4.73 -14.55
CA SER O 248 65.40 5.50 -15.79
C SER O 248 66.32 6.72 -15.72
N THR O 249 66.33 7.44 -14.60
CA THR O 249 67.19 8.60 -14.51
C THR O 249 68.66 8.20 -14.41
N THR O 250 68.97 7.08 -13.76
CA THR O 250 70.34 6.58 -13.81
C THR O 250 70.76 6.27 -15.24
N ASP O 251 69.86 5.65 -16.01
CA ASP O 251 70.16 5.35 -17.40
C ASP O 251 70.41 6.63 -18.19
N GLN O 252 69.57 7.65 -17.98
CA GLN O 252 69.74 8.92 -18.68
C GLN O 252 71.10 9.54 -18.34
N MET O 253 71.45 9.54 -17.06
CA MET O 253 72.72 10.12 -16.63
C MET O 253 73.90 9.37 -17.25
N LEU O 254 73.85 8.04 -17.24
CA LEU O 254 74.95 7.26 -17.79
C LEU O 254 75.06 7.42 -19.30
N GLN O 255 73.91 7.50 -19.98
CA GLN O 255 73.93 7.70 -21.43
C GLN O 255 74.48 9.08 -21.78
N LYS O 256 74.14 10.09 -20.99
CA LYS O 256 74.74 11.40 -21.19
C LYS O 256 76.24 11.37 -20.98
N LEU O 257 76.70 10.63 -19.96
CA LEU O 257 78.13 10.54 -19.70
C LEU O 257 78.86 9.87 -20.86
N THR O 258 78.35 8.72 -21.32
CA THR O 258 79.11 7.89 -22.24
C THR O 258 79.22 8.48 -23.64
N GLN O 259 78.31 9.36 -24.04
CA GLN O 259 78.37 9.99 -25.35
C GLN O 259 79.36 11.14 -25.40
N LEU O 260 80.20 11.28 -24.39
CA LEU O 260 81.18 12.35 -24.34
C LEU O 260 82.30 12.11 -25.35
N ILE P 2 75.41 -10.38 -35.73
CA ILE P 2 74.47 -10.11 -34.65
C ILE P 2 73.57 -11.32 -34.43
N SER P 3 73.32 -11.65 -33.16
CA SER P 3 72.53 -12.81 -32.82
C SER P 3 71.31 -12.51 -31.97
N SER P 4 71.38 -11.51 -31.10
CA SER P 4 70.26 -11.23 -30.20
C SER P 4 69.03 -10.76 -30.97
N LEU P 5 69.24 -10.09 -32.10
CA LEU P 5 68.13 -9.56 -32.88
C LEU P 5 67.21 -10.67 -33.35
N TRP P 6 67.78 -11.74 -33.89
CA TRP P 6 66.95 -12.82 -34.42
C TRP P 6 66.29 -13.62 -33.30
N ILE P 7 66.96 -13.75 -32.16
CA ILE P 7 66.35 -14.42 -31.01
C ILE P 7 65.12 -13.64 -30.54
N ALA P 8 65.26 -12.31 -30.45
CA ALA P 8 64.12 -11.49 -30.06
C ALA P 8 63.01 -11.55 -31.09
N LYS P 9 63.37 -11.64 -32.38
CA LYS P 9 62.35 -11.80 -33.41
C LYS P 9 61.59 -13.10 -33.24
N THR P 10 62.30 -14.19 -32.92
CA THR P 10 61.63 -15.46 -32.66
C THR P 10 60.69 -15.36 -31.47
N GLY P 11 61.13 -14.66 -30.42
CA GLY P 11 60.25 -14.44 -29.28
C GLY P 11 58.99 -13.67 -29.66
N LEU P 12 59.14 -12.63 -30.48
CA LEU P 12 57.99 -11.88 -30.94
C LEU P 12 57.04 -12.76 -31.74
N ASP P 13 57.58 -13.62 -32.60
CA ASP P 13 56.73 -14.50 -33.40
C ASP P 13 55.98 -15.50 -32.50
N ALA P 14 56.66 -16.03 -31.49
CA ALA P 14 55.99 -16.95 -30.57
C ALA P 14 54.85 -16.26 -29.84
N GLN P 15 55.09 -15.03 -29.35
CA GLN P 15 54.03 -14.30 -28.68
C GLN P 15 52.88 -13.99 -29.65
N GLN P 16 53.21 -13.70 -30.91
CA GLN P 16 52.16 -13.46 -31.89
C GLN P 16 51.29 -14.69 -32.12
N THR P 17 51.93 -15.87 -32.20
CA THR P 17 51.16 -17.10 -32.35
C THR P 17 50.27 -17.36 -31.14
N ASN P 18 50.81 -17.10 -29.94
CA ASN P 18 50.02 -17.27 -28.73
C ASN P 18 48.80 -16.35 -28.74
N MET P 19 49.00 -15.08 -29.11
CA MET P 19 47.88 -14.16 -29.21
C MET P 19 46.90 -14.60 -30.28
N ASP P 20 47.39 -15.20 -31.36
CA ASP P 20 46.52 -15.69 -32.41
C ASP P 20 45.59 -16.78 -31.89
N VAL P 21 46.13 -17.74 -31.14
CA VAL P 21 45.26 -18.79 -30.62
C VAL P 21 44.32 -18.24 -29.57
N ILE P 22 44.76 -17.26 -28.78
CA ILE P 22 43.86 -16.64 -27.80
C ILE P 22 42.69 -15.98 -28.50
N ALA P 23 42.96 -15.22 -29.57
CA ALA P 23 41.89 -14.56 -30.31
C ALA P 23 40.97 -15.56 -30.95
N ASN P 24 41.52 -16.66 -31.49
CA ASN P 24 40.68 -17.68 -32.11
C ASN P 24 39.74 -18.30 -31.08
N ASN P 25 40.25 -18.59 -29.88
CA ASN P 25 39.38 -19.13 -28.83
C ASN P 25 38.31 -18.14 -28.44
N LEU P 26 38.66 -16.86 -28.33
CA LEU P 26 37.68 -15.86 -27.90
C LEU P 26 36.63 -15.60 -28.98
N ALA P 27 36.98 -15.79 -30.25
CA ALA P 27 36.05 -15.45 -31.33
C ALA P 27 34.81 -16.31 -31.27
N ASN P 28 34.97 -17.62 -31.28
CA ASN P 28 33.83 -18.54 -31.28
C ASN P 28 33.55 -19.05 -29.87
N VAL P 29 33.23 -18.11 -28.98
CA VAL P 29 32.83 -18.48 -27.63
C VAL P 29 31.42 -19.03 -27.61
N SER P 30 30.63 -18.75 -28.66
CA SER P 30 29.25 -19.19 -28.74
C SER P 30 29.05 -20.35 -29.69
N THR P 31 30.13 -20.92 -30.22
CA THR P 31 30.01 -22.06 -31.14
C THR P 31 29.70 -23.31 -30.34
N ASN P 32 28.68 -24.05 -30.77
CA ASN P 32 28.34 -25.31 -30.13
C ASN P 32 29.36 -26.38 -30.48
N GLY P 33 29.85 -27.08 -29.46
CA GLY P 33 30.76 -28.17 -29.67
C GLY P 33 32.21 -27.76 -29.89
N PHE P 34 32.53 -26.49 -29.82
CA PHE P 34 33.91 -26.05 -29.98
C PHE P 34 34.75 -26.52 -28.80
N LYS P 35 36.03 -26.74 -29.05
CA LYS P 35 36.97 -27.19 -28.04
C LYS P 35 38.10 -26.18 -27.89
N ARG P 36 38.40 -25.81 -26.65
CA ARG P 36 39.44 -24.84 -26.38
C ARG P 36 40.80 -25.35 -26.87
N GLN P 37 41.63 -24.43 -27.34
CA GLN P 37 42.90 -24.76 -27.94
C GLN P 37 44.04 -24.09 -27.18
N ARG P 38 45.15 -24.80 -27.02
CA ARG P 38 46.31 -24.27 -26.32
C ARG P 38 47.56 -24.59 -27.11
N ALA P 39 48.53 -23.68 -27.05
CA ALA P 39 49.77 -23.80 -27.81
C ALA P 39 50.94 -24.00 -26.87
N VAL P 40 51.77 -24.99 -27.16
CA VAL P 40 52.96 -25.29 -26.37
C VAL P 40 54.19 -24.99 -27.20
N PHE P 41 55.10 -24.21 -26.63
CA PHE P 41 56.30 -23.73 -27.29
C PHE P 41 57.50 -24.59 -26.94
N GLU P 42 58.66 -24.18 -27.44
CA GLU P 42 59.86 -24.99 -27.35
C GLU P 42 61.06 -24.14 -27.73
N ASP P 43 62.18 -24.36 -27.06
CA ASP P 43 63.41 -23.64 -27.38
C ASP P 43 64.12 -24.28 -28.56
N LEU P 44 64.91 -23.47 -29.27
CA LEU P 44 65.66 -23.95 -30.42
C LEU P 44 66.95 -24.63 -29.94
N LEU P 45 67.81 -25.00 -30.88
CA LEU P 45 69.05 -25.68 -30.55
C LEU P 45 69.98 -24.76 -29.77
N TYR P 46 70.69 -25.35 -28.80
CA TYR P 46 71.73 -24.65 -28.08
C TYR P 46 73.07 -24.95 -28.72
N GLN P 47 73.88 -23.91 -28.92
CA GLN P 47 75.21 -24.07 -29.49
C GLN P 47 76.24 -24.03 -28.37
N THR P 48 77.17 -24.98 -28.38
CA THR P 48 78.10 -25.16 -27.29
C THR P 48 79.47 -24.61 -27.65
N ILE P 49 80.13 -24.02 -26.66
CA ILE P 49 81.49 -23.49 -26.81
C ILE P 49 82.38 -24.21 -25.80
N ARG P 50 83.43 -24.84 -26.30
CA ARG P 50 84.35 -25.58 -25.44
C ARG P 50 85.53 -24.70 -25.05
N GLN P 51 86.21 -25.10 -23.99
CA GLN P 51 87.36 -24.37 -23.46
C GLN P 51 88.52 -25.34 -23.25
N PRO P 52 89.75 -24.84 -23.31
CA PRO P 52 90.90 -25.73 -23.12
C PRO P 52 90.95 -26.29 -21.70
N GLY P 53 91.53 -27.49 -21.59
CA GLY P 53 91.67 -28.14 -20.30
C GLY P 53 93.10 -28.13 -19.78
N GLY P 65 81.36 -26.99 -21.66
CA GLY P 65 80.43 -26.79 -20.56
C GLY P 65 79.74 -25.46 -20.59
N LEU P 66 79.74 -24.83 -21.77
CA LEU P 66 79.11 -23.53 -21.98
C LEU P 66 78.15 -23.64 -23.15
N GLN P 67 76.90 -23.27 -22.92
CA GLN P 67 75.86 -23.35 -23.95
C GLN P 67 75.22 -21.99 -24.14
N ILE P 68 74.82 -21.71 -25.37
CA ILE P 68 74.13 -20.48 -25.72
C ILE P 68 72.84 -20.83 -26.43
N GLY P 69 71.75 -20.18 -26.03
CA GLY P 69 70.45 -20.42 -26.63
C GLY P 69 70.32 -19.75 -27.98
N THR P 70 69.19 -20.02 -28.62
CA THR P 70 68.94 -19.48 -29.95
C THR P 70 67.50 -19.01 -30.17
N GLY P 71 66.63 -19.09 -29.18
CA GLY P 71 65.27 -18.59 -29.30
C GLY P 71 64.24 -19.63 -28.93
N VAL P 72 63.00 -19.34 -29.31
CA VAL P 72 61.85 -20.18 -28.98
C VAL P 72 60.97 -20.30 -30.22
N ARG P 73 60.46 -21.52 -30.46
CA ARG P 73 59.49 -21.75 -31.52
C ARG P 73 58.32 -22.55 -30.99
N PRO P 74 57.13 -22.37 -31.55
CA PRO P 74 55.98 -23.17 -31.13
C PRO P 74 56.12 -24.59 -31.65
N VAL P 75 55.94 -25.57 -30.76
CA VAL P 75 56.19 -26.95 -31.14
C VAL P 75 54.88 -27.69 -31.39
N ALA P 76 53.84 -27.37 -30.64
CA ALA P 76 52.60 -28.11 -30.83
C ALA P 76 51.40 -27.30 -30.35
N THR P 77 50.22 -27.83 -30.67
CA THR P 77 48.95 -27.25 -30.24
C THR P 77 47.98 -28.38 -29.94
N GLU P 78 47.33 -28.31 -28.78
CA GLU P 78 46.46 -29.36 -28.32
C GLU P 78 45.10 -28.80 -27.92
N ARG P 79 44.06 -29.60 -28.13
CA ARG P 79 42.70 -29.24 -27.77
C ARG P 79 42.29 -29.96 -26.49
N LEU P 80 41.52 -29.27 -25.67
CA LEU P 80 41.05 -29.81 -24.39
C LEU P 80 39.70 -30.47 -24.64
N HIS P 81 39.72 -31.78 -24.90
CA HIS P 81 38.50 -32.53 -25.18
C HIS P 81 37.86 -32.98 -23.86
N SER P 82 37.23 -32.03 -23.19
CA SER P 82 36.48 -32.28 -21.96
C SER P 82 35.00 -32.03 -22.19
N GLN P 83 34.21 -32.36 -21.18
CA GLN P 83 32.77 -32.14 -21.27
C GLN P 83 32.45 -30.65 -21.25
N GLY P 84 31.43 -30.26 -22.01
CA GLY P 84 30.95 -28.90 -22.02
C GLY P 84 29.56 -28.81 -21.41
N ASN P 85 29.15 -27.58 -21.11
CA ASN P 85 27.82 -27.36 -20.58
C ASN P 85 26.77 -27.62 -21.66
N LEU P 86 25.56 -27.91 -21.21
CA LEU P 86 24.44 -28.20 -22.09
C LEU P 86 23.47 -27.03 -22.07
N SER P 87 23.13 -26.53 -23.25
CA SER P 87 22.18 -25.42 -23.38
C SER P 87 20.92 -25.93 -24.06
N GLN P 88 19.77 -25.52 -23.54
CA GLN P 88 18.50 -26.02 -24.04
C GLN P 88 18.04 -25.22 -25.24
N THR P 89 17.49 -25.93 -26.23
CA THR P 89 16.91 -25.31 -27.41
C THR P 89 15.42 -25.58 -27.58
N ASN P 90 14.85 -26.45 -26.76
CA ASN P 90 13.44 -26.84 -26.85
C ASN P 90 13.14 -27.52 -28.18
N ASN P 91 14.16 -27.71 -29.01
CA ASN P 91 13.97 -28.32 -30.31
C ASN P 91 14.00 -29.83 -30.20
N SER P 92 13.35 -30.50 -31.14
CA SER P 92 13.23 -31.94 -31.12
C SER P 92 14.27 -32.64 -32.00
N LYS P 93 15.18 -31.88 -32.61
CA LYS P 93 16.18 -32.43 -33.50
C LYS P 93 17.56 -31.91 -33.15
N ASP P 94 17.81 -31.71 -31.86
CA ASP P 94 19.12 -31.32 -31.36
C ASP P 94 19.59 -32.37 -30.35
N VAL P 95 20.81 -32.85 -30.53
CA VAL P 95 21.34 -33.93 -29.72
C VAL P 95 22.65 -33.47 -29.08
N ALA P 96 22.76 -33.68 -27.77
CA ALA P 96 23.99 -33.41 -27.04
C ALA P 96 24.56 -34.75 -26.56
N ILE P 97 25.83 -34.97 -26.83
CA ILE P 97 26.46 -36.24 -26.49
C ILE P 97 27.18 -36.09 -25.15
N LYS P 98 26.81 -36.93 -24.20
CA LYS P 98 27.40 -36.92 -22.86
C LYS P 98 28.42 -38.05 -22.78
N GLY P 99 29.69 -37.69 -22.56
CA GLY P 99 30.77 -38.65 -22.49
C GLY P 99 31.82 -38.35 -23.55
N GLN P 100 32.14 -39.37 -24.35
CA GLN P 100 33.12 -39.25 -25.42
C GLN P 100 32.58 -39.93 -26.67
N GLY P 101 32.89 -39.36 -27.82
CA GLY P 101 32.43 -39.88 -29.10
C GLY P 101 32.21 -38.75 -30.08
N PHE P 102 31.96 -39.13 -31.33
CA PHE P 102 31.71 -38.17 -32.39
C PHE P 102 30.64 -38.71 -33.33
N PHE P 103 29.70 -37.84 -33.70
CA PHE P 103 28.80 -38.17 -34.81
C PHE P 103 29.60 -38.24 -36.09
N GLN P 104 29.22 -39.15 -36.97
CA GLN P 104 29.89 -39.34 -38.25
C GLN P 104 29.02 -38.75 -39.36
N VAL P 105 29.60 -37.85 -40.15
CA VAL P 105 28.93 -37.25 -41.29
C VAL P 105 29.75 -37.57 -42.52
N MET P 106 29.11 -37.48 -43.68
CA MET P 106 29.75 -37.81 -44.95
C MET P 106 29.89 -36.55 -45.78
N LEU P 107 31.12 -36.21 -46.15
CA LEU P 107 31.35 -35.09 -47.04
C LEU P 107 30.88 -35.45 -48.44
N PRO P 108 30.60 -34.45 -49.28
CA PRO P 108 30.10 -34.76 -50.63
C PRO P 108 31.07 -35.60 -51.46
N ASP P 109 32.36 -35.52 -51.19
CA ASP P 109 33.36 -36.28 -51.94
C ASP P 109 33.55 -37.69 -51.39
N GLY P 110 32.56 -38.24 -50.72
CA GLY P 110 32.63 -39.62 -50.25
C GLY P 110 33.27 -39.83 -48.90
N THR P 111 34.33 -39.09 -48.59
CA THR P 111 35.02 -39.25 -47.33
C THR P 111 34.12 -38.87 -46.16
N SER P 112 34.46 -39.37 -44.98
CA SER P 112 33.66 -39.17 -43.78
C SER P 112 34.44 -38.34 -42.77
N ALA P 113 33.75 -37.39 -42.15
CA ALA P 113 34.29 -36.57 -41.08
C ALA P 113 33.49 -36.81 -39.80
N TYR P 114 33.97 -36.25 -38.71
CA TYR P 114 33.38 -36.45 -37.40
C TYR P 114 33.16 -35.11 -36.72
N THR P 115 32.08 -35.02 -35.95
CA THR P 115 31.74 -33.77 -35.31
C THR P 115 31.11 -34.02 -33.95
N ARG P 116 31.21 -33.01 -33.08
CA ARG P 116 30.56 -33.01 -31.78
C ARG P 116 29.28 -32.18 -31.76
N ASP P 117 29.12 -31.26 -32.70
CA ASP P 117 28.01 -30.31 -32.69
C ASP P 117 26.75 -31.01 -33.17
N GLY P 118 25.82 -31.27 -32.25
CA GLY P 118 24.57 -31.87 -32.61
C GLY P 118 23.50 -30.82 -32.84
N SER P 119 23.30 -30.45 -34.10
CA SER P 119 22.26 -29.48 -34.47
C SER P 119 21.78 -29.90 -35.87
N PHE P 120 20.73 -30.71 -35.90
CA PHE P 120 20.32 -31.40 -37.11
C PHE P 120 19.04 -30.81 -37.67
N GLN P 121 18.88 -30.96 -38.98
CA GLN P 121 17.68 -30.53 -39.68
C GLN P 121 17.30 -31.62 -40.67
N VAL P 122 16.18 -31.42 -41.34
CA VAL P 122 15.63 -32.39 -42.28
C VAL P 122 15.53 -31.74 -43.64
N ASP P 123 16.07 -32.40 -44.66
CA ASP P 123 16.05 -31.85 -46.01
C ASP P 123 14.76 -32.24 -46.72
N GLN P 124 14.69 -31.99 -48.02
CA GLN P 124 13.48 -32.28 -48.78
C GLN P 124 13.23 -33.78 -48.90
N ASN P 125 14.28 -34.59 -48.83
CA ASN P 125 14.15 -36.04 -48.95
C ASN P 125 13.90 -36.72 -47.61
N GLY P 126 13.73 -35.94 -46.54
CA GLY P 126 13.52 -36.51 -45.23
C GLY P 126 14.72 -37.22 -44.65
N GLN P 127 15.91 -36.66 -44.83
CA GLN P 127 17.14 -37.23 -44.29
C GLN P 127 17.72 -36.28 -43.25
N LEU P 128 18.11 -36.84 -42.10
CA LEU P 128 18.70 -36.02 -41.04
C LEU P 128 20.09 -35.57 -41.46
N VAL P 129 20.28 -34.26 -41.57
CA VAL P 129 21.54 -33.69 -42.02
C VAL P 129 21.99 -32.64 -41.02
N THR P 130 23.27 -32.32 -41.06
CA THR P 130 23.79 -31.25 -40.23
C THR P 130 23.41 -29.89 -40.83
N ALA P 131 23.64 -28.85 -40.04
CA ALA P 131 23.40 -27.49 -40.52
C ALA P 131 24.50 -27.14 -41.51
N GLY P 132 24.22 -27.35 -42.80
CA GLY P 132 25.22 -27.19 -43.84
C GLY P 132 25.05 -28.18 -44.96
N GLY P 133 24.20 -29.18 -44.76
CA GLY P 133 23.80 -30.09 -45.80
C GLY P 133 24.47 -31.45 -45.76
N PHE P 134 25.50 -31.63 -44.94
CA PHE P 134 26.17 -32.92 -44.88
C PHE P 134 25.31 -33.93 -44.13
N GLN P 135 25.09 -35.10 -44.72
CA GLN P 135 24.18 -36.08 -44.19
C GLN P 135 24.91 -37.02 -43.23
N VAL P 136 24.19 -37.45 -42.19
CA VAL P 136 24.76 -38.35 -41.22
C VAL P 136 24.93 -39.73 -41.84
N GLN P 137 26.08 -40.36 -41.57
CA GLN P 137 26.46 -41.56 -42.29
C GLN P 137 25.49 -42.73 -42.11
N PRO P 138 25.01 -43.06 -40.89
CA PRO P 138 24.07 -44.18 -40.77
C PRO P 138 22.77 -44.00 -41.54
N ALA P 139 22.58 -42.83 -42.15
CA ALA P 139 21.46 -42.57 -43.05
C ALA P 139 20.12 -42.71 -42.35
N ILE P 140 19.88 -41.80 -41.41
CA ILE P 140 18.59 -41.72 -40.72
C ILE P 140 17.60 -41.00 -41.64
N THR P 141 16.50 -41.65 -41.98
CA THR P 141 15.44 -41.03 -42.75
C THR P 141 14.17 -40.92 -41.93
N ILE P 142 13.45 -39.82 -42.15
CA ILE P 142 12.20 -39.52 -41.46
C ILE P 142 11.07 -39.68 -42.46
N PRO P 143 10.02 -40.43 -42.15
CA PRO P 143 8.89 -40.55 -43.07
C PRO P 143 8.12 -39.25 -43.14
N ALA P 144 7.23 -39.17 -44.13
CA ALA P 144 6.40 -37.99 -44.27
C ALA P 144 5.39 -37.92 -43.12
N ASN P 145 4.75 -36.76 -43.00
CA ASN P 145 3.69 -36.49 -42.03
C ASN P 145 4.03 -37.01 -40.63
N ALA P 146 5.28 -36.87 -40.22
CA ALA P 146 5.66 -37.24 -38.86
C ALA P 146 5.08 -36.25 -37.86
N LEU P 147 4.70 -36.77 -36.70
CA LEU P 147 4.18 -35.93 -35.62
C LEU P 147 5.24 -35.54 -34.61
N SER P 148 6.00 -36.50 -34.10
CA SER P 148 7.00 -36.22 -33.07
C SER P 148 8.16 -37.18 -33.23
N ILE P 149 9.34 -36.63 -33.51
CA ILE P 149 10.55 -37.43 -33.65
C ILE P 149 11.23 -37.48 -32.29
N THR P 150 11.42 -38.68 -31.76
CA THR P 150 12.08 -38.89 -30.48
C THR P 150 13.35 -39.69 -30.69
N ILE P 151 14.39 -39.38 -29.91
CA ILE P 151 15.68 -40.03 -30.02
C ILE P 151 16.00 -40.67 -28.67
N GLY P 152 16.28 -41.95 -28.68
CA GLY P 152 16.49 -42.68 -27.46
C GLY P 152 17.79 -42.31 -26.78
N ARG P 153 17.90 -42.74 -25.52
CA ARG P 153 19.12 -42.51 -24.76
C ARG P 153 20.31 -43.25 -25.35
N ASP P 154 20.08 -44.33 -26.08
CA ASP P 154 21.15 -45.11 -26.70
C ASP P 154 21.08 -45.07 -28.23
N GLY P 155 20.55 -43.99 -28.78
CA GLY P 155 20.64 -43.75 -30.21
C GLY P 155 19.47 -44.24 -31.05
N VAL P 156 18.54 -44.99 -30.47
CA VAL P 156 17.39 -45.47 -31.24
C VAL P 156 16.47 -44.30 -31.54
N VAL P 157 16.03 -44.19 -32.79
CA VAL P 157 15.18 -43.09 -33.23
C VAL P 157 13.80 -43.63 -33.54
N SER P 158 12.77 -43.01 -32.96
CA SER P 158 11.39 -43.41 -33.16
C SER P 158 10.58 -42.20 -33.60
N VAL P 159 9.44 -42.46 -34.26
CA VAL P 159 8.60 -41.42 -34.80
C VAL P 159 7.15 -41.84 -34.63
N THR P 160 6.29 -40.90 -34.21
CA THR P 160 4.87 -41.16 -34.10
C THR P 160 4.16 -40.84 -35.42
N GLN P 161 2.93 -41.32 -35.53
CA GLN P 161 2.13 -41.12 -36.74
C GLN P 161 0.70 -40.80 -36.33
N GLN P 162 -0.20 -40.81 -37.32
CA GLN P 162 -1.57 -40.36 -37.09
C GLN P 162 -2.36 -41.36 -36.27
N GLY P 163 -2.58 -42.56 -36.82
CA GLY P 163 -3.45 -43.51 -36.18
C GLY P 163 -2.73 -44.62 -35.43
N GLN P 164 -1.43 -44.76 -35.67
CA GLN P 164 -0.67 -45.83 -35.04
C GLN P 164 -0.57 -45.60 -33.54
N ALA P 165 -0.74 -46.69 -32.78
CA ALA P 165 -0.70 -46.63 -31.34
C ALA P 165 0.68 -46.91 -30.76
N ALA P 166 1.67 -47.20 -31.60
CA ALA P 166 3.01 -47.49 -31.13
C ALA P 166 4.03 -46.76 -32.00
N PRO P 167 5.11 -46.26 -31.39
CA PRO P 167 6.17 -45.64 -32.20
C PRO P 167 6.83 -46.67 -33.10
N VAL P 168 7.31 -46.20 -34.25
CA VAL P 168 7.96 -47.04 -35.24
C VAL P 168 9.43 -46.66 -35.31
N GLN P 169 10.31 -47.65 -35.23
CA GLN P 169 11.74 -47.42 -35.28
C GLN P 169 12.17 -47.07 -36.70
N VAL P 170 13.12 -46.14 -36.82
CA VAL P 170 13.59 -45.69 -38.12
C VAL P 170 15.11 -45.70 -38.25
N GLY P 171 15.87 -45.81 -37.17
CA GLY P 171 17.31 -45.86 -37.30
C GLY P 171 17.98 -45.81 -35.95
N GLN P 172 19.32 -45.90 -35.98
CA GLN P 172 20.14 -45.87 -34.79
C GLN P 172 21.32 -44.94 -35.01
N LEU P 173 21.64 -44.14 -34.00
CA LEU P 173 22.73 -43.18 -34.07
C LEU P 173 23.97 -43.77 -33.41
N ASN P 174 24.56 -44.76 -34.06
CA ASN P 174 25.85 -45.27 -33.59
C ASN P 174 26.92 -44.21 -33.79
N LEU P 175 27.81 -44.09 -32.81
CA LEU P 175 28.85 -43.07 -32.87
C LEU P 175 30.22 -43.72 -32.72
N THR P 176 31.23 -43.03 -33.22
CA THR P 176 32.58 -43.55 -33.27
C THR P 176 33.40 -43.06 -32.09
N THR P 177 34.42 -43.83 -31.75
CA THR P 177 35.37 -43.47 -30.71
C THR P 177 36.78 -43.66 -31.28
N PHE P 178 37.69 -42.81 -30.81
CA PHE P 178 39.07 -42.81 -31.26
C PHE P 178 40.01 -43.08 -30.09
N MET P 179 41.15 -43.68 -30.40
CA MET P 179 42.15 -43.90 -29.38
C MET P 179 42.70 -42.58 -28.84
N ASN P 180 42.99 -41.62 -29.72
CA ASN P 180 43.54 -40.33 -29.32
C ASN P 180 42.69 -39.23 -29.93
N ASP P 181 41.86 -38.58 -29.11
CA ASP P 181 40.97 -37.55 -29.60
C ASP P 181 41.72 -36.30 -30.07
N THR P 182 42.84 -35.97 -29.42
CA THR P 182 43.54 -34.74 -29.75
C THR P 182 44.17 -34.79 -31.13
N GLY P 183 44.47 -36.00 -31.63
CA GLY P 183 45.16 -36.12 -32.90
C GLY P 183 44.31 -35.92 -34.14
N LEU P 184 43.00 -35.79 -33.98
CA LEU P 184 42.14 -35.59 -35.14
C LEU P 184 42.43 -34.24 -35.78
N GLU P 185 42.53 -34.23 -37.11
CA GLU P 185 42.71 -32.97 -37.82
C GLU P 185 41.37 -32.24 -37.89
N SER P 186 41.41 -30.92 -37.73
CA SER P 186 40.20 -30.10 -37.66
C SER P 186 40.07 -29.30 -38.95
N ILE P 187 39.10 -29.65 -39.78
CA ILE P 187 38.80 -28.87 -40.97
C ILE P 187 37.84 -27.76 -40.58
N GLY P 188 37.64 -26.80 -41.48
CA GLY P 188 36.99 -25.56 -41.10
C GLY P 188 35.55 -25.74 -40.63
N GLU P 189 34.77 -26.53 -41.37
CA GLU P 189 33.32 -26.49 -41.22
C GLU P 189 32.86 -27.17 -39.93
N ASN P 190 33.55 -26.91 -38.82
CA ASN P 190 33.23 -27.51 -37.53
C ASN P 190 33.25 -29.04 -37.62
N LEU P 191 34.25 -29.58 -38.32
CA LEU P 191 34.36 -31.00 -38.56
C LEU P 191 35.78 -31.46 -38.29
N TYR P 192 35.90 -32.74 -37.95
CA TYR P 192 37.19 -33.39 -37.72
C TYR P 192 37.32 -34.58 -38.65
N ILE P 193 38.55 -34.87 -39.05
CA ILE P 193 38.87 -36.04 -39.85
C ILE P 193 39.99 -36.80 -39.16
N GLU P 194 39.99 -38.12 -39.32
CA GLU P 194 40.99 -38.95 -38.65
C GLU P 194 42.34 -38.82 -39.35
N THR P 195 43.41 -38.96 -38.56
CA THR P 195 44.77 -38.91 -39.07
C THR P 195 45.49 -40.18 -38.64
N GLN P 196 46.77 -40.28 -39.02
CA GLN P 196 47.56 -41.41 -38.55
C GLN P 196 47.90 -41.26 -37.07
N SER P 197 47.94 -40.03 -36.56
CA SER P 197 48.22 -39.83 -35.15
C SER P 197 47.16 -40.47 -34.28
N SER P 198 45.90 -40.29 -34.63
CA SER P 198 44.82 -40.93 -33.90
C SER P 198 44.59 -42.34 -34.42
N GLY P 199 44.04 -43.18 -33.58
CA GLY P 199 43.78 -44.55 -33.97
C GLY P 199 42.65 -44.65 -34.96
N ALA P 200 42.52 -45.83 -35.55
CA ALA P 200 41.43 -46.08 -36.48
C ALA P 200 40.11 -46.01 -35.73
N PRO P 201 39.11 -45.31 -36.26
CA PRO P 201 37.84 -45.15 -35.52
C PRO P 201 37.16 -46.49 -35.32
N ASN P 202 36.53 -46.64 -34.15
CA ASN P 202 35.70 -47.81 -33.90
C ASN P 202 34.29 -47.34 -33.58
N GLU P 203 33.32 -47.85 -34.33
CA GLU P 203 31.93 -47.42 -34.19
C GLU P 203 31.20 -48.33 -33.21
N SER P 204 30.37 -47.72 -32.37
CA SER P 204 29.66 -48.49 -31.36
C SER P 204 28.36 -47.78 -31.00
N THR P 205 27.48 -48.54 -30.36
CA THR P 205 26.26 -47.97 -29.83
C THR P 205 26.55 -47.12 -28.61
N PRO P 206 25.76 -46.09 -28.36
CA PRO P 206 25.98 -45.27 -27.16
C PRO P 206 25.82 -46.08 -25.90
N GLY P 207 26.64 -45.76 -24.89
CA GLY P 207 26.58 -46.42 -23.61
C GLY P 207 27.36 -47.71 -23.48
N LEU P 208 28.02 -48.16 -24.54
CA LEU P 208 28.78 -49.40 -24.51
C LEU P 208 30.22 -49.15 -24.93
N ASN P 209 31.14 -49.91 -24.34
CA ASN P 209 32.57 -49.81 -24.61
C ASN P 209 33.08 -48.39 -24.37
N GLY P 210 32.58 -47.76 -23.32
CA GLY P 210 33.02 -46.43 -22.96
C GLY P 210 32.45 -45.30 -23.79
N ALA P 211 31.51 -45.57 -24.68
CA ALA P 211 30.87 -44.51 -25.44
C ALA P 211 29.87 -43.77 -24.57
N GLY P 212 29.41 -42.62 -25.06
CA GLY P 212 28.56 -41.75 -24.30
C GLY P 212 27.08 -42.09 -24.44
N LEU P 213 26.25 -41.10 -24.14
CA LEU P 213 24.81 -41.19 -24.26
C LEU P 213 24.31 -39.96 -24.99
N LEU P 214 23.06 -40.00 -25.43
CA LEU P 214 22.49 -38.91 -26.22
C LEU P 214 21.35 -38.26 -25.44
N TYR P 215 21.36 -36.93 -25.37
CA TYR P 215 20.28 -36.16 -24.80
C TYR P 215 19.59 -35.38 -25.92
N GLN P 216 18.27 -35.50 -25.99
CA GLN P 216 17.49 -34.83 -27.02
C GLN P 216 17.00 -33.49 -26.50
N GLY P 217 17.12 -32.46 -27.33
CA GLY P 217 16.66 -31.13 -26.99
C GLY P 217 17.74 -30.18 -26.51
N TYR P 218 18.90 -30.71 -26.11
CA TYR P 218 20.00 -29.89 -25.62
C TYR P 218 21.16 -29.98 -26.60
N VAL P 219 21.98 -28.93 -26.61
CA VAL P 219 23.15 -28.88 -27.48
C VAL P 219 24.35 -28.52 -26.61
N GLU P 220 25.49 -29.13 -26.90
CA GLU P 220 26.69 -28.91 -26.09
C GLU P 220 27.29 -27.55 -26.39
N THR P 221 27.62 -26.80 -25.35
CA THR P 221 28.24 -25.49 -25.50
C THR P 221 29.75 -25.67 -25.70
N SER P 222 30.49 -24.57 -25.64
CA SER P 222 31.93 -24.59 -25.83
C SER P 222 32.63 -24.45 -24.48
N ASN P 223 33.68 -25.23 -24.29
CA ASN P 223 34.42 -25.24 -23.03
C ASN P 223 35.58 -24.24 -23.07
N VAL P 224 35.23 -22.97 -23.32
CA VAL P 224 36.18 -21.88 -23.31
C VAL P 224 36.01 -21.11 -22.01
N ASN P 225 37.09 -20.99 -21.25
CA ASN P 225 37.08 -20.27 -19.99
C ASN P 225 37.44 -18.82 -20.26
N VAL P 226 36.48 -17.92 -20.08
CA VAL P 226 36.70 -16.50 -20.35
C VAL P 226 37.75 -15.93 -19.40
N ALA P 227 37.67 -16.26 -18.11
CA ALA P 227 38.54 -15.64 -17.11
C ALA P 227 40.02 -15.94 -17.36
N GLU P 228 40.34 -17.00 -18.10
CA GLU P 228 41.73 -17.30 -18.41
C GLU P 228 42.22 -16.57 -19.65
N GLU P 229 41.34 -16.34 -20.62
CA GLU P 229 41.76 -15.69 -21.86
C GLU P 229 42.24 -14.27 -21.61
N LEU P 230 41.56 -13.54 -20.72
CA LEU P 230 41.94 -12.16 -20.48
C LEU P 230 43.32 -12.05 -19.84
N VAL P 231 43.58 -12.87 -18.81
CA VAL P 231 44.88 -12.82 -18.19
C VAL P 231 45.96 -13.32 -19.15
N ASN P 232 45.63 -14.31 -20.00
CA ASN P 232 46.60 -14.75 -20.99
C ASN P 232 46.93 -13.64 -21.98
N MET P 233 45.93 -12.88 -22.42
CA MET P 233 46.21 -11.80 -23.36
C MET P 233 47.00 -10.68 -22.71
N ILE P 234 46.75 -10.40 -21.43
CA ILE P 234 47.58 -9.43 -20.72
C ILE P 234 49.03 -9.91 -20.70
N GLN P 235 49.23 -11.19 -20.38
CA GLN P 235 50.58 -11.74 -20.33
C GLN P 235 51.28 -11.65 -21.67
N VAL P 236 50.57 -12.00 -22.75
CA VAL P 236 51.22 -11.99 -24.07
C VAL P 236 51.50 -10.56 -24.51
N GLN P 237 50.64 -9.61 -24.16
CA GLN P 237 50.91 -8.23 -24.51
C GLN P 237 52.16 -7.73 -23.82
N ARG P 238 52.30 -8.04 -22.52
CA ARG P 238 53.49 -7.59 -21.80
C ARG P 238 54.75 -8.25 -22.35
N ALA P 239 54.69 -9.54 -22.66
CA ALA P 239 55.86 -10.22 -23.22
C ALA P 239 56.23 -9.63 -24.57
N TYR P 240 55.23 -9.32 -25.40
CA TYR P 240 55.49 -8.71 -26.70
C TYR P 240 56.19 -7.36 -26.52
N GLU P 241 55.72 -6.55 -25.57
CA GLU P 241 56.34 -5.26 -25.33
C GLU P 241 57.78 -5.42 -24.86
N ILE P 242 58.04 -6.39 -23.99
CA ILE P 242 59.40 -6.61 -23.48
C ILE P 242 60.33 -7.02 -24.61
N ASN P 243 59.88 -7.94 -25.47
CA ASN P 243 60.72 -8.35 -26.60
C ASN P 243 60.98 -7.19 -27.54
N SER P 244 59.98 -6.33 -27.75
CA SER P 244 60.20 -5.13 -28.56
C SER P 244 61.28 -4.24 -27.94
N LYS P 245 61.26 -4.09 -26.61
CA LYS P 245 62.29 -3.30 -25.96
C LYS P 245 63.67 -3.93 -26.15
N ALA P 246 63.74 -5.26 -26.09
CA ALA P 246 65.02 -5.92 -26.35
C ALA P 246 65.52 -5.63 -27.76
N VAL P 247 64.62 -5.68 -28.74
CA VAL P 247 65.00 -5.35 -30.12
C VAL P 247 65.53 -3.92 -30.18
N SER P 248 64.85 -2.99 -29.51
CA SER P 248 65.28 -1.59 -29.55
C SER P 248 66.67 -1.42 -28.96
N THR P 249 66.94 -2.06 -27.82
CA THR P 249 68.26 -1.94 -27.21
C THR P 249 69.34 -2.53 -28.10
N THR P 250 69.07 -3.68 -28.72
CA THR P 250 70.04 -4.26 -29.63
C THR P 250 70.32 -3.33 -30.81
N ASP P 251 69.26 -2.73 -31.36
CA ASP P 251 69.45 -1.80 -32.47
C ASP P 251 70.30 -0.60 -32.05
N GLN P 252 70.03 -0.04 -30.86
CA GLN P 252 70.80 1.12 -30.41
C GLN P 252 72.26 0.77 -30.21
N MET P 253 72.56 -0.38 -29.60
CA MET P 253 73.95 -0.72 -29.39
C MET P 253 74.66 -1.03 -30.71
N LEU P 254 73.95 -1.64 -31.65
CA LEU P 254 74.54 -1.86 -32.97
C LEU P 254 74.83 -0.55 -33.68
N GLN P 255 73.92 0.42 -33.57
CA GLN P 255 74.14 1.73 -34.17
C GLN P 255 75.34 2.42 -33.54
N LYS P 256 75.47 2.33 -32.22
CA LYS P 256 76.65 2.91 -31.56
C LYS P 256 77.93 2.25 -32.04
N LEU P 257 77.90 0.93 -32.20
CA LEU P 257 79.09 0.22 -32.69
C LEU P 257 79.47 0.69 -34.09
N THR P 258 78.50 0.72 -35.01
CA THR P 258 78.82 1.06 -36.39
C THR P 258 79.07 2.55 -36.58
N GLN P 259 78.69 3.38 -35.61
CA GLN P 259 78.91 4.82 -35.74
C GLN P 259 80.40 5.16 -35.75
N LEU P 260 81.19 4.50 -34.92
CA LEU P 260 82.62 4.78 -34.86
C LEU P 260 83.31 4.26 -36.13
N ILE Q 2 67.71 6.29 -55.85
CA ILE Q 2 66.60 6.33 -54.91
C ILE Q 2 65.48 5.44 -55.41
N SER Q 3 65.20 4.35 -54.70
CA SER Q 3 64.21 3.38 -55.13
C SER Q 3 63.08 3.21 -54.13
N SER Q 4 63.39 3.06 -52.84
CA SER Q 4 62.36 2.74 -51.86
C SER Q 4 61.42 3.90 -51.60
N LEU Q 5 61.85 5.14 -51.83
CA LEU Q 5 61.00 6.29 -51.53
C LEU Q 5 59.71 6.26 -52.34
N TRP Q 6 59.81 5.91 -53.63
CA TRP Q 6 58.62 5.88 -54.47
C TRP Q 6 57.65 4.79 -54.04
N ILE Q 7 58.18 3.62 -53.67
CA ILE Q 7 57.32 2.54 -53.18
C ILE Q 7 56.61 2.96 -51.91
N ALA Q 8 57.33 3.59 -50.99
CA ALA Q 8 56.72 4.05 -49.76
C ALA Q 8 55.68 5.13 -50.02
N LYS Q 9 55.95 6.01 -51.00
CA LYS Q 9 54.97 7.02 -51.35
C LYS Q 9 53.70 6.39 -51.89
N THR Q 10 53.83 5.37 -52.74
CA THR Q 10 52.65 4.68 -53.24
C THR Q 10 51.87 4.03 -52.10
N GLY Q 11 52.57 3.42 -51.15
CA GLY Q 11 51.89 2.85 -50.00
C GLY Q 11 51.13 3.89 -49.19
N LEU Q 12 51.76 5.04 -48.96
CA LEU Q 12 51.10 6.11 -48.22
C LEU Q 12 49.87 6.61 -48.95
N ASP Q 13 49.96 6.78 -50.27
CA ASP Q 13 48.83 7.25 -51.04
C ASP Q 13 47.69 6.23 -51.03
N ALA Q 14 48.01 4.95 -51.11
CA ALA Q 14 46.96 3.92 -51.04
C ALA Q 14 46.27 3.97 -49.69
N GLN Q 15 47.03 4.07 -48.61
CA GLN Q 15 46.41 4.15 -47.28
C GLN Q 15 45.58 5.42 -47.15
N GLN Q 16 46.04 6.52 -47.73
CA GLN Q 16 45.27 7.76 -47.65
C GLN Q 16 43.94 7.64 -48.40
N THR Q 17 43.95 7.01 -49.57
CA THR Q 17 42.71 6.82 -50.30
C THR Q 17 41.76 5.91 -49.53
N ASN Q 18 42.30 4.87 -48.89
CA ASN Q 18 41.47 3.99 -48.07
C ASN Q 18 40.83 4.77 -46.92
N MET Q 19 41.62 5.60 -46.24
CA MET Q 19 41.08 6.41 -45.16
C MET Q 19 40.04 7.39 -45.68
N ASP Q 20 40.24 7.90 -46.90
CA ASP Q 20 39.28 8.82 -47.49
C ASP Q 20 37.93 8.16 -47.71
N VAL Q 21 37.93 6.96 -48.29
CA VAL Q 21 36.65 6.29 -48.51
C VAL Q 21 36.01 5.91 -47.19
N ILE Q 22 36.82 5.53 -46.19
CA ILE Q 22 36.25 5.21 -44.87
C ILE Q 22 35.57 6.43 -44.27
N ALA Q 23 36.25 7.58 -44.33
CA ALA Q 23 35.68 8.80 -43.76
C ALA Q 23 34.41 9.21 -44.50
N ASN Q 24 34.40 9.06 -45.82
CA ASN Q 24 33.19 9.40 -46.58
C ASN Q 24 32.04 8.49 -46.20
N ASN Q 25 32.30 7.19 -46.02
CA ASN Q 25 31.23 6.30 -45.58
C ASN Q 25 30.73 6.70 -44.20
N LEU Q 26 31.63 7.02 -43.28
CA LEU Q 26 31.20 7.41 -41.94
C LEU Q 26 30.44 8.73 -41.95
N ALA Q 27 30.73 9.60 -42.91
CA ALA Q 27 30.11 10.93 -42.91
C ALA Q 27 28.60 10.83 -43.07
N ASN Q 28 28.14 10.38 -44.22
CA ASN Q 28 26.70 10.28 -44.48
C ASN Q 28 26.16 8.93 -44.03
N VAL Q 29 26.25 8.72 -42.71
CA VAL Q 29 25.67 7.52 -42.11
C VAL Q 29 24.17 7.63 -41.95
N SER Q 30 23.62 8.84 -41.90
CA SER Q 30 22.18 9.05 -41.76
C SER Q 30 21.51 9.47 -43.06
N THR Q 31 22.25 9.52 -44.16
CA THR Q 31 21.63 9.84 -45.44
C THR Q 31 20.80 8.66 -45.93
N ASN Q 32 19.52 8.93 -46.20
CA ASN Q 32 18.62 7.86 -46.61
C ASN Q 32 19.00 7.32 -47.98
N GLY Q 33 18.99 6.01 -48.11
CA GLY Q 33 19.31 5.38 -49.39
C GLY Q 33 20.74 5.61 -49.86
N PHE Q 34 21.71 5.44 -48.97
CA PHE Q 34 23.11 5.57 -49.30
C PHE Q 34 23.77 4.20 -49.24
N LYS Q 35 24.63 3.92 -50.22
CA LYS Q 35 25.29 2.63 -50.34
C LYS Q 35 26.78 2.81 -50.12
N ARG Q 36 27.35 2.03 -49.20
CA ARG Q 36 28.74 2.19 -48.82
C ARG Q 36 29.66 1.71 -49.94
N GLN Q 37 30.90 2.19 -49.89
CA GLN Q 37 31.90 1.90 -50.91
C GLN Q 37 33.10 1.20 -50.31
N ARG Q 38 33.76 0.40 -51.12
CA ARG Q 38 35.00 -0.27 -50.76
C ARG Q 38 36.04 -0.03 -51.84
N ALA Q 39 37.28 0.19 -51.42
CA ALA Q 39 38.38 0.38 -52.35
C ALA Q 39 39.12 -0.93 -52.57
N VAL Q 40 39.51 -1.18 -53.82
CA VAL Q 40 40.25 -2.38 -54.20
C VAL Q 40 41.63 -1.96 -54.67
N PHE Q 41 42.67 -2.54 -54.06
CA PHE Q 41 44.04 -2.23 -54.41
C PHE Q 41 44.66 -3.37 -55.21
N GLU Q 42 45.55 -3.01 -56.12
CA GLU Q 42 46.17 -4.00 -56.99
C GLU Q 42 47.65 -3.66 -57.13
N ASP Q 43 48.46 -4.68 -57.40
CA ASP Q 43 49.90 -4.53 -57.43
C ASP Q 43 50.33 -3.75 -58.67
N LEU Q 44 51.50 -3.12 -58.55
CA LEU Q 44 52.09 -2.34 -59.64
C LEU Q 44 52.92 -3.26 -60.54
N LEU Q 45 53.57 -2.68 -61.54
CA LEU Q 45 54.36 -3.46 -62.48
C LEU Q 45 55.63 -3.99 -61.83
N TYR Q 46 56.02 -5.19 -62.24
CA TYR Q 46 57.21 -5.84 -61.72
C TYR Q 46 58.34 -5.75 -62.73
N GLN Q 47 59.56 -5.65 -62.20
CA GLN Q 47 60.76 -5.64 -63.03
C GLN Q 47 61.52 -6.93 -62.81
N THR Q 48 61.95 -7.55 -63.91
CA THR Q 48 62.65 -8.83 -63.85
C THR Q 48 64.15 -8.62 -64.00
N ILE Q 49 64.91 -9.32 -63.18
CA ILE Q 49 66.37 -9.33 -63.27
C ILE Q 49 66.77 -10.71 -63.76
N ARG Q 50 67.45 -10.74 -64.90
CA ARG Q 50 67.74 -11.99 -65.58
C ARG Q 50 69.06 -12.57 -65.09
N GLN Q 51 69.06 -13.86 -64.80
CA GLN Q 51 70.24 -14.63 -64.39
C GLN Q 51 70.97 -15.16 -65.62
N PRO Q 52 72.30 -15.17 -65.60
CA PRO Q 52 73.08 -15.64 -66.75
C PRO Q 52 73.01 -17.15 -66.93
N GLY Q 65 65.03 -15.44 -63.87
CA GLY Q 65 65.70 -14.72 -62.81
C GLY Q 65 64.81 -14.43 -61.62
N LEU Q 66 64.92 -13.22 -61.10
CA LEU Q 66 64.10 -12.79 -59.98
C LEU Q 66 63.23 -11.61 -60.38
N GLN Q 67 62.30 -11.25 -59.50
CA GLN Q 67 61.37 -10.16 -59.77
C GLN Q 67 61.31 -9.22 -58.58
N ILE Q 68 61.27 -7.92 -58.86
CA ILE Q 68 61.17 -6.88 -57.86
C ILE Q 68 59.92 -6.06 -58.13
N GLY Q 69 59.13 -5.82 -57.09
CA GLY Q 69 57.91 -5.06 -57.22
C GLY Q 69 58.16 -3.57 -57.26
N THR Q 70 57.08 -2.81 -57.40
CA THR Q 70 57.17 -1.36 -57.49
C THR Q 70 56.18 -0.60 -56.63
N GLY Q 71 55.12 -1.21 -56.13
CA GLY Q 71 54.20 -0.51 -55.26
C GLY Q 71 52.77 -0.98 -55.47
N VAL Q 72 51.83 -0.15 -54.99
CA VAL Q 72 50.42 -0.44 -55.06
C VAL Q 72 49.66 0.83 -55.44
N ARG Q 73 48.56 0.66 -56.16
CA ARG Q 73 47.66 1.74 -56.49
C ARG Q 73 46.23 1.26 -56.30
N PRO Q 74 45.31 2.15 -55.96
CA PRO Q 74 43.89 1.78 -55.99
C PRO Q 74 43.40 1.73 -57.42
N VAL Q 75 42.65 0.67 -57.74
CA VAL Q 75 42.22 0.40 -59.09
C VAL Q 75 40.73 0.70 -59.28
N ALA Q 76 39.91 0.44 -58.27
CA ALA Q 76 38.48 0.63 -58.42
C ALA Q 76 37.85 0.77 -57.04
N THR Q 77 36.63 1.28 -57.04
CA THR Q 77 35.82 1.40 -55.83
C THR Q 77 34.43 0.87 -56.14
N GLU Q 78 33.98 -0.11 -55.37
CA GLU Q 78 32.72 -0.79 -55.62
C GLU Q 78 31.72 -0.48 -54.51
N ARG Q 79 30.46 -0.33 -54.90
CA ARG Q 79 29.38 -0.06 -53.95
C ARG Q 79 28.67 -1.35 -53.59
N LEU Q 80 28.18 -1.41 -52.35
CA LEU Q 80 27.41 -2.55 -51.88
C LEU Q 80 25.93 -2.22 -52.04
N HIS Q 81 25.32 -2.72 -53.12
CA HIS Q 81 23.90 -2.49 -53.37
C HIS Q 81 23.05 -3.52 -52.62
N SER Q 82 23.16 -3.48 -51.30
CA SER Q 82 22.38 -4.35 -50.44
C SER Q 82 21.06 -3.67 -50.08
N GLN Q 83 20.33 -4.26 -49.15
CA GLN Q 83 19.06 -3.70 -48.68
C GLN Q 83 19.25 -3.16 -47.28
N GLY Q 84 18.97 -1.87 -47.10
CA GLY Q 84 19.09 -1.26 -45.79
C GLY Q 84 17.81 -1.39 -44.99
N ASN Q 85 17.92 -1.11 -43.69
CA ASN Q 85 16.77 -1.17 -42.82
C ASN Q 85 15.81 -0.02 -43.13
N LEU Q 86 14.55 -0.20 -42.79
CA LEU Q 86 13.51 0.78 -43.04
C LEU Q 86 13.18 1.53 -41.76
N SER Q 87 13.02 2.85 -41.87
CA SER Q 87 12.60 3.68 -40.76
C SER Q 87 11.31 4.39 -41.12
N GLN Q 88 10.35 4.35 -40.20
CA GLN Q 88 9.04 4.96 -40.44
C GLN Q 88 9.09 6.46 -40.24
N THR Q 89 8.40 7.18 -41.12
CA THR Q 89 8.30 8.63 -41.03
C THR Q 89 6.89 9.16 -40.93
N ASN Q 90 5.86 8.31 -41.07
CA ASN Q 90 4.47 8.71 -40.96
C ASN Q 90 4.08 9.75 -42.01
N ASN Q 91 4.95 10.00 -42.98
CA ASN Q 91 4.66 10.95 -44.04
C ASN Q 91 4.01 10.21 -45.20
N SER Q 92 2.90 10.74 -45.70
CA SER Q 92 2.14 10.06 -46.73
C SER Q 92 2.86 10.01 -48.07
N LYS Q 93 3.89 10.84 -48.28
CA LYS Q 93 4.59 10.89 -49.54
C LYS Q 93 5.99 10.30 -49.48
N ASP Q 94 6.35 9.65 -48.38
CA ASP Q 94 7.64 8.97 -48.30
C ASP Q 94 7.51 7.54 -48.80
N VAL Q 95 8.39 7.14 -49.71
CA VAL Q 95 8.34 5.84 -50.35
C VAL Q 95 9.64 5.11 -50.06
N ALA Q 96 9.53 3.88 -49.59
CA ALA Q 96 10.67 2.99 -49.41
C ALA Q 96 10.57 1.87 -50.43
N ILE Q 97 11.62 1.70 -51.21
CA ILE Q 97 11.64 0.67 -52.25
C ILE Q 97 12.34 -0.56 -51.71
N LYS Q 98 11.69 -1.70 -51.83
CA LYS Q 98 12.17 -2.97 -51.30
C LYS Q 98 12.65 -3.83 -52.46
N GLY Q 99 13.96 -4.07 -52.52
CA GLY Q 99 14.51 -4.90 -53.58
C GLY Q 99 15.34 -4.14 -54.58
N GLN Q 100 14.98 -4.25 -55.86
CA GLN Q 100 15.76 -3.70 -56.96
C GLN Q 100 14.97 -2.61 -57.66
N GLY Q 101 15.69 -1.66 -58.25
CA GLY Q 101 15.05 -0.61 -59.01
C GLY Q 101 15.44 0.78 -58.58
N PHE Q 102 15.11 1.78 -59.40
CA PHE Q 102 15.40 3.18 -59.09
C PHE Q 102 14.29 4.07 -59.64
N PHE Q 103 14.08 5.20 -58.98
CA PHE Q 103 13.18 6.22 -59.51
C PHE Q 103 13.92 7.08 -60.52
N GLN Q 104 13.27 7.35 -61.65
CA GLN Q 104 13.85 8.18 -62.70
C GLN Q 104 13.43 9.62 -62.47
N VAL Q 105 14.41 10.53 -62.46
CA VAL Q 105 14.18 11.93 -62.17
C VAL Q 105 14.75 12.76 -63.30
N MET Q 106 13.96 13.71 -63.80
CA MET Q 106 14.38 14.56 -64.91
C MET Q 106 15.16 15.75 -64.38
N LEU Q 107 16.38 15.92 -64.86
CA LEU Q 107 17.19 17.07 -64.51
C LEU Q 107 16.78 18.29 -65.33
N PRO Q 108 17.09 19.50 -64.86
CA PRO Q 108 16.81 20.70 -65.67
C PRO Q 108 17.50 20.69 -67.02
N ASP Q 109 18.67 20.07 -67.12
CA ASP Q 109 19.39 19.99 -68.39
C ASP Q 109 18.69 19.08 -69.39
N GLY Q 110 17.68 18.32 -68.97
CA GLY Q 110 16.96 17.40 -69.82
C GLY Q 110 17.38 15.95 -69.67
N THR Q 111 18.60 15.71 -69.20
CA THR Q 111 19.05 14.35 -68.95
C THR Q 111 18.33 13.78 -67.74
N SER Q 112 18.12 12.47 -67.74
CA SER Q 112 17.38 11.80 -66.68
C SER Q 112 18.36 11.03 -65.80
N ALA Q 113 18.41 11.41 -64.53
CA ALA Q 113 19.19 10.67 -63.55
C ALA Q 113 18.30 9.68 -62.81
N TYR Q 114 18.91 8.88 -61.94
CA TYR Q 114 18.20 7.84 -61.21
C TYR Q 114 18.58 7.93 -59.74
N THR Q 115 17.59 7.74 -58.87
CA THR Q 115 17.80 7.81 -57.44
C THR Q 115 17.19 6.60 -56.74
N ARG Q 116 17.67 6.35 -55.53
CA ARG Q 116 17.12 5.32 -54.66
C ARG Q 116 16.46 5.89 -53.42
N ASP Q 117 16.83 7.10 -53.00
CA ASP Q 117 16.25 7.71 -51.82
C ASP Q 117 14.84 8.20 -52.10
N GLY Q 118 13.89 7.76 -51.27
CA GLY Q 118 12.52 8.21 -51.42
C GLY Q 118 12.13 9.24 -50.38
N SER Q 119 12.12 10.51 -50.77
CA SER Q 119 11.63 11.59 -49.93
C SER Q 119 11.04 12.65 -50.87
N PHE Q 120 9.74 12.56 -51.10
CA PHE Q 120 9.07 13.32 -52.13
C PHE Q 120 8.24 14.45 -51.53
N GLN Q 121 8.12 15.54 -52.28
CA GLN Q 121 7.28 16.66 -51.91
C GLN Q 121 6.50 17.11 -53.14
N VAL Q 122 5.69 18.13 -52.96
CA VAL Q 122 4.80 18.64 -54.01
C VAL Q 122 5.13 20.10 -54.26
N ASP Q 123 5.26 20.47 -55.53
CA ASP Q 123 5.53 21.86 -55.88
C ASP Q 123 4.21 22.60 -56.06
N GLN Q 124 4.29 23.86 -56.51
CA GLN Q 124 3.08 24.69 -56.59
C GLN Q 124 2.10 24.19 -57.62
N ASN Q 125 2.58 23.50 -58.65
CA ASN Q 125 1.71 23.02 -59.72
C ASN Q 125 1.14 21.63 -59.44
N GLY Q 126 1.40 21.08 -58.26
CA GLY Q 126 0.86 19.79 -57.90
C GLY Q 126 1.68 18.60 -58.34
N GLN Q 127 2.79 18.81 -59.05
CA GLN Q 127 3.61 17.70 -59.48
C GLN Q 127 4.40 17.13 -58.30
N LEU Q 128 4.73 15.85 -58.39
CA LEU Q 128 5.50 15.18 -57.35
C LEU Q 128 6.97 15.30 -57.70
N VAL Q 129 7.72 16.02 -56.88
CA VAL Q 129 9.14 16.28 -57.12
C VAL Q 129 9.94 15.79 -55.93
N THR Q 130 11.25 15.76 -56.09
CA THR Q 130 12.11 15.37 -54.99
C THR Q 130 12.54 16.60 -54.18
N ALA Q 131 13.20 16.34 -53.06
CA ALA Q 131 13.70 17.42 -52.22
C ALA Q 131 14.86 18.11 -52.93
N GLY Q 132 14.58 19.23 -53.58
CA GLY Q 132 15.58 19.93 -54.37
C GLY Q 132 14.99 20.50 -55.63
N GLY Q 133 13.74 20.17 -55.93
CA GLY Q 133 13.02 20.71 -57.05
C GLY Q 133 12.97 19.82 -58.28
N PHE Q 134 13.82 18.81 -58.35
CA PHE Q 134 13.80 17.91 -59.50
C PHE Q 134 12.53 17.07 -59.48
N GLN Q 135 11.91 16.90 -60.64
CA GLN Q 135 10.62 16.24 -60.75
C GLN Q 135 10.78 14.82 -61.26
N VAL Q 136 9.88 13.94 -60.80
CA VAL Q 136 9.91 12.55 -61.21
C VAL Q 136 9.48 12.43 -62.66
N GLN Q 137 10.11 11.52 -63.40
CA GLN Q 137 9.94 11.46 -64.85
C GLN Q 137 8.51 11.16 -65.30
N PRO Q 138 7.80 10.14 -64.75
CA PRO Q 138 6.45 9.85 -65.25
C PRO Q 138 5.45 10.98 -65.10
N ALA Q 139 5.85 12.05 -64.41
CA ALA Q 139 5.05 13.27 -64.30
C ALA Q 139 3.71 13.00 -63.61
N ILE Q 140 3.80 12.62 -62.35
CA ILE Q 140 2.60 12.44 -61.54
C ILE Q 140 2.16 13.79 -60.99
N THR Q 141 0.91 14.17 -61.27
CA THR Q 141 0.38 15.45 -60.84
C THR Q 141 -0.77 15.22 -59.85
N ILE Q 142 -0.75 15.94 -58.75
CA ILE Q 142 -1.71 15.80 -57.68
C ILE Q 142 -2.71 16.94 -57.77
N PRO Q 143 -4.01 16.66 -57.94
CA PRO Q 143 -5.00 17.74 -57.96
C PRO Q 143 -5.14 18.35 -56.58
N ALA Q 144 -5.67 19.58 -56.57
CA ALA Q 144 -5.88 20.29 -55.32
C ALA Q 144 -7.00 19.61 -54.52
N ASN Q 145 -7.29 20.19 -53.35
CA ASN Q 145 -8.35 19.71 -52.45
C ASN Q 145 -8.31 18.19 -52.27
N ALA Q 146 -7.11 17.63 -52.19
CA ALA Q 146 -6.96 16.21 -51.98
C ALA Q 146 -6.98 15.89 -50.49
N LEU Q 147 -7.95 15.08 -50.08
CA LEU Q 147 -8.03 14.67 -48.67
C LEU Q 147 -6.83 13.82 -48.28
N SER Q 148 -6.46 12.86 -49.12
CA SER Q 148 -5.34 11.98 -48.84
C SER Q 148 -4.80 11.41 -50.14
N ILE Q 149 -3.51 11.08 -50.13
CA ILE Q 149 -2.83 10.45 -51.26
C ILE Q 149 -2.29 9.11 -50.79
N THR Q 150 -2.60 8.06 -51.54
CA THR Q 150 -2.18 6.70 -51.21
C THR Q 150 -1.34 6.14 -52.35
N ILE Q 151 -0.28 5.41 -52.00
CA ILE Q 151 0.60 4.79 -52.96
C ILE Q 151 0.55 3.28 -52.71
N GLY Q 152 0.10 2.54 -53.71
CA GLY Q 152 0.00 1.10 -53.56
C GLY Q 152 1.34 0.41 -53.68
N ARG Q 153 1.34 -0.88 -53.33
CA ARG Q 153 2.56 -1.67 -53.46
C ARG Q 153 2.91 -1.91 -54.92
N ASP Q 154 1.91 -2.07 -55.78
CA ASP Q 154 2.20 -2.30 -57.19
C ASP Q 154 2.76 -1.05 -57.85
N GLY Q 155 2.35 0.12 -57.39
CA GLY Q 155 2.87 1.35 -57.92
C GLY Q 155 1.83 2.43 -58.19
N VAL Q 156 0.55 2.04 -58.21
CA VAL Q 156 -0.51 3.02 -58.49
C VAL Q 156 -0.62 4.00 -57.34
N VAL Q 157 -0.96 5.24 -57.68
CA VAL Q 157 -1.16 6.30 -56.70
C VAL Q 157 -2.56 6.87 -56.89
N SER Q 158 -3.32 6.94 -55.81
CA SER Q 158 -4.71 7.36 -55.84
C SER Q 158 -4.91 8.52 -54.89
N VAL Q 159 -5.92 9.34 -55.19
CA VAL Q 159 -6.22 10.54 -54.43
C VAL Q 159 -7.68 10.47 -53.99
N THR Q 160 -7.92 10.74 -52.71
CA THR Q 160 -9.26 10.73 -52.15
C THR Q 160 -9.80 12.16 -52.10
N GLN Q 161 -11.01 12.35 -52.63
CA GLN Q 161 -11.65 13.65 -52.66
C GLN Q 161 -12.97 13.59 -51.92
N GLN Q 162 -13.30 14.70 -51.26
CA GLN Q 162 -14.55 14.78 -50.51
C GLN Q 162 -15.74 14.84 -51.47
N GLY Q 163 -16.73 14.00 -51.21
CA GLY Q 163 -17.94 14.01 -52.02
C GLY Q 163 -18.16 12.74 -52.82
N GLN Q 164 -17.08 12.19 -53.36
CA GLN Q 164 -17.14 10.99 -54.18
C GLN Q 164 -16.46 9.84 -53.45
N ALA Q 165 -17.13 8.68 -53.44
CA ALA Q 165 -16.66 7.52 -52.70
C ALA Q 165 -15.45 6.86 -53.34
N ALA Q 166 -15.48 6.67 -54.65
CA ALA Q 166 -14.41 5.95 -55.33
C ALA Q 166 -13.18 6.85 -55.46
N PRO Q 167 -12.03 6.44 -54.95
CA PRO Q 167 -10.81 7.21 -55.16
C PRO Q 167 -10.44 7.27 -56.62
N VAL Q 168 -9.83 8.38 -57.02
CA VAL Q 168 -9.48 8.62 -58.41
C VAL Q 168 -7.98 8.42 -58.59
N GLN Q 169 -7.61 7.61 -59.56
CA GLN Q 169 -6.20 7.38 -59.85
C GLN Q 169 -5.61 8.58 -60.58
N VAL Q 170 -4.43 9.00 -60.15
CA VAL Q 170 -3.79 10.18 -60.73
C VAL Q 170 -2.58 9.83 -61.59
N GLY Q 171 -1.98 8.66 -61.44
CA GLY Q 171 -0.84 8.30 -62.25
C GLY Q 171 -0.28 6.96 -61.84
N GLN Q 172 0.82 6.60 -62.50
CA GLN Q 172 1.55 5.37 -62.25
C GLN Q 172 3.00 5.70 -61.93
N LEU Q 173 3.59 4.93 -61.01
CA LEU Q 173 4.95 5.16 -60.55
C LEU Q 173 5.80 3.94 -60.93
N ASN Q 174 6.39 3.99 -62.12
CA ASN Q 174 7.27 2.94 -62.58
C ASN Q 174 8.65 3.08 -61.93
N LEU Q 175 9.52 2.11 -62.23
CA LEU Q 175 10.92 2.24 -61.85
C LEU Q 175 11.79 1.48 -62.85
N THR Q 176 13.04 1.88 -62.93
CA THR Q 176 13.97 1.33 -63.90
C THR Q 176 14.88 0.30 -63.24
N THR Q 177 15.40 -0.60 -64.05
CA THR Q 177 16.36 -1.60 -63.59
C THR Q 177 17.54 -1.63 -64.55
N PHE Q 178 18.72 -1.97 -64.00
CA PHE Q 178 19.96 -1.99 -64.75
C PHE Q 178 20.61 -3.36 -64.67
N MET Q 179 21.40 -3.68 -65.69
CA MET Q 179 22.18 -4.92 -65.66
C MET Q 179 23.24 -4.90 -64.57
N ASN Q 180 23.90 -3.76 -64.38
CA ASN Q 180 24.96 -3.65 -63.38
C ASN Q 180 24.78 -2.32 -62.66
N ASP Q 181 24.16 -2.36 -61.49
CA ASP Q 181 23.92 -1.14 -60.73
C ASP Q 181 25.21 -0.58 -60.14
N THR Q 182 26.28 -1.37 -60.05
CA THR Q 182 27.53 -0.85 -59.54
C THR Q 182 28.17 0.13 -60.53
N GLY Q 183 27.92 -0.07 -61.82
CA GLY Q 183 28.53 0.76 -62.85
C GLY Q 183 27.95 2.15 -62.97
N LEU Q 184 26.85 2.44 -62.29
CA LEU Q 184 26.26 3.78 -62.35
C LEU Q 184 27.22 4.81 -61.78
N GLU Q 185 27.36 5.94 -62.45
CA GLU Q 185 28.25 7.00 -61.99
C GLU Q 185 27.49 7.90 -61.03
N SER Q 186 27.98 8.01 -59.80
CA SER Q 186 27.26 8.72 -58.75
C SER Q 186 27.65 10.19 -58.78
N ILE Q 187 26.74 11.03 -59.29
CA ILE Q 187 26.90 12.47 -59.14
C ILE Q 187 26.37 12.82 -57.76
N GLY Q 188 26.58 14.06 -57.33
CA GLY Q 188 26.10 14.47 -56.03
C GLY Q 188 24.59 14.43 -55.88
N GLU Q 189 24.10 15.01 -54.78
CA GLU Q 189 22.66 15.10 -54.46
C GLU Q 189 21.94 13.77 -54.66
N ASN Q 190 22.58 12.69 -54.25
CA ASN Q 190 21.99 11.35 -54.21
C ASN Q 190 21.41 10.96 -55.57
N LEU Q 191 22.20 11.16 -56.62
CA LEU Q 191 21.77 10.83 -57.96
C LEU Q 191 22.84 10.00 -58.65
N TYR Q 192 22.39 9.01 -59.42
CA TYR Q 192 23.26 8.19 -60.24
C TYR Q 192 22.87 8.40 -61.70
N ILE Q 193 23.85 8.47 -62.58
CA ILE Q 193 23.62 8.59 -64.01
C ILE Q 193 24.16 7.34 -64.70
N GLU Q 194 23.52 6.98 -65.81
CA GLU Q 194 23.86 5.78 -66.55
C GLU Q 194 25.11 6.00 -67.39
N THR Q 195 26.03 5.04 -67.29
CA THR Q 195 27.27 5.06 -68.06
C THR Q 195 27.32 3.83 -68.97
N GLN Q 196 28.37 3.77 -69.79
CA GLN Q 196 28.50 2.63 -70.70
C GLN Q 196 28.81 1.35 -69.94
N SER Q 197 29.32 1.46 -68.72
CA SER Q 197 29.60 0.28 -67.90
C SER Q 197 28.33 -0.36 -67.35
N SER Q 198 27.23 0.37 -67.30
CA SER Q 198 25.95 -0.16 -66.86
C SER Q 198 24.98 -0.18 -68.03
N GLY Q 199 24.26 -1.29 -68.17
CA GLY Q 199 23.39 -1.45 -69.31
C GLY Q 199 22.30 -0.40 -69.38
N ALA Q 200 21.65 -0.32 -70.53
CA ALA Q 200 20.55 0.60 -70.70
C ALA Q 200 19.42 0.24 -69.74
N PRO Q 201 18.83 1.21 -69.05
CA PRO Q 201 17.77 0.88 -68.10
C PRO Q 201 16.54 0.33 -68.81
N ASN Q 202 15.84 -0.57 -68.13
CA ASN Q 202 14.54 -1.03 -68.60
C ASN Q 202 13.49 -0.63 -67.57
N GLU Q 203 12.41 -0.01 -68.04
CA GLU Q 203 11.36 0.48 -67.18
C GLU Q 203 10.33 -0.60 -66.94
N SER Q 204 9.86 -0.69 -65.70
CA SER Q 204 8.86 -1.70 -65.35
C SER Q 204 8.08 -1.22 -64.13
N THR Q 205 6.86 -1.71 -64.01
CA THR Q 205 6.07 -1.46 -62.83
C THR Q 205 6.64 -2.27 -61.66
N PRO Q 206 6.58 -1.75 -60.44
CA PRO Q 206 7.10 -2.49 -59.29
C PRO Q 206 6.39 -3.82 -59.12
N GLY Q 207 7.15 -4.82 -58.67
CA GLY Q 207 6.62 -6.15 -58.45
C GLY Q 207 6.64 -7.07 -59.64
N LEU Q 208 7.07 -6.59 -60.81
CA LEU Q 208 7.10 -7.39 -62.01
C LEU Q 208 8.51 -7.42 -62.58
N ASN Q 209 8.89 -8.56 -63.16
CA ASN Q 209 10.15 -8.71 -63.88
C ASN Q 209 11.34 -8.38 -63.00
N GLY Q 210 11.34 -8.90 -61.77
CA GLY Q 210 12.47 -8.76 -60.88
C GLY Q 210 12.56 -7.44 -60.15
N ALA Q 211 11.61 -6.54 -60.33
CA ALA Q 211 11.65 -5.26 -59.65
C ALA Q 211 11.23 -5.39 -58.20
N GLY Q 212 11.45 -4.33 -57.43
CA GLY Q 212 11.09 -4.31 -56.04
C GLY Q 212 9.64 -3.88 -55.84
N LEU Q 213 9.28 -3.76 -54.57
CA LEU Q 213 7.97 -3.28 -54.16
C LEU Q 213 8.09 -1.90 -53.53
N LEU Q 214 6.95 -1.27 -53.29
CA LEU Q 214 6.90 0.06 -52.71
C LEU Q 214 6.13 0.02 -51.40
N TYR Q 215 6.72 0.61 -50.36
CA TYR Q 215 6.04 0.85 -49.10
C TYR Q 215 5.86 2.34 -48.92
N GLN Q 216 4.71 2.74 -48.40
CA GLN Q 216 4.42 4.15 -48.16
C GLN Q 216 4.65 4.48 -46.69
N GLY Q 217 5.23 5.64 -46.43
CA GLY Q 217 5.50 6.07 -45.09
C GLY Q 217 6.83 5.63 -44.51
N TYR Q 218 7.66 4.96 -45.28
CA TYR Q 218 8.95 4.47 -44.81
C TYR Q 218 10.05 5.01 -45.71
N VAL Q 219 11.24 5.11 -45.14
CA VAL Q 219 12.43 5.49 -45.91
C VAL Q 219 13.53 4.49 -45.62
N GLU Q 220 14.44 4.34 -46.58
CA GLU Q 220 15.49 3.34 -46.51
C GLU Q 220 16.77 3.97 -45.98
N THR Q 221 17.28 3.42 -44.89
CA THR Q 221 18.49 3.92 -44.27
C THR Q 221 19.72 3.39 -45.00
N SER Q 222 20.86 4.05 -44.76
CA SER Q 222 22.10 3.64 -45.38
C SER Q 222 22.62 2.35 -44.76
N ASN Q 223 23.26 1.54 -45.59
CA ASN Q 223 23.81 0.25 -45.16
C ASN Q 223 25.30 0.43 -44.86
N VAL Q 224 25.58 1.06 -43.73
CA VAL Q 224 26.94 1.28 -43.27
C VAL Q 224 27.12 0.53 -41.95
N ASN Q 225 28.13 -0.34 -41.90
CA ASN Q 225 28.42 -1.15 -40.73
C ASN Q 225 29.59 -0.50 -40.00
N VAL Q 226 29.28 0.28 -38.96
CA VAL Q 226 30.32 1.00 -38.22
C VAL Q 226 31.26 0.03 -37.53
N ALA Q 227 30.77 -1.16 -37.17
CA ALA Q 227 31.60 -2.12 -36.46
C ALA Q 227 32.82 -2.55 -37.27
N GLU Q 228 32.73 -2.52 -38.59
CA GLU Q 228 33.90 -2.78 -39.42
C GLU Q 228 34.63 -1.51 -39.80
N GLU Q 229 33.95 -0.36 -39.84
CA GLU Q 229 34.63 0.89 -40.14
C GLU Q 229 35.64 1.25 -39.05
N LEU Q 230 35.30 0.97 -37.80
CA LEU Q 230 36.24 1.25 -36.71
C LEU Q 230 37.52 0.43 -36.86
N VAL Q 231 37.37 -0.87 -37.13
CA VAL Q 231 38.54 -1.73 -37.30
C VAL Q 231 39.33 -1.32 -38.54
N ASN Q 232 38.62 -0.91 -39.60
CA ASN Q 232 39.31 -0.43 -40.79
C ASN Q 232 40.11 0.83 -40.48
N MET Q 233 39.57 1.73 -39.67
CA MET Q 233 40.32 2.92 -39.29
C MET Q 233 41.58 2.53 -38.51
N ILE Q 234 41.45 1.56 -37.60
CA ILE Q 234 42.62 1.11 -36.84
C ILE Q 234 43.68 0.56 -37.79
N GLN Q 235 43.27 -0.30 -38.71
CA GLN Q 235 44.21 -0.90 -39.65
C GLN Q 235 44.86 0.15 -40.54
N VAL Q 236 44.09 1.11 -41.02
CA VAL Q 236 44.63 2.15 -41.89
C VAL Q 236 45.67 2.98 -41.14
N GLN Q 237 45.35 3.37 -39.90
CA GLN Q 237 46.30 4.16 -39.13
C GLN Q 237 47.59 3.39 -38.90
N ARG Q 238 47.48 2.11 -38.52
CA ARG Q 238 48.69 1.34 -38.25
C ARG Q 238 49.50 1.14 -39.53
N ALA Q 239 48.85 0.87 -40.66
CA ALA Q 239 49.58 0.70 -41.91
C ALA Q 239 50.28 1.98 -42.32
N TYR Q 240 49.62 3.12 -42.15
CA TYR Q 240 50.24 4.40 -42.47
C TYR Q 240 51.47 4.63 -41.60
N GLU Q 241 51.35 4.36 -40.30
CA GLU Q 241 52.49 4.56 -39.40
C GLU Q 241 53.64 3.64 -39.76
N ILE Q 242 53.34 2.39 -40.11
CA ILE Q 242 54.39 1.45 -40.48
C ILE Q 242 55.07 1.87 -41.78
N ASN Q 243 54.29 2.30 -42.77
CA ASN Q 243 54.87 2.75 -44.03
C ASN Q 243 55.73 4.00 -43.82
N SER Q 244 55.43 4.80 -42.80
CA SER Q 244 56.31 5.92 -42.49
C SER Q 244 57.71 5.44 -42.10
N LYS Q 245 57.80 4.29 -41.44
CA LYS Q 245 59.10 3.77 -41.04
C LYS Q 245 59.97 3.46 -42.23
N ALA Q 246 59.38 2.99 -43.33
CA ALA Q 246 60.18 2.72 -44.53
C ALA Q 246 60.81 3.99 -45.06
N VAL Q 247 60.04 5.08 -45.11
CA VAL Q 247 60.59 6.35 -45.57
C VAL Q 247 61.70 6.80 -44.64
N SER Q 248 61.48 6.68 -43.33
CA SER Q 248 62.50 7.10 -42.37
C SER Q 248 63.79 6.32 -42.56
N THR Q 249 63.68 5.00 -42.70
CA THR Q 249 64.87 4.16 -42.85
C THR Q 249 65.59 4.45 -44.16
N THR Q 250 64.84 4.63 -45.25
CA THR Q 250 65.47 4.96 -46.53
C THR Q 250 66.20 6.29 -46.44
N ASP Q 251 65.58 7.29 -45.81
CA ASP Q 251 66.23 8.58 -45.67
C ASP Q 251 67.50 8.46 -44.84
N GLN Q 252 67.46 7.71 -43.75
CA GLN Q 252 68.63 7.55 -42.91
C GLN Q 252 69.77 6.87 -43.66
N MET Q 253 69.48 5.79 -44.38
CA MET Q 253 70.55 5.09 -45.07
C MET Q 253 71.08 5.91 -46.24
N LEU Q 254 70.23 6.68 -46.91
CA LEU Q 254 70.71 7.53 -47.99
C LEU Q 254 71.59 8.65 -47.45
N GLN Q 255 71.22 9.22 -46.30
CA GLN Q 255 72.06 10.22 -45.66
C GLN Q 255 73.40 9.63 -45.27
N LYS Q 256 73.40 8.40 -44.75
CA LYS Q 256 74.66 7.74 -44.44
C LYS Q 256 75.51 7.54 -45.69
N LEU Q 257 74.87 7.15 -46.79
CA LEU Q 257 75.61 6.96 -48.04
C LEU Q 257 76.24 8.26 -48.51
N THR Q 258 75.49 9.35 -48.48
CA THR Q 258 76.06 10.62 -48.93
C THR Q 258 77.02 11.22 -47.92
N GLN Q 259 77.04 10.72 -46.68
CA GLN Q 259 78.00 11.22 -45.71
C GLN Q 259 79.44 10.94 -46.15
N LEU Q 260 79.70 9.75 -46.66
CA LEU Q 260 81.06 9.38 -47.08
C LEU Q 260 81.47 10.18 -48.30
N ILE R 2 67.89 30.60 -48.89
CA ILE R 2 67.89 31.89 -49.56
C ILE R 2 66.71 31.96 -50.52
N SER R 3 66.16 30.79 -50.86
CA SER R 3 65.10 30.70 -51.84
C SER R 3 63.75 30.33 -51.22
N SER R 4 63.68 29.21 -50.51
CA SER R 4 62.42 28.79 -49.91
C SER R 4 62.22 29.32 -48.50
N LEU R 5 63.24 29.94 -47.90
CA LEU R 5 63.10 30.45 -46.54
C LEU R 5 62.00 31.49 -46.45
N TRP R 6 61.97 32.43 -47.40
CA TRP R 6 60.99 33.51 -47.32
C TRP R 6 59.59 33.02 -47.67
N ILE R 7 59.48 32.09 -48.61
CA ILE R 7 58.18 31.52 -48.93
C ILE R 7 57.61 30.78 -47.72
N ALA R 8 58.45 29.98 -47.06
CA ALA R 8 58.00 29.29 -45.86
C ALA R 8 57.70 30.26 -44.73
N LYS R 9 58.44 31.37 -44.65
CA LYS R 9 58.13 32.39 -43.65
C LYS R 9 56.75 32.97 -43.87
N THR R 10 56.41 33.28 -45.12
CA THR R 10 55.08 33.79 -45.42
C THR R 10 54.02 32.76 -45.08
N GLY R 11 54.28 31.49 -45.38
CA GLY R 11 53.32 30.46 -45.02
C GLY R 11 53.10 30.36 -43.52
N LEU R 12 54.17 30.40 -42.74
CA LEU R 12 54.05 30.37 -41.29
C LEU R 12 53.27 31.57 -40.79
N ASP R 13 53.55 32.75 -41.36
CA ASP R 13 52.83 33.95 -40.93
C ASP R 13 51.35 33.85 -41.24
N ALA R 14 51.00 33.30 -42.41
CA ALA R 14 49.59 33.12 -42.75
C ALA R 14 48.90 32.17 -41.78
N GLN R 15 49.56 31.05 -41.46
CA GLN R 15 48.97 30.13 -40.49
C GLN R 15 48.82 30.78 -39.13
N GLN R 16 49.80 31.61 -38.74
CA GLN R 16 49.71 32.30 -37.46
C GLN R 16 48.53 33.26 -37.42
N THR R 17 48.31 34.01 -38.51
CA THR R 17 47.17 34.92 -38.57
C THR R 17 45.86 34.14 -38.52
N ASN R 18 45.80 33.01 -39.21
CA ASN R 18 44.61 32.16 -39.15
C ASN R 18 44.34 31.69 -37.73
N MET R 19 45.40 31.27 -37.02
CA MET R 19 45.24 30.87 -35.64
C MET R 19 44.77 32.03 -34.77
N ASP R 20 45.26 33.24 -35.07
CA ASP R 20 44.83 34.40 -34.30
C ASP R 20 43.34 34.66 -34.45
N VAL R 21 42.83 34.60 -35.69
CA VAL R 21 41.40 34.86 -35.85
C VAL R 21 40.58 33.72 -35.25
N ILE R 22 41.06 32.47 -35.31
CA ILE R 22 40.35 31.38 -34.68
C ILE R 22 40.27 31.59 -33.18
N ALA R 23 41.38 31.97 -32.56
CA ALA R 23 41.40 32.20 -31.12
C ALA R 23 40.51 33.37 -30.73
N ASN R 24 40.51 34.43 -31.54
CA ASN R 24 39.63 35.56 -31.26
C ASN R 24 38.17 35.16 -31.33
N ASN R 25 37.80 34.33 -32.32
CA ASN R 25 36.44 33.85 -32.38
C ASN R 25 36.09 33.02 -31.16
N LEU R 26 37.00 32.15 -30.73
CA LEU R 26 36.69 31.30 -29.57
C LEU R 26 36.65 32.10 -28.28
N ALA R 27 37.35 33.24 -28.22
CA ALA R 27 37.42 33.98 -26.97
C ALA R 27 36.06 34.57 -26.59
N ASN R 28 35.42 35.26 -27.53
CA ASN R 28 34.11 35.87 -27.28
C ASN R 28 32.99 34.97 -27.79
N VAL R 29 32.90 33.78 -27.20
CA VAL R 29 31.80 32.87 -27.52
C VAL R 29 30.53 33.26 -26.77
N SER R 30 30.63 34.14 -25.78
CA SER R 30 29.48 34.59 -25.01
C SER R 30 29.15 36.05 -25.20
N THR R 31 29.94 36.79 -25.96
CA THR R 31 29.65 38.20 -26.21
C THR R 31 28.38 38.34 -27.02
N ASN R 32 27.46 39.17 -26.57
CA ASN R 32 26.18 39.31 -27.23
C ASN R 32 26.33 40.08 -28.53
N GLY R 33 25.75 39.54 -29.61
CA GLY R 33 25.79 40.21 -30.89
C GLY R 33 27.11 40.11 -31.62
N PHE R 34 28.01 39.24 -31.18
CA PHE R 34 29.27 39.06 -31.89
C PHE R 34 29.04 38.30 -33.19
N LYS R 35 29.80 38.67 -34.22
CA LYS R 35 29.71 38.03 -35.53
C LYS R 35 31.06 37.42 -35.88
N ARG R 36 31.06 36.14 -36.19
CA ARG R 36 32.30 35.41 -36.43
C ARG R 36 33.00 35.93 -37.68
N GLN R 37 34.32 35.81 -37.69
CA GLN R 37 35.14 36.30 -38.78
C GLN R 37 35.91 35.15 -39.43
N ARG R 38 36.11 35.24 -40.73
CA ARG R 38 36.95 34.30 -41.45
C ARG R 38 37.92 35.09 -42.33
N ALA R 39 39.17 34.64 -42.34
CA ALA R 39 40.19 35.29 -43.14
C ALA R 39 40.36 34.54 -44.45
N VAL R 40 40.72 35.28 -45.51
CA VAL R 40 40.91 34.70 -46.83
C VAL R 40 42.28 35.10 -47.33
N PHE R 41 42.99 34.16 -47.94
CA PHE R 41 44.33 34.38 -48.44
C PHE R 41 44.34 34.32 -49.96
N GLU R 42 45.48 34.69 -50.55
CA GLU R 42 45.68 34.59 -51.98
C GLU R 42 47.17 34.71 -52.27
N ASP R 43 47.65 33.96 -53.26
CA ASP R 43 49.07 33.88 -53.53
C ASP R 43 49.59 35.19 -54.11
N LEU R 44 50.92 35.36 -54.05
CA LEU R 44 51.55 36.61 -54.43
C LEU R 44 51.95 36.56 -55.91
N LEU R 45 52.73 37.55 -56.34
CA LEU R 45 53.10 37.66 -57.74
C LEU R 45 53.95 36.48 -58.19
N TYR R 46 53.74 36.06 -59.44
CA TYR R 46 54.52 34.98 -60.02
C TYR R 46 55.61 35.56 -60.91
N GLN R 47 56.84 35.07 -60.72
CA GLN R 47 57.92 35.40 -61.63
C GLN R 47 57.94 34.41 -62.79
N THR R 48 58.34 34.89 -63.95
CA THR R 48 58.33 34.10 -65.17
C THR R 48 59.73 34.01 -65.75
N ILE R 49 60.08 32.84 -66.24
CA ILE R 49 61.37 32.60 -66.88
C ILE R 49 61.08 32.24 -68.34
N ARG R 50 61.58 33.06 -69.26
CA ARG R 50 61.29 32.85 -70.67
C ARG R 50 61.99 31.61 -71.19
N GLN R 51 61.40 30.98 -72.15
CA GLN R 51 62.15 29.90 -72.77
C GLN R 51 62.99 30.46 -73.92
N PRO R 52 64.14 29.86 -74.22
CA PRO R 52 64.95 30.34 -75.33
C PRO R 52 64.20 30.23 -76.65
N GLY R 53 64.43 31.21 -77.52
CA GLY R 53 63.74 31.27 -78.80
C GLY R 53 62.49 32.14 -78.76
N PRO R 63 55.23 25.56 -76.31
CA PRO R 63 54.83 26.75 -75.55
C PRO R 63 55.81 27.08 -74.43
N SER R 64 55.80 28.33 -73.98
CA SER R 64 56.65 28.74 -72.86
C SER R 64 55.97 28.37 -71.55
N GLY R 65 56.48 28.89 -70.45
CA GLY R 65 55.92 28.61 -69.13
C GLY R 65 56.92 28.89 -68.03
N LEU R 66 57.05 27.93 -67.10
CA LEU R 66 58.05 27.99 -66.04
C LEU R 66 57.88 29.25 -65.20
N GLN R 67 56.77 29.27 -64.48
CA GLN R 67 56.51 30.34 -63.53
C GLN R 67 56.73 29.84 -62.12
N ILE R 68 57.68 30.45 -61.42
CA ILE R 68 58.02 30.10 -60.05
C ILE R 68 57.29 31.04 -59.13
N GLY R 69 56.50 30.49 -58.20
CA GLY R 69 55.67 31.29 -57.33
C GLY R 69 56.42 31.78 -56.11
N THR R 70 55.67 32.42 -55.22
CA THR R 70 56.19 32.83 -53.93
C THR R 70 55.07 32.64 -52.90
N GLY R 71 55.19 33.31 -51.78
CA GLY R 71 54.33 33.03 -50.64
C GLY R 71 52.89 33.44 -50.85
N VAL R 72 52.17 33.45 -49.74
CA VAL R 72 50.76 33.81 -49.71
C VAL R 72 50.58 34.94 -48.70
N ARG R 73 49.59 35.79 -48.92
CA ARG R 73 49.32 36.86 -47.98
C ARG R 73 47.84 36.91 -47.67
N PRO R 74 47.48 37.30 -46.46
CA PRO R 74 46.07 37.51 -46.14
C PRO R 74 45.57 38.81 -46.77
N VAL R 75 44.48 38.70 -47.52
CA VAL R 75 43.98 39.80 -48.31
C VAL R 75 42.80 40.49 -47.63
N ALA R 76 41.97 39.73 -46.91
CA ALA R 76 40.84 40.33 -46.21
C ALA R 76 40.33 39.36 -45.16
N THR R 77 39.51 39.89 -44.25
CA THR R 77 38.76 39.11 -43.29
C THR R 77 37.33 39.62 -43.30
N GLU R 78 36.37 38.71 -43.35
CA GLU R 78 34.97 39.07 -43.47
C GLU R 78 34.17 38.49 -42.30
N ARG R 79 33.19 39.27 -41.84
CA ARG R 79 32.30 38.85 -40.77
C ARG R 79 31.03 38.27 -41.37
N LEU R 80 30.63 37.11 -40.85
CA LEU R 80 29.40 36.46 -41.29
C LEU R 80 28.23 37.11 -40.57
N HIS R 81 27.63 38.11 -41.22
CA HIS R 81 26.51 38.85 -40.64
C HIS R 81 25.23 38.02 -40.77
N SER R 82 25.14 36.99 -39.94
CA SER R 82 23.99 36.11 -39.87
C SER R 82 23.19 36.41 -38.62
N GLN R 83 22.16 35.60 -38.39
CA GLN R 83 21.28 35.77 -37.24
C GLN R 83 21.64 34.78 -36.15
N GLY R 84 21.85 35.29 -34.94
CA GLY R 84 22.18 34.44 -33.81
C GLY R 84 20.95 34.06 -33.01
N ASN R 85 21.13 33.06 -32.15
CA ASN R 85 20.06 32.60 -31.29
C ASN R 85 19.77 33.63 -30.21
N LEU R 86 18.60 33.50 -29.59
CA LEU R 86 18.13 34.46 -28.61
C LEU R 86 18.15 33.83 -27.22
N SER R 87 18.75 34.53 -26.27
CA SER R 87 18.79 34.11 -24.88
C SER R 87 17.88 35.00 -24.06
N GLN R 88 17.22 34.40 -23.06
CA GLN R 88 16.25 35.09 -22.23
C GLN R 88 16.88 35.56 -20.93
N THR R 89 16.65 36.82 -20.60
CA THR R 89 17.18 37.41 -19.38
C THR R 89 16.11 37.89 -18.42
N ASN R 90 14.86 38.01 -18.87
CA ASN R 90 13.71 38.53 -18.13
C ASN R 90 13.84 40.02 -17.84
N ASN R 91 14.95 40.65 -18.20
CA ASN R 91 15.09 42.09 -18.00
C ASN R 91 14.16 42.84 -18.94
N SER R 92 13.67 43.98 -18.47
CA SER R 92 12.69 44.75 -19.24
C SER R 92 13.34 45.77 -20.16
N LYS R 93 14.66 45.85 -20.20
CA LYS R 93 15.35 46.80 -21.06
C LYS R 93 16.21 46.16 -22.12
N ASP R 94 16.50 44.87 -22.01
CA ASP R 94 17.24 44.18 -23.08
C ASP R 94 16.35 44.05 -24.30
N VAL R 95 16.94 44.32 -25.47
CA VAL R 95 16.22 44.27 -26.74
C VAL R 95 17.04 43.44 -27.72
N ALA R 96 16.36 42.58 -28.47
CA ALA R 96 17.00 41.75 -29.48
C ALA R 96 16.45 42.08 -30.86
N ILE R 97 17.32 42.04 -31.86
CA ILE R 97 16.93 42.34 -33.24
C ILE R 97 16.48 41.06 -33.94
N LYS R 98 15.39 41.17 -34.68
CA LYS R 98 14.86 40.09 -35.50
C LYS R 98 15.05 40.52 -36.97
N GLY R 99 16.07 39.97 -37.61
CA GLY R 99 16.36 40.32 -38.98
C GLY R 99 17.65 41.10 -39.14
N GLN R 100 17.59 42.21 -39.88
CA GLN R 100 18.76 43.03 -40.14
C GLN R 100 18.55 44.43 -39.58
N GLY R 101 19.65 45.07 -39.19
CA GLY R 101 19.62 46.43 -38.69
C GLY R 101 20.51 46.62 -37.48
N PHE R 102 20.95 47.86 -37.27
CA PHE R 102 21.82 48.22 -36.16
C PHE R 102 21.21 49.37 -35.39
N PHE R 103 21.29 49.29 -34.07
CA PHE R 103 20.96 50.45 -33.24
C PHE R 103 22.01 51.53 -33.44
N GLN R 104 21.57 52.78 -33.47
CA GLN R 104 22.44 53.93 -33.65
C GLN R 104 22.75 54.52 -32.29
N VAL R 105 24.03 54.65 -31.97
CA VAL R 105 24.48 55.19 -30.70
C VAL R 105 25.43 56.35 -31.02
N MET R 106 25.59 57.27 -30.09
CA MET R 106 26.44 58.44 -30.29
C MET R 106 27.64 58.37 -29.34
N LEU R 107 28.84 58.43 -29.90
CA LEU R 107 30.04 58.50 -29.10
C LEU R 107 30.13 59.87 -28.42
N PRO R 108 30.80 59.96 -27.26
CA PRO R 108 30.91 61.26 -26.59
C PRO R 108 31.65 62.30 -27.41
N ASP R 109 32.49 61.87 -28.35
CA ASP R 109 33.21 62.82 -29.19
C ASP R 109 32.26 63.64 -30.03
N GLY R 110 31.21 63.01 -30.56
CA GLY R 110 30.26 63.71 -31.40
C GLY R 110 29.87 62.89 -32.62
N THR R 111 30.73 61.94 -32.99
CA THR R 111 30.45 61.08 -34.12
C THR R 111 29.35 60.08 -33.76
N SER R 112 29.06 59.17 -34.68
CA SER R 112 28.02 58.18 -34.49
C SER R 112 28.55 56.79 -34.79
N ALA R 113 28.15 55.83 -33.97
CA ALA R 113 28.49 54.42 -34.15
C ALA R 113 27.22 53.60 -34.18
N TYR R 114 27.35 52.34 -34.54
CA TYR R 114 26.21 51.44 -34.65
C TYR R 114 26.54 50.12 -34.01
N THR R 115 25.52 49.47 -33.45
CA THR R 115 25.74 48.27 -32.66
C THR R 115 24.62 47.28 -32.88
N ARG R 116 24.90 46.01 -32.57
CA ARG R 116 23.90 44.96 -32.51
C ARG R 116 23.56 44.55 -31.09
N ASP R 117 24.41 44.85 -30.12
CA ASP R 117 24.23 44.39 -28.75
C ASP R 117 23.13 45.18 -28.09
N GLY R 118 22.00 44.52 -27.83
CA GLY R 118 20.93 45.16 -27.10
C GLY R 118 20.98 44.85 -25.62
N SER R 119 21.58 45.74 -24.84
CA SER R 119 21.61 45.63 -23.39
C SER R 119 21.63 47.05 -22.85
N PHE R 120 20.46 47.58 -22.55
CA PHE R 120 20.30 49.00 -22.26
C PHE R 120 20.05 49.22 -20.78
N GLN R 121 20.56 50.35 -20.29
CA GLN R 121 20.31 50.79 -18.94
C GLN R 121 19.90 52.26 -18.99
N VAL R 122 19.68 52.84 -17.81
CA VAL R 122 19.23 54.22 -17.68
C VAL R 122 20.20 54.95 -16.77
N ASP R 123 20.68 56.11 -17.22
CA ASP R 123 21.59 56.91 -16.40
C ASP R 123 20.77 57.74 -15.41
N GLN R 124 21.43 58.65 -14.70
CA GLN R 124 20.75 59.42 -13.66
C GLN R 124 19.73 60.39 -14.25
N ASN R 125 19.92 60.81 -15.49
CA ASN R 125 19.02 61.77 -16.11
C ASN R 125 17.79 61.13 -16.73
N GLY R 126 17.69 59.80 -16.70
CA GLY R 126 16.54 59.13 -17.26
C GLY R 126 16.68 58.71 -18.71
N GLN R 127 17.78 59.06 -19.37
CA GLN R 127 17.96 58.66 -20.75
C GLN R 127 18.25 57.16 -20.85
N LEU R 128 18.31 56.68 -22.08
CA LEU R 128 18.61 55.28 -22.36
C LEU R 128 20.03 55.22 -22.90
N VAL R 129 20.87 54.41 -22.27
CA VAL R 129 22.27 54.29 -22.64
C VAL R 129 22.64 52.82 -22.74
N THR R 130 23.78 52.55 -23.36
CA THR R 130 24.31 51.21 -23.40
C THR R 130 25.31 51.03 -22.25
N ALA R 131 25.73 49.78 -22.03
CA ALA R 131 26.65 49.49 -20.94
C ALA R 131 28.01 50.06 -21.30
N GLY R 132 28.30 51.25 -20.78
CA GLY R 132 29.51 51.96 -21.14
C GLY R 132 29.30 53.46 -21.22
N GLY R 133 28.04 53.88 -21.17
CA GLY R 133 27.70 55.29 -21.09
C GLY R 133 27.22 55.91 -22.38
N PHE R 134 27.42 55.26 -23.52
CA PHE R 134 26.97 55.83 -24.78
C PHE R 134 25.45 55.79 -24.86
N GLN R 135 24.86 56.89 -25.34
CA GLN R 135 23.42 57.07 -25.36
C GLN R 135 22.87 56.78 -26.74
N VAL R 136 21.67 56.18 -26.79
CA VAL R 136 21.03 55.90 -28.06
C VAL R 136 20.63 57.21 -28.72
N GLN R 137 20.97 57.35 -30.01
CA GLN R 137 20.86 58.64 -30.68
C GLN R 137 19.45 59.22 -30.70
N PRO R 138 18.39 58.46 -30.98
CA PRO R 138 17.04 59.04 -30.89
C PRO R 138 16.68 59.57 -29.51
N ALA R 139 17.49 59.29 -28.49
CA ALA R 139 17.37 59.89 -27.16
C ALA R 139 16.01 59.60 -26.52
N ILE R 140 15.80 58.31 -26.21
CA ILE R 140 14.65 57.93 -25.41
C ILE R 140 14.84 58.43 -23.99
N THR R 141 13.85 59.17 -23.49
CA THR R 141 13.94 59.80 -22.18
C THR R 141 12.87 59.19 -21.28
N ILE R 142 13.23 58.09 -20.62
CA ILE R 142 12.29 57.46 -19.67
C ILE R 142 12.08 58.39 -18.49
N PRO R 143 10.83 58.69 -18.13
CA PRO R 143 10.60 59.56 -16.98
C PRO R 143 10.83 58.83 -15.67
N ALA R 144 10.82 59.57 -14.56
CA ALA R 144 10.86 58.93 -13.25
C ALA R 144 9.53 58.22 -12.98
N ASN R 145 9.45 57.60 -11.80
CA ASN R 145 8.27 56.88 -11.34
C ASN R 145 7.69 55.95 -12.41
N ALA R 146 8.55 55.43 -13.28
CA ALA R 146 8.11 54.55 -14.35
C ALA R 146 7.66 53.22 -13.75
N LEU R 147 6.36 53.00 -13.71
CA LEU R 147 5.85 51.75 -13.12
C LEU R 147 6.30 50.55 -13.94
N SER R 148 6.25 50.66 -15.27
CA SER R 148 6.71 49.61 -16.16
C SER R 148 6.99 50.21 -17.53
N ILE R 149 7.98 49.64 -18.22
CA ILE R 149 8.40 50.11 -19.53
C ILE R 149 8.31 48.94 -20.50
N THR R 150 7.67 49.16 -21.66
CA THR R 150 7.50 48.11 -22.65
C THR R 150 7.89 48.62 -24.03
N ILE R 151 8.65 47.79 -24.74
CA ILE R 151 9.08 48.06 -26.11
C ILE R 151 8.48 46.98 -26.99
N GLY R 152 7.62 47.38 -27.92
CA GLY R 152 6.90 46.45 -28.76
C GLY R 152 7.66 46.05 -30.00
N ARG R 153 6.91 45.53 -30.98
CA ARG R 153 7.51 45.13 -32.24
C ARG R 153 8.14 46.32 -32.95
N ASP R 154 7.45 47.44 -32.98
CA ASP R 154 7.99 48.66 -33.56
C ASP R 154 8.89 49.35 -32.54
N GLY R 155 9.35 50.54 -32.87
CA GLY R 155 10.21 51.28 -31.96
C GLY R 155 9.51 52.03 -30.87
N VAL R 156 8.19 51.93 -30.78
CA VAL R 156 7.45 52.67 -29.76
C VAL R 156 7.83 52.14 -28.38
N VAL R 157 8.27 53.04 -27.51
CA VAL R 157 8.56 52.73 -26.12
C VAL R 157 7.49 53.38 -25.27
N SER R 158 6.74 52.57 -24.53
CA SER R 158 5.62 53.06 -23.75
C SER R 158 5.86 52.77 -22.28
N VAL R 159 5.65 53.78 -21.43
CA VAL R 159 5.82 53.65 -19.99
C VAL R 159 4.46 53.85 -19.34
N THR R 160 4.07 52.89 -18.51
CA THR R 160 2.82 52.99 -17.77
C THR R 160 3.06 53.68 -16.44
N GLN R 161 2.14 54.55 -16.06
CA GLN R 161 2.27 55.32 -14.84
C GLN R 161 1.08 55.05 -13.92
N GLN R 162 1.32 55.12 -12.62
CA GLN R 162 0.27 54.86 -11.65
C GLN R 162 -0.85 55.89 -11.80
N GLY R 163 -2.09 55.40 -11.78
CA GLY R 163 -3.23 56.27 -11.94
C GLY R 163 -3.56 56.64 -13.37
N GLN R 164 -2.84 56.09 -14.34
CA GLN R 164 -3.07 56.37 -15.75
C GLN R 164 -3.59 55.11 -16.44
N ALA R 165 -4.71 55.24 -17.14
CA ALA R 165 -5.27 54.11 -17.88
C ALA R 165 -4.48 53.84 -19.14
N ALA R 166 -4.39 54.83 -20.02
CA ALA R 166 -3.67 54.66 -21.28
C ALA R 166 -2.19 54.94 -21.07
N PRO R 167 -1.31 54.00 -21.42
CA PRO R 167 0.13 54.27 -21.31
C PRO R 167 0.54 55.40 -22.23
N VAL R 168 1.51 56.19 -21.77
CA VAL R 168 1.99 57.34 -22.52
C VAL R 168 3.21 56.94 -23.32
N GLN R 169 3.15 57.15 -24.63
CA GLN R 169 4.31 56.89 -25.48
C GLN R 169 5.39 57.91 -25.19
N VAL R 170 6.61 57.43 -24.94
CA VAL R 170 7.70 58.29 -24.53
C VAL R 170 8.76 58.46 -25.60
N GLY R 171 8.74 57.65 -26.66
CA GLY R 171 9.73 57.80 -27.72
C GLY R 171 9.61 56.70 -28.74
N GLN R 172 10.30 56.91 -29.85
CA GLN R 172 10.37 55.96 -30.95
C GLN R 172 11.81 55.54 -31.15
N LEU R 173 12.04 54.25 -31.32
CA LEU R 173 13.37 53.67 -31.41
C LEU R 173 13.60 53.19 -32.83
N ASN R 174 14.05 54.09 -33.70
CA ASN R 174 14.36 53.72 -35.08
C ASN R 174 15.64 52.91 -35.12
N LEU R 175 15.91 52.29 -36.27
CA LEU R 175 17.18 51.60 -36.44
C LEU R 175 17.68 51.81 -37.86
N THR R 176 18.99 51.67 -38.03
CA THR R 176 19.63 51.96 -39.30
C THR R 176 20.02 50.67 -40.01
N THR R 177 20.08 50.76 -41.33
CA THR R 177 20.53 49.66 -42.18
C THR R 177 21.49 50.21 -43.22
N PHE R 178 22.35 49.31 -43.69
CA PHE R 178 23.35 49.61 -44.71
C PHE R 178 23.18 48.68 -45.88
N MET R 179 23.59 49.16 -47.06
CA MET R 179 23.57 48.31 -48.25
C MET R 179 24.79 47.40 -48.31
N ASN R 180 25.79 47.62 -47.46
CA ASN R 180 26.94 46.72 -47.35
C ASN R 180 27.44 46.78 -45.91
N ASP R 181 26.96 45.86 -45.08
CA ASP R 181 27.33 45.84 -43.67
C ASP R 181 28.65 45.12 -43.41
N THR R 182 29.16 44.36 -44.37
CA THR R 182 30.42 43.68 -44.17
C THR R 182 31.59 44.66 -44.16
N GLY R 183 31.44 45.80 -44.81
CA GLY R 183 32.47 46.82 -44.87
C GLY R 183 32.54 47.76 -43.70
N LEU R 184 31.71 47.57 -42.68
CA LEU R 184 31.73 48.44 -41.52
C LEU R 184 33.00 48.20 -40.71
N GLU R 185 33.70 49.28 -40.37
CA GLU R 185 34.88 49.14 -39.54
C GLU R 185 34.48 48.80 -38.12
N SER R 186 35.22 47.89 -37.50
CA SER R 186 34.91 47.42 -36.15
C SER R 186 35.85 48.05 -35.15
N ILE R 187 35.29 48.55 -34.05
CA ILE R 187 36.08 49.05 -32.95
C ILE R 187 35.70 48.26 -31.71
N GLY R 188 36.23 48.64 -30.55
CA GLY R 188 35.96 47.91 -29.33
C GLY R 188 34.50 47.98 -28.93
N GLU R 189 34.20 47.30 -27.82
CA GLU R 189 32.89 47.25 -27.17
C GLU R 189 31.72 47.14 -28.13
N ASN R 190 31.84 46.27 -29.14
CA ASN R 190 30.75 45.95 -30.06
C ASN R 190 30.20 47.21 -30.74
N LEU R 191 31.09 47.94 -31.40
CA LEU R 191 30.69 49.15 -32.11
C LEU R 191 31.28 49.13 -33.52
N TYR R 192 30.54 49.70 -34.46
CA TYR R 192 30.94 49.78 -35.85
C TYR R 192 30.83 51.22 -36.32
N ILE R 193 31.77 51.62 -37.17
CA ILE R 193 31.77 52.94 -37.78
C ILE R 193 31.76 52.77 -39.29
N GLU R 194 30.93 53.56 -39.97
CA GLU R 194 30.79 53.45 -41.41
C GLU R 194 32.06 53.91 -42.10
N THR R 195 32.38 53.23 -43.19
CA THR R 195 33.55 53.53 -43.99
C THR R 195 33.10 53.93 -45.40
N GLN R 196 34.06 54.09 -46.30
CA GLN R 196 33.71 54.39 -47.69
C GLN R 196 33.11 53.18 -48.38
N SER R 197 33.61 51.98 -48.07
CA SER R 197 33.06 50.77 -48.68
C SER R 197 31.62 50.57 -48.26
N SER R 198 31.33 50.76 -46.97
CA SER R 198 29.96 50.69 -46.50
C SER R 198 29.16 51.87 -47.04
N GLY R 199 27.91 51.61 -47.37
CA GLY R 199 27.06 52.66 -47.89
C GLY R 199 26.65 53.65 -46.83
N ALA R 200 26.03 54.73 -47.29
CA ALA R 200 25.50 55.71 -46.35
C ALA R 200 24.37 55.09 -45.54
N PRO R 201 24.37 55.28 -44.22
CA PRO R 201 23.32 54.67 -43.40
C PRO R 201 21.95 55.20 -43.76
N ASN R 202 20.96 54.32 -43.69
CA ASN R 202 19.57 54.70 -43.88
C ASN R 202 18.75 54.28 -42.67
N GLU R 203 18.12 55.24 -42.02
CA GLU R 203 17.39 55.01 -40.78
C GLU R 203 15.91 54.83 -41.07
N SER R 204 15.31 53.84 -40.43
CA SER R 204 13.91 53.53 -40.67
C SER R 204 13.29 52.95 -39.41
N THR R 205 11.96 52.95 -39.37
CA THR R 205 11.25 52.31 -38.29
C THR R 205 11.36 50.79 -38.42
N PRO R 206 11.34 50.07 -37.30
CA PRO R 206 11.47 48.61 -37.37
C PRO R 206 10.34 47.98 -38.17
N GLY R 207 10.66 46.92 -38.90
CA GLY R 207 9.68 46.19 -39.67
C GLY R 207 9.32 46.79 -41.01
N LEU R 208 9.96 47.90 -41.41
CA LEU R 208 9.68 48.53 -42.69
C LEU R 208 10.97 48.71 -43.46
N ASN R 209 10.88 48.58 -44.79
CA ASN R 209 12.01 48.78 -45.69
C ASN R 209 13.18 47.86 -45.33
N GLY R 210 12.87 46.61 -45.02
CA GLY R 210 13.90 45.63 -44.73
C GLY R 210 14.41 45.64 -43.31
N ALA R 211 13.91 46.51 -42.45
CA ALA R 211 14.32 46.52 -41.06
C ALA R 211 13.68 45.35 -40.32
N GLY R 212 14.34 44.92 -39.24
CA GLY R 212 13.84 43.84 -38.43
C GLY R 212 12.83 44.30 -37.41
N LEU R 213 12.49 43.40 -36.49
CA LEU R 213 11.60 43.68 -35.39
C LEU R 213 12.42 43.70 -34.10
N LEU R 214 11.78 44.13 -33.02
CA LEU R 214 12.42 44.23 -31.72
C LEU R 214 11.72 43.31 -30.73
N TYR R 215 12.47 42.42 -30.11
CA TYR R 215 11.97 41.55 -29.05
C TYR R 215 12.43 42.09 -27.71
N GLN R 216 11.51 42.25 -26.77
CA GLN R 216 11.83 42.77 -25.46
C GLN R 216 12.14 41.63 -24.50
N GLY R 217 13.21 41.78 -23.73
CA GLY R 217 13.59 40.78 -22.77
C GLY R 217 14.55 39.73 -23.29
N TYR R 218 14.87 39.74 -24.57
CA TYR R 218 15.77 38.76 -25.15
C TYR R 218 17.02 39.46 -25.67
N VAL R 219 18.13 38.73 -25.70
CA VAL R 219 19.41 39.26 -26.13
C VAL R 219 19.99 38.31 -27.16
N GLU R 220 20.55 38.88 -28.24
CA GLU R 220 21.08 38.08 -29.32
C GLU R 220 22.41 37.45 -28.91
N THR R 221 22.57 36.17 -29.21
CA THR R 221 23.79 35.45 -28.90
C THR R 221 24.79 35.61 -30.05
N SER R 222 25.91 34.92 -29.96
CA SER R 222 26.94 34.96 -30.98
C SER R 222 26.85 33.74 -31.89
N ASN R 223 27.16 33.94 -33.17
CA ASN R 223 27.11 32.88 -34.15
C ASN R 223 28.51 32.30 -34.32
N VAL R 224 28.92 31.49 -33.36
CA VAL R 224 30.21 30.82 -33.36
C VAL R 224 29.97 29.32 -33.27
N ASN R 225 30.54 28.56 -34.21
CA ASN R 225 30.38 27.12 -34.25
C ASN R 225 31.66 26.49 -33.70
N VAL R 226 31.55 25.87 -32.52
CA VAL R 226 32.74 25.39 -31.83
C VAL R 226 33.39 24.23 -32.57
N ALA R 227 32.59 23.33 -33.15
CA ALA R 227 33.15 22.20 -33.86
C ALA R 227 33.98 22.64 -35.06
N GLU R 228 33.47 23.63 -35.80
CA GLU R 228 34.22 24.18 -36.92
C GLU R 228 35.53 24.77 -36.45
N GLU R 229 35.51 25.48 -35.32
CA GLU R 229 36.73 26.08 -34.80
C GLU R 229 37.74 25.01 -34.38
N LEU R 230 37.28 23.93 -33.76
CA LEU R 230 38.20 22.87 -33.36
C LEU R 230 38.83 22.19 -34.57
N VAL R 231 38.03 21.92 -35.61
CA VAL R 231 38.59 21.31 -36.81
C VAL R 231 39.59 22.25 -37.47
N ASN R 232 39.25 23.54 -37.53
CA ASN R 232 40.20 24.51 -38.09
C ASN R 232 41.47 24.58 -37.25
N MET R 233 41.35 24.42 -35.94
CA MET R 233 42.52 24.42 -35.07
C MET R 233 43.44 23.26 -35.39
N ILE R 234 42.86 22.06 -35.55
CA ILE R 234 43.66 20.90 -35.92
C ILE R 234 44.34 21.15 -37.26
N GLN R 235 43.59 21.67 -38.23
CA GLN R 235 44.14 21.89 -39.56
C GLN R 235 45.28 22.90 -39.54
N VAL R 236 45.12 24.00 -38.80
CA VAL R 236 46.16 25.03 -38.79
C VAL R 236 47.39 24.53 -38.04
N GLN R 237 47.20 23.77 -36.96
CA GLN R 237 48.37 23.24 -36.26
C GLN R 237 49.15 22.30 -37.15
N ARG R 238 48.47 21.40 -37.86
CA ARG R 238 49.17 20.48 -38.74
C ARG R 238 49.84 21.21 -39.89
N ALA R 239 49.18 22.23 -40.44
CA ALA R 239 49.80 23.00 -41.52
C ALA R 239 51.06 23.70 -41.05
N TYR R 240 51.02 24.30 -39.87
CA TYR R 240 52.21 24.95 -39.32
C TYR R 240 53.33 23.95 -39.10
N GLU R 241 53.00 22.79 -38.52
CA GLU R 241 54.00 21.78 -38.24
C GLU R 241 54.65 21.26 -39.53
N ILE R 242 53.86 21.07 -40.57
CA ILE R 242 54.40 20.63 -41.86
C ILE R 242 55.25 21.74 -42.47
N ASN R 243 54.77 22.98 -42.41
CA ASN R 243 55.48 24.09 -43.05
C ASN R 243 56.83 24.35 -42.40
N SER R 244 56.98 23.97 -41.12
CA SER R 244 58.31 24.09 -40.51
C SER R 244 59.33 23.18 -41.18
N LYS R 245 58.88 22.07 -41.77
CA LYS R 245 59.81 21.14 -42.41
C LYS R 245 60.51 21.78 -43.61
N ALA R 246 59.83 22.68 -44.32
CA ALA R 246 60.47 23.36 -45.43
C ALA R 246 61.65 24.18 -44.95
N VAL R 247 61.47 24.93 -43.86
CA VAL R 247 62.58 25.70 -43.29
C VAL R 247 63.71 24.77 -42.86
N SER R 248 63.35 23.66 -42.19
CA SER R 248 64.38 22.75 -41.72
C SER R 248 65.20 22.19 -42.87
N THR R 249 64.53 21.69 -43.90
CA THR R 249 65.24 21.09 -45.04
C THR R 249 66.06 22.12 -45.78
N THR R 250 65.53 23.33 -45.98
CA THR R 250 66.29 24.36 -46.66
C THR R 250 67.53 24.72 -45.88
N ASP R 251 67.42 24.85 -44.56
CA ASP R 251 68.58 25.15 -43.73
C ASP R 251 69.62 24.05 -43.85
N GLN R 252 69.19 22.79 -43.79
CA GLN R 252 70.14 21.69 -43.87
C GLN R 252 70.87 21.67 -45.21
N MET R 253 70.13 21.85 -46.30
CA MET R 253 70.78 21.79 -47.61
C MET R 253 71.68 22.99 -47.84
N LEU R 254 71.30 24.17 -47.32
CA LEU R 254 72.18 25.33 -47.45
C LEU R 254 73.45 25.14 -46.64
N GLN R 255 73.35 24.54 -45.45
CA GLN R 255 74.54 24.23 -44.67
C GLN R 255 75.44 23.24 -45.40
N LYS R 256 74.85 22.22 -46.00
CA LYS R 256 75.63 21.25 -46.76
C LYS R 256 76.32 21.92 -47.93
N LEU R 257 75.64 22.87 -48.59
CA LEU R 257 76.26 23.62 -49.68
C LEU R 257 77.45 24.43 -49.19
N THR R 258 77.28 25.15 -48.09
CA THR R 258 78.34 26.03 -47.63
C THR R 258 79.46 25.29 -46.92
N GLN R 259 79.29 24.00 -46.61
CA GLN R 259 80.37 23.25 -45.99
C GLN R 259 81.58 23.13 -46.90
N LEU R 260 81.36 22.84 -48.18
CA LEU R 260 82.47 22.68 -49.11
C LEU R 260 83.11 24.02 -49.44
N ILE S 2 80.10 39.21 -30.73
CA ILE S 2 80.48 38.87 -29.37
C ILE S 2 79.45 39.42 -28.39
N SER S 3 78.82 40.54 -28.75
CA SER S 3 77.81 41.14 -27.89
C SER S 3 76.51 40.35 -27.90
N SER S 4 76.27 39.56 -28.95
CA SER S 4 75.04 38.77 -29.02
C SER S 4 74.96 37.79 -27.86
N LEU S 5 76.09 37.22 -27.45
CA LEU S 5 76.10 36.32 -26.31
C LEU S 5 75.63 37.04 -25.05
N TRP S 6 76.11 38.26 -24.83
CA TRP S 6 75.72 39.01 -23.65
C TRP S 6 74.24 39.39 -23.70
N ILE S 7 73.75 39.79 -24.87
CA ILE S 7 72.33 40.15 -24.99
C ILE S 7 71.45 38.95 -24.69
N ALA S 8 71.78 37.79 -25.26
CA ALA S 8 70.99 36.61 -25.01
C ALA S 8 71.11 36.14 -23.56
N LYS S 9 72.28 36.34 -22.94
CA LYS S 9 72.42 36.01 -21.53
C LYS S 9 71.53 36.89 -20.67
N THR S 10 71.43 38.19 -21.00
CA THR S 10 70.52 39.06 -20.27
C THR S 10 69.08 38.60 -20.43
N GLY S 11 68.70 38.20 -21.65
CA GLY S 11 67.36 37.68 -21.86
C GLY S 11 67.08 36.43 -21.03
N LEU S 12 68.05 35.51 -20.99
CA LEU S 12 67.88 34.30 -20.19
C LEU S 12 67.77 34.62 -18.71
N ASP S 13 68.56 35.58 -18.22
CA ASP S 13 68.47 35.97 -16.82
C ASP S 13 67.10 36.57 -16.50
N ALA S 14 66.57 37.39 -17.41
CA ALA S 14 65.25 37.95 -17.19
C ALA S 14 64.19 36.86 -17.13
N GLN S 15 64.26 35.89 -18.04
CA GLN S 15 63.31 34.79 -18.00
C GLN S 15 63.44 33.98 -16.72
N GLN S 16 64.68 33.79 -16.24
CA GLN S 16 64.87 33.06 -15.00
C GLN S 16 64.24 33.79 -13.81
N THR S 17 64.40 35.12 -13.73
CA THR S 17 63.78 35.86 -12.64
C THR S 17 62.26 35.81 -12.74
N ASN S 18 61.73 35.88 -13.96
CA ASN S 18 60.29 35.75 -14.13
C ASN S 18 59.80 34.40 -13.64
N MET S 19 60.53 33.33 -13.97
CA MET S 19 60.15 32.01 -13.48
C MET S 19 60.23 31.95 -11.97
N ASP S 20 61.22 32.63 -11.38
CA ASP S 20 61.33 32.64 -9.92
C ASP S 20 60.11 33.28 -9.27
N VAL S 21 59.67 34.43 -9.79
CA VAL S 21 58.51 35.08 -9.19
C VAL S 21 57.24 34.26 -9.44
N ILE S 22 57.14 33.62 -10.60
CA ILE S 22 55.98 32.77 -10.87
C ILE S 22 55.93 31.60 -9.88
N ALA S 23 57.07 30.95 -9.67
CA ALA S 23 57.12 29.83 -8.74
C ALA S 23 56.84 30.26 -7.32
N ASN S 24 57.32 31.44 -6.94
CA ASN S 24 57.01 31.95 -5.61
C ASN S 24 55.52 32.19 -5.44
N ASN S 25 54.87 32.76 -6.46
CA ASN S 25 53.43 32.96 -6.39
C ASN S 25 52.69 31.62 -6.30
N LEU S 26 53.12 30.63 -7.08
CA LEU S 26 52.42 29.34 -7.06
C LEU S 26 52.66 28.58 -5.77
N ALA S 27 53.81 28.78 -5.13
CA ALA S 27 54.13 27.99 -3.94
C ALA S 27 53.20 28.34 -2.78
N ASN S 28 53.21 29.59 -2.35
CA ASN S 28 52.37 30.00 -1.23
C ASN S 28 51.01 30.49 -1.74
N VAL S 29 50.29 29.56 -2.34
CA VAL S 29 48.93 29.84 -2.79
C VAL S 29 47.91 29.63 -1.68
N SER S 30 48.28 28.90 -0.61
CA SER S 30 47.36 28.61 0.47
C SER S 30 47.55 29.50 1.69
N THR S 31 48.59 30.33 1.72
CA THR S 31 48.79 31.22 2.85
C THR S 31 47.72 32.30 2.86
N ASN S 32 47.55 32.92 4.02
CA ASN S 32 46.50 33.90 4.23
C ASN S 32 47.06 35.31 4.14
N GLY S 33 46.32 36.19 3.48
CA GLY S 33 46.77 37.56 3.31
C GLY S 33 48.00 37.70 2.45
N PHE S 34 48.09 36.97 1.34
CA PHE S 34 49.22 37.02 0.44
C PHE S 34 48.82 37.72 -0.85
N LYS S 35 49.70 38.59 -1.33
CA LYS S 35 49.46 39.37 -2.53
C LYS S 35 50.44 38.92 -3.61
N ARG S 36 49.91 38.56 -4.77
CA ARG S 36 50.76 38.06 -5.85
C ARG S 36 51.64 39.17 -6.40
N GLN S 37 52.78 38.78 -6.96
CA GLN S 37 53.77 39.70 -7.47
C GLN S 37 53.86 39.59 -8.99
N ARG S 38 54.04 40.73 -9.65
CA ARG S 38 54.30 40.78 -11.08
C ARG S 38 55.62 41.49 -11.30
N ALA S 39 56.44 40.95 -12.20
CA ALA S 39 57.74 41.54 -12.52
C ALA S 39 57.62 42.42 -13.75
N VAL S 40 58.24 43.59 -13.71
CA VAL S 40 58.23 44.54 -14.81
C VAL S 40 59.66 44.74 -15.28
N PHE S 41 59.88 44.50 -16.57
CA PHE S 41 61.19 44.58 -17.19
C PHE S 41 61.36 45.91 -17.92
N GLU S 42 62.51 46.08 -18.56
CA GLU S 42 62.87 47.31 -19.24
C GLU S 42 64.12 47.08 -20.05
N ASP S 43 64.16 47.63 -21.26
CA ASP S 43 65.33 47.46 -22.12
C ASP S 43 66.51 48.27 -21.60
N LEU S 44 67.69 47.95 -22.13
CA LEU S 44 68.92 48.61 -21.71
C LEU S 44 69.26 49.74 -22.67
N LEU S 45 70.45 50.33 -22.50
CA LEU S 45 70.86 51.48 -23.28
C LEU S 45 71.07 51.11 -24.75
N TYR S 46 70.86 52.09 -25.61
CA TYR S 46 71.06 51.94 -27.04
C TYR S 46 72.28 52.74 -27.47
N GLN S 47 73.20 52.08 -28.19
CA GLN S 47 74.37 52.75 -28.72
C GLN S 47 74.07 53.26 -30.14
N THR S 48 74.50 54.48 -30.42
CA THR S 48 74.20 55.14 -31.68
C THR S 48 75.41 55.10 -32.60
N ILE S 49 75.20 54.69 -33.85
CA ILE S 49 76.24 54.70 -34.87
C ILE S 49 75.92 55.83 -35.82
N ARG S 50 76.82 56.81 -35.89
CA ARG S 50 76.55 58.04 -36.62
C ARG S 50 76.77 57.86 -38.11
N GLN S 51 75.90 58.48 -38.91
CA GLN S 51 76.09 58.53 -40.35
C GLN S 51 77.23 59.47 -40.70
N PRO S 52 77.90 59.23 -41.84
CA PRO S 52 78.99 60.07 -42.35
C PRO S 52 78.69 61.57 -42.29
N GLY S 65 70.93 57.83 -37.24
CA GLY S 65 69.68 57.11 -37.41
C GLY S 65 69.81 55.61 -37.22
N LEU S 66 71.00 55.17 -36.82
CA LEU S 66 71.29 53.76 -36.59
C LEU S 66 71.54 53.56 -35.10
N GLN S 67 70.77 52.65 -34.50
CA GLN S 67 70.86 52.38 -33.07
C GLN S 67 70.88 50.88 -32.83
N ILE S 68 71.63 50.47 -31.82
CA ILE S 68 71.77 49.07 -31.46
C ILE S 68 71.39 48.90 -29.99
N GLY S 69 70.60 47.87 -29.71
CA GLY S 69 70.20 47.59 -28.35
C GLY S 69 71.29 46.91 -27.56
N THR S 70 70.99 46.65 -26.29
CA THR S 70 71.95 46.01 -25.41
C THR S 70 71.36 44.83 -24.66
N GLY S 71 70.08 44.89 -24.35
CA GLY S 71 69.43 43.81 -23.64
C GLY S 71 68.33 44.33 -22.74
N VAL S 72 67.96 43.50 -21.76
CA VAL S 72 66.86 43.79 -20.85
C VAL S 72 67.31 43.56 -19.42
N ARG S 73 66.72 44.31 -18.51
CA ARG S 73 66.93 44.11 -17.08
C ARG S 73 65.59 44.21 -16.38
N PRO S 74 65.37 43.43 -15.33
CA PRO S 74 64.10 43.56 -14.60
C PRO S 74 64.09 44.81 -13.75
N VAL S 75 63.32 45.82 -14.17
CA VAL S 75 63.40 47.12 -13.51
C VAL S 75 62.74 47.09 -12.14
N ALA S 76 61.64 46.36 -11.99
CA ALA S 76 60.95 46.39 -10.69
C ALA S 76 60.00 45.20 -10.59
N THR S 77 59.34 45.11 -9.43
CA THR S 77 58.27 44.14 -9.19
C THR S 77 57.24 44.79 -8.28
N GLU S 78 55.98 44.44 -8.48
CA GLU S 78 54.88 45.09 -7.80
C GLU S 78 53.87 44.06 -7.30
N ARG S 79 53.22 44.38 -6.19
CA ARG S 79 52.21 43.50 -5.60
C ARG S 79 50.82 44.01 -5.95
N LEU S 80 49.92 43.09 -6.26
CA LEU S 80 48.53 43.41 -6.56
C LEU S 80 47.77 43.46 -5.24
N HIS S 81 47.58 44.66 -4.71
CA HIS S 81 46.90 44.83 -3.43
C HIS S 81 45.38 44.89 -3.63
N SER S 82 44.84 43.80 -4.18
CA SER S 82 43.41 43.66 -4.36
C SER S 82 42.82 43.07 -3.09
N GLN S 83 41.55 42.67 -3.15
CA GLN S 83 40.86 42.06 -2.03
C GLN S 83 40.61 40.59 -2.38
N GLY S 84 41.13 39.70 -1.55
CA GLY S 84 40.91 38.28 -1.76
C GLY S 84 39.59 37.82 -1.20
N ASN S 85 39.32 36.54 -1.38
CA ASN S 85 38.11 35.94 -0.83
C ASN S 85 38.24 35.77 0.67
N LEU S 86 37.17 35.31 1.31
CA LEU S 86 37.16 35.04 2.73
C LEU S 86 36.85 33.57 2.97
N SER S 87 37.58 32.96 3.90
CA SER S 87 37.38 31.56 4.26
C SER S 87 36.92 31.48 5.70
N GLN S 88 35.86 30.72 5.94
CA GLN S 88 35.36 30.53 7.28
C GLN S 88 36.19 29.51 8.03
N THR S 89 36.48 29.82 9.30
CA THR S 89 37.27 28.93 10.14
C THR S 89 36.62 28.61 11.48
N ASN S 90 35.54 29.29 11.85
CA ASN S 90 34.80 29.11 13.09
C ASN S 90 35.61 29.47 14.33
N ASN S 91 36.88 29.85 14.19
CA ASN S 91 37.66 30.23 15.34
C ASN S 91 37.30 31.63 15.79
N SER S 92 37.24 31.84 17.10
CA SER S 92 36.78 33.11 17.65
C SER S 92 37.86 34.18 17.64
N LYS S 93 39.10 33.83 17.29
CA LYS S 93 40.21 34.79 17.31
C LYS S 93 40.83 35.00 15.95
N ASP S 94 40.10 34.74 14.86
CA ASP S 94 40.57 35.02 13.52
C ASP S 94 39.82 36.23 12.97
N VAL S 95 40.57 37.19 12.42
CA VAL S 95 40.00 38.45 11.96
C VAL S 95 40.36 38.62 10.48
N ALA S 96 39.37 39.00 9.68
CA ALA S 96 39.56 39.29 8.27
C ALA S 96 39.19 40.74 8.02
N ILE S 97 40.07 41.48 7.36
CA ILE S 97 39.85 42.90 7.13
C ILE S 97 39.17 43.10 5.78
N LYS S 98 38.10 43.88 5.78
CA LYS S 98 37.32 44.18 4.58
C LYS S 98 37.62 45.62 4.18
N GLY S 99 38.39 45.79 3.11
CA GLY S 99 38.80 47.12 2.70
C GLY S 99 40.30 47.22 2.53
N GLN S 100 40.92 48.16 3.26
CA GLN S 100 42.36 48.34 3.19
C GLN S 100 42.89 48.71 4.56
N GLY S 101 44.09 48.22 4.87
CA GLY S 101 44.71 48.48 6.14
C GLY S 101 45.69 47.38 6.49
N PHE S 102 46.30 47.53 7.66
CA PHE S 102 47.28 46.55 8.12
C PHE S 102 47.27 46.49 9.64
N PHE S 103 47.26 45.29 10.19
CA PHE S 103 47.53 45.12 11.61
C PHE S 103 48.99 45.41 11.89
N GLN S 104 49.26 45.97 13.07
CA GLN S 104 50.60 46.36 13.46
C GLN S 104 51.14 45.42 14.52
N VAL S 105 52.30 44.83 14.27
CA VAL S 105 52.94 43.93 15.21
C VAL S 105 54.29 44.52 15.59
N MET S 106 54.78 44.13 16.76
CA MET S 106 56.02 44.65 17.32
C MET S 106 57.10 43.58 17.21
N LEU S 107 58.12 43.86 16.42
CA LEU S 107 59.23 42.94 16.26
C LEU S 107 60.07 42.90 17.53
N PRO S 108 60.82 41.80 17.74
CA PRO S 108 61.68 41.73 18.93
C PRO S 108 62.71 42.85 18.99
N ASP S 109 63.17 43.33 17.83
CA ASP S 109 64.18 44.38 17.80
C ASP S 109 63.66 45.72 18.29
N GLY S 110 62.36 45.85 18.51
CA GLY S 110 61.74 47.10 18.87
C GLY S 110 61.04 47.80 17.73
N THR S 111 61.35 47.45 16.49
CA THR S 111 60.67 48.03 15.35
C THR S 111 59.28 47.43 15.21
N SER S 112 58.46 48.08 14.39
CA SER S 112 57.08 47.67 14.16
C SER S 112 56.91 47.28 12.69
N ALA S 113 56.31 46.11 12.48
CA ALA S 113 55.99 45.63 11.14
C ALA S 113 54.48 45.58 10.98
N TYR S 114 54.03 45.38 9.74
CA TYR S 114 52.62 45.39 9.41
C TYR S 114 52.26 44.13 8.65
N THR S 115 51.02 43.68 8.82
CA THR S 115 50.60 42.43 8.23
C THR S 115 49.12 42.47 7.90
N ARG S 116 48.70 41.54 7.04
CA ARG S 116 47.30 41.35 6.70
C ARG S 116 46.73 40.05 7.25
N ASP S 117 47.58 39.09 7.61
CA ASP S 117 47.13 37.75 7.95
C ASP S 117 46.55 37.76 9.36
N GLY S 118 45.24 37.60 9.48
CA GLY S 118 44.61 37.52 10.77
C GLY S 118 44.43 36.10 11.26
N SER S 119 45.36 35.65 12.10
CA SER S 119 45.24 34.36 12.76
C SER S 119 45.95 34.52 14.11
N PHE S 120 45.18 34.82 15.14
CA PHE S 120 45.72 35.26 16.41
C PHE S 120 45.55 34.18 17.47
N GLN S 121 46.55 34.08 18.34
CA GLN S 121 46.52 33.16 19.46
C GLN S 121 46.85 33.94 20.72
N VAL S 122 46.82 33.25 21.85
CA VAL S 122 47.07 33.87 23.15
C VAL S 122 48.18 33.10 23.83
N ASP S 123 49.15 33.82 24.39
CA ASP S 123 50.26 33.20 25.09
C ASP S 123 49.90 33.08 26.57
N GLN S 124 50.88 32.73 27.40
CA GLN S 124 50.61 32.49 28.81
C GLN S 124 50.19 33.77 29.53
N ASN S 125 50.77 34.92 29.16
CA ASN S 125 50.45 36.16 29.84
C ASN S 125 49.07 36.70 29.50
N GLY S 126 48.39 36.11 28.52
CA GLY S 126 47.10 36.59 28.08
C GLY S 126 47.15 37.59 26.96
N GLN S 127 48.33 38.05 26.57
CA GLN S 127 48.44 39.03 25.49
C GLN S 127 48.21 38.36 24.14
N LEU S 128 47.37 38.98 23.33
CA LEU S 128 47.05 38.44 22.01
C LEU S 128 48.23 38.65 21.07
N VAL S 129 48.71 37.57 20.46
CA VAL S 129 49.87 37.62 19.60
C VAL S 129 49.54 36.90 18.29
N THR S 130 50.43 37.09 17.31
CA THR S 130 50.28 36.43 16.02
C THR S 130 50.81 35.00 16.11
N ALA S 131 50.50 34.22 15.08
CA ALA S 131 50.99 32.84 15.00
C ALA S 131 52.48 32.90 14.69
N GLY S 132 53.31 32.89 15.74
CA GLY S 132 54.73 33.08 15.58
C GLY S 132 55.34 33.86 16.73
N GLY S 133 54.50 34.40 17.60
CA GLY S 133 54.93 34.99 18.85
C GLY S 133 54.95 36.50 18.88
N PHE S 134 55.01 37.15 17.72
CA PHE S 134 55.05 38.61 17.71
C PHE S 134 53.73 39.18 18.23
N GLN S 135 53.82 40.23 19.03
CA GLN S 135 52.65 40.77 19.71
C GLN S 135 52.12 41.98 18.96
N VAL S 136 50.79 42.11 18.93
CA VAL S 136 50.15 43.23 18.26
C VAL S 136 50.47 44.52 19.00
N GLN S 137 50.69 45.59 18.26
CA GLN S 137 51.21 46.82 18.85
C GLN S 137 50.29 47.45 19.89
N PRO S 138 48.98 47.61 19.66
CA PRO S 138 48.13 48.21 20.70
C PRO S 138 48.06 47.39 21.98
N ALA S 139 48.63 46.19 22.00
CA ALA S 139 48.75 45.37 23.21
C ALA S 139 47.38 45.03 23.80
N ILE S 140 46.62 44.22 23.06
CA ILE S 140 45.34 43.73 23.55
C ILE S 140 45.61 42.55 24.47
N THR S 141 45.10 42.63 25.69
CA THR S 141 45.26 41.56 26.68
C THR S 141 43.90 41.03 27.09
N ILE S 142 43.76 39.71 27.10
CA ILE S 142 42.52 39.03 27.43
C ILE S 142 42.62 38.53 28.86
N PRO S 143 41.73 38.94 29.76
CA PRO S 143 41.76 38.41 31.13
C PRO S 143 41.42 36.92 31.15
N ALA S 144 41.83 36.27 32.23
CA ALA S 144 41.61 34.84 32.37
C ALA S 144 40.12 34.54 32.53
N ASN S 145 39.80 33.25 32.56
CA ASN S 145 38.45 32.72 32.74
C ASN S 145 37.42 33.43 31.87
N ALA S 146 37.83 33.90 30.70
CA ALA S 146 36.91 34.56 29.79
C ALA S 146 36.14 33.52 28.99
N LEU S 147 34.81 33.69 28.93
CA LEU S 147 33.96 32.73 28.23
C LEU S 147 34.13 32.84 26.72
N SER S 148 33.85 34.01 26.16
CA SER S 148 33.96 34.22 24.72
C SER S 148 34.52 35.61 24.45
N ILE S 149 35.20 35.75 23.32
CA ILE S 149 35.83 37.00 22.90
C ILE S 149 35.13 37.47 21.64
N THR S 150 34.69 38.72 21.63
CA THR S 150 33.99 39.32 20.50
C THR S 150 34.79 40.50 19.98
N ILE S 151 34.92 40.60 18.67
CA ILE S 151 35.60 41.71 18.02
C ILE S 151 34.59 42.42 17.13
N GLY S 152 34.35 43.70 17.41
CA GLY S 152 33.38 44.45 16.66
C GLY S 152 33.86 44.78 15.26
N ARG S 153 32.91 45.19 14.42
CA ARG S 153 33.24 45.52 13.04
C ARG S 153 34.09 46.78 12.95
N ASP S 154 34.09 47.61 13.99
CA ASP S 154 34.90 48.81 14.03
C ASP S 154 36.11 48.65 14.93
N GLY S 155 36.51 47.42 15.25
CA GLY S 155 37.73 47.19 15.97
C GLY S 155 37.63 47.29 17.48
N VAL S 156 36.45 47.19 18.06
CA VAL S 156 36.30 47.17 19.50
C VAL S 156 36.31 45.72 19.98
N VAL S 157 37.11 45.43 20.99
CA VAL S 157 37.30 44.08 21.49
C VAL S 157 36.65 44.00 22.87
N SER S 158 35.79 43.01 23.06
CA SER S 158 35.08 42.83 24.31
C SER S 158 35.11 41.36 24.69
N VAL S 159 34.96 41.07 25.98
CA VAL S 159 34.89 39.71 26.49
C VAL S 159 33.72 39.63 27.45
N THR S 160 33.17 38.43 27.61
CA THR S 160 32.12 38.17 28.59
C THR S 160 32.65 37.29 29.71
N GLN S 161 32.11 37.47 30.89
CA GLN S 161 32.52 36.73 32.07
C GLN S 161 31.29 36.07 32.70
N GLN S 162 31.53 35.26 33.72
CA GLN S 162 30.47 34.54 34.39
C GLN S 162 29.81 35.43 35.43
N GLY S 163 28.49 35.58 35.32
CA GLY S 163 27.74 36.39 36.25
C GLY S 163 27.69 37.86 35.95
N GLN S 164 28.05 38.28 34.74
CA GLN S 164 28.01 39.68 34.35
C GLN S 164 26.95 39.86 33.27
N ALA S 165 26.03 40.81 33.51
CA ALA S 165 24.95 41.05 32.54
C ALA S 165 25.50 41.61 31.23
N ALA S 166 26.42 42.56 31.31
CA ALA S 166 26.94 43.19 30.11
C ALA S 166 28.43 42.91 29.96
N PRO S 167 28.92 42.71 28.73
CA PRO S 167 30.33 42.42 28.53
C PRO S 167 31.19 43.64 28.81
N VAL S 168 32.46 43.38 29.11
CA VAL S 168 33.42 44.44 29.38
C VAL S 168 34.28 44.62 28.13
N GLN S 169 34.87 45.81 28.02
CA GLN S 169 35.73 46.15 26.89
C GLN S 169 37.19 46.03 27.32
N VAL S 170 37.98 45.35 26.50
CA VAL S 170 39.37 45.05 26.85
C VAL S 170 40.32 45.64 25.82
N GLY S 171 39.91 46.70 25.14
CA GLY S 171 40.82 47.40 24.25
C GLY S 171 40.32 47.63 22.84
N GLN S 172 40.89 48.63 22.19
CA GLN S 172 40.56 48.99 20.81
C GLN S 172 41.60 48.42 19.87
N LEU S 173 41.17 48.05 18.67
CA LEU S 173 42.05 47.44 17.67
C LEU S 173 42.06 48.34 16.44
N ASN S 174 43.00 49.28 16.41
CA ASN S 174 43.17 50.15 15.25
C ASN S 174 43.98 49.45 14.17
N LEU S 175 44.07 50.09 13.00
CA LEU S 175 44.96 49.60 11.96
C LEU S 175 45.50 50.78 11.16
N THR S 176 46.61 50.53 10.47
CA THR S 176 47.37 51.58 9.82
C THR S 176 47.12 51.57 8.32
N THR S 177 47.28 52.74 7.71
CA THR S 177 47.16 52.92 6.27
C THR S 177 48.36 53.71 5.77
N PHE S 178 48.59 53.59 4.46
CA PHE S 178 49.74 54.20 3.81
C PHE S 178 49.29 54.92 2.55
N MET S 179 50.06 55.94 2.17
CA MET S 179 49.80 56.64 0.91
C MET S 179 50.02 55.72 -0.29
N ASN S 180 51.07 54.90 -0.24
CA ASN S 180 51.39 53.98 -1.32
C ASN S 180 51.67 52.60 -0.71
N ASP S 181 50.74 51.68 -0.91
CA ASP S 181 50.86 50.36 -0.30
C ASP S 181 51.89 49.49 -1.01
N THR S 182 52.09 49.70 -2.31
CA THR S 182 52.99 48.84 -3.07
C THR S 182 54.45 48.99 -2.62
N GLY S 183 54.81 50.14 -2.08
CA GLY S 183 56.18 50.40 -1.70
C GLY S 183 56.64 49.74 -0.41
N LEU S 184 55.74 49.04 0.28
CA LEU S 184 56.13 48.36 1.51
C LEU S 184 57.14 47.27 1.21
N GLU S 185 58.20 47.21 2.03
CA GLU S 185 59.23 46.20 1.86
C GLU S 185 58.80 44.93 2.59
N SER S 186 58.74 43.82 1.88
CA SER S 186 58.25 42.57 2.43
C SER S 186 59.39 41.78 3.05
N ILE S 187 59.12 41.16 4.19
CA ILE S 187 60.01 40.19 4.80
C ILE S 187 59.19 38.93 5.10
N GLY S 188 59.85 37.95 5.71
CA GLY S 188 59.20 36.69 5.94
C GLY S 188 58.04 36.79 6.91
N GLU S 189 57.31 35.68 7.02
CA GLU S 189 56.18 35.54 7.94
C GLU S 189 55.09 36.56 7.67
N ASN S 190 54.84 36.86 6.40
CA ASN S 190 53.77 37.75 5.96
C ASN S 190 53.87 39.10 6.66
N LEU S 191 55.09 39.61 6.74
CA LEU S 191 55.34 40.88 7.40
C LEU S 191 55.79 41.91 6.37
N TYR S 192 55.39 43.16 6.59
CA TYR S 192 55.80 44.28 5.76
C TYR S 192 56.36 45.37 6.67
N ILE S 193 57.35 46.09 6.15
CA ILE S 193 57.94 47.22 6.85
C ILE S 193 57.91 48.42 5.92
N GLU S 194 57.52 49.57 6.47
CA GLU S 194 57.44 50.78 5.68
C GLU S 194 58.84 51.27 5.30
N THR S 195 58.93 51.92 4.15
CA THR S 195 60.19 52.39 3.62
C THR S 195 60.06 53.84 3.20
N GLN S 196 61.10 54.34 2.55
CA GLN S 196 61.06 55.71 2.04
C GLN S 196 60.00 55.86 0.97
N SER S 197 59.86 54.86 0.11
CA SER S 197 58.90 54.96 -0.99
C SER S 197 57.47 55.08 -0.49
N SER S 198 57.10 54.30 0.52
CA SER S 198 55.78 54.40 1.10
C SER S 198 55.72 55.55 2.09
N GLY S 199 54.55 56.15 2.20
CA GLY S 199 54.38 57.27 3.11
C GLY S 199 54.46 56.82 4.56
N ALA S 200 54.55 57.80 5.44
CA ALA S 200 54.54 57.52 6.87
C ALA S 200 53.20 56.92 7.25
N PRO S 201 53.18 55.85 8.04
CA PRO S 201 51.90 55.22 8.38
C PRO S 201 51.01 56.17 9.15
N ASN S 202 49.70 56.08 8.90
CA ASN S 202 48.73 56.80 9.72
C ASN S 202 47.75 55.79 10.28
N GLU S 203 47.56 55.82 11.59
CA GLU S 203 46.70 54.87 12.28
C GLU S 203 45.28 55.40 12.36
N SER S 204 44.31 54.50 12.24
CA SER S 204 42.92 54.90 12.29
C SER S 204 42.08 53.73 12.75
N THR S 205 40.91 54.05 13.27
CA THR S 205 39.95 53.02 13.65
C THR S 205 39.29 52.45 12.40
N PRO S 206 38.91 51.18 12.44
CA PRO S 206 38.22 50.58 11.28
C PRO S 206 36.94 51.33 10.97
N GLY S 207 36.65 51.46 9.68
CA GLY S 207 35.45 52.13 9.23
C GLY S 207 35.56 53.63 9.07
N LEU S 208 36.75 54.21 9.26
CA LEU S 208 36.93 55.65 9.13
C LEU S 208 38.15 55.94 8.28
N ASN S 209 38.10 57.06 7.55
CA ASN S 209 39.21 57.54 6.75
C ASN S 209 39.69 56.49 5.76
N GLY S 210 38.75 55.76 5.18
CA GLY S 210 39.08 54.77 4.17
C GLY S 210 39.57 53.43 4.71
N ALA S 211 39.70 53.30 6.03
CA ALA S 211 40.11 52.02 6.60
C ALA S 211 38.95 51.03 6.58
N GLY S 212 39.28 49.76 6.34
CA GLY S 212 38.27 48.75 6.23
C GLY S 212 37.74 48.27 7.57
N LEU S 213 36.66 47.50 7.52
CA LEU S 213 36.02 46.93 8.69
C LEU S 213 36.66 45.58 9.03
N LEU S 214 36.16 44.95 10.08
CA LEU S 214 36.70 43.68 10.54
C LEU S 214 35.58 42.65 10.64
N TYR S 215 35.87 41.42 10.23
CA TYR S 215 34.98 40.28 10.41
C TYR S 215 35.66 39.27 11.30
N GLN S 216 34.95 38.77 12.31
CA GLN S 216 35.49 37.76 13.18
C GLN S 216 35.08 36.37 12.71
N GLY S 217 35.99 35.41 12.83
CA GLY S 217 35.73 34.05 12.40
C GLY S 217 36.03 33.77 10.96
N TYR S 218 36.59 34.72 10.22
CA TYR S 218 36.94 34.53 8.83
C TYR S 218 38.39 34.96 8.63
N VAL S 219 39.03 34.34 7.64
CA VAL S 219 40.41 34.64 7.31
C VAL S 219 40.49 35.02 5.84
N GLU S 220 41.20 36.11 5.55
CA GLU S 220 41.37 36.58 4.19
C GLU S 220 42.40 35.71 3.46
N THR S 221 42.04 35.21 2.29
CA THR S 221 42.89 34.32 1.53
C THR S 221 43.70 35.07 0.49
N SER S 222 44.70 34.39 -0.06
CA SER S 222 45.56 35.00 -1.06
C SER S 222 44.79 35.24 -2.36
N ASN S 223 45.22 36.24 -3.11
CA ASN S 223 44.58 36.62 -4.35
C ASN S 223 45.38 36.15 -5.56
N VAL S 224 45.97 34.96 -5.46
CA VAL S 224 46.71 34.37 -6.55
C VAL S 224 45.74 33.72 -7.52
N ASN S 225 45.85 34.08 -8.80
CA ASN S 225 44.98 33.53 -9.85
C ASN S 225 45.77 32.45 -10.60
N VAL S 226 45.48 31.19 -10.30
CA VAL S 226 46.24 30.09 -10.88
C VAL S 226 46.01 29.95 -12.38
N ALA S 227 44.92 30.49 -12.90
CA ALA S 227 44.64 30.37 -14.32
C ALA S 227 45.60 31.19 -15.18
N GLU S 228 46.32 32.15 -14.59
CA GLU S 228 47.27 32.97 -15.31
C GLU S 228 48.71 32.50 -15.16
N GLU S 229 49.05 31.87 -14.03
CA GLU S 229 50.40 31.38 -13.83
C GLU S 229 50.77 30.30 -14.82
N LEU S 230 49.82 29.44 -15.21
CA LEU S 230 50.13 28.42 -16.20
C LEU S 230 50.51 29.04 -17.54
N VAL S 231 49.73 30.03 -18.00
CA VAL S 231 50.03 30.68 -19.26
C VAL S 231 51.36 31.42 -19.18
N ASN S 232 51.61 32.08 -18.05
CA ASN S 232 52.89 32.76 -17.88
C ASN S 232 54.05 31.77 -17.91
N MET S 233 53.87 30.60 -17.31
CA MET S 233 54.92 29.57 -17.34
C MET S 233 55.18 29.11 -18.76
N ILE S 234 54.12 28.90 -19.54
CA ILE S 234 54.30 28.48 -20.93
C ILE S 234 55.07 29.54 -21.71
N GLN S 235 54.69 30.80 -21.55
CA GLN S 235 55.36 31.89 -22.25
C GLN S 235 56.83 31.99 -21.84
N VAL S 236 57.09 31.86 -20.54
CA VAL S 236 58.47 31.94 -20.04
C VAL S 236 59.30 30.80 -20.62
N GLN S 237 58.76 29.59 -20.63
CA GLN S 237 59.50 28.46 -21.15
C GLN S 237 59.85 28.66 -22.62
N ARG S 238 58.87 29.11 -23.41
CA ARG S 238 59.13 29.29 -24.83
C ARG S 238 60.15 30.39 -25.07
N ALA S 239 60.07 31.49 -24.32
CA ALA S 239 61.06 32.55 -24.45
C ALA S 239 62.46 32.05 -24.10
N TYR S 240 62.55 31.21 -23.07
CA TYR S 240 63.83 30.61 -22.70
C TYR S 240 64.36 29.76 -23.84
N GLU S 241 63.49 28.98 -24.48
CA GLU S 241 63.92 28.16 -25.61
C GLU S 241 64.47 29.04 -26.74
N ILE S 242 63.77 30.13 -27.05
CA ILE S 242 64.19 30.99 -28.15
C ILE S 242 65.55 31.61 -27.85
N ASN S 243 65.73 32.11 -26.63
CA ASN S 243 67.01 32.73 -26.28
C ASN S 243 68.15 31.70 -26.31
N SER S 244 67.88 30.47 -25.84
CA SER S 244 68.90 29.44 -25.92
C SER S 244 69.27 29.15 -27.36
N LYS S 245 68.29 29.12 -28.26
CA LYS S 245 68.60 28.93 -29.68
C LYS S 245 69.46 30.06 -30.22
N ALA S 246 69.17 31.29 -29.77
CA ALA S 246 70.01 32.42 -30.18
C ALA S 246 71.46 32.23 -29.72
N VAL S 247 71.64 31.76 -28.48
CA VAL S 247 72.98 31.51 -27.96
C VAL S 247 73.69 30.47 -28.81
N SER S 248 72.98 29.38 -29.13
CA SER S 248 73.59 28.31 -29.92
C SER S 248 73.98 28.80 -31.30
N THR S 249 73.11 29.59 -31.93
CA THR S 249 73.42 30.12 -33.25
C THR S 249 74.65 31.02 -33.22
N THR S 250 74.73 31.91 -32.23
CA THR S 250 75.91 32.76 -32.12
C THR S 250 77.17 31.94 -31.90
N ASP S 251 77.08 30.89 -31.07
CA ASP S 251 78.23 30.04 -30.82
C ASP S 251 78.70 29.35 -32.10
N GLN S 252 77.76 28.81 -32.87
CA GLN S 252 78.13 28.16 -34.12
C GLN S 252 78.76 29.14 -35.10
N MET S 253 78.20 30.35 -35.18
CA MET S 253 78.76 31.36 -36.07
C MET S 253 80.18 31.72 -35.66
N LEU S 254 80.41 31.92 -34.36
CA LEU S 254 81.74 32.28 -33.89
C LEU S 254 82.74 31.15 -34.09
N GLN S 255 82.30 29.91 -33.88
CA GLN S 255 83.18 28.77 -34.11
C GLN S 255 83.56 28.66 -35.58
N LYS S 256 82.60 28.89 -36.47
CA LYS S 256 82.92 28.88 -37.90
C LYS S 256 83.89 30.00 -38.24
N LEU S 257 83.72 31.17 -37.62
CA LEU S 257 84.64 32.27 -37.87
C LEU S 257 86.06 31.90 -37.45
N THR S 258 86.22 31.37 -36.24
CA THR S 258 87.55 31.04 -35.75
C THR S 258 88.11 29.77 -36.38
N GLN S 259 87.29 29.01 -37.12
CA GLN S 259 87.80 27.82 -37.78
C GLN S 259 88.86 28.15 -38.82
N LEU S 260 88.63 29.20 -39.60
CA LEU S 260 89.58 29.59 -40.64
C LEU S 260 90.83 30.21 -40.03
N ILE T 2 95.12 20.97 -17.42
CA ILE T 2 94.68 19.64 -17.04
C ILE T 2 94.00 19.68 -15.68
N SER T 3 94.08 20.82 -15.01
CA SER T 3 93.45 20.97 -13.70
C SER T 3 91.93 20.88 -13.82
N SER T 4 91.37 21.45 -14.88
CA SER T 4 89.91 21.45 -15.05
C SER T 4 89.38 20.04 -15.13
N LEU T 5 90.13 19.13 -15.75
CA LEU T 5 89.70 17.74 -15.82
C LEU T 5 89.55 17.13 -14.44
N TRP T 6 90.54 17.37 -13.56
CA TRP T 6 90.45 16.82 -12.21
C TRP T 6 89.31 17.46 -11.44
N ILE T 7 89.11 18.76 -11.59
CA ILE T 7 88.02 19.44 -10.89
C ILE T 7 86.67 18.86 -11.32
N ALA T 8 86.47 18.70 -12.62
CA ALA T 8 85.22 18.12 -13.11
C ALA T 8 85.08 16.67 -12.69
N LYS T 9 86.19 15.92 -12.60
CA LYS T 9 86.11 14.56 -12.13
C LYS T 9 85.62 14.51 -10.68
N THR T 10 86.13 15.40 -9.83
CA THR T 10 85.65 15.45 -8.45
C THR T 10 84.17 15.80 -8.41
N GLY T 11 83.75 16.76 -9.24
CA GLY T 11 82.33 17.11 -9.27
C GLY T 11 81.45 15.95 -9.70
N LEU T 12 81.88 15.21 -10.73
CA LEU T 12 81.11 14.06 -11.19
C LEU T 12 81.04 12.98 -10.11
N ASP T 13 82.15 12.73 -9.41
CA ASP T 13 82.13 11.74 -8.34
C ASP T 13 81.20 12.16 -7.21
N ALA T 14 81.21 13.46 -6.87
CA ALA T 14 80.30 13.93 -5.83
C ALA T 14 78.84 13.72 -6.23
N GLN T 15 78.50 14.05 -7.48
CA GLN T 15 77.14 13.81 -7.94
C GLN T 15 76.81 12.33 -7.95
N GLN T 16 77.77 11.47 -8.30
CA GLN T 16 77.53 10.04 -8.31
C GLN T 16 77.22 9.52 -6.91
N THR T 17 77.98 9.95 -5.91
CA THR T 17 77.71 9.51 -4.55
C THR T 17 76.38 10.06 -4.04
N ASN T 18 76.02 11.29 -4.44
CA ASN T 18 74.72 11.81 -4.07
C ASN T 18 73.60 10.95 -4.65
N MET T 19 73.72 10.58 -5.93
CA MET T 19 72.74 9.69 -6.54
C MET T 19 72.73 8.34 -5.84
N ASP T 20 73.90 7.88 -5.38
CA ASP T 20 73.97 6.60 -4.68
C ASP T 20 73.16 6.64 -3.39
N VAL T 21 73.34 7.69 -2.58
CA VAL T 21 72.58 7.75 -1.34
C VAL T 21 71.10 7.94 -1.62
N ILE T 22 70.75 8.68 -2.68
CA ILE T 22 69.34 8.84 -3.03
C ILE T 22 68.73 7.49 -3.39
N ALA T 23 69.44 6.70 -4.20
CA ALA T 23 68.93 5.39 -4.59
C ALA T 23 68.82 4.46 -3.38
N ASN T 24 69.78 4.53 -2.47
CA ASN T 24 69.70 3.72 -1.26
C ASN T 24 68.49 4.10 -0.41
N ASN T 25 68.21 5.39 -0.30
CA ASN T 25 67.02 5.82 0.44
C ASN T 25 65.76 5.31 -0.24
N LEU T 26 65.70 5.39 -1.56
CA LEU T 26 64.49 4.96 -2.26
C LEU T 26 64.28 3.46 -2.18
N ALA T 27 65.37 2.67 -2.20
CA ALA T 27 65.24 1.22 -2.30
C ALA T 27 64.52 0.63 -1.10
N ASN T 28 65.00 0.94 0.11
CA ASN T 28 64.40 0.41 1.33
C ASN T 28 63.42 1.41 1.93
N VAL T 29 62.37 1.70 1.17
CA VAL T 29 61.31 2.59 1.64
C VAL T 29 60.30 1.85 2.51
N SER T 30 60.27 0.53 2.44
CA SER T 30 59.34 -0.29 3.21
C SER T 30 60.07 -1.18 4.21
N THR T 31 61.18 -0.69 4.74
CA THR T 31 61.94 -1.42 5.75
C THR T 31 61.63 -0.84 7.13
N ASN T 32 61.22 -1.71 8.05
CA ASN T 32 60.82 -1.25 9.38
C ASN T 32 61.98 -0.61 10.11
N GLY T 33 61.72 0.53 10.73
CA GLY T 33 62.73 1.21 11.54
C GLY T 33 63.93 1.64 10.75
N PHE T 34 63.70 2.27 9.60
CA PHE T 34 64.78 2.77 8.76
C PHE T 34 64.79 4.30 8.80
N LYS T 35 66.00 4.86 8.72
CA LYS T 35 66.19 6.30 8.80
C LYS T 35 66.86 6.77 7.52
N ARG T 36 66.33 7.84 6.93
CA ARG T 36 66.89 8.37 5.69
C ARG T 36 68.25 9.00 5.95
N GLN T 37 69.03 9.12 4.89
CA GLN T 37 70.35 9.73 4.94
C GLN T 37 70.45 10.86 3.94
N ARG T 38 71.19 11.89 4.30
CA ARG T 38 71.51 12.97 3.38
C ARG T 38 73.02 13.22 3.41
N ALA T 39 73.60 13.45 2.25
CA ALA T 39 75.03 13.63 2.12
C ALA T 39 75.38 15.12 2.13
N VAL T 40 76.49 15.46 2.76
CA VAL T 40 76.96 16.84 2.84
C VAL T 40 78.36 16.90 2.23
N PHE T 41 78.56 17.85 1.32
CA PHE T 41 79.84 18.05 0.66
C PHE T 41 80.52 19.31 1.20
N GLU T 42 81.81 19.43 0.90
CA GLU T 42 82.56 20.62 1.27
C GLU T 42 83.66 20.86 0.26
N ASP T 43 84.17 22.09 0.25
CA ASP T 43 85.18 22.52 -0.70
C ASP T 43 86.55 21.95 -0.32
N LEU T 44 87.45 21.95 -1.30
CA LEU T 44 88.80 21.51 -1.10
C LEU T 44 89.72 22.70 -0.85
N LEU T 45 91.03 22.46 -0.83
CA LEU T 45 91.99 23.53 -0.62
C LEU T 45 91.97 24.50 -1.79
N TYR T 46 92.25 25.76 -1.49
CA TYR T 46 92.31 26.83 -2.50
C TYR T 46 93.75 27.24 -2.72
N GLN T 47 94.19 27.21 -3.98
CA GLN T 47 95.52 27.65 -4.32
C GLN T 47 95.53 29.17 -4.50
N THR T 48 96.40 29.82 -3.74
CA THR T 48 96.55 31.28 -3.80
C THR T 48 97.72 31.57 -4.74
N ILE T 49 97.40 31.78 -6.02
CA ILE T 49 98.45 31.98 -7.02
C ILE T 49 99.16 33.30 -6.79
N ARG T 50 98.41 34.37 -6.58
CA ARG T 50 98.99 35.70 -6.45
C ARG T 50 98.28 36.46 -5.34
N GLN T 51 99.04 37.12 -4.48
CA GLN T 51 98.48 37.94 -3.43
C GLN T 51 97.81 39.19 -4.00
N PRO T 52 96.74 39.67 -3.37
CA PRO T 52 96.06 40.90 -3.80
C PRO T 52 96.86 42.15 -3.46
N GLN T 59 91.42 55.11 -8.92
CA GLN T 59 91.15 55.07 -7.49
C GLN T 59 90.61 53.71 -7.08
N THR T 60 89.29 53.56 -7.11
CA THR T 60 88.63 52.32 -6.70
C THR T 60 88.58 51.38 -7.90
N THR T 61 89.39 50.32 -7.83
CA THR T 61 89.48 49.31 -8.87
C THR T 61 89.34 47.94 -8.23
N LEU T 62 89.33 46.90 -9.06
CA LEU T 62 89.21 45.55 -8.57
C LEU T 62 90.46 45.16 -7.76
N PRO T 63 90.31 44.28 -6.77
CA PRO T 63 91.48 43.94 -5.92
C PRO T 63 92.62 43.27 -6.68
N SER T 64 92.35 42.67 -7.84
CA SER T 64 93.38 42.04 -8.66
C SER T 64 94.08 40.91 -7.89
N GLY T 65 93.29 39.97 -7.41
CA GLY T 65 93.81 38.83 -6.68
C GLY T 65 93.28 37.54 -7.25
N LEU T 66 94.13 36.53 -7.22
CA LEU T 66 93.82 35.23 -7.82
C LEU T 66 93.75 34.17 -6.72
N GLN T 67 92.75 33.29 -6.83
CA GLN T 67 92.60 32.20 -5.86
C GLN T 67 91.82 31.08 -6.54
N ILE T 68 92.52 30.04 -6.96
CA ILE T 68 91.93 28.95 -7.73
C ILE T 68 91.42 27.89 -6.78
N GLY T 69 90.19 27.43 -7.01
CA GLY T 69 89.63 26.34 -6.26
C GLY T 69 90.18 25.01 -6.72
N THR T 70 89.75 23.96 -6.04
CA THR T 70 90.21 22.61 -6.37
C THR T 70 89.09 21.64 -6.69
N GLY T 71 87.97 21.71 -6.00
CA GLY T 71 86.87 20.82 -6.27
C GLY T 71 86.01 20.63 -5.04
N VAL T 72 85.42 19.44 -4.94
CA VAL T 72 84.50 19.10 -3.88
C VAL T 72 84.64 17.62 -3.56
N ARG T 73 84.46 17.27 -2.28
CA ARG T 73 84.46 15.89 -1.85
C ARG T 73 83.28 15.66 -0.90
N PRO T 74 82.78 14.43 -0.82
CA PRO T 74 81.75 14.13 0.17
C PRO T 74 82.35 14.04 1.56
N VAL T 75 81.69 14.69 2.52
CA VAL T 75 82.21 14.79 3.88
C VAL T 75 81.55 13.79 4.80
N ALA T 76 80.22 13.76 4.84
CA ALA T 76 79.52 12.89 5.77
C ALA T 76 78.12 12.62 5.24
N THR T 77 77.48 11.62 5.82
CA THR T 77 76.09 11.27 5.53
C THR T 77 75.35 11.22 6.85
N GLU T 78 74.48 12.18 7.08
CA GLU T 78 73.73 12.29 8.32
C GLU T 78 72.40 11.55 8.21
N ARG T 79 72.02 10.87 9.27
CA ARG T 79 70.75 10.16 9.34
C ARG T 79 69.79 10.95 10.22
N LEU T 80 68.58 11.16 9.73
CA LEU T 80 67.55 11.87 10.49
C LEU T 80 66.88 10.86 11.42
N HIS T 81 67.28 10.87 12.68
CA HIS T 81 66.66 10.01 13.69
C HIS T 81 65.32 10.60 14.15
N SER T 82 64.43 10.79 13.18
CA SER T 82 63.10 11.30 13.46
C SER T 82 62.18 10.13 13.83
N GLN T 83 60.91 10.42 14.04
CA GLN T 83 59.93 9.42 14.46
C GLN T 83 59.05 9.08 13.26
N GLY T 84 59.12 7.83 12.82
CA GLY T 84 58.29 7.39 11.72
C GLY T 84 56.89 7.04 12.15
N ASN T 85 56.01 6.90 11.17
CA ASN T 85 54.64 6.51 11.45
C ASN T 85 54.58 5.05 11.90
N LEU T 86 53.51 4.72 12.61
CA LEU T 86 53.32 3.38 13.16
C LEU T 86 52.24 2.66 12.36
N SER T 87 52.56 1.45 11.92
CA SER T 87 51.62 0.62 11.18
C SER T 87 51.34 -0.65 11.97
N GLN T 88 50.06 -1.03 12.04
CA GLN T 88 49.63 -2.16 12.83
C GLN T 88 49.82 -3.46 12.07
N THR T 89 50.49 -4.42 12.71
CA THR T 89 50.66 -5.75 12.14
C THR T 89 49.80 -6.80 12.79
N ASN T 90 49.14 -6.48 13.91
CA ASN T 90 48.23 -7.34 14.65
C ASN T 90 48.92 -8.54 15.29
N ASN T 91 50.23 -8.68 15.12
CA ASN T 91 50.96 -9.75 15.78
C ASN T 91 51.08 -9.45 17.27
N SER T 92 51.34 -10.50 18.05
CA SER T 92 51.45 -10.37 19.50
C SER T 92 52.87 -10.16 19.98
N LYS T 93 53.87 -10.21 19.09
CA LYS T 93 55.26 -10.07 19.47
C LYS T 93 55.98 -9.03 18.61
N ASP T 94 55.26 -8.01 18.17
CA ASP T 94 55.85 -6.88 17.47
C ASP T 94 55.71 -5.64 18.34
N VAL T 95 56.82 -4.93 18.54
CA VAL T 95 56.84 -3.75 19.38
C VAL T 95 57.38 -2.58 18.57
N ALA T 96 56.89 -1.39 18.90
CA ALA T 96 57.28 -0.16 18.24
C ALA T 96 57.70 0.86 19.29
N ILE T 97 58.74 1.61 18.97
CA ILE T 97 59.33 2.58 19.89
C ILE T 97 58.68 3.94 19.67
N LYS T 98 58.19 4.54 20.74
CA LYS T 98 57.68 5.91 20.75
C LYS T 98 58.73 6.75 21.47
N GLY T 99 59.53 7.47 20.69
CA GLY T 99 60.60 8.27 21.27
C GLY T 99 61.97 7.74 20.92
N GLN T 100 62.91 7.85 21.86
CA GLN T 100 64.29 7.45 21.63
C GLN T 100 64.58 6.12 22.31
N GLY T 101 65.66 5.48 21.87
CA GLY T 101 66.09 4.22 22.44
C GLY T 101 66.34 3.15 21.40
N PHE T 102 67.14 2.16 21.76
CA PHE T 102 67.48 1.06 20.88
C PHE T 102 67.45 -0.25 21.64
N PHE T 103 66.89 -1.28 21.03
CA PHE T 103 67.00 -2.63 21.57
C PHE T 103 68.43 -3.14 21.39
N GLN T 104 68.85 -4.00 22.30
CA GLN T 104 70.20 -4.56 22.28
C GLN T 104 70.14 -6.03 21.93
N VAL T 105 70.98 -6.46 20.98
CA VAL T 105 71.08 -7.84 20.57
C VAL T 105 72.53 -8.27 20.68
N MET T 106 72.74 -9.58 20.81
CA MET T 106 74.07 -10.16 20.96
C MET T 106 74.49 -10.78 19.64
N LEU T 107 75.63 -10.34 19.13
CA LEU T 107 76.17 -10.90 17.90
C LEU T 107 76.82 -12.25 18.15
N PRO T 108 76.87 -13.12 17.14
CA PRO T 108 77.47 -14.45 17.35
C PRO T 108 78.92 -14.40 17.79
N ASP T 109 79.70 -13.43 17.31
CA ASP T 109 81.12 -13.39 17.64
C ASP T 109 81.33 -13.09 19.12
N GLY T 110 80.42 -12.34 19.73
CA GLY T 110 80.53 -12.03 21.14
C GLY T 110 80.17 -10.60 21.49
N THR T 111 80.44 -9.67 20.58
CA THR T 111 80.09 -8.29 20.83
C THR T 111 78.58 -8.09 20.72
N SER T 112 78.14 -6.85 20.95
CA SER T 112 76.73 -6.51 21.00
C SER T 112 76.42 -5.45 19.97
N ALA T 113 75.21 -5.50 19.41
CA ALA T 113 74.74 -4.52 18.45
C ALA T 113 73.40 -3.98 18.93
N TYR T 114 72.97 -2.88 18.31
CA TYR T 114 71.74 -2.21 18.70
C TYR T 114 70.87 -1.96 17.48
N THR T 115 69.57 -2.19 17.64
CA THR T 115 68.61 -2.06 16.55
C THR T 115 67.43 -1.23 16.99
N ARG T 116 66.56 -0.91 16.05
CA ARG T 116 65.42 -0.03 16.28
C ARG T 116 64.09 -0.68 15.94
N ASP T 117 64.04 -1.48 14.87
CA ASP T 117 62.80 -2.12 14.48
C ASP T 117 62.46 -3.27 15.41
N GLY T 118 61.16 -3.50 15.60
CA GLY T 118 60.71 -4.60 16.42
C GLY T 118 59.94 -5.64 15.64
N SER T 119 60.56 -6.80 15.44
CA SER T 119 59.89 -7.94 14.82
C SER T 119 60.58 -9.19 15.36
N PHE T 120 59.98 -9.78 16.39
CA PHE T 120 60.63 -10.81 17.19
C PHE T 120 59.92 -12.14 17.05
N GLN T 121 60.68 -13.21 17.08
CA GLN T 121 60.15 -14.57 17.17
C GLN T 121 60.70 -15.26 18.42
N VAL T 122 60.30 -16.51 18.58
CA VAL T 122 60.72 -17.34 19.70
C VAL T 122 61.51 -18.51 19.17
N ASP T 123 62.70 -18.72 19.74
CA ASP T 123 63.53 -19.84 19.34
C ASP T 123 62.96 -21.14 19.92
N GLN T 124 63.59 -22.26 19.57
CA GLN T 124 63.08 -23.54 20.05
C GLN T 124 63.24 -23.70 21.55
N ASN T 125 64.36 -23.23 22.11
CA ASN T 125 64.55 -23.33 23.55
C ASN T 125 63.60 -22.40 24.31
N GLY T 126 63.10 -21.37 23.65
CA GLY T 126 62.07 -20.54 24.23
C GLY T 126 62.41 -19.07 24.31
N GLN T 127 63.68 -18.73 24.18
CA GLN T 127 64.10 -17.35 24.32
C GLN T 127 63.64 -16.51 23.13
N LEU T 128 63.54 -15.21 23.36
CA LEU T 128 63.03 -14.28 22.35
C LEU T 128 64.20 -13.76 21.52
N VAL T 129 64.11 -13.95 20.20
CA VAL T 129 65.16 -13.52 19.29
C VAL T 129 64.55 -12.65 18.20
N THR T 130 65.41 -12.01 17.43
CA THR T 130 64.96 -11.20 16.31
C THR T 130 64.86 -12.06 15.05
N ALA T 131 64.29 -11.47 14.00
CA ALA T 131 64.16 -12.15 12.72
C ALA T 131 65.54 -12.25 12.09
N GLY T 132 66.17 -13.42 12.22
CA GLY T 132 67.54 -13.60 11.77
C GLY T 132 68.32 -14.46 12.73
N GLY T 133 67.73 -14.74 13.89
CA GLY T 133 68.30 -15.64 14.86
C GLY T 133 69.08 -14.97 15.97
N PHE T 134 69.39 -13.69 15.84
CA PHE T 134 70.17 -13.01 16.86
C PHE T 134 69.35 -12.84 18.13
N GLN T 135 69.97 -13.08 19.28
CA GLN T 135 69.27 -13.11 20.54
C GLN T 135 69.18 -11.72 21.15
N VAL T 136 68.00 -11.38 21.67
CA VAL T 136 67.84 -10.12 22.39
C VAL T 136 68.57 -10.21 23.72
N GLN T 137 69.34 -9.18 24.05
CA GLN T 137 70.34 -9.30 25.11
C GLN T 137 69.77 -9.58 26.50
N PRO T 138 68.74 -8.88 26.99
CA PRO T 138 68.28 -9.16 28.36
C PRO T 138 67.79 -10.58 28.58
N ALA T 139 67.71 -11.40 27.53
CA ALA T 139 67.40 -12.82 27.63
C ALA T 139 66.00 -13.05 28.21
N ILE T 140 65.00 -12.63 27.43
CA ILE T 140 63.61 -12.90 27.77
C ILE T 140 63.24 -14.28 27.28
N THR T 141 62.81 -15.15 28.20
CA THR T 141 62.42 -16.51 27.87
C THR T 141 60.92 -16.66 28.02
N ILE T 142 60.26 -17.17 26.99
CA ILE T 142 58.82 -17.37 26.98
C ILE T 142 58.56 -18.85 27.14
N PRO T 143 57.98 -19.29 28.25
CA PRO T 143 57.76 -20.74 28.45
C PRO T 143 56.69 -21.29 27.52
N ALA T 144 56.58 -22.61 27.46
CA ALA T 144 55.56 -23.25 26.64
C ALA T 144 54.18 -23.04 27.26
N ASN T 145 53.17 -23.63 26.62
CA ASN T 145 51.76 -23.53 27.00
C ASN T 145 51.40 -22.10 27.40
N ALA T 146 51.88 -21.12 26.64
CA ALA T 146 51.62 -19.72 26.89
C ALA T 146 50.34 -19.33 26.18
N LEU T 147 49.29 -19.06 26.96
CA LEU T 147 48.01 -18.68 26.36
C LEU T 147 48.11 -17.34 25.66
N SER T 148 48.79 -16.37 26.25
CA SER T 148 48.94 -15.06 25.64
C SER T 148 50.20 -14.38 26.17
N ILE T 149 50.68 -13.40 25.42
CA ILE T 149 51.86 -12.62 25.79
C ILE T 149 51.50 -11.15 25.76
N THR T 150 51.90 -10.41 26.80
CA THR T 150 51.60 -9.00 26.91
C THR T 150 52.87 -8.22 27.15
N ILE T 151 53.06 -7.15 26.37
CA ILE T 151 54.18 -6.23 26.54
C ILE T 151 53.58 -4.86 26.74
N GLY T 152 53.61 -4.37 27.98
CA GLY T 152 52.99 -3.10 28.29
C GLY T 152 53.84 -1.93 27.83
N ARG T 153 53.34 -0.73 28.14
CA ARG T 153 54.10 0.47 27.80
C ARG T 153 55.41 0.55 28.57
N ASP T 154 55.52 -0.16 29.68
CA ASP T 154 56.77 -0.33 30.39
C ASP T 154 57.52 -1.51 29.79
N GLY T 155 58.70 -1.79 30.35
CA GLY T 155 59.47 -2.91 29.86
C GLY T 155 58.95 -4.27 30.29
N VAL T 156 57.98 -4.31 31.20
CA VAL T 156 57.54 -5.58 31.77
C VAL T 156 56.79 -6.38 30.71
N VAL T 157 57.17 -7.64 30.55
CA VAL T 157 56.50 -8.58 29.65
C VAL T 157 55.97 -9.73 30.49
N SER T 158 54.68 -10.03 30.32
CA SER T 158 54.00 -11.02 31.15
C SER T 158 53.32 -12.05 30.27
N VAL T 159 53.13 -13.25 30.81
CA VAL T 159 52.47 -14.34 30.11
C VAL T 159 51.46 -14.98 31.06
N THR T 160 50.26 -15.24 30.56
CA THR T 160 49.23 -15.92 31.32
C THR T 160 49.28 -17.42 31.02
N GLN T 161 48.69 -18.20 31.93
CA GLN T 161 48.69 -19.65 31.82
C GLN T 161 47.30 -20.18 32.14
N GLN T 162 47.14 -21.49 32.01
CA GLN T 162 45.85 -22.13 32.22
C GLN T 162 45.51 -22.13 33.71
N GLY T 163 44.31 -21.66 34.03
CA GLY T 163 43.84 -21.68 35.41
C GLY T 163 44.67 -20.81 36.35
N GLN T 164 45.06 -19.62 35.90
CA GLN T 164 45.79 -18.68 36.72
C GLN T 164 45.00 -17.39 36.87
N ALA T 165 44.77 -16.97 38.11
CA ALA T 165 44.04 -15.74 38.36
C ALA T 165 44.82 -14.53 37.85
N ALA T 166 46.13 -14.52 38.03
CA ALA T 166 46.96 -13.41 37.61
C ALA T 166 48.14 -13.90 36.79
N PRO T 167 48.61 -13.08 35.84
CA PRO T 167 49.75 -13.51 35.01
C PRO T 167 51.04 -13.55 35.81
N VAL T 168 52.03 -14.21 35.23
CA VAL T 168 53.36 -14.31 35.82
C VAL T 168 54.33 -13.50 34.96
N GLN T 169 55.12 -12.64 35.59
CA GLN T 169 56.10 -11.85 34.88
C GLN T 169 57.32 -12.69 34.55
N VAL T 170 57.76 -12.62 33.30
CA VAL T 170 58.86 -13.44 32.81
C VAL T 170 60.00 -12.59 32.25
N GLY T 171 60.19 -11.39 32.78
CA GLY T 171 61.31 -10.56 32.37
C GLY T 171 60.95 -9.13 32.06
N GLN T 172 61.93 -8.34 31.64
CA GLN T 172 61.72 -6.95 31.29
C GLN T 172 62.60 -6.59 30.10
N LEU T 173 62.06 -5.77 29.20
CA LEU T 173 62.77 -5.35 28.00
C LEU T 173 63.34 -3.95 28.23
N ASN T 174 64.46 -3.88 28.93
CA ASN T 174 65.16 -2.62 29.06
C ASN T 174 65.86 -2.27 27.76
N LEU T 175 65.99 -0.98 27.49
CA LEU T 175 66.57 -0.52 26.24
C LEU T 175 67.59 0.58 26.50
N THR T 176 68.52 0.72 25.57
CA THR T 176 69.67 1.60 25.74
C THR T 176 69.47 2.91 24.98
N THR T 177 70.28 3.90 25.36
CA THR T 177 70.26 5.21 24.74
C THR T 177 71.69 5.68 24.54
N PHE T 178 71.88 6.59 23.58
CA PHE T 178 73.18 7.14 23.24
C PHE T 178 73.15 8.67 23.33
N MET T 179 74.30 9.24 23.64
CA MET T 179 74.42 10.70 23.68
C MET T 179 74.22 11.32 22.30
N ASN T 180 74.81 10.71 21.28
CA ASN T 180 74.75 11.23 19.91
C ASN T 180 74.39 10.06 18.99
N ASP T 181 73.10 9.90 18.72
CA ASP T 181 72.65 8.76 17.93
C ASP T 181 72.98 8.91 16.45
N THR T 182 73.41 10.09 16.01
CA THR T 182 73.80 10.25 14.61
C THR T 182 75.12 9.56 14.32
N GLY T 183 75.98 9.44 15.33
CA GLY T 183 77.31 8.90 15.13
C GLY T 183 77.43 7.39 15.12
N LEU T 184 76.31 6.68 15.27
CA LEU T 184 76.37 5.22 15.25
C LEU T 184 76.77 4.71 13.88
N GLU T 185 77.75 3.81 13.85
CA GLU T 185 78.13 3.16 12.61
C GLU T 185 77.12 2.07 12.28
N SER T 186 76.51 2.17 11.10
CA SER T 186 75.42 1.28 10.71
C SER T 186 76.00 0.16 9.84
N ILE T 187 76.24 -0.98 10.46
CA ILE T 187 76.56 -2.20 9.72
C ILE T 187 75.26 -2.73 9.15
N GLY T 188 75.35 -3.69 8.23
CA GLY T 188 74.16 -4.19 7.58
C GLY T 188 73.24 -4.93 8.51
N GLU T 189 72.09 -5.34 7.96
CA GLU T 189 71.10 -6.16 8.65
C GLU T 189 70.41 -5.39 9.79
N ASN T 190 70.05 -4.13 9.51
CA ASN T 190 69.26 -3.31 10.43
C ASN T 190 69.89 -3.25 11.82
N LEU T 191 71.20 -3.04 11.85
CA LEU T 191 71.94 -3.01 13.11
C LEU T 191 72.89 -1.83 13.13
N TYR T 192 73.24 -1.41 14.35
CA TYR T 192 74.21 -0.36 14.58
C TYR T 192 75.20 -0.85 15.62
N ILE T 193 76.40 -0.28 15.62
CA ILE T 193 77.42 -0.61 16.61
C ILE T 193 77.92 0.67 17.25
N GLU T 194 78.36 0.57 18.51
CA GLU T 194 78.89 1.71 19.22
C GLU T 194 80.27 2.08 18.68
N THR T 195 80.46 3.37 18.42
CA THR T 195 81.74 3.90 17.97
C THR T 195 82.13 5.09 18.84
N GLN T 196 83.33 5.59 18.62
CA GLN T 196 83.83 6.70 19.43
C GLN T 196 83.02 7.96 19.21
N SER T 197 82.44 8.13 18.03
CA SER T 197 81.66 9.33 17.75
C SER T 197 80.43 9.40 18.65
N SER T 198 79.75 8.28 18.83
CA SER T 198 78.64 8.22 19.76
C SER T 198 79.16 7.92 21.17
N GLY T 199 78.40 8.35 22.16
CA GLY T 199 78.77 8.11 23.53
C GLY T 199 78.58 6.65 23.90
N ALA T 200 79.09 6.31 25.07
CA ALA T 200 78.88 4.96 25.60
C ALA T 200 77.39 4.78 25.89
N PRO T 201 76.79 3.66 25.50
CA PRO T 201 75.35 3.47 25.74
C PRO T 201 75.03 3.40 27.21
N ASN T 202 73.87 3.92 27.58
CA ASN T 202 73.36 3.75 28.93
C ASN T 202 71.97 3.14 28.85
N GLU T 203 71.74 2.07 29.61
CA GLU T 203 70.49 1.33 29.54
C GLU T 203 69.52 1.80 30.61
N SER T 204 68.23 1.69 30.30
CA SER T 204 67.19 2.06 31.24
C SER T 204 65.90 1.35 30.86
N THR T 205 64.99 1.28 31.82
CA THR T 205 63.65 0.81 31.54
C THR T 205 62.93 1.83 30.66
N PRO T 206 62.05 1.37 29.76
CA PRO T 206 61.34 2.31 28.89
C PRO T 206 60.48 3.28 29.70
N GLY T 207 60.40 4.52 29.21
CA GLY T 207 59.62 5.54 29.86
C GLY T 207 60.33 6.30 30.95
N LEU T 208 61.58 5.94 31.26
CA LEU T 208 62.36 6.63 32.27
C LEU T 208 63.70 7.03 31.68
N ASN T 209 64.28 8.09 32.24
CA ASN T 209 65.62 8.54 31.87
C ASN T 209 65.70 8.87 30.39
N GLY T 210 64.63 9.45 29.84
CA GLY T 210 64.61 9.89 28.47
C GLY T 210 64.39 8.81 27.44
N ALA T 211 64.10 7.58 27.86
CA ALA T 211 63.85 6.50 26.91
C ALA T 211 62.44 6.63 26.33
N GLY T 212 62.12 5.75 25.38
CA GLY T 212 60.84 5.76 24.71
C GLY T 212 59.82 4.89 25.41
N LEU T 213 58.73 4.63 24.70
CA LEU T 213 57.65 3.77 25.18
C LEU T 213 57.43 2.65 24.17
N LEU T 214 56.92 1.53 24.65
CA LEU T 214 56.70 0.35 23.82
C LEU T 214 55.23 0.24 23.48
N TYR T 215 54.93 0.16 22.19
CA TYR T 215 53.59 -0.16 21.71
C TYR T 215 53.59 -1.55 21.12
N GLN T 216 52.73 -2.42 21.62
CA GLN T 216 52.68 -3.81 21.16
C GLN T 216 51.74 -3.93 19.97
N GLY T 217 52.14 -4.74 19.00
CA GLY T 217 51.33 -4.97 17.83
C GLY T 217 51.51 -3.96 16.71
N TYR T 218 52.45 -3.03 16.86
CA TYR T 218 52.71 -2.03 15.83
C TYR T 218 54.19 -2.05 15.50
N VAL T 219 54.53 -1.60 14.29
CA VAL T 219 55.91 -1.48 13.86
C VAL T 219 56.13 -0.08 13.32
N GLU T 220 57.37 0.39 13.40
CA GLU T 220 57.72 1.73 12.95
C GLU T 220 58.19 1.67 11.50
N THR T 221 57.47 2.37 10.63
CA THR T 221 57.84 2.41 9.23
C THR T 221 58.95 3.44 8.99
N SER T 222 59.56 3.34 7.81
CA SER T 222 60.65 4.24 7.46
C SER T 222 60.13 5.66 7.26
N ASN T 223 60.96 6.63 7.64
CA ASN T 223 60.64 8.05 7.45
C ASN T 223 61.39 8.56 6.23
N VAL T 224 60.89 8.20 5.06
CA VAL T 224 61.47 8.62 3.79
C VAL T 224 60.45 9.45 3.04
N ASN T 225 60.83 10.67 2.67
CA ASN T 225 59.96 11.60 1.95
C ASN T 225 60.27 11.47 0.46
N VAL T 226 59.33 10.87 -0.28
CA VAL T 226 59.60 10.50 -1.67
C VAL T 226 59.73 11.72 -2.56
N ALA T 227 58.92 12.76 -2.31
CA ALA T 227 58.96 13.94 -3.15
C ALA T 227 60.31 14.63 -3.07
N GLU T 228 60.87 14.73 -1.86
CA GLU T 228 62.21 15.28 -1.70
C GLU T 228 63.23 14.48 -2.49
N GLU T 229 63.13 13.16 -2.43
CA GLU T 229 64.07 12.31 -3.16
C GLU T 229 63.95 12.53 -4.66
N LEU T 230 62.72 12.64 -5.17
CA LEU T 230 62.54 12.84 -6.61
C LEU T 230 63.12 14.18 -7.06
N VAL T 231 62.86 15.25 -6.30
CA VAL T 231 63.41 16.55 -6.68
C VAL T 231 64.92 16.53 -6.62
N ASN T 232 65.49 15.92 -5.57
CA ASN T 232 66.94 15.83 -5.47
C ASN T 232 67.51 15.01 -6.63
N MET T 233 66.80 13.97 -7.06
CA MET T 233 67.25 13.16 -8.18
C MET T 233 67.28 13.97 -9.47
N ILE T 234 66.25 14.77 -9.71
CA ILE T 234 66.23 15.63 -10.88
C ILE T 234 67.40 16.59 -10.85
N GLN T 235 67.65 17.20 -9.69
CA GLN T 235 68.76 18.13 -9.57
C GLN T 235 70.10 17.43 -9.81
N VAL T 236 70.24 16.21 -9.30
CA VAL T 236 71.48 15.46 -9.47
C VAL T 236 71.72 15.19 -10.95
N GLN T 237 70.69 14.75 -11.67
CA GLN T 237 70.86 14.49 -13.10
C GLN T 237 71.25 15.76 -13.85
N ARG T 238 70.58 16.87 -13.55
CA ARG T 238 70.89 18.11 -14.26
C ARG T 238 72.30 18.59 -13.95
N ALA T 239 72.73 18.50 -12.69
CA ALA T 239 74.08 18.92 -12.34
C ALA T 239 75.13 18.04 -13.00
N TYR T 240 74.86 16.73 -13.09
CA TYR T 240 75.78 15.83 -13.77
C TYR T 240 75.90 16.20 -15.24
N GLU T 241 74.78 16.49 -15.89
CA GLU T 241 74.82 16.90 -17.29
C GLU T 241 75.58 18.21 -17.47
N ILE T 242 75.40 19.14 -16.54
CA ILE T 242 76.13 20.40 -16.61
C ILE T 242 77.63 20.16 -16.47
N ASN T 243 78.03 19.32 -15.51
CA ASN T 243 79.44 19.08 -15.27
C ASN T 243 80.12 18.37 -16.44
N SER T 244 79.39 17.47 -17.13
CA SER T 244 79.97 16.83 -18.29
C SER T 244 80.35 17.83 -19.38
N LYS T 245 79.62 18.95 -19.45
CA LYS T 245 79.93 19.98 -20.43
C LYS T 245 81.31 20.59 -20.18
N ALA T 246 81.70 20.71 -18.90
CA ALA T 246 83.03 21.22 -18.58
C ALA T 246 84.11 20.32 -19.15
N VAL T 247 83.94 19.00 -18.99
CA VAL T 247 84.91 18.06 -19.54
C VAL T 247 84.95 18.17 -21.06
N SER T 248 83.78 18.29 -21.69
CA SER T 248 83.73 18.38 -23.14
C SER T 248 84.47 19.64 -23.64
N THR T 249 84.22 20.78 -22.99
CA THR T 249 84.87 22.02 -23.43
C THR T 249 86.37 21.98 -23.18
N THR T 250 86.80 21.42 -22.05
CA THR T 250 88.23 21.31 -21.79
C THR T 250 88.88 20.37 -22.81
N ASP T 251 88.17 19.30 -23.18
CA ASP T 251 88.69 18.42 -24.22
C ASP T 251 88.85 19.15 -25.54
N GLN T 252 87.87 19.99 -25.90
CA GLN T 252 87.98 20.77 -27.12
C GLN T 252 89.19 21.71 -27.06
N MET T 253 89.39 22.37 -25.92
CA MET T 253 90.53 23.27 -25.78
C MET T 253 91.85 22.52 -25.93
N LEU T 254 91.96 21.37 -25.27
CA LEU T 254 93.20 20.61 -25.34
C LEU T 254 93.44 20.08 -26.75
N GLN T 255 92.39 19.64 -27.43
CA GLN T 255 92.54 19.16 -28.79
C GLN T 255 93.02 20.26 -29.72
N LYS T 256 92.44 21.46 -29.57
CA LYS T 256 92.90 22.58 -30.38
C LYS T 256 94.35 22.94 -30.07
N LEU T 257 94.73 22.89 -28.80
CA LEU T 257 96.11 23.18 -28.43
C LEU T 257 97.08 22.19 -29.04
N THR T 258 96.75 20.89 -28.96
CA THR T 258 97.64 19.87 -29.51
C THR T 258 97.71 19.97 -31.03
N GLN T 259 96.59 20.30 -31.68
CA GLN T 259 96.57 20.39 -33.13
C GLN T 259 97.51 21.48 -33.64
N LEU T 260 97.54 22.62 -32.97
CA LEU T 260 98.41 23.72 -33.36
C LEU T 260 99.64 23.80 -32.47
N ILE U 2 98.26 -3.63 -31.79
CA ILE U 2 98.37 -3.10 -30.44
C ILE U 2 97.44 -3.88 -29.52
N SER U 3 97.90 -4.13 -28.29
CA SER U 3 97.16 -4.98 -27.36
C SER U 3 95.84 -4.35 -26.93
N SER U 4 95.76 -3.02 -26.93
CA SER U 4 94.55 -2.35 -26.46
C SER U 4 93.34 -2.74 -27.31
N LEU U 5 93.54 -2.81 -28.63
CA LEU U 5 92.44 -3.23 -29.51
C LEU U 5 91.98 -4.65 -29.18
N TRP U 6 92.93 -5.55 -28.92
CA TRP U 6 92.55 -6.92 -28.59
C TRP U 6 91.78 -6.98 -27.28
N ILE U 7 92.21 -6.22 -26.28
CA ILE U 7 91.52 -6.19 -25.00
C ILE U 7 90.09 -5.69 -25.18
N ALA U 8 89.94 -4.59 -25.92
CA ALA U 8 88.62 -4.04 -26.15
C ALA U 8 87.74 -4.99 -26.96
N LYS U 9 88.34 -5.71 -27.92
CA LYS U 9 87.58 -6.69 -28.67
C LYS U 9 87.06 -7.80 -27.77
N THR U 10 87.90 -8.28 -26.85
CA THR U 10 87.45 -9.30 -25.91
C THR U 10 86.32 -8.77 -25.04
N GLY U 11 86.42 -7.52 -24.59
CA GLY U 11 85.35 -6.93 -23.80
C GLY U 11 84.05 -6.84 -24.57
N LEU U 12 84.13 -6.39 -25.82
CA LEU U 12 82.92 -6.28 -26.65
C LEU U 12 82.29 -7.64 -26.90
N ASP U 13 83.12 -8.66 -27.16
CA ASP U 13 82.59 -10.00 -27.36
C ASP U 13 81.92 -10.52 -26.10
N ALA U 14 82.50 -10.26 -24.94
CA ALA U 14 81.87 -10.67 -23.69
C ALA U 14 80.52 -10.00 -23.51
N GLN U 15 80.44 -8.70 -23.79
CA GLN U 15 79.17 -7.99 -23.67
C GLN U 15 78.14 -8.54 -24.66
N GLN U 16 78.58 -8.87 -25.88
CA GLN U 16 77.67 -9.45 -26.85
C GLN U 16 77.13 -10.79 -26.39
N THR U 17 77.99 -11.63 -25.81
CA THR U 17 77.53 -12.92 -25.29
C THR U 17 76.55 -12.72 -24.15
N ASN U 18 76.81 -11.75 -23.28
CA ASN U 18 75.87 -11.47 -22.20
C ASN U 18 74.51 -11.05 -22.74
N MET U 19 74.51 -10.17 -23.74
CA MET U 19 73.24 -9.77 -24.35
C MET U 19 72.56 -10.96 -25.01
N ASP U 20 73.34 -11.87 -25.58
CA ASP U 20 72.78 -13.06 -26.20
C ASP U 20 72.05 -13.92 -25.19
N VAL U 21 72.67 -14.16 -24.03
CA VAL U 21 72.01 -15.00 -23.03
C VAL U 21 70.80 -14.28 -22.44
N ILE U 22 70.86 -12.95 -22.30
CA ILE U 22 69.70 -12.22 -21.80
C ILE U 22 68.54 -12.34 -22.79
N ALA U 23 68.82 -12.19 -24.08
CA ALA U 23 67.79 -12.33 -25.10
C ALA U 23 67.22 -13.74 -25.10
N ASN U 24 68.08 -14.75 -24.91
CA ASN U 24 67.60 -16.12 -24.85
C ASN U 24 66.66 -16.32 -23.68
N ASN U 25 67.00 -15.76 -22.51
CA ASN U 25 66.12 -15.86 -21.36
C ASN U 25 64.79 -15.17 -21.62
N LEU U 26 64.83 -13.99 -22.24
CA LEU U 26 63.59 -13.25 -22.47
C LEU U 26 62.71 -13.90 -23.53
N ALA U 27 63.31 -14.53 -24.54
CA ALA U 27 62.53 -15.06 -25.66
C ALA U 27 61.58 -16.16 -25.21
N ASN U 28 62.10 -17.17 -24.53
CA ASN U 28 61.25 -18.28 -24.08
C ASN U 28 60.80 -18.10 -22.64
N VAL U 29 60.20 -16.94 -22.35
CA VAL U 29 59.60 -16.71 -21.04
C VAL U 29 58.29 -17.47 -20.88
N SER U 30 57.70 -17.92 -21.99
CA SER U 30 56.48 -18.70 -21.95
C SER U 30 56.72 -20.20 -22.07
N THR U 31 57.97 -20.63 -22.21
CA THR U 31 58.28 -22.05 -22.28
C THR U 31 57.99 -22.70 -20.94
N ASN U 32 57.38 -23.88 -20.99
CA ASN U 32 57.06 -24.62 -19.78
C ASN U 32 58.28 -25.36 -19.26
N GLY U 33 58.53 -25.24 -17.96
CA GLY U 33 59.65 -25.91 -17.33
C GLY U 33 61.00 -25.44 -17.83
N PHE U 34 61.17 -24.13 -17.98
CA PHE U 34 62.40 -23.55 -18.45
C PHE U 34 63.16 -22.94 -17.28
N LYS U 35 64.45 -23.25 -17.19
CA LYS U 35 65.31 -22.74 -16.13
C LYS U 35 66.20 -21.65 -16.72
N ARG U 36 66.13 -20.44 -16.17
CA ARG U 36 66.84 -19.31 -16.74
C ARG U 36 68.34 -19.45 -16.55
N GLN U 37 69.10 -18.83 -17.44
CA GLN U 37 70.55 -18.94 -17.44
C GLN U 37 71.19 -17.62 -17.00
N ARG U 38 72.47 -17.72 -16.63
CA ARG U 38 73.26 -16.55 -16.29
C ARG U 38 74.71 -16.85 -16.62
N ALA U 39 75.36 -15.90 -17.29
CA ALA U 39 76.73 -16.08 -17.76
C ALA U 39 77.72 -15.47 -16.78
N VAL U 40 78.75 -16.23 -16.44
CA VAL U 40 79.82 -15.79 -15.56
C VAL U 40 81.12 -15.78 -16.34
N PHE U 41 81.88 -14.69 -16.21
CA PHE U 41 83.12 -14.48 -16.95
C PHE U 41 84.31 -14.65 -16.02
N GLU U 42 85.50 -14.45 -16.58
CA GLU U 42 86.74 -14.54 -15.83
C GLU U 42 87.83 -13.81 -16.59
N ASP U 43 88.69 -13.11 -15.86
CA ASP U 43 89.77 -12.37 -16.50
C ASP U 43 90.88 -13.31 -16.97
N LEU U 44 91.63 -12.87 -17.98
CA LEU U 44 92.70 -13.65 -18.56
C LEU U 44 93.96 -13.49 -17.72
N LEU U 45 95.10 -13.96 -18.25
CA LEU U 45 96.35 -13.86 -17.53
C LEU U 45 96.87 -12.43 -17.53
N TYR U 46 97.92 -12.20 -16.73
CA TYR U 46 98.55 -10.89 -16.62
C TYR U 46 100.03 -11.04 -16.91
N GLN U 47 100.58 -10.10 -17.69
CA GLN U 47 102.00 -10.09 -18.02
C GLN U 47 102.72 -9.18 -17.05
N THR U 48 103.69 -9.72 -16.32
CA THR U 48 104.50 -8.95 -15.38
C THR U 48 105.74 -8.46 -16.11
N ILE U 49 105.74 -7.18 -16.48
CA ILE U 49 106.89 -6.64 -17.22
C ILE U 49 108.10 -6.54 -16.32
N ARG U 50 107.92 -6.09 -15.08
CA ARG U 50 109.00 -6.05 -14.12
C ARG U 50 108.44 -6.31 -12.73
N GLN U 51 109.22 -7.01 -11.91
CA GLN U 51 108.80 -7.31 -10.56
C GLN U 51 108.97 -6.08 -9.66
N PRO U 52 108.19 -5.99 -8.59
CA PRO U 52 108.41 -4.90 -7.62
C PRO U 52 109.80 -5.00 -7.01
N GLY U 53 110.38 -3.84 -6.74
CA GLY U 53 111.71 -3.74 -6.16
C GLY U 53 111.67 -3.71 -4.65
N ALA U 54 112.70 -3.10 -4.06
CA ALA U 54 112.74 -2.92 -2.62
C ALA U 54 111.95 -1.70 -2.21
N GLN U 55 111.23 -1.80 -1.10
CA GLN U 55 110.40 -0.72 -0.61
C GLN U 55 110.25 -0.84 0.90
N SER U 56 109.52 0.11 1.49
CA SER U 56 109.28 0.17 2.93
C SER U 56 110.61 0.18 3.70
N SER U 57 111.53 1.01 3.21
CA SER U 57 112.84 1.21 3.84
C SER U 57 112.96 2.71 4.11
N GLU U 58 112.43 3.13 5.26
CA GLU U 58 112.46 4.54 5.67
C GLU U 58 111.74 5.44 4.67
N GLN U 59 110.86 4.86 3.85
CA GLN U 59 110.17 5.60 2.81
C GLN U 59 108.77 5.05 2.65
N THR U 60 107.90 5.88 2.08
CA THR U 60 106.52 5.52 1.79
C THR U 60 106.26 5.57 0.30
N THR U 61 107.23 5.12 -0.49
CA THR U 61 107.10 5.13 -1.94
C THR U 61 106.09 4.08 -2.40
N LEU U 62 105.40 4.39 -3.50
CA LEU U 62 104.49 3.43 -4.09
C LEU U 62 105.27 2.28 -4.73
N PRO U 63 104.73 1.07 -4.70
CA PRO U 63 105.43 -0.06 -5.34
C PRO U 63 105.45 0.10 -6.84
N SER U 64 106.65 -0.03 -7.43
CA SER U 64 106.85 0.22 -8.85
C SER U 64 106.81 -1.11 -9.62
N GLY U 65 105.60 -1.66 -9.73
CA GLY U 65 105.41 -2.91 -10.41
C GLY U 65 104.47 -2.81 -11.59
N LEU U 66 104.92 -3.24 -12.76
CA LEU U 66 104.14 -3.16 -13.99
C LEU U 66 103.57 -4.52 -14.33
N GLN U 67 102.24 -4.62 -14.32
CA GLN U 67 101.56 -5.89 -14.54
C GLN U 67 100.35 -5.61 -15.42
N ILE U 68 100.49 -5.84 -16.71
CA ILE U 68 99.46 -5.50 -17.69
C ILE U 68 98.43 -6.63 -17.75
N GLY U 69 97.16 -6.26 -17.88
CA GLY U 69 96.11 -7.22 -18.07
C GLY U 69 96.01 -7.70 -19.49
N THR U 70 95.04 -8.57 -19.73
CA THR U 70 94.86 -9.15 -21.07
C THR U 70 93.43 -9.01 -21.55
N GLY U 71 92.47 -9.11 -20.66
CA GLY U 71 91.07 -9.01 -21.05
C GLY U 71 90.21 -9.91 -20.20
N VAL U 72 89.10 -10.36 -20.80
CA VAL U 72 88.10 -11.16 -20.12
C VAL U 72 87.55 -12.19 -21.10
N ARG U 73 87.22 -13.37 -20.57
CA ARG U 73 86.58 -14.43 -21.36
C ARG U 73 85.36 -14.95 -20.62
N PRO U 74 84.36 -15.43 -21.34
CA PRO U 74 83.23 -16.08 -20.68
C PRO U 74 83.57 -17.48 -20.20
N VAL U 75 83.52 -17.70 -18.90
CA VAL U 75 83.99 -18.99 -18.37
C VAL U 75 82.87 -20.00 -18.23
N ALA U 76 81.64 -19.58 -17.93
CA ALA U 76 80.57 -20.56 -17.79
C ALA U 76 79.21 -19.88 -17.95
N THR U 77 78.18 -20.71 -18.13
CA THR U 77 76.79 -20.27 -18.13
C THR U 77 76.01 -21.27 -17.30
N GLU U 78 75.50 -20.83 -16.15
CA GLU U 78 74.82 -21.72 -15.22
C GLU U 78 73.33 -21.41 -15.19
N ARG U 79 72.52 -22.44 -15.08
CA ARG U 79 71.08 -22.30 -14.94
C ARG U 79 70.67 -22.53 -13.49
N LEU U 80 69.62 -21.83 -13.07
CA LEU U 80 69.17 -21.86 -11.69
C LEU U 80 68.01 -22.85 -11.59
N HIS U 81 68.29 -24.04 -11.06
CA HIS U 81 67.28 -25.09 -10.93
C HIS U 81 66.41 -24.86 -9.71
N SER U 82 65.72 -23.72 -9.71
CA SER U 82 64.76 -23.38 -8.67
C SER U 82 63.41 -24.01 -9.00
N GLN U 83 62.38 -23.61 -8.27
CA GLN U 83 61.03 -24.11 -8.47
C GLN U 83 60.16 -23.00 -9.03
N GLY U 84 59.55 -23.24 -10.20
CA GLY U 84 58.68 -22.26 -10.80
C GLY U 84 57.25 -22.38 -10.30
N ASN U 85 56.43 -21.42 -10.71
CA ASN U 85 55.03 -21.44 -10.36
C ASN U 85 54.25 -22.42 -11.23
N LEU U 86 53.06 -22.77 -10.78
CA LEU U 86 52.20 -23.74 -11.45
C LEU U 86 51.02 -23.03 -12.08
N SER U 87 50.70 -23.37 -13.32
CA SER U 87 49.54 -22.85 -14.02
C SER U 87 48.59 -23.98 -14.31
N GLN U 88 47.30 -23.72 -14.14
CA GLN U 88 46.28 -24.73 -14.36
C GLN U 88 45.93 -24.84 -15.82
N THR U 89 45.84 -26.08 -16.32
CA THR U 89 45.46 -26.35 -17.69
C THR U 89 44.24 -27.26 -17.81
N ASN U 90 43.83 -27.91 -16.73
CA ASN U 90 42.66 -28.81 -16.68
C ASN U 90 42.80 -30.01 -17.60
N ASN U 91 43.95 -30.20 -18.23
CA ASN U 91 44.17 -31.35 -19.10
C ASN U 91 44.68 -32.51 -18.27
N SER U 92 43.96 -33.63 -18.32
CA SER U 92 44.24 -34.75 -17.43
C SER U 92 45.57 -35.44 -17.74
N LYS U 93 46.20 -35.13 -18.87
CA LYS U 93 47.46 -35.75 -19.25
C LYS U 93 48.65 -34.84 -19.06
N ASP U 94 48.53 -33.82 -18.22
CA ASP U 94 49.62 -32.89 -17.93
C ASP U 94 50.03 -33.05 -16.47
N VAL U 95 51.33 -33.17 -16.23
CA VAL U 95 51.87 -33.42 -14.91
C VAL U 95 52.87 -32.33 -14.56
N ALA U 96 52.69 -31.71 -13.41
CA ALA U 96 53.67 -30.79 -12.85
C ALA U 96 54.43 -31.49 -11.74
N ILE U 97 55.71 -31.13 -11.59
CA ILE U 97 56.61 -31.84 -10.68
C ILE U 97 57.06 -30.90 -9.58
N LYS U 98 56.96 -31.36 -8.34
CA LYS U 98 57.34 -30.62 -7.15
C LYS U 98 58.67 -31.14 -6.62
N GLY U 99 59.57 -30.24 -6.35
CA GLY U 99 60.88 -30.59 -5.78
C GLY U 99 61.93 -30.76 -6.87
N GLN U 100 62.61 -31.89 -6.86
CA GLN U 100 63.64 -32.18 -7.85
C GLN U 100 63.25 -33.45 -8.60
N GLY U 101 63.71 -33.53 -9.84
CA GLY U 101 63.46 -34.71 -10.64
C GLY U 101 63.33 -34.41 -12.12
N PHE U 102 63.46 -35.44 -12.96
CA PHE U 102 63.35 -35.27 -14.40
C PHE U 102 62.68 -36.51 -14.98
N PHE U 103 61.65 -36.30 -15.79
CA PHE U 103 61.08 -37.41 -16.54
C PHE U 103 62.10 -37.89 -17.56
N GLN U 104 62.22 -39.20 -17.71
CA GLN U 104 63.19 -39.81 -18.61
C GLN U 104 62.51 -40.18 -19.92
N VAL U 105 62.98 -39.59 -21.01
CA VAL U 105 62.45 -39.86 -22.33
C VAL U 105 63.53 -40.55 -23.15
N MET U 106 63.11 -41.21 -24.22
CA MET U 106 63.97 -42.03 -25.06
C MET U 106 64.19 -41.32 -26.39
N LEU U 107 65.43 -40.88 -26.62
CA LEU U 107 65.75 -40.26 -27.89
C LEU U 107 65.71 -41.28 -29.02
N PRO U 108 65.40 -40.84 -30.24
CA PRO U 108 65.24 -41.80 -31.34
C PRO U 108 66.50 -42.60 -31.65
N ASP U 109 67.68 -42.01 -31.46
CA ASP U 109 68.92 -42.72 -31.79
C ASP U 109 69.15 -43.93 -30.90
N GLY U 110 68.60 -43.92 -29.68
CA GLY U 110 68.77 -45.05 -28.78
C GLY U 110 69.12 -44.65 -27.37
N THR U 111 69.74 -43.48 -27.20
CA THR U 111 70.10 -43.00 -25.88
C THR U 111 68.86 -42.42 -25.19
N SER U 112 69.09 -41.82 -24.02
CA SER U 112 68.00 -41.30 -23.21
C SER U 112 68.32 -39.87 -22.78
N ALA U 113 67.26 -39.07 -22.63
CA ALA U 113 67.38 -37.70 -22.16
C ALA U 113 66.42 -37.49 -21.00
N TYR U 114 66.58 -36.38 -20.31
CA TYR U 114 65.77 -36.07 -19.14
C TYR U 114 65.22 -34.66 -19.24
N THR U 115 63.97 -34.49 -18.82
CA THR U 115 63.26 -33.24 -19.05
C THR U 115 62.39 -32.88 -17.85
N ARG U 116 62.01 -31.61 -17.79
CA ARG U 116 61.08 -31.10 -16.79
C ARG U 116 59.72 -30.76 -17.37
N ASP U 117 59.61 -30.55 -18.68
CA ASP U 117 58.39 -30.09 -19.30
C ASP U 117 57.32 -31.17 -19.22
N GLY U 118 56.36 -31.00 -18.32
CA GLY U 118 55.28 -31.95 -18.22
C GLY U 118 54.06 -31.56 -19.02
N SER U 119 53.95 -32.08 -20.24
CA SER U 119 52.76 -31.90 -21.06
C SER U 119 52.78 -33.06 -22.07
N PHE U 120 51.99 -34.09 -21.78
CA PHE U 120 52.09 -35.34 -22.50
C PHE U 120 50.87 -35.57 -23.37
N GLN U 121 51.03 -36.41 -24.37
CA GLN U 121 49.96 -36.81 -25.26
C GLN U 121 50.04 -38.30 -25.50
N VAL U 122 49.07 -38.82 -26.23
CA VAL U 122 48.95 -40.25 -26.47
C VAL U 122 48.99 -40.50 -27.98
N ASP U 123 49.82 -41.43 -28.41
CA ASP U 123 49.96 -41.76 -29.82
C ASP U 123 48.79 -42.65 -30.24
N GLN U 124 48.87 -43.22 -31.44
CA GLN U 124 47.81 -44.10 -31.91
C GLN U 124 47.84 -45.46 -31.22
N ASN U 125 48.98 -45.87 -30.68
CA ASN U 125 49.10 -47.17 -30.04
C ASN U 125 48.79 -47.14 -28.55
N GLY U 126 48.54 -45.96 -27.99
CA GLY U 126 48.21 -45.84 -26.58
C GLY U 126 49.35 -45.40 -25.69
N GLN U 127 50.59 -45.50 -26.16
CA GLN U 127 51.73 -45.17 -25.32
C GLN U 127 51.76 -43.67 -25.03
N LEU U 128 52.26 -43.33 -23.85
CA LEU U 128 52.33 -41.93 -23.42
C LEU U 128 53.64 -41.34 -23.92
N VAL U 129 53.56 -40.25 -24.67
CA VAL U 129 54.74 -39.61 -25.24
C VAL U 129 54.70 -38.13 -24.88
N THR U 130 55.84 -37.47 -25.06
CA THR U 130 55.90 -36.03 -24.88
C THR U 130 55.50 -35.32 -26.16
N ALA U 131 55.36 -34.01 -26.07
CA ALA U 131 55.00 -33.21 -27.24
C ALA U 131 56.20 -33.18 -28.18
N GLY U 132 56.18 -34.03 -29.20
CA GLY U 132 57.30 -34.17 -30.10
C GLY U 132 57.51 -35.60 -30.52
N GLY U 133 56.80 -36.52 -29.86
CA GLY U 133 56.82 -37.92 -30.22
C GLY U 133 57.80 -38.78 -29.47
N PHE U 134 58.65 -38.19 -28.63
CA PHE U 134 59.63 -38.98 -27.89
C PHE U 134 58.94 -39.76 -26.79
N GLN U 135 59.02 -41.08 -26.87
CA GLN U 135 58.30 -41.95 -25.95
C GLN U 135 58.91 -41.86 -24.56
N VAL U 136 58.05 -41.86 -23.54
CA VAL U 136 58.51 -41.85 -22.16
C VAL U 136 59.09 -43.22 -21.84
N GLN U 137 60.30 -43.23 -21.29
CA GLN U 137 61.07 -44.47 -21.18
C GLN U 137 60.38 -45.54 -20.34
N PRO U 138 59.78 -45.24 -19.18
CA PRO U 138 59.04 -46.28 -18.46
C PRO U 138 57.91 -46.91 -19.25
N ALA U 139 57.48 -46.27 -20.36
CA ALA U 139 56.54 -46.87 -21.31
C ALA U 139 55.18 -47.15 -20.66
N ILE U 140 54.48 -46.07 -20.35
CA ILE U 140 53.11 -46.18 -19.88
C ILE U 140 52.17 -46.30 -21.07
N THR U 141 51.37 -47.37 -21.08
CA THR U 141 50.40 -47.61 -22.14
C THR U 141 48.99 -47.52 -21.56
N ILE U 142 48.21 -46.59 -22.07
CA ILE U 142 46.84 -46.36 -21.62
C ILE U 142 45.92 -47.12 -22.58
N PRO U 143 45.12 -48.06 -22.09
CA PRO U 143 44.27 -48.85 -22.99
C PRO U 143 43.16 -48.00 -23.60
N ALA U 144 42.51 -48.57 -24.61
CA ALA U 144 41.40 -47.89 -25.25
C ALA U 144 40.20 -47.86 -24.30
N ASN U 145 39.10 -47.27 -24.79
CA ASN U 145 37.86 -47.06 -24.03
C ASN U 145 38.14 -46.61 -22.59
N ALA U 146 39.10 -45.72 -22.43
CA ALA U 146 39.49 -45.23 -21.12
C ALA U 146 38.61 -44.04 -20.75
N LEU U 147 37.81 -44.20 -19.70
CA LEU U 147 36.92 -43.12 -19.30
C LEU U 147 37.69 -41.90 -18.84
N SER U 148 38.71 -42.10 -18.01
CA SER U 148 39.51 -40.98 -17.51
C SER U 148 40.80 -41.52 -16.92
N ILE U 149 41.88 -40.76 -17.07
CA ILE U 149 43.20 -41.14 -16.58
C ILE U 149 43.50 -40.28 -15.35
N THR U 150 43.86 -40.93 -14.24
CA THR U 150 44.20 -40.23 -13.01
C THR U 150 45.60 -40.62 -12.56
N ILE U 151 46.43 -39.61 -12.32
CA ILE U 151 47.79 -39.79 -11.85
C ILE U 151 47.88 -39.16 -10.47
N GLY U 152 48.21 -39.98 -9.47
CA GLY U 152 48.23 -39.53 -8.10
C GLY U 152 49.45 -38.68 -7.79
N ARG U 153 49.56 -38.31 -6.51
CA ARG U 153 50.75 -37.60 -6.07
C ARG U 153 51.98 -38.47 -6.20
N ASP U 154 51.83 -39.78 -6.01
CA ASP U 154 52.89 -40.72 -6.31
C ASP U 154 52.85 -41.01 -7.81
N GLY U 155 53.78 -41.82 -8.31
CA GLY U 155 53.87 -42.04 -9.73
C GLY U 155 52.86 -43.00 -10.31
N VAL U 156 52.00 -43.59 -9.50
CA VAL U 156 51.03 -44.57 -10.01
C VAL U 156 50.02 -43.87 -10.90
N VAL U 157 49.70 -44.50 -12.03
CA VAL U 157 48.70 -43.98 -12.96
C VAL U 157 47.61 -45.04 -13.12
N SER U 158 46.36 -44.63 -12.97
CA SER U 158 45.24 -45.55 -13.05
C SER U 158 44.20 -45.00 -14.02
N VAL U 159 43.38 -45.90 -14.53
CA VAL U 159 42.31 -45.56 -15.46
C VAL U 159 41.07 -46.36 -15.09
N THR U 160 39.93 -45.69 -14.99
CA THR U 160 38.68 -46.37 -14.69
C THR U 160 38.05 -46.91 -15.96
N GLN U 161 37.51 -48.13 -15.88
CA GLN U 161 36.93 -48.80 -17.02
C GLN U 161 35.44 -48.48 -17.10
N GLN U 162 34.72 -49.25 -17.92
CA GLN U 162 33.29 -49.02 -18.10
C GLN U 162 32.49 -49.57 -16.93
N GLY U 163 32.59 -50.87 -16.66
CA GLY U 163 31.77 -51.50 -15.64
C GLY U 163 32.45 -51.65 -14.30
N GLN U 164 33.75 -51.90 -14.31
CA GLN U 164 34.48 -52.16 -13.08
C GLN U 164 34.51 -50.93 -12.19
N ALA U 165 34.18 -51.13 -10.91
CA ALA U 165 34.20 -50.01 -9.96
C ALA U 165 35.62 -49.63 -9.58
N ALA U 166 36.47 -50.61 -9.32
CA ALA U 166 37.83 -50.34 -8.87
C ALA U 166 38.72 -49.95 -10.03
N PRO U 167 39.47 -48.85 -9.94
CA PRO U 167 40.39 -48.50 -11.02
C PRO U 167 41.49 -49.55 -11.16
N VAL U 168 41.98 -49.70 -12.40
CA VAL U 168 43.01 -50.67 -12.71
C VAL U 168 44.33 -49.92 -12.89
N GLN U 169 45.35 -50.36 -12.16
CA GLN U 169 46.67 -49.77 -12.30
C GLN U 169 47.31 -50.19 -13.61
N VAL U 170 47.89 -49.22 -14.32
CA VAL U 170 48.54 -49.51 -15.59
C VAL U 170 50.02 -49.17 -15.61
N GLY U 171 50.55 -48.43 -14.64
CA GLY U 171 51.98 -48.15 -14.64
C GLY U 171 52.36 -47.21 -13.52
N GLN U 172 53.66 -47.01 -13.42
CA GLN U 172 54.27 -46.14 -12.42
C GLN U 172 55.20 -45.17 -13.13
N LEU U 173 55.07 -43.88 -12.82
CA LEU U 173 55.91 -42.85 -13.43
C LEU U 173 57.02 -42.48 -12.46
N ASN U 174 57.99 -43.38 -12.32
CA ASN U 174 59.17 -43.07 -11.53
C ASN U 174 60.06 -42.08 -12.29
N LEU U 175 60.83 -41.31 -11.53
CA LEU U 175 61.60 -40.22 -12.11
C LEU U 175 63.03 -40.26 -11.59
N THR U 176 63.92 -39.59 -12.29
CA THR U 176 65.35 -39.65 -12.02
C THR U 176 65.83 -38.41 -11.29
N THR U 177 66.93 -38.56 -10.57
CA THR U 177 67.60 -37.46 -9.89
C THR U 177 69.10 -37.56 -10.11
N PHE U 178 69.76 -36.41 -9.99
CA PHE U 178 71.17 -36.26 -10.25
C PHE U 178 71.87 -35.66 -9.04
N MET U 179 73.17 -35.90 -8.95
CA MET U 179 73.96 -35.27 -7.90
C MET U 179 74.19 -33.79 -8.19
N ASN U 180 74.36 -33.43 -9.46
CA ASN U 180 74.57 -32.04 -9.85
C ASN U 180 73.68 -31.74 -11.05
N ASP U 181 72.54 -31.13 -10.81
CA ASP U 181 71.60 -30.81 -11.89
C ASP U 181 72.11 -29.71 -12.82
N THR U 182 73.03 -28.86 -12.35
CA THR U 182 73.52 -27.78 -13.18
C THR U 182 74.38 -28.29 -14.32
N GLY U 183 75.06 -29.42 -14.14
CA GLY U 183 75.98 -29.92 -15.12
C GLY U 183 75.36 -30.65 -16.29
N LEU U 184 74.04 -30.80 -16.32
CA LEU U 184 73.40 -31.47 -17.45
C LEU U 184 73.58 -30.65 -18.73
N GLU U 185 73.86 -31.33 -19.83
CA GLU U 185 74.06 -30.68 -21.12
C GLU U 185 72.72 -30.47 -21.79
N SER U 186 72.40 -29.23 -22.12
CA SER U 186 71.10 -28.88 -22.67
C SER U 186 71.14 -28.97 -24.20
N ILE U 187 70.06 -29.51 -24.78
CA ILE U 187 69.88 -29.51 -26.22
C ILE U 187 68.49 -28.95 -26.49
N GLY U 188 68.05 -28.96 -27.73
CA GLY U 188 66.75 -28.45 -28.08
C GLY U 188 65.64 -29.30 -27.49
N GLU U 189 64.41 -28.80 -27.61
CA GLU U 189 63.20 -29.49 -27.18
C GLU U 189 63.19 -29.76 -25.67
N ASN U 190 63.78 -28.85 -24.89
CA ASN U 190 63.78 -28.94 -23.43
C ASN U 190 64.33 -30.29 -22.95
N LEU U 191 65.45 -30.70 -23.51
CA LEU U 191 66.05 -31.98 -23.17
C LEU U 191 67.43 -31.77 -22.59
N TYR U 192 67.76 -32.58 -21.58
CA TYR U 192 69.07 -32.59 -20.94
C TYR U 192 69.66 -33.98 -21.06
N ILE U 193 70.96 -34.04 -21.35
CA ILE U 193 71.68 -35.30 -21.43
C ILE U 193 72.81 -35.27 -20.40
N GLU U 194 73.14 -36.46 -19.91
CA GLU U 194 74.13 -36.58 -18.85
C GLU U 194 75.52 -36.25 -19.38
N THR U 195 76.36 -35.73 -18.49
CA THR U 195 77.75 -35.48 -18.80
C THR U 195 78.63 -36.04 -17.70
N GLN U 196 79.94 -35.78 -17.77
CA GLN U 196 80.82 -36.18 -16.69
C GLN U 196 80.67 -35.27 -15.47
N SER U 197 80.27 -34.01 -15.69
CA SER U 197 80.12 -33.08 -14.58
C SER U 197 78.93 -33.45 -13.70
N SER U 198 77.89 -34.02 -14.28
CA SER U 198 76.74 -34.49 -13.51
C SER U 198 76.88 -35.98 -13.25
N GLY U 199 76.57 -36.39 -12.03
CA GLY U 199 76.71 -37.78 -11.66
C GLY U 199 75.75 -38.68 -12.41
N ALA U 200 75.96 -39.98 -12.24
CA ALA U 200 75.10 -40.95 -12.89
C ALA U 200 73.67 -40.81 -12.35
N PRO U 201 72.67 -40.78 -13.21
CA PRO U 201 71.29 -40.61 -12.74
C PRO U 201 70.84 -41.80 -11.91
N ASN U 202 69.96 -41.54 -10.95
CA ASN U 202 69.35 -42.59 -10.16
C ASN U 202 67.84 -42.47 -10.24
N GLU U 203 67.16 -43.57 -10.55
CA GLU U 203 65.71 -43.60 -10.69
C GLU U 203 65.07 -43.96 -9.35
N SER U 204 63.94 -43.32 -9.07
CA SER U 204 63.22 -43.61 -7.84
C SER U 204 61.76 -43.22 -8.03
N THR U 205 60.90 -43.79 -7.18
CA THR U 205 59.51 -43.43 -7.19
C THR U 205 59.33 -42.02 -6.62
N PRO U 206 58.33 -41.29 -7.09
CA PRO U 206 58.11 -39.93 -6.56
C PRO U 206 57.86 -39.94 -5.06
N GLY U 207 58.36 -38.90 -4.38
CA GLY U 207 58.15 -38.75 -2.97
C GLY U 207 59.16 -39.47 -2.09
N LEU U 208 60.07 -40.24 -2.67
CA LEU U 208 61.06 -40.98 -1.90
C LEU U 208 62.45 -40.69 -2.45
N ASN U 209 63.44 -40.82 -1.57
CA ASN U 209 64.85 -40.65 -1.92
C ASN U 209 65.10 -39.29 -2.57
N GLY U 210 64.44 -38.26 -2.05
CA GLY U 210 64.65 -36.92 -2.54
C GLY U 210 63.90 -36.58 -3.82
N ALA U 211 63.07 -37.48 -4.33
CA ALA U 211 62.30 -37.19 -5.52
C ALA U 211 61.14 -36.26 -5.19
N GLY U 212 60.53 -35.71 -6.23
CA GLY U 212 59.44 -34.77 -6.08
C GLY U 212 58.09 -35.46 -6.04
N LEU U 213 57.05 -34.68 -6.25
CA LEU U 213 55.67 -35.17 -6.27
C LEU U 213 55.00 -34.72 -7.56
N LEU U 214 53.97 -35.46 -7.96
CA LEU U 214 53.30 -35.19 -9.22
C LEU U 214 51.92 -34.60 -8.98
N TYR U 215 51.66 -33.44 -9.56
CA TYR U 215 50.33 -32.83 -9.58
C TYR U 215 49.73 -33.01 -10.97
N GLN U 216 48.53 -33.55 -11.04
CA GLN U 216 47.88 -33.76 -12.32
C GLN U 216 47.14 -32.50 -12.75
N GLY U 217 47.21 -32.19 -14.03
CA GLY U 217 46.50 -31.06 -14.57
C GLY U 217 47.13 -29.71 -14.33
N TYR U 218 48.42 -29.67 -14.04
CA TYR U 218 49.14 -28.42 -13.84
C TYR U 218 50.44 -28.45 -14.63
N VAL U 219 50.92 -27.27 -15.01
CA VAL U 219 52.15 -27.14 -15.79
C VAL U 219 53.06 -26.16 -15.08
N GLU U 220 54.33 -26.53 -14.94
CA GLU U 220 55.32 -25.68 -14.30
C GLU U 220 55.74 -24.57 -15.25
N THR U 221 55.78 -23.35 -14.73
CA THR U 221 56.14 -22.17 -15.53
C THR U 221 57.64 -21.89 -15.43
N SER U 222 58.12 -21.05 -16.34
CA SER U 222 59.52 -20.69 -16.35
C SER U 222 59.85 -19.75 -15.19
N ASN U 223 61.04 -19.92 -14.62
CA ASN U 223 61.48 -19.09 -13.50
C ASN U 223 62.34 -17.93 -14.00
N VAL U 224 61.77 -17.12 -14.87
CA VAL U 224 62.45 -15.95 -15.41
C VAL U 224 61.91 -14.69 -14.75
N ASN U 225 62.82 -13.81 -14.35
CA ASN U 225 62.47 -12.55 -13.69
C ASN U 225 62.83 -11.41 -14.63
N VAL U 226 61.80 -10.77 -15.20
CA VAL U 226 62.02 -9.76 -16.24
C VAL U 226 62.69 -8.51 -15.66
N ALA U 227 62.46 -8.22 -14.37
CA ALA U 227 63.08 -7.06 -13.76
C ALA U 227 64.60 -7.16 -13.79
N GLU U 228 65.13 -8.35 -13.53
CA GLU U 228 66.56 -8.56 -13.67
C GLU U 228 67.00 -8.35 -15.11
N GLU U 229 66.22 -8.85 -16.06
CA GLU U 229 66.62 -8.82 -17.47
C GLU U 229 66.71 -7.39 -17.99
N LEU U 230 65.77 -6.53 -17.62
CA LEU U 230 65.79 -5.17 -18.13
C LEU U 230 67.02 -4.40 -17.64
N VAL U 231 67.32 -4.52 -16.35
CA VAL U 231 68.47 -3.81 -15.80
C VAL U 231 69.77 -4.40 -16.35
N ASN U 232 69.81 -5.72 -16.57
CA ASN U 232 70.98 -6.31 -17.19
C ASN U 232 71.17 -5.80 -18.61
N MET U 233 70.07 -5.63 -19.35
CA MET U 233 70.15 -5.08 -20.70
C MET U 233 70.72 -3.66 -20.67
N ILE U 234 70.23 -2.84 -19.74
CA ILE U 234 70.74 -1.47 -19.63
C ILE U 234 72.23 -1.49 -19.32
N GLN U 235 72.64 -2.33 -18.38
CA GLN U 235 74.03 -2.39 -17.97
C GLN U 235 74.93 -2.83 -19.12
N VAL U 236 74.52 -3.87 -19.85
CA VAL U 236 75.36 -4.37 -20.94
C VAL U 236 75.42 -3.36 -22.08
N GLN U 237 74.32 -2.65 -22.34
CA GLN U 237 74.35 -1.63 -23.37
C GLN U 237 75.33 -0.51 -23.01
N ARG U 238 75.29 -0.06 -21.76
CA ARG U 238 76.20 1.01 -21.35
C ARG U 238 77.65 0.54 -21.39
N ALA U 239 77.92 -0.69 -20.94
CA ALA U 239 79.28 -1.21 -21.00
C ALA U 239 79.77 -1.32 -22.44
N TYR U 240 78.89 -1.75 -23.35
CA TYR U 240 79.24 -1.83 -24.76
C TYR U 240 79.59 -0.45 -25.30
N GLU U 241 78.81 0.56 -24.93
CA GLU U 241 79.10 1.92 -25.38
C GLU U 241 80.45 2.41 -24.85
N ILE U 242 80.74 2.10 -23.58
CA ILE U 242 82.02 2.53 -23.00
C ILE U 242 83.19 1.87 -23.73
N ASN U 243 83.08 0.57 -24.00
CA ASN U 243 84.16 -0.12 -24.71
C ASN U 243 84.33 0.42 -26.12
N SER U 244 83.22 0.73 -26.79
CA SER U 244 83.32 1.35 -28.11
C SER U 244 84.04 2.69 -28.03
N LYS U 245 83.76 3.48 -26.99
CA LYS U 245 84.48 4.73 -26.81
C LYS U 245 85.98 4.49 -26.64
N ALA U 246 86.34 3.45 -25.87
CA ALA U 246 87.75 3.12 -25.70
C ALA U 246 88.40 2.77 -27.04
N VAL U 247 87.70 1.99 -27.87
CA VAL U 247 88.22 1.64 -29.19
C VAL U 247 88.42 2.91 -30.01
N SER U 248 87.46 3.82 -29.97
CA SER U 248 87.55 5.05 -30.74
C SER U 248 88.76 5.88 -30.31
N THR U 249 88.97 5.99 -29.00
CA THR U 249 90.11 6.77 -28.51
C THR U 249 91.44 6.14 -28.94
N THR U 250 91.55 4.82 -28.83
CA THR U 250 92.79 4.16 -29.26
C THR U 250 93.02 4.36 -30.75
N ASP U 251 91.96 4.26 -31.54
CA ASP U 251 92.08 4.49 -32.97
C ASP U 251 92.54 5.91 -33.26
N GLN U 252 91.98 6.90 -32.56
CA GLN U 252 92.37 8.28 -32.79
C GLN U 252 93.83 8.51 -32.46
N MET U 253 94.30 7.96 -31.34
CA MET U 253 95.70 8.19 -30.97
C MET U 253 96.64 7.47 -31.92
N LEU U 254 96.27 6.27 -32.39
CA LEU U 254 97.09 5.59 -33.40
C LEU U 254 97.14 6.39 -34.69
N GLN U 255 96.00 6.94 -35.12
CA GLN U 255 95.96 7.74 -36.33
C GLN U 255 96.80 8.99 -36.19
N LYS U 256 96.79 9.60 -35.00
CA LYS U 256 97.67 10.74 -34.76
C LYS U 256 99.14 10.34 -34.85
N LEU U 257 99.47 9.15 -34.32
CA LEU U 257 100.85 8.68 -34.40
C LEU U 257 101.29 8.47 -35.84
N THR U 258 100.44 7.82 -36.64
CA THR U 258 100.85 7.46 -38.00
C THR U 258 100.91 8.66 -38.93
N GLN U 259 100.40 9.82 -38.50
CA GLN U 259 100.51 11.05 -39.29
C GLN U 259 101.86 11.70 -39.15
N LEU U 260 102.75 11.11 -38.35
CA LEU U 260 104.10 11.62 -38.17
C LEU U 260 104.86 11.67 -39.49
N ASP V 2 118.83 -0.48 -49.66
CA ASP V 2 117.85 0.09 -50.59
C ASP V 2 116.65 -0.84 -50.76
N HIS V 3 116.92 -2.14 -50.84
CA HIS V 3 115.87 -3.12 -51.08
C HIS V 3 114.90 -3.27 -49.92
N ALA V 4 115.23 -2.72 -48.74
CA ALA V 4 114.33 -2.81 -47.61
C ALA V 4 112.94 -2.29 -47.92
N ILE V 5 112.84 -1.25 -48.75
CA ILE V 5 111.53 -0.73 -49.13
C ILE V 5 110.64 -1.81 -49.69
N TYR V 6 111.20 -2.73 -50.50
CA TYR V 6 110.39 -3.83 -51.01
C TYR V 6 109.65 -4.54 -49.90
N THR V 7 110.38 -4.92 -48.84
CA THR V 7 109.72 -5.56 -47.71
C THR V 7 108.52 -4.76 -47.25
N ALA V 8 108.73 -3.46 -47.02
CA ALA V 8 107.63 -2.61 -46.57
C ALA V 8 106.46 -2.69 -47.54
N MET V 9 106.70 -2.48 -48.83
CA MET V 9 105.57 -2.45 -49.75
C MET V 9 104.87 -3.80 -49.76
N GLY V 10 105.63 -4.88 -49.64
CA GLY V 10 105.00 -6.19 -49.57
C GLY V 10 103.94 -6.24 -48.49
N ALA V 11 104.30 -5.81 -47.27
CA ALA V 11 103.33 -5.79 -46.19
C ALA V 11 102.11 -4.99 -46.59
N ALA V 12 102.34 -3.78 -47.13
CA ALA V 12 101.21 -2.96 -47.56
C ALA V 12 100.33 -3.72 -48.52
N SER V 13 100.93 -4.33 -49.55
CA SER V 13 100.14 -5.09 -50.50
C SER V 13 99.36 -6.18 -49.79
N GLN V 14 100.03 -6.93 -48.91
CA GLN V 14 99.34 -8.00 -48.20
C GLN V 14 98.17 -7.45 -47.39
N THR V 15 98.34 -6.27 -46.78
CA THR V 15 97.24 -5.68 -46.04
C THR V 15 96.01 -5.56 -46.91
N LEU V 16 96.17 -5.07 -48.14
CA LEU V 16 95.03 -4.95 -49.04
C LEU V 16 94.35 -6.29 -49.22
N ASN V 17 95.15 -7.34 -49.45
CA ASN V 17 94.55 -8.67 -49.57
C ASN V 17 93.70 -9.00 -48.35
N GLN V 18 94.26 -8.79 -47.15
CA GLN V 18 93.50 -9.06 -45.95
C GLN V 18 92.22 -8.22 -45.94
N GLN V 19 92.33 -6.94 -46.31
CA GLN V 19 91.15 -6.09 -46.37
C GLN V 19 90.09 -6.71 -47.26
N ALA V 20 90.51 -7.21 -48.44
CA ALA V 20 89.55 -7.82 -49.35
C ALA V 20 88.78 -8.92 -48.65
N VAL V 21 89.47 -9.78 -47.91
CA VAL V 21 88.79 -10.86 -47.20
C VAL V 21 87.70 -10.29 -46.30
N THR V 22 88.04 -9.26 -45.51
CA THR V 22 87.04 -8.66 -44.64
C THR V 22 85.85 -8.17 -45.44
N ALA V 23 86.11 -7.51 -46.57
CA ALA V 23 85.02 -7.01 -47.39
C ALA V 23 84.09 -8.15 -47.79
N SER V 24 84.68 -9.30 -48.18
CA SER V 24 83.86 -10.45 -48.54
C SER V 24 82.96 -10.85 -47.39
N ASN V 25 83.52 -10.92 -46.18
CA ASN V 25 82.71 -11.30 -45.03
C ASN V 25 81.62 -10.27 -44.76
N LEU V 26 81.86 -9.01 -45.12
CA LEU V 26 80.83 -8.00 -44.96
C LEU V 26 79.90 -7.95 -46.15
N ALA V 27 80.32 -8.50 -47.29
CA ALA V 27 79.46 -8.49 -48.47
C ALA V 27 78.28 -9.43 -48.27
N ASN V 28 78.55 -10.70 -48.00
CA ASN V 28 77.50 -11.70 -47.81
C ASN V 28 77.21 -11.90 -46.32
N ALA V 29 76.76 -10.82 -45.69
CA ALA V 29 76.40 -10.86 -44.29
C ALA V 29 75.00 -11.38 -44.05
N SER V 30 74.26 -11.70 -45.12
CA SER V 30 72.89 -12.20 -45.00
C SER V 30 72.66 -13.49 -45.76
N THR V 31 73.67 -14.04 -46.42
CA THR V 31 73.49 -15.30 -47.14
C THR V 31 73.29 -16.44 -46.16
N PRO V 32 72.22 -17.22 -46.28
CA PRO V 32 72.00 -18.31 -45.32
C PRO V 32 73.06 -19.38 -45.45
N GLY V 33 73.39 -20.00 -44.31
CA GLY V 33 74.35 -21.09 -44.31
C GLY V 33 75.73 -20.70 -44.79
N PHE V 34 76.20 -19.51 -44.42
CA PHE V 34 77.51 -19.04 -44.82
C PHE V 34 78.47 -19.06 -43.64
N ARG V 35 79.71 -19.44 -43.92
CA ARG V 35 80.76 -19.51 -42.90
C ARG V 35 81.80 -18.46 -43.20
N ALA V 36 82.12 -17.64 -42.20
CA ALA V 36 83.06 -16.54 -42.38
C ALA V 36 84.45 -17.07 -42.71
N GLN V 37 85.18 -16.31 -43.52
CA GLN V 37 86.52 -16.69 -43.97
C GLN V 37 87.54 -16.06 -43.04
N LEU V 38 88.36 -16.89 -42.40
CA LEU V 38 89.40 -16.40 -41.51
C LEU V 38 90.55 -15.82 -42.31
N ASN V 39 91.41 -15.08 -41.61
CA ASN V 39 92.60 -14.51 -42.22
C ASN V 39 93.70 -14.43 -41.18
N ALA V 40 94.94 -14.46 -41.64
CA ALA V 40 96.09 -14.41 -40.77
C ALA V 40 97.30 -13.94 -41.57
N LEU V 41 98.33 -13.51 -40.85
CA LEU V 41 99.57 -13.07 -41.44
C LEU V 41 100.70 -14.01 -41.01
N ARG V 42 101.49 -14.45 -41.98
CA ARG V 42 102.60 -15.35 -41.75
C ARG V 42 103.90 -14.66 -42.11
N ALA V 43 104.89 -14.75 -41.22
CA ALA V 43 106.19 -14.16 -41.47
C ALA V 43 107.10 -15.16 -42.17
N VAL V 44 107.76 -14.70 -43.22
CA VAL V 44 108.68 -15.54 -44.00
C VAL V 44 110.09 -15.01 -43.77
N PRO V 45 110.90 -15.68 -42.97
CA PRO V 45 112.29 -15.25 -42.76
C PRO V 45 113.16 -15.68 -43.94
N VAL V 46 113.55 -14.72 -44.77
CA VAL V 46 114.44 -15.00 -45.89
C VAL V 46 115.85 -15.14 -45.36
N ASP V 47 116.47 -16.29 -45.63
CA ASP V 47 117.81 -16.58 -45.18
C ASP V 47 118.82 -16.39 -46.30
N GLY V 48 120.10 -16.33 -45.93
CA GLY V 48 121.15 -16.15 -46.89
C GLY V 48 122.51 -16.00 -46.23
N LEU V 49 123.31 -15.06 -46.72
CA LEU V 49 124.64 -14.81 -46.19
C LEU V 49 124.60 -13.60 -45.25
N SER V 50 125.79 -13.22 -44.77
CA SER V 50 125.94 -12.15 -43.79
C SER V 50 125.10 -12.45 -42.54
N LEU V 51 124.18 -11.56 -42.21
CA LEU V 51 123.27 -11.74 -41.08
C LEU V 51 121.84 -11.60 -41.58
N ALA V 52 120.96 -12.47 -41.09
CA ALA V 52 119.58 -12.50 -41.55
C ALA V 52 118.76 -11.45 -40.81
N THR V 53 118.31 -10.45 -41.54
CA THR V 53 117.48 -9.39 -40.96
C THR V 53 116.14 -9.24 -41.64
N ARG V 54 116.09 -9.34 -42.97
CA ARG V 54 114.83 -9.15 -43.69
C ARG V 54 113.87 -10.28 -43.37
N THR V 55 112.60 -9.92 -43.16
CA THR V 55 111.54 -10.89 -42.86
C THR V 55 110.29 -10.43 -43.60
N LEU V 56 109.96 -11.10 -44.69
CA LEU V 56 108.79 -10.71 -45.47
C LEU V 56 107.51 -11.12 -44.75
N VAL V 57 106.39 -10.58 -45.22
CA VAL V 57 105.08 -10.85 -44.65
C VAL V 57 104.15 -11.32 -45.76
N THR V 58 103.35 -12.35 -45.48
CA THR V 58 102.37 -12.83 -46.44
C THR V 58 101.04 -13.04 -45.74
N ALA V 59 99.96 -13.01 -46.52
CA ALA V 59 98.62 -13.26 -46.00
C ALA V 59 98.20 -14.68 -46.30
N SER V 60 97.33 -15.23 -45.44
CA SER V 60 96.84 -16.58 -45.62
C SER V 60 95.47 -16.72 -44.99
N THR V 61 94.74 -17.73 -45.42
CA THR V 61 93.40 -18.03 -44.87
C THR V 61 93.41 -19.44 -44.31
N PRO V 62 93.51 -19.60 -43.00
CA PRO V 62 93.49 -20.95 -42.38
C PRO V 62 92.08 -21.52 -42.28
N GLY V 63 91.39 -21.56 -43.42
CA GLY V 63 90.06 -22.12 -43.46
C GLY V 63 89.02 -21.20 -42.83
N ALA V 64 87.78 -21.69 -42.81
CA ALA V 64 86.68 -20.95 -42.23
C ALA V 64 86.54 -21.29 -40.75
N ASP V 65 85.52 -20.73 -40.10
CA ASP V 65 85.21 -21.06 -38.72
C ASP V 65 83.81 -21.66 -38.65
N MET V 66 83.67 -22.73 -37.89
CA MET V 66 82.44 -23.50 -37.86
C MET V 66 81.52 -23.12 -36.71
N THR V 67 81.57 -21.89 -36.25
CA THR V 67 80.62 -21.43 -35.25
C THR V 67 79.23 -21.35 -35.86
N PRO V 68 78.24 -22.04 -35.32
CA PRO V 68 76.90 -22.00 -35.93
C PRO V 68 76.23 -20.66 -35.69
N GLY V 69 75.78 -20.02 -36.77
CA GLY V 69 75.13 -18.73 -36.65
C GLY V 69 73.69 -18.87 -36.19
N GLN V 70 73.16 -17.75 -35.72
CA GLN V 70 71.77 -17.71 -35.26
C GLN V 70 70.83 -17.88 -36.45
N LEU V 71 69.62 -18.34 -36.18
CA LEU V 71 68.71 -18.78 -37.23
C LEU V 71 67.38 -18.04 -37.14
N ASP V 72 66.79 -17.81 -38.31
CA ASP V 72 65.46 -17.21 -38.40
C ASP V 72 64.40 -18.30 -38.39
N TYR V 73 63.24 -17.96 -37.83
CA TYR V 73 62.07 -18.84 -37.81
C TYR V 73 61.14 -18.39 -38.93
N THR V 74 61.28 -19.00 -40.10
CA THR V 74 60.44 -18.67 -41.24
C THR V 74 59.17 -19.52 -41.32
N SER V 75 59.03 -20.53 -40.46
CA SER V 75 57.85 -21.40 -40.41
C SER V 75 57.62 -22.12 -41.73
N ARG V 76 58.58 -22.08 -42.63
CA ARG V 76 58.46 -22.79 -43.90
C ARG V 76 58.65 -24.29 -43.66
N PRO V 77 57.75 -25.13 -44.13
CA PRO V 77 57.82 -26.56 -43.76
C PRO V 77 59.06 -27.27 -44.26
N LEU V 78 59.74 -26.75 -45.28
CA LEU V 78 60.88 -27.41 -45.88
C LEU V 78 62.15 -26.57 -45.77
N ASP V 79 62.30 -25.87 -44.65
CA ASP V 79 63.53 -25.18 -44.30
C ASP V 79 64.09 -25.80 -43.02
N VAL V 80 65.34 -26.22 -43.07
CA VAL V 80 65.94 -26.97 -41.96
C VAL V 80 67.20 -26.28 -41.50
N ALA V 81 67.59 -26.58 -40.26
CA ALA V 81 68.83 -26.08 -39.68
C ALA V 81 69.58 -27.25 -39.05
N LEU V 82 70.88 -27.29 -39.29
CA LEU V 82 71.69 -28.43 -38.86
C LEU V 82 72.08 -28.29 -37.39
N GLN V 83 72.78 -29.32 -36.89
CA GLN V 83 73.25 -29.34 -35.51
C GLN V 83 74.53 -28.53 -35.36
N GLN V 84 75.22 -28.70 -34.23
CA GLN V 84 76.42 -27.91 -33.95
C GLN V 84 77.50 -28.17 -35.01
N ASP V 85 77.70 -29.42 -35.39
CA ASP V 85 78.72 -29.78 -36.37
C ASP V 85 78.13 -30.69 -37.45
N GLY V 86 76.96 -30.33 -37.95
CA GLY V 86 76.31 -31.08 -39.00
C GLY V 86 76.53 -30.46 -40.37
N TRP V 87 76.47 -31.31 -41.39
CA TRP V 87 76.62 -30.86 -42.76
C TRP V 87 75.69 -31.67 -43.66
N LEU V 88 74.94 -30.96 -44.50
CA LEU V 88 74.18 -31.62 -45.57
C LEU V 88 75.12 -31.96 -46.70
N VAL V 89 74.83 -33.05 -47.40
CA VAL V 89 75.65 -33.52 -48.51
C VAL V 89 74.90 -33.28 -49.80
N VAL V 90 75.53 -32.54 -50.72
CA VAL V 90 74.95 -32.26 -52.03
C VAL V 90 75.93 -32.72 -53.10
N GLN V 91 75.46 -32.76 -54.33
CA GLN V 91 76.27 -33.16 -55.48
C GLN V 91 76.71 -31.92 -56.22
N ALA V 92 78.02 -31.78 -56.42
CA ALA V 92 78.57 -30.60 -57.07
C ALA V 92 78.38 -30.71 -58.59
N ALA V 93 78.91 -29.70 -59.30
CA ALA V 93 78.75 -29.66 -60.75
C ALA V 93 79.62 -30.69 -61.45
N ASP V 94 80.73 -31.09 -60.84
CA ASP V 94 81.64 -32.05 -61.44
C ASP V 94 81.32 -33.49 -61.06
N GLY V 95 80.24 -33.72 -60.31
CA GLY V 95 79.84 -35.04 -59.89
C GLY V 95 80.30 -35.42 -58.50
N ALA V 96 81.31 -34.76 -57.97
CA ALA V 96 81.75 -35.03 -56.61
C ALA V 96 80.76 -34.48 -55.60
N GLU V 97 80.84 -34.97 -54.38
CA GLU V 97 79.94 -34.53 -53.32
C GLU V 97 80.62 -33.48 -52.45
N GLY V 98 79.81 -32.54 -51.97
CA GLY V 98 80.29 -31.50 -51.09
C GLY V 98 79.36 -31.37 -49.90
N TYR V 99 79.85 -30.69 -48.88
CA TYR V 99 79.13 -30.50 -47.63
C TYR V 99 78.80 -29.04 -47.45
N THR V 100 77.55 -28.75 -47.10
CA THR V 100 77.08 -27.39 -46.95
C THR V 100 76.18 -27.30 -45.73
N ARG V 101 75.70 -26.10 -45.45
CA ARG V 101 74.74 -25.86 -44.39
C ARG V 101 73.56 -25.00 -44.82
N ASN V 102 73.36 -24.83 -46.12
CA ASN V 102 72.23 -24.04 -46.63
C ASN V 102 70.96 -24.87 -46.58
N GLY V 103 70.20 -24.74 -45.49
CA GLY V 103 69.01 -25.55 -45.32
C GLY V 103 67.77 -25.00 -46.01
N ASN V 104 67.97 -24.32 -47.14
CA ASN V 104 66.85 -23.74 -47.89
C ASN V 104 66.61 -24.61 -49.11
N ILE V 105 65.78 -25.63 -48.93
CA ILE V 105 65.52 -26.61 -49.98
C ILE V 105 64.38 -26.12 -50.86
N GLN V 106 64.56 -26.21 -52.17
CA GLN V 106 63.56 -25.82 -53.15
C GLN V 106 63.09 -27.05 -53.91
N VAL V 107 61.84 -27.00 -54.35
CA VAL V 107 61.22 -28.07 -55.13
C VAL V 107 60.92 -27.54 -56.52
N GLY V 108 61.37 -28.27 -57.54
CA GLY V 108 61.11 -27.87 -58.91
C GLY V 108 59.77 -28.36 -59.40
N PRO V 109 59.56 -28.24 -60.71
CA PRO V 109 58.31 -28.72 -61.32
C PRO V 109 58.26 -30.22 -61.53
N THR V 110 59.21 -30.98 -60.98
CA THR V 110 59.26 -32.41 -61.22
C THR V 110 59.57 -33.21 -59.95
N GLY V 111 59.49 -32.58 -58.78
CA GLY V 111 59.82 -33.25 -57.55
C GLY V 111 61.28 -33.29 -57.20
N GLN V 112 62.13 -32.55 -57.92
CA GLN V 112 63.55 -32.52 -57.64
C GLN V 112 63.83 -31.57 -56.47
N LEU V 113 64.55 -32.07 -55.47
CA LEU V 113 64.94 -31.25 -54.34
C LEU V 113 66.33 -30.66 -54.58
N THR V 114 66.42 -29.33 -54.51
CA THR V 114 67.66 -28.65 -54.84
C THR V 114 68.02 -27.66 -53.75
N ILE V 115 69.31 -27.39 -53.61
CA ILE V 115 69.83 -26.33 -52.76
C ILE V 115 70.81 -25.52 -53.58
N GLN V 116 70.52 -24.23 -53.78
CA GLN V 116 71.32 -23.36 -54.64
C GLN V 116 71.50 -23.94 -56.03
N GLY V 117 70.49 -24.67 -56.51
CA GLY V 117 70.55 -25.28 -57.81
C GLY V 117 71.32 -26.59 -57.87
N HIS V 118 71.83 -27.08 -56.74
CA HIS V 118 72.55 -28.35 -56.71
C HIS V 118 71.65 -29.45 -56.16
N PRO V 119 71.70 -30.64 -56.76
CA PRO V 119 70.85 -31.74 -56.26
C PRO V 119 71.28 -32.18 -54.87
N VAL V 120 70.31 -32.70 -54.12
CA VAL V 120 70.51 -33.14 -52.75
C VAL V 120 70.48 -34.66 -52.72
N ILE V 121 71.49 -35.27 -52.11
CA ILE V 121 71.61 -36.71 -52.02
C ILE V 121 71.46 -37.14 -50.57
N GLY V 122 70.69 -38.21 -50.36
CA GLY V 122 70.53 -38.79 -49.05
C GLY V 122 70.97 -40.24 -49.05
N GLU V 123 70.20 -41.11 -48.40
CA GLU V 123 70.47 -42.53 -48.48
C GLU V 123 70.23 -43.02 -49.90
N GLY V 124 71.19 -43.78 -50.43
CA GLY V 124 71.09 -44.22 -51.81
C GLY V 124 71.71 -43.23 -52.78
N GLY V 125 70.87 -42.40 -53.40
CA GLY V 125 71.34 -41.39 -54.31
C GLY V 125 70.53 -40.11 -54.20
N PRO V 126 70.55 -39.30 -55.27
CA PRO V 126 69.73 -38.08 -55.27
C PRO V 126 68.26 -38.38 -55.11
N ILE V 127 67.65 -37.87 -54.04
CA ILE V 127 66.27 -38.17 -53.73
C ILE V 127 65.33 -37.35 -54.60
N THR V 128 64.12 -37.87 -54.80
CA THR V 128 63.10 -37.19 -55.59
C THR V 128 61.74 -37.51 -54.97
N VAL V 129 61.06 -36.48 -54.46
CA VAL V 129 59.74 -36.62 -53.87
C VAL V 129 58.72 -36.79 -55.00
N PRO V 130 57.50 -37.27 -54.71
CA PRO V 130 56.47 -37.33 -55.76
C PRO V 130 56.14 -35.97 -56.34
N GLU V 131 55.28 -35.94 -57.36
CA GLU V 131 55.14 -34.77 -58.22
C GLU V 131 54.75 -33.50 -57.48
N GLY V 132 53.58 -33.50 -56.84
CA GLY V 132 53.09 -32.27 -56.24
C GLY V 132 52.67 -32.39 -54.79
N SER V 133 53.38 -33.20 -54.03
CA SER V 133 53.01 -33.47 -52.64
C SER V 133 53.63 -32.46 -51.69
N GLU V 134 52.92 -32.19 -50.59
CA GLU V 134 53.49 -31.40 -49.51
C GLU V 134 54.54 -32.21 -48.76
N ILE V 135 55.60 -31.53 -48.34
CA ILE V 135 56.78 -32.19 -47.79
C ILE V 135 56.95 -31.79 -46.34
N THR V 136 57.26 -32.79 -45.50
CA THR V 136 57.60 -32.57 -44.10
C THR V 136 58.90 -33.29 -43.81
N ILE V 137 59.75 -32.67 -43.00
CA ILE V 137 61.07 -33.21 -42.69
C ILE V 137 61.14 -33.47 -41.20
N ALA V 138 61.53 -34.70 -40.84
CA ALA V 138 61.55 -35.12 -39.44
C ALA V 138 62.83 -34.61 -38.78
N ALA V 139 63.01 -34.97 -37.51
CA ALA V 139 64.16 -34.52 -36.74
C ALA V 139 65.43 -35.30 -37.04
N ASP V 140 65.32 -36.43 -37.75
CA ASP V 140 66.48 -37.24 -38.11
C ASP V 140 66.65 -37.37 -39.61
N GLY V 141 66.01 -36.49 -40.38
CA GLY V 141 66.16 -36.48 -41.82
C GLY V 141 65.13 -37.26 -42.60
N THR V 142 64.22 -37.97 -41.94
CA THR V 142 63.17 -38.69 -42.63
C THR V 142 62.21 -37.71 -43.29
N ILE V 143 61.82 -38.02 -44.53
CA ILE V 143 60.95 -37.14 -45.31
C ILE V 143 59.60 -37.81 -45.47
N SER V 144 58.54 -37.09 -45.12
CA SER V 144 57.18 -37.55 -45.28
C SER V 144 56.48 -36.69 -46.33
N ALA V 145 55.95 -37.34 -47.36
CA ALA V 145 55.27 -36.64 -48.44
C ALA V 145 53.79 -36.99 -48.42
N LEU V 146 52.96 -35.96 -48.56
CA LEU V 146 51.51 -36.13 -48.58
C LEU V 146 50.97 -35.56 -49.89
N ASN V 147 50.44 -36.44 -50.73
CA ASN V 147 49.81 -35.98 -51.96
C ASN V 147 48.58 -35.15 -51.63
N PRO V 148 48.41 -33.98 -52.24
CA PRO V 148 47.26 -33.13 -51.93
C PRO V 148 45.95 -33.83 -52.29
N GLY V 149 44.94 -33.59 -51.47
CA GLY V 149 43.64 -34.22 -51.65
C GLY V 149 43.49 -35.58 -51.02
N ASP V 150 44.58 -36.32 -50.83
CA ASP V 150 44.49 -37.59 -50.14
C ASP V 150 44.21 -37.36 -48.66
N PRO V 151 43.57 -38.33 -47.99
CA PRO V 151 43.30 -38.17 -46.57
C PRO V 151 44.60 -38.05 -45.79
N PRO V 152 44.58 -37.32 -44.68
CA PRO V 152 45.83 -37.10 -43.93
C PRO V 152 46.46 -38.38 -43.38
N ASN V 153 45.68 -39.45 -43.24
CA ASN V 153 46.22 -40.70 -42.72
C ASN V 153 46.96 -41.50 -43.77
N THR V 154 47.33 -40.89 -44.90
CA THR V 154 48.06 -41.57 -45.96
C THR V 154 49.47 -41.02 -46.11
N VAL V 155 50.02 -40.41 -45.06
CA VAL V 155 51.39 -39.93 -45.12
C VAL V 155 52.34 -41.12 -45.18
N ALA V 156 53.31 -41.05 -46.09
CA ALA V 156 54.24 -42.15 -46.28
C ALA V 156 55.65 -41.62 -46.49
N PRO V 157 56.64 -42.19 -45.81
CA PRO V 157 58.03 -41.76 -46.00
C PRO V 157 58.47 -41.98 -47.45
N VAL V 158 59.29 -41.06 -47.95
CA VAL V 158 59.73 -41.10 -49.34
C VAL V 158 61.23 -40.97 -49.43
N GLY V 159 61.91 -41.00 -48.29
CA GLY V 159 63.36 -40.94 -48.30
C GLY V 159 63.90 -40.41 -46.99
N ARG V 160 65.23 -40.31 -46.94
CA ARG V 160 65.91 -39.85 -45.74
C ARG V 160 67.19 -39.14 -46.15
N LEU V 161 67.44 -37.98 -45.54
CA LEU V 161 68.61 -37.20 -45.87
C LEU V 161 69.87 -37.87 -45.35
N LYS V 162 71.01 -37.41 -45.85
CA LYS V 162 72.32 -37.87 -45.41
C LYS V 162 73.04 -36.70 -44.73
N LEU V 163 73.25 -36.81 -43.43
CA LEU V 163 73.94 -35.80 -42.64
C LEU V 163 75.31 -36.32 -42.24
N VAL V 164 76.34 -35.52 -42.42
CA VAL V 164 77.68 -35.89 -41.97
C VAL V 164 78.10 -34.97 -40.85
N LYS V 165 79.10 -35.43 -40.09
CA LYS V 165 79.62 -34.68 -38.94
C LYS V 165 81.11 -34.48 -39.13
N ALA V 166 81.49 -33.25 -39.51
CA ALA V 166 82.89 -32.88 -39.71
C ALA V 166 83.32 -31.94 -38.60
N GLU V 167 84.50 -32.19 -38.03
CA GLU V 167 84.95 -31.41 -36.89
C GLU V 167 85.12 -29.94 -37.26
N GLY V 168 85.71 -29.67 -38.42
CA GLY V 168 86.01 -28.32 -38.85
C GLY V 168 87.48 -28.05 -39.10
N ASN V 169 88.37 -28.88 -38.55
CA ASN V 169 89.79 -28.76 -38.78
C ASN V 169 90.25 -29.62 -39.96
N GLU V 170 89.34 -30.37 -40.57
CA GLU V 170 89.70 -31.24 -41.68
C GLU V 170 88.86 -31.00 -42.92
N VAL V 171 88.19 -29.85 -43.03
CA VAL V 171 87.38 -29.52 -44.18
C VAL V 171 87.90 -28.22 -44.78
N GLN V 172 88.04 -28.20 -46.11
CA GLN V 172 88.54 -27.03 -46.82
C GLN V 172 87.49 -26.56 -47.81
N ARG V 173 87.35 -25.25 -47.92
CA ARG V 173 86.37 -24.67 -48.85
C ARG V 173 86.85 -24.85 -50.28
N SER V 174 85.92 -25.10 -51.18
CA SER V 174 86.24 -25.16 -52.61
C SER V 174 86.24 -23.74 -53.17
N ASP V 175 86.33 -23.63 -54.49
CA ASP V 175 86.32 -22.33 -55.14
C ASP V 175 84.92 -21.83 -55.45
N ASP V 176 83.88 -22.59 -55.10
CA ASP V 176 82.51 -22.19 -55.39
C ASP V 176 81.65 -22.11 -54.12
N GLY V 177 82.27 -22.18 -52.94
CA GLY V 177 81.57 -22.08 -51.69
C GLY V 177 81.30 -23.40 -50.99
N LEU V 178 81.51 -24.53 -51.66
CA LEU V 178 81.30 -25.83 -51.04
C LEU V 178 82.54 -26.26 -50.27
N PHE V 179 82.33 -27.16 -49.31
CA PHE V 179 83.41 -27.70 -48.50
C PHE V 179 83.66 -29.17 -48.85
N ARG V 180 84.93 -29.56 -48.77
CA ARG V 180 85.32 -30.94 -49.05
C ARG V 180 86.36 -31.39 -48.04
N LEU V 181 86.47 -32.70 -47.87
CA LEU V 181 87.47 -33.27 -46.99
C LEU V 181 88.87 -33.02 -47.55
N THR V 182 89.80 -32.71 -46.66
CA THR V 182 91.19 -32.55 -47.06
C THR V 182 91.85 -33.92 -47.21
N ALA V 183 93.14 -33.91 -47.56
CA ALA V 183 93.83 -35.17 -47.85
C ALA V 183 93.87 -36.07 -46.61
N GLU V 184 94.21 -35.49 -45.45
CA GLU V 184 94.24 -36.29 -44.23
C GLU V 184 92.86 -36.79 -43.86
N ALA V 185 91.84 -35.95 -44.01
CA ALA V 185 90.49 -36.35 -43.67
C ALA V 185 90.02 -37.53 -44.52
N GLN V 186 90.22 -37.46 -45.83
CA GLN V 186 89.77 -38.54 -46.69
C GLN V 186 90.64 -39.78 -46.51
N ALA V 187 91.92 -39.59 -46.16
CA ALA V 187 92.77 -40.74 -45.89
C ALA V 187 92.33 -41.50 -44.64
N GLU V 188 91.93 -40.77 -43.60
CA GLU V 188 91.60 -41.41 -42.33
C GLU V 188 90.14 -41.81 -42.20
N ARG V 189 89.24 -41.21 -42.98
CA ARG V 189 87.81 -41.49 -42.86
C ARG V 189 87.19 -41.95 -44.18
N GLY V 190 88.00 -42.42 -45.12
CA GLY V 190 87.48 -42.90 -46.38
C GLY V 190 87.19 -41.79 -47.37
N ALA V 191 86.90 -42.20 -48.60
CA ALA V 191 86.62 -41.23 -49.65
C ALA V 191 85.36 -40.43 -49.36
N VAL V 192 84.29 -41.10 -48.91
CA VAL V 192 83.01 -40.46 -48.63
C VAL V 192 82.62 -40.78 -47.20
N LEU V 193 82.16 -39.77 -46.47
CA LEU V 193 81.76 -39.96 -45.10
C LEU V 193 80.47 -40.77 -45.00
N ALA V 194 80.25 -41.35 -43.83
CA ALA V 194 79.05 -42.13 -43.56
C ALA V 194 78.13 -41.36 -42.63
N ALA V 195 76.84 -41.40 -42.93
CA ALA V 195 75.86 -40.71 -42.10
C ALA V 195 75.83 -41.33 -40.70
N ASP V 196 75.74 -40.49 -39.69
CA ASP V 196 75.69 -40.94 -38.32
C ASP V 196 74.35 -40.56 -37.70
N PRO V 197 73.72 -41.47 -36.95
CA PRO V 197 72.39 -41.18 -36.40
C PRO V 197 72.38 -40.12 -35.31
N SER V 198 73.55 -39.73 -34.80
CA SER V 198 73.60 -38.76 -33.70
C SER V 198 73.19 -37.36 -34.15
N ILE V 199 73.28 -37.06 -35.44
CA ILE V 199 72.98 -35.72 -35.94
C ILE V 199 71.47 -35.53 -35.96
N ARG V 200 71.01 -34.41 -35.41
CA ARG V 200 69.60 -34.06 -35.37
C ARG V 200 69.39 -32.71 -36.04
N ILE V 201 68.33 -32.59 -36.81
CA ILE V 201 67.96 -31.34 -37.47
C ILE V 201 66.55 -30.98 -37.05
N MET V 202 66.17 -29.74 -37.36
CA MET V 202 64.81 -29.28 -37.07
C MET V 202 64.33 -28.42 -38.23
N SER V 203 63.08 -28.64 -38.61
CA SER V 203 62.48 -27.97 -39.75
C SER V 203 61.83 -26.65 -39.33
N GLY V 204 61.59 -25.80 -40.31
CA GLY V 204 60.91 -24.55 -40.09
C GLY V 204 61.81 -23.36 -39.80
N VAL V 205 63.12 -23.57 -39.64
CA VAL V 205 64.05 -22.50 -39.37
C VAL V 205 65.20 -22.58 -40.35
N LEU V 206 65.83 -21.43 -40.58
CA LEU V 206 66.93 -21.33 -41.54
C LEU V 206 68.10 -20.62 -40.88
N GLU V 207 69.29 -21.20 -41.00
CA GLU V 207 70.48 -20.68 -40.35
C GLU V 207 71.15 -19.63 -41.23
N GLY V 208 71.40 -18.45 -40.66
CA GLY V 208 72.10 -17.39 -41.36
C GLY V 208 73.60 -17.52 -41.22
N SER V 209 74.30 -16.48 -41.68
CA SER V 209 75.75 -16.47 -41.63
C SER V 209 76.24 -16.16 -40.22
N ASN V 210 77.53 -16.39 -39.99
CA ASN V 210 78.16 -16.12 -38.71
C ASN V 210 79.30 -15.12 -38.95
N VAL V 211 78.97 -13.84 -38.95
CA VAL V 211 79.94 -12.77 -39.13
C VAL V 211 79.84 -11.84 -37.93
N LYS V 212 80.97 -11.62 -37.26
CA LYS V 212 81.00 -10.78 -36.07
C LYS V 212 81.35 -9.35 -36.47
N PRO V 213 80.44 -8.39 -36.33
CA PRO V 213 80.75 -7.02 -36.75
C PRO V 213 81.93 -6.42 -36.01
N VAL V 214 82.09 -6.73 -34.72
CA VAL V 214 83.18 -6.16 -33.95
C VAL V 214 84.53 -6.62 -34.50
N GLU V 215 84.63 -7.90 -34.85
CA GLU V 215 85.86 -8.42 -35.44
C GLU V 215 86.19 -7.70 -36.74
N ALA V 216 85.17 -7.51 -37.59
CA ALA V 216 85.40 -6.83 -38.86
C ALA V 216 85.84 -5.40 -38.66
N MET V 217 85.19 -4.67 -37.74
CA MET V 217 85.56 -3.28 -37.50
C MET V 217 86.97 -3.17 -36.97
N THR V 218 87.33 -4.01 -36.00
CA THR V 218 88.69 -3.96 -35.45
C THR V 218 89.72 -4.32 -36.52
N ASP V 219 89.43 -5.33 -37.33
CA ASP V 219 90.36 -5.71 -38.39
C ASP V 219 90.55 -4.57 -39.40
N MET V 220 89.46 -3.89 -39.76
CA MET V 220 89.57 -2.79 -40.72
C MET V 220 90.40 -1.64 -40.13
N ILE V 221 90.17 -1.31 -38.86
CA ILE V 221 90.94 -0.23 -38.24
C ILE V 221 92.42 -0.61 -38.19
N ALA V 222 92.72 -1.85 -37.81
CA ALA V 222 94.10 -2.29 -37.74
C ALA V 222 94.75 -2.26 -39.12
N ASN V 223 94.01 -2.69 -40.16
CA ASN V 223 94.55 -2.67 -41.50
C ASN V 223 94.85 -1.25 -41.96
N ALA V 224 93.95 -0.31 -41.67
CA ALA V 224 94.20 1.08 -42.06
C ALA V 224 95.45 1.63 -41.39
N ARG V 225 95.57 1.40 -40.07
CA ARG V 225 96.74 1.92 -39.35
C ARG V 225 98.03 1.28 -39.85
N ARG V 226 98.01 -0.04 -40.08
CA ARG V 226 99.20 -0.73 -40.58
C ARG V 226 99.60 -0.21 -41.95
N PHE V 227 98.62 -0.01 -42.84
CA PHE V 227 98.91 0.49 -44.17
C PHE V 227 99.53 1.88 -44.10
N GLU V 228 99.00 2.75 -43.26
CA GLU V 228 99.56 4.10 -43.15
C GLU V 228 100.98 4.06 -42.59
N MET V 229 101.24 3.19 -41.61
CA MET V 229 102.60 3.07 -41.09
C MET V 229 103.56 2.57 -42.16
N GLN V 230 103.12 1.61 -42.97
CA GLN V 230 103.98 1.11 -44.05
C GLN V 230 104.28 2.21 -45.07
N MET V 231 103.28 3.03 -45.39
CA MET V 231 103.52 4.15 -46.29
C MET V 231 104.53 5.13 -45.71
N LYS V 232 104.43 5.38 -44.40
CA LYS V 232 105.41 6.26 -43.75
C LYS V 232 106.81 5.68 -43.87
N VAL V 233 106.96 4.37 -43.63
CA VAL V 233 108.26 3.74 -43.75
C VAL V 233 108.79 3.86 -45.17
N ILE V 234 107.93 3.64 -46.16
CA ILE V 234 108.36 3.68 -47.57
C ILE V 234 108.84 5.09 -47.93
N THR V 235 108.07 6.11 -47.56
CA THR V 235 108.48 7.46 -47.93
C THR V 235 109.75 7.87 -47.19
N SER V 236 109.91 7.44 -45.94
CA SER V 236 111.14 7.75 -45.21
C SER V 236 112.34 7.10 -45.88
N VAL V 237 112.20 5.83 -46.30
CA VAL V 237 113.31 5.14 -46.96
C VAL V 237 113.66 5.83 -48.27
N ASP V 238 112.64 6.20 -49.06
CA ASP V 238 112.90 6.87 -50.32
C ASP V 238 113.62 8.19 -50.10
N GLU V 239 113.15 8.98 -49.14
CA GLU V 239 113.79 10.28 -48.88
C GLU V 239 115.23 10.09 -48.40
N ASN V 240 115.47 9.10 -47.54
CA ASN V 240 116.83 8.85 -47.07
C ASN V 240 117.74 8.44 -48.20
N GLU V 241 117.25 7.58 -49.09
CA GLU V 241 118.07 7.11 -50.20
C GLU V 241 118.29 8.17 -51.27
N GLY V 242 117.42 9.16 -51.35
CA GLY V 242 117.52 10.17 -52.38
C GLY V 242 118.74 11.09 -52.32
N ARG V 243 119.68 10.83 -51.41
CA ARG V 243 120.89 11.63 -51.33
C ARG V 243 122.18 10.83 -51.46
N ALA V 244 122.12 9.50 -51.43
CA ALA V 244 123.31 8.72 -51.74
C ALA V 244 123.77 8.96 -53.17
N ASN V 245 122.83 9.17 -54.10
CA ASN V 245 123.20 9.52 -55.47
C ASN V 245 123.92 10.86 -55.50
N GLN V 246 123.44 11.84 -54.74
CA GLN V 246 124.12 13.13 -54.68
C GLN V 246 125.52 12.97 -54.11
N LEU V 247 125.68 12.12 -53.11
CA LEU V 247 127.01 11.84 -52.57
C LEU V 247 127.90 11.22 -53.63
N LEU V 248 127.36 10.28 -54.41
CA LEU V 248 128.13 9.63 -55.46
C LEU V 248 128.44 10.56 -56.63
N SER V 249 127.69 11.66 -56.76
CA SER V 249 127.85 12.53 -57.93
C SER V 249 129.27 13.09 -58.02
N MET V 250 129.81 13.53 -56.89
CA MET V 250 131.14 14.13 -56.84
C MET V 250 131.24 15.33 -57.79
N ASP W 2 108.15 39.25 -33.02
CA ASP W 2 108.47 37.87 -32.66
C ASP W 2 107.94 37.52 -31.28
N HIS W 3 107.81 38.53 -30.42
CA HIS W 3 107.36 38.31 -29.06
C HIS W 3 105.84 38.35 -28.92
N ALA W 4 105.10 38.51 -30.03
CA ALA W 4 103.66 38.39 -29.97
C ALA W 4 103.25 36.99 -29.52
N ILE W 5 104.10 35.99 -29.77
CA ILE W 5 103.83 34.64 -29.31
C ILE W 5 103.72 34.61 -27.80
N TYR W 6 104.54 35.40 -27.10
CA TYR W 6 104.46 35.45 -25.65
C TYR W 6 103.16 36.08 -25.18
N THR W 7 102.70 37.13 -25.86
CA THR W 7 101.42 37.74 -25.52
C THR W 7 100.28 36.74 -25.69
N ALA W 8 100.28 36.03 -26.83
CA ALA W 8 99.21 35.07 -27.08
C ALA W 8 99.25 33.91 -26.09
N MET W 9 100.45 33.43 -25.73
CA MET W 9 100.52 32.33 -24.77
C MET W 9 100.09 32.78 -23.38
N GLY W 10 100.41 34.02 -23.01
CA GLY W 10 99.89 34.54 -21.76
C GLY W 10 98.37 34.60 -21.75
N ALA W 11 97.78 35.07 -22.86
CA ALA W 11 96.33 35.10 -22.95
C ALA W 11 95.73 33.70 -22.84
N ALA W 12 96.35 32.73 -23.50
CA ALA W 12 95.85 31.35 -23.44
C ALA W 12 95.93 30.81 -22.02
N SER W 13 97.04 31.08 -21.31
CA SER W 13 97.17 30.61 -19.94
C SER W 13 96.13 31.25 -19.03
N GLN W 14 95.87 32.54 -19.21
CA GLN W 14 94.83 33.19 -18.41
C GLN W 14 93.46 32.61 -18.72
N THR W 15 93.18 32.30 -19.98
CA THR W 15 91.91 31.67 -20.32
C THR W 15 91.79 30.30 -19.65
N LEU W 16 92.86 29.53 -19.62
CA LEU W 16 92.83 28.24 -18.93
C LEU W 16 92.56 28.43 -17.44
N ASN W 17 93.18 29.43 -16.82
CA ASN W 17 92.92 29.68 -15.41
C ASN W 17 91.47 30.06 -15.16
N GLN W 18 90.90 30.89 -16.04
CA GLN W 18 89.49 31.25 -15.91
C GLN W 18 88.60 30.03 -16.05
N GLN W 19 88.95 29.13 -16.97
CA GLN W 19 88.19 27.89 -17.11
C GLN W 19 88.27 27.05 -15.84
N ALA W 20 89.45 27.02 -15.22
CA ALA W 20 89.59 26.30 -13.95
C ALA W 20 88.72 26.91 -12.88
N VAL W 21 88.64 28.23 -12.82
CA VAL W 21 87.77 28.89 -11.84
C VAL W 21 86.32 28.51 -12.07
N THR W 22 85.87 28.56 -13.33
CA THR W 22 84.48 28.19 -13.62
C THR W 22 84.21 26.74 -13.29
N ALA W 23 85.19 25.86 -13.55
CA ALA W 23 85.02 24.45 -13.21
C ALA W 23 84.91 24.26 -11.71
N SER W 24 85.69 25.01 -10.93
CA SER W 24 85.57 24.96 -9.48
C SER W 24 84.20 25.43 -9.03
N ASN W 25 83.68 26.49 -9.65
CA ASN W 25 82.33 26.95 -9.30
C ASN W 25 81.28 25.90 -9.59
N LEU W 26 81.37 25.24 -10.75
CA LEU W 26 80.36 24.25 -11.11
C LEU W 26 80.54 22.95 -10.35
N ALA W 27 81.74 22.69 -9.83
CA ALA W 27 82.00 21.42 -9.16
C ALA W 27 81.15 21.28 -7.91
N ASN W 28 81.21 22.27 -7.03
CA ASN W 28 80.43 22.27 -5.80
C ASN W 28 79.19 23.15 -5.97
N ALA W 29 78.31 22.70 -6.86
CA ALA W 29 77.03 23.37 -7.07
C ALA W 29 75.98 22.95 -6.06
N SER W 30 76.31 22.00 -5.17
CA SER W 30 75.36 21.52 -4.19
C SER W 30 75.87 21.63 -2.76
N THR W 31 77.01 22.26 -2.55
CA THR W 31 77.51 22.48 -1.19
C THR W 31 76.69 23.57 -0.51
N PRO W 32 76.10 23.32 0.65
CA PRO W 32 75.29 24.35 1.30
C PRO W 32 76.14 25.55 1.71
N GLY W 33 75.53 26.73 1.62
CA GLY W 33 76.20 27.95 2.03
C GLY W 33 77.37 28.36 1.18
N PHE W 34 77.56 27.75 0.02
CA PHE W 34 78.68 28.08 -0.84
C PHE W 34 78.48 29.43 -1.50
N ARG W 35 79.58 30.12 -1.75
CA ARG W 35 79.57 31.40 -2.45
C ARG W 35 80.38 31.26 -3.73
N ALA W 36 79.76 31.58 -4.86
CA ALA W 36 80.42 31.42 -6.14
C ALA W 36 81.62 32.34 -6.26
N GLN W 37 82.64 31.87 -6.97
CA GLN W 37 83.83 32.67 -7.23
C GLN W 37 83.63 33.46 -8.52
N LEU W 38 84.04 34.72 -8.51
CA LEU W 38 83.91 35.58 -9.68
C LEU W 38 85.30 35.94 -10.20
N ASN W 39 85.46 35.85 -11.51
CA ASN W 39 86.74 36.09 -12.16
C ASN W 39 86.63 37.27 -13.13
N ALA W 40 87.74 37.98 -13.32
CA ALA W 40 87.75 39.15 -14.19
C ALA W 40 89.17 39.38 -14.68
N LEU W 41 89.39 39.27 -15.99
CA LEU W 41 90.69 39.51 -16.57
C LEU W 41 91.06 40.98 -16.50
N ARG W 42 92.34 41.26 -16.32
CA ARG W 42 92.85 42.62 -16.24
C ARG W 42 93.98 42.80 -17.25
N ALA W 43 93.89 43.86 -18.04
CA ALA W 43 94.94 44.16 -19.00
C ALA W 43 96.08 44.93 -18.34
N VAL W 44 97.30 44.53 -18.62
CA VAL W 44 98.50 45.20 -18.09
C VAL W 44 99.33 45.71 -19.26
N PRO W 45 99.40 47.03 -19.46
CA PRO W 45 100.31 47.57 -20.47
C PRO W 45 101.76 47.45 -20.02
N VAL W 46 102.66 47.32 -20.98
CA VAL W 46 104.09 47.22 -20.70
C VAL W 46 104.62 48.60 -20.33
N ASP W 47 105.82 48.65 -19.76
CA ASP W 47 106.43 49.93 -19.43
C ASP W 47 106.67 50.77 -20.67
N GLY W 48 107.16 50.15 -21.74
CA GLY W 48 107.30 50.84 -23.01
C GLY W 48 108.53 51.72 -23.09
N LEU W 49 109.25 51.63 -24.21
CA LEU W 49 110.39 52.49 -24.47
C LEU W 49 110.33 53.22 -25.80
N SER W 50 109.63 52.67 -26.80
CA SER W 50 109.48 53.37 -28.08
C SER W 50 108.22 52.84 -28.74
N LEU W 51 107.17 53.66 -28.78
CA LEU W 51 105.86 53.29 -29.31
C LEU W 51 105.34 52.03 -28.59
N ALA W 52 104.94 52.24 -27.34
CA ALA W 52 104.41 51.15 -26.54
C ALA W 52 103.16 50.57 -27.17
N THR W 53 103.23 49.30 -27.57
CA THR W 53 102.12 48.61 -28.19
C THR W 53 101.69 47.36 -27.41
N ARG W 54 102.66 46.53 -26.99
CA ARG W 54 102.33 45.28 -26.34
C ARG W 54 101.59 45.53 -25.03
N THR W 55 100.60 44.68 -24.77
CA THR W 55 99.77 44.79 -23.57
C THR W 55 99.30 43.38 -23.22
N LEU W 56 99.79 42.86 -22.10
CA LEU W 56 99.46 41.49 -21.72
C LEU W 56 98.17 41.46 -20.92
N VAL W 57 97.74 40.27 -20.52
CA VAL W 57 96.53 40.09 -19.73
C VAL W 57 96.83 39.13 -18.59
N THR W 58 96.33 39.46 -17.40
CA THR W 58 96.47 38.61 -16.23
C THR W 58 95.10 38.41 -15.61
N ALA W 59 94.75 37.15 -15.34
CA ALA W 59 93.47 36.85 -14.73
C ALA W 59 93.46 37.31 -13.27
N SER W 60 92.27 37.63 -12.77
CA SER W 60 92.12 38.07 -11.40
C SER W 60 90.69 37.80 -10.94
N THR W 61 90.53 37.52 -9.66
CA THR W 61 89.21 37.30 -9.06
C THR W 61 88.87 38.48 -8.16
N PRO W 62 87.94 39.34 -8.54
CA PRO W 62 87.53 40.42 -7.62
C PRO W 62 86.98 39.89 -6.30
N GLY W 63 86.36 38.72 -6.31
CA GLY W 63 85.88 38.13 -5.07
C GLY W 63 84.56 37.42 -5.24
N ALA W 64 84.12 36.71 -4.20
CA ALA W 64 82.87 35.99 -4.26
C ALA W 64 81.69 36.96 -4.32
N ASP W 65 80.59 36.49 -4.89
CA ASP W 65 79.35 37.25 -4.92
C ASP W 65 78.47 36.78 -3.77
N MET W 66 78.05 37.72 -2.91
CA MET W 66 77.35 37.40 -1.68
C MET W 66 75.85 37.31 -1.88
N THR W 67 75.39 37.00 -3.08
CA THR W 67 73.96 36.82 -3.32
C THR W 67 73.46 35.63 -2.51
N PRO W 68 72.46 35.80 -1.66
CA PRO W 68 71.97 34.68 -0.86
C PRO W 68 71.41 33.57 -1.74
N GLY W 69 71.67 32.34 -1.34
CA GLY W 69 71.20 31.20 -2.10
C GLY W 69 69.83 30.75 -1.68
N GLN W 70 69.18 29.99 -2.56
CA GLN W 70 67.87 29.46 -2.25
C GLN W 70 67.97 28.41 -1.15
N LEU W 71 67.07 28.51 -0.17
CA LEU W 71 67.09 27.67 1.01
C LEU W 71 65.96 26.65 0.94
N ASP W 72 66.27 25.41 1.31
CA ASP W 72 65.32 24.32 1.24
C ASP W 72 65.01 23.81 2.64
N TYR W 73 63.79 23.30 2.80
CA TYR W 73 63.25 22.91 4.09
C TYR W 73 63.65 21.47 4.39
N THR W 74 64.63 21.29 5.29
CA THR W 74 65.11 19.96 5.64
C THR W 74 64.45 19.36 6.87
N SER W 75 63.73 20.17 7.64
CA SER W 75 62.98 19.71 8.81
C SER W 75 63.90 19.02 9.83
N ARG W 76 64.92 19.76 10.26
CA ARG W 76 65.78 19.32 11.34
C ARG W 76 65.92 20.42 12.38
N PRO W 77 65.90 20.08 13.67
CA PRO W 77 65.95 21.13 14.70
C PRO W 77 67.23 21.95 14.69
N LEU W 78 68.37 21.35 14.33
CA LEU W 78 69.67 21.99 14.49
C LEU W 78 70.27 22.39 13.14
N ASP W 79 69.42 22.85 12.23
CA ASP W 79 69.86 23.43 10.96
C ASP W 79 69.31 24.84 10.88
N VAL W 80 70.17 25.79 10.51
CA VAL W 80 69.79 27.19 10.46
C VAL W 80 70.12 27.78 9.10
N ALA W 81 69.44 28.88 8.78
CA ALA W 81 69.68 29.62 7.55
C ALA W 81 69.74 31.09 7.90
N LEU W 82 70.82 31.75 7.49
CA LEU W 82 71.04 33.15 7.86
C LEU W 82 70.07 34.05 7.11
N GLN W 83 70.14 35.35 7.42
CA GLN W 83 69.35 36.36 6.72
C GLN W 83 70.06 36.77 5.43
N GLN W 84 69.61 37.87 4.82
CA GLN W 84 70.16 38.31 3.54
C GLN W 84 71.66 38.55 3.62
N ASP W 85 72.12 39.23 4.67
CA ASP W 85 73.53 39.62 4.77
C ASP W 85 74.08 39.34 6.15
N GLY W 86 73.81 38.15 6.68
CA GLY W 86 74.31 37.74 7.98
C GLY W 86 75.40 36.69 7.84
N TRP W 87 76.35 36.71 8.77
CA TRP W 87 77.46 35.78 8.78
C TRP W 87 77.52 35.07 10.13
N LEU W 88 77.61 33.75 10.09
CA LEU W 88 77.75 32.94 11.30
C LEU W 88 79.22 32.89 11.69
N VAL W 89 79.48 33.02 12.98
CA VAL W 89 80.84 33.10 13.50
C VAL W 89 81.29 31.70 13.89
N VAL W 90 82.48 31.31 13.44
CA VAL W 90 83.03 29.99 13.71
C VAL W 90 84.47 30.15 14.18
N GLN W 91 84.91 29.19 14.99
CA GLN W 91 86.29 29.13 15.45
C GLN W 91 87.14 28.49 14.36
N ALA W 92 88.16 29.21 13.91
CA ALA W 92 89.02 28.69 12.86
C ALA W 92 89.89 27.55 13.40
N ALA W 93 90.49 26.81 12.47
CA ALA W 93 91.26 25.62 12.86
C ALA W 93 92.44 25.99 13.75
N ASP W 94 93.16 27.06 13.41
CA ASP W 94 94.29 27.49 14.22
C ASP W 94 93.82 28.10 15.55
N GLY W 95 92.69 28.80 15.52
CA GLY W 95 92.20 29.51 16.69
C GLY W 95 91.69 30.87 16.33
N ALA W 96 91.76 31.21 15.04
CA ALA W 96 91.33 32.52 14.56
C ALA W 96 89.81 32.53 14.41
N GLU W 97 89.30 33.57 13.75
CA GLU W 97 87.86 33.78 13.59
C GLU W 97 87.47 33.64 12.13
N GLY W 98 86.33 32.97 11.88
CA GLY W 98 85.86 32.82 10.52
C GLY W 98 84.40 33.12 10.35
N TYR W 99 84.04 33.78 9.25
CA TYR W 99 82.65 34.10 8.94
C TYR W 99 82.17 33.15 7.86
N THR W 100 81.28 32.23 8.22
CA THR W 100 80.72 31.28 7.28
C THR W 100 79.23 31.52 7.14
N ARG W 101 78.59 30.71 6.29
CA ARG W 101 77.15 30.71 6.17
C ARG W 101 76.57 29.31 6.05
N ASN W 102 77.37 28.27 6.24
CA ASN W 102 76.92 26.89 6.15
C ASN W 102 76.28 26.52 7.49
N GLY W 103 74.97 26.71 7.56
CA GLY W 103 74.24 26.45 8.80
C GLY W 103 73.90 24.98 9.01
N ASN W 104 74.90 24.12 8.95
CA ASN W 104 74.73 22.68 9.17
C ASN W 104 75.51 22.31 10.42
N ILE W 105 74.88 22.44 11.57
CA ILE W 105 75.52 22.23 12.87
C ILE W 105 75.42 20.77 13.25
N GLN W 106 76.44 20.26 13.94
CA GLN W 106 76.46 18.89 14.42
C GLN W 106 76.84 18.87 15.90
N VAL W 107 76.45 17.79 16.57
CA VAL W 107 76.66 17.61 17.99
C VAL W 107 77.57 16.42 18.20
N GLY W 108 78.64 16.62 18.98
CA GLY W 108 79.58 15.56 19.27
C GLY W 108 79.11 14.70 20.42
N PRO W 109 79.93 13.71 20.77
CA PRO W 109 79.57 12.83 21.89
C PRO W 109 79.41 13.55 23.21
N THR W 110 80.26 14.55 23.46
CA THR W 110 80.23 15.27 24.73
C THR W 110 79.30 16.47 24.72
N GLY W 111 78.71 16.80 23.57
CA GLY W 111 77.79 17.92 23.49
C GLY W 111 78.41 19.22 23.06
N GLN W 112 79.16 19.21 21.97
CA GLN W 112 79.73 20.42 21.39
C GLN W 112 79.12 20.65 20.02
N LEU W 113 78.63 21.86 19.79
CA LEU W 113 78.08 22.22 18.48
C LEU W 113 79.24 22.42 17.51
N THR W 114 79.52 21.39 16.71
CA THR W 114 80.67 21.39 15.81
C THR W 114 80.18 21.45 14.38
N ILE W 115 80.68 22.44 13.64
CA ILE W 115 80.43 22.56 12.20
C ILE W 115 81.72 22.18 11.50
N GLN W 116 81.72 21.00 10.86
CA GLN W 116 82.88 20.50 10.15
C GLN W 116 84.11 20.43 11.06
N GLY W 117 83.89 19.99 12.30
CA GLY W 117 84.97 19.89 13.27
C GLY W 117 85.37 21.18 13.93
N HIS W 118 84.69 22.28 13.62
CA HIS W 118 85.02 23.58 14.20
C HIS W 118 83.91 24.00 15.14
N PRO W 119 84.18 24.14 16.43
CA PRO W 119 83.12 24.56 17.36
C PRO W 119 82.62 25.96 17.05
N VAL W 120 81.30 26.11 17.14
CA VAL W 120 80.67 27.40 16.88
C VAL W 120 80.97 28.35 18.02
N ILE W 121 81.07 29.64 17.72
CA ILE W 121 81.42 30.66 18.70
C ILE W 121 80.23 31.57 18.92
N GLY W 122 79.78 31.66 20.18
CA GLY W 122 78.82 32.65 20.61
C GLY W 122 79.44 33.55 21.66
N GLU W 123 78.62 34.46 22.16
CA GLU W 123 79.08 35.37 23.21
C GLU W 123 79.31 34.60 24.51
N GLY W 124 80.38 34.97 25.22
CA GLY W 124 80.72 34.32 26.47
C GLY W 124 81.05 32.85 26.32
N GLY W 125 82.15 32.55 25.63
CA GLY W 125 82.52 31.19 25.36
C GLY W 125 81.96 30.74 24.02
N PRO W 126 82.69 29.88 23.30
CA PRO W 126 82.23 29.48 21.97
C PRO W 126 80.87 28.80 21.97
N ILE W 127 80.75 27.63 22.60
CA ILE W 127 79.48 26.90 22.64
C ILE W 127 79.63 25.73 23.59
N THR W 128 78.50 25.28 24.14
CA THR W 128 78.42 24.04 24.92
C THR W 128 76.95 23.73 25.14
N VAL W 129 76.57 22.46 25.00
CA VAL W 129 75.17 22.06 25.19
C VAL W 129 75.12 20.87 26.15
N PRO W 130 73.95 20.62 26.75
CA PRO W 130 73.77 19.40 27.54
C PRO W 130 73.89 18.13 26.72
N GLU W 131 73.79 16.97 27.38
CA GLU W 131 74.17 15.71 26.77
C GLU W 131 73.26 15.34 25.61
N GLY W 132 71.95 15.40 25.82
CA GLY W 132 71.03 14.90 24.82
C GLY W 132 69.78 15.74 24.63
N SER W 133 69.89 17.03 24.94
CA SER W 133 68.74 17.91 24.88
C SER W 133 68.25 18.09 23.45
N GLU W 134 66.93 18.21 23.30
CA GLU W 134 66.31 18.52 22.01
C GLU W 134 66.55 19.99 21.73
N ILE W 135 67.57 20.28 20.92
CA ILE W 135 68.00 21.66 20.70
C ILE W 135 66.97 22.40 19.87
N THR W 136 66.60 23.59 20.32
CA THR W 136 65.71 24.49 19.59
C THR W 136 66.39 25.85 19.48
N ILE W 137 66.57 26.32 18.25
CA ILE W 137 67.27 27.57 17.99
C ILE W 137 66.23 28.64 17.66
N ALA W 138 66.30 29.76 18.36
CA ALA W 138 65.30 30.81 18.24
C ALA W 138 65.54 31.63 16.97
N ALA W 139 64.66 32.60 16.72
CA ALA W 139 64.80 33.43 15.52
C ALA W 139 65.93 34.44 15.65
N ASP W 140 66.33 34.79 16.88
CA ASP W 140 67.39 35.76 17.09
C ASP W 140 68.72 35.12 17.42
N GLY W 141 68.74 33.85 17.81
CA GLY W 141 69.99 33.17 18.12
C GLY W 141 69.95 32.40 19.42
N THR W 142 68.93 32.65 20.24
CA THR W 142 68.82 31.96 21.51
C THR W 142 68.67 30.46 21.31
N ILE W 143 69.42 29.68 22.08
CA ILE W 143 69.37 28.23 21.94
C ILE W 143 68.60 27.63 23.11
N SER W 144 67.33 27.30 22.88
CA SER W 144 66.54 26.63 23.90
C SER W 144 66.93 25.16 23.98
N ALA W 145 67.02 24.65 25.19
CA ALA W 145 67.37 23.26 25.42
C ALA W 145 66.32 22.61 26.31
N LEU W 146 65.96 21.38 25.97
CA LEU W 146 64.97 20.62 26.73
C LEU W 146 65.55 19.23 26.99
N ASN W 147 65.77 18.92 28.26
CA ASN W 147 66.29 17.61 28.61
C ASN W 147 65.24 16.55 28.25
N PRO W 148 65.60 15.54 27.46
CA PRO W 148 64.62 14.50 27.12
C PRO W 148 64.14 13.79 28.36
N GLY W 149 62.83 13.52 28.41
CA GLY W 149 62.21 12.95 29.59
C GLY W 149 61.76 13.99 30.58
N ASP W 150 62.47 15.11 30.64
CA ASP W 150 62.06 16.21 31.50
C ASP W 150 60.77 16.84 30.98
N PRO W 151 59.91 17.30 31.87
CA PRO W 151 58.66 17.95 31.44
C PRO W 151 58.94 19.14 30.54
N PRO W 152 58.08 19.38 29.54
CA PRO W 152 58.37 20.42 28.55
C PRO W 152 58.42 21.83 29.12
N ASN W 153 57.84 22.06 30.29
CA ASN W 153 57.79 23.40 30.87
C ASN W 153 59.11 23.84 31.48
N THR W 154 60.21 23.13 31.21
CA THR W 154 61.51 23.47 31.78
C THR W 154 62.54 23.76 30.70
N VAL W 155 62.10 24.27 29.54
CA VAL W 155 63.03 24.66 28.50
C VAL W 155 63.86 25.83 28.97
N ALA W 156 65.19 25.73 28.84
CA ALA W 156 66.09 26.74 29.38
C ALA W 156 67.08 27.16 28.31
N PRO W 157 67.28 28.46 28.09
CA PRO W 157 68.32 28.90 27.16
C PRO W 157 69.70 28.46 27.63
N VAL W 158 70.54 28.06 26.68
CA VAL W 158 71.86 27.55 27.01
C VAL W 158 72.92 28.26 26.17
N GLY W 159 72.59 29.44 25.67
CA GLY W 159 73.54 30.23 24.90
C GLY W 159 72.89 30.84 23.69
N ARG W 160 73.63 31.73 23.04
CA ARG W 160 73.17 32.46 21.87
C ARG W 160 74.27 32.48 20.82
N LEU W 161 73.87 32.35 19.56
CA LEU W 161 74.81 32.40 18.45
C LEU W 161 75.30 33.82 18.22
N LYS W 162 76.44 33.94 17.54
CA LYS W 162 77.02 35.23 17.20
C LYS W 162 76.92 35.43 15.70
N LEU W 163 76.24 36.50 15.29
CA LEU W 163 75.99 36.80 13.89
C LEU W 163 76.50 38.21 13.58
N VAL W 164 77.28 38.34 12.52
CA VAL W 164 77.87 39.62 12.15
C VAL W 164 77.29 40.05 10.81
N LYS W 165 77.50 41.32 10.48
CA LYS W 165 77.00 41.91 9.24
C LYS W 165 78.16 42.50 8.48
N ALA W 166 78.31 42.09 7.21
CA ALA W 166 79.37 42.58 6.35
C ALA W 166 78.80 42.83 4.96
N GLU W 167 79.13 43.99 4.39
CA GLU W 167 78.49 44.42 3.15
C GLU W 167 78.75 43.44 2.02
N GLY W 168 79.99 42.99 1.87
CA GLY W 168 80.31 42.06 0.80
C GLY W 168 81.57 42.41 0.05
N ASN W 169 81.86 43.69 -0.09
CA ASN W 169 83.10 44.14 -0.69
C ASN W 169 84.22 44.27 0.34
N GLU W 170 83.93 44.06 1.62
CA GLU W 170 84.92 44.14 2.68
C GLU W 170 85.28 42.77 3.24
N VAL W 171 84.91 41.69 2.56
CA VAL W 171 85.21 40.34 3.01
C VAL W 171 86.06 39.66 1.93
N GLN W 172 87.12 39.00 2.37
CA GLN W 172 87.97 38.22 1.47
C GLN W 172 88.02 36.77 1.95
N ARG W 173 88.11 35.86 0.99
CA ARG W 173 88.13 34.44 1.29
C ARG W 173 89.50 34.04 1.86
N SER W 174 89.62 32.78 2.24
CA SER W 174 90.87 32.21 2.70
C SER W 174 91.06 30.86 2.03
N ASP W 175 92.26 30.29 2.21
CA ASP W 175 92.59 29.04 1.54
C ASP W 175 91.68 27.91 1.97
N ASP W 176 91.39 27.81 3.27
CA ASP W 176 90.49 26.77 3.75
C ASP W 176 89.08 26.99 3.21
N GLY W 177 88.61 28.24 3.20
CA GLY W 177 87.28 28.54 2.71
C GLY W 177 86.43 29.38 3.65
N LEU W 178 87.07 29.97 4.66
CA LEU W 178 86.37 30.79 5.64
C LEU W 178 86.70 32.26 5.36
N PHE W 179 85.67 33.05 5.13
CA PHE W 179 85.86 34.44 4.76
C PHE W 179 86.37 35.26 5.94
N ARG W 180 87.08 36.34 5.62
CA ARG W 180 87.64 37.24 6.63
C ARG W 180 87.56 38.66 6.13
N LEU W 181 87.60 39.61 7.06
CA LEU W 181 87.62 41.02 6.71
C LEU W 181 88.94 41.39 6.05
N THR W 182 88.88 42.30 5.08
CA THR W 182 90.08 42.77 4.43
C THR W 182 90.84 43.73 5.37
N ALA W 183 92.01 44.16 4.93
CA ALA W 183 92.78 45.09 5.74
C ALA W 183 92.01 46.40 5.96
N GLU W 184 91.38 46.92 4.91
CA GLU W 184 90.60 48.14 5.06
C GLU W 184 89.40 47.93 5.97
N ALA W 185 88.77 46.75 5.90
CA ALA W 185 87.62 46.48 6.76
C ALA W 185 88.02 46.49 8.23
N GLN W 186 89.13 45.85 8.56
CA GLN W 186 89.61 45.87 9.95
C GLN W 186 90.03 47.28 10.36
N ALA W 187 90.67 48.02 9.46
CA ALA W 187 91.10 49.37 9.79
C ALA W 187 89.91 50.27 10.08
N GLU W 188 88.83 50.14 9.30
CA GLU W 188 87.70 51.05 9.45
C GLU W 188 86.73 50.57 10.53
N ARG W 189 86.57 49.25 10.68
CA ARG W 189 85.58 48.71 11.61
C ARG W 189 86.22 48.09 12.85
N GLY W 190 87.11 47.14 12.68
CA GLY W 190 87.73 46.46 13.81
C GLY W 190 88.12 45.05 13.43
N ALA W 191 88.93 44.45 14.31
CA ALA W 191 89.43 43.09 14.05
C ALA W 191 88.30 42.07 14.06
N VAL W 192 87.43 42.13 15.06
CA VAL W 192 86.31 41.19 15.20
C VAL W 192 85.02 41.99 15.17
N LEU W 193 84.10 41.59 14.29
CA LEU W 193 82.84 42.31 14.16
C LEU W 193 81.96 42.07 15.37
N ALA W 194 81.10 43.04 15.65
CA ALA W 194 80.12 42.91 16.71
C ALA W 194 78.81 42.36 16.16
N ALA W 195 77.99 41.82 17.06
CA ALA W 195 76.73 41.19 16.67
C ALA W 195 75.62 42.23 16.74
N ASP W 196 75.10 42.63 15.56
CA ASP W 196 73.98 43.54 15.61
C ASP W 196 72.66 42.76 15.57
N PRO W 197 71.63 43.23 16.28
CA PRO W 197 70.39 42.45 16.37
C PRO W 197 69.55 42.45 15.11
N SER W 198 69.94 43.21 14.08
CA SER W 198 69.14 43.28 12.86
C SER W 198 69.04 41.92 12.18
N ILE W 199 70.15 41.18 12.12
CA ILE W 199 70.16 39.89 11.45
C ILE W 199 69.36 38.89 12.26
N ARG W 200 68.55 38.09 11.57
CA ARG W 200 67.77 37.03 12.22
C ARG W 200 67.80 35.78 11.37
N ILE W 201 67.75 34.63 12.03
CA ILE W 201 67.85 33.34 11.36
C ILE W 201 66.58 32.54 11.59
N MET W 202 66.51 31.34 11.02
CA MET W 202 65.37 30.45 11.21
C MET W 202 65.86 29.01 11.20
N SER W 203 65.22 28.17 12.01
CA SER W 203 65.62 26.78 12.15
C SER W 203 64.85 25.89 11.19
N GLY W 204 65.40 24.72 10.92
CA GLY W 204 64.76 23.73 10.08
C GLY W 204 64.95 23.93 8.59
N VAL W 205 65.66 24.97 8.18
CA VAL W 205 65.86 25.27 6.76
C VAL W 205 67.35 25.46 6.51
N LEU W 206 67.86 24.86 5.45
CA LEU W 206 69.27 24.92 5.11
C LEU W 206 69.47 25.66 3.78
N GLU W 207 70.46 26.54 3.74
CA GLU W 207 70.69 27.38 2.58
C GLU W 207 71.53 26.65 1.54
N GLY W 208 71.07 26.69 0.29
CA GLY W 208 71.83 26.14 -0.81
C GLY W 208 72.85 27.11 -1.35
N SER W 209 73.56 26.66 -2.37
CA SER W 209 74.59 27.47 -3.02
C SER W 209 73.93 28.46 -3.98
N ASN W 210 74.73 29.38 -4.53
CA ASN W 210 74.24 30.34 -5.50
C ASN W 210 75.19 30.34 -6.71
N VAL W 211 74.86 29.51 -7.69
CA VAL W 211 75.62 29.43 -8.94
C VAL W 211 74.63 29.58 -10.09
N LYS W 212 74.98 30.42 -11.06
CA LYS W 212 74.12 30.64 -12.21
C LYS W 212 74.56 29.71 -13.34
N PRO W 213 73.78 28.69 -13.69
CA PRO W 213 74.19 27.82 -14.80
C PRO W 213 74.35 28.54 -16.12
N VAL W 214 73.48 29.52 -16.39
CA VAL W 214 73.57 30.26 -17.64
C VAL W 214 74.89 31.03 -17.72
N GLU W 215 75.29 31.67 -16.62
CA GLU W 215 76.57 32.37 -16.60
C GLU W 215 77.72 31.42 -16.86
N ALA W 216 77.68 30.23 -16.24
CA ALA W 216 78.75 29.26 -16.45
C ALA W 216 78.83 28.81 -17.90
N MET W 217 77.67 28.51 -18.50
CA MET W 217 77.67 28.07 -19.90
C MET W 217 78.19 29.15 -20.83
N THR W 218 77.73 30.39 -20.64
CA THR W 218 78.20 31.47 -21.50
C THR W 218 79.69 31.72 -21.33
N ASP W 219 80.18 31.68 -20.09
CA ASP W 219 81.61 31.86 -19.86
C ASP W 219 82.42 30.74 -20.50
N MET W 220 81.92 29.50 -20.43
CA MET W 220 82.64 28.40 -21.07
C MET W 220 82.72 28.58 -22.57
N ILE W 221 81.61 28.98 -23.20
CA ILE W 221 81.62 29.19 -24.64
C ILE W 221 82.60 30.30 -25.00
N ALA W 222 82.58 31.41 -24.26
CA ALA W 222 83.49 32.51 -24.54
C ALA W 222 84.94 32.10 -24.37
N ASN W 223 85.23 31.32 -23.33
CA ASN W 223 86.60 30.87 -23.10
C ASN W 223 87.08 29.96 -24.22
N ALA W 224 86.23 29.03 -24.66
CA ALA W 224 86.62 28.15 -25.77
C ALA W 224 86.93 28.96 -27.02
N ARG W 225 86.06 29.92 -27.34
CA ARG W 225 86.29 30.71 -28.55
C ARG W 225 87.55 31.56 -28.44
N ARG W 226 87.78 32.18 -27.27
CA ARG W 226 88.98 32.98 -27.10
C ARG W 226 90.24 32.13 -27.20
N PHE W 227 90.22 30.93 -26.62
CA PHE W 227 91.38 30.05 -26.70
C PHE W 227 91.66 29.65 -28.15
N GLU W 228 90.60 29.36 -28.91
CA GLU W 228 90.79 29.02 -30.31
C GLU W 228 91.39 30.19 -31.09
N MET W 229 90.92 31.41 -30.83
CA MET W 229 91.49 32.59 -31.50
C MET W 229 92.96 32.76 -31.14
N GLN W 230 93.31 32.57 -29.87
CA GLN W 230 94.70 32.70 -29.47
C GLN W 230 95.57 31.65 -30.16
N MET W 231 95.07 30.42 -30.29
CA MET W 231 95.82 29.40 -31.01
C MET W 231 96.01 29.79 -32.47
N LYS W 232 94.98 30.38 -33.08
CA LYS W 232 95.12 30.84 -34.45
C LYS W 232 96.22 31.90 -34.58
N VAL W 233 96.25 32.84 -33.64
CA VAL W 233 97.31 33.86 -33.67
C VAL W 233 98.67 33.21 -33.48
N ILE W 234 98.76 32.24 -32.57
CA ILE W 234 100.03 31.56 -32.32
C ILE W 234 100.55 30.92 -33.59
N THR W 235 99.70 30.14 -34.27
CA THR W 235 100.17 29.44 -35.46
C THR W 235 100.47 30.39 -36.59
N SER W 236 99.70 31.48 -36.72
CA SER W 236 100.00 32.48 -37.75
C SER W 236 101.37 33.09 -37.53
N VAL W 237 101.67 33.50 -36.30
CA VAL W 237 102.96 34.11 -36.01
C VAL W 237 104.08 33.11 -36.19
N ASP W 238 103.85 31.85 -35.78
CA ASP W 238 104.90 30.84 -35.92
C ASP W 238 105.23 30.58 -37.38
N GLU W 239 104.22 30.44 -38.23
CA GLU W 239 104.50 30.20 -39.64
C GLU W 239 105.12 31.42 -40.29
N ASN W 240 104.71 32.62 -39.86
CA ASN W 240 105.33 33.84 -40.37
C ASN W 240 106.82 33.88 -40.05
N GLU W 241 107.17 33.55 -38.80
CA GLU W 241 108.57 33.53 -38.40
C GLU W 241 109.34 32.44 -39.14
N GLY W 242 108.74 31.28 -39.31
CA GLY W 242 109.40 30.20 -40.04
C GLY W 242 109.68 30.57 -41.48
N ARG W 243 108.76 31.28 -42.12
CA ARG W 243 109.00 31.75 -43.48
C ARG W 243 110.06 32.86 -43.50
N ALA W 244 110.03 33.75 -42.51
CA ALA W 244 110.92 34.91 -42.53
C ALA W 244 112.36 34.56 -42.18
N ASN W 245 112.58 33.47 -41.44
CA ASN W 245 113.97 33.15 -41.08
C ASN W 245 114.78 32.66 -42.27
N GLN W 246 114.16 32.40 -43.42
CA GLN W 246 114.87 31.84 -44.56
C GLN W 246 115.81 32.83 -45.22
N LEU W 247 115.47 34.13 -45.19
CA LEU W 247 116.27 35.12 -45.91
C LEU W 247 117.61 35.39 -45.24
N LEU W 248 117.86 34.86 -44.04
CA LEU W 248 119.13 35.09 -43.37
C LEU W 248 120.31 34.49 -44.12
N SER W 249 120.06 33.48 -44.96
CA SER W 249 121.14 32.87 -45.74
C SER W 249 121.67 33.82 -46.80
N ASP X 2 120.11 15.61 -29.71
CA ASP X 2 119.76 14.43 -30.49
C ASP X 2 118.90 13.48 -29.68
N HIS X 3 119.43 13.02 -28.55
CA HIS X 3 118.73 12.02 -27.75
C HIS X 3 117.48 12.55 -27.08
N ALA X 4 117.24 13.87 -27.13
CA ALA X 4 116.04 14.45 -26.55
C ALA X 4 114.77 13.90 -27.20
N ILE X 5 114.86 13.33 -28.39
CA ILE X 5 113.70 12.66 -28.96
C ILE X 5 113.37 11.41 -28.17
N TYR X 6 114.37 10.61 -27.81
CA TYR X 6 114.13 9.29 -27.23
C TYR X 6 113.27 9.39 -25.98
N THR X 7 113.68 10.22 -25.02
CA THR X 7 112.87 10.39 -23.82
C THR X 7 111.42 10.68 -24.18
N ALA X 8 111.21 11.66 -25.07
CA ALA X 8 109.86 11.99 -25.48
C ALA X 8 109.14 10.77 -26.01
N MET X 9 109.74 10.06 -26.97
CA MET X 9 109.05 8.90 -27.53
C MET X 9 108.81 7.86 -26.45
N GLY X 10 109.75 7.71 -25.51
CA GLY X 10 109.55 6.79 -24.43
C GLY X 10 108.27 7.08 -23.68
N ALA X 11 108.04 8.37 -23.38
CA ALA X 11 106.80 8.76 -22.72
C ALA X 11 105.61 8.24 -23.49
N ALA X 12 105.58 8.49 -24.81
CA ALA X 12 104.46 8.03 -25.61
C ALA X 12 104.25 6.54 -25.44
N SER X 13 105.34 5.76 -25.52
CA SER X 13 105.21 4.31 -25.38
C SER X 13 104.56 3.96 -24.05
N GLN X 14 105.03 4.58 -22.97
CA GLN X 14 104.47 4.26 -21.66
C GLN X 14 102.99 4.58 -21.62
N THR X 15 102.57 5.68 -22.25
CA THR X 15 101.16 6.00 -22.27
C THR X 15 100.34 4.84 -22.84
N LEU X 16 100.82 4.25 -23.93
CA LEU X 16 100.13 3.09 -24.49
C LEU X 16 99.96 2.01 -23.44
N ASN X 17 101.04 1.70 -22.72
CA ASN X 17 100.93 0.70 -21.65
C ASN X 17 99.85 1.10 -20.66
N GLN X 18 99.85 2.37 -20.24
CA GLN X 18 98.81 2.81 -19.32
C GLN X 18 97.43 2.60 -19.94
N GLN X 19 97.28 2.96 -21.21
CA GLN X 19 96.02 2.73 -21.89
C GLN X 19 95.60 1.27 -21.76
N ALA X 20 96.55 0.34 -21.97
CA ALA X 20 96.22 -1.08 -21.85
C ALA X 20 95.57 -1.37 -20.52
N VAL X 21 96.15 -0.87 -19.43
CA VAL X 21 95.56 -1.11 -18.11
C VAL X 21 94.12 -0.65 -18.08
N THR X 22 93.87 0.58 -18.55
CA THR X 22 92.50 1.08 -18.57
C THR X 22 91.61 0.15 -19.37
N ALA X 23 92.08 -0.28 -20.55
CA ALA X 23 91.28 -1.18 -21.35
C ALA X 23 90.92 -2.43 -20.57
N SER X 24 91.90 -3.01 -19.87
CA SER X 24 91.59 -4.18 -19.06
C SER X 24 90.54 -3.87 -18.02
N ASN X 25 90.67 -2.72 -17.35
CA ASN X 25 89.70 -2.35 -16.33
C ASN X 25 88.31 -2.20 -16.94
N LEU X 26 88.24 -1.83 -18.21
CA LEU X 26 86.95 -1.71 -18.86
C LEU X 26 86.49 -3.03 -19.44
N ALA X 27 87.43 -3.92 -19.78
CA ALA X 27 87.05 -5.17 -20.42
C ALA X 27 86.21 -6.03 -19.48
N ASN X 28 86.71 -6.28 -18.27
CA ASN X 28 85.98 -7.07 -17.29
C ASN X 28 85.28 -6.15 -16.30
N ALA X 29 84.33 -5.40 -16.83
CA ALA X 29 83.49 -4.53 -16.03
C ALA X 29 82.31 -5.27 -15.43
N SER X 30 82.18 -6.57 -15.69
CA SER X 30 81.08 -7.35 -15.16
C SER X 30 81.52 -8.68 -14.54
N THR X 31 82.82 -8.91 -14.42
CA THR X 31 83.30 -10.12 -13.75
C THR X 31 83.10 -9.98 -12.24
N PRO X 32 82.34 -10.86 -11.60
CA PRO X 32 82.12 -10.73 -10.17
C PRO X 32 83.42 -10.88 -9.38
N GLY X 33 83.52 -10.13 -8.29
CA GLY X 33 84.71 -10.19 -7.47
C GLY X 33 85.96 -9.72 -8.16
N PHE X 34 85.87 -8.65 -8.94
CA PHE X 34 87.02 -8.07 -9.62
C PHE X 34 87.44 -6.79 -8.93
N ARG X 35 88.75 -6.58 -8.84
CA ARG X 35 89.34 -5.39 -8.23
C ARG X 35 90.06 -4.59 -9.29
N ALA X 36 89.69 -3.32 -9.43
CA ALA X 36 90.24 -2.49 -10.48
C ALA X 36 91.74 -2.30 -10.30
N GLN X 37 92.42 -2.15 -11.42
CA GLN X 37 93.87 -2.01 -11.46
C GLN X 37 94.23 -0.54 -11.60
N LEU X 38 94.91 0.01 -10.60
CA LEU X 38 95.34 1.39 -10.66
C LEU X 38 96.55 1.53 -11.58
N ASN X 39 96.85 2.77 -11.94
CA ASN X 39 98.01 3.04 -12.77
C ASN X 39 98.60 4.39 -12.38
N ALA X 40 99.90 4.53 -12.61
CA ALA X 40 100.61 5.76 -12.28
C ALA X 40 101.88 5.81 -13.11
N LEU X 41 102.48 7.01 -13.16
CA LEU X 41 103.72 7.23 -13.88
C LEU X 41 104.77 7.73 -12.90
N ARG X 42 105.94 7.11 -12.94
CA ARG X 42 107.04 7.45 -12.05
C ARG X 42 108.16 8.09 -12.86
N ALA X 43 108.65 9.23 -12.38
CA ALA X 43 109.73 9.93 -13.06
C ALA X 43 111.08 9.33 -12.67
N VAL X 44 111.88 9.00 -13.67
CA VAL X 44 113.23 8.47 -13.44
C VAL X 44 114.24 9.47 -13.99
N PRO X 45 114.86 10.27 -13.14
CA PRO X 45 115.95 11.14 -13.62
C PRO X 45 117.25 10.36 -13.74
N VAL X 46 117.95 10.59 -14.84
CA VAL X 46 119.23 9.95 -15.11
C VAL X 46 120.33 10.94 -14.76
N ASP X 47 121.20 10.54 -13.83
CA ASP X 47 122.27 11.41 -13.35
C ASP X 47 123.48 11.20 -14.25
N GLY X 48 123.64 12.10 -15.23
CA GLY X 48 124.79 12.06 -16.11
C GLY X 48 126.00 12.67 -15.46
N LEU X 49 126.74 13.48 -16.21
CA LEU X 49 127.91 14.16 -15.67
C LEU X 49 127.60 15.60 -15.26
N SER X 50 127.05 16.39 -16.17
CA SER X 50 126.70 17.77 -15.88
C SER X 50 125.39 18.13 -16.59
N LEU X 51 124.65 19.06 -16.00
CA LEU X 51 123.40 19.55 -16.56
C LEU X 51 122.41 18.40 -16.79
N ALA X 52 122.04 17.76 -15.68
CA ALA X 52 121.10 16.65 -15.75
C ALA X 52 119.72 17.13 -16.14
N THR X 53 119.44 17.17 -17.44
CA THR X 53 118.19 17.70 -17.96
C THR X 53 117.32 16.63 -18.59
N ARG X 54 117.61 15.35 -18.35
CA ARG X 54 116.83 14.24 -18.88
C ARG X 54 116.15 13.52 -17.74
N THR X 55 114.82 13.49 -17.77
CA THR X 55 114.02 12.79 -16.77
C THR X 55 112.99 11.95 -17.52
N LEU X 56 113.27 10.66 -17.67
CA LEU X 56 112.37 9.77 -18.38
C LEU X 56 111.18 9.45 -17.48
N VAL X 57 110.20 8.73 -18.03
CA VAL X 57 109.01 8.37 -17.27
C VAL X 57 108.69 6.91 -17.53
N THR X 58 108.39 6.17 -16.47
CA THR X 58 108.07 4.76 -16.58
C THR X 58 106.70 4.50 -15.95
N ALA X 59 105.86 3.74 -16.64
CA ALA X 59 104.57 3.39 -16.09
C ALA X 59 104.72 2.35 -14.99
N SER X 60 103.77 2.34 -14.07
CA SER X 60 103.76 1.36 -12.99
C SER X 60 102.34 1.23 -12.47
N THR X 61 102.06 0.08 -11.85
CA THR X 61 100.77 -0.17 -11.21
C THR X 61 100.98 -0.35 -9.72
N PRO X 62 100.64 0.65 -8.90
CA PRO X 62 100.81 0.47 -7.45
C PRO X 62 100.05 -0.72 -6.90
N GLY X 63 98.88 -1.01 -7.41
CA GLY X 63 98.12 -2.17 -6.98
C GLY X 63 96.64 -1.91 -7.13
N ALA X 64 95.88 -2.99 -6.93
CA ALA X 64 94.43 -2.90 -7.04
C ALA X 64 93.85 -2.10 -5.90
N ASP X 65 92.69 -1.49 -6.14
CA ASP X 65 91.95 -0.81 -5.09
C ASP X 65 90.90 -1.76 -4.52
N MET X 66 90.88 -1.90 -3.20
CA MET X 66 90.03 -2.88 -2.54
C MET X 66 88.68 -2.29 -2.13
N THR X 67 88.21 -1.28 -2.85
CA THR X 67 86.89 -0.73 -2.59
C THR X 67 85.83 -1.77 -2.94
N PRO X 68 84.92 -2.08 -2.02
CA PRO X 68 83.91 -3.11 -2.34
C PRO X 68 82.91 -2.60 -3.36
N GLY X 69 82.64 -3.42 -4.37
CA GLY X 69 81.64 -3.09 -5.35
C GLY X 69 80.25 -3.43 -4.87
N GLN X 70 79.25 -2.99 -5.64
CA GLN X 70 77.89 -3.30 -5.28
C GLN X 70 77.60 -4.78 -5.52
N LEU X 71 76.62 -5.30 -4.80
CA LEU X 71 76.29 -6.72 -4.84
C LEU X 71 74.88 -6.90 -5.38
N ASP X 72 74.76 -7.79 -6.36
CA ASP X 72 73.46 -8.14 -6.94
C ASP X 72 72.85 -9.30 -6.18
N TYR X 73 71.54 -9.20 -5.93
CA TYR X 73 70.80 -10.19 -5.16
C TYR X 73 70.28 -11.26 -6.11
N THR X 74 71.04 -12.34 -6.26
CA THR X 74 70.66 -13.44 -7.14
C THR X 74 69.80 -14.49 -6.47
N SER X 75 69.61 -14.41 -5.16
CA SER X 75 68.79 -15.33 -4.37
C SER X 75 69.29 -16.77 -4.43
N ARG X 76 70.46 -17.02 -4.99
CA ARG X 76 71.02 -18.36 -5.01
C ARG X 76 71.55 -18.70 -3.62
N PRO X 77 71.15 -19.85 -3.04
CA PRO X 77 71.47 -20.11 -1.63
C PRO X 77 72.96 -20.16 -1.33
N LEU X 78 73.80 -20.55 -2.28
CA LEU X 78 75.22 -20.71 -2.00
C LEU X 78 76.07 -19.70 -2.74
N ASP X 79 75.60 -18.46 -2.82
CA ASP X 79 76.38 -17.33 -3.33
C ASP X 79 76.57 -16.33 -2.20
N VAL X 80 77.82 -15.97 -1.92
CA VAL X 80 78.16 -15.20 -0.74
C VAL X 80 78.84 -13.91 -1.15
N ALA X 81 78.79 -12.93 -0.26
CA ALA X 81 79.49 -11.65 -0.43
C ALA X 81 80.20 -11.31 0.86
N LEU X 82 81.49 -11.00 0.76
CA LEU X 82 82.30 -10.75 1.94
C LEU X 82 81.98 -9.39 2.53
N GLN X 83 82.64 -9.06 3.63
CA GLN X 83 82.50 -7.78 4.32
C GLN X 83 83.47 -6.79 3.70
N GLN X 84 83.72 -5.67 4.38
CA GLN X 84 84.55 -4.61 3.84
C GLN X 84 85.96 -5.09 3.51
N ASP X 85 86.54 -5.91 4.37
CA ASP X 85 87.92 -6.36 4.18
C ASP X 85 88.03 -7.86 4.39
N GLY X 86 87.10 -8.61 3.80
CA GLY X 86 87.15 -10.06 3.87
C GLY X 86 87.83 -10.67 2.66
N TRP X 87 88.34 -11.89 2.84
CA TRP X 87 88.99 -12.61 1.75
C TRP X 87 88.68 -14.09 1.91
N LEU X 88 88.10 -14.69 0.87
CA LEU X 88 87.94 -16.14 0.83
C LEU X 88 89.26 -16.79 0.47
N VAL X 89 89.59 -17.88 1.16
CA VAL X 89 90.83 -18.60 0.94
C VAL X 89 90.53 -19.82 0.09
N VAL X 90 91.27 -19.99 -1.01
CA VAL X 90 91.13 -21.13 -1.89
C VAL X 90 92.51 -21.72 -2.14
N GLN X 91 92.54 -22.95 -2.63
CA GLN X 91 93.77 -23.65 -2.94
C GLN X 91 94.15 -23.36 -4.39
N ALA X 92 95.37 -22.85 -4.59
CA ALA X 92 95.84 -22.51 -5.92
C ALA X 92 96.30 -23.77 -6.64
N ALA X 93 96.81 -23.61 -7.86
CA ALA X 93 97.25 -24.77 -8.63
C ALA X 93 98.53 -25.38 -8.07
N ASP X 94 99.37 -24.57 -7.42
CA ASP X 94 100.61 -25.05 -6.84
C ASP X 94 100.50 -25.26 -5.33
N GLY X 95 99.30 -25.26 -4.78
CA GLY X 95 99.09 -25.49 -3.37
C GLY X 95 99.09 -24.25 -2.51
N ALA X 96 99.44 -23.09 -3.06
CA ALA X 96 99.39 -21.85 -2.29
C ALA X 96 97.94 -21.46 -2.01
N GLU X 97 97.75 -20.64 -0.99
CA GLU X 97 96.42 -20.22 -0.57
C GLU X 97 96.14 -18.85 -1.17
N GLY X 98 95.33 -18.82 -2.22
CA GLY X 98 94.94 -17.58 -2.83
C GLY X 98 93.74 -16.95 -2.14
N TYR X 99 93.70 -15.64 -2.15
CA TYR X 99 92.64 -14.88 -1.49
C TYR X 99 91.81 -14.18 -2.56
N THR X 100 90.52 -14.47 -2.60
CA THR X 100 89.62 -13.90 -3.60
C THR X 100 88.43 -13.26 -2.91
N ARG X 101 87.60 -12.62 -3.72
CA ARG X 101 86.32 -12.10 -3.27
C ARG X 101 85.16 -12.58 -4.12
N ASN X 102 85.40 -13.48 -5.08
CA ASN X 102 84.36 -14.01 -5.93
C ASN X 102 83.54 -15.01 -5.13
N GLY X 103 82.28 -14.65 -4.86
CA GLY X 103 81.41 -15.48 -4.05
C GLY X 103 80.66 -16.56 -4.78
N ASN X 104 80.90 -16.73 -6.07
CA ASN X 104 80.20 -17.75 -6.86
C ASN X 104 80.83 -19.10 -6.57
N ILE X 105 80.12 -19.95 -5.83
CA ILE X 105 80.62 -21.26 -5.42
C ILE X 105 79.81 -22.32 -6.13
N GLN X 106 80.50 -23.31 -6.69
CA GLN X 106 79.87 -24.43 -7.38
C GLN X 106 80.15 -25.73 -6.65
N VAL X 107 79.30 -26.73 -6.92
CA VAL X 107 79.40 -28.04 -6.30
C VAL X 107 79.63 -29.07 -7.39
N GLY X 108 80.63 -29.92 -7.20
CA GLY X 108 80.92 -30.97 -8.15
C GLY X 108 80.04 -32.18 -7.95
N PRO X 109 80.14 -33.13 -8.88
CA PRO X 109 79.35 -34.36 -8.76
C PRO X 109 79.64 -35.15 -7.51
N THR X 110 80.88 -35.12 -7.03
CA THR X 110 81.28 -35.86 -5.83
C THR X 110 81.10 -35.05 -4.56
N GLY X 111 80.43 -33.91 -4.64
CA GLY X 111 80.16 -33.10 -3.47
C GLY X 111 81.31 -32.23 -3.01
N GLN X 112 82.39 -32.13 -3.78
CA GLN X 112 83.51 -31.29 -3.42
C GLN X 112 83.28 -29.86 -3.93
N LEU X 113 83.30 -28.90 -3.01
CA LEU X 113 83.08 -27.51 -3.40
C LEU X 113 84.25 -27.00 -4.24
N THR X 114 83.94 -26.07 -5.14
CA THR X 114 84.96 -25.50 -6.00
C THR X 114 84.52 -24.12 -6.47
N ILE X 115 85.51 -23.25 -6.67
CA ILE X 115 85.31 -21.92 -7.22
C ILE X 115 86.25 -21.77 -8.40
N GLN X 116 85.70 -21.68 -9.61
CA GLN X 116 86.50 -21.51 -10.82
C GLN X 116 87.54 -22.61 -10.96
N GLY X 117 87.16 -23.84 -10.59
CA GLY X 117 88.06 -24.97 -10.64
C GLY X 117 89.02 -25.09 -9.48
N HIS X 118 88.99 -24.14 -8.53
CA HIS X 118 89.87 -24.19 -7.38
C HIS X 118 89.09 -24.71 -6.17
N PRO X 119 89.51 -25.81 -5.55
CA PRO X 119 88.80 -26.31 -4.36
C PRO X 119 88.97 -25.35 -3.20
N VAL X 120 87.85 -24.81 -2.72
CA VAL X 120 87.89 -23.86 -1.60
C VAL X 120 88.16 -24.62 -0.32
N ILE X 121 89.07 -24.09 0.51
CA ILE X 121 89.46 -24.70 1.77
C ILE X 121 88.78 -23.94 2.90
N GLY X 122 88.22 -24.68 3.85
CA GLY X 122 87.60 -24.10 5.02
C GLY X 122 88.45 -24.29 6.25
N GLU X 123 87.82 -24.51 7.40
CA GLU X 123 88.56 -24.81 8.62
C GLU X 123 89.16 -26.21 8.48
N GLY X 124 90.47 -26.27 8.27
CA GLY X 124 91.13 -27.53 8.01
C GLY X 124 91.69 -27.58 6.60
N GLY X 125 91.09 -28.40 5.75
CA GLY X 125 91.49 -28.49 4.36
C GLY X 125 90.35 -28.17 3.43
N PRO X 126 90.42 -28.67 2.19
CA PRO X 126 89.29 -28.50 1.27
C PRO X 126 88.05 -29.20 1.76
N ILE X 127 86.99 -28.44 2.02
CA ILE X 127 85.80 -29.01 2.63
C ILE X 127 84.98 -29.76 1.59
N THR X 128 84.44 -30.91 2.00
CA THR X 128 83.61 -31.75 1.13
C THR X 128 82.25 -31.94 1.80
N VAL X 129 81.19 -31.58 1.10
CA VAL X 129 79.83 -31.70 1.62
C VAL X 129 79.25 -33.03 1.17
N PRO X 130 78.09 -33.45 1.70
CA PRO X 130 77.46 -34.67 1.19
C PRO X 130 77.11 -34.56 -0.29
N GLU X 131 76.67 -35.69 -0.84
CA GLU X 131 76.56 -35.82 -2.29
C GLU X 131 75.57 -34.82 -2.88
N GLY X 132 74.30 -34.93 -2.49
CA GLY X 132 73.28 -34.10 -3.12
C GLY X 132 72.45 -33.29 -2.15
N SER X 133 73.05 -32.92 -1.03
CA SER X 133 72.33 -32.19 0.02
C SER X 133 72.22 -30.72 -0.33
N GLU X 134 71.07 -30.13 0.01
CA GLU X 134 70.93 -28.69 -0.07
C GLU X 134 71.92 -28.03 0.87
N ILE X 135 72.62 -27.02 0.38
CA ILE X 135 73.69 -26.35 1.10
C ILE X 135 73.25 -24.94 1.45
N THR X 136 73.34 -24.60 2.73
CA THR X 136 72.99 -23.27 3.20
C THR X 136 74.20 -22.68 3.91
N ILE X 137 74.50 -21.42 3.59
CA ILE X 137 75.65 -20.72 4.15
C ILE X 137 75.14 -19.82 5.27
N ALA X 138 75.79 -19.90 6.43
CA ALA X 138 75.39 -19.12 7.60
C ALA X 138 75.94 -17.70 7.48
N ALA X 139 75.78 -16.92 8.54
CA ALA X 139 76.32 -15.58 8.60
C ALA X 139 77.75 -15.53 9.10
N ASP X 140 78.35 -16.68 9.39
CA ASP X 140 79.74 -16.70 9.85
C ASP X 140 80.57 -17.75 9.12
N GLY X 141 80.05 -18.35 8.06
CA GLY X 141 80.78 -19.35 7.31
C GLY X 141 80.36 -20.77 7.56
N THR X 142 79.48 -21.02 8.53
CA THR X 142 79.03 -22.38 8.78
C THR X 142 78.18 -22.87 7.62
N ILE X 143 78.42 -24.11 7.19
CA ILE X 143 77.72 -24.70 6.07
C ILE X 143 76.80 -25.79 6.61
N SER X 144 75.51 -25.66 6.33
CA SER X 144 74.52 -26.65 6.75
C SER X 144 74.07 -27.44 5.53
N ALA X 145 74.16 -28.76 5.64
CA ALA X 145 73.77 -29.66 4.56
C ALA X 145 72.54 -30.44 4.98
N LEU X 146 71.50 -30.37 4.15
CA LEU X 146 70.27 -31.11 4.39
C LEU X 146 70.08 -32.09 3.24
N ASN X 147 70.17 -33.38 3.55
CA ASN X 147 69.96 -34.39 2.53
C ASN X 147 68.52 -34.32 2.04
N PRO X 148 68.28 -34.15 0.75
CA PRO X 148 66.92 -33.96 0.26
C PRO X 148 66.05 -35.18 0.55
N GLY X 149 64.78 -34.92 0.84
CA GLY X 149 63.84 -35.94 1.23
C GLY X 149 63.87 -36.27 2.71
N ASP X 150 64.99 -36.02 3.38
CA ASP X 150 65.08 -36.26 4.81
C ASP X 150 64.25 -35.23 5.57
N PRO X 151 63.83 -35.55 6.80
CA PRO X 151 63.07 -34.59 7.58
C PRO X 151 63.87 -33.34 7.82
N PRO X 152 63.24 -32.17 7.80
CA PRO X 152 63.98 -30.92 7.93
C PRO X 152 64.66 -30.73 9.27
N ASN X 153 64.28 -31.48 10.29
CA ASN X 153 64.86 -31.33 11.61
C ASN X 153 66.23 -32.01 11.74
N THR X 154 66.66 -32.74 10.71
CA THR X 154 67.92 -33.46 10.74
C THR X 154 69.07 -32.64 10.16
N VAL X 155 68.85 -31.36 9.86
CA VAL X 155 69.91 -30.54 9.26
C VAL X 155 71.04 -30.39 10.25
N ALA X 156 72.27 -30.68 9.81
CA ALA X 156 73.42 -30.64 10.69
C ALA X 156 74.57 -29.93 10.01
N PRO X 157 75.41 -29.23 10.77
CA PRO X 157 76.58 -28.57 10.18
C PRO X 157 77.53 -29.59 9.58
N VAL X 158 78.23 -29.17 8.52
CA VAL X 158 79.12 -30.08 7.80
C VAL X 158 80.52 -29.48 7.76
N GLY X 159 80.63 -28.18 7.98
CA GLY X 159 81.94 -27.55 7.95
C GLY X 159 81.80 -26.05 8.09
N ARG X 160 82.96 -25.38 8.01
CA ARG X 160 83.00 -23.93 8.08
C ARG X 160 84.07 -23.41 7.13
N LEU X 161 83.73 -22.35 6.41
CA LEU X 161 84.69 -21.71 5.51
C LEU X 161 85.78 -21.01 6.32
N LYS X 162 86.88 -20.70 5.64
CA LYS X 162 87.99 -19.98 6.24
C LYS X 162 88.06 -18.60 5.61
N LEU X 163 87.71 -17.57 6.38
CA LEU X 163 87.71 -16.20 5.92
C LEU X 163 88.85 -15.45 6.61
N VAL X 164 89.67 -14.77 5.82
CA VAL X 164 90.79 -14.02 6.38
C VAL X 164 90.54 -12.53 6.18
N LYS X 165 91.25 -11.72 6.95
CA LYS X 165 91.13 -10.28 6.88
C LYS X 165 92.48 -9.69 6.49
N ALA X 166 92.51 -8.91 5.42
CA ALA X 166 93.71 -8.24 4.95
C ALA X 166 93.38 -6.78 4.67
N GLU X 167 94.27 -5.88 5.11
CA GLU X 167 94.00 -4.45 5.02
C GLU X 167 93.84 -4.02 3.56
N GLY X 168 94.70 -4.52 2.67
CA GLY X 168 94.65 -4.19 1.26
C GLY X 168 95.93 -3.58 0.73
N ASN X 169 96.69 -2.92 1.58
CA ASN X 169 97.97 -2.35 1.20
C ASN X 169 99.11 -3.34 1.33
N GLU X 170 98.82 -4.58 1.74
CA GLU X 170 99.83 -5.61 1.92
C GLU X 170 99.58 -6.84 1.08
N VAL X 171 98.62 -6.79 0.16
CA VAL X 171 98.32 -7.89 -0.74
C VAL X 171 98.68 -7.49 -2.16
N GLN X 172 99.28 -8.42 -2.90
CA GLN X 172 99.64 -8.20 -4.29
C GLN X 172 99.02 -9.28 -5.17
N ARG X 173 98.56 -8.86 -6.34
CA ARG X 173 97.93 -9.76 -7.27
C ARG X 173 98.97 -10.68 -7.91
N SER X 174 98.50 -11.82 -8.41
CA SER X 174 99.33 -12.76 -9.14
C SER X 174 98.83 -12.89 -10.57
N ASP X 175 99.59 -13.65 -11.37
CA ASP X 175 99.27 -13.79 -12.79
C ASP X 175 97.91 -14.44 -13.00
N ASP X 176 97.62 -15.51 -12.25
CA ASP X 176 96.35 -16.19 -12.43
C ASP X 176 95.17 -15.34 -11.95
N GLY X 177 95.38 -14.54 -10.91
CA GLY X 177 94.32 -13.69 -10.40
C GLY X 177 93.99 -13.95 -8.95
N LEU X 178 94.92 -14.57 -8.23
CA LEU X 178 94.75 -14.84 -6.80
C LEU X 178 95.70 -13.95 -6.03
N PHE X 179 95.15 -13.10 -5.16
CA PHE X 179 95.97 -12.21 -4.35
C PHE X 179 96.77 -12.99 -3.33
N ARG X 180 98.00 -12.57 -3.11
CA ARG X 180 98.89 -13.19 -2.14
C ARG X 180 99.57 -12.12 -1.31
N LEU X 181 99.97 -12.51 -0.10
CA LEU X 181 100.66 -11.59 0.78
C LEU X 181 102.02 -11.22 0.22
N THR X 182 102.40 -9.96 0.43
CA THR X 182 103.74 -9.53 0.07
C THR X 182 104.76 -10.12 1.04
N ALA X 183 106.04 -9.95 0.71
CA ALA X 183 107.10 -10.48 1.57
C ALA X 183 107.05 -9.84 2.95
N GLU X 184 106.84 -8.52 3.00
CA GLU X 184 106.76 -7.82 4.27
C GLU X 184 105.55 -8.29 5.09
N ALA X 185 104.39 -8.37 4.44
CA ALA X 185 103.19 -8.84 5.14
C ALA X 185 103.34 -10.29 5.58
N GLN X 186 103.92 -11.13 4.72
CA GLN X 186 104.12 -12.53 5.08
C GLN X 186 105.06 -12.66 6.27
N ALA X 187 106.11 -11.84 6.31
CA ALA X 187 107.01 -11.86 7.46
C ALA X 187 106.30 -11.39 8.74
N GLU X 188 105.51 -10.34 8.64
CA GLU X 188 104.91 -9.75 9.84
C GLU X 188 103.77 -10.60 10.38
N ARG X 189 102.88 -11.08 9.52
CA ARG X 189 101.66 -11.77 9.93
C ARG X 189 101.77 -13.28 9.84
N GLY X 190 102.91 -13.81 9.41
CA GLY X 190 103.05 -15.24 9.22
C GLY X 190 102.73 -15.68 7.81
N ALA X 191 103.22 -16.88 7.47
CA ALA X 191 103.05 -17.37 6.10
C ALA X 191 101.58 -17.58 5.75
N VAL X 192 100.81 -18.15 6.67
CA VAL X 192 99.40 -18.45 6.45
C VAL X 192 98.57 -17.66 7.46
N LEU X 193 97.60 -16.91 6.96
CA LEU X 193 96.77 -16.10 7.84
C LEU X 193 95.84 -16.98 8.65
N ALA X 194 95.42 -16.46 9.80
CA ALA X 194 94.49 -17.15 10.68
C ALA X 194 93.11 -16.50 10.58
N ALA X 195 92.09 -17.34 10.42
CA ALA X 195 90.74 -16.84 10.18
C ALA X 195 90.15 -16.18 11.42
N ASP X 196 90.17 -14.85 11.45
CA ASP X 196 89.54 -14.13 12.55
C ASP X 196 88.02 -14.28 12.45
N PRO X 197 87.35 -14.45 13.59
CA PRO X 197 85.89 -14.61 13.58
C PRO X 197 85.10 -13.32 13.40
N SER X 198 85.76 -12.18 13.18
CA SER X 198 85.09 -10.90 13.08
C SER X 198 84.54 -10.62 11.68
N ILE X 199 84.78 -11.50 10.72
CA ILE X 199 84.28 -11.33 9.36
C ILE X 199 82.98 -12.09 9.22
N ARG X 200 81.96 -11.40 8.71
CA ARG X 200 80.64 -11.99 8.51
C ARG X 200 80.21 -11.82 7.05
N ILE X 201 79.61 -12.86 6.50
CA ILE X 201 79.17 -12.86 5.12
C ILE X 201 77.66 -13.06 5.09
N MET X 202 77.06 -12.77 3.94
CA MET X 202 75.64 -13.01 3.74
C MET X 202 75.44 -13.76 2.44
N SER X 203 74.52 -14.71 2.46
CA SER X 203 74.25 -15.58 1.33
C SER X 203 73.20 -14.97 0.42
N GLY X 204 73.12 -15.50 -0.80
CA GLY X 204 72.12 -15.08 -1.76
C GLY X 204 72.51 -13.88 -2.59
N VAL X 205 73.67 -13.28 -2.35
CA VAL X 205 74.10 -12.10 -3.08
C VAL X 205 75.51 -12.34 -3.62
N LEU X 206 75.84 -11.63 -4.70
CA LEU X 206 77.13 -11.78 -5.34
C LEU X 206 77.71 -10.39 -5.64
N GLU X 207 78.96 -10.17 -5.26
CA GLU X 207 79.58 -8.86 -5.41
C GLU X 207 80.14 -8.68 -6.81
N GLY X 208 79.79 -7.56 -7.43
CA GLY X 208 80.29 -7.22 -8.75
C GLY X 208 81.62 -6.52 -8.70
N SER X 209 82.04 -6.02 -9.85
CA SER X 209 83.33 -5.34 -9.98
C SER X 209 83.21 -3.91 -9.46
N ASN X 210 84.37 -3.27 -9.31
CA ASN X 210 84.44 -1.88 -8.86
C ASN X 210 85.31 -1.10 -9.83
N VAL X 211 84.70 -0.62 -10.92
CA VAL X 211 85.39 0.23 -11.88
C VAL X 211 84.55 1.49 -12.07
N LYS X 212 85.21 2.65 -11.99
CA LYS X 212 84.50 3.92 -12.15
C LYS X 212 84.58 4.35 -13.60
N PRO X 213 83.46 4.36 -14.34
CA PRO X 213 83.54 4.76 -15.76
C PRO X 213 84.03 6.18 -15.95
N VAL X 214 83.71 7.09 -15.03
CA VAL X 214 84.13 8.48 -15.18
C VAL X 214 85.66 8.59 -15.12
N GLU X 215 86.28 7.86 -14.18
CA GLU X 215 87.74 7.84 -14.12
C GLU X 215 88.32 7.29 -15.40
N ALA X 216 87.73 6.23 -15.94
CA ALA X 216 88.23 5.66 -17.19
C ALA X 216 88.14 6.66 -18.33
N MET X 217 87.02 7.37 -18.43
CA MET X 217 86.85 8.35 -19.51
C MET X 217 87.87 9.48 -19.39
N THR X 218 88.03 10.02 -18.19
CA THR X 218 88.98 11.11 -18.01
C THR X 218 90.41 10.64 -18.29
N ASP X 219 90.76 9.43 -17.85
CA ASP X 219 92.10 8.91 -18.11
C ASP X 219 92.33 8.71 -19.60
N MET X 220 91.30 8.22 -20.32
CA MET X 220 91.44 8.05 -21.77
C MET X 220 91.66 9.39 -22.46
N ILE X 221 90.89 10.41 -22.06
CA ILE X 221 91.07 11.73 -22.66
C ILE X 221 92.48 12.26 -22.39
N ALA X 222 92.93 12.13 -21.15
CA ALA X 222 94.27 12.60 -20.79
C ALA X 222 95.34 11.86 -21.58
N ASN X 223 95.18 10.54 -21.74
CA ASN X 223 96.16 9.75 -22.49
C ASN X 223 96.21 10.21 -23.94
N ALA X 224 95.04 10.43 -24.55
CA ALA X 224 95.03 10.88 -25.94
C ALA X 224 95.75 12.23 -26.08
N ARG X 225 95.45 13.17 -25.18
CA ARG X 225 96.07 14.48 -25.28
C ARG X 225 97.58 14.42 -25.05
N ARG X 226 98.02 13.63 -24.06
CA ARG X 226 99.44 13.50 -23.80
C ARG X 226 100.15 12.86 -24.98
N PHE X 227 99.53 11.85 -25.59
CA PHE X 227 100.13 11.21 -26.77
C PHE X 227 100.27 12.21 -27.90
N GLU X 228 99.25 13.04 -28.13
CA GLU X 228 99.35 14.04 -29.19
C GLU X 228 100.47 15.04 -28.92
N MET X 229 100.59 15.50 -27.67
CA MET X 229 101.66 16.45 -27.35
C MET X 229 103.03 15.83 -27.56
N GLN X 230 103.20 14.57 -27.13
CA GLN X 230 104.48 13.90 -27.34
C GLN X 230 104.79 13.76 -28.82
N MET X 231 103.77 13.45 -29.63
CA MET X 231 103.99 13.33 -31.07
C MET X 231 104.44 14.67 -31.65
N LYS X 232 103.83 15.76 -31.20
CA LYS X 232 104.25 17.08 -31.68
C LYS X 232 105.70 17.36 -31.31
N VAL X 233 106.10 17.00 -30.09
CA VAL X 233 107.48 17.19 -29.68
C VAL X 233 108.43 16.38 -30.56
N ILE X 234 108.05 15.13 -30.85
CA ILE X 234 108.88 14.28 -31.70
C ILE X 234 109.05 14.93 -33.08
N THR X 235 107.95 15.42 -33.64
CA THR X 235 108.02 16.04 -34.97
C THR X 235 108.93 17.26 -34.96
N SER X 236 108.80 18.09 -33.91
CA SER X 236 109.63 19.29 -33.83
C SER X 236 111.11 18.94 -33.74
N VAL X 237 111.45 17.96 -32.90
CA VAL X 237 112.85 17.57 -32.75
C VAL X 237 113.39 17.01 -34.06
N ASP X 238 112.60 16.18 -34.74
CA ASP X 238 113.04 15.61 -36.01
C ASP X 238 113.29 16.71 -37.04
N GLU X 239 112.38 17.68 -37.11
CA GLU X 239 112.57 18.78 -38.06
C GLU X 239 113.83 19.58 -37.74
N ASN X 240 114.05 19.87 -36.47
CA ASN X 240 115.24 20.63 -36.07
C ASN X 240 116.51 19.90 -36.45
N GLU X 241 116.56 18.59 -36.17
CA GLU X 241 117.75 17.81 -36.49
C GLU X 241 117.95 17.73 -38.00
N GLY X 242 116.87 17.54 -38.76
CA GLY X 242 117.00 17.47 -40.20
C GLY X 242 117.51 18.76 -40.80
N ARG X 243 117.06 19.90 -40.28
CA ARG X 243 117.57 21.17 -40.76
C ARG X 243 119.00 21.41 -40.31
N ALA X 244 119.37 20.96 -39.11
CA ALA X 244 120.72 21.19 -38.62
C ALA X 244 121.74 20.31 -39.35
N ASN X 245 121.30 19.20 -39.92
CA ASN X 245 122.23 18.32 -40.63
C ASN X 245 122.89 19.00 -41.82
N GLN X 246 122.29 20.08 -42.35
CA GLN X 246 122.86 20.73 -43.52
C GLN X 246 124.12 21.53 -43.16
N LEU X 247 124.33 21.83 -41.88
CA LEU X 247 125.49 22.59 -41.48
C LEU X 247 126.78 21.82 -41.69
N LEU X 248 126.74 20.49 -41.54
CA LEU X 248 127.93 19.67 -41.69
C LEU X 248 128.47 19.69 -43.11
N SER X 249 127.62 19.93 -44.11
CA SER X 249 128.07 19.97 -45.50
C SER X 249 128.90 21.22 -45.75
N MET X 250 129.71 21.17 -46.80
CA MET X 250 130.59 22.29 -47.14
C MET X 250 130.55 22.54 -48.64
N ASP Y 2 110.73 9.19 -72.49
CA ASP Y 2 110.36 10.59 -72.32
C ASP Y 2 108.87 10.81 -72.57
N HIS Y 3 108.30 10.02 -73.48
CA HIS Y 3 106.90 10.17 -73.83
C HIS Y 3 105.97 9.46 -72.86
N ALA Y 4 106.50 8.71 -71.89
CA ALA Y 4 105.65 8.03 -70.93
C ALA Y 4 104.72 9.00 -70.22
N ILE Y 5 105.21 10.20 -69.90
CA ILE Y 5 104.37 11.20 -69.26
C ILE Y 5 103.12 11.46 -70.09
N TYR Y 6 103.27 11.60 -71.40
CA TYR Y 6 102.11 11.78 -72.27
C TYR Y 6 101.09 10.70 -72.02
N THR Y 7 101.53 9.43 -71.98
CA THR Y 7 100.63 8.35 -71.61
C THR Y 7 99.85 8.71 -70.35
N ALA Y 8 100.56 8.94 -69.25
CA ALA Y 8 99.89 9.33 -68.02
C ALA Y 8 99.02 10.56 -68.24
N MET Y 9 99.54 11.56 -68.95
CA MET Y 9 98.75 12.75 -69.23
C MET Y 9 97.41 12.36 -69.86
N GLY Y 10 97.45 11.54 -70.90
CA GLY Y 10 96.21 11.13 -71.53
C GLY Y 10 95.26 10.51 -70.53
N ALA Y 11 95.77 9.60 -69.71
CA ALA Y 11 94.93 8.97 -68.69
C ALA Y 11 94.24 10.03 -67.86
N ALA Y 12 95.01 10.99 -67.35
CA ALA Y 12 94.41 12.05 -66.54
C ALA Y 12 93.26 12.70 -67.29
N SER Y 13 93.51 13.13 -68.53
CA SER Y 13 92.45 13.79 -69.28
C SER Y 13 91.23 12.89 -69.39
N GLN Y 14 91.44 11.62 -69.73
CA GLN Y 14 90.32 10.71 -69.90
C GLN Y 14 89.51 10.61 -68.61
N THR Y 15 90.19 10.59 -67.46
CA THR Y 15 89.48 10.53 -66.20
C THR Y 15 88.46 11.64 -66.12
N LEU Y 16 88.89 12.88 -66.42
CA LEU Y 16 87.95 14.00 -66.37
C LEU Y 16 86.75 13.74 -67.26
N ASN Y 17 87.00 13.27 -68.48
CA ASN Y 17 85.89 12.94 -69.37
C ASN Y 17 84.94 11.97 -68.70
N GLN Y 18 85.47 10.88 -68.14
CA GLN Y 18 84.61 9.93 -67.45
C GLN Y 18 83.88 10.61 -66.31
N GLN Y 19 84.60 11.45 -65.54
CA GLN Y 19 83.98 12.19 -64.46
C GLN Y 19 82.78 12.98 -64.98
N ALA Y 20 82.96 13.66 -66.12
CA ALA Y 20 81.87 14.44 -66.68
C ALA Y 20 80.62 13.59 -66.84
N VAL Y 21 80.77 12.38 -67.39
CA VAL Y 21 79.62 11.51 -67.58
C VAL Y 21 78.89 11.31 -66.27
N THR Y 22 79.63 10.98 -65.20
CA THR Y 22 79.00 10.77 -63.91
C THR Y 22 78.24 12.01 -63.49
N ALA Y 23 78.85 13.18 -63.65
CA ALA Y 23 78.18 14.41 -63.26
C ALA Y 23 76.85 14.55 -63.99
N SER Y 24 76.83 14.24 -65.29
CA SER Y 24 75.60 14.33 -66.04
C SER Y 24 74.53 13.41 -65.46
N ASN Y 25 74.93 12.19 -65.10
CA ASN Y 25 73.98 11.26 -64.50
C ASN Y 25 73.47 11.79 -63.17
N LEU Y 26 74.32 12.52 -62.44
CA LEU Y 26 73.85 13.09 -61.18
C LEU Y 26 73.08 14.39 -61.42
N ALA Y 27 73.19 14.97 -62.61
CA ALA Y 27 72.50 16.23 -62.87
C ALA Y 27 71.01 16.00 -63.07
N ASN Y 28 70.66 15.20 -64.07
CA ASN Y 28 69.26 14.92 -64.39
C ASN Y 28 68.82 13.60 -63.76
N ALA Y 29 68.85 13.59 -62.43
CA ALA Y 29 68.41 12.45 -61.66
C ALA Y 29 66.93 12.49 -61.34
N SER Y 30 66.22 13.53 -61.76
CA SER Y 30 64.79 13.67 -61.49
C SER Y 30 63.96 13.89 -62.75
N THR Y 31 64.55 13.89 -63.93
CA THR Y 31 63.77 14.03 -65.15
C THR Y 31 62.96 12.77 -65.39
N PRO Y 32 61.71 12.89 -65.83
CA PRO Y 32 60.88 11.71 -66.04
C PRO Y 32 61.35 10.90 -67.23
N GLY Y 33 61.40 9.58 -67.05
CA GLY Y 33 61.79 8.68 -68.11
C GLY Y 33 63.17 8.95 -68.66
N PHE Y 34 64.19 8.75 -67.83
CA PHE Y 34 65.56 9.01 -68.22
C PHE Y 34 66.38 7.74 -68.10
N ARG Y 35 67.35 7.58 -68.99
CA ARG Y 35 68.21 6.42 -69.03
C ARG Y 35 69.65 6.85 -68.82
N ALA Y 36 70.33 6.22 -67.86
CA ALA Y 36 71.69 6.61 -67.52
C ALA Y 36 72.64 6.22 -68.65
N GLN Y 37 73.85 6.77 -68.58
CA GLN Y 37 74.87 6.62 -69.62
C GLN Y 37 76.00 5.79 -69.03
N LEU Y 38 76.24 4.61 -69.60
CA LEU Y 38 77.34 3.78 -69.14
C LEU Y 38 78.67 4.34 -69.64
N ASN Y 39 79.72 4.09 -68.87
CA ASN Y 39 81.07 4.50 -69.21
C ASN Y 39 82.05 3.40 -68.87
N ALA Y 40 83.12 3.30 -69.66
CA ALA Y 40 84.12 2.25 -69.47
C ALA Y 40 85.39 2.66 -70.17
N LEU Y 41 86.52 2.62 -69.45
CA LEU Y 41 87.80 2.92 -70.06
C LEU Y 41 88.24 1.80 -71.00
N ARG Y 42 88.81 2.18 -72.13
CA ARG Y 42 89.24 1.25 -73.16
C ARG Y 42 90.72 1.41 -73.42
N ALA Y 43 91.44 0.29 -73.47
CA ALA Y 43 92.88 0.31 -73.66
C ALA Y 43 93.23 0.20 -75.13
N VAL Y 44 94.05 1.13 -75.61
CA VAL Y 44 94.52 1.12 -76.99
C VAL Y 44 96.03 0.92 -76.97
N PRO Y 45 96.53 -0.26 -77.32
CA PRO Y 45 97.98 -0.50 -77.31
C PRO Y 45 98.64 0.01 -78.59
N VAL Y 46 99.48 1.03 -78.44
CA VAL Y 46 100.34 1.47 -79.53
C VAL Y 46 101.54 0.54 -79.62
N ASP Y 47 101.99 0.26 -80.84
CA ASP Y 47 103.03 -0.73 -81.03
C ASP Y 47 103.73 -0.52 -82.36
N GLY Y 48 104.86 -1.20 -82.52
CA GLY Y 48 105.56 -1.22 -83.79
C GLY Y 48 107.07 -1.23 -83.69
N LEU Y 49 107.67 -2.29 -84.24
CA LEU Y 49 109.09 -2.38 -84.57
C LEU Y 49 110.02 -2.46 -83.36
N SER Y 50 109.49 -2.27 -82.15
CA SER Y 50 110.33 -2.41 -80.95
C SER Y 50 109.53 -2.46 -79.66
N LEU Y 51 109.69 -3.53 -78.89
CA LEU Y 51 109.37 -3.57 -77.47
C LEU Y 51 108.03 -2.90 -77.13
N ALA Y 52 106.92 -3.48 -77.58
CA ALA Y 52 105.63 -2.82 -77.44
C ALA Y 52 105.22 -2.76 -75.97
N THR Y 53 105.51 -1.64 -75.31
CA THR Y 53 105.19 -1.43 -73.91
C THR Y 53 104.14 -0.37 -73.70
N ARG Y 54 104.22 0.74 -74.43
CA ARG Y 54 103.26 1.83 -74.27
C ARG Y 54 101.87 1.39 -74.69
N THR Y 55 100.86 1.79 -73.92
CA THR Y 55 99.46 1.45 -74.19
C THR Y 55 98.61 2.56 -73.59
N LEU Y 56 97.99 3.36 -74.45
CA LEU Y 56 97.19 4.47 -73.98
C LEU Y 56 95.82 3.99 -73.51
N VAL Y 57 95.09 4.88 -72.84
CA VAL Y 57 93.74 4.61 -72.38
C VAL Y 57 92.85 5.74 -72.87
N THR Y 58 91.69 5.38 -73.42
CA THR Y 58 90.71 6.34 -73.89
C THR Y 58 89.34 5.97 -73.36
N ALA Y 59 88.60 6.96 -72.87
CA ALA Y 59 87.28 6.71 -72.32
C ALA Y 59 86.30 6.31 -73.41
N SER Y 60 85.37 5.42 -73.05
CA SER Y 60 84.37 4.93 -73.98
C SER Y 60 83.04 4.79 -73.26
N THR Y 61 81.96 5.12 -73.96
CA THR Y 61 80.62 5.06 -73.38
C THR Y 61 79.74 4.13 -74.22
N PRO Y 62 79.31 2.99 -73.68
CA PRO Y 62 78.29 2.20 -74.39
C PRO Y 62 76.96 2.94 -74.44
N GLY Y 63 75.94 2.31 -75.03
CA GLY Y 63 74.68 2.98 -75.22
C GLY Y 63 74.03 3.51 -73.96
N ALA Y 64 73.54 2.60 -73.12
CA ALA Y 64 72.83 2.97 -71.89
C ALA Y 64 72.49 1.72 -71.08
N ASP Y 65 71.88 1.92 -69.92
CA ASP Y 65 71.28 0.83 -69.16
C ASP Y 65 69.78 1.02 -69.13
N MET Y 66 69.05 0.05 -69.67
CA MET Y 66 67.60 0.16 -69.82
C MET Y 66 66.86 -0.43 -68.63
N THR Y 67 67.47 -0.43 -67.46
CA THR Y 67 66.79 -0.88 -66.25
C THR Y 67 65.61 0.02 -65.96
N PRO Y 68 64.41 -0.51 -65.77
CA PRO Y 68 63.25 0.36 -65.53
C PRO Y 68 63.41 1.16 -64.25
N GLY Y 69 62.99 2.41 -64.30
CA GLY Y 69 63.06 3.25 -63.14
C GLY Y 69 61.84 3.12 -62.25
N GLN Y 70 61.98 3.56 -61.00
CA GLN Y 70 60.86 3.56 -60.08
C GLN Y 70 59.82 4.59 -60.50
N LEU Y 71 58.55 4.23 -60.36
CA LEU Y 71 57.46 5.06 -60.80
C LEU Y 71 56.57 5.46 -59.63
N ASP Y 72 56.01 6.66 -59.72
CA ASP Y 72 55.13 7.20 -58.70
C ASP Y 72 53.73 7.36 -59.26
N TYR Y 73 52.74 7.18 -58.38
CA TYR Y 73 51.33 7.26 -58.74
C TYR Y 73 50.86 8.70 -58.56
N THR Y 74 50.56 9.37 -59.67
CA THR Y 74 50.14 10.77 -59.65
C THR Y 74 48.65 10.96 -59.86
N SER Y 75 47.93 9.89 -60.22
CA SER Y 75 46.49 9.91 -60.47
C SER Y 75 46.11 10.82 -61.64
N ARG Y 76 47.07 11.36 -62.36
CA ARG Y 76 46.75 12.16 -63.54
C ARG Y 76 46.25 11.23 -64.65
N PRO Y 77 45.13 11.57 -65.28
CA PRO Y 77 44.49 10.60 -66.19
C PRO Y 77 45.34 10.18 -67.37
N LEU Y 78 46.28 11.02 -67.82
CA LEU Y 78 47.12 10.69 -68.97
C LEU Y 78 48.59 10.77 -68.59
N ASP Y 79 48.96 10.11 -67.50
CA ASP Y 79 50.35 9.80 -67.19
C ASP Y 79 50.53 8.29 -67.31
N VAL Y 80 51.42 7.87 -68.20
CA VAL Y 80 51.55 6.46 -68.56
C VAL Y 80 52.93 5.96 -68.18
N ALA Y 81 53.00 4.68 -67.81
CA ALA Y 81 54.25 3.99 -67.55
C ALA Y 81 54.31 2.74 -68.41
N LEU Y 82 55.46 2.48 -69.01
CA LEU Y 82 55.59 1.41 -69.99
C LEU Y 82 55.93 0.08 -69.32
N GLN Y 83 56.15 -0.94 -70.16
CA GLN Y 83 56.54 -2.26 -69.71
C GLN Y 83 58.05 -2.31 -69.49
N GLN Y 84 58.61 -3.51 -69.30
CA GLN Y 84 60.04 -3.64 -69.09
C GLN Y 84 60.83 -3.13 -70.28
N ASP Y 85 60.40 -3.46 -71.50
CA ASP Y 85 61.11 -3.09 -72.71
C ASP Y 85 60.21 -2.36 -73.70
N GLY Y 86 59.20 -1.66 -73.20
CA GLY Y 86 58.34 -0.89 -74.07
C GLY Y 86 58.88 0.50 -74.35
N TRP Y 87 58.51 1.04 -75.51
CA TRP Y 87 58.93 2.37 -75.90
C TRP Y 87 57.77 3.08 -76.58
N LEU Y 88 57.57 4.35 -76.26
CA LEU Y 88 56.62 5.18 -76.98
C LEU Y 88 57.31 5.89 -78.13
N VAL Y 89 56.62 6.02 -79.25
CA VAL Y 89 57.20 6.65 -80.43
C VAL Y 89 56.67 8.07 -80.56
N VAL Y 90 57.57 9.01 -80.85
CA VAL Y 90 57.23 10.40 -81.10
C VAL Y 90 57.87 10.81 -82.41
N GLN Y 91 57.45 11.96 -82.92
CA GLN Y 91 58.00 12.52 -84.15
C GLN Y 91 59.08 13.53 -83.78
N ALA Y 92 60.33 13.18 -84.07
CA ALA Y 92 61.44 14.05 -83.73
C ALA Y 92 61.45 15.29 -84.63
N ALA Y 93 62.38 16.20 -84.33
CA ALA Y 93 62.45 17.46 -85.07
C ALA Y 93 62.79 17.23 -86.53
N ASP Y 94 63.72 16.32 -86.81
CA ASP Y 94 64.14 16.10 -88.20
C ASP Y 94 63.07 15.41 -89.04
N GLY Y 95 62.07 14.79 -88.39
CA GLY Y 95 60.99 14.11 -89.08
C GLY Y 95 60.97 12.61 -88.81
N ALA Y 96 62.13 11.99 -88.73
CA ALA Y 96 62.19 10.58 -88.39
C ALA Y 96 61.70 10.35 -86.96
N GLU Y 97 61.04 9.23 -86.75
CA GLU Y 97 60.50 8.92 -85.44
C GLU Y 97 61.61 8.62 -84.44
N GLY Y 98 61.33 8.90 -83.17
CA GLY Y 98 62.23 8.55 -82.09
C GLY Y 98 61.46 7.82 -81.01
N TYR Y 99 62.20 7.10 -80.17
CA TYR Y 99 61.62 6.29 -79.11
C TYR Y 99 62.02 6.86 -77.76
N THR Y 100 61.08 6.85 -76.82
CA THR Y 100 61.34 7.37 -75.50
C THR Y 100 60.48 6.62 -74.48
N ARG Y 101 60.67 6.98 -73.21
CA ARG Y 101 59.87 6.44 -72.12
C ARG Y 101 59.29 7.53 -71.24
N ASN Y 102 59.43 8.80 -71.63
CA ASN Y 102 58.89 9.92 -70.86
C ASN Y 102 57.38 9.93 -71.06
N GLY Y 103 56.70 9.10 -70.28
CA GLY Y 103 55.26 8.97 -70.39
C GLY Y 103 54.50 10.08 -69.70
N ASN Y 104 54.75 11.32 -70.11
CA ASN Y 104 54.08 12.50 -69.56
C ASN Y 104 53.53 13.29 -70.73
N ILE Y 105 52.31 12.99 -71.13
CA ILE Y 105 51.72 13.53 -72.34
C ILE Y 105 51.04 14.85 -72.00
N GLN Y 106 50.99 15.74 -73.00
CA GLN Y 106 50.34 17.04 -72.86
C GLN Y 106 49.39 17.27 -74.02
N VAL Y 107 48.35 18.04 -73.78
CA VAL Y 107 47.32 18.32 -74.78
C VAL Y 107 47.45 19.79 -75.18
N GLY Y 108 47.56 20.04 -76.48
CA GLY Y 108 47.62 21.39 -76.98
C GLY Y 108 46.27 22.04 -77.03
N PRO Y 109 46.26 23.37 -77.21
CA PRO Y 109 45.00 24.09 -77.28
C PRO Y 109 44.15 23.72 -78.48
N THR Y 110 44.76 23.17 -79.53
CA THR Y 110 44.04 22.79 -80.74
C THR Y 110 43.81 21.29 -80.83
N GLY Y 111 44.01 20.56 -79.74
CA GLY Y 111 43.80 19.13 -79.73
C GLY Y 111 45.03 18.29 -80.00
N GLN Y 112 46.17 18.91 -80.29
CA GLN Y 112 47.40 18.17 -80.48
C GLN Y 112 47.77 17.42 -79.20
N LEU Y 113 48.12 16.14 -79.36
CA LEU Y 113 48.54 15.30 -78.25
C LEU Y 113 50.04 15.10 -78.37
N THR Y 114 50.79 15.67 -77.44
CA THR Y 114 52.24 15.71 -77.60
C THR Y 114 52.93 15.60 -76.25
N ILE Y 115 54.04 14.87 -76.23
CA ILE Y 115 55.01 14.93 -75.14
C ILE Y 115 55.78 16.21 -75.35
N GLN Y 116 56.54 16.64 -74.34
CA GLN Y 116 57.23 17.92 -74.36
C GLN Y 116 57.96 18.13 -75.68
N GLY Y 117 57.56 19.17 -76.40
CA GLY Y 117 58.20 19.51 -77.66
C GLY Y 117 57.68 18.73 -78.85
N HIS Y 118 57.75 17.41 -78.78
CA HIS Y 118 57.47 16.69 -80.02
C HIS Y 118 56.09 16.04 -80.00
N PRO Y 119 55.43 15.95 -81.14
CA PRO Y 119 54.13 15.29 -81.18
C PRO Y 119 54.24 13.78 -81.04
N VAL Y 120 53.13 13.16 -80.66
CA VAL Y 120 53.04 11.72 -80.46
C VAL Y 120 52.32 11.13 -81.66
N ILE Y 121 52.86 10.04 -82.19
CA ILE Y 121 52.29 9.36 -83.35
C ILE Y 121 51.71 8.03 -82.89
N GLY Y 122 50.46 7.78 -83.25
CA GLY Y 122 49.80 6.52 -83.03
C GLY Y 122 49.72 5.69 -84.29
N GLU Y 123 48.65 4.92 -84.41
CA GLU Y 123 48.42 4.16 -85.65
C GLU Y 123 48.10 5.14 -86.78
N GLY Y 124 49.07 5.34 -87.67
CA GLY Y 124 48.93 6.33 -88.71
C GLY Y 124 49.80 7.54 -88.45
N GLY Y 125 49.22 8.73 -88.54
CA GLY Y 125 49.94 9.94 -88.28
C GLY Y 125 49.90 10.33 -86.82
N PRO Y 126 50.31 11.56 -86.51
CA PRO Y 126 50.18 12.06 -85.14
C PRO Y 126 48.73 12.07 -84.70
N ILE Y 127 48.51 11.70 -83.45
CA ILE Y 127 47.16 11.57 -82.91
C ILE Y 127 46.63 12.92 -82.51
N THR Y 128 45.42 13.24 -82.96
CA THR Y 128 44.73 14.47 -82.61
C THR Y 128 43.41 14.13 -81.95
N VAL Y 129 43.07 14.88 -80.91
CA VAL Y 129 41.88 14.61 -80.12
C VAL Y 129 40.95 15.81 -80.21
N PRO Y 130 39.67 15.64 -79.87
CA PRO Y 130 38.76 16.79 -79.82
C PRO Y 130 39.29 17.88 -78.92
N GLU Y 131 38.73 19.08 -79.09
CA GLU Y 131 39.25 20.30 -78.48
C GLU Y 131 39.36 20.21 -76.96
N GLY Y 132 38.24 20.06 -76.27
CA GLY Y 132 38.25 20.07 -74.83
C GLY Y 132 37.89 18.74 -74.18
N SER Y 133 37.91 17.67 -74.96
CA SER Y 133 37.47 16.37 -74.47
C SER Y 133 38.42 15.84 -73.40
N GLU Y 134 37.84 15.31 -72.33
CA GLU Y 134 38.62 14.58 -71.35
C GLU Y 134 39.17 13.29 -71.96
N ILE Y 135 40.42 13.00 -71.66
CA ILE Y 135 41.15 11.93 -72.32
C ILE Y 135 41.51 10.87 -71.29
N THR Y 136 41.23 9.60 -71.63
CA THR Y 136 41.65 8.48 -70.81
C THR Y 136 42.40 7.49 -71.70
N ILE Y 137 43.35 6.78 -71.11
CA ILE Y 137 44.22 5.86 -71.83
C ILE Y 137 44.02 4.47 -71.27
N ALA Y 138 43.78 3.50 -72.17
CA ALA Y 138 43.52 2.13 -71.77
C ALA Y 138 44.82 1.44 -71.36
N ALA Y 139 44.74 0.15 -71.07
CA ALA Y 139 45.91 -0.65 -70.73
C ALA Y 139 46.58 -1.24 -71.95
N ASP Y 140 46.07 -0.97 -73.15
CA ASP Y 140 46.69 -1.42 -74.38
C ASP Y 140 47.02 -0.26 -75.32
N GLY Y 141 46.83 0.98 -74.88
CA GLY Y 141 47.09 2.14 -75.70
C GLY Y 141 45.90 2.76 -76.38
N THR Y 142 44.69 2.30 -76.08
CA THR Y 142 43.49 2.84 -76.69
C THR Y 142 43.08 4.12 -75.97
N ILE Y 143 42.89 5.19 -76.73
CA ILE Y 143 42.60 6.51 -76.18
C ILE Y 143 41.12 6.78 -76.35
N SER Y 144 40.43 7.01 -75.23
CA SER Y 144 39.01 7.31 -75.23
C SER Y 144 38.77 8.75 -74.80
N ALA Y 145 37.95 9.46 -75.56
CA ALA Y 145 37.69 10.87 -75.34
C ALA Y 145 36.21 11.05 -74.99
N LEU Y 146 35.97 11.77 -73.90
CA LEU Y 146 34.62 12.16 -73.49
C LEU Y 146 34.52 13.68 -73.55
N ASN Y 147 33.74 14.18 -74.50
CA ASN Y 147 33.55 15.62 -74.60
C ASN Y 147 32.83 16.11 -73.36
N PRO Y 148 33.34 17.16 -72.69
CA PRO Y 148 32.75 17.58 -71.42
C PRO Y 148 31.32 18.03 -71.60
N GLY Y 149 30.49 17.75 -70.58
CA GLY Y 149 29.08 18.03 -70.62
C GLY Y 149 28.23 16.95 -71.25
N ASP Y 150 28.80 16.19 -72.18
CA ASP Y 150 28.06 15.12 -72.82
C ASP Y 150 27.78 14.00 -71.82
N PRO Y 151 26.73 13.21 -72.04
CA PRO Y 151 26.46 12.09 -71.15
C PRO Y 151 27.62 11.12 -71.15
N PRO Y 152 27.92 10.51 -70.01
CA PRO Y 152 29.09 9.62 -69.92
C PRO Y 152 29.04 8.41 -70.82
N ASN Y 153 27.85 8.00 -71.27
CA ASN Y 153 27.73 6.82 -72.12
C ASN Y 153 28.05 7.11 -73.57
N THR Y 154 28.73 8.22 -73.87
CA THR Y 154 29.13 8.57 -75.22
C THR Y 154 30.65 8.54 -75.40
N VAL Y 155 31.36 7.83 -74.53
CA VAL Y 155 32.81 7.71 -74.67
C VAL Y 155 33.13 6.85 -75.87
N ALA Y 156 34.03 7.32 -76.72
CA ALA Y 156 34.40 6.61 -77.94
C ALA Y 156 35.92 6.65 -78.10
N PRO Y 157 36.51 5.57 -78.61
CA PRO Y 157 37.94 5.60 -78.92
C PRO Y 157 38.25 6.59 -80.03
N VAL Y 158 39.44 7.18 -79.96
CA VAL Y 158 39.85 8.19 -80.92
C VAL Y 158 41.23 7.84 -81.50
N GLY Y 159 41.79 6.73 -81.07
CA GLY Y 159 43.07 6.31 -81.59
C GLY Y 159 43.75 5.31 -80.67
N ARG Y 160 44.89 4.83 -81.13
CA ARG Y 160 45.72 3.88 -80.40
C ARG Y 160 47.14 4.41 -80.31
N LEU Y 161 47.71 4.38 -79.11
CA LEU Y 161 49.13 4.66 -78.96
C LEU Y 161 49.94 3.58 -79.68
N LYS Y 162 51.06 4.00 -80.25
CA LYS Y 162 51.97 3.08 -80.93
C LYS Y 162 53.13 2.77 -79.99
N LEU Y 163 53.23 1.50 -79.60
CA LEU Y 163 54.23 1.06 -78.64
C LEU Y 163 55.13 0.03 -79.30
N VAL Y 164 56.44 0.26 -79.24
CA VAL Y 164 57.41 -0.64 -79.83
C VAL Y 164 58.18 -1.34 -78.71
N LYS Y 165 58.95 -2.36 -79.10
CA LYS Y 165 59.68 -3.19 -78.15
C LYS Y 165 61.14 -3.31 -78.62
N ALA Y 166 62.04 -2.63 -77.93
CA ALA Y 166 63.47 -2.70 -78.20
C ALA Y 166 64.18 -3.32 -77.02
N GLU Y 167 65.06 -4.29 -77.30
CA GLU Y 167 65.69 -5.05 -76.22
C GLU Y 167 66.61 -4.17 -75.38
N GLY Y 168 67.38 -3.30 -76.03
CA GLY Y 168 68.27 -2.43 -75.29
C GLY Y 168 69.63 -2.22 -75.94
N ASN Y 169 70.12 -3.25 -76.64
CA ASN Y 169 71.37 -3.14 -77.37
C ASN Y 169 71.16 -2.81 -78.84
N GLU Y 170 69.92 -2.59 -79.27
CA GLU Y 170 69.64 -2.17 -80.63
C GLU Y 170 69.45 -0.66 -80.76
N VAL Y 171 69.57 0.07 -79.67
CA VAL Y 171 69.21 1.49 -79.64
C VAL Y 171 70.41 2.30 -79.15
N GLN Y 172 70.59 3.48 -79.76
CA GLN Y 172 71.61 4.43 -79.36
C GLN Y 172 70.94 5.77 -79.14
N ARG Y 173 71.44 6.52 -78.16
CA ARG Y 173 70.90 7.84 -77.87
C ARG Y 173 71.30 8.82 -78.96
N SER Y 174 70.36 9.66 -79.37
CA SER Y 174 70.67 10.73 -80.29
C SER Y 174 71.17 11.95 -79.51
N ASP Y 175 71.54 12.99 -80.24
CA ASP Y 175 72.06 14.20 -79.60
C ASP Y 175 70.97 14.98 -78.87
N ASP Y 176 69.71 14.84 -79.25
CA ASP Y 176 68.62 15.54 -78.59
C ASP Y 176 67.98 14.74 -77.47
N GLY Y 177 68.42 13.50 -77.24
CA GLY Y 177 67.90 12.69 -76.16
C GLY Y 177 66.86 11.66 -76.54
N LEU Y 178 66.61 11.45 -77.83
CA LEU Y 178 65.66 10.44 -78.28
C LEU Y 178 66.42 9.25 -78.85
N PHE Y 179 66.14 8.06 -78.32
CA PHE Y 179 66.82 6.87 -78.77
C PHE Y 179 66.38 6.50 -80.18
N ARG Y 180 67.29 5.91 -80.95
CA ARG Y 180 67.00 5.46 -82.30
C ARG Y 180 67.68 4.11 -82.53
N LEU Y 181 67.13 3.36 -83.48
CA LEU Y 181 67.71 2.08 -83.85
C LEU Y 181 69.07 2.28 -84.51
N THR Y 182 70.00 1.38 -84.23
CA THR Y 182 71.33 1.44 -84.83
C THR Y 182 71.26 1.01 -86.30
N ALA Y 183 72.44 0.89 -86.90
CA ALA Y 183 72.51 0.53 -88.32
C ALA Y 183 72.08 -0.92 -88.54
N GLU Y 184 72.75 -1.86 -87.88
CA GLU Y 184 72.44 -3.27 -88.07
C GLU Y 184 71.04 -3.60 -87.53
N ALA Y 185 70.62 -2.92 -86.47
CA ALA Y 185 69.30 -3.18 -85.91
C ALA Y 185 68.21 -2.81 -86.91
N GLN Y 186 68.33 -1.64 -87.55
CA GLN Y 186 67.34 -1.25 -88.54
C GLN Y 186 67.49 -2.07 -89.81
N ALA Y 187 68.69 -2.59 -90.09
CA ALA Y 187 68.85 -3.50 -91.21
C ALA Y 187 68.08 -4.80 -90.98
N GLU Y 188 68.13 -5.32 -89.75
CA GLU Y 188 67.53 -6.61 -89.47
C GLU Y 188 66.07 -6.51 -89.04
N ARG Y 189 65.58 -5.30 -88.73
CA ARG Y 189 64.19 -5.12 -88.32
C ARG Y 189 63.45 -4.06 -89.12
N GLY Y 190 64.00 -3.63 -90.25
CA GLY Y 190 63.36 -2.62 -91.06
C GLY Y 190 63.61 -1.22 -90.55
N ALA Y 191 63.25 -0.24 -91.39
CA ALA Y 191 63.49 1.16 -91.04
C ALA Y 191 62.57 1.63 -89.91
N VAL Y 192 61.30 1.26 -89.95
CA VAL Y 192 60.32 1.71 -88.96
C VAL Y 192 59.76 0.49 -88.24
N LEU Y 193 59.78 0.54 -86.92
CA LEU Y 193 59.31 -0.58 -86.12
C LEU Y 193 57.80 -0.72 -86.23
N ALA Y 194 57.30 -1.89 -85.85
CA ALA Y 194 55.88 -2.19 -85.86
C ALA Y 194 55.42 -2.51 -84.44
N ALA Y 195 54.29 -1.93 -84.05
CA ALA Y 195 53.76 -2.13 -82.70
C ALA Y 195 53.32 -3.57 -82.50
N ASP Y 196 53.44 -4.04 -81.26
CA ASP Y 196 53.00 -5.38 -80.91
C ASP Y 196 52.12 -5.31 -79.67
N PRO Y 197 51.10 -6.18 -79.59
CA PRO Y 197 50.18 -6.11 -78.44
C PRO Y 197 50.72 -6.73 -77.17
N SER Y 198 51.98 -7.17 -77.16
CA SER Y 198 52.56 -7.82 -75.99
C SER Y 198 53.09 -6.84 -74.95
N ILE Y 199 52.78 -5.55 -75.08
CA ILE Y 199 53.25 -4.52 -74.18
C ILE Y 199 52.04 -3.86 -73.52
N ARG Y 200 52.07 -3.76 -72.20
CA ARG Y 200 50.98 -3.18 -71.44
C ARG Y 200 51.47 -1.96 -70.67
N ILE Y 201 50.56 -1.02 -70.44
CA ILE Y 201 50.86 0.21 -69.74
C ILE Y 201 49.88 0.38 -68.58
N MET Y 202 50.18 1.33 -67.72
CA MET Y 202 49.29 1.73 -66.64
C MET Y 202 49.13 3.23 -66.67
N SER Y 203 47.89 3.70 -66.56
CA SER Y 203 47.60 5.12 -66.55
C SER Y 203 47.68 5.66 -65.13
N GLY Y 204 48.15 6.90 -65.00
CA GLY Y 204 48.24 7.55 -63.71
C GLY Y 204 49.55 7.34 -62.97
N VAL Y 205 50.50 6.62 -63.55
CA VAL Y 205 51.78 6.38 -62.93
C VAL Y 205 52.89 6.83 -63.88
N LEU Y 206 53.87 7.56 -63.35
CA LEU Y 206 54.95 8.10 -64.15
C LEU Y 206 56.28 7.62 -63.59
N GLU Y 207 57.18 7.20 -64.48
CA GLU Y 207 58.45 6.61 -64.06
C GLU Y 207 59.57 7.65 -64.12
N GLY Y 208 60.47 7.56 -63.15
CA GLY Y 208 61.57 8.50 -63.07
C GLY Y 208 62.77 8.10 -63.89
N SER Y 209 63.94 8.05 -63.27
CA SER Y 209 65.19 7.72 -63.94
C SER Y 209 65.90 6.60 -63.20
N ASN Y 210 66.71 5.85 -63.93
CA ASN Y 210 67.47 4.74 -63.35
C ASN Y 210 68.90 5.20 -63.11
N VAL Y 211 69.11 5.86 -61.98
CA VAL Y 211 70.43 6.31 -61.55
C VAL Y 211 70.76 5.66 -60.22
N LYS Y 212 71.93 5.02 -60.15
CA LYS Y 212 72.34 4.33 -58.94
C LYS Y 212 73.30 5.21 -58.17
N PRO Y 213 72.92 5.74 -57.00
CA PRO Y 213 73.85 6.60 -56.26
C PRO Y 213 75.14 5.91 -55.87
N VAL Y 214 75.08 4.63 -55.51
CA VAL Y 214 76.27 3.92 -55.07
C VAL Y 214 77.28 3.82 -56.20
N GLU Y 215 76.81 3.50 -57.41
CA GLU Y 215 77.72 3.40 -58.55
C GLU Y 215 78.38 4.75 -58.83
N ALA Y 216 77.61 5.83 -58.77
CA ALA Y 216 78.18 7.16 -59.01
C ALA Y 216 79.23 7.50 -57.96
N MET Y 217 78.94 7.24 -56.69
CA MET Y 217 79.90 7.53 -55.63
C MET Y 217 81.19 6.74 -55.81
N THR Y 218 81.06 5.43 -56.09
CA THR Y 218 82.25 4.60 -56.27
C THR Y 218 83.05 5.05 -57.48
N ASP Y 219 82.38 5.38 -58.58
CA ASP Y 219 83.08 5.84 -59.77
C ASP Y 219 83.82 7.14 -59.50
N MET Y 220 83.19 8.06 -58.77
CA MET Y 220 83.86 9.33 -58.48
C MET Y 220 85.09 9.13 -57.60
N ILE Y 221 84.97 8.26 -56.58
CA ILE Y 221 86.12 7.98 -55.73
C ILE Y 221 87.26 7.37 -56.52
N ALA Y 222 86.93 6.39 -57.37
CA ALA Y 222 87.97 5.74 -58.18
C ALA Y 222 88.63 6.74 -59.13
N ASN Y 223 87.82 7.61 -59.75
CA ASN Y 223 88.38 8.61 -60.65
C ASN Y 223 89.32 9.55 -59.92
N ALA Y 224 88.93 9.99 -58.71
CA ALA Y 224 89.82 10.87 -57.94
C ALA Y 224 91.14 10.19 -57.65
N ARG Y 225 91.08 8.93 -57.18
CA ARG Y 225 92.32 8.23 -56.85
C ARG Y 225 93.20 8.04 -58.07
N ARG Y 226 92.60 7.67 -59.20
CA ARG Y 226 93.38 7.47 -60.43
C ARG Y 226 94.02 8.77 -60.88
N PHE Y 227 93.30 9.89 -60.77
CA PHE Y 227 93.87 11.18 -61.12
C PHE Y 227 95.06 11.51 -60.24
N GLU Y 228 94.95 11.22 -58.93
CA GLU Y 228 96.08 11.47 -58.03
C GLU Y 228 97.29 10.64 -58.44
N MET Y 229 97.07 9.36 -58.75
CA MET Y 229 98.19 8.51 -59.15
C MET Y 229 98.85 9.01 -60.42
N GLN Y 230 98.04 9.42 -61.40
CA GLN Y 230 98.61 9.94 -62.64
C GLN Y 230 99.41 11.22 -62.39
N MET Y 231 98.92 12.09 -61.51
CA MET Y 231 99.67 13.29 -61.17
C MET Y 231 101.02 12.94 -60.56
N LYS Y 232 101.04 11.95 -59.65
CA LYS Y 232 102.31 11.55 -59.06
C LYS Y 232 103.28 11.03 -60.12
N VAL Y 233 102.79 10.19 -61.03
CA VAL Y 233 103.66 9.63 -62.06
C VAL Y 233 104.20 10.74 -62.96
N ILE Y 234 103.36 11.70 -63.31
CA ILE Y 234 103.79 12.80 -64.17
C ILE Y 234 104.87 13.62 -63.48
N THR Y 235 104.69 13.90 -62.19
CA THR Y 235 105.71 14.65 -61.46
C THR Y 235 107.03 13.89 -61.42
N SER Y 236 106.97 12.58 -61.18
CA SER Y 236 108.20 11.77 -61.15
C SER Y 236 108.92 11.81 -62.48
N VAL Y 237 108.17 11.64 -63.58
CA VAL Y 237 108.79 11.66 -64.91
C VAL Y 237 109.40 13.03 -65.19
N ASP Y 238 108.68 14.09 -64.84
CA ASP Y 238 109.18 15.44 -65.10
C ASP Y 238 110.48 15.69 -64.35
N GLU Y 239 110.55 15.29 -63.09
CA GLU Y 239 111.77 15.53 -62.33
C GLU Y 239 112.92 14.65 -62.84
N ASN Y 240 112.63 13.42 -63.26
CA ASN Y 240 113.67 12.58 -63.84
C ASN Y 240 114.24 13.19 -65.10
N GLU Y 241 113.37 13.68 -65.99
CA GLU Y 241 113.85 14.32 -67.21
C GLU Y 241 114.62 15.60 -66.90
N GLY Y 242 114.15 16.39 -65.94
CA GLY Y 242 114.84 17.62 -65.58
C GLY Y 242 116.22 17.35 -65.03
N ARG Y 243 116.39 16.25 -64.30
CA ARG Y 243 117.72 15.90 -63.82
C ARG Y 243 118.58 15.30 -64.93
N ALA Y 244 117.97 14.56 -65.86
CA ALA Y 244 118.76 13.88 -66.89
C ALA Y 244 119.24 14.85 -67.96
N ASN Y 245 118.51 15.95 -68.18
CA ASN Y 245 118.86 16.84 -69.28
C ASN Y 245 120.19 17.56 -69.05
N GLN Y 246 120.73 17.57 -67.84
CA GLN Y 246 121.99 18.25 -67.59
C GLN Y 246 123.21 17.40 -67.90
N LEU Y 247 123.01 16.15 -68.34
CA LEU Y 247 124.14 15.30 -68.69
C LEU Y 247 124.92 15.87 -69.86
N LEU Y 248 124.26 16.64 -70.74
CA LEU Y 248 124.94 17.26 -71.86
C LEU Y 248 125.93 18.34 -71.45
N SER Y 249 125.85 18.81 -70.22
CA SER Y 249 126.74 19.87 -69.76
C SER Y 249 128.17 19.34 -69.61
N MET Y 250 129.12 20.27 -69.61
CA MET Y 250 130.53 19.94 -69.47
C MET Y 250 131.00 20.16 -68.04
N ASP Z 2 109.06 35.82 -74.80
CA ASP Z 2 109.46 36.21 -73.44
C ASP Z 2 108.36 37.04 -72.76
N HIS Z 3 107.56 37.73 -73.56
CA HIS Z 3 106.48 38.56 -73.04
C HIS Z 3 105.27 37.74 -72.63
N ALA Z 4 105.25 36.43 -72.92
CA ALA Z 4 104.12 35.59 -72.57
C ALA Z 4 103.81 35.65 -71.08
N ILE Z 5 104.83 35.82 -70.24
CA ILE Z 5 104.61 35.95 -68.80
C ILE Z 5 103.58 37.03 -68.53
N TYR Z 6 103.76 38.20 -69.16
CA TYR Z 6 102.79 39.28 -68.98
C TYR Z 6 101.38 38.79 -69.25
N THR Z 7 101.16 38.12 -70.37
CA THR Z 7 99.83 37.63 -70.68
C THR Z 7 99.28 36.84 -69.51
N ALA Z 8 100.05 35.87 -69.02
CA ALA Z 8 99.58 35.05 -67.91
C ALA Z 8 99.21 35.92 -66.72
N MET Z 9 100.13 36.81 -66.31
CA MET Z 9 99.84 37.60 -65.12
C MET Z 9 98.62 38.49 -65.37
N GLY Z 10 98.46 38.97 -66.60
CA GLY Z 10 97.28 39.73 -66.93
C GLY Z 10 96.02 38.97 -66.57
N ALA Z 11 95.92 37.72 -67.02
CA ALA Z 11 94.77 36.91 -66.67
C ALA Z 11 94.60 36.84 -65.16
N ALA Z 12 95.68 36.57 -64.44
CA ALA Z 12 95.59 36.52 -62.99
C ALA Z 12 94.99 37.79 -62.43
N SER Z 13 95.48 38.94 -62.89
CA SER Z 13 94.95 40.20 -62.39
C SER Z 13 93.45 40.28 -62.61
N GLN Z 14 93.00 39.95 -63.83
CA GLN Z 14 91.58 40.04 -64.11
C GLN Z 14 90.79 39.11 -63.21
N THR Z 15 91.33 37.92 -62.91
CA THR Z 15 90.64 37.01 -62.02
C THR Z 15 90.33 37.70 -60.70
N LEU Z 16 91.31 38.41 -60.13
CA LEU Z 16 91.07 39.13 -58.89
C LEU Z 16 89.88 40.06 -59.04
N ASN Z 17 89.85 40.85 -60.12
CA ASN Z 17 88.70 41.72 -60.35
C ASN Z 17 87.42 40.91 -60.38
N GLN Z 18 87.42 39.81 -61.14
CA GLN Z 18 86.24 38.95 -61.16
C GLN Z 18 85.90 38.49 -59.76
N GLN Z 19 86.90 38.04 -59.00
CA GLN Z 19 86.67 37.65 -57.61
C GLN Z 19 85.99 38.77 -56.86
N ALA Z 20 86.51 39.99 -57.00
CA ALA Z 20 85.93 41.13 -56.28
C ALA Z 20 84.45 41.25 -56.59
N VAL Z 21 84.07 41.10 -57.86
CA VAL Z 21 82.66 41.21 -58.22
C VAL Z 21 81.84 40.22 -57.41
N THR Z 22 82.28 38.96 -57.39
CA THR Z 22 81.55 37.95 -56.64
C THR Z 22 81.44 38.34 -55.17
N ALA Z 23 82.54 38.84 -54.60
CA ALA Z 23 82.50 39.27 -53.21
C ALA Z 23 81.40 40.30 -52.99
N SER Z 24 81.30 41.28 -53.89
CA SER Z 24 80.25 42.28 -53.76
C SER Z 24 78.88 41.63 -53.80
N ASN Z 25 78.68 40.67 -54.71
CA ASN Z 25 77.40 39.98 -54.78
C ASN Z 25 77.13 39.23 -53.48
N LEU Z 26 78.17 38.68 -52.85
CA LEU Z 26 77.96 38.00 -51.58
C LEU Z 26 77.89 38.99 -50.43
N ALA Z 27 78.34 40.23 -50.65
CA ALA Z 27 78.33 41.21 -49.55
C ALA Z 27 76.92 41.70 -49.28
N ASN Z 28 76.29 42.33 -50.27
CA ASN Z 28 74.95 42.88 -50.11
C ASN Z 28 73.90 41.90 -50.64
N ALA Z 29 73.80 40.76 -49.97
CA ALA Z 29 72.78 39.78 -50.27
C ALA Z 29 71.48 40.05 -49.52
N SER Z 30 71.46 41.05 -48.64
CA SER Z 30 70.28 41.37 -47.85
C SER Z 30 69.79 42.80 -48.05
N THR Z 31 70.43 43.57 -48.93
CA THR Z 31 69.95 44.91 -49.20
C THR Z 31 68.73 44.85 -50.12
N PRO Z 32 67.59 45.40 -49.69
CA PRO Z 32 66.38 45.31 -50.51
C PRO Z 32 66.54 46.08 -51.82
N GLY Z 33 65.88 45.57 -52.86
CA GLY Z 33 65.90 46.21 -54.17
C GLY Z 33 67.26 46.28 -54.81
N PHE Z 34 68.01 45.19 -54.75
CA PHE Z 34 69.35 45.14 -55.30
C PHE Z 34 69.41 44.16 -56.46
N ARG Z 35 70.14 44.53 -57.50
CA ARG Z 35 70.37 43.68 -58.66
C ARG Z 35 71.84 43.32 -58.73
N ALA Z 36 72.12 42.04 -58.94
CA ALA Z 36 73.49 41.56 -58.91
C ALA Z 36 74.28 42.08 -60.09
N GLN Z 37 75.60 41.96 -59.99
CA GLN Z 37 76.54 42.45 -61.00
C GLN Z 37 77.15 41.25 -61.71
N LEU Z 38 76.82 41.10 -62.99
CA LEU Z 38 77.37 40.00 -63.76
C LEU Z 38 78.84 40.26 -64.09
N ASN Z 39 79.54 39.18 -64.42
CA ASN Z 39 80.96 39.27 -64.74
C ASN Z 39 81.29 38.24 -65.82
N ALA Z 40 82.24 38.59 -66.68
CA ALA Z 40 82.64 37.70 -67.77
C ALA Z 40 84.00 38.12 -68.29
N LEU Z 41 84.83 37.12 -68.61
CA LEU Z 41 86.12 37.39 -69.21
C LEU Z 41 85.98 37.50 -70.72
N ARG Z 42 86.74 38.43 -71.30
CA ARG Z 42 86.71 38.70 -72.73
C ARG Z 42 88.14 38.63 -73.26
N ALA Z 43 88.30 37.98 -74.41
CA ALA Z 43 89.60 37.80 -75.02
C ALA Z 43 89.89 38.96 -75.97
N VAL Z 44 91.07 39.56 -75.81
CA VAL Z 44 91.54 40.61 -76.71
C VAL Z 44 92.76 40.07 -77.46
N PRO Z 45 92.64 39.81 -78.75
CA PRO Z 45 93.78 39.27 -79.50
C PRO Z 45 94.73 40.36 -79.95
N VAL Z 46 95.96 40.31 -79.46
CA VAL Z 46 97.01 41.19 -79.96
C VAL Z 46 97.63 40.55 -81.18
N ASP Z 47 97.76 41.32 -82.27
CA ASP Z 47 98.17 40.75 -83.54
C ASP Z 47 98.89 41.80 -84.36
N GLY Z 48 99.56 41.32 -85.42
CA GLY Z 48 100.17 42.19 -86.41
C GLY Z 48 101.53 41.74 -86.89
N LEU Z 49 101.63 41.54 -88.20
CA LEU Z 49 102.87 41.36 -88.95
C LEU Z 49 103.58 40.04 -88.63
N SER Z 50 103.12 39.31 -87.60
CA SER Z 50 103.76 38.04 -87.28
C SER Z 50 102.97 37.20 -86.29
N LEU Z 51 102.65 35.96 -86.68
CA LEU Z 51 102.31 34.89 -85.75
C LEU Z 51 101.35 35.31 -84.63
N ALA Z 52 100.12 35.68 -84.98
CA ALA Z 52 99.18 36.19 -83.98
C ALA Z 52 98.84 35.06 -83.02
N THR Z 53 99.52 35.03 -81.87
CA THR Z 53 99.35 33.98 -80.88
C THR Z 53 99.03 34.51 -79.50
N ARG Z 54 99.58 35.65 -79.11
CA ARG Z 54 99.32 36.24 -77.80
C ARG Z 54 97.90 36.80 -77.78
N THR Z 55 97.08 36.33 -76.83
CA THR Z 55 95.74 36.86 -76.60
C THR Z 55 95.59 37.15 -75.12
N LEU Z 56 95.22 38.37 -74.79
CA LEU Z 56 95.07 38.77 -73.40
C LEU Z 56 93.63 38.58 -72.94
N VAL Z 57 93.44 38.63 -71.62
CA VAL Z 57 92.15 38.45 -70.99
C VAL Z 57 91.81 39.72 -70.23
N THR Z 58 90.57 40.19 -70.37
CA THR Z 58 90.11 41.39 -69.68
C THR Z 58 88.76 41.09 -69.04
N ALA Z 59 88.60 41.48 -67.78
CA ALA Z 59 87.32 41.31 -67.11
C ALA Z 59 86.31 42.32 -67.64
N SER Z 60 85.03 41.97 -67.52
CA SER Z 60 83.96 42.87 -67.92
C SER Z 60 82.73 42.60 -67.06
N THR Z 61 81.92 43.64 -66.88
CA THR Z 61 80.67 43.53 -66.12
C THR Z 61 79.52 44.00 -66.98
N PRO Z 62 78.73 43.10 -67.56
CA PRO Z 62 77.47 43.53 -68.18
C PRO Z 62 76.54 44.13 -67.13
N GLY Z 63 75.39 44.65 -67.57
CA GLY Z 63 74.54 45.43 -66.68
C GLY Z 63 74.14 44.73 -65.40
N ALA Z 64 73.24 43.75 -65.49
CA ALA Z 64 72.71 43.08 -64.31
C ALA Z 64 71.80 41.93 -64.71
N ASP Z 65 71.22 41.25 -63.73
CA ASP Z 65 70.18 40.26 -63.97
C ASP Z 65 68.88 40.83 -63.40
N MET Z 66 67.89 41.02 -64.26
CA MET Z 66 66.62 41.60 -63.84
C MET Z 66 65.65 40.56 -63.28
N THR Z 67 66.15 39.40 -62.88
CA THR Z 67 65.30 38.41 -62.24
C THR Z 67 64.80 38.97 -60.91
N PRO Z 68 63.49 38.98 -60.68
CA PRO Z 68 62.96 39.60 -59.46
C PRO Z 68 63.45 38.87 -58.22
N GLY Z 69 63.70 39.65 -57.17
CA GLY Z 69 64.00 39.05 -55.89
C GLY Z 69 62.74 38.56 -55.20
N GLN Z 70 62.93 37.62 -54.27
CA GLN Z 70 61.81 37.07 -53.53
C GLN Z 70 61.27 38.08 -52.54
N LEU Z 71 59.99 37.96 -52.23
CA LEU Z 71 59.27 38.91 -51.40
C LEU Z 71 58.95 38.29 -50.05
N ASP Z 72 59.16 39.05 -48.98
CA ASP Z 72 58.79 38.63 -47.64
C ASP Z 72 57.65 39.51 -47.15
N TYR Z 73 56.69 38.88 -46.48
CA TYR Z 73 55.49 39.57 -46.01
C TYR Z 73 55.82 40.35 -44.75
N THR Z 74 55.66 41.66 -44.81
CA THR Z 74 55.95 42.53 -43.68
C THR Z 74 54.72 43.17 -43.06
N SER Z 75 53.58 43.16 -43.75
CA SER Z 75 52.33 43.78 -43.32
C SER Z 75 52.46 45.29 -43.10
N ARG Z 76 53.57 45.89 -43.51
CA ARG Z 76 53.73 47.33 -43.38
C ARG Z 76 52.91 48.03 -44.45
N PRO Z 77 52.05 48.98 -44.08
CA PRO Z 77 51.08 49.52 -45.05
C PRO Z 77 51.71 50.17 -46.28
N LEU Z 78 52.90 50.74 -46.16
CA LEU Z 78 53.52 51.45 -47.27
C LEU Z 78 54.82 50.78 -47.73
N ASP Z 79 54.81 49.45 -47.84
CA ASP Z 79 55.90 48.71 -48.46
C ASP Z 79 55.36 48.02 -49.71
N VAL Z 80 56.02 48.25 -50.85
CA VAL Z 80 55.52 47.83 -52.15
C VAL Z 80 56.48 46.85 -52.79
N ALA Z 81 55.92 45.89 -53.53
CA ALA Z 81 56.70 44.97 -54.35
C ALA Z 81 56.21 45.10 -55.79
N LEU Z 82 57.16 45.20 -56.72
CA LEU Z 82 56.84 45.48 -58.11
C LEU Z 82 56.63 44.18 -58.89
N GLN Z 83 56.23 44.31 -60.15
CA GLN Z 83 56.03 43.18 -61.05
C GLN Z 83 57.34 42.71 -61.63
N GLN Z 84 57.26 41.87 -62.66
CA GLN Z 84 58.45 41.23 -63.23
C GLN Z 84 59.48 42.26 -63.67
N ASP Z 85 59.04 43.29 -64.40
CA ASP Z 85 59.96 44.28 -64.94
C ASP Z 85 59.45 45.70 -64.70
N GLY Z 86 58.96 45.97 -63.50
CA GLY Z 86 58.54 47.31 -63.15
C GLY Z 86 59.62 48.06 -62.38
N TRP Z 87 59.56 49.39 -62.46
CA TRP Z 87 60.53 50.24 -61.80
C TRP Z 87 59.81 51.46 -61.21
N LEU Z 88 60.27 51.86 -60.02
CA LEU Z 88 59.83 53.09 -59.38
C LEU Z 88 60.85 54.18 -59.68
N VAL Z 89 60.36 55.36 -60.09
CA VAL Z 89 61.22 56.45 -60.51
C VAL Z 89 61.34 57.46 -59.38
N VAL Z 90 62.58 57.84 -59.06
CA VAL Z 90 62.88 58.84 -58.05
C VAL Z 90 63.93 59.79 -58.59
N GLN Z 91 63.79 61.08 -58.29
CA GLN Z 91 64.81 62.03 -58.72
C GLN Z 91 66.04 61.90 -57.84
N ALA Z 92 67.21 61.97 -58.47
CA ALA Z 92 68.46 61.75 -57.76
C ALA Z 92 68.96 63.06 -57.16
N ALA Z 93 70.14 63.01 -56.53
CA ALA Z 93 70.68 64.20 -55.89
C ALA Z 93 71.03 65.28 -56.91
N ASP Z 94 71.56 64.88 -58.07
CA ASP Z 94 71.95 65.85 -59.09
C ASP Z 94 70.75 66.50 -59.77
N GLY Z 95 69.55 65.98 -59.56
CA GLY Z 95 68.35 66.46 -60.22
C GLY Z 95 67.85 65.58 -61.33
N ALA Z 96 68.66 64.63 -61.80
CA ALA Z 96 68.22 63.69 -62.81
C ALA Z 96 67.37 62.59 -62.16
N GLU Z 97 66.59 61.90 -62.99
CA GLU Z 97 65.69 60.85 -62.53
C GLU Z 97 66.32 59.49 -62.74
N GLY Z 98 66.13 58.60 -61.76
CA GLY Z 98 66.61 57.24 -61.86
C GLY Z 98 65.51 56.28 -61.44
N TYR Z 99 65.77 54.99 -61.69
CA TYR Z 99 64.79 53.96 -61.44
C TYR Z 99 65.36 52.93 -60.47
N THR Z 100 64.49 52.36 -59.65
CA THR Z 100 64.91 51.37 -58.66
C THR Z 100 63.73 50.46 -58.35
N ARG Z 101 63.96 49.55 -57.40
CA ARG Z 101 62.93 48.65 -56.92
C ARG Z 101 62.85 48.59 -55.41
N ASN Z 102 63.52 49.50 -54.70
CA ASN Z 102 63.47 49.55 -53.25
C ASN Z 102 62.11 50.09 -52.84
N GLY Z 103 61.21 49.19 -52.44
CA GLY Z 103 59.88 49.56 -52.07
C GLY Z 103 59.70 50.03 -50.65
N ASN Z 104 60.79 50.24 -49.92
CA ASN Z 104 60.73 50.66 -48.51
C ASN Z 104 60.48 52.16 -48.48
N ILE Z 105 59.22 52.53 -48.69
CA ILE Z 105 58.85 53.94 -48.72
C ILE Z 105 58.81 54.50 -47.30
N GLN Z 106 59.31 55.73 -47.14
CA GLN Z 106 59.30 56.42 -45.87
C GLN Z 106 58.66 57.79 -46.05
N VAL Z 107 58.09 58.29 -44.95
CA VAL Z 107 57.45 59.60 -44.93
C VAL Z 107 58.13 60.46 -43.88
N GLY Z 108 58.53 61.68 -44.27
CA GLY Z 108 59.24 62.56 -43.38
C GLY Z 108 58.32 63.34 -42.47
N PRO Z 109 58.92 64.20 -41.65
CA PRO Z 109 58.11 65.01 -40.72
C PRO Z 109 57.18 65.98 -41.41
N THR Z 110 57.43 66.33 -42.68
CA THR Z 110 56.61 67.28 -43.41
C THR Z 110 55.84 66.61 -44.55
N GLY Z 111 55.55 65.32 -44.41
CA GLY Z 111 54.78 64.60 -45.41
C GLY Z 111 55.45 64.49 -46.76
N GLN Z 112 56.75 64.24 -46.79
CA GLN Z 112 57.52 64.09 -48.02
C GLN Z 112 57.82 62.61 -48.21
N LEU Z 113 57.15 61.99 -49.17
CA LEU Z 113 57.41 60.59 -49.49
C LEU Z 113 58.77 60.46 -50.13
N THR Z 114 59.55 59.49 -49.65
CA THR Z 114 60.91 59.32 -50.13
C THR Z 114 61.40 57.92 -49.81
N ILE Z 115 61.97 57.26 -50.83
CA ILE Z 115 62.78 56.07 -50.62
C ILE Z 115 64.10 56.56 -50.03
N GLN Z 116 64.92 55.64 -49.55
CA GLN Z 116 66.19 55.97 -48.91
C GLN Z 116 66.98 57.01 -49.72
N GLY Z 117 67.18 58.17 -49.15
CA GLY Z 117 67.94 59.24 -49.81
C GLY Z 117 67.19 60.15 -50.76
N HIS Z 118 66.34 59.60 -51.61
CA HIS Z 118 65.77 60.43 -52.67
C HIS Z 118 64.25 60.45 -52.61
N PRO Z 119 63.63 61.58 -52.93
CA PRO Z 119 62.17 61.65 -52.91
C PRO Z 119 61.55 60.87 -54.06
N VAL Z 120 60.31 60.41 -53.83
CA VAL Z 120 59.54 59.69 -54.84
C VAL Z 120 58.75 60.70 -55.65
N ILE Z 121 58.65 60.46 -56.96
CA ILE Z 121 57.94 61.37 -57.84
C ILE Z 121 56.76 60.65 -58.48
N GLY Z 122 55.79 61.44 -58.91
CA GLY Z 122 54.64 60.92 -59.62
C GLY Z 122 54.22 61.85 -60.74
N GLU Z 123 52.93 62.21 -60.78
CA GLU Z 123 52.45 63.20 -61.73
C GLU Z 123 52.92 64.58 -61.27
N GLY Z 124 53.73 65.23 -62.08
CA GLY Z 124 54.33 66.49 -61.71
C GLY Z 124 55.64 66.26 -60.97
N GLY Z 125 55.89 67.06 -59.93
CA GLY Z 125 57.08 66.92 -59.14
C GLY Z 125 56.93 65.83 -58.10
N PRO Z 126 57.87 65.78 -57.14
CA PRO Z 126 57.74 64.81 -56.05
C PRO Z 126 56.44 65.02 -55.29
N ILE Z 127 55.85 63.92 -54.86
CA ILE Z 127 54.54 63.95 -54.22
C ILE Z 127 54.68 64.28 -52.75
N THR Z 128 53.74 65.06 -52.23
CA THR Z 128 53.66 65.40 -50.82
C THR Z 128 52.27 65.04 -50.30
N VAL Z 129 52.22 64.48 -49.10
CA VAL Z 129 50.97 64.01 -48.53
C VAL Z 129 50.60 64.89 -47.34
N PRO Z 130 49.40 64.74 -46.76
CA PRO Z 130 49.10 65.45 -45.51
C PRO Z 130 50.14 65.15 -44.44
N GLU Z 131 50.14 66.00 -43.41
CA GLU Z 131 51.27 66.06 -42.49
C GLU Z 131 51.46 64.75 -41.73
N GLY Z 132 50.37 64.15 -41.26
CA GLY Z 132 50.47 62.95 -40.47
C GLY Z 132 49.44 61.89 -40.77
N SER Z 133 48.88 61.93 -41.98
CA SER Z 133 47.83 60.99 -42.36
C SER Z 133 48.41 59.60 -42.61
N GLU Z 134 47.67 58.58 -42.18
CA GLU Z 134 48.03 57.21 -42.52
C GLU Z 134 47.89 56.99 -44.01
N ILE Z 135 48.83 56.24 -44.58
CA ILE Z 135 48.95 56.09 -46.03
C ILE Z 135 48.62 54.65 -46.40
N THR Z 136 47.76 54.48 -47.41
CA THR Z 136 47.44 53.20 -47.99
C THR Z 136 47.81 53.23 -49.46
N ILE Z 137 48.48 52.18 -49.93
CA ILE Z 137 48.94 52.08 -51.30
C ILE Z 137 48.04 51.10 -52.04
N ALA Z 138 47.49 51.56 -53.16
CA ALA Z 138 46.54 50.77 -53.93
C ALA Z 138 47.27 49.72 -54.77
N ALA Z 139 46.50 48.98 -55.57
CA ALA Z 139 47.07 47.99 -56.47
C ALA Z 139 47.48 48.58 -57.82
N ASP Z 140 47.21 49.85 -58.07
CA ASP Z 140 47.60 50.50 -59.31
C ASP Z 140 48.46 51.74 -59.09
N GLY Z 141 48.88 52.00 -57.86
CA GLY Z 141 49.71 53.13 -57.55
C GLY Z 141 49.01 54.33 -56.93
N THR Z 142 47.73 54.20 -56.57
CA THR Z 142 47.00 55.30 -55.96
C THR Z 142 47.34 55.37 -54.47
N ILE Z 143 47.54 56.59 -53.97
CA ILE Z 143 47.90 56.83 -52.58
C ILE Z 143 46.68 57.39 -51.88
N SER Z 144 46.15 56.64 -50.91
CA SER Z 144 45.05 57.12 -50.08
C SER Z 144 45.62 57.63 -48.76
N ALA Z 145 45.22 58.83 -48.38
CA ALA Z 145 45.66 59.43 -47.12
C ALA Z 145 44.47 59.65 -46.20
N LEU Z 146 44.58 59.16 -44.97
CA LEU Z 146 43.54 59.31 -43.98
C LEU Z 146 44.09 60.08 -42.80
N ASN Z 147 43.57 61.29 -42.58
CA ASN Z 147 43.98 62.07 -41.42
C ASN Z 147 43.52 61.37 -40.16
N PRO Z 148 44.39 61.15 -39.18
CA PRO Z 148 44.00 60.39 -37.99
C PRO Z 148 42.89 61.09 -37.22
N GLY Z 149 42.04 60.29 -36.58
CA GLY Z 149 40.89 60.79 -35.85
C GLY Z 149 39.70 61.14 -36.72
N ASP Z 150 39.94 61.50 -37.97
CA ASP Z 150 38.86 61.81 -38.89
C ASP Z 150 38.04 60.56 -39.17
N PRO Z 151 36.73 60.67 -39.34
CA PRO Z 151 35.93 59.49 -39.63
C PRO Z 151 36.40 58.82 -40.89
N PRO Z 152 36.30 57.49 -40.96
CA PRO Z 152 36.92 56.75 -42.09
C PRO Z 152 36.32 57.08 -43.44
N ASN Z 153 35.12 57.65 -43.50
CA ASN Z 153 34.47 57.91 -44.77
C ASN Z 153 35.01 59.16 -45.46
N THR Z 154 36.17 59.67 -45.04
CA THR Z 154 36.80 60.82 -45.67
C THR Z 154 38.17 60.45 -46.25
N VAL Z 155 38.31 59.22 -46.74
CA VAL Z 155 39.53 58.84 -47.44
C VAL Z 155 39.51 59.40 -48.85
N ALA Z 156 40.57 60.12 -49.22
CA ALA Z 156 40.64 60.75 -50.53
C ALA Z 156 42.03 60.54 -51.11
N PRO Z 157 42.12 60.11 -52.38
CA PRO Z 157 43.44 59.96 -53.01
C PRO Z 157 44.15 61.30 -53.07
N VAL Z 158 45.47 61.26 -52.88
CA VAL Z 158 46.29 62.46 -52.88
C VAL Z 158 47.35 62.43 -53.97
N GLY Z 159 47.23 61.52 -54.93
CA GLY Z 159 48.19 61.44 -56.01
C GLY Z 159 48.23 60.04 -56.59
N ARG Z 160 49.33 59.77 -57.28
CA ARG Z 160 49.56 58.45 -57.85
C ARG Z 160 51.04 58.27 -58.10
N LEU Z 161 51.57 57.10 -57.72
CA LEU Z 161 52.96 56.78 -58.00
C LEU Z 161 53.19 56.63 -59.49
N LYS Z 162 54.38 57.01 -59.94
CA LYS Z 162 54.78 56.86 -61.33
C LYS Z 162 55.64 55.60 -61.44
N LEU Z 163 55.19 54.65 -62.24
CA LEU Z 163 55.88 53.37 -62.43
C LEU Z 163 56.16 53.18 -63.91
N VAL Z 164 57.35 52.69 -64.22
CA VAL Z 164 57.77 52.48 -65.61
C VAL Z 164 58.09 51.01 -65.83
N LYS Z 165 58.23 50.64 -67.09
CA LYS Z 165 58.49 49.25 -67.47
C LYS Z 165 59.74 49.21 -68.34
N ALA Z 166 60.82 48.68 -67.80
CA ALA Z 166 62.07 48.49 -68.54
C ALA Z 166 62.41 47.01 -68.54
N GLU Z 167 62.65 46.46 -69.73
CA GLU Z 167 62.89 45.02 -69.84
C GLU Z 167 64.22 44.61 -69.19
N GLY Z 168 65.21 45.50 -69.21
CA GLY Z 168 66.44 45.21 -68.50
C GLY Z 168 67.70 45.32 -69.34
N ASN Z 169 67.60 45.05 -70.63
CA ASN Z 169 68.76 45.13 -71.50
C ASN Z 169 69.14 46.55 -71.84
N GLU Z 170 68.33 47.54 -71.46
CA GLU Z 170 68.57 48.92 -71.83
C GLU Z 170 68.83 49.83 -70.63
N VAL Z 171 68.87 49.28 -69.42
CA VAL Z 171 69.13 50.05 -68.21
C VAL Z 171 70.51 49.70 -67.69
N GLN Z 172 71.31 50.73 -67.41
CA GLN Z 172 72.66 50.57 -66.90
C GLN Z 172 72.73 51.18 -65.51
N ARG Z 173 73.43 50.49 -64.61
CA ARG Z 173 73.55 50.94 -63.23
C ARG Z 173 74.50 52.12 -63.15
N SER Z 174 74.09 53.16 -62.43
CA SER Z 174 74.95 54.32 -62.21
C SER Z 174 75.82 54.07 -60.98
N ASP Z 175 76.56 55.09 -60.56
CA ASP Z 175 77.45 54.96 -59.41
C ASP Z 175 76.74 55.08 -58.07
N ASP Z 176 75.45 55.44 -58.07
CA ASP Z 176 74.70 55.58 -56.84
C ASP Z 176 73.63 54.51 -56.69
N GLY Z 177 73.72 53.44 -57.47
CA GLY Z 177 72.78 52.34 -57.34
C GLY Z 177 71.44 52.55 -58.01
N LEU Z 178 71.28 53.62 -58.78
CA LEU Z 178 70.04 53.92 -59.47
C LEU Z 178 70.24 53.69 -60.96
N PHE Z 179 69.43 52.81 -61.55
CA PHE Z 179 69.58 52.49 -62.96
C PHE Z 179 69.07 53.64 -63.83
N ARG Z 180 69.73 53.83 -64.98
CA ARG Z 180 69.33 54.86 -65.92
C ARG Z 180 69.35 54.28 -67.33
N LEU Z 181 68.56 54.90 -68.21
CA LEU Z 181 68.48 54.43 -69.59
C LEU Z 181 69.81 54.58 -70.30
N THR Z 182 70.09 53.61 -71.18
CA THR Z 182 71.28 53.69 -72.01
C THR Z 182 71.11 54.75 -73.09
N ALA Z 183 72.18 54.99 -73.83
CA ALA Z 183 72.19 56.05 -74.84
C ALA Z 183 71.16 55.78 -75.94
N GLU Z 184 71.24 54.59 -76.54
CA GLU Z 184 70.32 54.28 -77.64
C GLU Z 184 68.88 54.17 -77.16
N ALA Z 185 68.67 53.57 -75.98
CA ALA Z 185 67.32 53.41 -75.45
C ALA Z 185 66.67 54.77 -75.19
N GLN Z 186 67.41 55.69 -74.58
CA GLN Z 186 66.83 57.01 -74.32
C GLN Z 186 66.75 57.85 -75.59
N ALA Z 187 67.58 57.53 -76.58
CA ALA Z 187 67.43 58.18 -77.88
C ALA Z 187 66.14 57.77 -78.56
N GLU Z 188 65.81 56.48 -78.49
CA GLU Z 188 64.63 55.97 -79.19
C GLU Z 188 63.37 55.98 -78.35
N ARG Z 189 63.46 56.32 -77.06
CA ARG Z 189 62.29 56.40 -76.18
C ARG Z 189 62.21 57.71 -75.42
N GLY Z 190 63.04 58.69 -75.76
CA GLY Z 190 63.02 59.97 -75.09
C GLY Z 190 63.84 59.99 -73.82
N ALA Z 191 64.10 61.20 -73.33
CA ALA Z 191 64.90 61.35 -72.12
C ALA Z 191 64.17 60.78 -70.91
N VAL Z 192 62.86 60.95 -70.83
CA VAL Z 192 62.07 60.51 -69.70
C VAL Z 192 61.05 59.49 -70.18
N LEU Z 193 60.93 58.38 -69.46
CA LEU Z 193 59.98 57.34 -69.82
C LEU Z 193 58.55 57.79 -69.53
N ALA Z 194 57.61 57.06 -70.10
CA ALA Z 194 56.18 57.31 -69.91
C ALA Z 194 55.58 56.22 -69.04
N ALA Z 195 54.82 56.63 -68.03
CA ALA Z 195 54.18 55.67 -67.14
C ALA Z 195 53.14 54.84 -67.90
N ASP Z 196 53.03 53.57 -67.53
CA ASP Z 196 52.08 52.68 -68.16
C ASP Z 196 51.25 51.97 -67.10
N PRO Z 197 50.00 51.62 -67.42
CA PRO Z 197 49.14 50.96 -66.43
C PRO Z 197 49.31 49.46 -66.32
N SER Z 198 50.27 48.87 -67.02
CA SER Z 198 50.43 47.42 -67.04
C SER Z 198 51.20 46.89 -65.83
N ILE Z 199 51.56 47.75 -64.88
CA ILE Z 199 52.36 47.35 -63.73
C ILE Z 199 51.56 47.60 -62.47
N ARG Z 200 51.46 46.58 -61.63
CA ARG Z 200 50.73 46.65 -60.36
C ARG Z 200 51.68 46.36 -59.21
N ILE Z 201 51.42 46.99 -58.08
CA ILE Z 201 52.25 46.83 -56.89
C ILE Z 201 51.48 46.03 -55.85
N MET Z 202 52.21 45.50 -54.89
CA MET Z 202 51.64 44.76 -53.77
C MET Z 202 52.01 45.49 -52.49
N SER Z 203 51.01 45.91 -51.73
CA SER Z 203 51.25 46.65 -50.50
C SER Z 203 51.38 45.70 -49.32
N GLY Z 204 52.41 45.90 -48.51
CA GLY Z 204 52.64 45.13 -47.32
C GLY Z 204 53.79 44.15 -47.40
N VAL Z 205 54.21 43.76 -48.60
CA VAL Z 205 55.32 42.84 -48.77
C VAL Z 205 56.51 43.60 -49.32
N LEU Z 206 57.71 43.10 -49.04
CA LEU Z 206 58.93 43.78 -49.42
C LEU Z 206 59.81 42.87 -50.26
N GLU Z 207 60.50 43.46 -51.23
CA GLU Z 207 61.28 42.72 -52.20
C GLU Z 207 62.73 42.61 -51.77
N GLY Z 208 63.28 41.40 -51.87
CA GLY Z 208 64.67 41.17 -51.53
C GLY Z 208 65.60 41.45 -52.68
N SER Z 209 66.64 40.63 -52.83
CA SER Z 209 67.63 40.83 -53.88
C SER Z 209 67.98 39.48 -54.50
N ASN Z 210 68.50 39.52 -55.73
CA ASN Z 210 68.74 38.33 -56.54
C ASN Z 210 70.23 38.04 -56.57
N VAL Z 211 70.66 37.13 -55.69
CA VAL Z 211 72.03 36.61 -55.68
C VAL Z 211 71.94 35.10 -55.57
N LYS Z 212 72.75 34.39 -56.36
CA LYS Z 212 72.71 32.94 -56.38
C LYS Z 212 73.89 32.39 -55.60
N PRO Z 213 73.68 31.78 -54.44
CA PRO Z 213 74.82 31.23 -53.70
C PRO Z 213 75.60 30.18 -54.48
N VAL Z 214 74.91 29.31 -55.23
CA VAL Z 214 75.62 28.29 -55.99
C VAL Z 214 76.48 28.92 -57.07
N GLU Z 215 75.95 29.94 -57.75
CA GLU Z 215 76.74 30.64 -58.76
C GLU Z 215 77.98 31.26 -58.15
N ALA Z 216 77.82 31.92 -56.99
CA ALA Z 216 78.97 32.56 -56.35
C ALA Z 216 80.01 31.53 -55.93
N MET Z 217 79.56 30.41 -55.36
CA MET Z 217 80.51 29.38 -54.92
C MET Z 217 81.26 28.77 -56.09
N THR Z 218 80.55 28.45 -57.16
CA THR Z 218 81.21 27.89 -58.34
C THR Z 218 82.19 28.88 -58.94
N ASP Z 219 81.81 30.16 -59.02
CA ASP Z 219 82.72 31.16 -59.53
C ASP Z 219 83.96 31.30 -58.66
N MET Z 220 83.78 31.23 -57.34
CA MET Z 220 84.94 31.30 -56.44
C MET Z 220 85.88 30.13 -56.67
N ILE Z 221 85.33 28.92 -56.80
CA ILE Z 221 86.17 27.75 -57.03
C ILE Z 221 86.94 27.89 -58.34
N ALA Z 222 86.22 28.28 -59.40
CA ALA Z 222 86.87 28.40 -60.71
C ALA Z 222 87.94 29.48 -60.69
N ASN Z 223 87.67 30.62 -60.07
CA ASN Z 223 88.66 31.69 -60.00
C ASN Z 223 89.89 31.24 -59.22
N ALA Z 224 89.69 30.52 -58.12
CA ALA Z 224 90.83 30.05 -57.35
C ALA Z 224 91.70 29.11 -58.17
N ARG Z 225 91.07 28.15 -58.85
CA ARG Z 225 91.84 27.19 -59.65
C ARG Z 225 92.57 27.88 -60.79
N ARG Z 226 91.89 28.80 -61.48
CA ARG Z 226 92.53 29.52 -62.58
C ARG Z 226 93.70 30.35 -62.09
N PHE Z 227 93.54 31.02 -60.95
CA PHE Z 227 94.62 31.82 -60.39
C PHE Z 227 95.83 30.96 -60.06
N GLU Z 228 95.60 29.80 -59.46
CA GLU Z 228 96.71 28.92 -59.13
C GLU Z 228 97.42 28.43 -60.39
N MET Z 229 96.66 28.06 -61.42
CA MET Z 229 97.28 27.60 -62.65
C MET Z 229 98.11 28.70 -63.31
N GLN Z 230 97.58 29.93 -63.32
CA GLN Z 230 98.34 31.04 -63.87
C GLN Z 230 99.63 31.27 -63.09
N MET Z 231 99.58 31.16 -61.77
CA MET Z 231 100.78 31.33 -60.96
C MET Z 231 101.82 30.27 -61.29
N LYS Z 232 101.37 29.02 -61.47
CA LYS Z 232 102.29 27.94 -61.83
C LYS Z 232 102.96 28.22 -63.17
N VAL Z 233 102.17 28.66 -64.16
CA VAL Z 233 102.74 28.97 -65.46
C VAL Z 233 103.76 30.10 -65.34
N ILE Z 234 103.43 31.12 -64.54
CA ILE Z 234 104.34 32.24 -64.34
C ILE Z 234 105.67 31.76 -63.79
N THR Z 235 105.65 30.97 -62.72
CA THR Z 235 106.90 30.56 -62.10
C THR Z 235 107.70 29.62 -63.00
N SER Z 236 107.02 28.74 -63.76
CA SER Z 236 107.73 27.87 -64.68
C SER Z 236 108.45 28.67 -65.76
N VAL Z 237 107.76 29.67 -66.33
CA VAL Z 237 108.37 30.49 -67.37
C VAL Z 237 109.53 31.30 -66.78
N ASP Z 238 109.36 31.80 -65.56
CA ASP Z 238 110.44 32.56 -64.92
C ASP Z 238 111.67 31.70 -64.74
N GLU Z 239 111.49 30.47 -64.27
CA GLU Z 239 112.63 29.57 -64.10
C GLU Z 239 113.29 29.26 -65.44
N ASN Z 240 112.48 29.01 -66.47
CA ASN Z 240 113.06 28.69 -67.77
C ASN Z 240 113.87 29.85 -68.33
N GLU Z 241 113.34 31.07 -68.22
CA GLU Z 241 114.05 32.24 -68.72
C GLU Z 241 115.33 32.47 -67.94
N GLY Z 242 115.27 32.31 -66.61
CA GLY Z 242 116.48 32.45 -65.81
C GLY Z 242 117.54 31.44 -66.18
N ARG Z 243 117.12 30.20 -66.46
CA ARG Z 243 118.08 29.18 -66.88
C ARG Z 243 118.68 29.52 -68.23
N ALA Z 244 117.86 30.01 -69.17
CA ALA Z 244 118.35 30.30 -70.51
C ALA Z 244 119.16 31.59 -70.59
N ASN Z 245 119.04 32.47 -69.59
CA ASN Z 245 119.75 33.75 -69.64
C ASN Z 245 121.26 33.61 -69.59
N GLN Z 246 121.79 32.50 -69.08
CA GLN Z 246 123.23 32.37 -68.90
C GLN Z 246 123.96 31.94 -70.17
N LEU Z 247 123.25 31.74 -71.27
CA LEU Z 247 123.91 31.38 -72.53
C LEU Z 247 124.85 32.49 -72.99
N LEU Z 248 124.58 33.72 -72.58
CA LEU Z 248 125.46 34.83 -72.94
C LEU Z 248 126.82 34.75 -72.27
N SER Z 249 126.98 33.89 -71.25
CA SER Z 249 128.25 33.76 -70.58
C SER Z 249 129.27 33.06 -71.48
N MET Z 250 130.55 33.31 -71.21
CA MET Z 250 131.62 32.72 -71.98
C MET Z 250 132.18 31.48 -71.29
N ILE AA 2 90.51 -1.28 -57.51
CA ILE AA 2 90.72 -1.94 -56.23
C ILE AA 2 89.58 -2.91 -55.96
N SER AA 3 89.93 -4.12 -55.53
CA SER AA 3 88.93 -5.17 -55.34
C SER AA 3 87.98 -4.81 -54.19
N SER AA 4 88.48 -4.10 -53.17
CA SER AA 4 87.65 -3.79 -52.01
C SER AA 4 86.45 -2.94 -52.40
N LEU AA 5 86.66 -1.94 -53.25
CA LEU AA 5 85.55 -1.12 -53.71
C LEU AA 5 84.54 -1.94 -54.50
N TRP AA 6 85.02 -2.82 -55.38
CA TRP AA 6 84.12 -3.63 -56.21
C TRP AA 6 83.40 -4.70 -55.41
N ILE AA 7 83.89 -5.04 -54.21
CA ILE AA 7 83.16 -5.97 -53.35
C ILE AA 7 82.14 -5.23 -52.49
N ALA AA 8 82.53 -4.09 -51.90
CA ALA AA 8 81.60 -3.32 -51.10
C ALA AA 8 80.47 -2.76 -51.96
N LYS AA 9 80.73 -2.49 -53.24
CA LYS AA 9 79.65 -2.08 -54.13
C LYS AA 9 78.59 -3.16 -54.25
N THR AA 10 79.02 -4.41 -54.43
CA THR AA 10 78.07 -5.52 -54.48
C THR AA 10 77.31 -5.66 -53.18
N GLY AA 11 78.00 -5.49 -52.05
CA GLY AA 11 77.33 -5.56 -50.76
C GLY AA 11 76.24 -4.50 -50.63
N LEU AA 12 76.57 -3.26 -50.98
CA LEU AA 12 75.58 -2.19 -50.91
C LEU AA 12 74.42 -2.44 -51.86
N ASP AA 13 74.69 -2.94 -53.06
CA ASP AA 13 73.62 -3.22 -54.01
C ASP AA 13 72.69 -4.31 -53.47
N ALA AA 14 73.27 -5.35 -52.87
CA ALA AA 14 72.44 -6.41 -52.30
C ALA AA 14 71.56 -5.86 -51.19
N GLN AA 15 72.12 -5.02 -50.31
CA GLN AA 15 71.31 -4.43 -49.25
C GLN AA 15 70.21 -3.55 -49.83
N GLN AA 16 70.52 -2.80 -50.89
CA GLN AA 16 69.52 -1.93 -51.50
C GLN AA 16 68.37 -2.74 -52.10
N THR AA 17 68.69 -3.84 -52.80
CA THR AA 17 67.64 -4.67 -53.37
C THR AA 17 66.80 -5.32 -52.30
N ASN AA 18 67.43 -5.77 -51.21
CA ASN AA 18 66.66 -6.35 -50.11
C ASN AA 18 65.73 -5.30 -49.49
N MET AA 19 66.22 -4.07 -49.35
CA MET AA 19 65.37 -3.01 -48.81
C MET AA 19 64.20 -2.73 -49.75
N ASP AA 20 64.44 -2.76 -51.07
CA ASP AA 20 63.35 -2.57 -52.02
C ASP AA 20 62.31 -3.68 -51.89
N VAL AA 21 62.76 -4.91 -51.71
CA VAL AA 21 61.82 -6.02 -51.53
C VAL AA 21 60.98 -5.81 -50.28
N ILE AA 22 61.62 -5.41 -49.18
CA ILE AA 22 60.89 -5.18 -47.94
C ILE AA 22 59.89 -4.04 -48.12
N ALA AA 23 60.30 -2.98 -48.81
CA ALA AA 23 59.39 -1.85 -49.05
C ALA AA 23 58.19 -2.28 -49.87
N ASN AA 24 58.42 -3.10 -50.90
CA ASN AA 24 57.29 -3.58 -51.69
C ASN AA 24 56.36 -4.45 -50.86
N ASN AA 25 56.92 -5.30 -49.99
CA ASN AA 25 56.08 -6.12 -49.13
C ASN AA 25 55.23 -5.26 -48.20
N LEU AA 26 55.83 -4.22 -47.62
CA LEU AA 26 55.08 -3.39 -46.68
C LEU AA 26 54.06 -2.51 -47.40
N ALA AA 27 54.36 -2.07 -48.62
CA ALA AA 27 53.52 -1.07 -49.28
C ALA AA 27 52.13 -1.61 -49.53
N ASN AA 28 52.02 -2.77 -50.19
CA ASN AA 28 50.72 -3.38 -50.44
C ASN AA 28 50.48 -4.49 -49.42
N VAL AA 29 50.24 -4.06 -48.19
CA VAL AA 29 49.89 -4.98 -47.12
C VAL AA 29 48.38 -5.20 -47.05
N SER AA 30 47.60 -4.21 -47.47
CA SER AA 30 46.15 -4.29 -47.40
C SER AA 30 45.52 -4.85 -48.67
N THR AA 31 46.30 -5.15 -49.70
CA THR AA 31 45.73 -5.74 -50.89
C THR AA 31 45.34 -7.19 -50.63
N ASN AA 32 44.32 -7.64 -51.36
CA ASN AA 32 43.76 -8.96 -51.15
C ASN AA 32 44.46 -9.97 -52.04
N GLY AA 33 44.72 -11.16 -51.48
CA GLY AA 33 45.36 -12.21 -52.25
C GLY AA 33 46.77 -11.87 -52.69
N PHE AA 34 47.57 -11.36 -51.76
CA PHE AA 34 48.97 -11.06 -52.02
C PHE AA 34 49.85 -11.92 -51.13
N LYS AA 35 50.96 -12.40 -51.70
CA LYS AA 35 51.87 -13.29 -51.00
C LYS AA 35 53.22 -12.60 -50.83
N ARG AA 36 53.75 -12.66 -49.61
CA ARG AA 36 55.00 -11.98 -49.30
C ARG AA 36 56.15 -12.59 -50.08
N GLN AA 37 57.24 -11.84 -50.18
CA GLN AA 37 58.43 -12.28 -50.88
C GLN AA 37 59.63 -12.25 -49.95
N ARG AA 38 60.55 -13.18 -50.18
CA ARG AA 38 61.81 -13.21 -49.45
C ARG AA 38 62.93 -13.39 -50.45
N ALA AA 39 63.94 -12.52 -50.37
CA ALA AA 39 65.06 -12.55 -51.29
C ALA AA 39 66.23 -13.29 -50.66
N VAL AA 40 66.77 -14.27 -51.39
CA VAL AA 40 67.88 -15.08 -50.92
C VAL AA 40 69.11 -14.68 -51.70
N PHE AA 41 70.23 -14.53 -50.99
CA PHE AA 41 71.50 -14.17 -51.59
C PHE AA 41 72.45 -15.36 -51.63
N GLU AA 42 73.47 -15.24 -52.46
CA GLU AA 42 74.42 -16.33 -52.67
C GLU AA 42 75.76 -15.73 -53.08
N ASP AA 43 76.82 -16.18 -52.43
CA ASP AA 43 78.14 -15.62 -52.64
C ASP AA 43 78.72 -16.04 -53.99
N LEU AA 44 79.58 -15.19 -54.54
CA LEU AA 44 80.23 -15.46 -55.80
C LEU AA 44 81.40 -16.41 -55.59
N LEU AA 45 82.07 -16.75 -56.68
CA LEU AA 45 83.15 -17.73 -56.64
C LEU AA 45 84.42 -17.12 -56.04
N TYR AA 46 85.31 -18.00 -55.60
CA TYR AA 46 86.54 -17.61 -54.92
C TYR AA 46 87.74 -17.89 -55.80
N GLN AA 47 88.78 -17.07 -55.66
CA GLN AA 47 90.03 -17.27 -56.37
C GLN AA 47 91.10 -17.75 -55.41
N THR AA 48 91.72 -18.88 -55.73
CA THR AA 48 92.80 -19.44 -54.92
C THR AA 48 94.12 -18.93 -55.45
N ILE AA 49 94.84 -18.16 -54.65
CA ILE AA 49 96.11 -17.60 -55.09
C ILE AA 49 97.27 -18.53 -54.81
N ARG AA 50 97.40 -19.01 -53.57
CA ARG AA 50 98.40 -19.99 -53.20
C ARG AA 50 97.70 -21.27 -52.78
N GLN AA 51 98.08 -22.39 -53.40
CA GLN AA 51 97.49 -23.66 -53.03
C GLN AA 51 97.91 -24.04 -51.61
N PRO AA 52 96.97 -24.51 -50.80
CA PRO AA 52 97.33 -24.88 -49.42
C PRO AA 52 98.14 -26.16 -49.37
N GLY AA 53 99.44 -26.04 -49.64
CA GLY AA 53 100.33 -27.19 -49.62
C GLY AA 53 100.38 -27.86 -48.26
N ALA AA 54 100.11 -29.17 -48.24
CA ALA AA 54 100.10 -29.91 -47.00
C ALA AA 54 101.52 -30.08 -46.46
N GLN AA 55 101.62 -30.19 -45.13
CA GLN AA 55 102.90 -30.40 -44.46
C GLN AA 55 102.95 -31.77 -43.79
N SER AA 56 102.00 -32.05 -42.89
CA SER AA 56 101.94 -33.32 -42.16
C SER AA 56 103.25 -33.60 -41.45
N SER AA 57 103.84 -32.56 -40.88
CA SER AA 57 105.12 -32.66 -40.17
C SER AA 57 104.93 -32.72 -38.66
N GLU AA 58 103.70 -32.88 -38.18
CA GLU AA 58 103.39 -32.93 -36.75
C GLU AA 58 103.86 -31.66 -36.03
N GLN AA 59 103.91 -30.55 -36.76
CA GLN AA 59 104.25 -29.26 -36.19
C GLN AA 59 103.03 -28.48 -35.70
N THR AA 60 101.82 -29.00 -35.94
CA THR AA 60 100.59 -28.33 -35.56
C THR AA 60 100.53 -26.92 -36.16
N THR AA 61 101.00 -26.79 -37.38
CA THR AA 61 101.01 -25.51 -38.06
C THR AA 61 99.68 -25.26 -38.77
N LEU AA 62 99.34 -23.98 -38.92
CA LEU AA 62 98.13 -23.61 -39.62
C LEU AA 62 98.30 -23.90 -41.12
N PRO AA 63 97.21 -24.18 -41.82
CA PRO AA 63 97.29 -24.33 -43.28
C PRO AA 63 97.65 -23.01 -43.94
N SER AA 64 98.57 -23.07 -44.90
CA SER AA 64 99.08 -21.88 -45.59
C SER AA 64 98.46 -21.83 -46.98
N GLY AA 65 97.26 -21.28 -47.06
CA GLY AA 65 96.57 -21.15 -48.33
C GLY AA 65 95.74 -19.88 -48.42
N LEU AA 66 95.87 -19.16 -49.53
CA LEU AA 66 95.17 -17.89 -49.71
C LEU AA 66 94.02 -18.05 -50.70
N GLN AA 67 92.84 -17.63 -50.30
CA GLN AA 67 91.64 -17.77 -51.12
C GLN AA 67 90.79 -16.53 -50.92
N ILE AA 68 90.71 -15.70 -51.95
CA ILE AA 68 90.02 -14.42 -51.88
C ILE AA 68 88.60 -14.59 -52.41
N GLY AA 69 87.64 -13.92 -51.75
CA GLY AA 69 86.27 -13.92 -52.19
C GLY AA 69 86.02 -12.95 -53.32
N THR AA 70 84.77 -12.86 -53.73
CA THR AA 70 84.42 -11.95 -54.82
C THR AA 70 83.27 -11.00 -54.49
N GLY AA 71 82.27 -11.47 -53.76
CA GLY AA 71 81.16 -10.61 -53.40
C GLY AA 71 79.88 -11.41 -53.25
N VAL AA 72 78.77 -10.69 -53.31
CA VAL AA 72 77.44 -11.24 -53.08
C VAL AA 72 76.51 -10.79 -54.19
N ARG AA 73 75.60 -11.68 -54.58
CA ARG AA 73 74.57 -11.36 -55.56
C ARG AA 73 73.23 -11.89 -55.08
N PRO AA 74 72.13 -11.24 -55.44
CA PRO AA 74 70.81 -11.81 -55.18
C PRO AA 74 70.46 -12.84 -56.25
N VAL AA 75 70.18 -14.07 -55.80
CA VAL AA 75 69.98 -15.18 -56.72
C VAL AA 75 68.49 -15.42 -57.00
N ALA AA 76 67.63 -15.29 -55.99
CA ALA AA 76 66.23 -15.59 -56.20
C ALA AA 76 65.39 -14.82 -55.19
N THR AA 77 64.10 -14.70 -55.51
CA THR AA 77 63.10 -14.09 -54.63
C THR AA 77 61.90 -15.03 -54.62
N GLU AA 78 61.74 -15.77 -53.54
CA GLU AA 78 60.68 -16.76 -53.44
C GLU AA 78 59.53 -16.23 -52.62
N ARG AA 79 58.31 -16.52 -53.06
CA ARG AA 79 57.11 -16.08 -52.37
C ARG AA 79 56.50 -17.23 -51.59
N LEU AA 80 56.00 -16.93 -50.40
CA LEU AA 80 55.46 -17.94 -49.49
C LEU AA 80 53.97 -18.07 -49.74
N HIS AA 81 53.57 -19.22 -50.28
CA HIS AA 81 52.17 -19.47 -50.60
C HIS AA 81 51.47 -20.15 -49.42
N SER AA 82 51.24 -19.35 -48.39
CA SER AA 82 50.48 -19.80 -47.22
C SER AA 82 49.04 -19.26 -47.30
N GLN AA 83 48.18 -19.84 -46.48
CA GLN AA 83 46.77 -19.47 -46.46
C GLN AA 83 46.60 -18.26 -45.54
N GLY AA 84 46.20 -17.13 -46.11
CA GLY AA 84 45.99 -15.94 -45.33
C GLY AA 84 44.65 -15.93 -44.63
N ASN AA 85 44.41 -14.88 -43.87
CA ASN AA 85 43.14 -14.74 -43.15
C ASN AA 85 42.02 -14.40 -44.13
N LEU AA 86 40.79 -14.58 -43.65
CA LEU AA 86 39.60 -14.26 -44.42
C LEU AA 86 38.94 -13.01 -43.85
N SER AA 87 38.64 -12.05 -44.70
CA SER AA 87 37.91 -10.85 -44.31
C SER AA 87 36.58 -10.81 -45.05
N GLN AA 88 35.52 -10.54 -44.31
CA GLN AA 88 34.17 -10.59 -44.85
C GLN AA 88 33.79 -9.23 -45.42
N THR AA 89 33.39 -9.20 -46.69
CA THR AA 89 32.88 -7.99 -47.32
C THR AA 89 31.37 -8.01 -47.49
N ASN AA 90 30.71 -9.14 -47.23
CA ASN AA 90 29.27 -9.27 -47.31
C ASN AA 90 28.76 -9.01 -48.73
N ASN AA 91 29.68 -8.94 -49.69
CA ASN AA 91 29.28 -8.78 -51.08
C ASN AA 91 28.98 -10.15 -51.68
N SER AA 92 27.93 -10.22 -52.50
CA SER AA 92 27.50 -11.49 -53.06
C SER AA 92 28.44 -12.04 -54.11
N LYS AA 93 29.40 -11.25 -54.58
CA LYS AA 93 30.30 -11.67 -55.65
C LYS AA 93 31.76 -11.57 -55.23
N ASP AA 94 32.06 -11.99 -53.99
CA ASP AA 94 33.41 -12.15 -53.52
C ASP AA 94 33.64 -13.60 -53.13
N VAL AA 95 34.71 -14.19 -53.65
CA VAL AA 95 35.02 -15.60 -53.44
C VAL AA 95 36.42 -15.71 -52.87
N ALA AA 96 36.56 -16.44 -51.78
CA ALA AA 96 37.85 -16.70 -51.15
C ALA AA 96 38.16 -18.19 -51.25
N ILE AA 97 39.39 -18.49 -51.64
CA ILE AA 97 39.81 -19.87 -51.85
C ILE AA 97 40.33 -20.44 -50.54
N LYS AA 98 39.88 -21.65 -50.21
CA LYS AA 98 40.34 -22.38 -49.03
C LYS AA 98 41.22 -23.52 -49.51
N GLY AA 99 42.54 -23.37 -49.36
CA GLY AA 99 43.50 -24.34 -49.84
C GLY AA 99 44.42 -23.74 -50.90
N GLN AA 100 44.49 -24.40 -52.05
CA GLN AA 100 45.37 -23.99 -53.14
C GLN AA 100 44.58 -23.95 -54.44
N GLY AA 101 45.01 -23.08 -55.35
CA GLY AA 101 44.37 -22.93 -56.65
C GLY AA 101 44.29 -21.47 -57.06
N PHE AA 102 44.10 -21.26 -58.36
CA PHE AA 102 44.00 -19.91 -58.91
C PHE AA 102 42.89 -19.86 -59.94
N PHE AA 103 42.17 -18.74 -59.95
CA PHE AA 103 41.25 -18.46 -61.05
C PHE AA 103 42.04 -18.08 -62.30
N GLN AA 104 41.43 -18.31 -63.46
CA GLN AA 104 42.06 -18.03 -64.74
C GLN AA 104 41.37 -16.85 -65.40
N VAL AA 105 42.16 -15.94 -65.96
CA VAL AA 105 41.69 -14.68 -66.52
C VAL AA 105 42.26 -14.54 -67.92
N MET AA 106 41.45 -14.08 -68.86
CA MET AA 106 41.89 -13.89 -70.23
C MET AA 106 42.42 -12.46 -70.42
N LEU AA 107 43.72 -12.35 -70.69
CA LEU AA 107 44.34 -11.06 -70.94
C LEU AA 107 43.91 -10.52 -72.30
N PRO AA 108 44.04 -9.21 -72.53
CA PRO AA 108 43.63 -8.64 -73.83
C PRO AA 108 44.37 -9.22 -75.01
N ASP AA 109 45.65 -9.57 -74.87
CA ASP AA 109 46.44 -10.10 -75.97
C ASP AA 109 46.29 -11.60 -76.14
N GLY AA 110 45.19 -12.17 -75.68
CA GLY AA 110 44.88 -13.58 -75.88
C GLY AA 110 45.36 -14.51 -74.78
N THR AA 111 46.51 -14.22 -74.19
CA THR AA 111 47.09 -15.12 -73.21
C THR AA 111 46.22 -15.16 -71.94
N SER AA 112 46.52 -16.13 -71.09
CA SER AA 112 45.79 -16.35 -69.85
C SER AA 112 46.72 -16.16 -68.67
N ALA AA 113 46.21 -15.52 -67.63
CA ALA AA 113 46.95 -15.28 -66.39
C ALA AA 113 46.16 -15.81 -65.22
N TYR AA 114 46.86 -16.19 -64.16
CA TYR AA 114 46.24 -16.83 -63.01
C TYR AA 114 46.31 -15.93 -61.80
N THR AA 115 45.18 -15.74 -61.14
CA THR AA 115 45.09 -14.84 -60.00
C THR AA 115 44.36 -15.53 -58.85
N ARG AA 116 44.78 -15.21 -57.63
CA ARG AA 116 44.14 -15.72 -56.44
C ARG AA 116 43.22 -14.71 -55.77
N ASP AA 117 43.20 -13.47 -56.23
CA ASP AA 117 42.39 -12.42 -55.61
C ASP AA 117 40.97 -12.50 -56.14
N GLY AA 118 40.02 -12.81 -55.25
CA GLY AA 118 38.63 -12.90 -55.64
C GLY AA 118 37.83 -11.64 -55.39
N SER AA 119 37.67 -10.82 -56.43
CA SER AA 119 36.82 -9.64 -56.35
C SER AA 119 36.22 -9.44 -57.74
N PHE AA 120 35.02 -9.96 -57.93
CA PHE AA 120 34.40 -10.03 -59.25
C PHE AA 120 33.24 -9.05 -59.34
N GLN AA 121 33.05 -8.49 -60.52
CA GLN AA 121 31.95 -7.58 -60.79
C GLN AA 121 31.30 -7.96 -62.12
N VAL AA 122 30.03 -7.62 -62.25
CA VAL AA 122 29.27 -7.92 -63.46
C VAL AA 122 29.47 -6.77 -64.45
N ASP AA 123 29.77 -7.12 -65.69
CA ASP AA 123 29.97 -6.13 -66.74
C ASP AA 123 28.62 -5.66 -67.27
N GLN AA 124 28.65 -4.85 -68.32
CA GLN AA 124 27.41 -4.41 -68.95
C GLN AA 124 26.71 -5.55 -69.66
N ASN AA 125 27.46 -6.48 -70.27
CA ASN AA 125 26.88 -7.62 -70.95
C ASN AA 125 26.52 -8.75 -69.99
N GLY AA 126 26.86 -8.62 -68.72
CA GLY AA 126 26.56 -9.63 -67.73
C GLY AA 126 27.73 -10.54 -67.40
N GLN AA 127 28.77 -10.55 -68.22
CA GLN AA 127 29.90 -11.44 -67.98
C GLN AA 127 30.63 -11.06 -66.70
N LEU AA 128 31.02 -12.08 -65.94
CA LEU AA 128 31.76 -11.86 -64.71
C LEU AA 128 33.19 -11.48 -65.03
N VAL AA 129 33.64 -10.32 -64.51
CA VAL AA 129 34.98 -9.82 -64.79
C VAL AA 129 35.66 -9.49 -63.47
N THR AA 130 36.98 -9.37 -63.53
CA THR AA 130 37.73 -8.94 -62.36
C THR AA 130 37.76 -7.42 -62.28
N ALA AA 131 38.08 -6.91 -61.10
CA ALA AA 131 38.17 -5.47 -60.89
C ALA AA 131 39.30 -4.91 -61.73
N GLY AA 132 38.96 -4.29 -62.85
CA GLY AA 132 39.94 -3.84 -63.81
C GLY AA 132 39.51 -4.12 -65.23
N GLY AA 133 38.47 -4.93 -65.39
CA GLY AA 133 37.86 -5.19 -66.67
C GLY AA 133 38.22 -6.52 -67.29
N PHE AA 134 39.32 -7.14 -66.87
CA PHE AA 134 39.70 -8.43 -67.42
C PHE AA 134 38.67 -9.48 -67.00
N GLN AA 135 38.27 -10.31 -67.95
CA GLN AA 135 37.17 -11.24 -67.72
C GLN AA 135 37.70 -12.63 -67.36
N VAL AA 136 36.89 -13.35 -66.60
CA VAL AA 136 37.24 -14.68 -66.11
C VAL AA 136 37.13 -15.67 -67.25
N GLN AA 137 38.11 -16.58 -67.34
CA GLN AA 137 38.22 -17.44 -68.51
C GLN AA 137 37.04 -18.39 -68.71
N PRO AA 138 36.57 -19.12 -67.69
CA PRO AA 138 35.46 -20.07 -67.94
C PRO AA 138 34.19 -19.41 -68.46
N ALA AA 139 34.13 -18.08 -68.52
CA ALA AA 139 33.05 -17.34 -69.18
C ALA AA 139 31.70 -17.61 -68.52
N ILE AA 140 31.59 -17.19 -67.26
CA ILE AA 140 30.33 -17.27 -66.54
C ILE AA 140 29.54 -15.99 -66.78
N THR AA 141 28.29 -16.15 -67.23
CA THR AA 141 27.41 -15.03 -67.51
C THR AA 141 26.24 -15.01 -66.53
N ILE AA 142 25.77 -13.81 -66.21
CA ILE AA 142 24.67 -13.64 -65.27
C ILE AA 142 23.48 -13.01 -65.98
N PRO AA 143 22.33 -13.66 -66.00
CA PRO AA 143 21.14 -13.05 -66.60
C PRO AA 143 20.67 -11.85 -65.78
N ALA AA 144 19.98 -10.95 -66.47
CA ALA AA 144 19.42 -9.79 -65.80
C ALA AA 144 18.25 -10.21 -64.91
N ASN AA 145 17.59 -9.22 -64.31
CA ASN AA 145 16.46 -9.41 -63.41
C ASN AA 145 16.69 -10.57 -62.43
N ALA AA 146 17.89 -10.63 -61.86
CA ALA AA 146 18.26 -11.71 -60.97
C ALA AA 146 18.02 -11.29 -59.52
N LEU AA 147 17.25 -12.09 -58.78
CA LEU AA 147 16.98 -11.76 -57.39
C LEU AA 147 18.24 -11.82 -56.55
N SER AA 148 18.97 -12.94 -56.63
CA SER AA 148 20.20 -13.08 -55.85
C SER AA 148 21.06 -14.16 -56.46
N ILE AA 149 22.37 -13.95 -56.42
CA ILE AA 149 23.34 -14.85 -57.02
C ILE AA 149 24.02 -15.63 -55.90
N THR AA 150 24.13 -16.95 -56.06
CA THR AA 150 24.80 -17.79 -55.08
C THR AA 150 25.89 -18.59 -55.77
N ILE AA 151 26.96 -18.89 -55.04
CA ILE AA 151 28.08 -19.66 -55.54
C ILE AA 151 28.34 -20.81 -54.57
N GLY AA 152 28.36 -22.02 -55.10
CA GLY AA 152 28.49 -23.20 -54.27
C GLY AA 152 29.90 -23.37 -53.74
N ARG AA 153 30.03 -24.34 -52.83
CA ARG AA 153 31.33 -24.65 -52.25
C ARG AA 153 32.25 -25.36 -53.22
N ASP AA 154 31.72 -25.95 -54.29
CA ASP AA 154 32.54 -26.59 -55.32
C ASP AA 154 32.43 -25.85 -56.64
N GLY AA 155 32.27 -24.53 -56.59
CA GLY AA 155 32.33 -23.73 -57.79
C GLY AA 155 31.21 -23.93 -58.79
N VAL AA 156 29.98 -24.09 -58.30
CA VAL AA 156 28.79 -24.05 -59.15
C VAL AA 156 28.03 -22.79 -58.81
N VAL AA 157 27.82 -21.92 -59.79
CA VAL AA 157 27.17 -20.63 -59.56
C VAL AA 157 25.75 -20.72 -60.10
N SER AA 158 24.78 -20.40 -59.26
CA SER AA 158 23.39 -20.45 -59.62
C SER AA 158 22.70 -19.15 -59.22
N VAL AA 159 21.51 -18.94 -59.78
CA VAL AA 159 20.76 -17.72 -59.56
C VAL AA 159 19.30 -18.08 -59.35
N THR AA 160 18.56 -17.17 -58.73
CA THR AA 160 17.15 -17.34 -58.48
C THR AA 160 16.34 -16.29 -59.24
N GLN AA 161 15.29 -16.74 -59.91
CA GLN AA 161 14.45 -15.86 -60.72
C GLN AA 161 13.24 -15.42 -59.90
N GLN AA 162 12.26 -14.81 -60.57
CA GLN AA 162 11.07 -14.34 -59.89
C GLN AA 162 10.28 -15.48 -59.26
N GLY AA 163 10.15 -16.59 -59.97
CA GLY AA 163 9.40 -17.72 -59.44
C GLY AA 163 10.10 -19.05 -59.58
N GLN AA 164 9.32 -20.09 -59.86
CA GLN AA 164 9.78 -21.46 -60.14
C GLN AA 164 10.29 -22.14 -58.88
N ALA AA 165 10.42 -21.40 -57.78
CA ALA AA 165 10.74 -21.96 -56.46
C ALA AA 165 11.98 -22.86 -56.50
N ALA AA 166 12.89 -22.62 -57.46
CA ALA AA 166 14.07 -23.46 -57.57
C ALA AA 166 15.14 -22.71 -58.32
N PRO AA 167 16.35 -22.62 -57.79
CA PRO AA 167 17.42 -21.90 -58.49
C PRO AA 167 17.82 -22.60 -59.77
N VAL AA 168 18.34 -21.82 -60.71
CA VAL AA 168 18.78 -22.32 -62.01
C VAL AA 168 20.28 -22.08 -62.11
N GLN AA 169 21.02 -23.12 -62.47
CA GLN AA 169 22.46 -22.98 -62.64
C GLN AA 169 22.78 -22.14 -63.86
N VAL AA 170 23.83 -21.33 -63.75
CA VAL AA 170 24.29 -20.50 -64.85
C VAL AA 170 25.72 -20.79 -65.25
N GLY AA 171 26.46 -21.58 -64.47
CA GLY AA 171 27.80 -21.93 -64.87
C GLY AA 171 28.56 -22.64 -63.77
N GLN AA 172 29.75 -23.09 -64.16
CA GLN AA 172 30.68 -23.79 -63.28
C GLN AA 172 31.92 -22.93 -63.11
N LEU AA 173 32.44 -22.88 -61.89
CA LEU AA 173 33.59 -22.05 -61.56
C LEU AA 173 34.73 -22.98 -61.12
N ASN AA 174 35.45 -23.52 -62.10
CA ASN AA 174 36.60 -24.36 -61.81
C ASN AA 174 37.84 -23.50 -61.61
N LEU AA 175 38.95 -24.13 -61.23
CA LEU AA 175 40.19 -23.41 -61.02
C LEU AA 175 41.36 -24.29 -61.38
N THR AA 176 42.49 -23.67 -61.68
CA THR AA 176 43.68 -24.36 -62.13
C THR AA 176 44.64 -24.57 -60.97
N THR AA 177 45.56 -25.51 -61.15
CA THR AA 177 46.60 -25.80 -60.17
C THR AA 177 47.90 -26.08 -60.89
N PHE AA 178 49.01 -25.82 -60.19
CA PHE AA 178 50.35 -26.06 -60.67
C PHE AA 178 51.10 -26.96 -59.70
N MET AA 179 52.13 -27.64 -60.20
CA MET AA 179 52.89 -28.54 -59.34
C MET AA 179 53.85 -27.78 -58.43
N ASN AA 180 54.43 -26.67 -58.89
CA ASN AA 180 55.35 -25.87 -58.10
C ASN AA 180 54.94 -24.41 -58.26
N ASP AA 181 54.01 -23.97 -57.40
CA ASP AA 181 53.42 -22.64 -57.55
C ASP AA 181 54.38 -21.53 -57.17
N THR AA 182 55.52 -21.84 -56.55
CA THR AA 182 56.48 -20.79 -56.24
C THR AA 182 57.07 -20.18 -57.49
N GLY AA 183 57.31 -20.99 -58.52
CA GLY AA 183 57.93 -20.51 -59.73
C GLY AA 183 56.96 -19.98 -60.78
N LEU AA 184 56.17 -18.97 -60.41
CA LEU AA 184 55.30 -18.28 -61.35
C LEU AA 184 55.74 -16.84 -61.48
N GLU AA 185 55.88 -16.36 -62.71
CA GLU AA 185 56.34 -14.99 -62.91
C GLU AA 185 55.16 -14.05 -62.71
N SER AA 186 55.34 -13.07 -61.84
CA SER AA 186 54.25 -12.22 -61.37
C SER AA 186 54.25 -10.90 -62.11
N ILE AA 187 53.07 -10.47 -62.56
CA ILE AA 187 52.87 -9.15 -63.15
C ILE AA 187 51.73 -8.47 -62.40
N GLY AA 188 51.61 -7.16 -62.64
CA GLY AA 188 50.66 -6.33 -61.91
C GLY AA 188 49.23 -6.79 -62.09
N GLU AA 189 48.33 -6.07 -61.40
CA GLU AA 189 46.93 -6.46 -61.26
C GLU AA 189 46.79 -7.82 -60.59
N ASN AA 190 47.71 -8.15 -59.69
CA ASN AA 190 47.70 -9.41 -58.95
C ASN AA 190 47.64 -10.59 -59.90
N LEU AA 191 48.44 -10.54 -60.97
CA LEU AA 191 48.41 -11.58 -61.98
C LEU AA 191 49.69 -12.40 -61.92
N TYR AA 192 49.55 -13.69 -62.17
CA TYR AA 192 50.69 -14.60 -62.27
C TYR AA 192 50.59 -15.37 -63.57
N ILE AA 193 51.72 -15.59 -64.22
CA ILE AA 193 51.76 -16.42 -65.43
C ILE AA 193 52.77 -17.54 -65.23
N GLU AA 194 52.45 -18.69 -65.80
CA GLU AA 194 53.28 -19.87 -65.67
C GLU AA 194 54.47 -19.78 -66.60
N THR AA 195 55.60 -20.30 -66.13
CA THR AA 195 56.83 -20.37 -66.89
C THR AA 195 57.36 -21.80 -66.82
N GLN AA 196 58.58 -21.98 -67.32
CA GLN AA 196 59.23 -23.29 -67.23
C GLN AA 196 59.49 -23.69 -65.80
N SER AA 197 59.57 -22.73 -64.87
CA SER AA 197 59.83 -23.05 -63.47
C SER AA 197 58.70 -23.87 -62.87
N SER AA 198 57.46 -23.52 -63.16
CA SER AA 198 56.31 -24.26 -62.68
C SER AA 198 55.80 -25.19 -63.77
N GLY AA 199 55.06 -26.22 -63.35
CA GLY AA 199 54.54 -27.19 -64.28
C GLY AA 199 53.38 -26.66 -65.09
N ALA AA 200 52.97 -27.45 -66.06
CA ALA AA 200 51.81 -27.10 -66.87
C ALA AA 200 50.56 -27.14 -66.01
N PRO AA 201 49.69 -26.14 -66.12
CA PRO AA 201 48.50 -26.09 -65.27
C PRO AA 201 47.55 -27.24 -65.57
N ASN AA 202 46.84 -27.68 -64.54
CA ASN AA 202 45.73 -28.60 -64.71
C ASN AA 202 44.50 -28.03 -64.03
N GLU AA 203 43.39 -28.00 -64.78
CA GLU AA 203 42.15 -27.40 -64.30
C GLU AA 203 41.28 -28.46 -63.65
N SER AA 204 40.57 -28.07 -62.60
CA SER AA 204 39.66 -29.00 -61.96
C SER AA 204 38.60 -28.22 -61.20
N THR AA 205 37.48 -28.88 -60.95
CA THR AA 205 36.45 -28.32 -60.09
C THR AA 205 36.96 -28.27 -58.65
N PRO AA 206 36.52 -27.30 -57.86
CA PRO AA 206 36.98 -27.20 -56.48
C PRO AA 206 36.60 -28.44 -55.68
N GLY AA 207 37.47 -28.82 -54.74
CA GLY AA 207 37.25 -29.98 -53.91
C GLY AA 207 37.80 -31.28 -54.44
N LEU AA 208 38.36 -31.28 -55.65
CA LEU AA 208 38.90 -32.49 -56.26
C LEU AA 208 40.33 -32.25 -56.66
N ASN AA 209 41.10 -33.34 -56.73
CA ASN AA 209 42.51 -33.29 -57.12
C ASN AA 209 43.31 -32.35 -56.23
N GLY AA 210 42.98 -32.32 -54.94
CA GLY AA 210 43.69 -31.49 -54.00
C GLY AA 210 43.56 -30.00 -54.26
N ALA AA 211 42.36 -29.53 -54.58
CA ALA AA 211 42.10 -28.12 -54.80
C ALA AA 211 41.17 -27.61 -53.70
N GLY AA 212 41.40 -26.36 -53.28
CA GLY AA 212 40.64 -25.82 -52.18
C GLY AA 212 39.20 -25.53 -52.55
N LEU AA 213 38.38 -25.34 -51.52
CA LEU AA 213 36.97 -25.01 -51.69
C LEU AA 213 36.82 -23.49 -51.86
N LEU AA 214 35.58 -23.04 -51.98
CA LEU AA 214 35.28 -21.63 -52.17
C LEU AA 214 34.33 -21.16 -51.09
N TYR AA 215 34.59 -19.97 -50.55
CA TYR AA 215 33.67 -19.30 -49.64
C TYR AA 215 33.15 -18.02 -50.29
N GLN AA 216 31.85 -17.82 -50.24
CA GLN AA 216 31.23 -16.65 -50.84
C GLN AA 216 31.09 -15.55 -49.81
N GLY AA 217 31.32 -14.31 -50.25
CA GLY AA 217 31.23 -13.16 -49.37
C GLY AA 217 32.49 -12.86 -48.59
N TYR AA 218 33.58 -13.58 -48.84
CA TYR AA 218 34.84 -13.37 -48.13
C TYR AA 218 35.96 -13.22 -49.14
N VAL AA 219 37.01 -12.50 -48.74
CA VAL AA 219 38.20 -12.34 -49.56
C VAL AA 219 39.42 -12.67 -48.70
N GLU AA 220 40.47 -13.11 -49.36
CA GLU AA 220 41.69 -13.54 -48.67
C GLU AA 220 42.65 -12.37 -48.58
N THR AA 221 43.02 -12.01 -47.36
CA THR AA 221 43.96 -10.93 -47.14
C THR AA 221 45.40 -11.41 -47.32
N SER AA 222 46.30 -10.47 -47.53
CA SER AA 222 47.70 -10.80 -47.75
C SER AA 222 48.31 -11.37 -46.47
N ASN AA 223 49.22 -12.33 -46.64
CA ASN AA 223 49.91 -12.95 -45.51
C ASN AA 223 51.27 -12.27 -45.32
N VAL AA 224 51.20 -11.02 -44.87
CA VAL AA 224 52.39 -10.23 -44.56
C VAL AA 224 52.50 -10.11 -43.04
N ASN AA 225 53.69 -10.39 -42.52
CA ASN AA 225 53.95 -10.36 -41.08
C ASN AA 225 54.90 -9.20 -40.80
N VAL AA 226 54.36 -8.09 -40.32
CA VAL AA 226 55.16 -6.87 -40.13
C VAL AA 226 56.17 -7.05 -39.02
N ALA AA 227 55.91 -7.94 -38.07
CA ALA AA 227 56.79 -8.10 -36.91
C ALA AA 227 58.20 -8.49 -37.31
N GLU AA 228 58.32 -9.34 -38.35
CA GLU AA 228 59.63 -9.68 -38.88
C GLU AA 228 60.09 -8.71 -39.96
N GLU AA 229 59.17 -8.02 -40.61
CA GLU AA 229 59.57 -7.01 -41.60
C GLU AA 229 60.35 -5.89 -40.95
N LEU AA 230 59.91 -5.44 -39.77
CA LEU AA 230 60.66 -4.39 -39.07
C LEU AA 230 62.07 -4.87 -38.71
N VAL AA 231 62.19 -6.11 -38.24
CA VAL AA 231 63.50 -6.64 -37.88
C VAL AA 231 64.40 -6.73 -39.11
N ASN AA 232 63.86 -7.20 -40.23
CA ASN AA 232 64.65 -7.28 -41.44
C ASN AA 232 65.08 -5.89 -41.91
N MET AA 233 64.20 -4.90 -41.77
CA MET AA 233 64.55 -3.53 -42.12
C MET AA 233 65.70 -3.02 -41.27
N ILE AA 234 65.65 -3.29 -39.96
CA ILE AA 234 66.73 -2.84 -39.07
C ILE AA 234 68.05 -3.50 -39.47
N GLN AA 235 68.01 -4.80 -39.72
CA GLN AA 235 69.22 -5.51 -40.10
C GLN AA 235 69.78 -4.98 -41.41
N VAL AA 236 68.91 -4.69 -42.38
CA VAL AA 236 69.35 -4.15 -43.65
C VAL AA 236 70.04 -2.80 -43.44
N GLN AA 237 69.45 -1.95 -42.61
CA GLN AA 237 70.06 -0.65 -42.35
C GLN AA 237 71.44 -0.80 -41.72
N ARG AA 238 71.56 -1.69 -40.74
CA ARG AA 238 72.86 -1.84 -40.08
C ARG AA 238 73.90 -2.41 -41.03
N ALA AA 239 73.54 -3.38 -41.86
CA ALA AA 239 74.49 -3.95 -42.81
C ALA AA 239 74.92 -2.90 -43.83
N TYR AA 240 73.97 -2.08 -44.29
CA TYR AA 240 74.31 -1.01 -45.22
C TYR AA 240 75.30 -0.04 -44.61
N GLU AA 241 75.09 0.32 -43.34
CA GLU AA 241 76.02 1.23 -42.66
C GLU AA 241 77.39 0.60 -42.52
N ILE AA 242 77.46 -0.71 -42.22
CA ILE AA 242 78.74 -1.38 -42.09
C ILE AA 242 79.49 -1.37 -43.41
N ASN AA 243 78.80 -1.66 -44.51
CA ASN AA 243 79.46 -1.64 -45.81
C ASN AA 243 79.94 -0.22 -46.16
N SER AA 244 79.14 0.79 -45.81
CA SER AA 244 79.59 2.17 -46.01
C SER AA 244 80.88 2.43 -45.23
N LYS AA 245 80.96 1.92 -44.00
CA LYS AA 245 82.18 2.07 -43.22
C LYS AA 245 83.36 1.42 -43.91
N ALA AA 246 83.15 0.23 -44.49
CA ALA AA 246 84.23 -0.44 -45.20
C ALA AA 246 84.70 0.38 -46.40
N VAL AA 247 83.76 0.97 -47.13
CA VAL AA 247 84.11 1.82 -48.26
C VAL AA 247 84.95 3.01 -47.79
N SER AA 248 84.51 3.65 -46.70
CA SER AA 248 85.24 4.79 -46.19
C SER AA 248 86.66 4.41 -45.78
N THR AA 249 86.81 3.26 -45.12
CA THR AA 249 88.14 2.83 -44.68
C THR AA 249 89.07 2.58 -45.86
N THR AA 250 88.58 1.85 -46.87
CA THR AA 250 89.46 1.54 -47.99
C THR AA 250 89.78 2.79 -48.80
N ASP AA 251 88.82 3.71 -48.91
CA ASP AA 251 89.10 4.98 -49.58
C ASP AA 251 90.16 5.77 -48.84
N GLN AA 252 90.07 5.81 -47.50
CA GLN AA 252 91.05 6.55 -46.72
C GLN AA 252 92.45 5.95 -46.89
N MET AA 253 92.56 4.62 -46.84
CA MET AA 253 93.89 4.02 -46.98
C MET AA 253 94.43 4.21 -48.38
N LEU AA 254 93.56 4.17 -49.40
CA LEU AA 254 94.01 4.41 -50.77
C LEU AA 254 94.49 5.85 -50.94
N GLN AA 255 93.78 6.80 -50.32
CA GLN AA 255 94.22 8.19 -50.35
C GLN AA 255 95.57 8.36 -49.68
N LYS AA 256 95.78 7.67 -48.55
CA LYS AA 256 97.08 7.71 -47.90
C LYS AA 256 98.16 7.13 -48.83
N LEU AA 257 97.85 6.05 -49.54
CA LEU AA 257 98.79 5.49 -50.49
C LEU AA 257 99.17 6.50 -51.57
N THR AA 258 98.18 7.17 -52.13
CA THR AA 258 98.43 8.09 -53.23
C THR AA 258 98.90 9.46 -52.75
N GLN AA 259 98.99 9.68 -51.44
CA GLN AA 259 99.57 10.91 -50.93
C GLN AA 259 101.01 11.08 -51.38
N LEU AA 260 101.80 10.01 -51.32
CA LEU AA 260 103.19 10.06 -51.75
C LEU AA 260 103.31 9.91 -53.26
N ILE BA 2 85.63 24.26 -66.37
CA ILE BA 2 85.58 22.81 -66.49
C ILE BA 2 84.13 22.36 -66.66
N SER BA 3 83.94 21.32 -67.48
CA SER BA 3 82.60 20.85 -67.78
C SER BA 3 81.88 20.32 -66.55
N SER BA 4 82.60 19.62 -65.68
CA SER BA 4 81.98 19.00 -64.51
C SER BA 4 81.35 20.05 -63.60
N LEU BA 5 82.06 21.15 -63.36
CA LEU BA 5 81.50 22.20 -62.51
C LEU BA 5 80.26 22.82 -63.15
N TRP BA 6 80.32 23.09 -64.46
CA TRP BA 6 79.18 23.70 -65.13
C TRP BA 6 78.00 22.74 -65.27
N ILE BA 7 78.21 21.44 -65.11
CA ILE BA 7 77.11 20.48 -65.08
C ILE BA 7 76.49 20.39 -63.69
N ALA BA 8 77.35 20.28 -62.67
CA ALA BA 8 76.85 20.21 -61.31
C ALA BA 8 76.17 21.50 -60.90
N LYS BA 9 76.58 22.63 -61.47
CA LYS BA 9 75.88 23.88 -61.19
C LYS BA 9 74.44 23.84 -61.68
N THR BA 10 74.22 23.31 -62.89
CA THR BA 10 72.86 23.17 -63.38
C THR BA 10 72.08 22.18 -62.54
N GLY BA 11 72.72 21.11 -62.10
CA GLY BA 11 72.04 20.17 -61.20
C GLY BA 11 71.57 20.86 -59.93
N LEU BA 12 72.44 21.64 -59.31
CA LEU BA 12 72.08 22.35 -58.10
C LEU BA 12 70.95 23.36 -58.35
N ASP BA 13 71.02 24.08 -59.47
CA ASP BA 13 69.98 25.05 -59.78
C ASP BA 13 68.63 24.37 -59.96
N ALA BA 14 68.61 23.23 -60.66
CA ALA BA 14 67.36 22.50 -60.85
C ALA BA 14 66.80 22.03 -59.51
N GLN BA 15 67.66 21.50 -58.63
CA GLN BA 15 67.18 21.08 -57.32
C GLN BA 15 66.64 22.26 -56.52
N GLN BA 16 67.31 23.41 -56.62
CA GLN BA 16 66.84 24.58 -55.89
C GLN BA 16 65.47 25.04 -56.37
N THR BA 17 65.26 25.07 -57.68
CA THR BA 17 63.94 25.46 -58.19
C THR BA 17 62.88 24.44 -57.84
N ASN BA 18 63.24 23.15 -57.81
CA ASN BA 18 62.30 22.13 -57.37
C ASN BA 18 61.88 22.37 -55.92
N MET BA 19 62.85 22.64 -55.05
CA MET BA 19 62.52 22.96 -53.66
C MET BA 19 61.66 24.22 -53.58
N ASP BA 20 61.92 25.17 -54.48
CA ASP BA 20 61.14 26.41 -54.49
C ASP BA 20 59.68 26.13 -54.79
N VAL BA 21 59.41 25.34 -55.82
CA VAL BA 21 58.00 25.06 -56.14
C VAL BA 21 57.36 24.20 -55.05
N ILE BA 22 58.13 23.31 -54.42
CA ILE BA 22 57.57 22.54 -53.31
C ILE BA 22 57.17 23.46 -52.17
N ALA BA 23 58.02 24.43 -51.83
CA ALA BA 23 57.71 25.36 -50.76
C ALA BA 23 56.52 26.23 -51.12
N ASN BA 24 56.40 26.62 -52.39
CA ASN BA 24 55.24 27.39 -52.82
C ASN BA 24 53.96 26.58 -52.68
N ASN BA 25 54.01 25.29 -53.03
CA ASN BA 25 52.84 24.43 -52.84
C ASN BA 25 52.47 24.33 -51.37
N LEU BA 26 53.47 24.15 -50.50
CA LEU BA 26 53.17 24.01 -49.08
C LEU BA 26 52.67 25.31 -48.46
N ALA BA 27 53.08 26.45 -49.00
CA ALA BA 27 52.75 27.73 -48.37
C ALA BA 27 51.25 27.96 -48.35
N ASN BA 28 50.62 28.06 -49.51
CA ASN BA 28 49.20 28.36 -49.59
C ASN BA 28 48.37 27.08 -49.70
N VAL BA 29 48.43 26.28 -48.64
CA VAL BA 29 47.56 25.12 -48.53
C VAL BA 29 46.15 25.54 -48.10
N SER BA 30 46.03 26.69 -47.43
CA SER BA 30 44.74 27.19 -46.98
C SER BA 30 44.13 28.21 -47.93
N THR BA 31 44.79 28.52 -49.04
CA THR BA 31 44.19 29.42 -50.02
C THR BA 31 43.07 28.71 -50.76
N ASN BA 32 41.92 29.35 -50.84
CA ASN BA 32 40.77 28.74 -51.51
C ASN BA 32 40.98 28.72 -53.02
N GLY BA 33 40.69 27.57 -53.63
CA GLY BA 33 40.79 27.43 -55.06
C GLY BA 33 42.21 27.57 -55.58
N PHE BA 34 43.17 26.95 -54.92
CA PHE BA 34 44.55 26.93 -55.35
C PHE BA 34 44.89 25.59 -55.98
N LYS BA 35 45.56 25.62 -57.12
CA LYS BA 35 45.92 24.43 -57.86
C LYS BA 35 47.42 24.19 -57.73
N ARG BA 36 47.79 22.97 -57.33
CA ARG BA 36 49.18 22.64 -57.12
C ARG BA 36 49.96 22.67 -58.43
N GLN BA 37 51.27 22.90 -58.31
CA GLN BA 37 52.15 22.94 -59.45
C GLN BA 37 53.16 21.81 -59.36
N ARG BA 38 53.42 21.17 -60.50
CA ARG BA 38 54.45 20.15 -60.62
C ARG BA 38 55.50 20.66 -61.60
N ALA BA 39 56.77 20.55 -61.22
CA ALA BA 39 57.87 21.04 -62.04
C ALA BA 39 58.50 19.86 -62.78
N VAL BA 40 58.68 20.03 -64.10
CA VAL BA 40 59.22 18.99 -64.95
C VAL BA 40 60.48 19.52 -65.64
N PHE BA 41 61.53 18.72 -65.58
CA PHE BA 41 62.84 19.05 -66.13
C PHE BA 41 63.07 18.29 -67.43
N GLU BA 42 64.12 18.71 -68.15
CA GLU BA 42 64.54 18.03 -69.36
C GLU BA 42 66.06 18.07 -69.45
N ASP BA 43 66.63 17.05 -70.07
CA ASP BA 43 68.08 17.03 -70.28
C ASP BA 43 68.46 17.95 -71.42
N LEU BA 44 69.73 18.36 -71.43
CA LEU BA 44 70.21 19.34 -72.39
C LEU BA 44 70.76 18.63 -73.63
N LEU BA 45 71.41 19.39 -74.50
CA LEU BA 45 71.91 18.88 -75.77
C LEU BA 45 73.12 17.98 -75.51
N TYR BA 46 73.02 16.73 -75.95
CA TYR BA 46 74.13 15.80 -75.77
C TYR BA 46 75.20 16.02 -76.83
N GLN BA 47 76.44 16.13 -76.38
CA GLN BA 47 77.56 16.44 -77.27
C GLN BA 47 78.34 15.17 -77.56
N THR BA 48 78.37 14.77 -78.83
CA THR BA 48 79.13 13.60 -79.24
C THR BA 48 80.56 13.99 -79.59
N ILE BA 49 81.51 13.17 -79.14
CA ILE BA 49 82.91 13.44 -79.38
C ILE BA 49 83.45 12.45 -80.40
N ARG BA 50 83.26 11.16 -80.14
CA ARG BA 50 83.67 10.11 -81.05
C ARG BA 50 82.46 9.24 -81.39
N GLN BA 51 82.27 9.00 -82.69
CA GLN BA 51 81.13 8.20 -83.10
C GLN BA 51 81.41 6.71 -82.92
N PRO BA 52 80.38 5.90 -82.70
CA PRO BA 52 80.60 4.47 -82.54
C PRO BA 52 81.19 3.84 -83.78
N GLY BA 53 82.02 2.83 -83.59
CA GLY BA 53 82.62 2.08 -84.67
C GLY BA 53 81.71 1.01 -85.20
N ALA BA 54 82.25 0.16 -86.06
CA ALA BA 54 81.51 -0.94 -86.68
C ALA BA 54 82.06 -2.25 -86.15
N GLN BA 55 81.31 -2.89 -85.23
CA GLN BA 55 81.75 -4.16 -84.67
C GLN BA 55 81.70 -5.28 -85.70
N SER BA 56 80.71 -5.26 -86.58
CA SER BA 56 80.49 -6.26 -87.62
C SER BA 56 80.20 -7.65 -87.06
N SER BA 57 79.96 -7.75 -85.75
CA SER BA 57 79.54 -9.00 -85.10
C SER BA 57 80.58 -10.11 -85.26
N GLU BA 58 81.83 -9.74 -85.54
CA GLU BA 58 82.88 -10.75 -85.64
C GLU BA 58 83.23 -11.32 -84.28
N GLN BA 59 83.36 -10.47 -83.26
CA GLN BA 59 83.61 -10.91 -81.90
C GLN BA 59 82.76 -10.08 -80.95
N THR BA 60 82.46 -10.66 -79.79
CA THR BA 60 81.61 -10.00 -78.80
C THR BA 60 82.37 -8.83 -78.17
N THR BA 61 82.04 -7.62 -78.56
CA THR BA 61 82.63 -6.41 -78.01
C THR BA 61 81.52 -5.44 -77.64
N LEU BA 62 81.92 -4.21 -77.31
CA LEU BA 62 80.97 -3.16 -76.96
C LEU BA 62 81.31 -1.90 -77.73
N PRO BA 63 80.32 -1.06 -78.02
CA PRO BA 63 80.58 0.15 -78.81
C PRO BA 63 81.55 1.08 -78.12
N SER BA 64 82.31 1.82 -78.93
CA SER BA 64 83.36 2.71 -78.44
C SER BA 64 83.00 4.18 -78.58
N GLY BA 65 81.72 4.49 -78.76
CA GLY BA 65 81.32 5.87 -78.91
C GLY BA 65 81.48 6.66 -77.63
N LEU BA 66 81.46 7.98 -77.75
CA LEU BA 66 81.62 8.88 -76.61
C LEU BA 66 80.62 10.02 -76.73
N GLN BA 67 79.73 10.12 -75.75
CA GLN BA 67 78.80 11.24 -75.65
C GLN BA 67 78.85 11.80 -74.24
N ILE BA 68 78.84 13.13 -74.14
CA ILE BA 68 78.87 13.83 -72.86
C ILE BA 68 77.60 14.64 -72.73
N GLY BA 69 76.93 14.52 -71.59
CA GLY BA 69 75.78 15.33 -71.30
C GLY BA 69 76.17 16.76 -71.01
N THR BA 70 75.17 17.62 -70.94
CA THR BA 70 75.43 19.04 -70.72
C THR BA 70 74.81 19.50 -69.41
N GLY BA 71 73.80 18.79 -68.94
CA GLY BA 71 73.17 19.12 -67.68
C GLY BA 71 71.69 18.91 -67.76
N VAL BA 72 70.96 19.64 -66.92
CA VAL BA 72 69.51 19.58 -66.87
C VAL BA 72 68.98 20.98 -66.64
N ARG BA 73 67.81 21.28 -67.22
CA ARG BA 73 67.14 22.54 -67.01
C ARG BA 73 65.68 22.27 -66.67
N PRO BA 74 65.05 23.15 -65.88
CA PRO BA 74 63.60 23.05 -65.67
C PRO BA 74 62.88 23.48 -66.93
N VAL BA 75 62.09 22.57 -67.49
CA VAL BA 75 61.51 22.81 -68.81
C VAL BA 75 60.10 23.37 -68.67
N ALA BA 76 59.39 23.00 -67.61
CA ALA BA 76 58.02 23.49 -67.48
C ALA BA 76 57.53 23.36 -66.06
N THR BA 77 56.43 24.04 -65.78
CA THR BA 77 55.74 23.94 -64.50
C THR BA 77 54.25 23.92 -64.80
N GLU BA 78 53.59 22.80 -64.52
CA GLU BA 78 52.20 22.60 -64.91
C GLU BA 78 51.30 22.52 -63.69
N ARG BA 79 50.12 23.10 -63.80
CA ARG BA 79 49.14 23.11 -62.72
C ARG BA 79 48.15 21.97 -62.92
N LEU BA 80 47.92 21.21 -61.85
CA LEU BA 80 47.00 20.07 -61.90
C LEU BA 80 45.60 20.58 -61.60
N HIS BA 81 44.79 20.75 -62.65
CA HIS BA 81 43.41 21.24 -62.49
C HIS BA 81 42.50 20.13 -61.98
N SER BA 82 42.79 19.66 -60.77
CA SER BA 82 41.95 18.67 -60.12
C SER BA 82 40.75 19.35 -59.47
N GLN BA 83 39.97 18.57 -58.73
CA GLN BA 83 38.81 19.07 -58.03
C GLN BA 83 39.12 19.12 -56.55
N GLY BA 84 39.10 20.32 -55.97
CA GLY BA 84 39.31 20.48 -54.56
C GLY BA 84 38.08 20.14 -53.75
N ASN BA 85 38.29 19.94 -52.45
CA ASN BA 85 37.17 19.65 -51.57
C ASN BA 85 36.33 20.90 -51.34
N LEU BA 86 35.25 20.74 -50.59
CA LEU BA 86 34.34 21.84 -50.28
C LEU BA 86 34.36 22.10 -48.77
N SER BA 87 34.56 23.36 -48.40
CA SER BA 87 34.46 23.79 -47.03
C SER BA 87 33.20 24.63 -46.88
N GLN BA 88 32.43 24.36 -45.84
CA GLN BA 88 31.16 25.03 -45.60
C GLN BA 88 31.40 26.30 -44.81
N THR BA 89 31.16 27.45 -45.43
CA THR BA 89 31.31 28.73 -44.76
C THR BA 89 29.99 29.32 -44.27
N ASN BA 90 28.87 28.79 -44.76
CA ASN BA 90 27.52 29.24 -44.41
C ASN BA 90 27.28 30.70 -44.81
N ASN BA 91 28.21 31.33 -45.51
CA ASN BA 91 27.96 32.66 -46.04
C ASN BA 91 26.96 32.57 -47.19
N SER BA 92 26.28 33.68 -47.44
CA SER BA 92 25.25 33.72 -48.47
C SER BA 92 25.78 34.13 -49.84
N LYS BA 93 27.04 34.54 -49.93
CA LYS BA 93 27.61 35.01 -51.19
C LYS BA 93 28.93 34.32 -51.48
N ASP BA 94 29.00 33.03 -51.16
CA ASP BA 94 30.15 32.20 -51.48
C ASP BA 94 29.72 31.09 -52.44
N VAL BA 95 30.48 30.94 -53.51
CA VAL BA 95 30.14 30.02 -54.59
C VAL BA 95 31.29 29.05 -54.79
N ALA BA 96 30.96 27.76 -54.85
CA ALA BA 96 31.93 26.71 -55.15
C ALA BA 96 31.55 26.08 -56.48
N ILE BA 97 32.53 25.89 -57.35
CA ILE BA 97 32.29 25.36 -58.68
C ILE BA 97 32.49 23.86 -58.66
N LYS BA 98 31.49 23.13 -59.12
CA LYS BA 98 31.55 21.68 -59.29
C LYS BA 98 31.80 21.41 -60.76
N GLY BA 99 33.01 20.97 -61.09
CA GLY BA 99 33.38 20.77 -62.47
C GLY BA 99 34.46 21.75 -62.91
N GLN BA 100 34.40 22.19 -64.17
CA GLN BA 100 35.37 23.12 -64.73
C GLN BA 100 34.69 24.43 -65.07
N GLY BA 101 35.41 25.52 -64.86
CA GLY BA 101 34.89 26.84 -65.17
C GLY BA 101 35.67 27.92 -64.46
N PHE BA 102 35.45 29.15 -64.90
CA PHE BA 102 36.15 30.29 -64.33
C PHE BA 102 35.26 31.52 -64.39
N PHE BA 103 35.21 32.27 -63.29
CA PHE BA 103 34.57 33.58 -63.30
C PHE BA 103 35.45 34.59 -64.01
N GLN BA 104 34.81 35.62 -64.57
CA GLN BA 104 35.50 36.70 -65.24
C GLN BA 104 35.57 37.90 -64.31
N VAL BA 105 36.65 38.67 -64.41
CA VAL BA 105 36.88 39.83 -63.56
C VAL BA 105 37.49 40.92 -64.43
N MET BA 106 37.03 42.16 -64.24
CA MET BA 106 37.50 43.29 -65.03
C MET BA 106 38.64 43.97 -64.28
N LEU BA 107 39.86 43.88 -64.82
CA LEU BA 107 41.03 44.48 -64.21
C LEU BA 107 40.99 46.00 -64.36
N PRO BA 108 41.71 46.72 -63.48
CA PRO BA 108 41.77 48.18 -63.64
C PRO BA 108 42.32 48.62 -64.98
N ASP BA 109 43.25 47.84 -65.55
CA ASP BA 109 43.79 48.17 -66.87
C ASP BA 109 42.75 48.07 -67.97
N GLY BA 110 41.62 47.42 -67.69
CA GLY BA 110 40.58 47.18 -68.68
C GLY BA 110 40.56 45.76 -69.22
N THR BA 111 41.66 45.04 -69.11
CA THR BA 111 41.70 43.65 -69.55
C THR BA 111 40.90 42.78 -68.60
N SER BA 112 40.63 41.55 -69.04
CA SER BA 112 39.84 40.60 -68.28
C SER BA 112 40.74 39.52 -67.70
N ALA BA 113 40.61 39.26 -66.41
CA ALA BA 113 41.32 38.18 -65.74
C ALA BA 113 40.32 37.16 -65.23
N TYR BA 114 40.68 35.88 -65.32
CA TYR BA 114 39.75 34.81 -65.02
C TYR BA 114 40.21 34.05 -63.78
N THR BA 115 39.26 33.73 -62.90
CA THR BA 115 39.56 33.18 -61.59
C THR BA 115 38.70 31.97 -61.29
N ARG BA 116 39.08 31.26 -60.23
CA ARG BA 116 38.39 30.06 -59.76
C ARG BA 116 37.89 30.18 -58.33
N ASP BA 117 38.52 31.02 -57.51
CA ASP BA 117 38.14 31.15 -56.10
C ASP BA 117 36.78 31.82 -55.99
N GLY BA 118 35.88 31.21 -55.22
CA GLY BA 118 34.59 31.82 -54.96
C GLY BA 118 34.50 32.47 -53.60
N SER BA 119 34.67 33.81 -53.57
CA SER BA 119 34.50 34.58 -52.34
C SER BA 119 34.16 36.00 -52.78
N PHE BA 120 32.89 36.35 -52.71
CA PHE BA 120 32.39 37.58 -53.29
C PHE BA 120 31.77 38.47 -52.22
N GLN BA 121 31.80 39.77 -52.47
CA GLN BA 121 31.16 40.76 -51.61
C GLN BA 121 30.48 41.80 -52.50
N VAL BA 122 29.98 42.85 -51.86
CA VAL BA 122 29.31 43.95 -52.55
C VAL BA 122 29.92 45.26 -52.09
N ASP BA 123 30.06 46.22 -53.00
CA ASP BA 123 30.62 47.51 -52.67
C ASP BA 123 29.49 48.49 -52.34
N GLN BA 124 29.81 49.78 -52.26
CA GLN BA 124 28.85 50.77 -51.85
C GLN BA 124 27.73 50.99 -52.86
N ASN BA 125 27.86 50.47 -54.08
CA ASN BA 125 26.80 50.57 -55.08
C ASN BA 125 25.98 49.30 -55.21
N GLY BA 126 26.34 48.25 -54.49
CA GLY BA 126 25.65 46.97 -54.60
C GLY BA 126 26.22 46.04 -55.65
N GLN BA 127 27.20 46.50 -56.44
CA GLN BA 127 27.78 45.65 -57.46
C GLN BA 127 28.54 44.50 -56.83
N LEU BA 128 28.46 43.33 -57.46
CA LEU BA 128 29.15 42.16 -56.96
C LEU BA 128 30.62 42.21 -57.35
N VAL BA 129 31.50 42.13 -56.36
CA VAL BA 129 32.94 42.24 -56.57
C VAL BA 129 33.63 41.11 -55.83
N THR BA 130 34.91 40.89 -56.13
CA THR BA 130 35.70 39.95 -55.37
C THR BA 130 36.27 40.62 -54.13
N ALA BA 131 36.88 39.80 -53.27
CA ALA BA 131 37.53 40.32 -52.06
C ALA BA 131 38.83 40.98 -52.49
N GLY BA 132 38.80 42.31 -52.65
CA GLY BA 132 39.93 43.03 -53.17
C GLY BA 132 39.54 44.19 -54.05
N GLY BA 133 38.26 44.25 -54.42
CA GLY BA 133 37.69 45.38 -55.14
C GLY BA 133 37.38 45.14 -56.60
N PHE BA 134 37.95 44.09 -57.20
CA PHE BA 134 37.71 43.82 -58.62
C PHE BA 134 36.29 43.34 -58.86
N GLN BA 135 35.71 43.78 -59.96
CA GLN BA 135 34.31 43.50 -60.28
C GLN BA 135 34.19 42.29 -61.19
N VAL BA 136 33.14 41.50 -60.98
CA VAL BA 136 32.79 40.43 -61.89
C VAL BA 136 32.18 41.06 -63.15
N GLN BA 137 32.67 40.64 -64.31
CA GLN BA 137 32.33 41.33 -65.56
C GLN BA 137 30.83 41.36 -65.85
N PRO BA 138 30.06 40.29 -65.67
CA PRO BA 138 28.61 40.39 -65.88
C PRO BA 138 27.93 41.45 -65.02
N ALA BA 139 28.59 41.90 -63.94
CA ALA BA 139 28.14 43.03 -63.15
C ALA BA 139 26.74 42.80 -62.57
N ILE BA 140 26.65 41.80 -61.71
CA ILE BA 140 25.42 41.53 -60.97
C ILE BA 140 25.24 42.62 -59.91
N THR BA 141 24.07 43.27 -59.91
CA THR BA 141 23.79 44.36 -58.99
C THR BA 141 22.78 43.91 -57.96
N ILE BA 142 23.17 43.98 -56.68
CA ILE BA 142 22.31 43.59 -55.57
C ILE BA 142 21.75 44.85 -54.95
N PRO BA 143 20.44 45.07 -54.97
CA PRO BA 143 19.87 46.27 -54.38
C PRO BA 143 19.91 46.22 -52.86
N ALA BA 144 19.75 47.40 -52.26
CA ALA BA 144 19.64 47.49 -50.81
C ALA BA 144 18.28 46.95 -50.36
N ASN BA 145 18.03 47.07 -49.06
CA ASN BA 145 16.82 46.54 -48.41
C ASN BA 145 16.46 45.15 -48.90
N ALA BA 146 17.49 44.32 -49.12
CA ALA BA 146 17.31 42.97 -49.62
C ALA BA 146 17.27 42.01 -48.43
N LEU BA 147 16.21 41.22 -48.35
CA LEU BA 147 16.07 40.29 -47.23
C LEU BA 147 17.04 39.13 -47.34
N SER BA 148 17.19 38.56 -48.53
CA SER BA 148 18.05 37.39 -48.69
C SER BA 148 18.55 37.33 -50.13
N ILE BA 149 19.77 36.84 -50.30
CA ILE BA 149 20.38 36.67 -51.61
C ILE BA 149 20.56 35.18 -51.86
N THR BA 150 20.06 34.69 -52.99
CA THR BA 150 20.14 33.28 -53.34
C THR BA 150 20.90 33.13 -54.64
N ILE BA 151 21.86 32.21 -54.66
CA ILE BA 151 22.56 31.84 -55.88
C ILE BA 151 22.24 30.39 -56.18
N GLY BA 152 21.42 30.15 -57.19
CA GLY BA 152 20.93 28.82 -57.47
C GLY BA 152 21.97 27.93 -58.10
N ARG BA 153 21.53 26.74 -58.49
CA ARG BA 153 22.43 25.78 -59.12
C ARG BA 153 22.97 26.32 -60.44
N ASP BA 154 22.11 26.98 -61.21
CA ASP BA 154 22.56 27.66 -62.42
C ASP BA 154 23.08 29.04 -62.05
N GLY BA 155 23.36 29.88 -63.04
CA GLY BA 155 23.90 31.18 -62.77
C GLY BA 155 22.90 32.25 -62.39
N VAL BA 156 21.65 31.88 -62.15
CA VAL BA 156 20.62 32.86 -61.84
C VAL BA 156 20.76 33.29 -60.38
N VAL BA 157 20.84 34.60 -60.15
CA VAL BA 157 20.94 35.16 -58.81
C VAL BA 157 19.61 35.84 -58.51
N SER BA 158 18.99 35.47 -57.40
CA SER BA 158 17.68 35.96 -57.04
C SER BA 158 17.74 36.68 -55.70
N VAL BA 159 16.83 37.63 -55.53
CA VAL BA 159 16.71 38.38 -54.28
C VAL BA 159 15.24 38.47 -53.93
N THR BA 160 14.98 38.65 -52.64
CA THR BA 160 13.61 38.74 -52.13
C THR BA 160 13.40 40.08 -51.43
N GLN BA 161 12.19 40.60 -51.55
CA GLN BA 161 11.81 41.89 -50.99
C GLN BA 161 10.96 41.68 -49.74
N GLN BA 162 10.54 42.80 -49.14
CA GLN BA 162 9.79 42.73 -47.89
C GLN BA 162 8.41 42.10 -48.10
N GLY BA 163 7.58 42.72 -48.94
CA GLY BA 163 6.22 42.26 -49.09
C GLY BA 163 5.94 41.65 -50.45
N GLN BA 164 6.88 40.88 -50.97
CA GLN BA 164 6.72 40.20 -52.25
C GLN BA 164 6.71 38.70 -52.05
N ALA BA 165 5.67 38.03 -52.54
CA ALA BA 165 5.60 36.58 -52.45
C ALA BA 165 6.70 35.93 -53.30
N ALA BA 166 6.96 36.47 -54.48
CA ALA BA 166 7.89 35.85 -55.39
C ALA BA 166 9.20 36.63 -55.44
N PRO BA 167 10.33 35.94 -55.26
CA PRO BA 167 11.62 36.63 -55.37
C PRO BA 167 11.87 37.11 -56.79
N VAL BA 168 12.56 38.24 -56.90
CA VAL BA 168 12.85 38.84 -58.19
C VAL BA 168 14.32 38.61 -58.52
N GLN BA 169 14.58 38.20 -59.76
CA GLN BA 169 15.95 37.96 -60.17
C GLN BA 169 16.68 39.28 -60.39
N VAL BA 170 18.00 39.25 -60.23
CA VAL BA 170 18.80 40.45 -60.38
C VAL BA 170 19.82 40.24 -61.49
N GLY BA 171 19.95 39.02 -61.98
CA GLY BA 171 20.85 38.78 -63.09
C GLY BA 171 21.23 37.33 -63.19
N GLN BA 172 22.04 37.04 -64.22
CA GLN BA 172 22.59 35.72 -64.46
C GLN BA 172 24.10 35.76 -64.31
N LEU BA 173 24.66 34.76 -63.63
CA LEU BA 173 26.09 34.69 -63.35
C LEU BA 173 26.71 33.74 -64.36
N ASN BA 174 27.10 34.27 -65.51
CA ASN BA 174 27.77 33.48 -66.53
C ASN BA 174 29.17 33.10 -66.06
N LEU BA 175 29.79 32.16 -66.75
CA LEU BA 175 31.17 31.83 -66.46
C LEU BA 175 31.87 31.40 -67.74
N THR BA 176 33.20 31.50 -67.72
CA THR BA 176 34.03 31.21 -68.88
C THR BA 176 34.70 29.85 -68.71
N THR BA 177 34.87 29.16 -69.83
CA THR BA 177 35.58 27.89 -69.89
C THR BA 177 36.57 27.94 -71.04
N PHE BA 178 37.72 27.32 -70.83
CA PHE BA 178 38.81 27.29 -71.81
C PHE BA 178 38.98 25.86 -72.32
N MET BA 179 39.88 25.72 -73.30
CA MET BA 179 40.12 24.42 -73.90
C MET BA 179 41.24 23.64 -73.19
N ASN BA 180 42.40 24.27 -73.00
CA ASN BA 180 43.51 23.67 -72.26
C ASN BA 180 43.87 24.65 -71.15
N ASP BA 181 43.18 24.52 -70.02
CA ASP BA 181 43.34 25.49 -68.94
C ASP BA 181 44.73 25.45 -68.32
N THR BA 182 45.47 24.36 -68.53
CA THR BA 182 46.82 24.25 -67.98
C THR BA 182 47.73 25.36 -68.50
N GLY BA 183 47.45 25.88 -69.69
CA GLY BA 183 48.28 26.92 -70.28
C GLY BA 183 48.00 28.33 -69.81
N LEU BA 184 47.06 28.53 -68.90
CA LEU BA 184 46.76 29.88 -68.41
C LEU BA 184 47.97 30.45 -67.67
N GLU BA 185 48.19 31.75 -67.84
CA GLU BA 185 49.30 32.42 -67.18
C GLU BA 185 48.80 33.03 -65.88
N SER BA 186 49.32 32.53 -64.76
CA SER BA 186 48.91 33.00 -63.45
C SER BA 186 49.56 34.34 -63.14
N ILE BA 187 48.78 35.25 -62.57
CA ILE BA 187 49.31 36.52 -62.09
C ILE BA 187 49.07 36.58 -60.60
N GLY BA 188 49.48 37.67 -59.97
CA GLY BA 188 49.51 37.74 -58.52
C GLY BA 188 48.20 37.48 -57.80
N GLU BA 189 47.23 38.39 -57.93
CA GLU BA 189 46.08 38.41 -57.03
C GLU BA 189 45.10 37.27 -57.33
N ASN BA 190 45.64 36.06 -57.34
CA ASN BA 190 44.85 34.84 -57.49
C ASN BA 190 43.98 34.87 -58.74
N LEU BA 191 44.57 35.36 -59.83
CA LEU BA 191 43.87 35.46 -61.11
C LEU BA 191 44.73 34.84 -62.21
N TYR BA 192 44.07 34.44 -63.30
CA TYR BA 192 44.74 33.91 -64.47
C TYR BA 192 44.43 34.78 -65.68
N ILE BA 193 45.33 34.77 -66.66
CA ILE BA 193 45.11 35.47 -67.92
C ILE BA 193 45.33 34.48 -69.06
N GLU BA 194 44.66 34.75 -70.17
CA GLU BA 194 44.71 33.87 -71.32
C GLU BA 194 45.95 34.15 -72.17
N THR BA 195 46.54 33.09 -72.68
CA THR BA 195 47.71 33.19 -73.54
C THR BA 195 47.46 32.45 -74.84
N GLN BA 196 48.49 32.27 -75.66
CA GLN BA 196 48.33 31.43 -76.84
C GLN BA 196 48.25 29.95 -76.50
N SER BA 197 48.71 29.57 -75.30
CA SER BA 197 48.67 28.17 -74.89
C SER BA 197 47.26 27.71 -74.56
N SER BA 198 46.36 28.63 -74.23
CA SER BA 198 44.98 28.32 -73.94
C SER BA 198 44.10 29.03 -74.96
N GLY BA 199 43.01 28.38 -75.34
CA GLY BA 199 42.17 28.92 -76.39
C GLY BA 199 41.44 30.18 -75.96
N ALA BA 200 40.71 30.75 -76.91
CA ALA BA 200 39.87 31.89 -76.60
C ALA BA 200 38.79 31.46 -75.59
N PRO BA 201 38.44 32.32 -74.63
CA PRO BA 201 37.45 31.94 -73.64
C PRO BA 201 36.08 31.72 -74.26
N ASN BA 202 35.33 30.80 -73.67
CA ASN BA 202 33.96 30.52 -74.08
C ASN BA 202 33.03 30.84 -72.92
N GLU BA 203 32.13 31.80 -73.14
CA GLU BA 203 31.20 32.24 -72.11
C GLU BA 203 29.93 31.41 -72.18
N SER BA 204 29.49 30.92 -71.03
CA SER BA 204 28.28 30.10 -71.00
C SER BA 204 27.64 30.16 -69.62
N THR BA 205 26.35 29.90 -69.60
CA THR BA 205 25.63 29.73 -68.35
C THR BA 205 26.11 28.46 -67.66
N PRO BA 206 26.26 28.48 -66.34
CA PRO BA 206 26.70 27.26 -65.63
C PRO BA 206 25.78 26.09 -65.89
N GLY BA 207 26.36 24.91 -66.04
CA GLY BA 207 25.63 23.71 -66.35
C GLY BA 207 25.45 23.42 -67.83
N LEU BA 208 25.94 24.30 -68.70
CA LEU BA 208 25.79 24.13 -70.15
C LEU BA 208 27.15 24.17 -70.82
N ASN BA 209 27.25 23.48 -71.95
CA ASN BA 209 28.46 23.50 -72.77
C ASN BA 209 29.69 23.06 -71.99
N GLY BA 210 29.53 22.07 -71.12
CA GLY BA 210 30.64 21.58 -70.34
C GLY BA 210 30.97 22.40 -69.11
N ALA BA 211 30.19 23.43 -68.81
CA ALA BA 211 30.45 24.23 -67.62
C ALA BA 211 30.04 23.45 -66.36
N GLY BA 212 30.51 23.94 -65.22
CA GLY BA 212 30.22 23.32 -63.95
C GLY BA 212 28.91 23.79 -63.37
N LEU BA 213 28.67 23.38 -62.12
CA LEU BA 213 27.52 23.79 -61.35
C LEU BA 213 27.99 24.65 -60.18
N LEU BA 214 27.04 25.35 -59.55
CA LEU BA 214 27.36 26.28 -58.47
C LEU BA 214 26.73 25.79 -57.18
N TYR BA 215 27.54 25.75 -56.12
CA TYR BA 215 27.07 25.46 -54.78
C TYR BA 215 27.18 26.72 -53.94
N GLN BA 216 26.10 27.12 -53.31
CA GLN BA 216 26.07 28.35 -52.52
C GLN BA 216 26.49 28.08 -51.09
N GLY BA 217 27.27 28.99 -50.53
CA GLY BA 217 27.74 28.83 -49.17
C GLY BA 217 28.94 27.92 -49.00
N TYR BA 218 29.61 27.55 -50.07
CA TYR BA 218 30.74 26.63 -50.01
C TYR BA 218 31.92 27.20 -50.77
N VAL BA 219 33.12 26.85 -50.32
CA VAL BA 219 34.36 27.32 -50.93
C VAL BA 219 35.20 26.12 -51.31
N GLU BA 220 35.82 26.19 -52.49
CA GLU BA 220 36.65 25.11 -52.99
C GLU BA 220 38.05 25.21 -52.40
N THR BA 221 38.44 24.20 -51.63
CA THR BA 221 39.75 24.19 -51.00
C THR BA 221 40.83 23.79 -52.00
N SER BA 222 42.08 24.01 -51.61
CA SER BA 222 43.21 23.68 -52.47
C SER BA 222 43.38 22.18 -52.58
N ASN BA 223 44.04 21.76 -53.66
CA ASN BA 223 44.40 20.36 -53.87
C ASN BA 223 45.91 20.23 -53.71
N VAL BA 224 46.35 20.08 -52.46
CA VAL BA 224 47.76 19.87 -52.14
C VAL BA 224 47.86 18.62 -51.29
N ASN BA 225 48.70 17.67 -51.71
CA ASN BA 225 48.88 16.41 -51.02
C ASN BA 225 50.23 16.46 -50.29
N VAL BA 226 50.17 16.61 -48.97
CA VAL BA 226 51.38 16.80 -48.19
C VAL BA 226 52.26 15.56 -48.22
N ALA BA 227 51.65 14.37 -48.39
CA ALA BA 227 52.43 13.14 -48.43
C ALA BA 227 53.42 13.15 -49.59
N GLU BA 228 52.99 13.63 -50.75
CA GLU BA 228 53.89 13.78 -51.88
C GLU BA 228 54.97 14.82 -51.58
N GLU BA 229 54.60 15.91 -50.93
CA GLU BA 229 55.53 17.01 -50.71
C GLU BA 229 56.67 16.60 -49.78
N LEU BA 230 56.36 15.85 -48.72
CA LEU BA 230 57.41 15.45 -47.79
C LEU BA 230 58.45 14.57 -48.48
N VAL BA 231 58.00 13.60 -49.26
CA VAL BA 231 58.93 12.73 -49.99
C VAL BA 231 59.72 13.53 -51.02
N ASN BA 232 59.07 14.48 -51.68
CA ASN BA 232 59.78 15.31 -52.64
C ASN BA 232 60.87 16.13 -51.96
N MET BA 233 60.58 16.68 -50.77
CA MET BA 233 61.60 17.43 -50.04
C MET BA 233 62.78 16.54 -49.68
N ILE BA 234 62.50 15.32 -49.20
CA ILE BA 234 63.57 14.41 -48.85
C ILE BA 234 64.45 14.10 -50.05
N GLN BA 235 63.81 13.79 -51.18
CA GLN BA 235 64.58 13.45 -52.38
C GLN BA 235 65.38 14.65 -52.88
N VAL BA 236 64.79 15.84 -52.83
CA VAL BA 236 65.50 17.04 -53.26
C VAL BA 236 66.73 17.26 -52.40
N GLN BA 237 66.60 17.11 -51.08
CA GLN BA 237 67.74 17.28 -50.20
C GLN BA 237 68.84 16.27 -50.52
N ARG BA 238 68.48 15.01 -50.73
CA ARG BA 238 69.50 14.01 -51.00
C ARG BA 238 70.20 14.26 -52.34
N ALA BA 239 69.44 14.64 -53.36
CA ALA BA 239 70.05 14.94 -54.66
C ALA BA 239 70.98 16.14 -54.55
N TYR BA 240 70.58 17.16 -53.80
CA TYR BA 240 71.43 18.32 -53.59
C TYR BA 240 72.75 17.91 -52.94
N GLU BA 241 72.68 17.03 -51.93
CA GLU BA 241 73.89 16.59 -51.25
C GLU BA 241 74.79 15.78 -52.19
N ILE BA 242 74.20 14.94 -53.03
CA ILE BA 242 75.01 14.16 -53.97
C ILE BA 242 75.72 15.09 -54.96
N ASN BA 243 75.02 16.11 -55.45
CA ASN BA 243 75.66 17.03 -56.38
C ASN BA 243 76.76 17.84 -55.69
N SER BA 244 76.55 18.21 -54.43
CA SER BA 244 77.61 18.89 -53.69
C SER BA 244 78.83 18.00 -53.53
N LYS BA 245 78.61 16.70 -53.32
CA LYS BA 245 79.73 15.77 -53.24
C LYS BA 245 80.50 15.72 -54.56
N ALA BA 246 79.77 15.71 -55.68
CA ALA BA 246 80.43 15.71 -56.98
C ALA BA 246 81.27 16.97 -57.17
N VAL BA 247 80.72 18.13 -56.79
CA VAL BA 247 81.47 19.37 -56.89
C VAL BA 247 82.73 19.31 -56.04
N SER BA 248 82.62 18.78 -54.82
CA SER BA 248 83.78 18.70 -53.94
C SER BA 248 84.86 17.80 -54.52
N THR BA 249 84.46 16.66 -55.10
CA THR BA 249 85.45 15.77 -55.70
C THR BA 249 86.16 16.45 -56.87
N THR BA 250 85.40 17.13 -57.73
CA THR BA 250 86.03 17.83 -58.85
C THR BA 250 86.98 18.91 -58.35
N ASP BA 251 86.59 19.64 -57.30
CA ASP BA 251 87.47 20.67 -56.75
C ASP BA 251 88.76 20.07 -56.21
N GLN BA 252 88.66 18.95 -55.50
CA GLN BA 252 89.86 18.30 -54.97
C GLN BA 252 90.78 17.86 -56.11
N MET BA 253 90.20 17.27 -57.16
CA MET BA 253 91.01 16.82 -58.29
C MET BA 253 91.73 17.98 -58.95
N LEU BA 254 91.02 19.08 -59.20
CA LEU BA 254 91.65 20.24 -59.82
C LEU BA 254 92.73 20.84 -58.93
N GLN BA 255 92.46 20.92 -57.62
CA GLN BA 255 93.43 21.51 -56.70
C GLN BA 255 94.72 20.69 -56.69
N LYS BA 256 94.60 19.37 -56.60
CA LYS BA 256 95.79 18.54 -56.61
C LYS BA 256 96.50 18.61 -57.95
N LEU BA 257 95.75 18.69 -59.05
CA LEU BA 257 96.39 18.86 -60.36
C LEU BA 257 97.22 20.14 -60.39
N THR BA 258 96.69 21.22 -59.85
CA THR BA 258 97.44 22.47 -59.86
C THR BA 258 98.62 22.42 -58.91
N GLN BA 259 98.52 21.61 -57.85
CA GLN BA 259 99.65 21.48 -56.92
C GLN BA 259 100.88 20.88 -57.59
N LEU BA 260 100.69 20.19 -58.72
CA LEU BA 260 101.81 19.63 -59.46
C LEU BA 260 102.66 20.73 -60.08
N ILE CA 2 94.01 43.73 -50.61
CA ILE CA 2 93.09 43.23 -51.62
C ILE CA 2 91.66 43.66 -51.29
N SER CA 3 90.96 44.16 -52.31
CA SER CA 3 89.61 44.67 -52.11
C SER CA 3 88.66 43.57 -51.63
N SER CA 4 88.91 42.33 -52.03
CA SER CA 4 88.00 41.24 -51.66
C SER CA 4 87.95 41.06 -50.15
N LEU CA 5 89.10 41.11 -49.48
CA LEU CA 5 89.13 40.98 -48.04
C LEU CA 5 88.38 42.13 -47.37
N TRP CA 6 88.60 43.35 -47.85
CA TRP CA 6 87.96 44.51 -47.25
C TRP CA 6 86.48 44.60 -47.57
N ILE CA 7 86.00 43.84 -48.55
CA ILE CA 7 84.56 43.76 -48.81
C ILE CA 7 83.91 42.67 -47.98
N ALA CA 8 84.57 41.51 -47.89
CA ALA CA 8 84.04 40.44 -47.05
C ALA CA 8 84.05 40.83 -45.57
N LYS CA 9 85.00 41.68 -45.16
CA LYS CA 9 84.97 42.18 -43.79
C LYS CA 9 83.71 42.98 -43.53
N THR CA 10 83.34 43.87 -44.46
CA THR CA 10 82.11 44.62 -44.32
C THR CA 10 80.90 43.71 -44.31
N GLY CA 11 80.90 42.67 -45.15
CA GLY CA 11 79.80 41.72 -45.14
C GLY CA 11 79.64 41.03 -43.81
N LEU CA 12 80.76 40.57 -43.23
CA LEU CA 12 80.72 39.93 -41.93
C LEU CA 12 80.24 40.89 -40.85
N ASP CA 13 80.72 42.13 -40.89
CA ASP CA 13 80.28 43.12 -39.89
C ASP CA 13 78.79 43.38 -40.00
N ALA CA 14 78.26 43.49 -41.22
CA ALA CA 14 76.83 43.71 -41.40
C ALA CA 14 76.04 42.53 -40.86
N GLN CA 15 76.49 41.30 -41.14
CA GLN CA 15 75.79 40.14 -40.61
C GLN CA 15 75.83 40.12 -39.07
N GLN CA 16 76.98 40.48 -38.49
CA GLN CA 16 77.09 40.51 -37.04
C GLN CA 16 76.15 41.53 -36.43
N THR CA 17 76.07 42.73 -37.01
CA THR CA 17 75.17 43.75 -36.48
C THR CA 17 73.71 43.33 -36.63
N ASN CA 18 73.37 42.68 -37.75
CA ASN CA 18 72.01 42.18 -37.93
C ASN CA 18 71.68 41.14 -36.87
N MET CA 19 72.62 40.24 -36.59
CA MET CA 19 72.40 39.24 -35.55
C MET CA 19 72.24 39.91 -34.19
N ASP CA 20 73.01 40.97 -33.92
CA ASP CA 20 72.88 41.68 -32.66
C ASP CA 20 71.50 42.32 -32.52
N VAL CA 21 71.00 42.91 -33.60
CA VAL CA 21 69.66 43.50 -33.57
C VAL CA 21 68.61 42.43 -33.32
N ILE CA 22 68.73 41.29 -34.00
CA ILE CA 22 67.76 40.21 -33.80
C ILE CA 22 67.80 39.72 -32.35
N ALA CA 23 69.00 39.57 -31.80
CA ALA CA 23 69.13 39.13 -30.42
C ALA CA 23 68.53 40.14 -29.46
N ASN CA 24 68.71 41.43 -29.73
CA ASN CA 24 68.09 42.45 -28.91
C ASN CA 24 66.58 42.36 -28.94
N ASN CA 25 66.01 42.14 -30.13
CA ASN CA 25 64.56 42.00 -30.23
C ASN CA 25 64.08 40.77 -29.46
N LEU CA 26 64.81 39.66 -29.58
CA LEU CA 26 64.38 38.44 -28.91
C LEU CA 26 64.56 38.51 -27.41
N ALA CA 27 65.50 39.34 -26.94
CA ALA CA 27 65.79 39.39 -25.52
C ALA CA 27 64.62 39.94 -24.72
N ASN CA 28 64.10 41.11 -25.12
CA ASN CA 28 62.97 41.72 -24.43
C ASN CA 28 61.66 41.41 -25.15
N VAL CA 29 61.40 40.11 -25.30
CA VAL CA 29 60.14 39.65 -25.87
C VAL CA 29 58.98 39.80 -24.89
N SER CA 30 59.27 40.15 -23.63
CA SER CA 30 58.26 40.33 -22.61
C SER CA 30 58.19 41.75 -22.08
N THR CA 31 59.03 42.66 -22.59
CA THR CA 31 58.95 44.05 -22.17
C THR CA 31 57.64 44.66 -22.65
N ASN CA 32 56.96 45.37 -21.76
CA ASN CA 32 55.68 45.96 -22.10
C ASN CA 32 55.87 47.22 -22.92
N GLY CA 33 55.08 47.35 -23.98
CA GLY CA 33 55.15 48.50 -24.85
C GLY CA 33 56.46 48.61 -25.60
N PHE CA 34 56.94 47.49 -26.13
CA PHE CA 34 58.20 47.43 -26.85
C PHE CA 34 57.93 47.34 -28.35
N LYS CA 35 58.62 48.18 -29.11
CA LYS CA 35 58.50 48.19 -30.57
C LYS CA 35 59.75 47.54 -31.16
N ARG CA 36 59.54 46.51 -31.96
CA ARG CA 36 60.65 45.71 -32.47
C ARG CA 36 61.44 46.48 -33.51
N GLN CA 37 62.71 46.12 -33.65
CA GLN CA 37 63.60 46.76 -34.59
C GLN CA 37 63.65 46.00 -35.91
N ARG CA 38 64.02 46.72 -36.96
CA ARG CA 38 64.23 46.11 -38.27
C ARG CA 38 65.37 46.87 -38.94
N ALA CA 39 66.44 46.16 -39.28
CA ALA CA 39 67.65 46.76 -39.80
C ALA CA 39 67.66 46.68 -41.32
N VAL CA 40 67.91 47.81 -41.97
CA VAL CA 40 68.01 47.88 -43.43
C VAL CA 40 69.40 48.35 -43.80
N PHE CA 41 69.99 47.70 -44.79
CA PHE CA 41 71.33 47.94 -45.26
C PHE CA 41 71.29 48.73 -46.57
N GLU CA 42 72.48 49.09 -47.05
CA GLU CA 42 72.62 49.79 -48.31
C GLU CA 42 73.93 49.42 -48.95
N ASP CA 43 73.91 49.28 -50.28
CA ASP CA 43 75.13 49.04 -51.02
C ASP CA 43 75.94 50.32 -51.14
N LEU CA 44 77.26 50.18 -51.02
CA LEU CA 44 78.13 51.34 -51.14
C LEU CA 44 78.26 51.78 -52.59
N LEU CA 45 78.83 52.95 -52.78
CA LEU CA 45 79.00 53.50 -54.12
C LEU CA 45 79.96 52.65 -54.94
N TYR CA 46 79.66 52.49 -56.22
CA TYR CA 46 80.46 51.68 -57.13
C TYR CA 46 81.63 52.50 -57.67
N GLN CA 47 82.64 51.79 -58.18
CA GLN CA 47 83.78 52.40 -58.83
C GLN CA 47 83.93 51.79 -60.22
N THR CA 48 83.69 52.61 -61.25
CA THR CA 48 83.81 52.16 -62.62
C THR CA 48 85.25 52.30 -63.11
N ILE CA 49 85.69 51.35 -63.92
CA ILE CA 49 87.05 51.33 -64.44
C ILE CA 49 87.07 51.61 -65.94
N ARG CA 50 86.30 50.84 -66.72
CA ARG CA 50 86.23 51.00 -68.15
C ARG CA 50 84.80 51.33 -68.55
N GLN CA 51 84.62 52.39 -69.33
CA GLN CA 51 83.30 52.74 -69.82
C GLN CA 51 82.90 51.79 -70.95
N PRO CA 52 81.60 51.51 -71.09
CA PRO CA 52 81.16 50.63 -72.18
C PRO CA 52 81.45 51.24 -73.54
N GLY CA 53 81.69 50.37 -74.52
CA GLY CA 53 81.96 50.79 -75.88
C GLY CA 53 80.69 51.00 -76.69
N ALA CA 54 80.87 51.06 -78.01
CA ALA CA 54 79.73 51.26 -78.89
C ALA CA 54 78.81 50.04 -78.89
N GLN CA 55 77.51 50.30 -79.02
CA GLN CA 55 76.51 49.24 -79.02
C GLN CA 55 75.58 49.44 -80.22
N SER CA 56 74.82 48.37 -80.51
CA SER CA 56 73.86 48.35 -81.62
C SER CA 56 74.53 48.59 -82.96
N SER CA 57 75.81 48.24 -83.07
CA SER CA 57 76.55 48.35 -84.33
C SER CA 57 76.45 47.04 -85.10
N GLU CA 58 75.22 46.75 -85.54
CA GLU CA 58 74.84 45.56 -86.31
C GLU CA 58 75.47 44.28 -85.77
N GLN CA 59 75.62 44.20 -84.44
CA GLN CA 59 76.20 43.03 -83.81
C GLN CA 59 75.39 42.71 -82.56
N THR CA 60 75.49 41.45 -82.13
CA THR CA 60 74.80 40.97 -80.93
C THR CA 60 75.77 40.84 -79.76
N THR CA 61 76.75 41.74 -79.69
CA THR CA 61 77.76 41.70 -78.64
C THR CA 61 77.22 42.26 -77.33
N LEU CA 62 77.79 41.78 -76.23
CA LEU CA 62 77.47 42.24 -74.89
C LEU CA 62 78.38 43.40 -74.50
N PRO CA 63 77.94 44.26 -73.59
CA PRO CA 63 78.77 45.42 -73.19
C PRO CA 63 80.08 44.98 -72.55
N SER CA 64 81.09 45.83 -72.72
CA SER CA 64 82.44 45.52 -72.26
C SER CA 64 82.88 46.32 -71.04
N GLY CA 65 82.05 47.24 -70.54
CA GLY CA 65 82.45 48.04 -69.40
C GLY CA 65 82.53 47.22 -68.13
N LEU CA 66 83.24 47.77 -67.15
CA LEU CA 66 83.39 47.10 -65.86
C LEU CA 66 83.33 48.11 -64.73
N GLN CA 67 82.64 47.72 -63.66
CA GLN CA 67 82.55 48.53 -62.45
C GLN CA 67 82.54 47.59 -61.26
N ILE CA 68 83.42 47.84 -60.30
CA ILE CA 68 83.49 47.01 -59.10
C ILE CA 68 82.72 47.67 -57.97
N GLY CA 69 82.08 46.85 -57.15
CA GLY CA 69 81.41 47.34 -55.97
C GLY CA 69 82.38 47.66 -54.86
N THR CA 70 81.84 48.13 -53.74
CA THR CA 70 82.66 48.53 -52.61
C THR CA 70 82.30 47.83 -51.30
N GLY CA 71 81.07 47.37 -51.13
CA GLY CA 71 80.68 46.67 -49.93
C GLY CA 71 79.27 47.05 -49.52
N VAL CA 72 78.92 46.67 -48.29
CA VAL CA 72 77.58 46.88 -47.77
C VAL CA 72 77.69 47.51 -46.39
N ARG CA 73 76.81 48.48 -46.12
CA ARG CA 73 76.74 49.12 -44.83
C ARG CA 73 75.29 49.10 -44.33
N PRO CA 74 75.08 49.06 -43.03
CA PRO CA 74 73.71 49.24 -42.51
C PRO CA 74 73.30 50.68 -42.59
N VAL CA 75 72.25 50.98 -43.36
CA VAL CA 75 71.86 52.38 -43.55
C VAL CA 75 70.93 52.86 -42.45
N ALA CA 76 70.03 52.01 -41.96
CA ALA CA 76 69.09 52.50 -40.95
C ALA CA 76 68.52 51.33 -40.16
N THR CA 77 67.82 51.68 -39.08
CA THR CA 77 67.14 50.71 -38.23
C THR CA 77 65.85 51.36 -37.76
N GLU CA 78 64.71 50.81 -38.19
CA GLU CA 78 63.41 51.41 -37.92
C GLU CA 78 62.60 50.50 -37.02
N ARG CA 79 61.78 51.10 -36.17
CA ARG CA 79 60.89 50.35 -35.29
C ARG CA 79 59.49 50.34 -35.88
N LEU CA 80 58.94 49.14 -36.08
CA LEU CA 80 57.62 49.00 -36.69
C LEU CA 80 56.56 49.35 -35.65
N HIS CA 81 56.05 50.58 -35.72
CA HIS CA 81 55.04 51.04 -34.76
C HIS CA 81 53.69 50.42 -35.08
N SER CA 82 53.62 49.11 -34.89
CA SER CA 82 52.38 48.36 -35.03
C SER CA 82 51.58 48.46 -33.74
N GLN CA 83 50.54 47.64 -33.61
CA GLN CA 83 49.73 47.58 -32.41
C GLN CA 83 50.05 46.30 -31.65
N GLY CA 84 50.32 46.44 -30.35
CA GLY CA 84 50.61 45.31 -29.50
C GLY CA 84 49.36 44.72 -28.86
N ASN CA 85 49.48 43.47 -28.44
CA ASN CA 85 48.37 42.78 -27.79
C ASN CA 85 48.22 43.26 -26.36
N LEU CA 86 47.02 43.08 -25.81
CA LEU CA 86 46.68 43.55 -24.48
C LEU CA 86 46.67 42.38 -23.51
N SER CA 87 47.41 42.52 -22.41
CA SER CA 87 47.41 41.55 -21.33
C SER CA 87 46.66 42.14 -20.16
N GLN CA 88 45.78 41.34 -19.56
CA GLN CA 88 44.97 41.80 -18.43
C GLN CA 88 45.74 41.59 -17.14
N THR CA 89 46.04 42.68 -16.45
CA THR CA 89 46.65 42.62 -15.13
C THR CA 89 45.68 42.98 -14.03
N ASN CA 90 44.56 43.61 -14.35
CA ASN CA 90 43.54 43.99 -13.39
C ASN CA 90 44.08 44.94 -12.33
N ASN CA 91 45.27 45.48 -12.54
CA ASN CA 91 45.80 46.50 -11.66
C ASN CA 91 45.06 47.80 -11.90
N SER CA 92 44.86 48.57 -10.83
CA SER CA 92 44.04 49.77 -10.91
C SER CA 92 44.70 50.90 -11.70
N LYS CA 93 46.02 50.93 -11.78
CA LYS CA 93 46.74 52.03 -12.42
C LYS CA 93 47.59 51.54 -13.58
N ASP CA 94 47.02 50.68 -14.41
CA ASP CA 94 47.67 50.22 -15.63
C ASP CA 94 46.84 50.65 -16.83
N VAL CA 95 47.49 51.27 -17.81
CA VAL CA 95 46.81 51.91 -18.92
C VAL CA 95 47.34 51.35 -20.23
N ALA CA 96 46.45 50.96 -21.12
CA ALA CA 96 46.79 50.54 -22.48
C ALA CA 96 46.15 51.50 -23.46
N ILE CA 97 46.94 52.00 -24.42
CA ILE CA 97 46.49 53.05 -25.33
C ILE CA 97 46.26 52.46 -26.71
N LYS CA 98 45.12 52.78 -27.30
CA LYS CA 98 44.81 52.38 -28.66
C LYS CA 98 45.45 53.34 -29.66
N GLY CA 99 45.47 52.91 -30.92
CA GLY CA 99 45.99 53.77 -31.96
C GLY CA 99 47.43 54.15 -31.69
N GLN CA 100 47.72 55.44 -31.75
CA GLN CA 100 49.07 55.96 -31.56
C GLN CA 100 49.05 57.07 -30.53
N GLY CA 101 50.11 57.15 -29.74
CA GLY CA 101 50.24 58.20 -28.75
C GLY CA 101 51.21 57.82 -27.65
N PHE CA 102 51.94 58.81 -27.13
CA PHE CA 102 52.96 58.56 -26.12
C PHE CA 102 52.76 59.49 -24.94
N PHE CA 103 52.77 58.92 -23.74
CA PHE CA 103 52.72 59.71 -22.53
C PHE CA 103 54.00 60.52 -22.39
N GLN CA 104 53.86 61.79 -22.03
CA GLN CA 104 55.01 62.66 -21.82
C GLN CA 104 55.55 62.44 -20.42
N VAL CA 105 56.87 62.42 -20.27
CA VAL CA 105 57.53 62.16 -19.01
C VAL CA 105 58.61 63.22 -18.80
N MET CA 106 58.70 63.74 -17.58
CA MET CA 106 59.78 64.65 -17.23
C MET CA 106 60.97 63.87 -16.67
N LEU CA 107 62.16 64.21 -17.16
CA LEU CA 107 63.42 63.61 -16.75
C LEU CA 107 64.11 64.49 -15.71
N PRO CA 108 64.99 63.92 -14.88
CA PRO CA 108 65.66 64.73 -13.86
C PRO CA 108 66.47 65.88 -14.44
N ASP CA 109 67.07 65.70 -15.62
CA ASP CA 109 67.84 66.77 -16.24
C ASP CA 109 66.95 67.96 -16.57
N GLY CA 110 65.74 67.72 -17.05
CA GLY CA 110 64.84 68.79 -17.43
C GLY CA 110 64.19 68.54 -18.76
N THR CA 111 64.82 67.72 -19.59
CA THR CA 111 64.27 67.37 -20.88
C THR CA 111 63.02 66.51 -20.71
N SER CA 112 62.22 66.43 -21.76
CA SER CA 112 60.99 65.66 -21.76
C SER CA 112 61.11 64.46 -22.69
N ALA CA 113 60.92 63.27 -22.13
CA ALA CA 113 60.91 62.05 -22.89
C ALA CA 113 59.47 61.63 -23.15
N TYR CA 114 59.28 60.61 -23.98
CA TYR CA 114 57.95 60.17 -24.37
C TYR CA 114 57.94 58.65 -24.43
N THR CA 115 56.88 58.05 -23.88
CA THR CA 115 56.86 56.61 -23.68
C THR CA 115 55.55 56.01 -24.17
N ARG CA 116 55.59 54.73 -24.48
CA ARG CA 116 54.40 53.96 -24.84
C ARG CA 116 53.98 52.99 -23.75
N ASP CA 117 54.87 52.66 -22.83
CA ASP CA 117 54.61 51.63 -21.82
C ASP CA 117 53.66 52.17 -20.77
N GLY CA 118 52.52 51.51 -20.61
CA GLY CA 118 51.58 51.89 -19.58
C GLY CA 118 51.65 51.00 -18.35
N SER CA 119 52.39 51.44 -17.33
CA SER CA 119 52.45 50.73 -16.06
C SER CA 119 52.92 51.75 -15.03
N PHE CA 120 51.98 52.26 -14.24
CA PHE CA 120 52.24 53.43 -13.41
C PHE CA 120 52.32 53.06 -11.94
N GLN CA 121 52.89 53.98 -11.17
CA GLN CA 121 53.01 53.84 -9.73
C GLN CA 121 52.72 55.19 -9.09
N VAL CA 122 52.51 55.15 -7.78
CA VAL CA 122 52.29 56.34 -6.98
C VAL CA 122 53.36 56.38 -5.90
N ASP CA 123 54.09 57.49 -5.82
CA ASP CA 123 55.12 57.63 -4.81
C ASP CA 123 54.50 58.06 -3.48
N GLN CA 124 55.36 58.41 -2.52
CA GLN CA 124 54.86 58.80 -1.20
C GLN CA 124 54.12 60.12 -1.23
N ASN CA 125 54.40 60.99 -2.20
CA ASN CA 125 53.76 62.29 -2.28
C ASN CA 125 52.51 62.29 -3.14
N GLY CA 126 52.11 61.13 -3.66
CA GLY CA 126 50.93 61.06 -4.51
C GLY CA 126 51.16 61.33 -5.97
N GLN CA 127 52.40 61.66 -6.37
CA GLN CA 127 52.67 61.91 -7.77
C GLN CA 127 52.54 60.63 -8.59
N LEU CA 128 52.07 60.77 -9.82
CA LEU CA 128 51.90 59.64 -10.71
C LEU CA 128 53.18 59.49 -11.54
N VAL CA 129 53.90 58.38 -11.33
CA VAL CA 129 55.20 58.18 -11.96
C VAL CA 129 55.22 56.84 -12.66
N THR CA 130 56.33 56.57 -13.35
CA THR CA 130 56.60 55.24 -13.86
C THR CA 130 57.56 54.51 -12.92
N ALA CA 131 57.71 53.21 -13.15
CA ALA CA 131 58.62 52.40 -12.35
C ALA CA 131 60.05 52.82 -12.68
N GLY CA 132 60.66 53.59 -11.80
CA GLY CA 132 61.98 54.13 -12.05
C GLY CA 132 62.14 55.55 -11.55
N GLY CA 133 61.03 56.14 -11.10
CA GLY CA 133 61.02 57.47 -10.53
C GLY CA 133 60.67 58.58 -11.50
N PHE CA 134 60.66 58.29 -12.80
CA PHE CA 134 60.32 59.32 -13.78
C PHE CA 134 58.83 59.61 -13.75
N GLN CA 135 58.49 60.88 -13.64
CA GLN CA 135 57.10 61.29 -13.46
C GLN CA 135 56.51 61.84 -14.75
N VAL CA 136 55.21 61.70 -14.88
CA VAL CA 136 54.48 62.18 -16.05
C VAL CA 136 54.44 63.70 -16.02
N GLN CA 137 54.57 64.31 -17.19
CA GLN CA 137 54.69 65.77 -17.26
C GLN CA 137 53.44 66.50 -16.77
N PRO CA 138 52.22 66.14 -17.15
CA PRO CA 138 51.05 66.89 -16.67
C PRO CA 138 50.89 66.88 -15.15
N ALA CA 139 51.73 66.15 -14.42
CA ALA CA 139 51.75 66.18 -12.96
C ALA CA 139 50.39 65.76 -12.38
N ILE CA 140 49.96 64.56 -12.74
CA ILE CA 140 48.75 63.99 -12.15
C ILE CA 140 49.03 63.66 -10.69
N THR CA 141 48.12 64.06 -9.80
CA THR CA 141 48.27 63.83 -8.38
C THR CA 141 47.02 63.18 -7.81
N ILE CA 142 47.21 62.37 -6.77
CA ILE CA 142 46.12 61.67 -6.11
C ILE CA 142 46.34 61.71 -4.60
N PRO CA 143 45.33 62.09 -3.82
CA PRO CA 143 45.51 62.14 -2.36
C PRO CA 143 45.46 60.77 -1.71
N ALA CA 144 45.58 60.74 -0.39
CA ALA CA 144 45.47 59.51 0.38
C ALA CA 144 43.99 59.17 0.59
N ASN CA 145 43.73 58.22 1.50
CA ASN CA 145 42.38 57.77 1.84
C ASN CA 145 41.52 57.51 0.60
N ALA CA 146 42.16 57.11 -0.48
CA ALA CA 146 41.45 56.83 -1.73
C ALA CA 146 40.96 55.40 -1.72
N LEU CA 147 39.67 55.23 -1.98
CA LEU CA 147 39.09 53.90 -2.04
C LEU CA 147 39.24 53.25 -3.41
N SER CA 148 39.43 54.06 -4.46
CA SER CA 148 39.64 53.54 -5.80
C SER CA 148 40.15 54.67 -6.69
N ILE CA 149 40.77 54.28 -7.80
CA ILE CA 149 41.21 55.21 -8.84
C ILE CA 149 40.71 54.69 -10.17
N THR CA 150 40.02 55.55 -10.92
CA THR CA 150 39.44 55.17 -12.20
C THR CA 150 40.02 56.05 -13.29
N ILE CA 151 40.60 55.42 -14.31
CA ILE CA 151 41.13 56.11 -15.48
C ILE CA 151 40.20 55.78 -16.63
N GLY CA 152 39.48 56.78 -17.13
CA GLY CA 152 38.39 56.56 -18.05
C GLY CA 152 38.86 56.37 -19.48
N ARG CA 153 37.87 56.40 -20.38
CA ARG CA 153 38.16 56.26 -21.81
C ARG CA 153 39.03 57.40 -22.30
N ASP CA 154 38.75 58.62 -21.86
CA ASP CA 154 39.60 59.76 -22.11
C ASP CA 154 40.65 59.86 -20.99
N GLY CA 155 41.37 60.96 -20.94
CA GLY CA 155 42.38 61.13 -19.93
C GLY CA 155 41.89 61.54 -18.57
N VAL CA 156 40.58 61.67 -18.38
CA VAL CA 156 40.05 62.10 -17.10
C VAL CA 156 40.32 61.04 -16.06
N VAL CA 157 40.91 61.45 -14.94
CA VAL CA 157 41.23 60.55 -13.83
C VAL CA 157 40.36 60.93 -12.65
N SER CA 158 39.67 59.95 -12.07
CA SER CA 158 38.75 60.19 -10.97
C SER CA 158 39.13 59.33 -9.78
N VAL CA 159 38.83 59.81 -8.58
CA VAL CA 159 39.10 59.09 -7.35
C VAL CA 159 37.91 59.25 -6.42
N THR CA 160 37.43 58.14 -5.85
CA THR CA 160 36.31 58.20 -4.94
C THR CA 160 36.79 58.51 -3.52
N GLN CA 161 35.84 58.85 -2.65
CA GLN CA 161 36.17 59.18 -1.27
C GLN CA 161 35.33 58.36 -0.30
N GLN CA 162 35.48 58.62 1.00
CA GLN CA 162 34.82 57.83 2.02
C GLN CA 162 33.30 57.92 1.91
N GLY CA 163 32.75 59.11 2.12
CA GLY CA 163 31.31 59.26 2.16
C GLY CA 163 30.77 60.22 1.12
N GLN CA 164 31.32 60.16 -0.09
CA GLN CA 164 30.88 61.01 -1.18
C GLN CA 164 30.21 60.15 -2.25
N ALA CA 165 28.99 60.53 -2.63
CA ALA CA 165 28.29 59.82 -3.69
C ALA CA 165 29.02 59.97 -5.01
N ALA CA 166 29.53 61.15 -5.30
CA ALA CA 166 30.18 61.38 -6.57
C ALA CA 166 31.69 61.45 -6.43
N PRO CA 167 32.43 60.93 -7.40
CA PRO CA 167 33.89 61.05 -7.36
C PRO CA 167 34.32 62.45 -7.76
N VAL CA 168 35.62 62.71 -7.58
CA VAL CA 168 36.22 64.00 -7.87
C VAL CA 168 37.32 63.81 -8.91
N GLN CA 169 37.30 64.64 -9.94
CA GLN CA 169 38.37 64.63 -10.92
C GLN CA 169 39.65 65.19 -10.29
N VAL CA 170 40.78 64.65 -10.73
CA VAL CA 170 42.07 65.07 -10.18
C VAL CA 170 43.02 65.44 -11.31
N GLY CA 171 42.57 65.32 -12.54
CA GLY CA 171 43.41 65.71 -13.67
C GLY CA 171 42.98 65.01 -14.93
N GLN CA 172 43.57 65.47 -16.03
CA GLN CA 172 43.35 64.92 -17.36
C GLN CA 172 44.67 64.32 -17.84
N LEU CA 173 44.62 63.09 -18.35
CA LEU CA 173 45.83 62.41 -18.80
C LEU CA 173 46.07 62.75 -20.27
N ASN CA 174 46.49 63.99 -20.50
CA ASN CA 174 46.83 64.44 -21.84
C ASN CA 174 47.99 63.62 -22.38
N LEU CA 175 47.93 63.34 -23.69
CA LEU CA 175 49.01 62.56 -24.29
C LEU CA 175 49.65 63.34 -25.42
N THR CA 176 50.59 62.71 -26.12
CA THR CA 176 51.38 63.37 -27.14
C THR CA 176 51.30 62.58 -28.44
N THR CA 177 51.30 63.30 -29.56
CA THR CA 177 51.34 62.69 -30.88
C THR CA 177 52.32 63.44 -31.76
N PHE CA 178 53.07 62.69 -32.56
CA PHE CA 178 54.10 63.22 -33.44
C PHE CA 178 53.72 62.92 -34.89
N MET CA 179 54.30 63.69 -35.81
CA MET CA 179 54.02 63.47 -37.22
C MET CA 179 54.69 62.19 -37.75
N ASN CA 180 55.96 61.99 -37.41
CA ASN CA 180 56.69 60.80 -37.84
C ASN CA 180 57.18 60.07 -36.59
N ASP CA 181 56.34 59.18 -36.07
CA ASP CA 181 56.66 58.49 -34.82
C ASP CA 181 57.94 57.66 -34.94
N THR CA 182 58.23 57.14 -36.14
CA THR CA 182 59.46 56.39 -36.34
C THR CA 182 60.69 57.28 -36.16
N GLY CA 183 60.53 58.60 -36.33
CA GLY CA 183 61.67 59.49 -36.23
C GLY CA 183 62.24 59.60 -34.84
N LEU CA 184 61.45 59.27 -33.82
CA LEU CA 184 61.92 59.35 -32.44
C LEU CA 184 63.12 58.45 -32.24
N GLU CA 185 64.07 58.90 -31.41
CA GLU CA 185 65.22 58.09 -31.07
C GLU CA 185 65.07 57.57 -29.65
N SER CA 186 65.35 56.29 -29.47
CA SER CA 186 65.10 55.62 -28.21
C SER CA 186 66.32 55.71 -27.31
N ILE CA 187 66.06 55.87 -26.01
CA ILE CA 187 67.10 55.86 -24.99
C ILE CA 187 66.90 54.64 -24.13
N GLY CA 188 67.80 54.42 -23.17
CA GLY CA 188 67.85 53.19 -22.43
C GLY CA 188 66.60 52.81 -21.66
N GLU CA 189 66.08 53.70 -20.83
CA GLU CA 189 65.05 53.33 -19.87
C GLU CA 189 63.66 53.31 -20.49
N ASN CA 190 63.51 52.63 -21.62
CA ASN CA 190 62.23 52.43 -22.27
C ASN CA 190 61.52 53.75 -22.57
N LEU CA 191 62.29 54.75 -22.99
CA LEU CA 191 61.76 56.07 -23.32
C LEU CA 191 62.28 56.49 -24.68
N TYR CA 192 61.55 57.41 -25.31
CA TYR CA 192 61.94 57.99 -26.58
C TYR CA 192 62.08 59.49 -26.42
N ILE CA 193 62.89 60.10 -27.29
CA ILE CA 193 63.00 61.55 -27.36
C ILE CA 193 62.89 61.97 -28.82
N GLU CA 194 62.46 63.20 -29.02
CA GLU CA 194 62.20 63.71 -30.36
C GLU CA 194 63.49 64.22 -31.01
N THR CA 195 63.61 63.97 -32.30
CA THR CA 195 64.76 64.36 -33.10
C THR CA 195 64.29 65.24 -34.25
N GLN CA 196 65.21 65.54 -35.17
CA GLN CA 196 64.83 66.30 -36.35
C GLN CA 196 63.89 65.50 -37.25
N SER CA 197 64.05 64.17 -37.29
CA SER CA 197 63.23 63.32 -38.13
C SER CA 197 61.79 63.25 -37.68
N SER CA 198 61.49 63.65 -36.45
CA SER CA 198 60.13 63.73 -35.95
C SER CA 198 59.78 65.19 -35.69
N GLY CA 199 58.56 65.57 -36.02
CA GLY CA 199 58.14 66.94 -35.84
C GLY CA 199 58.03 67.31 -34.37
N ALA CA 200 57.77 68.59 -34.13
CA ALA CA 200 57.59 69.06 -32.78
C ALA CA 200 56.39 68.35 -32.15
N PRO CA 201 56.47 67.97 -30.88
CA PRO CA 201 55.38 67.21 -30.27
C PRO CA 201 54.08 68.00 -30.25
N ASN CA 202 52.97 67.29 -30.45
CA ASN CA 202 51.64 67.88 -30.36
C ASN CA 202 50.92 67.24 -29.19
N GLU CA 203 50.71 68.01 -28.12
CA GLU CA 203 49.92 67.53 -27.00
C GLU CA 203 48.43 67.58 -27.36
N SER CA 204 47.72 66.51 -27.03
CA SER CA 204 46.30 66.40 -27.36
C SER CA 204 45.62 65.52 -26.33
N THR CA 205 44.30 65.67 -26.26
CA THR CA 205 43.41 64.92 -25.37
C THR CA 205 43.06 63.59 -26.03
N PRO CA 206 43.02 62.49 -25.28
CA PRO CA 206 42.70 61.20 -25.90
C PRO CA 206 41.36 61.22 -26.61
N GLY CA 207 41.33 60.61 -27.78
CA GLY CA 207 40.15 60.58 -28.61
C GLY CA 207 39.96 61.77 -29.53
N LEU CA 208 40.86 62.75 -29.50
CA LEU CA 208 40.75 63.93 -30.32
C LEU CA 208 42.03 64.13 -31.11
N ASN CA 209 41.89 64.59 -32.36
CA ASN CA 209 43.01 64.85 -33.25
C ASN CA 209 43.88 63.60 -33.42
N GLY CA 210 43.24 62.47 -33.65
CA GLY CA 210 43.95 61.24 -33.90
C GLY CA 210 44.45 60.53 -32.66
N ALA CA 211 44.23 61.09 -31.47
CA ALA CA 211 44.65 60.44 -30.25
C ALA CA 211 43.78 59.23 -29.97
N GLY CA 212 44.37 58.25 -29.28
CA GLY CA 212 43.69 57.02 -28.96
C GLY CA 212 42.82 57.13 -27.73
N LEU CA 213 42.44 55.97 -27.22
CA LEU CA 213 41.67 55.85 -25.99
C LEU CA 213 42.45 54.99 -25.01
N LEU CA 214 42.07 55.08 -23.73
CA LEU CA 214 42.78 54.41 -22.66
C LEU CA 214 41.90 53.31 -22.06
N TYR CA 215 42.46 52.10 -21.98
CA TYR CA 215 41.86 50.99 -21.27
C TYR CA 215 42.58 50.85 -19.94
N GLN CA 216 41.82 50.80 -18.85
CA GLN CA 216 42.41 50.68 -17.53
C GLN CA 216 42.57 49.21 -17.15
N GLY CA 217 43.68 48.89 -16.49
CA GLY CA 217 43.93 47.54 -16.05
C GLY CA 217 44.53 46.63 -17.10
N TYR CA 218 44.88 47.14 -18.28
CA TYR CA 218 45.45 46.34 -19.34
C TYR CA 218 46.78 46.95 -19.78
N VAL CA 219 47.72 46.08 -20.12
CA VAL CA 219 49.07 46.49 -20.46
C VAL CA 219 49.41 45.97 -21.86
N GLU CA 220 49.98 46.84 -22.69
CA GLU CA 220 50.32 46.47 -24.04
C GLU CA 220 51.58 45.60 -24.07
N THR CA 221 51.54 44.53 -24.84
CA THR CA 221 52.69 43.64 -24.99
C THR CA 221 53.56 44.08 -26.16
N SER CA 222 54.73 43.45 -26.26
CA SER CA 222 55.64 43.75 -27.35
C SER CA 222 55.13 43.17 -28.66
N ASN CA 223 55.35 43.89 -29.75
CA ASN CA 223 54.93 43.44 -31.07
C ASN CA 223 56.08 42.72 -31.78
N VAL CA 224 56.57 41.67 -31.12
CA VAL CA 224 57.67 40.85 -31.64
C VAL CA 224 57.11 39.48 -31.99
N ASN CA 225 57.31 39.06 -33.23
CA ASN CA 225 56.91 37.74 -33.68
C ASN CA 225 58.16 36.89 -33.88
N VAL CA 226 58.15 35.70 -33.27
CA VAL CA 226 59.36 34.90 -33.17
C VAL CA 226 59.74 34.18 -34.46
N ALA CA 227 58.77 33.88 -35.32
CA ALA CA 227 59.07 33.13 -36.54
C ALA CA 227 60.00 33.93 -37.44
N GLU CA 228 59.72 35.22 -37.62
CA GLU CA 228 60.59 36.06 -38.45
C GLU CA 228 61.99 36.14 -37.85
N GLU CA 229 62.08 36.23 -36.52
CA GLU CA 229 63.39 36.30 -35.89
C GLU CA 229 64.18 35.02 -36.13
N LEU CA 230 63.53 33.86 -36.02
CA LEU CA 230 64.24 32.61 -36.25
C LEU CA 230 64.68 32.47 -37.70
N VAL CA 231 63.82 32.85 -38.64
CA VAL CA 231 64.21 32.78 -40.05
C VAL CA 231 65.38 33.71 -40.33
N ASN CA 232 65.34 34.91 -39.76
CA ASN CA 232 66.45 35.85 -39.94
C ASN CA 232 67.73 35.31 -39.32
N MET CA 233 67.62 34.62 -38.18
CA MET CA 233 68.80 34.02 -37.57
C MET CA 233 69.42 32.97 -38.48
N ILE CA 234 68.59 32.10 -39.08
CA ILE CA 234 69.10 31.09 -39.99
C ILE CA 234 69.80 31.75 -41.17
N GLN CA 235 69.16 32.77 -41.75
CA GLN CA 235 69.73 33.43 -42.92
C GLN CA 235 71.04 34.11 -42.56
N VAL CA 236 71.11 34.76 -41.39
CA VAL CA 236 72.33 35.43 -40.97
C VAL CA 236 73.46 34.43 -40.79
N GLN CA 237 73.16 33.28 -40.17
CA GLN CA 237 74.19 32.26 -39.98
C GLN CA 237 74.73 31.78 -41.32
N ARG CA 238 73.84 31.49 -42.27
CA ARG CA 238 74.30 30.99 -43.57
C ARG CA 238 75.12 32.04 -44.33
N ALA CA 239 74.67 33.29 -44.31
CA ALA CA 239 75.41 34.35 -44.99
C ALA CA 239 76.79 34.54 -44.36
N TYR CA 240 76.86 34.48 -43.03
CA TYR CA 240 78.15 34.60 -42.35
C TYR CA 240 79.08 33.48 -42.77
N GLU CA 241 78.56 32.24 -42.85
CA GLU CA 241 79.41 31.12 -43.24
C GLU CA 241 79.92 31.29 -44.66
N ILE CA 242 79.06 31.73 -45.59
CA ILE CA 242 79.51 31.85 -46.98
C ILE CA 242 80.53 32.98 -47.12
N ASN CA 243 80.35 34.07 -46.36
CA ASN CA 243 81.35 35.14 -46.40
C ASN CA 243 82.68 34.66 -45.83
N SER CA 244 82.64 33.85 -44.78
CA SER CA 244 83.87 33.28 -44.25
C SER CA 244 84.54 32.39 -45.29
N LYS CA 245 83.75 31.65 -46.06
CA LYS CA 245 84.32 30.85 -47.14
C LYS CA 245 85.01 31.73 -48.18
N ALA CA 246 84.41 32.86 -48.52
CA ALA CA 246 85.04 33.79 -49.45
C ALA CA 246 86.36 34.31 -48.90
N VAL CA 247 86.38 34.66 -47.61
CA VAL CA 247 87.63 35.11 -46.99
C VAL CA 247 88.68 34.03 -47.08
N SER CA 248 88.30 32.78 -46.79
CA SER CA 248 89.26 31.69 -46.78
C SER CA 248 89.85 31.46 -48.17
N THR CA 249 89.01 31.48 -49.21
CA THR CA 249 89.54 31.22 -50.55
C THR CA 249 90.43 32.37 -51.01
N THR CA 250 90.07 33.62 -50.69
CA THR CA 250 90.94 34.73 -51.06
C THR CA 250 92.28 34.64 -50.34
N ASP CA 251 92.25 34.27 -49.05
CA ASP CA 251 93.50 34.10 -48.32
C ASP CA 251 94.35 32.99 -48.93
N GLN CA 252 93.72 31.90 -49.35
CA GLN CA 252 94.46 30.81 -49.99
C GLN CA 252 95.11 31.29 -51.28
N MET CA 253 94.39 32.09 -52.06
CA MET CA 253 94.96 32.60 -53.31
C MET CA 253 96.13 33.52 -53.03
N LEU CA 254 96.00 34.41 -52.03
CA LEU CA 254 97.12 35.28 -51.69
C LEU CA 254 98.33 34.48 -51.24
N GLN CA 255 98.10 33.46 -50.41
CA GLN CA 255 99.20 32.62 -49.95
C GLN CA 255 99.89 31.91 -51.10
N LYS CA 256 99.11 31.41 -52.06
CA LYS CA 256 99.69 30.77 -53.23
C LYS CA 256 100.50 31.75 -54.05
N LEU CA 257 100.00 32.99 -54.19
CA LEU CA 257 100.74 34.01 -54.94
C LEU CA 257 102.07 34.33 -54.26
N THR CA 258 102.06 34.48 -52.94
CA THR CA 258 103.28 34.84 -52.23
C THR CA 258 104.37 33.78 -52.36
N GLN CA 259 104.00 32.53 -52.61
CA GLN CA 259 104.96 31.46 -52.78
C GLN CA 259 105.52 31.40 -54.21
N LEU CA 260 105.44 32.50 -54.94
CA LEU CA 260 105.94 32.57 -56.30
C LEU CA 260 107.44 32.28 -56.36
N SER DA 2 2.57 -18.98 -19.96
CA SER DA 2 2.06 -18.86 -18.61
C SER DA 2 1.00 -17.76 -18.51
N PHE DA 3 1.19 -16.71 -19.31
CA PHE DA 3 0.27 -15.58 -19.27
C PHE DA 3 -1.03 -15.92 -19.98
N SER DA 4 -0.95 -16.58 -21.14
CA SER DA 4 -2.13 -16.88 -21.92
C SER DA 4 -3.05 -17.86 -21.22
N GLN DA 5 -2.50 -18.85 -20.52
CA GLN DA 5 -3.34 -19.78 -19.75
C GLN DA 5 -4.14 -19.02 -18.70
N ALA DA 6 -3.49 -18.10 -17.99
CA ALA DA 6 -4.17 -17.32 -16.98
C ALA DA 6 -5.25 -16.44 -17.59
N VAL DA 7 -4.98 -15.84 -18.75
CA VAL DA 7 -5.98 -15.03 -19.42
C VAL DA 7 -7.19 -15.89 -19.80
N SER DA 8 -6.93 -17.09 -20.32
CA SER DA 8 -8.02 -17.97 -20.71
C SER DA 8 -8.86 -18.38 -19.51
N GLY DA 9 -8.21 -18.71 -18.39
CA GLY DA 9 -8.94 -19.03 -17.18
C GLY DA 9 -9.77 -17.86 -16.68
N LEU DA 10 -9.22 -16.65 -16.73
CA LEU DA 10 -9.97 -15.48 -16.32
C LEU DA 10 -11.21 -15.28 -17.18
N ASN DA 11 -11.05 -15.45 -18.49
CA ASN DA 11 -12.21 -15.34 -19.38
C ASN DA 11 -13.25 -16.43 -19.11
N ALA DA 12 -12.80 -17.66 -18.83
CA ALA DA 12 -13.75 -18.72 -18.51
C ALA DA 12 -14.53 -18.42 -17.24
N ALA DA 13 -13.84 -17.92 -16.21
CA ALA DA 13 -14.53 -17.57 -14.97
C ALA DA 13 -15.50 -16.42 -15.20
N ALA DA 14 -15.12 -15.43 -16.01
CA ALA DA 14 -16.02 -14.34 -16.34
C ALA DA 14 -17.26 -14.85 -17.06
N THR DA 15 -17.09 -15.78 -18.00
CA THR DA 15 -18.23 -16.36 -18.70
C THR DA 15 -19.15 -17.09 -17.73
N ASN DA 16 -18.57 -17.87 -16.81
CA ASN DA 16 -19.40 -18.58 -15.85
C ASN DA 16 -20.19 -17.62 -14.97
N LEU DA 17 -19.56 -16.54 -14.52
CA LEU DA 17 -20.28 -15.57 -13.69
C LEU DA 17 -21.35 -14.84 -14.51
N ASP DA 18 -21.08 -14.59 -15.79
CA ASP DA 18 -22.10 -13.98 -16.64
C ASP DA 18 -23.31 -14.89 -16.79
N VAL DA 19 -23.07 -16.19 -16.94
CA VAL DA 19 -24.17 -17.14 -17.02
C VAL DA 19 -24.97 -17.14 -15.73
N ILE DA 20 -24.27 -17.13 -14.59
CA ILE DA 20 -24.96 -17.09 -13.30
C ILE DA 20 -25.81 -15.84 -13.18
N GLY DA 21 -25.26 -14.69 -13.57
CA GLY DA 21 -26.02 -13.45 -13.49
C GLY DA 21 -27.23 -13.45 -14.40
N ASN DA 22 -27.09 -14.00 -15.61
CA ASN DA 22 -28.23 -14.09 -16.51
C ASN DA 22 -29.31 -15.01 -15.94
N ASN DA 23 -28.91 -16.13 -15.36
CA ASN DA 23 -29.89 -17.02 -14.75
C ASN DA 23 -30.62 -16.34 -13.60
N ILE DA 24 -29.89 -15.62 -12.75
CA ILE DA 24 -30.52 -15.03 -11.57
C ILE DA 24 -31.35 -13.82 -11.95
N ALA DA 25 -31.04 -13.17 -13.08
CA ALA DA 25 -31.81 -12.01 -13.50
C ALA DA 25 -33.14 -12.41 -14.10
N ASN DA 26 -33.18 -13.53 -14.83
CA ASN DA 26 -34.40 -13.99 -15.49
C ASN DA 26 -35.29 -14.80 -14.57
N SER DA 27 -35.12 -14.69 -13.24
CA SER DA 27 -36.06 -15.29 -12.33
C SER DA 27 -37.42 -14.61 -12.46
N ALA DA 28 -38.48 -15.35 -12.13
CA ALA DA 28 -39.88 -14.96 -12.23
C ALA DA 28 -40.36 -14.91 -13.67
N THR DA 29 -39.49 -15.13 -14.66
CA THR DA 29 -39.94 -15.30 -16.03
C THR DA 29 -40.64 -16.64 -16.18
N TYR DA 30 -41.69 -16.67 -16.99
CA TYR DA 30 -42.54 -17.86 -17.05
C TYR DA 30 -41.92 -18.97 -17.88
N GLY DA 31 -41.76 -18.76 -19.18
CA GLY DA 31 -41.22 -19.80 -20.01
C GLY DA 31 -39.70 -19.75 -20.10
N PHE DA 32 -39.03 -19.89 -18.97
CA PHE DA 32 -37.60 -19.74 -18.90
C PHE DA 32 -36.95 -21.02 -18.38
N LYS DA 33 -35.77 -21.32 -18.93
CA LYS DA 33 -34.97 -22.47 -18.52
C LYS DA 33 -33.57 -21.99 -18.21
N SER DA 34 -33.04 -22.44 -17.07
CA SER DA 34 -31.73 -21.98 -16.63
C SER DA 34 -30.64 -22.50 -17.55
N GLY DA 35 -29.57 -21.73 -17.68
CA GLY DA 35 -28.43 -22.08 -18.52
C GLY DA 35 -27.22 -22.41 -17.67
N THR DA 36 -26.38 -23.31 -18.19
CA THR DA 36 -25.15 -23.72 -17.51
C THR DA 36 -24.02 -23.74 -18.53
N ALA DA 37 -22.80 -23.63 -18.03
CA ALA DA 37 -21.61 -23.58 -18.86
C ALA DA 37 -20.75 -24.82 -18.63
N SER DA 38 -20.13 -25.31 -19.70
CA SER DA 38 -19.24 -26.45 -19.64
C SER DA 38 -17.92 -26.09 -20.30
N PHE DA 39 -16.82 -26.38 -19.61
CA PHE DA 39 -15.49 -26.02 -20.07
C PHE DA 39 -14.73 -27.26 -20.53
N ALA DA 40 -13.62 -27.04 -21.21
CA ALA DA 40 -12.82 -28.15 -21.71
C ALA DA 40 -11.36 -27.73 -21.79
N ASP DA 41 -10.46 -28.60 -21.33
CA ASP DA 41 -9.04 -28.31 -21.42
C ASP DA 41 -8.58 -28.44 -22.86
N MET DA 42 -7.40 -27.90 -23.15
CA MET DA 42 -6.85 -27.97 -24.49
C MET DA 42 -5.34 -28.11 -24.40
N PHE DA 43 -4.81 -29.15 -25.06
CA PHE DA 43 -3.39 -29.44 -25.08
C PHE DA 43 -2.90 -29.49 -26.51
N ALA DA 44 -1.66 -29.06 -26.73
CA ALA DA 44 -1.07 -29.15 -28.06
C ALA DA 44 -0.59 -30.57 -28.33
N GLY DA 45 0.38 -31.03 -27.55
CA GLY DA 45 0.80 -32.41 -27.56
C GLY DA 45 0.59 -33.02 -26.19
N SER DA 46 1.68 -33.25 -25.47
CA SER DA 46 1.61 -33.63 -24.07
C SER DA 46 2.50 -32.70 -23.26
N LYS DA 47 2.16 -32.54 -21.98
CA LYS DA 47 2.88 -31.70 -21.03
C LYS DA 47 2.87 -30.21 -21.42
N VAL DA 48 2.10 -29.84 -22.44
CA VAL DA 48 2.03 -28.45 -22.90
C VAL DA 48 0.58 -28.01 -22.76
N GLY DA 49 0.25 -27.43 -21.61
CA GLY DA 49 -1.09 -26.92 -21.40
C GLY DA 49 -1.35 -25.65 -22.18
N LEU DA 50 -2.62 -25.44 -22.52
CA LEU DA 50 -2.98 -24.27 -23.30
C LEU DA 50 -4.21 -23.55 -22.74
N GLY DA 51 -4.58 -23.80 -21.49
CA GLY DA 51 -5.70 -23.11 -20.90
C GLY DA 51 -7.00 -23.87 -21.01
N VAL DA 52 -8.09 -23.13 -20.96
CA VAL DA 52 -9.44 -23.67 -20.94
C VAL DA 52 -10.28 -22.99 -22.01
N LYS DA 53 -11.00 -23.77 -22.79
CA LYS DA 53 -11.93 -23.26 -23.80
C LYS DA 53 -13.35 -23.60 -23.40
N VAL DA 54 -14.24 -22.61 -23.52
CA VAL DA 54 -15.64 -22.85 -23.21
C VAL DA 54 -16.22 -23.76 -24.29
N ALA DA 55 -16.83 -24.87 -23.87
CA ALA DA 55 -17.38 -25.86 -24.79
C ALA DA 55 -18.86 -25.67 -25.03
N GLY DA 56 -19.33 -24.42 -25.00
CA GLY DA 56 -20.73 -24.14 -25.27
C GLY DA 56 -21.61 -24.24 -24.04
N ILE DA 57 -22.59 -23.35 -23.94
CA ILE DA 57 -23.54 -23.40 -22.85
C ILE DA 57 -24.68 -24.33 -23.23
N THR DA 58 -25.45 -24.75 -22.23
CA THR DA 58 -26.58 -25.63 -22.44
C THR DA 58 -27.74 -25.16 -21.58
N GLN DA 59 -28.96 -25.45 -22.02
CA GLN DA 59 -30.17 -25.08 -21.30
C GLN DA 59 -30.78 -26.32 -20.66
N ASP DA 60 -31.05 -26.23 -19.36
CA ASP DA 60 -31.67 -27.33 -18.64
C ASP DA 60 -33.17 -27.29 -18.85
N PHE DA 61 -33.72 -28.36 -19.44
CA PHE DA 61 -35.13 -28.42 -19.79
C PHE DA 61 -35.97 -29.18 -18.79
N THR DA 62 -35.58 -29.16 -17.51
CA THR DA 62 -36.43 -29.75 -16.48
C THR DA 62 -37.73 -28.97 -16.38
N ASP DA 63 -38.83 -29.70 -16.21
CA ASP DA 63 -40.13 -29.06 -16.10
C ASP DA 63 -40.21 -28.22 -14.85
N GLY DA 64 -40.75 -27.01 -14.99
CA GLY DA 64 -40.91 -26.10 -13.87
C GLY DA 64 -42.15 -26.42 -13.06
N THR DA 65 -42.40 -25.57 -12.07
CA THR DA 65 -43.53 -25.74 -11.18
C THR DA 65 -44.72 -24.94 -11.71
N THR DA 66 -45.79 -25.64 -12.04
CA THR DA 66 -46.99 -24.98 -12.54
C THR DA 66 -47.74 -24.30 -11.41
N THR DA 67 -48.22 -23.08 -11.69
CA THR DA 67 -48.99 -22.30 -10.72
C THR DA 67 -50.33 -21.93 -11.32
N ASN DA 68 -51.39 -22.06 -10.52
CA ASN DA 68 -52.75 -21.78 -10.97
C ASN DA 68 -52.96 -20.26 -10.96
N THR DA 69 -52.54 -19.63 -12.07
CA THR DA 69 -52.74 -18.19 -12.21
C THR DA 69 -54.22 -17.84 -12.25
N GLY DA 70 -55.00 -18.62 -12.99
CA GLY DA 70 -56.38 -18.28 -13.26
C GLY DA 70 -56.60 -18.04 -14.73
N ARG DA 71 -57.45 -17.07 -15.07
CA ARG DA 71 -57.71 -16.70 -16.46
C ARG DA 71 -58.22 -17.87 -17.29
N GLY DA 72 -58.36 -17.65 -18.60
CA GLY DA 72 -58.75 -18.72 -19.50
C GLY DA 72 -57.78 -18.88 -20.65
N LEU DA 73 -57.12 -17.78 -21.02
CA LEU DA 73 -56.14 -17.81 -22.11
C LEU DA 73 -54.74 -17.98 -21.54
N ASP DA 74 -54.54 -19.14 -20.91
CA ASP DA 74 -53.22 -19.52 -20.39
C ASP DA 74 -53.21 -21.03 -20.20
N VAL DA 75 -52.15 -21.68 -20.70
CA VAL DA 75 -52.02 -23.12 -20.64
C VAL DA 75 -50.59 -23.48 -20.27
N ALA DA 76 -50.44 -24.68 -19.71
CA ALA DA 76 -49.14 -25.20 -19.32
C ALA DA 76 -49.00 -26.62 -19.84
N ILE DA 77 -47.75 -27.05 -20.01
CA ILE DA 77 -47.46 -28.40 -20.51
C ILE DA 77 -46.73 -29.16 -19.41
N SER DA 78 -47.19 -30.38 -19.13
CA SER DA 78 -46.61 -31.17 -18.05
C SER DA 78 -45.39 -31.98 -18.48
N GLN DA 79 -45.14 -32.12 -19.78
CA GLN DA 79 -44.01 -32.89 -20.26
C GLN DA 79 -43.40 -32.19 -21.46
N ASN DA 80 -42.60 -32.92 -22.23
CA ASN DA 80 -41.95 -32.36 -23.41
C ASN DA 80 -42.98 -31.92 -24.44
N GLY DA 81 -42.70 -30.79 -25.08
CA GLY DA 81 -43.60 -30.23 -26.07
C GLY DA 81 -43.43 -28.74 -26.21
N PHE DA 82 -43.69 -28.20 -27.40
CA PHE DA 82 -43.53 -26.78 -27.66
C PHE DA 82 -44.69 -26.26 -28.51
N PHE DA 83 -45.24 -25.12 -28.09
CA PHE DA 83 -46.20 -24.41 -28.93
C PHE DA 83 -45.50 -23.84 -30.15
N ARG DA 84 -46.19 -23.87 -31.28
CA ARG DA 84 -45.62 -23.44 -32.55
C ARG DA 84 -46.20 -22.08 -32.94
N LEU DA 85 -45.32 -21.12 -33.18
CA LEU DA 85 -45.72 -19.76 -33.53
C LEU DA 85 -45.09 -19.39 -34.87
N VAL DA 86 -45.63 -18.36 -35.50
CA VAL DA 86 -45.08 -17.83 -36.74
C VAL DA 86 -44.84 -16.34 -36.57
N ASP DA 87 -43.92 -15.82 -37.38
CA ASP DA 87 -43.60 -14.40 -37.38
C ASP DA 87 -44.19 -13.74 -38.61
N SER DA 88 -43.90 -12.45 -38.76
CA SER DA 88 -44.35 -11.73 -39.95
C SER DA 88 -43.62 -12.20 -41.20
N ASN DA 89 -42.34 -12.55 -41.07
CA ASN DA 89 -41.54 -12.98 -42.21
C ASN DA 89 -41.90 -14.39 -42.69
N GLY DA 90 -42.69 -15.13 -41.93
CA GLY DA 90 -43.01 -16.50 -42.27
C GLY DA 90 -42.20 -17.53 -41.50
N SER DA 91 -41.16 -17.11 -40.80
CA SER DA 91 -40.35 -18.04 -40.02
C SER DA 91 -41.18 -18.62 -38.88
N VAL DA 92 -40.79 -19.81 -38.44
CA VAL DA 92 -41.53 -20.58 -37.44
C VAL DA 92 -40.68 -20.72 -36.19
N PHE DA 93 -41.27 -20.39 -35.05
CA PHE DA 93 -40.60 -20.49 -33.76
C PHE DA 93 -41.38 -21.42 -32.84
N TYR DA 94 -40.74 -21.81 -31.74
CA TYR DA 94 -41.33 -22.71 -30.76
C TYR DA 94 -41.13 -22.14 -29.37
N SER DA 95 -42.18 -22.15 -28.57
CA SER DA 95 -42.13 -21.53 -27.25
C SER DA 95 -42.84 -22.44 -26.24
N ARG DA 96 -42.78 -22.04 -24.97
CA ARG DA 96 -43.48 -22.75 -23.91
C ARG DA 96 -44.23 -21.80 -22.98
N ASN DA 97 -44.20 -20.50 -23.25
CA ASN DA 97 -44.91 -19.55 -22.40
C ASN DA 97 -46.41 -19.69 -22.65
N GLY DA 98 -47.19 -19.74 -21.57
CA GLY DA 98 -48.61 -19.96 -21.69
C GLY DA 98 -49.45 -18.72 -21.94
N GLN DA 99 -48.86 -17.53 -21.83
CA GLN DA 99 -49.62 -16.30 -21.96
C GLN DA 99 -50.21 -16.18 -23.36
N PHE DA 100 -51.53 -16.08 -23.44
CA PHE DA 100 -52.23 -15.95 -24.71
C PHE DA 100 -53.21 -14.78 -24.63
N LYS DA 101 -53.37 -14.08 -25.75
CA LYS DA 101 -54.29 -12.96 -25.81
C LYS DA 101 -54.72 -12.77 -27.27
N LEU DA 102 -55.83 -12.06 -27.44
CA LEU DA 102 -56.35 -11.78 -28.77
C LEU DA 102 -55.70 -10.51 -29.32
N ASP DA 103 -56.19 -10.07 -30.48
CA ASP DA 103 -55.69 -8.85 -31.10
C ASP DA 103 -56.83 -8.23 -31.91
N GLU DA 104 -56.48 -7.25 -32.75
CA GLU DA 104 -57.47 -6.60 -33.59
C GLU DA 104 -58.10 -7.55 -34.59
N ASN DA 105 -57.31 -8.49 -35.12
CA ASN DA 105 -57.79 -9.42 -36.13
C ASN DA 105 -58.37 -10.68 -35.53
N ARG DA 106 -58.59 -10.70 -34.20
CA ARG DA 106 -59.22 -11.83 -33.51
C ARG DA 106 -58.38 -13.10 -33.62
N ASN DA 107 -57.07 -12.95 -33.51
CA ASN DA 107 -56.14 -14.07 -33.61
C ASN DA 107 -55.57 -14.40 -32.24
N LEU DA 108 -55.29 -15.68 -32.03
CA LEU DA 108 -54.60 -16.11 -30.82
C LEU DA 108 -53.14 -15.71 -30.90
N VAL DA 109 -52.73 -14.74 -30.10
CA VAL DA 109 -51.39 -14.19 -30.17
C VAL DA 109 -50.78 -14.23 -28.77
N ASN DA 110 -49.47 -14.49 -28.73
CA ASN DA 110 -48.74 -14.45 -27.47
C ASN DA 110 -48.59 -13.01 -27.00
N MET DA 111 -47.93 -12.84 -25.85
CA MET DA 111 -47.79 -11.53 -25.26
C MET DA 111 -46.89 -10.61 -26.08
N GLN DA 112 -45.94 -11.15 -26.83
CA GLN DA 112 -45.00 -10.33 -27.58
C GLN DA 112 -45.52 -9.92 -28.96
N GLY DA 113 -46.43 -10.69 -29.55
CA GLY DA 113 -47.00 -10.30 -30.83
C GLY DA 113 -46.77 -11.27 -31.96
N MET DA 114 -46.62 -12.56 -31.64
CA MET DA 114 -46.46 -13.60 -32.66
C MET DA 114 -47.72 -14.47 -32.68
N GLN DA 115 -48.23 -14.71 -33.88
CA GLN DA 115 -49.43 -15.51 -34.03
C GLN DA 115 -49.18 -16.96 -33.63
N LEU DA 116 -50.19 -17.57 -33.02
CA LEU DA 116 -50.14 -18.97 -32.66
C LEU DA 116 -50.72 -19.82 -33.79
N THR DA 117 -50.08 -20.93 -34.08
CA THR DA 117 -50.49 -21.82 -35.16
C THR DA 117 -50.95 -23.16 -34.62
N GLY DA 118 -51.67 -23.89 -35.46
CA GLY DA 118 -52.17 -25.19 -35.09
C GLY DA 118 -52.86 -25.84 -36.27
N TYR DA 119 -53.57 -26.92 -36.00
CA TYR DA 119 -54.31 -27.60 -37.04
C TYR DA 119 -55.53 -26.76 -37.43
N PRO DA 120 -55.66 -26.37 -38.69
CA PRO DA 120 -56.86 -25.64 -39.11
C PRO DA 120 -58.09 -26.53 -39.13
N ALA DA 121 -59.26 -25.90 -38.99
CA ALA DA 121 -60.53 -26.59 -38.98
C ALA DA 121 -61.30 -26.23 -40.25
N THR DA 122 -61.73 -27.26 -40.99
CA THR DA 122 -62.46 -27.06 -42.24
C THR DA 122 -63.61 -28.05 -42.29
N GLY DA 123 -64.62 -27.68 -43.08
CA GLY DA 123 -65.77 -28.54 -43.33
C GLY DA 123 -67.04 -27.97 -42.75
N THR DA 124 -68.14 -28.64 -43.06
CA THR DA 124 -69.47 -28.28 -42.57
C THR DA 124 -70.16 -29.55 -42.08
N PRO DA 125 -70.21 -29.78 -40.76
CA PRO DA 125 -69.67 -28.93 -39.69
C PRO DA 125 -68.14 -28.94 -39.62
N PRO DA 126 -67.54 -27.85 -39.16
CA PRO DA 126 -66.08 -27.80 -39.03
C PRO DA 126 -65.58 -28.89 -38.09
N THR DA 127 -64.43 -29.47 -38.44
CA THR DA 127 -63.83 -30.52 -37.63
C THR DA 127 -62.32 -30.42 -37.74
N ILE DA 128 -61.64 -30.95 -36.73
CA ILE DA 128 -60.19 -30.85 -36.68
C ILE DA 128 -59.57 -31.86 -37.65
N GLN DA 129 -58.43 -31.49 -38.22
CA GLN DA 129 -57.71 -32.34 -39.17
C GLN DA 129 -56.28 -32.49 -38.71
N GLN DA 130 -55.84 -33.74 -38.56
CA GLN DA 130 -54.47 -34.05 -38.17
C GLN DA 130 -53.56 -34.31 -39.37
N GLY DA 131 -54.09 -34.21 -40.59
CA GLY DA 131 -53.32 -34.41 -41.79
C GLY DA 131 -53.06 -33.17 -42.62
N ALA DA 132 -53.42 -31.98 -42.13
CA ALA DA 132 -53.21 -30.74 -42.84
C ALA DA 132 -52.00 -30.00 -42.30
N ASN DA 133 -51.44 -29.13 -43.13
CA ASN DA 133 -50.33 -28.31 -42.70
C ASN DA 133 -50.77 -27.30 -41.64
N PRO DA 134 -49.89 -26.94 -40.71
CA PRO DA 134 -50.27 -25.97 -39.68
C PRO DA 134 -50.60 -24.61 -40.26
N ALA DA 135 -51.58 -23.95 -39.65
CA ALA DA 135 -51.99 -22.61 -40.02
C ALA DA 135 -52.34 -21.85 -38.76
N PRO DA 136 -52.25 -20.52 -38.76
CA PRO DA 136 -52.63 -19.75 -37.57
C PRO DA 136 -54.09 -19.98 -37.20
N ILE DA 137 -54.34 -20.05 -35.89
CA ILE DA 137 -55.68 -20.27 -35.37
C ILE DA 137 -56.31 -18.92 -35.07
N THR DA 138 -57.54 -18.73 -35.54
CA THR DA 138 -58.24 -17.45 -35.39
C THR DA 138 -59.66 -17.73 -34.91
N ILE DA 139 -60.12 -16.91 -33.97
CA ILE DA 139 -61.48 -16.99 -33.47
C ILE DA 139 -62.36 -16.02 -34.25
N PRO DA 140 -63.18 -16.49 -35.18
CA PRO DA 140 -64.02 -15.58 -35.96
C PRO DA 140 -65.17 -15.03 -35.12
N ASN DA 141 -65.63 -13.84 -35.50
CA ASN DA 141 -66.77 -13.21 -34.85
C ASN DA 141 -68.01 -13.19 -35.74
N THR DA 142 -67.89 -13.63 -36.98
CA THR DA 142 -69.04 -13.63 -37.90
C THR DA 142 -70.10 -14.61 -37.42
N LEU DA 143 -71.36 -14.17 -37.47
CA LEU DA 143 -72.46 -15.00 -37.01
C LEU DA 143 -72.65 -16.21 -37.92
N MET DA 144 -72.98 -17.34 -37.31
CA MET DA 144 -73.25 -18.55 -38.06
C MET DA 144 -74.71 -18.63 -38.49
N ALA DA 145 -74.94 -19.33 -39.59
CA ALA DA 145 -76.28 -19.48 -40.15
C ALA DA 145 -76.91 -20.80 -39.71
N ALA DA 146 -78.23 -20.86 -39.82
CA ALA DA 146 -78.96 -22.06 -39.44
C ALA DA 146 -78.75 -23.17 -40.46
N LYS DA 147 -78.91 -24.41 -40.01
CA LYS DA 147 -78.82 -25.59 -40.86
C LYS DA 147 -80.11 -26.39 -40.74
N SER DA 148 -80.67 -26.77 -41.88
CA SER DA 148 -81.96 -27.46 -41.88
C SER DA 148 -81.84 -28.83 -41.25
N THR DA 149 -82.82 -29.18 -40.42
CA THR DA 149 -82.85 -30.49 -39.79
C THR DA 149 -83.03 -31.57 -40.84
N THR DA 150 -82.19 -32.60 -40.78
CA THR DA 150 -82.23 -33.68 -41.77
C THR DA 150 -82.48 -35.05 -41.17
N THR DA 151 -82.15 -35.26 -39.90
CA THR DA 151 -82.31 -36.58 -39.27
C THR DA 151 -82.68 -36.37 -37.80
N ALA DA 152 -83.94 -36.65 -37.47
CA ALA DA 152 -84.43 -36.55 -36.10
C ALA DA 152 -84.83 -37.95 -35.62
N SER DA 153 -84.46 -38.27 -34.39
CA SER DA 153 -84.72 -39.59 -33.83
C SER DA 153 -85.32 -39.46 -32.43
N MET DA 154 -86.35 -40.26 -32.17
CA MET DA 154 -87.00 -40.28 -30.87
C MET DA 154 -87.21 -41.72 -30.41
N GLN DA 155 -87.30 -41.88 -29.10
CA GLN DA 155 -87.59 -43.17 -28.48
C GLN DA 155 -88.90 -43.07 -27.71
N ILE DA 156 -89.87 -43.89 -28.07
CA ILE DA 156 -91.18 -43.91 -27.44
C ILE DA 156 -91.46 -45.32 -26.95
N ASN DA 157 -91.82 -45.45 -25.68
CA ASN DA 157 -92.16 -46.73 -25.09
C ASN DA 157 -93.67 -46.91 -25.14
N LEU DA 158 -94.13 -47.97 -25.78
CA LEU DA 158 -95.55 -48.23 -25.98
C LEU DA 158 -96.04 -49.30 -25.01
N ASN DA 159 -97.35 -49.32 -24.81
CA ASN DA 159 -97.99 -50.20 -23.84
C ASN DA 159 -98.71 -51.33 -24.56
N SER DA 160 -98.42 -52.58 -24.16
CA SER DA 160 -99.11 -53.72 -24.73
C SER DA 160 -100.53 -53.87 -24.18
N THR DA 161 -100.77 -53.37 -22.97
CA THR DA 161 -102.07 -53.47 -22.32
C THR DA 161 -102.98 -52.30 -22.64
N ASP DA 162 -102.64 -51.48 -23.63
CA ASP DA 162 -103.43 -50.32 -23.98
C ASP DA 162 -104.62 -50.76 -24.85
N PRO DA 163 -105.86 -50.52 -24.42
CA PRO DA 163 -107.00 -50.90 -25.26
C PRO DA 163 -107.12 -50.01 -26.49
N VAL DA 164 -107.76 -50.57 -27.52
CA VAL DA 164 -107.98 -49.80 -28.75
C VAL DA 164 -108.90 -48.62 -28.44
N PRO DA 165 -108.64 -47.43 -28.99
CA PRO DA 165 -109.55 -46.30 -28.74
C PRO DA 165 -110.97 -46.61 -29.20
N SER DA 166 -111.94 -46.14 -28.42
CA SER DA 166 -113.34 -46.43 -28.70
C SER DA 166 -113.79 -45.80 -30.01
N LYS DA 167 -113.36 -44.57 -30.28
CA LYS DA 167 -113.74 -43.87 -31.50
C LYS DA 167 -113.01 -44.47 -32.68
N THR DA 168 -113.76 -45.10 -33.59
CA THR DA 168 -113.15 -45.67 -34.79
C THR DA 168 -112.46 -44.64 -35.68
N PRO DA 169 -113.07 -43.50 -36.02
CA PRO DA 169 -112.39 -42.57 -36.94
C PRO DA 169 -111.41 -41.68 -36.18
N PHE DA 170 -110.25 -41.44 -36.79
CA PHE DA 170 -109.25 -40.58 -36.17
C PHE DA 170 -109.73 -39.13 -36.16
N SER DA 171 -109.42 -38.43 -35.07
CA SER DA 171 -109.74 -37.02 -34.92
C SER DA 171 -108.52 -36.28 -34.42
N VAL DA 172 -108.34 -35.05 -34.90
CA VAL DA 172 -107.21 -34.24 -34.50
C VAL DA 172 -107.55 -33.30 -33.34
N SER DA 173 -108.83 -33.04 -33.10
CA SER DA 173 -109.25 -32.10 -32.06
C SER DA 173 -109.65 -32.79 -30.75
N ASP DA 174 -109.54 -34.11 -30.67
CA ASP DA 174 -109.95 -34.86 -29.48
C ASP DA 174 -108.79 -35.72 -29.01
N ALA DA 175 -108.52 -35.69 -27.70
CA ALA DA 175 -107.38 -36.40 -27.16
C ALA DA 175 -107.57 -37.92 -27.21
N ASP DA 176 -108.81 -38.39 -27.01
CA ASP DA 176 -109.07 -39.82 -26.98
C ASP DA 176 -108.89 -40.48 -28.34
N SER DA 177 -108.84 -39.69 -29.42
CA SER DA 177 -108.71 -40.26 -30.75
C SER DA 177 -107.33 -40.90 -30.96
N TYR DA 178 -106.29 -40.35 -30.35
CA TYR DA 178 -104.93 -40.86 -30.48
C TYR DA 178 -104.42 -41.32 -29.12
N ASN DA 179 -103.64 -42.40 -29.12
CA ASN DA 179 -103.13 -42.95 -27.87
C ASN DA 179 -102.01 -42.10 -27.29
N LYS DA 180 -101.09 -41.63 -28.13
CA LYS DA 180 -99.94 -40.89 -27.64
C LYS DA 180 -99.66 -39.69 -28.55
N LYS DA 181 -99.20 -38.60 -27.94
CA LYS DA 181 -98.84 -37.38 -28.63
C LYS DA 181 -97.38 -37.03 -28.31
N GLY DA 182 -96.64 -36.65 -29.34
CA GLY DA 182 -95.25 -36.28 -29.17
C GLY DA 182 -94.85 -35.02 -29.89
N THR DA 183 -94.24 -34.07 -29.17
CA THR DA 183 -93.82 -32.81 -29.75
C THR DA 183 -92.33 -32.85 -30.05
N VAL DA 184 -91.96 -32.43 -31.27
CA VAL DA 184 -90.56 -32.43 -31.71
C VAL DA 184 -90.26 -31.08 -32.34
N THR DA 185 -89.10 -30.51 -32.03
CA THR DA 185 -88.66 -29.24 -32.60
C THR DA 185 -87.85 -29.49 -33.86
N VAL DA 186 -88.21 -28.82 -34.94
CA VAL DA 186 -87.51 -28.94 -36.22
C VAL DA 186 -87.12 -27.54 -36.69
N TYR DA 187 -85.91 -27.42 -37.23
CA TYR DA 187 -85.41 -26.15 -37.75
C TYR DA 187 -85.24 -26.22 -39.25
N ASP DA 188 -85.70 -25.17 -39.94
CA ASP DA 188 -85.62 -25.09 -41.39
C ASP DA 188 -84.39 -24.27 -41.80
N SER DA 189 -84.32 -23.94 -43.09
CA SER DA 189 -83.17 -23.22 -43.64
C SER DA 189 -83.16 -21.74 -43.27
N GLN DA 190 -84.27 -21.19 -42.81
CA GLN DA 190 -84.34 -19.78 -42.43
C GLN DA 190 -84.20 -19.57 -40.93
N GLY DA 191 -84.71 -20.49 -40.12
CA GLY DA 191 -84.65 -20.36 -38.69
C GLY DA 191 -86.00 -20.55 -38.02
N ASN DA 192 -87.03 -20.75 -38.83
CA ASN DA 192 -88.36 -20.99 -38.30
C ASN DA 192 -88.41 -22.32 -37.56
N ALA DA 193 -89.12 -22.31 -36.43
CA ALA DA 193 -89.23 -23.49 -35.57
C ALA DA 193 -90.57 -24.19 -35.84
N HIS DA 194 -90.51 -25.48 -36.12
CA HIS DA 194 -91.70 -26.28 -36.39
C HIS DA 194 -91.91 -27.23 -35.22
N ASP DA 195 -93.08 -27.12 -34.59
CA ASP DA 195 -93.47 -28.01 -33.48
C ASP DA 195 -94.26 -29.18 -34.07
N MET DA 196 -93.51 -30.14 -34.60
CA MET DA 196 -94.12 -31.30 -35.25
C MET DA 196 -94.78 -32.18 -34.20
N ASN DA 197 -96.04 -32.55 -34.44
CA ASN DA 197 -96.81 -33.41 -33.56
C ASN DA 197 -96.91 -34.79 -34.19
N VAL DA 198 -96.48 -35.81 -33.46
CA VAL DA 198 -96.54 -37.19 -33.89
C VAL DA 198 -97.59 -37.91 -33.05
N TYR DA 199 -98.56 -38.52 -33.70
CA TYR DA 199 -99.67 -39.20 -33.03
C TYR DA 199 -99.53 -40.69 -33.21
N PHE DA 200 -99.51 -41.43 -32.10
CA PHE DA 200 -99.49 -42.88 -32.09
C PHE DA 200 -100.88 -43.40 -31.74
N VAL DA 201 -101.42 -44.26 -32.59
CA VAL DA 201 -102.74 -44.85 -32.38
C VAL DA 201 -102.59 -46.37 -32.42
N LYS DA 202 -103.17 -47.05 -31.44
CA LYS DA 202 -103.17 -48.51 -31.39
C LYS DA 202 -104.47 -49.02 -31.97
N THR DA 203 -104.43 -49.43 -33.24
CA THR DA 203 -105.61 -49.92 -33.93
C THR DA 203 -105.95 -51.36 -33.58
N LYS DA 204 -104.95 -52.22 -33.42
CA LYS DA 204 -105.16 -53.63 -33.09
C LYS DA 204 -103.96 -54.12 -32.30
N ASP DA 205 -103.84 -55.44 -32.17
CA ASP DA 205 -102.76 -56.02 -31.39
C ASP DA 205 -101.44 -55.95 -32.16
N ASN DA 206 -100.40 -55.47 -31.48
CA ASN DA 206 -99.04 -55.41 -32.04
C ASN DA 206 -99.00 -54.65 -33.36
N GLU DA 207 -99.76 -53.56 -33.43
CA GLU DA 207 -99.81 -52.73 -34.63
C GLU DA 207 -100.08 -51.30 -34.21
N TRP DA 208 -99.32 -50.36 -34.79
CA TRP DA 208 -99.43 -48.96 -34.44
C TRP DA 208 -99.45 -48.09 -35.69
N ALA DA 209 -100.27 -47.05 -35.67
CA ALA DA 209 -100.37 -46.09 -36.75
C ALA DA 209 -99.78 -44.77 -36.29
N VAL DA 210 -98.88 -44.21 -37.11
CA VAL DA 210 -98.19 -42.96 -36.81
C VAL DA 210 -98.69 -41.90 -37.77
N TYR DA 211 -99.20 -40.81 -37.22
CA TYR DA 211 -99.67 -39.65 -37.97
C TYR DA 211 -98.78 -38.46 -37.68
N THR DA 212 -98.60 -37.61 -38.68
CA THR DA 212 -97.75 -36.44 -38.57
C THR DA 212 -98.57 -35.18 -38.79
N HIS DA 213 -98.30 -34.14 -38.00
CA HIS DA 213 -98.99 -32.87 -38.15
C HIS DA 213 -98.03 -31.74 -37.79
N ASP DA 214 -98.31 -30.54 -38.31
CA ASP DA 214 -97.53 -29.35 -38.01
C ASP DA 214 -98.45 -28.28 -37.43
N SER DA 215 -97.99 -27.63 -36.37
CA SER DA 215 -98.78 -26.59 -35.70
C SER DA 215 -98.36 -25.18 -36.07
N SER DA 216 -97.11 -24.96 -36.45
CA SER DA 216 -96.63 -23.63 -36.76
C SER DA 216 -97.10 -23.12 -38.11
N ASP DA 217 -97.68 -23.98 -38.95
CA ASP DA 217 -98.12 -23.59 -40.28
C ASP DA 217 -99.63 -23.34 -40.26
N PRO DA 218 -100.10 -22.11 -40.46
CA PRO DA 218 -101.54 -21.87 -40.51
C PRO DA 218 -102.24 -22.58 -41.66
N ALA DA 219 -101.53 -22.84 -42.76
CA ALA DA 219 -102.10 -23.53 -43.91
C ALA DA 219 -101.90 -25.04 -43.87
N ALA DA 220 -101.35 -25.57 -42.78
CA ALA DA 220 -101.12 -27.00 -42.68
C ALA DA 220 -102.45 -27.75 -42.67
N THR DA 221 -102.45 -28.92 -43.31
CA THR DA 221 -103.64 -29.75 -43.41
C THR DA 221 -103.71 -30.70 -42.21
N ALA DA 222 -104.88 -30.80 -41.61
CA ALA DA 222 -105.09 -31.72 -40.50
C ALA DA 222 -104.93 -33.16 -40.98
N PRO DA 223 -104.13 -33.98 -40.31
CA PRO DA 223 -103.93 -35.35 -40.79
C PRO DA 223 -105.19 -36.19 -40.65
N THR DA 224 -105.46 -37.00 -41.66
CA THR DA 224 -106.59 -37.92 -41.66
C THR DA 224 -106.19 -39.35 -41.96
N THR DA 225 -105.25 -39.55 -42.89
CA THR DA 225 -104.85 -40.89 -43.30
C THR DA 225 -103.66 -41.38 -42.49
N ALA DA 226 -103.30 -42.64 -42.72
CA ALA DA 226 -102.18 -43.26 -42.00
C ALA DA 226 -100.88 -42.92 -42.70
N SER DA 227 -99.92 -42.39 -41.95
CA SER DA 227 -98.62 -42.02 -42.49
C SER DA 227 -97.55 -43.08 -42.28
N THR DA 228 -97.60 -43.81 -41.16
CA THR DA 228 -96.60 -44.84 -40.91
C THR DA 228 -97.24 -46.02 -40.19
N THR DA 229 -96.80 -47.22 -40.56
CA THR DA 229 -97.25 -48.46 -39.95
C THR DA 229 -96.10 -49.10 -39.18
N LEU DA 230 -96.34 -49.43 -37.91
CA LEU DA 230 -95.32 -50.02 -37.06
C LEU DA 230 -95.81 -51.37 -36.55
N LYS DA 231 -94.97 -52.40 -36.70
CA LYS DA 231 -95.22 -53.73 -36.16
C LYS DA 231 -94.01 -54.17 -35.35
N PHE DA 232 -94.25 -54.63 -34.13
CA PHE DA 232 -93.18 -55.11 -33.26
C PHE DA 232 -93.12 -56.62 -33.27
N ASN DA 233 -92.04 -57.15 -32.68
CA ASN DA 233 -91.80 -58.59 -32.66
C ASN DA 233 -92.68 -59.23 -31.60
N GLU DA 234 -92.52 -60.54 -31.40
CA GLU DA 234 -93.27 -61.25 -30.36
C GLU DA 234 -92.96 -60.70 -28.99
N ASN DA 235 -91.73 -60.25 -28.75
CA ASN DA 235 -91.31 -59.71 -27.47
C ASN DA 235 -91.30 -58.19 -27.45
N GLY DA 236 -91.90 -57.55 -28.45
CA GLY DA 236 -91.97 -56.11 -28.49
C GLY DA 236 -90.78 -55.40 -29.12
N ILE DA 237 -89.86 -56.14 -29.73
CA ILE DA 237 -88.70 -55.54 -30.36
C ILE DA 237 -89.08 -55.01 -31.74
N LEU DA 238 -88.72 -53.76 -32.01
CA LEU DA 238 -89.00 -53.16 -33.31
C LEU DA 238 -88.19 -53.87 -34.40
N GLU DA 239 -88.82 -54.02 -35.57
CA GLU DA 239 -88.21 -54.76 -36.68
C GLU DA 239 -87.86 -53.87 -37.86
N SER DA 240 -88.84 -53.14 -38.40
CA SER DA 240 -88.60 -52.32 -39.58
C SER DA 240 -89.69 -51.26 -39.68
N GLY DA 241 -89.52 -50.36 -40.64
CA GLY DA 241 -90.49 -49.30 -40.88
C GLY DA 241 -90.37 -48.10 -39.97
N GLY DA 242 -89.26 -47.95 -39.26
CA GLY DA 242 -89.07 -46.85 -38.32
C GLY DA 242 -88.59 -45.55 -38.91
N THR DA 243 -88.20 -45.52 -40.19
CA THR DA 243 -87.70 -44.31 -40.83
C THR DA 243 -88.78 -43.77 -41.77
N VAL DA 244 -89.14 -42.51 -41.59
CA VAL DA 244 -90.19 -41.87 -42.38
C VAL DA 244 -89.65 -40.56 -42.95
N ASN DA 245 -89.95 -40.31 -44.22
CA ASN DA 245 -89.60 -39.05 -44.88
C ASN DA 245 -90.69 -38.02 -44.56
N ILE DA 246 -90.33 -36.97 -43.83
CA ILE DA 246 -91.29 -35.97 -43.36
C ILE DA 246 -90.89 -34.61 -43.89
N THR DA 247 -91.86 -33.90 -44.46
CA THR DA 247 -91.67 -32.55 -44.98
C THR DA 247 -92.63 -31.61 -44.28
N THR DA 248 -92.12 -30.48 -43.80
CA THR DA 248 -92.94 -29.50 -43.10
C THR DA 248 -93.66 -28.60 -44.12
N GLY DA 249 -94.22 -27.51 -43.65
CA GLY DA 249 -94.94 -26.56 -44.50
C GLY DA 249 -94.18 -25.25 -44.61
N THR DA 250 -94.24 -24.65 -45.80
CA THR DA 250 -93.53 -23.41 -46.05
C THR DA 250 -94.17 -22.25 -45.28
N ILE DA 251 -93.31 -21.40 -44.71
CA ILE DA 251 -93.74 -20.19 -44.01
C ILE DA 251 -92.76 -19.08 -44.32
N ASN DA 252 -93.28 -17.85 -44.47
CA ASN DA 252 -92.49 -16.66 -44.74
C ASN DA 252 -91.69 -16.79 -46.03
N GLY DA 253 -92.21 -17.56 -46.99
CA GLY DA 253 -91.53 -17.72 -48.27
C GLY DA 253 -90.31 -18.61 -48.26
N ALA DA 254 -90.08 -19.36 -47.17
CA ALA DA 254 -88.93 -20.25 -47.07
C ALA DA 254 -89.34 -21.66 -47.43
N THR DA 255 -88.46 -22.36 -48.16
CA THR DA 255 -88.76 -23.72 -48.59
C THR DA 255 -88.88 -24.65 -47.40
N ALA DA 256 -89.76 -25.65 -47.54
CA ALA DA 256 -90.00 -26.58 -46.46
C ALA DA 256 -88.78 -27.48 -46.23
N ALA DA 257 -88.66 -27.97 -45.00
CA ALA DA 257 -87.55 -28.83 -44.61
C ALA DA 257 -87.95 -30.29 -44.73
N THR DA 258 -87.16 -31.07 -45.47
CA THR DA 258 -87.39 -32.49 -45.63
C THR DA 258 -86.35 -33.24 -44.81
N PHE DA 259 -86.81 -34.19 -44.00
CA PHE DA 259 -85.92 -34.90 -43.10
C PHE DA 259 -86.41 -36.33 -42.89
N SER DA 260 -85.61 -37.10 -42.15
CA SER DA 260 -85.94 -38.47 -41.80
C SER DA 260 -86.23 -38.56 -40.30
N LEU DA 261 -87.43 -39.00 -39.96
CA LEU DA 261 -87.85 -39.21 -38.59
C LEU DA 261 -87.71 -40.68 -38.25
N SER DA 262 -87.05 -40.97 -37.12
CA SER DA 262 -86.71 -42.34 -36.73
C SER DA 262 -87.33 -42.64 -35.37
N PHE DA 263 -87.91 -43.83 -35.24
CA PHE DA 263 -88.40 -44.36 -33.98
C PHE DA 263 -87.65 -45.63 -33.57
N LEU DA 264 -86.40 -45.76 -34.00
CA LEU DA 264 -85.62 -46.95 -33.72
C LEU DA 264 -85.30 -47.05 -32.22
N ASN DA 265 -84.99 -48.26 -31.78
CA ASN DA 265 -84.70 -48.56 -30.37
C ASN DA 265 -85.91 -48.21 -29.50
N SER DA 266 -87.09 -48.58 -29.98
CA SER DA 266 -88.34 -48.41 -29.25
C SER DA 266 -89.05 -49.74 -29.14
N MET DA 267 -89.64 -49.99 -27.97
CA MET DA 267 -90.31 -51.26 -27.70
C MET DA 267 -91.70 -51.02 -27.14
N GLN DA 268 -92.60 -51.95 -27.40
CA GLN DA 268 -93.98 -51.86 -26.94
C GLN DA 268 -94.24 -52.65 -25.66
N GLN DA 269 -93.19 -53.04 -24.95
CA GLN DA 269 -93.35 -53.78 -23.71
C GLN DA 269 -94.10 -52.95 -22.67
N ASN DA 270 -94.92 -53.63 -21.88
CA ASN DA 270 -95.75 -52.95 -20.88
C ASN DA 270 -94.90 -52.19 -19.87
N THR DA 271 -95.02 -50.87 -19.86
CA THR DA 271 -94.29 -50.02 -18.92
C THR DA 271 -95.25 -49.17 -18.08
N GLY DA 272 -96.53 -49.49 -18.08
CA GLY DA 272 -97.53 -48.70 -17.38
C GLY DA 272 -98.17 -47.64 -18.24
N ALA DA 273 -97.41 -46.61 -18.60
CA ALA DA 273 -97.90 -45.53 -19.45
C ALA DA 273 -96.86 -45.20 -20.51
N ASN DA 274 -97.33 -44.65 -21.62
CA ASN DA 274 -96.43 -44.25 -22.70
C ASN DA 274 -95.52 -43.12 -22.24
N ASN DA 275 -94.23 -43.23 -22.56
CA ASN DA 275 -93.25 -42.23 -22.17
C ASN DA 275 -92.21 -42.09 -23.28
N ILE DA 276 -91.77 -40.85 -23.51
CA ILE DA 276 -90.70 -40.57 -24.46
C ILE DA 276 -89.43 -40.30 -23.66
N VAL DA 277 -88.41 -41.13 -23.87
CA VAL DA 277 -87.19 -41.05 -23.07
C VAL DA 277 -86.05 -40.34 -23.78
N ALA DA 278 -86.11 -40.18 -25.10
CA ALA DA 278 -85.03 -39.54 -25.83
C ALA DA 278 -85.61 -38.89 -27.09
N THR DA 279 -85.09 -37.70 -27.39
CA THR DA 279 -85.51 -36.95 -28.58
C THR DA 279 -84.35 -36.09 -29.02
N ASN DA 280 -83.90 -36.27 -30.27
CA ASN DA 280 -82.76 -35.52 -30.79
C ASN DA 280 -83.02 -35.16 -32.25
N GLN DA 281 -82.40 -34.06 -32.68
CA GLN DA 281 -82.50 -33.59 -34.06
C GLN DA 281 -81.21 -32.87 -34.41
N ASN DA 282 -81.03 -32.59 -35.70
CA ASN DA 282 -79.81 -31.96 -36.17
C ASN DA 282 -80.07 -30.61 -36.82
N GLY DA 283 -80.83 -29.77 -36.15
CA GLY DA 283 -81.05 -28.40 -36.62
C GLY DA 283 -80.82 -27.41 -35.50
N TYR DA 284 -80.32 -26.23 -35.88
CA TYR DA 284 -80.01 -25.19 -34.91
C TYR DA 284 -80.30 -23.82 -35.50
N LYS DA 285 -80.83 -22.92 -34.68
CA LYS DA 285 -81.04 -21.54 -35.08
C LYS DA 285 -79.71 -20.80 -35.08
N PRO DA 286 -79.61 -19.70 -35.83
CA PRO DA 286 -78.35 -18.94 -35.85
C PRO DA 286 -78.00 -18.40 -34.47
N GLY DA 287 -76.70 -18.36 -34.18
CA GLY DA 287 -76.19 -17.88 -32.92
C GLY DA 287 -75.21 -16.73 -33.08
N ASP DA 288 -74.71 -16.27 -31.94
CA ASP DA 288 -73.76 -15.16 -31.89
C ASP DA 288 -72.59 -15.54 -30.99
N LEU DA 289 -71.41 -15.03 -31.34
CA LEU DA 289 -70.21 -15.33 -30.58
C LEU DA 289 -70.33 -14.78 -29.16
N VAL DA 290 -70.05 -15.63 -28.18
CA VAL DA 290 -70.22 -15.26 -26.78
C VAL DA 290 -68.90 -15.41 -26.03
N SER DA 291 -68.40 -16.63 -25.96
CA SER DA 291 -67.19 -16.91 -25.18
C SER DA 291 -66.47 -18.08 -25.80
N TYR DA 292 -65.19 -18.23 -25.42
CA TYR DA 292 -64.34 -19.31 -25.90
C TYR DA 292 -63.62 -19.95 -24.73
N GLN DA 293 -63.42 -21.26 -24.82
CA GLN DA 293 -62.77 -22.03 -23.77
C GLN DA 293 -61.78 -23.00 -24.40
N ILE DA 294 -60.71 -23.31 -23.66
CA ILE DA 294 -59.67 -24.22 -24.12
C ILE DA 294 -59.74 -25.49 -23.29
N ASN DA 295 -59.88 -26.62 -23.97
CA ASN DA 295 -59.96 -27.90 -23.30
C ASN DA 295 -58.56 -28.47 -23.08
N ASN DA 296 -58.50 -29.66 -22.47
CA ASN DA 296 -57.23 -30.31 -22.21
C ASN DA 296 -56.70 -31.07 -23.43
N ASP DA 297 -57.48 -31.18 -24.50
CA ASP DA 297 -57.02 -31.81 -25.73
C ASP DA 297 -56.49 -30.79 -26.73
N GLY DA 298 -56.43 -29.51 -26.36
CA GLY DA 298 -55.99 -28.47 -27.25
C GLY DA 298 -57.07 -27.84 -28.08
N THR DA 299 -58.26 -28.43 -28.12
CA THR DA 299 -59.34 -27.89 -28.93
C THR DA 299 -59.92 -26.64 -28.27
N VAL DA 300 -60.30 -25.67 -29.08
CA VAL DA 300 -60.94 -24.45 -28.63
C VAL DA 300 -62.42 -24.54 -28.96
N VAL DA 301 -63.26 -24.39 -27.94
CA VAL DA 301 -64.71 -24.54 -28.08
C VAL DA 301 -65.36 -23.21 -27.77
N GLY DA 302 -66.16 -22.71 -28.72
CA GLY DA 302 -66.86 -21.45 -28.56
C GLY DA 302 -68.34 -21.70 -28.27
N ASN DA 303 -68.85 -20.97 -27.28
CA ASN DA 303 -70.25 -21.05 -26.89
C ASN DA 303 -71.06 -20.02 -27.66
N TYR DA 304 -72.31 -20.37 -27.97
CA TYR DA 304 -73.21 -19.47 -28.67
C TYR DA 304 -74.55 -19.42 -27.94
N SER DA 305 -75.49 -18.62 -28.45
CA SER DA 305 -76.79 -18.51 -27.81
C SER DA 305 -77.55 -19.84 -27.86
N ASN DA 306 -77.48 -20.54 -29.00
CA ASN DA 306 -78.20 -21.78 -29.21
C ASN DA 306 -77.48 -22.99 -28.63
N GLU DA 307 -76.51 -22.77 -27.74
CA GLU DA 307 -75.76 -23.85 -27.08
C GLU DA 307 -75.10 -24.76 -28.11
N GLN DA 308 -74.49 -24.16 -29.11
CA GLN DA 308 -73.75 -24.88 -30.15
C GLN DA 308 -72.25 -24.69 -29.93
N GLU DA 309 -71.54 -25.81 -29.81
CA GLU DA 309 -70.09 -25.78 -29.61
C GLU DA 309 -69.39 -25.74 -30.95
N GLN DA 310 -68.45 -24.80 -31.10
CA GLN DA 310 -67.73 -24.60 -32.35
C GLN DA 310 -66.26 -24.88 -32.12
N VAL DA 311 -65.74 -25.93 -32.73
CA VAL DA 311 -64.32 -26.25 -32.66
C VAL DA 311 -63.61 -25.45 -33.74
N LEU DA 312 -62.76 -24.50 -33.31
CA LEU DA 312 -62.02 -23.64 -34.22
C LEU DA 312 -60.62 -24.14 -34.49
N GLY DA 313 -60.28 -25.33 -34.00
CA GLY DA 313 -58.96 -25.89 -34.12
C GLY DA 313 -58.45 -26.40 -32.79
N GLN DA 314 -57.34 -27.14 -32.88
CA GLN DA 314 -56.70 -27.68 -31.69
C GLN DA 314 -55.23 -27.25 -31.68
N ILE DA 315 -54.69 -27.15 -30.47
CA ILE DA 315 -53.30 -26.70 -30.31
C ILE DA 315 -52.37 -27.86 -30.62
N VAL DA 316 -51.42 -27.63 -31.50
CA VAL DA 316 -50.41 -28.62 -31.84
C VAL DA 316 -49.24 -28.49 -30.88
N LEU DA 317 -48.56 -29.59 -30.63
CA LEU DA 317 -47.32 -29.61 -29.86
C LEU DA 317 -46.22 -30.19 -30.74
N ALA DA 318 -45.09 -29.50 -30.80
CA ALA DA 318 -43.94 -29.94 -31.58
C ALA DA 318 -42.88 -30.47 -30.63
N ASN DA 319 -42.39 -31.68 -30.89
CA ASN DA 319 -41.37 -32.31 -30.06
C ASN DA 319 -40.15 -32.59 -30.92
N PHE DA 320 -38.99 -32.14 -30.44
CA PHE DA 320 -37.74 -32.32 -31.17
C PHE DA 320 -36.98 -33.53 -30.62
N ALA DA 321 -36.23 -34.18 -31.51
CA ALA DA 321 -35.48 -35.37 -31.12
C ALA DA 321 -34.39 -35.07 -30.10
N ASN DA 322 -33.98 -33.81 -29.99
CA ASN DA 322 -32.97 -33.44 -29.01
C ASN DA 322 -33.19 -31.99 -28.59
N ASN DA 323 -33.25 -31.77 -27.29
CA ASN DA 323 -33.37 -30.42 -26.76
C ASN DA 323 -31.98 -29.79 -26.67
N GLU DA 324 -31.88 -28.65 -25.98
CA GLU DA 324 -30.64 -27.89 -25.80
C GLU DA 324 -29.86 -27.74 -27.11
N GLY DA 325 -30.56 -27.83 -28.24
CA GLY DA 325 -29.98 -27.59 -29.53
C GLY DA 325 -30.74 -26.50 -30.23
N LEU DA 326 -31.88 -26.14 -29.67
CA LEU DA 326 -32.68 -25.04 -30.19
C LEU DA 326 -32.01 -23.71 -29.88
N ALA DA 327 -31.97 -22.83 -30.89
CA ALA DA 327 -31.32 -21.53 -30.77
C ALA DA 327 -32.34 -20.51 -30.27
N SER DA 328 -32.06 -19.92 -29.11
CA SER DA 328 -32.94 -18.91 -28.55
C SER DA 328 -32.90 -17.65 -29.40
N GLN DA 329 -34.06 -17.03 -29.59
CA GLN DA 329 -34.19 -15.82 -30.39
C GLN DA 329 -34.94 -14.76 -29.59
N GLY DA 330 -34.22 -13.76 -29.10
CA GLY DA 330 -34.86 -12.67 -28.40
C GLY DA 330 -35.72 -13.12 -27.25
N ASP DA 331 -37.04 -12.97 -27.38
CA ASP DA 331 -37.95 -13.33 -26.32
C ASP DA 331 -38.03 -14.85 -26.18
N ASN DA 332 -38.92 -15.32 -25.31
CA ASN DA 332 -38.94 -16.72 -24.94
C ASN DA 332 -39.44 -17.58 -26.09
N VAL DA 333 -38.67 -17.61 -27.18
CA VAL DA 333 -38.93 -18.48 -28.32
C VAL DA 333 -37.61 -19.11 -28.74
N TRP DA 334 -37.70 -20.15 -29.56
CA TRP DA 334 -36.55 -20.86 -30.06
C TRP DA 334 -36.76 -21.17 -31.54
N ALA DA 335 -35.66 -21.32 -32.25
CA ALA DA 335 -35.67 -21.64 -33.67
C ALA DA 335 -35.04 -23.01 -33.89
N ALA DA 336 -35.69 -23.83 -34.72
CA ALA DA 336 -35.14 -25.14 -35.04
C ALA DA 336 -33.89 -24.98 -35.89
N THR DA 337 -32.95 -25.90 -35.73
CA THR DA 337 -31.70 -25.86 -36.47
C THR DA 337 -31.10 -27.27 -36.48
N GLN DA 338 -29.84 -27.37 -36.90
CA GLN DA 338 -29.11 -28.62 -36.77
C GLN DA 338 -28.94 -28.98 -35.30
N ALA DA 339 -28.62 -30.24 -35.05
CA ALA DA 339 -28.48 -30.79 -33.71
C ALA DA 339 -29.76 -30.66 -32.89
N SER DA 340 -30.89 -30.44 -33.58
CA SER DA 340 -32.19 -30.41 -32.93
C SER DA 340 -33.24 -31.23 -33.65
N GLY DA 341 -33.06 -31.52 -34.94
CA GLY DA 341 -34.00 -32.34 -35.66
C GLY DA 341 -35.16 -31.56 -36.23
N VAL DA 342 -35.99 -32.29 -36.96
CA VAL DA 342 -37.18 -31.73 -37.58
C VAL DA 342 -38.21 -31.40 -36.51
N ALA DA 343 -39.28 -30.69 -36.88
CA ALA DA 343 -40.28 -30.28 -35.91
C ALA DA 343 -40.93 -31.49 -35.24
N LEU DA 344 -41.32 -32.49 -36.03
CA LEU DA 344 -42.02 -33.68 -35.54
C LEU DA 344 -43.27 -33.29 -34.74
N LEU DA 345 -44.25 -32.77 -35.46
CA LEU DA 345 -45.48 -32.30 -34.84
C LEU DA 345 -46.36 -33.48 -34.44
N GLY DA 346 -47.31 -33.22 -33.56
CA GLY DA 346 -48.25 -34.24 -33.12
C GLY DA 346 -49.29 -33.66 -32.20
N THR DA 347 -50.26 -34.49 -31.86
CA THR DA 347 -51.36 -34.07 -31.01
C THR DA 347 -50.89 -33.90 -29.57
N ALA DA 348 -51.71 -33.22 -28.78
CA ALA DA 348 -51.37 -32.95 -27.39
C ALA DA 348 -51.65 -34.13 -26.47
N GLY DA 349 -52.40 -35.13 -26.91
CA GLY DA 349 -52.73 -36.26 -26.08
C GLY DA 349 -51.69 -37.36 -26.06
N SER DA 350 -51.47 -37.98 -27.23
CA SER DA 350 -50.61 -39.15 -27.31
C SER DA 350 -49.38 -38.87 -28.14
N GLY DA 351 -48.57 -39.90 -28.40
CA GLY DA 351 -47.30 -39.70 -29.07
C GLY DA 351 -46.23 -39.13 -28.18
N ASN DA 352 -46.29 -39.42 -26.88
CA ASN DA 352 -45.36 -39.02 -25.83
C ASN DA 352 -45.36 -37.52 -25.57
N PHE DA 353 -46.20 -36.74 -26.26
CA PHE DA 353 -46.28 -35.31 -26.00
C PHE DA 353 -46.85 -35.06 -24.61
N GLY DA 354 -46.56 -33.87 -24.08
CA GLY DA 354 -47.08 -33.49 -22.79
C GLY DA 354 -48.57 -33.22 -22.82
N LYS DA 355 -49.18 -33.26 -21.64
CA LYS DA 355 -50.61 -33.07 -21.48
C LYS DA 355 -50.88 -31.63 -21.07
N LEU DA 356 -51.79 -30.97 -21.79
CA LEU DA 356 -52.10 -29.57 -21.51
C LEU DA 356 -52.87 -29.44 -20.21
N THR DA 357 -52.61 -28.34 -19.51
CA THR DA 357 -53.32 -27.99 -18.27
C THR DA 357 -53.76 -26.54 -18.42
N ASN DA 358 -55.06 -26.31 -18.40
CA ASN DA 358 -55.60 -24.98 -18.62
C ASN DA 358 -55.57 -24.16 -17.32
N GLY DA 359 -55.50 -22.85 -17.48
CA GLY DA 359 -55.53 -21.94 -16.34
C GLY DA 359 -54.36 -22.07 -15.41
N ALA DA 360 -53.15 -22.21 -15.95
CA ALA DA 360 -51.95 -22.30 -15.12
C ALA DA 360 -50.75 -21.88 -15.95
N LEU DA 361 -49.69 -21.48 -15.25
CA LEU DA 361 -48.46 -21.04 -15.90
C LEU DA 361 -47.27 -21.72 -15.25
N GLU DA 362 -46.20 -21.86 -16.01
CA GLU DA 362 -45.00 -22.57 -15.59
C GLU DA 362 -43.96 -21.60 -15.05
N ALA DA 363 -43.27 -22.00 -13.99
CA ALA DA 363 -42.25 -21.15 -13.37
C ALA DA 363 -40.95 -21.23 -14.18
N SER DA 364 -39.88 -20.68 -13.62
CA SER DA 364 -38.61 -20.54 -14.33
C SER DA 364 -37.60 -21.63 -13.98
N ASN DA 365 -37.96 -22.55 -13.09
CA ASN DA 365 -37.07 -23.62 -12.61
C ASN DA 365 -35.65 -23.13 -12.30
N VAL DA 366 -35.54 -21.91 -11.78
CA VAL DA 366 -34.27 -21.34 -11.36
C VAL DA 366 -34.28 -21.27 -9.84
N ASP DA 367 -33.26 -21.87 -9.22
CA ASP DA 367 -33.17 -21.93 -7.76
C ASP DA 367 -32.15 -20.90 -7.30
N LEU DA 368 -32.58 -20.00 -6.42
CA LEU DA 368 -31.67 -18.97 -5.92
C LEU DA 368 -30.53 -19.55 -5.09
N SER DA 369 -30.82 -20.57 -4.28
CA SER DA 369 -29.81 -21.11 -3.37
C SER DA 369 -28.61 -21.64 -4.12
N LYS DA 370 -28.83 -22.40 -5.19
CA LYS DA 370 -27.71 -22.87 -6.00
C LYS DA 370 -26.98 -21.72 -6.67
N GLU DA 371 -27.72 -20.74 -7.18
CA GLU DA 371 -27.09 -19.64 -7.91
C GLU DA 371 -26.16 -18.83 -7.02
N LEU DA 372 -26.56 -18.57 -5.77
CA LEU DA 372 -25.72 -17.74 -4.91
C LEU DA 372 -24.41 -18.45 -4.56
N VAL DA 373 -24.46 -19.73 -4.24
CA VAL DA 373 -23.23 -20.44 -3.92
C VAL DA 373 -22.35 -20.60 -5.15
N ASN DA 374 -22.97 -20.83 -6.32
CA ASN DA 374 -22.17 -20.87 -7.55
C ASN DA 374 -21.51 -19.53 -7.81
N MET DA 375 -22.20 -18.43 -7.51
CA MET DA 375 -21.60 -17.10 -7.66
C MET DA 375 -20.41 -16.93 -6.75
N ILE DA 376 -20.52 -17.38 -5.49
CA ILE DA 376 -19.40 -17.26 -4.57
C ILE DA 376 -18.20 -18.07 -5.07
N VAL DA 377 -18.44 -19.29 -5.52
CA VAL DA 377 -17.35 -20.13 -6.02
C VAL DA 377 -16.70 -19.48 -7.25
N ALA DA 378 -17.53 -18.95 -8.15
CA ALA DA 378 -17.00 -18.30 -9.35
C ALA DA 378 -16.14 -17.11 -8.99
N GLN DA 379 -16.58 -16.30 -8.01
CA GLN DA 379 -15.78 -15.16 -7.59
C GLN DA 379 -14.43 -15.62 -7.05
N ARG DA 380 -14.43 -16.67 -6.22
CA ARG DA 380 -13.15 -17.14 -5.68
C ARG DA 380 -12.21 -17.63 -6.79
N ASN DA 381 -12.74 -18.39 -7.75
CA ASN DA 381 -11.90 -18.85 -8.85
C ASN DA 381 -11.37 -17.69 -9.69
N TYR DA 382 -12.19 -16.69 -9.96
CA TYR DA 382 -11.75 -15.52 -10.70
C TYR DA 382 -10.62 -14.81 -9.96
N GLN DA 383 -10.75 -14.66 -8.64
CA GLN DA 383 -9.70 -14.01 -7.87
C GLN DA 383 -8.41 -14.82 -7.91
N SER DA 384 -8.51 -16.15 -7.86
CA SER DA 384 -7.30 -16.98 -7.94
C SER DA 384 -6.59 -16.79 -9.27
N ASN DA 385 -7.35 -16.78 -10.37
CA ASN DA 385 -6.72 -16.57 -11.67
C ASN DA 385 -6.09 -15.19 -11.78
N ALA DA 386 -6.76 -14.18 -11.23
CA ALA DA 386 -6.15 -12.85 -11.21
C ALA DA 386 -4.86 -12.84 -10.41
N GLN DA 387 -4.82 -13.58 -9.30
CA GLN DA 387 -3.60 -13.68 -8.52
C GLN DA 387 -2.48 -14.31 -9.33
N THR DA 388 -2.81 -15.33 -10.13
CA THR DA 388 -1.80 -15.93 -11.00
C THR DA 388 -1.27 -14.92 -12.01
N ILE DA 389 -2.16 -14.13 -12.61
CA ILE DA 389 -1.71 -13.09 -13.55
C ILE DA 389 -0.76 -12.13 -12.85
N LYS DA 390 -1.12 -11.69 -11.64
CA LYS DA 390 -0.29 -10.75 -10.90
C LYS DA 390 1.08 -11.36 -10.60
N THR DA 391 1.11 -12.63 -10.20
CA THR DA 391 2.38 -13.28 -9.90
C THR DA 391 3.27 -13.37 -11.13
N GLN DA 392 2.71 -13.76 -12.27
CA GLN DA 392 3.51 -13.83 -13.48
C GLN DA 392 4.05 -12.47 -13.87
N ASP DA 393 3.22 -11.44 -13.78
CA ASP DA 393 3.69 -10.10 -14.09
C ASP DA 393 4.80 -9.67 -13.15
N GLN DA 394 4.68 -10.00 -11.87
CA GLN DA 394 5.71 -9.60 -10.90
C GLN DA 394 7.04 -10.28 -11.18
N ILE DA 395 7.01 -11.58 -11.50
CA ILE DA 395 8.28 -12.24 -11.80
C ILE DA 395 8.87 -11.71 -13.09
N LEU DA 396 8.02 -11.38 -14.08
CA LEU DA 396 8.53 -10.78 -15.30
C LEU DA 396 9.19 -9.44 -15.03
N ASN DA 397 8.57 -8.61 -14.18
CA ASN DA 397 9.17 -7.32 -13.83
C ASN DA 397 10.51 -7.51 -13.12
N THR DA 398 10.56 -8.46 -12.18
CA THR DA 398 11.82 -8.71 -11.48
C THR DA 398 12.91 -9.14 -12.44
N LEU DA 399 12.56 -9.96 -13.42
CA LEU DA 399 13.52 -10.30 -14.46
C LEU DA 399 13.94 -9.07 -15.27
N VAL DA 400 12.99 -8.18 -15.58
CA VAL DA 400 13.30 -7.01 -16.39
C VAL DA 400 14.31 -6.12 -15.68
N ASN DA 401 14.08 -5.85 -14.40
CA ASN DA 401 14.99 -4.98 -13.65
C ASN DA 401 16.40 -5.56 -13.63
N LEU DA 402 16.56 -6.72 -12.98
CA LEU DA 402 17.80 -7.49 -12.98
C LEU DA 402 19.03 -6.64 -12.63
N SER EA 2 11.66 -24.02 6.33
CA SER EA 2 10.57 -23.49 7.15
C SER EA 2 9.24 -23.57 6.41
N PHE EA 3 9.31 -23.63 5.09
CA PHE EA 3 8.09 -23.72 4.29
C PHE EA 3 7.38 -25.05 4.49
N SER EA 4 8.14 -26.14 4.56
CA SER EA 4 7.54 -27.46 4.59
C SER EA 4 6.69 -27.66 5.84
N GLN EA 5 7.19 -27.23 7.00
CA GLN EA 5 6.43 -27.41 8.24
C GLN EA 5 5.12 -26.63 8.19
N ALA EA 6 5.16 -25.38 7.72
CA ALA EA 6 3.96 -24.57 7.64
C ALA EA 6 2.96 -25.16 6.66
N VAL EA 7 3.44 -25.63 5.51
CA VAL EA 7 2.54 -26.24 4.54
C VAL EA 7 1.90 -27.50 5.12
N SER EA 8 2.69 -28.31 5.83
CA SER EA 8 2.14 -29.53 6.43
C SER EA 8 1.07 -29.19 7.47
N GLY EA 9 1.34 -28.20 8.30
CA GLY EA 9 0.33 -27.78 9.27
C GLY EA 9 -0.92 -27.25 8.62
N LEU EA 10 -0.77 -26.49 7.53
CA LEU EA 10 -1.93 -25.99 6.80
C LEU EA 10 -2.75 -27.13 6.22
N ASN EA 11 -2.08 -28.14 5.67
CA ASN EA 11 -2.78 -29.31 5.13
C ASN EA 11 -3.51 -30.06 6.23
N ALA EA 12 -2.89 -30.19 7.41
CA ALA EA 12 -3.56 -30.84 8.53
C ALA EA 12 -4.80 -30.08 8.95
N ALA EA 13 -4.71 -28.74 9.01
CA ALA EA 13 -5.87 -27.93 9.35
C ALA EA 13 -6.97 -28.09 8.32
N ALA EA 14 -6.60 -28.14 7.04
CA ALA EA 14 -7.60 -28.34 5.99
C ALA EA 14 -8.28 -29.70 6.13
N THR EA 15 -7.51 -30.74 6.46
CA THR EA 15 -8.09 -32.05 6.68
C THR EA 15 -9.06 -32.04 7.84
N ASN EA 16 -8.68 -31.38 8.94
CA ASN EA 16 -9.57 -31.28 10.10
C ASN EA 16 -10.86 -30.56 9.72
N LEU EA 17 -10.75 -29.46 8.96
CA LEU EA 17 -11.94 -28.73 8.56
C LEU EA 17 -12.83 -29.57 7.65
N ASP EA 18 -12.22 -30.34 6.75
CA ASP EA 18 -13.00 -31.21 5.87
C ASP EA 18 -13.74 -32.27 6.67
N VAL EA 19 -13.09 -32.84 7.68
CA VAL EA 19 -13.76 -33.84 8.51
C VAL EA 19 -14.92 -33.22 9.26
N ILE EA 20 -14.71 -32.02 9.80
CA ILE EA 20 -15.79 -31.34 10.52
C ILE EA 20 -16.96 -31.04 9.59
N GLY EA 21 -16.66 -30.56 8.38
CA GLY EA 21 -17.70 -30.29 7.41
C GLY EA 21 -18.47 -31.55 7.02
N ASN EA 22 -17.75 -32.66 6.86
CA ASN EA 22 -18.41 -33.93 6.55
C ASN EA 22 -19.34 -34.34 7.67
N ASN EA 23 -18.88 -34.21 8.92
CA ASN EA 23 -19.72 -34.59 10.06
C ASN EA 23 -20.96 -33.71 10.12
N ILE EA 24 -20.81 -32.39 9.97
CA ILE EA 24 -21.95 -31.50 10.12
C ILE EA 24 -22.93 -31.68 8.97
N ALA EA 25 -22.43 -31.92 7.76
CA ALA EA 25 -23.30 -32.11 6.62
C ALA EA 25 -24.00 -33.46 6.64
N ASN EA 26 -23.48 -34.43 7.39
CA ASN EA 26 -24.03 -35.77 7.43
C ASN EA 26 -25.07 -35.94 8.52
N SER EA 27 -25.51 -34.86 9.15
CA SER EA 27 -26.56 -34.97 10.15
C SER EA 27 -27.82 -35.51 9.50
N ALA EA 28 -28.68 -36.11 10.32
CA ALA EA 28 -29.92 -36.77 9.95
C ALA EA 28 -29.71 -38.04 9.13
N THR EA 29 -28.46 -38.43 8.86
CA THR EA 29 -28.20 -39.72 8.27
C THR EA 29 -28.29 -40.80 9.34
N TYR EA 30 -29.18 -41.77 9.13
CA TYR EA 30 -29.54 -42.69 10.20
C TYR EA 30 -28.36 -43.57 10.61
N GLY EA 31 -27.71 -44.21 9.64
CA GLY EA 31 -26.59 -45.05 9.96
C GLY EA 31 -25.25 -44.36 9.81
N PHE EA 32 -25.00 -43.33 10.61
CA PHE EA 32 -23.77 -42.56 10.49
C PHE EA 32 -23.07 -42.46 11.82
N LYS EA 33 -21.74 -42.47 11.77
CA LYS EA 33 -20.88 -42.30 12.93
C LYS EA 33 -19.93 -41.14 12.65
N SER EA 34 -19.83 -40.22 13.61
CA SER EA 34 -18.99 -39.04 13.41
C SER EA 34 -17.52 -39.43 13.34
N GLY EA 35 -16.76 -38.65 12.58
CA GLY EA 35 -15.35 -38.90 12.37
C GLY EA 35 -14.51 -37.83 13.05
N THR EA 36 -13.37 -38.25 13.61
CA THR EA 36 -12.42 -37.35 14.24
C THR EA 36 -11.03 -37.65 13.72
N ALA EA 37 -10.26 -36.61 13.44
CA ALA EA 37 -8.92 -36.75 12.91
C ALA EA 37 -7.90 -36.93 14.03
N SER EA 38 -6.82 -37.62 13.71
CA SER EA 38 -5.73 -37.83 14.65
C SER EA 38 -4.42 -37.45 13.97
N PHE EA 39 -3.59 -36.70 14.70
CA PHE EA 39 -2.36 -36.17 14.17
C PHE EA 39 -1.17 -36.70 14.96
N ALA EA 40 0.01 -36.66 14.32
CA ALA EA 40 1.24 -37.08 14.98
C ALA EA 40 2.40 -36.30 14.37
N ASP EA 41 3.24 -35.73 15.22
CA ASP EA 41 4.42 -35.04 14.74
C ASP EA 41 5.44 -36.05 14.22
N MET EA 42 6.36 -35.56 13.40
CA MET EA 42 7.42 -36.40 12.88
C MET EA 42 8.75 -35.68 12.97
N PHE EA 43 9.76 -36.37 13.50
CA PHE EA 43 11.11 -35.83 13.65
C PHE EA 43 12.08 -36.74 12.90
N ALA EA 44 13.07 -36.11 12.27
CA ALA EA 44 14.07 -36.88 11.55
C ALA EA 44 15.07 -37.51 12.52
N GLY EA 45 15.80 -36.68 13.23
CA GLY EA 45 16.68 -37.14 14.30
C GLY EA 45 16.26 -36.51 15.60
N SER EA 46 17.02 -35.53 16.07
CA SER EA 46 16.61 -34.68 17.16
C SER EA 46 16.87 -33.23 16.80
N LYS EA 47 16.08 -32.34 17.39
CA LYS EA 47 16.16 -30.90 17.19
C LYS EA 47 15.85 -30.47 15.77
N VAL EA 48 15.31 -31.36 14.94
CA VAL EA 48 14.93 -31.04 13.56
C VAL EA 48 13.44 -31.30 13.40
N GLY EA 49 12.69 -30.28 13.02
CA GLY EA 49 11.25 -30.39 12.86
C GLY EA 49 10.90 -30.66 11.41
N LEU EA 50 9.92 -31.54 11.21
CA LEU EA 50 9.49 -31.94 9.87
C LEU EA 50 8.02 -31.63 9.60
N GLY EA 51 7.27 -31.22 10.62
CA GLY EA 51 5.87 -30.92 10.42
C GLY EA 51 4.94 -31.89 11.10
N VAL EA 52 3.84 -32.25 10.45
CA VAL EA 52 2.83 -33.13 11.01
C VAL EA 52 2.54 -34.25 10.03
N LYS EA 53 1.79 -35.25 10.52
CA LYS EA 53 1.34 -36.35 9.68
C LYS EA 53 0.03 -36.86 10.25
N VAL EA 54 -0.96 -37.04 9.37
CA VAL EA 54 -2.26 -37.52 9.82
C VAL EA 54 -2.17 -39.02 10.07
N ALA EA 55 -2.52 -39.44 11.29
CA ALA EA 55 -2.44 -40.83 11.69
C ALA EA 55 -3.72 -41.60 11.43
N GLY EA 56 -4.53 -41.17 10.46
CA GLY EA 56 -5.75 -41.88 10.12
C GLY EA 56 -6.98 -41.28 10.78
N ILE EA 57 -8.12 -41.37 10.08
CA ILE EA 57 -9.38 -40.87 10.58
C ILE EA 57 -10.18 -42.04 11.13
N THR EA 58 -10.61 -41.92 12.38
CA THR EA 58 -11.38 -42.95 13.05
C THR EA 58 -12.80 -42.47 13.32
N GLN EA 59 -13.73 -43.40 13.40
CA GLN EA 59 -15.13 -43.09 13.62
C GLN EA 59 -15.56 -43.54 15.01
N ASP EA 60 -16.21 -42.65 15.74
CA ASP EA 60 -16.74 -42.96 17.06
C ASP EA 60 -17.97 -43.83 16.91
N PHE EA 61 -17.96 -45.00 17.53
CA PHE EA 61 -19.05 -45.96 17.39
C PHE EA 61 -20.01 -45.92 18.58
N THR EA 62 -20.23 -44.73 19.14
CA THR EA 62 -21.27 -44.57 20.15
C THR EA 62 -22.63 -44.63 19.48
N ASP EA 63 -23.47 -45.56 19.92
CA ASP EA 63 -24.77 -45.75 19.29
C ASP EA 63 -25.64 -44.52 19.50
N GLY EA 64 -26.33 -44.11 18.45
CA GLY EA 64 -27.18 -42.94 18.53
C GLY EA 64 -28.50 -43.25 19.21
N THR EA 65 -29.25 -42.19 19.48
CA THR EA 65 -30.55 -42.34 20.09
C THR EA 65 -31.52 -43.03 19.14
N THR EA 66 -32.47 -43.76 19.71
CA THR EA 66 -33.43 -44.54 18.96
C THR EA 66 -34.71 -43.75 18.78
N THR EA 67 -35.22 -43.70 17.56
CA THR EA 67 -36.42 -42.95 17.23
C THR EA 67 -37.52 -43.90 16.76
N ASN EA 68 -38.77 -43.54 17.07
CA ASN EA 68 -39.91 -44.37 16.72
C ASN EA 68 -40.42 -43.95 15.34
N THR EA 69 -39.74 -44.44 14.31
CA THR EA 69 -40.16 -44.16 12.94
C THR EA 69 -41.51 -44.80 12.65
N GLY EA 70 -41.76 -45.98 13.17
CA GLY EA 70 -42.96 -46.73 12.85
C GLY EA 70 -42.66 -47.80 11.82
N ARG EA 71 -43.62 -48.06 10.93
CA ARG EA 71 -43.44 -49.03 9.85
C ARG EA 71 -43.11 -50.41 10.38
N GLY EA 72 -42.79 -51.33 9.48
CA GLY EA 72 -42.40 -52.68 9.86
C GLY EA 72 -41.09 -53.11 9.25
N LEU EA 73 -40.73 -52.50 8.13
CA LEU EA 73 -39.49 -52.83 7.42
C LEU EA 73 -38.36 -51.93 7.90
N ASP EA 74 -38.19 -51.87 9.23
CA ASP EA 74 -37.14 -51.08 9.84
C ASP EA 74 -36.84 -51.64 11.21
N VAL EA 75 -35.56 -51.85 11.50
CA VAL EA 75 -35.11 -52.34 12.79
C VAL EA 75 -33.87 -51.56 13.20
N ALA EA 76 -33.63 -51.52 14.51
CA ALA EA 76 -32.47 -50.85 15.05
C ALA EA 76 -31.74 -51.80 16.00
N ILE EA 77 -30.45 -51.56 16.17
CA ILE EA 77 -29.60 -52.38 17.04
C ILE EA 77 -29.24 -51.55 18.27
N SER EA 78 -29.56 -52.08 19.45
CA SER EA 78 -29.33 -51.34 20.69
C SER EA 78 -27.88 -51.41 21.16
N GLN EA 79 -27.10 -52.36 20.66
CA GLN EA 79 -25.72 -52.53 21.11
C GLN EA 79 -24.86 -52.82 19.89
N ASN EA 80 -23.64 -53.30 20.15
CA ASN EA 80 -22.72 -53.62 19.07
C ASN EA 80 -23.27 -54.72 18.17
N GLY EA 81 -23.03 -54.59 16.88
CA GLY EA 81 -23.52 -55.54 15.91
C GLY EA 81 -23.90 -54.89 14.60
N PHE EA 82 -23.49 -55.48 13.48
CA PHE EA 82 -23.71 -54.92 12.15
C PHE EA 82 -24.52 -55.89 11.31
N PHE EA 83 -25.52 -55.36 10.61
CA PHE EA 83 -26.23 -56.15 9.62
C PHE EA 83 -25.28 -56.56 8.50
N ARG EA 84 -25.43 -57.79 8.02
CA ARG EA 84 -24.57 -58.34 6.99
C ARG EA 84 -25.32 -58.33 5.65
N LEU EA 85 -24.71 -57.73 4.63
CA LEU EA 85 -25.32 -57.60 3.32
C LEU EA 85 -24.35 -58.10 2.26
N VAL EA 86 -24.88 -58.39 1.08
CA VAL EA 86 -24.06 -58.75 -0.07
C VAL EA 86 -24.51 -57.92 -1.27
N ASP EA 87 -23.59 -57.70 -2.18
CA ASP EA 87 -23.85 -56.97 -3.41
C ASP EA 87 -24.14 -57.96 -4.54
N SER EA 88 -24.13 -57.48 -5.78
CA SER EA 88 -24.42 -58.33 -6.92
C SER EA 88 -23.31 -59.33 -7.19
N ASN EA 89 -22.07 -58.99 -6.82
CA ASN EA 89 -20.91 -59.78 -7.19
C ASN EA 89 -20.40 -60.67 -6.06
N GLY EA 90 -21.16 -60.79 -4.98
CA GLY EA 90 -20.79 -61.68 -3.89
C GLY EA 90 -19.93 -61.07 -2.80
N SER EA 91 -19.51 -59.81 -2.95
CA SER EA 91 -18.77 -59.16 -1.88
C SER EA 91 -19.66 -59.01 -0.65
N VAL EA 92 -19.03 -59.03 0.52
CA VAL EA 92 -19.74 -59.00 1.80
C VAL EA 92 -19.48 -57.66 2.47
N PHE EA 93 -20.54 -56.96 2.82
CA PHE EA 93 -20.46 -55.68 3.50
C PHE EA 93 -21.25 -55.75 4.80
N TYR EA 94 -21.01 -54.77 5.67
CA TYR EA 94 -21.69 -54.67 6.95
C TYR EA 94 -22.16 -53.24 7.15
N SER EA 95 -23.35 -53.08 7.72
CA SER EA 95 -23.93 -51.76 7.88
C SER EA 95 -24.71 -51.70 9.19
N ARG EA 96 -25.33 -50.56 9.44
CA ARG EA 96 -26.20 -50.38 10.59
C ARG EA 96 -27.51 -49.67 10.26
N ASN EA 97 -27.78 -49.36 9.00
CA ASN EA 97 -29.06 -48.79 8.63
C ASN EA 97 -30.15 -49.84 8.75
N GLY EA 98 -31.35 -49.37 9.09
CA GLY EA 98 -32.47 -50.27 9.28
C GLY EA 98 -33.51 -50.22 8.18
N GLN EA 99 -33.37 -49.27 7.25
CA GLN EA 99 -34.36 -49.09 6.19
C GLN EA 99 -34.34 -50.29 5.26
N PHE EA 100 -35.49 -50.95 5.12
CA PHE EA 100 -35.61 -52.16 4.31
C PHE EA 100 -36.80 -52.06 3.38
N LYS EA 101 -36.67 -52.67 2.21
CA LYS EA 101 -37.74 -52.72 1.22
C LYS EA 101 -37.68 -54.05 0.49
N LEU EA 102 -38.61 -54.23 -0.44
CA LEU EA 102 -38.64 -55.41 -1.30
C LEU EA 102 -38.26 -55.03 -2.72
N ASP EA 103 -37.54 -55.91 -3.40
CA ASP EA 103 -37.14 -55.67 -4.76
C ASP EA 103 -38.14 -56.30 -5.72
N GLU EA 104 -37.75 -56.47 -6.98
CA GLU EA 104 -38.65 -57.05 -7.97
C GLU EA 104 -38.97 -58.50 -7.65
N ASN EA 105 -38.01 -59.26 -7.13
CA ASN EA 105 -38.17 -60.68 -6.87
C ASN EA 105 -38.30 -61.00 -5.38
N ARG EA 106 -38.87 -60.08 -4.60
CA ARG EA 106 -39.27 -60.34 -3.22
C ARG EA 106 -38.06 -60.70 -2.34
N ASN EA 107 -37.12 -59.76 -2.23
CA ASN EA 107 -35.96 -59.90 -1.36
C ASN EA 107 -35.84 -58.68 -0.47
N LEU EA 108 -35.32 -58.87 0.73
CA LEU EA 108 -35.09 -57.76 1.65
C LEU EA 108 -33.85 -57.00 1.22
N VAL EA 109 -34.03 -55.74 0.84
CA VAL EA 109 -32.96 -54.93 0.27
C VAL EA 109 -32.93 -53.59 1.00
N ASN EA 110 -31.73 -53.09 1.26
CA ASN EA 110 -31.58 -51.75 1.83
C ASN EA 110 -31.84 -50.73 0.73
N MET EA 111 -31.80 -49.44 1.08
CA MET EA 111 -32.18 -48.40 0.14
C MET EA 111 -31.22 -48.28 -1.03
N GLN EA 112 -29.98 -48.73 -0.88
CA GLN EA 112 -28.98 -48.58 -1.92
C GLN EA 112 -28.90 -49.76 -2.87
N GLY EA 113 -29.75 -50.78 -2.68
CA GLY EA 113 -29.78 -51.88 -3.62
C GLY EA 113 -28.83 -53.01 -3.28
N MET EA 114 -28.82 -53.45 -2.03
CA MET EA 114 -28.04 -54.58 -1.59
C MET EA 114 -28.91 -55.51 -0.76
N GLN EA 115 -28.73 -56.82 -0.95
CA GLN EA 115 -29.61 -57.81 -0.35
C GLN EA 115 -29.14 -58.16 1.06
N LEU EA 116 -30.11 -58.32 1.96
CA LEU EA 116 -29.82 -58.71 3.34
C LEU EA 116 -29.62 -60.21 3.43
N THR EA 117 -28.52 -60.63 4.04
CA THR EA 117 -28.18 -62.03 4.18
C THR EA 117 -28.57 -62.58 5.54
N GLY EA 118 -28.53 -63.90 5.65
CA GLY EA 118 -28.84 -64.56 6.90
C GLY EA 118 -28.86 -66.06 6.71
N TYR EA 119 -29.20 -66.75 7.78
CA TYR EA 119 -29.25 -68.20 7.73
C TYR EA 119 -30.46 -68.67 6.93
N PRO EA 120 -30.27 -69.48 5.90
CA PRO EA 120 -31.42 -69.97 5.13
C PRO EA 120 -32.24 -70.99 5.92
N ALA EA 121 -33.48 -71.16 5.49
CA ALA EA 121 -34.41 -72.07 6.14
C ALA EA 121 -34.76 -73.21 5.20
N THR EA 122 -34.63 -74.44 5.68
CA THR EA 122 -34.93 -75.63 4.90
C THR EA 122 -35.72 -76.62 5.74
N GLY EA 123 -36.37 -77.55 5.05
CA GLY EA 123 -37.15 -78.60 5.71
C GLY EA 123 -38.64 -78.38 5.55
N THR EA 124 -39.38 -79.42 5.94
CA THR EA 124 -40.84 -79.41 5.92
C THR EA 124 -41.34 -79.93 7.26
N PRO EA 125 -41.69 -79.04 8.21
CA PRO EA 125 -41.70 -77.58 8.08
C PRO EA 125 -40.30 -76.99 8.08
N PRO EA 126 -40.12 -75.82 7.46
CA PRO EA 126 -38.79 -75.19 7.43
C PRO EA 126 -38.30 -74.90 8.84
N THR EA 127 -37.00 -75.12 9.05
CA THR EA 127 -36.39 -74.85 10.34
C THR EA 127 -35.21 -73.90 10.14
N ILE EA 128 -34.47 -73.63 11.21
CA ILE EA 128 -33.36 -72.69 11.17
C ILE EA 128 -32.05 -73.47 11.24
N GLN EA 129 -31.13 -73.15 10.33
CA GLN EA 129 -29.83 -73.78 10.26
C GLN EA 129 -28.78 -72.72 10.56
N GLN EA 130 -28.40 -72.61 11.84
CA GLN EA 130 -27.46 -71.58 12.26
C GLN EA 130 -26.03 -71.88 11.85
N GLY EA 131 -25.75 -73.08 11.33
CA GLY EA 131 -24.42 -73.42 10.89
C GLY EA 131 -24.24 -73.35 9.39
N ALA EA 132 -25.34 -73.14 8.67
CA ALA EA 132 -25.28 -73.10 7.22
C ALA EA 132 -24.67 -71.78 6.74
N ASN EA 133 -24.23 -71.79 5.49
CA ASN EA 133 -23.68 -70.59 4.88
C ASN EA 133 -24.76 -69.52 4.78
N PRO EA 134 -24.46 -68.26 5.09
CA PRO EA 134 -25.48 -67.22 5.00
C PRO EA 134 -25.99 -67.06 3.58
N ALA EA 135 -27.29 -66.80 3.45
CA ALA EA 135 -27.94 -66.61 2.17
C ALA EA 135 -28.89 -65.43 2.27
N PRO EA 136 -29.11 -64.72 1.17
CA PRO EA 136 -30.04 -63.58 1.20
C PRO EA 136 -31.44 -64.01 1.59
N ILE EA 137 -32.12 -63.14 2.36
CA ILE EA 137 -33.48 -63.44 2.78
C ILE EA 137 -34.44 -63.12 1.63
N THR EA 138 -35.28 -64.08 1.30
CA THR EA 138 -36.28 -63.94 0.25
C THR EA 138 -37.65 -64.28 0.83
N ILE EA 139 -38.67 -63.53 0.41
CA ILE EA 139 -40.03 -63.79 0.87
C ILE EA 139 -40.92 -63.96 -0.36
N PRO EA 140 -40.92 -65.12 -0.99
CA PRO EA 140 -41.73 -65.33 -2.19
C PRO EA 140 -43.22 -65.36 -1.88
N ASN EA 141 -44.01 -65.20 -2.92
CA ASN EA 141 -45.46 -65.21 -2.83
C ASN EA 141 -46.07 -66.58 -3.11
N THR EA 142 -45.26 -67.63 -3.16
CA THR EA 142 -45.74 -68.96 -3.51
C THR EA 142 -46.68 -69.49 -2.43
N LEU EA 143 -47.48 -70.49 -2.83
CA LEU EA 143 -48.49 -71.07 -1.95
C LEU EA 143 -47.89 -72.17 -1.09
N MET EA 144 -48.24 -72.17 0.20
CA MET EA 144 -47.75 -73.18 1.11
C MET EA 144 -48.45 -74.52 0.86
N ALA EA 145 -47.67 -75.59 0.83
CA ALA EA 145 -48.21 -76.91 0.55
C ALA EA 145 -48.93 -77.48 1.77
N ALA EA 146 -49.99 -78.25 1.51
CA ALA EA 146 -50.75 -78.87 2.58
C ALA EA 146 -49.94 -79.96 3.28
N LYS EA 147 -50.25 -80.16 4.56
CA LYS EA 147 -49.61 -81.20 5.36
C LYS EA 147 -50.67 -82.15 5.89
N SER EA 148 -50.40 -83.45 5.76
CA SER EA 148 -51.32 -84.46 6.27
C SER EA 148 -51.32 -84.46 7.80
N THR EA 149 -52.52 -84.60 8.38
CA THR EA 149 -52.66 -84.67 9.82
C THR EA 149 -52.25 -86.06 10.29
N THR EA 150 -51.03 -86.18 10.83
CA THR EA 150 -50.49 -87.47 11.25
C THR EA 150 -50.46 -87.65 12.76
N THR EA 151 -50.87 -86.66 13.55
CA THR EA 151 -50.90 -86.79 15.00
C THR EA 151 -51.95 -85.85 15.56
N ALA EA 152 -52.78 -86.37 16.46
CA ALA EA 152 -53.79 -85.57 17.13
C ALA EA 152 -53.72 -85.84 18.62
N SER EA 153 -53.99 -84.79 19.40
CA SER EA 153 -53.97 -84.92 20.86
C SER EA 153 -55.17 -84.19 21.43
N MET EA 154 -56.00 -84.91 22.17
CA MET EA 154 -57.19 -84.34 22.78
C MET EA 154 -57.20 -84.67 24.27
N GLN EA 155 -57.38 -83.63 25.09
CA GLN EA 155 -57.41 -83.75 26.54
C GLN EA 155 -58.82 -83.50 27.03
N ILE EA 156 -59.38 -84.49 27.73
CA ILE EA 156 -60.78 -84.51 28.15
C ILE EA 156 -60.84 -84.96 29.60
N ASN EA 157 -61.69 -84.30 30.39
CA ASN EA 157 -61.90 -84.66 31.78
C ASN EA 157 -63.08 -85.62 31.89
N LEU EA 158 -62.95 -86.60 32.77
CA LEU EA 158 -63.99 -87.60 33.02
C LEU EA 158 -64.34 -87.62 34.50
N ASN EA 159 -65.63 -87.68 34.79
CA ASN EA 159 -66.09 -87.71 36.17
C ASN EA 159 -66.20 -89.16 36.67
N SER EA 160 -65.74 -89.39 37.89
CA SER EA 160 -65.77 -90.74 38.46
C SER EA 160 -67.19 -91.18 38.75
N THR EA 161 -68.06 -90.25 39.16
CA THR EA 161 -69.44 -90.55 39.55
C THR EA 161 -70.40 -90.53 38.37
N ASP EA 162 -69.91 -90.77 37.16
CA ASP EA 162 -70.78 -90.79 35.99
C ASP EA 162 -71.65 -92.05 36.01
N PRO EA 163 -72.97 -91.92 35.93
CA PRO EA 163 -73.84 -93.10 35.91
C PRO EA 163 -73.67 -93.88 34.60
N VAL EA 164 -73.91 -95.19 34.70
CA VAL EA 164 -73.84 -96.05 33.52
C VAL EA 164 -75.07 -95.81 32.66
N PRO EA 165 -74.91 -95.65 31.33
CA PRO EA 165 -76.09 -95.46 30.47
C PRO EA 165 -77.05 -96.63 30.54
N SER EA 166 -78.35 -96.33 30.45
CA SER EA 166 -79.37 -97.35 30.59
C SER EA 166 -79.31 -98.36 29.45
N LYS EA 167 -79.14 -97.88 28.21
CA LYS EA 167 -79.16 -98.75 27.04
C LYS EA 167 -77.75 -99.30 26.80
N THR EA 168 -77.60 -100.61 27.01
CA THR EA 168 -76.31 -101.26 26.79
C THR EA 168 -75.82 -101.19 25.35
N PRO EA 169 -76.63 -101.47 24.32
CA PRO EA 169 -76.10 -101.43 22.95
C PRO EA 169 -75.67 -100.04 22.55
N PHE EA 170 -74.62 -99.97 21.74
CA PHE EA 170 -74.10 -98.69 21.27
C PHE EA 170 -74.87 -98.23 20.03
N SER EA 171 -74.99 -96.91 19.90
CA SER EA 171 -75.67 -96.31 18.76
C SER EA 171 -74.96 -95.03 18.39
N VAL EA 172 -75.18 -94.58 17.15
CA VAL EA 172 -74.51 -93.38 16.64
C VAL EA 172 -75.34 -92.11 16.84
N SER EA 173 -76.67 -92.21 16.93
CA SER EA 173 -77.54 -91.06 17.04
C SER EA 173 -78.57 -91.26 18.13
N ASP EA 174 -78.14 -91.75 19.29
CA ASP EA 174 -79.03 -91.97 20.43
C ASP EA 174 -78.58 -91.09 21.60
N ALA EA 175 -79.57 -90.59 22.34
CA ALA EA 175 -79.27 -89.69 23.46
C ALA EA 175 -78.50 -90.41 24.56
N ASP EA 176 -78.86 -91.65 24.85
CA ASP EA 176 -78.28 -92.40 25.96
C ASP EA 176 -77.48 -93.60 25.48
N SER EA 177 -76.79 -93.45 24.35
CA SER EA 177 -75.91 -94.49 23.85
C SER EA 177 -74.45 -94.27 24.26
N TYR EA 178 -74.17 -93.21 25.00
CA TYR EA 178 -72.81 -92.89 25.41
C TYR EA 178 -72.88 -91.93 26.59
N ASN EA 179 -71.73 -91.44 27.03
CA ASN EA 179 -71.66 -90.47 28.11
C ASN EA 179 -71.11 -89.12 27.69
N LYS EA 180 -70.19 -89.09 26.72
CA LYS EA 180 -69.63 -87.82 26.24
C LYS EA 180 -69.36 -87.91 24.75
N LYS EA 181 -69.67 -86.82 24.04
CA LYS EA 181 -69.43 -86.71 22.61
C LYS EA 181 -68.51 -85.52 22.34
N GLY EA 182 -67.43 -85.77 21.62
CA GLY EA 182 -66.49 -84.70 21.31
C GLY EA 182 -66.17 -84.60 19.83
N THR EA 183 -66.29 -83.40 19.26
CA THR EA 183 -66.05 -83.18 17.84
C THR EA 183 -64.70 -82.54 17.63
N VAL EA 184 -63.93 -83.06 16.68
CA VAL EA 184 -62.62 -82.52 16.33
C VAL EA 184 -62.55 -82.39 14.81
N THR EA 185 -61.76 -81.43 14.35
CA THR EA 185 -61.59 -81.16 12.92
C THR EA 185 -60.15 -81.44 12.53
N VAL EA 186 -59.97 -82.27 11.50
CA VAL EA 186 -58.66 -82.63 10.97
C VAL EA 186 -58.68 -82.45 9.46
N TYR EA 187 -57.52 -82.71 8.83
CA TYR EA 187 -57.38 -82.54 7.40
C TYR EA 187 -56.73 -83.77 6.79
N ASP EA 188 -57.05 -84.02 5.53
CA ASP EA 188 -56.56 -85.18 4.79
C ASP EA 188 -55.25 -84.84 4.10
N SER EA 189 -54.83 -85.71 3.17
CA SER EA 189 -53.60 -85.50 2.41
C SER EA 189 -53.77 -84.51 1.27
N GLN EA 190 -54.99 -84.07 0.98
CA GLN EA 190 -55.25 -83.12 -0.09
C GLN EA 190 -55.67 -81.75 0.40
N GLY EA 191 -56.45 -81.68 1.48
CA GLY EA 191 -56.89 -80.41 2.01
C GLY EA 191 -58.33 -80.44 2.47
N ASN EA 192 -59.03 -81.52 2.15
CA ASN EA 192 -60.43 -81.66 2.54
C ASN EA 192 -60.55 -81.79 4.06
N ALA EA 193 -61.54 -81.11 4.62
CA ALA EA 193 -61.76 -81.11 6.05
C ALA EA 193 -62.53 -82.36 6.46
N HIS EA 194 -62.16 -82.93 7.62
CA HIS EA 194 -62.84 -84.09 8.17
C HIS EA 194 -63.25 -83.79 9.61
N ASP EA 195 -64.44 -84.23 9.98
CA ASP EA 195 -64.96 -84.06 11.33
C ASP EA 195 -65.06 -85.43 11.99
N MET EA 196 -64.40 -85.60 13.12
CA MET EA 196 -64.37 -86.86 13.84
C MET EA 196 -65.06 -86.68 15.19
N ASN EA 197 -66.03 -87.55 15.48
CA ASN EA 197 -66.74 -87.52 16.75
C ASN EA 197 -66.29 -88.72 17.58
N VAL EA 198 -65.77 -88.44 18.77
CA VAL EA 198 -65.29 -89.46 19.70
C VAL EA 198 -66.30 -89.58 20.83
N TYR EA 199 -66.72 -90.81 21.11
CA TYR EA 199 -67.76 -91.09 22.09
C TYR EA 199 -67.18 -91.88 23.25
N PHE EA 200 -67.40 -91.39 24.46
CA PHE EA 200 -66.99 -92.05 25.69
C PHE EA 200 -68.24 -92.58 26.38
N VAL EA 201 -68.25 -93.87 26.69
CA VAL EA 201 -69.39 -94.49 27.36
C VAL EA 201 -68.89 -95.29 28.56
N LYS EA 202 -69.58 -95.17 29.68
CA LYS EA 202 -69.25 -95.93 30.87
C LYS EA 202 -69.92 -97.29 30.82
N THR EA 203 -69.12 -98.35 30.95
CA THR EA 203 -69.62 -99.72 31.00
C THR EA 203 -69.39 -100.38 32.35
N LYS EA 204 -68.23 -100.17 32.95
CA LYS EA 204 -67.94 -100.66 34.29
C LYS EA 204 -66.89 -99.75 34.91
N ASP EA 205 -66.73 -99.87 36.23
CA ASP EA 205 -65.85 -98.98 36.96
C ASP EA 205 -64.40 -99.16 36.53
N ASN EA 206 -63.63 -98.08 36.70
CA ASN EA 206 -62.20 -98.02 36.42
C ASN EA 206 -61.87 -98.16 34.92
N GLU EA 207 -62.87 -98.00 34.05
CA GLU EA 207 -62.61 -98.03 32.62
C GLU EA 207 -63.77 -97.37 31.89
N TRP EA 208 -63.49 -96.96 30.64
CA TRP EA 208 -64.48 -96.40 29.74
C TRP EA 208 -64.26 -97.01 28.36
N ALA EA 209 -65.32 -97.00 27.55
CA ALA EA 209 -65.25 -97.48 26.18
C ALA EA 209 -65.25 -96.29 25.24
N VAL EA 210 -64.31 -96.28 24.30
CA VAL EA 210 -64.11 -95.18 23.37
C VAL EA 210 -64.49 -95.65 21.97
N TYR EA 211 -65.32 -94.86 21.30
CA TYR EA 211 -65.79 -95.14 19.96
C TYR EA 211 -65.43 -93.99 19.04
N THR EA 212 -65.12 -94.30 17.79
CA THR EA 212 -64.74 -93.32 16.79
C THR EA 212 -65.75 -93.32 15.65
N HIS EA 213 -65.96 -92.14 15.07
CA HIS EA 213 -66.90 -91.99 13.97
C HIS EA 213 -66.50 -90.81 13.11
N ASP EA 214 -66.82 -90.90 11.82
CA ASP EA 214 -66.56 -89.85 10.85
C ASP EA 214 -67.87 -89.19 10.47
N SER EA 215 -67.90 -87.85 10.57
CA SER EA 215 -69.13 -87.10 10.32
C SER EA 215 -69.14 -86.36 8.99
N SER EA 216 -67.98 -86.11 8.38
CA SER EA 216 -67.92 -85.40 7.11
C SER EA 216 -68.07 -86.30 5.90
N ASP EA 217 -68.06 -87.62 6.10
CA ASP EA 217 -68.15 -88.56 4.98
C ASP EA 217 -69.54 -89.19 4.94
N PRO EA 218 -70.36 -88.89 3.93
CA PRO EA 218 -71.70 -89.50 3.87
C PRO EA 218 -71.67 -91.00 3.67
N ALA EA 219 -70.57 -91.56 3.17
CA ALA EA 219 -70.44 -92.99 2.95
C ALA EA 219 -69.88 -93.73 4.16
N ALA EA 220 -69.64 -93.03 5.26
CA ALA EA 220 -69.12 -93.67 6.45
C ALA EA 220 -70.16 -94.60 7.08
N THR EA 221 -69.67 -95.65 7.73
CA THR EA 221 -70.53 -96.64 8.38
C THR EA 221 -70.71 -96.28 9.84
N ALA EA 222 -71.93 -96.42 10.33
CA ALA EA 222 -72.21 -96.09 11.73
C ALA EA 222 -71.43 -97.02 12.65
N PRO EA 223 -70.72 -96.49 13.65
CA PRO EA 223 -69.89 -97.36 14.50
C PRO EA 223 -70.74 -98.18 15.45
N THR EA 224 -70.38 -99.45 15.57
CA THR EA 224 -71.05 -100.37 16.49
C THR EA 224 -70.06 -101.06 17.43
N THR EA 225 -68.89 -101.46 16.93
CA THR EA 225 -67.90 -102.12 17.76
C THR EA 225 -67.10 -101.09 18.56
N ALA EA 226 -66.60 -101.52 19.71
CA ALA EA 226 -65.80 -100.64 20.55
C ALA EA 226 -64.45 -100.38 19.89
N SER EA 227 -64.16 -99.11 19.63
CA SER EA 227 -62.89 -98.75 19.02
C SER EA 227 -61.73 -99.05 19.96
N THR EA 228 -61.86 -98.66 21.23
CA THR EA 228 -60.83 -98.93 22.21
C THR EA 228 -61.43 -98.89 23.60
N THR EA 229 -60.60 -99.24 24.59
CA THR EA 229 -60.94 -99.10 25.99
C THR EA 229 -59.88 -98.27 26.69
N LEU EA 230 -60.32 -97.37 27.57
CA LEU EA 230 -59.45 -96.47 28.31
C LEU EA 230 -59.58 -96.83 29.79
N LYS EA 231 -58.53 -97.43 30.34
CA LYS EA 231 -58.56 -97.86 31.74
C LYS EA 231 -57.69 -96.93 32.58
N PHE EA 232 -58.25 -96.49 33.71
CA PHE EA 232 -57.54 -95.61 34.63
C PHE EA 232 -57.04 -96.38 35.84
N ASN EA 233 -56.16 -95.75 36.60
CA ASN EA 233 -55.58 -96.35 37.78
C ASN EA 233 -56.59 -96.33 38.94
N GLU EA 234 -56.12 -96.73 40.12
CA GLU EA 234 -56.98 -96.73 41.30
C GLU EA 234 -57.40 -95.32 41.69
N ASN EA 235 -56.53 -94.33 41.46
CA ASN EA 235 -56.81 -92.95 41.84
C ASN EA 235 -57.36 -92.13 40.67
N GLY EA 236 -57.77 -92.78 39.60
CA GLY EA 236 -58.26 -92.08 38.43
C GLY EA 236 -57.20 -91.60 37.47
N ILE EA 237 -55.94 -91.97 37.69
CA ILE EA 237 -54.86 -91.58 36.79
C ILE EA 237 -54.80 -92.57 35.64
N LEU EA 238 -54.37 -92.09 34.48
CA LEU EA 238 -54.32 -92.90 33.26
C LEU EA 238 -52.97 -93.61 33.15
N GLU EA 239 -53.02 -94.88 32.75
CA GLU EA 239 -51.80 -95.67 32.64
C GLU EA 239 -51.70 -96.39 31.31
N SER EA 240 -52.83 -96.66 30.66
CA SER EA 240 -52.83 -97.44 29.44
C SER EA 240 -53.98 -97.00 28.54
N GLY EA 241 -53.85 -97.35 27.25
CA GLY EA 241 -54.88 -97.06 26.28
C GLY EA 241 -54.93 -95.62 25.81
N GLY EA 242 -53.87 -94.85 26.04
CA GLY EA 242 -53.89 -93.44 25.67
C GLY EA 242 -53.65 -93.18 24.20
N THR EA 243 -52.97 -94.09 23.51
CA THR EA 243 -52.63 -93.91 22.10
C THR EA 243 -53.43 -94.89 21.25
N VAL EA 244 -54.15 -94.37 20.26
CA VAL EA 244 -54.95 -95.16 19.34
C VAL EA 244 -54.59 -94.76 17.92
N ASN EA 245 -54.89 -95.63 16.96
CA ASN EA 245 -54.70 -95.34 15.55
C ASN EA 245 -56.07 -95.14 14.92
N ILE EA 246 -56.27 -93.97 14.29
CA ILE EA 246 -57.56 -93.62 13.69
C ILE EA 246 -57.34 -93.33 12.22
N THR EA 247 -58.13 -93.98 11.38
CA THR EA 247 -58.10 -93.76 9.93
C THR EA 247 -59.46 -93.26 9.48
N THR EA 248 -59.46 -92.15 8.74
CA THR EA 248 -60.69 -91.56 8.25
C THR EA 248 -61.13 -92.29 6.98
N GLY EA 249 -62.11 -91.72 6.27
CA GLY EA 249 -62.55 -92.25 5.00
C GLY EA 249 -61.95 -91.48 3.82
N THR EA 250 -62.17 -92.03 2.64
CA THR EA 250 -61.68 -91.42 1.40
C THR EA 250 -62.83 -90.68 0.72
N ILE EA 251 -62.58 -89.44 0.34
CA ILE EA 251 -63.58 -88.60 -0.33
C ILE EA 251 -62.93 -87.89 -1.50
N ASN EA 252 -63.66 -87.78 -2.61
CA ASN EA 252 -63.22 -87.06 -3.80
C ASN EA 252 -61.89 -87.61 -4.32
N GLY EA 253 -61.72 -88.93 -4.25
CA GLY EA 253 -60.51 -89.55 -4.73
C GLY EA 253 -59.26 -89.24 -3.94
N ALA EA 254 -59.39 -88.73 -2.72
CA ALA EA 254 -58.26 -88.38 -1.89
C ALA EA 254 -58.02 -89.46 -0.84
N THR EA 255 -56.76 -89.76 -0.57
CA THR EA 255 -56.42 -90.77 0.40
C THR EA 255 -56.89 -90.35 1.80
N ALA EA 256 -57.31 -91.33 2.59
CA ALA EA 256 -57.83 -91.05 3.92
C ALA EA 256 -56.73 -90.56 4.85
N ALA EA 257 -57.14 -89.88 5.90
CA ALA EA 257 -56.22 -89.34 6.91
C ALA EA 257 -56.00 -90.38 7.99
N THR EA 258 -54.83 -91.02 7.97
CA THR EA 258 -54.46 -92.03 8.96
C THR EA 258 -53.49 -91.39 9.94
N PHE EA 259 -53.85 -91.41 11.23
CA PHE EA 259 -53.05 -90.72 12.24
C PHE EA 259 -53.15 -91.46 13.57
N SER EA 260 -52.39 -90.96 14.54
CA SER EA 260 -52.42 -91.47 15.91
C SER EA 260 -53.02 -90.40 16.82
N LEU EA 261 -54.00 -90.80 17.61
CA LEU EA 261 -54.66 -89.91 18.56
C LEU EA 261 -54.23 -90.28 19.98
N SER EA 262 -53.84 -89.27 20.74
CA SER EA 262 -53.33 -89.46 22.09
C SER EA 262 -54.32 -88.91 23.12
N PHE EA 263 -54.61 -89.71 24.13
CA PHE EA 263 -55.51 -89.34 25.21
C PHE EA 263 -54.82 -89.33 26.57
N LEU EA 264 -53.49 -89.40 26.58
CA LEU EA 264 -52.74 -89.45 27.83
C LEU EA 264 -52.92 -88.16 28.63
N ASN EA 265 -52.56 -88.23 29.91
CA ASN EA 265 -52.73 -87.12 30.84
C ASN EA 265 -54.20 -86.71 30.97
N SER EA 266 -55.08 -87.71 31.02
CA SER EA 266 -56.50 -87.50 31.25
C SER EA 266 -56.84 -87.82 32.70
N MET EA 267 -57.95 -87.25 33.16
CA MET EA 267 -58.36 -87.37 34.56
C MET EA 267 -59.69 -88.09 34.66
N GLN EA 268 -59.76 -89.05 35.58
CA GLN EA 268 -60.99 -89.78 35.88
C GLN EA 268 -61.56 -89.40 37.24
N GLN EA 269 -61.00 -88.38 37.89
CA GLN EA 269 -61.41 -88.03 39.24
C GLN EA 269 -62.80 -87.40 39.23
N ASN EA 270 -63.31 -87.12 40.43
CA ASN EA 270 -64.64 -86.57 40.62
C ASN EA 270 -64.62 -85.07 40.29
N THR EA 271 -64.77 -84.77 39.00
CA THR EA 271 -64.83 -83.39 38.52
C THR EA 271 -66.26 -82.87 38.42
N GLY EA 272 -67.26 -83.69 38.74
CA GLY EA 272 -68.65 -83.28 38.62
C GLY EA 272 -69.23 -83.51 37.24
N ALA EA 273 -68.63 -82.90 36.23
CA ALA EA 273 -69.09 -83.02 34.85
C ALA EA 273 -67.91 -83.30 33.94
N ASN EA 274 -68.22 -83.72 32.72
CA ASN EA 274 -67.23 -84.04 31.71
C ASN EA 274 -67.17 -82.90 30.69
N ASN EA 275 -65.98 -82.36 30.48
CA ASN EA 275 -65.80 -81.28 29.52
C ASN EA 275 -64.42 -81.39 28.89
N ILE EA 276 -64.35 -81.05 27.62
CA ILE EA 276 -63.10 -81.10 26.85
C ILE EA 276 -62.25 -79.89 27.21
N VAL EA 277 -60.99 -80.13 27.57
CA VAL EA 277 -60.10 -79.05 27.95
C VAL EA 277 -59.07 -78.72 26.88
N ALA EA 278 -58.74 -79.64 25.97
CA ALA EA 278 -57.76 -79.31 24.95
C ALA EA 278 -57.95 -80.19 23.73
N THR EA 279 -57.52 -79.68 22.58
CA THR EA 279 -57.55 -80.44 21.33
C THR EA 279 -56.63 -79.76 20.32
N ASN EA 280 -55.81 -80.56 19.65
CA ASN EA 280 -54.90 -80.02 18.65
C ASN EA 280 -54.48 -81.14 17.70
N GLN EA 281 -53.95 -80.71 16.55
CA GLN EA 281 -53.44 -81.62 15.52
C GLN EA 281 -52.44 -80.85 14.68
N ASN EA 282 -51.80 -81.55 13.75
CA ASN EA 282 -50.71 -80.99 12.94
C ASN EA 282 -50.98 -81.14 11.45
N GLY EA 283 -52.15 -80.70 11.03
CA GLY EA 283 -52.48 -80.67 9.61
C GLY EA 283 -53.16 -79.37 9.24
N TYR EA 284 -52.89 -78.88 8.03
CA TYR EA 284 -53.48 -77.63 7.57
C TYR EA 284 -53.70 -77.70 6.07
N LYS EA 285 -54.69 -76.94 5.61
CA LYS EA 285 -54.96 -76.78 4.19
C LYS EA 285 -54.00 -75.75 3.58
N PRO EA 286 -53.79 -75.79 2.27
CA PRO EA 286 -52.90 -74.81 1.63
C PRO EA 286 -53.42 -73.40 1.80
N GLY EA 287 -52.48 -72.46 1.95
CA GLY EA 287 -52.81 -71.07 2.18
C GLY EA 287 -51.90 -70.15 1.40
N ASP EA 288 -52.11 -68.85 1.59
CA ASP EA 288 -51.36 -67.82 0.88
C ASP EA 288 -50.95 -66.73 1.86
N LEU EA 289 -49.88 -66.02 1.51
CA LEU EA 289 -49.38 -64.94 2.36
C LEU EA 289 -50.44 -63.87 2.57
N VAL EA 290 -50.60 -63.45 3.82
CA VAL EA 290 -51.57 -62.41 4.14
C VAL EA 290 -50.87 -61.22 4.77
N SER EA 291 -49.76 -61.47 5.46
CA SER EA 291 -49.03 -60.43 6.18
C SER EA 291 -47.75 -61.05 6.72
N TYR EA 292 -46.84 -60.18 7.16
CA TYR EA 292 -45.59 -60.61 7.77
C TYR EA 292 -44.98 -59.44 8.53
N GLN EA 293 -44.01 -59.77 9.39
CA GLN EA 293 -43.32 -58.77 10.19
C GLN EA 293 -42.02 -59.39 10.70
N ILE EA 294 -41.29 -58.61 11.50
CA ILE EA 294 -40.00 -59.03 12.06
C ILE EA 294 -40.06 -58.94 13.57
N ASN EA 295 -39.63 -60.00 14.24
CA ASN EA 295 -39.67 -60.08 15.70
C ASN EA 295 -38.30 -59.75 16.28
N ASN EA 296 -38.28 -59.55 17.59
CA ASN EA 296 -37.04 -59.20 18.28
C ASN EA 296 -36.01 -60.31 18.25
N ASP EA 297 -36.42 -61.54 17.95
CA ASP EA 297 -35.47 -62.65 17.88
C ASP EA 297 -34.58 -62.60 16.65
N GLY EA 298 -34.89 -61.73 15.68
CA GLY EA 298 -34.17 -61.68 14.44
C GLY EA 298 -34.73 -62.55 13.35
N THR EA 299 -35.75 -63.34 13.63
CA THR EA 299 -36.36 -64.23 12.64
C THR EA 299 -37.46 -63.49 11.88
N VAL EA 300 -37.66 -63.91 10.63
CA VAL EA 300 -38.68 -63.34 9.78
C VAL EA 300 -39.86 -64.31 9.72
N VAL EA 301 -41.06 -63.83 10.04
CA VAL EA 301 -42.25 -64.66 10.16
C VAL EA 301 -43.26 -64.19 9.13
N GLY EA 302 -43.76 -65.13 8.32
CA GLY EA 302 -44.76 -64.82 7.32
C GLY EA 302 -46.11 -65.46 7.61
N ASN EA 303 -47.12 -64.63 7.86
CA ASN EA 303 -48.45 -65.13 8.19
C ASN EA 303 -49.21 -65.52 6.93
N TYR EA 304 -49.96 -66.61 7.02
CA TYR EA 304 -50.75 -67.11 5.91
C TYR EA 304 -52.24 -67.06 6.27
N SER EA 305 -53.08 -67.43 5.30
CA SER EA 305 -54.52 -67.39 5.51
C SER EA 305 -54.98 -68.40 6.55
N ASN EA 306 -54.35 -69.58 6.58
CA ASN EA 306 -54.76 -70.67 7.46
C ASN EA 306 -54.14 -70.58 8.84
N GLU EA 307 -53.71 -69.38 9.25
CA GLU EA 307 -53.10 -69.16 10.57
C GLU EA 307 -51.92 -70.10 10.81
N GLN EA 308 -51.11 -70.29 9.78
CA GLN EA 308 -49.92 -71.14 9.85
C GLN EA 308 -48.69 -70.26 9.72
N GLU EA 309 -47.92 -70.15 10.80
CA GLU EA 309 -46.73 -69.32 10.80
C GLU EA 309 -45.57 -70.05 10.16
N GLN EA 310 -44.83 -69.32 9.31
CA GLN EA 310 -43.69 -69.90 8.61
C GLN EA 310 -42.52 -68.92 8.70
N VAL EA 311 -41.33 -69.47 8.96
CA VAL EA 311 -40.12 -68.67 9.11
C VAL EA 311 -39.21 -68.92 7.93
N LEU EA 312 -38.73 -67.85 7.29
CA LEU EA 312 -37.87 -67.93 6.12
C LEU EA 312 -36.39 -67.78 6.47
N GLY EA 313 -36.05 -67.76 7.75
CA GLY EA 313 -34.70 -67.57 8.22
C GLY EA 313 -34.66 -66.55 9.33
N GLN EA 314 -33.45 -66.10 9.64
CA GLN EA 314 -33.27 -65.06 10.65
C GLN EA 314 -32.10 -64.17 10.27
N ILE EA 315 -32.10 -62.97 10.82
CA ILE EA 315 -31.07 -61.98 10.53
C ILE EA 315 -29.91 -62.21 11.48
N VAL EA 316 -28.71 -62.37 10.93
CA VAL EA 316 -27.52 -62.57 11.74
C VAL EA 316 -26.88 -61.23 12.03
N LEU EA 317 -26.05 -61.20 13.06
CA LEU EA 317 -25.28 -60.03 13.43
C LEU EA 317 -23.79 -60.37 13.40
N ALA EA 318 -22.98 -59.35 13.16
CA ALA EA 318 -21.53 -59.52 13.09
C ALA EA 318 -20.88 -58.61 14.12
N ASN EA 319 -19.96 -59.18 14.89
CA ASN EA 319 -19.23 -58.44 15.92
C ASN EA 319 -17.74 -58.63 15.65
N PHE EA 320 -17.09 -57.58 15.18
CA PHE EA 320 -15.67 -57.63 14.87
C PHE EA 320 -14.83 -57.49 16.14
N ALA EA 321 -13.65 -58.12 16.12
CA ALA EA 321 -12.73 -57.98 17.24
C ALA EA 321 -12.30 -56.54 17.43
N ASN EA 322 -12.04 -55.83 16.33
CA ASN EA 322 -11.67 -54.43 16.37
C ASN EA 322 -12.53 -53.64 15.40
N ASN EA 323 -13.24 -52.65 15.91
CA ASN EA 323 -13.94 -51.71 15.06
C ASN EA 323 -12.95 -50.64 14.59
N GLU EA 324 -13.46 -49.58 13.95
CA GLU EA 324 -12.62 -48.47 13.50
C GLU EA 324 -11.60 -48.90 12.47
N GLY EA 325 -11.66 -50.16 12.05
CA GLY EA 325 -10.76 -50.67 11.04
C GLY EA 325 -11.52 -51.03 9.79
N LEU EA 326 -12.84 -50.96 9.85
CA LEU EA 326 -13.69 -51.27 8.72
C LEU EA 326 -13.66 -50.12 7.74
N ALA EA 327 -13.20 -50.38 6.52
CA ALA EA 327 -13.11 -49.32 5.52
C ALA EA 327 -14.50 -48.88 5.09
N SER EA 328 -14.72 -47.57 5.08
CA SER EA 328 -15.96 -47.02 4.57
C SER EA 328 -16.02 -47.18 3.05
N GLN EA 329 -17.19 -47.60 2.56
CA GLN EA 329 -17.38 -47.87 1.14
C GLN EA 329 -18.61 -47.09 0.66
N GLY EA 330 -18.38 -45.94 0.06
CA GLY EA 330 -19.45 -45.16 -0.53
C GLY EA 330 -20.53 -44.78 0.47
N ASP EA 331 -21.70 -45.39 0.35
CA ASP EA 331 -22.81 -45.07 1.22
C ASP EA 331 -22.61 -45.79 2.56
N ASN EA 332 -23.65 -45.79 3.39
CA ASN EA 332 -23.53 -46.26 4.77
C ASN EA 332 -23.37 -47.77 4.85
N VAL EA 333 -22.27 -48.29 4.31
CA VAL EA 333 -21.89 -49.68 4.48
C VAL EA 333 -20.39 -49.73 4.75
N TRP EA 334 -19.95 -50.82 5.37
CA TRP EA 334 -18.55 -51.02 5.67
C TRP EA 334 -18.08 -52.34 5.07
N ALA EA 335 -16.80 -52.41 4.74
CA ALA EA 335 -16.19 -53.60 4.19
C ALA EA 335 -15.20 -54.16 5.18
N ALA EA 336 -15.29 -55.47 5.43
CA ALA EA 336 -14.31 -56.13 6.30
C ALA EA 336 -12.95 -56.11 5.62
N THR EA 337 -11.90 -55.97 6.42
CA THR EA 337 -10.54 -55.92 5.90
C THR EA 337 -9.58 -56.32 7.02
N GLN EA 338 -8.30 -56.04 6.81
CA GLN EA 338 -7.32 -56.25 7.86
C GLN EA 338 -7.58 -55.30 9.02
N ALA EA 339 -6.97 -55.61 10.17
CA ALA EA 339 -7.15 -54.87 11.41
C ALA EA 339 -8.61 -54.83 11.85
N SER EA 340 -9.41 -55.78 11.39
CA SER EA 340 -10.80 -55.89 11.80
C SER EA 340 -11.21 -57.30 12.19
N GLY EA 341 -10.45 -58.33 11.83
CA GLY EA 341 -10.81 -59.69 12.17
C GLY EA 341 -11.92 -60.23 11.28
N VAL EA 342 -12.28 -61.48 11.56
CA VAL EA 342 -13.33 -62.16 10.80
C VAL EA 342 -14.67 -61.63 11.26
N ALA EA 343 -15.74 -62.00 10.54
CA ALA EA 343 -17.06 -61.48 10.87
C ALA EA 343 -17.52 -61.93 12.25
N LEU EA 344 -17.33 -63.21 12.59
CA LEU EA 344 -17.77 -63.79 13.85
C LEU EA 344 -19.29 -63.61 14.03
N LEU EA 345 -20.01 -64.27 13.13
CA LEU EA 345 -21.46 -64.17 13.09
C LEU EA 345 -22.08 -64.78 14.35
N GLY EA 346 -23.32 -64.38 14.62
CA GLY EA 346 -24.02 -64.89 15.79
C GLY EA 346 -25.48 -64.51 15.76
N THR EA 347 -26.18 -64.93 16.81
CA THR EA 347 -27.60 -64.65 16.96
C THR EA 347 -27.82 -63.22 17.44
N ALA EA 348 -29.08 -62.80 17.44
CA ALA EA 348 -29.40 -61.41 17.75
C ALA EA 348 -29.31 -61.11 19.24
N GLY EA 349 -29.75 -62.04 20.09
CA GLY EA 349 -29.85 -61.74 21.51
C GLY EA 349 -28.75 -62.31 22.36
N SER EA 350 -28.36 -63.56 22.10
CA SER EA 350 -27.37 -64.24 22.91
C SER EA 350 -25.97 -63.84 22.45
N GLY EA 351 -24.96 -64.57 22.92
CA GLY EA 351 -23.60 -64.23 22.57
C GLY EA 351 -23.21 -62.90 23.18
N ASN EA 352 -22.72 -61.99 22.34
CA ASN EA 352 -22.38 -60.63 22.75
C ASN EA 352 -23.01 -59.64 21.78
N PHE EA 353 -24.26 -59.86 21.43
CA PHE EA 353 -24.97 -59.03 20.48
C PHE EA 353 -26.24 -58.49 21.14
N GLY EA 354 -26.42 -57.17 21.08
CA GLY EA 354 -27.64 -56.58 21.60
C GLY EA 354 -28.84 -56.94 20.76
N LYS EA 355 -30.00 -57.04 21.41
CA LYS EA 355 -31.21 -57.45 20.72
C LYS EA 355 -31.72 -56.33 19.82
N LEU EA 356 -32.43 -56.71 18.76
CA LEU EA 356 -32.99 -55.75 17.84
C LEU EA 356 -34.28 -55.15 18.38
N THR EA 357 -34.53 -53.89 18.01
CA THR EA 357 -35.79 -53.22 18.29
C THR EA 357 -36.53 -53.00 16.98
N ASN EA 358 -37.79 -53.43 16.94
CA ASN EA 358 -38.56 -53.42 15.71
C ASN EA 358 -39.27 -52.10 15.54
N GLY EA 359 -39.34 -51.63 14.30
CA GLY EA 359 -40.01 -50.38 13.99
C GLY EA 359 -39.36 -49.16 14.59
N ALA EA 360 -38.04 -49.08 14.49
CA ALA EA 360 -37.30 -47.94 15.04
C ALA EA 360 -35.99 -47.79 14.29
N LEU EA 361 -35.46 -46.57 14.33
CA LEU EA 361 -34.23 -46.23 13.60
C LEU EA 361 -33.27 -45.53 14.54
N GLU EA 362 -31.98 -45.62 14.20
CA GLU EA 362 -30.91 -45.01 14.97
C GLU EA 362 -30.52 -43.67 14.37
N ALA EA 363 -30.18 -42.71 15.22
CA ALA EA 363 -29.80 -41.39 14.77
C ALA EA 363 -28.32 -41.38 14.37
N SER EA 364 -27.79 -40.20 14.08
CA SER EA 364 -26.44 -40.05 13.55
C SER EA 364 -25.38 -39.82 14.62
N ASN EA 365 -25.77 -39.71 15.88
CA ASN EA 365 -24.88 -39.42 17.00
C ASN EA 365 -23.90 -38.30 16.70
N VAL EA 366 -24.37 -37.24 16.04
CA VAL EA 366 -23.57 -36.06 15.75
C VAL EA 366 -24.22 -34.87 16.43
N ASP EA 367 -23.44 -34.15 17.23
CA ASP EA 367 -23.92 -32.97 17.94
C ASP EA 367 -23.35 -31.72 17.28
N LEU EA 368 -24.22 -30.83 16.82
CA LEU EA 368 -23.78 -29.62 16.16
C LEU EA 368 -23.01 -28.69 17.09
N SER EA 369 -23.28 -28.77 18.40
CA SER EA 369 -22.62 -27.88 19.35
C SER EA 369 -21.11 -28.09 19.34
N LYS EA 370 -20.66 -29.34 19.35
CA LYS EA 370 -19.23 -29.61 19.24
C LYS EA 370 -18.69 -29.19 17.89
N GLU EA 371 -19.45 -29.45 16.82
CA GLU EA 371 -18.95 -29.23 15.48
C GLU EA 371 -18.71 -27.75 15.20
N LEU EA 372 -19.61 -26.88 15.65
CA LEU EA 372 -19.45 -25.45 15.36
C LEU EA 372 -18.21 -24.88 16.05
N VAL EA 373 -18.02 -25.23 17.33
CA VAL EA 373 -16.87 -24.70 18.05
C VAL EA 373 -15.57 -25.29 17.50
N ASN EA 374 -15.59 -26.57 17.12
CA ASN EA 374 -14.42 -27.14 16.46
C ASN EA 374 -14.12 -26.45 15.16
N MET EA 375 -15.15 -26.07 14.39
CA MET EA 375 -14.94 -25.34 13.15
C MET EA 375 -14.30 -23.99 13.40
N ILE EA 376 -14.75 -23.29 14.45
CA ILE EA 376 -14.15 -21.99 14.78
C ILE EA 376 -12.68 -22.16 15.15
N VAL EA 377 -12.39 -23.15 15.98
CA VAL EA 377 -11.00 -23.38 16.39
C VAL EA 377 -10.14 -23.72 15.19
N ALA EA 378 -10.65 -24.58 14.30
CA ALA EA 378 -9.90 -24.97 13.11
C ALA EA 378 -9.65 -23.78 12.20
N GLN EA 379 -10.64 -22.90 12.04
CA GLN EA 379 -10.44 -21.72 11.22
C GLN EA 379 -9.35 -20.83 11.80
N ARG EA 380 -9.35 -20.62 13.11
CA ARG EA 380 -8.31 -19.81 13.71
C ARG EA 380 -6.92 -20.43 13.55
N ASN EA 381 -6.83 -21.75 13.72
CA ASN EA 381 -5.54 -22.42 13.51
C ASN EA 381 -5.07 -22.28 12.08
N TYR EA 382 -5.98 -22.42 11.12
CA TYR EA 382 -5.62 -22.27 9.71
C TYR EA 382 -5.13 -20.86 9.42
N GLN EA 383 -5.79 -19.85 9.98
CA GLN EA 383 -5.35 -18.48 9.78
C GLN EA 383 -3.97 -18.24 10.38
N SER EA 384 -3.71 -18.80 11.57
CA SER EA 384 -2.38 -18.65 12.18
C SER EA 384 -1.30 -19.30 11.32
N ASN EA 385 -1.58 -20.51 10.81
CA ASN EA 385 -0.59 -21.17 9.95
C ASN EA 385 -0.34 -20.37 8.67
N ALA EA 386 -1.40 -19.79 8.09
CA ALA EA 386 -1.21 -18.94 6.92
C ALA EA 386 -0.37 -17.71 7.27
N GLN EA 387 -0.57 -17.13 8.45
CA GLN EA 387 0.26 -16.02 8.89
C GLN EA 387 1.72 -16.42 8.99
N THR EA 388 1.99 -17.65 9.43
CA THR EA 388 3.37 -18.14 9.46
C THR EA 388 4.00 -18.13 8.07
N ILE EA 389 3.24 -18.61 7.07
CA ILE EA 389 3.75 -18.64 5.69
C ILE EA 389 4.01 -17.24 5.19
N LYS EA 390 3.09 -16.31 5.47
CA LYS EA 390 3.29 -14.93 5.04
C LYS EA 390 4.54 -14.33 5.68
N THR EA 391 4.75 -14.58 6.97
CA THR EA 391 5.94 -14.07 7.64
C THR EA 391 7.21 -14.65 7.03
N GLN EA 392 7.21 -15.95 6.74
CA GLN EA 392 8.38 -16.55 6.11
C GLN EA 392 8.64 -15.96 4.74
N ASP EA 393 7.58 -15.73 3.96
CA ASP EA 393 7.74 -15.13 2.64
C ASP EA 393 8.33 -13.73 2.73
N GLN EA 394 7.84 -12.92 3.68
CA GLN EA 394 8.39 -11.58 3.84
C GLN EA 394 9.85 -11.63 4.29
N ILE EA 395 10.18 -12.55 5.21
CA ILE EA 395 11.55 -12.69 5.67
C ILE EA 395 12.48 -13.07 4.52
N LEU EA 396 12.00 -13.91 3.60
CA LEU EA 396 12.81 -14.25 2.43
C LEU EA 396 12.92 -13.13 1.43
N ASN EA 397 11.82 -12.40 1.19
CA ASN EA 397 11.84 -11.31 0.22
C ASN EA 397 12.78 -10.20 0.67
N THR EA 398 12.73 -9.84 1.95
CA THR EA 398 13.63 -8.79 2.45
C THR EA 398 15.09 -9.21 2.31
N LEU EA 399 15.38 -10.47 2.60
CA LEU EA 399 16.75 -10.97 2.48
C LEU EA 399 17.23 -10.92 1.03
N VAL EA 400 16.41 -11.43 0.10
CA VAL EA 400 16.86 -11.52 -1.28
C VAL EA 400 16.97 -10.14 -1.92
N ASN EA 401 16.02 -9.25 -1.63
CA ASN EA 401 16.06 -7.92 -2.22
C ASN EA 401 17.31 -7.17 -1.76
N LEU EA 402 17.52 -7.12 -0.45
CA LEU EA 402 18.72 -6.53 0.14
C LEU EA 402 18.96 -5.09 -0.33
N SER FA 2 10.97 -2.41 23.76
CA SER FA 2 9.64 -2.10 24.24
C SER FA 2 8.69 -3.28 24.08
N PHE FA 3 9.18 -4.34 23.42
CA PHE FA 3 8.37 -5.53 23.27
C PHE FA 3 8.16 -6.25 24.60
N SER FA 4 9.11 -6.13 25.52
CA SER FA 4 9.01 -6.86 26.79
C SER FA 4 7.83 -6.38 27.62
N GLN FA 5 7.70 -5.07 27.80
CA GLN FA 5 6.60 -4.54 28.60
C GLN FA 5 5.25 -4.87 27.98
N ALA FA 6 5.12 -4.70 26.66
CA ALA FA 6 3.86 -4.98 26.00
C ALA FA 6 3.51 -6.47 26.08
N VAL FA 7 4.50 -7.34 25.90
CA VAL FA 7 4.25 -8.77 25.99
C VAL FA 7 3.84 -9.16 27.39
N SER FA 8 4.48 -8.58 28.40
CA SER FA 8 4.10 -8.87 29.78
C SER FA 8 2.67 -8.43 30.05
N GLY FA 9 2.30 -7.24 29.59
CA GLY FA 9 0.93 -6.79 29.75
C GLY FA 9 -0.06 -7.69 29.02
N LEU FA 10 0.31 -8.15 27.84
CA LEU FA 10 -0.55 -9.07 27.09
C LEU FA 10 -0.75 -10.37 27.83
N ASN FA 11 0.33 -10.92 28.40
CA ASN FA 11 0.21 -12.16 29.17
C ASN FA 11 -0.63 -11.96 30.42
N ALA FA 12 -0.48 -10.81 31.09
CA ALA FA 12 -1.31 -10.53 32.26
C ALA FA 12 -2.78 -10.46 31.88
N ALA FA 13 -3.09 -9.79 30.77
CA ALA FA 13 -4.48 -9.71 30.33
C ALA FA 13 -5.02 -11.08 29.95
N ALA FA 14 -4.18 -11.90 29.31
CA ALA FA 14 -4.61 -13.24 28.94
C ALA FA 14 -4.90 -14.08 30.17
N THR FA 15 -4.05 -13.98 31.20
CA THR FA 15 -4.30 -14.71 32.44
C THR FA 15 -5.58 -14.23 33.11
N ASN FA 16 -5.81 -12.91 33.12
CA ASN FA 16 -7.05 -12.38 33.69
C ASN FA 16 -8.27 -12.93 32.94
N LEU FA 17 -8.21 -12.94 31.61
CA LEU FA 17 -9.32 -13.45 30.82
C LEU FA 17 -9.52 -14.95 31.07
N ASP FA 18 -8.43 -15.70 31.22
CA ASP FA 18 -8.54 -17.13 31.50
C ASP FA 18 -9.20 -17.38 32.85
N VAL FA 19 -8.84 -16.59 33.86
CA VAL FA 19 -9.47 -16.73 35.16
C VAL FA 19 -10.95 -16.39 35.08
N ILE FA 20 -11.29 -15.33 34.34
CA ILE FA 20 -12.70 -14.96 34.16
C ILE FA 20 -13.47 -16.10 33.50
N GLY FA 21 -12.89 -16.69 32.45
CA GLY FA 21 -13.57 -17.78 31.77
C GLY FA 21 -13.74 -19.00 32.65
N ASN FA 22 -12.70 -19.33 33.44
CA ASN FA 22 -12.78 -20.47 34.34
C ASN FA 22 -13.86 -20.25 35.39
N ASN FA 23 -13.95 -19.03 35.94
CA ASN FA 23 -15.03 -18.71 36.87
C ASN FA 23 -16.39 -18.82 36.20
N ILE FA 24 -16.53 -18.35 34.97
CA ILE FA 24 -17.82 -18.36 34.29
C ILE FA 24 -18.23 -19.76 33.84
N ALA FA 25 -17.28 -20.69 33.72
CA ALA FA 25 -17.60 -22.04 33.30
C ALA FA 25 -17.89 -22.98 34.47
N ASN FA 26 -17.24 -22.75 35.61
CA ASN FA 26 -17.47 -23.58 36.78
C ASN FA 26 -18.74 -23.20 37.54
N SER FA 27 -19.63 -22.42 36.93
CA SER FA 27 -20.90 -22.14 37.55
C SER FA 27 -21.72 -23.43 37.66
N ALA FA 28 -22.67 -23.44 38.58
CA ALA FA 28 -23.51 -24.58 38.93
C ALA FA 28 -22.73 -25.69 39.63
N THR FA 29 -21.41 -25.57 39.75
CA THR FA 29 -20.66 -26.46 40.60
C THR FA 29 -20.96 -26.13 42.06
N TYR FA 30 -21.05 -27.16 42.89
CA TYR FA 30 -21.53 -26.98 44.25
C TYR FA 30 -20.43 -26.51 45.20
N GLY FA 31 -19.33 -27.25 45.29
CA GLY FA 31 -18.26 -26.86 46.18
C GLY FA 31 -17.20 -26.02 45.50
N PHE FA 32 -17.61 -24.90 44.90
CA PHE FA 32 -16.71 -24.08 44.10
C PHE FA 32 -16.65 -22.67 44.67
N LYS FA 33 -15.45 -22.09 44.66
CA LYS FA 33 -15.21 -20.73 45.11
C LYS FA 33 -14.55 -19.94 43.99
N SER FA 34 -15.14 -18.81 43.63
CA SER FA 34 -14.63 -18.01 42.53
C SER FA 34 -13.25 -17.46 42.86
N GLY FA 35 -12.39 -17.41 41.85
CA GLY FA 35 -11.04 -16.92 42.02
C GLY FA 35 -10.81 -15.68 41.17
N THR FA 36 -9.89 -14.84 41.64
CA THR FA 36 -9.53 -13.61 40.96
C THR FA 36 -8.02 -13.46 40.92
N ALA FA 37 -7.53 -12.82 39.87
CA ALA FA 37 -6.12 -12.61 39.64
C ALA FA 37 -5.69 -11.23 40.15
N SER FA 38 -4.46 -11.16 40.65
CA SER FA 38 -3.89 -9.92 41.14
C SER FA 38 -2.51 -9.71 40.53
N PHE FA 39 -2.27 -8.50 40.05
CA PHE FA 39 -1.06 -8.17 39.32
C PHE FA 39 -0.18 -7.24 40.14
N ALA FA 40 1.10 -7.22 39.79
CA ALA FA 40 2.07 -6.38 40.49
C ALA FA 40 3.11 -5.90 39.48
N ASP FA 41 3.45 -4.63 39.55
CA ASP FA 41 4.44 -4.07 38.66
C ASP FA 41 5.85 -4.53 39.07
N MET FA 42 6.83 -4.21 38.23
CA MET FA 42 8.20 -4.60 38.51
C MET FA 42 9.15 -3.60 37.88
N PHE FA 43 9.91 -2.91 38.72
CA PHE FA 43 10.93 -1.96 38.27
C PHE FA 43 12.30 -2.49 38.63
N ALA FA 44 13.20 -2.53 37.65
CA ALA FA 44 14.57 -2.96 37.92
C ALA FA 44 15.24 -2.02 38.90
N GLY FA 45 15.44 -0.78 38.48
CA GLY FA 45 15.98 0.24 39.36
C GLY FA 45 15.00 1.39 39.52
N SER FA 46 15.32 2.52 38.89
CA SER FA 46 14.43 3.66 38.83
C SER FA 46 14.34 4.13 37.38
N LYS FA 47 13.19 4.72 37.03
CA LYS FA 47 12.94 5.26 35.69
C LYS FA 47 12.93 4.17 34.63
N VAL FA 48 12.96 2.90 35.04
CA VAL FA 48 12.92 1.78 34.13
C VAL FA 48 11.78 0.85 34.56
N GLY FA 49 10.88 0.55 33.62
CA GLY FA 49 9.75 -0.32 33.88
C GLY FA 49 9.90 -1.63 33.12
N LEU FA 50 9.69 -2.73 33.84
CA LEU FA 50 9.86 -4.07 33.27
C LEU FA 50 8.53 -4.75 32.99
N GLY FA 51 7.42 -4.02 33.05
CA GLY FA 51 6.13 -4.59 32.71
C GLY FA 51 5.31 -4.89 33.95
N VAL FA 52 4.69 -6.07 33.97
CA VAL FA 52 3.82 -6.48 35.07
C VAL FA 52 3.89 -7.99 35.18
N LYS FA 53 3.65 -8.51 36.38
CA LYS FA 53 3.65 -9.94 36.61
C LYS FA 53 2.44 -10.32 37.45
N VAL FA 54 2.09 -11.60 37.40
CA VAL FA 54 0.95 -12.11 38.17
C VAL FA 54 1.40 -12.41 39.59
N ALA FA 55 0.73 -11.81 40.56
CA ALA FA 55 1.07 -11.97 41.97
C ALA FA 55 0.18 -12.98 42.67
N GLY FA 56 -0.21 -14.03 41.97
CA GLY FA 56 -1.01 -15.10 42.54
C GLY FA 56 -2.50 -14.91 42.29
N ILE FA 57 -3.21 -16.04 42.35
CA ILE FA 57 -4.66 -16.07 42.15
C ILE FA 57 -5.28 -16.44 43.49
N THR FA 58 -6.22 -15.61 43.94
CA THR FA 58 -6.84 -15.79 45.25
C THR FA 58 -8.31 -16.12 45.09
N GLN FA 59 -8.77 -17.09 45.87
CA GLN FA 59 -10.15 -17.56 45.81
C GLN FA 59 -10.95 -16.94 46.95
N ASP FA 60 -12.13 -16.42 46.62
CA ASP FA 60 -13.01 -15.83 47.62
C ASP FA 60 -13.78 -16.96 48.30
N PHE FA 61 -13.54 -17.15 49.59
CA PHE FA 61 -14.14 -18.25 50.34
C PHE FA 61 -15.45 -17.85 51.02
N THR FA 62 -16.17 -16.89 50.47
CA THR FA 62 -17.50 -16.58 50.98
C THR FA 62 -18.42 -17.77 50.75
N ASP FA 63 -19.18 -18.14 51.77
CA ASP FA 63 -20.08 -19.28 51.66
C ASP FA 63 -21.17 -18.98 50.64
N GLY FA 64 -21.50 -19.99 49.83
CA GLY FA 64 -22.50 -19.85 48.81
C GLY FA 64 -23.91 -20.03 49.36
N THR FA 65 -24.87 -19.88 48.46
CA THR FA 65 -26.27 -20.02 48.83
C THR FA 65 -26.62 -21.48 49.06
N THR FA 66 -27.06 -21.81 50.26
CA THR FA 66 -27.47 -23.18 50.55
C THR FA 66 -28.73 -23.53 49.78
N THR FA 67 -28.78 -24.77 49.28
CA THR FA 67 -29.89 -25.24 48.48
C THR FA 67 -30.51 -26.48 49.11
N ASN FA 68 -31.84 -26.53 49.14
CA ASN FA 68 -32.56 -27.67 49.70
C ASN FA 68 -32.78 -28.69 48.60
N THR FA 69 -31.77 -29.53 48.39
CA THR FA 69 -31.82 -30.55 47.35
C THR FA 69 -32.42 -31.86 47.83
N GLY FA 70 -32.92 -31.91 49.07
CA GLY FA 70 -33.42 -33.17 49.58
C GLY FA 70 -32.29 -34.15 49.86
N ARG FA 71 -32.59 -35.43 49.66
CA ARG FA 71 -31.65 -36.53 49.87
C ARG FA 71 -31.25 -36.64 51.33
N GLY FA 72 -30.55 -37.70 51.70
CA GLY FA 72 -30.13 -37.88 53.07
C GLY FA 72 -28.64 -37.95 53.25
N LEU FA 73 -27.94 -38.41 52.21
CA LEU FA 73 -26.48 -38.54 52.27
C LEU FA 73 -25.80 -37.31 51.67
N ASP FA 74 -26.16 -36.15 52.22
CA ASP FA 74 -25.58 -34.88 51.81
C ASP FA 74 -25.67 -33.92 52.99
N VAL FA 75 -24.80 -32.92 52.97
CA VAL FA 75 -24.70 -32.00 54.10
C VAL FA 75 -24.06 -30.71 53.61
N ALA FA 76 -24.60 -29.58 54.08
CA ALA FA 76 -24.08 -28.26 53.74
C ALA FA 76 -23.47 -27.61 54.96
N ILE FA 77 -22.31 -27.00 54.80
CA ILE FA 77 -21.61 -26.35 55.90
C ILE FA 77 -22.02 -24.88 55.92
N SER FA 78 -22.53 -24.42 57.06
CA SER FA 78 -23.03 -23.05 57.15
C SER FA 78 -21.90 -22.04 57.18
N GLN FA 79 -20.82 -22.34 57.89
CA GLN FA 79 -19.73 -21.39 58.05
C GLN FA 79 -18.39 -22.00 57.67
N ASN FA 80 -17.29 -21.38 58.09
CA ASN FA 80 -15.97 -21.89 57.77
C ASN FA 80 -15.80 -23.31 58.28
N GLY FA 81 -15.20 -24.14 57.45
CA GLY FA 81 -14.96 -25.53 57.79
C GLY FA 81 -14.84 -26.37 56.54
N PHE FA 82 -14.14 -27.50 56.69
CA PHE FA 82 -13.92 -28.39 55.56
C PHE FA 82 -14.06 -29.83 56.02
N PHE FA 83 -14.46 -30.68 55.09
CA PHE FA 83 -14.48 -32.12 55.29
C PHE FA 83 -13.10 -32.69 54.99
N ARG FA 84 -12.65 -33.62 55.80
CA ARG FA 84 -11.34 -34.24 55.63
C ARG FA 84 -11.52 -35.60 54.98
N LEU FA 85 -10.85 -35.80 53.83
CA LEU FA 85 -10.90 -37.04 53.10
C LEU FA 85 -9.51 -37.64 53.03
N VAL FA 86 -9.43 -38.95 52.82
CA VAL FA 86 -8.17 -39.65 52.71
C VAL FA 86 -8.12 -40.34 51.34
N ASP FA 87 -6.95 -40.33 50.73
CA ASP FA 87 -6.71 -41.04 49.48
C ASP FA 87 -6.19 -42.44 49.78
N SER FA 88 -6.31 -43.31 48.78
CA SER FA 88 -5.85 -44.69 48.93
C SER FA 88 -4.35 -44.78 49.16
N ASN FA 89 -3.60 -43.75 48.76
CA ASN FA 89 -2.16 -43.76 48.95
C ASN FA 89 -1.72 -43.13 50.26
N GLY FA 90 -2.64 -42.85 51.16
CA GLY FA 90 -2.33 -42.21 52.43
C GLY FA 90 -2.41 -40.71 52.41
N SER FA 91 -2.59 -40.10 51.25
CA SER FA 91 -2.72 -38.65 51.15
C SER FA 91 -4.00 -38.18 51.82
N VAL FA 92 -3.97 -36.95 52.33
CA VAL FA 92 -5.11 -36.34 53.01
C VAL FA 92 -5.51 -35.09 52.25
N PHE FA 93 -6.78 -35.02 51.86
CA PHE FA 93 -7.32 -33.88 51.15
C PHE FA 93 -8.42 -33.25 51.98
N TYR FA 94 -8.79 -32.02 51.63
CA TYR FA 94 -9.85 -31.29 52.32
C TYR FA 94 -10.78 -30.70 51.29
N SER FA 95 -12.09 -30.90 51.48
CA SER FA 95 -13.08 -30.52 50.49
C SER FA 95 -14.23 -29.76 51.13
N ARG FA 96 -14.95 -29.01 50.30
CA ARG FA 96 -16.13 -28.27 50.74
C ARG FA 96 -17.43 -28.86 50.20
N ASN FA 97 -17.37 -29.65 49.14
CA ASN FA 97 -18.58 -30.26 48.58
C ASN FA 97 -19.09 -31.36 49.51
N GLY FA 98 -20.41 -31.56 49.49
CA GLY FA 98 -21.03 -32.49 50.40
C GLY FA 98 -21.82 -33.61 49.74
N GLN FA 99 -21.38 -34.05 48.57
CA GLN FA 99 -22.00 -35.17 47.88
C GLN FA 99 -21.33 -36.46 48.35
N PHE FA 100 -22.08 -37.30 49.05
CA PHE FA 100 -21.56 -38.53 49.64
C PHE FA 100 -22.35 -39.72 49.14
N LYS FA 101 -21.69 -40.87 49.07
CA LYS FA 101 -22.32 -42.12 48.70
C LYS FA 101 -21.62 -43.26 49.40
N LEU FA 102 -22.15 -44.46 49.21
CA LEU FA 102 -21.60 -45.67 49.82
C LEU FA 102 -21.10 -46.60 48.73
N ASP FA 103 -19.87 -47.09 48.88
CA ASP FA 103 -19.30 -48.00 47.90
C ASP FA 103 -19.49 -49.44 48.37
N GLU FA 104 -18.87 -50.39 47.65
CA GLU FA 104 -19.18 -51.80 47.86
C GLU FA 104 -18.81 -52.27 49.27
N ASN FA 105 -17.66 -51.83 49.78
CA ASN FA 105 -17.22 -52.25 51.11
C ASN FA 105 -17.76 -51.35 52.21
N ARG FA 106 -18.84 -50.62 51.94
CA ARG FA 106 -19.57 -49.83 52.94
C ARG FA 106 -18.67 -48.75 53.55
N ASN FA 107 -18.15 -47.89 52.68
CA ASN FA 107 -17.35 -46.74 53.10
C ASN FA 107 -17.95 -45.46 52.53
N LEU FA 108 -18.03 -44.43 53.36
CA LEU FA 108 -18.54 -43.14 52.90
C LEU FA 108 -17.51 -42.51 51.98
N VAL FA 109 -17.88 -42.31 50.71
CA VAL FA 109 -16.96 -41.85 49.69
C VAL FA 109 -17.63 -40.72 48.92
N ASN FA 110 -16.84 -39.69 48.57
CA ASN FA 110 -17.35 -38.66 47.70
C ASN FA 110 -17.49 -39.20 46.27
N MET FA 111 -17.93 -38.34 45.36
CA MET FA 111 -18.22 -38.79 44.01
C MET FA 111 -16.98 -39.15 43.21
N GLN FA 112 -15.78 -38.83 43.70
CA GLN FA 112 -14.56 -39.04 42.94
C GLN FA 112 -13.76 -40.27 43.38
N GLY FA 113 -14.13 -40.90 44.49
CA GLY FA 113 -13.43 -42.08 44.92
C GLY FA 113 -12.44 -41.84 46.05
N MET FA 114 -12.81 -41.01 47.01
CA MET FA 114 -11.98 -40.72 48.18
C MET FA 114 -12.76 -41.05 49.44
N GLN FA 115 -12.12 -41.76 50.36
CA GLN FA 115 -12.78 -42.19 51.58
C GLN FA 115 -12.94 -41.03 52.54
N LEU FA 116 -14.16 -40.83 53.03
CA LEU FA 116 -14.40 -39.83 54.06
C LEU FA 116 -13.76 -40.28 55.37
N THR FA 117 -13.22 -39.32 56.11
CA THR FA 117 -12.55 -39.58 57.37
C THR FA 117 -13.37 -39.00 58.53
N GLY FA 118 -13.43 -39.75 59.63
CA GLY FA 118 -14.16 -39.29 60.79
C GLY FA 118 -13.62 -39.94 62.05
N TYR FA 119 -14.12 -39.44 63.18
CA TYR FA 119 -13.68 -39.97 64.46
C TYR FA 119 -14.15 -41.41 64.63
N PRO FA 120 -13.25 -42.34 64.93
CA PRO FA 120 -13.67 -43.72 65.18
C PRO FA 120 -14.51 -43.84 66.44
N ALA FA 121 -15.38 -44.84 66.45
CA ALA FA 121 -16.25 -45.13 67.58
C ALA FA 121 -15.81 -46.43 68.23
N THR FA 122 -15.61 -46.41 69.54
CA THR FA 122 -15.15 -47.56 70.30
C THR FA 122 -16.00 -47.73 71.55
N GLY FA 123 -16.05 -48.96 72.05
CA GLY FA 123 -16.77 -49.27 73.26
C GLY FA 123 -17.92 -50.22 73.01
N THR FA 124 -18.56 -50.60 74.12
CA THR FA 124 -19.73 -51.49 74.09
C THR FA 124 -20.73 -50.98 75.13
N PRO FA 125 -21.71 -50.17 74.72
CA PRO FA 125 -21.92 -49.71 73.35
C PRO FA 125 -20.90 -48.66 72.91
N PRO FA 126 -20.60 -48.59 71.62
CA PRO FA 126 -19.58 -47.66 71.14
C PRO FA 126 -19.96 -46.21 71.44
N THR FA 127 -18.94 -45.40 71.72
CA THR FA 127 -19.14 -43.98 71.99
C THR FA 127 -18.26 -43.15 71.07
N ILE FA 128 -18.24 -41.84 71.27
CA ILE FA 128 -17.46 -40.92 70.45
C ILE FA 128 -16.35 -40.36 71.31
N GLN FA 129 -15.10 -40.56 70.88
CA GLN FA 129 -13.93 -40.08 71.59
C GLN FA 129 -13.19 -39.09 70.70
N GLN FA 130 -12.80 -37.95 71.28
CA GLN FA 130 -12.15 -36.88 70.55
C GLN FA 130 -10.63 -36.99 70.61
N GLY FA 131 -10.09 -38.03 71.25
CA GLY FA 131 -8.66 -38.19 71.33
C GLY FA 131 -8.11 -39.21 70.35
N ALA FA 132 -8.99 -39.86 69.61
CA ALA FA 132 -8.60 -40.90 68.66
C ALA FA 132 -8.26 -40.30 67.31
N ASN FA 133 -7.32 -40.95 66.63
CA ASN FA 133 -6.89 -40.48 65.31
C ASN FA 133 -8.01 -40.67 64.29
N PRO FA 134 -8.24 -39.70 63.41
CA PRO FA 134 -9.27 -39.85 62.38
C PRO FA 134 -8.97 -41.02 61.46
N ALA FA 135 -10.03 -41.72 61.07
CA ALA FA 135 -9.93 -42.90 60.24
C ALA FA 135 -11.07 -42.89 59.23
N PRO FA 136 -10.93 -43.63 58.13
CA PRO FA 136 -12.06 -43.78 57.21
C PRO FA 136 -13.26 -44.40 57.91
N ILE FA 137 -14.45 -43.89 57.59
CA ILE FA 137 -15.67 -44.34 58.25
C ILE FA 137 -16.25 -45.49 57.46
N THR FA 138 -16.58 -46.58 58.17
CA THR FA 138 -17.25 -47.72 57.59
C THR FA 138 -18.61 -47.90 58.27
N ILE FA 139 -19.63 -48.24 57.48
CA ILE FA 139 -20.94 -48.51 58.03
C ILE FA 139 -21.40 -49.88 57.54
N PRO FA 140 -20.95 -50.96 58.17
CA PRO FA 140 -21.37 -52.29 57.77
C PRO FA 140 -22.81 -52.58 58.20
N ASN FA 141 -23.40 -53.58 57.55
CA ASN FA 141 -24.77 -53.98 57.81
C ASN FA 141 -24.87 -55.16 58.78
N THR FA 142 -23.75 -55.58 59.37
CA THR FA 142 -23.80 -56.71 60.30
C THR FA 142 -24.64 -56.37 61.52
N LEU FA 143 -25.42 -57.35 61.98
CA LEU FA 143 -26.36 -57.13 63.08
C LEU FA 143 -25.62 -56.87 64.38
N MET FA 144 -26.26 -56.09 65.25
CA MET FA 144 -25.69 -55.77 66.54
C MET FA 144 -25.64 -57.02 67.43
N ALA FA 145 -24.68 -57.02 68.34
CA ALA FA 145 -24.52 -58.15 69.25
C ALA FA 145 -25.70 -58.24 70.21
N ALA FA 146 -26.06 -59.47 70.57
CA ALA FA 146 -27.17 -59.71 71.48
C ALA FA 146 -26.75 -59.49 72.93
N LYS FA 147 -26.77 -58.24 73.38
CA LYS FA 147 -26.33 -57.93 74.73
C LYS FA 147 -27.37 -58.41 75.75
N SER FA 148 -26.89 -59.01 76.83
CA SER FA 148 -27.77 -59.47 77.90
C SER FA 148 -28.19 -58.31 78.79
N THR FA 149 -29.12 -58.58 79.69
CA THR FA 149 -29.60 -57.58 80.62
C THR FA 149 -28.65 -57.47 81.80
N THR FA 150 -28.19 -56.25 82.07
CA THR FA 150 -27.26 -55.99 83.18
C THR FA 150 -27.95 -55.35 84.38
N THR FA 151 -28.66 -54.25 84.17
CA THR FA 151 -29.39 -53.59 85.24
C THR FA 151 -30.71 -53.07 84.70
N ALA FA 152 -31.67 -52.86 85.60
CA ALA FA 152 -32.98 -52.35 85.22
C ALA FA 152 -33.47 -51.41 86.32
N SER FA 153 -34.35 -50.49 85.93
CA SER FA 153 -34.95 -49.56 86.88
C SER FA 153 -36.43 -49.44 86.55
N MET FA 154 -37.21 -49.08 87.58
CA MET FA 154 -38.63 -48.91 87.42
C MET FA 154 -39.16 -48.04 88.55
N GLN FA 155 -40.18 -47.24 88.24
CA GLN FA 155 -40.84 -46.40 89.21
C GLN FA 155 -42.25 -46.91 89.44
N ILE FA 156 -42.60 -47.15 90.71
CA ILE FA 156 -43.86 -47.77 91.07
C ILE FA 156 -44.53 -46.91 92.13
N ASN FA 157 -45.81 -46.61 91.93
CA ASN FA 157 -46.62 -45.90 92.90
C ASN FA 157 -47.77 -46.81 93.33
N LEU FA 158 -47.97 -46.94 94.63
CA LEU FA 158 -48.92 -47.90 95.18
C LEU FA 158 -49.91 -47.19 96.09
N ASN FA 159 -51.08 -47.81 96.22
CA ASN FA 159 -52.10 -47.33 97.14
C ASN FA 159 -51.70 -47.64 98.58
N SER FA 160 -52.03 -46.72 99.48
CA SER FA 160 -51.66 -46.85 100.89
C SER FA 160 -52.78 -47.39 101.76
N THR FA 161 -54.04 -47.17 101.38
CA THR FA 161 -55.18 -47.60 102.18
C THR FA 161 -55.65 -49.01 101.84
N ASP FA 162 -54.96 -49.71 100.94
CA ASP FA 162 -55.39 -51.04 100.55
C ASP FA 162 -55.21 -52.01 101.72
N PRO FA 163 -56.25 -52.76 102.08
CA PRO FA 163 -56.11 -53.74 103.16
C PRO FA 163 -55.24 -54.92 102.75
N VAL FA 164 -54.80 -55.65 103.76
CA VAL FA 164 -54.02 -56.88 103.52
C VAL FA 164 -54.90 -57.89 102.80
N PRO FA 165 -54.42 -58.53 101.73
CA PRO FA 165 -55.27 -59.48 100.99
C PRO FA 165 -55.74 -60.63 101.87
N SER FA 166 -56.96 -61.09 101.60
CA SER FA 166 -57.52 -62.19 102.38
C SER FA 166 -56.71 -63.47 102.21
N LYS FA 167 -56.26 -63.74 100.98
CA LYS FA 167 -55.41 -64.90 100.73
C LYS FA 167 -53.97 -64.51 101.07
N THR FA 168 -53.57 -64.78 102.31
CA THR FA 168 -52.23 -64.41 102.76
C THR FA 168 -51.12 -65.08 101.96
N PRO FA 169 -51.15 -66.38 101.69
CA PRO FA 169 -50.04 -66.98 100.92
C PRO FA 169 -50.02 -66.47 99.49
N PHE FA 170 -48.82 -66.46 98.91
CA PHE FA 170 -48.65 -66.06 97.53
C PHE FA 170 -49.20 -67.12 96.58
N SER FA 171 -49.88 -66.67 95.54
CA SER FA 171 -50.43 -67.55 94.52
C SER FA 171 -50.27 -66.91 93.15
N VAL FA 172 -49.94 -67.73 92.15
CA VAL FA 172 -49.71 -67.20 90.81
C VAL FA 172 -51.02 -66.97 90.07
N SER FA 173 -51.95 -67.92 90.11
CA SER FA 173 -53.19 -67.82 89.37
C SER FA 173 -54.28 -67.06 90.12
N ASP FA 174 -54.07 -66.74 91.39
CA ASP FA 174 -55.04 -66.03 92.20
C ASP FA 174 -54.69 -64.55 92.19
N ALA FA 175 -55.51 -63.75 91.51
CA ALA FA 175 -55.28 -62.31 91.47
C ALA FA 175 -55.45 -61.69 92.85
N ASP FA 176 -56.39 -62.20 93.64
CA ASP FA 176 -56.62 -61.64 94.97
C ASP FA 176 -55.49 -61.96 95.94
N SER FA 177 -54.67 -62.98 95.65
CA SER FA 177 -53.56 -63.30 96.55
C SER FA 177 -52.55 -62.16 96.63
N TYR FA 178 -52.23 -61.53 95.51
CA TYR FA 178 -51.33 -60.40 95.46
C TYR FA 178 -52.13 -59.13 95.19
N ASN FA 179 -51.42 -58.00 95.17
CA ASN FA 179 -52.06 -56.70 94.92
C ASN FA 179 -51.74 -56.15 93.55
N LYS FA 180 -50.47 -56.09 93.16
CA LYS FA 180 -50.05 -55.51 91.90
C LYS FA 180 -49.33 -56.55 91.06
N LYS FA 181 -49.68 -56.63 89.78
CA LYS FA 181 -48.99 -57.49 88.82
C LYS FA 181 -48.32 -56.62 87.77
N GLY FA 182 -47.01 -56.78 87.62
CA GLY FA 182 -46.24 -56.04 86.62
C GLY FA 182 -45.43 -56.99 85.77
N THR FA 183 -45.15 -56.58 84.54
CA THR FA 183 -44.37 -57.38 83.60
C THR FA 183 -43.11 -56.60 83.25
N VAL FA 184 -41.95 -57.23 83.44
CA VAL FA 184 -40.66 -56.64 83.09
C VAL FA 184 -40.02 -57.52 82.03
N THR FA 185 -39.72 -56.92 80.88
CA THR FA 185 -39.13 -57.66 79.76
C THR FA 185 -37.62 -57.48 79.79
N VAL FA 186 -36.90 -58.55 80.11
CA VAL FA 186 -35.44 -58.54 80.07
C VAL FA 186 -34.99 -59.56 79.04
N TYR FA 187 -33.69 -59.55 78.75
CA TYR FA 187 -33.13 -60.43 77.73
C TYR FA 187 -31.78 -60.97 78.19
N ASP FA 188 -31.47 -62.18 77.73
CA ASP FA 188 -30.24 -62.86 78.09
C ASP FA 188 -29.19 -62.66 77.01
N SER FA 189 -28.07 -63.37 77.13
CA SER FA 189 -27.02 -63.32 76.12
C SER FA 189 -27.38 -64.09 74.85
N GLN FA 190 -28.47 -64.86 74.86
CA GLN FA 190 -28.89 -65.62 73.69
C GLN FA 190 -29.84 -64.83 72.80
N GLY FA 191 -30.82 -64.16 73.37
CA GLY FA 191 -31.73 -63.35 72.60
C GLY FA 191 -33.20 -63.50 72.99
N ASN FA 192 -33.56 -64.65 73.53
CA ASN FA 192 -34.95 -64.89 73.89
C ASN FA 192 -35.35 -64.05 75.09
N ALA FA 193 -36.62 -63.63 75.11
CA ALA FA 193 -37.10 -62.74 76.15
C ALA FA 193 -37.36 -63.50 77.45
N HIS FA 194 -37.24 -62.77 78.57
CA HIS FA 194 -37.66 -63.23 79.88
C HIS FA 194 -38.66 -62.22 80.42
N ASP FA 195 -39.92 -62.64 80.54
CA ASP FA 195 -40.98 -61.78 81.03
C ASP FA 195 -41.13 -62.05 82.52
N MET FA 196 -40.40 -61.29 83.33
CA MET FA 196 -40.46 -61.42 84.78
C MET FA 196 -41.77 -60.83 85.27
N ASN FA 197 -42.61 -61.67 85.88
CA ASN FA 197 -43.84 -61.23 86.50
C ASN FA 197 -43.51 -60.85 87.94
N VAL FA 198 -43.64 -59.56 88.26
CA VAL FA 198 -43.42 -59.06 89.61
C VAL FA 198 -44.77 -58.90 90.29
N TYR FA 199 -44.95 -59.58 91.41
CA TYR FA 199 -46.16 -59.53 92.19
C TYR FA 199 -45.88 -58.78 93.48
N PHE FA 200 -46.59 -57.68 93.69
CA PHE FA 200 -46.46 -56.85 94.88
C PHE FA 200 -47.62 -57.13 95.80
N VAL FA 201 -47.33 -57.60 97.01
CA VAL FA 201 -48.35 -57.90 98.01
C VAL FA 201 -48.07 -57.05 99.23
N LYS FA 202 -49.13 -56.77 99.98
CA LYS FA 202 -49.06 -55.94 101.18
C LYS FA 202 -49.19 -56.86 102.38
N THR FA 203 -48.05 -57.39 102.84
CA THR FA 203 -48.05 -58.27 104.02
C THR FA 203 -48.54 -57.53 105.25
N LYS FA 204 -48.09 -56.30 105.45
CA LYS FA 204 -48.51 -55.46 106.56
C LYS FA 204 -48.38 -54.00 106.15
N ASP FA 205 -48.48 -53.11 107.12
CA ASP FA 205 -48.43 -51.69 106.83
C ASP FA 205 -47.01 -51.23 106.53
N ASN FA 206 -46.87 -50.41 105.49
CA ASN FA 206 -45.61 -49.83 105.03
C ASN FA 206 -44.60 -50.88 104.60
N GLU FA 207 -45.00 -52.15 104.49
CA GLU FA 207 -44.13 -53.24 104.07
C GLU FA 207 -44.74 -53.90 102.85
N TRP FA 208 -43.93 -54.09 101.81
CA TRP FA 208 -44.40 -54.71 100.57
C TRP FA 208 -43.48 -55.86 100.23
N ALA FA 209 -44.06 -56.97 99.77
CA ALA FA 209 -43.30 -58.15 99.35
C ALA FA 209 -43.40 -58.27 97.84
N VAL FA 210 -42.26 -58.48 97.18
CA VAL FA 210 -42.20 -58.61 95.73
C VAL FA 210 -41.78 -60.04 95.40
N TYR FA 211 -42.59 -60.70 94.57
CA TYR FA 211 -42.32 -62.05 94.12
C TYR FA 211 -42.02 -62.00 92.62
N THR FA 212 -40.87 -62.55 92.23
CA THR FA 212 -40.48 -62.59 90.82
C THR FA 212 -40.75 -63.97 90.25
N HIS FA 213 -41.40 -64.02 89.10
CA HIS FA 213 -41.74 -65.28 88.44
C HIS FA 213 -41.21 -65.25 87.01
N ASP FA 214 -40.52 -66.31 86.61
CA ASP FA 214 -39.97 -66.44 85.27
C ASP FA 214 -40.93 -67.28 84.44
N SER FA 215 -41.68 -66.61 83.55
CA SER FA 215 -42.61 -67.31 82.68
C SER FA 215 -41.95 -67.90 81.44
N SER FA 216 -40.69 -67.55 81.17
CA SER FA 216 -39.99 -68.09 80.01
C SER FA 216 -39.70 -69.58 80.20
N ASP FA 217 -39.37 -69.99 81.41
CA ASP FA 217 -39.03 -71.38 81.68
C ASP FA 217 -40.29 -72.13 82.10
N PRO FA 218 -40.77 -73.09 81.32
CA PRO FA 218 -41.90 -73.92 81.78
C PRO FA 218 -41.56 -74.74 83.02
N ALA FA 219 -40.30 -75.09 83.20
CA ALA FA 219 -39.86 -75.89 84.35
C ALA FA 219 -39.43 -75.02 85.53
N ALA FA 220 -39.58 -73.70 85.43
CA ALA FA 220 -39.21 -72.82 86.53
C ALA FA 220 -40.10 -73.07 87.74
N THR FA 221 -39.48 -73.11 88.92
CA THR FA 221 -40.22 -73.29 90.15
C THR FA 221 -41.07 -72.05 90.45
N ALA FA 222 -42.30 -72.28 90.87
CA ALA FA 222 -43.17 -71.18 91.26
C ALA FA 222 -42.62 -70.56 92.55
N PRO FA 223 -42.41 -69.25 92.59
CA PRO FA 223 -41.87 -68.62 93.81
C PRO FA 223 -42.80 -68.79 94.99
N THR FA 224 -42.22 -69.02 96.16
CA THR FA 224 -42.98 -69.18 97.40
C THR FA 224 -42.72 -68.05 98.38
N THR FA 225 -41.46 -67.80 98.73
CA THR FA 225 -41.11 -66.72 99.63
C THR FA 225 -40.92 -65.42 98.84
N ALA FA 226 -40.90 -64.31 99.56
CA ALA FA 226 -40.74 -63.02 98.93
C ALA FA 226 -39.32 -62.86 98.38
N SER FA 227 -39.22 -62.47 97.12
CA SER FA 227 -37.91 -62.22 96.53
C SER FA 227 -37.23 -61.04 97.20
N THR FA 228 -37.98 -59.99 97.48
CA THR FA 228 -37.43 -58.83 98.18
C THR FA 228 -38.56 -58.14 98.94
N THR FA 229 -38.15 -57.31 99.90
CA THR FA 229 -39.08 -56.56 100.73
C THR FA 229 -38.77 -55.07 100.62
N LEU FA 230 -39.82 -54.27 100.40
CA LEU FA 230 -39.73 -52.83 100.28
C LEU FA 230 -40.33 -52.21 101.53
N LYS FA 231 -39.52 -51.46 102.27
CA LYS FA 231 -39.97 -50.71 103.43
C LYS FA 231 -40.07 -49.23 103.06
N PHE FA 232 -41.24 -48.64 103.28
CA PHE FA 232 -41.49 -47.25 102.94
C PHE FA 232 -41.67 -46.44 104.20
N ASN FA 233 -41.05 -45.25 104.22
CA ASN FA 233 -41.15 -44.38 105.38
C ASN FA 233 -42.57 -43.83 105.50
N GLU FA 234 -42.85 -43.22 106.65
CA GLU FA 234 -44.17 -42.66 106.90
C GLU FA 234 -44.49 -41.49 105.99
N ASN FA 235 -43.50 -40.94 105.30
CA ASN FA 235 -43.71 -39.86 104.33
C ASN FA 235 -43.87 -40.37 102.91
N GLY FA 236 -43.88 -41.69 102.71
CA GLY FA 236 -43.95 -42.23 101.36
C GLY FA 236 -42.62 -42.37 100.66
N ILE FA 237 -41.52 -42.41 101.39
CA ILE FA 237 -40.18 -42.51 100.83
C ILE FA 237 -39.61 -43.87 101.19
N LEU FA 238 -39.08 -44.58 100.20
CA LEU FA 238 -38.47 -45.88 100.44
C LEU FA 238 -37.08 -45.73 101.05
N GLU FA 239 -36.71 -46.69 101.89
CA GLU FA 239 -35.37 -46.71 102.48
C GLU FA 239 -34.67 -48.06 102.38
N SER FA 240 -35.40 -49.16 102.22
CA SER FA 240 -34.81 -50.49 102.13
C SER FA 240 -35.30 -51.19 100.86
N GLY FA 241 -34.37 -51.90 100.20
CA GLY FA 241 -34.71 -52.63 99.00
C GLY FA 241 -34.46 -51.85 97.72
N GLY FA 242 -33.27 -51.25 97.61
CA GLY FA 242 -32.93 -50.46 96.45
C GLY FA 242 -32.75 -51.27 95.19
N THR FA 243 -31.70 -52.09 95.16
CA THR FA 243 -31.39 -52.92 93.99
C THR FA 243 -31.47 -54.38 94.37
N VAL FA 244 -32.19 -55.16 93.56
CA VAL FA 244 -32.41 -56.58 93.80
C VAL FA 244 -31.85 -57.36 92.62
N ASN FA 245 -31.05 -58.38 92.91
CA ASN FA 245 -30.42 -59.19 91.90
C ASN FA 245 -31.30 -60.40 91.60
N ILE FA 246 -31.70 -60.54 90.33
CA ILE FA 246 -32.59 -61.61 89.89
C ILE FA 246 -31.89 -62.39 88.79
N THR FA 247 -31.87 -63.71 88.92
CA THR FA 247 -31.25 -64.61 87.96
C THR FA 247 -32.32 -65.47 87.32
N THR FA 248 -32.30 -65.56 85.99
CA THR FA 248 -33.26 -66.36 85.25
C THR FA 248 -32.76 -67.81 85.16
N GLY FA 249 -33.48 -68.64 84.42
CA GLY FA 249 -33.12 -70.04 84.24
C GLY FA 249 -32.36 -70.27 82.96
N THR FA 250 -32.56 -71.45 82.38
CA THR FA 250 -31.87 -71.85 81.15
C THR FA 250 -32.89 -72.45 80.19
N ILE FA 251 -32.83 -72.00 78.93
CA ILE FA 251 -33.71 -72.48 77.87
C ILE FA 251 -32.86 -73.03 76.74
N ASN FA 252 -33.11 -74.28 76.36
CA ASN FA 252 -32.40 -74.95 75.26
C ASN FA 252 -30.89 -74.92 75.44
N GLY FA 253 -30.43 -75.12 76.68
CA GLY FA 253 -29.01 -75.14 76.96
C GLY FA 253 -28.32 -73.80 76.77
N ALA FA 254 -29.00 -72.70 77.07
CA ALA FA 254 -28.42 -71.38 76.97
C ALA FA 254 -27.66 -71.07 78.26
N THR FA 255 -27.25 -69.82 78.43
CA THR FA 255 -26.53 -69.39 79.62
C THR FA 255 -27.48 -68.61 80.53
N ALA FA 256 -27.49 -68.98 81.80
CA ALA FA 256 -28.32 -68.28 82.78
C ALA FA 256 -27.87 -66.82 82.90
N ALA FA 257 -28.84 -65.93 82.89
CA ALA FA 257 -28.59 -64.49 82.93
C ALA FA 257 -29.01 -63.92 84.28
N THR FA 258 -28.17 -63.05 84.83
CA THR FA 258 -28.46 -62.37 86.08
C THR FA 258 -28.44 -60.87 85.85
N PHE FA 259 -29.43 -60.17 86.41
CA PHE FA 259 -29.55 -58.74 86.25
C PHE FA 259 -29.96 -58.13 87.58
N SER FA 260 -30.09 -56.81 87.60
CA SER FA 260 -30.48 -56.07 88.79
C SER FA 260 -31.65 -55.15 88.46
N LEU FA 261 -32.63 -55.11 89.35
CA LEU FA 261 -33.79 -54.24 89.22
C LEU FA 261 -33.79 -53.25 90.38
N SER FA 262 -34.02 -51.98 90.07
CA SER FA 262 -33.97 -50.90 91.05
C SER FA 262 -35.36 -50.32 91.26
N PHE FA 263 -35.73 -50.13 92.52
CA PHE FA 263 -37.00 -49.53 92.90
C PHE FA 263 -36.85 -48.06 93.29
N LEU FA 264 -35.71 -47.44 92.99
CA LEU FA 264 -35.44 -46.07 93.40
C LEU FA 264 -36.45 -45.13 92.75
N ASN FA 265 -36.76 -44.04 93.46
CA ASN FA 265 -37.76 -43.05 93.06
C ASN FA 265 -39.13 -43.70 92.90
N SER FA 266 -39.61 -44.28 94.01
CA SER FA 266 -40.93 -44.89 94.07
C SER FA 266 -41.62 -44.42 95.33
N MET FA 267 -42.71 -43.67 95.16
CA MET FA 267 -43.43 -43.07 96.28
C MET FA 267 -44.77 -43.75 96.45
N GLN FA 268 -45.04 -44.23 97.66
CA GLN FA 268 -46.34 -44.81 98.02
C GLN FA 268 -47.04 -43.78 98.90
N GLN FA 269 -47.91 -42.98 98.30
CA GLN FA 269 -48.63 -41.94 99.03
C GLN FA 269 -50.10 -41.92 98.61
N ASN FA 270 -50.70 -43.10 98.51
CA ASN FA 270 -52.13 -43.26 98.23
C ASN FA 270 -52.53 -42.50 96.97
N THR FA 271 -51.74 -42.67 95.91
CA THR FA 271 -52.01 -42.02 94.63
C THR FA 271 -52.99 -42.87 93.83
N GLY FA 272 -54.21 -42.96 94.35
CA GLY FA 272 -55.24 -43.74 93.70
C GLY FA 272 -55.07 -45.22 93.95
N ALA FA 273 -54.62 -45.95 92.92
CA ALA FA 273 -54.34 -47.37 93.01
C ALA FA 273 -52.89 -47.62 92.60
N ASN FA 274 -52.54 -48.89 92.43
CA ASN FA 274 -51.21 -49.24 91.98
C ASN FA 274 -50.93 -48.63 90.61
N ASN FA 275 -49.80 -47.95 90.47
CA ASN FA 275 -49.46 -47.25 89.24
C ASN FA 275 -47.98 -47.39 88.95
N ILE FA 276 -47.63 -47.33 87.67
CA ILE FA 276 -46.25 -47.41 87.20
C ILE FA 276 -45.95 -46.15 86.40
N VAL FA 277 -44.83 -45.51 86.71
CA VAL FA 277 -44.46 -44.26 86.04
C VAL FA 277 -43.54 -44.57 84.86
N ALA FA 278 -42.37 -45.12 85.14
CA ALA FA 278 -41.39 -45.46 84.12
C ALA FA 278 -40.75 -46.80 84.44
N THR FA 279 -40.32 -47.50 83.40
CA THR FA 279 -39.64 -48.78 83.55
C THR FA 279 -38.73 -48.98 82.35
N ASN FA 280 -37.48 -49.38 82.61
CA ASN FA 280 -36.50 -49.57 81.55
C ASN FA 280 -35.44 -50.56 82.02
N GLN FA 281 -34.71 -51.10 81.05
CA GLN FA 281 -33.61 -52.01 81.30
C GLN FA 281 -32.55 -51.79 80.23
N ASN FA 282 -31.41 -52.46 80.39
CA ASN FA 282 -30.29 -52.34 79.45
C ASN FA 282 -30.00 -53.68 78.80
N GLY FA 283 -31.05 -54.40 78.41
CA GLY FA 283 -30.90 -55.71 77.79
C GLY FA 283 -31.46 -55.79 76.40
N TYR FA 284 -31.18 -54.77 75.57
CA TYR FA 284 -31.76 -54.69 74.24
C TYR FA 284 -31.48 -55.96 73.43
N LYS FA 285 -32.51 -56.43 72.75
CA LYS FA 285 -32.38 -57.60 71.88
C LYS FA 285 -31.62 -57.20 70.61
N PRO FA 286 -31.00 -58.17 69.94
CA PRO FA 286 -30.38 -57.88 68.64
C PRO FA 286 -31.43 -57.50 67.61
N GLY FA 287 -31.03 -56.63 66.69
CA GLY FA 287 -31.93 -56.14 65.66
C GLY FA 287 -31.25 -56.10 64.31
N ASP FA 288 -32.01 -55.72 63.30
CA ASP FA 288 -31.52 -55.65 61.93
C ASP FA 288 -31.47 -54.21 61.46
N LEU FA 289 -30.44 -53.88 60.70
CA LEU FA 289 -30.21 -52.50 60.24
C LEU FA 289 -31.33 -52.04 59.32
N VAL FA 290 -32.12 -51.07 59.78
CA VAL FA 290 -33.23 -50.56 58.98
C VAL FA 290 -32.75 -49.47 58.05
N SER FA 291 -32.22 -48.39 58.62
CA SER FA 291 -31.81 -47.23 57.83
C SER FA 291 -30.75 -46.46 58.62
N TYR FA 292 -30.06 -45.56 57.93
CA TYR FA 292 -29.06 -44.70 58.53
C TYR FA 292 -29.31 -43.26 58.11
N GLN FA 293 -28.93 -42.33 58.98
CA GLN FA 293 -29.17 -40.92 58.73
C GLN FA 293 -28.03 -40.11 59.37
N ILE FA 294 -27.91 -38.87 58.91
CA ILE FA 294 -26.87 -37.95 59.38
C ILE FA 294 -27.55 -36.85 60.19
N ASN FA 295 -27.09 -36.67 61.43
CA ASN FA 295 -27.63 -35.63 62.29
C ASN FA 295 -26.86 -34.33 62.09
N ASN FA 296 -27.41 -33.25 62.64
CA ASN FA 296 -26.78 -31.93 62.51
C ASN FA 296 -25.52 -31.81 63.35
N ASP FA 297 -25.30 -32.73 64.29
CA ASP FA 297 -24.15 -32.66 65.18
C ASP FA 297 -22.94 -33.41 64.64
N GLY FA 298 -23.03 -33.98 63.44
CA GLY FA 298 -21.88 -34.60 62.80
C GLY FA 298 -21.69 -36.07 63.07
N THR FA 299 -22.50 -36.69 63.93
CA THR FA 299 -22.35 -38.11 64.21
C THR FA 299 -23.18 -38.94 63.25
N VAL FA 300 -22.73 -40.17 63.01
CA VAL FA 300 -23.45 -41.14 62.19
C VAL FA 300 -24.14 -42.13 63.12
N VAL FA 301 -25.43 -42.36 62.89
CA VAL FA 301 -26.25 -43.19 63.76
C VAL FA 301 -26.88 -44.30 62.91
N GLY FA 302 -26.79 -45.52 63.40
CA GLY FA 302 -27.43 -46.67 62.75
C GLY FA 302 -28.66 -47.09 63.52
N ASN FA 303 -29.79 -47.18 62.80
CA ASN FA 303 -31.07 -47.54 63.39
C ASN FA 303 -31.36 -49.00 63.12
N TYR FA 304 -31.84 -49.71 64.14
CA TYR FA 304 -32.18 -51.11 64.04
C TYR FA 304 -33.64 -51.32 64.41
N SER FA 305 -34.18 -52.48 64.05
CA SER FA 305 -35.58 -52.79 64.32
C SER FA 305 -35.87 -52.98 65.81
N ASN FA 306 -34.85 -53.16 66.64
CA ASN FA 306 -35.03 -53.33 68.07
C ASN FA 306 -35.18 -52.00 68.81
N GLU FA 307 -35.53 -50.93 68.09
CA GLU FA 307 -35.70 -49.60 68.68
C GLU FA 307 -34.43 -49.14 69.41
N GLN FA 308 -33.28 -49.36 68.77
CA GLN FA 308 -32.00 -48.96 69.32
C GLN FA 308 -31.22 -48.20 68.27
N GLU FA 309 -30.37 -47.29 68.75
CA GLU FA 309 -29.53 -46.46 67.89
C GLU FA 309 -28.07 -46.77 68.14
N GLN FA 310 -27.34 -47.06 67.07
CA GLN FA 310 -25.93 -47.40 67.13
C GLN FA 310 -25.12 -46.34 66.40
N VAL FA 311 -24.12 -45.78 67.08
CA VAL FA 311 -23.30 -44.71 66.54
C VAL FA 311 -21.99 -45.31 66.04
N LEU FA 312 -21.60 -44.93 64.81
CA LEU FA 312 -20.41 -45.48 64.17
C LEU FA 312 -19.28 -44.46 64.10
N GLY FA 313 -19.42 -43.31 64.73
CA GLY FA 313 -18.41 -42.27 64.71
C GLY FA 313 -19.04 -40.93 64.38
N GLN FA 314 -18.19 -39.97 64.06
CA GLN FA 314 -18.68 -38.66 63.66
C GLN FA 314 -17.73 -38.05 62.64
N ILE FA 315 -18.29 -37.18 61.79
CA ILE FA 315 -17.51 -36.50 60.77
C ILE FA 315 -16.69 -35.40 61.44
N VAL FA 316 -15.39 -35.37 61.12
CA VAL FA 316 -14.48 -34.40 61.70
C VAL FA 316 -14.29 -33.25 60.70
N LEU FA 317 -14.41 -32.02 61.19
CA LEU FA 317 -14.17 -30.84 60.37
C LEU FA 317 -12.72 -30.41 60.51
N ALA FA 318 -12.38 -29.32 59.82
CA ALA FA 318 -11.03 -28.79 59.87
C ALA FA 318 -11.07 -27.30 59.55
N ASN FA 319 -10.43 -26.51 60.39
CA ASN FA 319 -10.32 -25.06 60.21
C ASN FA 319 -8.84 -24.73 60.01
N PHE FA 320 -8.48 -24.27 58.83
CA PHE FA 320 -7.09 -23.94 58.56
C PHE FA 320 -6.74 -22.59 59.18
N ALA FA 321 -5.45 -22.45 59.53
CA ALA FA 321 -4.98 -21.19 60.09
C ALA FA 321 -5.20 -20.05 59.12
N ASN FA 322 -4.92 -20.29 57.84
CA ASN FA 322 -5.25 -19.33 56.80
C ASN FA 322 -5.64 -20.08 55.54
N ASN FA 323 -6.76 -19.66 54.95
CA ASN FA 323 -7.17 -20.19 53.66
C ASN FA 323 -6.34 -19.52 52.58
N GLU FA 324 -6.77 -19.64 51.32
CA GLU FA 324 -6.09 -19.05 50.17
C GLU FA 324 -4.64 -19.51 50.04
N GLY FA 325 -4.19 -20.44 50.89
CA GLY FA 325 -2.88 -21.02 50.76
C GLY FA 325 -3.01 -22.47 50.36
N LEU FA 326 -4.23 -23.00 50.44
CA LEU FA 326 -4.50 -24.35 49.99
C LEU FA 326 -4.36 -24.44 48.48
N ALA FA 327 -3.72 -25.51 48.01
CA ALA FA 327 -3.47 -25.73 46.60
C ALA FA 327 -4.55 -26.63 46.03
N SER FA 328 -5.27 -26.12 45.03
CA SER FA 328 -6.31 -26.90 44.39
C SER FA 328 -5.69 -28.11 43.68
N GLN FA 329 -6.34 -29.26 43.83
CA GLN FA 329 -5.85 -30.52 43.28
C GLN FA 329 -6.94 -31.10 42.38
N GLY FA 330 -6.97 -30.66 41.13
CA GLY FA 330 -7.92 -31.19 40.17
C GLY FA 330 -9.36 -31.03 40.59
N ASP FA 331 -9.98 -32.12 41.04
CA ASP FA 331 -11.37 -32.11 41.46
C ASP FA 331 -11.55 -31.24 42.70
N ASN FA 332 -12.79 -31.08 43.14
CA ASN FA 332 -13.10 -30.12 44.21
C ASN FA 332 -12.56 -30.60 45.55
N VAL FA 333 -11.24 -30.64 45.67
CA VAL FA 333 -10.57 -30.92 46.93
C VAL FA 333 -9.38 -29.97 47.06
N TRP FA 334 -8.90 -29.82 48.28
CA TRP FA 334 -7.75 -28.99 48.59
C TRP FA 334 -6.69 -29.81 49.32
N ALA FA 335 -5.43 -29.42 49.15
CA ALA FA 335 -4.31 -30.08 49.81
C ALA FA 335 -3.62 -29.09 50.73
N ALA FA 336 -3.43 -29.49 51.99
CA ALA FA 336 -2.75 -28.64 52.95
C ALA FA 336 -1.28 -28.50 52.57
N THR FA 337 -0.74 -27.30 52.78
CA THR FA 337 0.65 -27.00 52.44
C THR FA 337 1.09 -25.81 53.26
N GLN FA 338 2.22 -25.21 52.88
CA GLN FA 338 2.70 -24.01 53.53
C GLN FA 338 1.69 -22.87 53.33
N ALA FA 339 1.84 -21.83 54.16
CA ALA FA 339 0.92 -20.69 54.19
C ALA FA 339 -0.50 -21.12 54.50
N SER FA 340 -0.69 -22.34 54.98
CA SER FA 340 -2.00 -22.84 55.38
C SER FA 340 -2.02 -23.48 56.75
N GLY FA 341 -0.88 -23.89 57.29
CA GLY FA 341 -0.83 -24.48 58.60
C GLY FA 341 -1.33 -25.91 58.61
N VAL FA 342 -1.44 -26.44 59.83
CA VAL FA 342 -1.93 -27.80 60.03
C VAL FA 342 -3.45 -27.79 59.87
N ALA FA 343 -4.06 -28.98 59.83
CA ALA FA 343 -5.49 -29.08 59.62
C ALA FA 343 -6.27 -28.44 60.76
N LEU FA 344 -5.82 -28.63 62.00
CA LEU FA 344 -6.54 -28.16 63.19
C LEU FA 344 -7.95 -28.74 63.23
N LEU FA 345 -8.00 -30.06 63.38
CA LEU FA 345 -9.26 -30.79 63.33
C LEU FA 345 -10.11 -30.51 64.57
N GLY FA 346 -11.41 -30.71 64.43
CA GLY FA 346 -12.32 -30.51 65.54
C GLY FA 346 -13.71 -31.03 65.20
N THR FA 347 -14.58 -30.96 66.19
CA THR FA 347 -15.96 -31.40 66.01
C THR FA 347 -16.77 -30.32 65.28
N ALA FA 348 -17.91 -30.75 64.75
CA ALA FA 348 -18.76 -29.85 63.95
C ALA FA 348 -19.67 -28.97 64.79
N GLY FA 349 -19.70 -29.15 66.10
CA GLY FA 349 -20.62 -28.39 66.93
C GLY FA 349 -20.08 -27.07 67.42
N SER FA 350 -18.94 -27.10 68.11
CA SER FA 350 -18.41 -25.94 68.80
C SER FA 350 -17.13 -25.46 68.13
N GLY FA 351 -16.46 -24.52 68.79
CA GLY FA 351 -15.25 -23.94 68.27
C GLY FA 351 -15.54 -22.88 67.23
N ASN FA 352 -14.64 -22.71 66.25
CA ASN FA 352 -14.86 -21.80 65.15
C ASN FA 352 -15.55 -22.49 63.97
N PHE FA 353 -15.78 -23.79 64.07
CA PHE FA 353 -16.41 -24.55 62.99
C PHE FA 353 -17.87 -24.18 62.87
N GLY FA 354 -18.38 -24.23 61.63
CA GLY FA 354 -19.78 -23.94 61.39
C GLY FA 354 -20.69 -25.08 61.76
N LYS FA 355 -22.00 -24.80 61.64
CA LYS FA 355 -23.02 -25.79 61.96
C LYS FA 355 -23.50 -26.46 60.67
N LEU FA 356 -23.51 -27.79 60.68
CA LEU FA 356 -23.94 -28.53 59.50
C LEU FA 356 -25.45 -28.44 59.32
N THR FA 357 -25.89 -28.63 58.07
CA THR FA 357 -27.30 -28.71 57.74
C THR FA 357 -27.50 -29.92 56.85
N ASN FA 358 -28.28 -30.89 57.33
CA ASN FA 358 -28.47 -32.14 56.61
C ASN FA 358 -29.36 -31.93 55.39
N GLY FA 359 -29.07 -32.67 54.34
CA GLY FA 359 -29.87 -32.61 53.12
C GLY FA 359 -29.82 -31.27 52.42
N ALA FA 360 -28.62 -30.72 52.24
CA ALA FA 360 -28.46 -29.45 51.55
C ALA FA 360 -27.05 -29.35 50.99
N LEU FA 361 -26.86 -28.44 50.05
CA LEU FA 361 -25.57 -28.24 49.40
C LEU FA 361 -25.36 -26.75 49.13
N GLU FA 362 -24.09 -26.38 48.99
CA GLU FA 362 -23.71 -25.00 48.71
C GLU FA 362 -23.82 -24.71 47.22
N ALA FA 363 -24.06 -23.44 46.89
CA ALA FA 363 -24.12 -23.00 45.51
C ALA FA 363 -22.72 -22.66 45.02
N SER FA 364 -22.63 -22.05 43.84
CA SER FA 364 -21.34 -21.76 43.21
C SER FA 364 -20.76 -20.41 43.60
N ASN FA 365 -21.51 -19.59 44.33
CA ASN FA 365 -21.11 -18.24 44.73
C ASN FA 365 -20.44 -17.47 43.60
N VAL FA 366 -20.90 -17.67 42.36
CA VAL FA 366 -20.38 -16.97 41.19
C VAL FA 366 -21.54 -16.21 40.56
N ASP FA 367 -21.36 -14.90 40.35
CA ASP FA 367 -22.38 -14.04 39.76
C ASP FA 367 -21.99 -13.73 38.33
N LEU FA 368 -22.89 -14.05 37.39
CA LEU FA 368 -22.58 -13.86 35.98
C LEU FA 368 -22.50 -12.38 35.61
N SER FA 369 -23.27 -11.53 36.29
CA SER FA 369 -23.31 -10.12 35.92
C SER FA 369 -21.94 -9.47 36.09
N LYS FA 370 -21.24 -9.79 37.17
CA LYS FA 370 -19.89 -9.28 37.35
C LYS FA 370 -18.94 -9.86 36.29
N GLU FA 371 -19.08 -11.15 36.01
CA GLU FA 371 -18.13 -11.80 35.10
C GLU FA 371 -18.22 -11.24 33.69
N LEU FA 372 -19.44 -10.95 33.21
CA LEU FA 372 -19.57 -10.46 31.85
C LEU FA 372 -18.90 -9.10 31.67
N VAL FA 373 -19.15 -8.17 32.59
CA VAL FA 373 -18.54 -6.84 32.47
C VAL FA 373 -17.04 -6.93 32.69
N ASN FA 374 -16.59 -7.82 33.58
CA ASN FA 374 -15.15 -8.00 33.74
C ASN FA 374 -14.53 -8.52 32.45
N MET FA 375 -15.21 -9.43 31.76
CA MET FA 375 -14.70 -9.93 30.49
C MET FA 375 -14.64 -8.83 29.45
N ILE FA 376 -15.65 -7.96 29.40
CA ILE FA 376 -15.62 -6.84 28.47
C ILE FA 376 -14.41 -5.94 28.73
N VAL FA 377 -14.20 -5.59 30.01
CA VAL FA 377 -13.07 -4.72 30.35
C VAL FA 377 -11.75 -5.39 30.02
N ALA FA 378 -11.62 -6.68 30.32
CA ALA FA 378 -10.38 -7.39 30.04
C ALA FA 378 -10.10 -7.43 28.54
N GLN FA 379 -11.14 -7.67 27.73
CA GLN FA 379 -10.95 -7.68 26.28
C GLN FA 379 -10.48 -6.33 25.78
N ARG FA 380 -11.08 -5.25 26.29
CA ARG FA 380 -10.66 -3.92 25.87
C ARG FA 380 -9.21 -3.66 26.26
N ASN FA 381 -8.82 -4.07 27.46
CA ASN FA 381 -7.44 -3.89 27.88
C ASN FA 381 -6.47 -4.67 26.99
N TYR FA 382 -6.87 -5.89 26.61
CA TYR FA 382 -6.02 -6.69 25.74
C TYR FA 382 -5.84 -6.03 24.37
N GLN FA 383 -6.94 -5.50 23.81
CA GLN FA 383 -6.82 -4.83 22.52
C GLN FA 383 -5.95 -3.60 22.61
N SER FA 384 -6.10 -2.82 23.68
CA SER FA 384 -5.25 -1.64 23.87
C SER FA 384 -3.79 -2.03 23.98
N ASN FA 385 -3.50 -3.14 24.68
CA ASN FA 385 -2.13 -3.61 24.77
C ASN FA 385 -1.58 -4.01 23.41
N ALA FA 386 -2.38 -4.73 22.62
CA ALA FA 386 -1.91 -5.14 21.30
C ALA FA 386 -1.65 -3.95 20.39
N GLN FA 387 -2.37 -2.85 20.61
CA GLN FA 387 -2.11 -1.63 19.84
C GLN FA 387 -0.66 -1.17 20.03
N THR FA 388 -0.13 -1.31 21.25
CA THR FA 388 1.25 -0.92 21.50
C THR FA 388 2.23 -1.76 20.69
N ILE FA 389 2.00 -3.07 20.62
CA ILE FA 389 2.87 -3.93 19.82
C ILE FA 389 2.80 -3.53 18.36
N LYS FA 390 1.60 -3.24 17.86
CA LYS FA 390 1.47 -2.84 16.46
C LYS FA 390 2.25 -1.55 16.19
N THR FA 391 2.12 -0.58 17.09
CA THR FA 391 2.82 0.69 16.89
C THR FA 391 4.34 0.50 16.95
N GLN FA 392 4.82 -0.32 17.88
CA GLN FA 392 6.25 -0.60 17.95
C GLN FA 392 6.75 -1.27 16.68
N ASP FA 393 5.98 -2.22 16.14
CA ASP FA 393 6.36 -2.87 14.90
C ASP FA 393 6.44 -1.87 13.76
N GLN FA 394 5.46 -0.96 13.67
CA GLN FA 394 5.48 0.05 12.61
C GLN FA 394 6.68 0.97 12.75
N ILE FA 395 7.01 1.38 13.98
CA ILE FA 395 8.16 2.25 14.19
C ILE FA 395 9.44 1.55 13.77
N LEU FA 396 9.59 0.28 14.16
CA LEU FA 396 10.80 -0.46 13.80
C LEU FA 396 10.89 -0.65 12.30
N ASN FA 397 9.75 -0.92 11.64
CA ASN FA 397 9.76 -1.05 10.18
C ASN FA 397 10.18 0.24 9.51
N THR FA 398 9.67 1.38 9.99
CA THR FA 398 10.06 2.66 9.42
C THR FA 398 11.56 2.91 9.62
N LEU FA 399 12.08 2.57 10.80
CA LEU FA 399 13.49 2.74 11.06
C LEU FA 399 14.34 1.86 10.14
N VAL FA 400 13.92 0.61 9.92
CA VAL FA 400 14.68 -0.29 9.07
C VAL FA 400 14.68 0.17 7.63
N ASN FA 401 13.49 0.54 7.12
CA ASN FA 401 13.37 0.91 5.71
C ASN FA 401 14.23 2.14 5.39
N LEU FA 402 14.23 3.12 6.29
CA LEU FA 402 15.02 4.34 6.13
C LEU FA 402 14.66 5.09 4.85
N SER GA 2 -1.69 20.33 15.34
CA SER GA 2 -3.12 20.61 15.37
C SER GA 2 -3.86 19.59 16.22
N PHE GA 3 -3.11 18.69 16.85
CA PHE GA 3 -3.73 17.71 17.73
C PHE GA 3 -4.24 18.35 19.02
N SER GA 4 -3.79 19.55 19.35
CA SER GA 4 -4.16 20.16 20.64
C SER GA 4 -5.67 20.41 20.72
N GLN GA 5 -6.23 21.05 19.69
CA GLN GA 5 -7.66 21.36 19.71
C GLN GA 5 -8.50 20.10 19.76
N ALA GA 6 -8.16 19.11 18.92
CA ALA GA 6 -8.94 17.88 18.87
C ALA GA 6 -8.84 17.11 20.19
N VAL GA 7 -7.64 17.06 20.78
CA VAL GA 7 -7.47 16.37 22.04
C VAL GA 7 -8.26 17.06 23.15
N SER GA 8 -8.24 18.40 23.16
CA SER GA 8 -9.02 19.12 24.17
C SER GA 8 -10.51 18.86 24.00
N GLY GA 9 -11.00 18.85 22.76
CA GLY GA 9 -12.39 18.52 22.53
C GLY GA 9 -12.73 17.11 22.95
N LEU GA 10 -11.81 16.17 22.72
CA LEU GA 10 -12.01 14.80 23.14
C LEU GA 10 -12.12 14.72 24.66
N ASN GA 11 -11.24 15.43 25.37
CA ASN GA 11 -11.31 15.44 26.83
C ASN GA 11 -12.61 16.07 27.32
N ALA GA 12 -13.06 17.13 26.67
CA ALA GA 12 -14.32 17.75 27.07
C ALA GA 12 -15.49 16.80 26.87
N ALA GA 13 -15.53 16.10 25.75
CA ALA GA 13 -16.60 15.14 25.51
C ALA GA 13 -16.53 14.00 26.51
N ALA GA 14 -15.32 13.53 26.84
CA ALA GA 14 -15.18 12.47 27.83
C ALA GA 14 -15.67 12.93 29.19
N THR GA 15 -15.37 14.18 29.57
CA THR GA 15 -15.86 14.70 30.84
C THR GA 15 -17.38 14.81 30.85
N ASN GA 16 -17.97 15.24 29.73
CA ASN GA 16 -19.42 15.32 29.66
C ASN GA 16 -20.06 13.95 29.80
N LEU GA 17 -19.49 12.94 29.13
CA LEU GA 17 -20.00 11.58 29.28
C LEU GA 17 -19.81 11.07 30.70
N ASP GA 18 -18.70 11.41 31.34
CA ASP GA 18 -18.48 11.03 32.73
C ASP GA 18 -19.56 11.62 33.64
N VAL GA 19 -19.87 12.90 33.44
CA VAL GA 19 -20.90 13.53 34.26
C VAL GA 19 -22.26 12.88 34.02
N ILE GA 20 -22.58 12.61 32.75
CA ILE GA 20 -23.86 11.97 32.45
C ILE GA 20 -23.95 10.60 33.10
N GLY GA 21 -22.87 9.82 33.00
CA GLY GA 21 -22.86 8.50 33.59
C GLY GA 21 -22.96 8.54 35.11
N ASN GA 22 -22.32 9.52 35.73
CA ASN GA 22 -22.44 9.66 37.18
C ASN GA 22 -23.88 10.01 37.57
N ASN GA 23 -24.51 10.90 36.83
CA ASN GA 23 -25.90 11.25 37.15
C ASN GA 23 -26.82 10.05 36.99
N ILE GA 24 -26.66 9.30 35.90
CA ILE GA 24 -27.57 8.17 35.65
C ILE GA 24 -27.30 7.04 36.64
N ALA GA 25 -26.04 6.86 37.04
CA ALA GA 25 -25.72 5.79 37.98
C ALA GA 25 -26.15 6.13 39.40
N ASN GA 26 -26.08 7.41 39.78
CA ASN GA 26 -26.47 7.83 41.12
C ASN GA 26 -27.96 8.05 41.25
N SER GA 27 -28.77 7.44 40.39
CA SER GA 27 -30.21 7.48 40.57
C SER GA 27 -30.60 6.72 41.84
N ALA GA 28 -31.79 7.03 42.34
CA ALA GA 28 -32.38 6.46 43.55
C ALA GA 28 -31.64 6.85 44.82
N THR GA 29 -30.56 7.60 44.74
CA THR GA 29 -29.90 8.12 45.92
C THR GA 29 -30.73 9.27 46.47
N TYR GA 30 -31.12 9.17 47.75
CA TYR GA 30 -32.10 10.09 48.29
C TYR GA 30 -31.58 11.52 48.32
N GLY GA 31 -30.41 11.74 48.91
CA GLY GA 31 -29.87 13.07 48.98
C GLY GA 31 -28.92 13.41 47.85
N PHE GA 32 -29.42 13.41 46.61
CA PHE GA 32 -28.58 13.63 45.46
C PHE GA 32 -29.15 14.73 44.57
N LYS GA 33 -28.26 15.57 44.06
CA LYS GA 33 -28.60 16.62 43.13
C LYS GA 33 -27.75 16.45 41.88
N SER GA 34 -28.40 16.35 40.72
CA SER GA 34 -27.71 16.01 39.48
C SER GA 34 -26.74 17.12 39.07
N GLY GA 35 -25.68 16.70 38.37
CA GLY GA 35 -24.62 17.61 37.96
C GLY GA 35 -24.72 17.98 36.49
N THR GA 36 -23.94 18.98 36.12
CA THR GA 36 -23.93 19.52 34.76
C THR GA 36 -22.62 20.23 34.51
N ALA GA 37 -21.96 19.86 33.42
CA ALA GA 37 -20.68 20.45 33.06
C ALA GA 37 -20.89 21.67 32.17
N SER GA 38 -20.02 22.67 32.34
CA SER GA 38 -20.07 23.89 31.54
C SER GA 38 -18.73 24.09 30.86
N PHE GA 39 -18.76 24.55 29.61
CA PHE GA 39 -17.57 24.66 28.78
C PHE GA 39 -17.28 26.12 28.45
N ALA GA 40 -16.05 26.36 28.00
CA ALA GA 40 -15.61 27.70 27.65
C ALA GA 40 -14.46 27.61 26.68
N ASP GA 41 -14.52 28.38 25.59
CA ASP GA 41 -13.47 28.37 24.59
C ASP GA 41 -12.22 29.10 25.09
N MET GA 42 -11.11 28.87 24.40
CA MET GA 42 -9.84 29.49 24.73
C MET GA 42 -9.23 30.07 23.47
N PHE GA 43 -8.77 31.32 23.55
CA PHE GA 43 -8.07 31.98 22.46
C PHE GA 43 -6.82 32.65 23.01
N ALA GA 44 -5.70 32.51 22.29
CA ALA GA 44 -4.47 33.15 22.72
C ALA GA 44 -4.55 34.66 22.50
N GLY GA 45 -4.69 35.08 21.25
CA GLY GA 45 -4.98 36.46 20.93
C GLY GA 45 -6.33 36.54 20.24
N SER GA 46 -6.30 36.76 18.93
CA SER GA 46 -7.46 36.58 18.07
C SER GA 46 -7.07 35.64 16.95
N LYS GA 47 -8.10 35.11 16.27
CA LYS GA 47 -7.95 34.19 15.14
C LYS GA 47 -6.98 33.05 15.43
N VAL GA 48 -6.77 32.75 16.70
CA VAL GA 48 -5.88 31.67 17.13
C VAL GA 48 -6.65 30.84 18.14
N GLY GA 49 -7.30 29.77 17.68
CA GLY GA 49 -8.02 28.91 18.59
C GLY GA 49 -7.10 28.03 19.41
N LEU GA 50 -7.57 27.63 20.59
CA LEU GA 50 -6.80 26.76 21.46
C LEU GA 50 -7.64 25.62 22.03
N GLY GA 51 -8.77 25.31 21.43
CA GLY GA 51 -9.60 24.24 21.94
C GLY GA 51 -10.61 24.72 22.96
N VAL GA 52 -11.10 23.77 23.75
CA VAL GA 52 -12.17 24.01 24.72
C VAL GA 52 -11.71 23.48 26.07
N LYS GA 53 -11.88 24.30 27.11
CA LYS GA 53 -11.61 23.90 28.47
C LYS GA 53 -12.91 23.79 29.25
N VAL GA 54 -12.91 22.95 30.28
CA VAL GA 54 -14.08 22.75 31.12
C VAL GA 54 -14.12 23.88 32.15
N ALA GA 55 -15.23 24.61 32.15
CA ALA GA 55 -15.39 25.75 33.04
C ALA GA 55 -15.90 25.37 34.41
N GLY GA 56 -16.20 24.09 34.65
CA GLY GA 56 -16.67 23.67 35.95
C GLY GA 56 -17.95 22.86 35.91
N ILE GA 57 -18.17 22.08 36.96
CA ILE GA 57 -19.38 21.28 37.10
C ILE GA 57 -20.25 21.88 38.19
N THR GA 58 -21.47 22.24 37.83
CA THR GA 58 -22.46 22.77 38.77
C THR GA 58 -23.50 21.69 39.07
N GLN GA 59 -24.34 21.97 40.07
CA GLN GA 59 -25.37 21.04 40.48
C GLN GA 59 -26.71 21.75 40.52
N ASP GA 60 -27.74 21.12 39.94
CA ASP GA 60 -29.08 21.65 39.97
C ASP GA 60 -29.73 21.31 41.30
N PHE GA 61 -30.04 22.34 42.09
CA PHE GA 61 -30.57 22.15 43.43
C PHE GA 61 -32.09 22.22 43.46
N THR GA 62 -32.74 21.73 42.41
CA THR GA 62 -34.18 21.59 42.42
C THR GA 62 -34.60 20.60 43.49
N ASP GA 63 -35.61 20.95 44.27
CA ASP GA 63 -36.10 20.05 45.32
C ASP GA 63 -36.64 18.78 44.69
N GLY GA 64 -36.27 17.64 45.27
CA GLY GA 64 -36.69 16.36 44.74
C GLY GA 64 -38.09 15.98 45.16
N THR GA 65 -38.56 14.88 44.61
CA THR GA 65 -39.89 14.38 44.93
C THR GA 65 -39.93 13.90 46.38
N THR GA 66 -40.96 14.33 47.11
CA THR GA 66 -41.15 13.86 48.47
C THR GA 66 -41.65 12.42 48.47
N THR GA 67 -41.13 11.63 49.42
CA THR GA 67 -41.42 10.20 49.48
C THR GA 67 -41.99 9.86 50.86
N ASN GA 68 -42.94 8.93 50.88
CA ASN GA 68 -43.56 8.46 52.11
C ASN GA 68 -42.90 7.16 52.53
N THR GA 69 -41.71 7.29 53.15
CA THR GA 69 -40.92 6.13 53.52
C THR GA 69 -41.34 5.52 54.85
N GLY GA 70 -42.31 6.11 55.55
CA GLY GA 70 -42.69 5.60 56.84
C GLY GA 70 -41.68 5.95 57.91
N ARG GA 71 -41.70 5.17 58.98
CA ARG GA 71 -40.81 5.35 60.13
C ARG GA 71 -40.99 6.71 60.77
N GLY GA 72 -40.16 7.01 61.78
CA GLY GA 72 -40.19 8.32 62.41
C GLY GA 72 -38.82 8.95 62.49
N LEU GA 73 -37.77 8.15 62.32
CA LEU GA 73 -36.40 8.64 62.36
C LEU GA 73 -35.87 8.96 60.96
N ASP GA 74 -36.65 9.74 60.22
CA ASP GA 74 -36.28 10.17 58.88
C ASP GA 74 -37.11 11.38 58.52
N VAL GA 75 -36.46 12.44 58.06
CA VAL GA 75 -37.10 13.72 57.83
C VAL GA 75 -36.72 14.24 56.45
N ALA GA 76 -37.57 15.08 55.90
CA ALA GA 76 -37.38 15.65 54.57
C ALA GA 76 -37.48 17.17 54.64
N ILE GA 77 -36.63 17.85 53.87
CA ILE GA 77 -36.65 19.31 53.77
C ILE GA 77 -37.39 19.69 52.51
N SER GA 78 -38.37 20.58 52.63
CA SER GA 78 -39.23 20.95 51.52
C SER GA 78 -38.69 22.09 50.67
N GLN GA 79 -37.72 22.86 51.17
CA GLN GA 79 -37.18 24.00 50.45
C GLN GA 79 -35.67 24.02 50.65
N ASN GA 80 -35.07 25.18 50.38
CA ASN GA 80 -33.64 25.33 50.59
C ASN GA 80 -33.30 25.19 52.08
N GLY GA 81 -32.16 24.58 52.35
CA GLY GA 81 -31.70 24.35 53.70
C GLY GA 81 -31.04 22.99 53.78
N PHE GA 82 -30.00 22.90 54.61
CA PHE GA 82 -29.22 21.68 54.76
C PHE GA 82 -29.05 21.35 56.24
N PHE GA 83 -29.00 20.04 56.52
CA PHE GA 83 -28.59 19.60 57.85
C PHE GA 83 -27.08 19.80 58.02
N ARG GA 84 -26.69 20.10 59.25
CA ARG GA 84 -25.29 20.30 59.61
C ARG GA 84 -24.82 19.09 60.41
N LEU GA 85 -23.67 18.53 60.02
CA LEU GA 85 -23.12 17.33 60.63
C LEU GA 85 -21.68 17.57 61.01
N VAL GA 86 -21.18 16.79 61.96
CA VAL GA 86 -19.79 16.84 62.37
C VAL GA 86 -19.23 15.43 62.38
N ASP GA 87 -17.96 15.29 62.01
CA ASP GA 87 -17.29 14.00 62.01
C ASP GA 87 -16.57 13.79 63.33
N SER GA 88 -15.70 12.76 63.38
CA SER GA 88 -15.02 12.42 64.62
C SER GA 88 -14.06 13.52 65.05
N ASN GA 89 -13.30 14.08 64.11
CA ASN GA 89 -12.23 15.01 64.44
C ASN GA 89 -12.68 16.47 64.45
N GLY GA 90 -13.97 16.74 64.32
CA GLY GA 90 -14.51 18.08 64.50
C GLY GA 90 -14.81 18.83 63.21
N SER GA 91 -14.48 18.29 62.05
CA SER GA 91 -14.83 18.94 60.81
C SER GA 91 -16.34 18.93 60.61
N VAL GA 92 -16.87 20.04 60.09
CA VAL GA 92 -18.31 20.21 59.92
C VAL GA 92 -18.64 20.14 58.44
N PHE GA 93 -19.57 19.25 58.09
CA PHE GA 93 -20.06 19.09 56.73
C PHE GA 93 -21.56 19.37 56.71
N TYR GA 94 -22.11 19.43 55.50
CA TYR GA 94 -23.53 19.72 55.32
C TYR GA 94 -24.14 18.69 54.37
N SER GA 95 -25.37 18.29 54.66
CA SER GA 95 -26.02 17.24 53.90
C SER GA 95 -27.50 17.59 53.76
N ARG GA 96 -28.23 16.71 53.06
CA ARG GA 96 -29.67 16.88 52.91
C ARG GA 96 -30.47 15.59 53.16
N ASN GA 97 -29.87 14.42 53.00
CA ASN GA 97 -30.61 13.18 53.23
C ASN GA 97 -30.96 13.03 54.69
N GLY GA 98 -32.20 12.63 54.96
CA GLY GA 98 -32.71 12.48 56.30
C GLY GA 98 -32.56 11.12 56.91
N GLN GA 99 -31.82 10.21 56.27
CA GLN GA 99 -31.65 8.86 56.79
C GLN GA 99 -30.86 8.90 58.09
N PHE GA 100 -31.56 8.71 59.22
CA PHE GA 100 -30.98 8.87 60.54
C PHE GA 100 -31.18 7.61 61.36
N LYS GA 101 -30.33 7.45 62.38
CA LYS GA 101 -30.42 6.31 63.28
C LYS GA 101 -29.73 6.69 64.59
N LEU GA 102 -29.87 5.80 65.56
CA LEU GA 102 -29.12 5.93 66.82
C LEU GA 102 -27.83 5.13 66.71
N ASP GA 103 -26.77 5.65 67.31
CA ASP GA 103 -25.50 4.94 67.31
C ASP GA 103 -25.35 4.14 68.59
N GLU GA 104 -24.12 3.73 68.91
CA GLU GA 104 -23.89 2.92 70.10
C GLU GA 104 -24.21 3.67 71.38
N ASN GA 105 -23.85 4.95 71.48
CA ASN GA 105 -24.04 5.73 72.70
C ASN GA 105 -25.17 6.74 72.53
N ARG GA 106 -26.20 6.36 71.77
CA ARG GA 106 -27.45 7.10 71.69
C ARG GA 106 -27.24 8.52 71.15
N ASN GA 107 -26.76 8.60 69.91
CA ASN GA 107 -26.64 9.86 69.20
C ASN GA 107 -27.34 9.73 67.86
N LEU GA 108 -27.88 10.85 67.38
CA LEU GA 108 -28.45 10.88 66.03
C LEU GA 108 -27.32 10.92 65.01
N VAL GA 109 -27.22 9.87 64.20
CA VAL GA 109 -26.12 9.69 63.27
C VAL GA 109 -26.69 9.19 61.94
N ASN GA 110 -26.10 9.66 60.84
CA ASN GA 110 -26.48 9.17 59.53
C ASN GA 110 -25.91 7.77 59.29
N MET GA 111 -26.17 7.23 58.10
CA MET GA 111 -25.75 5.87 57.80
C MET GA 111 -24.24 5.73 57.67
N GLN GA 112 -23.52 6.82 57.42
CA GLN GA 112 -22.08 6.77 57.21
C GLN GA 112 -21.29 7.00 58.48
N GLY GA 113 -21.95 7.30 59.59
CA GLY GA 113 -21.25 7.51 60.84
C GLY GA 113 -20.77 8.93 61.07
N MET GA 114 -21.69 9.90 61.04
CA MET GA 114 -21.37 11.29 61.33
C MET GA 114 -22.38 11.83 62.32
N GLN GA 115 -21.91 12.57 63.33
CA GLN GA 115 -22.79 13.07 64.36
C GLN GA 115 -23.61 14.25 63.85
N LEU GA 116 -24.91 14.19 64.05
CA LEU GA 116 -25.80 15.29 63.71
C LEU GA 116 -25.79 16.32 64.82
N THR GA 117 -25.61 17.58 64.45
CA THR GA 117 -25.48 18.66 65.42
C THR GA 117 -26.79 19.43 65.56
N GLY GA 118 -26.80 20.39 66.46
CA GLY GA 118 -27.97 21.20 66.68
C GLY GA 118 -27.82 22.03 67.94
N TYR GA 119 -28.90 22.73 68.26
CA TYR GA 119 -28.94 23.56 69.46
C TYR GA 119 -29.21 22.69 70.68
N PRO GA 120 -28.36 22.73 71.71
CA PRO GA 120 -28.62 21.95 72.92
C PRO GA 120 -29.73 22.56 73.75
N ALA GA 121 -30.30 21.73 74.62
CA ALA GA 121 -31.37 22.14 75.51
C ALA GA 121 -30.90 22.01 76.96
N THR GA 122 -31.20 23.04 77.76
CA THR GA 122 -30.83 23.05 79.16
C THR GA 122 -31.89 23.78 79.97
N GLY GA 123 -31.95 23.48 81.26
CA GLY GA 123 -32.91 24.07 82.17
C GLY GA 123 -33.76 23.02 82.85
N THR GA 124 -34.61 23.49 83.75
CA THR GA 124 -35.56 22.66 84.49
C THR GA 124 -36.93 23.30 84.46
N PRO GA 125 -37.77 22.96 83.47
CA PRO GA 125 -37.50 22.04 82.36
C PRO GA 125 -36.57 22.63 81.30
N PRO GA 126 -35.85 21.76 80.58
CA PRO GA 126 -34.93 22.26 79.56
C PRO GA 126 -35.67 23.04 78.47
N THR GA 127 -35.00 24.07 77.96
CA THR GA 127 -35.53 24.91 76.90
C THR GA 127 -34.48 25.06 75.82
N ILE GA 128 -34.94 25.45 74.62
CA ILE GA 128 -34.06 25.59 73.47
C ILE GA 128 -33.49 27.00 73.47
N GLN GA 129 -32.17 27.11 73.34
CA GLN GA 129 -31.47 28.38 73.27
C GLN GA 129 -31.01 28.61 71.84
N GLN GA 130 -31.58 29.61 71.18
CA GLN GA 130 -31.22 29.89 69.80
C GLN GA 130 -29.82 30.47 69.69
N GLY GA 131 -29.40 31.27 70.68
CA GLY GA 131 -28.08 31.84 70.68
C GLY GA 131 -26.98 30.91 71.16
N ALA GA 132 -27.33 29.72 71.64
CA ALA GA 132 -26.34 28.77 72.10
C ALA GA 132 -25.54 28.23 70.91
N ASN GA 133 -24.28 27.92 71.18
CA ASN GA 133 -23.43 27.33 70.15
C ASN GA 133 -23.97 25.96 69.77
N PRO GA 134 -24.11 25.66 68.48
CA PRO GA 134 -24.60 24.34 68.08
C PRO GA 134 -23.67 23.24 68.57
N ALA GA 135 -24.27 22.13 68.98
CA ALA GA 135 -23.55 21.00 69.53
C ALA GA 135 -24.19 19.71 69.03
N PRO GA 136 -23.44 18.60 69.03
CA PRO GA 136 -24.03 17.34 68.60
C PRO GA 136 -25.22 16.96 69.46
N ILE GA 137 -26.24 16.41 68.82
CA ILE GA 137 -27.46 16.00 69.52
C ILE GA 137 -27.25 14.62 70.10
N THR GA 138 -27.54 14.48 71.39
CA THR GA 138 -27.45 13.20 72.10
C THR GA 138 -28.78 12.92 72.77
N ILE GA 139 -29.18 11.65 72.78
CA ILE GA 139 -30.48 11.27 73.33
C ILE GA 139 -30.28 10.18 74.38
N PRO GA 140 -29.94 10.53 75.62
CA PRO GA 140 -29.76 9.52 76.66
C PRO GA 140 -31.10 8.94 77.11
N ASN GA 141 -31.04 7.75 77.70
CA ASN GA 141 -32.21 7.05 78.20
C ASN GA 141 -32.32 7.10 79.72
N THR GA 142 -31.53 7.95 80.38
CA THR GA 142 -31.55 8.02 81.84
C THR GA 142 -32.87 8.58 82.34
N LEU GA 143 -33.33 8.07 83.47
CA LEU GA 143 -34.60 8.52 84.06
C LEU GA 143 -34.45 9.90 84.67
N MET GA 144 -35.50 10.72 84.52
CA MET GA 144 -35.51 12.05 85.08
C MET GA 144 -35.84 12.03 86.56
N ALA GA 145 -35.53 13.14 87.24
CA ALA GA 145 -35.84 13.29 88.65
C ALA GA 145 -37.22 13.92 88.82
N ALA GA 146 -37.86 13.61 89.95
CA ALA GA 146 -39.20 14.10 90.22
C ALA GA 146 -39.16 15.54 90.71
N LYS GA 147 -40.32 16.20 90.60
CA LYS GA 147 -40.47 17.60 90.99
C LYS GA 147 -40.86 17.76 92.46
N SER GA 148 -41.32 16.69 93.11
CA SER GA 148 -41.73 16.71 94.51
C SER GA 148 -42.87 17.69 94.77
N THR GA 149 -43.72 17.91 93.76
CA THR GA 149 -44.89 18.78 93.85
C THR GA 149 -44.50 20.18 94.33
N THR GA 150 -43.67 20.83 93.50
CA THR GA 150 -43.16 22.15 93.87
C THR GA 150 -44.28 23.19 93.90
N THR GA 151 -45.08 23.26 92.84
CA THR GA 151 -46.18 24.21 92.74
C THR GA 151 -47.38 23.54 92.12
N ALA GA 152 -48.54 24.17 92.28
CA ALA GA 152 -49.78 23.62 91.78
C ALA GA 152 -50.76 24.75 91.52
N SER GA 153 -51.81 24.45 90.75
CA SER GA 153 -52.86 25.41 90.47
C SER GA 153 -54.16 24.67 90.23
N MET GA 154 -55.23 25.11 90.89
CA MET GA 154 -56.53 24.49 90.77
C MET GA 154 -57.60 25.56 90.60
N GLN GA 155 -58.62 25.24 89.81
CA GLN GA 155 -59.80 26.09 89.63
C GLN GA 155 -61.03 25.24 89.91
N ILE GA 156 -61.82 25.65 90.89
CA ILE GA 156 -62.97 24.88 91.36
C ILE GA 156 -64.17 25.79 91.45
N ASN GA 157 -65.34 25.28 91.06
CA ASN GA 157 -66.60 25.98 91.18
C ASN GA 157 -67.48 25.29 92.20
N LEU GA 158 -68.05 26.06 93.13
CA LEU GA 158 -68.87 25.54 94.20
C LEU GA 158 -70.22 26.27 94.22
N ASN GA 159 -71.20 25.63 94.85
CA ASN GA 159 -72.53 26.22 94.97
C ASN GA 159 -72.56 27.19 96.15
N SER GA 160 -72.95 28.44 95.88
CA SER GA 160 -72.98 29.47 96.92
C SER GA 160 -74.16 29.31 97.87
N THR GA 161 -75.17 28.51 97.52
CA THR GA 161 -76.35 28.33 98.34
C THR GA 161 -76.31 27.03 99.14
N ASP GA 162 -75.13 26.44 99.28
CA ASP GA 162 -74.99 25.18 100.01
C ASP GA 162 -75.33 25.40 101.49
N PRO GA 163 -76.23 24.61 102.07
CA PRO GA 163 -76.58 24.81 103.48
C PRO GA 163 -75.41 24.50 104.41
N VAL GA 164 -75.42 25.18 105.56
CA VAL GA 164 -74.38 24.94 106.58
C VAL GA 164 -74.51 23.51 107.09
N PRO GA 165 -73.42 22.80 107.36
CA PRO GA 165 -73.53 21.45 107.92
C PRO GA 165 -74.26 21.47 109.26
N SER GA 166 -75.03 20.41 109.50
CA SER GA 166 -75.87 20.33 110.69
C SER GA 166 -75.06 20.19 111.97
N LYS GA 167 -73.79 19.82 111.89
CA LYS GA 167 -72.93 19.64 113.05
C LYS GA 167 -71.87 20.73 113.09
N THR GA 168 -71.81 21.45 114.20
CA THR GA 168 -70.82 22.53 114.32
C THR GA 168 -69.38 22.05 114.22
N PRO GA 169 -68.95 20.98 114.90
CA PRO GA 169 -67.58 20.49 114.66
C PRO GA 169 -67.44 19.89 113.27
N PHE GA 170 -66.22 19.95 112.76
CA PHE GA 170 -65.91 19.45 111.43
C PHE GA 170 -65.36 18.02 111.53
N SER GA 171 -65.93 17.12 110.72
CA SER GA 171 -65.48 15.75 110.67
C SER GA 171 -65.29 15.34 109.22
N VAL GA 172 -64.37 14.38 109.00
CA VAL GA 172 -64.00 13.99 107.64
C VAL GA 172 -64.72 12.72 107.19
N SER GA 173 -65.45 12.05 108.07
CA SER GA 173 -66.09 10.78 107.72
C SER GA 173 -67.52 10.99 107.22
N ASP GA 174 -68.37 11.60 108.06
CA ASP GA 174 -69.75 11.84 107.67
C ASP GA 174 -69.83 12.93 106.62
N ALA GA 175 -70.63 12.70 105.58
CA ALA GA 175 -70.81 13.68 104.52
C ALA GA 175 -71.64 14.88 104.97
N ASP GA 176 -72.32 14.79 106.11
CA ASP GA 176 -73.13 15.89 106.62
C ASP GA 176 -72.35 16.89 107.44
N SER GA 177 -71.08 16.60 107.75
CA SER GA 177 -70.23 17.51 108.50
C SER GA 177 -69.58 18.58 107.63
N TYR GA 178 -69.64 18.43 106.31
CA TYR GA 178 -69.06 19.40 105.38
C TYR GA 178 -69.97 19.46 104.15
N ASN GA 179 -69.48 20.10 103.10
CA ASN GA 179 -70.25 20.27 101.87
C ASN GA 179 -69.64 19.55 100.67
N LYS GA 180 -68.36 19.78 100.39
CA LYS GA 180 -67.72 19.23 99.19
C LYS GA 180 -66.53 18.37 99.58
N LYS GA 181 -66.38 17.25 98.87
CA LYS GA 181 -65.26 16.33 99.07
C LYS GA 181 -64.51 16.15 97.76
N GLY GA 182 -63.18 16.22 97.82
CA GLY GA 182 -62.36 16.03 96.64
C GLY GA 182 -61.03 15.41 97.01
N THR GA 183 -60.33 14.94 95.98
CA THR GA 183 -59.03 14.30 96.16
C THR GA 183 -58.00 14.97 95.27
N VAL GA 184 -56.79 15.16 95.81
CA VAL GA 184 -55.68 15.77 95.08
C VAL GA 184 -54.49 14.83 95.15
N THR GA 185 -53.86 14.59 94.01
CA THR GA 185 -52.70 13.72 93.94
C THR GA 185 -51.43 14.56 93.96
N VAL GA 186 -50.50 14.21 94.85
CA VAL GA 186 -49.21 14.87 94.93
C VAL GA 186 -48.12 13.82 94.99
N TYR GA 187 -46.88 14.25 94.78
CA TYR GA 187 -45.74 13.34 94.75
C TYR GA 187 -44.60 13.95 95.56
N ASP GA 188 -43.93 13.09 96.34
CA ASP GA 188 -42.84 13.53 97.20
C ASP GA 188 -41.53 13.49 96.41
N SER GA 189 -40.40 13.60 97.13
CA SER GA 189 -39.10 13.48 96.48
C SER GA 189 -38.91 12.08 95.89
N GLN GA 190 -39.36 11.06 96.59
CA GLN GA 190 -39.28 9.69 96.09
C GLN GA 190 -40.43 9.42 95.12
N GLY GA 191 -40.53 8.18 94.67
CA GLY GA 191 -41.60 7.79 93.76
C GLY GA 191 -42.85 7.32 94.48
N ASN GA 192 -43.41 8.18 95.32
CA ASN GA 192 -44.60 7.86 96.10
C ASN GA 192 -45.72 8.82 95.76
N ALA GA 193 -46.92 8.29 95.61
CA ALA GA 193 -48.11 9.08 95.35
C ALA GA 193 -48.90 9.26 96.63
N HIS GA 194 -49.17 10.51 97.00
CA HIS GA 194 -49.88 10.85 98.22
C HIS GA 194 -51.20 11.51 97.88
N ASP GA 195 -52.27 11.03 98.50
CA ASP GA 195 -53.61 11.53 98.26
C ASP GA 195 -54.00 12.48 99.38
N MET GA 196 -54.42 13.69 99.01
CA MET GA 196 -54.90 14.70 99.94
C MET GA 196 -56.41 14.79 99.82
N ASN GA 197 -57.11 14.61 100.93
CA ASN GA 197 -58.55 14.77 100.97
C ASN GA 197 -58.87 16.23 101.29
N VAL GA 198 -59.60 16.87 100.38
CA VAL GA 198 -59.95 18.29 100.51
C VAL GA 198 -61.43 18.37 100.81
N TYR GA 199 -61.76 19.04 101.92
CA TYR GA 199 -63.14 19.21 102.36
C TYR GA 199 -63.48 20.69 102.37
N PHE GA 200 -64.61 21.02 101.76
CA PHE GA 200 -65.13 22.39 101.72
C PHE GA 200 -66.38 22.46 102.57
N VAL GA 201 -66.38 23.35 103.56
CA VAL GA 201 -67.51 23.54 104.45
C VAL GA 201 -67.87 25.02 104.48
N LYS GA 202 -69.15 25.32 104.28
CA LYS GA 202 -69.64 26.69 104.34
C LYS GA 202 -70.15 26.96 105.76
N THR GA 203 -69.28 27.51 106.60
CA THR GA 203 -69.66 27.86 107.96
C THR GA 203 -70.58 29.07 108.02
N LYS GA 204 -70.39 30.02 107.10
CA LYS GA 204 -71.21 31.22 107.05
C LYS GA 204 -71.26 31.72 105.62
N ASP GA 205 -72.09 32.74 105.39
CA ASP GA 205 -72.26 33.28 104.04
C ASP GA 205 -70.98 34.00 103.60
N ASN GA 206 -70.62 33.80 102.32
CA ASN GA 206 -69.47 34.43 101.67
C ASN GA 206 -68.14 34.03 102.29
N GLU GA 207 -68.12 33.04 103.18
CA GLU GA 207 -66.88 32.52 103.74
C GLU GA 207 -66.91 31.00 103.69
N TRP GA 208 -65.78 30.41 103.29
CA TRP GA 208 -65.64 28.97 103.17
C TRP GA 208 -64.39 28.51 103.90
N ALA GA 209 -64.49 27.33 104.51
CA ALA GA 209 -63.39 26.71 105.23
C ALA GA 209 -62.95 25.48 104.45
N VAL GA 210 -61.67 25.42 104.11
CA VAL GA 210 -61.10 24.32 103.35
C VAL GA 210 -60.14 23.56 104.26
N TYR GA 211 -60.41 22.28 104.45
CA TYR GA 211 -59.58 21.39 105.24
C TYR GA 211 -58.84 20.44 104.31
N THR GA 212 -57.52 20.39 104.44
CA THR GA 212 -56.68 19.51 103.63
C THR GA 212 -56.07 18.46 104.55
N HIS GA 213 -56.28 17.19 104.22
CA HIS GA 213 -55.80 16.08 105.04
C HIS GA 213 -54.86 15.21 104.22
N ASP GA 214 -53.63 15.04 104.70
CA ASP GA 214 -52.65 14.17 104.07
C ASP GA 214 -52.96 12.74 104.49
N SER GA 215 -53.96 12.15 103.83
CA SER GA 215 -54.46 10.84 104.21
C SER GA 215 -53.45 9.73 103.98
N SER GA 216 -52.42 9.95 103.16
CA SER GA 216 -51.43 8.92 102.90
C SER GA 216 -50.59 8.57 104.13
N ASP GA 217 -50.53 9.45 105.12
CA ASP GA 217 -49.76 9.20 106.33
C ASP GA 217 -50.66 8.56 107.37
N PRO GA 218 -50.35 7.36 107.86
CA PRO GA 218 -51.19 6.76 108.92
C PRO GA 218 -51.22 7.57 110.20
N ALA GA 219 -50.17 8.33 110.49
CA ALA GA 219 -50.06 9.10 111.72
C ALA GA 219 -50.25 10.59 111.50
N ALA GA 220 -50.92 10.99 110.42
CA ALA GA 220 -51.22 12.40 110.16
C ALA GA 220 -52.52 12.75 110.85
N THR GA 221 -52.45 13.62 111.84
CA THR GA 221 -53.63 14.00 112.62
C THR GA 221 -54.54 14.90 111.79
N ALA GA 222 -55.85 14.68 111.92
CA ALA GA 222 -56.81 15.48 111.19
C ALA GA 222 -56.94 16.85 111.84
N PRO GA 223 -56.64 17.94 111.13
CA PRO GA 223 -56.79 19.27 111.73
C PRO GA 223 -58.25 19.61 111.99
N THR GA 224 -58.47 20.38 113.05
CA THR GA 224 -59.78 20.89 113.41
C THR GA 224 -59.97 22.36 113.07
N THR GA 225 -58.95 23.17 113.27
CA THR GA 225 -58.98 24.55 112.80
C THR GA 225 -58.95 24.60 111.29
N ALA GA 226 -59.65 25.60 110.73
CA ALA GA 226 -59.74 25.74 109.28
C ALA GA 226 -58.36 26.02 108.71
N SER GA 227 -57.80 25.04 108.01
CA SER GA 227 -56.46 25.19 107.44
C SER GA 227 -56.44 26.30 106.39
N THR GA 228 -57.45 26.37 105.55
CA THR GA 228 -57.55 27.40 104.52
C THR GA 228 -58.86 28.16 104.68
N THR GA 229 -58.80 29.48 104.56
CA THR GA 229 -59.99 30.31 104.60
C THR GA 229 -60.16 31.00 103.26
N LEU GA 230 -61.41 31.03 102.78
CA LEU GA 230 -61.73 31.66 101.51
C LEU GA 230 -62.83 32.67 101.71
N LYS GA 231 -62.59 33.90 101.23
CA LYS GA 231 -63.57 34.97 101.25
C LYS GA 231 -63.86 35.36 99.81
N PHE GA 232 -65.14 35.41 99.46
CA PHE GA 232 -65.55 35.66 98.08
C PHE GA 232 -66.12 37.06 97.94
N ASN GA 233 -65.97 37.62 96.75
CA ASN GA 233 -66.49 38.94 96.44
C ASN GA 233 -67.98 38.83 96.14
N GLU GA 234 -68.61 39.95 95.75
CA GLU GA 234 -70.02 39.92 95.42
C GLU GA 234 -70.28 39.03 94.20
N ASN GA 235 -69.38 39.07 93.22
CA ASN GA 235 -69.47 38.23 92.04
C ASN GA 235 -68.72 36.92 92.18
N GLY GA 236 -68.17 36.63 93.35
CA GLY GA 236 -67.44 35.40 93.58
C GLY GA 236 -65.95 35.46 93.31
N ILE GA 237 -65.41 36.64 93.04
CA ILE GA 237 -63.98 36.77 92.74
C ILE GA 237 -63.19 36.63 94.03
N LEU GA 238 -62.23 35.71 94.04
CA LEU GA 238 -61.40 35.51 95.22
C LEU GA 238 -60.48 36.69 95.44
N GLU GA 239 -60.34 37.10 96.70
CA GLU GA 239 -59.52 38.26 97.06
C GLU GA 239 -58.27 37.89 97.85
N SER GA 240 -58.40 37.04 98.87
CA SER GA 240 -57.26 36.62 99.68
C SER GA 240 -57.36 35.12 99.92
N GLY GA 241 -56.42 34.61 100.70
CA GLY GA 241 -56.38 33.19 101.02
C GLY GA 241 -56.13 32.29 99.83
N GLY GA 242 -55.28 32.71 98.90
CA GLY GA 242 -54.99 31.97 97.70
C GLY GA 242 -53.77 31.08 97.75
N THR GA 243 -53.21 30.83 98.93
CA THR GA 243 -52.04 29.97 99.07
C THR GA 243 -52.13 29.16 100.35
N VAL GA 244 -51.59 27.95 100.30
CA VAL GA 244 -51.50 27.09 101.48
C VAL GA 244 -50.31 26.16 101.31
N ASN GA 245 -49.62 25.86 102.41
CA ASN GA 245 -48.46 24.98 102.41
C ASN GA 245 -48.78 23.77 103.28
N ILE GA 246 -48.66 22.58 102.71
CA ILE GA 246 -48.91 21.32 103.41
C ILE GA 246 -47.68 20.44 103.28
N THR GA 247 -47.23 19.89 104.40
CA THR GA 247 -46.06 19.02 104.41
C THR GA 247 -46.45 17.58 104.10
N THR GA 248 -45.73 16.98 103.17
CA THR GA 248 -45.95 15.56 102.86
C THR GA 248 -45.41 14.70 104.00
N GLY GA 249 -46.24 13.77 104.46
CA GLY GA 249 -45.81 12.87 105.52
C GLY GA 249 -44.71 11.93 105.05
N THR GA 250 -43.84 11.56 105.98
CA THR GA 250 -42.74 10.67 105.67
C THR GA 250 -43.25 9.23 105.69
N ILE GA 251 -43.15 8.56 104.54
CA ILE GA 251 -43.58 7.18 104.39
C ILE GA 251 -42.35 6.32 104.08
N ASN GA 252 -42.13 5.30 104.90
CA ASN GA 252 -40.94 4.45 104.78
C ASN GA 252 -39.66 5.27 104.81
N GLY GA 253 -39.59 6.21 105.75
CA GLY GA 253 -38.45 7.10 105.84
C GLY GA 253 -38.33 8.09 104.69
N ALA GA 254 -39.45 8.64 104.23
CA ALA GA 254 -39.41 9.59 103.13
C ALA GA 254 -38.77 10.90 103.57
N THR GA 255 -38.18 11.61 102.62
CA THR GA 255 -37.60 12.91 102.90
C THR GA 255 -38.68 13.92 103.26
N ALA GA 256 -38.45 14.69 104.33
CA ALA GA 256 -39.43 15.69 104.74
C ALA GA 256 -39.44 16.86 103.77
N ALA GA 257 -40.62 17.22 103.30
CA ALA GA 257 -40.78 18.31 102.35
C ALA GA 257 -42.21 18.82 102.42
N THR GA 258 -42.42 20.01 101.86
CA THR GA 258 -43.73 20.63 101.84
C THR GA 258 -44.05 21.09 100.42
N PHE GA 259 -45.35 21.22 100.15
CA PHE GA 259 -45.83 21.61 98.83
C PHE GA 259 -46.88 22.71 98.99
N SER GA 260 -46.97 23.54 97.95
CA SER GA 260 -47.87 24.68 97.93
C SER GA 260 -49.06 24.41 97.02
N LEU GA 261 -50.24 24.84 97.46
CA LEU GA 261 -51.47 24.70 96.70
C LEU GA 261 -52.21 26.04 96.70
N SER GA 262 -52.93 26.31 95.62
CA SER GA 262 -53.64 27.56 95.44
C SER GA 262 -55.08 27.28 95.02
N PHE GA 263 -55.99 28.17 95.44
CA PHE GA 263 -57.39 28.11 95.06
C PHE GA 263 -57.77 29.29 94.17
N LEU GA 264 -56.86 29.70 93.30
CA LEU GA 264 -57.07 30.87 92.46
C LEU GA 264 -58.20 30.65 91.47
N ASN GA 265 -58.80 31.77 91.04
CA ASN GA 265 -59.87 31.77 90.05
C ASN GA 265 -61.08 30.95 90.50
N SER GA 266 -61.27 30.84 91.81
CA SER GA 266 -62.45 30.17 92.34
C SER GA 266 -63.69 31.03 92.11
N MET GA 267 -64.80 30.38 91.79
CA MET GA 267 -66.05 31.09 91.51
C MET GA 267 -67.20 30.33 92.14
N GLN GA 268 -68.15 31.08 92.71
CA GLN GA 268 -69.37 30.49 93.26
C GLN GA 268 -70.53 31.41 92.88
N GLN GA 269 -71.20 31.10 91.78
CA GLN GA 269 -72.32 31.88 91.29
C GLN GA 269 -73.53 30.98 91.04
N ASN GA 270 -73.68 29.96 91.88
CA ASN GA 270 -74.81 29.03 91.81
C ASN GA 270 -74.87 28.34 90.44
N THR GA 271 -73.78 27.67 90.09
CA THR GA 271 -73.68 26.97 88.80
C THR GA 271 -74.14 25.52 88.91
N GLY GA 272 -75.33 25.31 89.47
CA GLY GA 272 -75.85 23.97 89.62
C GLY GA 272 -75.39 23.30 90.89
N ALA GA 273 -74.38 22.44 90.78
CA ALA GA 273 -73.82 21.76 91.94
C ALA GA 273 -72.31 21.92 91.99
N ASN GA 274 -71.65 21.21 92.90
CA ASN GA 274 -70.21 21.28 93.04
C ASN GA 274 -69.56 20.33 92.04
N ASN GA 275 -68.54 20.82 91.34
CA ASN GA 275 -67.85 20.02 90.34
C ASN GA 275 -66.41 20.51 90.20
N ILE GA 276 -65.59 19.69 89.55
CA ILE GA 276 -64.19 19.98 89.30
C ILE GA 276 -64.02 20.20 87.81
N VAL GA 277 -63.40 21.32 87.44
CA VAL GA 277 -63.19 21.66 86.03
C VAL GA 277 -61.73 21.87 85.68
N ALA GA 278 -60.86 22.21 86.62
CA ALA GA 278 -59.44 22.41 86.35
C ALA GA 278 -58.64 21.94 87.56
N THR GA 279 -57.65 21.08 87.31
CA THR GA 279 -56.78 20.57 88.38
C THR GA 279 -55.50 20.06 87.74
N ASN GA 280 -54.36 20.67 88.09
CA ASN GA 280 -53.08 20.24 87.55
C ASN GA 280 -51.97 20.74 88.44
N GLN GA 281 -50.80 20.12 88.30
CA GLN GA 281 -49.61 20.54 89.02
C GLN GA 281 -48.38 20.09 88.24
N ASN GA 282 -47.24 20.70 88.54
CA ASN GA 282 -45.99 20.37 87.88
C ASN GA 282 -45.18 19.32 88.62
N GLY GA 283 -45.71 18.76 89.71
CA GLY GA 283 -44.99 17.76 90.47
C GLY GA 283 -45.21 16.34 89.99
N TYR GA 284 -44.97 16.09 88.71
CA TYR GA 284 -45.18 14.77 88.15
C TYR GA 284 -44.21 13.76 88.74
N LYS GA 285 -44.68 12.52 88.85
CA LYS GA 285 -43.84 11.43 89.31
C LYS GA 285 -42.80 11.08 88.25
N PRO GA 286 -41.66 10.50 88.65
CA PRO GA 286 -40.66 10.10 87.67
C PRO GA 286 -41.22 9.05 86.73
N GLY GA 287 -40.82 9.14 85.46
CA GLY GA 287 -41.30 8.24 84.43
C GLY GA 287 -40.15 7.60 83.66
N ASP GA 288 -40.53 6.67 82.79
CA ASP GA 288 -39.57 5.96 81.95
C ASP GA 288 -39.78 6.34 80.50
N LEU GA 289 -38.67 6.54 79.78
CA LEU GA 289 -38.71 7.01 78.41
C LEU GA 289 -39.42 5.99 77.51
N VAL GA 290 -40.63 6.34 77.07
CA VAL GA 290 -41.41 5.43 76.25
C VAL GA 290 -40.92 5.44 74.81
N SER GA 291 -40.97 6.60 74.16
CA SER GA 291 -40.53 6.71 72.78
C SER GA 291 -40.17 8.16 72.48
N TYR GA 292 -39.33 8.34 71.46
CA TYR GA 292 -38.88 9.65 71.02
C TYR GA 292 -39.34 9.89 69.59
N GLN GA 293 -39.57 11.16 69.27
CA GLN GA 293 -40.07 11.52 67.94
C GLN GA 293 -39.58 12.91 67.58
N ILE GA 294 -39.82 13.29 66.34
CA ILE GA 294 -39.45 14.59 65.79
C ILE GA 294 -40.73 15.30 65.34
N ASN GA 295 -40.71 16.62 65.44
CA ASN GA 295 -41.80 17.45 64.97
C ASN GA 295 -41.31 18.38 63.87
N ASN GA 296 -42.26 19.08 63.24
CA ASN GA 296 -41.95 19.88 62.07
C ASN GA 296 -41.02 21.06 62.38
N ASP GA 297 -40.91 21.46 63.65
CA ASP GA 297 -40.06 22.61 63.98
C ASP GA 297 -38.59 22.25 64.11
N GLY GA 298 -38.23 20.97 64.01
CA GLY GA 298 -36.85 20.56 64.12
C GLY GA 298 -36.38 20.21 65.51
N THR GA 299 -37.29 19.96 66.44
CA THR GA 299 -36.95 19.60 67.80
C THR GA 299 -37.15 18.11 68.03
N VAL GA 300 -36.75 17.66 69.21
CA VAL GA 300 -36.87 16.26 69.62
C VAL GA 300 -37.76 16.20 70.85
N VAL GA 301 -38.73 15.28 70.82
CA VAL GA 301 -39.69 15.11 71.92
C VAL GA 301 -39.62 13.67 72.41
N GLY GA 302 -39.29 13.50 73.68
CA GLY GA 302 -39.25 12.17 74.27
C GLY GA 302 -40.30 11.98 75.34
N ASN GA 303 -41.30 11.16 75.05
CA ASN GA 303 -42.39 10.94 75.99
C ASN GA 303 -41.98 9.93 77.05
N TYR GA 304 -42.48 10.13 78.26
CA TYR GA 304 -42.19 9.27 79.40
C TYR GA 304 -43.45 8.53 79.83
N SER GA 305 -43.30 7.73 80.89
CA SER GA 305 -44.41 6.92 81.39
C SER GA 305 -45.43 7.74 82.16
N ASN GA 306 -45.12 8.99 82.52
CA ASN GA 306 -46.01 9.83 83.32
C ASN GA 306 -46.59 10.97 82.50
N GLU GA 307 -46.83 10.74 81.21
CA GLU GA 307 -47.40 11.75 80.30
C GLU GA 307 -46.60 13.05 80.34
N GLN GA 308 -45.28 12.92 80.37
CA GLN GA 308 -44.38 14.05 80.46
C GLN GA 308 -43.56 14.17 79.18
N GLU GA 309 -43.48 15.38 78.63
CA GLU GA 309 -42.76 15.65 77.40
C GLU GA 309 -41.43 16.31 77.72
N GLN GA 310 -40.36 15.80 77.11
CA GLN GA 310 -39.01 16.28 77.34
C GLN GA 310 -38.37 16.65 76.01
N VAL GA 311 -37.66 17.79 75.98
CA VAL GA 311 -36.96 18.24 74.79
C VAL GA 311 -35.46 18.15 75.03
N LEU GA 312 -34.74 17.51 74.11
CA LEU GA 312 -33.32 17.29 74.26
C LEU GA 312 -32.47 18.11 73.29
N GLY GA 313 -33.09 18.93 72.46
CA GLY GA 313 -32.35 19.76 71.53
C GLY GA 313 -33.19 20.10 70.31
N GLN GA 314 -32.57 20.85 69.40
CA GLN GA 314 -33.22 21.25 68.17
C GLN GA 314 -32.27 21.04 67.00
N ILE GA 315 -32.82 20.63 65.85
CA ILE GA 315 -32.01 20.43 64.67
C ILE GA 315 -31.81 21.77 63.97
N VAL GA 316 -30.57 22.07 63.62
CA VAL GA 316 -30.23 23.31 62.93
C VAL GA 316 -30.23 23.05 61.43
N LEU GA 317 -30.76 24.00 60.68
CA LEU GA 317 -30.71 23.98 59.21
C LEU GA 317 -29.87 25.15 58.73
N ALA GA 318 -28.90 24.86 57.89
CA ALA GA 318 -27.96 25.87 57.41
C ALA GA 318 -28.30 26.20 55.96
N ASN GA 319 -28.43 27.50 55.68
CA ASN GA 319 -28.68 27.99 54.33
C ASN GA 319 -27.51 28.86 53.92
N PHE GA 320 -26.95 28.59 52.74
CA PHE GA 320 -25.78 29.31 52.27
C PHE GA 320 -26.16 30.42 51.32
N ALA GA 321 -25.29 31.43 51.25
CA ALA GA 321 -25.51 32.55 50.35
C ALA GA 321 -25.50 32.09 48.90
N ASN GA 322 -24.59 31.19 48.55
CA ASN GA 322 -24.48 30.68 47.19
C ASN GA 322 -24.37 29.16 47.24
N ASN GA 323 -25.30 28.48 46.58
CA ASN GA 323 -25.21 27.04 46.41
C ASN GA 323 -24.26 26.76 45.24
N GLU GA 324 -24.19 25.49 44.82
CA GLU GA 324 -23.31 25.03 43.74
C GLU GA 324 -21.89 25.59 43.88
N GLY GA 325 -21.51 25.93 45.11
CA GLY GA 325 -20.16 26.32 45.42
C GLY GA 325 -19.63 25.42 46.52
N LEU GA 326 -20.54 24.64 47.09
CA LEU GA 326 -20.19 23.67 48.13
C LEU GA 326 -19.45 22.51 47.49
N ALA GA 327 -18.22 22.28 47.91
CA ALA GA 327 -17.47 21.13 47.43
C ALA GA 327 -18.09 19.85 47.93
N SER GA 328 -18.10 18.83 47.07
CA SER GA 328 -18.67 17.54 47.40
C SER GA 328 -17.58 16.62 47.94
N GLN GA 329 -17.83 16.04 49.11
CA GLN GA 329 -16.86 15.20 49.80
C GLN GA 329 -17.46 13.81 50.01
N GLY GA 330 -17.02 12.85 49.21
CA GLY GA 330 -17.35 11.46 49.42
C GLY GA 330 -18.84 11.15 49.47
N ASP GA 331 -19.34 10.90 50.67
CA ASP GA 331 -20.74 10.53 50.85
C ASP GA 331 -21.63 11.73 50.50
N ASN GA 332 -22.95 11.52 50.61
CA ASN GA 332 -23.87 12.59 50.25
C ASN GA 332 -23.81 13.71 51.29
N VAL GA 333 -22.64 14.33 51.40
CA VAL GA 333 -22.41 15.49 52.26
C VAL GA 333 -21.58 16.49 51.47
N TRP GA 334 -21.63 17.75 51.91
CA TRP GA 334 -20.91 18.82 51.27
C TRP GA 334 -20.07 19.58 52.29
N ALA GA 335 -18.97 20.15 51.83
CA ALA GA 335 -18.08 20.93 52.67
C ALA GA 335 -18.12 22.40 52.24
N ALA GA 336 -18.37 23.28 53.19
CA ALA GA 336 -18.34 24.71 52.90
C ALA GA 336 -16.93 25.17 52.60
N THR GA 337 -16.81 26.17 51.74
CA THR GA 337 -15.53 26.72 51.34
C THR GA 337 -15.75 28.13 50.82
N GLN GA 338 -14.75 28.68 50.14
CA GLN GA 338 -14.92 29.95 49.46
C GLN GA 338 -15.93 29.80 48.33
N ALA GA 339 -16.47 30.95 47.89
CA ALA GA 339 -17.54 31.00 46.90
C ALA GA 339 -18.79 30.27 47.36
N SER GA 340 -18.91 30.03 48.67
CA SER GA 340 -20.11 29.43 49.25
C SER GA 340 -20.62 30.18 50.47
N GLY GA 341 -19.81 31.03 51.09
CA GLY GA 341 -20.24 31.80 52.23
C GLY GA 341 -20.16 31.02 53.53
N VAL GA 342 -20.43 31.73 54.62
CA VAL GA 342 -20.48 31.12 55.94
C VAL GA 342 -21.73 30.26 56.03
N ALA GA 343 -21.82 29.45 57.08
CA ALA GA 343 -22.93 28.52 57.20
C ALA GA 343 -24.27 29.26 57.26
N LEU GA 344 -24.32 30.37 58.00
CA LEU GA 344 -25.56 31.11 58.24
C LEU GA 344 -26.63 30.20 58.81
N LEU GA 345 -26.39 29.76 60.05
CA LEU GA 345 -27.31 28.87 60.72
C LEU GA 345 -28.64 29.56 60.98
N GLY GA 346 -29.69 28.76 61.05
CA GLY GA 346 -31.01 29.30 61.33
C GLY GA 346 -31.97 28.21 61.72
N THR GA 347 -33.04 28.61 62.38
CA THR GA 347 -34.05 27.66 62.82
C THR GA 347 -34.81 27.10 61.61
N ALA GA 348 -35.40 25.93 61.82
CA ALA GA 348 -36.15 25.27 60.76
C ALA GA 348 -37.54 25.84 60.58
N GLY GA 349 -38.02 26.66 61.50
CA GLY GA 349 -39.38 27.15 61.44
C GLY GA 349 -39.62 28.30 60.48
N SER GA 350 -39.05 29.46 60.77
CA SER GA 350 -39.34 30.67 60.03
C SER GA 350 -38.09 31.24 59.38
N GLY GA 351 -38.30 32.18 58.47
CA GLY GA 351 -37.22 32.75 57.70
C GLY GA 351 -37.18 32.21 56.28
N ASN GA 352 -35.97 32.07 55.73
CA ASN GA 352 -35.77 31.51 54.40
C ASN GA 352 -35.54 29.99 54.45
N PHE GA 353 -36.08 29.31 55.45
CA PHE GA 353 -35.89 27.88 55.63
C PHE GA 353 -37.23 27.16 55.48
N GLY GA 354 -37.24 26.13 54.64
CA GLY GA 354 -38.45 25.37 54.43
C GLY GA 354 -38.82 24.51 55.62
N LYS GA 355 -40.05 24.03 55.61
CA LYS GA 355 -40.55 23.20 56.70
C LYS GA 355 -39.98 21.79 56.61
N LEU GA 356 -40.00 21.09 57.74
CA LEU GA 356 -39.55 19.71 57.82
C LEU GA 356 -40.76 18.78 57.83
N THR GA 357 -40.67 17.68 57.09
CA THR GA 357 -41.71 16.66 57.08
C THR GA 357 -41.16 15.38 57.72
N ASN GA 358 -41.88 14.87 58.71
CA ASN GA 358 -41.46 13.67 59.40
C ASN GA 358 -41.85 12.42 58.61
N GLY GA 359 -41.01 11.39 58.71
CA GLY GA 359 -41.27 10.16 57.99
C GLY GA 359 -41.28 10.34 56.48
N ALA GA 360 -40.37 11.15 55.95
CA ALA GA 360 -40.34 11.44 54.53
C ALA GA 360 -38.91 11.68 54.08
N LEU GA 361 -38.68 11.49 52.79
CA LEU GA 361 -37.38 11.70 52.18
C LEU GA 361 -37.58 12.29 50.79
N GLU GA 362 -36.51 12.88 50.25
CA GLU GA 362 -36.55 13.49 48.93
C GLU GA 362 -35.87 12.60 47.91
N ALA GA 363 -36.33 12.69 46.66
CA ALA GA 363 -35.80 11.89 45.58
C ALA GA 363 -34.51 12.52 45.05
N SER GA 364 -34.04 12.05 43.89
CA SER GA 364 -32.75 12.46 43.37
C SER GA 364 -32.85 13.46 42.22
N ASN GA 365 -34.04 13.93 41.89
CA ASN GA 365 -34.29 14.87 40.80
C ASN GA 365 -33.48 14.55 39.54
N VAL GA 366 -33.43 13.27 39.18
CA VAL GA 366 -32.76 12.83 37.96
C VAL GA 366 -33.81 12.23 37.04
N ASP GA 367 -33.92 12.79 35.83
CA ASP GA 367 -34.86 12.30 34.82
C ASP GA 367 -34.08 11.50 33.79
N LEU GA 368 -34.50 10.25 33.57
CA LEU GA 368 -33.71 9.36 32.73
C LEU GA 368 -33.70 9.78 31.27
N SER GA 369 -34.81 10.36 30.77
CA SER GA 369 -34.88 10.73 29.37
C SER GA 369 -33.81 11.75 29.00
N LYS GA 370 -33.66 12.79 29.82
CA LYS GA 370 -32.65 13.80 29.56
C LYS GA 370 -31.25 13.20 29.60
N GLU GA 371 -30.99 12.32 30.56
CA GLU GA 371 -29.66 11.71 30.65
C GLU GA 371 -29.37 10.87 29.42
N LEU GA 372 -30.35 10.08 28.95
CA LEU GA 372 -30.13 9.25 27.77
C LEU GA 372 -29.87 10.11 26.53
N VAL GA 373 -30.67 11.15 26.32
CA VAL GA 373 -30.48 11.95 25.11
C VAL GA 373 -29.16 12.71 25.16
N ASN GA 374 -28.79 13.22 26.34
CA ASN GA 374 -27.51 13.90 26.47
C ASN GA 374 -26.36 12.94 26.25
N MET GA 375 -26.51 11.69 26.70
CA MET GA 375 -25.47 10.69 26.44
C MET GA 375 -25.30 10.44 24.96
N ILE GA 376 -26.40 10.34 24.22
CA ILE GA 376 -26.30 10.11 22.78
C ILE GA 376 -25.61 11.29 22.09
N VAL GA 377 -26.00 12.52 22.47
CA VAL GA 377 -25.38 13.70 21.85
C VAL GA 377 -23.90 13.75 22.16
N ALA GA 378 -23.51 13.46 23.41
CA ALA GA 378 -22.10 13.45 23.78
C ALA GA 378 -21.33 12.39 23.00
N GLN GA 379 -21.92 11.21 22.81
CA GLN GA 379 -21.24 10.18 22.03
C GLN GA 379 -21.00 10.66 20.61
N ARG GA 380 -21.98 11.30 20.00
CA ARG GA 380 -21.78 11.80 18.64
C ARG GA 380 -20.68 12.86 18.58
N ASN GA 381 -20.66 13.77 19.56
CA ASN GA 381 -19.60 14.78 19.58
C ASN GA 381 -18.23 14.13 19.72
N TYR GA 382 -18.11 13.12 20.58
CA TYR GA 382 -16.84 12.41 20.73
C TYR GA 382 -16.43 11.73 19.44
N GLN GA 383 -17.38 11.11 18.74
CA GLN GA 383 -17.07 10.47 17.47
C GLN GA 383 -16.52 11.48 16.48
N SER GA 384 -17.16 12.65 16.37
CA SER GA 384 -16.67 13.67 15.45
C SER GA 384 -15.27 14.14 15.83
N ASN GA 385 -15.03 14.36 17.13
CA ASN GA 385 -13.71 14.81 17.56
C ASN GA 385 -12.64 13.76 17.24
N ALA GA 386 -12.95 12.49 17.43
CA ALA GA 386 -12.02 11.43 17.05
C ALA GA 386 -11.77 11.42 15.55
N GLN GA 387 -12.81 11.64 14.75
CA GLN GA 387 -12.63 11.72 13.31
C GLN GA 387 -11.68 12.85 12.93
N THR GA 388 -11.71 13.96 13.66
CA THR GA 388 -10.77 15.04 13.40
C THR GA 388 -9.32 14.58 13.61
N ILE GA 389 -9.07 13.84 14.68
CA ILE GA 389 -7.72 13.31 14.93
C ILE GA 389 -7.31 12.38 13.81
N LYS GA 390 -8.23 11.51 13.37
CA LYS GA 390 -7.90 10.59 12.28
C LYS GA 390 -7.51 11.35 11.02
N THR GA 391 -8.28 12.40 10.68
CA THR GA 391 -7.97 13.17 9.49
C THR GA 391 -6.63 13.87 9.60
N GLN GA 392 -6.33 14.44 10.78
CA GLN GA 392 -5.03 15.06 10.98
C GLN GA 392 -3.90 14.06 10.84
N ASP GA 393 -4.08 12.85 11.38
CA ASP GA 393 -3.05 11.82 11.27
C ASP GA 393 -2.83 11.43 9.82
N GLN GA 394 -3.90 11.27 9.05
CA GLN GA 394 -3.74 10.91 7.63
C GLN GA 394 -3.04 12.03 6.87
N ILE GA 395 -3.39 13.28 7.16
CA ILE GA 395 -2.74 14.42 6.51
C ILE GA 395 -1.26 14.48 6.84
N LEU GA 396 -0.89 14.13 8.07
CA LEU GA 396 0.53 14.10 8.42
C LEU GA 396 1.25 12.92 7.79
N ASN GA 397 0.60 11.76 7.70
CA ASN GA 397 1.24 10.60 7.09
C ASN GA 397 1.50 10.83 5.61
N THR GA 398 0.52 11.37 4.89
CA THR GA 398 0.72 11.62 3.47
C THR GA 398 1.77 12.69 3.21
N LEU GA 399 2.13 13.46 4.24
CA LEU GA 399 3.19 14.45 4.07
C LEU GA 399 4.55 13.87 4.41
N VAL GA 400 4.62 13.07 5.48
CA VAL GA 400 5.92 12.49 5.86
C VAL GA 400 6.36 11.45 4.85
N ASN GA 401 5.42 10.64 4.35
CA ASN GA 401 5.79 9.65 3.34
C ASN GA 401 6.26 10.32 2.05
N LEU GA 402 5.57 11.37 1.62
CA LEU GA 402 5.93 12.13 0.43
C LEU GA 402 6.04 11.24 -0.80
N SER HA 2 -17.14 18.24 -7.97
CA SER HA 2 -18.51 17.75 -7.88
C SER HA 2 -19.07 17.87 -6.47
N PHE HA 3 -18.27 18.45 -5.57
CA PHE HA 3 -18.73 18.64 -4.20
C PHE HA 3 -19.81 19.71 -4.12
N SER HA 4 -19.80 20.66 -5.04
CA SER HA 4 -20.74 21.78 -4.96
C SER HA 4 -22.18 21.30 -5.03
N GLN HA 5 -22.48 20.37 -5.93
CA GLN HA 5 -23.84 19.87 -6.05
C GLN HA 5 -24.22 18.99 -4.87
N ALA HA 6 -23.31 18.10 -4.47
CA ALA HA 6 -23.61 17.15 -3.40
C ALA HA 6 -23.84 17.87 -2.07
N VAL HA 7 -23.01 18.86 -1.76
CA VAL HA 7 -23.17 19.59 -0.51
C VAL HA 7 -24.48 20.38 -0.51
N SER HA 8 -24.82 20.99 -1.65
CA SER HA 8 -26.08 21.72 -1.74
C SER HA 8 -27.26 20.80 -1.53
N GLY HA 9 -27.22 19.62 -2.15
CA GLY HA 9 -28.29 18.65 -1.94
C GLY HA 9 -28.36 18.17 -0.51
N LEU HA 10 -27.22 17.95 0.12
CA LEU HA 10 -27.20 17.52 1.52
C LEU HA 10 -27.81 18.59 2.42
N ASN HA 11 -27.48 19.85 2.18
CA ASN HA 11 -28.07 20.94 2.96
C ASN HA 11 -29.57 21.05 2.71
N ALA HA 12 -30.02 20.86 1.47
CA ALA HA 12 -31.45 20.90 1.20
C ALA HA 12 -32.19 19.78 1.93
N ALA HA 13 -31.63 18.56 1.90
CA ALA HA 13 -32.27 17.46 2.61
C ALA HA 13 -32.26 17.69 4.11
N ALA HA 14 -31.18 18.24 4.65
CA ALA HA 14 -31.12 18.54 6.07
C ALA HA 14 -32.17 19.58 6.46
N THR HA 15 -32.33 20.61 5.64
CA THR HA 15 -33.35 21.62 5.92
C THR HA 15 -34.75 21.01 5.86
N ASN HA 16 -34.99 20.16 4.86
CA ASN HA 16 -36.29 19.50 4.77
C ASN HA 16 -36.58 18.66 6.00
N LEU HA 17 -35.61 17.88 6.45
CA LEU HA 17 -35.82 17.05 7.63
C LEU HA 17 -35.96 17.88 8.88
N ASP HA 18 -35.26 19.01 8.97
CA ASP HA 18 -35.42 19.89 10.12
C ASP HA 18 -36.82 20.48 10.16
N VAL HA 19 -37.36 20.86 9.01
CA VAL HA 19 -38.73 21.37 8.97
C VAL HA 19 -39.72 20.28 9.35
N ILE HA 20 -39.47 19.06 8.89
CA ILE HA 20 -40.34 17.94 9.26
C ILE HA 20 -40.31 17.72 10.77
N GLY HA 21 -39.12 17.75 11.37
CA GLY HA 21 -39.00 17.60 12.79
C GLY HA 21 -39.66 18.73 13.56
N ASN HA 22 -39.58 19.96 13.04
CA ASN HA 22 -40.29 21.07 13.68
C ASN HA 22 -41.79 20.85 13.63
N ASN HA 23 -42.31 20.40 12.49
CA ASN HA 23 -43.75 20.17 12.37
C ASN HA 23 -44.21 19.08 13.34
N ILE HA 24 -43.44 17.99 13.45
CA ILE HA 24 -43.84 16.91 14.33
C ILE HA 24 -43.65 17.32 15.79
N ALA HA 25 -42.74 18.26 16.05
CA ALA HA 25 -42.50 18.68 17.43
C ALA HA 25 -43.63 19.55 17.96
N ASN HA 26 -44.13 20.48 17.15
CA ASN HA 26 -45.15 21.42 17.57
C ASN HA 26 -46.56 20.84 17.48
N SER HA 27 -46.69 19.51 17.41
CA SER HA 27 -48.01 18.91 17.46
C SER HA 27 -48.67 19.23 18.80
N ALA HA 28 -50.00 19.32 18.76
CA ALA HA 28 -50.87 19.67 19.88
C ALA HA 28 -50.76 21.14 20.27
N THR HA 29 -49.88 21.91 19.64
CA THR HA 29 -49.91 23.36 19.82
C THR HA 29 -51.16 23.92 19.17
N TYR HA 30 -51.83 24.84 19.86
CA TYR HA 30 -53.17 25.25 19.45
C TYR HA 30 -53.13 26.12 18.20
N GLY HA 31 -52.49 27.28 18.28
CA GLY HA 31 -52.48 28.17 17.14
C GLY HA 31 -51.28 27.97 16.25
N PHE HA 32 -51.08 26.75 15.76
CA PHE HA 32 -49.91 26.42 14.96
C PHE HA 32 -50.34 25.92 13.59
N LYS HA 33 -49.72 26.48 12.56
CA LYS HA 33 -49.94 26.06 11.18
C LYS HA 33 -48.65 25.43 10.67
N SER HA 34 -48.75 24.19 10.18
CA SER HA 34 -47.59 23.45 9.77
C SER HA 34 -46.92 24.10 8.56
N GLY HA 35 -45.66 23.74 8.33
CA GLY HA 35 -44.89 24.29 7.25
C GLY HA 35 -44.23 23.22 6.42
N THR HA 36 -43.97 23.54 5.15
CA THR HA 36 -43.26 22.65 4.24
C THR HA 36 -42.25 23.45 3.45
N ALA HA 37 -41.15 22.80 3.10
CA ALA HA 37 -40.11 23.45 2.31
C ALA HA 37 -40.42 23.34 0.83
N SER HA 38 -39.74 24.17 0.04
CA SER HA 38 -39.95 24.19 -1.41
C SER HA 38 -38.64 24.57 -2.06
N PHE HA 39 -37.99 23.59 -2.69
CA PHE HA 39 -36.67 23.77 -3.28
C PHE HA 39 -36.80 24.17 -4.75
N ALA HA 40 -35.64 24.45 -5.35
CA ALA HA 40 -35.59 24.80 -6.77
C ALA HA 40 -34.17 24.59 -7.27
N ASP HA 41 -34.05 24.01 -8.47
CA ASP HA 41 -32.74 23.82 -9.07
C ASP HA 41 -32.20 25.17 -9.56
N MET HA 42 -30.89 25.22 -9.81
CA MET HA 42 -30.30 26.43 -10.33
C MET HA 42 -29.21 26.08 -11.33
N PHE HA 43 -29.21 26.79 -12.46
CA PHE HA 43 -28.21 26.62 -13.51
C PHE HA 43 -27.55 27.96 -13.78
N ALA HA 44 -26.22 27.96 -13.89
CA ALA HA 44 -25.49 29.16 -14.23
C ALA HA 44 -25.93 29.63 -15.62
N GLY HA 45 -25.64 28.83 -16.63
CA GLY HA 45 -26.11 29.10 -17.97
C GLY HA 45 -27.02 27.98 -18.45
N SER HA 46 -26.53 27.19 -19.39
CA SER HA 46 -27.23 26.01 -19.87
C SER HA 46 -26.27 24.84 -19.89
N LYS HA 47 -26.81 23.63 -19.73
CA LYS HA 47 -26.05 22.39 -19.79
C LYS HA 47 -24.98 22.31 -18.71
N VAL HA 48 -25.11 23.12 -17.66
CA VAL HA 48 -24.13 23.19 -16.57
C VAL HA 48 -24.90 23.18 -15.26
N GLY HA 49 -24.87 22.05 -14.54
CA GLY HA 49 -25.56 21.97 -13.28
C GLY HA 49 -24.84 22.71 -12.17
N LEU HA 50 -25.62 23.09 -11.15
CA LEU HA 50 -25.06 23.82 -10.01
C LEU HA 50 -25.63 23.38 -8.68
N GLY HA 51 -26.50 22.37 -8.64
CA GLY HA 51 -27.11 21.96 -7.39
C GLY HA 51 -28.51 22.49 -7.23
N VAL HA 52 -28.97 22.60 -5.98
CA VAL HA 52 -30.33 23.01 -5.68
C VAL HA 52 -30.30 24.00 -4.52
N LYS HA 53 -31.10 25.06 -4.62
CA LYS HA 53 -31.27 26.02 -3.54
C LYS HA 53 -32.67 25.88 -2.95
N VAL HA 54 -32.88 26.57 -1.83
CA VAL HA 54 -34.15 26.55 -1.13
C VAL HA 54 -34.85 27.89 -1.35
N ALA HA 55 -36.10 27.85 -1.79
CA ALA HA 55 -36.88 29.04 -2.05
C ALA HA 55 -37.72 29.46 -0.86
N GLY HA 56 -37.34 29.06 0.34
CA GLY HA 56 -38.08 29.42 1.53
C GLY HA 56 -39.17 28.42 1.85
N ILE HA 57 -39.54 28.36 3.11
CA ILE HA 57 -40.59 27.44 3.55
C ILE HA 57 -41.93 28.17 3.50
N THR HA 58 -42.98 27.41 3.29
CA THR HA 58 -44.34 27.95 3.24
C THR HA 58 -45.22 27.21 4.23
N GLN HA 59 -46.09 27.95 4.90
CA GLN HA 59 -47.01 27.39 5.87
C GLN HA 59 -48.42 27.41 5.31
N ASP HA 60 -49.06 26.26 5.27
CA ASP HA 60 -50.46 26.22 4.88
C ASP HA 60 -51.32 26.79 6.00
N PHE HA 61 -52.52 27.24 5.63
CA PHE HA 61 -53.41 27.86 6.60
C PHE HA 61 -54.76 27.17 6.64
N THR HA 62 -54.77 25.84 6.54
CA THR HA 62 -55.99 25.09 6.76
C THR HA 62 -56.41 25.19 8.22
N ASP HA 63 -57.68 25.47 8.45
CA ASP HA 63 -58.19 25.56 9.81
C ASP HA 63 -58.09 24.21 10.50
N GLY HA 64 -57.66 24.21 11.75
CA GLY HA 64 -57.53 22.98 12.49
C GLY HA 64 -58.84 22.51 13.10
N THR HA 65 -58.80 21.30 13.63
CA THR HA 65 -59.97 20.72 14.29
C THR HA 65 -60.27 21.51 15.55
N THR HA 66 -61.55 21.87 15.73
CA THR HA 66 -61.97 22.67 16.87
C THR HA 66 -62.41 21.74 18.00
N THR HA 67 -61.89 21.98 19.20
CA THR HA 67 -62.20 21.17 20.37
C THR HA 67 -62.78 22.05 21.46
N ASN HA 68 -63.82 21.55 22.13
CA ASN HA 68 -64.47 22.28 23.22
C ASN HA 68 -63.69 22.05 24.49
N THR HA 69 -62.98 23.08 24.96
CA THR HA 69 -62.22 23.01 26.20
C THR HA 69 -62.93 23.69 27.36
N GLY HA 70 -64.22 24.00 27.21
CA GLY HA 70 -64.91 24.70 28.26
C GLY HA 70 -64.46 26.15 28.34
N ARG HA 71 -64.58 26.70 29.54
CA ARG HA 71 -64.17 28.07 29.85
C ARG HA 71 -64.95 29.10 29.02
N GLY HA 72 -64.67 30.37 29.26
CA GLY HA 72 -65.31 31.44 28.50
C GLY HA 72 -64.31 32.41 27.93
N LEU HA 73 -63.10 32.41 28.50
CA LEU HA 73 -62.03 33.30 28.05
C LEU HA 73 -61.15 32.62 27.01
N ASP HA 74 -61.79 32.09 25.96
CA ASP HA 74 -61.09 31.41 24.88
C ASP HA 74 -61.97 31.44 23.65
N VAL HA 75 -61.42 31.89 22.53
CA VAL HA 75 -62.17 32.05 21.30
C VAL HA 75 -61.40 31.41 20.15
N ALA HA 76 -62.10 30.67 19.30
CA ALA HA 76 -61.51 30.00 18.16
C ALA HA 76 -62.08 30.57 16.87
N ILE HA 77 -61.27 30.55 15.82
CA ILE HA 77 -61.66 31.05 14.50
C ILE HA 77 -61.74 29.86 13.54
N SER HA 78 -62.91 29.66 12.97
CA SER HA 78 -63.12 28.54 12.05
C SER HA 78 -62.89 28.91 10.59
N GLN HA 79 -62.64 30.19 10.30
CA GLN HA 79 -62.41 30.65 8.94
C GLN HA 79 -61.27 31.67 8.99
N ASN HA 80 -61.12 32.43 7.91
CA ASN HA 80 -60.04 33.42 7.84
C ASN HA 80 -60.20 34.48 8.92
N GLY HA 81 -59.07 34.97 9.41
CA GLY HA 81 -59.05 35.99 10.44
C GLY HA 81 -57.90 35.85 11.42
N PHE HA 82 -57.20 36.95 11.69
CA PHE HA 82 -56.05 36.96 12.57
C PHE HA 82 -56.28 37.97 13.69
N PHE HA 83 -56.10 37.53 14.94
CA PHE HA 83 -56.16 38.45 16.06
C PHE HA 83 -55.01 39.45 15.98
N ARG HA 84 -55.32 40.70 16.34
CA ARG HA 84 -54.36 41.79 16.32
C ARG HA 84 -53.89 42.09 17.74
N LEU HA 85 -52.58 42.16 17.94
CA LEU HA 85 -52.00 42.36 19.25
C LEU HA 85 -50.91 43.43 19.18
N VAL HA 86 -50.63 44.04 20.32
CA VAL HA 86 -49.55 45.00 20.45
C VAL HA 86 -48.75 44.62 21.69
N ASP HA 87 -47.48 45.03 21.70
CA ASP HA 87 -46.59 44.77 22.83
C ASP HA 87 -46.40 46.06 23.62
N SER HA 88 -45.61 45.98 24.69
CA SER HA 88 -45.33 47.17 25.49
C SER HA 88 -44.56 48.21 24.70
N ASN HA 89 -43.62 47.76 23.86
CA ASN HA 89 -42.78 48.67 23.10
C ASN HA 89 -43.52 49.37 21.96
N GLY HA 90 -44.63 48.79 21.47
CA GLY HA 90 -45.44 49.42 20.46
C GLY HA 90 -45.47 48.74 19.11
N SER HA 91 -44.77 47.62 18.93
CA SER HA 91 -44.86 46.88 17.68
C SER HA 91 -46.17 46.12 17.61
N VAL HA 92 -46.60 45.84 16.38
CA VAL HA 92 -47.89 45.21 16.12
C VAL HA 92 -47.66 43.79 15.62
N PHE HA 93 -48.33 42.83 16.24
CA PHE HA 93 -48.25 41.42 15.86
C PHE HA 93 -49.65 40.90 15.56
N TYR HA 94 -49.71 39.75 14.90
CA TYR HA 94 -50.97 39.08 14.62
C TYR HA 94 -50.82 37.60 14.93
N SER HA 95 -51.89 36.98 15.42
CA SER HA 95 -51.80 35.60 15.84
C SER HA 95 -53.16 34.92 15.75
N ARG HA 96 -53.12 33.60 15.60
CA ARG HA 96 -54.31 32.76 15.59
C ARG HA 96 -54.60 32.11 16.94
N ASN HA 97 -53.79 32.39 17.96
CA ASN HA 97 -53.96 31.76 19.25
C ASN HA 97 -55.26 32.21 19.91
N GLY HA 98 -55.90 31.28 20.62
CA GLY HA 98 -57.18 31.56 21.24
C GLY HA 98 -57.14 31.56 22.75
N GLN HA 99 -55.95 31.41 23.33
CA GLN HA 99 -55.80 31.36 24.78
C GLN HA 99 -55.57 32.78 25.30
N PHE HA 100 -56.49 33.27 26.11
CA PHE HA 100 -56.43 34.63 26.63
C PHE HA 100 -56.64 34.63 28.13
N LYS HA 101 -55.98 35.58 28.80
CA LYS HA 101 -56.11 35.74 30.24
C LYS HA 101 -55.93 37.20 30.59
N LEU HA 102 -56.43 37.59 31.75
CA LEU HA 102 -56.23 38.94 32.24
C LEU HA 102 -54.84 39.07 32.86
N ASP HA 103 -54.46 40.31 33.12
CA ASP HA 103 -53.18 40.61 33.76
C ASP HA 103 -53.44 41.33 35.09
N GLU HA 104 -52.38 41.86 35.67
CA GLU HA 104 -52.48 42.48 36.99
C GLU HA 104 -53.41 43.68 36.99
N ASN HA 105 -53.32 44.53 35.96
CA ASN HA 105 -54.11 45.76 35.90
C ASN HA 105 -55.34 45.61 35.01
N ARG HA 106 -55.92 44.42 34.95
CA ARG HA 106 -57.20 44.17 34.27
C ARG HA 106 -57.13 44.52 32.78
N ASN HA 107 -56.19 43.89 32.09
CA ASN HA 107 -56.08 43.99 30.64
C ASN HA 107 -56.05 42.59 30.06
N LEU HA 108 -56.75 42.39 28.95
CA LEU HA 108 -56.69 41.10 28.27
C LEU HA 108 -55.33 40.93 27.62
N VAL HA 109 -54.77 39.72 27.76
CA VAL HA 109 -53.42 39.43 27.28
C VAL HA 109 -53.35 37.93 26.98
N ASN HA 110 -52.38 37.58 26.15
CA ASN HA 110 -52.09 36.18 25.85
C ASN HA 110 -51.11 35.65 26.89
N MET HA 111 -50.69 34.39 26.72
CA MET HA 111 -49.83 33.76 27.72
C MET HA 111 -48.45 34.38 27.79
N GLN HA 112 -48.05 35.16 26.78
CA GLN HA 112 -46.69 35.68 26.72
C GLN HA 112 -46.56 37.16 27.03
N GLY HA 113 -47.64 37.93 26.92
CA GLY HA 113 -47.58 39.34 27.27
C GLY HA 113 -47.84 40.29 26.12
N MET HA 114 -48.67 39.88 25.17
CA MET HA 114 -49.06 40.74 24.05
C MET HA 114 -50.43 41.32 24.33
N GLN HA 115 -50.54 42.64 24.30
CA GLN HA 115 -51.78 43.31 24.66
C GLN HA 115 -52.79 43.18 23.53
N LEU HA 116 -53.98 42.67 23.87
CA LEU HA 116 -55.03 42.50 22.88
C LEU HA 116 -55.60 43.87 22.50
N THR HA 117 -55.60 44.18 21.20
CA THR HA 117 -56.12 45.43 20.72
C THR HA 117 -57.58 45.28 20.30
N GLY HA 118 -58.20 46.39 19.94
CA GLY HA 118 -59.59 46.36 19.53
C GLY HA 118 -60.18 47.75 19.52
N TYR HA 119 -61.46 47.80 19.17
CA TYR HA 119 -62.18 49.06 19.10
C TYR HA 119 -62.63 49.49 20.49
N PRO HA 120 -62.26 50.68 20.96
CA PRO HA 120 -62.74 51.13 22.27
C PRO HA 120 -64.23 51.41 22.26
N ALA HA 121 -64.86 51.26 23.43
CA ALA HA 121 -66.27 51.51 23.60
C ALA HA 121 -66.46 52.80 24.39
N THR HA 122 -67.14 53.78 23.79
CA THR HA 122 -67.37 55.07 24.42
C THR HA 122 -68.81 55.48 24.20
N GLY HA 123 -69.28 56.37 25.07
CA GLY HA 123 -70.63 56.88 25.02
C GLY HA 123 -71.42 56.53 26.26
N THR HA 124 -72.62 57.13 26.35
CA THR HA 124 -73.55 56.88 27.45
C THR HA 124 -74.93 56.63 26.86
N PRO HA 125 -75.32 55.36 26.65
CA PRO HA 125 -74.53 54.15 26.91
C PRO HA 125 -73.42 53.95 25.87
N PRO HA 126 -72.35 53.26 26.26
CA PRO HA 126 -71.23 53.06 25.33
C PRO HA 126 -71.66 52.30 24.09
N THR HA 127 -71.06 52.67 22.96
CA THR HA 127 -71.33 52.00 21.70
C THR HA 127 -70.04 51.51 21.07
N ILE HA 128 -70.10 51.05 19.83
CA ILE HA 128 -68.93 50.56 19.10
C ILE HA 128 -68.58 51.60 18.04
N GLN HA 129 -67.35 52.10 18.10
CA GLN HA 129 -66.86 53.11 17.17
C GLN HA 129 -66.05 52.41 16.09
N GLN HA 130 -66.64 52.25 14.90
CA GLN HA 130 -65.99 51.55 13.81
C GLN HA 130 -64.77 52.30 13.28
N GLY HA 131 -64.82 53.62 13.22
CA GLY HA 131 -63.71 54.41 12.74
C GLY HA 131 -62.63 54.69 13.75
N ALA HA 132 -62.83 54.29 15.00
CA ALA HA 132 -61.83 54.50 16.03
C ALA HA 132 -60.63 53.59 15.80
N ASN HA 133 -59.45 54.12 16.11
CA ASN HA 133 -58.23 53.34 15.97
C ASN HA 133 -58.19 52.23 17.03
N PRO HA 134 -57.56 51.10 16.72
CA PRO HA 134 -57.44 50.02 17.71
C PRO HA 134 -56.67 50.48 18.94
N ALA HA 135 -57.11 50.00 20.09
CA ALA HA 135 -56.49 50.33 21.38
C ALA HA 135 -56.53 49.10 22.27
N PRO HA 136 -55.62 49.00 23.23
CA PRO HA 136 -55.66 47.86 24.16
C PRO HA 136 -56.99 47.82 24.90
N ILE HA 137 -57.50 46.60 25.08
CA ILE HA 137 -58.77 46.41 25.75
C ILE HA 137 -58.54 46.23 27.24
N THR HA 138 -59.39 46.86 28.05
CA THR HA 138 -59.30 46.79 29.50
C THR HA 138 -60.64 46.36 30.08
N ILE HA 139 -60.58 45.69 31.22
CA ILE HA 139 -61.79 45.22 31.90
C ILE HA 139 -61.79 45.75 33.33
N PRO HA 140 -62.10 47.03 33.53
CA PRO HA 140 -62.11 47.57 34.90
C PRO HA 140 -63.23 46.98 35.72
N ASN HA 141 -63.01 46.94 37.04
CA ASN HA 141 -64.00 46.46 37.99
C ASN HA 141 -64.90 47.57 38.53
N THR HA 142 -64.73 48.80 38.04
CA THR HA 142 -65.51 49.92 38.54
C THR HA 142 -66.99 49.71 38.27
N LEU HA 143 -67.81 49.94 39.29
CA LEU HA 143 -69.24 49.72 39.16
C LEU HA 143 -69.89 50.88 38.42
N MET HA 144 -71.01 50.59 37.76
CA MET HA 144 -71.73 51.62 37.02
C MET HA 144 -72.35 52.63 37.97
N ALA HA 145 -72.29 53.90 37.58
CA ALA HA 145 -72.88 54.96 38.38
C ALA HA 145 -74.39 54.96 38.25
N ALA HA 146 -75.07 55.41 39.31
CA ALA HA 146 -76.51 55.46 39.32
C ALA HA 146 -77.03 56.46 38.29
N LYS HA 147 -78.17 56.14 37.69
CA LYS HA 147 -78.80 57.00 36.71
C LYS HA 147 -80.29 57.08 36.99
N SER HA 148 -80.81 58.30 37.08
CA SER HA 148 -82.21 58.50 37.40
C SER HA 148 -83.10 58.18 36.21
N THR HA 149 -84.38 57.93 36.51
CA THR HA 149 -85.35 57.64 35.47
C THR HA 149 -85.70 58.92 34.71
N THR HA 150 -85.40 58.95 33.43
CA THR HA 150 -85.68 60.11 32.59
C THR HA 150 -86.77 59.88 31.57
N THR HA 151 -87.01 58.64 31.15
CA THR HA 151 -88.05 58.33 30.18
C THR HA 151 -88.55 56.91 30.45
N ALA HA 152 -89.86 56.77 30.61
CA ALA HA 152 -90.47 55.47 30.88
C ALA HA 152 -91.67 55.27 29.95
N SER HA 153 -92.00 54.02 29.72
CA SER HA 153 -93.11 53.66 28.85
C SER HA 153 -94.09 52.75 29.60
N MET HA 154 -95.38 53.02 29.41
CA MET HA 154 -96.44 52.21 30.00
C MET HA 154 -97.54 52.03 28.96
N GLN HA 155 -98.16 50.85 28.98
CA GLN HA 155 -99.23 50.53 28.05
C GLN HA 155 -100.13 49.48 28.69
N ILE HA 156 -101.39 49.84 28.91
CA ILE HA 156 -102.39 48.92 29.43
C ILE HA 156 -103.67 49.09 28.60
N ASN HA 157 -104.23 47.97 28.14
CA ASN HA 157 -105.44 47.98 27.35
C ASN HA 157 -106.64 48.00 28.29
N LEU HA 158 -107.56 48.94 28.03
CA LEU HA 158 -108.72 49.13 28.88
C LEU HA 158 -109.97 48.53 28.22
N ASN HA 159 -111.08 48.62 28.93
CA ASN HA 159 -112.37 48.15 28.46
C ASN HA 159 -113.30 49.33 28.19
N SER HA 160 -114.06 49.24 27.11
CA SER HA 160 -114.96 50.31 26.71
C SER HA 160 -116.39 50.11 27.20
N THR HA 161 -116.77 48.88 27.51
CA THR HA 161 -118.12 48.58 27.99
C THR HA 161 -118.20 48.51 29.52
N ASP HA 162 -117.09 48.77 30.21
CA ASP HA 162 -117.11 48.72 31.67
C ASP HA 162 -117.97 49.85 32.23
N PRO HA 163 -118.71 49.61 33.32
CA PRO HA 163 -119.49 50.70 33.91
C PRO HA 163 -118.60 51.79 34.47
N VAL HA 164 -119.09 53.03 34.40
CA VAL HA 164 -118.40 54.18 35.00
C VAL HA 164 -118.53 54.07 36.51
N PRO HA 165 -117.60 54.63 37.29
CA PRO HA 165 -117.72 54.55 38.75
C PRO HA 165 -119.00 55.22 39.25
N SER HA 166 -119.61 54.61 40.26
CA SER HA 166 -120.83 55.16 40.85
C SER HA 166 -120.51 56.36 41.73
N LYS HA 167 -119.43 56.30 42.49
CA LYS HA 167 -119.03 57.39 43.37
C LYS HA 167 -118.39 58.50 42.54
N THR HA 168 -119.02 59.68 42.53
CA THR HA 168 -118.51 60.78 41.73
C THR HA 168 -117.11 61.22 42.13
N PRO HA 169 -116.80 61.46 43.40
CA PRO HA 169 -115.42 61.81 43.75
C PRO HA 169 -114.48 60.63 43.57
N PHE HA 170 -113.22 60.94 43.29
CA PHE HA 170 -112.18 59.92 43.12
C PHE HA 170 -111.54 59.64 44.47
N SER HA 171 -111.71 58.41 44.96
CA SER HA 171 -111.18 58.01 46.26
C SER HA 171 -110.04 57.03 46.07
N VAL HA 172 -109.06 57.09 46.98
CA VAL HA 172 -107.87 56.25 46.92
C VAL HA 172 -107.90 55.14 47.96
N SER HA 173 -109.02 54.94 48.66
CA SER HA 173 -109.15 53.88 49.64
C SER HA 173 -110.00 52.72 49.14
N ASP HA 174 -111.19 53.01 48.59
CA ASP HA 174 -112.07 51.98 48.07
C ASP HA 174 -111.76 51.73 46.60
N ALA HA 175 -111.97 50.47 46.17
CA ALA HA 175 -111.71 50.08 44.80
C ALA HA 175 -112.85 50.39 43.84
N ASP HA 176 -113.97 50.90 44.36
CA ASP HA 176 -115.13 51.21 43.53
C ASP HA 176 -115.07 52.60 42.91
N SER HA 177 -114.04 53.38 43.20
CA SER HA 177 -113.93 54.74 42.70
C SER HA 177 -113.09 54.85 41.43
N TYR HA 178 -112.22 53.87 41.16
CA TYR HA 178 -111.38 53.88 39.97
C TYR HA 178 -111.52 52.56 39.24
N ASN HA 179 -111.56 52.63 37.91
CA ASN HA 179 -111.72 51.43 37.11
C ASN HA 179 -110.51 50.50 37.23
N LYS HA 180 -109.30 51.06 37.23
CA LYS HA 180 -108.10 50.26 37.27
C LYS HA 180 -107.00 51.01 38.03
N LYS HA 181 -106.11 50.24 38.64
CA LYS HA 181 -104.95 50.78 39.35
C LYS HA 181 -103.71 50.03 38.90
N GLY HA 182 -102.68 50.76 38.52
CA GLY HA 182 -101.44 50.15 38.07
C GLY HA 182 -100.21 50.64 38.80
N THR HA 183 -99.35 49.72 39.24
CA THR HA 183 -98.19 50.04 40.04
C THR HA 183 -96.92 49.84 39.21
N VAL HA 184 -96.07 50.87 39.18
CA VAL HA 184 -94.78 50.83 38.48
C VAL HA 184 -93.70 51.30 39.44
N THR HA 185 -92.46 50.98 39.10
CA THR HA 185 -91.30 51.35 39.90
C THR HA 185 -90.33 52.16 39.06
N VAL HA 186 -89.83 53.26 39.62
CA VAL HA 186 -88.82 54.10 38.98
C VAL HA 186 -87.69 54.30 39.97
N TYR HA 187 -86.58 54.87 39.47
CA TYR HA 187 -85.40 55.09 40.29
C TYR HA 187 -84.82 56.47 40.02
N ASP HA 188 -84.12 57.00 41.01
CA ASP HA 188 -83.51 58.32 40.96
C ASP HA 188 -81.99 58.20 40.92
N SER HA 189 -81.33 59.35 40.96
CA SER HA 189 -79.87 59.40 40.90
C SER HA 189 -79.20 58.90 42.17
N GLN HA 190 -79.95 58.73 43.27
CA GLN HA 190 -79.39 58.25 44.53
C GLN HA 190 -79.67 56.78 44.76
N GLY HA 191 -80.13 56.06 43.75
CA GLY HA 191 -80.40 54.64 43.89
C GLY HA 191 -81.53 54.31 44.83
N ASN HA 192 -82.63 55.04 44.76
CA ASN HA 192 -83.81 54.80 45.59
C ASN HA 192 -85.01 54.50 44.69
N ALA HA 193 -85.85 53.57 45.15
CA ALA HA 193 -86.99 53.11 44.37
C ALA HA 193 -88.24 53.91 44.75
N HIS HA 194 -88.90 54.46 43.75
CA HIS HA 194 -90.16 55.20 43.93
C HIS HA 194 -91.27 54.40 43.27
N ASP HA 195 -92.33 54.14 44.04
CA ASP HA 195 -93.48 53.39 43.54
C ASP HA 195 -94.56 54.39 43.10
N MET HA 196 -94.91 54.33 41.83
CA MET HA 196 -95.89 55.23 41.24
C MET HA 196 -97.15 54.44 40.87
N ASN HA 197 -98.30 54.91 41.32
CA ASN HA 197 -99.58 54.28 41.01
C ASN HA 197 -100.36 55.18 40.06
N VAL HA 198 -100.93 54.58 39.02
CA VAL HA 198 -101.75 55.29 38.05
C VAL HA 198 -103.16 54.76 38.16
N TYR HA 199 -104.11 55.66 38.42
CA TYR HA 199 -105.52 55.30 38.58
C TYR HA 199 -106.30 55.75 37.35
N PHE HA 200 -107.08 54.84 36.79
CA PHE HA 200 -107.81 55.07 35.54
C PHE HA 200 -109.29 55.26 35.85
N VAL HA 201 -109.87 56.32 35.31
CA VAL HA 201 -111.31 56.56 35.41
C VAL HA 201 -111.83 56.94 34.03
N LYS HA 202 -113.11 56.74 33.79
CA LYS HA 202 -113.76 57.09 32.54
C LYS HA 202 -114.62 58.33 32.77
N THR HA 203 -114.31 59.42 32.08
CA THR HA 203 -115.01 60.68 32.29
C THR HA 203 -116.30 60.73 31.48
N LYS HA 204 -116.20 60.49 30.17
CA LYS HA 204 -117.35 60.48 29.28
C LYS HA 204 -117.10 59.42 28.22
N ASP HA 205 -117.85 59.50 27.12
CA ASP HA 205 -117.71 58.53 26.04
C ASP HA 205 -116.33 58.66 25.38
N ASN HA 206 -115.58 57.56 25.38
CA ASN HA 206 -114.26 57.50 24.76
C ASN HA 206 -113.33 58.59 25.30
N GLU HA 207 -113.33 58.77 26.63
CA GLU HA 207 -112.48 59.76 27.27
C GLU HA 207 -112.12 59.27 28.66
N TRP HA 208 -110.82 59.15 28.92
CA TRP HA 208 -110.34 58.61 30.19
C TRP HA 208 -109.44 59.62 30.88
N ALA HA 209 -109.31 59.47 32.19
CA ALA HA 209 -108.45 60.31 33.00
C ALA HA 209 -107.58 59.43 33.88
N VAL HA 210 -106.28 59.75 33.93
CA VAL HA 210 -105.32 59.02 34.72
C VAL HA 210 -104.76 59.95 35.79
N TYR HA 211 -104.77 59.46 37.03
CA TYR HA 211 -104.32 60.20 38.20
C TYR HA 211 -103.05 59.54 38.73
N THR HA 212 -102.02 60.35 38.98
CA THR HA 212 -100.79 59.84 39.58
C THR HA 212 -100.90 59.82 41.10
N HIS HA 213 -100.20 58.88 41.72
CA HIS HA 213 -100.23 58.74 43.17
C HIS HA 213 -98.93 58.07 43.61
N ASP HA 214 -98.56 58.31 44.86
CA ASP HA 214 -97.35 57.76 45.46
C ASP HA 214 -97.72 56.94 46.69
N SER HA 215 -97.28 55.68 46.72
CA SER HA 215 -97.54 54.79 47.84
C SER HA 215 -96.32 54.51 48.70
N SER HA 216 -95.14 54.98 48.30
CA SER HA 216 -93.92 54.76 49.06
C SER HA 216 -93.37 56.05 49.67
N ASP HA 217 -93.82 57.21 49.23
CA ASP HA 217 -93.36 58.47 49.79
C ASP HA 217 -94.46 59.06 50.66
N PRO HA 218 -94.31 59.06 51.99
CA PRO HA 218 -95.35 59.64 52.84
C PRO HA 218 -95.56 61.13 52.63
N ALA HA 219 -94.53 61.85 52.14
CA ALA HA 219 -94.65 63.28 51.92
C ALA HA 219 -95.61 63.64 50.79
N ALA HA 220 -95.90 62.69 49.90
CA ALA HA 220 -96.80 62.95 48.79
C ALA HA 220 -98.26 62.78 49.23
N THR HA 221 -99.16 63.31 48.42
CA THR HA 221 -100.59 63.27 48.67
C THR HA 221 -101.30 62.56 47.53
N ALA HA 222 -102.64 62.58 47.59
CA ALA HA 222 -103.50 61.94 46.60
C ALA HA 222 -104.39 63.01 45.97
N PRO HA 223 -103.93 63.67 44.90
CA PRO HA 223 -104.72 64.76 44.31
C PRO HA 223 -105.91 64.21 43.53
N THR HA 224 -107.11 64.67 43.90
CA THR HA 224 -108.30 64.31 43.14
C THR HA 224 -108.36 65.03 41.80
N THR HA 225 -107.58 66.11 41.64
CA THR HA 225 -107.52 66.81 40.37
C THR HA 225 -106.93 65.91 39.30
N ALA HA 226 -107.40 66.11 38.07
CA ALA HA 226 -106.94 65.28 36.96
C ALA HA 226 -105.46 65.49 36.69
N SER HA 227 -104.76 64.41 36.43
CA SER HA 227 -103.33 64.45 36.11
C SER HA 227 -103.07 64.40 34.61
N THR HA 228 -103.71 63.48 33.90
CA THR HA 228 -103.61 63.48 32.44
C THR HA 228 -104.93 62.97 31.86
N THR HA 229 -105.24 63.43 30.65
CA THR HA 229 -106.45 63.04 29.93
C THR HA 229 -106.09 62.29 28.66
N LEU HA 230 -106.89 61.27 28.34
CA LEU HA 230 -106.67 60.42 27.18
C LEU HA 230 -107.92 60.42 26.32
N LYS HA 231 -107.74 60.67 25.03
CA LYS HA 231 -108.81 60.66 24.04
C LYS HA 231 -108.55 59.56 23.03
N PHE HA 232 -109.57 58.77 22.74
CA PHE HA 232 -109.45 57.60 21.89
C PHE HA 232 -110.22 57.79 20.58
N ASN HA 233 -109.76 57.10 19.54
CA ASN HA 233 -110.37 57.20 18.23
C ASN HA 233 -111.64 56.35 18.20
N GLU HA 234 -112.18 56.13 17.00
CA GLU HA 234 -113.40 55.34 16.86
C GLU HA 234 -113.18 53.92 17.35
N ASN HA 235 -112.06 53.31 16.98
CA ASN HA 235 -111.76 51.94 17.39
C ASN HA 235 -111.03 51.86 18.72
N GLY HA 236 -110.51 52.98 19.22
CA GLY HA 236 -109.81 52.98 20.49
C GLY HA 236 -108.35 53.36 20.37
N ILE HA 237 -107.99 54.04 19.29
CA ILE HA 237 -106.62 54.42 19.04
C ILE HA 237 -106.34 55.75 19.74
N LEU HA 238 -105.29 55.79 20.55
CA LEU HA 238 -104.89 57.02 21.21
C LEU HA 238 -104.29 57.98 20.19
N GLU HA 239 -104.63 59.27 20.32
CA GLU HA 239 -104.20 60.29 19.37
C GLU HA 239 -103.23 61.29 19.98
N SER HA 240 -103.56 61.84 21.15
CA SER HA 240 -102.74 62.87 21.77
C SER HA 240 -102.83 62.74 23.29
N GLY HA 241 -101.85 63.33 23.96
CA GLY HA 241 -101.80 63.31 25.41
C GLY HA 241 -101.21 62.05 26.02
N GLY HA 242 -100.39 61.31 25.27
CA GLY HA 242 -99.83 60.07 25.73
C GLY HA 242 -98.57 60.15 26.57
N THR HA 243 -97.86 61.28 26.54
CA THR HA 243 -96.65 61.47 27.33
C THR HA 243 -96.90 62.55 28.37
N VAL HA 244 -96.59 62.24 29.63
CA VAL HA 244 -96.81 63.18 30.72
C VAL HA 244 -95.59 63.15 31.62
N ASN HA 245 -95.17 64.33 32.07
CA ASN HA 245 -94.04 64.47 32.98
C ASN HA 245 -94.55 64.43 34.41
N ILE HA 246 -94.03 63.49 35.20
CA ILE HA 246 -94.41 63.33 36.59
C ILE HA 246 -93.17 63.50 37.45
N THR HA 247 -93.29 64.34 38.48
CA THR HA 247 -92.26 64.51 39.49
C THR HA 247 -92.76 63.90 40.79
N THR HA 248 -91.99 62.98 41.35
CA THR HA 248 -92.40 62.26 42.54
C THR HA 248 -91.70 62.80 43.78
N GLY HA 249 -92.13 62.31 44.94
CA GLY HA 249 -91.61 62.79 46.20
C GLY HA 249 -90.20 62.31 46.46
N THR HA 250 -89.62 62.85 47.53
CA THR HA 250 -88.26 62.52 47.92
C THR HA 250 -88.28 61.50 49.06
N ILE HA 251 -87.21 60.69 49.13
CA ILE HA 251 -87.03 59.70 50.18
C ILE HA 251 -85.70 59.99 50.87
N ASN HA 252 -85.75 60.17 52.20
CA ASN HA 252 -84.55 60.42 53.00
C ASN HA 252 -83.77 61.63 52.49
N GLY HA 253 -84.49 62.66 52.04
CA GLY HA 253 -83.86 63.86 51.56
C GLY HA 253 -83.19 63.74 50.21
N ALA HA 254 -83.60 62.79 49.39
CA ALA HA 254 -83.01 62.63 48.07
C ALA HA 254 -83.52 63.72 47.13
N THR HA 255 -82.85 63.85 45.99
CA THR HA 255 -83.26 64.81 44.99
C THR HA 255 -84.59 64.41 44.36
N ALA HA 256 -85.37 65.42 43.97
CA ALA HA 256 -86.66 65.16 43.34
C ALA HA 256 -86.46 64.44 42.02
N ALA HA 257 -87.26 63.39 41.81
CA ALA HA 257 -87.14 62.53 40.63
C ALA HA 257 -88.26 62.85 39.66
N THR HA 258 -87.88 63.30 38.46
CA THR HA 258 -88.82 63.64 37.41
C THR HA 258 -88.61 62.73 36.22
N PHE HA 259 -89.71 62.24 35.66
CA PHE HA 259 -89.63 61.31 34.54
C PHE HA 259 -90.84 61.49 33.64
N SER HA 260 -90.64 61.31 32.34
CA SER HA 260 -91.71 61.40 31.35
C SER HA 260 -92.21 60.00 31.05
N LEU HA 261 -93.46 59.72 31.44
CA LEU HA 261 -94.08 58.44 31.16
C LEU HA 261 -94.94 58.55 29.91
N SER HA 262 -94.72 57.63 28.98
CA SER HA 262 -95.36 57.65 27.67
C SER HA 262 -96.38 56.52 27.61
N PHE HA 263 -97.62 56.87 27.26
CA PHE HA 263 -98.71 55.90 27.11
C PHE HA 263 -99.10 55.72 25.65
N LEU HA 264 -98.18 56.02 24.73
CA LEU HA 264 -98.48 55.94 23.31
C LEU HA 264 -98.67 54.48 22.88
N ASN HA 265 -99.18 54.31 21.66
CA ASN HA 265 -99.46 52.99 21.09
C ASN HA 265 -100.38 52.19 22.00
N SER HA 266 -101.41 52.85 22.52
CA SER HA 266 -102.38 52.22 23.42
C SER HA 266 -103.70 52.06 22.70
N MET HA 267 -104.28 50.87 22.80
CA MET HA 267 -105.54 50.55 22.16
C MET HA 267 -106.63 50.29 23.20
N GLN HA 268 -107.86 50.67 22.86
CA GLN HA 268 -109.04 50.37 23.66
C GLN HA 268 -110.02 49.65 22.73
N GLN HA 269 -109.89 48.33 22.65
CA GLN HA 269 -110.73 47.52 21.77
C GLN HA 269 -111.68 46.61 22.53
N ASN HA 270 -111.89 46.87 23.82
CA ASN HA 270 -112.81 46.09 24.65
C ASN HA 270 -112.41 44.61 24.66
N THR HA 271 -111.20 44.36 25.14
CA THR HA 271 -110.68 43.00 25.25
C THR HA 271 -110.98 42.40 26.63
N GLY HA 272 -112.25 42.47 27.04
CA GLY HA 272 -112.66 41.92 28.31
C GLY HA 272 -112.26 42.77 29.49
N ALA HA 273 -111.31 42.27 30.29
CA ALA HA 273 -110.85 42.96 31.49
C ALA HA 273 -109.67 43.86 31.15
N ASN HA 274 -109.16 44.54 32.18
CA ASN HA 274 -108.05 45.47 32.03
C ASN HA 274 -106.80 44.86 32.65
N ASN HA 275 -105.69 44.90 31.90
CA ASN HA 275 -104.43 44.35 32.37
C ASN HA 275 -103.28 45.09 31.70
N ILE HA 276 -102.23 45.35 32.46
CA ILE HA 276 -101.07 46.07 31.95
C ILE HA 276 -100.29 45.13 31.03
N VAL HA 277 -100.00 45.59 29.81
CA VAL HA 277 -99.30 44.77 28.82
C VAL HA 277 -97.88 45.24 28.57
N ALA HA 278 -97.49 46.43 29.02
CA ALA HA 278 -96.13 46.90 28.80
C ALA HA 278 -95.75 47.90 29.89
N THR HA 279 -94.56 47.70 30.46
CA THR HA 279 -94.01 48.64 31.44
C THR HA 279 -92.49 48.61 31.33
N ASN HA 280 -91.88 49.79 31.32
CA ASN HA 280 -90.44 49.89 31.20
C ASN HA 280 -89.97 51.24 31.74
N GLN HA 281 -88.80 51.22 32.37
CA GLN HA 281 -88.17 52.44 32.88
C GLN HA 281 -86.70 52.42 32.50
N ASN HA 282 -86.13 53.61 32.35
CA ASN HA 282 -84.73 53.76 31.93
C ASN HA 282 -83.80 54.07 33.09
N GLY HA 283 -84.33 54.32 34.28
CA GLY HA 283 -83.50 54.65 35.42
C GLY HA 283 -82.95 53.42 36.13
N TYR HA 284 -81.94 52.80 35.54
CA TYR HA 284 -81.35 51.61 36.14
C TYR HA 284 -80.66 51.96 37.46
N LYS HA 285 -80.86 51.11 38.46
CA LYS HA 285 -80.17 51.27 39.72
C LYS HA 285 -78.69 50.90 39.55
N PRO HA 286 -77.82 51.49 40.37
CA PRO HA 286 -76.40 51.10 40.30
C PRO HA 286 -76.22 49.63 40.64
N GLY HA 287 -75.29 48.99 39.94
CA GLY HA 287 -75.07 47.58 40.11
C GLY HA 287 -73.60 47.26 40.31
N ASP HA 288 -73.35 46.01 40.69
CA ASP HA 288 -72.00 45.51 40.90
C ASP HA 288 -71.63 44.51 39.83
N LEU HA 289 -70.36 44.55 39.41
CA LEU HA 289 -69.88 43.73 38.30
C LEU HA 289 -69.93 42.27 38.70
N VAL HA 290 -70.86 41.52 38.09
CA VAL HA 290 -70.98 40.10 38.38
C VAL HA 290 -69.91 39.31 37.64
N SER HA 291 -69.90 39.41 36.32
CA SER HA 291 -68.93 38.71 35.47
C SER HA 291 -68.97 39.36 34.09
N TYR HA 292 -68.27 38.75 33.15
CA TYR HA 292 -68.30 39.19 31.77
C TYR HA 292 -68.25 37.97 30.85
N GLN HA 293 -68.77 38.15 29.64
CA GLN HA 293 -68.81 37.10 28.64
C GLN HA 293 -68.57 37.70 27.27
N ILE HA 294 -68.10 36.86 26.35
CA ILE HA 294 -67.82 37.27 24.98
C ILE HA 294 -68.68 36.42 24.05
N ASN HA 295 -69.42 37.08 23.17
CA ASN HA 295 -70.31 36.40 22.23
C ASN HA 295 -69.64 36.29 20.86
N ASN HA 296 -70.31 35.56 19.96
CA ASN HA 296 -69.76 35.30 18.64
C ASN HA 296 -69.58 36.57 17.81
N ASP HA 297 -70.31 37.64 18.15
CA ASP HA 297 -70.20 38.88 17.39
C ASP HA 297 -68.83 39.54 17.54
N GLY HA 298 -68.08 39.20 18.59
CA GLY HA 298 -66.79 39.78 18.84
C GLY HA 298 -66.77 40.86 19.90
N THR HA 299 -67.91 41.19 20.49
CA THR HA 299 -67.98 42.21 21.52
C THR HA 299 -67.78 41.59 22.90
N VAL HA 300 -67.44 42.44 23.86
CA VAL HA 300 -67.25 42.03 25.25
C VAL HA 300 -68.24 42.81 26.12
N VAL HA 301 -68.98 42.09 26.96
CA VAL HA 301 -70.03 42.66 27.78
C VAL HA 301 -69.79 42.28 29.23
N GLY HA 302 -69.80 43.28 30.11
CA GLY HA 302 -69.68 43.06 31.53
C GLY HA 302 -71.03 43.20 32.21
N ASN HA 303 -71.49 42.10 32.81
CA ASN HA 303 -72.83 42.04 33.38
C ASN HA 303 -72.85 42.57 34.81
N TYR HA 304 -73.98 43.13 35.21
CA TYR HA 304 -74.19 43.65 36.55
C TYR HA 304 -75.48 43.09 37.12
N SER HA 305 -75.59 43.14 38.46
CA SER HA 305 -76.75 42.57 39.14
C SER HA 305 -78.03 43.37 38.87
N ASN HA 306 -77.92 44.60 38.38
CA ASN HA 306 -79.10 45.41 38.09
C ASN HA 306 -79.69 45.12 36.71
N GLU HA 307 -79.40 43.94 36.15
CA GLU HA 307 -79.91 43.53 34.85
C GLU HA 307 -79.54 44.53 33.76
N GLN HA 308 -78.30 45.01 33.80
CA GLN HA 308 -77.77 45.93 32.81
C GLN HA 308 -76.50 45.36 32.20
N GLU HA 309 -76.36 45.52 30.89
CA GLU HA 309 -75.23 45.01 30.14
C GLU HA 309 -74.36 46.17 29.66
N GLN HA 310 -73.08 46.12 29.97
CA GLN HA 310 -72.13 47.17 29.64
C GLN HA 310 -71.12 46.63 28.64
N VAL HA 311 -70.96 47.32 27.51
CA VAL HA 311 -70.06 46.90 26.46
C VAL HA 311 -68.71 47.57 26.67
N LEU HA 312 -67.65 46.77 26.75
CA LEU HA 312 -66.30 47.27 26.96
C LEU HA 312 -65.48 47.35 25.68
N GLY HA 313 -66.07 46.99 24.53
CA GLY HA 313 -65.40 47.06 23.25
C GLY HA 313 -65.65 45.81 22.44
N GLN HA 314 -64.87 45.66 21.36
CA GLN HA 314 -64.96 44.49 20.51
C GLN HA 314 -63.61 44.24 19.87
N ILE HA 315 -63.41 43.00 19.45
CA ILE HA 315 -62.14 42.56 18.86
C ILE HA 315 -62.19 42.75 17.35
N VAL HA 316 -61.08 43.17 16.78
CA VAL HA 316 -60.96 43.36 15.33
C VAL HA 316 -60.17 42.20 14.76
N LEU HA 317 -60.64 41.67 13.64
CA LEU HA 317 -59.91 40.66 12.89
C LEU HA 317 -59.24 41.29 11.69
N ALA HA 318 -58.04 40.82 11.38
CA ALA HA 318 -57.29 41.30 10.24
C ALA HA 318 -57.07 40.17 9.26
N ASN HA 319 -57.41 40.41 8.00
CA ASN HA 319 -57.17 39.47 6.91
C ASN HA 319 -56.23 40.13 5.91
N PHE HA 320 -55.09 39.50 5.68
CA PHE HA 320 -54.11 40.03 4.76
C PHE HA 320 -54.44 39.64 3.32
N ALA HA 321 -53.87 40.40 2.38
CA ALA HA 321 -53.96 40.00 0.97
C ALA HA 321 -53.25 38.67 0.74
N ASN HA 322 -52.10 38.48 1.39
CA ASN HA 322 -51.29 37.28 1.21
C ASN HA 322 -51.05 36.65 2.58
N ASN HA 323 -51.67 35.49 2.82
CA ASN HA 323 -51.43 34.78 4.08
C ASN HA 323 -49.98 34.37 4.22
N GLU HA 324 -49.37 33.89 3.14
CA GLU HA 324 -47.95 33.62 3.16
C GLU HA 324 -47.17 34.93 3.20
N GLY HA 325 -45.88 34.82 3.53
CA GLY HA 325 -45.05 36.00 3.69
C GLY HA 325 -45.14 36.65 5.06
N LEU HA 326 -46.00 36.14 5.95
CA LEU HA 326 -46.09 36.65 7.31
C LEU HA 326 -44.93 36.05 8.11
N ALA HA 327 -43.98 36.90 8.50
CA ALA HA 327 -42.82 36.43 9.22
C ALA HA 327 -43.22 35.88 10.59
N SER HA 328 -42.63 34.76 10.97
CA SER HA 328 -42.82 34.23 12.31
C SER HA 328 -41.88 34.92 13.28
N GLN HA 329 -42.42 35.30 14.44
CA GLN HA 329 -41.67 36.06 15.44
C GLN HA 329 -41.74 35.32 16.77
N GLY HA 330 -40.75 34.47 17.03
CA GLY HA 330 -40.67 33.78 18.30
C GLY HA 330 -41.87 32.92 18.60
N ASP HA 331 -42.68 33.35 19.55
CA ASP HA 331 -43.86 32.59 19.94
C ASP HA 331 -44.91 32.65 18.83
N ASN HA 332 -46.08 32.07 19.11
CA ASN HA 332 -47.09 31.90 18.08
C ASN HA 332 -47.72 33.23 17.70
N VAL HA 333 -46.92 34.14 17.13
CA VAL HA 333 -47.39 35.40 16.59
C VAL HA 333 -46.70 35.66 15.26
N TRP HA 334 -47.31 36.52 14.45
CA TRP HA 334 -46.76 36.92 13.17
C TRP HA 334 -46.72 38.43 13.08
N ALA HA 335 -45.67 38.94 12.44
CA ALA HA 335 -45.50 40.37 12.22
C ALA HA 335 -45.74 40.68 10.75
N ALA HA 336 -46.58 41.66 10.48
CA ALA HA 336 -46.85 42.08 9.10
C ALA HA 336 -45.60 42.66 8.47
N THR HA 337 -45.47 42.47 7.16
CA THR HA 337 -44.31 42.94 6.43
C THR HA 337 -44.70 43.11 4.95
N GLN HA 338 -43.69 43.22 4.10
CA GLN HA 338 -43.95 43.27 2.66
C GLN HA 338 -44.45 41.92 2.18
N ALA HA 339 -45.01 41.92 0.96
CA ALA HA 339 -45.61 40.74 0.36
C ALA HA 339 -46.77 40.19 1.19
N SER HA 340 -47.32 41.02 2.08
CA SER HA 340 -48.45 40.64 2.89
C SER HA 340 -49.56 41.67 2.92
N GLY HA 341 -49.30 42.90 2.48
CA GLY HA 341 -50.32 43.91 2.39
C GLY HA 341 -50.65 44.53 3.74
N VAL HA 342 -51.65 45.42 3.71
CA VAL HA 342 -52.11 46.10 4.91
C VAL HA 342 -52.92 45.14 5.77
N ALA HA 343 -53.19 45.53 7.01
CA ALA HA 343 -53.92 44.65 7.92
C ALA HA 343 -55.35 44.41 7.45
N LEU HA 344 -56.00 45.45 6.95
CA LEU HA 344 -57.42 45.39 6.56
C LEU HA 344 -58.29 44.98 7.75
N LEU HA 345 -58.27 45.84 8.77
CA LEU HA 345 -59.00 45.56 10.01
C LEU HA 345 -60.51 45.55 9.75
N GLY HA 346 -61.20 44.68 10.47
CA GLY HA 346 -62.64 44.63 10.33
C GLY HA 346 -63.28 43.88 11.48
N THR HA 347 -64.59 43.80 11.43
CA THR HA 347 -65.38 43.10 12.43
C THR HA 347 -65.44 41.61 12.14
N ALA HA 348 -65.63 40.83 13.19
CA ALA HA 348 -65.77 39.38 13.05
C ALA HA 348 -67.17 38.95 12.66
N GLY HA 349 -68.13 39.87 12.65
CA GLY HA 349 -69.51 39.52 12.37
C GLY HA 349 -69.76 39.06 10.95
N SER HA 350 -69.43 39.91 9.98
CA SER HA 350 -69.72 39.61 8.58
C SER HA 350 -68.53 40.07 7.73
N GLY HA 351 -68.74 40.09 6.41
CA GLY HA 351 -67.70 40.48 5.49
C GLY HA 351 -66.86 39.31 5.04
N ASN HA 352 -65.60 39.57 4.69
CA ASN HA 352 -64.69 38.50 4.29
C ASN HA 352 -64.25 37.65 5.47
N PHE HA 353 -64.28 38.19 6.68
CA PHE HA 353 -63.85 37.45 7.86
C PHE HA 353 -64.88 36.41 8.26
N GLY HA 354 -64.41 35.36 8.94
CA GLY HA 354 -65.28 34.28 9.35
C GLY HA 354 -65.92 34.49 10.71
N LYS HA 355 -66.63 33.44 11.15
CA LYS HA 355 -67.29 33.46 12.44
C LYS HA 355 -66.36 32.98 13.54
N LEU HA 356 -66.65 33.39 14.77
CA LEU HA 356 -65.88 32.96 15.93
C LEU HA 356 -66.69 31.92 16.73
N THR HA 357 -66.01 31.24 17.64
CA THR HA 357 -66.65 30.28 18.53
C THR HA 357 -66.10 30.48 19.94
N ASN HA 358 -66.99 30.64 20.91
CA ASN HA 358 -66.62 30.94 22.28
C ASN HA 358 -66.42 29.66 23.07
N GLY HA 359 -65.35 29.61 23.86
CA GLY HA 359 -65.06 28.46 24.69
C GLY HA 359 -64.61 27.24 23.92
N ALA HA 360 -63.73 27.44 22.95
CA ALA HA 360 -63.20 26.34 22.15
C ALA HA 360 -61.88 26.76 21.54
N LEU HA 361 -61.12 25.76 21.09
CA LEU HA 361 -59.81 25.99 20.51
C LEU HA 361 -59.63 25.08 19.30
N GLU HA 362 -58.69 25.46 18.44
CA GLU HA 362 -58.41 24.74 17.20
C GLU HA 362 -57.15 23.90 17.36
N ALA HA 363 -57.03 22.87 16.52
CA ALA HA 363 -55.89 21.98 16.57
C ALA HA 363 -54.73 22.60 15.78
N SER HA 364 -53.68 21.81 15.54
CA SER HA 364 -52.50 22.28 14.84
C SER HA 364 -52.46 21.85 13.38
N ASN HA 365 -53.54 21.25 12.87
CA ASN HA 365 -53.63 20.74 11.50
C ASN HA 365 -52.38 19.99 11.08
N VAL HA 366 -51.86 19.12 11.95
CA VAL HA 366 -50.69 18.31 11.67
C VAL HA 366 -51.08 16.85 11.81
N ASP HA 367 -50.77 16.06 10.79
CA ASP HA 367 -51.00 14.61 10.81
C ASP HA 367 -49.66 13.92 11.03
N LEU HA 368 -49.61 13.02 12.02
CA LEU HA 368 -48.34 12.40 12.39
C LEU HA 368 -47.87 11.41 11.33
N SER HA 369 -48.79 10.69 10.70
CA SER HA 369 -48.40 9.70 9.70
C SER HA 369 -47.70 10.36 8.51
N LYS HA 370 -48.23 11.48 8.04
CA LYS HA 370 -47.60 12.20 6.94
C LYS HA 370 -46.20 12.65 7.33
N GLU HA 371 -46.05 13.18 8.53
CA GLU HA 371 -44.73 13.62 8.98
C GLU HA 371 -43.76 12.45 9.06
N LEU HA 372 -44.21 11.29 9.56
CA LEU HA 372 -43.32 10.14 9.67
C LEU HA 372 -42.88 9.64 8.31
N VAL HA 373 -43.80 9.53 7.35
CA VAL HA 373 -43.39 9.03 6.05
C VAL HA 373 -42.49 10.05 5.33
N ASN HA 374 -42.78 11.35 5.48
CA ASN HA 374 -41.88 12.35 4.92
C ASN HA 374 -40.51 12.30 5.58
N MET HA 375 -40.46 12.03 6.88
CA MET HA 375 -39.18 11.87 7.55
C MET HA 375 -38.40 10.68 6.99
N ILE HA 376 -39.08 9.56 6.73
CA ILE HA 376 -38.40 8.39 6.18
C ILE HA 376 -37.82 8.71 4.81
N VAL HA 377 -38.63 9.33 3.95
CA VAL HA 377 -38.14 9.61 2.60
C VAL HA 377 -37.02 10.66 2.65
N ALA HA 378 -37.10 11.62 3.57
CA ALA HA 378 -36.03 12.60 3.70
C ALA HA 378 -34.73 11.95 4.14
N GLN HA 379 -34.82 11.01 5.09
CA GLN HA 379 -33.62 10.30 5.52
C GLN HA 379 -33.00 9.51 4.37
N ARG HA 380 -33.84 8.85 3.58
CA ARG HA 380 -33.31 8.11 2.43
C ARG HA 380 -32.65 9.05 1.41
N ASN HA 381 -33.26 10.19 1.15
CA ASN HA 381 -32.65 11.16 0.24
C ASN HA 381 -31.31 11.66 0.78
N TYR HA 382 -31.24 11.90 2.08
CA TYR HA 382 -29.98 12.35 2.68
C TYR HA 382 -28.89 11.31 2.50
N GLN HA 383 -29.21 10.03 2.74
CA GLN HA 383 -28.20 8.99 2.57
C GLN HA 383 -27.80 8.86 1.10
N SER HA 384 -28.77 9.00 0.19
CA SER HA 384 -28.44 8.95 -1.23
C SER HA 384 -27.47 10.06 -1.61
N ASN HA 385 -27.69 11.26 -1.09
CA ASN HA 385 -26.76 12.35 -1.38
C ASN HA 385 -25.39 12.12 -0.76
N ALA HA 386 -25.35 11.52 0.44
CA ALA HA 386 -24.07 11.22 1.07
C ALA HA 386 -23.27 10.22 0.24
N GLN HA 387 -23.95 9.30 -0.43
CA GLN HA 387 -23.26 8.35 -1.29
C GLN HA 387 -22.50 9.07 -2.41
N THR HA 388 -23.03 10.19 -2.89
CA THR HA 388 -22.33 10.97 -3.90
C THR HA 388 -21.01 11.49 -3.37
N ILE HA 389 -21.00 12.02 -2.15
CA ILE HA 389 -19.77 12.51 -1.56
C ILE HA 389 -18.78 11.38 -1.38
N LYS HA 390 -19.26 10.22 -0.94
CA LYS HA 390 -18.36 9.08 -0.75
C LYS HA 390 -17.72 8.67 -2.07
N THR HA 391 -18.52 8.60 -3.14
CA THR HA 391 -17.97 8.22 -4.44
C THR HA 391 -16.98 9.24 -4.96
N GLN HA 392 -17.29 10.53 -4.80
CA GLN HA 392 -16.35 11.57 -5.24
C GLN HA 392 -15.04 11.49 -4.47
N ASP HA 393 -15.11 11.27 -3.16
CA ASP HA 393 -13.91 11.15 -2.35
C ASP HA 393 -13.06 9.97 -2.81
N GLN HA 394 -13.70 8.83 -3.06
CA GLN HA 394 -12.94 7.67 -3.52
C GLN HA 394 -12.30 7.92 -4.88
N ILE HA 395 -13.02 8.56 -5.79
CA ILE HA 395 -12.46 8.88 -7.10
C ILE HA 395 -11.25 9.78 -6.96
N LEU HA 396 -11.36 10.83 -6.14
CA LEU HA 396 -10.25 11.76 -5.96
C LEU HA 396 -9.07 11.07 -5.30
N ASN HA 397 -9.32 10.19 -4.33
CA ASN HA 397 -8.23 9.46 -3.69
C ASN HA 397 -7.51 8.57 -4.69
N THR HA 398 -8.26 7.87 -5.54
CA THR HA 398 -7.63 7.03 -6.56
C THR HA 398 -6.81 7.87 -7.51
N LEU HA 399 -7.33 9.04 -7.90
CA LEU HA 399 -6.59 9.91 -8.81
C LEU HA 399 -5.30 10.40 -8.18
N VAL HA 400 -5.33 10.76 -6.90
CA VAL HA 400 -4.15 11.37 -6.28
C VAL HA 400 -3.12 10.30 -5.92
N ASN HA 401 -3.56 9.06 -5.66
CA ASN HA 401 -2.62 8.00 -5.31
C ASN HA 401 -1.79 7.57 -6.50
N LEU HA 402 -2.24 7.87 -7.71
CA LEU HA 402 -1.53 7.52 -8.94
C LEU HA 402 -1.31 6.02 -9.06
N SER IA 2 -20.02 -6.08 -17.14
CA SER IA 2 -21.12 -7.02 -17.25
C SER IA 2 -22.26 -6.66 -16.31
N PHE IA 3 -22.46 -5.36 -16.11
CA PHE IA 3 -23.51 -4.88 -15.23
C PHE IA 3 -24.87 -4.82 -15.91
N SER IA 4 -24.93 -5.00 -17.24
CA SER IA 4 -26.19 -4.80 -17.95
C SER IA 4 -27.26 -5.78 -17.47
N GLN IA 5 -26.90 -7.05 -17.30
CA GLN IA 5 -27.88 -8.04 -16.88
C GLN IA 5 -28.39 -7.76 -15.48
N ALA IA 6 -27.48 -7.41 -14.55
CA ALA IA 6 -27.91 -7.10 -13.20
C ALA IA 6 -28.80 -5.85 -13.18
N VAL IA 7 -28.46 -4.84 -13.98
CA VAL IA 7 -29.26 -3.63 -14.04
C VAL IA 7 -30.65 -3.95 -14.57
N SER IA 8 -30.72 -4.77 -15.61
CA SER IA 8 -32.02 -5.16 -16.15
C SER IA 8 -32.84 -5.94 -15.13
N GLY IA 9 -32.19 -6.83 -14.38
CA GLY IA 9 -32.91 -7.55 -13.34
C GLY IA 9 -33.42 -6.64 -12.25
N LEU IA 10 -32.61 -5.65 -11.85
CA LEU IA 10 -33.06 -4.68 -10.86
C LEU IA 10 -34.25 -3.89 -11.37
N ASN IA 11 -34.21 -3.47 -12.64
CA ASN IA 11 -35.33 -2.73 -13.21
C ASN IA 11 -36.59 -3.58 -13.25
N ALA IA 12 -36.46 -4.86 -13.62
CA ALA IA 12 -37.62 -5.74 -13.67
C ALA IA 12 -38.21 -5.94 -12.29
N ALA IA 13 -37.35 -6.17 -11.28
CA ALA IA 13 -37.85 -6.35 -9.92
C ALA IA 13 -38.52 -5.09 -9.40
N ALA IA 14 -37.94 -3.93 -9.69
CA ALA IA 14 -38.55 -2.68 -9.25
C ALA IA 14 -39.89 -2.45 -9.94
N THR IA 15 -39.99 -2.80 -11.22
CA THR IA 15 -41.26 -2.68 -11.91
C THR IA 15 -42.31 -3.60 -11.32
N ASN IA 16 -41.92 -4.83 -10.99
CA ASN IA 16 -42.85 -5.76 -10.36
C ASN IA 16 -43.31 -5.23 -9.01
N LEU IA 17 -42.38 -4.70 -8.21
CA LEU IA 17 -42.75 -4.15 -6.91
C LEU IA 17 -43.66 -2.93 -7.06
N ASP IA 18 -43.41 -2.09 -8.06
CA ASP IA 18 -44.29 -0.95 -8.29
C ASP IA 18 -45.68 -1.39 -8.70
N VAL IA 19 -45.78 -2.43 -9.53
CA VAL IA 19 -47.08 -2.96 -9.90
C VAL IA 19 -47.82 -3.50 -8.69
N ILE IA 20 -47.11 -4.24 -7.83
CA ILE IA 20 -47.74 -4.79 -6.62
C ILE IA 20 -48.20 -3.68 -5.71
N GLY IA 21 -47.37 -2.65 -5.53
CA GLY IA 21 -47.75 -1.53 -4.68
C GLY IA 21 -48.95 -0.77 -5.23
N ASN IA 22 -49.01 -0.59 -6.55
CA ASN IA 22 -50.17 0.03 -7.15
C ASN IA 22 -51.42 -0.82 -6.94
N ASN IA 23 -51.31 -2.14 -7.10
CA ASN IA 23 -52.46 -3.00 -6.91
C ASN IA 23 -52.96 -2.96 -5.47
N ILE IA 24 -52.05 -3.02 -4.50
CA ILE IA 24 -52.48 -3.02 -3.11
C ILE IA 24 -53.02 -1.65 -2.71
N ALA IA 25 -52.48 -0.58 -3.30
CA ALA IA 25 -52.97 0.75 -2.99
C ALA IA 25 -54.37 0.98 -3.57
N ASN IA 26 -54.62 0.48 -4.77
CA ASN IA 26 -55.89 0.68 -5.46
C ASN IA 26 -56.99 -0.20 -4.93
N SER IA 27 -56.82 -0.90 -3.81
CA SER IA 27 -57.93 -1.64 -3.23
C SER IA 27 -59.00 -0.66 -2.77
N ALA IA 28 -60.24 -1.17 -2.69
CA ALA IA 28 -61.45 -0.42 -2.36
C ALA IA 28 -61.84 0.56 -3.46
N THR IA 29 -61.11 0.63 -4.57
CA THR IA 29 -61.54 1.38 -5.73
C THR IA 29 -62.46 0.49 -6.56
N TYR IA 30 -63.73 0.89 -6.68
CA TYR IA 30 -64.76 -0.03 -7.19
C TYR IA 30 -64.51 -0.39 -8.65
N GLY IA 31 -64.22 0.60 -9.49
CA GLY IA 31 -64.04 0.33 -10.90
C GLY IA 31 -62.61 0.04 -11.28
N PHE IA 32 -61.95 -0.84 -10.52
CA PHE IA 32 -60.54 -1.11 -10.70
C PHE IA 32 -60.32 -2.58 -11.04
N LYS IA 33 -59.35 -2.83 -11.91
CA LYS IA 33 -58.99 -4.18 -12.33
C LYS IA 33 -57.54 -4.43 -11.95
N SER IA 34 -57.26 -5.62 -11.41
CA SER IA 34 -55.92 -5.93 -10.95
C SER IA 34 -54.94 -5.97 -12.11
N GLY IA 35 -53.71 -5.52 -11.85
CA GLY IA 35 -52.65 -5.55 -12.82
C GLY IA 35 -51.64 -6.65 -12.53
N THR IA 36 -50.92 -7.04 -13.59
CA THR IA 36 -49.93 -8.10 -13.48
C THR IA 36 -48.80 -7.81 -14.46
N ALA IA 37 -47.57 -7.92 -13.99
CA ALA IA 37 -46.41 -7.71 -14.85
C ALA IA 37 -46.09 -8.97 -15.64
N SER IA 38 -45.33 -8.78 -16.72
CA SER IA 38 -44.94 -9.89 -17.57
C SER IA 38 -43.55 -9.61 -18.14
N PHE IA 39 -42.61 -10.50 -17.85
CA PHE IA 39 -41.23 -10.34 -18.27
C PHE IA 39 -40.92 -11.29 -19.42
N ALA IA 40 -39.78 -11.04 -20.08
CA ALA IA 40 -39.36 -11.88 -21.19
C ALA IA 40 -37.85 -11.85 -21.28
N ASP IA 41 -37.23 -13.02 -21.40
CA ASP IA 41 -35.80 -13.09 -21.58
C ASP IA 41 -35.40 -12.54 -22.94
N MET IA 42 -34.16 -12.07 -23.03
CA MET IA 42 -33.64 -11.50 -24.26
C MET IA 42 -32.33 -12.18 -24.63
N PHE IA 43 -32.08 -12.32 -25.93
CA PHE IA 43 -30.86 -12.92 -26.45
C PHE IA 43 -30.49 -12.20 -27.74
N ALA IA 44 -29.36 -11.50 -27.74
CA ALA IA 44 -28.92 -10.78 -28.93
C ALA IA 44 -28.29 -11.73 -29.93
N GLY IA 45 -27.16 -12.34 -29.56
CA GLY IA 45 -26.48 -13.28 -30.43
C GLY IA 45 -26.82 -14.71 -30.05
N SER IA 46 -25.88 -15.37 -29.39
CA SER IA 46 -26.11 -16.73 -28.90
C SER IA 46 -25.14 -17.00 -27.76
N LYS IA 47 -25.46 -18.04 -26.99
CA LYS IA 47 -24.65 -18.59 -25.91
C LYS IA 47 -24.57 -17.69 -24.69
N VAL IA 48 -25.15 -16.48 -24.74
CA VAL IA 48 -25.13 -15.57 -23.61
C VAL IA 48 -26.44 -14.79 -23.56
N GLY IA 49 -26.96 -14.63 -22.36
CA GLY IA 49 -28.14 -13.81 -22.17
C GLY IA 49 -27.80 -12.36 -21.96
N LEU IA 50 -28.80 -11.49 -22.13
CA LEU IA 50 -28.59 -10.05 -21.97
C LEU IA 50 -29.58 -9.43 -21.00
N GLY IA 51 -30.25 -10.23 -20.18
CA GLY IA 51 -31.15 -9.69 -19.19
C GLY IA 51 -32.61 -9.96 -19.47
N VAL IA 52 -33.48 -9.05 -19.04
CA VAL IA 52 -34.92 -9.20 -19.18
C VAL IA 52 -35.52 -7.92 -19.74
N LYS IA 53 -36.66 -8.07 -20.38
CA LYS IA 53 -37.48 -6.96 -20.85
C LYS IA 53 -38.84 -7.06 -20.20
N VAL IA 54 -39.40 -5.92 -19.83
CA VAL IA 54 -40.76 -5.88 -19.30
C VAL IA 54 -41.70 -5.83 -20.50
N ALA IA 55 -42.37 -6.94 -20.75
CA ALA IA 55 -43.27 -7.06 -21.91
C ALA IA 55 -44.54 -6.30 -21.74
N GLY IA 56 -44.66 -5.45 -20.72
CA GLY IA 56 -45.87 -4.68 -20.51
C GLY IA 56 -46.80 -5.34 -19.51
N ILE IA 57 -47.33 -4.56 -18.58
CA ILE IA 57 -48.26 -5.11 -17.60
C ILE IA 57 -49.57 -5.45 -18.28
N THR IA 58 -50.35 -6.31 -17.63
CA THR IA 58 -51.64 -6.73 -18.14
C THR IA 58 -52.70 -6.55 -17.07
N GLN IA 59 -53.92 -6.26 -17.51
CA GLN IA 59 -55.05 -6.02 -16.63
C GLN IA 59 -55.85 -7.30 -16.48
N ASP IA 60 -56.35 -7.54 -15.27
CA ASP IA 60 -57.22 -8.69 -14.99
C ASP IA 60 -58.67 -8.21 -15.03
N PHE IA 61 -59.38 -8.58 -16.10
CA PHE IA 61 -60.75 -8.12 -16.31
C PHE IA 61 -61.78 -9.03 -15.65
N THR IA 62 -61.39 -9.79 -14.63
CA THR IA 62 -62.36 -10.57 -13.88
C THR IA 62 -63.26 -9.65 -13.08
N ASP IA 63 -64.56 -9.91 -13.13
CA ASP IA 63 -65.52 -9.07 -12.43
C ASP IA 63 -65.35 -9.20 -10.91
N GLY IA 64 -65.53 -8.08 -10.21
CA GLY IA 64 -65.38 -8.06 -8.77
C GLY IA 64 -66.64 -8.44 -8.03
N THR IA 65 -66.53 -8.45 -6.70
CA THR IA 65 -67.66 -8.79 -5.86
C THR IA 65 -68.70 -7.67 -5.91
N THR IA 66 -69.96 -8.05 -6.14
CA THR IA 66 -71.04 -7.07 -6.17
C THR IA 66 -71.34 -6.58 -4.76
N THR IA 67 -71.63 -5.29 -4.64
CA THR IA 67 -71.90 -4.65 -3.36
C THR IA 67 -73.26 -3.96 -3.42
N ASN IA 68 -74.15 -4.32 -2.51
CA ASN IA 68 -75.48 -3.72 -2.43
C ASN IA 68 -75.43 -2.47 -1.56
N THR IA 69 -74.74 -1.45 -2.08
CA THR IA 69 -74.56 -0.21 -1.33
C THR IA 69 -75.88 0.49 -1.08
N GLY IA 70 -76.75 0.55 -2.09
CA GLY IA 70 -78.01 1.25 -1.96
C GLY IA 70 -78.20 2.29 -3.06
N ARG IA 71 -78.92 3.36 -2.75
CA ARG IA 71 -79.16 4.45 -3.69
C ARG IA 71 -79.81 3.97 -4.99
N GLY IA 72 -79.85 4.84 -6.00
CA GLY IA 72 -80.39 4.45 -7.29
C GLY IA 72 -79.47 4.77 -8.45
N LEU IA 73 -78.55 5.71 -8.25
CA LEU IA 73 -77.61 6.12 -9.29
C LEU IA 73 -76.30 5.33 -9.18
N ASP IA 74 -76.44 4.01 -9.22
CA ASP IA 74 -75.27 3.12 -9.16
C ASP IA 74 -75.69 1.77 -9.72
N VAL IA 75 -75.02 1.33 -10.78
CA VAL IA 75 -75.31 0.07 -11.45
C VAL IA 75 -74.02 -0.70 -11.62
N ALA IA 76 -74.08 -2.01 -11.34
CA ALA IA 76 -72.93 -2.89 -11.44
C ALA IA 76 -73.12 -3.83 -12.62
N ILE IA 77 -72.13 -3.88 -13.50
CA ILE IA 77 -72.18 -4.77 -14.66
C ILE IA 77 -71.72 -6.15 -14.21
N SER IA 78 -72.60 -7.14 -14.36
CA SER IA 78 -72.32 -8.49 -13.88
C SER IA 78 -71.53 -9.34 -14.86
N GLN IA 79 -71.38 -8.89 -16.11
CA GLN IA 79 -70.68 -9.67 -17.13
C GLN IA 79 -69.84 -8.71 -17.96
N ASN IA 80 -69.43 -9.16 -19.14
CA ASN IA 80 -68.67 -8.30 -20.04
C ASN IA 80 -69.49 -7.09 -20.46
N GLY IA 81 -68.87 -5.93 -20.44
CA GLY IA 81 -69.51 -4.69 -20.83
C GLY IA 81 -68.87 -3.51 -20.13
N PHE IA 82 -68.87 -2.37 -20.83
CA PHE IA 82 -68.29 -1.14 -20.32
C PHE IA 82 -69.21 0.04 -20.64
N PHE IA 83 -69.25 1.01 -19.73
CA PHE IA 83 -69.98 2.25 -19.97
C PHE IA 83 -69.16 3.17 -20.87
N ARG IA 84 -69.88 3.90 -21.71
CA ARG IA 84 -69.26 4.84 -22.65
C ARG IA 84 -69.47 6.27 -22.16
N LEU IA 85 -68.40 7.05 -22.16
CA LEU IA 85 -68.43 8.42 -21.69
C LEU IA 85 -67.90 9.34 -22.78
N VAL IA 86 -68.39 10.58 -22.80
CA VAL IA 86 -68.00 11.55 -23.81
C VAL IA 86 -67.37 12.74 -23.10
N ASP IA 87 -66.31 13.29 -23.68
CA ASP IA 87 -65.61 14.44 -23.13
C ASP IA 87 -66.13 15.73 -23.74
N SER IA 88 -65.89 16.83 -23.02
CA SER IA 88 -66.30 18.15 -23.52
C SER IA 88 -65.56 18.51 -24.80
N ASN IA 89 -64.33 18.03 -24.94
CA ASN IA 89 -63.53 18.31 -26.12
C ASN IA 89 -63.83 17.37 -27.29
N GLY IA 90 -64.73 16.41 -27.11
CA GLY IA 90 -65.08 15.47 -28.17
C GLY IA 90 -64.49 14.09 -28.02
N SER IA 91 -63.57 13.88 -27.09
CA SER IA 91 -63.00 12.56 -26.87
C SER IA 91 -64.02 11.66 -26.19
N VAL IA 92 -63.87 10.35 -26.39
CA VAL IA 92 -64.78 9.36 -25.83
C VAL IA 92 -63.95 8.33 -25.07
N PHE IA 93 -64.32 8.08 -23.82
CA PHE IA 93 -63.65 7.13 -22.95
C PHE IA 93 -64.60 6.00 -22.59
N TYR IA 94 -64.06 4.99 -21.90
CA TYR IA 94 -64.85 3.83 -21.48
C TYR IA 94 -64.49 3.51 -20.03
N SER IA 95 -65.50 3.28 -19.22
CA SER IA 95 -65.34 3.07 -17.79
C SER IA 95 -66.08 1.82 -17.35
N ARG IA 96 -65.88 1.45 -16.08
CA ARG IA 96 -66.43 0.22 -15.53
C ARG IA 96 -67.22 0.50 -14.27
N ASN IA 97 -66.88 1.57 -13.56
CA ASN IA 97 -67.55 1.91 -12.32
C ASN IA 97 -68.98 2.39 -12.60
N GLY IA 98 -69.79 2.41 -11.54
CA GLY IA 98 -71.18 2.81 -11.67
C GLY IA 98 -71.53 4.08 -10.93
N GLN IA 99 -70.51 4.82 -10.48
CA GLN IA 99 -70.75 6.07 -9.76
C GLN IA 99 -71.23 7.16 -10.71
N PHE IA 100 -72.53 7.42 -10.70
CA PHE IA 100 -73.15 8.41 -11.58
C PHE IA 100 -73.83 9.49 -10.76
N LYS IA 101 -73.88 10.69 -11.32
CA LYS IA 101 -74.57 11.80 -10.68
C LYS IA 101 -75.07 12.74 -11.76
N LEU IA 102 -76.04 13.57 -11.39
CA LEU IA 102 -76.60 14.55 -12.30
C LEU IA 102 -75.78 15.84 -12.26
N ASP IA 103 -75.75 16.54 -13.38
CA ASP IA 103 -75.00 17.78 -13.49
C ASP IA 103 -75.87 18.94 -13.00
N GLU IA 104 -75.33 20.15 -13.06
CA GLU IA 104 -76.12 21.33 -12.70
C GLU IA 104 -77.30 21.53 -13.64
N ASN IA 105 -77.12 21.18 -14.92
CA ASN IA 105 -78.17 21.29 -15.92
C ASN IA 105 -78.82 19.94 -16.21
N ARG IA 106 -78.90 19.07 -15.22
CA ARG IA 106 -79.59 17.78 -15.33
C ARG IA 106 -78.98 16.90 -16.42
N ASN IA 107 -77.68 16.67 -16.30
CA ASN IA 107 -76.96 15.76 -17.19
C ASN IA 107 -76.29 14.67 -16.36
N LEU IA 108 -76.46 13.43 -16.79
CA LEU IA 108 -75.81 12.32 -16.09
C LEU IA 108 -74.31 12.39 -16.29
N VAL IA 109 -73.55 12.28 -15.20
CA VAL IA 109 -72.11 12.45 -15.23
C VAL IA 109 -71.52 11.65 -14.07
N ASN IA 110 -70.29 11.19 -14.25
CA ASN IA 110 -69.58 10.49 -13.20
C ASN IA 110 -69.02 11.52 -12.21
N MET IA 111 -68.32 11.04 -11.19
CA MET IA 111 -67.78 11.95 -10.17
C MET IA 111 -66.60 12.76 -10.69
N GLN IA 112 -66.07 12.43 -11.86
CA GLN IA 112 -64.89 13.10 -12.40
C GLN IA 112 -65.25 14.18 -13.40
N GLY IA 113 -66.53 14.49 -13.57
CA GLY IA 113 -66.92 15.48 -14.55
C GLY IA 113 -66.91 14.99 -15.98
N MET IA 114 -66.90 13.69 -16.21
CA MET IA 114 -66.90 13.11 -17.55
C MET IA 114 -68.32 12.76 -17.94
N GLN IA 115 -68.79 13.35 -19.04
CA GLN IA 115 -70.20 13.24 -19.40
C GLN IA 115 -70.55 11.83 -19.88
N LEU IA 116 -71.60 11.27 -19.31
CA LEU IA 116 -72.10 9.96 -19.69
C LEU IA 116 -72.83 10.03 -21.03
N THR IA 117 -72.86 8.91 -21.74
CA THR IA 117 -73.55 8.80 -23.01
C THR IA 117 -74.79 7.91 -22.84
N GLY IA 118 -75.57 7.82 -23.90
CA GLY IA 118 -76.74 6.96 -23.88
C GLY IA 118 -77.50 7.05 -25.19
N TYR IA 119 -78.56 6.26 -25.28
CA TYR IA 119 -79.40 6.26 -26.46
C TYR IA 119 -80.29 7.50 -26.47
N PRO IA 120 -80.28 8.30 -27.54
CA PRO IA 120 -81.19 9.45 -27.59
C PRO IA 120 -82.64 9.01 -27.65
N ALA IA 121 -83.52 9.84 -27.08
CA ALA IA 121 -84.95 9.55 -27.02
C ALA IA 121 -85.69 10.55 -27.91
N THR IA 122 -86.46 10.03 -28.87
CA THR IA 122 -87.28 10.84 -29.76
C THR IA 122 -88.63 10.19 -29.94
N GLY IA 123 -89.62 11.00 -30.29
CA GLY IA 123 -90.95 10.52 -30.59
C GLY IA 123 -91.99 11.08 -29.63
N THR IA 124 -93.25 10.82 -29.98
CA THR IA 124 -94.41 11.21 -29.19
C THR IA 124 -95.34 10.00 -29.09
N PRO IA 125 -95.22 9.18 -28.05
CA PRO IA 125 -94.28 9.28 -26.91
C PRO IA 125 -92.84 8.95 -27.31
N PRO IA 126 -91.87 9.52 -26.60
CA PRO IA 126 -90.47 9.25 -26.92
C PRO IA 126 -90.14 7.77 -26.78
N THR IA 127 -89.27 7.29 -27.67
CA THR IA 127 -88.84 5.89 -27.64
C THR IA 127 -87.32 5.81 -27.74
N ILE IA 128 -86.80 4.60 -27.91
CA ILE IA 128 -85.36 4.37 -28.02
C ILE IA 128 -85.07 3.82 -29.40
N GLN IA 129 -84.12 4.44 -30.09
CA GLN IA 129 -83.72 4.02 -31.43
C GLN IA 129 -82.37 3.31 -31.35
N GLN IA 130 -82.33 2.07 -31.85
CA GLN IA 130 -81.09 1.30 -31.81
C GLN IA 130 -80.08 1.76 -32.85
N GLY IA 131 -80.52 2.46 -33.89
CA GLY IA 131 -79.63 2.91 -34.94
C GLY IA 131 -79.19 4.35 -34.79
N ALA IA 132 -79.73 5.04 -33.79
CA ALA IA 132 -79.40 6.44 -33.59
C ALA IA 132 -78.01 6.58 -32.96
N ASN IA 133 -77.38 7.72 -33.24
CA ASN IA 133 -76.07 8.00 -32.68
C ASN IA 133 -76.20 8.29 -31.19
N PRO IA 134 -75.46 7.60 -30.33
CA PRO IA 134 -75.56 7.85 -28.89
C PRO IA 134 -75.20 9.28 -28.53
N ALA IA 135 -75.93 9.83 -27.58
CA ALA IA 135 -75.80 11.22 -27.14
C ALA IA 135 -75.85 11.25 -25.62
N PRO IA 136 -75.32 12.32 -25.01
CA PRO IA 136 -75.41 12.44 -23.55
C PRO IA 136 -76.85 12.42 -23.08
N ILE IA 137 -77.09 11.72 -21.98
CA ILE IA 137 -78.43 11.53 -21.45
C ILE IA 137 -78.74 12.62 -20.44
N THR IA 138 -79.88 13.27 -20.61
CA THR IA 138 -80.30 14.37 -19.75
C THR IA 138 -81.64 14.03 -19.11
N ILE IA 139 -81.91 14.64 -17.95
CA ILE IA 139 -83.15 14.44 -17.23
C ILE IA 139 -83.79 15.79 -16.98
N PRO IA 140 -84.40 16.42 -17.99
CA PRO IA 140 -84.99 17.75 -17.78
C PRO IA 140 -86.17 17.70 -16.81
N ASN IA 141 -86.37 18.83 -16.12
CA ASN IA 141 -87.45 18.98 -15.15
C ASN IA 141 -88.68 19.66 -15.73
N THR IA 142 -88.66 19.99 -17.02
CA THR IA 142 -89.79 20.66 -17.63
C THR IA 142 -91.01 19.75 -17.67
N LEU IA 143 -92.18 20.32 -17.43
CA LEU IA 143 -93.42 19.55 -17.37
C LEU IA 143 -93.97 19.30 -18.77
N MET IA 144 -94.54 18.12 -18.96
CA MET IA 144 -95.11 17.75 -20.25
C MET IA 144 -96.48 18.38 -20.43
N ALA IA 145 -96.85 18.64 -21.68
CA ALA IA 145 -98.13 19.25 -21.99
C ALA IA 145 -99.24 18.20 -21.95
N ALA IA 146 -100.48 18.66 -22.08
CA ALA IA 146 -101.63 17.77 -22.04
C ALA IA 146 -101.66 16.88 -23.27
N LYS IA 147 -102.26 15.70 -23.11
CA LYS IA 147 -102.40 14.73 -24.19
C LYS IA 147 -103.86 14.63 -24.56
N SER IA 148 -104.17 14.85 -25.84
CA SER IA 148 -105.54 14.77 -26.32
C SER IA 148 -105.99 13.32 -26.40
N THR IA 149 -107.20 13.06 -25.93
CA THR IA 149 -107.75 11.71 -25.97
C THR IA 149 -108.21 11.39 -27.39
N THR IA 150 -107.67 10.32 -27.96
CA THR IA 150 -107.99 9.94 -29.33
C THR IA 150 -108.53 8.53 -29.46
N THR IA 151 -108.03 7.59 -28.65
CA THR IA 151 -108.47 6.20 -28.73
C THR IA 151 -108.73 5.69 -27.31
N ALA IA 152 -109.86 5.01 -27.14
CA ALA IA 152 -110.24 4.45 -25.85
C ALA IA 152 -110.92 3.10 -26.07
N SER IA 153 -110.86 2.25 -25.04
CA SER IA 153 -111.48 0.94 -25.10
C SER IA 153 -112.39 0.77 -23.90
N MET IA 154 -113.53 0.11 -24.12
CA MET IA 154 -114.49 -0.12 -23.05
C MET IA 154 -115.09 -1.51 -23.24
N GLN IA 155 -114.99 -2.35 -22.21
CA GLN IA 155 -115.52 -3.70 -22.23
C GLN IA 155 -116.54 -3.85 -21.13
N ILE IA 156 -117.73 -4.36 -21.48
CA ILE IA 156 -118.83 -4.54 -20.56
C ILE IA 156 -119.33 -5.97 -20.68
N ASN IA 157 -119.57 -6.60 -19.54
CA ASN IA 157 -120.19 -7.93 -19.51
C ASN IA 157 -121.70 -7.77 -19.58
N LEU IA 158 -122.32 -8.56 -20.46
CA LEU IA 158 -123.77 -8.53 -20.66
C LEU IA 158 -124.42 -9.74 -20.01
N ASN IA 159 -125.68 -9.56 -19.62
CA ASN IA 159 -126.47 -10.62 -19.03
C ASN IA 159 -127.63 -10.97 -19.96
N SER IA 160 -127.82 -12.26 -20.19
CA SER IA 160 -128.81 -12.72 -21.16
C SER IA 160 -130.22 -12.84 -20.60
N THR IA 161 -130.40 -12.72 -19.27
CA THR IA 161 -131.71 -12.81 -18.66
C THR IA 161 -132.16 -11.45 -18.11
N ASP IA 162 -131.60 -10.37 -18.64
CA ASP IA 162 -131.99 -9.03 -18.24
C ASP IA 162 -133.31 -8.66 -18.87
N PRO IA 163 -134.34 -8.34 -18.09
CA PRO IA 163 -135.65 -8.02 -18.68
C PRO IA 163 -135.61 -6.71 -19.46
N VAL IA 164 -136.49 -6.62 -20.45
CA VAL IA 164 -136.62 -5.39 -21.24
C VAL IA 164 -137.12 -4.27 -20.34
N PRO IA 165 -136.58 -3.05 -20.46
CA PRO IA 165 -137.07 -1.96 -19.61
C PRO IA 165 -138.55 -1.69 -19.80
N SER IA 166 -139.22 -1.36 -18.69
CA SER IA 166 -140.67 -1.10 -18.74
C SER IA 166 -140.97 0.23 -19.42
N LYS IA 167 -140.18 1.26 -19.12
CA LYS IA 167 -140.39 2.60 -19.67
C LYS IA 167 -139.64 2.69 -20.99
N THR IA 168 -140.36 2.61 -22.09
CA THR IA 168 -139.75 2.70 -23.41
C THR IA 168 -139.04 4.03 -23.66
N PRO IA 169 -139.61 5.20 -23.35
CA PRO IA 169 -138.87 6.45 -23.58
C PRO IA 169 -137.58 6.50 -22.79
N PHE IA 170 -136.54 7.05 -23.41
CA PHE IA 170 -135.23 7.16 -22.77
C PHE IA 170 -135.17 8.39 -21.89
N SER IA 171 -134.71 8.20 -20.65
CA SER IA 171 -134.60 9.28 -19.69
C SER IA 171 -133.22 9.26 -19.05
N VAL IA 172 -132.74 10.46 -18.69
CA VAL IA 172 -131.41 10.58 -18.11
C VAL IA 172 -131.42 10.43 -16.59
N SER IA 173 -132.47 10.90 -15.92
CA SER IA 173 -132.56 10.82 -14.47
C SER IA 173 -133.40 9.64 -13.99
N ASP IA 174 -133.77 8.72 -14.87
CA ASP IA 174 -134.57 7.56 -14.51
C ASP IA 174 -133.69 6.32 -14.47
N ALA IA 175 -133.80 5.55 -13.39
CA ALA IA 175 -132.96 4.37 -13.22
C ALA IA 175 -133.30 3.28 -14.20
N ASP IA 176 -134.58 2.94 -14.34
CA ASP IA 176 -134.99 1.84 -15.20
C ASP IA 176 -135.28 2.26 -16.63
N SER IA 177 -135.12 3.55 -16.96
CA SER IA 177 -135.25 3.96 -18.35
C SER IA 177 -134.17 3.31 -19.22
N TYR IA 178 -132.96 3.18 -18.70
CA TYR IA 178 -131.88 2.48 -19.34
C TYR IA 178 -131.45 1.31 -18.46
N ASN IA 179 -130.50 0.52 -18.94
CA ASN IA 179 -130.07 -0.68 -18.24
C ASN IA 179 -128.75 -0.50 -17.50
N LYS IA 180 -127.77 0.14 -18.13
CA LYS IA 180 -126.46 0.32 -17.53
C LYS IA 180 -126.02 1.77 -17.66
N LYS IA 181 -125.38 2.29 -16.61
CA LYS IA 181 -124.80 3.62 -16.64
C LYS IA 181 -123.33 3.55 -16.26
N GLY IA 182 -122.48 4.17 -17.08
CA GLY IA 182 -121.05 4.17 -16.82
C GLY IA 182 -120.45 5.53 -17.07
N THR IA 183 -119.29 5.75 -16.46
CA THR IA 183 -118.58 7.02 -16.55
C THR IA 183 -117.22 6.76 -17.19
N VAL IA 184 -116.92 7.51 -18.25
CA VAL IA 184 -115.64 7.43 -18.94
C VAL IA 184 -114.93 8.76 -18.77
N THR IA 185 -113.72 8.73 -18.24
CA THR IA 185 -112.95 9.96 -17.99
C THR IA 185 -111.98 10.18 -19.14
N VAL IA 186 -112.07 11.34 -19.78
CA VAL IA 186 -111.20 11.70 -20.89
C VAL IA 186 -110.65 13.10 -20.66
N TYR IA 187 -109.69 13.47 -21.50
CA TYR IA 187 -109.08 14.79 -21.45
C TYR IA 187 -108.96 15.37 -22.85
N ASP IA 188 -109.22 16.66 -22.96
CA ASP IA 188 -109.12 17.36 -24.24
C ASP IA 188 -107.68 17.81 -24.46
N SER IA 189 -107.47 18.66 -25.46
CA SER IA 189 -106.14 19.18 -25.73
C SER IA 189 -105.64 20.15 -24.67
N GLN IA 190 -106.52 20.65 -23.81
CA GLN IA 190 -106.13 21.55 -22.73
C GLN IA 190 -106.09 20.88 -21.37
N GLY IA 191 -106.26 19.56 -21.31
CA GLY IA 191 -106.17 18.83 -20.06
C GLY IA 191 -107.42 18.82 -19.21
N ASN IA 192 -108.50 19.44 -19.67
CA ASN IA 192 -109.74 19.44 -18.91
C ASN IA 192 -110.30 18.03 -18.80
N ALA IA 193 -110.78 17.69 -17.60
CA ALA IA 193 -111.30 16.36 -17.32
C ALA IA 193 -112.78 16.32 -17.67
N HIS IA 194 -113.13 15.56 -18.70
CA HIS IA 194 -114.51 15.39 -19.14
C HIS IA 194 -114.99 14.01 -18.75
N ASP IA 195 -116.09 13.95 -18.00
CA ASP IA 195 -116.73 12.69 -17.64
C ASP IA 195 -117.91 12.47 -18.56
N MET IA 196 -117.83 11.44 -19.39
CA MET IA 196 -118.88 11.09 -20.33
C MET IA 196 -119.74 9.98 -19.73
N ASN IA 197 -121.05 10.20 -19.74
CA ASN IA 197 -122.01 9.21 -19.28
C ASN IA 197 -122.41 8.35 -20.46
N VAL IA 198 -122.09 7.06 -20.38
CA VAL IA 198 -122.48 6.08 -21.39
C VAL IA 198 -123.64 5.28 -20.84
N TYR IA 199 -124.74 5.25 -21.59
CA TYR IA 199 -125.96 4.56 -21.18
C TYR IA 199 -126.21 3.38 -22.12
N PHE IA 200 -126.39 2.21 -21.53
CA PHE IA 200 -126.76 1.00 -22.26
C PHE IA 200 -128.24 0.73 -22.02
N VAL IA 201 -128.99 0.60 -23.10
CA VAL IA 201 -130.42 0.30 -23.02
C VAL IA 201 -130.71 -0.90 -23.92
N LYS IA 202 -131.78 -1.63 -23.62
CA LYS IA 202 -132.17 -2.81 -24.37
C LYS IA 202 -133.48 -2.54 -25.10
N THR IA 203 -133.47 -2.76 -26.42
CA THR IA 203 -134.65 -2.57 -27.25
C THR IA 203 -135.34 -3.88 -27.61
N LYS IA 204 -134.56 -4.92 -27.92
CA LYS IA 204 -135.11 -6.24 -28.23
C LYS IA 204 -134.11 -7.28 -27.76
N ASP IA 205 -134.33 -8.53 -28.17
CA ASP IA 205 -133.43 -9.61 -27.80
C ASP IA 205 -132.08 -9.45 -28.50
N ASN IA 206 -131.00 -9.64 -27.74
CA ASN IA 206 -129.63 -9.67 -28.25
C ASN IA 206 -129.23 -8.37 -28.94
N GLU IA 207 -129.85 -7.25 -28.60
CA GLU IA 207 -129.49 -5.95 -29.16
C GLU IA 207 -129.47 -4.91 -28.06
N TRP IA 208 -128.55 -3.95 -28.17
CA TRP IA 208 -128.42 -2.88 -27.21
C TRP IA 208 -128.19 -1.56 -27.94
N ALA IA 209 -128.50 -0.46 -27.25
CA ALA IA 209 -128.27 0.87 -27.77
C ALA IA 209 -127.45 1.66 -26.76
N VAL IA 210 -126.47 2.42 -27.26
CA VAL IA 210 -125.56 3.18 -26.41
C VAL IA 210 -125.84 4.67 -26.62
N TYR IA 211 -125.92 5.39 -25.51
CA TYR IA 211 -126.15 6.83 -25.51
C TYR IA 211 -124.96 7.52 -24.85
N THR IA 212 -124.54 8.63 -25.46
CA THR IA 212 -123.39 9.40 -24.99
C THR IA 212 -123.87 10.75 -24.47
N HIS IA 213 -123.46 11.09 -23.25
CA HIS IA 213 -123.84 12.37 -22.66
C HIS IA 213 -122.60 13.01 -22.05
N ASP IA 214 -122.55 14.34 -22.09
CA ASP IA 214 -121.44 15.09 -21.51
C ASP IA 214 -121.87 15.63 -20.15
N SER IA 215 -121.21 15.16 -19.10
CA SER IA 215 -121.54 15.59 -17.75
C SER IA 215 -120.73 16.81 -17.30
N SER IA 216 -119.48 16.91 -17.74
CA SER IA 216 -118.65 18.05 -17.38
C SER IA 216 -119.16 19.34 -17.98
N ASP IA 217 -119.94 19.28 -19.06
CA ASP IA 217 -120.47 20.45 -19.75
C ASP IA 217 -121.99 20.43 -19.65
N PRO IA 218 -122.57 21.19 -18.72
CA PRO IA 218 -124.04 21.20 -18.62
C PRO IA 218 -124.73 21.77 -19.85
N ALA IA 219 -124.03 22.56 -20.66
CA ALA IA 219 -124.64 23.13 -21.86
C ALA IA 219 -124.96 22.06 -22.90
N ALA IA 220 -124.35 20.89 -22.81
CA ALA IA 220 -124.63 19.82 -23.76
C ALA IA 220 -126.05 19.30 -23.59
N THR IA 221 -126.67 18.95 -24.70
CA THR IA 221 -128.05 18.49 -24.70
C THR IA 221 -128.12 17.03 -24.25
N ALA IA 222 -129.14 16.72 -23.45
CA ALA IA 222 -129.33 15.35 -22.98
C ALA IA 222 -129.63 14.43 -24.17
N PRO IA 223 -129.03 13.25 -24.21
CA PRO IA 223 -129.26 12.35 -25.34
C PRO IA 223 -130.65 11.72 -25.29
N THR IA 224 -131.29 11.66 -26.44
CA THR IA 224 -132.61 11.04 -26.56
C THR IA 224 -132.64 9.94 -27.61
N THR IA 225 -131.97 10.13 -28.74
CA THR IA 225 -131.92 9.13 -29.80
C THR IA 225 -130.67 8.27 -29.65
N ALA IA 226 -130.79 7.01 -30.03
CA ALA IA 226 -129.66 6.09 -29.92
C ALA IA 226 -128.53 6.51 -30.84
N SER IA 227 -127.41 6.92 -30.25
CA SER IA 227 -126.25 7.33 -31.04
C SER IA 227 -125.70 6.17 -31.85
N THR IA 228 -125.62 4.99 -31.24
CA THR IA 228 -125.15 3.79 -31.91
C THR IA 228 -125.82 2.58 -31.27
N THR IA 229 -125.82 1.47 -32.01
CA THR IA 229 -126.43 0.23 -31.54
C THR IA 229 -125.49 -0.94 -31.78
N LEU IA 230 -125.58 -1.93 -30.91
CA LEU IA 230 -124.81 -3.17 -31.01
C LEU IA 230 -125.77 -4.33 -31.17
N LYS IA 231 -125.54 -5.15 -32.20
CA LYS IA 231 -126.32 -6.36 -32.46
C LYS IA 231 -125.40 -7.55 -32.26
N PHE IA 232 -125.64 -8.31 -31.20
CA PHE IA 232 -124.83 -9.48 -30.89
C PHE IA 232 -125.36 -10.71 -31.62
N ASN IA 233 -124.45 -11.61 -31.95
CA ASN IA 233 -124.79 -12.84 -32.68
C ASN IA 233 -125.53 -13.79 -31.73
N GLU IA 234 -125.98 -14.93 -32.26
CA GLU IA 234 -126.70 -15.89 -31.43
C GLU IA 234 -125.82 -16.43 -30.32
N ASN IA 235 -124.53 -16.63 -30.60
CA ASN IA 235 -123.60 -17.13 -29.60
C ASN IA 235 -123.07 -16.05 -28.68
N GLY IA 236 -123.48 -14.79 -28.88
CA GLY IA 236 -123.09 -13.71 -28.01
C GLY IA 236 -121.77 -13.04 -28.35
N ILE IA 237 -121.17 -13.36 -29.50
CA ILE IA 237 -119.89 -12.79 -29.90
C ILE IA 237 -120.17 -11.69 -30.91
N LEU IA 238 -119.77 -10.47 -30.57
CA LEU IA 238 -119.93 -9.35 -31.48
C LEU IA 238 -118.96 -9.47 -32.65
N GLU IA 239 -119.42 -9.06 -33.83
CA GLU IA 239 -118.63 -9.16 -35.05
C GLU IA 239 -118.16 -7.81 -35.59
N SER IA 240 -118.97 -6.77 -35.50
CA SER IA 240 -118.60 -5.47 -36.07
C SER IA 240 -119.43 -4.39 -35.39
N GLY IA 241 -118.99 -3.14 -35.58
CA GLY IA 241 -119.70 -1.99 -35.05
C GLY IA 241 -119.22 -1.50 -33.70
N GLY IA 242 -118.05 -1.95 -33.23
CA GLY IA 242 -117.57 -1.58 -31.92
C GLY IA 242 -116.91 -0.22 -31.82
N THR IA 243 -116.48 0.36 -32.95
CA THR IA 243 -115.77 1.64 -32.95
C THR IA 243 -116.77 2.76 -33.14
N VAL IA 244 -116.86 3.65 -32.13
CA VAL IA 244 -117.77 4.79 -32.16
C VAL IA 244 -116.98 6.06 -31.93
N ASN IA 245 -117.18 7.05 -32.79
CA ASN IA 245 -116.51 8.34 -32.65
C ASN IA 245 -117.36 9.26 -31.79
N ILE IA 246 -116.77 9.75 -30.70
CA ILE IA 246 -117.47 10.61 -29.74
C ILE IA 246 -116.69 11.91 -29.61
N THR IA 247 -117.40 13.03 -29.68
CA THR IA 247 -116.81 14.35 -29.57
C THR IA 247 -117.19 14.98 -28.23
N THR IA 248 -116.22 15.68 -27.64
CA THR IA 248 -116.45 16.36 -26.37
C THR IA 248 -117.09 17.72 -26.62
N GLY IA 249 -117.38 18.43 -25.52
CA GLY IA 249 -117.95 19.75 -25.59
C GLY IA 249 -116.90 20.80 -25.26
N THR IA 250 -117.04 21.98 -25.86
CA THR IA 250 -116.09 23.06 -25.68
C THR IA 250 -116.48 23.92 -24.49
N ILE IA 251 -115.55 24.09 -23.55
CA ILE IA 251 -115.76 24.93 -22.38
C ILE IA 251 -114.51 25.77 -22.14
N ASN IA 252 -114.71 27.02 -21.73
CA ASN IA 252 -113.62 27.93 -21.41
C ASN IA 252 -112.68 28.13 -22.61
N GLY IA 253 -113.26 28.11 -23.81
CA GLY IA 253 -112.46 28.31 -25.01
C GLY IA 253 -111.53 27.16 -25.35
N ALA IA 254 -111.84 25.95 -24.88
CA ALA IA 254 -111.02 24.78 -25.15
C ALA IA 254 -111.64 23.97 -26.28
N THR IA 255 -110.81 23.59 -27.24
CA THR IA 255 -111.29 22.86 -28.42
C THR IA 255 -111.80 21.49 -28.01
N ALA IA 256 -112.87 21.05 -28.67
CA ALA IA 256 -113.45 19.74 -28.41
C ALA IA 256 -112.50 18.63 -28.83
N ALA IA 257 -112.59 17.51 -28.11
CA ALA IA 257 -111.76 16.34 -28.38
C ALA IA 257 -112.61 15.25 -29.02
N THR IA 258 -112.12 14.68 -30.12
CA THR IA 258 -112.78 13.60 -30.82
C THR IA 258 -112.00 12.31 -30.58
N PHE IA 259 -112.64 11.32 -29.99
CA PHE IA 259 -111.98 10.06 -29.66
C PHE IA 259 -112.85 8.89 -30.08
N SER IA 260 -112.19 7.81 -30.48
CA SER IA 260 -112.87 6.59 -30.90
C SER IA 260 -112.86 5.59 -29.76
N LEU IA 261 -114.05 5.20 -29.30
CA LEU IA 261 -114.22 4.21 -28.25
C LEU IA 261 -114.55 2.86 -28.89
N SER IA 262 -113.86 1.81 -28.46
CA SER IA 262 -114.01 0.48 -29.03
C SER IA 262 -114.63 -0.46 -28.01
N PHE IA 263 -115.73 -1.11 -28.40
CA PHE IA 263 -116.39 -2.12 -27.58
C PHE IA 263 -116.02 -3.53 -28.02
N LEU IA 264 -114.85 -3.70 -28.62
CA LEU IA 264 -114.44 -5.01 -29.11
C LEU IA 264 -114.22 -5.97 -27.94
N ASN IA 265 -114.37 -7.26 -28.23
CA ASN IA 265 -114.21 -8.33 -27.25
C ASN IA 265 -115.23 -8.18 -26.11
N SER IA 266 -116.50 -8.24 -26.49
CA SER IA 266 -117.61 -8.17 -25.55
C SER IA 266 -118.34 -9.51 -25.53
N MET IA 267 -118.90 -9.85 -24.36
CA MET IA 267 -119.59 -11.12 -24.17
C MET IA 267 -121.03 -10.87 -23.80
N GLN IA 268 -121.90 -11.80 -24.21
CA GLN IA 268 -123.33 -11.71 -23.94
C GLN IA 268 -123.84 -12.88 -23.11
N GLN IA 269 -123.00 -13.84 -22.75
CA GLN IA 269 -123.45 -14.97 -21.96
C GLN IA 269 -123.89 -14.52 -20.57
N ASN IA 270 -124.77 -15.29 -19.96
CA ASN IA 270 -125.35 -14.93 -18.67
C ASN IA 270 -124.29 -14.86 -17.57
N THR IA 271 -123.95 -13.63 -17.16
CA THR IA 271 -122.98 -13.41 -16.09
C THR IA 271 -123.65 -13.04 -14.77
N GLY IA 272 -124.97 -13.09 -14.71
CA GLY IA 272 -125.69 -12.76 -13.48
C GLY IA 272 -125.97 -11.28 -13.34
N ALA IA 273 -124.94 -10.50 -13.04
CA ALA IA 273 -125.10 -9.07 -12.85
C ALA IA 273 -124.04 -8.33 -13.66
N ASN IA 274 -124.41 -7.15 -14.16
CA ASN IA 274 -123.51 -6.35 -14.96
C ASN IA 274 -122.42 -5.74 -14.09
N ASN IA 275 -121.21 -5.68 -14.61
CA ASN IA 275 -120.08 -5.11 -13.88
C ASN IA 275 -119.11 -4.50 -14.87
N ILE IA 276 -118.30 -3.56 -14.38
CA ILE IA 276 -117.31 -2.87 -15.18
C ILE IA 276 -115.94 -3.44 -14.84
N VAL IA 277 -115.25 -3.97 -15.85
CA VAL IA 277 -113.95 -4.59 -15.65
C VAL IA 277 -112.85 -3.96 -16.50
N ALA IA 278 -113.18 -3.17 -17.51
CA ALA IA 278 -112.19 -2.57 -18.38
C ALA IA 278 -112.64 -1.20 -18.82
N THR IA 279 -111.78 -0.20 -18.61
CA THR IA 279 -112.02 1.16 -19.09
C THR IA 279 -110.69 1.89 -19.11
N ASN IA 280 -110.45 2.65 -20.17
CA ASN IA 280 -109.18 3.37 -20.30
C ASN IA 280 -109.33 4.48 -21.32
N GLN IA 281 -108.37 5.41 -21.31
CA GLN IA 281 -108.26 6.45 -22.30
C GLN IA 281 -106.79 6.76 -22.54
N ASN IA 282 -106.49 7.24 -23.74
CA ASN IA 282 -105.11 7.53 -24.12
C ASN IA 282 -104.69 8.96 -23.79
N GLY IA 283 -105.60 9.79 -23.31
CA GLY IA 283 -105.31 11.17 -22.95
C GLY IA 283 -105.16 11.31 -21.45
N TYR IA 284 -104.18 12.10 -21.02
CA TYR IA 284 -103.92 12.31 -19.61
C TYR IA 284 -103.70 13.79 -19.34
N LYS IA 285 -103.98 14.20 -18.12
CA LYS IA 285 -103.73 15.57 -17.70
C LYS IA 285 -102.23 15.84 -17.68
N PRO IA 286 -101.82 17.08 -17.96
CA PRO IA 286 -100.39 17.41 -17.88
C PRO IA 286 -99.87 17.26 -16.45
N GLY IA 287 -98.62 16.80 -16.34
CA GLY IA 287 -98.01 16.58 -15.06
C GLY IA 287 -96.58 17.08 -15.02
N ASP IA 288 -95.99 17.02 -13.83
CA ASP IA 288 -94.63 17.49 -13.60
C ASP IA 288 -93.78 16.34 -13.10
N LEU IA 289 -92.47 16.46 -13.33
CA LEU IA 289 -91.54 15.40 -12.95
C LEU IA 289 -91.55 15.18 -11.44
N VAL IA 290 -91.62 13.91 -11.05
CA VAL IA 290 -91.66 13.51 -9.64
C VAL IA 290 -90.40 12.76 -9.24
N SER IA 291 -90.15 11.61 -9.88
CA SER IA 291 -88.98 10.82 -9.58
C SER IA 291 -88.57 10.05 -10.83
N TYR IA 292 -87.31 9.64 -10.88
CA TYR IA 292 -86.76 8.89 -11.99
C TYR IA 292 -85.94 7.72 -11.48
N GLN IA 293 -85.86 6.68 -12.30
CA GLN IA 293 -85.10 5.49 -11.94
C GLN IA 293 -84.63 4.80 -13.22
N ILE IA 294 -83.82 3.77 -13.04
CA ILE IA 294 -83.24 3.00 -14.14
C ILE IA 294 -83.66 1.55 -13.97
N ASN IA 295 -84.11 0.94 -15.06
CA ASN IA 295 -84.50 -0.46 -15.04
C ASN IA 295 -83.30 -1.36 -15.31
N ASN IA 296 -83.51 -2.67 -15.13
CA ASN IA 296 -82.47 -3.63 -15.46
C ASN IA 296 -82.17 -3.66 -16.96
N ASP IA 297 -83.10 -3.19 -17.79
CA ASP IA 297 -82.87 -3.12 -19.23
C ASP IA 297 -82.00 -1.94 -19.64
N GLY IA 298 -81.79 -0.97 -18.75
CA GLY IA 298 -80.93 0.15 -19.02
C GLY IA 298 -81.64 1.44 -19.34
N THR IA 299 -82.93 1.40 -19.65
CA THR IA 299 -83.66 2.61 -19.94
C THR IA 299 -83.94 3.39 -18.66
N VAL IA 300 -84.13 4.70 -18.80
CA VAL IA 300 -84.43 5.58 -17.68
C VAL IA 300 -85.91 5.93 -17.75
N VAL IA 301 -86.64 5.65 -16.68
CA VAL IA 301 -88.08 5.87 -16.61
C VAL IA 301 -88.34 6.89 -15.50
N GLY IA 302 -89.07 7.94 -15.83
CA GLY IA 302 -89.39 9.00 -14.89
C GLY IA 302 -90.86 8.95 -14.50
N ASN IA 303 -91.11 8.94 -13.19
CA ASN IA 303 -92.46 8.97 -12.68
C ASN IA 303 -93.06 10.37 -12.80
N TYR IA 304 -94.38 10.43 -12.81
CA TYR IA 304 -95.09 11.70 -12.89
C TYR IA 304 -96.34 11.62 -12.01
N SER IA 305 -96.85 12.80 -11.65
CA SER IA 305 -97.99 12.90 -10.74
C SER IA 305 -99.29 12.36 -11.35
N ASN IA 306 -99.34 12.17 -12.66
CA ASN IA 306 -100.55 11.74 -13.33
C ASN IA 306 -100.45 10.29 -13.80
N GLU IA 307 -99.70 9.48 -13.05
CA GLU IA 307 -99.52 8.05 -13.35
C GLU IA 307 -99.02 7.83 -14.77
N GLN IA 308 -98.06 8.66 -15.18
CA GLN IA 308 -97.50 8.59 -16.52
C GLN IA 308 -96.01 8.30 -16.43
N GLU IA 309 -95.53 7.41 -17.29
CA GLU IA 309 -94.13 7.02 -17.33
C GLU IA 309 -93.55 7.39 -18.68
N GLN IA 310 -92.38 8.02 -18.66
CA GLN IA 310 -91.68 8.42 -19.87
C GLN IA 310 -90.25 7.89 -19.84
N VAL IA 311 -89.73 7.57 -21.02
CA VAL IA 311 -88.38 7.05 -21.18
C VAL IA 311 -87.53 8.12 -21.85
N LEU IA 312 -86.41 8.45 -21.23
CA LEU IA 312 -85.52 9.50 -21.71
C LEU IA 312 -84.29 8.94 -22.40
N GLY IA 313 -84.26 7.64 -22.66
CA GLY IA 313 -83.14 7.00 -23.33
C GLY IA 313 -82.71 5.75 -22.61
N GLN IA 314 -81.67 5.13 -23.16
CA GLN IA 314 -81.10 3.91 -22.60
C GLN IA 314 -79.59 4.02 -22.58
N ILE IA 315 -78.98 3.47 -21.52
CA ILE IA 315 -77.53 3.49 -21.42
C ILE IA 315 -76.93 2.44 -22.36
N VAL IA 316 -75.96 2.86 -23.15
CA VAL IA 316 -75.32 1.98 -24.13
C VAL IA 316 -74.18 1.23 -23.45
N LEU IA 317 -73.87 0.06 -23.99
CA LEU IA 317 -72.72 -0.72 -23.55
C LEU IA 317 -71.82 -1.01 -24.74
N ALA IA 318 -70.52 -1.02 -24.47
CA ALA IA 318 -69.51 -1.27 -25.50
C ALA IA 318 -68.67 -2.47 -25.11
N ASN IA 319 -68.57 -3.44 -26.01
CA ASN IA 319 -67.72 -4.60 -25.83
C ASN IA 319 -66.59 -4.57 -26.85
N PHE IA 320 -65.38 -4.82 -26.39
CA PHE IA 320 -64.20 -4.77 -27.22
C PHE IA 320 -63.80 -6.18 -27.66
N ALA IA 321 -63.41 -6.30 -28.92
CA ALA IA 321 -62.97 -7.59 -29.44
C ALA IA 321 -61.73 -8.10 -28.71
N ASN IA 322 -60.94 -7.20 -28.12
CA ASN IA 322 -59.74 -7.59 -27.40
C ASN IA 322 -59.55 -6.67 -26.22
N ASN IA 323 -59.57 -7.21 -25.02
CA ASN IA 323 -59.25 -6.45 -23.83
C ASN IA 323 -57.73 -6.32 -23.73
N GLU IA 324 -57.23 -5.86 -22.58
CA GLU IA 324 -55.81 -5.66 -22.31
C GLU IA 324 -55.14 -4.74 -23.34
N GLY IA 325 -55.93 -4.05 -24.16
CA GLY IA 325 -55.40 -3.07 -25.09
C GLY IA 325 -55.92 -1.70 -24.75
N LEU IA 326 -56.81 -1.64 -23.77
CA LEU IA 326 -57.39 -0.38 -23.30
C LEU IA 326 -56.39 0.30 -22.38
N ALA IA 327 -55.70 1.30 -22.89
CA ALA IA 327 -54.76 2.05 -22.06
C ALA IA 327 -55.51 2.91 -21.07
N SER IA 328 -55.18 2.77 -19.79
CA SER IA 328 -55.82 3.55 -18.75
C SER IA 328 -55.41 5.02 -18.86
N GLN IA 329 -56.36 5.91 -18.62
CA GLN IA 329 -56.14 7.35 -18.75
C GLN IA 329 -56.50 8.02 -17.43
N GLY IA 330 -55.49 8.25 -16.59
CA GLY IA 330 -55.70 8.94 -15.34
C GLY IA 330 -56.70 8.25 -14.44
N ASP IA 331 -57.89 8.82 -14.33
CA ASP IA 331 -58.95 8.26 -13.50
C ASP IA 331 -59.41 6.92 -14.09
N ASN IA 332 -60.36 6.29 -13.39
CA ASN IA 332 -60.75 4.93 -13.77
C ASN IA 332 -61.56 4.92 -15.05
N VAL IA 333 -60.91 5.28 -16.16
CA VAL IA 333 -61.49 5.16 -17.50
C VAL IA 333 -60.44 4.57 -18.43
N TRP IA 334 -60.92 4.01 -19.54
CA TRP IA 334 -60.06 3.38 -20.53
C TRP IA 334 -60.34 3.98 -21.90
N ALA IA 335 -59.27 4.13 -22.68
CA ALA IA 335 -59.36 4.67 -24.03
C ALA IA 335 -59.01 3.58 -25.03
N ALA IA 336 -59.91 3.35 -25.97
CA ALA IA 336 -59.67 2.34 -27.00
C ALA IA 336 -58.59 2.81 -27.96
N THR IA 337 -57.90 1.85 -28.56
CA THR IA 337 -56.83 2.12 -29.50
C THR IA 337 -56.63 0.89 -30.38
N GLN IA 338 -55.48 0.82 -31.04
CA GLN IA 338 -55.15 -0.35 -31.83
C GLN IA 338 -55.05 -1.58 -30.94
N ALA IA 339 -55.34 -2.74 -31.53
CA ALA IA 339 -55.35 -4.03 -30.84
C ALA IA 339 -56.38 -4.07 -29.71
N SER IA 340 -57.29 -3.10 -29.68
CA SER IA 340 -58.39 -3.11 -28.74
C SER IA 340 -59.76 -3.08 -29.41
N GLY IA 341 -59.82 -2.90 -30.73
CA GLY IA 341 -61.06 -2.97 -31.46
C GLY IA 341 -61.88 -1.70 -31.33
N VAL IA 342 -62.92 -1.63 -32.15
CA VAL IA 342 -63.89 -0.54 -32.08
C VAL IA 342 -64.77 -0.77 -30.87
N ALA IA 343 -65.54 0.25 -30.49
CA ALA IA 343 -66.36 0.16 -29.29
C ALA IA 343 -67.38 -0.97 -29.40
N LEU IA 344 -68.00 -1.12 -30.58
CA LEU IA 344 -69.02 -2.12 -30.81
C LEU IA 344 -70.17 -1.96 -29.81
N LEU IA 345 -70.89 -0.85 -29.97
CA LEU IA 345 -71.96 -0.51 -29.06
C LEU IA 345 -73.08 -1.56 -29.10
N GLY IA 346 -73.70 -1.77 -27.96
CA GLY IA 346 -74.75 -2.74 -27.84
C GLY IA 346 -75.73 -2.37 -26.76
N THR IA 347 -76.50 -3.37 -26.33
CA THR IA 347 -77.53 -3.18 -25.32
C THR IA 347 -77.39 -4.25 -24.25
N ALA IA 348 -77.76 -3.89 -23.02
CA ALA IA 348 -77.62 -4.78 -21.87
C ALA IA 348 -78.59 -5.95 -21.90
N GLY IA 349 -79.56 -5.94 -22.80
CA GLY IA 349 -80.57 -6.99 -22.85
C GLY IA 349 -80.02 -8.39 -23.04
N SER IA 350 -79.45 -8.67 -24.20
CA SER IA 350 -78.98 -10.02 -24.51
C SER IA 350 -77.86 -9.95 -25.53
N GLY IA 351 -77.14 -11.06 -25.67
CA GLY IA 351 -76.01 -11.13 -26.56
C GLY IA 351 -74.70 -11.32 -25.83
N ASN IA 352 -73.70 -10.51 -26.16
CA ASN IA 352 -72.41 -10.55 -25.47
C ASN IA 352 -72.40 -9.70 -24.21
N PHE IA 353 -73.46 -8.94 -23.96
CA PHE IA 353 -73.51 -8.01 -22.83
C PHE IA 353 -74.39 -8.60 -21.73
N GLY IA 354 -73.89 -8.53 -20.50
CA GLY IA 354 -74.64 -9.02 -19.36
C GLY IA 354 -75.69 -8.03 -18.90
N LYS IA 355 -76.42 -8.44 -17.88
CA LYS IA 355 -77.48 -7.62 -17.30
C LYS IA 355 -76.92 -6.82 -16.12
N LEU IA 356 -77.43 -5.61 -15.95
CA LEU IA 356 -76.96 -4.70 -14.92
C LEU IA 356 -77.66 -5.01 -13.60
N THR IA 357 -77.42 -4.19 -12.59
CA THR IA 357 -78.07 -4.35 -11.29
C THR IA 357 -78.23 -2.98 -10.66
N ASN IA 358 -79.47 -2.55 -10.46
CA ASN IA 358 -79.73 -1.23 -9.90
C ASN IA 358 -79.33 -1.17 -8.43
N GLY IA 359 -78.78 -0.03 -8.04
CA GLY IA 359 -78.38 0.15 -6.65
C GLY IA 359 -77.29 -0.79 -6.19
N ALA IA 360 -76.28 -1.01 -7.02
CA ALA IA 360 -75.21 -1.94 -6.68
C ALA IA 360 -73.92 -1.48 -7.33
N LEU IA 361 -72.81 -1.95 -6.76
CA LEU IA 361 -71.47 -1.63 -7.27
C LEU IA 361 -70.59 -2.85 -7.12
N GLU IA 362 -69.52 -2.90 -7.91
CA GLU IA 362 -68.58 -4.01 -7.92
C GLU IA 362 -67.34 -3.67 -7.11
N ALA IA 363 -66.69 -4.70 -6.59
CA ALA IA 363 -65.52 -4.53 -5.74
C ALA IA 363 -64.28 -4.30 -6.61
N SER IA 364 -63.11 -4.30 -5.97
CA SER IA 364 -61.85 -4.03 -6.65
C SER IA 364 -61.14 -5.29 -7.12
N ASN IA 365 -61.71 -6.47 -6.86
CA ASN IA 365 -61.13 -7.77 -7.24
C ASN IA 365 -59.64 -7.86 -6.91
N VAL IA 366 -59.23 -7.27 -5.79
CA VAL IA 366 -57.86 -7.33 -5.30
C VAL IA 366 -57.88 -7.96 -3.92
N ASP IA 367 -57.08 -9.00 -3.72
CA ASP IA 367 -56.98 -9.70 -2.45
C ASP IA 367 -55.58 -9.52 -1.89
N LEU IA 368 -55.50 -9.11 -0.62
CA LEU IA 368 -54.21 -8.80 -0.02
C LEU IA 368 -53.36 -10.04 0.21
N SER IA 369 -54.01 -11.20 0.43
CA SER IA 369 -53.26 -12.42 0.67
C SER IA 369 -52.40 -12.80 -0.53
N LYS IA 370 -52.96 -12.67 -1.73
CA LYS IA 370 -52.19 -12.95 -2.93
C LYS IA 370 -51.15 -11.88 -3.23
N GLU IA 371 -51.24 -10.72 -2.59
CA GLU IA 371 -50.30 -9.65 -2.85
C GLU IA 371 -49.09 -9.68 -1.93
N LEU IA 372 -49.29 -10.03 -0.65
CA LEU IA 372 -48.18 -9.97 0.30
C LEU IA 372 -47.08 -10.98 -0.05
N VAL IA 373 -47.47 -12.20 -0.43
CA VAL IA 373 -46.47 -13.21 -0.77
C VAL IA 373 -45.71 -12.81 -2.02
N ASN IA 374 -46.40 -12.27 -3.02
CA ASN IA 374 -45.73 -11.78 -4.22
C ASN IA 374 -44.78 -10.65 -3.88
N MET IA 375 -45.16 -9.78 -2.96
CA MET IA 375 -44.26 -8.71 -2.52
C MET IA 375 -43.00 -9.27 -1.89
N ILE IA 376 -43.14 -10.28 -1.03
CA ILE IA 376 -41.98 -10.89 -0.39
C ILE IA 376 -41.06 -11.52 -1.44
N VAL IA 377 -41.65 -12.24 -2.40
CA VAL IA 377 -40.84 -12.89 -3.43
C VAL IA 377 -40.10 -11.85 -4.28
N ALA IA 378 -40.80 -10.76 -4.64
CA ALA IA 378 -40.16 -9.71 -5.42
C ALA IA 378 -39.02 -9.06 -4.66
N GLN IA 379 -39.20 -8.84 -3.35
CA GLN IA 379 -38.12 -8.29 -2.55
C GLN IA 379 -36.91 -9.22 -2.54
N ARG IA 380 -37.14 -10.53 -2.42
CA ARG IA 380 -36.03 -11.47 -2.43
C ARG IA 380 -35.31 -11.46 -3.78
N ASN IA 381 -36.06 -11.39 -4.88
CA ASN IA 381 -35.42 -11.31 -6.19
C ASN IA 381 -34.58 -10.06 -6.34
N TYR IA 382 -35.10 -8.92 -5.86
CA TYR IA 382 -34.34 -7.68 -5.92
C TYR IA 382 -33.05 -7.79 -5.12
N GLN IA 383 -33.13 -8.38 -3.93
CA GLN IA 383 -31.92 -8.54 -3.12
C GLN IA 383 -30.91 -9.45 -3.82
N SER IA 384 -31.39 -10.50 -4.49
CA SER IA 384 -30.48 -11.37 -5.23
C SER IA 384 -29.77 -10.62 -6.34
N ASN IA 385 -30.52 -9.80 -7.09
CA ASN IA 385 -29.89 -9.02 -8.15
C ASN IA 385 -28.87 -8.02 -7.59
N ALA IA 386 -29.19 -7.41 -6.45
CA ALA IA 386 -28.23 -6.53 -5.80
C ALA IA 386 -26.96 -7.28 -5.39
N GLN IA 387 -27.10 -8.50 -4.90
CA GLN IA 387 -25.92 -9.31 -4.58
C GLN IA 387 -25.10 -9.60 -5.83
N THR IA 388 -25.76 -9.85 -6.96
CA THR IA 388 -25.02 -10.04 -8.20
C THR IA 388 -24.22 -8.80 -8.58
N ILE IA 389 -24.84 -7.63 -8.47
CA ILE IA 389 -24.14 -6.40 -8.80
C ILE IA 389 -22.96 -6.19 -7.86
N LYS IA 390 -23.14 -6.54 -6.58
CA LYS IA 390 -22.06 -6.35 -5.61
C LYS IA 390 -20.88 -7.28 -5.91
N THR IA 391 -21.16 -8.54 -6.26
CA THR IA 391 -20.06 -9.43 -6.60
C THR IA 391 -19.36 -9.01 -7.88
N GLN IA 392 -20.11 -8.47 -8.85
CA GLN IA 392 -19.46 -7.93 -10.04
C GLN IA 392 -18.54 -6.76 -9.70
N ASP IA 393 -19.01 -5.85 -8.84
CA ASP IA 393 -18.19 -4.73 -8.43
C ASP IA 393 -16.91 -5.18 -7.72
N GLN IA 394 -17.04 -6.13 -6.79
CA GLN IA 394 -15.86 -6.60 -6.07
C GLN IA 394 -14.88 -7.29 -7.01
N ILE IA 395 -15.39 -8.10 -7.94
CA ILE IA 395 -14.52 -8.79 -8.88
C ILE IA 395 -13.81 -7.78 -9.79
N LEU IA 396 -14.48 -6.69 -10.13
CA LEU IA 396 -13.82 -5.67 -10.95
C LEU IA 396 -12.78 -4.89 -10.14
N ASN IA 397 -13.09 -4.59 -8.89
CA ASN IA 397 -12.14 -3.84 -8.06
C ASN IA 397 -10.87 -4.64 -7.82
N THR IA 398 -11.00 -5.96 -7.61
CA THR IA 398 -9.83 -6.80 -7.44
C THR IA 398 -8.91 -6.72 -8.65
N LEU IA 399 -9.49 -6.74 -9.85
CA LEU IA 399 -8.70 -6.60 -11.06
C LEU IA 399 -8.11 -5.21 -11.22
N VAL IA 400 -8.83 -4.18 -10.78
CA VAL IA 400 -8.31 -2.81 -10.89
C VAL IA 400 -7.06 -2.64 -10.03
N ASN IA 401 -7.15 -3.05 -8.76
CA ASN IA 401 -6.01 -2.91 -7.87
C ASN IA 401 -4.83 -3.74 -8.36
N LEU IA 402 -4.98 -5.06 -8.33
CA LEU IA 402 -4.01 -6.00 -8.88
C LEU IA 402 -2.58 -5.71 -8.43
N SER JA 2 -12.44 -27.12 0.25
CA SER JA 2 -13.33 -27.67 -0.76
C SER JA 2 -14.79 -27.46 -0.40
N PHE JA 3 -15.56 -26.92 -1.33
CA PHE JA 3 -16.97 -26.66 -1.12
C PHE JA 3 -17.85 -27.88 -1.42
N SER JA 4 -17.26 -28.99 -1.85
CA SER JA 4 -18.04 -30.15 -2.26
C SER JA 4 -18.84 -30.77 -1.12
N GLN JA 5 -18.46 -30.49 0.14
CA GLN JA 5 -19.16 -31.04 1.29
C GLN JA 5 -20.23 -30.11 1.83
N ALA JA 6 -19.96 -28.80 1.84
CA ALA JA 6 -20.97 -27.86 2.32
C ALA JA 6 -22.12 -27.72 1.33
N VAL JA 7 -21.80 -27.69 0.03
CA VAL JA 7 -22.85 -27.53 -0.99
C VAL JA 7 -23.80 -28.71 -0.96
N SER JA 8 -23.26 -29.92 -0.83
CA SER JA 8 -24.11 -31.10 -0.75
C SER JA 8 -25.01 -31.06 0.48
N GLY JA 9 -24.46 -30.62 1.61
CA GLY JA 9 -25.29 -30.49 2.80
C GLY JA 9 -26.40 -29.47 2.63
N LEU JA 10 -26.10 -28.34 1.98
CA LEU JA 10 -27.13 -27.35 1.71
C LEU JA 10 -28.22 -27.93 0.82
N ASN JA 11 -27.82 -28.67 -0.22
CA ASN JA 11 -28.81 -29.27 -1.11
C ASN JA 11 -29.68 -30.28 -0.36
N ALA JA 12 -29.07 -31.10 0.49
CA ALA JA 12 -29.84 -32.08 1.24
C ALA JA 12 -30.81 -31.42 2.21
N ALA JA 13 -30.35 -30.38 2.90
CA ALA JA 13 -31.24 -29.67 3.82
C ALA JA 13 -32.39 -29.01 3.07
N ALA JA 14 -32.09 -28.41 1.91
CA ALA JA 14 -33.15 -27.80 1.11
C ALA JA 14 -34.15 -28.84 0.63
N THR JA 15 -33.66 -30.02 0.23
CA THR JA 15 -34.56 -31.08 -0.22
C THR JA 15 -35.46 -31.54 0.92
N ASN JA 16 -34.89 -31.73 2.11
CA ASN JA 16 -35.70 -32.15 3.25
C ASN JA 16 -36.74 -31.08 3.61
N LEU JA 17 -36.33 -29.81 3.56
CA LEU JA 17 -37.27 -28.73 3.84
C LEU JA 17 -38.39 -28.68 2.81
N ASP JA 18 -38.06 -28.90 1.54
CA ASP JA 18 -39.08 -28.94 0.50
C ASP JA 18 -40.05 -30.09 0.73
N VAL JA 19 -39.53 -31.25 1.13
CA VAL JA 19 -40.39 -32.39 1.42
C VAL JA 19 -41.34 -32.06 2.57
N ILE JA 20 -40.81 -31.45 3.63
CA ILE JA 20 -41.65 -31.09 4.77
C ILE JA 20 -42.72 -30.09 4.36
N GLY JA 21 -42.33 -29.10 3.55
CA GLY JA 21 -43.30 -28.12 3.08
C GLY JA 21 -44.37 -28.73 2.20
N ASN JA 22 -44.00 -29.66 1.33
CA ASN JA 22 -44.99 -30.34 0.50
C ASN JA 22 -45.94 -31.16 1.37
N ASN JA 23 -45.41 -31.84 2.38
CA ASN JA 23 -46.26 -32.67 3.25
C ASN JA 23 -47.24 -31.80 4.03
N ILE JA 24 -46.77 -30.69 4.59
CA ILE JA 24 -47.67 -29.85 5.37
C ILE JA 24 -48.67 -29.14 4.45
N ALA JA 25 -48.24 -28.80 3.23
CA ALA JA 25 -49.12 -28.11 2.30
C ALA JA 25 -50.22 -29.02 1.79
N ASN JA 26 -49.92 -30.31 1.62
CA ASN JA 26 -50.87 -31.28 1.09
C ASN JA 26 -51.78 -31.86 2.16
N SER JA 27 -51.93 -31.18 3.30
CA SER JA 27 -52.87 -31.63 4.30
C SER JA 27 -54.29 -31.53 3.78
N ALA JA 28 -55.18 -32.33 4.36
CA ALA JA 28 -56.59 -32.47 4.00
C ALA JA 28 -56.79 -33.08 2.61
N THR JA 29 -55.72 -33.48 1.93
CA THR JA 29 -55.86 -34.20 0.67
C THR JA 29 -56.18 -35.66 0.96
N TYR JA 30 -57.37 -36.10 0.55
CA TYR JA 30 -57.85 -37.41 0.96
C TYR JA 30 -56.98 -38.54 0.44
N GLY JA 31 -56.61 -38.48 -0.84
CA GLY JA 31 -55.80 -39.54 -1.42
C GLY JA 31 -54.31 -39.24 -1.38
N PHE JA 32 -53.81 -38.85 -0.21
CA PHE JA 32 -52.42 -38.42 -0.07
C PHE JA 32 -51.72 -39.26 0.98
N LYS JA 33 -50.47 -39.63 0.68
CA LYS JA 33 -49.61 -40.34 1.62
C LYS JA 33 -48.35 -39.51 1.85
N SER JA 34 -48.05 -39.23 3.11
CA SER JA 34 -46.91 -38.38 3.43
C SER JA 34 -45.60 -39.05 3.05
N GLY JA 35 -44.63 -38.24 2.66
CA GLY JA 35 -43.34 -38.74 2.24
C GLY JA 35 -42.20 -38.30 3.14
N THR JA 36 -41.10 -39.04 3.11
CA THR JA 36 -39.94 -38.74 3.93
C THR JA 36 -38.68 -38.85 3.09
N ALA JA 37 -37.62 -38.19 3.53
CA ALA JA 37 -36.35 -38.17 2.83
C ALA JA 37 -35.30 -38.98 3.58
N SER JA 38 -34.51 -39.75 2.83
CA SER JA 38 -33.44 -40.56 3.39
C SER JA 38 -32.14 -40.22 2.68
N PHE JA 39 -31.07 -40.03 3.46
CA PHE JA 39 -29.77 -39.65 2.92
C PHE JA 39 -28.78 -40.80 3.09
N ALA JA 40 -27.61 -40.62 2.48
CA ALA JA 40 -26.53 -41.58 2.62
C ALA JA 40 -25.21 -40.88 2.37
N ASP JA 41 -24.20 -41.21 3.18
CA ASP JA 41 -22.90 -40.58 3.07
C ASP JA 41 -22.20 -41.03 1.79
N MET JA 42 -21.09 -40.36 1.48
CA MET JA 42 -20.29 -40.68 0.31
C MET JA 42 -18.82 -40.72 0.67
N PHE JA 43 -18.12 -41.74 0.16
CA PHE JA 43 -16.69 -41.90 0.40
C PHE JA 43 -16.06 -42.36 -0.93
N ALA JA 44 -15.45 -41.42 -1.64
CA ALA JA 44 -14.84 -41.76 -2.92
C ALA JA 44 -13.38 -42.17 -2.75
N GLY JA 45 -12.64 -41.44 -1.90
CA GLY JA 45 -11.24 -41.75 -1.69
C GLY JA 45 -11.04 -42.67 -0.50
N SER JA 46 -10.48 -42.13 0.59
CA SER JA 46 -10.29 -42.92 1.80
C SER JA 46 -10.23 -42.00 3.00
N LYS JA 47 -10.92 -42.40 4.06
CA LYS JA 47 -10.87 -41.80 5.39
C LYS JA 47 -11.35 -40.35 5.43
N VAL JA 48 -11.95 -39.86 4.35
CA VAL JA 48 -12.52 -38.52 4.33
C VAL JA 48 -13.87 -38.58 3.61
N GLY JA 49 -14.87 -37.93 4.20
CA GLY JA 49 -16.19 -37.90 3.60
C GLY JA 49 -16.28 -36.90 2.47
N LEU JA 50 -17.31 -37.06 1.65
CA LEU JA 50 -17.56 -36.18 0.51
C LEU JA 50 -19.01 -35.72 0.51
N GLY JA 51 -19.48 -35.27 1.66
CA GLY JA 51 -20.85 -34.81 1.77
C GLY JA 51 -21.83 -35.96 1.82
N VAL JA 52 -23.07 -35.64 1.46
CA VAL JA 52 -24.17 -36.60 1.47
C VAL JA 52 -24.85 -36.61 0.11
N LYS JA 53 -25.61 -37.67 -0.14
CA LYS JA 53 -26.45 -37.77 -1.31
C LYS JA 53 -27.81 -38.32 -0.90
N VAL JA 54 -28.86 -37.78 -1.51
CA VAL JA 54 -30.21 -38.24 -1.22
C VAL JA 54 -30.44 -39.60 -1.86
N ALA JA 55 -30.85 -40.57 -1.06
CA ALA JA 55 -31.09 -41.91 -1.55
C ALA JA 55 -32.45 -42.07 -2.20
N GLY JA 56 -33.29 -41.04 -2.18
CA GLY JA 56 -34.62 -41.14 -2.75
C GLY JA 56 -35.70 -40.96 -1.71
N ILE JA 57 -36.72 -40.18 -2.04
CA ILE JA 57 -37.80 -39.90 -1.10
C ILE JA 57 -38.72 -41.11 -1.02
N THR JA 58 -38.93 -41.62 0.17
CA THR JA 58 -39.87 -42.70 0.43
C THR JA 58 -41.16 -42.14 1.03
N GLN JA 59 -42.24 -42.89 0.82
CA GLN JA 59 -43.56 -42.47 1.27
C GLN JA 59 -44.11 -43.44 2.30
N ASP JA 60 -44.74 -42.89 3.33
CA ASP JA 60 -45.35 -43.68 4.39
C ASP JA 60 -46.73 -44.12 3.93
N PHE JA 61 -46.89 -45.43 3.68
CA PHE JA 61 -48.12 -45.99 3.18
C PHE JA 61 -49.08 -46.41 4.28
N THR JA 62 -48.98 -45.82 5.47
CA THR JA 62 -49.92 -46.12 6.52
C THR JA 62 -51.32 -45.64 6.13
N ASP JA 63 -52.33 -46.45 6.47
CA ASP JA 63 -53.70 -46.08 6.14
C ASP JA 63 -54.15 -44.90 7.00
N GLY JA 64 -54.76 -43.92 6.34
CA GLY JA 64 -55.22 -42.74 7.03
C GLY JA 64 -56.51 -42.98 7.79
N THR JA 65 -56.92 -41.96 8.53
CA THR JA 65 -58.14 -42.06 9.32
C THR JA 65 -59.37 -41.98 8.42
N THR JA 66 -60.24 -42.98 8.52
CA THR JA 66 -61.50 -42.96 7.79
C THR JA 66 -62.45 -41.95 8.41
N THR JA 67 -63.26 -41.32 7.56
CA THR JA 67 -64.22 -40.33 8.02
C THR JA 67 -65.51 -40.48 7.23
N ASN JA 68 -66.62 -40.62 7.95
CA ASN JA 68 -67.94 -40.78 7.33
C ASN JA 68 -68.35 -39.43 6.74
N THR JA 69 -67.82 -39.15 5.55
CA THR JA 69 -68.10 -37.89 4.89
C THR JA 69 -69.58 -37.74 4.56
N GLY JA 70 -70.21 -38.83 4.10
CA GLY JA 70 -71.58 -38.81 3.65
C GLY JA 70 -71.67 -39.22 2.18
N ARG JA 71 -72.75 -38.78 1.54
CA ARG JA 71 -72.98 -39.05 0.13
C ARG JA 71 -73.03 -40.56 -0.13
N GLY JA 72 -73.07 -40.95 -1.40
CA GLY JA 72 -73.12 -42.36 -1.74
C GLY JA 72 -72.03 -42.82 -2.68
N LEU JA 73 -71.54 -41.90 -3.51
CA LEU JA 73 -70.51 -42.25 -4.49
C LEU JA 73 -69.13 -41.90 -3.92
N ASP JA 74 -68.80 -42.59 -2.84
CA ASP JA 74 -67.52 -42.43 -2.17
C ASP JA 74 -67.17 -43.73 -1.45
N VAL JA 75 -65.93 -44.20 -1.64
CA VAL JA 75 -65.48 -45.46 -1.06
C VAL JA 75 -64.09 -45.27 -0.47
N ALA JA 76 -63.76 -46.11 0.50
CA ALA JA 76 -62.47 -46.06 1.18
C ALA JA 76 -61.94 -47.48 1.35
N ILE JA 77 -60.61 -47.61 1.42
CA ILE JA 77 -59.95 -48.90 1.60
C ILE JA 77 -59.37 -48.94 3.00
N SER JA 78 -59.63 -50.02 3.72
CA SER JA 78 -59.18 -50.17 5.09
C SER JA 78 -57.86 -50.91 5.23
N GLN JA 79 -57.42 -51.62 4.19
CA GLN JA 79 -56.19 -52.41 4.25
C GLN JA 79 -55.46 -52.25 2.92
N ASN JA 80 -54.48 -53.11 2.69
CA ASN JA 80 -53.72 -53.06 1.45
C ASN JA 80 -54.64 -53.33 0.25
N GLY JA 81 -54.47 -52.53 -0.80
CA GLY JA 81 -55.31 -52.62 -1.97
C GLY JA 81 -55.54 -51.26 -2.60
N PHE JA 82 -55.45 -51.18 -3.92
CA PHE JA 82 -55.51 -49.91 -4.63
C PHE JA 82 -56.60 -49.93 -5.70
N PHE JA 83 -57.13 -48.74 -5.97
CA PHE JA 83 -58.09 -48.53 -7.05
C PHE JA 83 -57.35 -48.35 -8.35
N ARG JA 84 -57.84 -48.99 -9.41
CA ARG JA 84 -57.22 -48.94 -10.73
C ARG JA 84 -58.01 -48.04 -11.65
N LEU JA 85 -57.32 -47.12 -12.34
CA LEU JA 85 -57.95 -46.19 -13.26
C LEU JA 85 -57.21 -46.22 -14.58
N VAL JA 86 -57.89 -45.81 -15.65
CA VAL JA 86 -57.29 -45.65 -16.96
C VAL JA 86 -57.63 -44.27 -17.51
N ASP JA 87 -56.76 -43.77 -18.36
CA ASP JA 87 -56.93 -42.47 -18.98
C ASP JA 87 -57.56 -42.65 -20.36
N SER JA 88 -57.60 -41.55 -21.13
CA SER JA 88 -58.11 -41.63 -22.51
C SER JA 88 -57.21 -42.49 -23.38
N ASN JA 89 -55.89 -42.37 -23.22
CA ASN JA 89 -54.95 -43.08 -24.05
C ASN JA 89 -54.79 -44.54 -23.68
N GLY JA 90 -55.32 -44.97 -22.54
CA GLY JA 90 -55.23 -46.34 -22.11
C GLY JA 90 -54.17 -46.65 -21.08
N SER JA 91 -53.43 -45.65 -20.61
CA SER JA 91 -52.46 -45.88 -19.55
C SER JA 91 -53.16 -46.22 -18.24
N VAL JA 92 -52.45 -46.94 -17.37
CA VAL JA 92 -53.02 -47.47 -16.14
C VAL JA 92 -52.39 -46.75 -14.95
N PHE JA 93 -53.23 -46.19 -14.10
CA PHE JA 93 -52.80 -45.52 -12.88
C PHE JA 93 -53.47 -46.17 -11.69
N TYR JA 94 -52.88 -45.96 -10.52
CA TYR JA 94 -53.40 -46.53 -9.28
C TYR JA 94 -53.54 -45.41 -8.24
N SER JA 95 -54.65 -45.43 -7.52
CA SER JA 95 -54.93 -44.38 -6.55
C SER JA 95 -55.85 -44.92 -5.48
N ARG JA 96 -55.92 -44.18 -4.36
CA ARG JA 96 -56.77 -44.56 -3.24
C ARG JA 96 -57.89 -43.58 -2.97
N ASN JA 97 -57.97 -42.48 -3.71
CA ASN JA 97 -59.03 -41.51 -3.48
C ASN JA 97 -60.38 -42.08 -3.93
N GLY JA 98 -61.41 -41.85 -3.10
CA GLY JA 98 -62.74 -42.34 -3.38
C GLY JA 98 -63.69 -41.34 -4.00
N GLN JA 99 -63.21 -40.18 -4.44
CA GLN JA 99 -64.09 -39.16 -4.99
C GLN JA 99 -64.40 -39.51 -6.44
N PHE JA 100 -65.60 -40.03 -6.68
CA PHE JA 100 -66.04 -40.44 -8.01
C PHE JA 100 -67.30 -39.68 -8.37
N LYS JA 101 -67.51 -39.51 -9.67
CA LYS JA 101 -68.70 -38.85 -10.18
C LYS JA 101 -69.09 -39.47 -11.50
N LEU JA 102 -70.36 -39.29 -11.87
CA LEU JA 102 -70.85 -39.77 -13.15
C LEU JA 102 -70.44 -38.81 -14.27
N ASP JA 103 -70.69 -39.24 -15.50
CA ASP JA 103 -70.29 -38.47 -16.68
C ASP JA 103 -71.51 -38.23 -17.57
N GLU JA 104 -71.28 -37.70 -18.77
CA GLU JA 104 -72.40 -37.50 -19.69
C GLU JA 104 -73.03 -38.83 -20.10
N ASN JA 105 -72.22 -39.89 -20.17
CA ASN JA 105 -72.71 -41.24 -20.38
C ASN JA 105 -72.77 -42.04 -19.10
N ARG JA 106 -72.72 -41.36 -17.94
CA ARG JA 106 -72.80 -42.00 -16.63
C ARG JA 106 -71.66 -42.99 -16.42
N ASN JA 107 -70.44 -42.49 -16.53
CA ASN JA 107 -69.23 -43.29 -16.27
C ASN JA 107 -68.63 -42.91 -14.92
N LEU JA 108 -68.20 -43.92 -14.18
CA LEU JA 108 -67.55 -43.72 -12.89
C LEU JA 108 -66.17 -43.13 -13.14
N VAL JA 109 -66.05 -41.82 -13.00
CA VAL JA 109 -64.83 -41.08 -13.32
C VAL JA 109 -64.46 -40.22 -12.13
N ASN JA 110 -63.15 -40.15 -11.84
CA ASN JA 110 -62.67 -39.29 -10.78
C ASN JA 110 -62.75 -37.83 -11.22
N MET JA 111 -62.31 -36.93 -10.34
CA MET JA 111 -62.37 -35.50 -10.63
C MET JA 111 -61.48 -35.14 -11.81
N GLN JA 112 -60.27 -35.70 -11.86
CA GLN JA 112 -59.31 -35.29 -12.88
C GLN JA 112 -59.68 -35.82 -14.25
N GLY JA 113 -60.44 -36.91 -14.32
CA GLY JA 113 -60.89 -37.41 -15.60
C GLY JA 113 -60.37 -38.79 -15.97
N MET JA 114 -60.15 -39.64 -14.97
CA MET JA 114 -59.65 -40.99 -15.20
C MET JA 114 -60.81 -41.97 -15.15
N GLN JA 115 -60.83 -42.90 -16.10
CA GLN JA 115 -61.90 -43.89 -16.18
C GLN JA 115 -61.60 -45.05 -15.24
N LEU JA 116 -62.60 -45.44 -14.44
CA LEU JA 116 -62.44 -46.51 -13.47
C LEU JA 116 -62.64 -47.86 -14.15
N THR JA 117 -61.71 -48.78 -13.89
CA THR JA 117 -61.77 -50.13 -14.45
C THR JA 117 -62.38 -51.10 -13.45
N GLY JA 118 -62.74 -52.27 -13.95
CA GLY JA 118 -63.29 -53.32 -13.11
C GLY JA 118 -63.66 -54.51 -13.95
N TYR JA 119 -64.21 -55.52 -13.28
CA TYR JA 119 -64.64 -56.72 -13.98
C TYR JA 119 -65.97 -56.47 -14.67
N PRO JA 120 -66.06 -56.63 -15.99
CA PRO JA 120 -67.35 -56.46 -16.67
C PRO JA 120 -68.34 -57.53 -16.28
N ALA JA 121 -69.62 -57.18 -16.35
CA ALA JA 121 -70.71 -58.09 -16.00
C ALA JA 121 -71.42 -58.53 -17.26
N THR JA 122 -71.48 -59.85 -17.48
CA THR JA 122 -72.13 -60.42 -18.65
C THR JA 122 -72.98 -61.61 -18.22
N GLY JA 123 -73.92 -61.98 -19.09
CA GLY JA 123 -74.81 -63.09 -18.85
C GLY JA 123 -76.26 -62.69 -18.97
N THR JA 124 -77.13 -63.71 -18.91
CA THR JA 124 -78.58 -63.52 -18.95
C THR JA 124 -79.20 -64.43 -17.90
N PRO JA 125 -79.45 -63.91 -16.68
CA PRO JA 125 -79.14 -62.55 -16.25
C PRO JA 125 -77.65 -62.33 -16.02
N PRO JA 126 -77.19 -61.08 -16.19
CA PRO JA 126 -75.76 -60.80 -16.04
C PRO JA 126 -75.25 -61.18 -14.66
N THR JA 127 -74.02 -61.70 -14.64
CA THR JA 127 -73.37 -62.08 -13.39
C THR JA 127 -71.96 -61.50 -13.35
N ILE JA 128 -71.16 -61.94 -12.38
CA ILE JA 128 -69.80 -61.43 -12.21
C ILE JA 128 -68.81 -62.48 -12.74
N GLN JA 129 -67.88 -62.03 -13.58
CA GLN JA 129 -66.83 -62.89 -14.11
C GLN JA 129 -65.53 -62.59 -13.38
N GLN JA 130 -64.91 -63.64 -12.82
CA GLN JA 130 -63.69 -63.50 -12.06
C GLN JA 130 -62.43 -63.69 -12.91
N GLY JA 131 -62.59 -63.92 -14.21
CA GLY JA 131 -61.44 -64.14 -15.06
C GLY JA 131 -61.42 -63.22 -16.27
N ALA JA 132 -62.43 -62.36 -16.39
CA ALA JA 132 -62.49 -61.43 -17.50
C ALA JA 132 -61.47 -60.31 -17.31
N ASN JA 133 -60.93 -59.84 -18.43
CA ASN JA 133 -59.97 -58.75 -18.39
C ASN JA 133 -60.67 -57.47 -17.95
N PRO JA 134 -60.00 -56.63 -17.16
CA PRO JA 134 -60.64 -55.39 -16.68
C PRO JA 134 -61.05 -54.48 -17.83
N ALA JA 135 -62.19 -53.83 -17.65
CA ALA JA 135 -62.76 -52.89 -18.62
C ALA JA 135 -63.34 -51.72 -17.86
N PRO JA 136 -63.48 -50.56 -18.50
CA PRO JA 136 -64.11 -49.41 -17.84
C PRO JA 136 -65.54 -49.72 -17.45
N ILE JA 137 -65.96 -49.17 -16.31
CA ILE JA 137 -67.28 -49.43 -15.74
C ILE JA 137 -68.17 -48.23 -16.00
N THR JA 138 -69.34 -48.49 -16.58
CA THR JA 138 -70.32 -47.46 -16.90
C THR JA 138 -71.67 -47.85 -16.32
N ILE JA 139 -72.58 -46.88 -16.28
CA ILE JA 139 -73.95 -47.14 -15.82
C ILE JA 139 -74.92 -46.69 -16.91
N PRO JA 140 -75.18 -47.51 -17.91
CA PRO JA 140 -76.18 -47.15 -18.93
C PRO JA 140 -77.58 -47.07 -18.32
N ASN JA 141 -78.40 -46.21 -18.92
CA ASN JA 141 -79.76 -45.97 -18.45
C ASN JA 141 -80.80 -46.74 -19.26
N THR JA 142 -80.38 -47.70 -20.07
CA THR JA 142 -81.31 -48.44 -20.91
C THR JA 142 -82.27 -49.26 -20.07
N LEU JA 143 -83.55 -49.23 -20.44
CA LEU JA 143 -84.57 -49.96 -19.70
C LEU JA 143 -84.43 -51.46 -19.92
N MET JA 144 -84.74 -52.23 -18.89
CA MET JA 144 -84.63 -53.69 -18.97
C MET JA 144 -85.68 -54.25 -19.92
N ALA JA 145 -85.34 -55.37 -20.56
CA ALA JA 145 -86.25 -56.07 -21.44
C ALA JA 145 -86.95 -57.20 -20.68
N ALA JA 146 -88.24 -57.37 -20.96
CA ALA JA 146 -89.01 -58.41 -20.29
C ALA JA 146 -88.54 -59.80 -20.70
N LYS JA 147 -88.57 -60.73 -19.75
CA LYS JA 147 -88.16 -62.10 -19.98
C LYS JA 147 -89.31 -63.03 -19.60
N SER JA 148 -89.59 -63.99 -20.47
CA SER JA 148 -90.73 -64.88 -20.27
C SER JA 148 -90.54 -65.79 -19.07
N THR JA 149 -91.62 -66.01 -18.33
CA THR JA 149 -91.58 -66.90 -17.18
C THR JA 149 -91.23 -68.32 -17.61
N THR JA 150 -90.31 -68.95 -16.87
CA THR JA 150 -89.84 -70.29 -17.19
C THR JA 150 -90.22 -71.32 -16.14
N THR JA 151 -89.93 -71.06 -14.87
CA THR JA 151 -90.20 -72.00 -13.79
C THR JA 151 -90.80 -71.27 -12.60
N ALA JA 152 -91.76 -71.91 -11.95
CA ALA JA 152 -92.36 -71.40 -10.72
C ALA JA 152 -92.42 -72.53 -9.71
N SER JA 153 -92.25 -72.16 -8.44
CA SER JA 153 -92.31 -73.12 -7.34
C SER JA 153 -93.22 -72.57 -6.25
N MET JA 154 -93.95 -73.47 -5.60
CA MET JA 154 -94.81 -73.03 -4.51
C MET JA 154 -94.95 -74.16 -3.49
N GLN JA 155 -95.26 -73.78 -2.26
CA GLN JA 155 -95.47 -74.71 -1.16
C GLN JA 155 -96.85 -74.49 -0.58
N ILE JA 156 -97.60 -75.58 -0.40
CA ILE JA 156 -98.94 -75.53 0.14
C ILE JA 156 -99.10 -76.64 1.16
N ASN JA 157 -99.77 -76.34 2.27
CA ASN JA 157 -100.03 -77.32 3.32
C ASN JA 157 -101.40 -77.94 3.12
N LEU JA 158 -101.45 -79.27 3.10
CA LEU JA 158 -102.69 -80.01 2.89
C LEU JA 158 -103.20 -80.53 4.23
N ASN JA 159 -104.50 -80.34 4.46
CA ASN JA 159 -105.13 -80.84 5.67
C ASN JA 159 -105.44 -82.33 5.50
N SER JA 160 -104.85 -83.16 6.35
CA SER JA 160 -105.06 -84.60 6.25
C SER JA 160 -106.48 -85.01 6.59
N THR JA 161 -107.16 -84.26 7.46
CA THR JA 161 -108.51 -84.59 7.89
C THR JA 161 -109.59 -83.90 7.07
N ASP JA 162 -109.21 -83.18 6.02
CA ASP JA 162 -110.19 -82.46 5.20
C ASP JA 162 -110.99 -83.45 4.36
N PRO JA 163 -112.31 -83.46 4.48
CA PRO JA 163 -113.11 -84.44 3.73
C PRO JA 163 -113.21 -84.09 2.25
N VAL JA 164 -113.64 -85.08 1.48
CA VAL JA 164 -113.85 -84.88 0.04
C VAL JA 164 -114.97 -83.87 -0.16
N PRO JA 165 -114.84 -82.93 -1.10
CA PRO JA 165 -115.94 -82.00 -1.37
C PRO JA 165 -117.20 -82.73 -1.80
N SER JA 166 -118.34 -82.19 -1.34
CA SER JA 166 -119.63 -82.84 -1.61
C SER JA 166 -119.94 -82.85 -3.10
N LYS JA 167 -119.68 -81.76 -3.80
CA LYS JA 167 -119.96 -81.65 -5.23
C LYS JA 167 -118.78 -82.25 -5.99
N THR JA 168 -118.94 -83.50 -6.43
CA THR JA 168 -117.88 -84.16 -7.20
C THR JA 168 -117.55 -83.46 -8.50
N PRO JA 169 -118.50 -83.04 -9.34
CA PRO JA 169 -118.14 -82.33 -10.57
C PRO JA 169 -117.43 -81.02 -10.26
N PHE JA 170 -116.43 -80.69 -11.08
CA PHE JA 170 -115.65 -79.48 -10.88
C PHE JA 170 -116.36 -78.27 -11.49
N SER JA 171 -116.33 -77.16 -10.77
CA SER JA 171 -116.92 -75.91 -11.22
C SER JA 171 -115.89 -74.80 -11.12
N VAL JA 172 -116.25 -73.63 -11.66
CA VAL JA 172 -115.33 -72.50 -11.73
C VAL JA 172 -115.69 -71.47 -10.66
N SER JA 173 -116.98 -71.39 -10.31
CA SER JA 173 -117.46 -70.37 -9.37
C SER JA 173 -118.26 -71.00 -8.23
N ASP JA 174 -117.91 -72.21 -7.82
CA ASP JA 174 -118.56 -72.90 -6.71
C ASP JA 174 -117.56 -73.10 -5.58
N ALA JA 175 -117.92 -72.65 -4.39
CA ALA JA 175 -117.03 -72.79 -3.24
C ALA JA 175 -116.84 -74.25 -2.86
N ASP JA 176 -117.90 -75.06 -2.95
CA ASP JA 176 -117.85 -76.45 -2.56
C ASP JA 176 -117.32 -77.35 -3.68
N SER JA 177 -117.06 -76.79 -4.86
CA SER JA 177 -116.56 -77.60 -5.97
C SER JA 177 -115.12 -78.08 -5.75
N TYR JA 178 -114.37 -77.40 -4.89
CA TYR JA 178 -112.97 -77.77 -4.63
C TYR JA 178 -112.60 -77.33 -3.22
N ASN JA 179 -111.51 -77.89 -2.72
CA ASN JA 179 -111.10 -77.63 -1.36
C ASN JA 179 -110.39 -76.28 -1.22
N LYS JA 180 -109.38 -76.04 -2.06
CA LYS JA 180 -108.55 -74.85 -1.92
C LYS JA 180 -108.40 -74.16 -3.27
N LYS JA 181 -108.19 -72.85 -3.23
CA LYS JA 181 -107.94 -72.04 -4.42
C LYS JA 181 -106.73 -71.15 -4.19
N GLY JA 182 -105.83 -71.11 -5.17
CA GLY JA 182 -104.69 -70.23 -5.11
C GLY JA 182 -104.47 -69.56 -6.44
N THR JA 183 -103.67 -68.49 -6.41
CA THR JA 183 -103.37 -67.71 -7.61
C THR JA 183 -101.87 -67.60 -7.80
N VAL JA 184 -101.42 -67.73 -9.04
CA VAL JA 184 -100.01 -67.58 -9.41
C VAL JA 184 -99.92 -66.56 -10.54
N THR JA 185 -99.05 -65.57 -10.38
CA THR JA 185 -98.88 -64.51 -11.37
C THR JA 185 -97.58 -64.74 -12.14
N VAL JA 186 -97.69 -64.81 -13.46
CA VAL JA 186 -96.53 -65.00 -14.32
C VAL JA 186 -96.50 -63.87 -15.36
N TYR JA 187 -95.36 -63.72 -16.00
CA TYR JA 187 -95.15 -62.68 -16.99
C TYR JA 187 -94.67 -63.29 -18.30
N ASP JA 188 -95.23 -62.82 -19.40
CA ASP JA 188 -94.92 -63.34 -20.73
C ASP JA 188 -93.79 -62.53 -21.36
N SER JA 189 -93.55 -62.76 -22.66
CA SER JA 189 -92.50 -62.03 -23.36
C SER JA 189 -92.81 -60.55 -23.46
N GLN JA 190 -94.07 -60.18 -23.69
CA GLN JA 190 -94.46 -58.78 -23.78
C GLN JA 190 -94.60 -58.12 -22.43
N GLY JA 191 -94.49 -58.87 -21.33
CA GLY JA 191 -94.61 -58.32 -20.01
C GLY JA 191 -96.00 -58.34 -19.42
N ASN JA 192 -97.00 -58.79 -20.17
CA ASN JA 192 -98.36 -58.84 -19.65
C ASN JA 192 -98.46 -59.82 -18.50
N ALA JA 193 -99.28 -59.48 -17.51
CA ALA JA 193 -99.47 -60.33 -16.34
C ALA JA 193 -100.53 -61.38 -16.63
N HIS JA 194 -100.19 -62.65 -16.40
CA HIS JA 194 -101.12 -63.76 -16.56
C HIS JA 194 -101.38 -64.36 -15.19
N ASP JA 195 -102.66 -64.45 -14.82
CA ASP JA 195 -103.07 -65.02 -13.55
C ASP JA 195 -103.56 -66.44 -13.79
N MET JA 196 -102.94 -67.40 -13.09
CA MET JA 196 -103.30 -68.82 -13.19
C MET JA 196 -103.88 -69.24 -11.85
N ASN JA 197 -105.16 -69.59 -11.85
CA ASN JA 197 -105.80 -70.12 -10.66
C ASN JA 197 -105.57 -71.63 -10.59
N VAL JA 198 -105.04 -72.07 -9.45
CA VAL JA 198 -104.78 -73.47 -9.17
C VAL JA 198 -105.77 -73.93 -8.12
N TYR JA 199 -106.56 -74.93 -8.47
CA TYR JA 199 -107.60 -75.45 -7.59
C TYR JA 199 -107.19 -76.82 -7.07
N PHE JA 200 -107.26 -76.98 -5.75
CA PHE JA 200 -106.87 -78.21 -5.06
C PHE JA 200 -108.13 -78.91 -4.58
N VAL JA 201 -108.34 -80.14 -5.04
CA VAL JA 201 -109.52 -80.91 -4.70
C VAL JA 201 -109.09 -82.29 -4.24
N LYS JA 202 -109.97 -82.97 -3.51
CA LYS JA 202 -109.70 -84.29 -2.97
C LYS JA 202 -110.49 -85.33 -3.73
N THR JA 203 -109.81 -86.36 -4.22
CA THR JA 203 -110.44 -87.47 -4.92
C THR JA 203 -110.63 -88.68 -4.01
N LYS JA 204 -109.62 -89.02 -3.20
CA LYS JA 204 -109.71 -90.11 -2.25
C LYS JA 204 -108.68 -89.87 -1.15
N ASP JA 205 -108.57 -90.83 -0.24
CA ASP JA 205 -107.63 -90.72 0.86
C ASP JA 205 -106.20 -90.74 0.34
N ASN JA 206 -105.37 -89.83 0.87
CA ASN JA 206 -103.95 -89.73 0.52
C ASN JA 206 -103.75 -89.53 -0.98
N GLU JA 207 -104.70 -88.86 -1.63
CA GLU JA 207 -104.57 -88.53 -3.04
C GLU JA 207 -105.29 -87.21 -3.30
N TRP JA 208 -104.70 -86.40 -4.17
CA TRP JA 208 -105.18 -85.05 -4.41
C TRP JA 208 -105.20 -84.78 -5.91
N ALA JA 209 -105.96 -83.76 -6.31
CA ALA JA 209 -106.05 -83.38 -7.71
C ALA JA 209 -105.89 -81.87 -7.83
N VAL JA 210 -105.20 -81.45 -8.88
CA VAL JA 210 -104.88 -80.06 -9.14
C VAL JA 210 -105.44 -79.67 -10.50
N TYR JA 211 -106.21 -78.58 -10.52
CA TYR JA 211 -106.77 -78.02 -11.75
C TYR JA 211 -106.13 -76.66 -12.00
N THR JA 212 -105.94 -76.33 -13.27
CA THR JA 212 -105.36 -75.06 -13.68
C THR JA 212 -106.34 -74.32 -14.58
N HIS JA 213 -106.48 -73.02 -14.34
CA HIS JA 213 -107.39 -72.21 -15.15
C HIS JA 213 -106.81 -70.81 -15.32
N ASP JA 214 -107.02 -70.23 -16.50
CA ASP JA 214 -106.56 -68.88 -16.76
C ASP JA 214 -107.62 -67.89 -16.27
N SER JA 215 -107.21 -66.94 -15.44
CA SER JA 215 -108.12 -65.95 -14.90
C SER JA 215 -108.03 -64.61 -15.65
N SER JA 216 -106.82 -64.07 -15.79
CA SER JA 216 -106.66 -62.78 -16.44
C SER JA 216 -106.99 -62.82 -17.93
N ASP JA 217 -106.90 -63.99 -18.55
CA ASP JA 217 -107.21 -64.11 -19.97
C ASP JA 217 -108.55 -64.80 -20.13
N PRO JA 218 -109.61 -64.09 -20.56
CA PRO JA 218 -110.92 -64.73 -20.69
C PRO JA 218 -111.02 -65.69 -21.86
N ALA JA 219 -110.01 -65.76 -22.72
CA ALA JA 219 -110.06 -66.65 -23.89
C ALA JA 219 -110.05 -68.12 -23.49
N ALA JA 220 -109.67 -68.44 -22.26
CA ALA JA 220 -109.57 -69.82 -21.79
C ALA JA 220 -110.78 -70.16 -20.94
N THR JA 221 -111.34 -71.34 -21.17
CA THR JA 221 -112.46 -71.85 -20.39
C THR JA 221 -111.95 -72.76 -19.27
N ALA JA 222 -112.67 -72.75 -18.15
CA ALA JA 222 -112.26 -73.54 -16.99
C ALA JA 222 -112.36 -75.02 -17.29
N PRO JA 223 -111.28 -75.78 -17.16
CA PRO JA 223 -111.35 -77.22 -17.44
C PRO JA 223 -112.15 -77.96 -16.38
N THR JA 224 -112.65 -79.14 -16.78
CA THR JA 224 -113.40 -80.01 -15.88
C THR JA 224 -112.60 -81.22 -15.41
N THR JA 225 -111.63 -81.69 -16.18
CA THR JA 225 -110.80 -82.82 -15.80
C THR JA 225 -109.62 -82.35 -14.97
N ALA JA 226 -109.18 -83.22 -14.05
CA ALA JA 226 -108.06 -82.87 -13.19
C ALA JA 226 -106.78 -82.75 -13.99
N SER JA 227 -106.12 -81.59 -13.88
CA SER JA 227 -104.89 -81.37 -14.62
C SER JA 227 -103.78 -82.30 -14.14
N THR JA 228 -103.69 -82.52 -12.82
CA THR JA 228 -102.63 -83.36 -12.28
C THR JA 228 -103.15 -84.14 -11.09
N THR JA 229 -102.73 -85.39 -10.97
CA THR JA 229 -103.03 -86.22 -9.81
C THR JA 229 -101.77 -86.39 -8.96
N LEU JA 230 -101.92 -86.24 -7.65
CA LEU JA 230 -100.80 -86.29 -6.72
C LEU JA 230 -101.07 -87.36 -5.68
N LYS JA 231 -100.04 -88.16 -5.37
CA LYS JA 231 -100.11 -89.19 -4.34
C LYS JA 231 -99.09 -88.87 -3.26
N PHE JA 232 -99.54 -88.78 -2.02
CA PHE JA 232 -98.69 -88.46 -0.89
C PHE JA 232 -98.62 -89.64 0.07
N ASN JA 233 -97.45 -89.77 0.70
CA ASN JA 233 -97.25 -90.83 1.67
C ASN JA 233 -98.07 -90.57 2.93
N GLU JA 234 -98.31 -91.64 3.70
CA GLU JA 234 -99.01 -91.49 4.97
C GLU JA 234 -98.28 -90.55 5.91
N ASN JA 235 -96.95 -90.46 5.79
CA ASN JA 235 -96.16 -89.51 6.55
C ASN JA 235 -96.21 -88.10 5.97
N GLY JA 236 -96.70 -87.94 4.75
CA GLY JA 236 -96.85 -86.64 4.14
C GLY JA 236 -95.73 -86.21 3.21
N ILE JA 237 -94.83 -87.11 2.84
CA ILE JA 237 -93.71 -86.79 1.96
C ILE JA 237 -94.12 -87.11 0.52
N LEU JA 238 -93.95 -86.14 -0.36
CA LEU JA 238 -94.25 -86.35 -1.77
C LEU JA 238 -93.19 -87.24 -2.42
N GLU JA 239 -93.66 -88.12 -3.32
CA GLU JA 239 -92.79 -89.03 -4.04
C GLU JA 239 -92.55 -88.62 -5.48
N SER JA 240 -93.62 -88.41 -6.26
CA SER JA 240 -93.48 -88.10 -7.67
C SER JA 240 -94.73 -87.36 -8.13
N GLY JA 241 -94.63 -86.77 -9.32
CA GLY JA 241 -95.73 -86.04 -9.91
C GLY JA 241 -95.86 -84.60 -9.47
N GLY JA 242 -94.91 -84.07 -8.71
CA GLY JA 242 -94.97 -82.71 -8.21
C GLY JA 242 -94.60 -81.63 -9.20
N THR JA 243 -94.14 -81.99 -10.40
CA THR JA 243 -93.77 -81.02 -11.42
C THR JA 243 -94.75 -81.16 -12.58
N VAL JA 244 -95.38 -80.04 -12.96
CA VAL JA 244 -96.35 -80.00 -14.05
C VAL JA 244 -95.92 -78.91 -15.01
N ASN JA 245 -96.37 -79.00 -16.26
CA ASN JA 245 -96.17 -77.95 -17.25
C ASN JA 245 -97.51 -77.27 -17.51
N ILE JA 246 -97.59 -75.97 -17.24
CA ILE JA 246 -98.82 -75.22 -17.31
C ILE JA 246 -98.67 -74.13 -18.38
N THR JA 247 -99.64 -74.06 -19.29
CA THR JA 247 -99.66 -73.06 -20.35
C THR JA 247 -100.76 -72.04 -20.06
N THR JA 248 -100.41 -70.76 -20.13
CA THR JA 248 -101.37 -69.69 -19.90
C THR JA 248 -102.15 -69.41 -21.19
N GLY JA 249 -102.90 -68.31 -21.21
CA GLY JA 249 -103.59 -67.89 -22.40
C GLY JA 249 -102.83 -66.81 -23.16
N THR JA 250 -103.28 -66.57 -24.38
CA THR JA 250 -102.67 -65.58 -25.27
C THR JA 250 -103.57 -64.36 -25.37
N ILE JA 251 -103.00 -63.18 -25.15
CA ILE JA 251 -103.72 -61.91 -25.24
C ILE JA 251 -102.84 -60.90 -25.93
N ASN JA 252 -103.49 -59.95 -26.64
CA ASN JA 252 -102.80 -58.83 -27.29
C ASN JA 252 -101.76 -59.33 -28.29
N GLY JA 253 -102.05 -60.45 -28.94
CA GLY JA 253 -101.11 -61.02 -29.89
C GLY JA 253 -99.80 -61.47 -29.30
N ALA JA 254 -99.78 -61.80 -28.01
CA ALA JA 254 -98.58 -62.24 -27.32
C ALA JA 254 -98.69 -63.72 -26.99
N THR JA 255 -97.63 -64.47 -27.27
CA THR JA 255 -97.62 -65.90 -26.98
C THR JA 255 -97.70 -66.15 -25.48
N ALA JA 256 -98.46 -67.17 -25.11
CA ALA JA 256 -98.67 -67.49 -23.71
C ALA JA 256 -97.38 -67.96 -23.06
N ALA JA 257 -97.27 -67.71 -21.75
CA ALA JA 257 -96.11 -68.14 -20.98
C ALA JA 257 -96.25 -69.62 -20.64
N THR JA 258 -95.40 -70.45 -21.25
CA THR JA 258 -95.41 -71.89 -21.01
C THR JA 258 -94.36 -72.19 -19.94
N PHE JA 259 -94.80 -72.23 -18.69
CA PHE JA 259 -93.92 -72.41 -17.55
C PHE JA 259 -94.12 -73.80 -16.94
N SER JA 260 -93.25 -74.14 -16.00
CA SER JA 260 -93.32 -75.38 -15.25
C SER JA 260 -93.50 -75.06 -13.78
N LEU JA 261 -94.56 -75.62 -13.19
CA LEU JA 261 -94.91 -75.36 -11.80
C LEU JA 261 -94.52 -76.57 -10.94
N SER JA 262 -93.86 -76.29 -9.81
CA SER JA 262 -93.38 -77.34 -8.92
C SER JA 262 -93.99 -77.17 -7.53
N PHE JA 263 -94.36 -78.29 -6.93
CA PHE JA 263 -94.88 -78.36 -5.57
C PHE JA 263 -93.92 -79.10 -4.65
N LEU JA 264 -92.64 -79.08 -4.97
CA LEU JA 264 -91.64 -79.83 -4.21
C LEU JA 264 -91.55 -79.29 -2.78
N ASN JA 265 -91.25 -80.20 -1.85
CA ASN JA 265 -91.18 -79.90 -0.42
C ASN JA 265 -92.53 -79.36 0.08
N SER JA 266 -93.54 -80.21 -0.03
CA SER JA 266 -94.89 -79.89 0.39
C SER JA 266 -95.23 -80.63 1.67
N MET JA 267 -96.08 -80.03 2.50
CA MET JA 267 -96.49 -80.60 3.78
C MET JA 267 -97.93 -81.10 3.67
N GLN JA 268 -98.15 -82.34 4.11
CA GLN JA 268 -99.46 -82.95 4.08
C GLN JA 268 -100.04 -83.18 5.47
N GLN JA 269 -99.24 -82.99 6.53
CA GLN JA 269 -99.73 -83.17 7.88
C GLN JA 269 -100.78 -82.12 8.23
N ASN JA 270 -101.67 -82.48 9.15
CA ASN JA 270 -102.74 -81.57 9.56
C ASN JA 270 -102.15 -80.38 10.31
N THR JA 271 -102.34 -79.18 9.77
CA THR JA 271 -101.87 -77.95 10.40
C THR JA 271 -103.03 -77.02 10.75
N GLY JA 272 -104.24 -77.56 10.86
CA GLY JA 272 -105.40 -76.76 11.19
C GLY JA 272 -106.11 -76.21 9.96
N ALA JA 273 -105.49 -75.23 9.30
CA ALA JA 273 -106.06 -74.63 8.11
C ALA JA 273 -104.98 -74.50 7.04
N ASN JA 274 -105.39 -74.69 5.78
CA ASN JA 274 -104.46 -74.59 4.67
C ASN JA 274 -104.13 -73.13 4.40
N ASN JA 275 -102.83 -72.85 4.25
CA ASN JA 275 -102.37 -71.50 4.03
C ASN JA 275 -101.18 -71.51 3.07
N ILE JA 276 -100.97 -70.38 2.41
CA ILE JA 276 -99.85 -70.21 1.49
C ILE JA 276 -98.68 -69.62 2.27
N VAL JA 277 -97.54 -70.33 2.24
CA VAL JA 277 -96.35 -69.91 2.96
C VAL JA 277 -95.17 -69.64 2.04
N ALA JA 278 -95.25 -70.03 0.77
CA ALA JA 278 -94.15 -69.83 -0.15
C ALA JA 278 -94.67 -69.86 -1.58
N THR JA 279 -94.53 -68.74 -2.29
CA THR JA 279 -94.91 -68.66 -3.69
C THR JA 279 -94.00 -67.67 -4.38
N ASN JA 280 -93.60 -67.99 -5.61
CA ASN JA 280 -92.66 -67.16 -6.35
C ASN JA 280 -92.79 -67.46 -7.84
N GLN JA 281 -92.12 -66.65 -8.64
CA GLN JA 281 -92.09 -66.83 -10.09
C GLN JA 281 -90.76 -66.29 -10.62
N ASN JA 282 -90.37 -66.78 -11.78
CA ASN JA 282 -89.12 -66.38 -12.42
C ASN JA 282 -89.33 -65.37 -13.54
N GLY JA 283 -90.56 -64.88 -13.73
CA GLY JA 283 -90.83 -63.87 -14.74
C GLY JA 283 -90.97 -62.51 -14.09
N TYR JA 284 -90.30 -61.52 -14.68
CA TYR JA 284 -90.28 -60.16 -14.16
C TYR JA 284 -90.74 -59.18 -15.24
N LYS JA 285 -91.57 -58.22 -14.84
CA LYS JA 285 -91.97 -57.14 -15.73
C LYS JA 285 -90.85 -56.12 -15.85
N PRO JA 286 -90.79 -55.40 -16.97
CA PRO JA 286 -89.75 -54.36 -17.12
C PRO JA 286 -89.96 -53.21 -16.13
N GLY JA 287 -88.95 -52.98 -15.32
CA GLY JA 287 -89.00 -51.93 -14.29
C GLY JA 287 -87.97 -50.86 -14.56
N ASP JA 288 -88.33 -49.61 -14.24
CA ASP JA 288 -87.45 -48.49 -14.48
C ASP JA 288 -86.32 -48.44 -13.47
N LEU JA 289 -85.19 -47.88 -13.88
CA LEU JA 289 -84.00 -47.79 -13.05
C LEU JA 289 -84.23 -46.75 -11.97
N VAL JA 290 -84.55 -47.21 -10.76
CA VAL JA 290 -84.79 -46.29 -9.65
C VAL JA 290 -83.49 -45.60 -9.25
N SER JA 291 -82.43 -46.37 -9.05
CA SER JA 291 -81.15 -45.84 -8.57
C SER JA 291 -80.08 -46.90 -8.77
N TYR JA 292 -78.90 -46.64 -8.21
CA TYR JA 292 -77.78 -47.57 -8.23
C TYR JA 292 -77.04 -47.46 -6.90
N GLN JA 293 -76.24 -48.47 -6.59
CA GLN JA 293 -75.50 -48.47 -5.34
C GLN JA 293 -74.28 -49.37 -5.46
N ILE JA 294 -73.38 -49.24 -4.48
CA ILE JA 294 -72.18 -50.05 -4.36
C ILE JA 294 -72.15 -50.63 -2.95
N ASN JA 295 -71.95 -51.94 -2.85
CA ASN JA 295 -71.89 -52.61 -1.57
C ASN JA 295 -70.45 -52.92 -1.19
N ASN JA 296 -70.27 -53.52 -0.01
CA ASN JA 296 -68.95 -53.75 0.54
C ASN JA 296 -68.13 -54.76 -0.23
N ASP JA 297 -68.74 -55.51 -1.14
CA ASP JA 297 -67.99 -56.48 -1.95
C ASP JA 297 -67.32 -55.85 -3.15
N GLY JA 298 -67.50 -54.54 -3.37
CA GLY JA 298 -66.92 -53.87 -4.51
C GLY JA 298 -67.75 -53.90 -5.77
N THR JA 299 -68.94 -54.51 -5.74
CA THR JA 299 -69.78 -54.61 -6.91
C THR JA 299 -70.69 -53.40 -7.04
N VAL JA 300 -71.06 -53.09 -8.28
CA VAL JA 300 -72.02 -52.03 -8.58
C VAL JA 300 -73.33 -52.72 -8.95
N VAL JA 301 -74.41 -52.42 -8.23
CA VAL JA 301 -75.69 -53.07 -8.42
C VAL JA 301 -76.77 -52.01 -8.59
N GLY JA 302 -77.63 -52.21 -9.58
CA GLY JA 302 -78.74 -51.31 -9.87
C GLY JA 302 -80.06 -51.94 -9.45
N ASN JA 303 -80.93 -51.13 -8.85
CA ASN JA 303 -82.25 -51.57 -8.42
C ASN JA 303 -83.30 -50.90 -9.28
N TYR JA 304 -84.32 -51.67 -9.66
CA TYR JA 304 -85.35 -51.21 -10.57
C TYR JA 304 -86.71 -51.19 -9.88
N SER JA 305 -87.69 -50.60 -10.55
CA SER JA 305 -89.03 -50.45 -9.97
C SER JA 305 -89.71 -51.80 -9.80
N ASN JA 306 -89.32 -52.79 -10.59
CA ASN JA 306 -89.91 -54.12 -10.50
C ASN JA 306 -89.27 -54.99 -9.43
N GLU JA 307 -88.56 -54.39 -8.48
CA GLU JA 307 -87.87 -55.13 -7.42
C GLU JA 307 -86.92 -56.17 -7.99
N GLN JA 308 -86.17 -55.78 -9.03
CA GLN JA 308 -85.17 -56.64 -9.64
C GLN JA 308 -83.80 -55.97 -9.56
N GLU JA 309 -82.79 -56.77 -9.25
CA GLU JA 309 -81.42 -56.30 -9.08
C GLU JA 309 -80.58 -56.70 -10.28
N GLN JA 310 -79.79 -55.76 -10.79
CA GLN JA 310 -78.93 -55.99 -11.94
C GLN JA 310 -77.49 -55.76 -11.56
N VAL JA 311 -76.60 -56.66 -12.01
CA VAL JA 311 -75.18 -56.61 -11.73
C VAL JA 311 -74.49 -55.87 -12.87
N LEU JA 312 -73.75 -54.82 -12.53
CA LEU JA 312 -73.02 -54.03 -13.52
C LEU JA 312 -71.52 -54.20 -13.41
N GLY JA 313 -71.04 -55.16 -12.62
CA GLY JA 313 -69.63 -55.42 -12.45
C GLY JA 313 -69.17 -55.14 -11.04
N GLN JA 314 -67.85 -55.23 -10.85
CA GLN JA 314 -67.23 -54.97 -9.56
C GLN JA 314 -65.94 -54.21 -9.77
N ILE JA 315 -65.49 -53.58 -8.69
CA ILE JA 315 -64.26 -52.78 -8.72
C ILE JA 315 -63.08 -53.67 -8.39
N VAL JA 316 -62.07 -53.65 -9.26
CA VAL JA 316 -60.86 -54.44 -9.03
C VAL JA 316 -59.97 -53.72 -8.03
N LEU JA 317 -59.12 -54.49 -7.36
CA LEU JA 317 -58.10 -53.96 -6.47
C LEU JA 317 -56.75 -54.51 -6.90
N ALA JA 318 -55.77 -53.64 -7.05
CA ALA JA 318 -54.43 -54.02 -7.45
C ALA JA 318 -53.48 -53.78 -6.29
N ASN JA 319 -52.71 -54.80 -5.94
CA ASN JA 319 -51.71 -54.72 -4.88
C ASN JA 319 -50.37 -55.17 -5.44
N PHE JA 320 -49.33 -54.39 -5.16
CA PHE JA 320 -48.01 -54.65 -5.72
C PHE JA 320 -47.18 -55.50 -4.77
N ALA JA 321 -46.13 -56.10 -5.33
CA ALA JA 321 -45.18 -56.85 -4.51
C ALA JA 321 -44.43 -55.96 -3.53
N ASN JA 322 -44.29 -54.67 -3.84
CA ASN JA 322 -43.50 -53.77 -3.00
C ASN JA 322 -43.99 -52.36 -3.21
N ASN JA 323 -44.33 -51.67 -2.12
CA ASN JA 323 -44.71 -50.27 -2.18
C ASN JA 323 -43.45 -49.42 -2.30
N GLU JA 324 -43.62 -48.09 -2.24
CA GLU JA 324 -42.53 -47.12 -2.37
C GLU JA 324 -41.80 -47.23 -3.69
N GLY JA 325 -42.31 -48.01 -4.64
CA GLY JA 325 -41.75 -48.08 -5.98
C GLY JA 325 -42.72 -47.54 -7.00
N LEU JA 326 -43.92 -47.18 -6.54
CA LEU JA 326 -44.94 -46.63 -7.40
C LEU JA 326 -44.70 -45.15 -7.57
N ALA JA 327 -44.24 -44.74 -8.76
CA ALA JA 327 -43.97 -43.33 -9.01
C ALA JA 327 -45.27 -42.54 -9.02
N SER JA 328 -45.28 -41.44 -8.28
CA SER JA 328 -46.41 -40.53 -8.25
C SER JA 328 -46.45 -39.74 -9.55
N GLN JA 329 -47.63 -39.62 -10.14
CA GLN JA 329 -47.78 -38.92 -11.41
C GLN JA 329 -48.82 -37.83 -11.26
N GLY JA 330 -48.37 -36.57 -11.31
CA GLY JA 330 -49.26 -35.44 -11.31
C GLY JA 330 -50.20 -35.39 -10.13
N ASP JA 331 -51.47 -35.70 -10.37
CA ASP JA 331 -52.48 -35.72 -9.33
C ASP JA 331 -52.25 -36.94 -8.44
N ASN JA 332 -53.16 -37.18 -7.51
CA ASN JA 332 -52.96 -38.26 -6.54
C ASN JA 332 -53.16 -39.62 -7.17
N VAL JA 333 -52.28 -39.99 -8.11
CA VAL JA 333 -52.27 -41.31 -8.71
C VAL JA 333 -50.82 -41.79 -8.81
N TRP JA 334 -50.67 -43.11 -8.82
CA TRP JA 334 -49.38 -43.75 -8.91
C TRP JA 334 -49.35 -44.68 -10.11
N ALA JA 335 -48.22 -44.70 -10.80
CA ALA JA 335 -48.03 -45.53 -11.98
C ALA JA 335 -47.02 -46.63 -11.68
N ALA JA 336 -47.38 -47.87 -12.02
CA ALA JA 336 -46.47 -48.98 -11.86
C ALA JA 336 -45.29 -48.84 -12.81
N THR JA 337 -44.15 -49.40 -12.40
CA THR JA 337 -42.94 -49.35 -13.21
C THR JA 337 -42.01 -50.48 -12.78
N GLN JA 338 -40.77 -50.44 -13.26
CA GLN JA 338 -39.76 -51.36 -12.79
C GLN JA 338 -39.47 -51.11 -11.31
N ALA JA 339 -39.09 -52.17 -10.61
CA ALA JA 339 -38.87 -52.12 -9.16
C ALA JA 339 -40.13 -51.70 -8.42
N SER JA 340 -41.28 -52.07 -8.96
CA SER JA 340 -42.56 -51.83 -8.29
C SER JA 340 -43.48 -53.03 -8.29
N GLY JA 341 -43.18 -54.08 -9.05
CA GLY JA 341 -44.05 -55.24 -9.14
C GLY JA 341 -45.19 -55.03 -10.12
N VAL JA 342 -45.89 -56.12 -10.40
CA VAL JA 342 -47.06 -56.06 -11.26
C VAL JA 342 -48.27 -55.65 -10.45
N ALA JA 343 -49.35 -55.29 -11.15
CA ALA JA 343 -50.56 -54.85 -10.48
C ALA JA 343 -51.15 -55.94 -9.60
N LEU JA 344 -51.12 -57.19 -10.06
CA LEU JA 344 -51.68 -58.33 -9.33
C LEU JA 344 -53.14 -58.07 -8.97
N LEU JA 345 -53.96 -57.99 -10.02
CA LEU JA 345 -55.38 -57.67 -9.86
C LEU JA 345 -56.06 -58.71 -8.98
N GLY JA 346 -56.91 -58.23 -8.08
CA GLY JA 346 -57.67 -59.10 -7.21
C GLY JA 346 -58.97 -58.48 -6.77
N THR JA 347 -59.84 -59.28 -6.17
CA THR JA 347 -61.15 -58.81 -5.73
C THR JA 347 -61.11 -58.48 -4.24
N ALA JA 348 -62.05 -57.65 -3.81
CA ALA JA 348 -62.12 -57.22 -2.43
C ALA JA 348 -62.77 -58.25 -1.51
N GLY JA 349 -63.28 -59.35 -2.06
CA GLY JA 349 -63.97 -60.32 -1.23
C GLY JA 349 -63.06 -60.98 -0.22
N SER JA 350 -61.89 -61.43 -0.66
CA SER JA 350 -60.94 -62.11 0.22
C SER JA 350 -59.58 -62.13 -0.47
N GLY JA 351 -58.60 -62.70 0.22
CA GLY JA 351 -57.25 -62.79 -0.29
C GLY JA 351 -56.30 -61.84 0.40
N ASN JA 352 -55.38 -61.24 -0.37
CA ASN JA 352 -54.44 -60.26 0.16
C ASN JA 352 -54.97 -58.83 0.03
N PHE JA 353 -56.28 -58.67 -0.09
CA PHE JA 353 -56.89 -57.36 -0.29
C PHE JA 353 -57.90 -57.08 0.81
N GLY JA 354 -57.95 -55.83 1.25
CA GLY JA 354 -58.80 -55.44 2.35
C GLY JA 354 -60.23 -55.17 1.93
N LYS JA 355 -61.05 -54.87 2.93
CA LYS JA 355 -62.45 -54.55 2.70
C LYS JA 355 -62.61 -53.12 2.18
N LEU JA 356 -63.76 -52.87 1.58
CA LEU JA 356 -64.11 -51.55 1.06
C LEU JA 356 -65.27 -51.00 1.85
N THR JA 357 -65.12 -49.77 2.34
CA THR JA 357 -66.14 -49.09 3.13
C THR JA 357 -66.84 -48.05 2.28
N ASN JA 358 -68.17 -48.11 2.24
CA ASN JA 358 -68.96 -47.19 1.45
C ASN JA 358 -69.47 -46.05 2.33
N GLY JA 359 -69.46 -44.84 1.77
CA GLY JA 359 -69.90 -43.68 2.50
C GLY JA 359 -68.86 -43.02 3.39
N ALA JA 360 -67.58 -43.26 3.14
CA ALA JA 360 -66.52 -42.68 3.96
C ALA JA 360 -65.29 -42.44 3.11
N LEU JA 361 -64.42 -41.57 3.60
CA LEU JA 361 -63.20 -41.20 2.91
C LEU JA 361 -62.03 -41.25 3.87
N GLU JA 362 -60.83 -41.47 3.31
CA GLU JA 362 -59.61 -41.63 4.08
C GLU JA 362 -58.86 -40.30 4.13
N ALA JA 363 -58.33 -39.96 5.31
CA ALA JA 363 -57.67 -38.68 5.51
C ALA JA 363 -56.26 -38.72 4.93
N SER JA 364 -55.48 -37.68 5.21
CA SER JA 364 -54.14 -37.52 4.65
C SER JA 364 -53.04 -38.06 5.55
N ASN JA 365 -53.38 -38.56 6.74
CA ASN JA 365 -52.43 -39.14 7.70
C ASN JA 365 -51.19 -38.28 7.87
N VAL JA 366 -51.40 -36.98 8.07
CA VAL JA 366 -50.33 -36.03 8.31
C VAL JA 366 -50.61 -35.31 9.62
N ASP JA 367 -49.60 -35.24 10.49
CA ASP JA 367 -49.71 -34.58 11.79
C ASP JA 367 -48.89 -33.31 11.75
N LEU JA 368 -49.55 -32.17 11.98
CA LEU JA 368 -48.85 -30.88 11.92
C LEU JA 368 -47.82 -30.76 13.02
N SER JA 369 -48.11 -31.34 14.20
CA SER JA 369 -47.19 -31.23 15.32
C SER JA 369 -45.83 -31.83 14.98
N LYS JA 370 -45.80 -32.99 14.33
CA LYS JA 370 -44.53 -33.59 13.95
C LYS JA 370 -43.87 -32.83 12.82
N GLU JA 371 -44.67 -32.35 11.86
CA GLU JA 371 -44.11 -31.66 10.71
C GLU JA 371 -43.42 -30.36 11.12
N LEU JA 372 -44.01 -29.60 12.04
CA LEU JA 372 -43.39 -28.34 12.47
C LEU JA 372 -42.06 -28.59 13.18
N VAL JA 373 -42.01 -29.60 14.05
CA VAL JA 373 -40.78 -29.85 14.79
C VAL JA 373 -39.72 -30.45 13.89
N ASN JA 374 -40.12 -31.11 12.79
CA ASN JA 374 -39.14 -31.53 11.80
C ASN JA 374 -38.65 -30.35 10.97
N MET JA 375 -39.54 -29.42 10.65
CA MET JA 375 -39.16 -28.24 9.87
C MET JA 375 -38.17 -27.37 10.65
N ILE JA 376 -38.35 -27.26 11.96
CA ILE JA 376 -37.43 -26.46 12.77
C ILE JA 376 -36.02 -27.02 12.70
N VAL JA 377 -35.87 -28.34 12.87
CA VAL JA 377 -34.54 -28.92 12.85
C VAL JA 377 -33.96 -28.90 11.44
N ALA JA 378 -34.80 -29.00 10.41
CA ALA JA 378 -34.30 -28.85 9.05
C ALA JA 378 -33.73 -27.46 8.83
N GLN JA 379 -34.43 -26.42 9.32
CA GLN JA 379 -33.92 -25.07 9.21
C GLN JA 379 -32.60 -24.91 9.96
N ARG JA 380 -32.51 -25.51 11.16
CA ARG JA 380 -31.26 -25.42 11.92
C ARG JA 380 -30.11 -26.08 11.17
N ASN JA 381 -30.35 -27.25 10.58
CA ASN JA 381 -29.30 -27.90 9.80
C ASN JA 381 -28.89 -27.04 8.60
N TYR JA 382 -29.87 -26.43 7.93
CA TYR JA 382 -29.55 -25.56 6.80
C TYR JA 382 -28.68 -24.39 7.24
N GLN JA 383 -29.02 -23.76 8.35
CA GLN JA 383 -28.23 -22.63 8.83
C GLN JA 383 -26.83 -23.06 9.23
N SER JA 384 -26.69 -24.24 9.84
CA SER JA 384 -25.36 -24.73 10.19
C SER JA 384 -24.51 -24.98 8.95
N ASN JA 385 -25.10 -25.57 7.91
CA ASN JA 385 -24.34 -25.78 6.67
C ASN JA 385 -23.97 -24.45 6.02
N ALA JA 386 -24.87 -23.46 6.09
CA ALA JA 386 -24.53 -22.13 5.61
C ALA JA 386 -23.36 -21.53 6.38
N GLN JA 387 -23.33 -21.71 7.70
CA GLN JA 387 -22.18 -21.27 8.48
C GLN JA 387 -20.90 -21.96 8.03
N THR JA 388 -20.99 -23.26 7.76
CA THR JA 388 -19.81 -24.00 7.30
C THR JA 388 -19.27 -23.43 5.99
N ILE JA 389 -20.14 -23.22 5.00
CA ILE JA 389 -19.67 -22.69 3.74
C ILE JA 389 -19.16 -21.27 3.89
N LYS JA 390 -19.77 -20.47 4.77
CA LYS JA 390 -19.27 -19.12 5.03
C LYS JA 390 -17.86 -19.17 5.59
N THR JA 391 -17.60 -20.08 6.53
CA THR JA 391 -16.26 -20.17 7.09
C THR JA 391 -15.26 -20.69 6.06
N GLN JA 392 -15.69 -21.56 5.16
CA GLN JA 392 -14.81 -22.02 4.08
C GLN JA 392 -14.42 -20.85 3.18
N ASP JA 393 -15.40 -20.03 2.79
CA ASP JA 393 -15.11 -18.88 1.95
C ASP JA 393 -14.21 -17.88 2.67
N GLN JA 394 -14.45 -17.65 3.96
CA GLN JA 394 -13.61 -16.71 4.70
C GLN JA 394 -12.19 -17.21 4.83
N ILE JA 395 -12.00 -18.52 4.99
CA ILE JA 395 -10.65 -19.07 5.03
C ILE JA 395 -9.97 -18.91 3.67
N LEU JA 396 -10.70 -19.14 2.58
CA LEU JA 396 -10.09 -18.96 1.27
C LEU JA 396 -9.74 -17.50 1.01
N ASN JA 397 -10.53 -16.57 1.54
CA ASN JA 397 -10.26 -15.15 1.32
C ASN JA 397 -8.93 -14.72 1.92
N THR JA 398 -8.67 -15.12 3.17
CA THR JA 398 -7.43 -14.71 3.81
C THR JA 398 -6.21 -15.34 3.17
N LEU JA 399 -6.39 -16.42 2.41
CA LEU JA 399 -5.30 -17.04 1.69
C LEU JA 399 -5.06 -16.38 0.34
N VAL JA 400 -6.14 -16.02 -0.36
CA VAL JA 400 -5.99 -15.38 -1.66
C VAL JA 400 -5.45 -13.96 -1.50
N ASN JA 401 -5.92 -13.24 -0.47
CA ASN JA 401 -5.42 -11.90 -0.22
C ASN JA 401 -4.00 -11.93 0.32
N LEU JA 402 -3.74 -12.80 1.29
CA LEU JA 402 -2.42 -12.95 1.90
C LEU JA 402 -1.89 -11.63 2.44
N SER KA 2 -6.76 -20.57 24.08
CA SER KA 2 -7.26 -21.03 25.37
C SER KA 2 -8.78 -21.23 25.32
N PHE KA 3 -9.23 -22.09 24.42
CA PHE KA 3 -10.64 -22.41 24.29
C PHE KA 3 -11.10 -23.49 25.26
N SER KA 4 -10.18 -24.04 26.07
CA SER KA 4 -10.53 -25.16 26.92
C SER KA 4 -11.63 -24.82 27.91
N GLN KA 5 -11.54 -23.65 28.54
CA GLN KA 5 -12.58 -23.26 29.50
C GLN KA 5 -13.93 -23.16 28.82
N ALA KA 6 -13.99 -22.50 27.67
CA ALA KA 6 -15.26 -22.29 26.98
C ALA KA 6 -15.86 -23.61 26.50
N VAL KA 7 -15.04 -24.48 25.91
CA VAL KA 7 -15.58 -25.74 25.39
C VAL KA 7 -16.01 -26.65 26.53
N SER KA 8 -15.25 -26.68 27.63
CA SER KA 8 -15.66 -27.48 28.78
C SER KA 8 -16.97 -26.98 29.36
N GLY KA 9 -17.11 -25.66 29.48
CA GLY KA 9 -18.36 -25.10 29.97
C GLY KA 9 -19.52 -25.40 29.03
N LEU KA 10 -19.29 -25.33 27.72
CA LEU KA 10 -20.35 -25.65 26.78
C LEU KA 10 -20.76 -27.11 26.89
N ASN KA 11 -19.79 -28.01 27.04
CA ASN KA 11 -20.13 -29.42 27.20
C ASN KA 11 -20.94 -29.64 28.47
N ALA KA 12 -20.54 -28.98 29.58
CA ALA KA 12 -21.28 -29.13 30.82
C ALA KA 12 -22.71 -28.61 30.67
N ALA KA 13 -22.88 -27.44 30.03
CA ALA KA 13 -24.21 -26.89 29.85
C ALA KA 13 -25.06 -27.77 28.95
N ALA KA 14 -24.48 -28.31 27.88
CA ALA KA 14 -25.22 -29.20 27.01
C ALA KA 14 -25.65 -30.47 27.73
N THR KA 15 -24.75 -31.03 28.55
CA THR KA 15 -25.11 -32.21 29.33
C THR KA 15 -26.24 -31.90 30.31
N ASN KA 16 -26.18 -30.74 30.96
CA ASN KA 16 -27.24 -30.36 31.88
C ASN KA 16 -28.57 -30.20 31.15
N LEU KA 17 -28.55 -29.57 29.97
CA LEU KA 17 -29.77 -29.45 29.18
C LEU KA 17 -30.31 -30.81 28.79
N ASP KA 18 -29.43 -31.74 28.40
CA ASP KA 18 -29.87 -33.07 28.02
C ASP KA 18 -30.51 -33.79 29.21
N VAL KA 19 -29.91 -33.67 30.40
CA VAL KA 19 -30.46 -34.32 31.58
C VAL KA 19 -31.83 -33.75 31.90
N ILE KA 20 -31.97 -32.42 31.84
CA ILE KA 20 -33.26 -31.79 32.13
C ILE KA 20 -34.31 -32.25 31.12
N GLY KA 21 -33.93 -32.30 29.84
CA GLY KA 21 -34.87 -32.75 28.83
C GLY KA 21 -35.29 -34.19 29.02
N ASN KA 22 -34.34 -35.05 29.37
CA ASN KA 22 -34.68 -36.45 29.64
C ASN KA 22 -35.62 -36.55 30.83
N ASN KA 23 -35.38 -35.77 31.87
CA ASN KA 23 -36.23 -35.81 33.05
C ASN KA 23 -37.65 -35.34 32.74
N ILE KA 24 -37.78 -34.24 32.01
CA ILE KA 24 -39.11 -33.72 31.71
C ILE KA 24 -39.84 -34.64 30.73
N ALA KA 25 -39.10 -35.21 29.77
CA ALA KA 25 -39.73 -36.09 28.80
C ALA KA 25 -40.25 -37.37 29.44
N ASN KA 26 -39.50 -37.91 30.40
CA ASN KA 26 -39.87 -39.15 31.07
C ASN KA 26 -40.85 -38.93 32.21
N SER KA 27 -41.57 -37.81 32.21
CA SER KA 27 -42.63 -37.61 33.17
C SER KA 27 -43.79 -38.55 32.89
N ALA KA 28 -44.64 -38.73 33.89
CA ALA KA 28 -45.80 -39.62 33.82
C ALA KA 28 -45.41 -41.07 33.56
N THR KA 29 -44.14 -41.42 33.76
CA THR KA 29 -43.67 -42.79 33.67
C THR KA 29 -43.58 -43.36 35.07
N TYR KA 30 -44.33 -44.44 35.33
CA TYR KA 30 -44.50 -44.91 36.69
C TYR KA 30 -43.18 -45.36 37.30
N GLY KA 31 -42.44 -46.21 36.61
CA GLY KA 31 -41.18 -46.71 37.15
C GLY KA 31 -39.98 -45.88 36.73
N PHE KA 32 -40.03 -44.58 36.96
CA PHE KA 32 -38.96 -43.68 36.56
C PHE KA 32 -38.43 -42.92 37.77
N LYS KA 33 -37.12 -42.78 37.84
CA LYS KA 33 -36.45 -42.03 38.89
C LYS KA 33 -35.69 -40.87 38.27
N SER KA 34 -35.91 -39.67 38.79
CA SER KA 34 -35.28 -38.49 38.23
C SER KA 34 -33.77 -38.51 38.45
N GLY KA 35 -33.05 -37.92 37.51
CA GLY KA 35 -31.61 -37.85 37.60
C GLY KA 35 -31.10 -36.42 37.68
N THR KA 36 -29.83 -36.25 38.04
CA THR KA 36 -29.25 -34.93 38.16
C THR KA 36 -27.75 -35.03 37.89
N ALA KA 37 -27.23 -34.05 37.15
CA ALA KA 37 -25.82 -34.03 36.81
C ALA KA 37 -24.98 -33.55 37.99
N SER KA 38 -23.71 -33.97 38.00
CA SER KA 38 -22.76 -33.56 39.02
C SER KA 38 -21.48 -33.10 38.34
N PHE KA 39 -21.06 -31.88 38.65
CA PHE KA 39 -19.90 -31.26 38.01
C PHE KA 39 -18.73 -31.21 38.99
N ALA KA 40 -17.55 -30.91 38.45
CA ALA KA 40 -16.36 -30.78 39.28
C ALA KA 40 -15.31 -30.00 38.50
N ASP KA 41 -14.73 -28.98 39.14
CA ASP KA 41 -13.69 -28.21 38.49
C ASP KA 41 -12.42 -29.03 38.35
N MET KA 42 -11.51 -28.57 37.50
CA MET KA 42 -10.26 -29.26 37.27
C MET KA 42 -9.09 -28.28 37.36
N PHE KA 43 -7.97 -28.77 37.89
CA PHE KA 43 -6.74 -28.00 38.00
C PHE KA 43 -5.57 -28.92 37.69
N ALA KA 44 -4.88 -28.66 36.58
CA ALA KA 44 -3.78 -29.52 36.17
C ALA KA 44 -2.44 -29.01 36.69
N GLY KA 45 -2.05 -27.81 36.28
CA GLY KA 45 -0.76 -27.27 36.64
C GLY KA 45 -0.85 -26.02 37.50
N SER KA 46 -0.81 -24.85 36.85
CA SER KA 46 -0.82 -23.58 37.56
C SER KA 46 -2.16 -23.37 38.27
N LYS KA 47 -2.25 -22.28 39.03
CA LYS KA 47 -3.44 -21.98 39.80
C LYS KA 47 -4.65 -21.67 38.92
N VAL KA 48 -4.45 -21.30 37.66
CA VAL KA 48 -5.57 -20.98 36.78
C VAL KA 48 -6.29 -22.28 36.41
N GLY KA 49 -7.61 -22.25 36.47
CA GLY KA 49 -8.38 -23.45 36.20
C GLY KA 49 -8.35 -23.84 34.73
N LEU KA 50 -8.81 -25.07 34.48
CA LEU KA 50 -8.82 -25.63 33.12
C LEU KA 50 -10.21 -26.07 32.70
N GLY KA 51 -11.25 -25.57 33.34
CA GLY KA 51 -12.62 -25.90 32.98
C GLY KA 51 -13.27 -26.80 34.02
N VAL KA 52 -14.38 -27.39 33.61
CA VAL KA 52 -15.20 -28.22 34.50
C VAL KA 52 -15.50 -29.53 33.79
N LYS KA 53 -15.32 -30.64 34.50
CA LYS KA 53 -15.71 -31.95 34.03
C LYS KA 53 -17.02 -32.35 34.67
N VAL KA 54 -17.65 -33.37 34.08
CA VAL KA 54 -18.90 -33.92 34.61
C VAL KA 54 -18.58 -35.22 35.33
N ALA KA 55 -19.08 -35.36 36.55
CA ALA KA 55 -18.78 -36.52 37.39
C ALA KA 55 -19.87 -37.58 37.36
N GLY KA 56 -20.58 -37.72 36.23
CA GLY KA 56 -21.59 -38.74 36.12
C GLY KA 56 -22.92 -38.32 36.72
N ILE KA 57 -24.01 -38.76 36.12
CA ILE KA 57 -25.35 -38.39 36.58
C ILE KA 57 -25.70 -39.20 37.82
N THR KA 58 -26.54 -38.62 38.68
CA THR KA 58 -26.99 -39.26 39.90
C THR KA 58 -28.51 -39.38 39.87
N GLN KA 59 -29.01 -40.59 40.12
CA GLN KA 59 -30.43 -40.83 40.16
C GLN KA 59 -31.01 -40.38 41.50
N ASP KA 60 -32.33 -40.19 41.53
CA ASP KA 60 -33.06 -39.88 42.75
C ASP KA 60 -34.04 -41.02 43.03
N PHE KA 61 -33.81 -41.75 44.11
CA PHE KA 61 -34.60 -42.93 44.45
C PHE KA 61 -35.75 -42.58 45.40
N THR KA 62 -36.25 -41.35 45.30
CA THR KA 62 -37.40 -40.95 46.10
C THR KA 62 -38.65 -41.68 45.61
N ASP KA 63 -39.47 -42.12 46.57
CA ASP KA 63 -40.71 -42.80 46.24
C ASP KA 63 -41.69 -41.86 45.57
N GLY KA 64 -42.49 -42.41 44.66
CA GLY KA 64 -43.50 -41.62 43.98
C GLY KA 64 -44.83 -41.60 44.71
N THR KA 65 -45.93 -41.69 43.96
CA THR KA 65 -47.27 -41.68 44.53
C THR KA 65 -47.99 -42.94 44.05
N THR KA 66 -48.40 -43.78 44.99
CA THR KA 66 -49.04 -45.05 44.66
C THR KA 66 -50.48 -44.78 44.24
N THR KA 67 -50.65 -44.46 42.96
CA THR KA 67 -51.97 -44.22 42.41
C THR KA 67 -52.71 -45.53 42.19
N ASN KA 68 -53.99 -45.55 42.54
CA ASN KA 68 -54.84 -46.74 42.41
C ASN KA 68 -55.46 -46.75 41.02
N THR KA 69 -54.84 -47.47 40.10
CA THR KA 69 -55.33 -47.58 38.73
C THR KA 69 -56.24 -48.80 38.51
N GLY KA 70 -56.47 -49.60 39.55
CA GLY KA 70 -57.31 -50.77 39.42
C GLY KA 70 -56.55 -52.04 39.09
N ARG KA 71 -57.28 -53.06 38.62
CA ARG KA 71 -56.76 -54.37 38.21
C ARG KA 71 -55.95 -55.02 39.33
N GLY KA 72 -55.30 -56.14 39.01
CA GLY KA 72 -54.56 -56.88 40.03
C GLY KA 72 -53.13 -57.18 39.66
N LEU KA 73 -52.80 -57.08 38.37
CA LEU KA 73 -51.45 -57.38 37.89
C LEU KA 73 -50.61 -56.10 37.92
N ASP KA 74 -50.53 -55.52 39.11
CA ASP KA 74 -49.74 -54.31 39.33
C ASP KA 74 -49.46 -54.17 40.81
N VAL KA 75 -48.18 -54.11 41.17
CA VAL KA 75 -47.75 -54.02 42.56
C VAL KA 75 -46.77 -52.85 42.69
N ALA KA 76 -46.94 -52.04 43.71
CA ALA KA 76 -46.11 -50.88 43.97
C ALA KA 76 -45.33 -51.07 45.26
N ILE KA 77 -44.12 -50.51 45.28
CA ILE KA 77 -43.22 -50.59 46.42
C ILE KA 77 -43.15 -49.21 47.06
N SER KA 78 -43.44 -49.15 48.35
CA SER KA 78 -43.47 -47.89 49.09
C SER KA 78 -42.17 -47.63 49.84
N GLN KA 79 -41.17 -48.50 49.71
CA GLN KA 79 -39.93 -48.35 50.44
C GLN KA 79 -38.79 -48.91 49.58
N ASN KA 80 -37.66 -49.18 50.21
CA ASN KA 80 -36.51 -49.71 49.49
C ASN KA 80 -36.79 -51.13 49.03
N GLY KA 81 -36.36 -51.42 47.80
CA GLY KA 81 -36.55 -52.75 47.22
C GLY KA 81 -36.74 -52.73 45.72
N PHE KA 82 -36.06 -53.63 45.01
CA PHE KA 82 -36.10 -53.70 43.56
C PHE KA 82 -36.56 -55.07 43.11
N PHE KA 83 -37.49 -55.11 42.17
CA PHE KA 83 -37.88 -56.37 41.54
C PHE KA 83 -36.73 -56.92 40.71
N ARG KA 84 -36.52 -58.23 40.81
CA ARG KA 84 -35.48 -58.93 40.06
C ARG KA 84 -36.10 -59.70 38.92
N LEU KA 85 -35.57 -59.51 37.72
CA LEU KA 85 -36.09 -60.13 36.51
C LEU KA 85 -34.95 -60.77 35.73
N VAL KA 86 -35.31 -61.72 34.86
CA VAL KA 86 -34.34 -62.38 33.99
C VAL KA 86 -34.86 -62.30 32.56
N ASP KA 87 -33.94 -62.29 31.61
CA ASP KA 87 -34.26 -62.19 30.19
C ASP KA 87 -34.18 -63.57 29.56
N SER KA 88 -34.34 -63.60 28.23
CA SER KA 88 -34.25 -64.85 27.51
C SER KA 88 -32.84 -65.44 27.59
N ASN KA 89 -31.82 -64.61 27.42
CA ASN KA 89 -30.44 -65.09 27.42
C ASN KA 89 -29.95 -65.47 28.81
N GLY KA 90 -30.70 -65.15 29.86
CA GLY KA 90 -30.36 -65.56 31.21
C GLY KA 90 -29.78 -64.48 32.11
N SER KA 91 -29.45 -63.31 31.55
CA SER KA 91 -28.89 -62.23 32.37
C SER KA 91 -29.96 -61.68 33.31
N VAL KA 92 -29.51 -61.06 34.40
CA VAL KA 92 -30.38 -60.61 35.48
C VAL KA 92 -30.42 -59.09 35.48
N PHE KA 93 -31.63 -58.54 35.58
CA PHE KA 93 -31.85 -57.10 35.65
C PHE KA 93 -32.72 -56.79 36.86
N TYR KA 94 -32.72 -55.52 37.26
CA TYR KA 94 -33.51 -55.07 38.39
C TYR KA 94 -34.30 -53.83 38.00
N SER KA 95 -35.58 -53.81 38.37
CA SER KA 95 -36.48 -52.75 37.93
C SER KA 95 -37.54 -52.51 38.99
N ARG KA 96 -38.36 -51.49 38.76
CA ARG KA 96 -39.45 -51.15 39.67
C ARG KA 96 -40.79 -51.02 38.96
N ASN KA 97 -40.85 -51.33 37.65
CA ASN KA 97 -42.11 -51.22 36.92
C ASN KA 97 -43.10 -52.27 37.40
N GLY KA 98 -44.32 -51.84 37.68
CA GLY KA 98 -45.34 -52.73 38.20
C GLY KA 98 -46.28 -53.32 37.18
N GLN KA 99 -46.17 -52.94 35.91
CA GLN KA 99 -47.08 -53.43 34.88
C GLN KA 99 -46.69 -54.86 34.51
N PHE KA 100 -47.54 -55.81 34.88
CA PHE KA 100 -47.29 -57.22 34.63
C PHE KA 100 -48.49 -57.83 33.91
N LYS KA 101 -48.24 -58.93 33.19
CA LYS KA 101 -49.30 -59.63 32.49
C LYS KA 101 -48.84 -61.07 32.25
N LEU KA 102 -49.80 -61.99 32.22
CA LEU KA 102 -49.49 -63.38 31.90
C LEU KA 102 -49.13 -63.49 30.42
N ASP KA 103 -48.00 -64.13 30.13
CA ASP KA 103 -47.51 -64.27 28.77
C ASP KA 103 -48.23 -65.43 28.08
N GLU KA 104 -47.78 -65.79 26.88
CA GLU KA 104 -48.40 -66.90 26.16
C GLU KA 104 -48.17 -68.22 26.89
N ASN KA 105 -47.03 -68.37 27.56
CA ASN KA 105 -46.72 -69.57 28.32
C ASN KA 105 -47.31 -69.52 29.74
N ARG KA 106 -48.30 -68.67 29.97
CA ARG KA 106 -48.98 -68.53 31.25
C ARG KA 106 -48.05 -68.09 32.38
N ASN KA 107 -47.00 -67.35 32.06
CA ASN KA 107 -46.07 -66.83 33.06
C ASN KA 107 -46.16 -65.32 33.13
N LEU KA 108 -45.87 -64.78 34.32
CA LEU KA 108 -45.95 -63.35 34.57
C LEU KA 108 -44.72 -62.66 34.00
N VAL KA 109 -44.94 -61.70 33.11
CA VAL KA 109 -43.88 -60.96 32.44
C VAL KA 109 -44.30 -59.50 32.38
N ASN KA 110 -43.32 -58.59 32.44
CA ASN KA 110 -43.58 -57.16 32.31
C ASN KA 110 -44.04 -56.85 30.89
N MET KA 111 -44.33 -55.57 30.61
CA MET KA 111 -44.78 -55.17 29.30
C MET KA 111 -43.69 -55.20 28.25
N GLN KA 112 -42.42 -55.38 28.65
CA GLN KA 112 -41.31 -55.40 27.71
C GLN KA 112 -40.87 -56.79 27.30
N GLY KA 113 -40.93 -57.76 28.21
CA GLY KA 113 -40.47 -59.10 27.90
C GLY KA 113 -39.47 -59.65 28.90
N MET KA 114 -39.43 -59.05 30.09
CA MET KA 114 -38.56 -59.54 31.16
C MET KA 114 -39.32 -60.52 32.03
N GLN KA 115 -38.70 -61.68 32.28
CA GLN KA 115 -39.35 -62.76 32.99
C GLN KA 115 -39.31 -62.48 34.49
N LEU KA 116 -40.49 -62.27 35.08
CA LEU KA 116 -40.58 -62.05 36.52
C LEU KA 116 -40.17 -63.31 37.27
N THR KA 117 -39.34 -63.13 38.31
CA THR KA 117 -38.79 -64.24 39.07
C THR KA 117 -39.18 -64.11 40.53
N GLY KA 118 -39.19 -65.24 41.23
CA GLY KA 118 -39.53 -65.24 42.64
C GLY KA 118 -39.21 -66.57 43.26
N TYR KA 119 -39.54 -66.69 44.55
CA TYR KA 119 -39.29 -67.93 45.27
C TYR KA 119 -40.18 -69.04 44.74
N PRO KA 120 -39.62 -70.18 44.33
CA PRO KA 120 -40.46 -71.26 43.82
C PRO KA 120 -41.29 -71.91 44.92
N ALA KA 121 -42.42 -72.46 44.52
CA ALA KA 121 -43.32 -73.15 45.44
C ALA KA 121 -43.25 -74.65 45.18
N THR KA 122 -42.79 -75.40 46.17
CA THR KA 122 -42.69 -76.85 46.08
C THR KA 122 -43.39 -77.48 47.28
N GLY KA 123 -43.43 -78.81 47.29
CA GLY KA 123 -44.09 -79.56 48.33
C GLY KA 123 -45.44 -80.07 47.91
N THR KA 124 -45.97 -80.99 48.73
CA THR KA 124 -47.28 -81.60 48.49
C THR KA 124 -48.11 -81.51 49.75
N PRO KA 125 -48.98 -80.50 49.88
CA PRO KA 125 -49.28 -79.43 48.91
C PRO KA 125 -48.15 -78.42 48.80
N PRO KA 126 -48.11 -77.68 47.68
CA PRO KA 126 -47.04 -76.69 47.52
C PRO KA 126 -47.07 -75.64 48.62
N THR KA 127 -45.88 -75.25 49.06
CA THR KA 127 -45.72 -74.24 50.10
C THR KA 127 -44.61 -73.29 49.67
N ILE KA 128 -44.20 -72.43 50.59
CA ILE KA 128 -43.22 -71.38 50.30
C ILE KA 128 -41.89 -71.74 50.95
N GLN KA 129 -40.82 -71.71 50.17
CA GLN KA 129 -39.47 -71.96 50.66
C GLN KA 129 -38.67 -70.66 50.61
N GLN KA 130 -38.05 -70.31 51.72
CA GLN KA 130 -37.25 -69.10 51.82
C GLN KA 130 -35.77 -69.33 51.52
N GLY KA 131 -35.37 -70.56 51.19
CA GLY KA 131 -34.00 -70.85 50.87
C GLY KA 131 -33.80 -71.37 49.46
N ALA KA 132 -34.90 -71.62 48.77
CA ALA KA 132 -34.82 -72.13 47.40
C ALA KA 132 -34.35 -71.06 46.44
N ASN KA 133 -33.60 -71.48 45.42
CA ASN KA 133 -33.11 -70.54 44.41
C ASN KA 133 -34.28 -69.95 43.64
N PRO KA 134 -34.26 -68.64 43.37
CA PRO KA 134 -35.38 -68.02 42.66
C PRO KA 134 -35.54 -68.59 41.25
N ALA KA 135 -36.78 -68.69 40.81
CA ALA KA 135 -37.15 -69.27 39.54
C ALA KA 135 -38.25 -68.42 38.92
N PRO KA 136 -38.43 -68.51 37.60
CA PRO KA 136 -39.55 -67.80 36.96
C PRO KA 136 -40.89 -68.29 37.49
N ILE KA 137 -41.84 -67.37 37.55
CA ILE KA 137 -43.17 -67.67 38.08
C ILE KA 137 -44.13 -67.90 36.91
N THR KA 138 -44.76 -69.08 36.90
CA THR KA 138 -45.77 -69.42 35.90
C THR KA 138 -47.05 -69.83 36.61
N ILE KA 139 -48.18 -69.61 35.93
CA ILE KA 139 -49.48 -69.92 36.51
C ILE KA 139 -50.22 -70.85 35.55
N PRO KA 140 -49.97 -72.16 35.61
CA PRO KA 140 -50.69 -73.09 34.74
C PRO KA 140 -52.17 -73.17 35.08
N ASN KA 141 -52.96 -73.52 34.07
CA ASN KA 141 -54.40 -73.72 34.23
C ASN KA 141 -54.75 -75.21 34.38
N THR KA 142 -53.74 -76.06 34.54
CA THR KA 142 -53.98 -77.50 34.61
C THR KA 142 -54.76 -77.86 35.88
N LEU KA 143 -55.59 -78.91 35.75
CA LEU KA 143 -56.39 -79.39 36.87
C LEU KA 143 -55.51 -80.11 37.87
N MET KA 144 -55.65 -79.77 39.14
CA MET KA 144 -54.89 -80.41 40.20
C MET KA 144 -55.54 -81.71 40.63
N ALA KA 145 -54.72 -82.72 40.92
CA ALA KA 145 -55.23 -84.02 41.30
C ALA KA 145 -55.84 -84.00 42.70
N ALA KA 146 -56.81 -84.88 42.91
CA ALA KA 146 -57.47 -84.97 44.20
C ALA KA 146 -56.54 -85.61 45.23
N LYS KA 147 -56.78 -85.28 46.50
CA LYS KA 147 -55.97 -85.76 47.61
C LYS KA 147 -56.81 -86.67 48.49
N SER KA 148 -56.23 -87.82 48.87
CA SER KA 148 -56.91 -88.73 49.78
C SER KA 148 -57.04 -88.09 51.16
N THR KA 149 -58.20 -88.29 51.78
CA THR KA 149 -58.41 -87.77 53.13
C THR KA 149 -57.50 -88.53 54.11
N THR KA 150 -56.80 -87.79 54.95
CA THR KA 150 -55.85 -88.37 55.88
C THR KA 150 -56.24 -88.18 57.34
N THR KA 151 -56.60 -86.96 57.74
CA THR KA 151 -56.94 -86.66 59.12
C THR KA 151 -58.24 -85.87 59.16
N ALA KA 152 -59.12 -86.24 60.10
CA ALA KA 152 -60.38 -85.55 60.31
C ALA KA 152 -60.55 -85.29 61.80
N SER KA 153 -61.21 -84.18 62.13
CA SER KA 153 -61.40 -83.79 63.52
C SER KA 153 -62.83 -83.31 63.73
N MET KA 154 -63.45 -83.75 64.82
CA MET KA 154 -64.79 -83.34 65.18
C MET KA 154 -64.85 -83.01 66.67
N GLN KA 155 -65.54 -81.91 66.99
CA GLN KA 155 -65.76 -81.46 68.35
C GLN KA 155 -67.23 -81.08 68.50
N ILE KA 156 -67.96 -81.83 69.32
CA ILE KA 156 -69.40 -81.67 69.49
C ILE KA 156 -69.70 -81.54 70.98
N ASN KA 157 -70.45 -80.51 71.35
CA ASN KA 157 -70.87 -80.34 72.73
C ASN KA 157 -71.88 -81.40 73.12
N LEU KA 158 -71.82 -81.83 74.38
CA LEU KA 158 -72.71 -82.86 74.90
C LEU KA 158 -73.35 -82.38 76.20
N ASN KA 159 -74.52 -82.94 76.50
CA ASN KA 159 -75.28 -82.58 77.69
C ASN KA 159 -74.93 -83.52 78.83
N SER KA 160 -74.53 -82.97 79.97
CA SER KA 160 -74.23 -83.80 81.14
C SER KA 160 -75.49 -84.49 81.65
N THR KA 161 -76.62 -83.77 81.70
CA THR KA 161 -77.86 -84.30 82.22
C THR KA 161 -78.77 -84.86 81.13
N ASP KA 162 -78.20 -85.30 80.01
CA ASP KA 162 -79.00 -85.87 78.94
C ASP KA 162 -79.55 -87.23 79.37
N PRO KA 163 -80.86 -87.44 79.30
CA PRO KA 163 -81.42 -88.72 79.73
C PRO KA 163 -80.93 -89.87 78.87
N VAL KA 164 -80.80 -91.03 79.50
CA VAL KA 164 -80.38 -92.25 78.79
C VAL KA 164 -81.47 -92.66 77.81
N PRO KA 165 -81.13 -93.03 76.58
CA PRO KA 165 -82.17 -93.47 75.62
C PRO KA 165 -82.92 -94.69 76.14
N SER KA 166 -84.22 -94.74 75.84
CA SER KA 166 -85.05 -95.86 76.25
C SER KA 166 -84.58 -97.15 75.57
N LYS KA 167 -84.27 -97.09 74.28
CA LYS KA 167 -83.83 -98.26 73.53
C LYS KA 167 -82.34 -98.45 73.78
N THR KA 168 -82.00 -99.35 74.71
CA THR KA 168 -80.60 -99.64 74.98
C THR KA 168 -79.85 -100.21 73.78
N PRO KA 169 -80.37 -101.19 73.03
CA PRO KA 169 -79.63 -101.67 71.86
C PRO KA 169 -79.52 -100.60 70.78
N PHE KA 170 -78.41 -100.67 70.04
CA PHE KA 170 -78.19 -99.72 68.96
C PHE KA 170 -79.06 -100.07 67.75
N SER KA 171 -79.57 -99.04 67.08
CA SER KA 171 -80.38 -99.21 65.89
C SER KA 171 -79.98 -98.16 64.86
N VAL KA 172 -80.28 -98.46 63.59
CA VAL KA 172 -79.94 -97.56 62.49
C VAL KA 172 -81.15 -96.80 61.96
N SER KA 173 -82.37 -97.20 62.35
CA SER KA 173 -83.57 -96.53 61.86
C SER KA 173 -84.45 -96.03 63.00
N ASP KA 174 -83.90 -95.91 64.21
CA ASP KA 174 -84.63 -95.40 65.36
C ASP KA 174 -83.94 -94.14 65.87
N ALA KA 175 -84.71 -93.05 65.99
CA ALA KA 175 -84.14 -91.80 66.49
C ALA KA 175 -83.88 -91.87 67.99
N ASP KA 176 -84.63 -92.70 68.72
CA ASP KA 176 -84.48 -92.84 70.15
C ASP KA 176 -83.44 -93.87 70.55
N SER KA 177 -82.85 -94.58 69.59
CA SER KA 177 -81.81 -95.55 69.91
C SER KA 177 -80.49 -94.88 70.27
N TYR KA 178 -80.25 -93.69 69.75
CA TYR KA 178 -79.03 -92.94 70.03
C TYR KA 178 -79.38 -91.49 70.35
N ASN KA 179 -78.48 -90.84 71.07
CA ASN KA 179 -78.71 -89.45 71.49
C ASN KA 179 -78.30 -88.44 70.44
N LYS KA 180 -77.14 -88.61 69.81
CA LYS KA 180 -76.60 -87.64 68.87
C LYS KA 180 -76.28 -88.33 67.55
N LYS KA 181 -76.57 -87.64 66.45
CA LYS KA 181 -76.27 -88.15 65.11
C LYS KA 181 -75.58 -87.06 64.30
N GLY KA 182 -74.46 -87.42 63.66
CA GLY KA 182 -73.76 -86.50 62.80
C GLY KA 182 -73.29 -87.19 61.54
N THR KA 183 -72.85 -86.39 60.58
CA THR KA 183 -72.37 -86.89 59.30
C THR KA 183 -70.97 -86.37 59.02
N VAL KA 184 -70.16 -87.20 58.37
CA VAL KA 184 -68.80 -86.85 57.98
C VAL KA 184 -68.67 -87.05 56.48
N THR KA 185 -68.31 -85.98 55.77
CA THR KA 185 -68.10 -86.03 54.32
C THR KA 185 -66.62 -86.28 54.07
N VAL KA 186 -66.30 -87.46 53.54
CA VAL KA 186 -64.92 -87.87 53.32
C VAL KA 186 -64.74 -88.24 51.86
N TYR KA 187 -63.59 -87.87 51.29
CA TYR KA 187 -63.29 -88.14 49.89
C TYR KA 187 -62.14 -89.12 49.80
N ASP KA 188 -62.28 -90.09 48.89
CA ASP KA 188 -61.31 -91.15 48.71
C ASP KA 188 -60.23 -90.70 47.71
N SER KA 189 -59.40 -91.65 47.27
CA SER KA 189 -58.31 -91.34 46.34
C SER KA 189 -58.82 -90.94 44.96
N GLN KA 190 -60.08 -91.21 44.64
CA GLN KA 190 -60.66 -90.77 43.38
C GLN KA 190 -61.58 -89.57 43.54
N GLY KA 191 -61.90 -89.18 44.78
CA GLY KA 191 -62.72 -88.01 45.03
C GLY KA 191 -64.16 -88.29 45.35
N ASN KA 192 -64.57 -89.55 45.43
CA ASN KA 192 -65.96 -89.87 45.69
C ASN KA 192 -66.36 -89.44 47.10
N ALA KA 193 -67.62 -89.03 47.25
CA ALA KA 193 -68.12 -88.52 48.52
C ALA KA 193 -68.71 -89.67 49.32
N HIS KA 194 -68.28 -89.81 50.58
CA HIS KA 194 -68.82 -90.79 51.50
C HIS KA 194 -69.30 -90.09 52.75
N ASP KA 195 -70.47 -90.48 53.23
CA ASP KA 195 -71.08 -89.91 54.43
C ASP KA 195 -70.91 -90.91 55.57
N MET KA 196 -69.98 -90.61 56.47
CA MET KA 196 -69.70 -91.47 57.62
C MET KA 196 -70.59 -91.02 58.77
N ASN KA 197 -71.75 -91.64 58.91
CA ASN KA 197 -72.67 -91.31 59.97
C ASN KA 197 -72.11 -91.77 61.31
N VAL KA 198 -71.99 -90.84 62.24
CA VAL KA 198 -71.47 -91.10 63.58
C VAL KA 198 -72.60 -90.95 64.57
N TYR KA 199 -72.83 -91.98 65.37
CA TYR KA 199 -73.90 -92.02 66.35
C TYR KA 199 -73.32 -92.09 67.75
N PHE KA 200 -73.73 -91.15 68.60
CA PHE KA 200 -73.35 -91.12 70.01
C PHE KA 200 -74.56 -91.55 70.82
N VAL KA 201 -74.38 -92.58 71.66
CA VAL KA 201 -75.44 -93.06 72.53
C VAL KA 201 -74.91 -93.14 73.95
N LYS KA 202 -75.72 -92.69 74.91
CA LYS KA 202 -75.35 -92.70 76.31
C LYS KA 202 -75.90 -93.94 76.99
N THR KA 203 -75.02 -94.70 77.66
CA THR KA 203 -75.42 -95.91 78.36
C THR KA 203 -75.40 -95.74 79.87
N LYS KA 204 -74.28 -95.25 80.43
CA LYS KA 204 -74.15 -95.00 81.85
C LYS KA 204 -73.51 -93.62 82.04
N ASP KA 205 -73.19 -93.30 83.29
CA ASP KA 205 -72.63 -92.00 83.61
C ASP KA 205 -71.23 -91.86 83.04
N ASN KA 206 -70.97 -90.73 82.38
CA ASN KA 206 -69.67 -90.41 81.81
C ASN KA 206 -69.19 -91.48 80.84
N GLU KA 207 -70.12 -92.04 80.08
CA GLU KA 207 -69.81 -93.06 79.08
C GLU KA 207 -70.63 -92.80 77.82
N TRP KA 208 -69.96 -92.81 76.67
CA TRP KA 208 -70.62 -92.65 75.39
C TRP KA 208 -70.12 -93.72 74.43
N ALA KA 209 -71.04 -94.33 73.69
CA ALA KA 209 -70.70 -95.31 72.66
C ALA KA 209 -70.88 -94.65 71.30
N VAL KA 210 -69.84 -94.78 70.46
CA VAL KA 210 -69.79 -94.16 69.15
C VAL KA 210 -69.85 -95.25 68.09
N TYR KA 211 -70.76 -95.08 67.13
CA TYR KA 211 -70.97 -96.04 66.06
C TYR KA 211 -70.72 -95.34 64.72
N THR KA 212 -69.99 -96.00 63.83
CA THR KA 212 -69.71 -95.49 62.50
C THR KA 212 -70.50 -96.31 61.47
N HIS KA 213 -71.17 -95.62 60.55
CA HIS KA 213 -71.98 -96.27 59.54
C HIS KA 213 -71.74 -95.60 58.20
N ASP KA 214 -71.87 -96.37 57.13
CA ASP KA 214 -71.72 -95.87 55.77
C ASP KA 214 -73.11 -95.59 55.20
N SER KA 215 -73.53 -94.33 55.24
CA SER KA 215 -74.85 -93.95 54.75
C SER KA 215 -74.85 -93.58 53.27
N SER KA 216 -73.74 -93.05 52.76
CA SER KA 216 -73.66 -92.76 51.33
C SER KA 216 -73.72 -94.04 50.51
N ASP KA 217 -73.08 -95.10 51.00
CA ASP KA 217 -73.06 -96.37 50.30
C ASP KA 217 -73.97 -97.35 51.04
N PRO KA 218 -75.19 -97.60 50.55
CA PRO KA 218 -76.07 -98.56 51.24
C PRO KA 218 -75.69 -100.01 51.04
N ALA KA 219 -74.74 -100.31 50.15
CA ALA KA 219 -74.31 -101.69 49.92
C ALA KA 219 -73.51 -102.27 51.08
N ALA KA 220 -72.99 -101.43 51.97
CA ALA KA 220 -72.22 -101.92 53.10
C ALA KA 220 -73.14 -102.54 54.15
N THR KA 221 -72.59 -103.50 54.90
CA THR KA 221 -73.34 -104.15 55.96
C THR KA 221 -73.59 -103.17 57.11
N ALA KA 222 -74.79 -103.22 57.67
CA ALA KA 222 -75.16 -102.31 58.74
C ALA KA 222 -74.41 -102.66 60.02
N PRO KA 223 -73.61 -101.76 60.57
CA PRO KA 223 -72.87 -102.08 61.80
C PRO KA 223 -73.80 -102.20 63.01
N THR KA 224 -73.38 -103.02 63.96
CA THR KA 224 -74.10 -103.19 65.22
C THR KA 224 -73.22 -102.99 66.45
N THR KA 225 -71.97 -103.42 66.42
CA THR KA 225 -71.09 -103.26 67.56
C THR KA 225 -70.66 -101.80 67.71
N ALA KA 226 -70.33 -101.42 68.94
CA ALA KA 226 -69.87 -100.07 69.21
C ALA KA 226 -68.48 -99.86 68.62
N SER KA 227 -68.33 -98.80 67.82
CA SER KA 227 -67.04 -98.52 67.21
C SER KA 227 -66.04 -98.00 68.23
N THR KA 228 -66.47 -97.10 69.12
CA THR KA 228 -65.56 -96.52 70.10
C THR KA 228 -66.30 -96.26 71.40
N THR KA 229 -65.53 -96.15 72.47
CA THR KA 229 -66.03 -95.78 73.78
C THR KA 229 -65.32 -94.51 74.26
N LEU KA 230 -66.10 -93.60 74.84
CA LEU KA 230 -65.58 -92.34 75.36
C LEU KA 230 -65.96 -92.21 76.82
N LYS KA 231 -64.97 -91.90 77.66
CA LYS KA 231 -65.19 -91.66 79.09
C LYS KA 231 -64.58 -90.32 79.46
N PHE KA 232 -65.36 -89.50 80.15
CA PHE KA 232 -64.95 -88.17 80.56
C PHE KA 232 -64.70 -88.14 82.07
N ASN KA 233 -64.09 -87.04 82.53
CA ASN KA 233 -63.79 -86.84 83.93
C ASN KA 233 -65.00 -86.25 84.63
N GLU KA 234 -64.87 -86.03 85.95
CA GLU KA 234 -65.96 -85.44 86.71
C GLU KA 234 -66.27 -84.02 86.24
N ASN KA 235 -65.23 -83.25 85.93
CA ASN KA 235 -65.40 -81.88 85.45
C ASN KA 235 -65.67 -81.82 83.95
N GLY KA 236 -65.66 -82.96 83.26
CA GLY KA 236 -65.94 -82.99 81.84
C GLY KA 236 -64.75 -82.95 80.93
N ILE KA 237 -63.56 -83.24 81.42
CA ILE KA 237 -62.35 -83.20 80.61
C ILE KA 237 -62.05 -84.62 80.11
N LEU KA 238 -61.96 -84.78 78.80
CA LEU KA 238 -61.66 -86.08 78.22
C LEU KA 238 -60.23 -86.49 78.55
N GLU KA 239 -60.00 -87.79 78.69
CA GLU KA 239 -58.69 -88.31 79.08
C GLU KA 239 -57.99 -89.02 77.92
N SER KA 240 -58.63 -90.01 77.31
CA SER KA 240 -58.00 -90.77 76.23
C SER KA 240 -59.08 -91.43 75.39
N GLY KA 241 -58.67 -91.91 74.22
CA GLY KA 241 -59.56 -92.60 73.32
C GLY KA 241 -60.17 -91.76 72.21
N GLY KA 242 -59.70 -90.54 72.00
CA GLY KA 242 -60.29 -89.66 71.01
C GLY KA 242 -59.90 -89.93 69.58
N THR KA 243 -58.86 -90.73 69.35
CA THR KA 243 -58.39 -91.03 68.00
C THR KA 243 -58.94 -92.39 67.57
N VAL KA 244 -59.69 -92.41 66.48
CA VAL KA 244 -60.33 -93.61 65.96
C VAL KA 244 -59.90 -93.82 64.52
N ASN KA 245 -59.53 -95.04 64.18
CA ASN KA 245 -59.18 -95.42 62.82
C ASN KA 245 -60.36 -96.17 62.21
N ILE KA 246 -61.05 -95.51 61.27
CA ILE KA 246 -62.22 -96.08 60.62
C ILE KA 246 -62.06 -95.95 59.12
N THR KA 247 -62.31 -97.04 58.40
CA THR KA 247 -62.25 -97.07 56.95
C THR KA 247 -63.63 -96.85 56.36
N THR KA 248 -63.68 -96.28 55.16
CA THR KA 248 -64.93 -96.02 54.48
C THR KA 248 -65.28 -97.20 53.56
N GLY KA 249 -66.30 -97.03 52.73
CA GLY KA 249 -66.67 -98.01 51.75
C GLY KA 249 -66.08 -97.71 50.38
N THR KA 250 -65.94 -98.74 49.56
CA THR KA 250 -65.32 -98.62 48.25
C THR KA 250 -66.39 -98.69 47.16
N ILE KA 251 -66.44 -97.65 46.32
CA ILE KA 251 -67.32 -97.61 45.17
C ILE KA 251 -66.54 -97.08 43.99
N ASN KA 252 -67.08 -97.33 42.79
CA ASN KA 252 -66.50 -96.84 41.54
C ASN KA 252 -65.07 -97.34 41.34
N GLY KA 253 -64.74 -98.49 41.93
CA GLY KA 253 -63.41 -99.04 41.83
C GLY KA 253 -62.32 -98.16 42.42
N ALA KA 254 -62.61 -97.48 43.51
CA ALA KA 254 -61.66 -96.60 44.18
C ALA KA 254 -61.32 -97.14 45.56
N THR KA 255 -60.11 -96.82 46.02
CA THR KA 255 -59.66 -97.24 47.34
C THR KA 255 -60.54 -96.62 48.41
N ALA KA 256 -60.94 -97.42 49.40
CA ALA KA 256 -61.70 -96.89 50.52
C ALA KA 256 -60.87 -95.88 51.30
N ALA KA 257 -61.49 -94.75 51.62
CA ALA KA 257 -60.79 -93.69 52.32
C ALA KA 257 -60.44 -94.12 53.74
N THR KA 258 -59.17 -93.97 54.11
CA THR KA 258 -58.69 -94.28 55.45
C THR KA 258 -58.22 -93.00 56.12
N PHE KA 259 -58.74 -92.72 57.31
CA PHE KA 259 -58.43 -91.49 58.01
C PHE KA 259 -58.55 -91.71 59.51
N SER KA 260 -57.94 -90.81 60.28
CA SER KA 260 -57.98 -90.85 61.73
C SER KA 260 -58.89 -89.74 62.22
N LEU KA 261 -60.01 -90.12 62.84
CA LEU KA 261 -60.97 -89.17 63.36
C LEU KA 261 -60.63 -88.84 64.82
N SER KA 262 -60.45 -87.56 65.11
CA SER KA 262 -60.03 -87.11 66.42
C SER KA 262 -61.14 -86.32 67.10
N PHE KA 263 -61.46 -86.72 68.33
CA PHE KA 263 -62.44 -86.05 69.17
C PHE KA 263 -61.76 -85.21 70.24
N LEU KA 264 -60.59 -84.65 69.91
CA LEU KA 264 -59.84 -83.84 70.87
C LEU KA 264 -60.64 -82.60 71.23
N ASN KA 265 -60.47 -82.16 72.48
CA ASN KA 265 -61.19 -81.01 73.04
C ASN KA 265 -62.70 -81.26 72.98
N SER KA 266 -63.12 -82.31 73.68
CA SER KA 266 -64.52 -82.68 73.80
C SER KA 266 -64.98 -82.44 75.24
N MET KA 267 -66.15 -81.82 75.39
CA MET KA 267 -66.67 -81.48 76.70
C MET KA 267 -68.10 -82.00 76.82
N GLN KA 268 -68.48 -82.29 78.07
CA GLN KA 268 -69.81 -82.82 78.36
C GLN KA 268 -70.60 -81.93 79.32
N GLN KA 269 -70.14 -80.71 79.57
CA GLN KA 269 -70.87 -79.81 80.45
C GLN KA 269 -72.21 -79.43 79.85
N ASN KA 270 -73.21 -79.26 80.70
CA ASN KA 270 -74.57 -78.98 80.24
C ASN KA 270 -74.67 -77.58 79.64
N THR KA 271 -74.73 -77.50 78.32
CA THR KA 271 -74.96 -76.25 77.62
C THR KA 271 -76.39 -76.12 77.12
N GLY KA 272 -77.30 -76.97 77.59
CA GLY KA 272 -78.68 -76.94 77.17
C GLY KA 272 -79.00 -77.91 76.04
N ALA KA 273 -78.37 -77.72 74.88
CA ALA KA 273 -78.63 -78.55 73.71
C ALA KA 273 -77.32 -79.06 73.13
N ASN KA 274 -77.41 -80.20 72.45
CA ASN KA 274 -76.25 -80.78 71.78
C ASN KA 274 -76.13 -80.24 70.36
N ASN KA 275 -74.94 -79.77 70.01
CA ASN KA 275 -74.69 -79.21 68.69
C ASN KA 275 -73.24 -79.43 68.32
N ILE KA 276 -72.98 -79.41 67.01
CA ILE KA 276 -71.64 -79.59 66.46
C ILE KA 276 -70.99 -78.21 66.36
N VAL KA 277 -69.85 -78.04 67.02
CA VAL KA 277 -69.16 -76.76 67.02
C VAL KA 277 -67.86 -76.80 66.23
N ALA KA 278 -67.35 -77.98 65.86
CA ALA KA 278 -66.17 -78.04 65.02
C ALA KA 278 -66.20 -79.32 64.20
N THR KA 279 -65.92 -79.19 62.90
CA THR KA 279 -65.79 -80.35 62.03
C THR KA 279 -64.88 -79.99 60.87
N ASN KA 280 -63.90 -80.85 60.60
CA ASN KA 280 -62.94 -80.56 59.55
C ASN KA 280 -62.33 -81.85 59.03
N GLN KA 281 -61.91 -81.82 57.77
CA GLN KA 281 -61.21 -82.92 57.14
C GLN KA 281 -60.37 -82.35 56.00
N ASN KA 282 -59.42 -83.15 55.53
CA ASN KA 282 -58.50 -82.71 54.48
C ASN KA 282 -58.82 -83.35 53.12
N GLY KA 283 -60.06 -83.75 52.90
CA GLY KA 283 -60.48 -84.30 51.62
C GLY KA 283 -61.23 -83.26 50.80
N TYR KA 284 -60.77 -83.07 49.57
CA TYR KA 284 -61.38 -82.09 48.68
C TYR KA 284 -61.45 -82.66 47.27
N LYS KA 285 -62.55 -82.40 46.59
CA LYS KA 285 -62.69 -82.81 45.20
C LYS KA 285 -61.77 -81.98 44.32
N PRO KA 286 -61.32 -82.54 43.20
CA PRO KA 286 -60.46 -81.77 42.29
C PRO KA 286 -61.23 -80.62 41.66
N GLY KA 287 -60.50 -79.53 41.41
CA GLY KA 287 -61.12 -78.35 40.82
C GLY KA 287 -60.19 -77.61 39.87
N ASP KA 288 -60.74 -77.08 38.79
CA ASP KA 288 -59.96 -76.31 37.84
C ASP KA 288 -59.62 -74.94 38.41
N LEU KA 289 -58.59 -74.32 37.84
CA LEU KA 289 -58.18 -72.99 38.29
C LEU KA 289 -59.26 -71.96 37.96
N VAL KA 290 -59.66 -71.20 38.97
CA VAL KA 290 -60.70 -70.18 38.83
C VAL KA 290 -60.09 -68.78 38.75
N SER KA 291 -59.24 -68.43 39.71
CA SER KA 291 -58.68 -67.09 39.77
C SER KA 291 -57.29 -67.15 40.38
N TYR KA 292 -56.52 -66.10 40.11
CA TYR KA 292 -55.21 -65.92 40.73
C TYR KA 292 -55.10 -64.48 41.22
N GLN KA 293 -54.49 -64.31 42.40
CA GLN KA 293 -54.43 -62.99 43.00
C GLN KA 293 -53.21 -62.89 43.90
N ILE KA 294 -52.56 -61.74 43.88
CA ILE KA 294 -51.41 -61.46 44.73
C ILE KA 294 -51.89 -60.65 45.92
N ASN KA 295 -51.64 -61.16 47.12
CA ASN KA 295 -52.08 -60.50 48.34
C ASN KA 295 -50.99 -59.55 48.82
N ASN KA 296 -51.13 -59.08 50.08
CA ASN KA 296 -50.25 -58.04 50.60
C ASN KA 296 -48.79 -58.51 50.66
N ASP KA 297 -48.55 -59.75 51.06
CA ASP KA 297 -47.19 -60.22 51.29
C ASP KA 297 -46.42 -60.51 50.00
N GLY KA 298 -47.07 -60.46 48.83
CA GLY KA 298 -46.43 -60.71 47.56
C GLY KA 298 -46.60 -62.11 47.01
N THR KA 299 -47.09 -63.05 47.83
CA THR KA 299 -47.38 -64.38 47.33
C THR KA 299 -48.57 -64.35 46.38
N VAL KA 300 -48.57 -65.27 45.42
CA VAL KA 300 -49.66 -65.40 44.46
C VAL KA 300 -50.47 -66.64 44.85
N VAL KA 301 -51.76 -66.44 45.10
CA VAL KA 301 -52.67 -67.49 45.53
C VAL KA 301 -53.62 -67.80 44.38
N GLY KA 302 -53.76 -69.10 44.08
CA GLY KA 302 -54.68 -69.55 43.05
C GLY KA 302 -55.88 -70.22 43.67
N ASN KA 303 -57.04 -69.58 43.52
CA ASN KA 303 -58.30 -70.13 43.98
C ASN KA 303 -58.91 -71.00 42.89
N TYR KA 304 -59.34 -72.20 43.27
CA TYR KA 304 -59.88 -73.19 42.36
C TYR KA 304 -61.38 -73.36 42.61
N SER KA 305 -61.98 -74.36 41.95
CA SER KA 305 -63.41 -74.60 42.02
C SER KA 305 -63.82 -75.41 43.24
N ASN KA 306 -62.91 -75.61 44.20
CA ASN KA 306 -63.20 -76.46 45.34
C ASN KA 306 -62.80 -75.80 46.66
N GLU KA 307 -62.74 -74.47 46.69
CA GLU KA 307 -62.42 -73.72 47.91
C GLU KA 307 -61.07 -74.17 48.49
N GLN KA 308 -60.10 -74.36 47.60
CA GLN KA 308 -58.76 -74.78 48.00
C GLN KA 308 -57.76 -73.70 47.63
N GLU KA 309 -56.80 -73.47 48.54
CA GLU KA 309 -55.81 -72.41 48.40
C GLU KA 309 -54.46 -73.02 48.06
N GLN KA 310 -53.83 -72.53 47.00
CA GLN KA 310 -52.51 -72.96 46.59
C GLN KA 310 -51.65 -71.74 46.31
N VAL KA 311 -50.35 -71.85 46.62
CA VAL KA 311 -49.39 -70.79 46.40
C VAL KA 311 -48.51 -71.17 45.22
N LEU KA 312 -48.31 -70.22 44.31
CA LEU KA 312 -47.42 -70.41 43.16
C LEU KA 312 -46.07 -69.73 43.34
N GLY KA 313 -45.80 -69.23 44.54
CA GLY KA 313 -44.56 -68.54 44.84
C GLY KA 313 -44.81 -67.11 45.28
N GLN KA 314 -43.70 -66.43 45.59
CA GLN KA 314 -43.73 -65.02 45.96
C GLN KA 314 -42.61 -64.29 45.24
N ILE KA 315 -42.86 -63.02 44.94
CA ILE KA 315 -41.87 -62.18 44.28
C ILE KA 315 -40.82 -61.75 45.30
N VAL KA 316 -39.56 -61.98 44.98
CA VAL KA 316 -38.46 -61.63 45.87
C VAL KA 316 -38.06 -60.18 45.62
N LEU KA 317 -37.42 -59.58 46.63
CA LEU KA 317 -36.93 -58.21 46.54
C LEU KA 317 -35.42 -58.22 46.61
N ALA KA 318 -34.78 -57.50 45.69
CA ALA KA 318 -33.33 -57.41 45.61
C ALA KA 318 -32.92 -55.99 45.98
N ASN KA 319 -32.49 -55.79 47.22
CA ASN KA 319 -32.11 -54.48 47.73
C ASN KA 319 -30.59 -54.39 47.81
N PHE KA 320 -30.01 -53.56 46.95
CA PHE KA 320 -28.58 -53.30 47.01
C PHE KA 320 -28.24 -52.49 48.26
N ALA KA 321 -27.11 -52.82 48.88
CA ALA KA 321 -26.64 -52.02 50.00
C ALA KA 321 -26.19 -50.64 49.55
N ASN KA 322 -25.81 -50.49 48.29
CA ASN KA 322 -25.28 -49.24 47.76
C ASN KA 322 -25.96 -48.94 46.43
N ASN KA 323 -27.00 -48.11 46.46
CA ASN KA 323 -27.69 -47.73 45.25
C ASN KA 323 -26.87 -46.68 44.49
N GLU KA 324 -27.48 -46.10 43.46
CA GLU KA 324 -26.86 -45.09 42.60
C GLU KA 324 -25.66 -45.61 41.83
N GLY KA 325 -25.33 -46.90 41.97
CA GLY KA 325 -24.30 -47.53 41.19
C GLY KA 325 -24.82 -48.50 40.16
N LEU KA 326 -26.14 -48.64 40.02
CA LEU KA 326 -26.72 -49.57 39.07
C LEU KA 326 -26.78 -48.90 37.70
N ALA KA 327 -26.23 -49.58 36.69
CA ALA KA 327 -26.24 -49.05 35.34
C ALA KA 327 -27.63 -49.21 34.75
N SER KA 328 -28.24 -48.09 34.38
CA SER KA 328 -29.54 -48.12 33.74
C SER KA 328 -29.41 -48.70 32.33
N GLN KA 329 -30.29 -49.65 32.01
CA GLN KA 329 -30.28 -50.30 30.71
C GLN KA 329 -31.68 -50.36 30.16
N GLY KA 330 -31.79 -50.37 28.83
CA GLY KA 330 -33.08 -50.58 28.19
C GLY KA 330 -34.11 -49.58 28.67
N ASP KA 331 -35.26 -50.10 29.08
CA ASP KA 331 -36.36 -49.30 29.59
C ASP KA 331 -36.56 -49.61 31.06
N ASN KA 332 -36.36 -48.61 31.91
CA ASN KA 332 -36.59 -48.65 33.35
C ASN KA 332 -36.16 -49.96 34.01
N VAL KA 333 -34.97 -50.48 33.65
CA VAL KA 333 -34.36 -51.58 34.37
C VAL KA 333 -32.91 -51.23 34.65
N TRP KA 334 -32.35 -51.87 35.68
CA TRP KA 334 -30.98 -51.64 36.10
C TRP KA 334 -30.23 -52.95 36.13
N ALA KA 335 -28.98 -52.91 35.66
CA ALA KA 335 -28.09 -54.06 35.71
C ALA KA 335 -27.03 -53.83 36.77
N ALA KA 336 -26.91 -54.78 37.70
CA ALA KA 336 -25.93 -54.65 38.77
C ALA KA 336 -24.51 -54.69 38.19
N THR KA 337 -23.60 -54.00 38.87
CA THR KA 337 -22.22 -53.93 38.42
C THR KA 337 -21.31 -53.76 39.64
N GLN KA 338 -20.05 -53.46 39.39
CA GLN KA 338 -19.10 -53.22 40.47
C GLN KA 338 -19.48 -51.95 41.24
N ALA KA 339 -19.09 -51.92 42.51
CA ALA KA 339 -19.39 -50.80 43.41
C ALA KA 339 -20.90 -50.59 43.57
N SER KA 340 -21.67 -51.67 43.44
CA SER KA 340 -23.10 -51.63 43.67
C SER KA 340 -23.60 -52.70 44.61
N GLY KA 341 -22.81 -53.73 44.90
CA GLY KA 341 -23.19 -54.79 45.81
C GLY KA 341 -23.99 -55.88 45.13
N VAL KA 342 -24.27 -56.93 45.89
CA VAL KA 342 -25.07 -58.05 45.42
C VAL KA 342 -26.55 -57.68 45.52
N ALA KA 343 -27.41 -58.50 44.93
CA ALA KA 343 -28.84 -58.23 44.96
C ALA KA 343 -29.38 -58.24 46.38
N LEU KA 344 -28.89 -59.15 47.22
CA LEU KA 344 -29.36 -59.34 48.59
C LEU KA 344 -30.87 -59.63 48.61
N LEU KA 345 -31.20 -60.79 48.05
CA LEU KA 345 -32.58 -61.19 47.93
C LEU KA 345 -33.19 -61.48 49.30
N GLY KA 346 -34.48 -61.22 49.41
CA GLY KA 346 -35.18 -61.44 50.68
C GLY KA 346 -36.66 -61.17 50.52
N THR KA 347 -37.39 -61.39 51.60
CA THR KA 347 -38.83 -61.25 51.60
C THR KA 347 -39.22 -59.77 51.64
N ALA KA 348 -40.53 -59.52 51.56
CA ALA KA 348 -41.07 -58.17 51.59
C ALA KA 348 -41.61 -57.79 52.96
N GLY KA 349 -41.39 -58.62 53.97
CA GLY KA 349 -41.93 -58.36 55.29
C GLY KA 349 -41.28 -57.19 56.00
N SER KA 350 -40.01 -57.31 56.35
CA SER KA 350 -39.30 -56.27 57.08
C SER KA 350 -37.80 -56.46 56.85
N GLY KA 351 -37.02 -55.59 57.48
CA GLY KA 351 -35.57 -55.60 57.31
C GLY KA 351 -35.13 -54.56 56.31
N ASN KA 352 -34.36 -54.98 55.30
CA ASN KA 352 -33.89 -54.09 54.25
C ASN KA 352 -34.91 -53.93 53.13
N PHE KA 353 -36.16 -54.32 53.36
CA PHE KA 353 -37.19 -54.27 52.34
C PHE KA 353 -38.47 -53.71 52.93
N GLY KA 354 -39.31 -53.16 52.07
CA GLY KA 354 -40.59 -52.61 52.47
C GLY KA 354 -41.75 -53.45 51.96
N LYS KA 355 -42.94 -53.08 52.41
CA LYS KA 355 -44.15 -53.79 52.03
C LYS KA 355 -44.52 -53.47 50.59
N LEU KA 356 -45.45 -54.25 50.06
CA LEU KA 356 -45.96 -54.08 48.70
C LEU KA 356 -47.45 -53.79 48.73
N THR KA 357 -47.91 -53.06 47.72
CA THR KA 357 -49.32 -52.71 47.61
C THR KA 357 -49.82 -53.14 46.24
N ASN KA 358 -50.77 -54.06 46.22
CA ASN KA 358 -51.33 -54.54 44.97
C ASN KA 358 -52.33 -53.54 44.40
N GLY KA 359 -52.46 -53.54 43.08
CA GLY KA 359 -53.38 -52.64 42.41
C GLY KA 359 -53.02 -51.18 42.50
N ALA KA 360 -51.72 -50.85 42.42
CA ALA KA 360 -51.28 -49.47 42.51
C ALA KA 360 -49.93 -49.34 41.82
N LEU KA 361 -49.68 -48.14 41.30
CA LEU KA 361 -48.42 -47.82 40.64
C LEU KA 361 -47.88 -46.50 41.18
N GLU KA 362 -46.57 -46.46 41.40
CA GLU KA 362 -45.93 -45.25 41.89
C GLU KA 362 -45.81 -44.21 40.79
N ALA KA 363 -45.66 -42.95 41.19
CA ALA KA 363 -45.57 -41.85 40.23
C ALA KA 363 -44.14 -41.74 39.71
N SER KA 364 -43.85 -40.67 38.97
CA SER KA 364 -42.54 -40.47 38.37
C SER KA 364 -41.62 -39.60 39.20
N ASN KA 365 -42.07 -39.13 40.36
CA ASN KA 365 -41.29 -38.31 41.29
C ASN KA 365 -40.63 -37.11 40.60
N VAL KA 366 -41.24 -36.63 39.53
CA VAL KA 366 -40.72 -35.51 38.76
C VAL KA 366 -41.75 -34.38 38.82
N ASP KA 367 -41.29 -33.19 39.21
CA ASP KA 367 -42.12 -32.00 39.28
C ASP KA 367 -41.62 -30.99 38.25
N LEU KA 368 -42.54 -30.48 37.42
CA LEU KA 368 -42.15 -29.60 36.32
C LEU KA 368 -41.74 -28.22 36.81
N SER KA 369 -42.20 -27.81 37.99
CA SER KA 369 -41.91 -26.46 38.48
C SER KA 369 -40.41 -26.25 38.63
N LYS KA 370 -39.70 -27.22 39.19
CA LYS KA 370 -38.25 -27.14 39.28
C LYS KA 370 -37.57 -27.29 37.93
N GLU KA 371 -38.11 -28.15 37.06
CA GLU KA 371 -37.49 -28.41 35.77
C GLU KA 371 -37.51 -27.18 34.87
N LEU KA 372 -38.59 -26.41 34.87
CA LEU KA 372 -38.64 -25.22 34.02
C LEU KA 372 -37.59 -24.19 34.42
N VAL KA 373 -37.48 -23.90 35.73
CA VAL KA 373 -36.49 -22.93 36.16
C VAL KA 373 -35.08 -23.46 35.97
N ASN KA 374 -34.87 -24.76 36.16
CA ASN KA 374 -33.55 -25.33 35.87
C ASN KA 374 -33.21 -25.18 34.39
N MET KA 375 -34.18 -25.39 33.51
CA MET KA 375 -33.93 -25.18 32.09
C MET KA 375 -33.59 -23.73 31.79
N ILE KA 376 -34.29 -22.79 32.43
CA ILE KA 376 -34.01 -21.37 32.20
C ILE KA 376 -32.59 -21.02 32.63
N VAL KA 377 -32.20 -21.45 33.83
CA VAL KA 377 -30.86 -21.10 34.30
C VAL KA 377 -29.78 -21.79 33.48
N ALA KA 378 -30.04 -23.03 33.04
CA ALA KA 378 -29.06 -23.70 32.19
C ALA KA 378 -28.93 -23.00 30.84
N GLN KA 379 -30.05 -22.52 30.29
CA GLN KA 379 -29.99 -21.74 29.05
C GLN KA 379 -29.17 -20.48 29.24
N ARG KA 380 -29.35 -19.79 30.37
CA ARG KA 380 -28.57 -18.59 30.62
C ARG KA 380 -27.09 -18.91 30.74
N ASN KA 381 -26.75 -20.01 31.41
CA ASN KA 381 -25.34 -20.42 31.51
C ASN KA 381 -24.77 -20.72 30.14
N TYR KA 382 -25.53 -21.39 29.28
CA TYR KA 382 -25.06 -21.69 27.93
C TYR KA 382 -24.83 -20.40 27.14
N GLN KA 383 -25.74 -19.44 27.26
CA GLN KA 383 -25.55 -18.15 26.58
C GLN KA 383 -24.30 -17.45 27.09
N SER KA 384 -24.07 -17.49 28.39
CA SER KA 384 -22.89 -16.85 28.96
C SER KA 384 -21.60 -17.48 28.44
N ASN KA 385 -21.57 -18.82 28.38
CA ASN KA 385 -20.38 -19.48 27.84
C ASN KA 385 -20.20 -19.20 26.35
N ALA KA 386 -21.30 -19.06 25.61
CA ALA KA 386 -21.19 -18.65 24.22
C ALA KA 386 -20.59 -17.26 24.09
N GLN KA 387 -20.98 -16.34 24.98
CA GLN KA 387 -20.37 -15.02 24.98
C GLN KA 387 -18.87 -15.12 25.29
N THR KA 388 -18.51 -16.00 26.22
CA THR KA 388 -17.10 -16.18 26.56
C THR KA 388 -16.31 -16.65 25.35
N ILE KA 389 -16.82 -17.65 24.62
CA ILE KA 389 -16.07 -18.14 23.47
C ILE KA 389 -16.06 -17.10 22.36
N LYS KA 390 -17.13 -16.31 22.23
CA LYS KA 390 -17.12 -15.22 21.24
C LYS KA 390 -16.02 -14.22 21.55
N THR KA 391 -15.86 -13.86 22.83
CA THR KA 391 -14.77 -12.98 23.21
C THR KA 391 -13.41 -13.62 22.94
N GLN KA 392 -13.28 -14.90 23.26
CA GLN KA 392 -12.00 -15.58 23.07
C GLN KA 392 -11.63 -15.70 21.60
N ASP KA 393 -12.63 -15.70 20.71
CA ASP KA 393 -12.34 -15.67 19.28
C ASP KA 393 -12.02 -14.27 18.78
N GLN KA 394 -12.77 -13.28 19.26
CA GLN KA 394 -12.58 -11.91 18.79
C GLN KA 394 -11.23 -11.37 19.24
N ILE KA 395 -10.75 -11.80 20.41
CA ILE KA 395 -9.44 -11.34 20.88
C ILE KA 395 -8.33 -11.91 20.01
N LEU KA 396 -8.48 -13.15 19.54
CA LEU KA 396 -7.48 -13.75 18.67
C LEU KA 396 -7.55 -13.18 17.26
N ASN KA 397 -8.74 -12.76 16.83
CA ASN KA 397 -8.86 -12.20 15.49
C ASN KA 397 -8.04 -10.92 15.33
N THR KA 398 -8.09 -10.03 16.32
CA THR KA 398 -7.31 -8.79 16.22
C THR KA 398 -5.83 -9.05 16.36
N LEU KA 399 -5.43 -10.15 17.00
CA LEU KA 399 -4.02 -10.48 17.08
C LEU KA 399 -3.51 -11.04 15.76
N VAL KA 400 -4.29 -11.92 15.13
CA VAL KA 400 -3.84 -12.52 13.87
C VAL KA 400 -3.87 -11.50 12.75
N ASN KA 401 -4.90 -10.64 12.72
CA ASN KA 401 -4.98 -9.63 11.66
C ASN KA 401 -3.87 -8.60 11.80
N LEU KA 402 -3.56 -8.21 13.03
CA LEU KA 402 -2.54 -7.20 13.33
C LEU KA 402 -2.84 -5.88 12.65
N SER LA 2 -13.04 4.32 31.44
CA SER LA 2 -13.77 4.84 32.59
C SER LA 2 -15.05 4.05 32.82
N PHE LA 3 -14.92 2.72 32.86
CA PHE LA 3 -16.07 1.85 33.09
C PHE LA 3 -16.51 1.83 34.54
N SER LA 4 -15.77 2.50 35.43
CA SER LA 4 -15.99 2.33 36.87
C SER LA 4 -17.39 2.74 37.29
N GLN LA 5 -17.89 3.87 36.76
CA GLN LA 5 -19.17 4.39 37.20
C GLN LA 5 -20.32 3.50 36.76
N ALA LA 6 -20.29 3.04 35.51
CA ALA LA 6 -21.30 2.11 35.04
C ALA LA 6 -21.26 0.80 35.82
N VAL LA 7 -20.05 0.33 36.13
CA VAL LA 7 -19.92 -0.91 36.92
C VAL LA 7 -20.53 -0.72 38.30
N SER LA 8 -20.23 0.40 38.95
CA SER LA 8 -20.78 0.66 40.29
C SER LA 8 -22.29 0.77 40.25
N GLY LA 9 -22.83 1.44 39.23
CA GLY LA 9 -24.27 1.53 39.09
C GLY LA 9 -24.91 0.17 38.87
N LEU LA 10 -24.29 -0.66 38.05
CA LEU LA 10 -24.80 -2.01 37.83
C LEU LA 10 -24.79 -2.81 39.13
N ASN LA 11 -23.71 -2.71 39.90
CA ASN LA 11 -23.62 -3.44 41.16
C ASN LA 11 -24.69 -2.96 42.14
N ALA LA 12 -24.90 -1.64 42.24
CA ALA LA 12 -25.92 -1.12 43.13
C ALA LA 12 -27.30 -1.57 42.70
N ALA LA 13 -27.59 -1.53 41.40
CA ALA LA 13 -28.89 -1.97 40.91
C ALA LA 13 -29.10 -3.45 41.19
N ALA LA 14 -28.06 -4.27 40.99
CA ALA LA 14 -28.17 -5.69 41.26
C ALA LA 14 -28.42 -5.95 42.73
N THR LA 15 -27.74 -5.21 43.61
CA THR LA 15 -27.96 -5.37 45.04
C THR LA 15 -29.39 -4.99 45.41
N ASN LA 16 -29.90 -3.90 44.84
CA ASN LA 16 -31.27 -3.49 45.11
C ASN LA 16 -32.26 -4.55 44.62
N LEU LA 17 -32.01 -5.11 43.44
CA LEU LA 17 -32.89 -6.15 42.91
C LEU LA 17 -32.84 -7.39 43.80
N ASP LA 18 -31.67 -7.75 44.31
CA ASP LA 18 -31.56 -8.89 45.22
C ASP LA 18 -32.34 -8.63 46.50
N VAL LA 19 -32.25 -7.41 47.03
CA VAL LA 19 -32.97 -7.07 48.25
C VAL LA 19 -34.47 -7.17 48.02
N ILE LA 20 -34.95 -6.64 46.89
CA ILE LA 20 -36.38 -6.70 46.58
C ILE LA 20 -36.82 -8.15 46.43
N GLY LA 21 -36.03 -8.96 45.74
CA GLY LA 21 -36.37 -10.37 45.58
C GLY LA 21 -36.40 -11.13 46.87
N ASN LA 22 -35.45 -10.84 47.77
CA ASN LA 22 -35.45 -11.49 49.08
C ASN LA 22 -36.67 -11.07 49.89
N ASN LA 23 -37.04 -9.79 49.82
CA ASN LA 23 -38.22 -9.33 50.53
C ASN LA 23 -39.49 -9.99 50.01
N ILE LA 24 -39.65 -10.06 48.69
CA ILE LA 24 -40.88 -10.64 48.15
C ILE LA 24 -40.91 -12.15 48.36
N ALA LA 25 -39.76 -12.82 48.28
CA ALA LA 25 -39.74 -14.27 48.42
C ALA LA 25 -40.02 -14.70 49.85
N ASN LA 26 -39.56 -13.93 50.83
CA ASN LA 26 -39.74 -14.26 52.24
C ASN LA 26 -41.09 -13.82 52.77
N SER LA 27 -42.08 -13.62 51.91
CA SER LA 27 -43.44 -13.39 52.37
C SER LA 27 -44.00 -14.66 52.99
N ALA LA 28 -45.11 -14.50 53.72
CA ALA LA 28 -45.76 -15.58 54.45
C ALA LA 28 -44.86 -16.21 55.50
N THR LA 29 -43.83 -15.49 55.93
CA THR LA 29 -42.97 -15.91 57.02
C THR LA 29 -43.29 -15.10 58.25
N TYR LA 30 -43.48 -15.78 59.38
CA TYR LA 30 -43.97 -15.12 60.59
C TYR LA 30 -42.96 -14.11 61.13
N GLY LA 31 -41.77 -14.58 61.48
CA GLY LA 31 -40.76 -13.71 62.03
C GLY LA 31 -39.81 -13.13 61.00
N PHE LA 32 -40.32 -12.30 60.09
CA PHE LA 32 -39.50 -11.69 59.05
C PHE LA 32 -39.78 -10.20 58.97
N LYS LA 33 -38.71 -9.41 58.91
CA LYS LA 33 -38.80 -7.96 58.82
C LYS LA 33 -38.20 -7.51 57.49
N SER LA 34 -38.94 -6.68 56.76
CA SER LA 34 -38.50 -6.27 55.44
C SER LA 34 -37.27 -5.37 55.51
N GLY LA 35 -36.40 -5.50 54.51
CA GLY LA 35 -35.22 -4.68 54.42
C GLY LA 35 -35.20 -3.80 53.18
N THR LA 36 -34.25 -2.87 53.12
CA THR LA 36 -34.15 -1.96 51.99
C THR LA 36 -32.72 -1.43 51.91
N ALA LA 37 -32.22 -1.27 50.70
CA ALA LA 37 -30.85 -0.82 50.47
C ALA LA 37 -30.75 0.69 50.60
N SER LA 38 -29.57 1.16 50.99
CA SER LA 38 -29.25 2.57 51.05
C SER LA 38 -27.99 2.86 50.25
N PHE LA 39 -28.07 3.84 49.37
CA PHE LA 39 -26.98 4.16 48.45
C PHE LA 39 -26.33 5.48 48.86
N ALA LA 40 -25.13 5.71 48.33
CA ALA LA 40 -24.44 6.97 48.59
C ALA LA 40 -23.46 7.23 47.45
N ASP LA 41 -23.44 8.47 46.97
CA ASP LA 41 -22.53 8.84 45.90
C ASP LA 41 -21.09 8.82 46.40
N MET LA 42 -20.15 8.75 45.45
CA MET LA 42 -18.73 8.74 45.76
C MET LA 42 -18.06 9.92 45.06
N PHE LA 43 -17.19 10.61 45.79
CA PHE LA 43 -16.49 11.78 45.28
C PHE LA 43 -15.06 11.75 45.78
N ALA LA 44 -14.11 11.52 44.88
CA ALA LA 44 -12.70 11.50 45.24
C ALA LA 44 -11.80 12.27 44.28
N GLY LA 45 -12.28 12.61 43.09
CA GLY LA 45 -11.47 13.33 42.14
C GLY LA 45 -11.60 14.83 42.27
N SER LA 46 -12.16 15.49 41.26
CA SER LA 46 -12.35 16.94 41.27
C SER LA 46 -13.67 17.25 40.59
N LYS LA 47 -14.72 17.41 41.39
CA LYS LA 47 -16.05 17.79 40.93
C LYS LA 47 -16.66 16.78 39.96
N VAL LA 48 -16.12 15.57 39.90
CA VAL LA 48 -16.64 14.52 39.03
C VAL LA 48 -16.94 13.29 39.88
N GLY LA 49 -18.19 12.85 39.85
CA GLY LA 49 -18.60 11.70 40.64
C GLY LA 49 -18.01 10.40 40.13
N LEU LA 50 -17.63 9.52 41.04
CA LEU LA 50 -17.04 8.23 40.68
C LEU LA 50 -18.04 7.08 40.75
N GLY LA 51 -19.30 7.36 41.01
CA GLY LA 51 -20.32 6.33 41.02
C GLY LA 51 -21.06 6.32 42.33
N VAL LA 52 -21.72 5.18 42.60
CA VAL LA 52 -22.55 5.00 43.78
C VAL LA 52 -22.10 3.74 44.49
N LYS LA 53 -21.96 3.81 45.81
CA LYS LA 53 -21.65 2.66 46.64
C LYS LA 53 -22.79 2.39 47.59
N VAL LA 54 -23.05 1.11 47.85
CA VAL LA 54 -24.12 0.73 48.77
C VAL LA 54 -23.67 0.98 50.19
N ALA LA 55 -24.48 1.70 50.96
CA ALA LA 55 -24.16 2.02 52.35
C ALA LA 55 -24.61 0.92 53.31
N GLY LA 56 -25.21 -0.14 52.82
CA GLY LA 56 -25.65 -1.22 53.67
C GLY LA 56 -27.17 -1.25 53.80
N ILE LA 57 -27.73 -2.45 53.72
CA ILE LA 57 -29.17 -2.63 53.80
C ILE LA 57 -29.61 -2.44 55.24
N THR LA 58 -30.71 -1.71 55.44
CA THR LA 58 -31.31 -1.52 56.75
C THR LA 58 -32.68 -2.15 56.77
N GLN LA 59 -33.05 -2.74 57.90
CA GLN LA 59 -34.28 -3.50 58.04
C GLN LA 59 -35.33 -2.65 58.74
N ASP LA 60 -36.57 -2.77 58.29
CA ASP LA 60 -37.69 -2.09 58.94
C ASP LA 60 -38.23 -2.96 60.07
N PHE LA 61 -38.30 -2.39 61.28
CA PHE LA 61 -38.75 -3.11 62.47
C PHE LA 61 -40.23 -2.87 62.76
N THR LA 62 -41.00 -2.44 61.76
CA THR LA 62 -42.43 -2.22 61.98
C THR LA 62 -43.14 -3.54 62.23
N ASP LA 63 -43.94 -3.59 63.28
CA ASP LA 63 -44.64 -4.82 63.64
C ASP LA 63 -45.68 -5.18 62.58
N GLY LA 64 -45.78 -6.47 62.29
CA GLY LA 64 -46.75 -6.96 61.35
C GLY LA 64 -48.12 -7.16 61.97
N THR LA 65 -49.04 -7.63 61.13
CA THR LA 65 -50.41 -7.90 61.59
C THR LA 65 -50.43 -9.12 62.49
N THR LA 66 -51.12 -9.01 63.62
CA THR LA 66 -51.26 -10.12 64.55
C THR LA 66 -52.44 -10.99 64.12
N THR LA 67 -52.17 -12.24 63.79
CA THR LA 67 -53.17 -13.17 63.28
C THR LA 67 -53.28 -14.37 64.22
N ASN LA 68 -54.51 -14.69 64.62
CA ASN LA 68 -54.77 -15.82 65.49
C ASN LA 68 -55.00 -17.07 64.66
N THR LA 69 -54.16 -18.08 64.85
CA THR LA 69 -54.20 -19.31 64.08
C THR LA 69 -54.41 -20.52 64.99
N GLY LA 70 -55.20 -20.35 66.05
CA GLY LA 70 -55.46 -21.43 66.96
C GLY LA 70 -54.26 -21.75 67.83
N ARG LA 71 -54.36 -22.90 68.51
CA ARG LA 71 -53.33 -23.46 69.40
C ARG LA 71 -53.01 -22.50 70.55
N GLY LA 72 -52.21 -22.98 71.50
CA GLY LA 72 -51.87 -22.17 72.66
C GLY LA 72 -50.39 -21.94 72.83
N LEU LA 73 -49.57 -22.84 72.28
CA LEU LA 73 -48.12 -22.74 72.41
C LEU LA 73 -47.56 -21.84 71.31
N ASP LA 74 -47.99 -20.58 71.35
CA ASP LA 74 -47.54 -19.57 70.42
C ASP LA 74 -47.81 -18.20 71.04
N VAL LA 75 -46.85 -17.29 70.88
CA VAL LA 75 -46.93 -15.96 71.45
C VAL LA 75 -46.60 -14.94 70.38
N ALA LA 76 -47.21 -13.77 70.48
CA ALA LA 76 -46.97 -12.67 69.55
C ALA LA 76 -46.71 -11.38 70.33
N ILE LA 77 -45.88 -10.52 69.76
CA ILE LA 77 -45.52 -9.25 70.35
C ILE LA 77 -46.06 -8.15 69.46
N SER LA 78 -46.89 -7.27 70.02
CA SER LA 78 -47.47 -6.17 69.27
C SER LA 78 -46.68 -4.88 69.40
N GLN LA 79 -45.59 -4.88 70.16
CA GLN LA 79 -44.77 -3.69 70.36
C GLN LA 79 -43.32 -4.13 70.54
N ASN LA 80 -42.49 -3.22 71.06
CA ASN LA 80 -41.07 -3.50 71.19
C ASN LA 80 -40.82 -4.68 72.11
N GLY LA 81 -39.84 -5.51 71.73
CA GLY LA 81 -39.51 -6.69 72.49
C GLY LA 81 -38.96 -7.82 71.62
N PHE LA 82 -37.87 -8.43 72.07
CA PHE LA 82 -37.20 -9.49 71.32
C PHE LA 82 -37.05 -10.72 72.21
N PHE LA 83 -37.54 -11.86 71.73
CA PHE LA 83 -37.33 -13.11 72.44
C PHE LA 83 -35.85 -13.50 72.39
N ARG LA 84 -35.33 -13.97 73.51
CA ARG LA 84 -33.94 -14.39 73.60
C ARG LA 84 -33.87 -15.91 73.58
N LEU LA 85 -32.95 -16.45 72.79
CA LEU LA 85 -32.74 -17.88 72.66
C LEU LA 85 -31.29 -18.20 72.91
N VAL LA 86 -31.03 -19.42 73.37
CA VAL LA 86 -29.68 -19.93 73.57
C VAL LA 86 -29.56 -21.25 72.83
N ASP LA 87 -28.50 -21.41 72.06
CA ASP LA 87 -28.28 -22.62 71.30
C ASP LA 87 -27.49 -23.63 72.13
N SER LA 88 -27.23 -24.80 71.53
CA SER LA 88 -26.50 -25.85 72.24
C SER LA 88 -25.07 -25.41 72.55
N ASN LA 89 -24.43 -24.71 71.62
CA ASN LA 89 -23.06 -24.24 71.84
C ASN LA 89 -22.99 -23.14 72.90
N GLY LA 90 -24.11 -22.57 73.31
CA GLY LA 90 -24.15 -21.58 74.36
C GLY LA 90 -24.27 -20.14 73.89
N SER LA 91 -24.28 -19.90 72.58
CA SER LA 91 -24.41 -18.55 72.07
C SER LA 91 -25.83 -18.02 72.31
N VAL LA 92 -25.97 -16.70 72.34
CA VAL LA 92 -27.23 -16.03 72.59
C VAL LA 92 -27.70 -15.35 71.32
N PHE LA 93 -28.93 -15.63 70.91
CA PHE LA 93 -29.53 -15.08 69.70
C PHE LA 93 -30.83 -14.38 70.06
N TYR LA 94 -31.29 -13.49 69.19
CA TYR LA 94 -32.51 -12.72 69.42
C TYR LA 94 -33.43 -12.87 68.22
N SER LA 95 -34.69 -13.19 68.48
CA SER LA 95 -35.67 -13.37 67.43
C SER LA 95 -37.06 -13.02 67.95
N ARG LA 96 -37.93 -12.62 67.04
CA ARG LA 96 -39.31 -12.27 67.37
C ARG LA 96 -40.32 -13.28 66.87
N ASN LA 97 -39.88 -14.42 66.34
CA ASN LA 97 -40.80 -15.45 65.87
C ASN LA 97 -41.54 -16.07 67.06
N GLY LA 98 -42.81 -16.40 66.84
CA GLY LA 98 -43.65 -16.94 67.90
C GLY LA 98 -43.92 -18.41 67.86
N GLN LA 99 -43.14 -19.20 67.11
CA GLN LA 99 -43.36 -20.64 67.01
C GLN LA 99 -42.52 -21.37 68.04
N PHE LA 100 -43.17 -22.12 68.92
CA PHE LA 100 -42.48 -22.88 69.96
C PHE LA 100 -43.07 -24.29 70.03
N LYS LA 101 -42.24 -25.22 70.49
CA LYS LA 101 -42.66 -26.61 70.63
C LYS LA 101 -41.86 -27.26 71.74
N LEU LA 102 -42.37 -28.38 72.24
CA LEU LA 102 -41.71 -29.15 73.28
C LEU LA 102 -40.96 -30.33 72.65
N ASP LA 103 -39.68 -30.44 72.96
CA ASP LA 103 -38.85 -31.50 72.41
C ASP LA 103 -38.93 -32.73 73.32
N GLU LA 104 -38.09 -33.73 73.06
CA GLU LA 104 -38.06 -34.93 73.87
C GLU LA 104 -37.45 -34.70 75.25
N ASN LA 105 -36.67 -33.63 75.41
CA ASN LA 105 -36.06 -33.29 76.69
C ASN LA 105 -36.92 -32.32 77.50
N ARG LA 106 -38.12 -32.00 77.00
CA ARG LA 106 -39.07 -31.13 77.70
C ARG LA 106 -38.50 -29.73 77.90
N ASN LA 107 -38.09 -29.11 76.80
CA ASN LA 107 -37.60 -27.73 76.81
C ASN LA 107 -38.36 -26.93 75.75
N LEU LA 108 -38.69 -25.69 76.09
CA LEU LA 108 -39.36 -24.80 75.15
C LEU LA 108 -38.40 -24.45 74.03
N VAL LA 109 -38.64 -25.00 72.85
CA VAL LA 109 -37.75 -24.84 71.71
C VAL LA 109 -38.57 -24.47 70.48
N ASN LA 110 -37.98 -23.67 69.60
CA ASN LA 110 -38.61 -23.31 68.33
C ASN LA 110 -38.38 -24.43 67.33
N MET LA 111 -38.68 -24.18 66.06
CA MET LA 111 -38.53 -25.16 65.00
C MET LA 111 -37.08 -25.32 64.53
N GLN LA 112 -36.12 -24.67 65.18
CA GLN LA 112 -34.73 -24.68 64.75
C GLN LA 112 -33.80 -25.40 65.71
N GLY LA 113 -34.28 -25.81 66.88
CA GLY LA 113 -33.45 -26.54 67.82
C GLY LA 113 -32.79 -25.72 68.90
N MET LA 114 -33.10 -24.43 69.01
CA MET LA 114 -32.53 -23.58 70.04
C MET LA 114 -33.58 -23.31 71.12
N GLN LA 115 -33.20 -23.52 72.36
CA GLN LA 115 -34.14 -23.45 73.47
C GLN LA 115 -34.40 -22.01 73.90
N LEU LA 116 -35.65 -21.72 74.21
CA LEU LA 116 -36.03 -20.40 74.68
C LEU LA 116 -35.48 -20.14 76.09
N THR LA 117 -35.11 -18.89 76.35
CA THR LA 117 -34.57 -18.48 77.63
C THR LA 117 -35.59 -17.58 78.34
N GLY LA 118 -35.82 -17.84 79.62
CA GLY LA 118 -36.77 -17.08 80.41
C GLY LA 118 -36.31 -16.98 81.85
N TYR LA 119 -37.16 -16.40 82.68
CA TYR LA 119 -36.85 -16.28 84.10
C TYR LA 119 -37.07 -17.62 84.81
N PRO LA 120 -36.07 -18.15 85.49
CA PRO LA 120 -36.26 -19.42 86.22
C PRO LA 120 -37.18 -19.23 87.42
N ALA LA 121 -37.80 -20.34 87.82
CA ALA LA 121 -38.70 -20.37 88.97
C ALA LA 121 -38.08 -21.21 90.07
N THR LA 122 -37.96 -20.64 91.27
CA THR LA 122 -37.40 -21.34 92.42
C THR LA 122 -38.27 -21.06 93.64
N GLY LA 123 -38.18 -21.96 94.61
CA GLY LA 123 -38.88 -21.82 95.87
C GLY LA 123 -39.90 -22.92 96.08
N THR LA 124 -40.49 -22.91 97.27
CA THR LA 124 -41.52 -23.88 97.65
C THR LA 124 -42.67 -23.12 98.32
N PRO LA 125 -43.72 -22.78 97.56
CA PRO LA 125 -43.87 -23.01 96.12
C PRO LA 125 -43.00 -22.11 95.26
N PRO LA 126 -42.67 -22.54 94.05
CA PRO LA 126 -41.81 -21.74 93.18
C PRO LA 126 -42.42 -20.36 92.91
N THR LA 127 -41.55 -19.36 92.88
CA THR LA 127 -41.94 -17.97 92.63
C THR LA 127 -41.17 -17.46 91.42
N ILE LA 128 -41.31 -16.16 91.16
CA ILE LA 128 -40.66 -15.50 90.04
C ILE LA 128 -39.56 -14.59 90.57
N GLN LA 129 -38.37 -14.71 90.00
CA GLN LA 129 -37.23 -13.87 90.35
C GLN LA 129 -36.97 -12.90 89.20
N GLN LA 130 -37.08 -11.61 89.50
CA GLN LA 130 -36.84 -10.57 88.50
C GLN LA 130 -35.41 -10.04 88.54
N GLY LA 131 -34.57 -10.59 89.40
CA GLY LA 131 -33.18 -10.15 89.48
C GLY LA 131 -32.20 -11.26 89.25
N ALA LA 132 -32.70 -12.50 89.19
CA ALA LA 132 -31.84 -13.64 88.93
C ALA LA 132 -31.54 -13.75 87.43
N ASN LA 133 -30.46 -14.44 87.11
CA ASN LA 133 -30.07 -14.61 85.72
C ASN LA 133 -31.06 -15.51 85.01
N PRO LA 134 -31.48 -15.18 83.78
CA PRO LA 134 -32.45 -16.02 83.07
C PRO LA 134 -31.88 -17.39 82.76
N ALA LA 135 -32.77 -18.37 82.70
CA ALA LA 135 -32.41 -19.76 82.46
C ALA LA 135 -33.40 -20.35 81.47
N PRO LA 136 -33.02 -21.42 80.77
CA PRO LA 136 -33.97 -22.08 79.87
C PRO LA 136 -35.20 -22.57 80.63
N ILE LA 137 -36.36 -22.45 79.99
CA ILE LA 137 -37.63 -22.82 80.60
C ILE LA 137 -37.88 -24.30 80.37
N THR LA 138 -38.17 -25.02 81.46
CA THR LA 138 -38.40 -26.46 81.41
C THR LA 138 -39.77 -26.76 82.02
N ILE LA 139 -40.49 -27.69 81.41
CA ILE LA 139 -41.79 -28.12 81.91
C ILE LA 139 -41.72 -29.60 82.27
N PRO LA 140 -41.29 -29.95 83.48
CA PRO LA 140 -41.29 -31.36 83.88
C PRO LA 140 -42.70 -31.89 84.01
N ASN LA 141 -42.85 -33.19 83.72
CA ASN LA 141 -44.12 -33.89 83.85
C ASN LA 141 -44.22 -34.63 85.17
N THR LA 142 -43.21 -34.53 86.04
CA THR LA 142 -43.23 -35.24 87.31
C THR LA 142 -44.35 -34.72 88.20
N LEU LA 143 -45.00 -35.64 88.91
CA LEU LA 143 -46.09 -35.28 89.80
C LEU LA 143 -45.58 -34.47 90.99
N MET LA 144 -46.40 -33.52 91.43
CA MET LA 144 -46.03 -32.72 92.58
C MET LA 144 -46.03 -33.56 93.85
N ALA LA 145 -45.03 -33.35 94.70
CA ALA LA 145 -44.94 -34.08 95.96
C ALA LA 145 -46.03 -33.60 96.91
N ALA LA 146 -46.63 -34.55 97.62
CA ALA LA 146 -47.67 -34.20 98.59
C ALA LA 146 -47.08 -33.42 99.75
N LYS LA 147 -47.85 -32.45 100.25
CA LYS LA 147 -47.46 -31.63 101.38
C LYS LA 147 -48.40 -31.88 102.54
N SER LA 148 -47.84 -32.13 103.72
CA SER LA 148 -48.64 -32.38 104.90
C SER LA 148 -49.40 -31.13 105.31
N THR LA 149 -50.60 -31.33 105.86
CA THR LA 149 -51.42 -30.22 106.30
C THR LA 149 -50.75 -29.52 107.49
N THR LA 150 -50.45 -28.23 107.32
CA THR LA 150 -49.81 -27.44 108.37
C THR LA 150 -50.68 -26.27 108.80
N THR LA 151 -51.13 -25.44 107.86
CA THR LA 151 -51.96 -24.28 108.16
C THR LA 151 -53.31 -24.43 107.46
N ALA LA 152 -54.39 -24.27 108.23
CA ALA LA 152 -55.73 -24.36 107.70
C ALA LA 152 -56.58 -23.25 108.31
N SER LA 153 -57.59 -22.81 107.56
CA SER LA 153 -58.50 -21.78 108.03
C SER LA 153 -59.93 -22.27 107.93
N MET LA 154 -60.75 -21.86 108.89
CA MET LA 154 -62.16 -22.24 108.93
C MET LA 154 -62.95 -21.10 109.55
N GLN LA 155 -63.96 -20.63 108.82
CA GLN LA 155 -64.83 -19.55 109.28
C GLN LA 155 -66.28 -19.96 109.10
N ILE LA 156 -67.06 -19.75 110.15
CA ILE LA 156 -68.45 -20.21 110.20
C ILE LA 156 -69.28 -19.12 110.86
N ASN LA 157 -70.48 -18.89 110.32
CA ASN LA 157 -71.43 -17.97 110.91
C ASN LA 157 -72.17 -18.67 112.05
N LEU LA 158 -72.31 -17.99 113.18
CA LEU LA 158 -72.97 -18.53 114.35
C LEU LA 158 -74.04 -17.58 114.83
N ASN LA 159 -74.99 -18.12 115.60
CA ASN LA 159 -76.12 -17.34 116.11
C ASN LA 159 -75.80 -16.82 117.51
N SER LA 160 -75.99 -15.51 117.70
CA SER LA 160 -75.73 -14.90 118.99
C SER LA 160 -76.68 -15.43 120.06
N THR LA 161 -77.95 -15.61 119.71
CA THR LA 161 -78.96 -16.09 120.64
C THR LA 161 -79.24 -17.58 120.48
N ASP LA 162 -78.23 -18.36 120.14
CA ASP LA 162 -78.40 -19.80 119.97
C ASP LA 162 -78.65 -20.43 121.34
N PRO LA 163 -79.78 -21.11 121.55
CA PRO LA 163 -80.04 -21.71 122.86
C PRO LA 163 -79.01 -22.76 123.22
N VAL LA 164 -78.65 -22.79 124.50
CA VAL LA 164 -77.71 -23.80 125.00
C VAL LA 164 -78.46 -25.12 125.21
N PRO LA 165 -77.92 -26.24 124.72
CA PRO LA 165 -78.60 -27.53 124.94
C PRO LA 165 -78.72 -27.85 126.42
N SER LA 166 -79.85 -28.46 126.79
CA SER LA 166 -80.10 -28.81 128.18
C SER LA 166 -79.27 -30.01 128.65
N LYS LA 167 -78.78 -30.84 127.72
CA LYS LA 167 -77.99 -32.02 128.07
C LYS LA 167 -76.60 -31.56 128.49
N THR LA 168 -76.34 -31.56 129.81
CA THR LA 168 -75.04 -31.12 130.30
C THR LA 168 -73.89 -31.98 129.80
N PRO LA 169 -73.94 -33.32 129.82
CA PRO LA 169 -72.80 -34.09 129.29
C PRO LA 169 -72.66 -33.91 127.79
N PHE LA 170 -71.42 -34.00 127.31
CA PHE LA 170 -71.10 -33.83 125.90
C PHE LA 170 -70.68 -35.17 125.32
N SER LA 171 -71.34 -35.59 124.25
CA SER LA 171 -71.02 -36.84 123.58
C SER LA 171 -71.29 -36.71 122.08
N VAL LA 172 -70.42 -37.34 121.29
CA VAL LA 172 -70.57 -37.29 119.84
C VAL LA 172 -71.80 -38.08 119.39
N SER LA 173 -72.09 -39.20 120.06
CA SER LA 173 -73.21 -40.05 119.67
C SER LA 173 -74.55 -39.36 119.85
N ASP LA 174 -74.69 -38.49 120.83
CA ASP LA 174 -75.95 -37.79 121.03
C ASP LA 174 -76.18 -36.78 119.91
N ALA LA 175 -77.45 -36.59 119.56
CA ALA LA 175 -77.82 -35.70 118.46
C ALA LA 175 -77.99 -34.26 118.93
N ASP LA 176 -78.51 -34.07 120.14
CA ASP LA 176 -78.78 -32.73 120.67
C ASP LA 176 -77.74 -32.28 121.68
N SER LA 177 -76.54 -32.87 121.64
CA SER LA 177 -75.45 -32.49 122.54
C SER LA 177 -74.55 -31.42 121.96
N TYR LA 178 -74.81 -30.97 120.73
CA TYR LA 178 -74.01 -29.93 120.09
C TYR LA 178 -74.94 -28.94 119.42
N ASN LA 179 -74.45 -27.71 119.26
CA ASN LA 179 -75.20 -26.66 118.59
C ASN LA 179 -74.95 -26.64 117.08
N LYS LA 180 -73.70 -26.88 116.68
CA LYS LA 180 -73.36 -26.94 115.26
C LYS LA 180 -72.23 -27.95 115.07
N LYS LA 181 -72.31 -28.69 113.97
CA LYS LA 181 -71.30 -29.68 113.61
C LYS LA 181 -70.76 -29.37 112.22
N GLY LA 182 -69.43 -29.31 112.09
CA GLY LA 182 -68.80 -29.07 110.82
C GLY LA 182 -67.69 -30.10 110.56
N THR LA 183 -67.24 -30.10 109.30
CA THR LA 183 -66.22 -31.06 108.88
C THR LA 183 -65.02 -30.30 108.31
N VAL LA 184 -63.83 -30.79 108.67
CA VAL LA 184 -62.56 -30.24 108.20
C VAL LA 184 -61.78 -31.38 107.55
N THR LA 185 -61.46 -31.22 106.26
CA THR LA 185 -60.77 -32.24 105.50
C THR LA 185 -59.29 -31.88 105.42
N VAL LA 186 -58.43 -32.83 105.80
CA VAL LA 186 -56.99 -32.62 105.78
C VAL LA 186 -56.33 -33.82 105.09
N TYR LA 187 -55.11 -33.61 104.61
CA TYR LA 187 -54.34 -34.65 103.96
C TYR LA 187 -52.97 -34.78 104.62
N ASP LA 188 -52.54 -36.01 104.83
CA ASP LA 188 -51.28 -36.30 105.49
C ASP LA 188 -50.15 -36.42 104.47
N SER LA 189 -48.96 -36.79 104.96
CA SER LA 189 -47.81 -36.95 104.09
C SER LA 189 -47.94 -38.14 103.14
N GLN LA 190 -48.87 -39.07 103.41
CA GLN LA 190 -49.08 -40.22 102.55
C GLN LA 190 -50.39 -40.12 101.76
N GLY LA 191 -50.91 -38.90 101.59
CA GLY LA 191 -52.02 -38.67 100.70
C GLY LA 191 -53.38 -39.09 101.21
N ASN LA 192 -53.48 -39.60 102.43
CA ASN LA 192 -54.74 -40.04 102.99
C ASN LA 192 -55.53 -38.85 103.52
N ALA LA 193 -56.85 -38.93 103.40
CA ALA LA 193 -57.73 -37.83 103.78
C ALA LA 193 -58.41 -38.12 105.11
N HIS LA 194 -58.31 -37.18 106.04
CA HIS LA 194 -58.94 -37.27 107.35
C HIS LA 194 -60.01 -36.20 107.47
N ASP LA 195 -61.22 -36.61 107.86
CA ASP LA 195 -62.36 -35.69 107.98
C ASP LA 195 -62.67 -35.50 109.46
N MET LA 196 -61.99 -34.54 110.07
CA MET LA 196 -62.25 -34.20 111.46
C MET LA 196 -63.62 -33.55 111.58
N ASN LA 197 -64.31 -33.82 112.68
CA ASN LA 197 -65.60 -33.21 112.96
C ASN LA 197 -65.46 -32.28 114.15
N VAL LA 198 -65.93 -31.05 113.99
CA VAL LA 198 -65.84 -30.02 115.01
C VAL LA 198 -67.24 -29.68 115.48
N TYR LA 199 -67.47 -29.81 116.77
CA TYR LA 199 -68.76 -29.54 117.40
C TYR LA 199 -68.62 -28.28 118.26
N PHE LA 200 -69.58 -27.37 118.12
CA PHE LA 200 -69.58 -26.10 118.83
C PHE LA 200 -70.70 -26.09 119.85
N VAL LA 201 -70.36 -25.77 121.10
CA VAL LA 201 -71.35 -25.63 122.16
C VAL LA 201 -71.14 -24.27 122.83
N LYS LA 202 -72.14 -23.83 123.58
CA LYS LA 202 -72.09 -22.55 124.26
C LYS LA 202 -71.98 -22.79 125.77
N THR LA 203 -70.96 -22.21 126.39
CA THR LA 203 -70.75 -22.37 127.82
C THR LA 203 -71.42 -21.27 128.63
N LYS LA 204 -71.21 -20.01 128.25
CA LYS LA 204 -71.87 -18.87 128.86
C LYS LA 204 -72.05 -17.80 127.79
N ASP LA 205 -72.38 -16.59 128.22
CA ASP LA 205 -72.56 -15.50 127.28
C ASP LA 205 -71.23 -15.15 126.62
N ASN LA 206 -71.22 -15.15 125.28
CA ASN LA 206 -70.05 -14.82 124.47
C ASN LA 206 -68.89 -15.78 124.69
N GLU LA 207 -69.17 -17.01 125.11
CA GLU LA 207 -68.15 -18.03 125.28
C GLU LA 207 -68.64 -19.35 124.70
N TRP LA 208 -67.87 -19.89 123.75
CA TRP LA 208 -68.20 -21.15 123.11
C TRP LA 208 -67.02 -22.10 123.25
N ALA LA 209 -67.33 -23.39 123.22
CA ALA LA 209 -66.33 -24.45 123.30
C ALA LA 209 -66.39 -25.29 122.03
N VAL LA 210 -65.21 -25.70 121.56
CA VAL LA 210 -65.07 -26.46 120.34
C VAL LA 210 -64.46 -27.82 120.68
N TYR LA 211 -65.02 -28.86 120.07
CA TYR LA 211 -64.56 -30.22 120.28
C TYR LA 211 -64.27 -30.88 118.94
N THR LA 212 -63.15 -31.59 118.86
CA THR LA 212 -62.72 -32.22 117.61
C THR LA 212 -62.70 -33.73 117.79
N HIS LA 213 -63.29 -34.44 116.83
CA HIS LA 213 -63.34 -35.90 116.86
C HIS LA 213 -63.00 -36.44 115.48
N ASP LA 214 -62.24 -37.52 115.44
CA ASP LA 214 -61.82 -38.14 114.19
C ASP LA 214 -62.80 -39.26 113.83
N SER LA 215 -63.57 -39.06 112.77
CA SER LA 215 -64.51 -40.07 112.30
C SER LA 215 -63.84 -41.18 111.53
N SER LA 216 -62.60 -40.98 111.07
CA SER LA 216 -61.86 -42.00 110.35
C SER LA 216 -61.09 -42.95 111.26
N ASP LA 217 -61.05 -42.66 112.56
CA ASP LA 217 -60.33 -43.48 113.54
C ASP LA 217 -61.32 -44.02 114.54
N PRO LA 218 -61.75 -45.28 114.39
CA PRO LA 218 -62.68 -45.86 115.38
C PRO LA 218 -62.08 -45.97 116.77
N ALA LA 219 -60.77 -45.99 116.89
CA ALA LA 219 -60.09 -46.10 118.17
C ALA LA 219 -59.90 -44.76 118.86
N ALA LA 220 -60.35 -43.67 118.25
CA ALA LA 220 -60.23 -42.36 118.88
C ALA LA 220 -61.12 -42.27 120.10
N THR LA 221 -60.56 -41.69 121.17
CA THR LA 221 -61.31 -41.57 122.42
C THR LA 221 -62.42 -40.55 122.28
N ALA LA 222 -63.51 -40.79 123.01
CA ALA LA 222 -64.63 -39.86 123.01
C ALA LA 222 -64.21 -38.56 123.68
N PRO LA 223 -64.73 -37.41 123.22
CA PRO LA 223 -64.32 -36.13 123.82
C PRO LA 223 -64.85 -35.98 125.24
N THR LA 224 -63.97 -35.58 126.15
CA THR LA 224 -64.32 -35.36 127.55
C THR LA 224 -64.11 -33.91 127.97
N THR LA 225 -62.98 -33.32 127.60
CA THR LA 225 -62.67 -31.94 127.95
C THR LA 225 -62.47 -31.12 126.68
N ALA LA 226 -62.77 -29.82 126.77
CA ALA LA 226 -62.62 -28.93 125.63
C ALA LA 226 -61.14 -28.64 125.37
N SER LA 227 -60.72 -28.80 124.12
CA SER LA 227 -59.35 -28.50 123.75
C SER LA 227 -59.05 -27.01 123.90
N THR LA 228 -59.97 -26.16 123.45
CA THR LA 228 -59.82 -24.72 123.56
C THR LA 228 -61.21 -24.10 123.50
N THR LA 229 -61.29 -22.81 123.80
CA THR LA 229 -62.54 -22.08 123.82
C THR LA 229 -62.42 -20.80 123.02
N LEU LA 230 -63.52 -20.38 122.43
CA LEU LA 230 -63.59 -19.16 121.64
C LEU LA 230 -64.42 -18.12 122.39
N LYS LA 231 -63.83 -16.96 122.63
CA LYS LA 231 -64.51 -15.85 123.28
C LYS LA 231 -64.79 -14.77 122.25
N PHE LA 232 -66.07 -14.50 122.00
CA PHE LA 232 -66.48 -13.51 121.03
C PHE LA 232 -66.77 -12.19 121.73
N ASN LA 233 -66.26 -11.10 121.17
CA ASN LA 233 -66.43 -9.80 121.78
C ASN LA 233 -67.88 -9.34 121.64
N GLU LA 234 -68.25 -8.35 122.47
CA GLU LA 234 -69.61 -7.84 122.46
C GLU LA 234 -69.97 -7.22 121.10
N ASN LA 235 -68.97 -6.70 120.38
CA ASN LA 235 -69.23 -6.16 119.05
C ASN LA 235 -69.56 -7.27 118.06
N GLY LA 236 -68.99 -8.46 118.25
CA GLY LA 236 -69.24 -9.56 117.35
C GLY LA 236 -67.98 -10.07 116.68
N ILE LA 237 -66.84 -9.88 117.35
CA ILE LA 237 -65.55 -10.28 116.82
C ILE LA 237 -64.86 -11.19 117.83
N LEU LA 238 -63.91 -11.98 117.33
CA LEU LA 238 -63.17 -12.90 118.18
C LEU LA 238 -62.20 -12.14 119.07
N GLU LA 239 -62.12 -12.54 120.34
CA GLU LA 239 -61.21 -11.88 121.28
C GLU LA 239 -59.79 -12.42 121.15
N SER LA 240 -59.62 -13.72 121.41
CA SER LA 240 -58.30 -14.35 121.36
C SER LA 240 -58.48 -15.86 121.28
N GLY LA 241 -57.36 -16.55 121.15
CA GLY LA 241 -57.36 -18.01 121.12
C GLY LA 241 -58.07 -18.62 119.94
N GLY LA 242 -57.81 -18.10 118.74
CA GLY LA 242 -58.41 -18.59 117.53
C GLY LA 242 -57.60 -19.58 116.74
N THR LA 243 -56.43 -19.99 117.24
CA THR LA 243 -55.58 -20.97 116.57
C THR LA 243 -55.42 -22.18 117.48
N VAL LA 244 -55.66 -23.37 116.92
CA VAL LA 244 -55.59 -24.61 117.68
C VAL LA 244 -54.81 -25.65 116.87
N ASN LA 245 -53.90 -26.36 117.54
CA ASN LA 245 -53.15 -27.42 116.91
C ASN LA 245 -53.90 -28.74 117.08
N ILE LA 246 -54.31 -29.33 115.96
CA ILE LA 246 -55.10 -30.55 115.96
C ILE LA 246 -54.28 -31.65 115.32
N THR LA 247 -54.15 -32.77 116.03
CA THR LA 247 -53.46 -33.95 115.53
C THR LA 247 -54.40 -35.15 115.61
N THR LA 248 -54.55 -35.86 114.51
CA THR LA 248 -55.42 -37.02 114.44
C THR LA 248 -54.59 -38.29 114.66
N GLY LA 249 -55.23 -39.45 114.45
CA GLY LA 249 -54.57 -40.72 114.60
C GLY LA 249 -53.74 -41.09 113.39
N THR LA 250 -53.11 -42.25 113.48
CA THR LA 250 -52.26 -42.79 112.42
C THR LA 250 -52.98 -43.95 111.75
N ILE LA 251 -53.07 -43.89 110.42
CA ILE LA 251 -53.73 -44.93 109.63
C ILE LA 251 -52.93 -45.16 108.36
N ASN LA 252 -52.88 -46.42 107.93
CA ASN LA 252 -52.20 -46.82 106.69
C ASN LA 252 -50.72 -46.48 106.73
N GLY LA 253 -50.13 -46.48 107.92
CA GLY LA 253 -48.72 -46.17 108.06
C GLY LA 253 -48.37 -44.76 107.63
N ALA LA 254 -49.23 -43.79 107.96
CA ALA LA 254 -49.06 -42.42 107.53
C ALA LA 254 -48.85 -41.51 108.72
N THR LA 255 -48.14 -40.41 108.50
CA THR LA 255 -47.93 -39.42 109.55
C THR LA 255 -49.26 -38.82 110.00
N ALA LA 256 -49.42 -38.66 111.30
CA ALA LA 256 -50.61 -38.02 111.83
C ALA LA 256 -50.69 -36.59 111.34
N ALA LA 257 -51.90 -36.14 111.04
CA ALA LA 257 -52.09 -34.79 110.52
C ALA LA 257 -51.85 -33.75 111.61
N THR LA 258 -50.61 -33.27 111.71
CA THR LA 258 -50.26 -32.24 112.68
C THR LA 258 -50.42 -30.89 112.00
N PHE LA 259 -51.56 -30.25 112.21
CA PHE LA 259 -51.88 -29.00 111.54
C PHE LA 259 -52.39 -27.99 112.55
N SER LA 260 -52.31 -26.72 112.17
CA SER LA 260 -52.82 -25.62 112.96
C SER LA 260 -54.02 -25.01 112.24
N LEU LA 261 -55.17 -25.01 112.89
CA LEU LA 261 -56.42 -24.51 112.32
C LEU LA 261 -56.77 -23.18 112.97
N SER LA 262 -57.14 -22.21 112.15
CA SER LA 262 -57.49 -20.88 112.61
C SER LA 262 -58.99 -20.64 112.41
N PHE LA 263 -59.57 -19.86 113.33
CA PHE LA 263 -60.97 -19.47 113.28
C PHE LA 263 -61.12 -17.95 113.27
N LEU LA 264 -60.12 -17.26 112.74
CA LEU LA 264 -60.11 -15.80 112.73
C LEU LA 264 -61.22 -15.26 111.83
N ASN LA 265 -61.62 -14.02 112.11
CA ASN LA 265 -62.67 -13.34 111.37
C ASN LA 265 -64.00 -14.09 111.49
N SER LA 266 -64.43 -14.30 112.73
CA SER LA 266 -65.69 -14.95 113.02
C SER LA 266 -66.71 -13.90 113.44
N MET LA 267 -67.86 -13.90 112.77
CA MET LA 267 -68.93 -12.95 113.03
C MET LA 267 -70.15 -13.71 113.56
N GLN LA 268 -70.71 -13.21 114.66
CA GLN LA 268 -71.83 -13.88 115.34
C GLN LA 268 -72.99 -12.89 115.42
N GLN LA 269 -73.83 -12.87 114.40
CA GLN LA 269 -75.04 -12.06 114.37
C GLN LA 269 -76.25 -12.92 114.02
N ASN LA 270 -77.39 -12.26 113.86
CA ASN LA 270 -78.63 -12.95 113.53
C ASN LA 270 -78.74 -13.18 112.03
N THR LA 271 -77.75 -13.83 111.44
CA THR LA 271 -77.75 -14.11 110.00
C THR LA 271 -78.37 -15.47 109.69
N GLY LA 272 -79.57 -15.70 110.19
CA GLY LA 272 -80.28 -16.95 109.96
C GLY LA 272 -79.90 -18.02 110.99
N ALA LA 273 -79.13 -19.01 110.55
CA ALA LA 273 -78.72 -20.11 111.43
C ALA LA 273 -77.21 -20.32 111.38
N ASN LA 274 -76.74 -21.40 112.00
CA ASN LA 274 -75.33 -21.71 112.00
C ASN LA 274 -74.95 -22.42 110.70
N ASN LA 275 -74.00 -21.85 109.97
CA ASN LA 275 -73.55 -22.42 108.71
C ASN LA 275 -72.11 -22.00 108.45
N ILE LA 276 -71.32 -22.95 107.95
CA ILE LA 276 -69.91 -22.70 107.63
C ILE LA 276 -69.85 -21.89 106.34
N VAL LA 277 -68.99 -20.86 106.34
CA VAL LA 277 -68.85 -20.00 105.18
C VAL LA 277 -67.53 -20.21 104.45
N ALA LA 278 -66.49 -20.71 105.12
CA ALA LA 278 -65.22 -20.93 104.46
C ALA LA 278 -64.44 -22.01 105.18
N THR LA 279 -63.74 -22.84 104.39
CA THR LA 279 -62.89 -23.89 104.96
C THR LA 279 -61.83 -24.24 103.93
N ASN LA 280 -60.56 -24.14 104.32
CA ASN LA 280 -59.46 -24.46 103.42
C ASN LA 280 -58.28 -24.95 104.23
N GLN LA 281 -57.37 -25.64 103.55
CA GLN LA 281 -56.18 -26.19 104.18
C GLN LA 281 -55.07 -26.26 103.14
N ASN LA 282 -53.83 -26.33 103.64
CA ASN LA 282 -52.66 -26.39 102.78
C ASN LA 282 -52.22 -27.83 102.50
N GLY LA 283 -52.92 -28.82 103.03
CA GLY LA 283 -52.58 -30.20 102.78
C GLY LA 283 -53.06 -30.68 101.44
N TYR LA 284 -52.38 -30.26 100.38
CA TYR LA 284 -52.80 -30.61 99.02
C TYR LA 284 -52.44 -32.06 98.72
N LYS LA 285 -53.42 -32.81 98.22
CA LYS LA 285 -53.16 -34.18 97.80
C LYS LA 285 -52.27 -34.18 96.57
N PRO LA 286 -51.45 -35.22 96.39
CA PRO LA 286 -50.55 -35.24 95.22
C PRO LA 286 -51.33 -35.21 93.91
N GLY LA 287 -50.79 -34.49 92.94
CA GLY LA 287 -51.44 -34.37 91.64
C GLY LA 287 -50.43 -34.51 90.53
N ASP LA 288 -50.96 -34.81 89.34
CA ASP LA 288 -50.16 -34.99 88.15
C ASP LA 288 -50.48 -33.90 87.13
N LEU LA 289 -49.47 -33.53 86.35
CA LEU LA 289 -49.63 -32.45 85.38
C LEU LA 289 -50.66 -32.83 84.33
N VAL LA 290 -51.58 -31.90 84.04
CA VAL LA 290 -52.62 -32.10 83.04
C VAL LA 290 -52.31 -31.29 81.79
N SER LA 291 -52.03 -30.00 81.95
CA SER LA 291 -51.73 -29.13 80.81
C SER LA 291 -50.88 -27.97 81.28
N TYR LA 292 -50.20 -27.34 80.32
CA TYR LA 292 -49.39 -26.17 80.55
C TYR LA 292 -49.99 -24.97 79.83
N GLN LA 293 -50.04 -23.82 80.51
CA GLN LA 293 -50.67 -22.64 79.95
C GLN LA 293 -49.75 -21.43 80.12
N ILE LA 294 -49.82 -20.53 79.16
CA ILE LA 294 -49.04 -19.29 79.15
C ILE LA 294 -50.02 -18.13 79.09
N ASN LA 295 -49.85 -17.16 80.00
CA ASN LA 295 -50.77 -16.04 80.07
C ASN LA 295 -50.26 -14.88 79.22
N ASN LA 296 -51.05 -13.80 79.19
CA ASN LA 296 -50.68 -12.60 78.47
C ASN LA 296 -49.58 -11.80 79.17
N ASP LA 297 -49.26 -12.14 80.42
CA ASP LA 297 -48.21 -11.46 81.15
C ASP LA 297 -46.84 -12.10 80.95
N GLY LA 298 -46.77 -13.19 80.18
CA GLY LA 298 -45.52 -13.86 79.90
C GLY LA 298 -45.15 -14.95 80.87
N THR LA 299 -45.92 -15.15 81.94
CA THR LA 299 -45.62 -16.17 82.93
C THR LA 299 -46.30 -17.48 82.54
N VAL LA 300 -45.50 -18.52 82.33
CA VAL LA 300 -46.03 -19.83 81.99
C VAL LA 300 -46.54 -20.51 83.27
N VAL LA 301 -47.77 -21.01 83.22
CA VAL LA 301 -48.44 -21.58 84.37
C VAL LA 301 -48.78 -23.03 84.08
N GLY LA 302 -48.38 -23.92 84.98
CA GLY LA 302 -48.73 -25.33 84.86
C GLY LA 302 -49.92 -25.69 85.73
N ASN LA 303 -50.70 -26.65 85.25
CA ASN LA 303 -51.92 -27.07 85.92
C ASN LA 303 -51.83 -28.55 86.27
N TYR LA 304 -52.22 -28.89 87.49
CA TYR LA 304 -52.24 -30.26 87.96
C TYR LA 304 -53.68 -30.72 88.18
N SER LA 305 -53.83 -31.95 88.67
CA SER LA 305 -55.15 -32.54 88.88
C SER LA 305 -55.77 -32.16 90.22
N ASN LA 306 -55.05 -31.44 91.08
CA ASN LA 306 -55.52 -31.08 92.41
C ASN LA 306 -55.85 -29.59 92.51
N GLU LA 307 -56.30 -28.99 91.41
CA GLU LA 307 -56.67 -27.57 91.36
C GLU LA 307 -55.52 -26.69 91.84
N GLN LA 308 -54.30 -27.03 91.43
CA GLN LA 308 -53.10 -26.29 91.81
C GLN LA 308 -52.42 -25.76 90.56
N GLU LA 309 -52.10 -24.46 90.56
CA GLU LA 309 -51.43 -23.81 89.44
C GLU LA 309 -49.97 -23.59 89.81
N GLN LA 310 -49.07 -24.07 88.97
CA GLN LA 310 -47.63 -23.98 89.19
C GLN LA 310 -47.02 -23.04 88.15
N VAL LA 311 -46.31 -22.02 88.61
CA VAL LA 311 -45.64 -21.08 87.72
C VAL LA 311 -44.20 -21.55 87.51
N LEU LA 312 -43.85 -21.79 86.24
CA LEU LA 312 -42.52 -22.25 85.88
C LEU LA 312 -41.58 -21.12 85.47
N GLY LA 313 -42.03 -19.88 85.56
CA GLY LA 313 -41.22 -18.72 85.22
C GLY LA 313 -41.93 -17.87 84.20
N GLN LA 314 -41.19 -16.91 83.65
CA GLN LA 314 -41.70 -16.03 82.61
C GLN LA 314 -40.63 -15.80 81.55
N ILE LA 315 -41.07 -15.55 80.34
CA ILE LA 315 -40.15 -15.32 79.23
C ILE LA 315 -39.64 -13.89 79.29
N VAL LA 316 -38.31 -13.74 79.26
CA VAL LA 316 -37.70 -12.42 79.34
C VAL LA 316 -37.70 -11.78 77.95
N LEU LA 317 -37.65 -10.45 77.94
CA LEU LA 317 -37.61 -9.67 76.72
C LEU LA 317 -36.40 -8.75 76.74
N ALA LA 318 -35.78 -8.59 75.58
CA ALA LA 318 -34.60 -7.76 75.41
C ALA LA 318 -34.91 -6.63 74.44
N ASN LA 319 -34.53 -5.41 74.82
CA ASN LA 319 -34.68 -4.23 73.96
C ASN LA 319 -33.32 -3.56 73.82
N PHE LA 320 -32.75 -3.64 72.62
CA PHE LA 320 -31.44 -3.06 72.36
C PHE LA 320 -31.51 -1.53 72.43
N ALA LA 321 -30.38 -0.93 72.81
CA ALA LA 321 -30.28 0.53 72.81
C ALA LA 321 -30.45 1.10 71.42
N ASN LA 322 -30.16 0.31 70.39
CA ASN LA 322 -30.27 0.74 69.01
C ASN LA 322 -30.64 -0.44 68.13
N ASN LA 323 -31.61 -0.24 67.25
CA ASN LA 323 -31.98 -1.27 66.28
C ASN LA 323 -31.09 -1.12 65.05
N GLU LA 324 -31.38 -1.87 64.00
CA GLU LA 324 -30.71 -1.80 62.71
C GLU LA 324 -29.23 -2.10 62.80
N GLY LA 325 -28.73 -2.50 63.96
CA GLY LA 325 -27.36 -2.94 64.12
C GLY LA 325 -27.32 -4.43 64.36
N LEU LA 326 -28.51 -5.04 64.36
CA LEU LA 326 -28.65 -6.47 64.59
C LEU LA 326 -28.40 -7.20 63.29
N ALA LA 327 -27.25 -7.86 63.19
CA ALA LA 327 -26.95 -8.65 62.00
C ALA LA 327 -27.71 -9.96 62.03
N SER LA 328 -28.49 -10.21 60.98
CA SER LA 328 -29.23 -11.46 60.89
C SER LA 328 -28.27 -12.61 60.61
N GLN LA 329 -28.55 -13.77 61.21
CA GLN LA 329 -27.70 -14.94 61.11
C GLN LA 329 -28.53 -16.13 60.66
N GLY LA 330 -28.33 -16.56 59.41
CA GLY LA 330 -28.99 -17.74 58.89
C GLY LA 330 -30.50 -17.62 58.89
N ASP LA 331 -31.15 -18.36 59.80
CA ASP LA 331 -32.60 -18.29 59.93
C ASP LA 331 -32.97 -16.99 60.66
N ASN LA 332 -34.25 -16.87 60.98
CA ASN LA 332 -34.79 -15.62 61.50
C ASN LA 332 -34.31 -15.33 62.93
N VAL LA 333 -33.02 -15.12 63.09
CA VAL LA 333 -32.44 -14.71 64.37
C VAL LA 333 -31.39 -13.63 64.10
N TRP LA 334 -31.15 -12.81 65.13
CA TRP LA 334 -30.21 -11.71 65.06
C TRP LA 334 -29.12 -11.89 66.10
N ALA LA 335 -27.93 -11.41 65.78
CA ALA LA 335 -26.78 -11.47 66.69
C ALA LA 335 -26.44 -10.06 67.18
N ALA LA 336 -26.32 -9.92 68.49
CA ALA LA 336 -25.96 -8.63 69.07
C ALA LA 336 -24.49 -8.32 68.81
N THR LA 337 -24.21 -7.04 68.55
CA THR LA 337 -22.86 -6.58 68.30
C THR LA 337 -22.82 -5.08 68.57
N GLN LA 338 -21.75 -4.42 68.10
CA GLN LA 338 -21.66 -2.98 68.23
C GLN LA 338 -22.75 -2.29 67.42
N ALA LA 339 -23.01 -1.03 67.77
CA ALA LA 339 -24.09 -0.23 67.20
C ALA LA 339 -25.46 -0.86 67.44
N SER LA 340 -25.54 -1.83 68.35
CA SER LA 340 -26.81 -2.44 68.73
C SER LA 340 -26.99 -2.33 70.24
N GLY LA 341 -25.89 -2.39 70.98
CA GLY LA 341 -25.94 -2.23 72.41
C GLY LA 341 -26.30 -3.52 73.13
N VAL LA 342 -26.45 -3.39 74.45
CA VAL LA 342 -26.76 -4.54 75.28
C VAL LA 342 -28.22 -4.94 75.08
N ALA LA 343 -28.53 -6.19 75.47
CA ALA LA 343 -29.88 -6.70 75.33
C ALA LA 343 -30.87 -5.94 76.19
N LEU LA 344 -30.48 -5.56 77.41
CA LEU LA 344 -31.35 -4.88 78.37
C LEU LA 344 -32.60 -5.74 78.66
N LEU LA 345 -32.36 -6.88 79.28
CA LEU LA 345 -33.41 -7.83 79.57
C LEU LA 345 -34.44 -7.25 80.53
N GLY LA 346 -35.69 -7.64 80.32
CA GLY LA 346 -36.76 -7.17 81.17
C GLY LA 346 -38.03 -7.97 80.94
N THR LA 347 -39.07 -7.58 81.68
CA THR LA 347 -40.35 -8.27 81.59
C THR LA 347 -41.26 -7.61 80.57
N ALA LA 348 -42.39 -8.25 80.31
CA ALA LA 348 -43.36 -7.78 79.32
C ALA LA 348 -44.49 -6.95 79.94
N GLY LA 349 -44.42 -6.67 81.23
CA GLY LA 349 -45.48 -5.95 81.90
C GLY LA 349 -45.63 -4.52 81.43
N SER LA 350 -44.65 -3.67 81.72
CA SER LA 350 -44.69 -2.27 81.34
C SER LA 350 -43.25 -1.76 81.24
N GLY LA 351 -43.12 -0.44 81.14
CA GLY LA 351 -41.81 0.19 81.03
C GLY LA 351 -41.42 0.49 79.58
N ASN LA 352 -40.45 -0.25 79.07
CA ASN LA 352 -39.96 -0.08 77.70
C ASN LA 352 -40.25 -1.31 76.86
N PHE LA 353 -41.27 -2.08 77.24
CA PHE LA 353 -41.59 -3.33 76.56
C PHE LA 353 -43.07 -3.36 76.24
N GLY LA 354 -43.42 -4.15 75.22
CA GLY LA 354 -44.78 -4.25 74.75
C GLY LA 354 -45.56 -5.34 75.47
N LYS LA 355 -46.77 -5.57 74.97
CA LYS LA 355 -47.68 -6.56 75.54
C LYS LA 355 -47.70 -7.82 74.67
N LEU LA 356 -47.71 -8.97 75.33
CA LEU LA 356 -47.74 -10.24 74.62
C LEU LA 356 -49.17 -10.72 74.41
N THR LA 357 -49.36 -11.54 73.38
CA THR LA 357 -50.68 -12.06 73.06
C THR LA 357 -50.56 -13.55 72.77
N ASN LA 358 -51.48 -14.33 73.32
CA ASN LA 358 -51.47 -15.78 73.21
C ASN LA 358 -52.35 -16.24 72.06
N GLY LA 359 -51.97 -17.38 71.46
CA GLY LA 359 -52.76 -17.96 70.40
C GLY LA 359 -52.70 -17.22 69.09
N ALA LA 360 -51.65 -16.42 68.87
CA ALA LA 360 -51.53 -15.64 67.64
C ALA LA 360 -50.06 -15.43 67.33
N LEU LA 361 -49.79 -15.12 66.06
CA LEU LA 361 -48.43 -14.88 65.58
C LEU LA 361 -48.37 -13.51 64.93
N GLU LA 362 -47.20 -13.19 64.38
CA GLU LA 362 -46.95 -11.91 63.73
C GLU LA 362 -46.73 -12.12 62.24
N ALA LA 363 -47.18 -11.16 61.44
CA ALA LA 363 -47.11 -11.28 60.00
C ALA LA 363 -45.71 -10.94 59.49
N SER LA 364 -45.56 -10.93 58.16
CA SER LA 364 -44.29 -10.67 57.52
C SER LA 364 -44.06 -9.20 57.20
N ASN LA 365 -45.07 -8.35 57.42
CA ASN LA 365 -45.00 -6.91 57.21
C ASN LA 365 -44.36 -6.56 55.86
N VAL LA 366 -44.80 -7.26 54.81
CA VAL LA 366 -44.35 -7.02 53.46
C VAL LA 366 -45.57 -6.85 52.55
N ASP LA 367 -45.49 -5.89 51.64
CA ASP LA 367 -46.57 -5.59 50.71
C ASP LA 367 -46.10 -5.95 49.30
N LEU LA 368 -46.89 -6.77 48.61
CA LEU LA 368 -46.52 -7.18 47.26
C LEU LA 368 -46.59 -6.01 46.28
N SER LA 369 -47.55 -5.10 46.49
CA SER LA 369 -47.73 -3.99 45.55
C SER LA 369 -46.50 -3.09 45.52
N LYS LA 370 -45.93 -2.78 46.69
CA LYS LA 370 -44.70 -1.99 46.72
C LYS LA 370 -43.56 -2.73 46.04
N GLU LA 371 -43.44 -4.03 46.29
CA GLU LA 371 -42.34 -4.80 45.73
C GLU LA 371 -42.40 -4.86 44.21
N LEU LA 372 -43.61 -4.98 43.64
CA LEU LA 372 -43.71 -5.03 42.19
C LEU LA 372 -43.20 -3.75 41.53
N VAL LA 373 -43.66 -2.59 42.03
CA VAL LA 373 -43.23 -1.34 41.42
C VAL LA 373 -41.74 -1.08 41.68
N ASN LA 374 -41.25 -1.45 42.87
CA ASN LA 374 -39.82 -1.32 43.12
C ASN LA 374 -39.00 -2.19 42.17
N MET LA 375 -39.46 -3.42 41.90
CA MET LA 375 -38.76 -4.28 40.97
C MET LA 375 -38.78 -3.70 39.56
N ILE LA 376 -39.92 -3.13 39.16
CA ILE LA 376 -39.99 -2.53 37.82
C ILE LA 376 -38.99 -1.37 37.70
N VAL LA 377 -38.98 -0.49 38.70
CA VAL LA 377 -38.08 0.66 38.66
C VAL LA 377 -36.63 0.21 38.67
N ALA LA 378 -36.32 -0.79 39.49
CA ALA LA 378 -34.94 -1.29 39.56
C ALA LA 378 -34.52 -1.90 38.22
N GLN LA 379 -35.41 -2.65 37.57
CA GLN LA 379 -35.08 -3.21 36.26
C GLN LA 379 -34.83 -2.11 35.24
N ARG LA 380 -35.65 -1.08 35.24
CA ARG LA 380 -35.43 0.01 34.30
C ARG LA 380 -34.11 0.73 34.56
N ASN LA 381 -33.77 0.95 35.83
CA ASN LA 381 -32.50 1.57 36.16
C ASN LA 381 -31.32 0.71 35.72
N TYR LA 382 -31.44 -0.61 35.91
CA TYR LA 382 -30.38 -1.52 35.50
C TYR LA 382 -30.19 -1.48 33.99
N GLN LA 383 -31.29 -1.46 33.24
CA GLN LA 383 -31.16 -1.36 31.78
C GLN LA 383 -30.56 -0.02 31.37
N SER LA 384 -30.92 1.06 32.06
CA SER LA 384 -30.32 2.35 31.73
C SER LA 384 -28.82 2.35 31.95
N ASN LA 385 -28.37 1.72 33.04
CA ASN LA 385 -26.93 1.60 33.28
C ASN LA 385 -26.26 0.72 32.24
N ALA LA 386 -26.95 -0.33 31.80
CA ALA LA 386 -26.42 -1.15 30.70
C ALA LA 386 -26.24 -0.33 29.43
N GLN LA 387 -27.15 0.60 29.14
CA GLN LA 387 -26.94 1.46 27.99
C GLN LA 387 -25.67 2.30 28.13
N THR LA 388 -25.40 2.81 29.33
CA THR LA 388 -24.18 3.59 29.53
C THR LA 388 -22.93 2.74 29.36
N ILE LA 389 -22.95 1.51 29.88
CA ILE LA 389 -21.76 0.67 29.69
C ILE LA 389 -21.59 0.33 28.21
N LYS LA 390 -22.70 0.15 27.48
CA LYS LA 390 -22.60 -0.11 26.05
C LYS LA 390 -21.98 1.07 25.31
N THR LA 391 -22.41 2.29 25.64
CA THR LA 391 -21.85 3.44 24.95
C THR LA 391 -20.40 3.68 25.33
N GLN LA 392 -20.02 3.37 26.57
CA GLN LA 392 -18.63 3.49 26.97
C GLN LA 392 -17.76 2.44 26.30
N ASP LA 393 -18.34 1.29 25.95
CA ASP LA 393 -17.60 0.31 25.16
C ASP LA 393 -17.44 0.77 23.71
N GLN LA 394 -18.52 1.30 23.12
CA GLN LA 394 -18.46 1.70 21.72
C GLN LA 394 -17.51 2.88 21.51
N ILE LA 395 -17.50 3.82 22.45
CA ILE LA 395 -16.64 5.00 22.32
C ILE LA 395 -15.18 4.60 22.36
N LEU LA 396 -14.83 3.57 23.14
CA LEU LA 396 -13.47 3.07 23.18
C LEU LA 396 -13.14 2.22 21.96
N ASN LA 397 -14.11 1.48 21.44
CA ASN LA 397 -13.88 0.68 20.24
C ASN LA 397 -13.57 1.58 19.04
N THR LA 398 -14.34 2.65 18.86
CA THR LA 398 -14.12 3.53 17.73
C THR LA 398 -12.79 4.27 17.82
N LEU LA 399 -12.16 4.27 18.99
CA LEU LA 399 -10.87 4.91 19.17
C LEU LA 399 -9.72 3.92 19.00
N VAL LA 400 -9.88 2.70 19.53
CA VAL LA 400 -8.83 1.70 19.39
C VAL LA 400 -8.72 1.25 17.93
N ASN LA 401 -9.86 1.14 17.24
CA ASN LA 401 -9.81 0.78 15.83
C ASN LA 401 -9.17 1.88 15.00
N LEU LA 402 -9.77 3.07 15.02
CA LEU LA 402 -9.23 4.24 14.34
C LEU LA 402 -9.02 3.99 12.85
N SER MA 2 -28.21 19.00 14.97
CA SER MA 2 -29.49 19.70 15.02
C SER MA 2 -30.54 18.88 15.76
N PHE MA 3 -30.22 18.49 16.99
CA PHE MA 3 -31.16 17.76 17.83
C PHE MA 3 -32.11 18.66 18.60
N SER MA 4 -32.00 19.98 18.42
CA SER MA 4 -32.75 20.91 19.25
C SER MA 4 -34.25 20.71 19.11
N GLN MA 5 -34.75 20.58 17.88
CA GLN MA 5 -36.17 20.38 17.69
C GLN MA 5 -36.64 19.09 18.35
N ALA MA 6 -35.91 18.00 18.13
CA ALA MA 6 -36.32 16.71 18.69
C ALA MA 6 -36.25 16.72 20.21
N VAL MA 7 -35.18 17.28 20.78
CA VAL MA 7 -35.04 17.26 22.23
C VAL MA 7 -36.07 18.17 22.88
N SER MA 8 -36.37 19.32 22.26
CA SER MA 8 -37.40 20.21 22.80
C SER MA 8 -38.77 19.55 22.74
N GLY MA 9 -39.08 18.89 21.63
CA GLY MA 9 -40.32 18.15 21.55
C GLY MA 9 -40.43 17.02 22.56
N LEU MA 10 -39.32 16.32 22.80
CA LEU MA 10 -39.31 15.27 23.80
C LEU MA 10 -39.55 15.83 25.20
N ASN MA 11 -38.90 16.95 25.52
CA ASN MA 11 -39.10 17.58 26.83
C ASN MA 11 -40.54 18.03 27.00
N ALA MA 12 -41.14 18.61 25.95
CA ALA MA 12 -42.53 19.04 26.06
C ALA MA 12 -43.46 17.86 26.25
N ALA MA 13 -43.23 16.76 25.51
CA ALA MA 13 -44.07 15.58 25.69
C ALA MA 13 -43.93 15.00 27.09
N ALA MA 14 -42.70 14.99 27.61
CA ALA MA 14 -42.49 14.52 28.98
C ALA MA 14 -43.22 15.39 29.99
N THR MA 15 -43.17 16.71 29.79
CA THR MA 15 -43.88 17.62 30.69
C THR MA 15 -45.38 17.40 30.64
N ASN MA 16 -45.92 17.20 29.43
CA ASN MA 16 -47.35 16.94 29.31
C ASN MA 16 -47.73 15.63 30.00
N LEU MA 17 -46.90 14.60 29.83
CA LEU MA 17 -47.16 13.34 30.52
C LEU MA 17 -47.11 13.51 32.04
N ASP MA 18 -46.15 14.30 32.52
CA ASP MA 18 -46.05 14.54 33.96
C ASP MA 18 -47.28 15.28 34.47
N VAL MA 19 -47.78 16.25 33.71
CA VAL MA 19 -48.97 16.98 34.14
C VAL MA 19 -50.18 16.05 34.16
N ILE MA 20 -50.31 15.20 33.15
CA ILE MA 20 -51.43 14.25 33.13
C ILE MA 20 -51.35 13.31 34.32
N GLY MA 21 -50.15 12.81 34.62
CA GLY MA 21 -49.99 11.91 35.75
C GLY MA 21 -50.28 12.59 37.08
N ASN MA 22 -49.86 13.84 37.22
CA ASN MA 22 -50.14 14.59 38.44
C ASN MA 22 -51.63 14.83 38.61
N ASN MA 23 -52.33 15.14 37.51
CA ASN MA 23 -53.77 15.35 37.59
C ASN MA 23 -54.49 14.06 37.95
N ILE MA 24 -54.16 12.95 37.30
CA ILE MA 24 -54.85 11.71 37.59
C ILE MA 24 -54.51 11.21 38.99
N ALA MA 25 -53.29 11.50 39.46
CA ALA MA 25 -52.90 11.06 40.80
C ALA MA 25 -53.68 11.80 41.89
N ASN MA 26 -54.04 13.07 41.64
CA ASN MA 26 -54.81 13.85 42.59
C ASN MA 26 -56.31 13.72 42.38
N SER MA 27 -56.77 12.60 41.83
CA SER MA 27 -58.19 12.33 41.74
C SER MA 27 -58.78 12.17 43.14
N ALA MA 28 -60.03 12.59 43.31
CA ALA MA 28 -60.77 12.57 44.56
C ALA MA 28 -60.18 13.47 45.64
N THR MA 29 -59.21 14.33 45.30
CA THR MA 29 -58.70 15.30 46.25
C THR MA 29 -59.63 16.52 46.25
N TYR MA 30 -60.17 16.85 47.41
CA TYR MA 30 -61.24 17.84 47.48
C TYR MA 30 -60.76 19.22 47.07
N GLY MA 31 -59.62 19.66 47.60
CA GLY MA 31 -59.11 20.99 47.26
C GLY MA 31 -58.13 20.97 46.12
N PHE MA 32 -58.51 20.34 45.00
CA PHE MA 32 -57.63 20.15 43.86
C PHE MA 32 -58.25 20.72 42.60
N LYS MA 33 -57.43 21.38 41.79
CA LYS MA 33 -57.85 21.98 40.52
C LYS MA 33 -56.97 21.42 39.41
N SER MA 34 -57.58 20.85 38.38
CA SER MA 34 -56.84 20.25 37.29
C SER MA 34 -56.12 21.32 36.48
N GLY MA 35 -54.94 20.94 35.95
CA GLY MA 35 -54.13 21.82 35.16
C GLY MA 35 -53.81 21.23 33.79
N THR MA 36 -53.23 22.07 32.95
CA THR MA 36 -52.86 21.69 31.59
C THR MA 36 -51.76 22.62 31.10
N ALA MA 37 -50.83 22.06 30.34
CA ALA MA 37 -49.70 22.82 29.84
C ALA MA 37 -50.08 23.62 28.59
N SER MA 38 -49.24 24.61 28.27
CA SER MA 38 -49.42 25.45 27.10
C SER MA 38 -48.08 25.56 26.37
N PHE MA 39 -48.11 25.36 25.06
CA PHE MA 39 -46.89 25.32 24.26
C PHE MA 39 -46.84 26.50 23.29
N ALA MA 40 -45.64 26.76 22.78
CA ALA MA 40 -45.45 27.83 21.82
C ALA MA 40 -44.23 27.51 20.95
N ASP MA 41 -44.34 27.82 19.66
CA ASP MA 41 -43.24 27.57 18.74
C ASP MA 41 -42.13 28.60 18.95
N MET MA 42 -40.96 28.29 18.38
CA MET MA 42 -39.81 29.18 18.47
C MET MA 42 -39.28 29.46 17.08
N PHE MA 43 -38.91 30.72 16.85
CA PHE MA 43 -38.35 31.15 15.58
C PHE MA 43 -37.31 32.22 15.86
N ALA MA 44 -36.04 31.84 15.90
CA ALA MA 44 -34.96 32.78 16.13
C ALA MA 44 -34.05 32.96 14.92
N GLY MA 45 -34.00 31.97 14.03
CA GLY MA 45 -33.16 32.05 12.85
C GLY MA 45 -33.86 32.71 11.68
N SER MA 46 -34.06 31.96 10.59
CA SER MA 46 -34.69 32.49 9.39
C SER MA 46 -35.56 31.39 8.78
N LYS MA 47 -36.88 31.51 9.00
CA LYS MA 47 -37.86 30.66 8.33
C LYS MA 47 -37.62 29.17 8.60
N VAL MA 48 -37.18 28.85 9.81
CA VAL MA 48 -37.01 27.47 10.23
C VAL MA 48 -37.38 27.37 11.70
N GLY MA 49 -38.25 26.42 12.03
CA GLY MA 49 -38.61 26.22 13.43
C GLY MA 49 -37.44 25.67 14.22
N LEU MA 50 -37.41 26.03 15.51
CA LEU MA 50 -36.36 25.59 16.41
C LEU MA 50 -36.94 24.83 17.60
N GLY MA 51 -38.00 24.05 17.36
CA GLY MA 51 -38.64 23.32 18.43
C GLY MA 51 -39.66 24.14 19.18
N VAL MA 52 -40.20 23.53 20.22
CA VAL MA 52 -41.27 24.14 21.00
C VAL MA 52 -40.72 24.57 22.36
N LYS MA 53 -41.53 25.34 23.08
CA LYS MA 53 -41.22 25.71 24.45
C LYS MA 53 -42.52 25.74 25.23
N VAL MA 54 -42.46 25.27 26.47
CA VAL MA 54 -43.64 25.29 27.33
C VAL MA 54 -43.82 26.69 27.88
N ALA MA 55 -45.01 27.26 27.67
CA ALA MA 55 -45.30 28.63 28.08
C ALA MA 55 -45.89 28.70 29.47
N GLY MA 56 -46.01 27.57 30.17
CA GLY MA 56 -46.57 27.53 31.51
C GLY MA 56 -47.71 26.55 31.60
N ILE MA 57 -48.23 26.42 32.81
CA ILE MA 57 -49.34 25.51 33.11
C ILE MA 57 -50.47 26.33 33.69
N THR MA 58 -51.67 26.16 33.16
CA THR MA 58 -52.85 26.86 33.65
C THR MA 58 -53.85 25.87 34.21
N GLN MA 59 -54.56 26.29 35.25
CA GLN MA 59 -55.48 25.44 36.00
C GLN MA 59 -56.92 25.85 35.72
N ASP MA 60 -57.79 24.87 35.61
CA ASP MA 60 -59.22 25.11 35.39
C ASP MA 60 -59.89 25.30 36.75
N PHE MA 61 -60.28 26.53 37.04
CA PHE MA 61 -60.93 26.85 38.31
C PHE MA 61 -62.39 26.46 38.35
N THR MA 62 -62.87 25.67 37.38
CA THR MA 62 -64.25 25.23 37.38
C THR MA 62 -64.55 24.35 38.58
N ASP MA 63 -65.73 24.52 39.16
CA ASP MA 63 -66.11 23.79 40.35
C ASP MA 63 -66.65 22.41 40.00
N GLY MA 64 -66.34 21.43 40.84
CA GLY MA 64 -66.85 20.08 40.67
C GLY MA 64 -68.14 19.86 41.42
N THR MA 65 -68.55 18.60 41.48
CA THR MA 65 -69.77 18.24 42.17
C THR MA 65 -69.61 18.36 43.69
N THR MA 66 -70.73 18.42 44.38
CA THR MA 66 -70.76 18.49 45.84
C THR MA 66 -71.41 17.24 46.41
N THR MA 67 -70.83 16.72 47.48
CA THR MA 67 -71.33 15.52 48.13
C THR MA 67 -71.67 15.83 49.59
N ASN MA 68 -72.61 15.06 50.14
CA ASN MA 68 -73.06 15.24 51.51
C ASN MA 68 -71.98 14.71 52.46
N THR MA 69 -70.96 15.55 52.69
CA THR MA 69 -69.85 15.16 53.54
C THR MA 69 -70.27 14.99 55.00
N GLY MA 70 -71.36 15.65 55.39
CA GLY MA 70 -71.84 15.53 56.75
C GLY MA 70 -71.06 16.39 57.73
N ARG MA 71 -71.27 16.09 59.01
CA ARG MA 71 -70.65 16.81 60.11
C ARG MA 71 -70.98 18.30 60.06
N GLY MA 72 -70.25 19.12 60.80
CA GLY MA 72 -70.45 20.55 60.77
C GLY MA 72 -69.15 21.30 60.59
N LEU MA 73 -68.03 20.61 60.74
CA LEU MA 73 -66.71 21.22 60.61
C LEU MA 73 -66.15 21.05 59.20
N ASP MA 74 -66.97 21.41 58.20
CA ASP MA 74 -66.56 21.36 56.80
C ASP MA 74 -67.55 22.14 55.94
N VAL MA 75 -67.04 23.00 55.06
CA VAL MA 75 -67.87 23.84 54.21
C VAL MA 75 -67.37 23.75 52.77
N ALA MA 76 -68.28 24.02 51.84
CA ALA MA 76 -67.98 23.98 50.42
C ALA MA 76 -68.45 25.27 49.75
N ILE MA 77 -67.71 25.70 48.74
CA ILE MA 77 -68.04 26.89 47.96
C ILE MA 77 -68.53 26.46 46.59
N SER MA 78 -69.69 26.95 46.18
CA SER MA 78 -70.27 26.62 44.89
C SER MA 78 -70.00 27.69 43.83
N GLN MA 79 -69.21 28.70 44.14
CA GLN MA 79 -68.95 29.80 43.20
C GLN MA 79 -67.56 30.35 43.52
N ASN MA 80 -67.26 31.53 42.98
CA ASN MA 80 -65.96 32.14 43.20
C ASN MA 80 -65.78 32.51 44.67
N GLY MA 81 -64.53 32.39 45.14
CA GLY MA 81 -64.21 32.69 46.51
C GLY MA 81 -63.17 31.73 47.07
N PHE MA 82 -62.13 32.27 47.71
CA PHE MA 82 -61.06 31.46 48.27
C PHE MA 82 -60.90 31.75 49.76
N PHE MA 83 -60.77 30.69 50.55
CA PHE MA 83 -60.50 30.83 51.96
C PHE MA 83 -59.11 31.40 52.19
N ARG MA 84 -58.97 32.23 53.21
CA ARG MA 84 -57.70 32.83 53.58
C ARG MA 84 -57.19 32.16 54.86
N LEU MA 85 -55.96 31.68 54.82
CA LEU MA 85 -55.36 30.97 55.94
C LEU MA 85 -54.02 31.60 56.30
N VAL MA 86 -53.61 31.43 57.56
CA VAL MA 86 -52.34 31.94 58.04
C VAL MA 86 -51.62 30.81 58.77
N ASP MA 87 -50.30 30.89 58.81
CA ASP MA 87 -49.46 29.93 59.49
C ASP MA 87 -48.80 30.59 60.70
N SER MA 88 -48.08 29.78 61.48
CA SER MA 88 -47.39 30.30 62.65
C SER MA 88 -46.25 31.24 62.29
N ASN MA 89 -45.81 31.25 61.04
CA ASN MA 89 -44.72 32.11 60.60
C ASN MA 89 -45.21 33.43 60.03
N GLY MA 90 -46.51 33.67 60.03
CA GLY MA 90 -47.07 34.94 59.60
C GLY MA 90 -47.48 35.00 58.14
N SER MA 91 -47.10 34.01 57.34
CA SER MA 91 -47.45 34.02 55.93
C SER MA 91 -48.95 33.83 55.74
N VAL MA 92 -49.51 34.52 54.76
CA VAL MA 92 -50.93 34.45 54.43
C VAL MA 92 -51.08 33.76 53.09
N PHE MA 93 -51.84 32.67 53.07
CA PHE MA 93 -52.05 31.87 51.87
C PHE MA 93 -53.54 31.76 51.59
N TYR MA 94 -53.87 31.29 50.39
CA TYR MA 94 -55.25 31.15 49.96
C TYR MA 94 -55.50 29.72 49.50
N SER MA 95 -56.65 29.18 49.88
CA SER MA 95 -56.98 27.79 49.59
C SER MA 95 -58.46 27.69 49.24
N ARG MA 96 -58.90 26.46 48.97
CA ARG MA 96 -60.30 26.19 48.66
C ARG MA 96 -60.91 25.04 49.47
N ASN MA 97 -60.12 24.03 49.85
CA ASN MA 97 -60.66 22.92 50.62
C ASN MA 97 -61.12 23.40 51.99
N GLY MA 98 -62.29 22.93 52.41
CA GLY MA 98 -62.93 23.37 53.63
C GLY MA 98 -62.81 22.45 54.82
N GLN MA 99 -61.91 21.47 54.79
CA GLN MA 99 -61.77 20.55 55.91
C GLN MA 99 -61.04 21.26 57.06
N PHE MA 100 -61.73 21.43 58.18
CA PHE MA 100 -61.19 22.15 59.32
C PHE MA 100 -61.13 21.22 60.53
N LYS MA 101 -60.30 21.61 61.50
CA LYS MA 101 -60.10 20.79 62.70
C LYS MA 101 -59.73 21.71 63.85
N LEU MA 102 -60.21 21.35 65.04
CA LEU MA 102 -59.90 22.08 66.27
C LEU MA 102 -58.75 21.39 66.99
N ASP MA 103 -57.71 22.17 67.30
CA ASP MA 103 -56.52 21.66 67.96
C ASP MA 103 -56.70 21.76 69.47
N GLU MA 104 -55.59 21.68 70.21
CA GLU MA 104 -55.65 21.70 71.67
C GLU MA 104 -56.24 23.00 72.20
N ASN MA 105 -56.00 24.11 71.52
CA ASN MA 105 -56.53 25.41 71.92
C ASN MA 105 -57.77 25.81 71.14
N ARG MA 106 -58.37 24.88 70.40
CA ARG MA 106 -59.64 25.10 69.69
C ARG MA 106 -59.53 26.26 68.70
N ASN MA 107 -58.68 26.08 67.70
CA ASN MA 107 -58.50 27.05 66.63
C ASN MA 107 -59.01 26.47 65.32
N LEU MA 108 -59.62 27.32 64.50
CA LEU MA 108 -60.06 26.90 63.17
C LEU MA 108 -58.83 26.62 62.31
N VAL MA 109 -58.48 25.35 62.19
CA VAL MA 109 -57.26 24.92 61.50
C VAL MA 109 -57.61 23.78 60.56
N ASN MA 110 -57.01 23.80 59.37
CA ASN MA 110 -57.19 22.72 58.41
C ASN MA 110 -56.42 21.48 58.89
N MET MA 111 -56.46 20.42 58.09
CA MET MA 111 -55.73 19.21 58.45
C MET MA 111 -54.23 19.42 58.45
N GLN MA 112 -53.72 20.19 57.49
CA GLN MA 112 -52.28 20.36 57.31
C GLN MA 112 -51.65 21.29 58.35
N GLY MA 113 -52.47 21.96 59.17
CA GLY MA 113 -51.93 22.83 60.20
C GLY MA 113 -51.76 24.27 59.77
N MET MA 114 -52.82 24.86 59.24
CA MET MA 114 -52.84 26.27 58.87
C MET MA 114 -54.01 26.95 59.55
N GLN MA 115 -53.74 28.08 60.20
CA GLN MA 115 -54.75 28.79 60.97
C GLN MA 115 -55.63 29.62 60.05
N LEU MA 116 -56.93 29.33 60.08
CA LEU MA 116 -57.88 30.10 59.28
C LEU MA 116 -58.09 31.49 59.87
N THR MA 117 -58.36 32.45 59.01
CA THR MA 117 -58.57 33.83 59.40
C THR MA 117 -59.97 34.30 59.00
N GLY MA 118 -60.47 35.28 59.73
CA GLY MA 118 -61.79 35.81 59.47
C GLY MA 118 -61.98 37.14 60.17
N TYR MA 119 -63.16 37.71 60.00
CA TYR MA 119 -63.47 38.99 60.62
C TYR MA 119 -63.53 38.84 62.14
N PRO MA 120 -62.75 39.61 62.88
CA PRO MA 120 -62.82 39.52 64.35
C PRO MA 120 -64.13 40.05 64.89
N ALA MA 121 -64.53 39.51 66.03
CA ALA MA 121 -65.78 39.88 66.70
C ALA MA 121 -65.45 40.51 68.05
N THR MA 122 -66.01 41.68 68.31
CA THR MA 122 -65.77 42.37 69.57
C THR MA 122 -67.01 43.19 69.92
N GLY MA 123 -67.10 43.55 71.19
CA GLY MA 123 -68.24 44.29 71.70
C GLY MA 123 -69.05 43.49 72.70
N THR MA 124 -69.97 44.20 73.35
CA THR MA 124 -70.85 43.61 74.35
C THR MA 124 -72.27 44.07 74.08
N PRO MA 125 -73.08 43.25 73.40
CA PRO MA 125 -72.74 41.92 72.89
C PRO MA 125 -71.87 41.96 71.64
N PRO MA 126 -71.07 40.91 71.42
CA PRO MA 126 -70.18 40.89 70.25
C PRO MA 126 -70.96 40.90 68.95
N THR MA 127 -70.37 41.55 67.95
CA THR MA 127 -70.94 41.63 66.61
C THR MA 127 -69.81 41.49 65.61
N ILE MA 128 -70.11 41.75 64.34
CA ILE MA 128 -69.14 41.61 63.25
C ILE MA 128 -68.67 43.00 62.84
N GLN MA 129 -67.36 43.17 62.72
CA GLN MA 129 -66.75 44.43 62.31
C GLN MA 129 -66.14 44.25 60.93
N GLN MA 130 -66.58 45.06 59.97
CA GLN MA 130 -66.11 44.97 58.59
C GLN MA 130 -65.01 45.95 58.28
N GLY MA 131 -64.55 46.73 59.26
CA GLY MA 131 -63.47 47.67 59.04
C GLY MA 131 -62.22 47.29 59.79
N ALA MA 132 -62.26 46.14 60.46
CA ALA MA 132 -61.14 45.63 61.22
C ALA MA 132 -60.35 44.61 60.41
N ASN MA 133 -59.05 44.54 60.69
CA ASN MA 133 -58.19 43.58 60.01
C ASN MA 133 -58.61 42.16 60.39
N PRO MA 134 -58.64 41.24 59.42
CA PRO MA 134 -59.05 39.86 59.74
C PRO MA 134 -58.12 39.22 60.76
N ALA MA 135 -58.72 38.42 61.63
CA ALA MA 135 -58.02 37.77 62.74
C ALA MA 135 -58.38 36.30 62.78
N PRO MA 136 -57.49 35.46 63.30
CA PRO MA 136 -57.81 34.03 63.43
C PRO MA 136 -59.05 33.82 64.29
N ILE MA 137 -59.86 32.84 63.90
CA ILE MA 137 -61.13 32.56 64.56
C ILE MA 137 -60.93 31.38 65.50
N THR MA 138 -61.29 31.56 66.77
CA THR MA 138 -61.17 30.53 67.78
C THR MA 138 -62.53 30.29 68.42
N ILE MA 139 -62.64 29.19 69.15
CA ILE MA 139 -63.88 28.84 69.85
C ILE MA 139 -63.57 28.62 71.32
N PRO MA 140 -63.49 29.70 72.12
CA PRO MA 140 -63.23 29.52 73.55
C PRO MA 140 -64.40 28.85 74.26
N ASN MA 141 -64.08 28.15 75.34
CA ASN MA 141 -65.07 27.49 76.17
C ASN MA 141 -65.44 28.31 77.41
N THR MA 142 -65.13 29.61 77.40
CA THR MA 142 -65.39 30.45 78.56
C THR MA 142 -66.88 30.51 78.85
N LEU MA 143 -67.24 30.35 80.12
CA LEU MA 143 -68.64 30.34 80.52
C LEU MA 143 -69.26 31.71 80.33
N MET MA 144 -70.57 31.72 80.08
CA MET MA 144 -71.29 32.97 79.87
C MET MA 144 -71.37 33.75 81.18
N ALA MA 145 -71.01 35.04 81.11
CA ALA MA 145 -71.09 35.91 82.27
C ALA MA 145 -72.45 36.60 82.31
N ALA MA 146 -73.07 36.60 83.48
CA ALA MA 146 -74.38 37.22 83.62
C ALA MA 146 -74.27 38.73 83.50
N LYS MA 147 -75.24 39.34 82.81
CA LYS MA 147 -75.32 40.79 82.70
C LYS MA 147 -76.17 41.42 83.80
N SER MA 148 -76.76 40.60 84.68
CA SER MA 148 -77.56 41.05 85.82
C SER MA 148 -78.80 41.83 85.39
N THR MA 149 -79.21 41.68 84.13
CA THR MA 149 -80.41 42.32 83.60
C THR MA 149 -80.37 43.84 83.80
N THR MA 150 -79.38 44.47 83.17
CA THR MA 150 -79.22 45.92 83.32
C THR MA 150 -80.41 46.67 82.73
N THR MA 151 -80.90 46.25 81.57
CA THR MA 151 -82.09 46.83 80.95
C THR MA 151 -82.98 45.70 80.45
N ALA MA 152 -84.29 45.87 80.64
CA ALA MA 152 -85.27 44.88 80.21
C ALA MA 152 -86.47 45.59 79.61
N SER MA 153 -87.17 44.90 78.72
CA SER MA 153 -88.36 45.45 78.07
C SER MA 153 -89.44 44.39 78.06
N MET MA 154 -90.70 44.82 78.03
CA MET MA 154 -91.81 43.89 77.91
C MET MA 154 -92.99 44.55 77.23
N GLN MA 155 -93.70 43.77 76.43
CA GLN MA 155 -94.89 44.23 75.73
C GLN MA 155 -96.11 43.49 76.28
N ILE MA 156 -97.07 44.24 76.80
CA ILE MA 156 -98.27 43.66 77.39
C ILE MA 156 -99.48 44.48 76.92
N ASN MA 157 -100.55 43.78 76.56
CA ASN MA 157 -101.77 44.41 76.08
C ASN MA 157 -102.80 44.43 77.21
N LEU MA 158 -103.32 45.62 77.50
CA LEU MA 158 -104.31 45.80 78.55
C LEU MA 158 -105.65 46.12 77.91
N ASN MA 159 -106.68 45.36 78.29
CA ASN MA 159 -108.01 45.59 77.75
C ASN MA 159 -108.58 46.91 78.26
N SER MA 160 -109.34 47.58 77.39
CA SER MA 160 -109.93 48.87 77.72
C SER MA 160 -111.31 48.75 78.37
N THR MA 161 -111.77 47.53 78.62
CA THR MA 161 -113.09 47.28 79.20
C THR MA 161 -112.97 46.62 80.57
N ASP MA 162 -112.04 47.09 81.39
CA ASP MA 162 -111.85 46.55 82.73
C ASP MA 162 -112.46 47.50 83.76
N PRO MA 163 -113.54 47.12 84.43
CA PRO MA 163 -114.14 48.02 85.43
C PRO MA 163 -113.19 48.25 86.61
N VAL MA 164 -113.33 49.43 87.20
CA VAL MA 164 -112.49 49.78 88.36
C VAL MA 164 -112.94 48.98 89.57
N PRO MA 165 -112.05 48.26 90.24
CA PRO MA 165 -112.45 47.49 91.42
C PRO MA 165 -112.98 48.40 92.53
N SER MA 166 -113.97 47.89 93.27
CA SER MA 166 -114.56 48.65 94.36
C SER MA 166 -113.64 48.75 95.57
N LYS MA 167 -112.70 47.83 95.72
CA LYS MA 167 -111.77 47.85 96.85
C LYS MA 167 -110.76 48.98 96.63
N THR MA 168 -110.97 50.10 97.33
CA THR MA 168 -110.09 51.26 97.15
C THR MA 168 -108.64 50.98 97.56
N PRO MA 169 -108.34 50.41 98.73
CA PRO MA 169 -106.93 50.21 99.08
C PRO MA 169 -106.30 49.10 98.25
N PHE MA 170 -105.07 49.34 97.80
CA PHE MA 170 -104.34 48.33 97.05
C PHE MA 170 -103.83 47.25 97.99
N SER MA 171 -103.89 46.00 97.53
CA SER MA 171 -103.44 44.87 98.34
C SER MA 171 -103.05 43.73 97.41
N VAL MA 172 -102.32 42.76 97.97
CA VAL MA 172 -101.88 41.58 97.24
C VAL MA 172 -102.49 40.31 97.79
N SER MA 173 -103.25 40.39 98.88
CA SER MA 173 -103.88 39.21 99.49
C SER MA 173 -105.28 38.96 98.97
N ASP MA 174 -105.77 39.75 98.03
CA ASP MA 174 -107.10 39.60 97.47
C ASP MA 174 -107.00 39.22 96.00
N ALA MA 175 -107.87 38.30 95.57
CA ALA MA 175 -107.84 37.84 94.18
C ALA MA 175 -108.32 38.91 93.21
N ASP MA 176 -109.23 39.79 93.64
CA ASP MA 176 -109.79 40.82 92.79
C ASP MA 176 -109.22 42.20 93.10
N SER MA 177 -108.06 42.27 93.73
CA SER MA 177 -107.44 43.54 94.08
C SER MA 177 -106.69 44.19 92.93
N TYR MA 178 -106.46 43.46 91.83
CA TYR MA 178 -105.74 44.00 90.69
C TYR MA 178 -106.37 43.48 89.42
N ASN MA 179 -106.20 44.24 88.33
CA ASN MA 179 -106.79 43.89 87.05
C ASN MA 179 -105.91 42.99 86.19
N LYS MA 180 -104.60 43.24 86.14
CA LYS MA 180 -103.70 42.43 85.35
C LYS MA 180 -102.51 42.01 86.20
N LYS MA 181 -102.13 40.74 86.10
CA LYS MA 181 -100.99 40.19 86.83
C LYS MA 181 -99.96 39.66 85.84
N GLY MA 182 -98.70 40.03 86.04
CA GLY MA 182 -97.63 39.53 85.20
C GLY MA 182 -96.40 39.13 85.99
N THR MA 183 -95.72 38.06 85.57
CA THR MA 183 -94.55 37.55 86.28
C THR MA 183 -93.36 37.55 85.33
N VAL MA 184 -92.24 38.10 85.78
CA VAL MA 184 -91.01 38.17 85.00
C VAL MA 184 -89.88 37.59 85.84
N THR MA 185 -89.11 36.67 85.27
CA THR MA 185 -87.99 36.05 85.93
C THR MA 185 -86.69 36.65 85.41
N VAL MA 186 -85.87 37.18 86.33
CA VAL MA 186 -84.60 37.80 85.95
C VAL MA 186 -83.47 37.19 86.78
N TYR MA 187 -82.23 37.61 86.51
CA TYR MA 187 -81.07 37.12 87.24
C TYR MA 187 -80.18 38.29 87.64
N ASP MA 188 -79.43 38.09 88.72
CA ASP MA 188 -78.54 39.11 89.25
C ASP MA 188 -77.15 38.93 88.65
N SER MA 189 -76.16 39.61 89.24
CA SER MA 189 -74.78 39.46 88.78
C SER MA 189 -74.29 38.03 88.95
N GLN MA 190 -74.64 37.39 90.07
CA GLN MA 190 -74.30 35.99 90.28
C GLN MA 190 -75.21 35.05 89.50
N GLY MA 191 -76.34 35.54 89.01
CA GLY MA 191 -77.24 34.72 88.21
C GLY MA 191 -78.16 33.83 89.02
N ASN MA 192 -79.01 34.44 89.85
CA ASN MA 192 -80.02 33.71 90.60
C ASN MA 192 -81.40 34.23 90.19
N ALA MA 193 -82.38 33.32 90.18
CA ALA MA 193 -83.69 33.62 89.63
C ALA MA 193 -84.51 34.44 90.61
N HIS MA 194 -84.86 35.65 90.21
CA HIS MA 194 -85.75 36.53 90.98
C HIS MA 194 -87.03 36.73 90.19
N ASP MA 195 -88.17 36.48 90.82
CA ASP MA 195 -89.47 36.64 90.20
C ASP MA 195 -90.10 37.95 90.64
N MET MA 196 -90.37 38.82 89.68
CA MET MA 196 -91.04 40.09 89.93
C MET MA 196 -92.46 40.02 89.41
N ASN MA 197 -93.39 40.61 90.16
CA ASN MA 197 -94.80 40.63 89.81
C ASN MA 197 -95.22 42.06 89.54
N VAL MA 198 -95.86 42.27 88.38
CA VAL MA 198 -96.38 43.57 87.98
C VAL MA 198 -97.90 43.50 88.02
N TYR MA 199 -98.52 44.38 88.78
CA TYR MA 199 -99.97 44.44 88.94
C TYR MA 199 -100.48 45.73 88.32
N PHE MA 200 -101.37 45.61 87.34
CA PHE MA 200 -101.90 46.75 86.61
C PHE MA 200 -103.36 46.96 87.01
N VAL MA 201 -103.69 48.19 87.38
CA VAL MA 201 -105.04 48.58 87.76
C VAL MA 201 -105.42 49.82 86.98
N LYS MA 202 -106.72 50.04 86.83
CA LYS MA 202 -107.23 51.17 86.06
C LYS MA 202 -107.87 52.19 86.99
N THR MA 203 -107.46 53.45 86.85
CA THR MA 203 -108.06 54.55 87.59
C THR MA 203 -108.99 55.38 86.71
N LYS MA 204 -108.66 55.55 85.44
CA LYS MA 204 -109.50 56.26 84.50
C LYS MA 204 -109.16 55.77 83.09
N ASP MA 205 -109.89 56.27 82.10
CA ASP MA 205 -109.68 55.84 80.72
C ASP MA 205 -108.30 56.26 80.25
N ASN MA 206 -107.63 55.33 79.55
CA ASN MA 206 -106.30 55.52 78.95
C ASN MA 206 -105.20 55.74 79.99
N GLU MA 207 -105.51 55.68 81.28
CA GLU MA 207 -104.51 55.83 82.33
C GLU MA 207 -104.60 54.65 83.28
N TRP MA 208 -103.45 54.03 83.55
CA TRP MA 208 -103.37 52.87 84.41
C TRP MA 208 -102.23 53.06 85.41
N ALA MA 209 -102.30 52.34 86.52
CA ALA MA 209 -101.26 52.34 87.54
C ALA MA 209 -100.67 50.95 87.66
N VAL MA 210 -99.35 50.87 87.65
CA VAL MA 210 -98.63 49.61 87.70
C VAL MA 210 -97.80 49.57 88.98
N TYR MA 211 -97.94 48.49 89.74
CA TYR MA 211 -97.22 48.24 90.97
C TYR MA 211 -96.25 47.08 90.77
N THR MA 212 -95.05 47.21 91.32
CA THR MA 212 -94.02 46.18 91.20
C THR MA 212 -93.76 45.57 92.57
N HIS MA 213 -93.72 44.24 92.63
CA HIS MA 213 -93.44 43.52 93.86
C HIS MA 213 -92.38 42.46 93.60
N ASP MA 214 -91.58 42.17 94.62
CA ASP MA 214 -90.52 41.18 94.55
C ASP MA 214 -90.99 39.93 95.27
N SER MA 215 -91.33 38.89 94.52
CA SER MA 215 -91.85 37.65 95.08
C SER MA 215 -90.76 36.61 95.31
N SER MA 216 -89.50 36.92 95.02
CA SER MA 216 -88.42 35.97 95.22
C SER MA 216 -87.84 36.01 96.63
N ASP MA 217 -88.21 37.01 97.43
CA ASP MA 217 -87.72 37.12 98.80
C ASP MA 217 -88.86 37.47 99.74
N PRO MA 218 -88.84 36.96 100.96
CA PRO MA 218 -89.92 37.28 101.92
C PRO MA 218 -89.76 38.62 102.61
N ALA MA 219 -88.66 39.35 102.35
CA ALA MA 219 -88.40 40.62 103.02
C ALA MA 219 -88.68 41.81 102.11
N ALA MA 220 -89.55 41.65 101.11
CA ALA MA 220 -89.89 42.74 100.22
C ALA MA 220 -90.67 43.82 100.98
N THR MA 221 -90.38 45.07 100.66
CA THR MA 221 -91.06 46.19 101.30
C THR MA 221 -92.54 46.20 100.89
N ALA MA 222 -93.41 46.46 101.86
CA ALA MA 222 -94.84 46.49 101.58
C ALA MA 222 -95.16 47.65 100.64
N PRO MA 223 -96.04 47.44 99.66
CA PRO MA 223 -96.38 48.54 98.74
C PRO MA 223 -97.08 49.68 99.47
N THR MA 224 -96.74 50.90 99.08
CA THR MA 224 -97.37 52.09 99.66
C THR MA 224 -97.80 53.07 98.59
N THR MA 225 -97.12 53.05 97.43
CA THR MA 225 -97.40 53.97 96.35
C THR MA 225 -97.28 53.22 95.02
N ALA MA 226 -98.04 53.70 94.03
CA ALA MA 226 -97.97 53.11 92.70
C ALA MA 226 -96.56 53.25 92.13
N SER MA 227 -96.04 52.15 91.58
CA SER MA 227 -94.68 52.17 91.04
C SER MA 227 -94.60 53.10 89.83
N THR MA 228 -95.57 53.02 88.92
CA THR MA 228 -95.55 53.87 87.74
C THR MA 228 -96.98 54.12 87.29
N THR MA 229 -97.15 55.20 86.51
CA THR MA 229 -98.42 55.55 85.90
C THR MA 229 -98.23 55.58 84.38
N LEU MA 230 -99.06 54.81 83.67
CA LEU MA 230 -98.98 54.70 82.22
C LEU MA 230 -100.16 55.44 81.60
N LYS MA 231 -99.89 56.31 80.63
CA LYS MA 231 -100.90 57.11 79.97
C LYS MA 231 -100.92 56.76 78.49
N PHE MA 232 -102.11 56.64 77.92
CA PHE MA 232 -102.29 56.29 76.52
C PHE MA 232 -103.01 57.42 75.79
N ASN MA 233 -102.66 57.57 74.51
CA ASN MA 233 -103.28 58.59 73.67
C ASN MA 233 -104.73 58.19 73.35
N GLU MA 234 -105.46 59.14 72.77
CA GLU MA 234 -106.86 58.88 72.40
C GLU MA 234 -106.98 57.77 71.37
N ASN MA 235 -105.91 57.46 70.64
CA ASN MA 235 -105.89 56.37 69.69
C ASN MA 235 -105.49 55.04 70.30
N GLY MA 236 -105.20 55.02 71.60
CA GLY MA 236 -104.74 53.80 72.25
C GLY MA 236 -103.26 53.55 72.15
N ILE MA 237 -102.45 54.59 71.94
CA ILE MA 237 -101.01 54.47 71.77
C ILE MA 237 -100.32 55.10 72.98
N LEU MA 238 -99.28 54.43 73.48
CA LEU MA 238 -98.52 54.95 74.60
C LEU MA 238 -97.89 56.30 74.26
N GLU MA 239 -97.87 57.20 75.23
CA GLU MA 239 -97.38 58.56 75.02
C GLU MA 239 -96.07 58.83 75.76
N SER MA 240 -96.03 58.59 77.06
CA SER MA 240 -94.84 58.91 77.86
C SER MA 240 -94.81 58.03 79.09
N GLY MA 241 -93.66 58.00 79.75
CA GLY MA 241 -93.46 57.19 80.93
C GLY MA 241 -93.33 55.72 80.65
N GLY MA 242 -92.25 55.34 79.95
CA GLY MA 242 -92.06 53.97 79.56
C GLY MA 242 -90.92 53.26 80.27
N THR MA 243 -89.90 53.99 80.71
CA THR MA 243 -88.75 53.43 81.37
C THR MA 243 -88.81 53.76 82.86
N VAL MA 244 -88.68 52.72 83.70
CA VAL MA 244 -88.74 52.88 85.15
C VAL MA 244 -87.59 52.09 85.78
N ASN MA 245 -86.90 52.71 86.74
CA ASN MA 245 -85.79 52.09 87.44
C ASN MA 245 -86.34 51.37 88.67
N ILE MA 246 -86.13 50.05 88.73
CA ILE MA 246 -86.60 49.24 89.86
C ILE MA 246 -85.43 48.43 90.41
N THR MA 247 -85.27 48.49 91.72
CA THR MA 247 -84.23 47.74 92.41
C THR MA 247 -84.85 46.66 93.27
N THR MA 248 -84.32 45.45 93.16
CA THR MA 248 -84.84 44.30 93.90
C THR MA 248 -84.13 44.19 95.24
N GLY MA 249 -84.37 43.09 95.95
CA GLY MA 249 -83.74 42.85 97.23
C GLY MA 249 -82.35 42.26 97.10
N THR MA 250 -81.81 41.85 98.24
CA THR MA 250 -80.49 41.23 98.32
C THR MA 250 -80.61 39.88 99.01
N ILE MA 251 -79.80 38.93 98.56
CA ILE MA 251 -79.80 37.58 99.14
C ILE MA 251 -78.44 36.95 98.87
N ASN MA 252 -77.96 36.17 99.84
CA ASN MA 252 -76.70 35.45 99.74
C ASN MA 252 -75.51 36.40 99.55
N GLY MA 253 -75.63 37.62 100.07
CA GLY MA 253 -74.58 38.62 99.94
C GLY MA 253 -74.23 38.92 98.50
N ALA MA 254 -75.19 39.41 97.74
CA ALA MA 254 -74.99 39.69 96.32
C ALA MA 254 -75.61 41.04 95.99
N THR MA 255 -75.10 41.65 94.91
CA THR MA 255 -75.60 42.94 94.47
C THR MA 255 -77.06 42.82 94.06
N ALA MA 256 -77.87 43.78 94.49
CA ALA MA 256 -79.28 43.78 94.14
C ALA MA 256 -79.47 44.01 92.65
N ALA MA 257 -80.44 43.30 92.08
CA ALA MA 257 -80.72 43.40 90.64
C ALA MA 257 -81.46 44.70 90.38
N THR MA 258 -80.74 45.71 89.92
CA THR MA 258 -81.31 47.00 89.56
C THR MA 258 -81.49 47.03 88.04
N PHE MA 259 -82.74 47.19 87.61
CA PHE MA 259 -83.04 47.08 86.19
C PHE MA 259 -83.92 48.25 85.75
N SER MA 260 -83.72 48.67 84.50
CA SER MA 260 -84.57 49.65 83.85
C SER MA 260 -85.59 48.88 83.01
N LEU MA 261 -86.83 48.85 83.48
CA LEU MA 261 -87.90 48.17 82.78
C LEU MA 261 -88.57 49.11 81.79
N SER MA 262 -88.86 48.59 80.59
CA SER MA 262 -89.45 49.37 79.52
C SER MA 262 -90.81 48.79 79.13
N PHE MA 263 -91.78 49.68 78.96
CA PHE MA 263 -93.11 49.33 78.47
C PHE MA 263 -93.26 49.66 76.98
N LEU MA 264 -92.17 49.53 76.22
CA LEU MA 264 -92.16 49.95 74.84
C LEU MA 264 -93.16 49.14 74.01
N ASN MA 265 -93.83 49.82 73.08
CA ASN MA 265 -94.81 49.22 72.19
C ASN MA 265 -95.96 48.59 72.99
N SER MA 266 -96.66 49.43 73.73
CA SER MA 266 -97.84 49.01 74.48
C SER MA 266 -99.08 49.16 73.63
N MET MA 267 -99.96 48.16 73.71
CA MET MA 267 -101.16 48.11 72.89
C MET MA 267 -102.40 48.09 73.77
N GLN MA 268 -103.34 48.98 73.48
CA GLN MA 268 -104.61 49.02 74.20
C GLN MA 268 -105.69 49.48 73.23
N GLN MA 269 -106.36 48.52 72.58
CA GLN MA 269 -107.46 48.82 71.67
C GLN MA 269 -108.58 47.80 71.80
N ASN MA 270 -108.75 47.21 72.98
CA ASN MA 270 -109.78 46.21 73.25
C ASN MA 270 -109.62 45.01 72.31
N THR MA 271 -108.49 44.32 72.45
CA THR MA 271 -108.18 43.13 71.67
C THR MA 271 -108.20 41.93 72.61
N GLY MA 272 -109.33 41.24 72.64
CA GLY MA 272 -109.47 40.07 73.49
C GLY MA 272 -109.37 40.43 74.96
N ALA MA 273 -108.60 39.64 75.70
CA ALA MA 273 -108.39 39.84 77.12
C ALA MA 273 -106.95 40.31 77.38
N ASN MA 274 -106.60 40.40 78.66
CA ASN MA 274 -105.27 40.83 79.06
C ASN MA 274 -104.31 39.64 78.98
N ASN MA 275 -103.22 39.82 78.24
CA ASN MA 275 -102.23 38.76 78.06
C ASN MA 275 -100.85 39.38 77.91
N ILE MA 276 -99.84 38.57 78.15
CA ILE MA 276 -98.44 38.99 78.04
C ILE MA 276 -97.92 38.55 76.69
N VAL MA 277 -97.42 39.51 75.90
CA VAL MA 277 -96.94 39.19 74.57
C VAL MA 277 -95.52 38.64 74.62
N ALA MA 278 -94.58 39.45 75.10
CA ALA MA 278 -93.18 39.05 75.14
C ALA MA 278 -92.43 39.91 76.14
N THR MA 279 -91.70 39.26 77.04
CA THR MA 279 -90.82 39.94 77.99
C THR MA 279 -89.38 39.56 77.67
N ASN MA 280 -88.63 40.52 77.12
CA ASN MA 280 -87.26 40.27 76.66
C ASN MA 280 -86.28 40.88 77.64
N GLN MA 281 -85.32 40.08 78.11
CA GLN MA 281 -84.28 40.55 79.00
C GLN MA 281 -82.98 39.85 78.63
N ASN MA 282 -81.88 40.59 78.70
CA ASN MA 282 -80.56 40.07 78.37
C ASN MA 282 -79.82 39.49 79.56
N GLY MA 283 -80.40 39.55 80.76
CA GLY MA 283 -79.76 39.04 81.94
C GLY MA 283 -80.09 37.60 82.24
N TYR MA 284 -79.88 36.72 81.25
CA TYR MA 284 -80.12 35.30 81.46
C TYR MA 284 -79.07 34.69 82.38
N LYS MA 285 -79.39 33.53 82.92
CA LYS MA 285 -78.48 32.85 83.83
C LYS MA 285 -77.23 32.39 83.08
N PRO MA 286 -76.10 32.23 83.78
CA PRO MA 286 -74.90 31.70 83.12
C PRO MA 286 -75.13 30.31 82.59
N GLY MA 287 -74.51 30.01 81.45
CA GLY MA 287 -74.67 28.73 80.80
C GLY MA 287 -73.33 28.18 80.33
N ASP MA 288 -73.38 26.96 79.82
CA ASP MA 288 -72.21 26.27 79.32
C ASP MA 288 -72.38 25.98 77.83
N LEU MA 289 -71.25 25.95 77.12
CA LEU MA 289 -71.27 25.68 75.69
C LEU MA 289 -71.69 24.24 75.44
N VAL MA 290 -72.70 24.06 74.59
CA VAL MA 290 -73.25 22.75 74.28
C VAL MA 290 -72.81 22.28 72.90
N SER MA 291 -73.01 23.13 71.89
CA SER MA 291 -72.59 22.80 70.53
C SER MA 291 -72.44 24.10 69.75
N TYR MA 292 -71.69 24.03 68.65
CA TYR MA 292 -71.52 25.16 67.76
C TYR MA 292 -71.64 24.67 66.33
N GLN MA 293 -72.14 25.54 65.46
CA GLN MA 293 -72.35 25.19 64.07
C GLN MA 293 -72.12 26.41 63.20
N ILE MA 294 -71.82 26.16 61.93
CA ILE MA 294 -71.59 27.20 60.94
C ILE MA 294 -72.73 27.14 59.93
N ASN MA 295 -73.45 28.26 59.80
CA ASN MA 295 -74.57 28.34 58.90
C ASN MA 295 -74.09 28.60 57.48
N ASN MA 296 -75.05 28.77 56.55
CA ASN MA 296 -74.70 29.04 55.16
C ASN MA 296 -74.14 30.44 54.94
N ASP MA 297 -74.22 31.31 55.94
CA ASP MA 297 -73.73 32.68 55.82
C ASP MA 297 -72.24 32.80 56.17
N GLY MA 298 -71.60 31.72 56.61
CA GLY MA 298 -70.21 31.74 56.96
C GLY MA 298 -69.90 32.18 58.37
N THR MA 299 -70.90 32.60 59.13
CA THR MA 299 -70.68 33.01 60.51
C THR MA 299 -70.52 31.80 61.42
N VAL MA 300 -69.88 32.02 62.57
CA VAL MA 300 -69.68 30.99 63.58
C VAL MA 300 -70.48 31.39 64.81
N VAL MA 301 -71.41 30.53 65.21
CA VAL MA 301 -72.31 30.79 66.32
C VAL MA 301 -72.24 29.63 67.30
N GLY MA 302 -72.06 29.96 68.58
CA GLY MA 302 -72.07 28.94 69.62
C GLY MA 302 -73.39 28.90 70.38
N ASN MA 303 -73.76 27.72 70.87
CA ASN MA 303 -75.02 27.53 71.57
C ASN MA 303 -74.75 27.17 73.02
N TYR MA 304 -75.57 27.71 73.92
CA TYR MA 304 -75.43 27.47 75.34
C TYR MA 304 -76.73 26.90 75.90
N SER MA 305 -76.77 26.72 77.22
CA SER MA 305 -77.93 26.18 77.90
C SER MA 305 -78.91 27.26 78.36
N ASN MA 306 -78.63 28.53 78.06
CA ASN MA 306 -79.46 29.64 78.51
C ASN MA 306 -80.05 30.42 77.34
N GLU MA 307 -80.23 29.77 76.18
CA GLU MA 307 -80.82 30.40 75.00
C GLU MA 307 -80.06 31.66 74.60
N GLN MA 308 -78.73 31.61 74.72
CA GLN MA 308 -77.87 32.74 74.38
C GLN MA 308 -77.10 32.41 73.11
N GLU MA 309 -77.13 33.33 72.15
CA GLU MA 309 -76.44 33.17 70.87
C GLU MA 309 -75.42 34.29 70.72
N GLN MA 310 -74.18 33.91 70.39
CA GLN MA 310 -73.11 34.86 70.13
C GLN MA 310 -72.37 34.47 68.85
N VAL MA 311 -71.86 35.48 68.16
CA VAL MA 311 -71.15 35.29 66.90
C VAL MA 311 -69.68 35.54 67.14
N LEU MA 312 -68.83 34.60 66.73
CA LEU MA 312 -67.39 34.69 66.91
C LEU MA 312 -66.68 35.22 65.67
N GLY MA 313 -67.42 35.63 64.66
CA GLY MA 313 -66.87 36.15 63.42
C GLY MA 313 -67.52 35.49 62.23
N GLN MA 314 -66.88 35.61 61.08
CA GLN MA 314 -67.39 35.01 59.86
C GLN MA 314 -66.24 34.73 58.92
N ILE MA 315 -66.48 33.84 57.96
CA ILE MA 315 -65.46 33.44 57.01
C ILE MA 315 -65.29 34.53 55.97
N VAL MA 316 -64.06 35.02 55.81
CA VAL MA 316 -63.76 36.03 54.81
C VAL MA 316 -63.28 35.34 53.54
N LEU MA 317 -63.75 35.81 52.39
CA LEU MA 317 -63.42 35.21 51.10
C LEU MA 317 -62.58 36.19 50.29
N ALA MA 318 -61.51 35.69 49.69
CA ALA MA 318 -60.61 36.49 48.86
C ALA MA 318 -60.70 36.00 47.42
N ASN MA 319 -61.02 36.92 46.51
CA ASN MA 319 -61.11 36.63 45.09
C ASN MA 319 -60.15 37.52 44.32
N PHE MA 320 -59.22 36.91 43.60
CA PHE MA 320 -58.25 37.67 42.83
C PHE MA 320 -58.87 38.11 41.50
N ALA MA 321 -58.54 39.34 41.11
CA ALA MA 321 -58.97 39.86 39.82
C ALA MA 321 -58.19 39.27 38.65
N ASN MA 322 -57.10 38.55 38.92
CA ASN MA 322 -56.24 37.96 37.89
C ASN MA 322 -55.90 36.55 38.34
N ASN MA 323 -56.70 35.58 37.90
CA ASN MA 323 -56.46 34.19 38.25
C ASN MA 323 -55.31 33.64 37.42
N GLU MA 324 -55.05 32.33 37.56
CA GLU MA 324 -54.01 31.62 36.82
C GLU MA 324 -52.62 32.16 37.13
N GLY MA 325 -52.52 33.02 38.14
CA GLY MA 325 -51.23 33.54 38.56
C GLY MA 325 -50.92 33.18 40.00
N LEU MA 326 -51.83 32.45 40.64
CA LEU MA 326 -51.67 32.08 42.04
C LEU MA 326 -50.65 30.95 42.14
N ALA MA 327 -49.50 31.26 42.72
CA ALA MA 327 -48.43 30.27 42.85
C ALA MA 327 -48.85 29.20 43.84
N SER MA 328 -48.68 27.95 43.45
CA SER MA 328 -49.00 26.83 44.33
C SER MA 328 -47.80 26.50 45.22
N GLN MA 329 -48.08 26.27 46.50
CA GLN MA 329 -47.07 25.87 47.46
C GLN MA 329 -47.37 24.44 47.93
N GLY MA 330 -46.56 23.96 48.88
CA GLY MA 330 -46.76 22.63 49.44
C GLY MA 330 -48.15 22.49 50.03
N ASP MA 331 -48.77 21.32 49.81
CA ASP MA 331 -50.15 21.04 50.20
C ASP MA 331 -51.11 21.83 49.33
N ASN MA 332 -52.38 21.44 49.31
CA ASN MA 332 -53.34 22.07 48.40
C ASN MA 332 -53.67 23.48 48.88
N VAL MA 333 -52.83 24.44 48.48
CA VAL MA 333 -52.98 25.83 48.87
C VAL MA 333 -52.36 26.69 47.78
N TRP MA 334 -52.78 27.94 47.71
CA TRP MA 334 -52.26 28.89 46.73
C TRP MA 334 -51.69 30.11 47.44
N ALA MA 335 -50.59 30.64 46.91
CA ALA MA 335 -49.94 31.82 47.45
C ALA MA 335 -49.89 32.90 46.39
N ALA MA 336 -50.28 34.12 46.76
CA ALA MA 336 -50.26 35.23 45.81
C ALA MA 336 -48.82 35.62 45.49
N THR MA 337 -48.65 36.25 44.33
CA THR MA 337 -47.33 36.64 43.86
C THR MA 337 -47.48 37.79 42.87
N GLN MA 338 -46.42 38.08 42.14
CA GLN MA 338 -46.48 39.05 41.06
C GLN MA 338 -47.42 38.55 39.97
N ALA MA 339 -48.12 39.49 39.33
CA ALA MA 339 -49.06 39.19 38.25
C ALA MA 339 -50.20 38.30 38.72
N SER MA 340 -50.50 38.34 40.01
CA SER MA 340 -51.62 37.61 40.58
C SER MA 340 -52.74 38.52 41.06
N GLY MA 341 -52.40 39.68 41.61
CA GLY MA 341 -53.38 40.65 42.04
C GLY MA 341 -53.50 40.67 43.56
N VAL MA 342 -54.47 41.47 44.01
CA VAL MA 342 -54.76 41.60 45.43
C VAL MA 342 -55.86 40.61 45.80
N ALA MA 343 -55.94 40.29 47.10
CA ALA MA 343 -56.89 39.29 47.55
C ALA MA 343 -58.33 39.75 47.34
N LEU MA 344 -58.59 41.05 47.53
CA LEU MA 344 -59.94 41.61 47.45
C LEU MA 344 -60.88 40.92 48.45
N LEU MA 345 -60.55 41.14 49.73
CA LEU MA 345 -61.30 40.51 50.80
C LEU MA 345 -62.76 40.95 50.78
N GLY MA 346 -63.65 40.02 51.13
CA GLY MA 346 -65.06 40.32 51.16
C GLY MA 346 -65.80 39.27 51.97
N THR MA 347 -67.11 39.46 52.06
CA THR MA 347 -67.98 38.59 52.85
C THR MA 347 -68.66 37.58 51.93
N ALA MA 348 -68.88 36.37 52.47
CA ALA MA 348 -69.49 35.29 51.71
C ALA MA 348 -70.95 35.54 51.37
N GLY MA 349 -71.58 36.55 51.96
CA GLY MA 349 -72.99 36.81 51.74
C GLY MA 349 -73.37 37.05 50.29
N SER MA 350 -72.94 38.18 49.74
CA SER MA 350 -73.32 38.54 48.38
C SER MA 350 -72.26 39.49 47.82
N GLY MA 351 -72.55 40.09 46.68
CA GLY MA 351 -71.62 41.01 46.02
C GLY MA 351 -70.82 40.31 44.92
N ASN MA 352 -69.50 40.18 45.14
CA ASN MA 352 -68.61 39.56 44.18
C ASN MA 352 -68.20 38.15 44.61
N PHE MA 353 -68.93 37.55 45.54
CA PHE MA 353 -68.60 36.24 46.08
C PHE MA 353 -69.85 35.38 46.13
N GLY MA 354 -69.65 34.06 46.04
CA GLY MA 354 -70.75 33.13 46.06
C GLY MA 354 -71.13 32.68 47.46
N LYS MA 355 -72.17 31.85 47.52
CA LYS MA 355 -72.66 31.33 48.79
C LYS MA 355 -71.84 30.12 49.23
N LEU MA 356 -72.04 29.72 50.47
CA LEU MA 356 -71.38 28.56 51.07
C LEU MA 356 -72.42 27.48 51.37
N THR MA 357 -71.92 26.28 51.66
CA THR MA 357 -72.80 25.17 52.02
C THR MA 357 -72.11 24.33 53.08
N ASN MA 358 -72.74 24.17 54.23
CA ASN MA 358 -72.16 23.38 55.30
C ASN MA 358 -72.42 21.88 55.07
N GLY MA 359 -71.61 21.06 55.73
CA GLY MA 359 -71.73 19.63 55.59
C GLY MA 359 -71.47 19.12 54.19
N ALA MA 360 -70.58 19.77 53.45
CA ALA MA 360 -70.25 19.36 52.10
C ALA MA 360 -68.86 19.85 51.75
N LEU MA 361 -68.25 19.20 50.76
CA LEU MA 361 -66.94 19.59 50.27
C LEU MA 361 -66.93 19.51 48.75
N GLU MA 362 -66.09 20.35 48.14
CA GLU MA 362 -65.99 20.43 46.69
C GLU MA 362 -65.14 19.29 46.14
N ALA MA 363 -65.52 18.79 44.97
CA ALA MA 363 -64.86 17.64 44.39
C ALA MA 363 -63.54 18.06 43.73
N SER MA 364 -62.92 17.14 43.01
CA SER MA 364 -61.63 17.35 42.38
C SER MA 364 -61.73 17.83 40.93
N ASN MA 365 -62.94 17.92 40.38
CA ASN MA 365 -63.22 18.41 39.03
C ASN MA 365 -62.27 17.80 37.99
N VAL MA 366 -62.10 16.49 38.06
CA VAL MA 366 -61.27 15.75 37.11
C VAL MA 366 -62.08 14.57 36.57
N ASP MA 367 -62.01 14.36 35.26
CA ASP MA 367 -62.71 13.27 34.59
C ASP MA 367 -61.69 12.30 34.04
N LEU MA 368 -61.84 11.02 34.38
CA LEU MA 368 -60.85 10.02 33.99
C LEU MA 368 -60.87 9.71 32.50
N SER MA 369 -62.02 9.79 31.85
CA SER MA 369 -62.10 9.44 30.43
C SER MA 369 -61.25 10.39 29.59
N LYS MA 370 -61.32 11.69 29.87
CA LYS MA 370 -60.49 12.65 29.16
C LYS MA 370 -59.00 12.45 29.48
N GLU MA 371 -58.68 12.17 30.74
CA GLU MA 371 -57.29 11.98 31.12
C GLU MA 371 -56.67 10.78 30.42
N LEU MA 372 -57.42 9.69 30.28
CA LEU MA 372 -56.87 8.50 29.62
C LEU MA 372 -56.54 8.78 28.16
N VAL MA 373 -57.44 9.43 27.43
CA VAL MA 373 -57.18 9.70 26.02
C VAL MA 373 -56.07 10.72 25.86
N ASN MA 374 -56.01 11.72 26.75
CA ASN MA 374 -54.90 12.66 26.71
C ASN MA 374 -53.57 11.96 26.96
N MET MA 375 -53.54 11.02 27.91
CA MET MA 375 -52.33 10.27 28.18
C MET MA 375 -51.92 9.43 26.98
N ILE MA 376 -52.89 8.80 26.30
CA ILE MA 376 -52.58 8.00 25.13
C ILE MA 376 -52.00 8.88 24.02
N VAL MA 377 -52.61 10.04 23.78
CA VAL MA 377 -52.12 10.94 22.74
C VAL MA 377 -50.71 11.41 23.08
N ALA MA 378 -50.47 11.76 24.34
CA ALA MA 378 -49.15 12.20 24.76
C ALA MA 378 -48.12 11.09 24.59
N GLN MA 379 -48.50 9.85 24.90
CA GLN MA 379 -47.59 8.73 24.71
C GLN MA 379 -47.23 8.55 23.24
N ARG MA 380 -48.22 8.67 22.35
CA ARG MA 380 -47.94 8.53 20.93
C ARG MA 380 -47.05 9.66 20.44
N ASN MA 381 -47.26 10.87 20.92
CA ASN MA 381 -46.38 11.99 20.55
C ASN MA 381 -44.96 11.75 21.04
N TYR MA 382 -44.82 11.23 22.26
CA TYR MA 382 -43.49 10.93 22.80
C TYR MA 382 -42.81 9.86 21.97
N GLN MA 383 -43.57 8.84 21.54
CA GLN MA 383 -43.01 7.82 20.66
C GLN MA 383 -42.57 8.44 19.33
N SER MA 384 -43.37 9.37 18.81
CA SER MA 384 -43.06 10.00 17.52
C SER MA 384 -41.76 10.77 17.59
N ASN MA 385 -41.55 11.52 18.67
CA ASN MA 385 -40.31 12.29 18.78
C ASN MA 385 -39.08 11.39 18.88
N ALA MA 386 -39.23 10.21 19.48
CA ALA MA 386 -38.13 9.26 19.52
C ALA MA 386 -37.72 8.84 18.11
N GLN MA 387 -38.69 8.72 17.20
CA GLN MA 387 -38.36 8.39 15.82
C GLN MA 387 -37.50 9.48 15.18
N THR MA 388 -37.82 10.75 15.45
CA THR MA 388 -37.00 11.83 14.93
C THR MA 388 -35.59 11.76 15.51
N ILE MA 389 -35.48 11.48 16.81
CA ILE MA 389 -34.15 11.39 17.43
C ILE MA 389 -33.35 10.26 16.78
N LYS MA 390 -33.97 9.10 16.60
CA LYS MA 390 -33.26 7.97 15.99
C LYS MA 390 -32.87 8.26 14.55
N THR MA 391 -33.75 8.93 13.80
CA THR MA 391 -33.43 9.28 12.42
C THR MA 391 -32.23 10.22 12.36
N GLN MA 392 -32.21 11.23 13.23
CA GLN MA 392 -31.07 12.15 13.26
C GLN MA 392 -29.79 11.42 13.66
N ASP MA 393 -29.89 10.49 14.61
CA ASP MA 393 -28.73 9.72 15.03
C ASP MA 393 -28.18 8.89 13.88
N GLN MA 394 -29.06 8.23 13.12
CA GLN MA 394 -28.61 7.43 12.00
C GLN MA 394 -27.99 8.31 10.91
N ILE MA 395 -28.58 9.48 10.67
CA ILE MA 395 -28.01 10.40 9.71
C ILE MA 395 -26.61 10.83 10.11
N LEU MA 396 -26.42 11.17 11.39
CA LEU MA 396 -25.09 11.54 11.86
C LEU MA 396 -24.11 10.39 11.78
N ASN MA 397 -24.56 9.17 12.09
CA ASN MA 397 -23.67 8.00 12.00
C ASN MA 397 -23.21 7.77 10.58
N THR MA 398 -24.13 7.91 9.61
CA THR MA 398 -23.76 7.73 8.21
C THR MA 398 -22.67 8.70 7.80
N LEU MA 399 -22.79 9.96 8.23
CA LEU MA 399 -21.79 10.96 7.86
C LEU MA 399 -20.47 10.71 8.58
N VAL MA 400 -20.52 10.32 9.85
CA VAL MA 400 -19.28 10.16 10.62
C VAL MA 400 -18.52 8.93 10.15
N ASN MA 401 -19.21 7.89 9.66
CA ASN MA 401 -18.50 6.72 9.18
C ASN MA 401 -17.93 6.91 7.78
N LEU MA 402 -18.29 7.99 7.09
CA LEU MA 402 -17.78 8.29 5.75
C LEU MA 402 -18.11 7.18 4.76
N SER NA 2 -39.92 6.15 -5.58
CA SER NA 2 -41.04 5.27 -5.91
C SER NA 2 -41.99 5.13 -4.73
N PHE NA 3 -41.91 6.08 -3.80
CA PHE NA 3 -42.80 6.09 -2.65
C PHE NA 3 -44.15 6.72 -2.96
N SER NA 4 -44.30 7.34 -4.14
CA SER NA 4 -45.53 8.08 -4.42
C SER NA 4 -46.75 7.18 -4.38
N GLN NA 5 -46.67 6.02 -5.03
CA GLN NA 5 -47.79 5.08 -4.97
C GLN NA 5 -47.96 4.53 -3.56
N ALA NA 6 -46.86 4.36 -2.83
CA ALA NA 6 -46.96 3.89 -1.45
C ALA NA 6 -47.63 4.92 -0.57
N VAL NA 7 -47.16 6.18 -0.61
CA VAL NA 7 -47.73 7.20 0.26
C VAL NA 7 -49.16 7.52 -0.14
N SER NA 8 -49.52 7.35 -1.42
CA SER NA 8 -50.90 7.58 -1.84
C SER NA 8 -51.83 6.60 -1.15
N GLY NA 9 -51.43 5.34 -1.01
CA GLY NA 9 -52.27 4.38 -0.30
C GLY NA 9 -52.44 4.75 1.16
N LEU NA 10 -51.37 5.22 1.80
CA LEU NA 10 -51.48 5.67 3.18
C LEU NA 10 -52.44 6.84 3.31
N ASN NA 11 -52.35 7.81 2.38
CA ASN NA 11 -53.24 8.95 2.43
C ASN NA 11 -54.69 8.52 2.22
N ALA NA 12 -54.94 7.62 1.28
CA ALA NA 12 -56.30 7.16 1.03
C ALA NA 12 -56.85 6.41 2.23
N ALA NA 13 -56.05 5.54 2.85
CA ALA NA 13 -56.52 4.81 4.02
C ALA NA 13 -56.79 5.76 5.18
N ALA NA 14 -55.93 6.77 5.36
CA ALA NA 14 -56.15 7.74 6.43
C ALA NA 14 -57.43 8.52 6.20
N THR NA 15 -57.68 8.96 4.96
CA THR NA 15 -58.91 9.69 4.68
C THR NA 15 -60.13 8.81 4.88
N ASN NA 16 -60.07 7.55 4.47
CA ASN NA 16 -61.18 6.63 4.68
C ASN NA 16 -61.44 6.44 6.16
N LEU NA 17 -60.39 6.26 6.95
CA LEU NA 17 -60.57 6.10 8.39
C LEU NA 17 -61.13 7.36 9.02
N ASP NA 18 -60.70 8.53 8.56
CA ASP NA 18 -61.25 9.78 9.09
C ASP NA 18 -62.73 9.91 8.76
N VAL NA 19 -63.13 9.53 7.55
CA VAL NA 19 -64.55 9.57 7.19
C VAL NA 19 -65.35 8.61 8.06
N ILE NA 20 -64.84 7.40 8.27
CA ILE NA 20 -65.54 6.44 9.13
C ILE NA 20 -65.66 6.97 10.55
N GLY NA 21 -64.58 7.57 11.07
CA GLY NA 21 -64.62 8.13 12.40
C GLY NA 21 -65.59 9.29 12.52
N ASN NA 22 -65.67 10.13 11.49
CA ASN NA 22 -66.63 11.22 11.50
C ASN NA 22 -68.05 10.69 11.47
N ASN NA 23 -68.31 9.65 10.68
CA ASN NA 23 -69.65 9.06 10.62
C ASN NA 23 -70.04 8.45 11.96
N ILE NA 24 -69.12 7.73 12.59
CA ILE NA 24 -69.47 7.09 13.87
C ILE NA 24 -69.54 8.11 14.99
N ALA NA 25 -68.82 9.22 14.88
CA ALA NA 25 -68.82 10.23 15.94
C ALA NA 25 -70.15 10.96 16.01
N ASN NA 26 -70.80 11.20 14.87
CA ASN NA 26 -72.08 11.90 14.83
C ASN NA 26 -73.25 10.94 14.85
N SER NA 27 -73.09 9.77 15.46
CA SER NA 27 -74.18 8.84 15.61
C SER NA 27 -75.26 9.43 16.53
N ALA NA 28 -76.51 9.05 16.26
CA ALA NA 28 -77.70 9.50 16.97
C ALA NA 28 -77.96 10.99 16.82
N THR NA 29 -77.22 11.69 15.96
CA THR NA 29 -77.47 13.11 15.71
C THR NA 29 -78.61 13.25 14.70
N TYR NA 30 -79.62 14.04 15.06
CA TYR NA 30 -80.83 14.11 14.25
C TYR NA 30 -80.57 14.70 12.87
N GLY NA 31 -79.80 15.78 12.80
CA GLY NA 31 -79.54 16.42 11.53
C GLY NA 31 -78.24 16.00 10.89
N PHE NA 32 -77.86 14.74 11.07
CA PHE NA 32 -76.60 14.22 10.54
C PHE NA 32 -76.84 13.40 9.29
N LYS NA 33 -75.93 13.54 8.32
CA LYS NA 33 -76.00 12.83 7.05
C LYS NA 33 -74.63 12.23 6.77
N SER NA 34 -74.50 10.92 7.00
CA SER NA 34 -73.20 10.25 6.88
C SER NA 34 -72.73 10.24 5.42
N GLY NA 35 -71.42 10.41 5.24
CA GLY NA 35 -70.83 10.40 3.91
C GLY NA 35 -70.04 9.14 3.64
N THR NA 36 -69.47 9.09 2.43
CA THR NA 36 -68.67 7.96 2.00
C THR NA 36 -67.58 8.45 1.05
N ALA NA 37 -66.37 7.94 1.23
CA ALA NA 37 -65.25 8.36 0.39
C ALA NA 37 -65.34 7.72 -0.98
N SER NA 38 -64.68 8.35 -1.96
CA SER NA 38 -64.66 7.87 -3.34
C SER NA 38 -63.24 8.00 -3.86
N PHE NA 39 -62.62 6.89 -4.24
CA PHE NA 39 -61.25 6.88 -4.72
C PHE NA 39 -61.21 6.56 -6.21
N ALA NA 40 -60.10 6.94 -6.85
CA ALA NA 40 -59.91 6.68 -8.26
C ALA NA 40 -58.43 6.55 -8.55
N ASP NA 41 -58.05 5.54 -9.32
CA ASP NA 41 -56.65 5.33 -9.65
C ASP NA 41 -56.16 6.44 -10.59
N MET NA 42 -54.83 6.53 -10.71
CA MET NA 42 -54.19 7.51 -11.57
C MET NA 42 -53.23 6.83 -12.52
N PHE NA 43 -53.15 7.34 -13.75
CA PHE NA 43 -52.27 6.77 -14.76
C PHE NA 43 -51.75 7.94 -15.60
N ALA NA 44 -50.57 8.44 -15.24
CA ALA NA 44 -49.95 9.54 -15.98
C ALA NA 44 -48.73 9.13 -16.76
N GLY NA 45 -48.10 8.01 -16.41
CA GLY NA 45 -46.89 7.58 -17.08
C GLY NA 45 -47.14 6.61 -18.22
N SER NA 46 -46.70 5.36 -18.04
CA SER NA 46 -46.83 4.36 -19.10
C SER NA 46 -47.02 2.99 -18.44
N LYS NA 47 -48.29 2.58 -18.32
CA LYS NA 47 -48.65 1.25 -17.87
C LYS NA 47 -48.09 0.93 -16.47
N VAL NA 48 -48.05 1.93 -15.61
CA VAL NA 48 -47.68 1.75 -14.21
C VAL NA 48 -48.51 2.71 -13.38
N GLY NA 49 -49.40 2.17 -12.54
CA GLY NA 49 -50.22 3.01 -11.70
C GLY NA 49 -49.41 3.83 -10.73
N LEU NA 50 -49.58 5.14 -10.76
CA LEU NA 50 -48.81 6.06 -9.93
C LEU NA 50 -49.48 6.32 -8.59
N GLY NA 51 -50.60 5.67 -8.30
CA GLY NA 51 -51.24 5.84 -7.01
C GLY NA 51 -52.74 6.01 -7.10
N VAL NA 52 -53.32 6.70 -6.11
CA VAL NA 52 -54.75 6.91 -6.02
C VAL NA 52 -55.02 8.39 -5.80
N LYS NA 53 -56.27 8.78 -6.02
CA LYS NA 53 -56.76 10.11 -5.76
C LYS NA 53 -58.11 10.02 -5.07
N VAL NA 54 -58.43 11.03 -4.27
CA VAL NA 54 -59.71 11.14 -3.59
C VAL NA 54 -60.57 12.11 -4.37
N ALA NA 55 -61.74 11.65 -4.79
CA ALA NA 55 -62.64 12.44 -5.62
C ALA NA 55 -63.71 13.17 -4.81
N GLY NA 56 -63.65 13.10 -3.49
CA GLY NA 56 -64.63 13.75 -2.66
C GLY NA 56 -65.49 12.75 -1.91
N ILE NA 57 -66.25 13.28 -0.95
CA ILE NA 57 -67.10 12.48 -0.08
C ILE NA 57 -68.55 12.68 -0.52
N THR NA 58 -69.27 11.56 -0.68
CA THR NA 58 -70.67 11.57 -1.07
C THR NA 58 -71.52 11.23 0.15
N GLN NA 59 -72.43 12.12 0.51
CA GLN NA 59 -73.29 11.92 1.66
C GLN NA 59 -74.42 10.94 1.33
N ASP NA 60 -74.99 10.37 2.39
CA ASP NA 60 -76.12 9.44 2.26
C ASP NA 60 -77.39 10.24 2.48
N PHE NA 61 -77.96 10.76 1.39
CA PHE NA 61 -79.14 11.59 1.48
C PHE NA 61 -80.40 10.83 1.88
N THR NA 62 -80.34 9.50 1.92
CA THR NA 62 -81.50 8.71 2.30
C THR NA 62 -81.98 9.09 3.69
N ASP NA 63 -83.29 9.24 3.84
CA ASP NA 63 -83.86 9.68 5.11
C ASP NA 63 -83.77 8.58 6.15
N GLY NA 64 -83.74 9.00 7.41
CA GLY NA 64 -83.71 8.11 8.55
C GLY NA 64 -85.09 7.71 9.01
N THR NA 65 -85.17 7.25 10.26
CA THR NA 65 -86.43 6.84 10.86
C THR NA 65 -86.89 7.91 11.85
N THR NA 66 -88.14 8.34 11.70
CA THR NA 66 -88.69 9.37 12.56
C THR NA 66 -88.87 8.84 13.99
N THR NA 67 -88.56 9.70 14.96
CA THR NA 67 -88.74 9.41 16.37
C THR NA 67 -89.67 10.45 16.97
N ASN NA 68 -90.61 10.00 17.80
CA ASN NA 68 -91.66 10.84 18.35
C ASN NA 68 -91.13 11.52 19.60
N THR NA 69 -90.71 12.78 19.45
CA THR NA 69 -90.15 13.56 20.55
C THR NA 69 -91.17 14.48 21.21
N GLY NA 70 -92.41 14.49 20.74
CA GLY NA 70 -93.42 15.37 21.31
C GLY NA 70 -93.18 16.83 20.96
N ARG NA 71 -93.61 17.73 21.85
CA ARG NA 71 -93.44 19.18 21.67
C ARG NA 71 -94.10 19.68 20.39
N GLY NA 72 -93.87 20.94 20.06
CA GLY NA 72 -94.42 21.52 18.84
C GLY NA 72 -93.36 22.13 17.94
N LEU NA 73 -92.22 22.49 18.52
CA LEU NA 73 -91.13 23.10 17.76
C LEU NA 73 -90.14 22.05 17.26
N ASP NA 74 -90.66 21.03 16.58
CA ASP NA 74 -89.83 19.96 16.05
C ASP NA 74 -90.61 19.22 14.97
N VAL NA 75 -90.07 19.23 13.74
CA VAL NA 75 -90.71 18.60 12.60
C VAL NA 75 -89.67 17.77 11.86
N ALA NA 76 -90.18 16.79 11.11
CA ALA NA 76 -89.34 15.90 10.32
C ALA NA 76 -89.88 15.80 8.89
N ILE NA 77 -88.98 15.48 7.97
CA ILE NA 77 -89.30 15.30 6.57
C ILE NA 77 -88.99 13.86 6.19
N SER NA 78 -89.95 13.17 5.58
CA SER NA 78 -89.81 11.76 5.23
C SER NA 78 -89.35 11.54 3.80
N GLN NA 79 -89.22 12.59 3.00
CA GLN NA 79 -88.81 12.45 1.61
C GLN NA 79 -88.03 13.72 1.22
N ASN NA 80 -87.89 13.95 -0.09
CA ASN NA 80 -87.13 15.09 -0.57
C ASN NA 80 -87.71 16.40 -0.03
N GLY NA 81 -86.82 17.32 0.33
CA GLY NA 81 -87.21 18.60 0.90
C GLY NA 81 -86.32 19.04 2.04
N PHE NA 82 -85.80 20.26 1.94
CA PHE NA 82 -84.88 20.81 2.92
C PHE NA 82 -85.50 22.05 3.58
N PHE NA 83 -84.87 22.50 4.66
CA PHE NA 83 -85.25 23.71 5.36
C PHE NA 83 -84.27 24.82 5.06
N ARG NA 84 -84.80 26.00 4.75
CA ARG NA 84 -84.01 27.17 4.40
C ARG NA 84 -83.97 28.12 5.58
N LEU NA 85 -82.76 28.55 5.95
CA LEU NA 85 -82.55 29.40 7.12
C LEU NA 85 -81.69 30.58 6.73
N VAL NA 86 -81.81 31.66 7.50
CA VAL NA 86 -81.04 32.87 7.29
C VAL NA 86 -80.31 33.22 8.59
N ASP NA 87 -79.20 33.91 8.46
CA ASP NA 87 -78.38 34.32 9.58
C ASP NA 87 -78.47 35.84 9.77
N SER NA 88 -77.68 36.36 10.70
CA SER NA 88 -77.64 37.80 10.91
C SER NA 88 -77.13 38.54 9.68
N ASN NA 89 -76.09 38.01 9.05
CA ASN NA 89 -75.54 38.65 7.85
C ASN NA 89 -76.56 38.64 6.71
N GLY NA 90 -77.28 37.53 6.55
CA GLY NA 90 -78.28 37.43 5.51
C GLY NA 90 -78.05 36.27 4.56
N SER NA 91 -77.04 35.45 4.85
CA SER NA 91 -76.73 34.31 4.00
C SER NA 91 -77.81 33.24 4.13
N VAL NA 92 -77.87 32.36 3.12
CA VAL NA 92 -78.88 31.34 3.03
C VAL NA 92 -78.23 29.98 3.29
N PHE NA 93 -78.75 29.26 4.28
CA PHE NA 93 -78.27 27.93 4.62
C PHE NA 93 -79.40 26.93 4.50
N TYR NA 94 -79.05 25.67 4.28
CA TYR NA 94 -80.03 24.61 4.12
C TYR NA 94 -79.71 23.46 5.07
N SER NA 95 -80.73 23.01 5.78
CA SER NA 95 -80.55 21.94 6.76
C SER NA 95 -81.87 21.23 6.99
N ARG NA 96 -81.77 20.01 7.54
CA ARG NA 96 -82.93 19.20 7.86
C ARG NA 96 -83.20 19.15 9.36
N ASN NA 97 -82.54 19.99 10.15
CA ASN NA 97 -82.76 19.99 11.59
C ASN NA 97 -84.14 20.56 11.91
N GLY NA 98 -84.88 19.87 12.76
CA GLY NA 98 -86.21 20.32 13.15
C GLY NA 98 -86.23 20.98 14.52
N GLN NA 99 -85.11 20.93 15.24
CA GLN NA 99 -85.04 21.48 16.58
C GLN NA 99 -85.10 23.01 16.51
N PHE NA 100 -86.19 23.58 17.03
CA PHE NA 100 -86.41 25.01 16.99
C PHE NA 100 -86.76 25.50 18.39
N LYS NA 101 -86.50 26.79 18.62
CA LYS NA 101 -86.82 27.41 19.90
C LYS NA 101 -87.11 28.89 19.66
N LEU NA 102 -87.75 29.50 20.65
CA LEU NA 102 -88.11 30.91 20.61
C LEU NA 102 -87.28 31.67 21.65
N ASP NA 103 -86.56 32.68 21.18
CA ASP NA 103 -85.73 33.51 22.06
C ASP NA 103 -86.60 34.55 22.75
N GLU NA 104 -85.96 35.54 23.38
CA GLU NA 104 -86.73 36.62 24.00
C GLU NA 104 -87.39 37.50 22.94
N ASN NA 105 -86.90 37.43 21.70
CA ASN NA 105 -87.46 38.21 20.60
C ASN NA 105 -88.63 37.50 19.92
N ARG NA 106 -88.98 36.29 20.35
CA ARG NA 106 -90.05 35.50 19.77
C ARG NA 106 -89.80 35.22 18.29
N ASN NA 107 -88.68 34.55 18.02
CA ASN NA 107 -88.29 34.18 16.66
C ASN NA 107 -88.07 32.68 16.60
N LEU NA 108 -88.47 32.10 15.47
CA LEU NA 108 -88.25 30.67 15.22
C LEU NA 108 -86.78 30.47 14.89
N VAL NA 109 -85.99 30.14 15.91
CA VAL NA 109 -84.55 30.01 15.77
C VAL NA 109 -84.13 28.63 16.27
N ASN NA 110 -83.25 27.98 15.53
CA ASN NA 110 -82.72 26.68 15.93
C ASN NA 110 -81.72 26.86 17.07
N MET NA 111 -81.07 25.78 17.48
CA MET NA 111 -80.14 25.83 18.61
C MET NA 111 -78.86 26.57 18.26
N GLN NA 112 -78.59 26.84 16.99
CA GLN NA 112 -77.32 27.44 16.57
C GLN NA 112 -77.39 28.94 16.36
N GLY NA 113 -78.58 29.49 16.10
CA GLY NA 113 -78.70 30.92 15.92
C GLY NA 113 -79.18 31.31 14.54
N MET NA 114 -79.78 30.38 13.82
CA MET NA 114 -80.30 30.63 12.48
C MET NA 114 -81.78 30.93 12.55
N GLN NA 115 -82.19 31.98 11.83
CA GLN NA 115 -83.58 32.40 11.82
C GLN NA 115 -84.34 31.61 10.76
N LEU NA 116 -85.34 30.86 11.20
CA LEU NA 116 -86.17 30.11 10.26
C LEU NA 116 -86.96 31.07 9.38
N THR NA 117 -87.02 30.75 8.08
CA THR NA 117 -87.68 31.59 7.10
C THR NA 117 -88.92 30.89 6.56
N GLY NA 118 -89.80 31.66 5.95
CA GLY NA 118 -91.01 31.10 5.37
C GLY NA 118 -91.79 32.17 4.63
N TYR NA 119 -92.90 31.74 4.05
CA TYR NA 119 -93.76 32.65 3.30
C TYR NA 119 -94.52 33.56 4.26
N PRO NA 120 -94.36 34.88 4.15
CA PRO NA 120 -95.09 35.77 5.06
C PRO NA 120 -96.58 35.77 4.80
N ALA NA 121 -97.35 36.06 5.85
CA ALA NA 121 -98.79 36.19 5.77
C ALA NA 121 -99.16 37.66 5.84
N THR NA 122 -99.81 38.16 4.80
CA THR NA 122 -100.20 39.56 4.70
C THR NA 122 -101.65 39.68 4.28
N GLY NA 123 -102.24 40.83 4.57
CA GLY NA 123 -103.61 41.13 4.20
C GLY NA 123 -104.55 41.04 5.39
N THR NA 124 -105.76 41.56 5.17
CA THR NA 124 -106.82 41.52 6.16
C THR NA 124 -108.03 40.81 5.57
N PRO NA 125 -108.38 39.59 6.05
CA PRO NA 125 -107.71 38.82 7.11
C PRO NA 125 -106.35 38.27 6.66
N PRO NA 126 -105.47 37.98 7.62
CA PRO NA 126 -104.16 37.43 7.27
C PRO NA 126 -104.28 36.15 6.46
N THR NA 127 -103.45 36.05 5.42
CA THR NA 127 -103.46 34.89 4.55
C THR NA 127 -102.07 34.72 3.96
N ILE NA 128 -101.77 33.50 3.53
CA ILE NA 128 -100.45 33.12 3.07
C ILE NA 128 -100.41 33.24 1.55
N GLN NA 129 -99.53 34.10 1.04
CA GLN NA 129 -99.32 34.26 -0.40
C GLN NA 129 -98.01 33.59 -0.77
N GLN NA 130 -98.02 32.83 -1.85
CA GLN NA 130 -96.84 32.12 -2.32
C GLN NA 130 -96.02 32.93 -3.32
N GLY NA 131 -96.46 34.13 -3.67
CA GLY NA 131 -95.76 34.99 -4.59
C GLY NA 131 -94.90 36.06 -3.95
N ALA NA 132 -94.64 35.98 -2.65
CA ALA NA 132 -93.86 36.97 -1.94
C ALA NA 132 -92.51 36.40 -1.53
N ASN NA 133 -91.55 37.31 -1.33
CA ASN NA 133 -90.22 36.90 -0.92
C ASN NA 133 -90.26 36.30 0.49
N PRO NA 134 -89.50 35.23 0.75
CA PRO NA 134 -89.50 34.64 2.09
C PRO NA 134 -88.97 35.62 3.14
N ALA NA 135 -89.54 35.53 4.33
CA ALA NA 135 -89.19 36.39 5.45
C ALA NA 135 -89.11 35.55 6.71
N PRO NA 136 -88.39 36.02 7.73
CA PRO NA 136 -88.38 35.30 9.00
C PRO NA 136 -89.77 35.19 9.61
N ILE NA 137 -90.05 34.05 10.22
CA ILE NA 137 -91.34 33.78 10.83
C ILE NA 137 -91.25 34.07 12.31
N THR NA 138 -92.12 34.95 12.81
CA THR NA 138 -92.16 35.34 14.20
C THR NA 138 -93.57 35.15 14.76
N ILE NA 139 -93.65 35.07 16.08
CA ILE NA 139 -94.91 34.96 16.79
C ILE NA 139 -95.03 36.15 17.73
N PRO NA 140 -95.56 37.28 17.25
CA PRO NA 140 -95.68 38.46 18.10
C PRO NA 140 -96.69 38.26 19.22
N ASN NA 141 -96.47 38.98 20.32
CA ASN NA 141 -97.38 38.96 21.45
C ASN NA 141 -98.56 39.91 21.30
N THR NA 142 -98.55 40.74 20.25
CA THR NA 142 -99.61 41.71 20.05
C THR NA 142 -100.93 41.01 19.73
N LEU NA 143 -102.03 41.64 20.15
CA LEU NA 143 -103.37 41.12 19.90
C LEU NA 143 -103.93 41.74 18.62
N MET NA 144 -104.64 40.91 17.86
CA MET NA 144 -105.25 41.38 16.62
C MET NA 144 -106.37 42.36 16.90
N ALA NA 145 -106.48 43.36 16.04
CA ALA NA 145 -107.50 44.39 16.20
C ALA NA 145 -108.89 43.82 15.91
N ALA NA 146 -109.90 44.46 16.49
CA ALA NA 146 -111.28 44.03 16.27
C ALA NA 146 -111.67 44.22 14.81
N LYS NA 147 -112.40 43.25 14.29
CA LYS NA 147 -112.82 43.24 12.89
C LYS NA 147 -114.29 43.62 12.79
N SER NA 148 -114.59 44.59 11.94
CA SER NA 148 -115.96 45.05 11.76
C SER NA 148 -116.72 44.01 10.94
N THR NA 149 -117.91 43.64 11.41
CA THR NA 149 -118.73 42.68 10.69
C THR NA 149 -119.16 43.26 9.34
N THR NA 150 -118.93 42.51 8.28
CA THR NA 150 -119.28 42.93 6.93
C THR NA 150 -120.23 41.95 6.25
N THR NA 151 -120.04 40.65 6.45
CA THR NA 151 -120.87 39.63 5.83
C THR NA 151 -121.35 38.67 6.92
N ALA NA 152 -122.64 38.34 6.89
CA ALA NA 152 -123.22 37.35 7.78
C ALA NA 152 -124.02 36.36 6.95
N SER NA 153 -123.90 35.08 7.27
CA SER NA 153 -124.61 34.02 6.56
C SER NA 153 -125.51 33.28 7.55
N MET NA 154 -126.76 33.09 7.16
CA MET NA 154 -127.72 32.39 8.02
C MET NA 154 -128.48 31.38 7.19
N GLN NA 155 -128.53 30.13 7.66
CA GLN NA 155 -129.30 29.08 7.03
C GLN NA 155 -130.49 28.76 7.93
N ILE NA 156 -131.68 29.12 7.49
CA ILE NA 156 -132.89 28.98 8.28
C ILE NA 156 -133.97 28.33 7.42
N ASN NA 157 -134.64 27.33 7.99
CA ASN NA 157 -135.71 26.60 7.32
C ASN NA 157 -137.06 27.11 7.81
N LEU NA 158 -138.00 27.25 6.89
CA LEU NA 158 -139.32 27.77 7.19
C LEU NA 158 -140.38 26.70 6.97
N ASN NA 159 -141.34 26.62 7.88
CA ASN NA 159 -142.39 25.62 7.78
C ASN NA 159 -143.33 25.94 6.63
N SER NA 160 -143.62 24.93 5.81
CA SER NA 160 -144.47 25.15 4.63
C SER NA 160 -145.94 25.30 5.02
N THR NA 161 -146.42 24.49 5.96
CA THR NA 161 -147.82 24.47 6.34
C THR NA 161 -148.09 25.24 7.63
N ASP NA 162 -147.33 26.31 7.88
CA ASP NA 162 -147.53 27.10 9.09
C ASP NA 162 -148.66 28.10 8.86
N PRO NA 163 -149.73 28.06 9.66
CA PRO NA 163 -150.82 29.02 9.46
C PRO NA 163 -150.37 30.46 9.73
N VAL NA 164 -150.99 31.39 9.01
CA VAL NA 164 -150.67 32.80 9.20
C VAL NA 164 -151.15 33.24 10.58
N PRO NA 165 -150.32 33.91 11.37
CA PRO NA 165 -150.75 34.36 12.70
C PRO NA 165 -151.93 35.33 12.61
N SER NA 166 -152.86 35.20 13.56
CA SER NA 166 -154.02 36.09 13.59
C SER NA 166 -153.68 37.47 14.12
N LYS NA 167 -152.65 37.59 14.96
CA LYS NA 167 -152.28 38.86 15.56
C LYS NA 167 -151.65 39.75 14.48
N THR NA 168 -152.44 40.67 13.93
CA THR NA 168 -151.93 41.57 12.89
C THR NA 168 -150.81 42.48 13.37
N PRO NA 169 -150.91 43.18 14.51
CA PRO NA 169 -149.81 44.05 14.92
C PRO NA 169 -148.57 43.26 15.30
N PHE NA 170 -147.41 43.89 15.10
CA PHE NA 170 -146.12 43.30 15.41
C PHE NA 170 -145.52 44.05 16.59
N SER NA 171 -145.34 43.35 17.71
CA SER NA 171 -144.79 43.93 18.92
C SER NA 171 -143.76 42.99 19.51
N VAL NA 172 -142.83 43.57 20.27
CA VAL NA 172 -141.77 42.81 20.92
C VAL NA 172 -142.13 42.46 22.36
N SER NA 173 -143.35 42.78 22.80
CA SER NA 173 -143.77 42.46 24.15
C SER NA 173 -144.02 40.97 24.32
N ASP NA 174 -144.66 40.35 23.33
CA ASP NA 174 -144.98 38.93 23.35
C ASP NA 174 -144.21 38.19 22.26
N ALA NA 175 -143.97 36.91 22.49
CA ALA NA 175 -143.25 36.07 21.54
C ALA NA 175 -144.16 35.39 20.54
N ASP NA 176 -145.47 35.63 20.60
CA ASP NA 176 -146.43 35.00 19.70
C ASP NA 176 -146.78 35.89 18.51
N SER NA 177 -146.09 37.02 18.36
CA SER NA 177 -146.36 37.94 17.26
C SER NA 177 -145.53 37.65 16.02
N TYR NA 178 -144.66 36.64 16.05
CA TYR NA 178 -143.84 36.29 14.91
C TYR NA 178 -143.77 34.77 14.80
N ASN NA 179 -143.55 34.28 13.58
CA ASN NA 179 -143.51 32.85 13.34
C ASN NA 179 -142.18 32.25 13.76
N LYS NA 180 -141.07 32.85 13.32
CA LYS NA 180 -139.74 32.33 13.62
C LYS NA 180 -138.83 33.46 14.10
N LYS NA 181 -138.10 33.21 15.18
CA LYS NA 181 -137.14 34.16 15.73
C LYS NA 181 -135.75 33.53 15.75
N GLY NA 182 -134.78 34.22 15.18
CA GLY NA 182 -133.38 33.81 15.25
C GLY NA 182 -132.56 34.92 15.88
N THR NA 183 -131.50 34.54 16.59
CA THR NA 183 -130.61 35.48 17.25
C THR NA 183 -129.23 35.35 16.66
N VAL NA 184 -128.63 36.47 16.25
CA VAL NA 184 -127.28 36.47 15.71
C VAL NA 184 -126.50 37.57 16.40
N THR NA 185 -125.17 37.39 16.48
CA THR NA 185 -124.29 38.35 17.11
C THR NA 185 -123.28 38.87 16.10
N VAL NA 186 -123.21 40.19 15.97
CA VAL NA 186 -122.24 40.84 15.09
C VAL NA 186 -121.44 41.84 15.92
N TYR NA 187 -120.40 42.39 15.30
CA TYR NA 187 -119.52 43.32 15.99
C TYR NA 187 -119.17 44.49 15.08
N ASP NA 188 -119.12 45.68 15.66
CA ASP NA 188 -118.83 46.90 14.93
C ASP NA 188 -117.31 47.04 14.77
N SER NA 189 -116.87 48.23 14.31
CA SER NA 189 -115.45 48.47 14.13
C SER NA 189 -114.68 48.43 15.44
N GLN NA 190 -115.26 48.95 16.53
CA GLN NA 190 -114.60 48.96 17.82
C GLN NA 190 -114.73 47.65 18.58
N GLY NA 191 -115.57 46.73 18.10
CA GLY NA 191 -115.70 45.43 18.73
C GLY NA 191 -116.87 45.29 19.68
N ASN NA 192 -117.81 46.23 19.68
CA ASN NA 192 -118.99 46.14 20.53
C ASN NA 192 -119.95 45.10 19.97
N ALA NA 193 -120.59 44.36 20.87
CA ALA NA 193 -121.48 43.28 20.47
C ALA NA 193 -122.87 43.81 20.16
N HIS NA 194 -123.38 43.47 18.98
CA HIS NA 194 -124.74 43.80 18.57
C HIS NA 194 -125.53 42.50 18.40
N ASP NA 195 -126.63 42.38 19.13
CA ASP NA 195 -127.49 41.20 19.05
C ASP NA 195 -128.66 41.52 18.15
N MET NA 196 -128.64 40.95 16.94
CA MET NA 196 -129.69 41.17 15.95
C MET NA 196 -130.71 40.04 16.07
N ASN NA 197 -131.98 40.40 16.21
CA ASN NA 197 -133.08 39.45 16.22
C ASN NA 197 -133.78 39.51 14.87
N VAL NA 198 -133.81 38.37 14.19
CA VAL NA 198 -134.41 38.24 12.86
C VAL NA 198 -135.72 37.49 12.99
N TYR NA 199 -136.79 38.10 12.50
CA TYR NA 199 -138.13 37.51 12.61
C TYR NA 199 -138.69 37.22 11.23
N PHE NA 200 -139.10 35.97 11.03
CA PHE NA 200 -139.75 35.51 9.81
C PHE NA 200 -141.22 35.32 10.07
N VAL NA 201 -142.07 35.90 9.22
CA VAL NA 201 -143.51 35.73 9.30
C VAL NA 201 -144.06 35.45 7.91
N LYS NA 202 -144.91 34.44 7.79
CA LYS NA 202 -145.48 34.04 6.50
C LYS NA 202 -146.72 34.86 6.20
N THR NA 203 -146.75 35.49 5.03
CA THR NA 203 -147.90 36.31 4.63
C THR NA 203 -148.87 35.52 3.75
N LYS NA 204 -148.37 34.97 2.64
CA LYS NA 204 -149.19 34.14 1.76
C LYS NA 204 -148.38 32.95 1.27
N ASP NA 205 -148.87 32.27 0.23
CA ASP NA 205 -148.19 31.09 -0.28
C ASP NA 205 -146.80 31.44 -0.78
N ASN NA 206 -145.79 30.81 -0.18
CA ASN NA 206 -144.39 31.02 -0.56
C ASN NA 206 -143.99 32.50 -0.50
N GLU NA 207 -144.45 33.20 0.53
CA GLU NA 207 -144.09 34.59 0.74
C GLU NA 207 -143.86 34.85 2.22
N TRP NA 208 -142.66 35.31 2.55
CA TRP NA 208 -142.27 35.57 3.93
C TRP NA 208 -141.74 36.99 4.06
N ALA NA 209 -141.96 37.59 5.22
CA ALA NA 209 -141.45 38.90 5.56
C ALA NA 209 -140.46 38.78 6.72
N VAL NA 210 -139.40 39.56 6.65
CA VAL NA 210 -138.31 39.52 7.62
C VAL NA 210 -138.25 40.86 8.33
N TYR NA 211 -138.07 40.81 9.65
CA TYR NA 211 -137.96 42.00 10.48
C TYR NA 211 -136.68 41.92 11.29
N THR NA 212 -136.03 43.07 11.47
CA THR NA 212 -134.78 43.17 12.20
C THR NA 212 -135.00 43.97 13.48
N HIS NA 213 -134.47 43.46 14.58
CA HIS NA 213 -134.58 44.10 15.88
C HIS NA 213 -133.21 44.20 16.52
N ASP NA 214 -132.94 45.35 17.12
CA ASP NA 214 -131.66 45.64 17.78
C ASP NA 214 -131.92 45.78 19.27
N SER NA 215 -131.75 44.67 20.00
CA SER NA 215 -131.91 44.67 21.44
C SER NA 215 -130.62 45.00 22.18
N SER NA 216 -129.50 45.12 21.46
CA SER NA 216 -128.23 45.41 22.11
C SER NA 216 -128.17 46.85 22.61
N ASP NA 217 -128.75 47.79 21.86
CA ASP NA 217 -128.75 49.20 22.23
C ASP NA 217 -130.07 49.55 22.89
N PRO NA 218 -130.07 49.98 24.14
CA PRO NA 218 -131.35 50.33 24.81
C PRO NA 218 -132.08 51.48 24.15
N ALA NA 219 -131.38 52.34 23.41
CA ALA NA 219 -131.99 53.49 22.74
C ALA NA 219 -132.31 53.20 21.28
N ALA NA 220 -132.55 51.94 20.94
CA ALA NA 220 -132.88 51.58 19.58
C ALA NA 220 -134.35 51.89 19.28
N THR NA 221 -134.64 52.02 17.99
CA THR NA 221 -136.00 52.32 17.54
C THR NA 221 -136.75 51.03 17.24
N ALA NA 222 -138.09 51.14 17.25
CA ALA NA 222 -138.95 50.01 16.96
C ALA NA 222 -139.19 49.94 15.46
N PRO NA 223 -138.90 48.83 14.79
CA PRO NA 223 -139.11 48.74 13.34
C PRO NA 223 -140.59 48.89 13.00
N THR NA 224 -140.84 49.51 11.84
CA THR NA 224 -142.19 49.77 11.38
C THR NA 224 -142.48 49.13 10.02
N THR NA 225 -141.50 48.48 9.40
CA THR NA 225 -141.68 47.85 8.10
C THR NA 225 -140.78 46.62 8.03
N ALA NA 226 -141.25 45.61 7.30
CA ALA NA 226 -140.48 44.39 7.12
C ALA NA 226 -139.17 44.71 6.38
N SER NA 227 -138.08 44.12 6.87
CA SER NA 227 -136.77 44.38 6.27
C SER NA 227 -136.71 43.90 4.83
N THR NA 228 -137.25 42.72 4.55
CA THR NA 228 -137.20 42.16 3.21
C THR NA 228 -138.32 41.16 3.03
N THR NA 229 -138.58 40.81 1.77
CA THR NA 229 -139.59 39.83 1.39
C THR NA 229 -138.92 38.71 0.61
N LEU NA 230 -139.21 37.47 1.00
CA LEU NA 230 -138.67 36.28 0.35
C LEU NA 230 -139.80 35.52 -0.34
N LYS NA 231 -139.59 35.21 -1.61
CA LYS NA 231 -140.57 34.50 -2.42
C LYS NA 231 -139.95 33.20 -2.91
N PHE NA 232 -140.72 32.11 -2.82
CA PHE NA 232 -140.27 30.79 -3.22
C PHE NA 232 -141.14 30.28 -4.35
N ASN NA 233 -140.59 29.34 -5.13
CA ASN NA 233 -141.32 28.72 -6.22
C ASN NA 233 -142.20 27.60 -5.67
N GLU NA 234 -142.84 26.84 -6.56
CA GLU NA 234 -143.67 25.72 -6.12
C GLU NA 234 -142.82 24.62 -5.49
N ASN NA 235 -141.55 24.53 -5.85
CA ASN NA 235 -140.64 23.53 -5.30
C ASN NA 235 -139.85 24.05 -4.10
N GLY NA 236 -140.09 25.29 -3.67
CA GLY NA 236 -139.34 25.87 -2.58
C GLY NA 236 -138.01 26.47 -2.96
N ILE NA 237 -137.69 26.51 -4.26
CA ILE NA 237 -136.41 27.05 -4.71
C ILE NA 237 -136.42 28.57 -4.54
N LEU NA 238 -135.35 29.09 -3.93
CA LEU NA 238 -135.21 30.54 -3.76
C LEU NA 238 -135.07 31.21 -5.12
N GLU NA 239 -135.79 32.31 -5.31
CA GLU NA 239 -135.82 33.02 -6.58
C GLU NA 239 -134.97 34.29 -6.55
N SER NA 240 -135.20 35.16 -5.57
CA SER NA 240 -134.49 36.42 -5.48
C SER NA 240 -134.39 36.86 -4.02
N GLY NA 241 -133.79 38.03 -3.81
CA GLY NA 241 -133.62 38.57 -2.47
C GLY NA 241 -132.70 37.77 -1.57
N GLY NA 242 -131.54 37.35 -2.09
CA GLY NA 242 -130.63 36.52 -1.34
C GLY NA 242 -129.80 37.22 -0.27
N THR NA 243 -129.60 38.53 -0.40
CA THR NA 243 -128.80 39.29 0.56
C THR NA 243 -129.49 40.61 0.89
N VAL NA 244 -129.50 40.95 2.18
CA VAL NA 244 -130.11 42.20 2.66
C VAL NA 244 -129.07 42.93 3.50
N ASN NA 245 -128.84 44.20 3.17
CA ASN NA 245 -127.87 45.03 3.87
C ASN NA 245 -128.58 45.70 5.04
N ILE NA 246 -128.21 45.31 6.26
CA ILE NA 246 -128.84 45.82 7.47
C ILE NA 246 -127.79 46.53 8.30
N THR NA 247 -128.08 47.77 8.68
CA THR NA 247 -127.17 48.58 9.49
C THR NA 247 -127.77 48.76 10.87
N THR NA 248 -126.99 48.43 11.90
CA THR NA 248 -127.43 48.55 13.28
C THR NA 248 -127.18 49.98 13.78
N GLY NA 249 -127.53 50.23 15.04
CA GLY NA 249 -127.32 51.52 15.65
C GLY NA 249 -125.90 51.67 16.19
N THR NA 250 -125.70 52.76 16.91
CA THR NA 250 -124.40 53.07 17.49
C THR NA 250 -124.37 52.66 18.96
N ILE NA 251 -123.28 52.03 19.36
CA ILE NA 251 -123.08 51.56 20.73
C ILE NA 251 -121.79 52.16 21.27
N ASN NA 252 -121.89 52.83 22.41
CA ASN NA 252 -120.74 53.43 23.09
C ASN NA 252 -120.00 54.40 22.17
N GLY NA 253 -120.75 55.17 21.39
CA GLY NA 253 -120.15 56.16 20.51
C GLY NA 253 -119.31 55.59 19.39
N ALA NA 254 -119.56 54.36 18.97
CA ALA NA 254 -118.79 53.72 17.92
C ALA NA 254 -119.53 53.80 16.58
N THR NA 255 -118.77 53.67 15.51
CA THR NA 255 -119.34 53.73 14.16
C THR NA 255 -120.25 52.53 13.93
N ALA NA 256 -121.37 52.78 13.26
CA ALA NA 256 -122.32 51.72 12.96
C ALA NA 256 -121.72 50.71 12.00
N ALA NA 257 -122.06 49.44 12.19
CA ALA NA 257 -121.55 48.36 11.36
C ALA NA 257 -122.45 48.18 10.15
N THR NA 258 -121.88 48.34 8.96
CA THR NA 258 -122.60 48.17 7.70
C THR NA 258 -122.34 46.76 7.20
N PHE NA 259 -123.25 45.84 7.57
CA PHE NA 259 -123.11 44.44 7.21
C PHE NA 259 -124.33 43.97 6.41
N SER NA 260 -124.12 42.91 5.65
CA SER NA 260 -125.17 42.30 4.85
C SER NA 260 -125.39 40.87 5.31
N LEU NA 261 -126.64 40.52 5.58
CA LEU NA 261 -127.02 39.18 6.00
C LEU NA 261 -127.64 38.47 4.79
N SER NA 262 -127.17 37.25 4.53
CA SER NA 262 -127.65 36.45 3.41
C SER NA 262 -128.26 35.16 3.93
N PHE NA 263 -129.48 34.88 3.50
CA PHE NA 263 -130.17 33.64 3.86
C PHE NA 263 -129.98 32.60 2.75
N LEU NA 264 -128.72 32.28 2.49
CA LEU NA 264 -128.38 31.32 1.46
C LEU NA 264 -128.79 29.91 1.87
N ASN NA 265 -129.17 29.11 0.88
CA ASN NA 265 -129.59 27.72 1.08
C ASN NA 265 -130.75 27.63 2.07
N SER NA 266 -131.77 28.47 1.85
CA SER NA 266 -132.99 28.44 2.63
C SER NA 266 -134.06 27.68 1.87
N MET NA 267 -134.56 26.61 2.47
CA MET NA 267 -135.50 25.71 1.82
C MET NA 267 -136.77 25.61 2.66
N GLN NA 268 -137.92 25.62 1.98
CA GLN NA 268 -139.22 25.50 2.63
C GLN NA 268 -139.87 24.20 2.18
N GLN NA 269 -139.72 23.15 3.00
CA GLN NA 269 -140.32 21.86 2.72
C GLN NA 269 -140.99 21.26 3.95
N ASN NA 270 -141.38 22.11 4.91
CA ASN NA 270 -142.01 21.69 6.15
C ASN NA 270 -141.13 20.69 6.90
N THR NA 271 -139.95 21.15 7.29
CA THR NA 271 -138.99 20.34 8.03
C THR NA 271 -139.31 20.46 9.52
N GLY NA 272 -140.30 19.69 9.96
CA GLY NA 272 -140.72 19.71 11.35
C GLY NA 272 -141.23 21.07 11.80
N ALA NA 273 -140.48 21.72 12.67
CA ALA NA 273 -140.80 23.05 13.17
C ALA NA 273 -139.73 24.04 12.74
N ASN NA 274 -140.01 25.32 12.95
CA ASN NA 274 -139.07 26.37 12.60
C ASN NA 274 -137.84 26.30 13.51
N ASN NA 275 -136.66 26.28 12.90
CA ASN NA 275 -135.41 26.17 13.64
C ASN NA 275 -134.27 26.70 12.78
N ILE NA 276 -133.15 26.96 13.45
CA ILE NA 276 -131.94 27.43 12.78
C ILE NA 276 -130.88 26.34 12.88
N VAL NA 277 -130.06 26.24 11.83
CA VAL NA 277 -129.04 25.20 11.77
C VAL NA 277 -127.63 25.75 11.52
N ALA NA 278 -127.48 26.89 10.84
CA ALA NA 278 -126.14 27.41 10.54
C ALA NA 278 -126.15 28.92 10.63
N THR NA 279 -125.13 29.45 11.31
CA THR NA 279 -124.98 30.90 11.47
C THR NA 279 -123.50 31.21 11.50
N ASN NA 280 -123.05 32.05 10.55
CA ASN NA 280 -121.65 32.43 10.44
C ASN NA 280 -121.52 33.94 10.35
N GLN NA 281 -120.52 34.49 11.02
CA GLN NA 281 -120.25 35.92 10.99
C GLN NA 281 -118.75 36.14 11.16
N ASN NA 282 -118.30 37.33 10.77
CA ASN NA 282 -116.89 37.71 10.84
C ASN NA 282 -116.66 38.75 11.93
N GLY NA 283 -117.36 38.60 13.05
CA GLY NA 283 -117.17 39.49 14.18
C GLY NA 283 -116.69 38.77 15.42
N TYR NA 284 -115.62 39.27 16.04
CA TYR NA 284 -115.09 38.64 17.24
C TYR NA 284 -114.33 39.68 18.06
N LYS NA 285 -114.42 39.56 19.38
CA LYS NA 285 -113.67 40.44 20.26
C LYS NA 285 -112.19 40.09 20.23
N PRO NA 286 -111.32 41.09 20.37
CA PRO NA 286 -109.89 40.80 20.44
C PRO NA 286 -109.55 40.01 21.70
N GLY NA 287 -108.54 39.14 21.57
CA GLY NA 287 -108.12 38.29 22.66
C GLY NA 287 -106.61 38.20 22.75
N ASP NA 288 -106.15 37.49 23.78
CA ASP NA 288 -104.73 37.32 24.05
C ASP NA 288 -104.21 36.02 23.45
N LEU NA 289 -102.90 35.95 23.30
CA LEU NA 289 -102.26 34.75 22.80
C LEU NA 289 -102.42 33.61 23.80
N VAL NA 290 -102.78 32.43 23.29
CA VAL NA 290 -102.99 31.24 24.11
C VAL NA 290 -102.04 30.12 23.74
N SER NA 291 -101.98 29.76 22.45
CA SER NA 291 -101.16 28.64 22.03
C SER NA 291 -100.76 28.83 20.57
N TYR NA 292 -99.72 28.10 20.17
CA TYR NA 292 -99.24 28.09 18.80
C TYR NA 292 -98.85 26.66 18.42
N GLN NA 293 -98.93 26.36 17.13
CA GLN NA 293 -98.65 25.02 16.65
C GLN NA 293 -98.26 25.08 15.18
N ILE NA 294 -97.77 23.97 14.66
CA ILE NA 294 -97.42 23.82 13.25
C ILE NA 294 -98.15 22.60 12.71
N ASN NA 295 -98.83 22.77 11.58
CA ASN NA 295 -99.57 21.68 10.97
C ASN NA 295 -98.69 20.90 10.00
N ASN NA 296 -99.23 19.79 9.49
CA ASN NA 296 -98.53 18.99 8.51
C ASN NA 296 -98.36 19.72 7.18
N ASP NA 297 -99.14 20.77 6.94
CA ASP NA 297 -99.00 21.57 5.73
C ASP NA 297 -97.90 22.61 5.84
N GLY NA 298 -97.26 22.74 7.01
CA GLY NA 298 -96.19 23.68 7.21
C GLY NA 298 -96.61 25.06 7.65
N THR NA 299 -97.92 25.32 7.71
CA THR NA 299 -98.39 26.65 8.12
C THR NA 299 -98.50 26.74 9.63
N VAL NA 300 -97.87 27.76 10.20
CA VAL NA 300 -97.91 27.97 11.65
C VAL NA 300 -99.26 28.59 12.01
N VAL NA 301 -99.96 27.97 12.96
CA VAL NA 301 -101.32 28.35 13.32
C VAL NA 301 -101.34 28.71 14.80
N GLY NA 302 -101.94 29.86 15.11
CA GLY NA 302 -102.09 30.32 16.48
C GLY NA 302 -103.54 30.23 16.93
N ASN NA 303 -103.74 30.10 18.24
CA ASN NA 303 -105.06 30.00 18.84
C ASN NA 303 -105.18 31.08 19.91
N TYR NA 304 -106.30 31.79 19.91
CA TYR NA 304 -106.58 32.85 20.87
C TYR NA 304 -107.78 32.46 21.73
N SER NA 305 -108.18 33.39 22.59
CA SER NA 305 -109.33 33.20 23.47
C SER NA 305 -110.65 33.53 22.80
N ASN NA 306 -110.62 34.01 21.55
CA ASN NA 306 -111.83 34.34 20.80
C ASN NA 306 -112.27 33.23 19.87
N GLU NA 307 -111.70 32.03 20.01
CA GLU NA 307 -112.05 30.88 19.18
C GLU NA 307 -111.86 31.17 17.69
N GLN NA 308 -110.71 31.76 17.36
CA GLN NA 308 -110.38 32.10 15.98
C GLN NA 308 -109.07 31.44 15.59
N GLU NA 309 -109.01 30.96 14.35
CA GLU NA 309 -107.82 30.32 13.80
C GLU NA 309 -107.12 31.30 12.88
N GLN NA 310 -105.83 31.54 13.14
CA GLN NA 310 -105.04 32.46 12.34
C GLN NA 310 -103.72 31.80 11.99
N VAL NA 311 -103.14 32.20 10.86
CA VAL NA 311 -101.90 31.65 10.35
C VAL NA 311 -100.85 32.76 10.30
N LEU NA 312 -99.63 32.42 10.73
CA LEU NA 312 -98.53 33.35 10.75
C LEU NA 312 -97.53 33.13 9.62
N GLY NA 313 -97.80 32.20 8.72
CA GLY NA 313 -96.88 31.90 7.64
C GLY NA 313 -96.84 30.40 7.40
N GLN NA 314 -96.05 30.01 6.39
CA GLN NA 314 -95.85 28.61 6.08
C GLN NA 314 -94.38 28.37 5.80
N ILE NA 315 -93.94 27.15 6.04
CA ILE NA 315 -92.54 26.77 5.86
C ILE NA 315 -92.29 26.46 4.39
N VAL NA 316 -91.25 27.08 3.83
CA VAL NA 316 -90.87 26.86 2.44
C VAL NA 316 -89.82 25.77 2.38
N LEU NA 317 -89.88 24.95 1.34
CA LEU NA 317 -88.92 23.88 1.12
C LEU NA 317 -88.17 24.15 -0.19
N ALA NA 318 -86.86 23.91 -0.18
CA ALA NA 318 -86.01 24.16 -1.32
C ALA NA 318 -85.26 22.87 -1.67
N ASN NA 319 -85.52 22.32 -2.84
CA ASN NA 319 -84.84 21.14 -3.33
C ASN NA 319 -83.97 21.52 -4.53
N PHE NA 320 -82.67 21.21 -4.43
CA PHE NA 320 -81.73 21.52 -5.49
C PHE NA 320 -81.89 20.56 -6.66
N ALA NA 321 -81.62 21.06 -7.87
CA ALA NA 321 -81.67 20.22 -9.05
C ALA NA 321 -80.55 19.18 -9.07
N ASN NA 322 -79.53 19.37 -8.25
CA ASN NA 322 -78.42 18.42 -8.15
C ASN NA 322 -77.97 18.33 -6.70
N ASN NA 323 -78.12 17.16 -6.11
CA ASN NA 323 -77.66 16.94 -4.75
C ASN NA 323 -76.14 16.69 -4.77
N GLU NA 324 -75.59 16.34 -3.61
CA GLU NA 324 -74.16 16.01 -3.48
C GLU NA 324 -73.27 17.20 -3.80
N GLY NA 325 -73.87 18.36 -4.11
CA GLY NA 325 -73.14 19.58 -4.35
C GLY NA 325 -73.22 20.60 -3.25
N LEU NA 326 -73.84 20.28 -2.12
CA LEU NA 326 -74.01 21.20 -1.01
C LEU NA 326 -72.92 20.95 0.01
N ALA NA 327 -72.03 21.93 0.18
CA ALA NA 327 -70.91 21.78 1.10
C ALA NA 327 -71.39 21.99 2.53
N SER NA 328 -71.10 21.03 3.40
CA SER NA 328 -71.44 21.19 4.82
C SER NA 328 -70.51 22.22 5.45
N GLN NA 329 -71.09 23.14 6.22
CA GLN NA 329 -70.34 24.24 6.82
C GLN NA 329 -70.61 24.27 8.32
N GLY NA 330 -69.54 24.21 9.10
CA GLY NA 330 -69.63 24.33 10.54
C GLY NA 330 -70.53 23.29 11.18
N ASP NA 331 -71.72 23.72 11.60
CA ASP NA 331 -72.69 22.82 12.20
C ASP NA 331 -73.39 22.03 11.09
N ASN NA 332 -74.47 21.34 11.45
CA ASN NA 332 -75.18 20.50 10.48
C ASN NA 332 -76.01 21.35 9.52
N VAL NA 333 -75.34 22.17 8.71
CA VAL NA 333 -75.99 22.96 7.67
C VAL NA 333 -75.18 22.87 6.40
N TRP NA 334 -75.86 23.06 5.27
CA TRP NA 334 -75.25 23.01 3.95
C TRP NA 334 -75.35 24.38 3.29
N ALA NA 335 -74.31 24.75 2.56
CA ALA NA 335 -74.25 26.03 1.85
C ALA NA 335 -74.29 25.77 0.36
N ALA NA 336 -75.14 26.53 -0.34
CA ALA NA 336 -75.29 26.35 -1.77
C ALA NA 336 -74.08 26.89 -2.53
N THR NA 337 -73.88 26.37 -3.73
CA THR NA 337 -72.81 26.81 -4.62
C THR NA 337 -73.17 26.39 -6.05
N GLN NA 338 -72.24 26.56 -6.97
CA GLN NA 338 -72.45 26.07 -8.32
C GLN NA 338 -72.44 24.55 -8.34
N ALA NA 339 -72.80 23.99 -9.50
CA ALA NA 339 -72.93 22.55 -9.69
C ALA NA 339 -73.96 21.94 -8.75
N SER NA 340 -74.90 22.75 -8.26
CA SER NA 340 -75.98 22.28 -7.40
C SER NA 340 -77.36 22.77 -7.81
N GLY NA 341 -77.45 23.81 -8.64
CA GLY NA 341 -78.75 24.33 -9.04
C GLY NA 341 -79.26 25.41 -8.12
N VAL NA 342 -80.43 25.94 -8.48
CA VAL NA 342 -81.08 26.98 -7.69
C VAL NA 342 -81.80 26.33 -6.52
N ALA NA 343 -82.21 27.14 -5.54
CA ALA NA 343 -82.90 26.61 -4.37
C ALA NA 343 -84.23 25.96 -4.75
N LEU NA 344 -84.97 26.58 -5.67
CA LEU NA 344 -86.27 26.10 -6.13
C LEU NA 344 -87.25 26.00 -4.95
N LEU NA 345 -87.58 27.18 -4.42
CA LEU NA 345 -88.49 27.27 -3.29
C LEU NA 345 -89.89 26.77 -3.69
N GLY NA 346 -90.59 26.21 -2.71
CA GLY NA 346 -91.93 25.73 -2.93
C GLY NA 346 -92.58 25.35 -1.62
N THR NA 347 -93.78 24.80 -1.73
CA THR NA 347 -94.56 24.39 -0.57
C THR NA 347 -94.42 22.89 -0.34
N ALA NA 348 -94.68 22.48 0.90
CA ALA NA 348 -94.57 21.07 1.29
C ALA NA 348 -95.74 20.23 0.80
N GLY NA 349 -96.84 20.84 0.35
CA GLY NA 349 -97.99 20.09 -0.08
C GLY NA 349 -97.87 19.56 -1.49
N SER NA 350 -97.70 20.45 -2.46
CA SER NA 350 -97.63 20.09 -3.87
C SER NA 350 -96.18 20.14 -4.34
N GLY NA 351 -96.00 19.87 -5.64
CA GLY NA 351 -94.67 19.84 -6.20
C GLY NA 351 -93.91 18.58 -5.80
N ASN NA 352 -92.58 18.65 -5.89
CA ASN NA 352 -91.71 17.54 -5.54
C ASN NA 352 -91.38 17.51 -4.05
N PHE NA 353 -91.89 18.48 -3.28
CA PHE NA 353 -91.64 18.54 -1.85
C PHE NA 353 -92.71 17.74 -1.12
N GLY NA 354 -92.27 16.78 -0.32
CA GLY NA 354 -93.21 15.91 0.38
C GLY NA 354 -93.77 16.53 1.63
N LYS NA 355 -94.72 15.82 2.23
CA LYS NA 355 -95.38 16.28 3.44
C LYS NA 355 -94.44 16.19 4.63
N LEU NA 356 -94.60 17.12 5.57
CA LEU NA 356 -93.84 17.16 6.80
C LEU NA 356 -94.59 16.40 7.89
N THR NA 357 -93.94 16.23 9.03
CA THR NA 357 -94.58 15.57 10.17
C THR NA 357 -94.13 16.28 11.44
N ASN NA 358 -95.08 16.89 12.14
CA ASN NA 358 -94.76 17.64 13.36
C ASN NA 358 -94.62 16.69 14.54
N GLY NA 359 -93.85 17.14 15.54
CA GLY NA 359 -93.65 16.36 16.74
C GLY NA 359 -92.72 15.18 16.60
N ALA NA 360 -91.98 15.10 15.48
CA ALA NA 360 -91.05 14.00 15.24
C ALA NA 360 -89.75 14.56 14.71
N LEU NA 361 -88.67 13.80 14.91
CA LEU NA 361 -87.35 14.20 14.47
C LEU NA 361 -86.67 13.05 13.74
N GLU NA 362 -85.83 13.39 12.77
CA GLU NA 362 -85.16 12.40 11.95
C GLU NA 362 -84.02 11.75 12.72
N ALA NA 363 -83.71 10.51 12.36
CA ALA NA 363 -82.63 9.77 12.99
C ALA NA 363 -81.30 10.14 12.34
N SER NA 364 -80.24 9.42 12.70
CA SER NA 364 -78.90 9.68 12.19
C SER NA 364 -78.55 8.84 10.97
N ASN NA 365 -79.43 7.93 10.56
CA ASN NA 365 -79.25 7.07 9.38
C ASN NA 365 -77.85 6.47 9.31
N VAL NA 366 -77.45 5.82 10.40
CA VAL NA 366 -76.16 5.12 10.47
C VAL NA 366 -76.39 3.72 11.01
N ASP NA 367 -75.50 2.81 10.61
CA ASP NA 367 -75.56 1.40 11.02
C ASP NA 367 -74.25 1.07 11.73
N LEU NA 368 -74.35 0.58 12.97
CA LEU NA 368 -73.16 0.33 13.75
C LEU NA 368 -72.34 -0.83 13.18
N SER NA 369 -73.00 -1.89 12.71
CA SER NA 369 -72.27 -3.05 12.20
C SER NA 369 -71.48 -2.71 10.94
N LYS NA 370 -72.09 -1.95 10.03
CA LYS NA 370 -71.39 -1.54 8.83
C LYS NA 370 -70.19 -0.66 9.15
N GLU NA 371 -70.36 0.26 10.10
CA GLU NA 371 -69.25 1.11 10.50
C GLU NA 371 -68.13 0.30 11.15
N LEU NA 372 -68.48 -0.70 11.96
CA LEU NA 372 -67.46 -1.53 12.59
C LEU NA 372 -66.67 -2.33 11.56
N VAL NA 373 -67.38 -2.94 10.60
CA VAL NA 373 -66.67 -3.74 9.59
C VAL NA 373 -65.84 -2.84 8.68
N ASN NA 374 -66.34 -1.64 8.38
CA ASN NA 374 -65.54 -0.69 7.62
C ASN NA 374 -64.29 -0.28 8.39
N MET NA 375 -64.42 -0.08 9.70
CA MET NA 375 -63.25 0.22 10.53
C MET NA 375 -62.22 -0.89 10.46
N ILE NA 376 -62.67 -2.14 10.58
CA ILE NA 376 -61.74 -3.27 10.53
C ILE NA 376 -61.05 -3.34 9.17
N VAL NA 377 -61.82 -3.21 8.09
CA VAL NA 377 -61.24 -3.30 6.76
C VAL NA 377 -60.26 -2.16 6.51
N ALA NA 378 -60.61 -0.95 6.97
CA ALA NA 378 -59.71 0.19 6.81
C ALA NA 378 -58.42 -0.02 7.57
N GLN NA 379 -58.50 -0.56 8.79
CA GLN NA 379 -57.29 -0.84 9.57
C GLN NA 379 -56.41 -1.86 8.85
N ARG NA 380 -57.02 -2.92 8.32
CA ARG NA 380 -56.24 -3.92 7.60
C ARG NA 380 -55.58 -3.35 6.36
N ASN NA 381 -56.32 -2.52 5.61
CA ASN NA 381 -55.74 -1.89 4.42
C ASN NA 381 -54.60 -0.95 4.79
N TYR NA 382 -54.76 -0.19 5.88
CA TYR NA 382 -53.71 0.70 6.32
C TYR NA 382 -52.45 -0.06 6.72
N GLN NA 383 -52.60 -1.18 7.42
CA GLN NA 383 -51.43 -2.00 7.72
C GLN NA 383 -50.81 -2.60 6.47
N SER NA 384 -51.63 -2.99 5.50
CA SER NA 384 -51.10 -3.55 4.26
C SER NA 384 -50.26 -2.51 3.51
N ASN NA 385 -50.72 -1.26 3.47
CA ASN NA 385 -49.92 -0.20 2.85
C ASN NA 385 -48.62 0.04 3.62
N ALA NA 386 -48.68 0.00 4.95
CA ALA NA 386 -47.47 0.16 5.74
C ALA NA 386 -46.46 -0.95 5.44
N GLN NA 387 -46.95 -2.15 5.12
CA GLN NA 387 -46.04 -3.22 4.72
C GLN NA 387 -45.30 -2.86 3.44
N THR NA 388 -46.00 -2.27 2.47
CA THR NA 388 -45.34 -1.82 1.25
C THR NA 388 -44.31 -0.74 1.56
N ILE NA 389 -44.65 0.18 2.46
CA ILE NA 389 -43.70 1.23 2.85
C ILE NA 389 -42.43 0.60 3.45
N LYS NA 390 -42.61 -0.38 4.33
CA LYS NA 390 -41.46 -1.04 4.94
C LYS NA 390 -40.62 -1.77 3.89
N THR NA 391 -41.28 -2.42 2.93
CA THR NA 391 -40.55 -3.10 1.86
C THR NA 391 -39.72 -2.12 1.04
N GLN NA 392 -40.30 -0.96 0.71
CA GLN NA 392 -39.53 0.05 0.00
C GLN NA 392 -38.36 0.56 0.82
N ASP NA 393 -38.57 0.75 2.12
CA ASP NA 393 -37.48 1.20 2.99
C ASP NA 393 -36.33 0.20 2.96
N GLN NA 394 -36.63 -1.09 3.12
CA GLN NA 394 -35.58 -2.09 3.12
C GLN NA 394 -34.90 -2.21 1.75
N ILE NA 395 -35.69 -2.13 0.68
CA ILE NA 395 -35.13 -2.31 -0.65
C ILE NA 395 -34.23 -1.15 -1.02
N LEU NA 396 -34.48 0.04 -0.46
CA LEU NA 396 -33.55 1.14 -0.68
C LEU NA 396 -32.36 1.09 0.27
N ASN NA 397 -32.56 0.59 1.50
CA ASN NA 397 -31.45 0.48 2.43
C ASN NA 397 -30.42 -0.52 1.95
N THR NA 398 -30.86 -1.63 1.35
CA THR NA 398 -29.88 -2.60 0.84
C THR NA 398 -29.10 -2.04 -0.34
N LEU NA 399 -29.72 -1.17 -1.13
CA LEU NA 399 -29.04 -0.60 -2.28
C LEU NA 399 -28.06 0.50 -1.88
N VAL NA 400 -28.44 1.33 -0.90
CA VAL NA 400 -27.56 2.41 -0.48
C VAL NA 400 -26.32 1.87 0.22
N ASN NA 401 -26.48 0.79 0.98
CA ASN NA 401 -25.36 0.20 1.71
C ASN NA 401 -24.43 -0.63 0.83
N LEU NA 402 -24.83 -0.90 -0.41
CA LEU NA 402 -24.02 -1.68 -1.34
C LEU NA 402 -23.67 -3.05 -0.78
#